data_8KEC
#
_entry.id   8KEC
#
_cell.length_a   1.00
_cell.length_b   1.00
_cell.length_c   1.00
_cell.angle_alpha   90.00
_cell.angle_beta   90.00
_cell.angle_gamma   90.00
#
_symmetry.space_group_name_H-M   'P 1'
#
loop_
_entity.id
_entity.type
_entity.pdbx_description
1 polymer 'Long tail fiber'
2 polymer 'short tail fiber'
#
loop_
_entity_poly.entity_id
_entity_poly.type
_entity_poly.pdbx_seq_one_letter_code
_entity_poly.pdbx_strand_id
1 'polypeptide(L)'
;MVRKVFNDGDILYAEDVNIIGQPFVDGQDLLGHGLKVDDNSLSDEPQNIKTRFYAWYNRFRVTVQSGLTLSVTQGSISVS
GNIISFPPQTINAIDNANSFVWIGKTDADPAIALRVSQTLPNVCIPLARVIAASGSVTSVTDLRDVSVDILPPSIPDAVP
VGSTIISLIPPTAPIPAGYLELLNSSQNVSRTTYSALFVLWGTYYGNGDGSTTFGVPGTGGRFLRLGGSGLSVGDIGGSN
QITIPTNALPSHQHGIPANTHTHSVNDGGHGHTINQTPHSHSISDPGHAHGVPFGAAVDNGNNAFDTGGSPYNNGIGTTQ
NQTGISVNTANANLSINTSSTGISIQSASTGLTVTSNAGNGQAFQHDQPYLVFRVFVKV
;
A,B,C,D,E,F,G,H,I,J,K,L,M,N,O,P,Q,R
2 'polypeptide(L)'
;MTNIVGRIGFLTTGKLGIKLRGVLIDESTTPNTTYLPGIESFFNITANVLTSVSYPETETQNVTATFSIYSVDGSSNPVF
PALLSFDAIVPNVASVEFDVLAPTGVVNNQLDTSALRIAKIIANDPALAQKVAGAPYPRGAYSATETYLYGEMVSYFGKN
YISKSLSPIINILPTVTDSWYELVITLPESVSVIATGSDTAYGTGWNGSLLVPTQNAVYDKIVTVDAAIATANTNITNLG
TAKADLSYVNTQLSADQVVLDALSSGKADLSYVNTQLNSKANLNGAVLVNATTATPPISDNDTSLATTQHVRSFNHSRLA
FNAFRGGQQGVPSLSYVTTTAQFNSSSVRSGWGDNFSSNRWLVGEGGTYLITVTTRFATVGGTPPTYFDALLFVGLSGSG
VENFLTRSQSVYPSFGYTLSWVGILTFNTGQNVFLNYQVNAVGGGSYSVVLEDVRFSGIQLG
;
n,i,j,k,l,m,o,p,q,r,a,b,c,d,e,f,g,h
#
# COMPACT_ATOMS: atom_id res chain seq x y z
N MET A 1 -112.34 18.78 56.17
CA MET A 1 -113.38 19.74 55.86
C MET A 1 -114.27 19.92 57.07
N VAL A 2 -114.69 18.82 57.65
CA VAL A 2 -115.44 18.84 58.89
C VAL A 2 -114.44 18.94 60.03
N ARG A 3 -114.87 19.45 61.16
CA ARG A 3 -114.07 19.73 62.35
C ARG A 3 -113.09 20.88 62.13
N LYS A 4 -113.07 21.47 60.93
CA LYS A 4 -112.31 22.70 60.69
C LYS A 4 -112.98 23.40 59.52
N VAL A 5 -113.80 24.41 59.83
CA VAL A 5 -114.55 25.17 58.83
C VAL A 5 -114.20 26.64 58.99
N PHE A 6 -113.99 27.31 57.87
CA PHE A 6 -113.56 28.70 57.87
C PHE A 6 -114.73 29.63 57.60
N ASN A 7 -114.62 30.85 58.14
CA ASN A 7 -115.58 31.92 57.94
C ASN A 7 -114.86 33.15 57.43
N ASP A 8 -115.61 34.21 57.16
CA ASP A 8 -115.07 35.35 56.45
C ASP A 8 -113.94 36.02 57.22
N GLY A 9 -114.13 36.22 58.53
CA GLY A 9 -113.12 36.87 59.33
C GLY A 9 -112.08 35.96 59.92
N ASP A 10 -112.13 34.66 59.64
CA ASP A 10 -111.23 33.71 60.27
C ASP A 10 -109.79 33.94 59.82
N ILE A 11 -108.87 33.79 60.76
CA ILE A 11 -107.45 33.83 60.44
C ILE A 11 -107.05 32.50 59.78
N LEU A 12 -106.21 32.58 58.77
CA LEU A 12 -105.68 31.39 58.11
C LEU A 12 -104.30 31.11 58.68
N TYR A 13 -104.22 30.14 59.57
CA TYR A 13 -102.96 29.81 60.23
C TYR A 13 -102.11 28.91 59.33
N ALA A 14 -100.80 28.91 59.60
CA ALA A 14 -99.86 28.19 58.75
C ALA A 14 -100.02 26.69 58.86
N GLU A 15 -100.33 26.18 60.05
CA GLU A 15 -100.58 24.75 60.19
C GLU A 15 -101.75 24.29 59.33
N ASP A 16 -102.75 25.16 59.14
CA ASP A 16 -103.86 24.81 58.27
C ASP A 16 -103.40 24.64 56.83
N VAL A 17 -102.57 25.55 56.33
CA VAL A 17 -102.08 25.44 54.96
C VAL A 17 -101.18 24.23 54.82
N ASN A 18 -100.37 23.94 55.84
CA ASN A 18 -99.54 22.74 55.80
C ASN A 18 -100.39 21.48 55.77
N ILE A 19 -101.49 21.47 56.52
CA ILE A 19 -102.39 20.32 56.52
C ILE A 19 -103.02 20.15 55.15
N ILE A 20 -103.52 21.24 54.57
CA ILE A 20 -104.14 21.16 53.25
C ILE A 20 -103.13 20.75 52.19
N GLY A 21 -101.86 21.06 52.40
CA GLY A 21 -100.84 20.71 51.43
C GLY A 21 -100.66 19.22 51.24
N GLN A 22 -100.99 18.43 52.26
CA GLN A 22 -100.92 16.98 52.12
C GLN A 22 -102.33 16.42 52.04
N PRO A 23 -102.91 16.34 50.84
CA PRO A 23 -104.27 15.79 50.73
C PRO A 23 -104.30 14.31 51.04
N PHE A 24 -105.40 13.88 51.63
CA PHE A 24 -105.63 12.47 51.93
C PHE A 24 -106.96 12.05 51.34
N VAL A 25 -107.01 10.82 50.84
CA VAL A 25 -108.22 10.31 50.21
C VAL A 25 -108.71 9.09 50.98
N ASP A 26 -108.49 9.07 52.29
CA ASP A 26 -108.94 7.97 53.11
C ASP A 26 -110.39 8.11 53.56
N GLY A 27 -111.07 9.18 53.16
CA GLY A 27 -112.45 9.37 53.55
C GLY A 27 -112.66 9.80 54.98
N GLN A 28 -111.60 10.23 55.67
CA GLN A 28 -111.74 10.62 57.06
C GLN A 28 -112.40 11.99 57.18
N ASP A 29 -112.63 12.39 58.42
CA ASP A 29 -113.35 13.61 58.75
C ASP A 29 -112.43 14.82 58.95
N LEU A 30 -111.11 14.62 58.87
CA LEU A 30 -110.17 15.68 59.19
C LEU A 30 -110.18 16.76 58.11
N LEU A 31 -109.35 17.79 58.31
CA LEU A 31 -109.40 18.97 57.45
C LEU A 31 -108.94 18.64 56.04
N GLY A 32 -107.89 17.85 55.88
CA GLY A 32 -107.35 17.59 54.57
C GLY A 32 -107.77 16.28 53.95
N HIS A 33 -108.54 15.48 54.68
CA HIS A 33 -108.87 14.12 54.27
C HIS A 33 -110.20 14.15 53.52
N GLY A 34 -110.13 14.18 52.19
CA GLY A 34 -111.30 14.43 51.37
C GLY A 34 -112.36 13.35 51.33
N LEU A 35 -112.06 12.23 50.68
CA LEU A 35 -113.07 11.20 50.45
C LEU A 35 -112.36 9.97 49.91
N LYS A 36 -113.07 8.83 49.96
CA LYS A 36 -112.49 7.60 49.46
C LYS A 36 -112.53 7.58 47.93
N VAL A 37 -111.89 6.57 47.36
CA VAL A 37 -111.71 6.46 45.92
C VAL A 37 -112.62 5.35 45.39
N ASP A 38 -113.51 5.71 44.48
CA ASP A 38 -114.39 4.75 43.83
C ASP A 38 -113.78 4.36 42.48
N ASP A 39 -114.53 3.57 41.71
CA ASP A 39 -114.04 3.17 40.38
C ASP A 39 -113.97 4.36 39.44
N ASN A 40 -114.88 5.32 39.57
CA ASN A 40 -114.83 6.51 38.73
C ASN A 40 -113.53 7.28 38.97
N SER A 41 -113.12 7.39 40.23
CA SER A 41 -111.91 8.12 40.56
C SER A 41 -110.66 7.49 39.98
N LEU A 42 -110.70 6.21 39.62
CA LEU A 42 -109.59 5.58 38.93
C LEU A 42 -109.57 6.02 37.47
N SER A 43 -108.37 6.00 36.89
CA SER A 43 -108.20 6.51 35.53
C SER A 43 -108.86 5.57 34.52
N ASP A 44 -109.56 6.16 33.56
CA ASP A 44 -110.18 5.39 32.47
C ASP A 44 -109.23 5.28 31.28
N GLU A 45 -108.03 4.83 31.56
CA GLU A 45 -106.93 4.63 30.64
C GLU A 45 -106.72 3.13 30.42
N PRO A 46 -106.62 2.69 29.16
CA PRO A 46 -106.52 1.25 28.90
C PRO A 46 -105.34 0.57 29.58
N GLN A 47 -104.29 1.31 29.91
CA GLN A 47 -103.11 0.72 30.52
C GLN A 47 -103.20 0.63 32.04
N ASN A 48 -104.32 1.00 32.64
CA ASN A 48 -104.42 1.05 34.08
C ASN A 48 -105.22 -0.14 34.62
N ILE A 49 -105.16 -0.32 35.94
CA ILE A 49 -105.69 -1.52 36.57
C ILE A 49 -107.19 -1.64 36.37
N LYS A 50 -107.90 -0.51 36.34
CA LYS A 50 -109.36 -0.55 36.25
C LYS A 50 -109.80 -1.16 34.93
N THR A 51 -109.25 -0.68 33.82
CA THR A 51 -109.65 -1.19 32.51
C THR A 51 -109.31 -2.66 32.35
N ARG A 52 -108.10 -3.05 32.77
CA ARG A 52 -107.70 -4.46 32.65
C ARG A 52 -108.60 -5.36 33.50
N PHE A 53 -108.83 -4.96 34.75
CA PHE A 53 -109.64 -5.78 35.64
C PHE A 53 -111.06 -5.90 35.14
N TYR A 54 -111.62 -4.83 34.57
CA TYR A 54 -112.97 -4.93 34.05
C TYR A 54 -113.04 -5.68 32.74
N ALA A 55 -111.97 -5.64 31.94
CA ALA A 55 -111.93 -6.46 30.74
C ALA A 55 -111.95 -7.93 31.10
N TRP A 56 -111.20 -8.32 32.13
CA TRP A 56 -111.29 -9.69 32.61
C TRP A 56 -112.65 -9.97 33.24
N TYR A 57 -113.18 -9.03 34.01
CA TYR A 57 -114.40 -9.25 34.77
C TYR A 57 -115.61 -9.33 33.85
N ASN A 58 -115.76 -8.35 32.95
CA ASN A 58 -116.91 -8.30 32.06
C ASN A 58 -116.54 -8.87 30.69
N ARG A 59 -116.28 -10.19 30.67
CA ARG A 59 -116.06 -10.91 29.44
C ARG A 59 -117.02 -12.09 29.40
N PHE A 60 -117.67 -12.28 28.26
CA PHE A 60 -118.70 -13.31 28.09
C PHE A 60 -119.73 -13.26 29.21
N ARG A 61 -119.93 -12.08 29.79
CA ARG A 61 -120.92 -11.90 30.84
C ARG A 61 -122.31 -12.00 30.24
N VAL A 62 -123.16 -12.81 30.84
CA VAL A 62 -124.50 -13.09 30.31
C VAL A 62 -125.52 -12.37 31.19
N THR A 63 -126.35 -11.55 30.57
CA THR A 63 -127.34 -10.76 31.28
C THR A 63 -128.66 -10.82 30.52
N VAL A 64 -129.75 -10.63 31.25
CA VAL A 64 -131.08 -10.65 30.64
C VAL A 64 -131.28 -9.40 29.81
N GLN A 65 -131.23 -9.56 28.48
CA GLN A 65 -131.55 -8.45 27.59
C GLN A 65 -133.00 -8.00 27.79
N SER A 66 -133.94 -8.90 27.46
CA SER A 66 -135.36 -8.62 27.61
C SER A 66 -136.17 -9.90 27.49
N GLY A 67 -137.00 -10.18 28.49
CA GLY A 67 -137.79 -11.41 28.45
C GLY A 67 -136.88 -12.63 28.42
N LEU A 68 -137.07 -13.47 27.40
CA LEU A 68 -136.24 -14.65 27.24
C LEU A 68 -134.90 -14.35 26.60
N THR A 69 -134.73 -13.16 26.01
CA THR A 69 -133.50 -12.83 25.32
C THR A 69 -132.44 -12.37 26.31
N LEU A 70 -131.24 -12.94 26.18
CA LEU A 70 -130.08 -12.59 26.98
C LEU A 70 -128.99 -12.05 26.08
N SER A 71 -128.17 -11.16 26.64
CA SER A 71 -127.05 -10.55 25.94
C SER A 71 -125.74 -11.03 26.53
N VAL A 72 -124.75 -11.21 25.67
CA VAL A 72 -123.43 -11.71 26.05
C VAL A 72 -122.39 -10.70 25.58
N THR A 73 -121.53 -10.28 26.50
CA THR A 73 -120.49 -9.32 26.18
C THR A 73 -119.43 -9.95 25.28
N GLN A 74 -118.63 -9.09 24.67
CA GLN A 74 -117.60 -9.56 23.75
C GLN A 74 -116.52 -10.32 24.50
N GLY A 75 -115.71 -11.06 23.74
CA GLY A 75 -114.62 -11.81 24.33
C GLY A 75 -113.82 -12.51 23.28
N SER A 76 -112.98 -13.43 23.73
CA SER A 76 -112.14 -14.21 22.83
C SER A 76 -111.85 -15.57 23.44
N ILE A 77 -111.51 -16.51 22.57
CA ILE A 77 -111.20 -17.87 22.98
C ILE A 77 -109.94 -18.32 22.25
N SER A 78 -109.29 -19.33 22.81
CA SER A 78 -108.10 -19.93 22.21
C SER A 78 -108.43 -21.36 21.81
N VAL A 79 -108.31 -21.66 20.52
CA VAL A 79 -108.52 -22.99 19.98
C VAL A 79 -107.21 -23.42 19.35
N SER A 80 -106.54 -24.40 19.97
CA SER A 80 -105.28 -24.93 19.48
C SER A 80 -104.25 -23.83 19.26
N GLY A 81 -104.26 -22.84 20.15
CA GLY A 81 -103.34 -21.73 20.05
C GLY A 81 -103.74 -20.63 19.10
N ASN A 82 -104.98 -20.62 18.61
CA ASN A 82 -105.46 -19.60 17.69
C ASN A 82 -106.61 -18.84 18.32
N ILE A 83 -106.54 -17.51 18.25
CA ILE A 83 -107.52 -16.66 18.92
C ILE A 83 -108.72 -16.45 18.01
N ILE A 84 -109.91 -16.65 18.56
CA ILE A 84 -111.17 -16.35 17.88
C ILE A 84 -111.93 -15.34 18.72
N SER A 85 -112.33 -14.24 18.10
CA SER A 85 -113.01 -13.16 18.79
C SER A 85 -114.52 -13.26 18.61
N PHE A 86 -115.26 -12.67 19.54
CA PHE A 86 -116.71 -12.68 19.49
C PHE A 86 -117.27 -11.36 19.98
N PRO A 87 -117.96 -10.61 19.12
CA PRO A 87 -118.61 -9.37 19.55
C PRO A 87 -119.81 -9.68 20.45
N PRO A 88 -120.35 -8.68 21.15
CA PRO A 88 -121.53 -8.94 21.97
C PRO A 88 -122.68 -9.44 21.13
N GLN A 89 -123.44 -10.40 21.67
CA GLN A 89 -124.45 -11.06 20.86
C GLN A 89 -125.62 -11.49 21.73
N THR A 90 -126.77 -11.64 21.10
CA THR A 90 -127.99 -12.04 21.78
C THR A 90 -128.25 -13.53 21.58
N ILE A 91 -128.99 -14.11 22.52
CA ILE A 91 -129.40 -15.50 22.42
C ILE A 91 -130.64 -15.70 23.29
N ASN A 92 -131.52 -16.59 22.85
CA ASN A 92 -132.77 -16.85 23.55
C ASN A 92 -132.63 -18.11 24.40
N ALA A 93 -132.86 -17.98 25.70
CA ALA A 93 -132.78 -19.11 26.59
C ALA A 93 -133.94 -20.07 26.34
N ILE A 94 -133.76 -21.31 26.80
CA ILE A 94 -134.78 -22.33 26.64
C ILE A 94 -135.86 -22.11 27.71
N ASP A 95 -137.09 -21.95 27.27
CA ASP A 95 -138.18 -21.60 28.17
C ASP A 95 -138.50 -22.75 29.12
N ASN A 96 -138.87 -22.39 30.35
CA ASN A 96 -139.36 -23.35 31.35
C ASN A 96 -138.35 -24.47 31.60
N ALA A 97 -137.07 -24.13 31.49
CA ALA A 97 -136.02 -25.12 31.67
C ALA A 97 -134.76 -24.44 32.17
N ASN A 98 -134.06 -25.10 33.08
CA ASN A 98 -132.80 -24.58 33.63
C ASN A 98 -131.72 -24.76 32.56
N SER A 99 -131.76 -23.87 31.57
CA SER A 99 -130.86 -24.00 30.43
C SER A 99 -129.47 -23.46 30.78
N PHE A 100 -128.50 -23.82 29.94
CA PHE A 100 -127.13 -23.39 30.09
C PHE A 100 -126.69 -22.69 28.82
N VAL A 101 -126.15 -21.49 28.97
CA VAL A 101 -125.52 -20.75 27.89
C VAL A 101 -124.01 -20.98 27.99
N TRP A 102 -123.42 -21.46 26.89
CA TRP A 102 -122.01 -21.81 26.89
C TRP A 102 -121.44 -21.62 25.50
N ILE A 103 -120.12 -21.48 25.45
CA ILE A 103 -119.41 -21.35 24.19
C ILE A 103 -118.76 -22.69 23.87
N GLY A 104 -118.97 -23.16 22.65
CA GLY A 104 -118.41 -24.44 22.26
C GLY A 104 -119.01 -24.91 20.94
N LYS A 105 -118.87 -26.20 20.68
CA LYS A 105 -119.39 -26.79 19.46
C LYS A 105 -120.27 -27.99 19.83
N THR A 106 -121.34 -28.16 19.06
CA THR A 106 -122.21 -29.30 19.22
C THR A 106 -121.77 -30.43 18.30
N ASP A 107 -122.22 -31.64 18.62
CA ASP A 107 -121.88 -32.79 17.77
C ASP A 107 -122.47 -32.63 16.38
N ALA A 108 -123.68 -32.08 16.29
CA ALA A 108 -124.30 -31.86 14.98
C ALA A 108 -123.50 -30.86 14.17
N ASP A 109 -123.19 -29.70 14.74
CA ASP A 109 -122.44 -28.67 14.04
C ASP A 109 -121.08 -28.49 14.69
N PRO A 110 -119.99 -28.93 14.06
CA PRO A 110 -118.66 -28.77 14.67
C PRO A 110 -118.18 -27.33 14.74
N ALA A 111 -118.97 -26.36 14.29
CA ALA A 111 -118.58 -24.96 14.42
C ALA A 111 -118.65 -24.52 15.88
N ILE A 112 -117.71 -23.68 16.28
CA ILE A 112 -117.63 -23.17 17.64
C ILE A 112 -118.34 -21.83 17.70
N ALA A 113 -119.34 -21.72 18.57
CA ALA A 113 -120.10 -20.49 18.72
C ALA A 113 -120.78 -20.51 20.09
N LEU A 114 -121.63 -19.52 20.31
CA LEU A 114 -122.42 -19.42 21.53
C LEU A 114 -123.71 -20.23 21.37
N ARG A 115 -123.99 -21.10 22.34
CA ARG A 115 -125.12 -22.00 22.26
C ARG A 115 -125.84 -22.05 23.60
N VAL A 116 -127.11 -22.43 23.55
CA VAL A 116 -127.92 -22.67 24.74
C VAL A 116 -128.45 -24.10 24.66
N SER A 117 -128.19 -24.87 25.70
CA SER A 117 -128.66 -26.25 25.76
C SER A 117 -129.36 -26.48 27.09
N GLN A 118 -129.84 -27.70 27.31
CA GLN A 118 -130.41 -28.09 28.58
C GLN A 118 -129.43 -28.85 29.46
N THR A 119 -128.21 -29.07 28.98
CA THR A 119 -127.20 -29.81 29.73
C THR A 119 -125.82 -29.34 29.30
N LEU A 120 -124.96 -29.10 30.28
CA LEU A 120 -123.59 -28.69 29.97
C LEU A 120 -122.81 -29.88 29.44
N PRO A 121 -122.20 -29.78 28.26
CA PRO A 121 -121.36 -30.88 27.78
C PRO A 121 -120.12 -31.03 28.64
N ASN A 122 -119.59 -32.25 28.66
CA ASN A 122 -118.35 -32.51 29.41
C ASN A 122 -117.20 -31.69 28.86
N VAL A 123 -117.26 -31.32 27.58
CA VAL A 123 -116.33 -30.39 26.97
C VAL A 123 -117.12 -29.15 26.56
N CYS A 124 -116.70 -27.98 27.05
CA CYS A 124 -117.44 -26.74 26.85
C CYS A 124 -116.67 -25.60 27.49
N ILE A 125 -117.17 -24.40 27.25
CA ILE A 125 -116.81 -23.22 28.04
C ILE A 125 -118.07 -22.69 28.68
N PRO A 126 -118.30 -23.02 29.96
CA PRO A 126 -119.54 -22.60 30.60
C PRO A 126 -119.58 -21.09 30.77
N LEU A 127 -120.73 -20.50 30.46
CA LEU A 127 -120.92 -19.07 30.64
C LEU A 127 -121.95 -18.75 31.71
N ALA A 128 -123.16 -19.30 31.60
CA ALA A 128 -124.18 -18.97 32.57
C ALA A 128 -125.22 -20.07 32.62
N ARG A 129 -125.93 -20.14 33.74
CA ARG A 129 -127.11 -20.98 33.88
C ARG A 129 -128.32 -20.09 34.05
N VAL A 130 -129.30 -20.25 33.17
CA VAL A 130 -130.48 -19.40 33.13
C VAL A 130 -131.69 -20.26 33.45
N ILE A 131 -132.39 -19.90 34.53
CA ILE A 131 -133.68 -20.49 34.87
C ILE A 131 -134.75 -19.48 34.49
N ALA A 132 -135.58 -19.84 33.53
CA ALA A 132 -136.62 -18.98 33.00
C ALA A 132 -137.96 -19.69 33.04
N ALA A 133 -139.03 -18.91 33.11
CA ALA A 133 -140.37 -19.46 33.20
C ALA A 133 -141.37 -18.43 32.68
N SER A 134 -142.37 -18.90 31.94
CA SER A 134 -143.42 -18.05 31.38
C SER A 134 -142.85 -16.91 30.55
N GLY A 135 -141.80 -17.21 29.78
CA GLY A 135 -141.19 -16.20 28.94
C GLY A 135 -140.34 -15.19 29.67
N SER A 136 -140.13 -15.35 30.97
CA SER A 136 -139.35 -14.42 31.76
C SER A 136 -138.29 -15.17 32.53
N VAL A 137 -137.13 -14.55 32.68
CA VAL A 137 -135.99 -15.18 33.34
C VAL A 137 -136.14 -15.02 34.85
N THR A 138 -136.15 -16.14 35.56
CA THR A 138 -136.21 -16.09 37.02
C THR A 138 -134.86 -15.91 37.66
N SER A 139 -133.80 -16.51 37.09
CA SER A 139 -132.49 -16.39 37.71
C SER A 139 -131.40 -16.62 36.67
N VAL A 140 -130.28 -15.91 36.84
CA VAL A 140 -129.08 -16.11 36.03
C VAL A 140 -127.92 -16.30 36.99
N THR A 141 -127.12 -17.33 36.74
CA THR A 141 -125.97 -17.65 37.59
C THR A 141 -124.72 -17.71 36.72
N ASP A 142 -123.74 -16.87 37.04
CA ASP A 142 -122.50 -16.85 36.29
C ASP A 142 -121.69 -18.11 36.57
N LEU A 143 -121.24 -18.78 35.52
CA LEU A 143 -120.44 -19.98 35.64
C LEU A 143 -118.99 -19.75 35.28
N ARG A 144 -118.56 -18.50 35.13
CA ARG A 144 -117.19 -18.21 34.76
C ARG A 144 -116.28 -18.31 35.98
N ASP A 145 -114.97 -18.35 35.71
CA ASP A 145 -113.99 -18.40 36.78
C ASP A 145 -114.02 -17.14 37.64
N VAL A 146 -114.58 -16.04 37.11
CA VAL A 146 -114.70 -14.82 37.90
C VAL A 146 -115.68 -15.01 39.06
N SER A 147 -116.54 -16.03 39.01
CA SER A 147 -117.57 -16.23 40.01
C SER A 147 -117.46 -17.55 40.75
N VAL A 148 -117.16 -18.64 40.05
CA VAL A 148 -117.10 -19.97 40.65
C VAL A 148 -115.80 -20.64 40.26
N ASP A 149 -115.41 -21.63 41.06
CA ASP A 149 -114.29 -22.52 40.75
C ASP A 149 -114.88 -23.82 40.24
N ILE A 150 -114.70 -24.10 38.95
CA ILE A 150 -115.34 -25.23 38.32
C ILE A 150 -114.57 -26.50 38.66
N LEU A 151 -115.28 -27.51 39.16
CA LEU A 151 -114.69 -28.82 39.34
C LEU A 151 -114.50 -29.45 37.97
N PRO A 152 -113.28 -29.83 37.59
CA PRO A 152 -113.05 -30.28 36.22
C PRO A 152 -113.75 -31.61 35.96
N PRO A 153 -114.20 -31.83 34.73
CA PRO A 153 -114.82 -33.12 34.40
C PRO A 153 -113.78 -34.23 34.44
N SER A 154 -114.26 -35.43 34.74
CA SER A 154 -113.41 -36.62 34.77
C SER A 154 -113.52 -37.32 33.43
N ILE A 155 -112.46 -37.22 32.62
CA ILE A 155 -112.46 -37.81 31.29
C ILE A 155 -111.47 -38.98 31.25
N PRO A 156 -111.96 -40.22 31.27
CA PRO A 156 -111.06 -41.37 31.22
C PRO A 156 -110.42 -41.53 29.85
N ASP A 157 -109.25 -42.17 29.86
CA ASP A 157 -108.52 -42.42 28.62
C ASP A 157 -109.14 -43.58 27.86
N ALA A 158 -108.82 -43.65 26.57
CA ALA A 158 -109.39 -44.70 25.71
C ALA A 158 -108.94 -46.09 26.14
N VAL A 159 -107.66 -46.25 26.45
CA VAL A 159 -107.07 -47.54 26.76
C VAL A 159 -106.64 -47.53 28.22
N PRO A 160 -107.03 -48.52 29.02
CA PRO A 160 -106.67 -48.52 30.44
C PRO A 160 -105.18 -48.69 30.66
N VAL A 161 -104.72 -48.23 31.82
CA VAL A 161 -103.31 -48.31 32.16
C VAL A 161 -102.88 -49.76 32.27
N GLY A 162 -101.73 -50.08 31.69
CA GLY A 162 -101.23 -51.43 31.66
C GLY A 162 -101.64 -52.23 30.45
N SER A 163 -102.69 -51.81 29.74
CA SER A 163 -103.08 -52.48 28.52
C SER A 163 -102.03 -52.26 27.44
N THR A 164 -101.75 -53.31 26.67
CA THR A 164 -100.74 -53.25 25.64
C THR A 164 -101.39 -52.98 24.29
N ILE A 165 -100.82 -52.04 23.55
CA ILE A 165 -101.31 -51.64 22.24
C ILE A 165 -100.31 -52.10 21.20
N ILE A 166 -100.79 -52.77 20.17
CA ILE A 166 -99.97 -53.24 19.07
C ILE A 166 -99.98 -52.19 17.98
N SER A 167 -98.80 -51.89 17.43
CA SER A 167 -98.66 -50.85 16.44
C SER A 167 -97.68 -51.27 15.36
N LEU A 168 -97.88 -50.72 14.16
CA LEU A 168 -97.02 -50.97 13.01
C LEU A 168 -96.23 -49.74 12.59
N ILE A 169 -96.09 -48.76 13.48
CA ILE A 169 -95.43 -47.51 13.10
C ILE A 169 -93.95 -47.78 12.83
N PRO A 170 -93.35 -47.14 11.84
CA PRO A 170 -91.95 -47.41 11.51
C PRO A 170 -91.04 -46.95 12.65
N PRO A 171 -89.80 -47.42 12.67
CA PRO A 171 -88.88 -47.00 13.75
C PRO A 171 -88.65 -45.51 13.79
N THR A 172 -88.66 -44.83 12.64
CA THR A 172 -88.46 -43.39 12.62
C THR A 172 -89.62 -42.65 13.29
N ALA A 173 -90.82 -43.23 13.29
CA ALA A 173 -91.96 -42.57 13.88
C ALA A 173 -91.78 -42.46 15.39
N PRO A 174 -92.14 -41.33 15.99
CA PRO A 174 -91.94 -41.17 17.44
C PRO A 174 -92.93 -42.00 18.24
N ILE A 175 -92.52 -42.36 19.45
CA ILE A 175 -93.39 -43.14 20.35
C ILE A 175 -94.60 -42.31 20.72
N PRO A 176 -95.81 -42.88 20.70
CA PRO A 176 -96.98 -42.13 21.17
C PRO A 176 -96.80 -41.69 22.62
N ALA A 177 -97.27 -40.49 22.92
CA ALA A 177 -97.07 -39.92 24.24
C ALA A 177 -97.80 -40.73 25.29
N GLY A 178 -97.18 -40.88 26.45
CA GLY A 178 -97.78 -41.66 27.51
C GLY A 178 -97.71 -43.16 27.33
N TYR A 179 -96.81 -43.65 26.49
CA TYR A 179 -96.64 -45.07 26.25
C TYR A 179 -95.21 -45.50 26.55
N LEU A 180 -95.06 -46.74 26.97
CA LEU A 180 -93.77 -47.33 27.27
C LEU A 180 -93.43 -48.38 26.22
N GLU A 181 -92.31 -48.20 25.53
CA GLU A 181 -91.88 -49.16 24.52
C GLU A 181 -91.36 -50.42 25.18
N LEU A 182 -91.65 -51.56 24.56
CA LEU A 182 -91.15 -52.85 25.03
C LEU A 182 -90.04 -53.32 24.10
N LEU A 183 -88.85 -53.50 24.64
CA LEU A 183 -87.69 -53.85 23.85
C LEU A 183 -87.43 -55.36 23.93
N ASN A 184 -86.27 -55.78 23.40
CA ASN A 184 -85.99 -57.21 23.32
C ASN A 184 -85.82 -57.81 24.71
N SER A 185 -85.08 -57.13 25.58
CA SER A 185 -84.82 -57.62 26.93
C SER A 185 -85.73 -56.91 27.93
N SER A 186 -85.69 -57.39 29.17
CA SER A 186 -86.43 -56.77 30.24
C SER A 186 -85.85 -55.39 30.56
N GLN A 187 -86.67 -54.56 31.20
CA GLN A 187 -86.25 -53.22 31.61
C GLN A 187 -86.54 -53.05 33.09
N ASN A 188 -86.05 -51.94 33.65
CA ASN A 188 -86.38 -51.54 35.01
C ASN A 188 -86.74 -50.06 34.97
N VAL A 189 -88.00 -49.74 35.21
CA VAL A 189 -88.46 -48.36 35.14
C VAL A 189 -88.83 -47.88 36.53
N SER A 190 -88.66 -46.57 36.75
CA SER A 190 -88.85 -46.00 38.08
C SER A 190 -90.28 -46.17 38.55
N ARG A 191 -90.44 -46.60 39.80
CA ARG A 191 -91.78 -46.76 40.37
C ARG A 191 -92.50 -45.42 40.45
N THR A 192 -91.79 -44.37 40.84
CA THR A 192 -92.42 -43.06 40.98
C THR A 192 -92.81 -42.48 39.62
N THR A 193 -91.95 -42.65 38.62
CA THR A 193 -92.23 -42.10 37.30
C THR A 193 -93.49 -42.72 36.70
N TYR A 194 -93.61 -44.04 36.79
CA TYR A 194 -94.82 -44.75 36.39
C TYR A 194 -95.45 -45.32 37.66
N SER A 195 -96.24 -44.49 38.35
CA SER A 195 -96.90 -44.95 39.57
C SER A 195 -98.14 -45.76 39.24
N ALA A 196 -98.94 -45.28 38.28
CA ALA A 196 -100.15 -45.99 37.89
C ALA A 196 -99.82 -47.37 37.33
N LEU A 197 -98.69 -47.51 36.66
CA LEU A 197 -98.30 -48.81 36.14
C LEU A 197 -97.78 -49.71 37.26
N PHE A 198 -97.00 -49.17 38.19
CA PHE A 198 -96.44 -50.00 39.26
C PHE A 198 -97.53 -50.49 40.19
N VAL A 199 -98.50 -49.64 40.54
CA VAL A 199 -99.54 -50.07 41.46
C VAL A 199 -100.40 -51.16 40.84
N LEU A 200 -100.51 -51.19 39.51
CA LEU A 200 -101.34 -52.18 38.84
C LEU A 200 -100.57 -53.48 38.58
N TRP A 201 -99.46 -53.38 37.87
CA TRP A 201 -98.64 -54.57 37.60
C TRP A 201 -98.05 -55.13 38.88
N GLY A 202 -97.49 -54.27 39.72
CA GLY A 202 -96.75 -54.74 40.86
C GLY A 202 -95.39 -55.26 40.43
N THR A 203 -94.67 -55.83 41.41
CA THR A 203 -93.36 -56.39 41.16
C THR A 203 -93.50 -57.79 40.58
N TYR A 204 -94.29 -57.92 39.53
CA TYR A 204 -94.64 -59.22 38.94
C TYR A 204 -93.74 -59.59 37.78
N TYR A 205 -93.16 -58.61 37.09
CA TYR A 205 -92.23 -58.87 35.99
C TYR A 205 -90.78 -58.67 36.40
N GLY A 206 -90.52 -58.50 37.68
CA GLY A 206 -89.15 -58.40 38.17
C GLY A 206 -88.98 -57.26 39.16
N ASN A 207 -87.88 -57.31 39.89
CA ASN A 207 -87.48 -56.28 40.85
C ASN A 207 -86.14 -55.74 40.38
N GLY A 208 -86.18 -54.66 39.59
CA GLY A 208 -84.94 -54.02 39.17
C GLY A 208 -84.14 -53.51 40.34
N ASP A 209 -84.82 -53.04 41.39
CA ASP A 209 -84.17 -52.57 42.60
C ASP A 209 -85.06 -52.95 43.78
N GLY A 210 -84.77 -52.35 44.94
CA GLY A 210 -85.54 -52.63 46.13
C GLY A 210 -86.89 -51.93 46.15
N SER A 211 -86.87 -50.59 46.12
CA SER A 211 -88.12 -49.84 46.17
C SER A 211 -88.12 -48.61 45.25
N THR A 212 -87.32 -48.60 44.20
CA THR A 212 -87.28 -47.45 43.30
C THR A 212 -87.60 -47.79 41.86
N THR A 213 -87.36 -49.01 41.41
CA THR A 213 -87.66 -49.42 40.05
C THR A 213 -88.32 -50.78 40.06
N PHE A 214 -89.13 -51.03 39.03
CA PHE A 214 -89.79 -52.32 38.86
C PHE A 214 -89.60 -52.79 37.42
N GLY A 215 -89.69 -54.11 37.26
CA GLY A 215 -89.33 -54.73 36.00
C GLY A 215 -90.39 -54.58 34.92
N VAL A 216 -89.91 -54.71 33.68
CA VAL A 216 -90.74 -54.58 32.49
C VAL A 216 -90.41 -55.76 31.58
N PRO A 217 -91.39 -56.59 31.20
CA PRO A 217 -91.07 -57.76 30.38
C PRO A 217 -90.58 -57.37 29.00
N GLY A 218 -89.66 -58.17 28.48
CA GLY A 218 -89.07 -57.96 27.17
C GLY A 218 -89.69 -58.88 26.15
N THR A 219 -89.98 -58.34 24.96
CA THR A 219 -90.60 -59.14 23.91
C THR A 219 -89.70 -60.30 23.50
N GLY A 220 -88.42 -60.03 23.33
CA GLY A 220 -87.50 -61.08 22.94
C GLY A 220 -87.71 -61.63 21.55
N GLY A 221 -88.39 -60.88 20.69
CA GLY A 221 -88.68 -61.35 19.34
C GLY A 221 -89.50 -62.62 19.30
N ARG A 222 -90.50 -62.72 20.17
CA ARG A 222 -91.30 -63.92 20.30
C ARG A 222 -92.65 -63.76 19.63
N PHE A 223 -93.42 -64.84 19.64
CA PHE A 223 -94.75 -64.87 19.07
C PHE A 223 -95.78 -64.57 20.14
N LEU A 224 -96.93 -64.04 19.73
CA LEU A 224 -97.99 -63.68 20.66
C LEU A 224 -98.89 -64.88 20.89
N ARG A 225 -98.93 -65.36 22.12
CA ARG A 225 -99.67 -66.57 22.46
C ARG A 225 -100.60 -66.28 23.63
N LEU A 226 -101.89 -66.42 23.39
CA LEU A 226 -102.87 -66.39 24.48
C LEU A 226 -102.67 -67.62 25.35
N GLY A 227 -102.79 -67.45 26.66
CA GLY A 227 -102.39 -68.50 27.58
C GLY A 227 -103.49 -69.05 28.47
N GLY A 228 -104.67 -69.31 27.90
CA GLY A 228 -105.78 -69.77 28.71
C GLY A 228 -105.48 -71.07 29.45
N SER A 229 -104.84 -72.02 28.76
CA SER A 229 -104.64 -73.36 29.31
C SER A 229 -103.37 -73.39 30.15
N GLY A 230 -103.53 -73.13 31.44
CA GLY A 230 -102.45 -73.29 32.39
C GLY A 230 -101.21 -72.47 32.07
N LEU A 231 -101.38 -71.22 31.68
CA LEU A 231 -100.27 -70.35 31.32
C LEU A 231 -100.55 -68.95 31.83
N SER A 232 -99.85 -68.55 32.88
CA SER A 232 -100.01 -67.22 33.45
C SER A 232 -99.51 -66.17 32.45
N VAL A 233 -99.79 -64.91 32.76
CA VAL A 233 -99.35 -63.83 31.90
C VAL A 233 -97.83 -63.68 31.99
N GLY A 234 -97.22 -63.26 30.89
CA GLY A 234 -95.79 -63.11 30.84
C GLY A 234 -95.01 -64.41 30.75
N ASP A 235 -95.69 -65.55 30.63
CA ASP A 235 -95.01 -66.81 30.51
C ASP A 235 -94.27 -66.90 29.18
N ILE A 236 -93.10 -67.53 29.22
CA ILE A 236 -92.27 -67.74 28.06
C ILE A 236 -92.02 -69.23 27.89
N GLY A 237 -91.24 -69.58 26.89
CA GLY A 237 -90.94 -70.95 26.58
C GLY A 237 -90.80 -71.12 25.09
N GLY A 238 -91.08 -72.33 24.62
CA GLY A 238 -90.94 -72.62 23.20
C GLY A 238 -89.48 -72.65 22.79
N SER A 239 -89.28 -72.88 21.49
CA SER A 239 -87.93 -72.96 20.95
C SER A 239 -87.98 -72.85 19.45
N ASN A 240 -87.14 -71.98 18.89
CA ASN A 240 -87.03 -71.89 17.44
C ASN A 240 -86.21 -73.04 16.86
N GLN A 241 -85.31 -73.60 17.65
CA GLN A 241 -84.54 -74.77 17.25
C GLN A 241 -85.29 -76.02 17.70
N ILE A 242 -85.46 -76.98 16.79
CA ILE A 242 -86.19 -78.20 17.08
C ILE A 242 -85.29 -79.39 16.82
N THR A 243 -85.38 -80.39 17.69
CA THR A 243 -84.57 -81.60 17.62
C THR A 243 -85.49 -82.80 17.50
N ILE A 244 -85.29 -83.59 16.44
CA ILE A 244 -86.11 -84.77 16.21
C ILE A 244 -85.75 -85.83 17.23
N PRO A 245 -86.70 -86.28 18.05
CA PRO A 245 -86.40 -87.36 19.00
C PRO A 245 -86.32 -88.70 18.29
N THR A 246 -85.73 -89.66 18.99
CA THR A 246 -85.52 -90.98 18.39
C THR A 246 -86.85 -91.66 18.06
N ASN A 247 -87.84 -91.57 18.96
CA ASN A 247 -89.12 -92.21 18.70
C ASN A 247 -89.93 -91.50 17.64
N ALA A 248 -89.51 -90.33 17.19
CA ALA A 248 -90.26 -89.61 16.17
C ALA A 248 -89.93 -90.09 14.76
N LEU A 249 -88.89 -90.87 14.59
CA LEU A 249 -88.44 -91.30 13.27
C LEU A 249 -89.49 -92.19 12.61
N PRO A 250 -89.98 -91.86 11.42
CA PRO A 250 -90.94 -92.74 10.75
C PRO A 250 -90.31 -94.07 10.36
N SER A 251 -91.15 -95.09 10.32
CA SER A 251 -90.71 -96.41 9.91
C SER A 251 -90.29 -96.39 8.44
N HIS A 252 -89.13 -97.00 8.15
CA HIS A 252 -88.65 -97.09 6.78
C HIS A 252 -87.77 -98.32 6.64
N GLN A 253 -87.60 -98.76 5.40
CA GLN A 253 -86.84 -99.96 5.09
C GLN A 253 -85.77 -99.64 4.06
N HIS A 254 -84.53 -99.98 4.37
CA HIS A 254 -83.44 -99.76 3.44
C HIS A 254 -83.25 -100.99 2.56
N GLY A 255 -82.86 -100.75 1.31
CA GLY A 255 -82.59 -101.82 0.36
C GLY A 255 -81.13 -102.20 0.40
N ILE A 256 -80.89 -103.51 0.38
CA ILE A 256 -79.52 -104.02 0.34
C ILE A 256 -79.18 -104.35 -1.12
N PRO A 257 -78.06 -103.84 -1.64
CA PRO A 257 -77.75 -104.05 -3.06
C PRO A 257 -77.38 -105.50 -3.33
N ALA A 258 -77.19 -105.79 -4.62
CA ALA A 258 -76.76 -107.12 -5.03
C ALA A 258 -75.36 -107.40 -4.50
N ASN A 259 -75.15 -108.64 -4.07
CA ASN A 259 -73.90 -109.06 -3.45
C ASN A 259 -73.40 -110.32 -4.13
N THR A 260 -72.10 -110.55 -4.01
CA THR A 260 -71.47 -111.69 -4.67
C THR A 260 -70.11 -111.93 -4.01
N HIS A 261 -69.83 -113.19 -3.69
CA HIS A 261 -68.57 -113.52 -3.03
C HIS A 261 -68.24 -114.98 -3.28
N THR A 262 -66.97 -115.31 -3.11
CA THR A 262 -66.48 -116.68 -3.13
C THR A 262 -65.59 -116.91 -1.92
N HIS A 263 -65.45 -118.17 -1.54
CA HIS A 263 -64.55 -118.57 -0.47
C HIS A 263 -63.43 -119.42 -1.06
N SER A 264 -62.19 -119.04 -0.78
CA SER A 264 -61.06 -119.88 -1.16
C SER A 264 -61.10 -121.18 -0.36
N VAL A 265 -60.54 -122.23 -0.93
CA VAL A 265 -60.54 -123.55 -0.34
C VAL A 265 -59.10 -123.98 -0.11
N ASN A 266 -58.82 -124.49 1.09
CA ASN A 266 -57.48 -124.92 1.48
C ASN A 266 -57.48 -126.42 1.71
N ASP A 267 -56.50 -127.11 1.13
CA ASP A 267 -56.40 -128.56 1.29
C ASP A 267 -54.99 -129.00 0.90
N GLY A 268 -54.35 -129.74 1.80
CA GLY A 268 -53.01 -130.23 1.56
C GLY A 268 -52.99 -131.49 0.73
N GLY A 269 -54.11 -132.19 0.70
CA GLY A 269 -54.21 -133.43 -0.04
C GLY A 269 -54.77 -134.53 0.83
N HIS A 270 -55.08 -135.66 0.19
CA HIS A 270 -55.61 -136.82 0.89
C HIS A 270 -55.10 -138.07 0.20
N GLY A 271 -54.58 -139.01 0.99
CA GLY A 271 -54.29 -140.32 0.46
C GLY A 271 -55.51 -141.22 0.50
N HIS A 272 -55.40 -142.35 -0.17
CA HIS A 272 -56.42 -143.39 -0.13
C HIS A 272 -55.82 -144.69 0.38
N THR A 273 -56.67 -145.52 0.95
CA THR A 273 -56.25 -146.79 1.54
C THR A 273 -56.47 -147.91 0.54
N ILE A 274 -55.47 -148.73 0.35
CA ILE A 274 -55.51 -149.85 -0.59
C ILE A 274 -56.04 -151.08 0.11
N ASN A 275 -56.87 -151.85 -0.60
CA ASN A 275 -57.40 -153.12 -0.11
C ASN A 275 -56.90 -154.20 -1.06
N GLN A 276 -55.77 -154.81 -0.73
CA GLN A 276 -55.10 -155.77 -1.60
C GLN A 276 -55.22 -157.17 -1.00
N THR A 277 -55.55 -158.15 -1.85
CA THR A 277 -55.60 -159.57 -1.56
C THR A 277 -54.46 -160.27 -2.29
N PRO A 278 -53.76 -161.20 -1.64
CA PRO A 278 -52.59 -161.83 -2.27
C PRO A 278 -52.96 -162.54 -3.56
N HIS A 279 -52.05 -162.49 -4.52
CA HIS A 279 -52.23 -163.10 -5.83
C HIS A 279 -51.08 -164.04 -6.11
N SER A 280 -51.35 -165.05 -6.94
CA SER A 280 -50.34 -166.01 -7.34
C SER A 280 -50.38 -166.18 -8.86
N HIS A 281 -49.23 -166.51 -9.43
CA HIS A 281 -49.09 -166.67 -10.87
C HIS A 281 -49.09 -168.15 -11.22
N SER A 282 -49.84 -168.51 -12.26
CA SER A 282 -49.81 -169.86 -12.76
C SER A 282 -48.49 -170.13 -13.47
N ILE A 283 -48.05 -171.38 -13.40
CA ILE A 283 -46.73 -171.79 -13.85
C ILE A 283 -46.89 -172.67 -15.08
N SER A 284 -46.11 -172.38 -16.12
CA SER A 284 -46.02 -173.24 -17.30
C SER A 284 -44.79 -174.12 -17.13
N ASP A 285 -44.97 -175.44 -17.16
CA ASP A 285 -43.91 -176.39 -16.85
C ASP A 285 -43.78 -177.41 -17.97
N PRO A 286 -43.10 -177.07 -19.05
CA PRO A 286 -42.62 -178.10 -19.97
C PRO A 286 -41.68 -179.04 -19.24
N GLY A 287 -41.77 -180.33 -19.56
CA GLY A 287 -40.97 -181.33 -18.87
C GLY A 287 -39.49 -181.15 -19.13
N HIS A 288 -38.70 -181.93 -18.37
CA HIS A 288 -37.25 -181.89 -18.51
C HIS A 288 -36.69 -183.25 -18.13
N ALA A 289 -35.43 -183.46 -18.46
CA ALA A 289 -34.73 -184.69 -18.12
C ALA A 289 -33.24 -184.40 -17.99
N HIS A 290 -32.55 -185.29 -17.29
CA HIS A 290 -31.12 -185.17 -17.07
C HIS A 290 -30.38 -186.33 -17.75
N GLY A 291 -29.10 -186.12 -17.98
CA GLY A 291 -28.24 -187.12 -18.58
C GLY A 291 -27.43 -187.87 -17.53
N VAL A 292 -27.14 -189.13 -17.82
CA VAL A 292 -26.28 -189.95 -16.98
C VAL A 292 -25.05 -190.31 -17.80
N PRO A 293 -24.04 -189.44 -17.83
CA PRO A 293 -22.90 -189.66 -18.73
C PRO A 293 -21.87 -190.63 -18.17
N PHE A 294 -22.24 -191.42 -17.17
CA PHE A 294 -21.29 -192.28 -16.47
C PHE A 294 -21.50 -193.72 -16.93
N GLY A 295 -20.85 -194.08 -18.03
CA GLY A 295 -20.84 -195.45 -18.50
C GLY A 295 -19.44 -196.02 -18.40
N ALA A 296 -19.36 -197.31 -18.05
CA ALA A 296 -18.09 -197.92 -17.68
C ALA A 296 -17.26 -198.24 -18.91
N ALA A 297 -16.00 -197.80 -18.91
CA ALA A 297 -15.04 -198.19 -19.93
C ALA A 297 -14.16 -199.34 -19.48
N VAL A 298 -13.94 -199.49 -18.18
CA VAL A 298 -13.14 -200.57 -17.63
C VAL A 298 -14.01 -201.37 -16.65
N ASP A 299 -13.43 -202.37 -16.01
CA ASP A 299 -14.16 -203.22 -15.09
C ASP A 299 -13.86 -202.94 -13.62
N ASN A 300 -12.65 -202.51 -13.29
CA ASN A 300 -12.28 -202.25 -11.92
C ASN A 300 -12.80 -200.90 -11.45
N GLY A 301 -13.28 -200.85 -10.21
CA GLY A 301 -13.74 -199.62 -9.60
C GLY A 301 -15.25 -199.49 -9.65
N ASN A 302 -15.77 -198.67 -8.73
CA ASN A 302 -17.19 -198.35 -8.69
C ASN A 302 -17.47 -196.91 -9.09
N ASN A 303 -16.57 -196.30 -9.86
CA ASN A 303 -16.75 -194.91 -10.25
C ASN A 303 -17.96 -194.71 -11.15
N ALA A 304 -18.27 -195.67 -12.01
CA ALA A 304 -19.30 -195.48 -13.02
C ALA A 304 -20.15 -196.73 -13.11
N PHE A 305 -20.98 -196.81 -14.15
CA PHE A 305 -21.97 -197.86 -14.31
C PHE A 305 -21.62 -198.73 -15.51
N ASP A 306 -21.72 -200.05 -15.33
CA ASP A 306 -21.39 -200.99 -16.39
C ASP A 306 -22.38 -200.87 -17.54
N THR A 307 -21.86 -200.86 -18.77
CA THR A 307 -22.66 -200.70 -19.98
C THR A 307 -23.04 -202.08 -20.50
N GLY A 308 -24.34 -202.39 -20.46
CA GLY A 308 -24.80 -203.71 -20.86
C GLY A 308 -25.25 -203.83 -22.30
N GLY A 309 -26.16 -202.99 -22.74
CA GLY A 309 -26.57 -202.99 -24.14
C GLY A 309 -27.88 -203.65 -24.48
N SER A 310 -28.93 -203.37 -23.71
CA SER A 310 -30.27 -203.87 -24.03
C SER A 310 -31.34 -202.93 -23.46
N PRO A 311 -32.14 -202.29 -24.29
CA PRO A 311 -33.11 -201.32 -23.77
C PRO A 311 -34.25 -202.00 -23.05
N TYR A 312 -34.28 -201.91 -21.72
CA TYR A 312 -35.35 -202.52 -20.96
C TYR A 312 -35.47 -201.79 -19.63
N ASN A 313 -36.67 -201.37 -19.29
CA ASN A 313 -36.91 -200.52 -18.12
C ASN A 313 -36.97 -201.40 -16.88
N ASN A 314 -35.85 -201.51 -16.18
CA ASN A 314 -35.85 -202.05 -14.84
C ASN A 314 -36.38 -201.00 -13.87
N GLY A 315 -36.71 -201.43 -12.65
CA GLY A 315 -37.25 -200.47 -11.71
C GLY A 315 -36.17 -199.73 -10.97
N ILE A 316 -35.79 -198.55 -11.47
CA ILE A 316 -34.75 -197.73 -10.89
C ILE A 316 -35.04 -196.28 -11.25
N GLY A 317 -35.04 -195.40 -10.26
CA GLY A 317 -35.27 -193.98 -10.53
C GLY A 317 -34.14 -193.12 -10.03
N THR A 318 -34.47 -191.95 -9.51
CA THR A 318 -33.51 -191.04 -8.91
C THR A 318 -33.97 -190.65 -7.51
N THR A 319 -33.21 -189.79 -6.87
CA THR A 319 -33.63 -189.22 -5.60
C THR A 319 -34.59 -188.07 -5.84
N GLN A 320 -35.60 -187.98 -4.98
CA GLN A 320 -36.63 -186.96 -5.10
C GLN A 320 -36.11 -185.66 -4.51
N ASN A 321 -35.34 -184.92 -5.30
CA ASN A 321 -34.71 -183.69 -4.84
C ASN A 321 -35.28 -182.49 -5.59
N GLN A 322 -35.43 -181.38 -4.88
CA GLN A 322 -36.10 -180.21 -5.41
C GLN A 322 -35.20 -179.44 -6.35
N THR A 323 -35.74 -178.36 -6.92
CA THR A 323 -35.03 -177.48 -7.83
C THR A 323 -34.85 -176.12 -7.18
N GLY A 324 -33.65 -175.56 -7.29
CA GLY A 324 -33.43 -174.25 -6.74
C GLY A 324 -33.74 -173.16 -7.74
N ILE A 325 -34.94 -172.59 -7.64
CA ILE A 325 -35.35 -171.49 -8.51
C ILE A 325 -35.89 -170.37 -7.64
N SER A 326 -35.83 -169.15 -8.17
CA SER A 326 -36.32 -167.98 -7.46
C SER A 326 -37.17 -167.15 -8.40
N VAL A 327 -38.33 -166.72 -7.91
CA VAL A 327 -39.19 -165.83 -8.67
C VAL A 327 -38.63 -164.41 -8.53
N ASN A 328 -38.16 -163.85 -9.64
CA ASN A 328 -37.57 -162.52 -9.58
C ASN A 328 -38.63 -161.47 -9.30
N THR A 329 -38.20 -160.38 -8.66
CA THR A 329 -39.12 -159.35 -8.25
C THR A 329 -39.66 -158.58 -9.44
N ALA A 330 -40.92 -158.16 -9.36
CA ALA A 330 -41.54 -157.38 -10.42
C ALA A 330 -42.75 -156.67 -9.83
N ASN A 331 -43.27 -155.69 -10.58
CA ASN A 331 -44.35 -154.86 -10.12
C ASN A 331 -45.49 -154.85 -11.14
N ALA A 332 -46.71 -155.00 -10.66
CA ALA A 332 -47.87 -154.94 -11.53
C ALA A 332 -48.05 -153.52 -12.06
N ASN A 333 -48.33 -153.43 -13.36
CA ASN A 333 -48.49 -152.13 -14.02
C ASN A 333 -49.88 -151.59 -13.70
N LEU A 334 -49.94 -150.64 -12.78
CA LEU A 334 -51.20 -150.13 -12.26
C LEU A 334 -51.27 -148.62 -12.47
N SER A 335 -52.46 -148.14 -12.82
CA SER A 335 -52.70 -146.71 -12.99
C SER A 335 -54.13 -146.41 -12.57
N ILE A 336 -54.31 -145.35 -11.81
CA ILE A 336 -55.63 -144.96 -11.32
C ILE A 336 -56.25 -143.95 -12.29
N ASN A 337 -57.58 -143.96 -12.37
CA ASN A 337 -58.31 -143.02 -13.19
C ASN A 337 -58.97 -141.97 -12.31
N THR A 338 -59.20 -140.80 -12.89
CA THR A 338 -59.71 -139.67 -12.12
C THR A 338 -61.16 -139.92 -11.69
N SER A 339 -61.54 -139.24 -10.61
CA SER A 339 -62.93 -139.24 -10.19
C SER A 339 -63.21 -137.92 -9.48
N SER A 340 -64.49 -137.55 -9.45
CA SER A 340 -64.94 -136.34 -8.77
C SER A 340 -65.43 -136.72 -7.39
N THR A 341 -64.99 -135.97 -6.38
CA THR A 341 -65.32 -136.32 -5.00
C THR A 341 -66.80 -136.19 -4.69
N GLY A 342 -67.56 -135.51 -5.55
CA GLY A 342 -68.96 -135.27 -5.26
C GLY A 342 -69.18 -134.47 -4.00
N ILE A 343 -68.27 -133.53 -3.71
CA ILE A 343 -68.34 -132.79 -2.46
C ILE A 343 -69.49 -131.80 -2.51
N SER A 344 -69.94 -131.36 -1.34
CA SER A 344 -71.06 -130.44 -1.24
C SER A 344 -70.76 -129.41 -0.17
N ILE A 345 -71.41 -128.26 -0.29
CA ILE A 345 -71.26 -127.14 0.63
C ILE A 345 -72.60 -126.87 1.28
N GLN A 346 -72.65 -126.88 2.60
CA GLN A 346 -73.88 -126.60 3.31
C GLN A 346 -74.23 -125.12 3.18
N SER A 347 -75.33 -124.74 3.83
CA SER A 347 -75.81 -123.36 3.80
C SER A 347 -75.39 -122.67 5.08
N ALA A 348 -74.72 -121.54 4.94
CA ALA A 348 -74.29 -120.74 6.08
C ALA A 348 -74.93 -119.36 6.01
N SER A 349 -74.62 -118.55 7.02
CA SER A 349 -75.14 -117.20 7.12
C SER A 349 -73.98 -116.25 7.40
N THR A 350 -74.10 -115.03 6.87
CA THR A 350 -73.06 -114.03 7.11
C THR A 350 -72.97 -113.65 8.58
N GLY A 351 -74.02 -113.92 9.37
CA GLY A 351 -74.04 -113.58 10.76
C GLY A 351 -74.38 -112.15 11.06
N LEU A 352 -74.61 -111.33 10.03
CA LEU A 352 -74.94 -109.92 10.25
C LEU A 352 -76.25 -109.80 11.00
N THR A 353 -76.24 -108.98 12.05
CA THR A 353 -77.41 -108.79 12.90
C THR A 353 -77.95 -107.37 12.90
N VAL A 354 -77.14 -106.39 12.53
CA VAL A 354 -77.57 -104.99 12.56
C VAL A 354 -76.62 -104.19 11.68
N THR A 355 -77.16 -103.19 11.00
CA THR A 355 -76.36 -102.24 10.25
C THR A 355 -75.84 -101.15 11.17
N SER A 356 -74.86 -100.41 10.68
CA SER A 356 -74.35 -99.29 11.46
C SER A 356 -75.33 -98.13 11.44
N ASN A 357 -75.20 -97.25 12.42
CA ASN A 357 -76.08 -96.09 12.51
C ASN A 357 -75.82 -95.11 11.37
N ALA A 358 -76.83 -94.30 11.08
CA ALA A 358 -76.72 -93.25 10.06
C ALA A 358 -77.67 -92.13 10.45
N GLY A 359 -77.12 -91.09 11.09
CA GLY A 359 -77.91 -89.94 11.47
C GLY A 359 -77.29 -89.14 12.59
N ASN A 360 -77.34 -87.82 12.49
CA ASN A 360 -76.76 -86.93 13.49
C ASN A 360 -77.78 -86.38 14.47
N GLY A 361 -78.99 -86.08 14.01
CA GLY A 361 -80.00 -85.51 14.89
C GLY A 361 -79.62 -84.15 15.45
N GLN A 362 -79.08 -83.28 14.60
CA GLN A 362 -78.69 -81.95 15.05
C GLN A 362 -79.90 -81.03 15.14
N ALA A 363 -79.69 -79.87 15.77
CA ALA A 363 -80.76 -78.89 15.90
C ALA A 363 -81.21 -78.40 14.52
N PHE A 364 -82.51 -78.23 14.38
CA PHE A 364 -83.13 -77.90 13.10
C PHE A 364 -83.95 -76.63 13.27
N GLN A 365 -83.75 -75.68 12.36
CA GLN A 365 -84.34 -74.35 12.46
C GLN A 365 -85.65 -74.29 11.68
N HIS A 366 -86.70 -73.80 12.34
CA HIS A 366 -88.01 -73.65 11.71
C HIS A 366 -88.70 -72.41 12.26
N ASP A 367 -89.37 -71.68 11.38
CA ASP A 367 -90.10 -70.48 11.76
C ASP A 367 -91.45 -70.45 11.07
N GLN A 368 -92.48 -70.06 11.83
CA GLN A 368 -93.83 -69.98 11.32
C GLN A 368 -94.03 -68.67 10.57
N PRO A 369 -95.02 -68.60 9.68
CA PRO A 369 -95.29 -67.34 8.98
C PRO A 369 -95.64 -66.24 9.97
N TYR A 370 -94.80 -65.22 10.01
CA TYR A 370 -94.92 -64.17 11.02
C TYR A 370 -94.87 -62.79 10.37
N LEU A 371 -95.40 -61.82 11.11
CA LEU A 371 -95.25 -60.40 10.82
C LEU A 371 -94.83 -59.70 12.10
N VAL A 372 -93.93 -58.74 11.97
CA VAL A 372 -93.33 -58.08 13.12
C VAL A 372 -94.14 -56.84 13.48
N PHE A 373 -94.49 -56.71 14.75
CA PHE A 373 -95.22 -55.57 15.29
C PHE A 373 -94.44 -54.96 16.45
N ARG A 374 -94.99 -53.88 16.99
CA ARG A 374 -94.49 -53.25 18.20
C ARG A 374 -95.57 -53.28 19.27
N VAL A 375 -95.15 -53.36 20.53
CA VAL A 375 -96.09 -53.36 21.64
C VAL A 375 -95.72 -52.21 22.59
N PHE A 376 -96.72 -51.41 22.94
CA PHE A 376 -96.55 -50.29 23.86
C PHE A 376 -97.44 -50.50 25.08
N VAL A 377 -96.86 -50.34 26.26
CA VAL A 377 -97.61 -50.42 27.51
C VAL A 377 -98.23 -49.07 27.79
N LYS A 378 -99.51 -49.06 28.16
CA LYS A 378 -100.19 -47.82 28.45
C LYS A 378 -99.68 -47.22 29.74
N VAL A 379 -99.38 -45.92 29.71
CA VAL A 379 -99.06 -45.17 30.92
C VAL A 379 -99.55 -43.75 30.77
N VAL B 2 -88.85 20.02 47.67
CA VAL B 2 -89.40 19.82 49.01
C VAL B 2 -90.79 20.44 49.10
N ARG B 3 -91.35 20.47 50.31
CA ARG B 3 -92.73 20.89 50.50
C ARG B 3 -92.88 22.38 50.79
N LYS B 4 -91.79 23.11 50.93
CA LYS B 4 -91.78 24.52 51.36
C LYS B 4 -92.82 24.75 52.46
N VAL B 5 -92.66 24.01 53.55
CA VAL B 5 -93.57 24.06 54.68
C VAL B 5 -93.74 25.50 55.15
N PHE B 6 -94.99 25.97 55.17
CA PHE B 6 -95.28 27.31 55.62
C PHE B 6 -95.22 27.40 57.14
N ASN B 7 -94.91 28.60 57.63
CA ASN B 7 -94.91 28.89 59.06
C ASN B 7 -95.49 30.26 59.28
N ASP B 8 -95.97 30.49 60.49
CA ASP B 8 -96.68 31.73 60.81
C ASP B 8 -95.78 32.94 60.56
N GLY B 9 -96.38 33.99 60.01
CA GLY B 9 -95.64 35.18 59.63
C GLY B 9 -95.12 35.16 58.22
N ASP B 10 -95.20 34.04 57.52
CA ASP B 10 -94.77 33.94 56.14
C ASP B 10 -95.91 34.30 55.20
N ILE B 11 -95.56 34.80 54.03
CA ILE B 11 -96.54 35.28 53.07
C ILE B 11 -97.02 34.11 52.22
N LEU B 12 -98.23 34.24 51.68
CA LEU B 12 -98.87 33.19 50.90
C LEU B 12 -99.03 33.66 49.46
N TYR B 13 -98.55 32.85 48.52
CA TYR B 13 -98.57 33.19 47.11
C TYR B 13 -99.85 32.70 46.45
N ALA B 14 -100.24 33.37 45.36
CA ALA B 14 -101.36 32.89 44.56
C ALA B 14 -101.04 31.55 43.91
N GLU B 15 -99.83 31.40 43.38
CA GLU B 15 -99.43 30.14 42.77
C GLU B 15 -99.46 29.00 43.78
N ASP B 16 -99.16 29.29 45.05
CA ASP B 16 -99.28 28.27 46.08
C ASP B 16 -100.71 27.81 46.23
N VAL B 17 -101.66 28.75 46.22
CA VAL B 17 -103.07 28.39 46.33
C VAL B 17 -103.49 27.55 45.13
N ASN B 18 -103.05 27.93 43.94
CA ASN B 18 -103.41 27.16 42.75
C ASN B 18 -102.82 25.75 42.82
N ILE B 19 -101.57 25.62 43.28
CA ILE B 19 -100.94 24.32 43.41
C ILE B 19 -101.70 23.47 44.42
N ILE B 20 -102.07 24.06 45.56
CA ILE B 20 -102.83 23.33 46.57
C ILE B 20 -104.18 22.91 46.02
N GLY B 21 -104.79 23.75 45.18
CA GLY B 21 -106.06 23.40 44.58
C GLY B 21 -106.02 22.25 43.61
N GLN B 22 -104.83 21.78 43.25
CA GLN B 22 -104.67 20.62 42.39
C GLN B 22 -104.09 19.47 43.19
N PRO B 23 -104.88 18.78 44.01
CA PRO B 23 -104.32 17.70 44.83
C PRO B 23 -103.77 16.57 43.99
N PHE B 24 -102.67 15.99 44.46
CA PHE B 24 -102.06 14.82 43.85
C PHE B 24 -101.92 13.75 44.92
N VAL B 25 -102.02 12.49 44.50
CA VAL B 25 -101.94 11.38 45.43
C VAL B 25 -100.86 10.42 44.95
N ASP B 26 -99.85 10.95 44.28
CA ASP B 26 -98.81 10.13 43.67
C ASP B 26 -97.64 9.84 44.60
N GLY B 27 -97.70 10.30 45.86
CA GLY B 27 -96.64 9.99 46.80
C GLY B 27 -95.40 10.85 46.67
N GLN B 28 -95.41 11.87 45.82
CA GLN B 28 -94.25 12.71 45.64
C GLN B 28 -94.12 13.71 46.79
N ASP B 29 -92.90 14.20 47.00
CA ASP B 29 -92.61 15.14 48.08
C ASP B 29 -92.69 16.58 47.58
N LEU B 30 -93.88 16.96 47.14
CA LEU B 30 -94.14 18.31 46.66
C LEU B 30 -95.27 18.93 47.46
N LEU B 31 -95.44 20.24 47.30
CA LEU B 31 -96.37 20.98 48.16
C LEU B 31 -97.80 20.50 47.98
N GLY B 32 -98.23 20.31 46.75
CA GLY B 32 -99.60 19.93 46.50
C GLY B 32 -99.87 18.44 46.44
N HIS B 33 -98.90 17.61 46.80
CA HIS B 33 -99.01 16.17 46.64
C HIS B 33 -99.31 15.50 47.97
N GLY B 34 -99.81 14.28 47.89
CA GLY B 34 -100.17 13.50 49.06
C GLY B 34 -99.66 12.08 48.95
N LEU B 35 -100.00 11.28 49.96
CA LEU B 35 -99.56 9.90 49.99
C LEU B 35 -100.30 9.08 48.93
N LYS B 36 -99.69 7.96 48.55
CA LYS B 36 -100.26 7.10 47.54
C LYS B 36 -101.52 6.42 48.06
N VAL B 37 -102.36 5.99 47.13
CA VAL B 37 -103.65 5.38 47.47
C VAL B 37 -103.41 3.92 47.83
N ASP B 38 -103.79 3.55 49.05
CA ASP B 38 -103.68 2.18 49.53
C ASP B 38 -105.06 1.54 49.58
N ASP B 39 -105.10 0.30 50.07
CA ASP B 39 -106.37 -0.42 50.14
C ASP B 39 -107.35 0.29 51.06
N ASN B 40 -106.87 0.82 52.18
CA ASN B 40 -107.77 1.48 53.12
C ASN B 40 -108.37 2.76 52.54
N SER B 41 -107.72 3.35 51.55
CA SER B 41 -108.25 4.54 50.88
C SER B 41 -109.03 4.20 49.63
N LEU B 42 -109.22 2.92 49.34
CA LEU B 42 -110.06 2.52 48.21
C LEU B 42 -111.37 2.14 48.85
N SER B 43 -112.48 2.60 48.30
CA SER B 43 -113.75 2.35 48.97
C SER B 43 -114.20 0.91 48.96
N ASP B 44 -114.80 0.50 50.07
CA ASP B 44 -115.27 -0.87 50.18
C ASP B 44 -116.71 -0.94 49.72
N GLU B 45 -116.98 -0.42 48.53
CA GLU B 45 -118.33 -0.44 48.02
C GLU B 45 -118.60 -1.72 47.17
N PRO B 46 -119.81 -2.37 47.28
CA PRO B 46 -119.96 -3.63 46.53
C PRO B 46 -119.67 -3.49 45.05
N GLN B 47 -120.01 -2.35 44.45
CA GLN B 47 -119.83 -2.13 43.02
C GLN B 47 -118.46 -1.57 42.69
N ASN B 48 -117.45 -1.82 43.54
CA ASN B 48 -116.13 -1.24 43.35
C ASN B 48 -115.10 -2.33 43.13
N ILE B 49 -113.99 -1.93 42.52
CA ILE B 49 -112.99 -2.90 42.07
C ILE B 49 -112.38 -3.64 43.25
N LYS B 50 -112.22 -2.97 44.39
CA LYS B 50 -111.57 -3.61 45.53
C LYS B 50 -112.38 -4.79 46.04
N THR B 51 -113.68 -4.59 46.27
CA THR B 51 -114.50 -5.65 46.84
C THR B 51 -114.60 -6.84 45.89
N ARG B 52 -114.82 -6.59 44.61
CA ARG B 52 -114.92 -7.67 43.64
C ARG B 52 -113.61 -8.42 43.49
N PHE B 53 -112.51 -7.68 43.36
CA PHE B 53 -111.22 -8.32 43.18
C PHE B 53 -110.84 -9.16 44.39
N TYR B 54 -111.14 -8.67 45.59
CA TYR B 54 -110.79 -9.45 46.77
C TYR B 54 -111.76 -10.59 47.02
N ALA B 55 -113.01 -10.46 46.55
CA ALA B 55 -113.92 -11.59 46.59
C ALA B 55 -113.41 -12.74 45.72
N TRP B 56 -112.90 -12.41 44.53
CA TRP B 56 -112.29 -13.45 43.71
C TRP B 56 -110.97 -13.92 44.29
N TYR B 57 -110.21 -13.00 44.88
CA TYR B 57 -108.85 -13.28 45.34
C TYR B 57 -108.81 -14.06 46.63
N ASN B 58 -109.78 -13.86 47.51
CA ASN B 58 -109.83 -14.56 48.79
C ASN B 58 -110.69 -15.80 48.77
N ARG B 59 -111.22 -16.18 47.61
CA ARG B 59 -112.10 -17.33 47.53
C ARG B 59 -111.31 -18.61 47.79
N PHE B 60 -111.78 -19.39 48.77
CA PHE B 60 -111.16 -20.68 49.12
C PHE B 60 -109.71 -20.53 49.53
N ARG B 61 -109.35 -19.38 50.09
CA ARG B 61 -108.00 -19.21 50.61
C ARG B 61 -107.82 -20.09 51.84
N VAL B 62 -106.71 -20.82 51.88
CA VAL B 62 -106.41 -21.74 52.97
C VAL B 62 -105.36 -21.11 53.86
N THR B 63 -105.73 -20.83 55.11
CA THR B 63 -104.82 -20.21 56.07
C THR B 63 -104.79 -21.04 57.34
N VAL B 64 -103.66 -21.00 58.02
CA VAL B 64 -103.52 -21.71 59.29
C VAL B 64 -104.40 -21.04 60.34
N GLN B 65 -105.24 -21.83 61.01
CA GLN B 65 -106.01 -21.30 62.13
C GLN B 65 -105.25 -21.48 63.44
N SER B 66 -104.96 -22.73 63.81
CA SER B 66 -104.19 -23.00 65.02
C SER B 66 -103.81 -24.47 65.03
N GLY B 67 -102.56 -24.75 65.41
CA GLY B 67 -102.09 -26.12 65.43
C GLY B 67 -102.13 -26.71 64.04
N LEU B 68 -102.69 -27.91 63.94
CA LEU B 68 -102.89 -28.56 62.65
C LEU B 68 -104.19 -28.15 61.99
N THR B 69 -104.97 -27.29 62.63
CA THR B 69 -106.28 -26.89 62.11
C THR B 69 -106.11 -25.67 61.22
N LEU B 70 -106.55 -25.79 59.97
CA LEU B 70 -106.48 -24.74 58.96
C LEU B 70 -107.88 -24.30 58.60
N SER B 71 -108.01 -23.01 58.29
CA SER B 71 -109.29 -22.40 57.96
C SER B 71 -109.35 -22.10 56.48
N VAL B 72 -110.42 -22.55 55.84
CA VAL B 72 -110.68 -22.28 54.42
C VAL B 72 -111.85 -21.31 54.34
N THR B 73 -111.70 -20.26 53.55
CA THR B 73 -112.74 -19.26 53.41
C THR B 73 -113.89 -19.78 52.58
N GLN B 74 -114.96 -18.99 52.52
CA GLN B 74 -116.14 -19.36 51.76
C GLN B 74 -115.83 -19.44 50.28
N GLY B 75 -116.77 -19.99 49.53
CA GLY B 75 -116.65 -19.98 48.08
C GLY B 75 -117.64 -20.87 47.37
N SER B 76 -117.86 -20.62 46.08
CA SER B 76 -118.82 -21.37 45.30
C SER B 76 -118.11 -22.15 44.21
N ILE B 77 -118.53 -23.40 44.02
CA ILE B 77 -117.98 -24.27 42.99
C ILE B 77 -119.10 -24.71 42.06
N SER B 78 -118.73 -25.06 40.84
CA SER B 78 -119.65 -25.54 39.83
C SER B 78 -119.39 -27.01 39.59
N VAL B 79 -120.41 -27.84 39.76
CA VAL B 79 -120.34 -29.27 39.51
C VAL B 79 -121.38 -29.58 38.45
N SER B 80 -120.92 -29.80 37.22
CA SER B 80 -121.80 -30.10 36.10
C SER B 80 -122.87 -29.03 35.91
N GLY B 81 -122.51 -27.79 36.20
CA GLY B 81 -123.41 -26.67 36.08
C GLY B 81 -124.24 -26.35 37.31
N ASN B 82 -124.14 -27.16 38.36
CA ASN B 82 -124.87 -26.93 39.59
C ASN B 82 -123.95 -26.24 40.59
N ILE B 83 -124.42 -25.14 41.16
CA ILE B 83 -123.61 -24.30 42.03
C ILE B 83 -123.75 -24.77 43.48
N ILE B 84 -122.62 -24.98 44.14
CA ILE B 84 -122.58 -25.33 45.56
C ILE B 84 -121.76 -24.29 46.28
N SER B 85 -122.34 -23.69 47.32
CA SER B 85 -121.68 -22.66 48.10
C SER B 85 -121.24 -23.25 49.44
N PHE B 86 -120.00 -22.94 49.84
CA PHE B 86 -119.42 -23.45 51.05
C PHE B 86 -119.09 -22.30 51.98
N PRO B 87 -119.44 -22.40 53.26
CA PRO B 87 -119.11 -21.36 54.22
C PRO B 87 -117.67 -21.51 54.67
N PRO B 88 -117.17 -20.59 55.50
CA PRO B 88 -115.86 -20.82 56.13
C PRO B 88 -115.87 -22.13 56.89
N GLN B 89 -114.78 -22.89 56.77
CA GLN B 89 -114.70 -24.20 57.40
C GLN B 89 -113.29 -24.43 57.90
N THR B 90 -113.13 -25.50 58.67
CA THR B 90 -111.83 -25.87 59.22
C THR B 90 -111.55 -27.33 58.88
N ILE B 91 -110.26 -27.65 58.78
CA ILE B 91 -109.85 -29.03 58.54
C ILE B 91 -108.44 -29.19 59.08
N ASN B 92 -108.12 -30.39 59.57
CA ASN B 92 -106.81 -30.64 60.12
C ASN B 92 -105.87 -31.21 59.06
N ALA B 93 -104.59 -30.91 59.22
CA ALA B 93 -103.56 -31.44 58.34
C ALA B 93 -103.07 -32.78 58.90
N ILE B 94 -102.01 -33.32 58.31
CA ILE B 94 -101.41 -34.58 58.75
C ILE B 94 -100.02 -34.27 59.26
N ASP B 95 -99.75 -34.65 60.51
CA ASP B 95 -98.51 -34.27 61.16
C ASP B 95 -97.31 -34.94 60.50
N ASN B 96 -96.19 -34.22 60.47
CA ASN B 96 -94.93 -34.73 59.93
C ASN B 96 -95.07 -35.19 58.48
N ALA B 97 -95.85 -34.46 57.69
CA ALA B 97 -96.07 -34.86 56.31
C ALA B 97 -96.40 -33.62 55.47
N ASN B 98 -96.29 -33.78 54.15
CA ASN B 98 -96.76 -32.78 53.21
C ASN B 98 -98.12 -33.21 52.69
N SER B 99 -99.17 -32.61 53.23
CA SER B 99 -100.53 -32.91 52.84
C SER B 99 -100.99 -31.92 51.78
N PHE B 100 -102.06 -32.29 51.08
CA PHE B 100 -102.67 -31.44 50.07
C PHE B 100 -104.12 -31.21 50.43
N VAL B 101 -104.53 -29.95 50.50
CA VAL B 101 -105.89 -29.56 50.79
C VAL B 101 -106.55 -29.22 49.46
N TRP B 102 -107.64 -29.92 49.14
CA TRP B 102 -108.31 -29.74 47.87
C TRP B 102 -109.81 -29.92 48.07
N ILE B 103 -110.56 -29.81 46.98
CA ILE B 103 -112.01 -29.99 46.99
C ILE B 103 -112.34 -31.01 45.92
N GLY B 104 -113.13 -32.02 46.27
CA GLY B 104 -113.56 -33.00 45.30
C GLY B 104 -114.16 -34.22 45.96
N LYS B 105 -114.28 -35.28 45.16
CA LYS B 105 -114.84 -36.55 45.61
C LYS B 105 -113.80 -37.64 45.44
N THR B 106 -113.69 -38.51 46.44
CA THR B 106 -112.76 -39.62 46.39
C THR B 106 -113.45 -40.86 45.83
N ASP B 107 -112.63 -41.86 45.49
CA ASP B 107 -113.19 -43.13 45.02
C ASP B 107 -114.00 -43.81 46.12
N ALA B 108 -113.48 -43.80 47.35
CA ALA B 108 -114.21 -44.38 48.46
C ALA B 108 -115.46 -43.58 48.79
N ASP B 109 -115.37 -42.25 48.76
CA ASP B 109 -116.50 -41.38 49.09
C ASP B 109 -116.89 -40.54 47.89
N PRO B 110 -118.01 -40.84 47.22
CA PRO B 110 -118.39 -40.05 46.03
C PRO B 110 -118.87 -38.65 46.35
N ALA B 111 -119.06 -38.31 47.62
CA ALA B 111 -119.49 -36.96 47.97
C ALA B 111 -118.38 -35.96 47.73
N ILE B 112 -118.76 -34.77 47.28
CA ILE B 112 -117.81 -33.71 46.96
C ILE B 112 -117.66 -32.81 48.18
N ALA B 113 -116.45 -32.73 48.71
CA ALA B 113 -116.21 -31.96 49.92
C ALA B 113 -114.75 -31.54 49.97
N LEU B 114 -114.39 -30.85 51.04
CA LEU B 114 -113.02 -30.40 51.26
C LEU B 114 -112.23 -31.52 51.92
N ARG B 115 -111.13 -31.93 51.28
CA ARG B 115 -110.40 -33.10 51.71
C ARG B 115 -108.92 -32.80 51.82
N VAL B 116 -108.31 -33.31 52.88
CA VAL B 116 -106.87 -33.27 53.09
C VAL B 116 -106.33 -34.67 52.83
N SER B 117 -105.46 -34.79 51.83
CA SER B 117 -104.94 -36.08 51.42
C SER B 117 -103.42 -36.03 51.37
N GLN B 118 -102.81 -37.13 50.95
CA GLN B 118 -101.36 -37.20 50.81
C GLN B 118 -100.90 -36.86 49.40
N THR B 119 -101.72 -37.13 48.40
CA THR B 119 -101.39 -36.84 47.00
C THR B 119 -102.62 -36.31 46.30
N LEU B 120 -102.44 -35.24 45.54
CA LEU B 120 -103.55 -34.64 44.82
C LEU B 120 -104.11 -35.63 43.80
N PRO B 121 -105.42 -35.86 43.79
CA PRO B 121 -106.01 -36.69 42.74
C PRO B 121 -105.94 -35.99 41.39
N ASN B 122 -106.03 -36.79 40.33
CA ASN B 122 -105.89 -36.25 38.99
C ASN B 122 -106.97 -35.20 38.69
N VAL B 123 -108.20 -35.47 39.11
CA VAL B 123 -109.31 -34.53 38.94
C VAL B 123 -109.72 -34.03 40.31
N CYS B 124 -109.62 -32.72 40.51
CA CYS B 124 -109.94 -32.07 41.78
C CYS B 124 -109.81 -30.57 41.57
N ILE B 125 -110.09 -29.82 42.63
CA ILE B 125 -109.78 -28.40 42.66
C ILE B 125 -108.71 -28.20 43.73
N PRO B 126 -107.44 -28.13 43.35
CA PRO B 126 -106.39 -27.97 44.37
C PRO B 126 -106.48 -26.61 45.03
N LEU B 127 -106.34 -26.62 46.36
CA LEU B 127 -106.39 -25.39 47.14
C LEU B 127 -105.04 -25.02 47.73
N ALA B 128 -104.38 -25.96 48.41
CA ALA B 128 -103.11 -25.62 49.06
C ALA B 128 -102.30 -26.87 49.30
N ARG B 129 -101.02 -26.65 49.57
CA ARG B 129 -100.11 -27.69 50.05
C ARG B 129 -99.58 -27.27 51.41
N VAL B 130 -99.73 -28.16 52.40
CA VAL B 130 -99.40 -27.83 53.79
C VAL B 130 -98.28 -28.76 54.23
N ILE B 131 -97.24 -28.19 54.83
CA ILE B 131 -96.15 -28.97 55.41
C ILE B 131 -96.30 -28.90 56.92
N ALA B 132 -96.59 -30.04 57.54
CA ALA B 132 -96.89 -30.08 58.96
C ALA B 132 -95.85 -30.93 59.69
N ALA B 133 -95.27 -30.36 60.75
CA ALA B 133 -94.32 -31.08 61.59
C ALA B 133 -94.60 -30.77 63.04
N SER B 134 -94.48 -31.80 63.89
CA SER B 134 -94.66 -31.66 65.33
C SER B 134 -96.02 -31.07 65.68
N GLY B 135 -97.05 -31.48 64.93
CA GLY B 135 -98.37 -30.92 65.14
C GLY B 135 -98.48 -29.46 64.82
N SER B 136 -97.52 -28.91 64.08
CA SER B 136 -97.51 -27.50 63.73
C SER B 136 -97.28 -27.36 62.22
N VAL B 137 -97.85 -26.30 61.66
CA VAL B 137 -97.81 -26.05 60.23
C VAL B 137 -96.67 -25.07 59.96
N THR B 138 -95.61 -25.55 59.32
CA THR B 138 -94.51 -24.66 58.95
C THR B 138 -94.90 -23.78 57.77
N SER B 139 -95.50 -24.37 56.73
CA SER B 139 -95.78 -23.61 55.52
C SER B 139 -97.08 -24.07 54.88
N VAL B 140 -97.80 -23.10 54.33
CA VAL B 140 -99.00 -23.33 53.52
C VAL B 140 -98.80 -22.60 52.20
N THR B 141 -98.78 -23.34 51.10
CA THR B 141 -98.60 -22.76 49.77
C THR B 141 -99.90 -22.82 49.01
N ASP B 142 -100.30 -21.69 48.45
CA ASP B 142 -101.58 -21.58 47.75
C ASP B 142 -101.46 -22.23 46.38
N LEU B 143 -102.31 -23.22 46.11
CA LEU B 143 -102.34 -23.90 44.82
C LEU B 143 -103.46 -23.43 43.92
N ARG B 144 -104.15 -22.35 44.30
CA ARG B 144 -105.24 -21.84 43.50
C ARG B 144 -104.71 -21.18 42.24
N ASP B 145 -105.63 -20.75 41.37
CA ASP B 145 -105.25 -20.08 40.14
C ASP B 145 -104.61 -18.73 40.42
N VAL B 146 -105.02 -18.04 41.49
CA VAL B 146 -104.53 -16.71 41.76
C VAL B 146 -103.05 -16.70 42.10
N SER B 147 -102.46 -17.83 42.42
CA SER B 147 -101.06 -17.88 42.83
C SER B 147 -100.20 -18.75 41.93
N VAL B 148 -100.76 -19.81 41.36
CA VAL B 148 -99.98 -20.77 40.60
C VAL B 148 -100.69 -21.05 39.28
N ASP B 149 -99.93 -21.59 38.34
CA ASP B 149 -100.46 -22.07 37.08
C ASP B 149 -100.27 -23.59 37.03
N ILE B 150 -101.36 -24.33 37.04
CA ILE B 150 -101.28 -25.79 37.13
C ILE B 150 -100.90 -26.36 35.77
N LEU B 151 -99.86 -27.18 35.75
CA LEU B 151 -99.43 -27.87 34.54
C LEU B 151 -100.01 -29.27 34.52
N PRO B 152 -100.80 -29.64 33.52
CA PRO B 152 -101.40 -30.96 33.50
C PRO B 152 -100.33 -32.04 33.37
N PRO B 153 -100.38 -33.07 34.22
CA PRO B 153 -99.44 -34.20 34.03
C PRO B 153 -99.62 -34.88 32.69
N SER B 154 -100.85 -34.99 32.22
CA SER B 154 -101.15 -35.58 30.92
C SER B 154 -102.56 -35.20 30.51
N ILE B 155 -102.87 -35.44 29.25
CA ILE B 155 -104.21 -35.23 28.73
C ILE B 155 -104.84 -36.59 28.45
N PRO B 156 -106.16 -36.72 28.52
CA PRO B 156 -106.80 -37.97 28.08
C PRO B 156 -106.69 -38.11 26.57
N ASP B 157 -106.12 -39.22 26.12
CA ASP B 157 -105.84 -39.43 24.71
C ASP B 157 -106.56 -40.67 24.20
N ALA B 158 -106.87 -40.66 22.91
CA ALA B 158 -107.53 -41.79 22.25
C ALA B 158 -106.47 -42.81 21.84
N VAL B 159 -106.89 -43.80 21.07
CA VAL B 159 -105.94 -44.77 20.52
C VAL B 159 -105.04 -44.06 19.51
N PRO B 160 -103.72 -44.18 19.61
CA PRO B 160 -102.84 -43.43 18.72
C PRO B 160 -103.02 -43.86 17.27
N VAL B 161 -102.83 -42.89 16.37
CA VAL B 161 -102.87 -43.19 14.94
C VAL B 161 -101.78 -44.19 14.61
N GLY B 162 -102.10 -45.11 13.70
CA GLY B 162 -101.14 -46.13 13.30
C GLY B 162 -101.10 -47.34 14.19
N SER B 163 -101.71 -47.28 15.37
CA SER B 163 -101.78 -48.46 16.22
C SER B 163 -102.75 -49.47 15.63
N THR B 164 -102.54 -50.74 15.96
CA THR B 164 -103.35 -51.83 15.45
C THR B 164 -104.11 -52.46 16.61
N ILE B 165 -105.43 -52.55 16.46
CA ILE B 165 -106.29 -53.21 17.43
C ILE B 165 -106.85 -54.47 16.77
N ILE B 166 -106.89 -55.55 17.54
CA ILE B 166 -107.42 -56.82 17.07
C ILE B 166 -108.85 -56.97 17.55
N SER B 167 -109.71 -57.41 16.64
CA SER B 167 -111.14 -57.51 16.89
C SER B 167 -111.64 -58.89 16.47
N LEU B 168 -112.65 -59.37 17.18
CA LEU B 168 -113.23 -60.66 16.86
C LEU B 168 -114.61 -60.34 16.31
N ILE B 169 -114.70 -59.30 15.50
CA ILE B 169 -116.00 -59.02 14.90
C ILE B 169 -116.30 -59.89 13.65
N PRO B 170 -117.56 -60.44 13.52
CA PRO B 170 -117.78 -61.21 12.29
C PRO B 170 -117.79 -60.30 11.09
N PRO B 171 -117.60 -60.86 9.88
CA PRO B 171 -117.62 -60.02 8.68
C PRO B 171 -118.92 -59.26 8.49
N THR B 172 -120.03 -59.78 9.01
CA THR B 172 -121.30 -59.08 8.89
C THR B 172 -121.30 -57.78 9.69
N ALA B 173 -120.61 -57.74 10.82
CA ALA B 173 -120.57 -56.54 11.62
C ALA B 173 -119.86 -55.42 10.87
N PRO B 174 -120.33 -54.18 10.96
CA PRO B 174 -119.74 -53.10 10.16
C PRO B 174 -118.35 -52.72 10.64
N ILE B 175 -117.56 -52.20 9.71
CA ILE B 175 -116.20 -51.75 10.05
C ILE B 175 -116.29 -50.56 10.99
N PRO B 176 -115.55 -50.57 12.10
CA PRO B 176 -115.58 -49.41 13.00
C PRO B 176 -115.07 -48.16 12.30
N ALA B 177 -115.67 -47.02 12.66
CA ALA B 177 -115.25 -45.75 12.08
C ALA B 177 -113.89 -45.34 12.61
N GLY B 178 -113.15 -44.60 11.80
CA GLY B 178 -111.83 -44.16 12.17
C GLY B 178 -110.75 -45.21 12.08
N TYR B 179 -111.03 -46.36 11.46
CA TYR B 179 -110.08 -47.44 11.34
C TYR B 179 -110.03 -47.93 9.90
N LEU B 180 -108.91 -48.54 9.55
CA LEU B 180 -108.74 -49.18 8.25
C LEU B 180 -108.43 -50.66 8.45
N GLU B 181 -109.00 -51.51 7.60
CA GLU B 181 -108.80 -52.94 7.72
C GLU B 181 -107.54 -53.37 6.97
N LEU B 182 -106.67 -54.10 7.66
CA LEU B 182 -105.57 -54.77 6.98
C LEU B 182 -106.10 -56.00 6.25
N LEU B 183 -105.58 -56.24 5.05
CA LEU B 183 -106.08 -57.29 4.19
C LEU B 183 -104.99 -58.31 3.93
N ASN B 184 -105.27 -59.23 3.01
CA ASN B 184 -104.30 -60.28 2.68
C ASN B 184 -103.12 -59.74 1.90
N SER B 185 -103.31 -58.61 1.21
CA SER B 185 -102.27 -58.00 0.40
C SER B 185 -102.19 -56.51 0.71
N SER B 186 -101.11 -55.89 0.24
CA SER B 186 -100.95 -54.45 0.43
C SER B 186 -102.01 -53.69 -0.35
N GLN B 187 -102.47 -52.59 0.24
CA GLN B 187 -103.42 -51.68 -0.38
C GLN B 187 -102.70 -50.41 -0.79
N ASN B 188 -103.33 -49.65 -1.68
CA ASN B 188 -102.85 -48.32 -2.06
C ASN B 188 -103.91 -47.33 -1.61
N VAL B 189 -103.65 -46.63 -0.50
CA VAL B 189 -104.63 -45.73 0.09
C VAL B 189 -104.22 -44.29 -0.19
N SER B 190 -105.23 -43.44 -0.39
CA SER B 190 -104.97 -42.06 -0.73
C SER B 190 -104.28 -41.33 0.41
N ARG B 191 -103.24 -40.55 0.06
CA ARG B 191 -102.50 -39.81 1.07
C ARG B 191 -103.32 -38.67 1.65
N THR B 192 -104.17 -38.03 0.84
CA THR B 192 -104.98 -36.94 1.36
C THR B 192 -106.05 -37.43 2.32
N THR B 193 -106.71 -38.54 1.98
CA THR B 193 -107.75 -39.06 2.85
C THR B 193 -107.21 -39.50 4.20
N TYR B 194 -106.04 -40.12 4.21
CA TYR B 194 -105.46 -40.65 5.44
C TYR B 194 -104.19 -39.88 5.78
N SER B 195 -104.27 -38.55 5.70
CA SER B 195 -103.11 -37.70 5.90
C SER B 195 -102.41 -37.98 7.22
N ALA B 196 -103.16 -38.28 8.27
CA ALA B 196 -102.54 -38.59 9.55
C ALA B 196 -101.70 -39.85 9.46
N LEU B 197 -102.26 -40.91 8.87
CA LEU B 197 -101.51 -42.14 8.71
C LEU B 197 -100.36 -41.98 7.74
N PHE B 198 -100.54 -41.19 6.68
CA PHE B 198 -99.44 -40.94 5.76
C PHE B 198 -98.30 -40.21 6.46
N VAL B 199 -98.62 -39.25 7.33
CA VAL B 199 -97.60 -38.56 8.10
C VAL B 199 -96.88 -39.51 9.02
N LEU B 200 -97.63 -40.38 9.73
CA LEU B 200 -97.02 -41.24 10.72
C LEU B 200 -96.31 -42.45 10.11
N TRP B 201 -96.61 -42.79 8.85
CA TRP B 201 -96.06 -43.98 8.22
C TRP B 201 -95.16 -43.67 7.03
N GLY B 202 -95.53 -42.70 6.19
CA GLY B 202 -94.77 -42.46 4.98
C GLY B 202 -95.03 -43.53 3.95
N THR B 203 -93.98 -43.96 3.27
CA THR B 203 -94.06 -45.04 2.30
C THR B 203 -93.36 -46.31 2.79
N TYR B 204 -93.19 -46.43 4.10
CA TYR B 204 -92.46 -47.56 4.67
C TYR B 204 -93.11 -48.90 4.30
N TYR B 205 -94.40 -48.89 4.01
CA TYR B 205 -95.12 -50.08 3.57
C TYR B 205 -95.49 -49.98 2.10
N GLY B 206 -94.59 -49.44 1.30
CA GLY B 206 -94.84 -49.27 -0.12
C GLY B 206 -95.15 -47.83 -0.47
N ASN B 207 -94.79 -47.45 -1.69
CA ASN B 207 -95.02 -46.09 -2.18
C ASN B 207 -96.32 -45.94 -2.94
N GLY B 208 -97.10 -47.00 -3.08
CA GLY B 208 -98.30 -46.91 -3.89
C GLY B 208 -97.93 -46.52 -5.31
N ASP B 209 -98.63 -45.51 -5.83
CA ASP B 209 -98.24 -44.94 -7.12
C ASP B 209 -96.99 -44.07 -7.02
N GLY B 210 -96.64 -43.64 -5.81
CA GLY B 210 -95.50 -42.77 -5.60
C GLY B 210 -95.80 -41.29 -5.60
N SER B 211 -97.02 -40.89 -5.96
CA SER B 211 -97.39 -39.48 -6.01
C SER B 211 -98.53 -39.13 -5.08
N THR B 212 -99.64 -39.84 -5.14
CA THR B 212 -100.84 -39.49 -4.39
C THR B 212 -101.32 -40.55 -3.42
N THR B 213 -100.85 -41.78 -3.52
CA THR B 213 -101.26 -42.85 -2.62
C THR B 213 -100.02 -43.52 -2.04
N PHE B 214 -100.21 -44.15 -0.89
CA PHE B 214 -99.14 -44.88 -0.23
C PHE B 214 -99.62 -46.27 0.16
N GLY B 215 -98.66 -47.16 0.37
CA GLY B 215 -98.98 -48.55 0.59
C GLY B 215 -99.33 -48.87 2.04
N VAL B 216 -100.20 -49.85 2.18
CA VAL B 216 -100.61 -50.37 3.48
C VAL B 216 -100.33 -51.87 3.50
N PRO B 217 -99.66 -52.40 4.52
CA PRO B 217 -99.23 -53.80 4.47
C PRO B 217 -100.40 -54.76 4.51
N GLY B 218 -100.17 -55.95 3.95
CA GLY B 218 -101.13 -57.02 4.05
C GLY B 218 -100.89 -57.89 5.27
N THR B 219 -101.82 -58.82 5.49
CA THR B 219 -101.72 -59.76 6.60
C THR B 219 -101.00 -61.04 6.18
N GLY B 220 -101.53 -61.72 5.15
CA GLY B 220 -100.95 -62.97 4.73
C GLY B 220 -101.21 -64.12 5.67
N GLY B 221 -102.16 -63.98 6.58
CA GLY B 221 -102.45 -65.04 7.53
C GLY B 221 -101.29 -65.41 8.42
N ARG B 222 -100.44 -64.44 8.74
CA ARG B 222 -99.22 -64.70 9.49
C ARG B 222 -99.47 -64.56 10.98
N PHE B 223 -98.74 -65.37 11.75
CA PHE B 223 -98.81 -65.28 13.20
C PHE B 223 -98.23 -63.96 13.67
N LEU B 224 -98.90 -63.30 14.60
CA LEU B 224 -98.38 -62.06 15.14
C LEU B 224 -97.14 -62.36 15.97
N ARG B 225 -96.02 -61.79 15.55
CA ARG B 225 -94.75 -61.98 16.24
C ARG B 225 -94.24 -60.62 16.70
N LEU B 226 -93.85 -60.54 17.96
CA LEU B 226 -93.23 -59.32 18.45
C LEU B 226 -91.83 -59.19 17.87
N GLY B 227 -91.43 -57.96 17.64
CA GLY B 227 -90.13 -57.71 17.07
C GLY B 227 -89.01 -57.96 18.05
N GLY B 228 -87.80 -58.02 17.53
CA GLY B 228 -86.61 -58.17 18.35
C GLY B 228 -85.48 -58.97 17.73
N SER B 229 -84.25 -58.60 18.09
CA SER B 229 -83.05 -59.33 17.69
C SER B 229 -82.93 -59.40 16.17
N GLY B 230 -82.77 -58.24 15.57
CA GLY B 230 -82.67 -58.16 14.12
C GLY B 230 -83.99 -58.28 13.39
N LEU B 231 -85.11 -58.06 14.07
CA LEU B 231 -86.43 -58.12 13.46
C LEU B 231 -86.99 -56.70 13.39
N SER B 232 -86.78 -56.04 12.26
CA SER B 232 -87.31 -54.70 12.07
C SER B 232 -88.82 -54.75 11.95
N VAL B 233 -89.44 -53.59 12.16
CA VAL B 233 -90.89 -53.53 12.25
C VAL B 233 -91.50 -53.75 10.88
N GLY B 234 -92.47 -54.66 10.80
CA GLY B 234 -93.10 -54.99 9.55
C GLY B 234 -92.37 -56.03 8.74
N ASP B 235 -91.31 -56.63 9.27
CA ASP B 235 -90.64 -57.73 8.59
C ASP B 235 -91.55 -58.94 8.51
N ILE B 236 -91.43 -59.70 7.42
CA ILE B 236 -92.18 -60.94 7.24
C ILE B 236 -91.17 -62.07 7.07
N GLY B 237 -91.64 -63.28 7.31
CA GLY B 237 -90.80 -64.45 7.15
C GLY B 237 -91.49 -65.68 7.67
N GLY B 238 -90.78 -66.80 7.57
CA GLY B 238 -91.31 -68.06 8.04
C GLY B 238 -92.32 -68.65 7.08
N SER B 239 -92.34 -69.98 6.96
CA SER B 239 -93.26 -70.66 6.07
C SER B 239 -93.99 -71.75 6.84
N ASN B 240 -95.22 -72.03 6.40
CA ASN B 240 -96.02 -73.06 7.04
C ASN B 240 -95.46 -74.45 6.80
N GLN B 241 -94.74 -74.63 5.70
CA GLN B 241 -94.12 -75.91 5.38
C GLN B 241 -92.85 -76.11 6.20
N ILE B 242 -92.41 -77.36 6.28
CA ILE B 242 -91.21 -77.72 7.02
C ILE B 242 -90.58 -78.92 6.35
N THR B 243 -89.26 -78.86 6.12
CA THR B 243 -88.51 -79.89 5.44
C THR B 243 -87.40 -80.37 6.36
N ILE B 244 -87.40 -81.66 6.69
CA ILE B 244 -86.34 -82.23 7.51
C ILE B 244 -85.08 -82.28 6.66
N PRO B 245 -84.00 -81.63 7.07
CA PRO B 245 -82.75 -81.69 6.32
C PRO B 245 -81.86 -82.83 6.81
N THR B 246 -80.94 -83.24 5.95
CA THR B 246 -79.90 -84.16 6.37
C THR B 246 -79.09 -83.50 7.48
N ASN B 247 -78.28 -84.31 8.17
CA ASN B 247 -77.53 -83.91 9.36
C ASN B 247 -78.46 -83.69 10.55
N ALA B 248 -79.78 -83.85 10.37
CA ALA B 248 -80.74 -83.78 11.46
C ALA B 248 -81.43 -85.11 11.70
N LEU B 249 -81.07 -86.15 10.98
CA LEU B 249 -81.67 -87.46 11.19
C LEU B 249 -81.29 -88.01 12.56
N PRO B 250 -82.24 -88.45 13.37
CA PRO B 250 -81.87 -89.14 14.61
C PRO B 250 -81.13 -90.44 14.32
N SER B 251 -80.10 -90.71 15.11
CA SER B 251 -79.30 -91.91 14.89
C SER B 251 -80.14 -93.16 15.10
N HIS B 252 -80.00 -94.11 14.17
CA HIS B 252 -80.76 -95.34 14.22
C HIS B 252 -80.05 -96.38 13.39
N GLN B 253 -80.41 -97.64 13.61
CA GLN B 253 -79.86 -98.74 12.83
C GLN B 253 -80.95 -99.74 12.51
N HIS B 254 -80.84 -100.35 11.34
CA HIS B 254 -81.78 -101.38 10.91
C HIS B 254 -81.14 -102.74 11.08
N GLY B 255 -81.84 -103.65 11.76
CA GLY B 255 -81.32 -104.98 11.94
C GLY B 255 -81.30 -105.76 10.64
N ILE B 256 -80.30 -106.62 10.51
CA ILE B 256 -80.17 -107.48 9.33
C ILE B 256 -81.10 -108.68 9.50
N PRO B 257 -81.98 -108.95 8.53
CA PRO B 257 -82.87 -110.11 8.67
C PRO B 257 -82.12 -111.44 8.58
N ALA B 258 -82.83 -112.54 8.80
CA ALA B 258 -82.23 -113.85 8.67
C ALA B 258 -81.80 -114.10 7.24
N ASN B 259 -80.57 -114.58 7.06
CA ASN B 259 -80.01 -114.86 5.75
C ASN B 259 -79.41 -116.25 5.74
N THR B 260 -79.44 -116.88 4.57
CA THR B 260 -78.92 -118.24 4.42
C THR B 260 -78.65 -118.49 2.94
N HIS B 261 -77.43 -118.87 2.61
CA HIS B 261 -77.04 -119.08 1.23
C HIS B 261 -76.05 -120.23 1.14
N THR B 262 -75.97 -120.81 -0.06
CA THR B 262 -75.02 -121.87 -0.36
C THR B 262 -74.16 -121.46 -1.54
N HIS B 263 -72.97 -122.04 -1.62
CA HIS B 263 -72.10 -121.91 -2.77
C HIS B 263 -72.05 -123.24 -3.49
N SER B 264 -72.36 -123.22 -4.79
CA SER B 264 -72.28 -124.45 -5.56
C SER B 264 -70.82 -124.87 -5.71
N VAL B 265 -70.62 -126.16 -5.96
CA VAL B 265 -69.29 -126.75 -5.97
C VAL B 265 -68.80 -126.81 -7.40
N ASN B 266 -67.66 -126.17 -7.66
CA ASN B 266 -67.03 -126.17 -8.97
C ASN B 266 -65.93 -127.23 -8.96
N ASP B 267 -66.34 -128.48 -9.17
CA ASP B 267 -65.42 -129.61 -9.16
C ASP B 267 -64.91 -129.89 -10.56
N GLY B 268 -63.83 -130.66 -10.68
CA GLY B 268 -63.27 -130.99 -11.99
C GLY B 268 -62.85 -132.44 -12.10
N GLY B 269 -62.52 -133.05 -10.97
CA GLY B 269 -62.09 -134.44 -10.98
C GLY B 269 -60.58 -134.56 -10.83
N HIS B 270 -60.14 -135.52 -10.02
CA HIS B 270 -58.70 -135.67 -9.77
C HIS B 270 -58.29 -137.14 -9.70
N GLY B 271 -57.04 -137.43 -10.02
CA GLY B 271 -56.55 -138.80 -9.93
C GLY B 271 -55.46 -138.91 -8.88
N HIS B 272 -54.70 -139.99 -8.91
CA HIS B 272 -53.67 -140.21 -7.89
C HIS B 272 -52.41 -140.89 -8.44
N THR B 273 -51.28 -140.67 -7.78
CA THR B 273 -50.04 -141.31 -8.20
C THR B 273 -49.80 -142.54 -7.35
N ILE B 274 -49.37 -143.62 -7.99
CA ILE B 274 -49.09 -144.88 -7.32
C ILE B 274 -47.61 -144.94 -7.00
N ASN B 275 -47.28 -145.20 -5.73
CA ASN B 275 -45.92 -145.53 -5.33
C ASN B 275 -45.84 -147.04 -5.17
N GLN B 276 -45.15 -147.69 -6.11
CA GLN B 276 -45.11 -149.14 -6.17
C GLN B 276 -43.67 -149.61 -6.24
N THR B 277 -43.37 -150.65 -5.47
CA THR B 277 -42.08 -151.32 -5.51
C THR B 277 -42.25 -152.72 -6.08
N PRO B 278 -41.25 -153.24 -6.79
CA PRO B 278 -41.37 -154.60 -7.32
C PRO B 278 -41.50 -155.61 -6.19
N HIS B 279 -42.25 -156.67 -6.46
CA HIS B 279 -42.50 -157.72 -5.49
C HIS B 279 -42.16 -159.07 -6.12
N SER B 280 -41.84 -160.03 -5.26
CA SER B 280 -41.53 -161.39 -5.70
C SER B 280 -42.33 -162.39 -4.89
N HIS B 281 -42.68 -163.49 -5.53
CA HIS B 281 -43.44 -164.56 -4.90
C HIS B 281 -42.50 -165.68 -4.47
N SER B 282 -42.95 -166.43 -3.47
CA SER B 282 -42.23 -167.62 -3.04
C SER B 282 -42.80 -168.84 -3.77
N ILE B 283 -41.91 -169.77 -4.11
CA ILE B 283 -42.32 -170.98 -4.78
C ILE B 283 -42.64 -172.05 -3.74
N SER B 284 -43.34 -173.09 -4.17
CA SER B 284 -43.70 -174.19 -3.28
C SER B 284 -43.20 -175.52 -3.81
N ASP B 285 -41.93 -175.55 -4.20
CA ASP B 285 -41.27 -176.69 -4.83
C ASP B 285 -41.47 -177.98 -4.04
N PRO B 286 -42.22 -178.94 -4.57
CA PRO B 286 -42.18 -180.30 -4.03
C PRO B 286 -41.15 -181.12 -4.78
N GLY B 287 -40.64 -182.14 -4.11
CA GLY B 287 -39.62 -182.97 -4.72
C GLY B 287 -40.15 -183.66 -5.97
N HIS B 288 -39.32 -183.68 -7.00
CA HIS B 288 -39.61 -184.40 -8.23
C HIS B 288 -38.49 -185.39 -8.51
N ALA B 289 -38.86 -186.57 -8.98
CA ALA B 289 -37.90 -187.63 -9.27
C ALA B 289 -38.12 -188.12 -10.70
N HIS B 290 -37.04 -188.21 -11.46
CA HIS B 290 -37.11 -188.74 -12.82
C HIS B 290 -37.05 -190.27 -12.76
N GLY B 291 -36.86 -190.88 -13.92
CA GLY B 291 -36.63 -192.31 -13.99
C GLY B 291 -35.64 -192.60 -15.10
N VAL B 292 -34.93 -193.71 -14.95
CA VAL B 292 -33.98 -194.15 -15.96
C VAL B 292 -34.36 -195.54 -16.43
N PRO B 293 -34.84 -195.70 -17.66
CA PRO B 293 -35.31 -197.00 -18.15
C PRO B 293 -34.26 -197.85 -18.85
N PHE B 294 -32.99 -197.49 -18.76
CA PHE B 294 -31.95 -198.14 -19.55
C PHE B 294 -31.24 -199.23 -18.74
N GLY B 295 -31.99 -200.27 -18.42
CA GLY B 295 -31.44 -201.43 -17.76
C GLY B 295 -31.25 -202.56 -18.74
N ALA B 296 -30.00 -203.00 -18.88
CA ALA B 296 -29.68 -204.01 -19.88
C ALA B 296 -30.16 -205.38 -19.44
N ALA B 297 -30.50 -206.20 -20.44
CA ALA B 297 -30.79 -207.61 -20.23
C ALA B 297 -29.69 -208.52 -20.76
N VAL B 298 -28.95 -208.07 -21.76
CA VAL B 298 -27.79 -208.80 -22.30
C VAL B 298 -26.57 -207.91 -22.10
N ASP B 299 -25.45 -208.53 -21.74
CA ASP B 299 -24.22 -207.81 -21.43
C ASP B 299 -23.38 -207.51 -22.67
N ASN B 300 -23.98 -207.47 -23.86
CA ASN B 300 -23.28 -207.17 -25.10
C ASN B 300 -23.71 -205.80 -25.61
N GLY B 301 -22.73 -204.96 -25.93
CA GLY B 301 -22.99 -203.61 -26.38
C GLY B 301 -22.99 -202.61 -25.24
N ASN B 302 -23.09 -201.33 -25.60
CA ASN B 302 -23.08 -200.24 -24.65
C ASN B 302 -24.37 -199.43 -24.66
N ASN B 303 -25.49 -200.08 -25.02
CA ASN B 303 -26.74 -199.35 -25.15
C ASN B 303 -27.38 -199.05 -23.80
N ALA B 304 -27.24 -199.97 -22.84
CA ALA B 304 -27.92 -199.83 -21.55
C ALA B 304 -26.93 -200.16 -20.44
N PHE B 305 -27.45 -200.31 -19.22
CA PHE B 305 -26.64 -200.60 -18.04
C PHE B 305 -26.96 -201.98 -17.51
N ASP B 306 -25.91 -202.74 -17.19
CA ASP B 306 -26.08 -204.06 -16.61
C ASP B 306 -26.73 -203.95 -15.23
N THR B 307 -27.50 -204.98 -14.88
CA THR B 307 -28.26 -204.97 -13.65
C THR B 307 -27.47 -205.62 -12.51
N GLY B 308 -27.96 -205.41 -11.28
CA GLY B 308 -27.32 -205.96 -10.10
C GLY B 308 -28.34 -206.21 -9.00
N GLY B 309 -27.87 -206.86 -7.94
CA GLY B 309 -28.77 -207.31 -6.89
C GLY B 309 -28.99 -206.39 -5.71
N SER B 310 -27.91 -205.97 -5.05
CA SER B 310 -28.02 -205.20 -3.81
C SER B 310 -27.62 -203.75 -4.07
N PRO B 311 -28.52 -202.79 -3.90
CA PRO B 311 -28.17 -201.39 -4.23
C PRO B 311 -27.46 -200.70 -3.07
N TYR B 312 -26.39 -199.99 -3.39
CA TYR B 312 -25.70 -199.14 -2.42
C TYR B 312 -25.28 -197.86 -3.12
N ASN B 313 -25.21 -196.77 -2.37
CA ASN B 313 -24.88 -195.47 -2.93
C ASN B 313 -23.41 -195.41 -3.28
N ASN B 314 -23.10 -195.48 -4.57
CA ASN B 314 -21.73 -195.40 -5.05
C ASN B 314 -21.37 -194.00 -5.53
N GLY B 315 -22.20 -193.01 -5.25
CA GLY B 315 -21.84 -191.63 -5.53
C GLY B 315 -22.04 -191.16 -6.95
N ILE B 316 -22.96 -191.76 -7.69
CA ILE B 316 -23.24 -191.38 -9.06
C ILE B 316 -24.48 -190.50 -9.08
N GLY B 317 -24.37 -189.34 -9.73
CA GLY B 317 -25.49 -188.44 -9.87
C GLY B 317 -25.68 -188.05 -11.32
N THR B 318 -26.88 -187.54 -11.61
CA THR B 318 -27.19 -187.09 -12.95
C THR B 318 -26.44 -185.78 -13.25
N THR B 319 -26.65 -185.26 -14.44
CA THR B 319 -26.00 -184.02 -14.84
C THR B 319 -26.80 -182.82 -14.34
N GLN B 320 -26.32 -181.63 -14.64
CA GLN B 320 -26.98 -180.38 -14.28
C GLN B 320 -27.66 -179.80 -15.51
N ASN B 321 -28.94 -179.47 -15.38
CA ASN B 321 -29.65 -178.82 -16.47
C ASN B 321 -30.85 -178.07 -15.90
N GLN B 322 -31.13 -176.91 -16.48
CA GLN B 322 -32.20 -176.05 -16.01
C GLN B 322 -33.54 -176.59 -16.45
N THR B 323 -34.48 -176.70 -15.51
CA THR B 323 -35.85 -177.01 -15.90
C THR B 323 -36.46 -175.82 -16.62
N GLY B 324 -37.08 -176.08 -17.76
CA GLY B 324 -37.63 -175.00 -18.54
C GLY B 324 -39.04 -174.67 -18.12
N ILE B 325 -39.18 -173.66 -17.25
CA ILE B 325 -40.49 -173.22 -16.78
C ILE B 325 -40.53 -171.70 -16.80
N SER B 326 -41.75 -171.17 -16.78
CA SER B 326 -41.96 -169.73 -16.70
C SER B 326 -43.34 -169.48 -16.13
N VAL B 327 -43.45 -168.46 -15.30
CA VAL B 327 -44.70 -168.15 -14.63
C VAL B 327 -45.57 -167.29 -15.54
N ASN B 328 -46.82 -167.70 -15.71
CA ASN B 328 -47.72 -166.97 -16.60
C ASN B 328 -48.16 -165.67 -15.94
N THR B 329 -48.47 -164.69 -16.79
CA THR B 329 -48.80 -163.35 -16.32
C THR B 329 -50.14 -163.34 -15.59
N ALA B 330 -50.26 -162.42 -14.64
CA ALA B 330 -51.48 -162.27 -13.86
C ALA B 330 -51.51 -160.87 -13.26
N ASN B 331 -52.63 -160.52 -12.66
CA ASN B 331 -52.83 -159.19 -12.09
C ASN B 331 -53.19 -159.30 -10.61
N ALA B 332 -52.62 -158.40 -9.82
CA ALA B 332 -52.85 -158.38 -8.38
C ALA B 332 -54.29 -158.02 -8.05
N ASN B 333 -54.78 -158.54 -6.93
CA ASN B 333 -56.14 -158.27 -6.46
C ASN B 333 -56.13 -156.96 -5.71
N LEU B 334 -56.60 -155.89 -6.36
CA LEU B 334 -56.45 -154.54 -5.86
C LEU B 334 -57.83 -153.90 -5.66
N SER B 335 -57.96 -153.16 -4.56
CA SER B 335 -59.17 -152.40 -4.28
C SER B 335 -58.79 -151.10 -3.58
N ILE B 336 -59.49 -150.02 -3.93
CA ILE B 336 -59.22 -148.69 -3.38
C ILE B 336 -60.33 -148.37 -2.40
N ASN B 337 -59.95 -148.08 -1.16
CA ASN B 337 -60.93 -147.72 -0.15
C ASN B 337 -61.32 -146.25 -0.27
N THR B 338 -62.58 -145.96 0.02
CA THR B 338 -63.08 -144.60 -0.05
C THR B 338 -62.44 -143.74 1.02
N SER B 339 -62.30 -142.45 0.73
CA SER B 339 -61.68 -141.52 1.66
C SER B 339 -62.27 -140.14 1.47
N SER B 340 -62.55 -139.47 2.59
CA SER B 340 -62.90 -138.06 2.54
C SER B 340 -61.68 -137.23 2.20
N THR B 341 -61.92 -136.14 1.48
CA THR B 341 -60.81 -135.29 1.03
C THR B 341 -60.39 -134.27 2.08
N GLY B 342 -61.11 -134.14 3.18
CA GLY B 342 -60.73 -133.20 4.22
C GLY B 342 -60.73 -131.75 3.78
N ILE B 343 -61.70 -131.37 2.95
CA ILE B 343 -61.73 -130.02 2.41
C ILE B 343 -62.21 -129.04 3.47
N SER B 344 -61.56 -127.88 3.54
CA SER B 344 -61.97 -126.80 4.42
C SER B 344 -62.28 -125.56 3.59
N ILE B 345 -63.22 -124.76 4.08
CA ILE B 345 -63.66 -123.55 3.40
C ILE B 345 -63.13 -122.35 4.16
N GLN B 346 -62.39 -121.49 3.47
CA GLN B 346 -61.79 -120.34 4.11
C GLN B 346 -62.82 -119.27 4.42
N SER B 347 -62.45 -118.35 5.30
CA SER B 347 -63.32 -117.25 5.67
C SER B 347 -63.45 -116.26 4.53
N ALA B 348 -64.60 -115.61 4.45
CA ALA B 348 -64.83 -114.57 3.47
C ALA B 348 -65.94 -113.66 3.96
N SER B 349 -65.98 -112.46 3.40
CA SER B 349 -67.02 -111.50 3.68
C SER B 349 -68.01 -111.46 2.53
N THR B 350 -69.24 -111.04 2.85
CA THR B 350 -70.27 -110.93 1.83
C THR B 350 -69.94 -109.86 0.80
N GLY B 351 -69.04 -108.94 1.10
CA GLY B 351 -68.54 -107.98 0.14
C GLY B 351 -69.27 -106.67 0.10
N LEU B 352 -70.48 -106.60 0.62
CA LEU B 352 -71.27 -105.38 0.59
C LEU B 352 -70.93 -104.49 1.79
N THR B 353 -71.08 -103.18 1.60
CA THR B 353 -70.65 -102.23 2.61
C THR B 353 -71.74 -101.23 2.99
N VAL B 354 -72.58 -100.85 2.03
CA VAL B 354 -73.64 -99.87 2.27
C VAL B 354 -74.95 -100.40 1.73
N THR B 355 -76.04 -99.89 2.31
CA THR B 355 -77.38 -100.21 1.85
C THR B 355 -77.80 -99.19 0.79
N SER B 356 -79.07 -99.21 0.42
CA SER B 356 -79.60 -98.26 -0.54
C SER B 356 -80.26 -97.08 0.17
N ASN B 357 -80.36 -95.96 -0.55
CA ASN B 357 -81.06 -94.80 -0.03
C ASN B 357 -82.52 -95.14 0.18
N ALA B 358 -83.06 -94.76 1.34
CA ALA B 358 -84.42 -95.11 1.71
C ALA B 358 -85.34 -93.93 1.89
N GLY B 359 -84.87 -92.86 2.53
CA GLY B 359 -85.73 -91.73 2.79
C GLY B 359 -86.14 -90.99 1.52
N ASN B 360 -87.17 -90.17 1.67
CA ASN B 360 -87.68 -89.34 0.58
C ASN B 360 -87.86 -87.93 1.12
N GLY B 361 -87.15 -86.98 0.53
CA GLY B 361 -87.18 -85.63 1.06
C GLY B 361 -88.20 -84.71 0.42
N GLN B 362 -89.16 -84.25 1.21
CA GLN B 362 -90.05 -83.17 0.79
C GLN B 362 -90.59 -82.51 2.05
N ALA B 363 -91.31 -81.41 1.85
CA ALA B 363 -91.86 -80.61 2.93
C ALA B 363 -93.25 -81.10 3.30
N PHE B 364 -93.54 -81.06 4.60
CA PHE B 364 -94.89 -81.33 5.09
C PHE B 364 -95.41 -80.10 5.81
N GLN B 365 -96.70 -80.09 6.07
CA GLN B 365 -97.38 -78.92 6.61
C GLN B 365 -97.53 -79.03 8.13
N HIS B 366 -97.14 -77.97 8.83
CA HIS B 366 -97.35 -77.90 10.28
C HIS B 366 -97.59 -76.46 10.68
N ASP B 367 -98.62 -76.25 11.51
CA ASP B 367 -98.92 -74.93 12.06
C ASP B 367 -99.30 -75.09 13.52
N GLN B 368 -98.85 -74.16 14.35
CA GLN B 368 -99.06 -74.21 15.78
C GLN B 368 -100.54 -73.98 16.11
N PRO B 369 -100.94 -74.12 17.37
CA PRO B 369 -102.30 -73.75 17.76
C PRO B 369 -102.63 -72.34 17.27
N TYR B 370 -103.81 -72.21 16.67
CA TYR B 370 -104.05 -71.16 15.69
C TYR B 370 -105.44 -70.59 15.85
N LEU B 371 -105.53 -69.27 16.03
CA LEU B 371 -106.78 -68.54 16.18
C LEU B 371 -106.70 -67.27 15.35
N VAL B 372 -107.82 -66.91 14.71
CA VAL B 372 -107.86 -65.78 13.80
C VAL B 372 -108.45 -64.57 14.48
N PHE B 373 -107.90 -63.40 14.19
CA PHE B 373 -108.40 -62.10 14.63
C PHE B 373 -108.49 -61.19 13.42
N ARG B 374 -108.96 -59.97 13.63
CA ARG B 374 -108.98 -58.95 12.59
C ARG B 374 -108.15 -57.76 13.04
N VAL B 375 -107.33 -57.24 12.15
CA VAL B 375 -106.41 -56.17 12.47
C VAL B 375 -106.93 -54.88 11.88
N PHE B 376 -107.14 -53.88 12.75
CA PHE B 376 -107.58 -52.56 12.34
C PHE B 376 -106.49 -51.56 12.70
N VAL B 377 -106.05 -50.79 11.71
CA VAL B 377 -105.07 -49.73 11.94
C VAL B 377 -105.81 -48.43 12.20
N LYS B 378 -105.43 -47.75 13.28
CA LYS B 378 -106.10 -46.52 13.68
C LYS B 378 -105.64 -45.38 12.79
N VAL B 379 -106.59 -44.75 12.11
CA VAL B 379 -106.28 -43.64 11.22
C VAL B 379 -107.06 -42.41 11.65
N VAL C 2 -108.56 24.04 40.02
CA VAL C 2 -108.15 24.03 38.62
C VAL C 2 -108.97 25.02 37.81
N ARG C 3 -110.30 24.89 37.90
CA ARG C 3 -111.19 25.76 37.15
C ARG C 3 -111.01 27.21 37.57
N LYS C 4 -111.30 27.52 38.83
CA LYS C 4 -111.07 28.86 39.35
C LYS C 4 -109.58 29.10 39.53
N VAL C 5 -109.08 30.21 38.99
CA VAL C 5 -107.66 30.53 39.01
C VAL C 5 -107.47 31.80 39.81
N PHE C 6 -106.57 31.75 40.79
CA PHE C 6 -106.22 32.92 41.58
C PHE C 6 -105.04 33.65 40.96
N ASN C 7 -104.91 34.93 41.33
CA ASN C 7 -103.77 35.72 40.93
C ASN C 7 -103.61 36.86 41.93
N ASP C 8 -102.52 37.60 41.79
CA ASP C 8 -102.24 38.70 42.69
C ASP C 8 -103.37 39.72 42.66
N GLY C 9 -103.81 40.14 43.84
CA GLY C 9 -104.93 41.03 43.97
C GLY C 9 -106.25 40.34 44.28
N ASP C 10 -106.34 39.05 44.04
CA ASP C 10 -107.53 38.30 44.42
C ASP C 10 -107.59 38.15 45.94
N ILE C 11 -108.81 38.10 46.47
CA ILE C 11 -109.03 37.94 47.90
C ILE C 11 -109.53 36.53 48.14
N LEU C 12 -108.78 35.79 48.96
CA LEU C 12 -109.17 34.43 49.30
C LEU C 12 -110.44 34.43 50.14
N TYR C 13 -111.34 33.51 49.84
CA TYR C 13 -112.61 33.41 50.54
C TYR C 13 -112.65 32.16 51.41
N ALA C 14 -113.52 32.18 52.40
CA ALA C 14 -113.69 31.02 53.28
C ALA C 14 -114.18 29.82 52.50
N GLU C 15 -115.14 30.03 51.59
CA GLU C 15 -115.63 28.92 50.77
C GLU C 15 -114.52 28.35 49.90
N ASP C 16 -113.61 29.20 49.43
CA ASP C 16 -112.50 28.71 48.63
C ASP C 16 -111.61 27.77 49.43
N VAL C 17 -111.33 28.10 50.68
CA VAL C 17 -110.51 27.21 51.50
C VAL C 17 -111.27 25.94 51.84
N ASN C 18 -112.57 26.07 52.11
CA ASN C 18 -113.38 24.89 52.43
C ASN C 18 -113.44 23.93 51.26
N ILE C 19 -113.56 24.46 50.04
CA ILE C 19 -113.51 23.62 48.85
C ILE C 19 -112.13 23.01 48.70
N ILE C 20 -111.09 23.85 48.85
CA ILE C 20 -109.71 23.38 48.69
C ILE C 20 -109.38 22.35 49.77
N GLY C 21 -109.95 22.52 50.96
CA GLY C 21 -109.72 21.58 52.04
C GLY C 21 -110.27 20.19 51.80
N GLN C 22 -111.20 20.04 50.84
CA GLN C 22 -111.78 18.73 50.54
C GLN C 22 -111.30 18.27 49.18
N PRO C 23 -110.16 17.59 49.10
CA PRO C 23 -109.66 17.17 47.79
C PRO C 23 -110.50 16.05 47.21
N PHE C 24 -110.78 16.15 45.91
CA PHE C 24 -111.46 15.10 45.16
C PHE C 24 -110.56 14.71 44.00
N VAL C 25 -110.20 13.42 43.94
CA VAL C 25 -109.42 12.94 42.81
C VAL C 25 -110.34 12.25 41.81
N ASP C 26 -110.82 13.01 40.82
CA ASP C 26 -111.72 12.45 39.83
C ASP C 26 -111.57 13.09 38.46
N GLY C 27 -110.54 13.88 38.23
CA GLY C 27 -110.31 14.47 36.93
C GLY C 27 -111.26 15.57 36.54
N GLN C 28 -112.20 15.93 37.41
CA GLN C 28 -113.10 17.02 37.12
C GLN C 28 -112.35 18.35 37.17
N ASP C 29 -112.73 19.27 36.28
CA ASP C 29 -112.05 20.56 36.19
C ASP C 29 -112.76 21.55 37.12
N LEU C 30 -112.41 21.47 38.40
CA LEU C 30 -112.97 22.35 39.42
C LEU C 30 -111.85 22.76 40.37
N LEU C 31 -112.19 23.63 41.33
CA LEU C 31 -111.17 24.24 42.16
C LEU C 31 -110.46 23.23 43.04
N GLY C 32 -111.20 22.29 43.63
CA GLY C 32 -110.61 21.32 44.52
C GLY C 32 -110.40 19.94 43.94
N HIS C 33 -110.82 19.70 42.71
CA HIS C 33 -110.75 18.38 42.10
C HIS C 33 -109.42 18.24 41.35
N GLY C 34 -108.58 17.32 41.80
CA GLY C 34 -107.23 17.26 41.28
C GLY C 34 -107.06 16.57 39.94
N LEU C 35 -107.30 15.27 39.89
CA LEU C 35 -107.03 14.47 38.69
C LEU C 35 -107.50 13.05 38.96
N LYS C 36 -107.34 12.19 37.97
CA LYS C 36 -107.78 10.81 38.06
C LYS C 36 -106.61 9.91 38.44
N VAL C 37 -106.89 8.95 39.32
CA VAL C 37 -105.84 8.11 39.90
C VAL C 37 -105.38 7.08 38.87
N ASP C 38 -104.09 7.06 38.58
CA ASP C 38 -103.50 6.08 37.69
C ASP C 38 -102.84 4.97 38.52
N ASP C 39 -102.13 4.07 37.85
CA ASP C 39 -101.49 2.96 38.55
C ASP C 39 -100.40 3.44 39.49
N ASN C 40 -99.65 4.48 39.08
CA ASN C 40 -98.56 4.97 39.91
C ASN C 40 -99.08 5.55 41.22
N SER C 41 -100.21 6.24 41.18
CA SER C 41 -100.78 6.79 42.40
C SER C 41 -101.22 5.72 43.38
N LEU C 42 -101.42 4.49 42.91
CA LEU C 42 -101.74 3.39 43.78
C LEU C 42 -100.50 2.91 44.53
N SER C 43 -100.72 2.45 45.76
CA SER C 43 -99.62 2.06 46.62
C SER C 43 -98.89 0.85 46.07
N ASP C 44 -97.56 0.88 46.14
CA ASP C 44 -96.72 -0.11 45.48
C ASP C 44 -96.18 -1.18 46.42
N GLU C 45 -96.31 -1.03 47.74
CA GLU C 45 -95.86 -2.07 48.65
C GLU C 45 -96.82 -3.25 48.59
N PRO C 46 -96.36 -4.45 48.96
CA PRO C 46 -97.24 -5.62 48.94
C PRO C 46 -98.41 -5.49 49.89
N GLN C 47 -99.29 -6.51 49.88
CA GLN C 47 -100.56 -6.46 50.61
C GLN C 47 -101.45 -5.34 50.10
N ASN C 48 -101.34 -5.01 48.82
CA ASN C 48 -102.19 -4.00 48.20
C ASN C 48 -102.64 -4.52 46.84
N ILE C 49 -103.75 -3.94 46.36
CA ILE C 49 -104.40 -4.46 45.17
C ILE C 49 -103.50 -4.35 43.94
N LYS C 50 -102.62 -3.36 43.92
CA LYS C 50 -101.75 -3.18 42.76
C LYS C 50 -100.83 -4.37 42.55
N THR C 51 -99.98 -4.66 43.53
CA THR C 51 -99.04 -5.77 43.39
C THR C 51 -99.77 -7.10 43.33
N ARG C 52 -100.81 -7.27 44.14
CA ARG C 52 -101.57 -8.52 44.12
C ARG C 52 -102.17 -8.77 42.76
N PHE C 53 -102.77 -7.75 42.16
CA PHE C 53 -103.42 -7.91 40.87
C PHE C 53 -102.40 -8.16 39.77
N TYR C 54 -101.29 -7.43 39.77
CA TYR C 54 -100.35 -7.57 38.68
C TYR C 54 -99.44 -8.78 38.81
N ALA C 55 -99.27 -9.32 40.02
CA ALA C 55 -98.50 -10.55 40.16
C ALA C 55 -99.22 -11.75 39.56
N TRP C 56 -100.52 -11.62 39.31
CA TRP C 56 -101.29 -12.64 38.62
C TRP C 56 -101.60 -12.28 37.19
N TYR C 57 -101.92 -11.01 36.94
CA TYR C 57 -102.17 -10.55 35.58
C TYR C 57 -100.94 -10.72 34.70
N ASN C 58 -99.80 -10.22 35.16
CA ASN C 58 -98.55 -10.30 34.40
C ASN C 58 -97.74 -11.52 34.79
N ARG C 59 -98.37 -12.69 34.77
CA ARG C 59 -97.69 -13.94 35.08
C ARG C 59 -97.35 -14.64 33.77
N PHE C 60 -96.06 -14.91 33.57
CA PHE C 60 -95.57 -15.58 32.36
C PHE C 60 -95.99 -14.81 31.11
N ARG C 61 -95.98 -13.48 31.20
CA ARG C 61 -96.30 -12.64 30.06
C ARG C 61 -95.08 -12.52 29.15
N VAL C 62 -95.29 -12.70 27.85
CA VAL C 62 -94.20 -12.69 26.87
C VAL C 62 -94.21 -11.35 26.14
N THR C 63 -93.05 -10.70 26.10
CA THR C 63 -92.88 -9.43 25.43
C THR C 63 -91.62 -9.46 24.57
N VAL C 64 -91.61 -8.64 23.53
CA VAL C 64 -90.46 -8.55 22.63
C VAL C 64 -89.40 -7.70 23.33
N GLN C 65 -88.42 -8.36 23.95
CA GLN C 65 -87.34 -7.63 24.60
C GLN C 65 -86.48 -6.91 23.57
N SER C 66 -85.86 -7.67 22.65
CA SER C 66 -85.02 -7.05 21.63
C SER C 66 -84.69 -8.05 20.52
N GLY C 67 -84.88 -7.65 19.27
CA GLY C 67 -84.62 -8.56 18.17
C GLY C 67 -85.52 -9.78 18.26
N LEU C 68 -84.90 -10.96 18.24
CA LEU C 68 -85.64 -12.21 18.40
C LEU C 68 -85.74 -12.64 19.85
N THR C 69 -85.18 -11.88 20.78
CA THR C 69 -85.18 -12.23 22.19
C THR C 69 -86.46 -11.71 22.84
N LEU C 70 -87.26 -12.63 23.36
CA LEU C 70 -88.50 -12.35 24.06
C LEU C 70 -88.28 -12.53 25.55
N SER C 71 -88.84 -11.61 26.33
CA SER C 71 -88.78 -11.65 27.78
C SER C 71 -90.04 -12.31 28.32
N VAL C 72 -89.87 -13.12 29.36
CA VAL C 72 -90.97 -13.78 30.04
C VAL C 72 -90.87 -13.41 31.51
N THR C 73 -91.94 -12.84 32.06
CA THR C 73 -91.93 -12.41 33.45
C THR C 73 -91.91 -13.62 34.36
N GLN C 74 -91.61 -13.37 35.64
CA GLN C 74 -91.52 -14.45 36.61
C GLN C 74 -92.88 -15.06 36.86
N GLY C 75 -92.87 -16.25 37.45
CA GLY C 75 -94.11 -16.92 37.76
C GLY C 75 -93.84 -18.22 38.50
N SER C 76 -94.91 -19.01 38.64
CA SER C 76 -94.78 -20.31 39.28
C SER C 76 -95.77 -21.26 38.65
N ILE C 77 -95.41 -22.55 38.64
CA ILE C 77 -96.27 -23.58 38.10
C ILE C 77 -96.42 -24.69 39.14
N SER C 78 -97.50 -25.43 39.04
CA SER C 78 -97.79 -26.55 39.93
C SER C 78 -97.73 -27.85 39.12
N VAL C 79 -96.85 -28.75 39.52
CA VAL C 79 -96.69 -30.05 38.89
C VAL C 79 -97.02 -31.08 39.96
N SER C 80 -98.23 -31.65 39.89
CA SER C 80 -98.70 -32.64 40.85
C SER C 80 -98.63 -32.11 42.28
N GLY C 81 -98.83 -30.80 42.45
CA GLY C 81 -98.76 -30.17 43.75
C GLY C 81 -97.40 -29.65 44.15
N ASN C 82 -96.36 -29.91 43.35
CA ASN C 82 -95.04 -29.35 43.61
C ASN C 82 -94.92 -28.02 42.90
N ILE C 83 -94.55 -26.98 43.64
CA ILE C 83 -94.50 -25.62 43.11
C ILE C 83 -93.09 -25.35 42.61
N ILE C 84 -92.98 -25.03 41.32
CA ILE C 84 -91.70 -24.70 40.70
C ILE C 84 -91.78 -23.25 40.24
N SER C 85 -90.87 -22.43 40.75
CA SER C 85 -90.88 -20.99 40.49
C SER C 85 -89.81 -20.64 39.48
N PHE C 86 -90.15 -19.74 38.57
CA PHE C 86 -89.24 -19.28 37.54
C PHE C 86 -89.04 -17.78 37.66
N PRO C 87 -87.81 -17.30 37.70
CA PRO C 87 -87.55 -15.87 37.64
C PRO C 87 -87.82 -15.34 36.25
N PRO C 88 -87.78 -14.03 36.05
CA PRO C 88 -87.91 -13.51 34.68
C PRO C 88 -86.78 -14.02 33.81
N GLN C 89 -87.15 -14.64 32.69
CA GLN C 89 -86.15 -15.25 31.81
C GLN C 89 -86.33 -14.69 30.40
N THR C 90 -85.43 -15.10 29.51
CA THR C 90 -85.46 -14.70 28.12
C THR C 90 -85.30 -15.91 27.23
N ILE C 91 -85.84 -15.84 26.02
CA ILE C 91 -85.69 -16.93 25.07
C ILE C 91 -85.82 -16.36 23.66
N ASN C 92 -85.11 -16.97 22.71
CA ASN C 92 -85.08 -16.47 21.35
C ASN C 92 -86.14 -17.17 20.51
N ALA C 93 -86.94 -16.37 19.80
CA ALA C 93 -87.95 -16.92 18.92
C ALA C 93 -87.31 -17.61 17.71
N ILE C 94 -88.06 -18.53 17.12
CA ILE C 94 -87.61 -19.21 15.91
C ILE C 94 -87.83 -18.29 14.72
N ASP C 95 -86.76 -18.00 13.98
CA ASP C 95 -86.81 -16.99 12.95
C ASP C 95 -87.66 -17.44 11.77
N ASN C 96 -88.29 -16.47 11.11
CA ASN C 96 -89.09 -16.70 9.91
C ASN C 96 -90.15 -17.78 10.15
N ALA C 97 -90.80 -17.71 11.30
CA ALA C 97 -91.75 -18.75 11.66
C ALA C 97 -92.85 -18.17 12.53
N ASN C 98 -93.98 -18.88 12.54
CA ASN C 98 -95.09 -18.64 13.45
C ASN C 98 -94.97 -19.66 14.58
N SER C 99 -94.08 -19.36 15.52
CA SER C 99 -93.71 -20.29 16.57
C SER C 99 -94.56 -20.07 17.82
N PHE C 100 -94.42 -21.01 18.76
CA PHE C 100 -95.19 -21.00 20.00
C PHE C 100 -94.23 -21.05 21.18
N VAL C 101 -94.41 -20.12 22.12
CA VAL C 101 -93.67 -20.11 23.37
C VAL C 101 -94.56 -20.70 24.45
N TRP C 102 -94.06 -21.73 25.13
CA TRP C 102 -94.83 -22.45 26.13
C TRP C 102 -93.89 -22.92 27.23
N ILE C 103 -94.46 -23.56 28.25
CA ILE C 103 -93.70 -24.12 29.36
C ILE C 103 -94.10 -25.58 29.51
N GLY C 104 -93.10 -26.46 29.61
CA GLY C 104 -93.40 -27.87 29.76
C GLY C 104 -92.20 -28.79 29.59
N LYS C 105 -92.37 -29.82 28.76
CA LYS C 105 -91.32 -30.80 28.55
C LYS C 105 -91.48 -31.40 27.16
N THR C 106 -90.49 -32.20 26.77
CA THR C 106 -90.49 -32.87 25.48
C THR C 106 -90.32 -34.37 25.68
N ASP C 107 -90.44 -35.11 24.58
CA ASP C 107 -90.25 -36.55 24.61
C ASP C 107 -88.82 -36.91 24.99
N ALA C 108 -87.85 -36.07 24.62
CA ALA C 108 -86.45 -36.32 24.88
C ALA C 108 -85.95 -35.59 26.12
N ASP C 109 -86.83 -34.93 26.87
CA ASP C 109 -86.38 -34.16 28.02
C ASP C 109 -87.45 -34.10 29.10
N PRO C 110 -87.17 -34.62 30.30
CA PRO C 110 -88.15 -34.55 31.38
C PRO C 110 -88.14 -33.23 32.15
N ALA C 111 -87.13 -32.39 31.95
CA ALA C 111 -87.07 -31.13 32.67
C ALA C 111 -88.17 -30.19 32.20
N ILE C 112 -88.90 -29.63 33.15
CA ILE C 112 -89.97 -28.68 32.84
C ILE C 112 -89.36 -27.29 32.76
N ALA C 113 -89.47 -26.66 31.60
CA ALA C 113 -88.79 -25.40 31.36
C ALA C 113 -89.52 -24.64 30.26
N LEU C 114 -89.04 -23.44 29.98
CA LEU C 114 -89.60 -22.61 28.93
C LEU C 114 -89.02 -23.03 27.58
N ARG C 115 -89.91 -23.29 26.62
CA ARG C 115 -89.49 -23.80 25.33
C ARG C 115 -90.21 -23.04 24.22
N VAL C 116 -89.57 -22.99 23.06
CA VAL C 116 -90.14 -22.41 21.86
C VAL C 116 -90.14 -23.50 20.79
N SER C 117 -91.30 -23.77 20.22
CA SER C 117 -91.41 -24.78 19.18
C SER C 117 -92.21 -24.22 18.01
N GLN C 118 -92.48 -25.04 17.01
CA GLN C 118 -93.34 -24.61 15.91
C GLN C 118 -94.75 -25.14 16.03
N THR C 119 -95.00 -26.09 16.93
CA THR C 119 -96.34 -26.62 17.16
C THR C 119 -96.56 -26.75 18.65
N LEU C 120 -97.75 -26.38 19.11
CA LEU C 120 -98.09 -26.50 20.51
C LEU C 120 -98.20 -27.97 20.90
N PRO C 121 -97.45 -28.44 21.88
CA PRO C 121 -97.63 -29.82 22.35
C PRO C 121 -98.97 -29.99 23.05
N ASN C 122 -99.43 -31.25 23.09
CA ASN C 122 -100.72 -31.53 23.71
C ASN C 122 -100.70 -31.23 25.20
N VAL C 123 -99.60 -31.54 25.88
CA VAL C 123 -99.46 -31.31 27.32
C VAL C 123 -98.44 -30.20 27.52
N CYS C 124 -98.92 -29.03 27.90
CA CYS C 124 -98.06 -27.86 28.08
C CYS C 124 -98.88 -26.75 28.71
N ILE C 125 -98.22 -25.62 28.94
CA ILE C 125 -98.87 -24.38 29.33
C ILE C 125 -98.59 -23.35 28.25
N PRO C 126 -99.50 -23.15 27.31
CA PRO C 126 -99.26 -22.18 26.24
C PRO C 126 -99.11 -20.78 26.80
N LEU C 127 -98.14 -20.05 26.28
CA LEU C 127 -97.90 -18.67 26.71
C LEU C 127 -98.12 -17.67 25.59
N ALA C 128 -97.50 -17.88 24.43
CA ALA C 128 -97.66 -16.91 23.37
C ALA C 128 -97.47 -17.58 22.01
N ARG C 129 -97.98 -16.91 20.99
CA ARG C 129 -97.71 -17.25 19.59
C ARG C 129 -96.95 -16.09 18.98
N VAL C 130 -95.71 -16.32 18.59
CA VAL C 130 -94.83 -15.28 18.09
C VAL C 130 -94.64 -15.50 16.60
N ILE C 131 -94.97 -14.48 15.82
CA ILE C 131 -94.70 -14.48 14.39
C ILE C 131 -93.47 -13.61 14.18
N ALA C 132 -92.37 -14.22 13.72
CA ALA C 132 -91.09 -13.54 13.57
C ALA C 132 -90.56 -13.75 12.16
N ALA C 133 -89.92 -12.73 11.62
CA ALA C 133 -89.39 -12.79 10.26
C ALA C 133 -88.15 -11.94 10.14
N SER C 134 -87.10 -12.51 9.53
CA SER C 134 -85.87 -11.78 9.21
C SER C 134 -85.19 -11.22 10.46
N GLY C 135 -85.04 -12.07 11.47
CA GLY C 135 -84.39 -11.65 12.69
C GLY C 135 -85.14 -10.65 13.51
N SER C 136 -86.43 -10.46 13.23
CA SER C 136 -87.27 -9.52 13.95
C SER C 136 -88.59 -10.19 14.29
N VAL C 137 -89.20 -9.75 15.39
CA VAL C 137 -90.46 -10.30 15.85
C VAL C 137 -91.59 -9.42 15.31
N THR C 138 -92.30 -9.92 14.29
CA THR C 138 -93.37 -9.14 13.70
C THR C 138 -94.52 -8.94 14.68
N SER C 139 -94.90 -9.98 15.41
CA SER C 139 -96.02 -9.84 16.34
C SER C 139 -95.94 -10.91 17.42
N VAL C 140 -96.60 -10.62 18.54
CA VAL C 140 -96.75 -11.53 19.66
C VAL C 140 -98.22 -11.54 20.07
N THR C 141 -98.81 -12.72 20.13
CA THR C 141 -100.20 -12.89 20.55
C THR C 141 -100.23 -13.67 21.85
N ASP C 142 -100.87 -13.10 22.87
CA ASP C 142 -100.90 -13.72 24.19
C ASP C 142 -101.83 -14.92 24.17
N LEU C 143 -101.33 -16.06 24.65
CA LEU C 143 -102.11 -17.29 24.71
C LEU C 143 -102.58 -17.64 26.11
N ARG C 144 -101.84 -17.24 27.15
CA ARG C 144 -102.23 -17.50 28.52
C ARG C 144 -103.05 -16.36 29.10
N ASP C 145 -103.57 -15.49 28.25
CA ASP C 145 -104.33 -14.32 28.69
C ASP C 145 -105.41 -14.73 29.68
N VAL C 146 -105.58 -13.90 30.72
CA VAL C 146 -106.61 -14.16 31.71
C VAL C 146 -108.00 -13.88 31.15
N SER C 147 -108.10 -13.15 30.04
CA SER C 147 -109.38 -12.87 29.44
C SER C 147 -109.78 -13.88 28.37
N VAL C 148 -108.83 -14.43 27.63
CA VAL C 148 -109.15 -15.47 26.66
C VAL C 148 -109.30 -16.80 27.39
N ASP C 149 -110.29 -17.58 26.98
CA ASP C 149 -110.57 -18.87 27.59
C ASP C 149 -110.25 -19.98 26.59
N ILE C 150 -109.43 -20.93 27.02
CA ILE C 150 -109.05 -22.07 26.18
C ILE C 150 -110.13 -23.13 26.31
N LEU C 151 -110.76 -23.48 25.20
CA LEU C 151 -111.73 -24.56 25.24
C LEU C 151 -111.01 -25.90 25.28
N PRO C 152 -111.43 -26.82 26.15
CA PRO C 152 -110.73 -28.09 26.28
C PRO C 152 -110.88 -28.92 25.02
N PRO C 153 -109.96 -29.85 24.77
CA PRO C 153 -110.04 -30.68 23.56
C PRO C 153 -111.20 -31.66 23.63
N SER C 154 -111.56 -32.18 22.45
CA SER C 154 -112.69 -33.08 22.35
C SER C 154 -112.44 -34.36 23.12
N ILE C 155 -113.52 -34.96 23.60
CA ILE C 155 -113.41 -36.22 24.36
C ILE C 155 -112.85 -37.31 23.45
N PRO C 156 -111.83 -38.05 23.87
CA PRO C 156 -111.20 -39.02 22.97
C PRO C 156 -112.16 -40.10 22.54
N ASP C 157 -111.97 -40.56 21.29
CA ASP C 157 -112.75 -41.68 20.79
C ASP C 157 -112.32 -42.95 21.51
N ALA C 158 -113.28 -43.59 22.18
CA ALA C 158 -112.96 -44.80 22.92
C ALA C 158 -112.72 -45.97 21.98
N VAL C 159 -112.21 -47.06 22.54
CA VAL C 159 -112.03 -48.29 21.74
C VAL C 159 -113.40 -48.76 21.27
N PRO C 160 -113.54 -49.22 20.03
CA PRO C 160 -114.85 -49.69 19.58
C PRO C 160 -115.33 -50.88 20.41
N VAL C 161 -116.64 -50.94 20.60
CA VAL C 161 -117.23 -52.03 21.37
C VAL C 161 -116.97 -53.35 20.63
N GLY C 162 -116.58 -54.37 21.39
CA GLY C 162 -116.29 -55.67 20.82
C GLY C 162 -114.90 -55.81 20.25
N SER C 163 -114.15 -54.72 20.11
CA SER C 163 -112.77 -54.80 19.66
C SER C 163 -111.89 -55.18 20.84
N THR C 164 -111.16 -56.28 20.70
CA THR C 164 -110.34 -56.77 21.79
C THR C 164 -109.10 -55.91 22.00
N ILE C 165 -108.60 -55.94 23.23
CA ILE C 165 -107.34 -55.32 23.59
C ILE C 165 -106.50 -56.35 24.32
N ILE C 166 -105.20 -56.12 24.33
CA ILE C 166 -104.25 -57.03 24.96
C ILE C 166 -103.65 -56.32 26.16
N SER C 167 -103.38 -57.07 27.22
CA SER C 167 -102.86 -56.48 28.44
C SER C 167 -101.94 -57.47 29.14
N LEU C 168 -100.89 -56.94 29.73
CA LEU C 168 -100.00 -57.69 30.62
C LEU C 168 -100.43 -57.55 32.07
N ILE C 169 -101.72 -57.78 32.33
CA ILE C 169 -102.28 -57.63 33.67
C ILE C 169 -102.03 -58.90 34.48
N PRO C 170 -101.34 -58.81 35.61
CA PRO C 170 -101.18 -59.98 36.46
C PRO C 170 -102.51 -60.42 37.02
N PRO C 171 -102.66 -61.70 37.36
CA PRO C 171 -103.96 -62.18 37.87
C PRO C 171 -104.42 -61.45 39.12
N THR C 172 -103.49 -60.90 39.91
CA THR C 172 -103.86 -60.14 41.10
C THR C 172 -104.59 -58.86 40.72
N ALA C 173 -104.14 -58.17 39.67
CA ALA C 173 -104.71 -56.88 39.33
C ALA C 173 -106.16 -57.03 38.84
N PRO C 174 -106.98 -56.01 39.05
CA PRO C 174 -108.38 -56.10 38.63
C PRO C 174 -108.57 -55.92 37.13
N ILE C 175 -109.65 -56.48 36.64
CA ILE C 175 -110.00 -56.34 35.22
C ILE C 175 -110.39 -54.90 34.94
N PRO C 176 -109.97 -54.32 33.81
CA PRO C 176 -110.43 -52.97 33.47
C PRO C 176 -111.94 -52.91 33.31
N ALA C 177 -112.52 -51.80 33.72
CA ALA C 177 -113.96 -51.63 33.65
C ALA C 177 -114.44 -51.59 32.20
N GLY C 178 -115.59 -52.20 31.95
CA GLY C 178 -116.13 -52.26 30.60
C GLY C 178 -115.49 -53.29 29.71
N TYR C 179 -114.75 -54.25 30.28
CA TYR C 179 -114.07 -55.26 29.50
C TYR C 179 -114.39 -56.64 30.05
N LEU C 180 -114.59 -57.59 29.13
CA LEU C 180 -114.86 -58.98 29.48
C LEU C 180 -113.61 -59.80 29.20
N GLU C 181 -113.23 -60.61 30.17
CA GLU C 181 -111.98 -61.39 30.10
C GLU C 181 -112.25 -62.71 29.39
N LEU C 182 -111.54 -62.96 28.30
CA LEU C 182 -111.62 -64.24 27.61
C LEU C 182 -110.76 -65.27 28.31
N LEU C 183 -111.22 -66.51 28.32
CA LEU C 183 -110.57 -67.60 29.03
C LEU C 183 -110.17 -68.71 28.06
N ASN C 184 -109.62 -69.79 28.61
CA ASN C 184 -109.27 -70.94 27.80
C ASN C 184 -110.50 -71.56 27.14
N SER C 185 -111.59 -71.64 27.88
CA SER C 185 -112.82 -72.27 27.40
C SER C 185 -113.82 -71.20 26.97
N SER C 186 -114.56 -71.49 25.91
CA SER C 186 -115.62 -70.59 25.48
C SER C 186 -116.63 -70.40 26.60
N GLN C 187 -117.03 -69.16 26.83
CA GLN C 187 -117.94 -68.83 27.91
C GLN C 187 -119.31 -68.45 27.37
N ASN C 188 -120.27 -68.30 28.28
CA ASN C 188 -121.61 -67.86 27.93
C ASN C 188 -121.98 -66.68 28.83
N VAL C 189 -122.57 -65.65 28.24
CA VAL C 189 -122.87 -64.42 28.95
C VAL C 189 -124.27 -63.95 28.59
N SER C 190 -124.91 -63.26 29.53
CA SER C 190 -126.29 -62.85 29.37
C SER C 190 -126.46 -61.89 28.19
N ARG C 191 -127.57 -62.05 27.47
CA ARG C 191 -127.82 -61.24 26.29
C ARG C 191 -128.25 -59.82 26.65
N THR C 192 -128.98 -59.66 27.76
CA THR C 192 -129.45 -58.33 28.14
C THR C 192 -128.28 -57.39 28.41
N THR C 193 -127.36 -57.80 29.28
CA THR C 193 -126.12 -57.07 29.45
C THR C 193 -125.18 -57.38 28.29
N TYR C 194 -124.17 -56.54 28.13
CA TYR C 194 -123.31 -56.57 26.96
C TYR C 194 -124.15 -56.53 25.68
N SER C 195 -125.15 -55.66 25.68
CA SER C 195 -126.10 -55.62 24.57
C SER C 195 -125.41 -55.23 23.26
N ALA C 196 -124.53 -54.23 23.30
CA ALA C 196 -123.81 -53.85 22.10
C ALA C 196 -122.91 -54.99 21.61
N LEU C 197 -122.24 -55.66 22.55
CA LEU C 197 -121.40 -56.79 22.17
C LEU C 197 -122.22 -57.89 21.53
N PHE C 198 -123.41 -58.16 22.06
CA PHE C 198 -124.27 -59.19 21.48
C PHE C 198 -124.72 -58.79 20.09
N VAL C 199 -125.24 -57.57 19.92
CA VAL C 199 -125.75 -57.17 18.62
C VAL C 199 -124.62 -57.12 17.59
N LEU C 200 -123.38 -56.88 18.03
CA LEU C 200 -122.25 -56.96 17.12
C LEU C 200 -121.85 -58.40 16.83
N TRP C 201 -122.07 -59.31 17.78
CA TRP C 201 -121.70 -60.71 17.61
C TRP C 201 -122.90 -61.61 17.38
N GLY C 202 -123.88 -61.56 18.28
CA GLY C 202 -124.97 -62.52 18.21
C GLY C 202 -124.49 -63.87 18.68
N THR C 203 -125.02 -64.92 18.05
CA THR C 203 -124.55 -66.28 18.31
C THR C 203 -123.49 -66.71 17.31
N TYR C 204 -122.46 -65.89 17.15
CA TYR C 204 -121.38 -66.19 16.21
C TYR C 204 -120.29 -67.05 16.83
N TYR C 205 -120.15 -67.04 18.16
CA TYR C 205 -119.18 -67.87 18.85
C TYR C 205 -119.84 -68.68 19.95
N GLY C 206 -121.09 -69.10 19.72
CA GLY C 206 -121.84 -69.85 20.70
C GLY C 206 -123.19 -69.20 20.94
N ASN C 207 -124.15 -70.01 21.38
CA ASN C 207 -125.51 -69.55 21.61
C ASN C 207 -125.93 -69.60 23.07
N GLY C 208 -125.09 -70.14 23.95
CA GLY C 208 -125.46 -70.22 25.35
C GLY C 208 -126.73 -71.02 25.54
N ASP C 209 -127.65 -70.48 26.34
CA ASP C 209 -128.95 -71.10 26.52
C ASP C 209 -129.85 -70.95 25.30
N GLY C 210 -129.50 -70.08 24.36
CA GLY C 210 -130.27 -69.86 23.17
C GLY C 210 -131.29 -68.75 23.26
N SER C 211 -131.68 -68.34 24.46
CA SER C 211 -132.62 -67.25 24.65
C SER C 211 -132.03 -66.09 25.44
N THR C 212 -131.47 -66.35 26.61
CA THR C 212 -131.01 -65.30 27.51
C THR C 212 -129.50 -65.13 27.51
N THR C 213 -128.75 -66.02 26.87
CA THR C 213 -127.30 -65.95 26.86
C THR C 213 -126.79 -66.11 25.43
N PHE C 214 -125.49 -65.89 25.27
CA PHE C 214 -124.79 -66.14 24.01
C PHE C 214 -123.35 -66.46 24.32
N GLY C 215 -122.69 -67.10 23.36
CA GLY C 215 -121.37 -67.65 23.56
C GLY C 215 -120.27 -66.73 23.06
N VAL C 216 -119.22 -66.62 23.86
CA VAL C 216 -118.01 -65.87 23.52
C VAL C 216 -116.86 -66.87 23.42
N PRO C 217 -115.97 -66.71 22.44
CA PRO C 217 -114.97 -67.76 22.18
C PRO C 217 -113.92 -67.83 23.27
N GLY C 218 -113.33 -69.02 23.40
CA GLY C 218 -112.27 -69.26 24.36
C GLY C 218 -110.95 -69.40 23.65
N THR C 219 -109.87 -69.06 24.37
CA THR C 219 -108.51 -69.11 23.84
C THR C 219 -107.68 -70.02 24.75
N GLY C 220 -107.62 -71.30 24.40
CA GLY C 220 -106.86 -72.23 25.21
C GLY C 220 -105.44 -72.43 24.72
N GLY C 221 -104.49 -71.70 25.32
CA GLY C 221 -103.10 -71.85 24.97
C GLY C 221 -102.78 -71.53 23.52
N ARG C 222 -103.69 -70.85 22.83
CA ARG C 222 -103.58 -70.66 21.39
C ARG C 222 -102.71 -69.46 21.06
N PHE C 223 -102.18 -69.45 19.83
CA PHE C 223 -101.34 -68.36 19.38
C PHE C 223 -102.17 -67.30 18.66
N LEU C 224 -101.62 -66.10 18.59
CA LEU C 224 -102.26 -65.00 17.88
C LEU C 224 -101.90 -65.10 16.41
N ARG C 225 -102.90 -65.16 15.55
CA ARG C 225 -102.60 -65.18 14.12
C ARG C 225 -103.58 -64.28 13.38
N LEU C 226 -103.04 -63.50 12.45
CA LEU C 226 -103.84 -62.56 11.67
C LEU C 226 -104.71 -63.31 10.67
N GLY C 227 -105.69 -62.59 10.12
CA GLY C 227 -106.61 -63.17 9.17
C GLY C 227 -106.05 -63.19 7.77
N GLY C 228 -106.91 -63.60 6.84
CA GLY C 228 -106.56 -63.67 5.44
C GLY C 228 -106.32 -65.10 4.98
N SER C 229 -105.94 -65.20 3.70
CA SER C 229 -105.71 -66.49 3.05
C SER C 229 -106.94 -67.39 3.15
N GLY C 230 -108.12 -66.80 2.98
CA GLY C 230 -109.35 -67.54 3.05
C GLY C 230 -109.79 -67.94 4.44
N LEU C 231 -109.07 -67.51 5.47
CA LEU C 231 -109.39 -67.89 6.84
C LEU C 231 -110.32 -66.84 7.44
N SER C 232 -111.51 -67.27 7.86
CA SER C 232 -112.44 -66.36 8.50
C SER C 232 -111.98 -66.01 9.91
N VAL C 233 -112.56 -64.95 10.46
CA VAL C 233 -112.28 -64.56 11.83
C VAL C 233 -112.81 -65.63 12.78
N GLY C 234 -112.14 -65.77 13.92
CA GLY C 234 -112.59 -66.73 14.91
C GLY C 234 -112.41 -68.17 14.53
N ASP C 235 -111.54 -68.47 13.57
CA ASP C 235 -111.29 -69.85 13.20
C ASP C 235 -110.34 -70.50 14.21
N ILE C 236 -110.18 -71.81 14.06
CA ILE C 236 -109.39 -72.61 14.99
C ILE C 236 -108.57 -73.62 14.20
N GLY C 237 -107.56 -74.18 14.84
CA GLY C 237 -106.78 -75.23 14.24
C GLY C 237 -105.36 -75.24 14.77
N GLY C 238 -104.55 -76.11 14.16
CA GLY C 238 -103.16 -76.25 14.53
C GLY C 238 -102.95 -77.30 15.61
N SER C 239 -101.67 -77.59 15.87
CA SER C 239 -101.31 -78.56 16.89
C SER C 239 -99.84 -78.38 17.24
N ASN C 240 -99.53 -78.46 18.52
CA ASN C 240 -98.14 -78.46 18.97
C ASN C 240 -97.44 -79.79 18.71
N GLN C 241 -98.19 -80.88 18.61
CA GLN C 241 -97.62 -82.19 18.39
C GLN C 241 -97.52 -82.45 16.89
N ILE C 242 -96.34 -82.89 16.44
CA ILE C 242 -96.09 -83.13 15.02
C ILE C 242 -95.59 -84.55 14.84
N THR C 243 -96.14 -85.24 13.84
CA THR C 243 -95.67 -86.54 13.42
C THR C 243 -95.07 -86.41 12.02
N ILE C 244 -93.81 -86.77 11.87
CA ILE C 244 -93.16 -86.69 10.57
C ILE C 244 -93.80 -87.75 9.67
N PRO C 245 -94.41 -87.36 8.55
CA PRO C 245 -94.94 -88.35 7.62
C PRO C 245 -93.84 -89.21 7.06
N THR C 246 -94.15 -90.49 6.84
CA THR C 246 -93.14 -91.40 6.32
C THR C 246 -92.68 -90.98 4.94
N ASN C 247 -93.53 -90.27 4.19
CA ASN C 247 -93.12 -89.75 2.89
C ASN C 247 -92.00 -88.73 3.02
N ALA C 248 -92.05 -87.89 4.04
CA ALA C 248 -91.02 -86.87 4.26
C ALA C 248 -89.99 -87.43 5.23
N LEU C 249 -88.81 -87.71 4.72
CA LEU C 249 -87.73 -88.30 5.51
C LEU C 249 -86.42 -88.12 4.76
N PRO C 250 -85.37 -87.61 5.40
CA PRO C 250 -84.12 -87.38 4.69
C PRO C 250 -83.58 -88.69 4.09
N SER C 251 -83.25 -88.64 2.81
CA SER C 251 -82.74 -89.82 2.13
C SER C 251 -81.35 -90.14 2.63
N HIS C 252 -81.14 -91.40 3.00
CA HIS C 252 -79.91 -91.80 3.67
C HIS C 252 -79.67 -93.28 3.44
N GLN C 253 -78.43 -93.69 3.69
CA GLN C 253 -78.04 -95.09 3.60
C GLN C 253 -77.12 -95.42 4.76
N HIS C 254 -77.39 -96.54 5.43
CA HIS C 254 -76.53 -96.98 6.50
C HIS C 254 -75.37 -97.81 5.98
N GLY C 255 -74.24 -97.71 6.66
CA GLY C 255 -73.15 -98.63 6.38
C GLY C 255 -73.43 -100.00 6.96
N ILE C 256 -72.77 -100.99 6.40
CA ILE C 256 -72.90 -102.38 6.83
C ILE C 256 -71.59 -102.80 7.48
N PRO C 257 -71.60 -103.25 8.74
CA PRO C 257 -70.35 -103.54 9.42
C PRO C 257 -69.61 -104.70 8.76
N ALA C 258 -68.28 -104.65 8.84
CA ALA C 258 -67.47 -105.73 8.31
C ALA C 258 -67.79 -107.03 9.01
N ASN C 259 -67.90 -108.10 8.23
CA ASN C 259 -68.27 -109.40 8.77
C ASN C 259 -67.43 -110.48 8.10
N THR C 260 -67.66 -111.72 8.53
CA THR C 260 -66.90 -112.86 8.04
C THR C 260 -67.70 -114.12 8.32
N HIS C 261 -67.88 -114.95 7.31
CA HIS C 261 -68.61 -116.20 7.46
C HIS C 261 -67.90 -117.31 6.71
N THR C 262 -68.10 -118.54 7.20
CA THR C 262 -67.59 -119.74 6.55
C THR C 262 -68.73 -120.74 6.39
N HIS C 263 -68.59 -121.62 5.42
CA HIS C 263 -69.56 -122.67 5.15
C HIS C 263 -68.95 -124.03 5.48
N SER C 264 -69.68 -124.84 6.24
CA SER C 264 -69.26 -126.20 6.47
C SER C 264 -69.37 -127.01 5.18
N VAL C 265 -68.59 -128.08 5.12
CA VAL C 265 -68.48 -128.91 3.91
C VAL C 265 -69.22 -130.21 4.13
N ASN C 266 -70.03 -130.60 3.16
CA ASN C 266 -70.74 -131.88 3.16
C ASN C 266 -70.00 -132.80 2.19
N ASP C 267 -68.95 -133.45 2.70
CA ASP C 267 -68.02 -134.20 1.85
C ASP C 267 -68.36 -135.68 1.73
N GLY C 268 -68.68 -136.33 2.84
CA GLY C 268 -68.85 -137.78 2.79
C GLY C 268 -67.52 -138.44 2.46
N GLY C 269 -67.50 -139.25 1.42
CA GLY C 269 -66.28 -139.90 1.00
C GLY C 269 -66.39 -140.38 -0.43
N HIS C 270 -65.23 -140.46 -1.10
CA HIS C 270 -65.18 -140.87 -2.49
C HIS C 270 -64.10 -141.92 -2.68
N GLY C 271 -64.25 -142.72 -3.72
CA GLY C 271 -63.26 -143.71 -4.08
C GLY C 271 -62.79 -143.51 -5.51
N HIS C 272 -61.94 -144.43 -5.95
CA HIS C 272 -61.41 -144.42 -7.30
C HIS C 272 -61.59 -145.79 -7.94
N THR C 273 -61.14 -145.89 -9.19
CA THR C 273 -61.05 -147.13 -9.93
C THR C 273 -59.62 -147.32 -10.40
N ILE C 274 -59.17 -148.56 -10.44
CA ILE C 274 -57.80 -148.89 -10.80
C ILE C 274 -57.79 -149.62 -12.13
N ASN C 275 -57.01 -149.11 -13.08
CA ASN C 275 -56.80 -149.78 -14.36
C ASN C 275 -55.61 -150.72 -14.23
N GLN C 276 -55.82 -151.98 -14.59
CA GLN C 276 -54.85 -153.02 -14.29
C GLN C 276 -54.50 -153.79 -15.55
N THR C 277 -53.22 -154.18 -15.65
CA THR C 277 -52.72 -155.05 -16.70
C THR C 277 -52.01 -156.23 -16.05
N PRO C 278 -52.07 -157.39 -16.67
CA PRO C 278 -51.37 -158.55 -16.11
C PRO C 278 -49.86 -158.34 -16.10
N HIS C 279 -49.20 -158.93 -15.11
CA HIS C 279 -47.76 -158.85 -14.97
C HIS C 279 -47.17 -160.23 -14.72
N SER C 280 -45.92 -160.41 -15.12
CA SER C 280 -45.24 -161.69 -14.94
C SER C 280 -43.82 -161.42 -14.43
N HIS C 281 -43.24 -162.45 -13.83
CA HIS C 281 -41.92 -162.36 -13.23
C HIS C 281 -40.95 -163.26 -13.99
N SER C 282 -39.69 -162.84 -14.05
CA SER C 282 -38.66 -163.75 -14.53
C SER C 282 -38.24 -164.67 -13.39
N ILE C 283 -37.51 -165.73 -13.74
CA ILE C 283 -37.03 -166.69 -12.76
C ILE C 283 -35.52 -166.86 -12.92
N SER C 284 -34.83 -166.95 -11.80
CA SER C 284 -33.43 -167.37 -11.77
C SER C 284 -33.39 -168.84 -11.43
N ASP C 285 -32.88 -169.66 -12.34
CA ASP C 285 -32.96 -171.11 -12.24
C ASP C 285 -31.58 -171.70 -12.33
N PRO C 286 -30.82 -171.71 -11.24
CA PRO C 286 -29.61 -172.54 -11.19
C PRO C 286 -29.99 -174.00 -11.36
N GLY C 287 -29.37 -174.66 -12.34
CA GLY C 287 -29.75 -176.00 -12.67
C GLY C 287 -29.59 -176.93 -11.48
N HIS C 288 -30.52 -177.89 -11.36
CA HIS C 288 -30.46 -178.89 -10.32
C HIS C 288 -29.90 -180.18 -10.89
N ALA C 289 -29.75 -181.17 -10.02
CA ALA C 289 -29.26 -182.48 -10.42
C ALA C 289 -29.72 -183.50 -9.40
N HIS C 290 -30.04 -184.70 -9.86
CA HIS C 290 -30.49 -185.77 -9.00
C HIS C 290 -29.37 -186.75 -8.72
N GLY C 291 -29.63 -187.67 -7.83
CA GLY C 291 -28.67 -188.72 -7.52
C GLY C 291 -29.29 -190.08 -7.71
N VAL C 292 -28.50 -191.01 -8.23
CA VAL C 292 -28.95 -192.39 -8.36
C VAL C 292 -28.11 -193.23 -7.40
N PRO C 293 -28.65 -193.60 -6.25
CA PRO C 293 -27.86 -194.30 -5.23
C PRO C 293 -27.86 -195.81 -5.40
N PHE C 294 -28.23 -196.29 -6.58
CA PHE C 294 -28.39 -197.72 -6.80
C PHE C 294 -27.21 -198.25 -7.62
N GLY C 295 -26.48 -199.21 -7.03
CA GLY C 295 -25.35 -199.81 -7.70
C GLY C 295 -25.14 -201.22 -7.19
N ALA C 296 -24.42 -202.01 -7.97
CA ALA C 296 -24.30 -203.44 -7.67
C ALA C 296 -23.41 -203.69 -6.49
N ALA C 297 -23.96 -204.34 -5.46
CA ALA C 297 -23.15 -204.95 -4.42
C ALA C 297 -22.98 -206.44 -4.64
N VAL C 298 -23.99 -207.10 -5.19
CA VAL C 298 -23.90 -208.48 -5.68
C VAL C 298 -24.59 -208.54 -7.03
N ASP C 299 -23.96 -209.20 -7.99
CA ASP C 299 -24.40 -209.14 -9.39
C ASP C 299 -25.32 -210.29 -9.78
N ASN C 300 -26.13 -210.80 -8.85
CA ASN C 300 -27.02 -211.91 -9.13
C ASN C 300 -28.50 -211.51 -9.05
N GLY C 301 -28.81 -210.22 -9.19
CA GLY C 301 -30.17 -209.75 -9.02
C GLY C 301 -30.54 -208.72 -10.08
N ASN C 302 -31.72 -208.13 -9.88
CA ASN C 302 -32.27 -207.16 -10.80
C ASN C 302 -32.47 -205.78 -10.18
N ASN C 303 -32.32 -205.65 -8.86
CA ASN C 303 -32.73 -204.42 -8.18
C ASN C 303 -31.89 -203.22 -8.61
N ALA C 304 -30.58 -203.40 -8.76
CA ALA C 304 -29.67 -202.28 -8.92
C ALA C 304 -28.91 -202.38 -10.24
N PHE C 305 -28.15 -201.32 -10.52
CA PHE C 305 -27.30 -201.27 -11.71
C PHE C 305 -26.01 -202.03 -11.42
N ASP C 306 -25.00 -201.85 -12.26
CA ASP C 306 -23.71 -202.50 -12.10
C ASP C 306 -22.61 -201.44 -12.13
N THR C 307 -21.54 -201.68 -11.37
CA THR C 307 -20.48 -200.70 -11.18
C THR C 307 -19.24 -201.09 -11.98
N GLY C 308 -18.73 -200.16 -12.78
CA GLY C 308 -17.63 -200.45 -13.67
C GLY C 308 -16.34 -199.69 -13.45
N GLY C 309 -16.42 -198.43 -13.03
CA GLY C 309 -15.24 -197.71 -12.59
C GLY C 309 -14.60 -196.77 -13.59
N SER C 310 -15.14 -196.60 -14.79
CA SER C 310 -14.60 -195.62 -15.71
C SER C 310 -15.72 -194.73 -16.24
N PRO C 311 -15.57 -193.42 -16.20
CA PRO C 311 -16.74 -192.53 -16.34
C PRO C 311 -17.12 -192.12 -17.75
N TYR C 312 -16.65 -192.83 -18.78
CA TYR C 312 -16.83 -192.34 -20.15
C TYR C 312 -18.31 -192.10 -20.45
N ASN C 313 -18.55 -191.23 -21.43
CA ASN C 313 -19.89 -190.75 -21.76
C ASN C 313 -20.48 -191.57 -22.90
N ASN C 314 -21.72 -192.00 -22.74
CA ASN C 314 -22.50 -192.62 -23.81
C ASN C 314 -23.88 -191.97 -23.82
N GLY C 315 -24.76 -192.45 -24.69
CA GLY C 315 -26.09 -191.89 -24.74
C GLY C 315 -27.02 -192.55 -23.75
N ILE C 316 -27.14 -191.97 -22.57
CA ILE C 316 -28.00 -192.46 -21.50
C ILE C 316 -28.56 -191.26 -20.77
N GLY C 317 -29.88 -191.20 -20.62
CA GLY C 317 -30.50 -190.06 -19.98
C GLY C 317 -31.75 -190.46 -19.24
N THR C 318 -32.13 -189.61 -18.28
CA THR C 318 -33.34 -189.83 -17.52
C THR C 318 -34.57 -189.59 -18.38
N THR C 319 -35.71 -190.09 -17.91
CA THR C 319 -36.95 -189.85 -18.60
C THR C 319 -37.37 -188.39 -18.46
N GLN C 320 -38.17 -187.93 -19.42
CA GLN C 320 -38.77 -186.60 -19.31
C GLN C 320 -39.67 -186.54 -18.08
N ASN C 321 -39.56 -185.45 -17.34
CA ASN C 321 -40.36 -185.28 -16.14
C ASN C 321 -40.57 -183.80 -15.88
N GLN C 322 -41.60 -183.51 -15.10
CA GLN C 322 -41.92 -182.15 -14.70
C GLN C 322 -42.18 -182.12 -13.20
N THR C 323 -41.89 -180.98 -12.59
CA THR C 323 -42.01 -180.81 -11.15
C THR C 323 -43.33 -180.13 -10.81
N GLY C 324 -43.93 -180.54 -9.70
CA GLY C 324 -45.20 -179.95 -9.29
C GLY C 324 -45.02 -178.60 -8.62
N ILE C 325 -44.13 -177.77 -9.16
CA ILE C 325 -43.82 -176.50 -8.54
C ILE C 325 -45.02 -175.57 -8.63
N SER C 326 -45.41 -175.00 -7.51
CA SER C 326 -46.48 -174.02 -7.44
C SER C 326 -45.90 -172.69 -6.97
N VAL C 327 -46.63 -171.61 -7.23
CA VAL C 327 -46.24 -170.27 -6.84
C VAL C 327 -47.17 -169.81 -5.72
N ASN C 328 -46.61 -169.43 -4.59
CA ASN C 328 -47.42 -168.98 -3.47
C ASN C 328 -47.98 -167.60 -3.73
N THR C 329 -49.11 -167.31 -3.08
CA THR C 329 -49.72 -165.99 -3.20
C THR C 329 -48.85 -164.95 -2.50
N ALA C 330 -48.72 -163.79 -3.13
CA ALA C 330 -47.91 -162.71 -2.58
C ALA C 330 -48.59 -161.38 -2.88
N ASN C 331 -48.15 -160.35 -2.17
CA ASN C 331 -48.71 -159.01 -2.30
C ASN C 331 -47.79 -158.15 -3.15
N ALA C 332 -48.39 -157.32 -3.99
CA ALA C 332 -47.67 -156.29 -4.72
C ALA C 332 -47.59 -155.07 -3.81
N ASN C 333 -46.41 -154.84 -3.23
CA ASN C 333 -46.26 -153.77 -2.24
C ASN C 333 -46.31 -152.43 -2.94
N LEU C 334 -47.46 -151.77 -2.87
CA LEU C 334 -47.68 -150.49 -3.51
C LEU C 334 -48.46 -149.58 -2.58
N SER C 335 -48.30 -148.28 -2.79
CA SER C 335 -48.97 -147.27 -1.97
C SER C 335 -49.40 -146.11 -2.86
N ILE C 336 -50.37 -145.36 -2.38
CA ILE C 336 -50.96 -144.25 -3.13
C ILE C 336 -50.32 -142.95 -2.70
N ASN C 337 -49.81 -142.19 -3.67
CA ASN C 337 -49.25 -140.88 -3.38
C ASN C 337 -50.38 -139.85 -3.30
N THR C 338 -50.34 -139.02 -2.26
CA THR C 338 -51.40 -138.05 -2.04
C THR C 338 -51.38 -136.97 -3.11
N SER C 339 -52.58 -136.54 -3.50
CA SER C 339 -52.73 -135.40 -4.40
C SER C 339 -53.87 -134.53 -3.90
N SER C 340 -53.72 -133.22 -4.11
CA SER C 340 -54.75 -132.28 -3.71
C SER C 340 -55.82 -132.21 -4.79
N THR C 341 -57.08 -132.36 -4.38
CA THR C 341 -58.19 -132.34 -5.33
C THR C 341 -58.35 -130.96 -5.95
N GLY C 342 -58.73 -130.93 -7.22
CA GLY C 342 -58.98 -129.68 -7.88
C GLY C 342 -60.40 -129.22 -7.65
N ILE C 343 -60.58 -128.34 -6.67
CA ILE C 343 -61.90 -127.93 -6.21
C ILE C 343 -61.91 -126.42 -6.05
N SER C 344 -62.99 -125.78 -6.50
CA SER C 344 -63.13 -124.34 -6.41
C SER C 344 -64.56 -124.00 -6.05
N ILE C 345 -64.74 -122.81 -5.49
CA ILE C 345 -66.05 -122.32 -5.08
C ILE C 345 -66.32 -121.04 -5.86
N GLN C 346 -67.44 -121.02 -6.56
CA GLN C 346 -67.77 -119.88 -7.41
C GLN C 346 -68.64 -118.88 -6.64
N SER C 347 -69.13 -117.87 -7.35
CA SER C 347 -69.82 -116.76 -6.72
C SER C 347 -71.19 -117.19 -6.20
N ALA C 348 -71.66 -116.45 -5.19
CA ALA C 348 -73.00 -116.65 -4.65
C ALA C 348 -73.43 -115.36 -3.97
N SER C 349 -74.74 -115.16 -3.89
CA SER C 349 -75.33 -114.01 -3.24
C SER C 349 -76.02 -114.45 -1.97
N THR C 350 -75.86 -113.68 -0.89
CA THR C 350 -76.50 -114.01 0.37
C THR C 350 -78.01 -114.03 0.25
N GLY C 351 -78.57 -113.35 -0.75
CA GLY C 351 -79.97 -113.44 -1.07
C GLY C 351 -80.84 -112.36 -0.45
N LEU C 352 -80.37 -111.72 0.62
CA LEU C 352 -81.17 -110.66 1.24
C LEU C 352 -81.16 -109.41 0.37
N THR C 353 -82.25 -108.65 0.44
CA THR C 353 -82.41 -107.45 -0.36
C THR C 353 -82.90 -106.24 0.42
N VAL C 354 -83.55 -106.42 1.56
CA VAL C 354 -84.03 -105.32 2.37
C VAL C 354 -83.63 -105.57 3.82
N THR C 355 -83.56 -104.48 4.58
CA THR C 355 -83.27 -104.56 6.01
C THR C 355 -84.59 -104.72 6.77
N SER C 356 -84.52 -104.60 8.09
CA SER C 356 -85.72 -104.62 8.92
C SER C 356 -86.10 -103.19 9.28
N ASN C 357 -87.41 -102.92 9.32
CA ASN C 357 -87.90 -101.59 9.64
C ASN C 357 -87.38 -101.13 10.99
N ALA C 358 -86.88 -99.90 11.05
CA ALA C 358 -86.33 -99.32 12.27
C ALA C 358 -86.89 -97.90 12.41
N GLY C 359 -88.02 -97.80 13.10
CA GLY C 359 -88.64 -96.50 13.31
C GLY C 359 -90.12 -96.60 13.58
N ASN C 360 -90.64 -95.67 14.39
CA ASN C 360 -92.05 -95.61 14.72
C ASN C 360 -92.52 -94.16 14.61
N GLY C 361 -93.69 -93.96 14.02
CA GLY C 361 -94.20 -92.61 13.86
C GLY C 361 -94.92 -92.12 15.09
N GLN C 362 -94.23 -91.31 15.89
CA GLN C 362 -94.74 -90.85 17.18
C GLN C 362 -94.99 -89.35 17.14
N ALA C 363 -96.06 -88.93 17.83
CA ALA C 363 -96.31 -87.50 17.98
C ALA C 363 -95.16 -86.85 18.73
N PHE C 364 -94.72 -85.71 18.23
CA PHE C 364 -93.54 -85.02 18.74
C PHE C 364 -93.93 -83.58 19.05
N GLN C 365 -93.63 -83.15 20.27
CA GLN C 365 -94.08 -81.85 20.77
C GLN C 365 -93.11 -80.75 20.35
N HIS C 366 -93.65 -79.64 19.86
CA HIS C 366 -92.85 -78.52 19.37
C HIS C 366 -93.58 -77.22 19.66
N ASP C 367 -92.82 -76.22 20.14
CA ASP C 367 -93.38 -74.91 20.46
C ASP C 367 -92.44 -73.81 20.03
N GLN C 368 -92.95 -72.87 19.25
CA GLN C 368 -92.19 -71.69 18.88
C GLN C 368 -92.03 -70.78 20.09
N PRO C 369 -91.01 -69.91 20.09
CA PRO C 369 -90.87 -68.96 21.18
C PRO C 369 -92.12 -68.09 21.30
N TYR C 370 -92.53 -67.82 22.54
CA TYR C 370 -93.79 -67.13 22.76
C TYR C 370 -93.73 -66.32 24.04
N LEU C 371 -94.63 -65.35 24.12
CA LEU C 371 -94.90 -64.58 25.32
C LEU C 371 -96.41 -64.56 25.54
N VAL C 372 -96.85 -64.72 26.78
CA VAL C 372 -98.25 -64.93 27.11
C VAL C 372 -98.83 -63.65 27.69
N PHE C 373 -99.93 -63.19 27.11
CA PHE C 373 -100.66 -62.02 27.59
C PHE C 373 -102.08 -62.43 27.99
N ARG C 374 -102.89 -61.42 28.34
CA ARG C 374 -104.32 -61.60 28.56
C ARG C 374 -105.08 -60.72 27.59
N VAL C 375 -106.25 -61.18 27.16
CA VAL C 375 -107.07 -60.47 26.19
C VAL C 375 -108.40 -60.10 26.83
N PHE C 376 -108.84 -58.88 26.57
CA PHE C 376 -110.13 -58.39 27.07
C PHE C 376 -110.92 -57.79 25.92
N VAL C 377 -112.16 -58.20 25.78
CA VAL C 377 -113.03 -57.68 24.73
C VAL C 377 -113.86 -56.55 25.33
N LYS C 378 -113.91 -55.42 24.63
CA LYS C 378 -114.67 -54.27 25.13
C LYS C 378 -116.16 -54.56 25.02
N VAL C 379 -116.82 -54.64 26.18
CA VAL C 379 -118.24 -54.99 26.23
C VAL C 379 -119.08 -53.92 25.54
N MET D 1 -110.17 -10.49 -62.18
CA MET D 1 -110.92 -9.66 -63.11
C MET D 1 -112.39 -10.08 -63.13
N VAL D 2 -112.63 -11.37 -63.30
CA VAL D 2 -113.99 -11.90 -63.27
C VAL D 2 -114.35 -12.14 -61.81
N ARG D 3 -115.64 -12.13 -61.51
CA ARG D 3 -116.22 -12.24 -60.16
C ARG D 3 -115.95 -10.99 -59.33
N LYS D 4 -115.23 -10.01 -59.85
CA LYS D 4 -115.10 -8.71 -59.20
C LYS D 4 -114.78 -7.69 -60.29
N VAL D 5 -115.79 -6.94 -60.71
CA VAL D 5 -115.67 -5.94 -61.76
C VAL D 5 -116.08 -4.59 -61.19
N PHE D 6 -115.30 -3.56 -61.50
CA PHE D 6 -115.52 -2.23 -60.95
C PHE D 6 -116.27 -1.36 -61.94
N ASN D 7 -117.01 -0.40 -61.40
CA ASN D 7 -117.75 0.59 -62.16
C ASN D 7 -117.36 1.99 -61.68
N ASP D 8 -117.94 3.01 -62.30
CA ASP D 8 -117.47 4.37 -62.09
C ASP D 8 -117.66 4.80 -60.64
N GLY D 9 -118.81 4.52 -60.05
CA GLY D 9 -119.08 4.93 -58.70
C GLY D 9 -118.69 3.93 -57.63
N ASP D 10 -118.04 2.83 -58.00
CA ASP D 10 -117.75 1.78 -57.03
C ASP D 10 -116.70 2.23 -56.03
N ILE D 11 -116.90 1.82 -54.77
CA ILE D 11 -115.90 2.07 -53.74
C ILE D 11 -114.74 1.12 -53.94
N LEU D 12 -113.53 1.61 -53.72
CA LEU D 12 -112.32 0.78 -53.78
C LEU D 12 -111.92 0.44 -52.36
N TYR D 13 -112.14 -0.80 -51.96
CA TYR D 13 -111.84 -1.22 -50.60
C TYR D 13 -110.39 -1.69 -50.49
N ALA D 14 -109.89 -1.67 -49.25
CA ALA D 14 -108.50 -2.04 -49.02
C ALA D 14 -108.25 -3.52 -49.28
N GLU D 15 -109.26 -4.37 -49.04
CA GLU D 15 -109.10 -5.78 -49.35
C GLU D 15 -108.86 -5.98 -50.84
N ASP D 16 -109.56 -5.23 -51.68
CA ASP D 16 -109.35 -5.34 -53.13
C ASP D 16 -107.94 -4.94 -53.51
N VAL D 17 -107.42 -3.84 -52.93
CA VAL D 17 -106.08 -3.39 -53.26
C VAL D 17 -105.05 -4.40 -52.78
N ASN D 18 -105.25 -4.96 -51.59
CA ASN D 18 -104.35 -5.99 -51.09
C ASN D 18 -104.37 -7.23 -51.98
N ILE D 19 -105.55 -7.58 -52.50
CA ILE D 19 -105.66 -8.73 -53.39
C ILE D 19 -104.90 -8.45 -54.69
N ILE D 20 -105.10 -7.28 -55.27
CA ILE D 20 -104.41 -6.92 -56.50
C ILE D 20 -102.90 -6.85 -56.27
N GLY D 21 -102.49 -6.56 -55.04
CA GLY D 21 -101.07 -6.47 -54.75
C GLY D 21 -100.32 -7.78 -54.94
N GLN D 22 -101.01 -8.91 -54.79
CA GLN D 22 -100.35 -10.19 -55.02
C GLN D 22 -100.83 -10.78 -56.34
N PRO D 23 -100.15 -10.50 -57.45
CA PRO D 23 -100.59 -11.04 -58.74
C PRO D 23 -100.36 -12.55 -58.79
N PHE D 24 -101.30 -13.23 -59.44
CA PHE D 24 -101.21 -14.67 -59.63
C PHE D 24 -101.33 -14.96 -61.12
N VAL D 25 -100.59 -15.97 -61.57
CA VAL D 25 -100.59 -16.34 -62.98
C VAL D 25 -101.05 -17.78 -63.13
N ASP D 26 -101.92 -18.23 -62.25
CA ASP D 26 -102.46 -19.59 -62.34
C ASP D 26 -103.63 -19.71 -63.30
N GLY D 27 -104.04 -18.61 -63.93
CA GLY D 27 -105.15 -18.65 -64.86
C GLY D 27 -106.51 -18.76 -64.22
N GLN D 28 -106.61 -18.54 -62.91
CA GLN D 28 -107.89 -18.67 -62.24
C GLN D 28 -108.80 -17.48 -62.53
N ASP D 29 -110.03 -17.59 -62.06
CA ASP D 29 -111.08 -16.62 -62.33
C ASP D 29 -111.14 -15.51 -61.30
N LEU D 30 -110.31 -15.55 -60.27
CA LEU D 30 -110.41 -14.60 -59.18
C LEU D 30 -109.94 -13.21 -59.62
N LEU D 31 -109.95 -12.27 -58.67
CA LEU D 31 -109.70 -10.87 -59.00
C LEU D 31 -108.25 -10.65 -59.42
N GLY D 32 -107.29 -11.24 -58.71
CA GLY D 32 -105.90 -10.97 -58.98
C GLY D 32 -105.20 -11.99 -59.85
N HIS D 33 -105.91 -13.07 -60.20
CA HIS D 33 -105.31 -14.20 -60.90
C HIS D 33 -105.46 -14.01 -62.40
N GLY D 34 -104.42 -13.49 -63.04
CA GLY D 34 -104.53 -13.04 -64.41
C GLY D 34 -104.70 -14.12 -65.46
N LEU D 35 -103.65 -14.91 -65.71
CA LEU D 35 -103.67 -15.89 -66.79
C LEU D 35 -102.47 -16.79 -66.65
N LYS D 36 -102.52 -17.93 -67.31
CA LYS D 36 -101.40 -18.87 -67.24
C LYS D 36 -100.24 -18.36 -68.10
N VAL D 37 -99.10 -19.03 -67.95
CA VAL D 37 -97.85 -18.62 -68.58
C VAL D 37 -97.56 -19.54 -69.75
N ASP D 38 -97.43 -18.97 -70.94
CA ASP D 38 -97.07 -19.72 -72.13
C ASP D 38 -95.59 -19.55 -72.42
N ASP D 39 -95.14 -20.08 -73.57
CA ASP D 39 -93.73 -19.95 -73.94
C ASP D 39 -93.34 -18.51 -74.21
N ASN D 40 -94.25 -17.72 -74.79
CA ASN D 40 -93.95 -16.31 -75.03
C ASN D 40 -93.72 -15.57 -73.73
N SER D 41 -94.52 -15.89 -72.70
CA SER D 41 -94.38 -15.23 -71.41
C SER D 41 -93.04 -15.51 -70.74
N LEU D 42 -92.35 -16.57 -71.14
CA LEU D 42 -91.01 -16.84 -70.64
C LEU D 42 -90.00 -15.92 -71.34
N SER D 43 -88.92 -15.62 -70.64
CA SER D 43 -87.96 -14.64 -71.15
C SER D 43 -87.16 -15.22 -72.31
N ASP D 44 -86.96 -14.40 -73.33
CA ASP D 44 -86.18 -14.79 -74.51
C ASP D 44 -84.72 -14.40 -74.33
N GLU D 45 -84.15 -14.81 -73.22
CA GLU D 45 -82.78 -14.58 -72.82
C GLU D 45 -81.99 -15.87 -72.99
N PRO D 46 -80.84 -15.83 -73.67
CA PRO D 46 -80.09 -17.07 -73.93
C PRO D 46 -79.74 -17.87 -72.69
N GLN D 47 -79.72 -17.24 -71.51
CA GLN D 47 -79.38 -17.94 -70.28
C GLN D 47 -80.58 -18.58 -69.60
N ASN D 48 -81.75 -18.54 -70.22
CA ASN D 48 -82.97 -18.99 -69.57
C ASN D 48 -83.41 -20.36 -70.08
N ILE D 49 -84.33 -20.97 -69.32
CA ILE D 49 -84.72 -22.35 -69.58
C ILE D 49 -85.35 -22.51 -70.96
N LYS D 50 -86.10 -21.49 -71.41
CA LYS D 50 -86.77 -21.61 -72.70
C LYS D 50 -85.76 -21.74 -73.83
N THR D 51 -84.75 -20.87 -73.85
CA THR D 51 -83.76 -20.90 -74.92
C THR D 51 -82.98 -22.21 -74.91
N ARG D 52 -82.56 -22.66 -73.73
CA ARG D 52 -81.80 -23.90 -73.64
C ARG D 52 -82.63 -25.09 -74.09
N PHE D 53 -83.87 -25.18 -73.57
CA PHE D 53 -84.72 -26.32 -73.90
C PHE D 53 -85.03 -26.34 -75.39
N TYR D 54 -85.25 -25.17 -76.00
CA TYR D 54 -85.55 -25.16 -77.42
C TYR D 54 -84.30 -25.40 -78.27
N ALA D 55 -83.13 -25.01 -77.78
CA ALA D 55 -81.90 -25.35 -78.48
C ALA D 55 -81.69 -26.87 -78.50
N TRP D 56 -81.99 -27.53 -77.39
CA TRP D 56 -81.95 -28.99 -77.40
C TRP D 56 -83.06 -29.58 -78.25
N TYR D 57 -84.25 -28.97 -78.21
CA TYR D 57 -85.42 -29.56 -78.86
C TYR D 57 -85.32 -29.43 -80.38
N ASN D 58 -85.08 -28.23 -80.88
CA ASN D 58 -85.06 -27.99 -82.32
C ASN D 58 -83.61 -28.01 -82.83
N ARG D 59 -82.98 -29.17 -82.70
CA ARG D 59 -81.66 -29.39 -83.26
C ARG D 59 -81.75 -30.55 -84.23
N PHE D 60 -81.15 -30.37 -85.41
CA PHE D 60 -81.22 -31.35 -86.49
C PHE D 60 -82.66 -31.78 -86.76
N ARG D 61 -83.61 -30.90 -86.47
CA ARG D 61 -85.01 -31.20 -86.73
C ARG D 61 -85.27 -31.17 -88.22
N VAL D 62 -85.93 -32.20 -88.73
CA VAL D 62 -86.15 -32.37 -90.16
C VAL D 62 -87.61 -32.07 -90.45
N THR D 63 -87.84 -31.14 -91.37
CA THR D 63 -89.19 -30.71 -91.72
C THR D 63 -89.30 -30.64 -93.23
N VAL D 64 -90.52 -30.79 -93.74
CA VAL D 64 -90.78 -30.73 -95.17
C VAL D 64 -90.67 -29.29 -95.64
N GLN D 65 -89.57 -28.97 -96.33
CA GLN D 65 -89.46 -27.67 -96.97
C GLN D 65 -90.53 -27.50 -98.04
N SER D 66 -90.47 -28.33 -99.09
CA SER D 66 -91.48 -28.33 -100.15
C SER D 66 -91.31 -29.56 -101.03
N GLY D 67 -92.37 -30.34 -101.20
CA GLY D 67 -92.28 -31.52 -102.03
C GLY D 67 -91.26 -32.50 -101.46
N LEU D 68 -90.28 -32.87 -102.29
CA LEU D 68 -89.23 -33.78 -101.85
C LEU D 68 -88.13 -33.08 -101.06
N THR D 69 -88.14 -31.74 -101.02
CA THR D 69 -87.10 -31.01 -100.31
C THR D 69 -87.45 -30.88 -98.83
N LEU D 70 -86.51 -31.24 -97.97
CA LEU D 70 -86.64 -31.16 -96.54
C LEU D 70 -85.56 -30.24 -95.98
N SER D 71 -85.91 -29.55 -94.90
CA SER D 71 -85.01 -28.61 -94.24
C SER D 71 -84.57 -29.18 -92.90
N VAL D 72 -83.32 -28.94 -92.55
CA VAL D 72 -82.71 -29.45 -91.33
C VAL D 72 -82.14 -28.26 -90.56
N THR D 73 -82.49 -28.16 -89.28
CA THR D 73 -82.00 -27.08 -88.44
C THR D 73 -80.53 -27.27 -88.14
N GLN D 74 -79.90 -26.20 -87.67
CA GLN D 74 -78.48 -26.23 -87.36
C GLN D 74 -78.21 -27.13 -86.16
N GLY D 75 -76.95 -27.48 -85.98
CA GLY D 75 -76.57 -28.31 -84.85
C GLY D 75 -75.07 -28.52 -84.81
N SER D 76 -74.65 -29.46 -83.97
CA SER D 76 -73.25 -29.80 -83.85
C SER D 76 -73.11 -31.25 -83.45
N ILE D 77 -71.95 -31.81 -83.77
CA ILE D 77 -71.65 -33.21 -83.48
C ILE D 77 -70.25 -33.28 -82.88
N SER D 78 -70.00 -34.36 -82.15
CA SER D 78 -68.70 -34.63 -81.55
C SER D 78 -68.12 -35.86 -82.23
N VAL D 79 -66.92 -35.70 -82.81
CA VAL D 79 -66.20 -36.78 -83.45
C VAL D 79 -64.84 -36.86 -82.78
N SER D 80 -64.63 -37.92 -82.00
CA SER D 80 -63.36 -38.14 -81.30
C SER D 80 -62.99 -36.94 -80.44
N GLY D 81 -64.00 -36.30 -79.85
CA GLY D 81 -63.76 -35.13 -79.03
C GLY D 81 -63.60 -33.83 -79.77
N ASN D 82 -63.93 -33.78 -81.05
CA ASN D 82 -63.81 -32.57 -81.85
C ASN D 82 -65.19 -32.17 -82.37
N ILE D 83 -65.54 -30.90 -82.21
CA ILE D 83 -66.87 -30.42 -82.53
C ILE D 83 -66.93 -30.01 -84.00
N ILE D 84 -67.96 -30.47 -84.70
CA ILE D 84 -68.25 -30.07 -86.06
C ILE D 84 -69.64 -29.45 -86.08
N SER D 85 -69.74 -28.22 -86.61
CA SER D 85 -71.00 -27.50 -86.65
C SER D 85 -71.64 -27.63 -88.02
N PHE D 86 -72.96 -27.46 -88.05
CA PHE D 86 -73.71 -27.56 -89.29
C PHE D 86 -74.84 -26.53 -89.32
N PRO D 87 -74.80 -25.59 -90.28
CA PRO D 87 -75.90 -24.64 -90.42
C PRO D 87 -77.13 -25.34 -90.98
N PRO D 88 -78.30 -24.71 -90.91
CA PRO D 88 -79.50 -25.32 -91.50
C PRO D 88 -79.30 -25.56 -92.99
N GLN D 89 -79.80 -26.69 -93.47
CA GLN D 89 -79.52 -27.07 -94.85
C GLN D 89 -80.67 -27.90 -95.41
N THR D 90 -80.75 -27.91 -96.73
CA THR D 90 -81.79 -28.64 -97.45
C THR D 90 -81.24 -29.96 -97.96
N ILE D 91 -82.16 -30.90 -98.18
CA ILE D 91 -81.80 -32.19 -98.79
C ILE D 91 -83.07 -32.80 -99.37
N ASN D 92 -82.92 -33.52 -100.47
CA ASN D 92 -84.04 -34.11 -101.18
C ASN D 92 -84.18 -35.58 -100.76
N ALA D 93 -85.36 -35.92 -100.24
CA ALA D 93 -85.62 -37.30 -99.84
C ALA D 93 -85.74 -38.20 -101.06
N ILE D 94 -85.66 -39.51 -100.82
CA ILE D 94 -85.78 -40.49 -101.89
C ILE D 94 -87.24 -40.70 -102.21
N ASP D 95 -87.61 -40.49 -103.47
CA ASP D 95 -89.00 -40.55 -103.88
C ASP D 95 -89.53 -41.97 -103.82
N ASN D 96 -90.81 -42.09 -103.46
CA ASN D 96 -91.53 -43.36 -103.49
C ASN D 96 -90.83 -44.43 -102.67
N ALA D 97 -90.22 -44.02 -101.56
CA ALA D 97 -89.50 -44.95 -100.71
C ALA D 97 -89.42 -44.37 -99.30
N ASN D 98 -89.39 -45.26 -98.31
CA ASN D 98 -89.28 -44.86 -96.90
C ASN D 98 -87.83 -44.58 -96.60
N SER D 99 -87.37 -43.40 -97.00
CA SER D 99 -85.97 -43.06 -96.85
C SER D 99 -85.67 -42.60 -95.43
N PHE D 100 -84.39 -42.55 -95.10
CA PHE D 100 -83.92 -42.09 -93.81
C PHE D 100 -82.93 -40.96 -94.02
N VAL D 101 -83.17 -39.84 -93.33
CA VAL D 101 -82.24 -38.73 -93.30
C VAL D 101 -81.43 -38.86 -92.01
N TRP D 102 -80.11 -38.85 -92.15
CA TRP D 102 -79.23 -39.05 -91.00
C TRP D 102 -77.95 -38.25 -91.22
N ILE D 103 -77.14 -38.21 -90.18
CA ILE D 103 -75.84 -37.56 -90.22
C ILE D 103 -74.77 -38.63 -90.01
N GLY D 104 -73.79 -38.65 -90.90
CA GLY D 104 -72.73 -39.65 -90.79
C GLY D 104 -71.88 -39.65 -92.05
N LYS D 105 -71.17 -40.75 -92.23
CA LYS D 105 -70.30 -40.92 -93.39
C LYS D 105 -70.65 -42.21 -94.10
N THR D 106 -70.54 -42.19 -95.42
CA THR D 106 -70.74 -43.37 -96.23
C THR D 106 -69.41 -44.05 -96.51
N ASP D 107 -69.49 -45.34 -96.85
CA ASP D 107 -68.26 -46.08 -97.16
C ASP D 107 -67.56 -45.50 -98.37
N ALA D 108 -68.33 -45.08 -99.38
CA ALA D 108 -67.74 -44.46 -100.56
C ALA D 108 -67.01 -43.18 -100.21
N ASP D 109 -67.69 -42.27 -99.52
CA ASP D 109 -67.11 -40.99 -99.13
C ASP D 109 -66.95 -40.94 -97.62
N PRO D 110 -65.73 -41.06 -97.08
CA PRO D 110 -65.55 -41.02 -95.63
C PRO D 110 -65.84 -39.66 -94.99
N ALA D 111 -66.24 -38.66 -95.77
CA ALA D 111 -66.60 -37.37 -95.20
C ALA D 111 -67.90 -37.49 -94.41
N ILE D 112 -67.98 -36.78 -93.30
CA ILE D 112 -69.15 -36.78 -92.43
C ILE D 112 -70.02 -35.60 -92.81
N ALA D 113 -71.28 -35.87 -93.18
CA ALA D 113 -72.22 -34.83 -93.55
C ALA D 113 -73.63 -35.38 -93.40
N LEU D 114 -74.61 -34.61 -93.88
CA LEU D 114 -76.01 -35.01 -93.89
C LEU D 114 -76.29 -35.84 -95.14
N ARG D 115 -76.87 -37.02 -94.96
CA ARG D 115 -77.12 -37.93 -96.06
C ARG D 115 -78.53 -38.49 -95.95
N VAL D 116 -79.05 -38.94 -97.09
CA VAL D 116 -80.35 -39.61 -97.16
C VAL D 116 -80.14 -40.95 -97.84
N SER D 117 -80.52 -42.02 -97.17
CA SER D 117 -80.37 -43.37 -97.70
C SER D 117 -81.72 -44.08 -97.64
N GLN D 118 -81.74 -45.33 -98.08
CA GLN D 118 -82.92 -46.17 -97.95
C GLN D 118 -82.83 -47.13 -96.78
N THR D 119 -81.73 -47.11 -96.03
CA THR D 119 -81.54 -47.98 -94.89
C THR D 119 -80.63 -47.28 -93.89
N LEU D 120 -81.00 -47.35 -92.62
CA LEU D 120 -80.18 -46.75 -91.57
C LEU D 120 -78.91 -47.56 -91.38
N PRO D 121 -77.73 -46.95 -91.47
CA PRO D 121 -76.50 -47.68 -91.15
C PRO D 121 -76.44 -48.04 -89.68
N ASN D 122 -75.71 -49.12 -89.37
CA ASN D 122 -75.52 -49.49 -87.98
C ASN D 122 -74.74 -48.42 -87.23
N VAL D 123 -73.92 -47.66 -87.94
CA VAL D 123 -73.19 -46.51 -87.38
C VAL D 123 -73.70 -45.26 -88.08
N CYS D 124 -74.42 -44.43 -87.34
CA CYS D 124 -75.05 -43.25 -87.91
C CYS D 124 -75.58 -42.39 -86.78
N ILE D 125 -76.04 -41.20 -87.13
CA ILE D 125 -76.83 -40.35 -86.26
C ILE D 125 -78.22 -40.21 -86.88
N PRO D 126 -79.18 -40.99 -86.42
CA PRO D 126 -80.52 -40.95 -87.04
C PRO D 126 -81.18 -39.61 -86.80
N LEU D 127 -81.72 -39.03 -87.86
CA LEU D 127 -82.44 -37.77 -87.75
C LEU D 127 -83.92 -37.92 -88.01
N ALA D 128 -84.31 -38.50 -89.14
CA ALA D 128 -85.74 -38.63 -89.44
C ALA D 128 -85.95 -39.76 -90.43
N ARG D 129 -87.17 -40.29 -90.43
CA ARG D 129 -87.62 -41.22 -91.45
C ARG D 129 -88.70 -40.51 -92.28
N VAL D 130 -88.49 -40.43 -93.59
CA VAL D 130 -89.36 -39.69 -94.49
C VAL D 130 -89.99 -40.70 -95.44
N ILE D 131 -91.32 -40.80 -95.39
CA ILE D 131 -92.08 -41.56 -96.36
C ILE D 131 -92.69 -40.56 -97.33
N ALA D 132 -92.29 -40.65 -98.59
CA ALA D 132 -92.73 -39.73 -99.63
C ALA D 132 -93.23 -40.52 -100.83
N ALA D 133 -94.14 -39.90 -101.59
CA ALA D 133 -94.75 -40.54 -102.74
C ALA D 133 -95.24 -39.47 -103.70
N SER D 134 -95.04 -39.72 -104.99
CA SER D 134 -95.46 -38.79 -106.05
C SER D 134 -94.86 -37.39 -105.83
N GLY D 135 -93.60 -37.35 -105.42
CA GLY D 135 -92.93 -36.09 -105.22
C GLY D 135 -93.35 -35.31 -104.00
N SER D 136 -94.21 -35.88 -103.16
CA SER D 136 -94.69 -35.22 -101.96
C SER D 136 -94.50 -36.12 -100.76
N VAL D 137 -94.17 -35.51 -99.62
CA VAL D 137 -93.87 -36.27 -98.41
C VAL D 137 -95.18 -36.64 -97.74
N THR D 138 -95.38 -37.94 -97.51
CA THR D 138 -96.56 -38.39 -96.80
C THR D 138 -96.39 -38.35 -95.28
N SER D 139 -95.19 -38.63 -94.79
CA SER D 139 -94.98 -38.61 -93.34
C SER D 139 -93.51 -38.37 -93.03
N VAL D 140 -93.27 -37.69 -91.91
CA VAL D 140 -91.93 -37.51 -91.35
C VAL D 140 -91.98 -37.95 -89.90
N THR D 141 -91.03 -38.78 -89.49
CA THR D 141 -90.97 -39.28 -88.12
C THR D 141 -89.61 -38.95 -87.53
N ASP D 142 -89.61 -38.19 -86.43
CA ASP D 142 -88.37 -37.82 -85.78
C ASP D 142 -87.73 -39.04 -85.12
N LEU D 143 -86.45 -39.25 -85.38
CA LEU D 143 -85.71 -40.36 -84.80
C LEU D 143 -84.74 -39.92 -83.72
N ARG D 144 -84.83 -38.68 -83.28
CA ARG D 144 -83.90 -38.16 -82.27
C ARG D 144 -84.33 -38.61 -80.88
N ASP D 145 -83.41 -38.43 -79.92
CA ASP D 145 -83.71 -38.76 -78.54
C ASP D 145 -84.81 -37.90 -77.95
N VAL D 146 -85.10 -36.75 -78.57
CA VAL D 146 -86.20 -35.92 -78.10
C VAL D 146 -87.55 -36.58 -78.34
N SER D 147 -87.61 -37.57 -79.22
CA SER D 147 -88.87 -38.21 -79.59
C SER D 147 -88.92 -39.71 -79.28
N VAL D 148 -87.83 -40.44 -79.56
CA VAL D 148 -87.82 -41.88 -79.37
C VAL D 148 -86.58 -42.26 -78.56
N ASP D 149 -86.68 -43.43 -77.92
CA ASP D 149 -85.54 -44.06 -77.28
C ASP D 149 -85.02 -45.15 -78.20
N ILE D 150 -83.84 -44.94 -78.76
CA ILE D 150 -83.32 -45.83 -79.80
C ILE D 150 -82.73 -47.07 -79.15
N LEU D 151 -83.18 -48.23 -79.61
CA LEU D 151 -82.56 -49.48 -79.20
C LEU D 151 -81.19 -49.57 -79.84
N PRO D 152 -80.11 -49.72 -79.07
CA PRO D 152 -78.78 -49.64 -79.66
C PRO D 152 -78.52 -50.82 -80.58
N PRO D 153 -77.73 -50.63 -81.63
CA PRO D 153 -77.37 -51.76 -82.49
C PRO D 153 -76.49 -52.75 -81.76
N SER D 154 -76.55 -54.00 -82.19
CA SER D 154 -75.71 -55.06 -81.63
C SER D 154 -74.47 -55.20 -82.50
N ILE D 155 -73.33 -54.78 -81.99
CA ILE D 155 -72.08 -54.86 -82.74
C ILE D 155 -71.15 -55.89 -82.09
N PRO D 156 -71.02 -57.07 -82.67
CA PRO D 156 -70.11 -58.07 -82.10
C PRO D 156 -68.65 -57.67 -82.27
N ASP D 157 -67.83 -58.17 -81.35
CA ASP D 157 -66.40 -57.90 -81.38
C ASP D 157 -65.72 -58.72 -82.48
N ALA D 158 -64.49 -58.33 -82.80
CA ALA D 158 -63.77 -58.98 -83.90
C ALA D 158 -63.47 -60.44 -83.58
N VAL D 159 -62.96 -60.72 -82.39
CA VAL D 159 -62.56 -62.07 -81.99
C VAL D 159 -63.44 -62.49 -80.83
N PRO D 160 -63.83 -63.77 -80.76
CA PRO D 160 -64.72 -64.21 -79.69
C PRO D 160 -64.02 -64.26 -78.34
N VAL D 161 -64.84 -64.24 -77.29
CA VAL D 161 -64.32 -64.30 -75.93
C VAL D 161 -63.66 -65.65 -75.70
N GLY D 162 -62.47 -65.64 -75.12
CA GLY D 162 -61.69 -66.83 -74.90
C GLY D 162 -60.73 -67.16 -76.02
N SER D 163 -60.90 -66.55 -77.19
CA SER D 163 -59.95 -66.76 -78.27
C SER D 163 -58.60 -66.15 -77.92
N THR D 164 -57.54 -66.90 -78.17
CA THR D 164 -56.19 -66.46 -77.88
C THR D 164 -55.62 -65.77 -79.12
N ILE D 165 -55.06 -64.58 -78.91
CA ILE D 165 -54.47 -63.78 -79.98
C ILE D 165 -52.98 -63.72 -79.75
N ILE D 166 -52.20 -63.97 -80.80
CA ILE D 166 -50.75 -63.97 -80.72
C ILE D 166 -50.24 -62.60 -81.19
N SER D 167 -49.32 -62.03 -80.44
CA SER D 167 -48.80 -60.71 -80.73
C SER D 167 -47.30 -60.66 -80.53
N LEU D 168 -46.66 -59.76 -81.27
CA LEU D 168 -45.22 -59.54 -81.20
C LEU D 168 -44.86 -58.19 -80.59
N ILE D 169 -45.80 -57.57 -79.88
CA ILE D 169 -45.55 -56.22 -79.35
C ILE D 169 -44.49 -56.28 -78.27
N PRO D 170 -43.61 -55.29 -78.18
CA PRO D 170 -42.56 -55.30 -77.16
C PRO D 170 -43.15 -55.21 -75.77
N PRO D 171 -42.39 -55.59 -74.74
CA PRO D 171 -42.93 -55.49 -73.37
C PRO D 171 -43.32 -54.08 -72.97
N THR D 172 -42.63 -53.06 -73.49
CA THR D 172 -42.97 -51.69 -73.17
C THR D 172 -44.34 -51.30 -73.72
N ALA D 173 -44.78 -51.93 -74.80
CA ALA D 173 -46.06 -51.60 -75.38
C ALA D 173 -47.19 -51.99 -74.43
N PRO D 174 -48.22 -51.15 -74.29
CA PRO D 174 -49.31 -51.48 -73.37
C PRO D 174 -50.17 -52.62 -73.87
N ILE D 175 -50.74 -53.36 -72.93
CA ILE D 175 -51.62 -54.48 -73.27
C ILE D 175 -52.88 -53.94 -73.93
N PRO D 176 -53.34 -54.51 -75.05
CA PRO D 176 -54.59 -54.07 -75.64
C PRO D 176 -55.75 -54.23 -74.66
N ALA D 177 -56.64 -53.24 -74.65
CA ALA D 177 -57.71 -53.21 -73.67
C ALA D 177 -58.66 -54.40 -73.88
N GLY D 178 -59.16 -54.92 -72.77
CA GLY D 178 -60.03 -56.09 -72.83
C GLY D 178 -59.32 -57.39 -73.07
N TYR D 179 -58.02 -57.46 -72.80
CA TYR D 179 -57.22 -58.66 -73.01
C TYR D 179 -56.53 -59.05 -71.71
N LEU D 180 -56.35 -60.35 -71.53
CA LEU D 180 -55.68 -60.90 -70.37
C LEU D 180 -54.34 -61.50 -70.81
N GLU D 181 -53.25 -61.01 -70.23
CA GLU D 181 -51.93 -61.52 -70.56
C GLU D 181 -51.71 -62.88 -69.92
N LEU D 182 -51.06 -63.78 -70.66
CA LEU D 182 -50.71 -65.09 -70.16
C LEU D 182 -49.23 -65.10 -69.80
N LEU D 183 -48.92 -65.31 -68.54
CA LEU D 183 -47.57 -65.26 -68.03
C LEU D 183 -46.96 -66.65 -68.00
N ASN D 184 -45.80 -66.78 -67.35
CA ASN D 184 -45.10 -68.05 -67.35
C ASN D 184 -45.90 -69.12 -66.61
N SER D 185 -46.43 -68.78 -65.44
CA SER D 185 -47.17 -69.72 -64.61
C SER D 185 -48.66 -69.44 -64.70
N SER D 186 -49.43 -70.30 -64.02
CA SER D 186 -50.88 -70.14 -63.97
C SER D 186 -51.25 -68.91 -63.14
N GLN D 187 -52.45 -68.40 -63.38
CA GLN D 187 -52.98 -67.27 -62.64
C GLN D 187 -54.34 -67.65 -62.07
N ASN D 188 -54.88 -66.76 -61.24
CA ASN D 188 -56.24 -66.90 -60.73
C ASN D 188 -56.92 -65.55 -60.83
N VAL D 189 -57.91 -65.44 -61.73
CA VAL D 189 -58.57 -64.16 -61.97
C VAL D 189 -60.02 -64.27 -61.50
N SER D 190 -60.57 -63.13 -61.09
CA SER D 190 -61.89 -63.11 -60.48
C SER D 190 -62.96 -63.56 -61.47
N ARG D 191 -63.86 -64.42 -60.99
CA ARG D 191 -64.95 -64.89 -61.84
C ARG D 191 -65.86 -63.74 -62.24
N THR D 192 -66.17 -62.85 -61.30
CA THR D 192 -67.08 -61.75 -61.60
C THR D 192 -66.45 -60.72 -62.52
N THR D 193 -65.16 -60.43 -62.33
CA THR D 193 -64.48 -59.46 -63.19
C THR D 193 -64.44 -59.94 -64.63
N TYR D 194 -64.12 -61.21 -64.84
CA TYR D 194 -64.15 -61.82 -66.16
C TYR D 194 -65.27 -62.85 -66.15
N SER D 195 -66.50 -62.38 -66.41
CA SER D 195 -67.65 -63.28 -66.37
C SER D 195 -67.83 -64.00 -67.71
N ALA D 196 -67.72 -63.27 -68.81
CA ALA D 196 -67.84 -63.90 -70.12
C ALA D 196 -66.77 -64.94 -70.34
N LEU D 197 -65.60 -64.75 -69.72
CA LEU D 197 -64.55 -65.76 -69.82
C LEU D 197 -64.84 -66.96 -68.94
N PHE D 198 -65.36 -66.73 -67.72
CA PHE D 198 -65.60 -67.85 -66.82
C PHE D 198 -66.75 -68.73 -67.30
N VAL D 199 -67.80 -68.11 -67.83
CA VAL D 199 -68.94 -68.91 -68.29
C VAL D 199 -68.53 -69.81 -69.45
N LEU D 200 -67.51 -69.42 -70.22
CA LEU D 200 -67.07 -70.20 -71.36
C LEU D 200 -66.02 -71.23 -70.97
N TRP D 201 -64.91 -70.77 -70.39
CA TRP D 201 -63.86 -71.70 -69.96
C TRP D 201 -64.35 -72.61 -68.84
N GLY D 202 -64.99 -72.05 -67.84
CA GLY D 202 -65.33 -72.81 -66.67
C GLY D 202 -64.10 -73.09 -65.82
N THR D 203 -64.31 -73.89 -64.78
CA THR D 203 -63.22 -74.27 -63.89
C THR D 203 -62.40 -75.38 -64.51
N TYR D 204 -61.90 -75.15 -65.72
CA TYR D 204 -61.20 -76.17 -66.50
C TYR D 204 -59.70 -76.03 -66.47
N TYR D 205 -59.18 -74.82 -66.25
CA TYR D 205 -57.76 -74.59 -66.10
C TYR D 205 -57.35 -74.43 -64.65
N GLY D 206 -58.24 -74.70 -63.72
CA GLY D 206 -57.91 -74.68 -62.31
C GLY D 206 -58.96 -73.95 -61.49
N ASN D 207 -58.91 -74.17 -60.18
CA ASN D 207 -59.78 -73.50 -59.21
C ASN D 207 -58.87 -72.70 -58.30
N GLY D 208 -58.68 -71.41 -58.63
CA GLY D 208 -57.89 -70.56 -57.76
C GLY D 208 -58.49 -70.43 -56.38
N ASP D 209 -59.82 -70.40 -56.30
CA ASP D 209 -60.53 -70.36 -55.02
C ASP D 209 -61.78 -71.21 -55.15
N GLY D 210 -62.68 -71.05 -54.18
CA GLY D 210 -63.92 -71.80 -54.18
C GLY D 210 -64.94 -71.30 -55.19
N SER D 211 -65.37 -70.05 -55.04
CA SER D 211 -66.37 -69.51 -55.95
C SER D 211 -66.12 -68.04 -56.32
N THR D 212 -64.89 -67.56 -56.19
CA THR D 212 -64.60 -66.16 -56.51
C THR D 212 -63.57 -65.97 -57.61
N THR D 213 -62.63 -66.91 -57.78
CA THR D 213 -61.61 -66.80 -58.81
C THR D 213 -61.48 -68.15 -59.52
N PHE D 214 -61.02 -68.09 -60.77
CA PHE D 214 -60.81 -69.28 -61.58
C PHE D 214 -59.44 -69.21 -62.24
N GLY D 215 -58.92 -70.38 -62.56
CA GLY D 215 -57.55 -70.49 -63.02
C GLY D 215 -57.34 -70.04 -64.46
N VAL D 216 -56.08 -69.68 -64.74
CA VAL D 216 -55.66 -69.21 -66.05
C VAL D 216 -54.41 -69.99 -66.41
N PRO D 217 -54.39 -70.70 -67.54
CA PRO D 217 -53.20 -71.49 -67.89
C PRO D 217 -52.00 -70.61 -68.15
N GLY D 218 -50.82 -71.13 -67.79
CA GLY D 218 -49.57 -70.42 -67.97
C GLY D 218 -48.83 -70.96 -69.18
N THR D 219 -48.22 -70.05 -69.95
CA THR D 219 -47.49 -70.47 -71.14
C THR D 219 -46.30 -71.35 -70.77
N GLY D 220 -45.55 -70.96 -69.74
CA GLY D 220 -44.40 -71.74 -69.34
C GLY D 220 -43.26 -71.75 -70.32
N GLY D 221 -43.22 -70.81 -71.25
CA GLY D 221 -42.16 -70.78 -72.25
C GLY D 221 -42.12 -72.01 -73.12
N ARG D 222 -43.28 -72.51 -73.55
CA ARG D 222 -43.38 -73.74 -74.31
C ARG D 222 -43.65 -73.44 -75.78
N PHE D 223 -43.71 -74.50 -76.56
CA PHE D 223 -44.01 -74.42 -77.98
C PHE D 223 -45.51 -74.61 -78.20
N LEU D 224 -46.00 -74.08 -79.31
CA LEU D 224 -47.42 -74.18 -79.63
C LEU D 224 -47.68 -75.45 -80.41
N ARG D 225 -48.51 -76.34 -79.86
CA ARG D 225 -48.74 -77.64 -80.45
C ARG D 225 -50.25 -77.87 -80.58
N LEU D 226 -50.72 -77.96 -81.82
CA LEU D 226 -52.08 -78.40 -82.06
C LEU D 226 -52.23 -79.84 -81.61
N GLY D 227 -53.35 -80.15 -80.95
CA GLY D 227 -53.48 -81.42 -80.27
C GLY D 227 -54.58 -82.33 -80.77
N GLY D 228 -54.69 -82.48 -82.09
CA GLY D 228 -55.77 -83.29 -82.63
C GLY D 228 -55.74 -84.73 -82.14
N SER D 229 -54.56 -85.33 -82.11
CA SER D 229 -54.43 -86.76 -81.83
C SER D 229 -54.31 -86.97 -80.33
N GLY D 230 -55.44 -87.26 -79.69
CA GLY D 230 -55.47 -87.66 -78.29
C GLY D 230 -54.83 -86.67 -77.34
N LEU D 231 -55.09 -85.38 -77.52
CA LEU D 231 -54.54 -84.34 -76.66
C LEU D 231 -55.60 -83.27 -76.46
N SER D 232 -56.19 -83.23 -75.28
CA SER D 232 -57.17 -82.20 -74.97
C SER D 232 -56.49 -80.83 -74.93
N VAL D 233 -57.30 -79.78 -74.81
CA VAL D 233 -56.78 -78.43 -74.80
C VAL D 233 -56.07 -78.18 -73.48
N GLY D 234 -55.02 -77.36 -73.52
CA GLY D 234 -54.25 -77.05 -72.33
C GLY D 234 -53.32 -78.15 -71.88
N ASP D 235 -53.21 -79.22 -72.65
CA ASP D 235 -52.31 -80.31 -72.28
C ASP D 235 -50.86 -79.86 -72.41
N ILE D 236 -50.03 -80.37 -71.51
CA ILE D 236 -48.60 -80.10 -71.47
C ILE D 236 -47.86 -81.42 -71.58
N GLY D 237 -46.54 -81.33 -71.52
CA GLY D 237 -45.68 -82.48 -71.61
C GLY D 237 -44.38 -82.10 -72.28
N GLY D 238 -43.73 -83.09 -72.87
CA GLY D 238 -42.46 -82.85 -73.53
C GLY D 238 -41.37 -82.55 -72.51
N SER D 239 -40.17 -82.31 -73.04
CA SER D 239 -39.03 -82.01 -72.19
C SER D 239 -37.92 -81.41 -73.02
N ASN D 240 -37.28 -80.36 -72.50
CA ASN D 240 -36.11 -79.80 -73.18
C ASN D 240 -34.87 -80.68 -72.99
N GLN D 241 -34.77 -81.35 -71.85
CA GLN D 241 -33.68 -82.29 -71.59
C GLN D 241 -34.04 -83.64 -72.18
N ILE D 242 -33.14 -84.22 -72.97
CA ILE D 242 -33.36 -85.50 -73.60
C ILE D 242 -32.29 -86.48 -73.14
N THR D 243 -32.71 -87.71 -72.87
CA THR D 243 -31.82 -88.76 -72.37
C THR D 243 -31.82 -89.90 -73.37
N ILE D 244 -30.64 -90.27 -73.85
CA ILE D 244 -30.50 -91.35 -74.81
C ILE D 244 -30.77 -92.68 -74.11
N PRO D 245 -31.77 -93.44 -74.53
CA PRO D 245 -31.99 -94.76 -73.93
C PRO D 245 -30.93 -95.75 -74.41
N THR D 246 -30.81 -96.84 -73.66
CA THR D 246 -29.79 -97.84 -73.98
C THR D 246 -30.01 -98.44 -75.35
N ASN D 247 -31.26 -98.77 -75.70
CA ASN D 247 -31.54 -99.37 -76.99
C ASN D 247 -31.38 -98.38 -78.14
N ALA D 248 -31.20 -97.10 -77.86
CA ALA D 248 -31.04 -96.12 -78.92
C ALA D 248 -29.63 -96.06 -79.46
N LEU D 249 -28.68 -96.66 -78.78
CA LEU D 249 -27.27 -96.57 -79.16
C LEU D 249 -27.03 -97.25 -80.50
N PRO D 250 -26.49 -96.55 -81.50
CA PRO D 250 -26.19 -97.20 -82.78
C PRO D 250 -25.11 -98.25 -82.63
N SER D 251 -25.19 -99.27 -83.49
CA SER D 251 -24.19 -100.34 -83.49
C SER D 251 -22.85 -99.78 -83.91
N HIS D 252 -21.81 -100.14 -83.16
CA HIS D 252 -20.45 -99.70 -83.48
C HIS D 252 -19.46 -100.73 -82.98
N GLN D 253 -18.25 -100.67 -83.53
CA GLN D 253 -17.19 -101.63 -83.22
C GLN D 253 -15.93 -100.86 -82.83
N HIS D 254 -15.34 -101.24 -81.71
CA HIS D 254 -14.10 -100.61 -81.28
C HIS D 254 -12.90 -101.42 -81.74
N GLY D 255 -11.84 -100.70 -82.12
CA GLY D 255 -10.60 -101.33 -82.53
C GLY D 255 -9.71 -101.59 -81.34
N ILE D 256 -9.16 -102.80 -81.28
CA ILE D 256 -8.25 -103.18 -80.22
C ILE D 256 -6.82 -102.93 -80.70
N PRO D 257 -6.02 -102.18 -79.95
CA PRO D 257 -4.67 -101.83 -80.42
C PRO D 257 -3.75 -103.04 -80.43
N ALA D 258 -2.56 -102.82 -80.98
CA ALA D 258 -1.56 -103.87 -81.02
C ALA D 258 -1.10 -104.22 -79.61
N ASN D 259 -0.86 -105.51 -79.38
CA ASN D 259 -0.52 -106.03 -78.08
C ASN D 259 0.66 -106.97 -78.18
N THR D 260 1.35 -107.16 -77.06
CA THR D 260 2.57 -107.97 -77.03
C THR D 260 2.85 -108.34 -75.58
N HIS D 261 3.19 -109.61 -75.36
CA HIS D 261 3.47 -110.07 -74.01
C HIS D 261 4.34 -111.31 -74.05
N THR D 262 5.00 -111.57 -72.92
CA THR D 262 5.74 -112.81 -72.70
C THR D 262 5.38 -113.35 -71.33
N HIS D 263 5.57 -114.66 -71.16
CA HIS D 263 5.38 -115.33 -69.88
C HIS D 263 6.71 -115.82 -69.37
N SER D 264 7.03 -115.48 -68.13
CA SER D 264 8.22 -116.04 -67.49
C SER D 264 8.04 -117.53 -67.28
N VAL D 265 9.16 -118.25 -67.25
CA VAL D 265 9.16 -119.70 -67.11
C VAL D 265 9.87 -120.06 -65.82
N ASN D 266 9.31 -121.01 -65.07
CA ASN D 266 9.86 -121.46 -63.80
C ASN D 266 10.20 -122.94 -63.89
N ASP D 267 11.39 -123.30 -63.43
CA ASP D 267 11.83 -124.70 -63.46
C ASP D 267 13.01 -124.86 -62.52
N GLY D 268 12.89 -125.81 -61.60
CA GLY D 268 13.96 -126.08 -60.66
C GLY D 268 15.03 -126.97 -61.25
N GLY D 269 14.69 -127.70 -62.30
CA GLY D 269 15.63 -128.61 -62.94
C GLY D 269 15.02 -129.97 -63.09
N HIS D 270 15.73 -130.84 -63.81
CA HIS D 270 15.28 -132.21 -64.05
C HIS D 270 16.51 -133.09 -64.16
N GLY D 271 16.52 -134.20 -63.43
CA GLY D 271 17.51 -135.22 -63.65
C GLY D 271 17.12 -136.16 -64.78
N HIS D 272 18.08 -136.96 -65.21
CA HIS D 272 17.83 -138.02 -66.19
C HIS D 272 18.20 -139.36 -65.59
N THR D 273 17.55 -140.41 -66.09
CA THR D 273 17.74 -141.76 -65.60
C THR D 273 18.74 -142.48 -66.49
N ILE D 274 19.71 -143.12 -65.86
CA ILE D 274 20.77 -143.83 -66.56
C ILE D 274 20.38 -145.28 -66.78
N ASN D 275 20.72 -145.81 -67.95
CA ASN D 275 20.50 -147.21 -68.29
C ASN D 275 21.88 -147.84 -68.51
N GLN D 276 22.43 -148.43 -67.45
CA GLN D 276 23.78 -148.98 -67.47
C GLN D 276 23.73 -150.49 -67.44
N THR D 277 24.54 -151.12 -68.28
CA THR D 277 24.76 -152.56 -68.33
C THR D 277 26.17 -152.88 -67.85
N PRO D 278 26.35 -153.93 -67.04
CA PRO D 278 27.68 -154.21 -66.48
C PRO D 278 28.71 -154.45 -67.57
N HIS D 279 29.93 -153.98 -67.31
CA HIS D 279 31.04 -154.10 -68.24
C HIS D 279 32.21 -154.78 -67.55
N SER D 280 33.04 -155.45 -68.34
CA SER D 280 34.22 -156.12 -67.85
C SER D 280 35.42 -155.73 -68.71
N HIS D 281 36.60 -155.79 -68.11
CA HIS D 281 37.84 -155.44 -68.79
C HIS D 281 38.61 -156.69 -69.18
N SER D 282 39.15 -156.69 -70.39
CA SER D 282 40.02 -157.77 -70.81
C SER D 282 41.36 -157.66 -70.08
N ILE D 283 41.97 -158.81 -69.84
CA ILE D 283 43.17 -158.91 -69.01
C ILE D 283 44.33 -159.33 -69.90
N SER D 284 45.45 -158.63 -69.76
CA SER D 284 46.70 -159.01 -70.41
C SER D 284 47.53 -159.79 -69.40
N ASP D 285 47.86 -161.03 -69.74
CA ASP D 285 48.51 -161.96 -68.80
C ASP D 285 49.78 -162.52 -69.42
N PRO D 286 50.88 -161.78 -69.36
CA PRO D 286 52.19 -162.39 -69.60
C PRO D 286 52.46 -163.46 -68.55
N GLY D 287 53.09 -164.54 -68.98
CA GLY D 287 53.34 -165.65 -68.08
C GLY D 287 54.28 -165.28 -66.95
N HIS D 288 54.34 -166.18 -65.97
CA HIS D 288 55.19 -165.99 -64.82
C HIS D 288 55.66 -167.34 -64.30
N ALA D 289 56.69 -167.31 -63.45
CA ALA D 289 57.21 -168.51 -62.84
C ALA D 289 57.84 -168.16 -61.50
N HIS D 290 57.97 -169.17 -60.64
CA HIS D 290 58.56 -169.02 -59.33
C HIS D 290 59.86 -169.79 -59.25
N GLY D 291 60.65 -169.44 -58.24
CA GLY D 291 61.92 -170.10 -57.98
C GLY D 291 61.82 -171.10 -56.85
N VAL D 292 62.62 -172.15 -56.93
CA VAL D 292 62.72 -173.16 -55.88
C VAL D 292 64.12 -173.10 -55.30
N PRO D 293 64.38 -172.21 -54.35
CA PRO D 293 65.75 -172.00 -53.88
C PRO D 293 66.21 -173.03 -52.87
N PHE D 294 65.51 -174.15 -52.77
CA PHE D 294 65.78 -175.15 -51.73
C PHE D 294 66.52 -176.34 -52.36
N GLY D 295 67.84 -176.23 -52.42
CA GLY D 295 68.69 -177.32 -52.83
C GLY D 295 69.52 -177.80 -51.67
N ALA D 296 69.73 -179.11 -51.59
CA ALA D 296 70.33 -179.73 -50.41
C ALA D 296 71.85 -179.59 -50.43
N ALA D 297 72.40 -179.09 -49.33
CA ALA D 297 73.85 -179.08 -49.14
C ALA D 297 74.33 -180.26 -48.31
N VAL D 298 73.47 -180.82 -47.47
CA VAL D 298 73.82 -181.95 -46.62
C VAL D 298 72.86 -183.10 -46.92
N ASP D 299 73.01 -184.20 -46.19
CA ASP D 299 72.20 -185.39 -46.42
C ASP D 299 71.14 -185.63 -45.35
N ASN D 300 71.39 -185.20 -44.11
CA ASN D 300 70.44 -185.43 -43.03
C ASN D 300 69.35 -184.38 -43.03
N GLY D 301 68.12 -184.83 -42.80
CA GLY D 301 66.98 -183.94 -42.70
C GLY D 301 66.18 -183.89 -43.99
N ASN D 302 64.90 -183.51 -43.84
CA ASN D 302 64.02 -183.32 -44.98
C ASN D 302 63.69 -181.85 -45.21
N ASN D 303 64.58 -180.95 -44.81
CA ASN D 303 64.32 -179.53 -44.95
C ASN D 303 64.24 -179.10 -46.41
N ALA D 304 65.07 -179.68 -47.27
CA ALA D 304 65.17 -179.22 -48.65
C ALA D 304 65.25 -180.44 -49.56
N PHE D 305 65.59 -180.20 -50.83
CA PHE D 305 65.56 -181.23 -51.87
C PHE D 305 66.97 -181.58 -52.32
N ASP D 306 67.23 -182.87 -52.45
CA ASP D 306 68.54 -183.35 -52.87
C ASP D 306 68.84 -182.91 -54.30
N THR D 307 70.07 -182.45 -54.52
CA THR D 307 70.50 -181.95 -55.83
C THR D 307 71.17 -183.08 -56.59
N GLY D 308 70.57 -183.50 -57.69
CA GLY D 308 71.09 -184.63 -58.45
C GLY D 308 72.01 -184.24 -59.59
N GLY D 309 71.56 -183.36 -60.49
CA GLY D 309 72.43 -182.89 -61.54
C GLY D 309 72.20 -183.48 -62.92
N SER D 310 70.95 -183.58 -63.35
CA SER D 310 70.64 -184.01 -64.72
C SER D 310 69.30 -183.43 -65.17
N PRO D 311 69.28 -182.56 -66.17
CA PRO D 311 68.01 -181.95 -66.57
C PRO D 311 67.11 -182.93 -67.28
N TYR D 312 66.04 -183.36 -66.61
CA TYR D 312 65.06 -184.26 -67.22
C TYR D 312 63.73 -184.06 -66.52
N ASN D 313 62.68 -183.88 -67.32
CA ASN D 313 61.37 -183.52 -66.78
C ASN D 313 60.66 -184.79 -66.31
N ASN D 314 60.74 -185.05 -65.01
CA ASN D 314 59.88 -186.06 -64.40
C ASN D 314 58.48 -185.48 -64.21
N GLY D 315 57.53 -186.35 -63.88
CA GLY D 315 56.17 -185.85 -63.72
C GLY D 315 55.94 -185.33 -62.32
N ILE D 316 56.10 -184.02 -62.15
CA ILE D 316 55.94 -183.36 -60.86
C ILE D 316 55.58 -181.90 -61.13
N GLY D 317 54.54 -181.41 -60.46
CA GLY D 317 54.16 -180.02 -60.61
C GLY D 317 54.12 -179.29 -59.29
N THR D 318 53.16 -178.40 -59.11
CA THR D 318 52.93 -177.70 -57.86
C THR D 318 51.48 -177.87 -57.44
N THR D 319 51.12 -177.21 -56.34
CA THR D 319 49.72 -177.15 -55.95
C THR D 319 49.01 -176.05 -56.72
N GLN D 320 47.76 -176.31 -57.09
CA GLN D 320 46.97 -175.39 -57.90
C GLN D 320 46.34 -174.35 -56.98
N ASN D 321 47.10 -173.31 -56.67
CA ASN D 321 46.66 -172.29 -55.73
C ASN D 321 46.56 -170.93 -56.42
N GLN D 322 45.51 -170.19 -56.09
CA GLN D 322 45.16 -168.96 -56.76
C GLN D 322 46.15 -167.85 -56.41
N THR D 323 45.94 -166.68 -57.03
CA THR D 323 46.75 -165.50 -56.80
C THR D 323 45.91 -164.45 -56.11
N GLY D 324 46.47 -163.82 -55.09
CA GLY D 324 45.74 -162.76 -54.40
C GLY D 324 45.96 -161.42 -55.04
N ILE D 325 45.05 -161.00 -55.91
CA ILE D 325 45.13 -159.69 -56.55
C ILE D 325 43.78 -159.02 -56.44
N SER D 326 43.79 -157.69 -56.50
CA SER D 326 42.58 -156.90 -56.39
C SER D 326 42.57 -155.85 -57.48
N VAL D 327 41.41 -155.67 -58.12
CA VAL D 327 41.25 -154.63 -59.13
C VAL D 327 40.98 -153.32 -58.40
N ASN D 328 41.90 -152.39 -58.51
CA ASN D 328 41.75 -151.11 -57.82
C ASN D 328 40.61 -150.31 -58.44
N THR D 329 39.98 -149.49 -57.61
CA THR D 329 38.81 -148.75 -58.04
C THR D 329 39.19 -147.65 -59.03
N ALA D 330 38.29 -147.37 -59.97
CA ALA D 330 38.50 -146.33 -60.97
C ALA D 330 37.15 -145.96 -61.56
N ASN D 331 37.12 -144.86 -62.30
CA ASN D 331 35.89 -144.32 -62.84
C ASN D 331 36.06 -144.02 -64.33
N ALA D 332 35.06 -144.40 -65.11
CA ALA D 332 35.08 -144.11 -66.54
C ALA D 332 34.95 -142.61 -66.79
N ASN D 333 35.72 -142.10 -67.74
CA ASN D 333 35.71 -140.68 -68.06
C ASN D 333 34.55 -140.40 -68.99
N LEU D 334 33.51 -139.77 -68.45
CA LEU D 334 32.25 -139.58 -69.15
C LEU D 334 31.89 -138.11 -69.19
N SER D 335 31.27 -137.68 -70.28
CA SER D 335 30.82 -136.31 -70.44
C SER D 335 29.59 -136.29 -71.33
N ILE D 336 28.57 -135.55 -70.91
CA ILE D 336 27.33 -135.46 -71.67
C ILE D 336 27.36 -134.23 -72.56
N ASN D 337 26.88 -134.37 -73.78
CA ASN D 337 26.77 -133.27 -74.72
C ASN D 337 25.38 -132.66 -74.64
N THR D 338 25.29 -131.38 -75.00
CA THR D 338 24.04 -130.65 -74.85
C THR D 338 23.00 -131.13 -75.86
N SER D 339 21.74 -130.89 -75.53
CA SER D 339 20.64 -131.15 -76.46
C SER D 339 19.52 -130.18 -76.15
N SER D 340 18.68 -129.93 -77.14
CA SER D 340 17.51 -129.08 -77.00
C SER D 340 16.30 -129.95 -76.71
N THR D 341 15.52 -129.57 -75.71
CA THR D 341 14.39 -130.39 -75.29
C THR D 341 13.31 -130.48 -76.35
N GLY D 342 13.34 -129.62 -77.36
CA GLY D 342 12.27 -129.60 -78.35
C GLY D 342 10.93 -129.27 -77.76
N ILE D 343 10.91 -128.42 -76.72
CA ILE D 343 9.67 -128.16 -76.01
C ILE D 343 8.74 -127.32 -76.87
N SER D 344 7.45 -127.39 -76.57
CA SER D 344 6.44 -126.67 -77.33
C SER D 344 5.43 -126.06 -76.38
N ILE D 345 4.79 -124.99 -76.85
CA ILE D 345 3.77 -124.26 -76.10
C ILE D 345 2.46 -124.35 -76.86
N GLN D 346 1.40 -124.79 -76.19
CA GLN D 346 0.11 -124.89 -76.84
C GLN D 346 -0.48 -123.49 -77.03
N SER D 347 -1.71 -123.45 -77.54
CA SER D 347 -2.42 -122.21 -77.78
C SER D 347 -3.42 -122.00 -76.66
N ALA D 348 -3.37 -120.84 -76.02
CA ALA D 348 -4.30 -120.47 -74.96
C ALA D 348 -5.02 -119.20 -75.34
N SER D 349 -5.96 -118.81 -74.48
CA SER D 349 -6.76 -117.61 -74.67
C SER D 349 -6.64 -116.72 -73.45
N THR D 350 -6.70 -115.41 -73.66
CA THR D 350 -6.63 -114.49 -72.53
C THR D 350 -7.84 -114.61 -71.63
N GLY D 351 -8.92 -115.22 -72.10
CA GLY D 351 -10.12 -115.37 -71.32
C GLY D 351 -11.01 -114.15 -71.26
N LEU D 352 -10.61 -113.05 -71.88
CA LEU D 352 -11.43 -111.85 -71.87
C LEU D 352 -12.76 -112.10 -72.57
N THR D 353 -13.85 -111.72 -71.91
CA THR D 353 -15.18 -111.93 -72.44
C THR D 353 -15.94 -110.64 -72.74
N VAL D 354 -15.62 -109.55 -72.04
CA VAL D 354 -16.32 -108.30 -72.24
C VAL D 354 -15.42 -107.17 -71.77
N THR D 355 -15.49 -106.05 -72.47
CA THR D 355 -14.80 -104.84 -72.05
C THR D 355 -15.60 -104.12 -70.97
N SER D 356 -14.96 -103.15 -70.33
CA SER D 356 -15.65 -102.35 -69.34
C SER D 356 -16.55 -101.32 -70.02
N ASN D 357 -17.52 -100.82 -69.26
CA ASN D 357 -18.44 -99.83 -69.79
C ASN D 357 -17.74 -98.51 -70.08
N ALA D 358 -18.34 -97.72 -70.96
CA ALA D 358 -17.83 -96.38 -71.27
C ALA D 358 -19.03 -95.54 -71.70
N GLY D 359 -19.57 -94.76 -70.77
CA GLY D 359 -20.67 -93.88 -71.06
C GLY D 359 -21.46 -93.47 -69.84
N ASN D 360 -21.84 -92.20 -69.77
CA ASN D 360 -22.59 -91.67 -68.64
C ASN D 360 -24.08 -91.58 -68.91
N GLY D 361 -24.48 -91.20 -70.12
CA GLY D 361 -25.89 -91.09 -70.43
C GLY D 361 -26.61 -90.02 -69.65
N GLN D 362 -25.99 -88.86 -69.50
CA GLN D 362 -26.61 -87.77 -68.76
C GLN D 362 -27.61 -87.02 -69.65
N ALA D 363 -28.38 -86.15 -69.02
CA ALA D 363 -29.39 -85.38 -69.73
C ALA D 363 -28.73 -84.48 -70.78
N PHE D 364 -29.37 -84.36 -71.93
CA PHE D 364 -28.83 -83.64 -73.06
C PHE D 364 -29.85 -82.58 -73.49
N GLN D 365 -29.39 -81.34 -73.64
CA GLN D 365 -30.26 -80.22 -73.94
C GLN D 365 -30.35 -79.98 -75.43
N HIS D 366 -31.58 -79.88 -75.94
CA HIS D 366 -31.83 -79.59 -77.35
C HIS D 366 -33.04 -78.69 -77.47
N ASP D 367 -32.96 -77.72 -78.38
CA ASP D 367 -34.04 -76.78 -78.62
C ASP D 367 -34.24 -76.59 -80.11
N GLN D 368 -35.50 -76.60 -80.53
CA GLN D 368 -35.85 -76.43 -81.93
C GLN D 368 -35.83 -74.96 -82.31
N PRO D 369 -35.68 -74.65 -83.59
CA PRO D 369 -35.70 -73.23 -84.02
C PRO D 369 -37.01 -72.58 -83.64
N TYR D 370 -36.93 -71.58 -82.77
CA TYR D 370 -38.12 -70.95 -82.22
C TYR D 370 -38.06 -69.44 -82.33
N LEU D 371 -39.25 -68.84 -82.29
CA LEU D 371 -39.42 -67.41 -82.13
C LEU D 371 -40.43 -67.18 -81.01
N VAL D 372 -40.16 -66.19 -80.17
CA VAL D 372 -40.95 -65.96 -78.98
C VAL D 372 -42.06 -64.96 -79.28
N PHE D 373 -43.28 -65.30 -78.87
CA PHE D 373 -44.46 -64.46 -79.05
C PHE D 373 -45.13 -64.23 -77.70
N ARG D 374 -46.21 -63.45 -77.72
CA ARG D 374 -47.09 -63.25 -76.58
C ARG D 374 -48.48 -63.72 -76.94
N VAL D 375 -49.22 -64.20 -75.94
CA VAL D 375 -50.58 -64.66 -76.14
C VAL D 375 -51.50 -63.91 -75.18
N PHE D 376 -52.58 -63.38 -75.72
CA PHE D 376 -53.58 -62.66 -74.94
C PHE D 376 -54.93 -63.35 -75.07
N VAL D 377 -55.61 -63.52 -73.95
CA VAL D 377 -56.95 -64.10 -73.95
C VAL D 377 -57.97 -62.99 -74.08
N LYS D 378 -58.94 -63.18 -74.98
CA LYS D 378 -59.95 -62.17 -75.21
C LYS D 378 -60.91 -62.09 -74.04
N VAL D 379 -61.19 -60.86 -73.59
CA VAL D 379 -62.23 -60.63 -72.59
C VAL D 379 -62.91 -59.30 -72.87
N VAL E 2 -91.39 -4.72 -46.78
CA VAL E 2 -92.61 -5.48 -46.59
C VAL E 2 -93.65 -5.09 -47.63
N ARG E 3 -94.90 -5.52 -47.42
CA ARG E 3 -95.95 -5.34 -48.40
C ARG E 3 -96.74 -4.05 -48.21
N LYS E 4 -96.49 -3.32 -47.13
CA LYS E 4 -97.29 -2.16 -46.72
C LYS E 4 -98.78 -2.40 -46.98
N VAL E 5 -99.28 -3.47 -46.34
CA VAL E 5 -100.67 -3.88 -46.47
C VAL E 5 -101.59 -2.71 -46.18
N PHE E 6 -102.49 -2.42 -47.12
CA PHE E 6 -103.45 -1.35 -46.95
C PHE E 6 -104.62 -1.79 -46.07
N ASN E 7 -105.20 -0.82 -45.37
CA ASN E 7 -106.41 -1.05 -44.59
C ASN E 7 -107.35 0.12 -44.82
N ASP E 8 -108.63 -0.12 -44.56
CA ASP E 8 -109.65 0.88 -44.84
C ASP E 8 -109.38 2.16 -44.07
N GLY E 9 -109.65 3.29 -44.72
CA GLY E 9 -109.36 4.59 -44.16
C GLY E 9 -107.97 5.12 -44.47
N ASP E 10 -107.11 4.30 -45.05
CA ASP E 10 -105.76 4.72 -45.42
C ASP E 10 -105.77 5.27 -46.85
N ILE E 11 -104.85 6.19 -47.11
CA ILE E 11 -104.80 6.88 -48.40
C ILE E 11 -104.04 6.02 -49.40
N LEU E 12 -104.33 6.23 -50.68
CA LEU E 12 -103.72 5.48 -51.76
C LEU E 12 -102.88 6.41 -52.63
N TYR E 13 -101.61 6.04 -52.83
CA TYR E 13 -100.67 6.87 -53.56
C TYR E 13 -100.66 6.50 -55.03
N ALA E 14 -100.31 7.49 -55.88
CA ALA E 14 -100.15 7.22 -57.29
C ALA E 14 -98.99 6.26 -57.54
N GLU E 15 -97.89 6.44 -56.80
CA GLU E 15 -96.76 5.54 -56.92
C GLU E 15 -97.15 4.11 -56.57
N ASP E 16 -98.06 3.94 -55.60
CA ASP E 16 -98.56 2.61 -55.28
C ASP E 16 -99.29 2.00 -56.47
N VAL E 17 -100.11 2.80 -57.16
CA VAL E 17 -100.82 2.29 -58.33
C VAL E 17 -99.84 1.89 -59.42
N ASN E 18 -98.81 2.71 -59.62
CA ASN E 18 -97.80 2.38 -60.62
C ASN E 18 -97.06 1.09 -60.26
N ILE E 19 -96.73 0.93 -58.99
CA ILE E 19 -96.05 -0.29 -58.54
C ILE E 19 -96.95 -1.50 -58.75
N ILE E 20 -98.24 -1.37 -58.44
CA ILE E 20 -99.18 -2.46 -58.65
C ILE E 20 -99.32 -2.77 -60.14
N GLY E 21 -99.28 -1.74 -60.99
CA GLY E 21 -99.37 -1.94 -62.42
C GLY E 21 -98.19 -2.66 -63.04
N GLN E 22 -97.14 -2.90 -62.26
CA GLN E 22 -96.00 -3.65 -62.75
C GLN E 22 -95.91 -4.97 -62.00
N PRO E 23 -96.76 -5.95 -62.30
CA PRO E 23 -96.75 -7.21 -61.54
C PRO E 23 -95.43 -7.93 -61.68
N PHE E 24 -94.98 -8.50 -60.57
CA PHE E 24 -93.80 -9.35 -60.52
C PHE E 24 -94.21 -10.71 -59.99
N VAL E 25 -93.54 -11.75 -60.47
CA VAL E 25 -93.86 -13.10 -60.04
C VAL E 25 -92.59 -13.77 -59.52
N ASP E 26 -91.69 -12.97 -58.97
CA ASP E 26 -90.39 -13.46 -58.53
C ASP E 26 -90.38 -13.96 -57.10
N GLY E 27 -91.52 -14.00 -56.43
CA GLY E 27 -91.60 -14.53 -55.09
C GLY E 27 -91.12 -13.61 -54.00
N GLN E 28 -90.81 -12.36 -54.32
CA GLN E 28 -90.33 -11.41 -53.32
C GLN E 28 -91.49 -10.89 -52.48
N ASP E 29 -91.16 -10.38 -51.30
CA ASP E 29 -92.17 -9.86 -50.36
C ASP E 29 -92.31 -8.35 -50.50
N LEU E 30 -92.81 -7.93 -51.65
CA LEU E 30 -93.03 -6.52 -51.95
C LEU E 30 -94.47 -6.32 -52.39
N LEU E 31 -94.89 -5.05 -52.43
CA LEU E 31 -96.29 -4.74 -52.67
C LEU E 31 -96.76 -5.22 -54.03
N GLY E 32 -95.95 -5.01 -55.06
CA GLY E 32 -96.36 -5.39 -56.40
C GLY E 32 -95.91 -6.76 -56.84
N HIS E 33 -95.34 -7.57 -55.95
CA HIS E 33 -94.78 -8.85 -56.31
C HIS E 33 -95.74 -9.98 -55.94
N GLY E 34 -95.54 -11.12 -56.59
CA GLY E 34 -96.38 -12.28 -56.36
C GLY E 34 -95.53 -13.53 -56.20
N LEU E 35 -96.21 -14.64 -55.96
CA LEU E 35 -95.52 -15.91 -55.75
C LEU E 35 -94.86 -16.38 -57.05
N LYS E 36 -93.87 -17.25 -56.89
CA LYS E 36 -93.12 -17.75 -58.03
C LYS E 36 -93.99 -18.66 -58.89
N VAL E 37 -93.61 -18.77 -60.15
CA VAL E 37 -94.38 -19.55 -61.12
C VAL E 37 -94.02 -21.03 -60.95
N ASP E 38 -95.04 -21.85 -60.68
CA ASP E 38 -94.87 -23.28 -60.52
C ASP E 38 -95.47 -24.00 -61.72
N ASP E 39 -95.48 -25.33 -61.64
CA ASP E 39 -95.97 -26.13 -62.76
C ASP E 39 -97.45 -25.87 -63.02
N ASN E 40 -98.25 -25.74 -61.96
CA ASN E 40 -99.67 -25.51 -62.14
C ASN E 40 -99.96 -24.16 -62.78
N SER E 41 -99.03 -23.21 -62.68
CA SER E 41 -99.17 -21.92 -63.32
C SER E 41 -98.52 -21.87 -64.70
N LEU E 42 -97.99 -22.98 -65.19
CA LEU E 42 -97.53 -23.08 -66.56
C LEU E 42 -98.64 -23.65 -67.43
N SER E 43 -98.83 -23.10 -68.62
CA SER E 43 -99.96 -23.55 -69.46
C SER E 43 -99.84 -24.96 -70.01
N ASP E 44 -100.99 -25.60 -70.26
CA ASP E 44 -100.98 -26.97 -70.75
C ASP E 44 -101.20 -27.02 -72.25
N GLU E 45 -100.66 -26.04 -72.97
CA GLU E 45 -100.79 -26.03 -74.41
C GLU E 45 -99.95 -27.16 -74.98
N PRO E 46 -100.46 -27.84 -76.03
CA PRO E 46 -99.65 -28.87 -76.68
C PRO E 46 -98.27 -28.34 -77.06
N GLN E 47 -98.22 -27.09 -77.52
CA GLN E 47 -96.95 -26.49 -77.89
C GLN E 47 -96.33 -25.66 -76.77
N ASN E 48 -96.45 -26.12 -75.54
CA ASN E 48 -95.82 -25.41 -74.42
C ASN E 48 -94.59 -26.19 -73.97
N ILE E 49 -93.62 -25.47 -73.42
CA ILE E 49 -92.41 -26.14 -72.95
C ILE E 49 -92.75 -27.19 -71.91
N LYS E 50 -93.78 -26.95 -71.09
CA LYS E 50 -94.11 -27.89 -70.02
C LYS E 50 -94.52 -29.23 -70.58
N THR E 51 -95.47 -29.23 -71.52
CA THR E 51 -96.00 -30.50 -72.03
C THR E 51 -94.92 -31.29 -72.77
N ARG E 52 -94.13 -30.61 -73.60
CA ARG E 52 -93.08 -31.30 -74.33
C ARG E 52 -92.00 -31.84 -73.40
N PHE E 53 -91.55 -31.01 -72.45
CA PHE E 53 -90.51 -31.45 -71.54
C PHE E 53 -90.97 -32.63 -70.70
N TYR E 54 -92.23 -32.61 -70.26
CA TYR E 54 -92.70 -33.73 -69.45
C TYR E 54 -93.01 -34.95 -70.29
N ALA E 55 -93.37 -34.77 -71.55
CA ALA E 55 -93.51 -35.91 -72.45
C ALA E 55 -92.18 -36.62 -72.63
N TRP E 56 -91.10 -35.86 -72.76
CA TRP E 56 -89.78 -36.50 -72.86
C TRP E 56 -89.34 -37.05 -71.50
N TYR E 57 -89.64 -36.33 -70.42
CA TYR E 57 -89.12 -36.66 -69.11
C TYR E 57 -89.86 -37.83 -68.47
N ASN E 58 -91.15 -37.98 -68.77
CA ASN E 58 -91.94 -39.08 -68.22
C ASN E 58 -91.99 -40.29 -69.13
N ARG E 59 -91.23 -40.29 -70.22
CA ARG E 59 -91.27 -41.40 -71.16
C ARG E 59 -90.64 -42.63 -70.53
N PHE E 60 -91.40 -43.74 -70.51
CA PHE E 60 -90.93 -45.02 -69.98
C PHE E 60 -90.51 -44.90 -68.51
N ARG E 61 -91.14 -44.02 -67.76
CA ARG E 61 -90.87 -43.94 -66.33
C ARG E 61 -91.41 -45.18 -65.64
N VAL E 62 -90.60 -45.78 -64.79
CA VAL E 62 -90.96 -47.01 -64.09
C VAL E 62 -91.34 -46.67 -62.67
N THR E 63 -92.59 -46.88 -62.32
CA THR E 63 -93.09 -46.60 -60.99
C THR E 63 -93.79 -47.83 -60.44
N VAL E 64 -93.75 -47.98 -59.11
CA VAL E 64 -94.43 -49.08 -58.46
C VAL E 64 -95.94 -48.88 -58.57
N GLN E 65 -96.65 -49.90 -59.04
CA GLN E 65 -98.10 -49.87 -59.03
C GLN E 65 -98.64 -50.42 -57.72
N SER E 66 -98.33 -51.68 -57.40
CA SER E 66 -98.74 -52.28 -56.15
C SER E 66 -98.03 -53.62 -55.99
N GLY E 67 -97.57 -53.89 -54.77
CA GLY E 67 -96.86 -55.13 -54.53
C GLY E 67 -95.59 -55.19 -55.36
N LEU E 68 -95.39 -56.31 -56.03
CA LEU E 68 -94.27 -56.46 -56.96
C LEU E 68 -94.60 -55.96 -58.35
N THR E 69 -95.80 -55.44 -58.56
CA THR E 69 -96.24 -55.00 -59.87
C THR E 69 -95.87 -53.53 -60.07
N LEU E 70 -95.07 -53.27 -61.10
CA LEU E 70 -94.58 -51.94 -61.44
C LEU E 70 -95.19 -51.50 -62.76
N SER E 71 -95.46 -50.21 -62.87
CA SER E 71 -96.10 -49.63 -64.04
C SER E 71 -95.07 -48.84 -64.84
N VAL E 72 -94.98 -49.15 -66.12
CA VAL E 72 -94.15 -48.40 -67.07
C VAL E 72 -95.08 -47.56 -67.93
N THR E 73 -94.76 -46.28 -68.07
CA THR E 73 -95.59 -45.38 -68.84
C THR E 73 -95.43 -45.63 -70.34
N GLN E 74 -96.25 -44.95 -71.12
CA GLN E 74 -96.20 -45.10 -72.56
C GLN E 74 -94.90 -44.55 -73.11
N GLY E 75 -94.58 -44.94 -74.35
CA GLY E 75 -93.39 -44.41 -74.98
C GLY E 75 -93.04 -45.09 -76.29
N SER E 76 -92.23 -44.44 -77.11
CA SER E 76 -91.89 -44.97 -78.43
C SER E 76 -90.40 -45.28 -78.50
N ILE E 77 -90.08 -46.45 -79.06
CA ILE E 77 -88.71 -46.86 -79.27
C ILE E 77 -88.46 -46.94 -80.77
N SER E 78 -87.19 -46.84 -81.15
CA SER E 78 -86.76 -46.94 -82.53
C SER E 78 -85.90 -48.19 -82.67
N VAL E 79 -86.28 -49.07 -83.60
CA VAL E 79 -85.56 -50.30 -83.88
C VAL E 79 -85.21 -50.26 -85.36
N SER E 80 -83.95 -49.95 -85.68
CA SER E 80 -83.46 -49.90 -87.05
C SER E 80 -84.31 -48.95 -87.90
N GLY E 81 -84.77 -47.86 -87.29
CA GLY E 81 -85.58 -46.88 -87.98
C GLY E 81 -87.07 -47.14 -87.95
N ASN E 82 -87.52 -48.26 -87.39
CA ASN E 82 -88.93 -48.57 -87.27
C ASN E 82 -89.41 -48.18 -85.87
N ILE E 83 -90.46 -47.38 -85.81
CA ILE E 83 -90.96 -46.84 -84.55
C ILE E 83 -92.00 -47.80 -83.98
N ILE E 84 -91.83 -48.17 -82.71
CA ILE E 84 -92.79 -49.00 -81.99
C ILE E 84 -93.25 -48.22 -80.76
N SER E 85 -94.56 -48.00 -80.67
CA SER E 85 -95.15 -47.26 -79.56
C SER E 85 -95.79 -48.24 -78.59
N PHE E 86 -95.51 -48.06 -77.30
CA PHE E 86 -95.99 -48.93 -76.26
C PHE E 86 -96.91 -48.17 -75.33
N PRO E 87 -98.05 -48.73 -74.96
CA PRO E 87 -98.95 -48.07 -74.01
C PRO E 87 -98.45 -48.28 -72.59
N PRO E 88 -99.11 -47.69 -71.60
CA PRO E 88 -98.78 -48.03 -70.22
C PRO E 88 -98.94 -49.53 -70.00
N GLN E 89 -97.98 -50.13 -69.30
CA GLN E 89 -97.99 -51.56 -69.08
C GLN E 89 -97.54 -51.84 -67.66
N THR E 90 -97.74 -53.08 -67.23
CA THR E 90 -97.36 -53.52 -65.90
C THR E 90 -96.49 -54.76 -66.01
N ILE E 91 -95.58 -54.91 -65.05
CA ILE E 91 -94.72 -56.09 -65.00
C ILE E 91 -94.29 -56.30 -63.57
N ASN E 92 -94.07 -57.56 -63.20
CA ASN E 92 -93.70 -57.88 -61.83
C ASN E 92 -92.20 -57.96 -61.69
N ALA E 93 -91.72 -57.63 -60.48
CA ALA E 93 -90.32 -57.75 -60.16
C ALA E 93 -90.04 -59.16 -59.65
N ILE E 94 -88.83 -59.39 -59.13
CA ILE E 94 -88.44 -60.69 -58.59
C ILE E 94 -88.15 -60.49 -57.10
N ASP E 95 -88.83 -61.26 -56.27
CA ASP E 95 -88.79 -61.04 -54.83
C ASP E 95 -87.40 -61.32 -54.26
N ASN E 96 -87.03 -60.54 -53.25
CA ASN E 96 -85.77 -60.72 -52.53
C ASN E 96 -84.57 -60.63 -53.47
N ALA E 97 -84.63 -59.74 -54.45
CA ALA E 97 -83.54 -59.63 -55.41
C ALA E 97 -83.52 -58.22 -55.98
N ASN E 98 -82.39 -57.88 -56.59
CA ASN E 98 -82.26 -56.65 -57.35
C ASN E 98 -82.44 -56.97 -58.82
N SER E 99 -83.63 -56.71 -59.34
CA SER E 99 -83.95 -56.96 -60.74
C SER E 99 -83.72 -55.69 -61.56
N PHE E 100 -83.60 -55.87 -62.87
CA PHE E 100 -83.43 -54.76 -63.80
C PHE E 100 -84.57 -54.80 -64.80
N VAL E 101 -85.26 -53.68 -64.94
CA VAL E 101 -86.35 -53.53 -65.90
C VAL E 101 -85.80 -52.79 -67.11
N TRP E 102 -85.90 -53.42 -68.28
CA TRP E 102 -85.36 -52.84 -69.50
C TRP E 102 -86.27 -53.20 -70.67
N ILE E 103 -85.88 -52.77 -71.85
CA ILE E 103 -86.59 -53.07 -73.08
C ILE E 103 -85.60 -53.67 -74.07
N GLY E 104 -85.96 -54.80 -74.66
CA GLY E 104 -85.09 -55.43 -75.64
C GLY E 104 -85.54 -56.83 -75.94
N LYS E 105 -84.66 -57.57 -76.61
CA LYS E 105 -84.90 -58.96 -76.98
C LYS E 105 -83.84 -59.84 -76.35
N THR E 106 -84.28 -60.94 -75.76
CA THR E 106 -83.38 -61.90 -75.15
C THR E 106 -82.92 -62.93 -76.19
N ASP E 107 -81.90 -63.72 -75.81
CA ASP E 107 -81.44 -64.78 -76.69
C ASP E 107 -82.51 -65.82 -76.91
N ALA E 108 -83.21 -66.21 -75.83
CA ALA E 108 -84.29 -67.18 -75.96
C ALA E 108 -85.47 -66.62 -76.76
N ASP E 109 -85.79 -65.35 -76.55
CA ASP E 109 -86.92 -64.71 -77.23
C ASP E 109 -86.44 -63.55 -78.07
N PRO E 110 -86.38 -63.70 -79.40
CA PRO E 110 -85.92 -62.58 -80.25
C PRO E 110 -86.89 -61.42 -80.34
N ALA E 111 -88.11 -61.57 -79.81
CA ALA E 111 -89.06 -60.47 -79.82
C ALA E 111 -88.61 -59.36 -78.87
N ILE E 112 -88.83 -58.13 -79.29
CA ILE E 112 -88.44 -56.95 -78.51
C ILE E 112 -89.60 -56.54 -77.62
N ALA E 113 -89.38 -56.56 -76.30
CA ALA E 113 -90.45 -56.27 -75.36
C ALA E 113 -89.84 -55.79 -74.05
N LEU E 114 -90.70 -55.47 -73.10
CA LEU E 114 -90.30 -55.01 -71.78
C LEU E 114 -90.00 -56.23 -70.90
N ARG E 115 -88.79 -56.31 -70.37
CA ARG E 115 -88.32 -57.50 -69.69
C ARG E 115 -87.72 -57.14 -68.34
N VAL E 116 -88.05 -57.94 -67.33
CA VAL E 116 -87.46 -57.87 -66.01
C VAL E 116 -86.49 -59.04 -65.87
N SER E 117 -85.21 -58.73 -65.67
CA SER E 117 -84.17 -59.76 -65.61
C SER E 117 -83.33 -59.56 -64.35
N GLN E 118 -82.31 -60.40 -64.20
CA GLN E 118 -81.40 -60.29 -63.07
C GLN E 118 -80.16 -59.47 -63.40
N THR E 119 -79.75 -59.44 -64.67
CA THR E 119 -78.60 -58.67 -65.10
C THR E 119 -78.90 -58.04 -66.45
N LEU E 120 -78.59 -56.75 -66.57
CA LEU E 120 -78.84 -56.05 -67.82
C LEU E 120 -78.02 -56.66 -68.94
N PRO E 121 -78.61 -56.94 -70.10
CA PRO E 121 -77.82 -57.38 -71.25
C PRO E 121 -76.95 -56.25 -71.78
N ASN E 122 -75.91 -56.63 -72.53
CA ASN E 122 -74.97 -55.64 -73.03
C ASN E 122 -75.67 -54.63 -73.94
N VAL E 123 -76.56 -55.10 -74.80
CA VAL E 123 -77.35 -54.23 -75.67
C VAL E 123 -78.80 -54.28 -75.22
N CYS E 124 -79.34 -53.12 -74.88
CA CYS E 124 -80.71 -52.99 -74.36
C CYS E 124 -81.00 -51.51 -74.19
N ILE E 125 -82.22 -51.22 -73.76
CA ILE E 125 -82.57 -49.88 -73.30
C ILE E 125 -82.88 -49.98 -71.81
N PRO E 126 -81.93 -49.66 -70.94
CA PRO E 126 -82.19 -49.79 -69.50
C PRO E 126 -83.23 -48.78 -69.05
N LEU E 127 -84.16 -49.25 -68.23
CA LEU E 127 -85.21 -48.39 -67.69
C LEU E 127 -85.07 -48.16 -66.21
N ALA E 128 -84.91 -49.21 -65.42
CA ALA E 128 -84.87 -49.03 -63.98
C ALA E 128 -84.19 -50.21 -63.32
N ARG E 129 -83.79 -50.01 -62.06
CA ARG E 129 -83.33 -51.08 -61.19
C ARG E 129 -84.23 -51.12 -59.97
N VAL E 130 -84.78 -52.29 -59.68
CA VAL E 130 -85.78 -52.46 -58.63
C VAL E 130 -85.20 -53.39 -57.58
N ILE E 131 -85.33 -53.01 -56.31
CA ILE E 131 -84.93 -53.87 -55.20
C ILE E 131 -86.20 -54.35 -54.52
N ALA E 132 -86.43 -55.66 -54.54
CA ALA E 132 -87.66 -56.24 -54.04
C ALA E 132 -87.36 -57.18 -52.88
N ALA E 133 -88.06 -56.98 -51.77
CA ALA E 133 -87.93 -57.84 -50.60
C ALA E 133 -89.31 -58.10 -50.03
N SER E 134 -89.54 -59.36 -49.62
CA SER E 134 -90.80 -59.77 -48.99
C SER E 134 -92.00 -59.46 -49.88
N GLY E 135 -91.83 -59.67 -51.18
CA GLY E 135 -92.90 -59.38 -52.13
C GLY E 135 -93.25 -57.91 -52.22
N SER E 136 -92.37 -57.03 -51.75
CA SER E 136 -92.59 -55.60 -51.78
C SER E 136 -91.37 -54.90 -52.34
N VAL E 137 -91.60 -53.76 -52.97
CA VAL E 137 -90.54 -53.01 -53.63
C VAL E 137 -90.06 -51.92 -52.69
N THR E 138 -88.83 -52.06 -52.19
CA THR E 138 -88.24 -51.03 -51.35
C THR E 138 -87.85 -49.80 -52.17
N SER E 139 -87.18 -50.02 -53.31
CA SER E 139 -86.64 -48.90 -54.07
C SER E 139 -86.68 -49.19 -55.56
N VAL E 140 -86.92 -48.13 -56.33
CA VAL E 140 -86.87 -48.14 -57.79
C VAL E 140 -85.98 -46.99 -58.21
N THR E 141 -84.89 -47.30 -58.90
CA THR E 141 -83.94 -46.29 -59.36
C THR E 141 -84.03 -46.16 -60.87
N ASP E 142 -84.15 -44.93 -61.34
CA ASP E 142 -84.34 -44.66 -62.77
C ASP E 142 -83.00 -44.78 -63.50
N LEU E 143 -82.95 -45.69 -64.47
CA LEU E 143 -81.76 -45.89 -65.28
C LEU E 143 -81.84 -45.20 -66.64
N ARG E 144 -82.87 -44.39 -66.86
CA ARG E 144 -83.03 -43.70 -68.14
C ARG E 144 -81.98 -42.60 -68.26
N ASP E 145 -81.96 -41.98 -69.44
CA ASP E 145 -81.02 -40.88 -69.68
C ASP E 145 -81.36 -39.66 -68.83
N VAL E 146 -82.64 -39.45 -68.53
CA VAL E 146 -83.04 -38.25 -67.81
C VAL E 146 -82.50 -38.22 -66.39
N SER E 147 -82.04 -39.36 -65.86
CA SER E 147 -81.58 -39.41 -64.48
C SER E 147 -80.12 -39.82 -64.36
N VAL E 148 -79.62 -40.66 -65.24
CA VAL E 148 -78.28 -41.22 -65.11
C VAL E 148 -77.57 -41.12 -66.45
N ASP E 149 -76.24 -41.19 -66.39
CA ASP E 149 -75.41 -41.28 -67.58
C ASP E 149 -74.76 -42.65 -67.61
N ILE E 150 -75.06 -43.42 -68.65
CA ILE E 150 -74.60 -44.81 -68.71
C ILE E 150 -73.15 -44.84 -69.17
N LEU E 151 -72.31 -45.56 -68.42
CA LEU E 151 -70.92 -45.75 -68.79
C LEU E 151 -70.76 -47.10 -69.45
N PRO E 152 -70.30 -47.15 -70.70
CA PRO E 152 -70.16 -48.45 -71.38
C PRO E 152 -69.12 -49.32 -70.70
N PRO E 153 -69.46 -50.58 -70.42
CA PRO E 153 -68.43 -51.49 -69.87
C PRO E 153 -67.25 -51.67 -70.80
N SER E 154 -67.50 -51.70 -72.10
CA SER E 154 -66.44 -51.81 -73.10
C SER E 154 -67.02 -51.44 -74.46
N ILE E 155 -66.13 -51.25 -75.42
CA ILE E 155 -66.53 -50.96 -76.80
C ILE E 155 -66.19 -52.17 -77.66
N PRO E 156 -66.93 -52.41 -78.75
CA PRO E 156 -66.52 -53.47 -79.69
C PRO E 156 -65.27 -53.03 -80.44
N ASP E 157 -64.24 -53.86 -80.38
CA ASP E 157 -62.93 -53.50 -80.93
C ASP E 157 -62.50 -54.53 -81.97
N ALA E 158 -61.65 -54.08 -82.89
CA ALA E 158 -61.10 -54.94 -83.93
C ALA E 158 -59.89 -55.69 -83.39
N VAL E 159 -59.18 -56.38 -84.26
CA VAL E 159 -57.93 -57.03 -83.87
C VAL E 159 -56.88 -55.96 -83.59
N PRO E 160 -56.23 -55.99 -82.43
CA PRO E 160 -55.29 -54.90 -82.08
C PRO E 160 -54.13 -54.82 -83.05
N VAL E 161 -53.66 -53.60 -83.26
CA VAL E 161 -52.47 -53.39 -84.09
C VAL E 161 -51.30 -54.13 -83.46
N GLY E 162 -50.44 -54.70 -84.31
CA GLY E 162 -49.29 -55.44 -83.86
C GLY E 162 -49.56 -56.88 -83.50
N SER E 163 -50.82 -57.28 -83.38
CA SER E 163 -51.13 -58.68 -83.16
C SER E 163 -50.87 -59.48 -84.42
N THR E 164 -50.60 -60.77 -84.24
CA THR E 164 -50.28 -61.66 -85.35
C THR E 164 -51.37 -62.73 -85.46
N ILE E 165 -51.94 -62.85 -86.65
CA ILE E 165 -52.91 -63.88 -86.95
C ILE E 165 -52.29 -64.84 -87.96
N ILE E 166 -52.52 -66.13 -87.74
CA ILE E 166 -51.99 -67.17 -88.60
C ILE E 166 -53.08 -67.65 -89.54
N SER E 167 -52.72 -67.80 -90.81
CA SER E 167 -53.66 -68.12 -91.87
C SER E 167 -53.10 -69.26 -92.72
N LEU E 168 -54.01 -70.02 -93.33
CA LEU E 168 -53.64 -71.11 -94.21
C LEU E 168 -53.79 -70.74 -95.68
N ILE E 169 -54.03 -69.47 -95.99
CA ILE E 169 -54.38 -69.11 -97.36
C ILE E 169 -53.22 -69.43 -98.28
N PRO E 170 -53.45 -70.03 -99.44
CA PRO E 170 -52.36 -70.34 -100.35
C PRO E 170 -51.73 -69.08 -100.91
N PRO E 171 -50.50 -69.16 -101.41
CA PRO E 171 -49.84 -67.96 -101.92
C PRO E 171 -50.59 -67.29 -103.05
N THR E 172 -51.41 -68.05 -103.81
CA THR E 172 -52.19 -67.46 -104.88
C THR E 172 -53.24 -66.49 -104.36
N ALA E 173 -53.79 -66.77 -103.17
CA ALA E 173 -54.80 -65.89 -102.61
C ALA E 173 -54.18 -64.54 -102.25
N PRO E 174 -54.91 -63.44 -102.41
CA PRO E 174 -54.32 -62.12 -102.15
C PRO E 174 -54.13 -61.87 -100.66
N ILE E 175 -53.17 -61.00 -100.36
CA ILE E 175 -52.88 -60.64 -98.97
C ILE E 175 -54.08 -59.92 -98.37
N PRO E 176 -54.53 -60.27 -97.18
CA PRO E 176 -55.65 -59.56 -96.57
C PRO E 176 -55.32 -58.10 -96.33
N ALA E 177 -56.32 -57.25 -96.52
CA ALA E 177 -56.14 -55.82 -96.32
C ALA E 177 -55.97 -55.50 -94.83
N GLY E 178 -55.20 -54.45 -94.56
CA GLY E 178 -54.93 -54.05 -93.19
C GLY E 178 -53.92 -54.90 -92.46
N TYR E 179 -53.17 -55.75 -93.17
CA TYR E 179 -52.20 -56.62 -92.56
C TYR E 179 -50.90 -56.56 -93.34
N LEU E 180 -49.80 -56.86 -92.65
CA LEU E 180 -48.48 -56.95 -93.25
C LEU E 180 -47.98 -58.38 -93.12
N GLU E 181 -47.22 -58.83 -94.12
CA GLU E 181 -46.78 -60.22 -94.17
C GLU E 181 -45.38 -60.35 -93.59
N LEU E 182 -45.18 -61.37 -92.76
CA LEU E 182 -43.87 -61.63 -92.19
C LEU E 182 -43.08 -62.58 -93.09
N LEU E 183 -41.87 -62.17 -93.44
CA LEU E 183 -41.05 -62.86 -94.43
C LEU E 183 -39.97 -63.67 -93.73
N ASN E 184 -39.08 -64.25 -94.53
CA ASN E 184 -37.98 -65.05 -93.99
C ASN E 184 -36.95 -64.17 -93.30
N SER E 185 -36.80 -62.92 -93.73
CA SER E 185 -35.85 -62.00 -93.15
C SER E 185 -36.59 -60.73 -92.72
N SER E 186 -35.88 -59.89 -91.96
CA SER E 186 -36.45 -58.62 -91.54
C SER E 186 -36.67 -57.71 -92.74
N GLN E 187 -37.76 -56.94 -92.67
CA GLN E 187 -38.09 -55.96 -93.70
C GLN E 187 -37.83 -54.56 -93.18
N ASN E 188 -37.71 -53.62 -94.11
CA ASN E 188 -37.61 -52.19 -93.77
C ASN E 188 -38.89 -51.53 -94.27
N VAL E 189 -39.80 -51.23 -93.36
CA VAL E 189 -41.10 -50.68 -93.72
C VAL E 189 -41.16 -49.21 -93.33
N SER E 190 -41.78 -48.41 -94.19
CA SER E 190 -41.82 -46.98 -93.99
C SER E 190 -42.59 -46.62 -92.72
N ARG E 191 -42.03 -45.70 -91.94
CA ARG E 191 -42.67 -45.29 -90.70
C ARG E 191 -43.93 -44.48 -90.94
N THR E 192 -43.96 -43.67 -92.00
CA THR E 192 -45.13 -42.87 -92.28
C THR E 192 -46.32 -43.73 -92.70
N THR E 193 -46.07 -44.72 -93.58
CA THR E 193 -47.15 -45.59 -94.03
C THR E 193 -47.73 -46.40 -92.88
N TYR E 194 -46.87 -46.88 -91.99
CA TYR E 194 -47.30 -47.77 -90.91
C TYR E 194 -47.13 -47.06 -89.57
N SER E 195 -47.58 -45.81 -89.51
CA SER E 195 -47.39 -44.99 -88.31
C SER E 195 -47.96 -45.69 -87.07
N ALA E 196 -49.10 -46.36 -87.21
CA ALA E 196 -49.66 -47.07 -86.07
C ALA E 196 -48.74 -48.17 -85.59
N LEU E 197 -48.26 -49.00 -86.52
CA LEU E 197 -47.35 -50.07 -86.15
C LEU E 197 -46.01 -49.52 -85.67
N PHE E 198 -45.52 -48.44 -86.27
CA PHE E 198 -44.29 -47.84 -85.80
C PHE E 198 -44.44 -47.31 -84.38
N VAL E 199 -45.59 -46.72 -84.06
CA VAL E 199 -45.84 -46.26 -82.71
C VAL E 199 -45.88 -47.43 -81.74
N LEU E 200 -46.57 -48.50 -82.12
CA LEU E 200 -46.73 -49.63 -81.19
C LEU E 200 -45.47 -50.49 -81.07
N TRP E 201 -44.57 -50.44 -82.05
CA TRP E 201 -43.39 -51.29 -82.07
C TRP E 201 -42.09 -50.53 -81.92
N GLY E 202 -41.97 -49.35 -82.53
CA GLY E 202 -40.71 -48.64 -82.51
C GLY E 202 -39.70 -49.31 -83.43
N THR E 203 -38.44 -49.35 -82.97
CA THR E 203 -37.38 -50.03 -83.70
C THR E 203 -36.94 -51.31 -82.99
N TYR E 204 -37.81 -51.89 -82.16
CA TYR E 204 -37.46 -53.08 -81.39
C TYR E 204 -37.08 -54.24 -82.30
N TYR E 205 -37.55 -54.23 -83.54
CA TYR E 205 -37.21 -55.25 -84.53
C TYR E 205 -36.31 -54.68 -85.62
N GLY E 206 -35.38 -53.82 -85.23
CA GLY E 206 -34.49 -53.18 -86.17
C GLY E 206 -34.87 -51.74 -86.43
N ASN E 207 -33.87 -50.93 -86.75
CA ASN E 207 -34.08 -49.51 -87.00
C ASN E 207 -34.27 -49.18 -88.46
N GLY E 208 -34.22 -50.16 -89.35
CA GLY E 208 -34.28 -49.87 -90.77
C GLY E 208 -33.14 -48.95 -91.15
N ASP E 209 -33.47 -47.87 -91.86
CA ASP E 209 -32.47 -46.85 -92.14
C ASP E 209 -32.17 -46.00 -90.92
N GLY E 210 -33.06 -45.98 -89.94
CA GLY E 210 -32.90 -45.16 -88.75
C GLY E 210 -33.60 -43.82 -88.79
N SER E 211 -34.11 -43.40 -89.94
CA SER E 211 -34.78 -42.11 -90.07
C SER E 211 -36.23 -42.24 -90.49
N THR E 212 -36.51 -42.94 -91.59
CA THR E 212 -37.84 -43.00 -92.15
C THR E 212 -38.45 -44.39 -92.20
N THR E 213 -37.67 -45.44 -91.97
CA THR E 213 -38.19 -46.80 -91.98
C THR E 213 -37.75 -47.51 -90.71
N PHE E 214 -38.52 -48.52 -90.33
CA PHE E 214 -38.20 -49.35 -89.17
C PHE E 214 -38.29 -50.81 -89.55
N GLY E 215 -37.67 -51.65 -88.73
CA GLY E 215 -37.54 -53.05 -89.06
C GLY E 215 -38.74 -53.88 -88.65
N VAL E 216 -39.00 -54.92 -89.44
CA VAL E 216 -40.05 -55.88 -89.19
C VAL E 216 -39.41 -57.26 -89.11
N PRO E 217 -39.68 -58.04 -88.07
CA PRO E 217 -38.95 -59.30 -87.89
C PRO E 217 -39.25 -60.30 -89.00
N GLY E 218 -38.27 -61.18 -89.25
CA GLY E 218 -38.45 -62.28 -90.15
C GLY E 218 -39.01 -63.50 -89.45
N THR E 219 -39.34 -64.53 -90.25
CA THR E 219 -39.85 -65.78 -89.72
C THR E 219 -38.72 -66.78 -89.49
N GLY E 220 -37.95 -67.08 -90.53
CA GLY E 220 -36.90 -68.07 -90.39
C GLY E 220 -37.39 -69.49 -90.32
N GLY E 221 -38.66 -69.74 -90.61
CA GLY E 221 -39.20 -71.08 -90.53
C GLY E 221 -39.13 -71.67 -89.14
N ARG E 222 -39.29 -70.84 -88.11
CA ARG E 222 -39.13 -71.27 -86.74
C ARG E 222 -40.46 -71.71 -86.14
N PHE E 223 -40.40 -72.66 -85.22
CA PHE E 223 -41.58 -73.07 -84.48
C PHE E 223 -42.04 -71.93 -83.58
N LEU E 224 -43.35 -71.69 -83.54
CA LEU E 224 -43.87 -70.63 -82.69
C LEU E 224 -43.78 -71.09 -81.25
N ARG E 225 -43.02 -70.36 -80.45
CA ARG E 225 -42.80 -70.69 -79.05
C ARG E 225 -43.33 -69.57 -78.18
N LEU E 226 -44.15 -69.92 -77.19
CA LEU E 226 -44.63 -68.93 -76.24
C LEU E 226 -43.49 -68.47 -75.35
N GLY E 227 -43.57 -67.21 -74.93
CA GLY E 227 -42.56 -66.67 -74.07
C GLY E 227 -42.63 -67.22 -72.67
N GLY E 228 -41.55 -67.01 -71.92
CA GLY E 228 -41.49 -67.40 -70.53
C GLY E 228 -40.12 -67.80 -70.04
N SER E 229 -39.81 -67.44 -68.79
CA SER E 229 -38.60 -67.87 -68.10
C SER E 229 -37.34 -67.42 -68.86
N GLY E 230 -37.18 -66.11 -68.93
CA GLY E 230 -36.03 -65.55 -69.62
C GLY E 230 -36.16 -65.50 -71.12
N LEU E 231 -37.36 -65.64 -71.66
CA LEU E 231 -37.61 -65.59 -73.09
C LEU E 231 -38.33 -64.29 -73.41
N SER E 232 -37.57 -63.27 -73.80
CA SER E 232 -38.16 -61.98 -74.15
C SER E 232 -38.82 -62.06 -75.51
N VAL E 233 -39.65 -61.05 -75.79
CA VAL E 233 -40.45 -61.06 -77.00
C VAL E 233 -39.55 -60.91 -78.21
N GLY E 234 -39.77 -61.76 -79.22
CA GLY E 234 -38.99 -61.72 -80.42
C GLY E 234 -37.64 -62.40 -80.33
N ASP E 235 -37.33 -63.05 -79.22
CA ASP E 235 -36.10 -63.81 -79.12
C ASP E 235 -36.12 -64.98 -80.08
N ILE E 236 -34.97 -65.27 -80.67
CA ILE E 236 -34.80 -66.42 -81.54
C ILE E 236 -33.74 -67.34 -80.93
N GLY E 237 -33.78 -68.59 -81.34
CA GLY E 237 -32.81 -69.55 -80.86
C GLY E 237 -33.18 -70.95 -81.31
N GLY E 238 -32.32 -71.89 -80.92
CA GLY E 238 -32.54 -73.28 -81.26
C GLY E 238 -32.19 -73.58 -82.70
N SER E 239 -31.66 -74.77 -82.95
CA SER E 239 -31.27 -75.17 -84.29
C SER E 239 -31.90 -76.51 -84.63
N ASN E 240 -32.15 -76.71 -85.93
CA ASN E 240 -32.72 -77.96 -86.39
C ASN E 240 -31.74 -79.12 -86.23
N GLN E 241 -30.45 -78.82 -86.16
CA GLN E 241 -29.44 -79.85 -85.99
C GLN E 241 -29.33 -80.26 -84.52
N ILE E 242 -28.69 -81.40 -84.30
CA ILE E 242 -28.47 -81.91 -82.96
C ILE E 242 -27.19 -82.73 -82.96
N THR E 243 -26.35 -82.50 -81.96
CA THR E 243 -25.04 -83.15 -81.84
C THR E 243 -24.96 -83.83 -80.48
N ILE E 244 -24.83 -85.14 -80.48
CA ILE E 244 -24.69 -85.89 -79.23
C ILE E 244 -23.35 -85.53 -78.62
N PRO E 245 -23.33 -85.02 -77.39
CA PRO E 245 -22.05 -84.73 -76.74
C PRO E 245 -21.59 -85.91 -75.89
N THR E 246 -20.29 -85.92 -75.60
CA THR E 246 -19.79 -86.86 -74.61
C THR E 246 -20.44 -86.56 -73.27
N ASN E 247 -20.31 -87.50 -72.33
CA ASN E 247 -20.99 -87.50 -71.04
C ASN E 247 -22.48 -87.78 -71.19
N ALA E 248 -22.96 -87.94 -72.43
CA ALA E 248 -24.33 -88.36 -72.69
C ALA E 248 -24.43 -89.74 -73.32
N LEU E 249 -23.31 -90.42 -73.49
CA LEU E 249 -23.34 -91.77 -74.05
C LEU E 249 -23.99 -92.72 -73.07
N PRO E 250 -24.98 -93.50 -73.49
CA PRO E 250 -25.51 -94.55 -72.61
C PRO E 250 -24.45 -95.59 -72.30
N SER E 251 -24.43 -96.05 -71.06
CA SER E 251 -23.43 -97.02 -70.65
C SER E 251 -23.61 -98.33 -71.41
N HIS E 252 -22.50 -98.87 -71.91
CA HIS E 252 -22.54 -100.09 -72.70
C HIS E 252 -21.15 -100.71 -72.69
N GLN E 253 -21.09 -101.98 -73.05
CA GLN E 253 -19.82 -102.68 -73.16
C GLN E 253 -19.84 -103.59 -74.37
N HIS E 254 -18.68 -103.77 -74.97
CA HIS E 254 -18.52 -104.64 -76.12
C HIS E 254 -17.84 -105.93 -75.69
N GLY E 255 -18.45 -107.06 -76.00
CA GLY E 255 -17.86 -108.34 -75.67
C GLY E 255 -16.58 -108.58 -76.45
N ILE E 256 -15.66 -109.28 -75.80
CA ILE E 256 -14.38 -109.63 -76.44
C ILE E 256 -14.58 -110.89 -77.27
N PRO E 257 -14.22 -110.87 -78.56
CA PRO E 257 -14.41 -112.06 -79.39
C PRO E 257 -13.49 -113.21 -79.00
N ALA E 258 -13.65 -114.36 -79.64
CA ALA E 258 -12.80 -115.50 -79.35
C ALA E 258 -11.36 -115.20 -79.78
N ASN E 259 -10.42 -115.49 -78.90
CA ASN E 259 -9.01 -115.22 -79.14
C ASN E 259 -8.21 -116.49 -78.83
N THR E 260 -7.13 -116.68 -79.57
CA THR E 260 -6.27 -117.85 -79.39
C THR E 260 -4.91 -117.54 -79.98
N HIS E 261 -3.86 -117.68 -79.17
CA HIS E 261 -2.52 -117.36 -79.60
C HIS E 261 -1.53 -118.34 -78.98
N THR E 262 -0.38 -118.47 -79.62
CA THR E 262 0.71 -119.28 -79.13
C THR E 262 1.95 -118.42 -78.97
N HIS E 263 2.86 -118.88 -78.12
CA HIS E 263 4.18 -118.27 -77.97
C HIS E 263 5.20 -119.25 -78.53
N SER E 264 6.03 -118.77 -79.45
CA SER E 264 7.13 -119.59 -79.93
C SER E 264 8.14 -119.80 -78.81
N VAL E 265 8.97 -120.82 -78.95
CA VAL E 265 9.87 -121.26 -77.90
C VAL E 265 11.27 -120.79 -78.22
N ASN E 266 11.84 -119.98 -77.32
CA ASN E 266 13.20 -119.47 -77.47
C ASN E 266 14.13 -120.40 -76.70
N ASP E 267 14.47 -121.51 -77.35
CA ASP E 267 15.30 -122.53 -76.74
C ASP E 267 16.78 -122.28 -77.04
N GLY E 268 17.64 -122.84 -76.19
CA GLY E 268 19.09 -122.78 -76.34
C GLY E 268 19.52 -124.16 -75.82
N GLY E 269 19.24 -124.51 -74.55
CA GLY E 269 19.51 -125.87 -74.04
C GLY E 269 20.33 -126.16 -72.77
N HIS E 270 20.21 -127.31 -72.14
CA HIS E 270 21.08 -127.54 -70.98
C HIS E 270 22.08 -128.65 -71.19
N GLY E 271 23.11 -128.68 -70.37
CA GLY E 271 24.09 -129.75 -70.43
C GLY E 271 24.05 -130.31 -69.04
N HIS E 272 24.39 -131.59 -68.87
CA HIS E 272 24.25 -132.18 -67.54
C HIS E 272 25.56 -132.56 -66.87
N THR E 273 25.64 -132.37 -65.56
CA THR E 273 26.84 -132.72 -64.83
C THR E 273 26.71 -134.16 -64.32
N ILE E 274 27.78 -134.92 -64.45
CA ILE E 274 27.81 -136.32 -64.02
C ILE E 274 28.41 -136.37 -62.62
N ASN E 275 27.70 -137.03 -61.70
CA ASN E 275 28.24 -137.36 -60.38
C ASN E 275 28.66 -138.82 -60.42
N GLN E 276 29.97 -139.05 -60.41
CA GLN E 276 30.52 -140.40 -60.56
C GLN E 276 31.53 -140.67 -59.46
N THR E 277 31.48 -141.87 -58.93
CA THR E 277 32.47 -142.35 -57.99
C THR E 277 33.22 -143.53 -58.57
N PRO E 278 34.49 -143.71 -58.22
CA PRO E 278 35.26 -144.81 -58.79
C PRO E 278 34.65 -146.16 -58.46
N HIS E 279 34.81 -147.11 -59.37
CA HIS E 279 34.29 -148.46 -59.22
C HIS E 279 35.41 -149.46 -59.42
N SER E 280 35.25 -150.64 -58.84
CA SER E 280 36.21 -151.72 -58.99
C SER E 280 35.48 -153.00 -59.35
N HIS E 281 36.16 -153.84 -60.12
CA HIS E 281 35.61 -155.11 -60.56
C HIS E 281 36.13 -156.25 -59.69
N SER E 282 35.35 -157.31 -59.62
CA SER E 282 35.79 -158.54 -58.96
C SER E 282 36.45 -159.45 -59.98
N ILE E 283 37.52 -160.12 -59.56
CA ILE E 283 38.22 -161.03 -60.43
C ILE E 283 37.62 -162.42 -60.29
N SER E 284 37.93 -163.29 -61.25
CA SER E 284 37.39 -164.64 -61.26
C SER E 284 38.51 -165.67 -61.28
N ASP E 285 39.51 -165.48 -60.41
CA ASP E 285 40.72 -166.28 -60.33
C ASP E 285 40.44 -167.77 -60.24
N PRO E 286 40.78 -168.54 -61.27
CA PRO E 286 40.83 -169.98 -61.13
C PRO E 286 42.24 -170.42 -60.75
N GLY E 287 42.33 -171.59 -60.14
CA GLY E 287 43.63 -172.08 -59.72
C GLY E 287 44.54 -172.30 -60.91
N HIS E 288 45.80 -171.91 -60.73
CA HIS E 288 46.84 -172.16 -61.73
C HIS E 288 48.00 -172.89 -61.06
N ALA E 289 48.59 -173.84 -61.79
CA ALA E 289 49.69 -174.64 -61.28
C ALA E 289 50.84 -174.58 -62.27
N HIS E 290 52.04 -174.33 -61.76
CA HIS E 290 53.24 -174.34 -62.59
C HIS E 290 53.73 -175.78 -62.73
N GLY E 291 54.94 -175.93 -63.25
CA GLY E 291 55.61 -177.22 -63.25
C GLY E 291 57.09 -177.03 -63.01
N VAL E 292 57.71 -178.05 -62.45
CA VAL E 292 59.14 -178.04 -62.20
C VAL E 292 59.76 -179.22 -62.96
N PRO E 293 60.52 -178.97 -64.02
CA PRO E 293 61.05 -180.06 -64.86
C PRO E 293 62.44 -180.55 -64.49
N PHE E 294 62.98 -180.14 -63.36
CA PHE E 294 64.38 -180.40 -63.04
C PHE E 294 64.54 -181.64 -62.17
N GLY E 295 64.15 -182.77 -62.75
CA GLY E 295 64.34 -184.06 -62.10
C GLY E 295 65.60 -184.73 -62.61
N ALA E 296 66.51 -185.02 -61.69
CA ALA E 296 67.79 -185.57 -62.07
C ALA E 296 67.68 -187.05 -62.42
N ALA E 297 68.53 -187.48 -63.34
CA ALA E 297 68.71 -188.90 -63.66
C ALA E 297 70.01 -189.46 -63.12
N VAL E 298 71.04 -188.63 -62.98
CA VAL E 298 72.31 -189.01 -62.40
C VAL E 298 72.52 -188.16 -61.14
N ASP E 299 73.04 -188.79 -60.09
CA ASP E 299 73.21 -188.13 -58.80
C ASP E 299 74.52 -187.35 -58.70
N ASN E 300 75.10 -186.95 -59.83
CA ASN E 300 76.34 -186.18 -59.85
C ASN E 300 76.06 -184.76 -60.30
N GLY E 301 76.55 -183.78 -59.52
CA GLY E 301 76.31 -182.39 -59.80
C GLY E 301 75.09 -181.85 -59.08
N ASN E 302 74.92 -180.53 -59.18
CA ASN E 302 73.81 -179.85 -58.54
C ASN E 302 72.87 -179.19 -59.54
N ASN E 303 72.76 -179.76 -60.74
CA ASN E 303 71.96 -179.12 -61.79
C ASN E 303 70.48 -179.36 -61.58
N ALA E 304 70.10 -180.52 -61.06
CA ALA E 304 68.69 -180.89 -60.94
C ALA E 304 68.45 -181.49 -59.56
N PHE E 305 67.28 -182.08 -59.37
CA PHE E 305 66.88 -182.70 -58.11
C PHE E 305 66.79 -184.21 -58.28
N ASP E 306 67.35 -184.95 -57.34
CA ASP E 306 67.27 -186.40 -57.36
C ASP E 306 65.82 -186.86 -57.17
N THR E 307 65.49 -187.99 -57.76
CA THR E 307 64.14 -188.51 -57.74
C THR E 307 63.91 -189.43 -56.55
N GLY E 308 62.64 -189.74 -56.29
CA GLY E 308 62.26 -190.61 -55.19
C GLY E 308 60.96 -191.31 -55.48
N GLY E 309 60.61 -192.24 -54.59
CA GLY E 309 59.46 -193.10 -54.82
C GLY E 309 58.13 -192.68 -54.25
N SER E 310 58.05 -192.44 -52.95
CA SER E 310 56.77 -192.17 -52.29
C SER E 310 56.68 -190.70 -51.91
N PRO E 311 55.75 -189.95 -52.48
CA PRO E 311 55.69 -188.50 -52.19
C PRO E 311 54.95 -188.22 -50.89
N TYR E 312 55.54 -187.36 -50.06
CA TYR E 312 54.89 -186.86 -48.87
C TYR E 312 55.23 -185.39 -48.71
N ASN E 313 54.31 -184.64 -48.13
CA ASN E 313 54.47 -183.19 -48.01
C ASN E 313 55.52 -182.89 -46.94
N ASN E 314 56.71 -182.47 -47.37
CA ASN E 314 57.79 -182.13 -46.46
C ASN E 314 57.89 -180.63 -46.24
N GLY E 315 56.87 -179.87 -46.62
CA GLY E 315 56.82 -178.46 -46.29
C GLY E 315 57.65 -177.55 -47.16
N ILE E 316 57.88 -177.92 -48.42
CA ILE E 316 58.66 -177.11 -49.35
C ILE E 316 57.70 -176.38 -50.28
N GLY E 317 57.86 -175.06 -50.39
CA GLY E 317 57.07 -174.28 -51.30
C GLY E 317 57.95 -173.38 -52.15
N THR E 318 57.37 -172.91 -53.26
CA THR E 318 58.09 -172.04 -54.16
C THR E 318 58.28 -170.67 -53.52
N THR E 319 58.91 -169.76 -54.26
CA THR E 319 59.17 -168.43 -53.75
C THR E 319 57.94 -167.53 -53.99
N GLN E 320 58.06 -166.28 -53.58
CA GLN E 320 57.00 -165.29 -53.76
C GLN E 320 57.39 -164.35 -54.89
N ASN E 321 56.51 -164.19 -55.86
CA ASN E 321 56.73 -163.22 -56.93
C ASN E 321 55.39 -162.88 -57.57
N GLN E 322 55.22 -161.60 -57.89
CA GLN E 322 53.97 -161.12 -58.47
C GLN E 322 53.82 -161.64 -59.89
N THR E 323 52.63 -162.10 -60.23
CA THR E 323 52.32 -162.36 -61.63
C THR E 323 52.14 -161.03 -62.34
N GLY E 324 52.83 -160.87 -63.47
CA GLY E 324 52.79 -159.61 -64.16
C GLY E 324 51.62 -159.53 -65.12
N ILE E 325 50.52 -158.91 -64.67
CA ILE E 325 49.33 -158.76 -65.49
C ILE E 325 48.82 -157.34 -65.35
N SER E 326 47.98 -156.93 -66.31
CA SER E 326 47.33 -155.64 -66.26
C SER E 326 46.05 -155.72 -67.09
N VAL E 327 45.02 -155.06 -66.61
CA VAL E 327 43.72 -155.12 -67.27
C VAL E 327 43.65 -154.07 -68.36
N ASN E 328 43.23 -154.49 -69.56
CA ASN E 328 43.16 -153.57 -70.68
C ASN E 328 41.96 -152.63 -70.54
N THR E 329 42.12 -151.44 -71.10
CA THR E 329 41.12 -150.39 -70.95
C THR E 329 39.85 -150.73 -71.70
N ALA E 330 38.72 -150.22 -71.19
CA ALA E 330 37.42 -150.44 -71.79
C ALA E 330 36.47 -149.35 -71.30
N ASN E 331 35.29 -149.30 -71.90
CA ASN E 331 34.30 -148.29 -71.57
C ASN E 331 33.00 -148.94 -71.13
N ALA E 332 32.40 -148.38 -70.09
CA ALA E 332 31.17 -148.93 -69.52
C ALA E 332 30.00 -148.77 -70.48
N ASN E 333 29.04 -149.69 -70.37
CA ASN E 333 27.84 -149.68 -71.21
C ASN E 333 26.85 -148.68 -70.62
N LEU E 334 26.76 -147.50 -71.23
CA LEU E 334 26.02 -146.38 -70.68
C LEU E 334 24.91 -145.97 -71.63
N SER E 335 23.74 -145.66 -71.07
CA SER E 335 22.62 -145.14 -71.84
C SER E 335 21.84 -144.15 -70.98
N ILE E 336 21.38 -143.08 -71.61
CA ILE E 336 20.63 -142.02 -70.93
C ILE E 336 19.17 -142.17 -71.31
N ASN E 337 18.30 -142.31 -70.32
CA ASN E 337 16.88 -142.41 -70.58
C ASN E 337 16.26 -141.03 -70.73
N THR E 338 15.29 -140.93 -71.64
CA THR E 338 14.64 -139.66 -71.89
C THR E 338 13.81 -139.22 -70.69
N SER E 339 13.75 -137.91 -70.48
CA SER E 339 13.02 -137.36 -69.36
C SER E 339 12.38 -136.04 -69.77
N SER E 340 11.13 -135.85 -69.37
CA SER E 340 10.49 -134.56 -69.53
C SER E 340 11.12 -133.54 -68.58
N THR E 341 11.14 -132.29 -69.01
CA THR E 341 11.80 -131.24 -68.24
C THR E 341 10.89 -130.61 -67.20
N GLY E 342 9.60 -130.93 -67.19
CA GLY E 342 8.70 -130.40 -66.18
C GLY E 342 8.56 -128.89 -66.20
N ILE E 343 8.57 -128.29 -67.39
CA ILE E 343 8.49 -126.84 -67.52
C ILE E 343 7.08 -126.36 -67.20
N SER E 344 6.98 -125.24 -66.48
CA SER E 344 5.72 -124.58 -66.24
C SER E 344 5.79 -123.16 -66.79
N ILE E 345 4.64 -122.65 -67.21
CA ILE E 345 4.54 -121.31 -67.79
C ILE E 345 3.83 -120.41 -66.78
N GLN E 346 4.50 -119.33 -66.39
CA GLN E 346 3.93 -118.43 -65.40
C GLN E 346 2.80 -117.60 -65.99
N SER E 347 1.96 -117.09 -65.10
CA SER E 347 0.84 -116.26 -65.53
C SER E 347 1.32 -114.91 -66.05
N ALA E 348 0.57 -114.36 -66.99
CA ALA E 348 0.88 -113.04 -67.52
C ALA E 348 -0.40 -112.43 -68.08
N SER E 349 -0.38 -111.12 -68.23
CA SER E 349 -1.48 -110.38 -68.84
C SER E 349 -1.10 -109.99 -70.26
N THR E 350 -2.12 -109.84 -71.10
CA THR E 350 -1.89 -109.45 -72.48
C THR E 350 -1.35 -108.03 -72.60
N GLY E 351 -1.47 -107.22 -71.55
CA GLY E 351 -0.81 -105.94 -71.48
C GLY E 351 -1.63 -104.76 -71.97
N LEU E 352 -2.68 -105.00 -72.74
CA LEU E 352 -3.49 -103.91 -73.27
C LEU E 352 -4.57 -103.51 -72.27
N THR E 353 -4.93 -102.23 -72.30
CA THR E 353 -5.80 -101.67 -71.28
C THR E 353 -7.02 -100.96 -71.86
N VAL E 354 -6.86 -100.30 -73.01
CA VAL E 354 -7.96 -99.56 -73.63
C VAL E 354 -8.03 -99.93 -75.11
N THR E 355 -9.22 -99.76 -75.67
CA THR E 355 -9.44 -99.99 -77.09
C THR E 355 -9.18 -98.69 -77.85
N SER E 356 -9.55 -98.64 -79.11
CA SER E 356 -9.40 -97.45 -79.92
C SER E 356 -10.72 -96.67 -79.95
N ASN E 357 -10.60 -95.40 -80.30
CA ASN E 357 -11.79 -94.56 -80.47
C ASN E 357 -12.62 -95.08 -81.63
N ALA E 358 -13.94 -95.18 -81.42
CA ALA E 358 -14.83 -95.74 -82.41
C ALA E 358 -15.87 -94.76 -82.92
N GLY E 359 -16.47 -93.97 -82.05
CA GLY E 359 -17.53 -93.08 -82.46
C GLY E 359 -17.04 -91.99 -83.39
N ASN E 360 -18.00 -91.38 -84.09
CA ASN E 360 -17.73 -90.27 -85.00
C ASN E 360 -18.72 -89.17 -84.68
N GLY E 361 -18.22 -88.00 -84.29
CA GLY E 361 -19.10 -86.93 -83.87
C GLY E 361 -19.45 -85.93 -84.95
N GLN E 362 -20.72 -85.88 -85.32
CA GLN E 362 -21.25 -84.79 -86.13
C GLN E 362 -22.72 -84.63 -85.81
N ALA E 363 -23.32 -83.57 -86.36
CA ALA E 363 -24.71 -83.24 -86.11
C ALA E 363 -25.59 -83.95 -87.12
N PHE E 364 -26.79 -84.32 -86.68
CA PHE E 364 -27.81 -84.84 -87.57
C PHE E 364 -29.07 -84.00 -87.44
N GLN E 365 -29.98 -84.18 -88.39
CA GLN E 365 -31.15 -83.33 -88.50
C GLN E 365 -32.36 -83.96 -87.80
N HIS E 366 -33.05 -83.17 -86.99
CA HIS E 366 -34.26 -83.62 -86.32
C HIS E 366 -35.23 -82.47 -86.20
N ASP E 367 -36.48 -82.71 -86.56
CA ASP E 367 -37.55 -81.72 -86.41
C ASP E 367 -38.84 -82.43 -86.01
N GLN E 368 -39.57 -81.80 -85.11
CA GLN E 368 -40.78 -82.38 -84.54
C GLN E 368 -41.90 -82.38 -85.57
N PRO E 369 -43.06 -82.98 -85.24
CA PRO E 369 -44.21 -82.83 -86.14
C PRO E 369 -44.46 -81.37 -86.47
N TYR E 370 -44.63 -81.09 -87.76
CA TYR E 370 -44.31 -79.78 -88.31
C TYR E 370 -45.36 -79.38 -89.34
N LEU E 371 -46.00 -78.24 -89.10
CA LEU E 371 -47.03 -77.69 -89.98
C LEU E 371 -46.75 -76.21 -90.21
N VAL E 372 -46.93 -75.77 -91.44
CA VAL E 372 -46.62 -74.39 -91.82
C VAL E 372 -47.89 -73.56 -91.85
N PHE E 373 -47.80 -72.34 -91.32
CA PHE E 373 -48.84 -71.34 -91.38
C PHE E 373 -48.26 -70.07 -91.98
N ARG E 374 -49.09 -69.05 -92.14
CA ARG E 374 -48.65 -67.73 -92.57
C ARG E 374 -48.97 -66.72 -91.48
N VAL E 375 -48.01 -65.86 -91.16
CA VAL E 375 -48.16 -64.92 -90.06
C VAL E 375 -48.41 -63.54 -90.65
N PHE E 376 -49.52 -62.93 -90.27
CA PHE E 376 -49.86 -61.58 -90.68
C PHE E 376 -49.92 -60.70 -89.44
N VAL E 377 -49.19 -59.59 -89.46
CA VAL E 377 -49.21 -58.63 -88.37
C VAL E 377 -50.25 -57.57 -88.67
N LYS E 378 -51.12 -57.31 -87.69
CA LYS E 378 -52.21 -56.36 -87.87
C LYS E 378 -51.67 -54.95 -87.85
N VAL E 379 -51.85 -54.23 -88.95
CA VAL E 379 -51.35 -52.87 -89.06
C VAL E 379 -52.50 -51.92 -89.38
N VAL F 2 -97.51 0.06 -66.72
CA VAL F 2 -96.20 0.56 -67.14
C VAL F 2 -96.36 1.70 -68.13
N ARG F 3 -97.11 1.45 -69.20
CA ARG F 3 -97.31 2.46 -70.23
C ARG F 3 -98.01 3.69 -69.67
N LYS F 4 -99.24 3.52 -69.22
CA LYS F 4 -99.97 4.62 -68.58
C LYS F 4 -99.37 4.89 -67.21
N VAL F 5 -99.05 6.15 -66.94
CA VAL F 5 -98.40 6.56 -65.71
C VAL F 5 -99.33 7.49 -64.95
N PHE F 6 -99.57 7.17 -63.68
CA PHE F 6 -100.39 8.01 -62.81
C PHE F 6 -99.52 8.99 -62.05
N ASN F 7 -100.12 10.10 -61.66
CA ASN F 7 -99.45 11.09 -60.81
C ASN F 7 -100.52 11.81 -60.01
N ASP F 8 -100.06 12.63 -59.07
CA ASP F 8 -100.98 13.37 -58.21
C ASP F 8 -101.92 14.23 -59.04
N GLY F 9 -103.20 14.16 -58.72
CA GLY F 9 -104.23 14.85 -59.47
C GLY F 9 -104.95 13.98 -60.48
N ASP F 10 -104.37 12.85 -60.86
CA ASP F 10 -105.06 11.92 -61.74
C ASP F 10 -106.22 11.26 -61.00
N ILE F 11 -107.27 10.93 -61.75
CA ILE F 11 -108.44 10.27 -61.20
C ILE F 11 -108.43 8.82 -61.66
N LEU F 12 -108.46 7.90 -60.70
CA LEU F 12 -108.47 6.48 -61.02
C LEU F 12 -109.79 6.10 -61.68
N TYR F 13 -109.71 5.29 -62.72
CA TYR F 13 -110.89 4.86 -63.45
C TYR F 13 -111.14 3.38 -63.22
N ALA F 14 -112.40 2.98 -63.40
CA ALA F 14 -112.77 1.58 -63.20
C ALA F 14 -112.05 0.68 -64.19
N GLU F 15 -111.94 1.12 -65.45
CA GLU F 15 -111.21 0.33 -66.43
C GLU F 15 -109.75 0.17 -66.04
N ASP F 16 -109.16 1.21 -65.42
CA ASP F 16 -107.78 1.10 -64.98
C ASP F 16 -107.61 0.02 -63.94
N VAL F 17 -108.55 -0.07 -62.98
CA VAL F 17 -108.45 -1.12 -61.97
C VAL F 17 -108.71 -2.48 -62.59
N ASN F 18 -109.65 -2.57 -63.53
CA ASN F 18 -109.93 -3.85 -64.17
C ASN F 18 -108.73 -4.34 -64.96
N ILE F 19 -108.03 -3.43 -65.64
CA ILE F 19 -106.80 -3.79 -66.34
C ILE F 19 -105.74 -4.21 -65.34
N ILE F 20 -105.55 -3.40 -64.30
CA ILE F 20 -104.53 -3.68 -63.29
C ILE F 20 -104.85 -4.98 -62.57
N GLY F 21 -106.13 -5.26 -62.36
CA GLY F 21 -106.53 -6.48 -61.69
C GLY F 21 -106.19 -7.75 -62.44
N GLN F 22 -105.95 -7.68 -63.75
CA GLN F 22 -105.60 -8.84 -64.55
C GLN F 22 -104.14 -8.74 -64.96
N PRO F 23 -103.21 -9.26 -64.16
CA PRO F 23 -101.79 -9.14 -64.50
C PRO F 23 -101.41 -10.05 -65.66
N PHE F 24 -100.59 -9.52 -66.56
CA PHE F 24 -100.02 -10.29 -67.65
C PHE F 24 -98.50 -10.19 -67.56
N VAL F 25 -97.84 -11.33 -67.50
CA VAL F 25 -96.38 -11.34 -67.49
C VAL F 25 -95.87 -11.69 -68.90
N ASP F 26 -95.62 -10.66 -69.70
CA ASP F 26 -95.15 -10.89 -71.06
C ASP F 26 -94.20 -9.81 -71.56
N GLY F 27 -93.74 -8.90 -70.69
CA GLY F 27 -92.80 -7.89 -71.10
C GLY F 27 -93.37 -6.77 -71.93
N GLN F 28 -94.65 -6.82 -72.26
CA GLN F 28 -95.28 -5.77 -73.04
C GLN F 28 -95.39 -4.50 -72.20
N ASP F 29 -95.23 -3.35 -72.85
CA ASP F 29 -95.26 -2.06 -72.15
C ASP F 29 -96.69 -1.54 -72.15
N LEU F 30 -97.48 -2.04 -71.19
CA LEU F 30 -98.86 -1.63 -71.02
C LEU F 30 -99.12 -1.49 -69.53
N LEU F 31 -100.34 -1.03 -69.19
CA LEU F 31 -100.64 -0.68 -67.80
C LEU F 31 -100.55 -1.88 -66.89
N GLY F 32 -101.10 -3.02 -67.30
CA GLY F 32 -101.12 -4.20 -66.45
C GLY F 32 -100.09 -5.26 -66.79
N HIS F 33 -99.35 -5.11 -67.88
CA HIS F 33 -98.40 -6.12 -68.33
C HIS F 33 -97.07 -5.86 -67.65
N GLY F 34 -96.64 -6.80 -66.80
CA GLY F 34 -95.48 -6.55 -65.98
C GLY F 34 -94.12 -6.71 -66.62
N LEU F 35 -93.76 -7.94 -66.97
CA LEU F 35 -92.43 -8.25 -67.48
C LEU F 35 -92.42 -9.72 -67.90
N LYS F 36 -91.28 -10.16 -68.40
CA LYS F 36 -91.13 -11.53 -68.90
C LYS F 36 -90.52 -12.41 -67.82
N VAL F 37 -91.01 -13.64 -67.71
CA VAL F 37 -90.62 -14.55 -66.64
C VAL F 37 -89.23 -15.09 -66.93
N ASP F 38 -88.31 -14.89 -65.98
CA ASP F 38 -86.97 -15.42 -66.06
C ASP F 38 -86.88 -16.73 -65.28
N ASP F 39 -85.67 -17.25 -65.10
CA ASP F 39 -85.51 -18.49 -64.35
C ASP F 39 -85.80 -18.29 -62.87
N ASN F 40 -85.45 -17.13 -62.33
CA ASN F 40 -85.68 -16.88 -60.90
C ASN F 40 -87.17 -16.84 -60.60
N SER F 41 -87.97 -16.28 -61.50
CA SER F 41 -89.41 -16.25 -61.29
C SER F 41 -90.02 -17.64 -61.29
N LEU F 42 -89.34 -18.63 -61.86
CA LEU F 42 -89.82 -20.01 -61.82
C LEU F 42 -89.56 -20.61 -60.45
N SER F 43 -90.50 -21.46 -60.02
CA SER F 43 -90.43 -22.03 -58.68
C SER F 43 -89.22 -22.95 -58.54
N ASP F 44 -88.53 -22.83 -57.42
CA ASP F 44 -87.24 -23.47 -57.22
C ASP F 44 -87.29 -24.74 -56.39
N GLU F 45 -88.42 -25.06 -55.77
CA GLU F 45 -88.54 -26.30 -55.02
C GLU F 45 -88.61 -27.48 -56.00
N PRO F 46 -88.25 -28.68 -55.54
CA PRO F 46 -88.30 -29.85 -56.43
C PRO F 46 -89.72 -30.17 -56.89
N GLN F 47 -89.85 -31.17 -57.75
CA GLN F 47 -91.11 -31.52 -58.41
C GLN F 47 -91.60 -30.38 -59.30
N ASN F 48 -90.66 -29.60 -59.82
CA ASN F 48 -90.99 -28.51 -60.74
C ASN F 48 -90.01 -28.52 -61.90
N ILE F 49 -90.44 -27.94 -63.01
CA ILE F 49 -89.69 -28.05 -64.26
C ILE F 49 -88.31 -27.44 -64.15
N LYS F 50 -88.13 -26.45 -63.27
CA LYS F 50 -86.84 -25.78 -63.17
C LYS F 50 -85.75 -26.74 -62.71
N THR F 51 -85.89 -27.31 -61.51
CA THR F 51 -84.87 -28.20 -61.00
C THR F 51 -84.82 -29.49 -61.80
N ARG F 52 -85.96 -29.99 -62.26
CA ARG F 52 -85.98 -31.19 -63.08
C ARG F 52 -85.15 -30.99 -64.35
N PHE F 53 -85.36 -29.87 -65.03
CA PHE F 53 -84.64 -29.61 -66.27
C PHE F 53 -83.16 -29.40 -66.01
N TYR F 54 -82.82 -28.65 -64.97
CA TYR F 54 -81.42 -28.31 -64.77
C TYR F 54 -80.61 -29.42 -64.12
N ALA F 55 -81.26 -30.37 -63.44
CA ALA F 55 -80.53 -31.50 -62.90
C ALA F 55 -80.05 -32.44 -64.01
N TRP F 56 -80.62 -32.32 -65.20
CA TRP F 56 -80.20 -33.09 -66.37
C TRP F 56 -79.36 -32.25 -67.33
N TYR F 57 -79.74 -30.99 -67.52
CA TYR F 57 -78.96 -30.10 -68.38
C TYR F 57 -77.57 -29.88 -67.83
N ASN F 58 -77.47 -29.48 -66.56
CA ASN F 58 -76.17 -29.20 -65.94
C ASN F 58 -75.63 -30.42 -65.20
N ARG F 59 -75.55 -31.56 -65.88
CA ARG F 59 -75.03 -32.77 -65.28
C ARG F 59 -73.59 -32.97 -65.75
N PHE F 60 -72.67 -33.03 -64.79
CA PHE F 60 -71.24 -33.17 -65.08
C PHE F 60 -70.76 -32.05 -66.00
N ARG F 61 -71.26 -30.85 -65.76
CA ARG F 61 -70.82 -29.70 -66.53
C ARG F 61 -69.51 -29.17 -65.98
N VAL F 62 -68.55 -28.91 -66.86
CA VAL F 62 -67.23 -28.46 -66.49
C VAL F 62 -67.15 -26.95 -66.68
N THR F 63 -66.70 -26.25 -65.64
CA THR F 63 -66.52 -24.81 -65.68
C THR F 63 -65.17 -24.45 -65.09
N VAL F 64 -64.64 -23.30 -65.51
CA VAL F 64 -63.35 -22.82 -65.03
C VAL F 64 -63.60 -22.19 -63.65
N GLN F 65 -63.32 -22.96 -62.60
CA GLN F 65 -63.48 -22.43 -61.25
C GLN F 65 -62.45 -21.33 -60.97
N SER F 66 -61.17 -21.67 -61.05
CA SER F 66 -60.13 -20.67 -60.84
C SER F 66 -58.76 -21.18 -61.29
N GLY F 67 -58.06 -20.39 -62.08
CA GLY F 67 -56.76 -20.84 -62.59
C GLY F 67 -56.93 -22.09 -63.44
N LEU F 68 -56.16 -23.11 -63.10
CA LEU F 68 -56.26 -24.40 -63.77
C LEU F 68 -57.29 -25.32 -63.14
N THR F 69 -57.96 -24.88 -62.09
CA THR F 69 -58.91 -25.70 -61.37
C THR F 69 -60.29 -25.55 -62.01
N LEU F 70 -60.82 -26.67 -62.51
CA LEU F 70 -62.12 -26.74 -63.15
C LEU F 70 -63.09 -27.41 -62.19
N SER F 71 -64.32 -26.91 -62.19
CA SER F 71 -65.40 -27.44 -61.37
C SER F 71 -66.29 -28.35 -62.21
N VAL F 72 -66.69 -29.47 -61.64
CA VAL F 72 -67.60 -30.41 -62.26
C VAL F 72 -68.81 -30.54 -61.34
N THR F 73 -69.99 -30.27 -61.88
CA THR F 73 -71.21 -30.35 -61.09
C THR F 73 -71.50 -31.81 -60.73
N GLN F 74 -72.44 -32.00 -59.80
CA GLN F 74 -72.77 -33.33 -59.34
C GLN F 74 -73.49 -34.10 -60.42
N GLY F 75 -73.55 -35.42 -60.25
CA GLY F 75 -74.25 -36.26 -61.19
C GLY F 75 -74.24 -37.70 -60.74
N SER F 76 -74.65 -38.58 -61.64
CA SER F 76 -74.62 -40.01 -61.38
C SER F 76 -74.35 -40.74 -62.68
N ILE F 77 -73.71 -41.90 -62.56
CA ILE F 77 -73.40 -42.74 -63.71
C ILE F 77 -73.91 -44.15 -63.45
N SER F 78 -74.18 -44.87 -64.52
CA SER F 78 -74.63 -46.25 -64.45
C SER F 78 -73.54 -47.16 -65.01
N VAL F 79 -73.06 -48.07 -64.18
CA VAL F 79 -72.04 -49.03 -64.56
C VAL F 79 -72.68 -50.40 -64.43
N SER F 80 -73.08 -50.98 -65.56
CA SER F 80 -73.73 -52.29 -65.59
C SER F 80 -74.94 -52.35 -64.68
N GLY F 81 -75.67 -51.23 -64.57
CA GLY F 81 -76.84 -51.14 -63.74
C GLY F 81 -76.60 -50.68 -62.33
N ASN F 82 -75.34 -50.51 -61.91
CA ASN F 82 -75.02 -49.99 -60.59
C ASN F 82 -74.88 -48.48 -60.69
N ILE F 83 -75.59 -47.76 -59.83
CA ILE F 83 -75.62 -46.30 -59.89
C ILE F 83 -74.58 -45.75 -58.93
N ILE F 84 -73.63 -44.99 -59.46
CA ILE F 84 -72.58 -44.37 -58.68
C ILE F 84 -72.73 -42.86 -58.78
N SER F 85 -72.91 -42.21 -57.65
CA SER F 85 -73.19 -40.77 -57.61
C SER F 85 -71.93 -40.01 -57.23
N PHE F 86 -71.75 -38.83 -57.83
CA PHE F 86 -70.62 -37.98 -57.57
C PHE F 86 -71.11 -36.60 -57.14
N PRO F 87 -70.63 -36.09 -56.02
CA PRO F 87 -70.93 -34.70 -55.64
C PRO F 87 -70.15 -33.75 -56.52
N PRO F 88 -70.42 -32.45 -56.44
CA PRO F 88 -69.60 -31.49 -57.20
C PRO F 88 -68.15 -31.59 -56.77
N GLN F 89 -67.27 -31.78 -57.75
CA GLN F 89 -65.86 -31.97 -57.48
C GLN F 89 -65.04 -30.98 -58.29
N THR F 90 -63.73 -30.98 -58.06
CA THR F 90 -62.80 -30.12 -58.76
C THR F 90 -61.63 -30.95 -59.27
N ILE F 91 -61.03 -30.49 -60.36
CA ILE F 91 -59.85 -31.16 -60.91
C ILE F 91 -59.02 -30.14 -61.66
N ASN F 92 -57.71 -30.32 -61.65
CA ASN F 92 -56.81 -29.37 -62.27
C ASN F 92 -56.47 -29.80 -63.68
N ALA F 93 -56.61 -28.87 -64.63
CA ALA F 93 -56.30 -29.17 -66.02
C ALA F 93 -54.80 -29.33 -66.21
N ILE F 94 -54.43 -30.06 -67.26
CA ILE F 94 -53.03 -30.23 -67.61
C ILE F 94 -52.56 -28.95 -68.30
N ASP F 95 -51.50 -28.35 -67.79
CA ASP F 95 -51.09 -27.04 -68.25
C ASP F 95 -50.47 -27.11 -69.64
N ASN F 96 -50.63 -26.01 -70.38
CA ASN F 96 -50.05 -25.87 -71.72
C ASN F 96 -50.45 -27.04 -72.63
N ALA F 97 -51.72 -27.42 -72.56
CA ALA F 97 -52.16 -28.58 -73.33
C ALA F 97 -53.63 -28.44 -73.69
N ASN F 98 -54.01 -29.19 -74.72
CA ASN F 98 -55.40 -29.37 -75.11
C ASN F 98 -55.86 -30.70 -74.53
N SER F 99 -56.18 -30.69 -73.26
CA SER F 99 -56.48 -31.89 -72.50
C SER F 99 -57.97 -32.20 -72.53
N PHE F 100 -58.31 -33.38 -72.02
CA PHE F 100 -59.68 -33.88 -72.02
C PHE F 100 -60.07 -34.25 -70.59
N VAL F 101 -61.19 -33.71 -70.13
CA VAL F 101 -61.79 -34.07 -68.86
C VAL F 101 -62.87 -35.09 -69.13
N TRP F 102 -62.79 -36.26 -68.49
CA TRP F 102 -63.73 -37.34 -68.71
C TRP F 102 -63.92 -38.10 -67.41
N ILE F 103 -64.80 -39.10 -67.45
CA ILE F 103 -65.06 -39.97 -66.30
C ILE F 103 -64.87 -41.41 -66.74
N GLY F 104 -64.11 -42.16 -65.96
CA GLY F 104 -63.92 -43.56 -66.30
C GLY F 104 -62.85 -44.27 -65.51
N LYS F 105 -61.97 -45.01 -66.21
CA LYS F 105 -60.93 -45.78 -65.56
C LYS F 105 -59.75 -45.90 -66.52
N THR F 106 -58.64 -46.40 -65.99
CA THR F 106 -57.43 -46.62 -66.75
C THR F 106 -56.99 -48.07 -66.62
N ASP F 107 -55.98 -48.43 -67.41
CA ASP F 107 -55.41 -49.77 -67.32
C ASP F 107 -54.75 -50.00 -65.97
N ALA F 108 -54.21 -48.94 -65.36
CA ALA F 108 -53.53 -49.04 -64.08
C ALA F 108 -54.44 -48.74 -62.90
N ASP F 109 -55.73 -48.50 -63.14
CA ASP F 109 -56.62 -48.15 -62.04
C ASP F 109 -58.04 -48.59 -62.39
N PRO F 110 -58.62 -49.51 -61.61
CA PRO F 110 -59.99 -49.95 -61.89
C PRO F 110 -61.07 -49.03 -61.33
N ALA F 111 -60.73 -48.12 -60.42
CA ALA F 111 -61.73 -47.24 -59.84
C ALA F 111 -62.23 -46.25 -60.88
N ILE F 112 -63.54 -46.07 -60.94
CA ILE F 112 -64.16 -45.14 -61.87
C ILE F 112 -64.20 -43.77 -61.21
N ALA F 113 -63.59 -42.79 -61.86
CA ALA F 113 -63.45 -41.47 -61.25
C ALA F 113 -63.31 -40.43 -62.36
N LEU F 114 -63.27 -39.17 -61.94
CA LEU F 114 -63.05 -38.06 -62.85
C LEU F 114 -61.56 -37.94 -63.13
N ARG F 115 -61.19 -37.92 -64.42
CA ARG F 115 -59.80 -37.89 -64.81
C ARG F 115 -59.58 -36.86 -65.89
N VAL F 116 -58.35 -36.37 -65.97
CA VAL F 116 -57.92 -35.45 -67.01
C VAL F 116 -56.74 -36.11 -67.72
N SER F 117 -56.85 -36.24 -69.04
CA SER F 117 -55.78 -36.84 -69.82
C SER F 117 -55.49 -35.96 -71.03
N GLN F 118 -54.64 -36.43 -71.94
CA GLN F 118 -54.38 -35.70 -73.17
C GLN F 118 -55.03 -36.34 -74.38
N THR F 119 -55.51 -37.57 -74.25
CA THR F 119 -56.22 -38.26 -75.33
C THR F 119 -57.45 -38.93 -74.75
N LEU F 120 -58.57 -38.84 -75.47
CA LEU F 120 -59.79 -39.48 -75.02
C LEU F 120 -59.64 -40.99 -75.08
N PRO F 121 -59.85 -41.71 -73.99
CA PRO F 121 -59.84 -43.18 -74.05
C PRO F 121 -61.03 -43.70 -74.82
N ASN F 122 -60.89 -44.94 -75.31
CA ASN F 122 -61.96 -45.55 -76.09
C ASN F 122 -63.22 -45.76 -75.26
N VAL F 123 -63.07 -46.16 -74.01
CA VAL F 123 -64.18 -46.39 -73.11
C VAL F 123 -64.13 -45.29 -72.04
N CYS F 124 -65.11 -44.40 -72.07
CA CYS F 124 -65.13 -43.25 -71.16
C CYS F 124 -66.48 -42.55 -71.32
N ILE F 125 -66.69 -41.55 -70.47
CA ILE F 125 -67.76 -40.59 -70.64
C ILE F 125 -67.13 -39.22 -70.84
N PRO F 126 -67.01 -38.76 -72.08
CA PRO F 126 -66.38 -37.46 -72.33
C PRO F 126 -67.17 -36.34 -71.69
N LEU F 127 -66.46 -35.41 -71.08
CA LEU F 127 -67.09 -34.25 -70.47
C LEU F 127 -66.67 -32.95 -71.13
N ALA F 128 -65.37 -32.69 -71.27
CA ALA F 128 -64.96 -31.44 -71.86
C ALA F 128 -63.58 -31.56 -72.50
N ARG F 129 -63.31 -30.64 -73.42
CA ARG F 129 -61.99 -30.42 -73.98
C ARG F 129 -61.51 -29.07 -73.49
N VAL F 130 -60.45 -29.07 -72.68
CA VAL F 130 -59.96 -27.87 -72.03
C VAL F 130 -58.61 -27.51 -72.66
N ILE F 131 -58.51 -26.30 -73.20
CA ILE F 131 -57.26 -25.78 -73.72
C ILE F 131 -56.72 -24.80 -72.68
N ALA F 132 -55.57 -25.14 -72.10
CA ALA F 132 -54.98 -24.36 -71.02
C ALA F 132 -53.54 -24.01 -71.36
N ALA F 133 -53.12 -22.80 -70.97
CA ALA F 133 -51.78 -22.33 -71.27
C ALA F 133 -51.31 -21.40 -70.15
N SER F 134 -50.10 -21.66 -69.65
CA SER F 134 -49.43 -20.78 -68.68
C SER F 134 -50.23 -20.64 -67.39
N GLY F 135 -50.66 -21.77 -66.84
CA GLY F 135 -51.39 -21.76 -65.59
C GLY F 135 -52.78 -21.17 -65.67
N SER F 136 -53.31 -21.00 -66.87
CA SER F 136 -54.64 -20.45 -67.06
C SER F 136 -55.39 -21.29 -68.09
N VAL F 137 -56.70 -21.37 -67.92
CA VAL F 137 -57.56 -22.12 -68.81
C VAL F 137 -58.02 -21.18 -69.91
N THR F 138 -57.45 -21.33 -71.10
CA THR F 138 -57.81 -20.46 -72.22
C THR F 138 -59.24 -20.70 -72.67
N SER F 139 -59.66 -21.97 -72.77
CA SER F 139 -61.00 -22.24 -73.23
C SER F 139 -61.46 -23.61 -72.74
N VAL F 140 -62.78 -23.77 -72.66
CA VAL F 140 -63.43 -25.02 -72.31
C VAL F 140 -64.53 -25.29 -73.33
N THR F 141 -64.50 -26.47 -73.96
CA THR F 141 -65.53 -26.87 -74.91
C THR F 141 -66.29 -28.06 -74.34
N ASP F 142 -67.60 -27.91 -74.22
CA ASP F 142 -68.45 -28.95 -73.65
C ASP F 142 -68.53 -30.14 -74.59
N LEU F 143 -68.27 -31.34 -74.07
CA LEU F 143 -68.33 -32.55 -74.87
C LEU F 143 -69.53 -33.42 -74.58
N ARG F 144 -70.09 -33.36 -73.37
CA ARG F 144 -71.27 -34.12 -73.02
C ARG F 144 -72.55 -33.33 -73.27
N ASP F 145 -72.45 -32.25 -74.03
CA ASP F 145 -73.58 -31.38 -74.29
C ASP F 145 -74.80 -32.17 -74.76
N VAL F 146 -75.97 -31.79 -74.25
CA VAL F 146 -77.19 -32.47 -74.62
C VAL F 146 -77.61 -32.13 -76.04
N SER F 147 -77.07 -31.04 -76.60
CA SER F 147 -77.40 -30.66 -77.96
C SER F 147 -76.45 -31.27 -78.99
N VAL F 148 -75.19 -31.48 -78.64
CA VAL F 148 -74.25 -32.15 -79.55
C VAL F 148 -74.47 -33.65 -79.46
N ASP F 149 -74.40 -34.32 -80.60
CA ASP F 149 -74.60 -35.75 -80.68
C ASP F 149 -73.29 -36.42 -81.07
N ILE F 150 -72.85 -37.38 -80.27
CA ILE F 150 -71.62 -38.11 -80.52
C ILE F 150 -71.95 -39.26 -81.47
N LEU F 151 -71.33 -39.26 -82.65
CA LEU F 151 -71.53 -40.36 -83.58
C LEU F 151 -70.70 -41.56 -83.14
N PRO F 152 -71.26 -42.76 -83.22
CA PRO F 152 -70.54 -43.95 -82.75
C PRO F 152 -69.34 -44.25 -83.63
N PRO F 153 -68.38 -45.01 -83.13
CA PRO F 153 -67.21 -45.36 -83.95
C PRO F 153 -67.57 -46.37 -85.04
N SER F 154 -66.66 -46.48 -86.00
CA SER F 154 -66.88 -47.38 -87.13
C SER F 154 -66.92 -48.83 -86.67
N ILE F 155 -67.61 -49.66 -87.44
CA ILE F 155 -67.69 -51.09 -87.12
C ILE F 155 -66.29 -51.69 -87.18
N PRO F 156 -65.86 -52.45 -86.18
CA PRO F 156 -64.51 -53.01 -86.20
C PRO F 156 -64.32 -53.94 -87.39
N ASP F 157 -63.11 -53.90 -87.95
CA ASP F 157 -62.76 -54.81 -89.03
C ASP F 157 -62.68 -56.23 -88.48
N ALA F 158 -63.54 -57.11 -89.00
CA ALA F 158 -63.56 -58.48 -88.52
C ALA F 158 -62.31 -59.22 -88.97
N VAL F 159 -62.08 -60.38 -88.35
CA VAL F 159 -60.95 -61.21 -88.78
C VAL F 159 -61.17 -61.64 -90.23
N PRO F 160 -60.15 -61.61 -91.08
CA PRO F 160 -60.36 -62.02 -92.47
C PRO F 160 -60.84 -63.46 -92.57
N VAL F 161 -61.73 -63.70 -93.54
CA VAL F 161 -62.21 -65.06 -93.75
C VAL F 161 -61.05 -65.94 -94.18
N GLY F 162 -61.04 -67.17 -93.67
CA GLY F 162 -59.97 -68.10 -93.96
C GLY F 162 -58.73 -67.93 -93.11
N SER F 163 -58.61 -66.82 -92.39
CA SER F 163 -57.49 -66.63 -91.46
C SER F 163 -57.85 -67.27 -90.13
N THR F 164 -57.05 -68.25 -89.71
CA THR F 164 -57.35 -69.00 -88.51
C THR F 164 -57.07 -68.18 -87.26
N ILE F 165 -57.74 -68.56 -86.18
CA ILE F 165 -57.50 -68.03 -84.85
C ILE F 165 -57.25 -69.20 -83.92
N ILE F 166 -56.58 -68.91 -82.82
CA ILE F 166 -56.29 -69.91 -81.80
C ILE F 166 -57.17 -69.62 -80.60
N SER F 167 -57.51 -70.67 -79.86
CA SER F 167 -58.39 -70.51 -78.73
C SER F 167 -58.15 -71.62 -77.72
N LEU F 168 -58.22 -71.27 -76.44
CA LEU F 168 -58.17 -72.22 -75.34
C LEU F 168 -59.57 -72.62 -74.90
N ILE F 169 -60.40 -73.03 -75.86
CA ILE F 169 -61.78 -73.42 -75.59
C ILE F 169 -61.83 -74.85 -75.08
N PRO F 170 -62.38 -75.08 -73.88
CA PRO F 170 -62.56 -76.46 -73.43
C PRO F 170 -63.57 -77.17 -74.30
N PRO F 171 -63.48 -78.50 -74.42
CA PRO F 171 -64.43 -79.23 -75.28
C PRO F 171 -65.88 -79.03 -74.88
N THR F 172 -66.14 -78.76 -73.59
CA THR F 172 -67.50 -78.49 -73.14
C THR F 172 -68.06 -77.22 -73.77
N ALA F 173 -67.24 -76.18 -73.86
CA ALA F 173 -67.72 -74.89 -74.35
C ALA F 173 -68.09 -74.98 -75.83
N PRO F 174 -69.05 -74.18 -76.27
CA PRO F 174 -69.47 -74.22 -77.67
C PRO F 174 -68.47 -73.56 -78.60
N ILE F 175 -68.47 -74.01 -79.85
CA ILE F 175 -67.61 -73.42 -80.88
C ILE F 175 -68.12 -72.02 -81.19
N PRO F 176 -67.24 -71.03 -81.39
CA PRO F 176 -67.70 -69.71 -81.80
C PRO F 176 -68.43 -69.76 -83.14
N ALA F 177 -69.46 -68.94 -83.27
CA ALA F 177 -70.24 -68.89 -84.49
C ALA F 177 -69.40 -68.32 -85.64
N GLY F 178 -69.60 -68.87 -86.83
CA GLY F 178 -68.84 -68.42 -87.98
C GLY F 178 -67.45 -69.00 -88.08
N TYR F 179 -67.14 -70.03 -87.30
CA TYR F 179 -65.81 -70.62 -87.27
C TYR F 179 -65.92 -72.12 -87.45
N LEU F 180 -64.99 -72.68 -88.23
CA LEU F 180 -64.91 -74.11 -88.46
C LEU F 180 -63.75 -74.68 -87.66
N GLU F 181 -64.01 -75.76 -86.94
CA GLU F 181 -63.03 -76.38 -86.05
C GLU F 181 -62.19 -77.37 -86.84
N LEU F 182 -60.87 -77.20 -86.80
CA LEU F 182 -59.96 -78.16 -87.39
C LEU F 182 -59.69 -79.30 -86.43
N LEU F 183 -59.53 -80.50 -86.97
CA LEU F 183 -59.41 -81.71 -86.16
C LEU F 183 -58.07 -82.40 -86.46
N ASN F 184 -57.89 -83.57 -85.85
CA ASN F 184 -56.69 -84.37 -86.09
C ASN F 184 -56.59 -84.79 -87.54
N SER F 185 -57.71 -85.18 -88.14
CA SER F 185 -57.73 -85.68 -89.51
C SER F 185 -58.30 -84.63 -90.44
N SER F 186 -57.75 -84.55 -91.65
CA SER F 186 -58.27 -83.64 -92.66
C SER F 186 -59.73 -83.95 -92.94
N GLN F 187 -60.55 -82.91 -93.02
CA GLN F 187 -61.99 -83.06 -93.20
C GLN F 187 -62.40 -82.61 -94.59
N ASN F 188 -63.66 -82.85 -94.92
CA ASN F 188 -64.25 -82.40 -96.17
C ASN F 188 -65.55 -81.68 -95.86
N VAL F 189 -65.73 -80.52 -96.47
CA VAL F 189 -66.87 -79.64 -96.18
C VAL F 189 -67.50 -79.19 -97.49
N SER F 190 -68.80 -78.88 -97.42
CA SER F 190 -69.56 -78.57 -98.62
C SER F 190 -69.06 -77.28 -99.28
N ARG F 191 -69.08 -77.28 -100.61
CA ARG F 191 -68.60 -76.12 -101.36
C ARG F 191 -69.61 -74.98 -101.35
N THR F 192 -70.90 -75.29 -101.36
CA THR F 192 -71.92 -74.24 -101.43
C THR F 192 -71.88 -73.37 -100.18
N THR F 193 -71.71 -73.97 -99.02
CA THR F 193 -71.46 -73.21 -97.81
C THR F 193 -69.95 -73.03 -97.64
N TYR F 194 -69.58 -72.14 -96.72
CA TYR F 194 -68.20 -71.68 -96.59
C TYR F 194 -67.68 -71.22 -97.95
N SER F 195 -68.52 -70.49 -98.67
CA SER F 195 -68.21 -70.12 -100.05
C SER F 195 -66.97 -69.22 -100.12
N ALA F 196 -66.88 -68.25 -99.22
CA ALA F 196 -65.68 -67.42 -99.18
C ALA F 196 -64.45 -68.25 -98.84
N LEU F 197 -64.59 -69.16 -97.87
CA LEU F 197 -63.48 -70.04 -97.52
C LEU F 197 -63.06 -70.89 -98.70
N PHE F 198 -64.02 -71.40 -99.45
CA PHE F 198 -63.68 -72.24 -100.60
C PHE F 198 -62.99 -71.43 -101.69
N VAL F 199 -63.54 -70.26 -102.03
CA VAL F 199 -62.92 -69.47 -103.10
C VAL F 199 -61.54 -68.99 -102.68
N LEU F 200 -61.30 -68.82 -101.37
CA LEU F 200 -59.97 -68.48 -100.91
C LEU F 200 -59.04 -69.69 -100.91
N TRP F 201 -59.58 -70.89 -100.73
CA TRP F 201 -58.78 -72.10 -100.68
C TRP F 201 -58.94 -72.95 -101.93
N GLY F 202 -60.18 -73.28 -102.31
CA GLY F 202 -60.37 -74.23 -103.39
C GLY F 202 -60.05 -75.64 -102.92
N THR F 203 -59.54 -76.45 -103.83
CA THR F 203 -59.06 -77.78 -103.48
C THR F 203 -57.56 -77.78 -103.16
N TYR F 204 -57.16 -76.87 -102.27
CA TYR F 204 -55.76 -76.75 -101.89
C TYR F 204 -55.38 -77.66 -100.73
N TYR F 205 -56.36 -78.18 -100.00
CA TYR F 205 -56.10 -79.11 -98.91
C TYR F 205 -57.03 -80.32 -99.02
N GLY F 206 -57.35 -80.71 -100.24
CA GLY F 206 -58.26 -81.83 -100.48
C GLY F 206 -59.39 -81.39 -101.38
N ASN F 207 -59.97 -82.35 -102.09
CA ASN F 207 -61.04 -82.09 -103.03
C ASN F 207 -62.38 -82.68 -102.59
N GLY F 208 -62.42 -83.41 -101.49
CA GLY F 208 -63.66 -84.01 -101.04
C GLY F 208 -64.23 -84.93 -102.10
N ASP F 209 -65.53 -84.77 -102.38
CA ASP F 209 -66.16 -85.52 -103.45
C ASP F 209 -65.74 -85.03 -104.84
N GLY F 210 -65.13 -83.86 -104.92
CA GLY F 210 -64.71 -83.28 -106.18
C GLY F 210 -65.71 -82.35 -106.83
N SER F 211 -66.98 -82.43 -106.44
CA SER F 211 -68.01 -81.54 -106.97
C SER F 211 -68.67 -80.68 -105.91
N THR F 212 -69.16 -81.28 -104.83
CA THR F 212 -69.93 -80.56 -103.82
C THR F 212 -69.14 -80.30 -102.55
N THR F 213 -67.93 -80.82 -102.42
CA THR F 213 -67.13 -80.66 -101.21
C THR F 213 -65.71 -80.27 -101.58
N PHE F 214 -64.96 -79.90 -100.54
CA PHE F 214 -63.54 -79.62 -100.66
C PHE F 214 -62.88 -79.92 -99.33
N GLY F 215 -61.57 -80.14 -99.38
CA GLY F 215 -60.82 -80.63 -98.23
C GLY F 215 -60.18 -79.51 -97.42
N VAL F 216 -60.31 -79.61 -96.10
CA VAL F 216 -59.67 -78.72 -95.16
C VAL F 216 -58.63 -79.52 -94.38
N PRO F 217 -57.45 -78.97 -94.13
CA PRO F 217 -56.37 -79.78 -93.55
C PRO F 217 -56.64 -80.12 -92.09
N GLY F 218 -56.07 -81.25 -91.67
CA GLY F 218 -56.17 -81.72 -90.31
C GLY F 218 -54.85 -81.55 -89.59
N THR F 219 -54.92 -81.38 -88.27
CA THR F 219 -53.74 -81.17 -87.43
C THR F 219 -53.71 -82.28 -86.38
N GLY F 220 -52.98 -83.35 -86.67
CA GLY F 220 -52.89 -84.44 -85.73
C GLY F 220 -51.67 -84.33 -84.82
N GLY F 221 -51.87 -83.79 -83.62
CA GLY F 221 -50.79 -83.68 -82.66
C GLY F 221 -49.61 -82.87 -83.15
N ARG F 222 -49.79 -82.07 -84.18
CA ARG F 222 -48.68 -81.41 -84.87
C ARG F 222 -48.40 -80.05 -84.24
N PHE F 223 -47.12 -79.67 -84.27
CA PHE F 223 -46.71 -78.40 -83.69
C PHE F 223 -46.99 -77.24 -84.65
N LEU F 224 -46.96 -76.04 -84.09
CA LEU F 224 -47.14 -74.81 -84.85
C LEU F 224 -45.78 -74.35 -85.34
N ARG F 225 -45.65 -74.09 -86.64
CA ARG F 225 -44.39 -73.60 -87.15
C ARG F 225 -44.63 -72.58 -88.24
N LEU F 226 -43.88 -71.48 -88.20
CA LEU F 226 -44.02 -70.40 -89.16
C LEU F 226 -43.48 -70.82 -90.52
N GLY F 227 -43.77 -70.01 -91.53
CA GLY F 227 -43.33 -70.28 -92.88
C GLY F 227 -41.95 -69.73 -93.16
N GLY F 228 -41.56 -69.85 -94.42
CA GLY F 228 -40.27 -69.35 -94.89
C GLY F 228 -39.25 -70.47 -94.98
N SER F 229 -38.02 -70.05 -95.33
CA SER F 229 -36.90 -70.96 -95.53
C SER F 229 -37.22 -72.04 -96.56
N GLY F 230 -37.91 -71.64 -97.62
CA GLY F 230 -38.26 -72.56 -98.69
C GLY F 230 -39.45 -73.45 -98.40
N LEU F 231 -40.10 -73.28 -97.24
CA LEU F 231 -41.24 -74.11 -96.88
C LEU F 231 -42.52 -73.39 -97.28
N SER F 232 -43.32 -74.05 -98.11
CA SER F 232 -44.60 -73.49 -98.53
C SER F 232 -45.62 -73.60 -97.40
N VAL F 233 -46.72 -72.86 -97.55
CA VAL F 233 -47.80 -72.92 -96.58
C VAL F 233 -48.45 -74.30 -96.63
N GLY F 234 -48.95 -74.75 -95.48
CA GLY F 234 -49.63 -76.02 -95.41
C GLY F 234 -48.75 -77.23 -95.61
N ASP F 235 -47.44 -77.09 -95.45
CA ASP F 235 -46.54 -78.21 -95.57
C ASP F 235 -46.64 -79.11 -94.33
N ILE F 236 -46.08 -80.31 -94.45
CA ILE F 236 -46.14 -81.31 -93.40
C ILE F 236 -44.77 -81.96 -93.27
N GLY F 237 -44.56 -82.63 -92.14
CA GLY F 237 -43.35 -83.38 -91.95
C GLY F 237 -42.96 -83.44 -90.49
N GLY F 238 -41.77 -83.98 -90.26
CA GLY F 238 -41.24 -84.12 -88.92
C GLY F 238 -41.61 -85.44 -88.28
N SER F 239 -41.00 -85.71 -87.12
CA SER F 239 -41.27 -86.92 -86.39
C SER F 239 -40.83 -86.76 -84.95
N ASN F 240 -41.63 -87.29 -84.02
CA ASN F 240 -41.25 -87.31 -82.62
C ASN F 240 -40.22 -88.38 -82.31
N GLN F 241 -40.05 -89.35 -83.19
CA GLN F 241 -39.10 -90.44 -82.98
C GLN F 241 -37.78 -90.09 -83.66
N ILE F 242 -36.68 -90.27 -82.95
CA ILE F 242 -35.35 -90.00 -83.49
C ILE F 242 -34.49 -91.25 -83.36
N THR F 243 -33.84 -91.62 -84.46
CA THR F 243 -32.84 -92.69 -84.46
C THR F 243 -31.49 -92.06 -84.73
N ILE F 244 -30.56 -92.26 -83.81
CA ILE F 244 -29.22 -91.69 -83.96
C ILE F 244 -28.53 -92.40 -85.12
N PRO F 245 -28.12 -91.69 -86.17
CA PRO F 245 -27.37 -92.33 -87.24
C PRO F 245 -26.05 -92.85 -86.72
N THR F 246 -25.64 -94.01 -87.24
CA THR F 246 -24.38 -94.60 -86.80
C THR F 246 -23.21 -93.69 -87.13
N ASN F 247 -23.35 -92.82 -88.13
CA ASN F 247 -22.30 -91.85 -88.41
C ASN F 247 -22.12 -90.88 -87.26
N ALA F 248 -23.21 -90.44 -86.63
CA ALA F 248 -23.15 -89.50 -85.52
C ALA F 248 -23.15 -90.28 -84.22
N LEU F 249 -22.02 -90.27 -83.52
CA LEU F 249 -21.88 -91.01 -82.28
C LEU F 249 -20.64 -90.48 -81.56
N PRO F 250 -20.76 -90.15 -80.27
CA PRO F 250 -19.61 -89.59 -79.55
C PRO F 250 -18.42 -90.54 -79.59
N SER F 251 -17.28 -90.03 -80.02
CA SER F 251 -16.08 -90.84 -80.11
C SER F 251 -15.60 -91.22 -78.72
N HIS F 252 -15.39 -92.51 -78.50
CA HIS F 252 -15.09 -93.02 -77.17
C HIS F 252 -14.28 -94.29 -77.27
N GLN F 253 -13.67 -94.67 -76.15
CA GLN F 253 -12.92 -95.91 -76.06
C GLN F 253 -13.23 -96.56 -74.72
N HIS F 254 -13.48 -97.87 -74.74
CA HIS F 254 -13.72 -98.59 -73.51
C HIS F 254 -12.40 -99.09 -72.93
N GLY F 255 -12.36 -99.17 -71.60
CA GLY F 255 -11.26 -99.85 -70.96
C GLY F 255 -11.38 -101.35 -71.07
N ILE F 256 -10.25 -102.02 -70.86
CA ILE F 256 -10.19 -103.48 -70.90
C ILE F 256 -9.84 -103.96 -69.50
N PRO F 257 -10.65 -104.82 -68.89
CA PRO F 257 -10.36 -105.25 -67.51
C PRO F 257 -9.07 -106.04 -67.44
N ALA F 258 -8.42 -105.94 -66.28
CA ALA F 258 -7.20 -106.69 -66.05
C ALA F 258 -7.49 -108.19 -66.13
N ASN F 259 -6.62 -108.92 -66.81
CA ASN F 259 -6.82 -110.34 -67.02
C ASN F 259 -5.51 -111.06 -66.79
N THR F 260 -5.56 -112.39 -66.92
CA THR F 260 -4.41 -113.24 -66.67
C THR F 260 -4.64 -114.57 -67.37
N HIS F 261 -3.68 -115.00 -68.19
CA HIS F 261 -3.77 -116.27 -68.88
C HIS F 261 -2.44 -116.99 -68.81
N THR F 262 -2.51 -118.32 -68.88
CA THR F 262 -1.34 -119.17 -68.95
C THR F 262 -1.49 -120.12 -70.12
N HIS F 263 -0.35 -120.61 -70.62
CA HIS F 263 -0.32 -121.58 -71.68
C HIS F 263 0.23 -122.89 -71.15
N SER F 264 -0.47 -123.99 -71.42
CA SER F 264 0.07 -125.30 -71.09
C SER F 264 1.27 -125.61 -71.98
N VAL F 265 2.11 -126.53 -71.51
CA VAL F 265 3.36 -126.86 -72.17
C VAL F 265 3.22 -128.20 -72.86
N ASN F 266 3.67 -128.28 -74.10
CA ASN F 266 3.71 -129.53 -74.86
C ASN F 266 5.15 -130.03 -74.81
N ASP F 267 5.48 -130.71 -73.71
CA ASP F 267 6.86 -131.05 -73.39
C ASP F 267 7.31 -132.37 -74.03
N GLY F 268 6.51 -133.41 -73.93
CA GLY F 268 6.97 -134.73 -74.36
C GLY F 268 8.13 -135.17 -73.49
N GLY F 269 9.25 -135.52 -74.12
CA GLY F 269 10.44 -135.90 -73.39
C GLY F 269 11.66 -135.83 -74.28
N HIS F 270 12.81 -135.61 -73.66
CA HIS F 270 14.06 -135.47 -74.39
C HIS F 270 15.14 -136.31 -73.71
N GLY F 271 16.14 -136.70 -74.50
CA GLY F 271 17.28 -137.43 -73.98
C GLY F 271 18.56 -136.74 -74.38
N HIS F 272 19.67 -137.36 -73.99
CA HIS F 272 21.00 -136.86 -74.29
C HIS F 272 21.83 -137.94 -74.95
N THR F 273 23.05 -137.55 -75.32
CA THR F 273 24.08 -138.47 -75.78
C THR F 273 25.27 -138.36 -74.83
N ILE F 274 26.00 -139.45 -74.66
CA ILE F 274 27.11 -139.51 -73.72
C ILE F 274 28.39 -139.73 -74.51
N ASN F 275 29.38 -138.86 -74.27
CA ASN F 275 30.70 -139.01 -74.84
C ASN F 275 31.55 -139.86 -73.89
N GLN F 276 32.11 -140.95 -74.40
CA GLN F 276 32.76 -141.94 -73.58
C GLN F 276 34.18 -142.21 -74.06
N THR F 277 35.07 -142.43 -73.12
CA THR F 277 36.44 -142.84 -73.38
C THR F 277 36.74 -144.10 -72.59
N PRO F 278 37.60 -144.97 -73.10
CA PRO F 278 37.94 -146.19 -72.37
C PRO F 278 38.67 -145.86 -71.08
N HIS F 279 38.48 -146.72 -70.07
CA HIS F 279 39.11 -146.57 -68.77
C HIS F 279 39.70 -147.90 -68.35
N SER F 280 40.74 -147.84 -67.52
CA SER F 280 41.41 -149.02 -67.02
C SER F 280 41.67 -148.86 -65.53
N HIS F 281 41.92 -149.98 -64.88
CA HIS F 281 42.14 -150.02 -63.44
C HIS F 281 43.55 -150.52 -63.13
N SER F 282 44.13 -150.00 -62.06
CA SER F 282 45.35 -150.59 -61.55
C SER F 282 45.01 -151.82 -60.72
N ILE F 283 46.03 -152.63 -60.43
CA ILE F 283 45.85 -153.84 -59.64
C ILE F 283 46.84 -153.83 -58.49
N SER F 284 46.40 -154.28 -57.33
CA SER F 284 47.28 -154.54 -56.20
C SER F 284 47.55 -156.04 -56.16
N ASP F 285 48.80 -156.42 -56.31
CA ASP F 285 49.19 -157.81 -56.51
C ASP F 285 50.22 -158.22 -55.46
N PRO F 286 49.76 -158.57 -54.26
CA PRO F 286 50.65 -159.27 -53.33
C PRO F 286 51.05 -160.61 -53.93
N GLY F 287 52.36 -160.83 -53.99
CA GLY F 287 52.85 -162.02 -54.66
C GLY F 287 52.30 -163.29 -54.02
N HIS F 288 52.07 -164.29 -54.86
CA HIS F 288 51.61 -165.59 -54.40
C HIS F 288 52.78 -166.56 -54.40
N ALA F 289 52.50 -167.80 -53.99
CA ALA F 289 53.50 -168.85 -53.96
C ALA F 289 52.79 -170.19 -53.96
N HIS F 290 53.40 -171.16 -54.63
CA HIS F 290 52.85 -172.50 -54.68
C HIS F 290 53.60 -173.42 -53.73
N GLY F 291 53.08 -174.62 -53.57
CA GLY F 291 53.73 -175.63 -52.74
C GLY F 291 53.98 -176.88 -53.54
N VAL F 292 55.12 -177.50 -53.29
CA VAL F 292 55.44 -178.78 -53.90
C VAL F 292 55.47 -179.82 -52.79
N PRO F 293 54.41 -180.61 -52.64
CA PRO F 293 54.35 -181.57 -51.53
C PRO F 293 54.96 -182.91 -51.87
N PHE F 294 55.77 -182.98 -52.91
CA PHE F 294 56.33 -184.23 -53.38
C PHE F 294 57.78 -184.36 -52.91
N GLY F 295 58.04 -185.36 -52.08
CA GLY F 295 59.38 -185.65 -51.61
C GLY F 295 59.50 -187.11 -51.26
N ALA F 296 60.73 -187.62 -51.37
CA ALA F 296 60.93 -189.06 -51.27
C ALA F 296 60.68 -189.56 -49.86
N ALA F 297 59.82 -190.56 -49.75
CA ALA F 297 59.76 -191.39 -48.55
C ALA F 297 60.57 -192.67 -48.69
N VAL F 298 60.64 -193.21 -49.91
CA VAL F 298 61.54 -194.29 -50.25
C VAL F 298 62.24 -193.91 -51.56
N ASP F 299 63.56 -194.09 -51.61
CA ASP F 299 64.38 -193.53 -52.67
C ASP F 299 64.59 -194.50 -53.84
N ASN F 300 63.63 -195.38 -54.10
CA ASN F 300 63.77 -196.39 -55.14
C ASN F 300 62.84 -196.16 -56.34
N GLY F 301 62.19 -195.01 -56.41
CA GLY F 301 61.19 -194.76 -57.43
C GLY F 301 61.41 -193.44 -58.16
N ASN F 302 60.45 -193.12 -59.02
CA ASN F 302 60.51 -191.94 -59.87
C ASN F 302 59.46 -190.91 -59.54
N ASN F 303 58.47 -191.23 -58.69
CA ASN F 303 57.31 -190.38 -58.52
C ASN F 303 57.68 -189.03 -57.92
N ALA F 304 58.56 -189.01 -56.93
CA ALA F 304 58.79 -187.82 -56.12
C ALA F 304 60.24 -187.38 -56.19
N PHE F 305 60.51 -186.22 -55.59
CA PHE F 305 61.86 -185.68 -55.48
C PHE F 305 62.58 -186.40 -54.34
N ASP F 306 63.73 -185.88 -53.93
CA ASP F 306 64.50 -186.46 -52.84
C ASP F 306 64.76 -185.38 -51.80
N THR F 307 64.86 -185.79 -50.53
CA THR F 307 64.98 -184.87 -49.41
C THR F 307 66.39 -184.89 -48.86
N GLY F 308 67.00 -183.70 -48.74
CA GLY F 308 68.37 -183.59 -48.31
C GLY F 308 68.62 -182.85 -47.01
N GLY F 309 67.83 -181.83 -46.71
CA GLY F 309 67.86 -181.21 -45.40
C GLY F 309 68.68 -179.95 -45.25
N SER F 310 69.24 -179.39 -46.31
CA SER F 310 69.92 -178.11 -46.20
C SER F 310 69.37 -177.15 -47.25
N PRO F 311 69.04 -175.93 -46.88
CA PRO F 311 68.21 -175.07 -47.75
C PRO F 311 68.97 -174.22 -48.77
N TYR F 312 70.24 -174.52 -49.06
CA TYR F 312 71.05 -173.61 -49.85
C TYR F 312 70.39 -173.36 -51.21
N ASN F 313 70.71 -172.21 -51.79
CA ASN F 313 70.10 -171.74 -53.03
C ASN F 313 70.96 -172.10 -54.23
N ASN F 314 70.33 -172.64 -55.27
CA ASN F 314 70.94 -172.85 -56.56
C ASN F 314 69.96 -172.41 -57.63
N GLY F 315 70.33 -172.59 -58.90
CA GLY F 315 69.45 -172.16 -59.96
C GLY F 315 68.43 -173.22 -60.33
N ILE F 316 67.25 -173.13 -59.73
CA ILE F 316 66.14 -174.04 -60.00
C ILE F 316 64.86 -173.22 -59.93
N GLY F 317 64.03 -173.32 -60.96
CA GLY F 317 62.81 -172.52 -61.01
C GLY F 317 61.70 -173.26 -61.71
N THR F 318 60.47 -172.83 -61.41
CA THR F 318 59.31 -173.41 -62.05
C THR F 318 59.23 -172.98 -63.51
N THR F 319 58.41 -173.70 -64.28
CA THR F 319 58.21 -173.33 -65.67
C THR F 319 57.35 -172.07 -65.77
N GLN F 320 57.50 -171.37 -66.89
CA GLN F 320 56.63 -170.23 -67.17
C GLN F 320 55.19 -170.69 -67.26
N ASN F 321 54.29 -169.92 -66.65
CA ASN F 321 52.88 -170.25 -66.67
C ASN F 321 52.07 -168.98 -66.50
N GLN F 322 50.79 -169.06 -66.90
CA GLN F 322 49.86 -167.96 -66.76
C GLN F 322 48.57 -168.48 -66.17
N THR F 323 47.86 -167.61 -65.46
CA THR F 323 46.63 -167.97 -64.77
C THR F 323 45.43 -167.52 -65.60
N GLY F 324 44.38 -168.35 -65.59
CA GLY F 324 43.20 -168.02 -66.36
C GLY F 324 42.33 -166.98 -65.69
N ILE F 325 42.96 -165.96 -65.13
CA ILE F 325 42.23 -164.95 -64.36
C ILE F 325 41.33 -164.16 -65.29
N SER F 326 40.07 -164.03 -64.91
CA SER F 326 39.08 -163.24 -65.63
C SER F 326 38.59 -162.12 -64.74
N VAL F 327 38.09 -161.06 -65.37
CA VAL F 327 37.55 -159.91 -64.66
C VAL F 327 36.04 -159.93 -64.82
N ASN F 328 35.33 -159.96 -63.70
CA ASN F 328 33.88 -160.01 -63.74
C ASN F 328 33.29 -158.66 -64.13
N THR F 329 32.08 -158.70 -64.67
CA THR F 329 31.39 -157.48 -65.05
C THR F 329 30.98 -156.69 -63.82
N ALA F 330 31.19 -155.37 -63.86
CA ALA F 330 30.82 -154.51 -62.76
C ALA F 330 30.26 -153.20 -63.32
N ASN F 331 29.49 -152.51 -62.49
CA ASN F 331 28.85 -151.27 -62.87
C ASN F 331 29.71 -150.08 -62.45
N ALA F 332 29.78 -149.08 -63.31
CA ALA F 332 30.40 -147.81 -62.96
C ALA F 332 29.34 -146.97 -62.26
N ASN F 333 29.41 -146.89 -60.94
CA ASN F 333 28.37 -146.23 -60.16
C ASN F 333 28.44 -144.72 -60.38
N LEU F 334 27.50 -144.19 -61.16
CA LEU F 334 27.47 -142.78 -61.50
C LEU F 334 26.04 -142.31 -61.53
N SER F 335 25.86 -141.00 -61.36
CA SER F 335 24.54 -140.38 -61.37
C SER F 335 24.62 -139.03 -62.06
N ILE F 336 23.47 -138.56 -62.52
CA ILE F 336 23.37 -137.32 -63.28
C ILE F 336 22.95 -136.20 -62.35
N ASN F 337 23.70 -135.11 -62.36
CA ASN F 337 23.36 -133.94 -61.56
C ASN F 337 22.33 -133.10 -62.32
N THR F 338 21.31 -132.65 -61.61
CA THR F 338 20.23 -131.89 -62.23
C THR F 338 20.72 -130.53 -62.71
N SER F 339 20.23 -130.12 -63.88
CA SER F 339 20.46 -128.78 -64.38
C SER F 339 19.16 -128.23 -64.96
N SER F 340 18.94 -126.94 -64.74
CA SER F 340 17.77 -126.28 -65.28
C SER F 340 18.00 -125.90 -66.73
N THR F 341 17.08 -126.26 -67.60
CA THR F 341 17.21 -125.99 -69.02
C THR F 341 17.14 -124.48 -69.29
N GLY F 342 17.87 -124.04 -70.31
CA GLY F 342 17.81 -122.66 -70.71
C GLY F 342 16.68 -122.44 -71.67
N ILE F 343 15.54 -121.97 -71.16
CA ILE F 343 14.31 -121.87 -71.92
C ILE F 343 13.70 -120.49 -71.67
N SER F 344 13.21 -119.85 -72.72
CA SER F 344 12.59 -118.55 -72.62
C SER F 344 11.45 -118.45 -73.62
N ILE F 345 10.54 -117.52 -73.35
CA ILE F 345 9.37 -117.29 -74.19
C ILE F 345 9.44 -115.86 -74.71
N GLN F 346 9.39 -115.69 -76.02
CA GLN F 346 9.48 -114.38 -76.64
C GLN F 346 8.09 -113.76 -76.73
N SER F 347 8.00 -112.62 -77.39
CA SER F 347 6.76 -111.87 -77.47
C SER F 347 5.75 -112.57 -78.34
N ALA F 348 4.48 -112.26 -78.10
CA ALA F 348 3.39 -112.74 -78.94
C ALA F 348 2.21 -111.79 -78.77
N SER F 349 1.37 -111.75 -79.81
CA SER F 349 0.16 -110.94 -79.81
C SER F 349 -1.05 -111.86 -79.80
N THR F 350 -2.05 -111.51 -78.98
CA THR F 350 -3.25 -112.33 -78.89
C THR F 350 -3.98 -112.41 -80.23
N GLY F 351 -3.73 -111.47 -81.13
CA GLY F 351 -4.23 -111.54 -82.48
C GLY F 351 -5.54 -110.81 -82.72
N LEU F 352 -6.33 -110.59 -81.67
CA LEU F 352 -7.58 -109.88 -81.85
C LEU F 352 -7.33 -108.40 -82.13
N THR F 353 -8.21 -107.80 -82.92
CA THR F 353 -8.06 -106.41 -83.34
C THR F 353 -9.32 -105.58 -83.19
N VAL F 354 -10.50 -106.19 -83.13
CA VAL F 354 -11.75 -105.46 -82.95
C VAL F 354 -12.57 -106.16 -81.88
N THR F 355 -13.48 -105.40 -81.28
CA THR F 355 -14.41 -105.95 -80.33
C THR F 355 -15.64 -106.48 -81.06
N SER F 356 -16.67 -106.84 -80.33
CA SER F 356 -17.94 -107.24 -80.92
C SER F 356 -18.91 -106.07 -80.87
N ASN F 357 -19.74 -105.95 -81.91
CA ASN F 357 -20.69 -104.86 -81.99
C ASN F 357 -21.60 -104.87 -80.77
N ALA F 358 -21.84 -103.69 -80.20
CA ALA F 358 -22.68 -103.53 -79.01
C ALA F 358 -23.57 -102.31 -79.22
N GLY F 359 -24.79 -102.54 -79.70
CA GLY F 359 -25.70 -101.45 -79.94
C GLY F 359 -26.69 -101.75 -81.06
N ASN F 360 -27.91 -101.25 -80.92
CA ASN F 360 -28.96 -101.44 -81.92
C ASN F 360 -29.61 -100.10 -82.20
N GLY F 361 -29.91 -99.85 -83.47
CA GLY F 361 -30.50 -98.59 -83.86
C GLY F 361 -32.01 -98.59 -83.69
N GLN F 362 -32.49 -98.01 -82.60
CA GLN F 362 -33.90 -98.03 -82.25
C GLN F 362 -34.48 -96.63 -82.31
N ALA F 363 -35.73 -96.54 -82.76
CA ALA F 363 -36.45 -95.27 -82.69
C ALA F 363 -36.61 -94.85 -81.24
N PHE F 364 -36.44 -93.56 -80.98
CA PHE F 364 -36.41 -93.04 -79.63
C PHE F 364 -37.28 -91.80 -79.59
N GLN F 365 -38.27 -91.80 -78.69
CA GLN F 365 -39.29 -90.76 -78.64
C GLN F 365 -38.76 -89.51 -77.95
N HIS F 366 -39.01 -88.35 -78.54
CA HIS F 366 -38.59 -87.08 -77.99
C HIS F 366 -39.65 -86.03 -78.25
N ASP F 367 -39.94 -85.20 -77.25
CA ASP F 367 -40.96 -84.17 -77.36
C ASP F 367 -40.47 -82.90 -76.69
N GLN F 368 -40.49 -81.79 -77.44
CA GLN F 368 -40.19 -80.49 -76.87
C GLN F 368 -41.34 -80.06 -75.96
N PRO F 369 -41.07 -79.16 -75.01
CA PRO F 369 -42.15 -78.65 -74.17
C PRO F 369 -43.22 -78.00 -75.02
N TYR F 370 -44.48 -78.21 -74.65
CA TYR F 370 -45.59 -77.76 -75.48
C TYR F 370 -46.80 -77.45 -74.62
N LEU F 371 -47.68 -76.65 -75.20
CA LEU F 371 -49.02 -76.40 -74.68
C LEU F 371 -50.01 -76.57 -75.82
N VAL F 372 -51.15 -77.19 -75.53
CA VAL F 372 -52.09 -77.62 -76.56
C VAL F 372 -53.28 -76.66 -76.59
N PHE F 373 -53.54 -76.09 -77.76
CA PHE F 373 -54.68 -75.21 -77.97
C PHE F 373 -55.63 -75.84 -79.01
N ARG F 374 -56.64 -75.08 -79.40
CA ARG F 374 -57.54 -75.44 -80.50
C ARG F 374 -57.50 -74.34 -81.54
N VAL F 375 -57.68 -74.71 -82.80
CA VAL F 375 -57.63 -73.76 -83.90
C VAL F 375 -58.97 -73.74 -84.62
N PHE F 376 -59.43 -72.55 -84.99
CA PHE F 376 -60.68 -72.38 -85.72
C PHE F 376 -60.42 -71.47 -86.92
N VAL F 377 -60.84 -71.90 -88.09
CA VAL F 377 -60.71 -71.11 -89.31
C VAL F 377 -61.99 -70.29 -89.49
N LYS F 378 -61.83 -69.00 -89.76
CA LYS F 378 -62.98 -68.12 -89.85
C LYS F 378 -63.74 -68.34 -91.15
N VAL F 379 -65.04 -68.52 -91.05
CA VAL F 379 -65.90 -68.60 -92.22
C VAL F 379 -66.70 -67.33 -92.34
N MET G 1 -7.73 3.32 -126.72
CA MET G 1 -7.76 4.47 -127.59
C MET G 1 -8.34 4.09 -128.94
N VAL G 2 -7.88 2.98 -129.47
CA VAL G 2 -8.45 2.41 -130.68
C VAL G 2 -9.72 1.68 -130.26
N ARG G 3 -10.66 1.52 -131.20
CA ARG G 3 -11.97 0.91 -131.01
C ARG G 3 -12.88 1.76 -130.16
N LYS G 4 -12.41 2.91 -129.67
CA LYS G 4 -13.27 3.88 -128.98
C LYS G 4 -12.61 5.25 -129.12
N VAL G 5 -13.11 6.05 -130.05
CA VAL G 5 -12.56 7.37 -130.35
C VAL G 5 -13.68 8.39 -130.22
N PHE G 6 -13.36 9.52 -129.60
CA PHE G 6 -14.35 10.56 -129.35
C PHE G 6 -14.27 11.66 -130.40
N ASN G 7 -15.41 12.30 -130.64
CA ASN G 7 -15.53 13.43 -131.54
C ASN G 7 -16.18 14.60 -130.79
N ASP G 8 -16.28 15.74 -131.47
CA ASP G 8 -16.65 16.97 -130.78
C ASP G 8 -18.03 16.88 -130.15
N GLY G 9 -19.00 16.35 -130.87
CA GLY G 9 -20.35 16.25 -130.36
C GLY G 9 -20.66 14.99 -129.60
N ASP G 10 -19.69 14.10 -129.43
CA ASP G 10 -19.95 12.80 -128.81
C ASP G 10 -20.35 12.97 -127.35
N ILE G 11 -21.32 12.17 -126.91
CA ILE G 11 -21.65 12.11 -125.49
C ILE G 11 -20.58 11.32 -124.76
N LEU G 12 -20.20 11.80 -123.58
CA LEU G 12 -19.23 11.10 -122.73
C LEU G 12 -20.02 10.33 -121.68
N TYR G 13 -20.09 9.01 -121.86
CA TYR G 13 -20.84 8.17 -120.94
C TYR G 13 -20.00 7.82 -119.72
N ALA G 14 -20.67 7.44 -118.64
CA ALA G 14 -19.98 7.18 -117.38
C ALA G 14 -19.13 5.92 -117.45
N GLU G 15 -19.57 4.92 -118.21
CA GLU G 15 -18.74 3.73 -118.38
C GLU G 15 -17.40 4.07 -119.00
N ASP G 16 -17.37 5.04 -119.92
CA ASP G 16 -16.10 5.46 -120.51
C ASP G 16 -15.18 6.06 -119.47
N VAL G 17 -15.71 6.92 -118.60
CA VAL G 17 -14.88 7.53 -117.56
C VAL G 17 -14.38 6.48 -116.60
N ASN G 18 -15.24 5.52 -116.22
CA ASN G 18 -14.81 4.44 -115.35
C ASN G 18 -13.73 3.61 -115.99
N ILE G 19 -13.82 3.37 -117.30
CA ILE G 19 -12.78 2.62 -118.00
C ILE G 19 -11.47 3.38 -117.99
N ILE G 20 -11.52 4.68 -118.32
CA ILE G 20 -10.31 5.49 -118.34
C ILE G 20 -9.70 5.59 -116.95
N GLY G 21 -10.52 5.46 -115.90
CA GLY G 21 -9.99 5.55 -114.55
C GLY G 21 -9.04 4.43 -114.20
N GLN G 22 -9.15 3.29 -114.87
CA GLN G 22 -8.21 2.19 -114.61
C GLN G 22 -7.25 2.05 -115.79
N PRO G 23 -6.15 2.78 -115.79
CA PRO G 23 -5.21 2.66 -116.91
C PRO G 23 -4.53 1.30 -116.92
N PHE G 24 -4.25 0.81 -118.12
CA PHE G 24 -3.53 -0.44 -118.30
C PHE G 24 -2.35 -0.20 -119.22
N VAL G 25 -1.25 -0.88 -118.96
CA VAL G 25 -0.03 -0.73 -119.74
C VAL G 25 0.32 -2.06 -120.39
N ASP G 26 -0.69 -2.86 -120.73
CA ASP G 26 -0.46 -4.15 -121.35
C ASP G 26 -0.32 -4.06 -122.86
N GLY G 27 -0.41 -2.86 -123.44
CA GLY G 27 -0.30 -2.71 -124.87
C GLY G 27 -1.50 -3.13 -125.66
N GLN G 28 -2.63 -3.40 -125.00
CA GLN G 28 -3.82 -3.83 -125.70
C GLN G 28 -4.43 -2.68 -126.50
N ASP G 29 -5.46 -3.01 -127.27
CA ASP G 29 -6.11 -2.07 -128.18
C ASP G 29 -7.31 -1.37 -127.56
N LEU G 30 -7.66 -1.70 -126.32
CA LEU G 30 -8.89 -1.20 -125.73
C LEU G 30 -8.76 0.29 -125.39
N LEU G 31 -9.83 0.84 -124.82
CA LEU G 31 -9.91 2.29 -124.62
C LEU G 31 -8.86 2.78 -123.63
N GLY G 32 -8.68 2.08 -122.51
CA GLY G 32 -7.79 2.55 -121.48
C GLY G 32 -6.42 1.90 -121.46
N HIS G 33 -6.18 0.94 -122.35
CA HIS G 33 -4.97 0.14 -122.34
C HIS G 33 -3.94 0.81 -123.24
N GLY G 34 -3.02 1.57 -122.63
CA GLY G 34 -2.15 2.45 -123.37
C GLY G 34 -1.06 1.80 -124.22
N LEU G 35 -0.05 1.22 -123.58
CA LEU G 35 1.12 0.72 -124.30
C LEU G 35 1.96 -0.09 -123.33
N LYS G 36 2.86 -0.90 -123.88
CA LYS G 36 3.72 -1.70 -123.04
C LYS G 36 4.83 -0.83 -122.44
N VAL G 37 5.56 -1.40 -121.50
CA VAL G 37 6.57 -0.68 -120.73
C VAL G 37 7.95 -1.10 -121.21
N ASP G 38 8.74 -0.13 -121.67
CA ASP G 38 10.09 -0.39 -122.12
C ASP G 38 11.08 -0.08 -121.00
N ASP G 39 12.37 -0.17 -121.31
CA ASP G 39 13.39 0.20 -120.32
C ASP G 39 13.33 1.67 -119.99
N ASN G 40 13.01 2.52 -120.97
CA ASN G 40 12.89 3.95 -120.70
C ASN G 40 11.77 4.22 -119.71
N SER G 41 10.66 3.52 -119.83
CA SER G 41 9.52 3.73 -118.95
C SER G 41 9.81 3.35 -117.51
N LEU G 42 10.85 2.55 -117.26
CA LEU G 42 11.26 2.25 -115.91
C LEU G 42 12.01 3.42 -115.30
N SER G 43 11.94 3.54 -113.98
CA SER G 43 12.53 4.68 -113.30
C SER G 43 14.05 4.64 -113.37
N ASP G 44 14.67 5.79 -113.63
CA ASP G 44 16.12 5.92 -113.64
C ASP G 44 16.63 6.33 -112.27
N GLU G 45 16.23 5.60 -111.26
CA GLU G 45 16.57 5.75 -109.87
C GLU G 45 17.53 4.64 -109.47
N PRO G 46 18.66 4.98 -108.87
CA PRO G 46 19.67 3.94 -108.56
C PRO G 46 19.14 2.79 -107.72
N GLN G 47 18.12 3.01 -106.92
CA GLN G 47 17.59 1.96 -106.06
C GLN G 47 16.60 1.04 -106.76
N ASN G 48 16.35 1.23 -108.05
CA ASN G 48 15.34 0.46 -108.75
C ASN G 48 15.97 -0.65 -109.59
N ILE G 49 15.12 -1.56 -110.06
CA ILE G 49 15.58 -2.78 -110.70
C ILE G 49 16.36 -2.48 -111.97
N LYS G 50 15.99 -1.43 -112.70
CA LYS G 50 16.64 -1.14 -113.97
C LYS G 50 18.10 -0.80 -113.77
N THR G 51 18.40 0.11 -112.84
CA THR G 51 19.78 0.53 -112.62
C THR G 51 20.62 -0.63 -112.10
N ARG G 52 20.10 -1.40 -111.16
CA ARG G 52 20.85 -2.53 -110.62
C ARG G 52 21.13 -3.58 -111.71
N PHE G 53 20.09 -3.92 -112.48
CA PHE G 53 20.28 -4.93 -113.51
C PHE G 53 21.27 -4.47 -114.57
N TYR G 54 21.23 -3.19 -114.94
CA TYR G 54 22.17 -2.72 -115.94
C TYR G 54 23.57 -2.56 -115.38
N ALA G 55 23.70 -2.28 -114.08
CA ALA G 55 25.02 -2.26 -113.46
C ALA G 55 25.64 -3.64 -113.52
N TRP G 56 24.84 -4.68 -113.25
CA TRP G 56 25.35 -6.04 -113.39
C TRP G 56 25.62 -6.37 -114.86
N TYR G 57 24.73 -5.93 -115.76
CA TYR G 57 24.80 -6.33 -117.15
C TYR G 57 25.97 -5.66 -117.87
N ASN G 58 26.08 -4.34 -117.74
CA ASN G 58 27.12 -3.59 -118.44
C ASN G 58 28.30 -3.33 -117.50
N ARG G 59 28.97 -4.40 -117.11
CA ARG G 59 30.19 -4.32 -116.33
C ARG G 59 31.27 -5.06 -117.08
N PHE G 60 32.45 -4.42 -117.19
CA PHE G 60 33.57 -4.98 -117.95
C PHE G 60 33.15 -5.38 -119.36
N ARG G 61 32.11 -4.72 -119.87
CA ARG G 61 31.65 -5.00 -121.22
C ARG G 61 32.66 -4.47 -122.22
N VAL G 62 33.06 -5.32 -123.16
CA VAL G 62 34.11 -5.00 -124.12
C VAL G 62 33.45 -4.74 -125.47
N THR G 63 33.72 -3.58 -126.05
CA THR G 63 33.12 -3.17 -127.31
C THR G 63 34.20 -2.57 -128.20
N VAL G 64 33.98 -2.64 -129.50
CA VAL G 64 34.92 -2.09 -130.47
C VAL G 64 34.86 -0.57 -130.44
N GLN G 65 35.87 0.06 -129.83
CA GLN G 65 35.98 1.51 -129.90
C GLN G 65 36.18 1.96 -131.34
N SER G 66 37.31 1.59 -131.94
CA SER G 66 37.59 1.89 -133.33
C SER G 66 38.78 1.08 -133.82
N GLY G 67 38.61 0.36 -134.92
CA GLY G 67 39.70 -0.44 -135.45
C GLY G 67 40.13 -1.49 -134.42
N LEU G 68 41.42 -1.50 -134.11
CA LEU G 68 41.95 -2.43 -133.11
C LEU G 68 41.66 -1.98 -131.68
N THR G 69 41.22 -0.75 -131.48
CA THR G 69 40.98 -0.24 -130.14
C THR G 69 39.61 -0.66 -129.64
N LEU G 70 39.58 -1.22 -128.43
CA LEU G 70 38.37 -1.66 -127.77
C LEU G 70 38.21 -0.91 -126.46
N SER G 71 36.96 -0.68 -126.08
CA SER G 71 36.62 0.02 -124.85
C SER G 71 36.00 -0.95 -123.85
N VAL G 72 36.37 -0.79 -122.58
CA VAL G 72 35.90 -1.65 -121.51
C VAL G 72 35.23 -0.78 -120.46
N THR G 73 34.01 -1.14 -120.10
CA THR G 73 33.27 -0.39 -119.10
C THR G 73 33.85 -0.59 -117.71
N GLN G 74 33.49 0.31 -116.81
CA GLN G 74 34.03 0.28 -115.46
C GLN G 74 33.52 -0.95 -114.71
N GLY G 75 34.20 -1.27 -113.61
CA GLY G 75 33.80 -2.39 -112.80
C GLY G 75 34.66 -2.49 -111.55
N SER G 76 34.55 -3.63 -110.88
CA SER G 76 35.35 -3.86 -109.69
C SER G 76 35.60 -5.36 -109.54
N ILE G 77 36.66 -5.68 -108.80
CA ILE G 77 37.07 -7.06 -108.57
C ILE G 77 37.40 -7.23 -107.09
N SER G 78 37.34 -8.46 -106.65
CA SER G 78 37.68 -8.82 -105.27
C SER G 78 38.93 -9.69 -105.28
N VAL G 79 39.96 -9.23 -104.60
CA VAL G 79 41.22 -9.97 -104.46
C VAL G 79 41.43 -10.18 -102.97
N SER G 80 41.27 -11.42 -102.52
CA SER G 80 41.45 -11.78 -101.11
C SER G 80 40.57 -10.93 -100.21
N GLY G 81 39.36 -10.63 -100.68
CA GLY G 81 38.44 -9.82 -99.91
C GLY G 81 38.67 -8.33 -99.99
N ASN G 82 39.51 -7.86 -100.91
CA ASN G 82 39.78 -6.43 -101.06
C ASN G 82 39.32 -5.99 -102.44
N ILE G 83 38.59 -4.87 -102.47
CA ILE G 83 37.95 -4.42 -103.69
C ILE G 83 38.89 -3.51 -104.46
N ILE G 84 39.04 -3.77 -105.75
CA ILE G 84 39.81 -2.92 -106.66
C ILE G 84 38.88 -2.46 -107.77
N SER G 85 38.82 -1.15 -107.99
CA SER G 85 37.93 -0.58 -108.98
C SER G 85 38.69 -0.24 -110.26
N PHE G 86 37.94 -0.19 -111.36
CA PHE G 86 38.54 0.09 -112.66
C PHE G 86 37.61 0.96 -113.49
N PRO G 87 38.03 2.17 -113.85
CA PRO G 87 37.22 3.02 -114.73
C PRO G 87 37.22 2.47 -116.14
N PRO G 88 36.34 2.96 -117.02
CA PRO G 88 36.37 2.50 -118.41
C PRO G 88 37.72 2.83 -119.05
N GLN G 89 38.20 1.92 -119.90
CA GLN G 89 39.55 2.08 -120.42
C GLN G 89 39.65 1.45 -121.80
N THR G 90 40.65 1.89 -122.55
CA THR G 90 40.90 1.40 -123.90
C THR G 90 42.03 0.39 -123.90
N ILE G 91 41.98 -0.51 -124.88
CA ILE G 91 43.06 -1.48 -125.06
C ILE G 91 43.05 -1.93 -126.52
N ASN G 92 44.24 -2.22 -127.05
CA ASN G 92 44.38 -2.59 -128.45
C ASN G 92 44.49 -4.11 -128.54
N ALA G 93 43.58 -4.71 -129.31
CA ALA G 93 43.59 -6.15 -129.49
C ALA G 93 44.76 -6.58 -130.37
N ILE G 94 45.03 -7.88 -130.37
CA ILE G 94 46.11 -8.44 -131.17
C ILE G 94 45.61 -8.63 -132.60
N ASP G 95 46.31 -8.00 -133.54
CA ASP G 95 45.88 -8.04 -134.94
C ASP G 95 46.03 -9.43 -135.54
N ASN G 96 45.09 -9.78 -136.41
CA ASN G 96 45.15 -11.02 -137.19
C ASN G 96 45.25 -12.26 -136.29
N ALA G 97 44.64 -12.18 -135.11
CA ALA G 97 44.69 -13.29 -134.17
C ALA G 97 43.48 -13.24 -133.25
N ASN G 98 42.99 -14.42 -132.87
CA ASN G 98 41.84 -14.53 -131.99
C ASN G 98 42.30 -14.27 -130.56
N SER G 99 42.45 -12.98 -130.24
CA SER G 99 42.98 -12.61 -128.94
C SER G 99 41.90 -12.64 -127.87
N PHE G 100 42.32 -12.60 -126.61
CA PHE G 100 41.42 -12.59 -125.48
C PHE G 100 41.74 -11.38 -124.61
N VAL G 101 40.70 -10.64 -124.25
CA VAL G 101 40.80 -9.54 -123.30
C VAL G 101 40.29 -10.05 -121.96
N TRP G 102 41.12 -9.91 -120.92
CA TRP G 102 40.79 -10.44 -119.61
C TRP G 102 41.44 -9.60 -118.55
N ILE G 103 40.89 -9.66 -117.34
CA ILE G 103 41.43 -8.97 -116.19
C ILE G 103 42.20 -9.97 -115.34
N GLY G 104 43.42 -9.62 -114.98
CA GLY G 104 44.23 -10.51 -114.17
C GLY G 104 45.66 -10.03 -114.11
N LYS G 105 46.55 -10.93 -113.69
CA LYS G 105 47.96 -10.63 -113.57
C LYS G 105 48.76 -11.60 -114.43
N THR G 106 49.82 -11.09 -115.03
CA THR G 106 50.71 -11.90 -115.83
C THR G 106 51.92 -12.31 -115.01
N ASP G 107 52.58 -13.38 -115.45
CA ASP G 107 53.74 -13.89 -114.73
C ASP G 107 54.87 -12.87 -114.70
N ALA G 108 55.10 -12.18 -115.82
CA ALA G 108 56.15 -11.17 -115.87
C ALA G 108 55.86 -10.02 -114.90
N ASP G 109 54.63 -9.51 -114.94
CA ASP G 109 54.23 -8.40 -114.07
C ASP G 109 53.10 -8.86 -113.16
N PRO G 110 53.37 -9.14 -111.87
CA PRO G 110 52.30 -9.63 -110.98
C PRO G 110 51.23 -8.60 -110.67
N ALA G 111 51.29 -7.40 -111.24
CA ALA G 111 50.22 -6.44 -111.04
C ALA G 111 48.96 -6.89 -111.76
N ILE G 112 47.82 -6.59 -111.16
CA ILE G 112 46.51 -6.98 -111.71
C ILE G 112 45.98 -5.81 -112.53
N ALA G 113 45.66 -6.06 -113.79
CA ALA G 113 45.13 -5.03 -114.67
C ALA G 113 44.41 -5.71 -115.83
N LEU G 114 43.99 -4.90 -116.80
CA LEU G 114 43.37 -5.39 -118.02
C LEU G 114 44.44 -5.73 -119.04
N ARG G 115 44.39 -6.94 -119.58
CA ARG G 115 45.42 -7.42 -120.49
C ARG G 115 44.77 -8.10 -121.69
N VAL G 116 45.51 -8.13 -122.79
CA VAL G 116 45.11 -8.83 -124.00
C VAL G 116 46.20 -9.82 -124.35
N SER G 117 45.84 -11.09 -124.49
CA SER G 117 46.78 -12.14 -124.81
C SER G 117 46.24 -12.96 -125.98
N GLN G 118 47.01 -13.97 -126.39
CA GLN G 118 46.56 -14.92 -127.40
C GLN G 118 46.02 -16.20 -126.81
N THR G 119 46.00 -16.32 -125.48
CA THR G 119 45.53 -17.54 -124.81
C THR G 119 44.99 -17.16 -123.44
N LEU G 120 43.84 -17.70 -123.09
CA LEU G 120 43.26 -17.45 -121.79
C LEU G 120 44.03 -18.20 -120.71
N PRO G 121 44.55 -17.52 -119.69
CA PRO G 121 45.22 -18.25 -118.60
C PRO G 121 44.22 -19.09 -117.81
N ASN G 122 44.74 -20.15 -117.18
CA ASN G 122 43.90 -20.96 -116.33
C ASN G 122 43.38 -20.18 -115.14
N VAL G 123 44.10 -19.14 -114.73
CA VAL G 123 43.67 -18.23 -113.68
C VAL G 123 43.54 -16.84 -114.29
N CYS G 124 42.30 -16.37 -114.40
CA CYS G 124 42.02 -15.09 -115.04
C CYS G 124 40.55 -14.76 -114.81
N ILE G 125 40.17 -13.56 -115.22
CA ILE G 125 38.78 -13.15 -115.31
C ILE G 125 38.47 -12.89 -116.78
N PRO G 126 37.85 -13.86 -117.46
CA PRO G 126 37.60 -13.70 -118.90
C PRO G 126 36.60 -12.58 -119.14
N LEU G 127 36.95 -11.69 -120.06
CA LEU G 127 36.06 -10.60 -120.45
C LEU G 127 35.53 -10.76 -121.86
N ALA G 128 36.40 -10.93 -122.85
CA ALA G 128 35.93 -11.03 -124.22
C ALA G 128 36.94 -11.78 -125.07
N ARG G 129 36.46 -12.38 -126.15
CA ARG G 129 37.31 -12.94 -127.19
C ARG G 129 37.11 -12.11 -128.45
N VAL G 130 38.20 -11.54 -128.94
CA VAL G 130 38.16 -10.60 -130.06
C VAL G 130 38.91 -11.22 -131.22
N ILE G 131 38.20 -11.43 -132.33
CA ILE G 131 38.81 -11.85 -133.59
C ILE G 131 38.89 -10.62 -134.47
N ALA G 132 40.13 -10.20 -134.78
CA ALA G 132 40.38 -9.03 -135.57
C ALA G 132 41.27 -9.40 -136.76
N ALA G 133 41.17 -8.60 -137.82
CA ALA G 133 41.92 -8.87 -139.04
C ALA G 133 42.09 -7.58 -139.82
N SER G 134 43.29 -7.40 -140.38
CA SER G 134 43.63 -6.21 -141.17
C SER G 134 43.37 -4.93 -140.37
N GLY G 135 43.73 -4.95 -139.09
CA GLY G 135 43.56 -3.79 -138.25
C GLY G 135 42.13 -3.49 -137.85
N SER G 136 41.18 -4.37 -138.20
CA SER G 136 39.77 -4.16 -137.89
C SER G 136 39.23 -5.40 -137.20
N VAL G 137 38.28 -5.19 -136.29
CA VAL G 137 37.72 -6.27 -135.51
C VAL G 137 36.62 -6.95 -136.32
N THR G 138 36.75 -8.27 -136.50
CA THR G 138 35.71 -9.03 -137.18
C THR G 138 34.60 -9.48 -136.25
N SER G 139 34.94 -9.85 -135.01
CA SER G 139 33.92 -10.33 -134.09
C SER G 139 34.40 -10.14 -132.65
N VAL G 140 33.43 -9.89 -131.76
CA VAL G 140 33.68 -9.84 -130.32
C VAL G 140 32.66 -10.76 -129.65
N THR G 141 33.14 -11.58 -128.73
CA THR G 141 32.28 -12.53 -128.02
C THR G 141 32.44 -12.31 -126.52
N ASP G 142 31.33 -12.02 -125.85
CA ASP G 142 31.36 -11.81 -124.41
C ASP G 142 31.60 -13.12 -123.69
N LEU G 143 32.60 -13.13 -122.82
CA LEU G 143 32.93 -14.32 -122.03
C LEU G 143 32.46 -14.20 -120.59
N ARG G 144 31.65 -13.19 -120.27
CA ARG G 144 31.19 -12.99 -118.91
C ARG G 144 30.04 -13.94 -118.59
N ASP G 145 29.74 -14.04 -117.29
CA ASP G 145 28.64 -14.89 -116.84
C ASP G 145 27.29 -14.39 -117.34
N VAL G 146 27.21 -13.12 -117.75
CA VAL G 146 25.96 -12.61 -118.31
C VAL G 146 25.63 -13.26 -119.65
N SER G 147 26.62 -13.85 -120.32
CA SER G 147 26.43 -14.41 -121.66
C SER G 147 26.65 -15.91 -121.72
N VAL G 148 27.70 -16.43 -121.08
CA VAL G 148 28.03 -17.84 -121.16
C VAL G 148 28.21 -18.40 -119.76
N ASP G 149 28.06 -19.70 -119.65
CA ASP G 149 28.36 -20.44 -118.41
C ASP G 149 29.72 -21.10 -118.60
N ILE G 150 30.71 -20.63 -117.85
CA ILE G 150 32.09 -21.06 -118.07
C ILE G 150 32.32 -22.40 -117.39
N LEU G 151 32.84 -23.36 -118.16
CA LEU G 151 33.29 -24.61 -117.57
C LEU G 151 34.57 -24.34 -116.79
N PRO G 152 34.62 -24.65 -115.49
CA PRO G 152 35.78 -24.25 -114.71
C PRO G 152 37.02 -25.03 -115.12
N PRO G 153 38.21 -24.42 -115.02
CA PRO G 153 39.43 -25.15 -115.32
C PRO G 153 39.68 -26.24 -114.29
N SER G 154 40.39 -27.28 -114.72
CA SER G 154 40.77 -28.38 -113.83
C SER G 154 42.17 -28.14 -113.32
N ILE G 155 42.30 -27.79 -112.04
CA ILE G 155 43.60 -27.52 -111.43
C ILE G 155 43.92 -28.62 -110.44
N PRO G 156 44.81 -29.54 -110.76
CA PRO G 156 45.17 -30.60 -109.81
C PRO G 156 45.99 -30.06 -108.65
N ASP G 157 45.88 -30.75 -107.52
CA ASP G 157 46.62 -30.37 -106.33
C ASP G 157 48.09 -30.78 -106.44
N ALA G 158 48.93 -30.15 -105.63
CA ALA G 158 50.36 -30.45 -105.66
C ALA G 158 50.64 -31.87 -105.19
N VAL G 159 49.99 -32.29 -104.12
CA VAL G 159 50.25 -33.59 -103.49
C VAL G 159 49.11 -34.53 -103.84
N PRO G 160 49.38 -35.68 -104.46
CA PRO G 160 48.31 -36.62 -104.78
C PRO G 160 47.67 -37.19 -103.53
N VAL G 161 46.41 -37.59 -103.67
CA VAL G 161 45.65 -38.12 -102.55
C VAL G 161 46.29 -39.42 -102.07
N GLY G 162 46.47 -39.53 -100.76
CA GLY G 162 47.13 -40.67 -100.17
C GLY G 162 48.62 -40.51 -99.95
N SER G 163 49.25 -39.56 -100.64
CA SER G 163 50.66 -39.29 -100.41
C SER G 163 50.85 -38.73 -99.01
N THR G 164 51.90 -39.21 -98.34
CA THR G 164 52.20 -38.78 -96.98
C THR G 164 53.24 -37.67 -97.04
N ILE G 165 52.96 -36.57 -96.34
CA ILE G 165 53.85 -35.42 -96.28
C ILE G 165 54.46 -35.37 -94.89
N ILE G 166 55.78 -35.25 -94.84
CA ILE G 166 56.51 -35.15 -93.58
C ILE G 166 56.67 -33.69 -93.23
N SER G 167 56.41 -33.35 -91.97
CA SER G 167 56.45 -31.96 -91.54
C SER G 167 57.09 -31.86 -90.16
N LEU G 168 57.71 -30.70 -89.90
CA LEU G 168 58.34 -30.40 -88.63
C LEU G 168 57.59 -29.33 -87.85
N ILE G 169 56.34 -29.06 -88.19
CA ILE G 169 55.61 -27.98 -87.55
C ILE G 169 55.38 -28.31 -86.07
N PRO G 170 55.48 -27.35 -85.16
CA PRO G 170 55.28 -27.64 -83.74
C PRO G 170 53.87 -28.08 -83.47
N PRO G 171 53.62 -28.75 -82.34
CA PRO G 171 52.25 -29.16 -82.01
C PRO G 171 51.28 -27.99 -81.91
N THR G 172 51.75 -26.82 -81.49
CA THR G 172 50.88 -25.66 -81.41
C THR G 172 50.41 -25.22 -82.79
N ALA G 173 51.21 -25.46 -83.83
CA ALA G 173 50.81 -25.05 -85.17
C ALA G 173 49.61 -25.87 -85.64
N PRO G 174 48.65 -25.23 -86.30
CA PRO G 174 47.45 -25.96 -86.74
C PRO G 174 47.75 -26.90 -87.90
N ILE G 175 46.95 -27.95 -87.99
CA ILE G 175 47.12 -28.94 -89.06
C ILE G 175 46.77 -28.30 -90.40
N PRO G 176 47.59 -28.49 -91.44
CA PRO G 176 47.22 -27.96 -92.75
C PRO G 176 45.90 -28.52 -93.23
N ALA G 177 45.11 -27.67 -93.88
CA ALA G 177 43.77 -28.06 -94.30
C ALA G 177 43.83 -29.17 -95.34
N GLY G 178 42.85 -30.07 -95.29
CA GLY G 178 42.81 -31.19 -96.20
C GLY G 178 43.82 -32.27 -95.91
N TYR G 179 44.32 -32.35 -94.68
CA TYR G 179 45.30 -33.36 -94.29
C TYR G 179 44.78 -34.14 -93.09
N LEU G 180 45.18 -35.40 -93.01
CA LEU G 180 44.82 -36.28 -91.90
C LEU G 180 46.06 -36.58 -91.09
N GLU G 181 46.01 -36.26 -89.80
CA GLU G 181 47.14 -36.52 -88.91
C GLU G 181 47.23 -37.99 -88.56
N LEU G 182 48.45 -38.51 -88.54
CA LEU G 182 48.71 -39.89 -88.14
C LEU G 182 49.26 -39.91 -86.73
N LEU G 183 48.53 -40.54 -85.82
CA LEU G 183 48.84 -40.55 -84.41
C LEU G 183 49.64 -41.81 -84.05
N ASN G 184 49.79 -42.06 -82.76
CA ASN G 184 50.53 -43.22 -82.29
C ASN G 184 49.89 -44.52 -82.79
N SER G 185 48.60 -44.68 -82.56
CA SER G 185 47.90 -45.91 -82.88
C SER G 185 47.06 -45.75 -84.15
N SER G 186 46.46 -46.85 -84.57
CA SER G 186 45.59 -46.84 -85.74
C SER G 186 44.32 -46.06 -85.44
N GLN G 187 43.69 -45.58 -86.52
CA GLN G 187 42.45 -44.82 -86.42
C GLN G 187 41.39 -45.48 -87.30
N ASN G 188 40.16 -44.98 -87.20
CA ASN G 188 39.08 -45.36 -88.10
C ASN G 188 38.37 -44.10 -88.52
N VAL G 189 38.48 -43.74 -89.80
CA VAL G 189 37.88 -42.51 -90.29
C VAL G 189 36.75 -42.86 -91.24
N SER G 190 35.74 -41.98 -91.28
CA SER G 190 34.53 -42.24 -92.02
C SER G 190 34.80 -42.38 -93.51
N ARG G 191 34.22 -43.40 -94.11
CA ARG G 191 34.42 -43.61 -95.55
C ARG G 191 33.83 -42.47 -96.36
N THR G 192 32.64 -42.00 -95.98
CA THR G 192 31.98 -40.95 -96.76
C THR G 192 32.67 -39.60 -96.55
N THR G 193 33.29 -39.39 -95.39
CA THR G 193 34.00 -38.14 -95.15
C THR G 193 35.29 -38.08 -95.95
N TYR G 194 36.06 -39.16 -95.93
CA TYR G 194 37.27 -39.28 -96.74
C TYR G 194 36.98 -40.34 -97.80
N SER G 195 36.37 -39.91 -98.91
CA SER G 195 36.02 -40.85 -99.97
C SER G 195 37.19 -41.06 -100.92
N ALA G 196 37.87 -39.99 -101.30
CA ALA G 196 39.02 -40.11 -102.19
C ALA G 196 40.13 -40.93 -101.55
N LEU G 197 40.23 -40.88 -100.22
CA LEU G 197 41.21 -41.73 -99.54
C LEU G 197 40.77 -43.18 -99.47
N PHE G 198 39.47 -43.41 -99.19
CA PHE G 198 39.00 -44.79 -99.07
C PHE G 198 39.06 -45.52 -100.40
N VAL G 199 38.69 -44.85 -101.49
CA VAL G 199 38.69 -45.53 -102.79
C VAL G 199 40.10 -45.91 -103.21
N LEU G 200 41.10 -45.15 -102.76
CA LEU G 200 42.49 -45.42 -103.15
C LEU G 200 43.14 -46.43 -102.21
N TRP G 201 43.17 -46.13 -100.91
CA TRP G 201 43.75 -47.06 -99.95
C TRP G 201 42.98 -48.36 -99.90
N GLY G 202 41.65 -48.28 -99.86
CA GLY G 202 40.85 -49.46 -99.62
C GLY G 202 40.93 -49.85 -98.16
N THR G 203 40.29 -50.99 -97.86
CA THR G 203 40.31 -51.53 -96.51
C THR G 203 41.60 -52.30 -96.28
N TYR G 204 42.74 -51.65 -96.56
CA TYR G 204 44.04 -52.28 -96.48
C TYR G 204 44.74 -52.07 -95.16
N TYR G 205 44.40 -51.00 -94.44
CA TYR G 205 44.96 -50.73 -93.12
C TYR G 205 43.97 -51.05 -92.00
N GLY G 206 42.89 -51.74 -92.31
CA GLY G 206 41.97 -52.21 -91.30
C GLY G 206 40.52 -51.92 -91.66
N ASN G 207 39.61 -52.56 -90.94
CA ASN G 207 38.18 -52.37 -91.08
C ASN G 207 37.66 -51.89 -89.73
N GLY G 208 37.64 -50.58 -89.53
CA GLY G 208 37.09 -50.03 -88.30
C GLY G 208 35.64 -50.42 -88.10
N ASP G 209 34.88 -50.49 -89.19
CA ASP G 209 33.49 -50.92 -89.15
C ASP G 209 33.22 -51.74 -90.40
N GLY G 210 31.94 -52.01 -90.66
CA GLY G 210 31.54 -52.77 -91.82
C GLY G 210 31.61 -51.97 -93.12
N SER G 211 30.82 -50.90 -93.21
CA SER G 211 30.81 -50.10 -94.43
C SER G 211 30.71 -48.60 -94.17
N THR G 212 31.09 -48.13 -92.99
CA THR G 212 31.02 -46.70 -92.68
C THR G 212 32.37 -46.07 -92.36
N THR G 213 33.32 -46.82 -91.82
CA THR G 213 34.64 -46.30 -91.51
C THR G 213 35.70 -47.28 -91.99
N PHE G 214 36.87 -46.75 -92.31
CA PHE G 214 38.00 -47.56 -92.73
C PHE G 214 39.23 -47.17 -91.92
N GLY G 215 40.15 -48.13 -91.81
CA GLY G 215 41.28 -47.98 -90.91
C GLY G 215 42.36 -47.05 -91.43
N VAL G 216 43.16 -46.56 -90.47
CA VAL G 216 44.24 -45.63 -90.75
C VAL G 216 45.46 -46.14 -89.99
N PRO G 217 46.59 -46.36 -90.67
CA PRO G 217 47.76 -46.89 -89.97
C PRO G 217 48.31 -45.90 -88.95
N GLY G 218 48.86 -46.45 -87.87
CA GLY G 218 49.41 -45.66 -86.78
C GLY G 218 50.94 -45.66 -86.85
N THR G 219 51.52 -44.49 -86.61
CA THR G 219 52.98 -44.36 -86.67
C THR G 219 53.65 -45.22 -85.60
N GLY G 220 53.12 -45.17 -84.38
CA GLY G 220 53.70 -45.95 -83.30
C GLY G 220 55.06 -45.50 -82.85
N GLY G 221 55.46 -44.28 -83.17
CA GLY G 221 56.78 -43.80 -82.79
C GLY G 221 57.91 -44.61 -83.40
N ARG G 222 57.79 -44.97 -84.67
CA ARG G 222 58.72 -45.88 -85.31
C ARG G 222 59.62 -45.12 -86.29
N PHE G 223 60.55 -45.86 -86.88
CA PHE G 223 61.47 -45.32 -87.87
C PHE G 223 60.91 -45.54 -89.26
N LEU G 224 61.31 -44.66 -90.19
CA LEU G 224 60.83 -44.73 -91.55
C LEU G 224 61.73 -45.64 -92.36
N ARG G 225 61.15 -46.72 -92.90
CA ARG G 225 61.93 -47.74 -93.58
C ARG G 225 61.30 -48.03 -94.94
N LEU G 226 62.04 -47.75 -96.00
CA LEU G 226 61.64 -48.19 -97.32
C LEU G 226 61.69 -49.71 -97.39
N GLY G 227 60.68 -50.31 -98.01
CA GLY G 227 60.52 -51.76 -97.92
C GLY G 227 60.64 -52.51 -99.23
N GLY G 228 61.64 -52.18 -100.04
CA GLY G 228 61.76 -52.81 -101.34
C GLY G 228 61.89 -54.32 -101.26
N SER G 229 62.72 -54.80 -100.35
CA SER G 229 63.06 -56.23 -100.29
C SER G 229 62.04 -56.96 -99.42
N GLY G 230 61.04 -57.54 -100.06
CA GLY G 230 60.11 -58.43 -99.39
C GLY G 230 59.36 -57.81 -98.23
N LEU G 231 58.89 -56.57 -98.40
CA LEU G 231 58.17 -55.86 -97.36
C LEU G 231 57.07 -55.03 -98.00
N SER G 232 55.81 -55.42 -97.79
CA SER G 232 54.69 -54.66 -98.31
C SER G 232 54.58 -53.34 -97.56
N VAL G 233 53.67 -52.48 -98.02
CA VAL G 233 53.49 -51.18 -97.40
C VAL G 233 52.78 -51.35 -96.07
N GLY G 234 53.09 -50.45 -95.13
CA GLY G 234 52.49 -50.53 -93.82
C GLY G 234 53.03 -51.63 -92.94
N ASP G 235 54.03 -52.36 -93.40
CA ASP G 235 54.62 -53.42 -92.59
C ASP G 235 55.32 -52.84 -91.37
N ILE G 236 55.21 -53.56 -90.25
CA ILE G 236 55.86 -53.20 -89.01
C ILE G 236 56.75 -54.37 -88.59
N GLY G 237 57.40 -54.20 -87.45
CA GLY G 237 58.30 -55.20 -86.92
C GLY G 237 59.41 -54.52 -86.15
N GLY G 238 60.55 -55.20 -86.11
CA GLY G 238 61.68 -54.67 -85.38
C GLY G 238 61.43 -54.74 -83.88
N SER G 239 62.40 -54.22 -83.13
CA SER G 239 62.29 -54.22 -81.67
C SER G 239 63.32 -53.26 -81.11
N ASN G 240 62.86 -52.38 -80.21
CA ASN G 240 63.78 -51.48 -79.54
C ASN G 240 64.59 -52.20 -78.46
N GLN G 241 64.03 -53.26 -77.89
CA GLN G 241 64.73 -54.09 -76.93
C GLN G 241 65.44 -55.21 -77.68
N ILE G 242 66.73 -55.39 -77.40
CA ILE G 242 67.53 -56.40 -78.09
C ILE G 242 68.11 -57.36 -77.06
N THR G 243 68.07 -58.65 -77.39
CA THR G 243 68.53 -59.72 -76.52
C THR G 243 69.68 -60.45 -77.20
N ILE G 244 70.82 -60.51 -76.52
CA ILE G 244 71.98 -61.20 -77.07
C ILE G 244 71.73 -62.70 -77.01
N PRO G 245 71.75 -63.40 -78.14
CA PRO G 245 71.63 -64.86 -78.11
C PRO G 245 72.92 -65.49 -77.60
N THR G 246 72.79 -66.74 -77.14
CA THR G 246 73.95 -67.45 -76.62
C THR G 246 75.02 -67.62 -77.70
N ASN G 247 74.59 -67.88 -78.93
CA ASN G 247 75.53 -68.07 -80.03
C ASN G 247 76.25 -66.79 -80.40
N ALA G 248 75.78 -65.64 -79.95
CA ALA G 248 76.40 -64.37 -80.31
C ALA G 248 77.57 -64.00 -79.43
N LEU G 249 77.78 -64.71 -78.33
CA LEU G 249 78.81 -64.36 -77.37
C LEU G 249 80.19 -64.50 -77.98
N PRO G 250 81.04 -63.46 -77.93
CA PRO G 250 82.40 -63.60 -78.44
C PRO G 250 83.22 -64.55 -77.58
N SER G 251 84.20 -65.19 -78.22
CA SER G 251 85.09 -66.09 -77.51
C SER G 251 85.97 -65.31 -76.55
N HIS G 252 86.11 -65.84 -75.33
CA HIS G 252 86.95 -65.20 -74.32
C HIS G 252 87.45 -66.26 -73.35
N GLN G 253 88.49 -65.90 -72.61
CA GLN G 253 89.15 -66.81 -71.67
C GLN G 253 89.24 -66.15 -70.31
N HIS G 254 88.80 -66.84 -69.27
CA HIS G 254 88.92 -66.32 -67.93
C HIS G 254 90.18 -66.85 -67.27
N GLY G 255 90.84 -65.97 -66.52
CA GLY G 255 92.04 -66.33 -65.79
C GLY G 255 91.68 -66.92 -64.44
N ILE G 256 92.34 -68.03 -64.11
CA ILE G 256 92.15 -68.68 -62.81
C ILE G 256 93.21 -68.15 -61.86
N PRO G 257 92.83 -67.65 -60.68
CA PRO G 257 93.82 -67.03 -59.79
C PRO G 257 94.75 -68.07 -59.19
N ALA G 258 95.73 -67.56 -58.44
CA ALA G 258 96.65 -68.44 -57.73
C ALA G 258 95.91 -69.24 -56.67
N ASN G 259 96.31 -70.49 -56.50
CA ASN G 259 95.64 -71.41 -55.59
C ASN G 259 96.69 -72.21 -54.81
N THR G 260 96.28 -72.70 -53.66
CA THR G 260 97.19 -73.40 -52.75
C THR G 260 96.36 -74.20 -51.76
N HIS G 261 96.78 -75.44 -51.51
CA HIS G 261 96.03 -76.30 -50.61
C HIS G 261 96.95 -77.40 -50.08
N THR G 262 96.52 -78.01 -48.97
CA THR G 262 97.16 -79.19 -48.41
C THR G 262 96.09 -80.20 -48.07
N HIS G 263 96.50 -81.47 -48.00
CA HIS G 263 95.63 -82.55 -47.57
C HIS G 263 96.12 -83.08 -46.23
N SER G 264 95.20 -83.17 -45.26
CA SER G 264 95.54 -83.83 -44.00
C SER G 264 95.77 -85.31 -44.23
N VAL G 265 96.58 -85.91 -43.37
CA VAL G 265 96.95 -87.31 -43.49
C VAL G 265 96.48 -88.05 -42.24
N ASN G 266 95.86 -89.21 -42.44
CA ASN G 266 95.34 -90.02 -41.35
C ASN G 266 96.07 -91.35 -41.32
N ASP G 267 96.45 -91.79 -40.13
CA ASP G 267 97.15 -93.06 -39.96
C ASP G 267 97.12 -93.47 -38.49
N GLY G 268 96.69 -94.70 -38.24
CA GLY G 268 96.63 -95.20 -36.89
C GLY G 268 97.97 -95.73 -36.40
N GLY G 269 98.84 -96.08 -37.34
CA GLY G 269 100.14 -96.62 -37.00
C GLY G 269 100.42 -97.88 -37.77
N HIS G 270 101.64 -98.38 -37.63
CA HIS G 270 102.05 -99.62 -38.27
C HIS G 270 103.11 -100.28 -37.39
N GLY G 271 102.96 -101.58 -37.16
CA GLY G 271 104.04 -102.34 -36.58
C GLY G 271 104.99 -102.87 -37.64
N HIS G 272 106.11 -103.41 -37.19
CA HIS G 272 107.05 -104.09 -38.06
C HIS G 272 107.23 -105.54 -37.63
N THR G 273 107.63 -106.37 -38.57
CA THR G 273 107.81 -107.80 -38.36
C THR G 273 109.28 -108.07 -38.04
N ILE G 274 109.51 -108.84 -36.99
CA ILE G 274 110.86 -109.17 -36.55
C ILE G 274 111.31 -110.47 -37.20
N ASN G 275 112.58 -110.54 -37.56
CA ASN G 275 113.21 -111.73 -38.12
C ASN G 275 114.34 -112.13 -37.17
N GLN G 276 114.01 -112.99 -36.20
CA GLN G 276 114.96 -113.39 -35.17
C GLN G 276 115.42 -114.82 -35.40
N THR G 277 116.72 -115.04 -35.27
CA THR G 277 117.36 -116.35 -35.31
C THR G 277 117.84 -116.71 -33.91
N PRO G 278 117.64 -117.96 -33.48
CA PRO G 278 118.02 -118.33 -32.10
C PRO G 278 119.49 -118.12 -31.84
N HIS G 279 119.80 -117.67 -30.62
CA HIS G 279 121.16 -117.39 -30.21
C HIS G 279 121.47 -118.16 -28.95
N SER G 280 122.75 -118.46 -28.76
CA SER G 280 123.23 -119.17 -27.57
C SER G 280 124.42 -118.42 -26.99
N HIS G 281 124.60 -118.57 -25.68
CA HIS G 281 125.69 -117.91 -24.96
C HIS G 281 126.81 -118.89 -24.70
N SER G 282 128.05 -118.43 -24.88
CA SER G 282 129.19 -119.24 -24.51
C SER G 282 129.34 -119.28 -22.99
N ILE G 283 129.86 -120.40 -22.50
CA ILE G 283 129.92 -120.69 -21.06
C ILE G 283 131.37 -120.65 -20.62
N SER G 284 131.62 -119.96 -19.50
CA SER G 284 132.92 -119.98 -18.85
C SER G 284 132.87 -120.98 -17.71
N ASP G 285 133.77 -121.97 -17.74
CA ASP G 285 133.73 -123.09 -16.81
C ASP G 285 135.08 -123.25 -16.11
N PRO G 286 135.33 -122.47 -15.08
CA PRO G 286 136.40 -122.83 -14.13
C PRO G 286 136.08 -124.18 -13.50
N GLY G 287 137.12 -124.99 -13.30
CA GLY G 287 136.91 -126.33 -12.81
C GLY G 287 136.40 -126.34 -11.38
N HIS G 288 136.02 -127.55 -10.94
CA HIS G 288 135.52 -127.74 -9.59
C HIS G 288 135.86 -129.16 -9.15
N ALA G 289 135.76 -129.38 -7.84
CA ALA G 289 135.99 -130.69 -7.26
C ALA G 289 135.17 -130.83 -5.99
N HIS G 290 134.96 -132.06 -5.58
CA HIS G 290 134.20 -132.39 -4.38
C HIS G 290 135.10 -133.07 -3.35
N GLY G 291 134.65 -133.03 -2.11
CA GLY G 291 135.36 -133.66 -1.01
C GLY G 291 134.75 -135.00 -0.63
N VAL G 292 135.60 -135.89 -0.12
CA VAL G 292 135.16 -137.18 0.38
C VAL G 292 135.44 -137.21 1.88
N PRO G 293 134.55 -136.70 2.71
CA PRO G 293 134.84 -136.56 4.14
C PRO G 293 134.63 -137.84 4.93
N PHE G 294 134.58 -138.99 4.27
CA PHE G 294 134.24 -140.25 4.92
C PHE G 294 135.49 -141.10 5.07
N GLY G 295 136.22 -140.89 6.16
CA GLY G 295 137.36 -141.70 6.50
C GLY G 295 137.10 -142.47 7.78
N ALA G 296 137.56 -143.71 7.82
CA ALA G 296 137.20 -144.63 8.89
C ALA G 296 137.95 -144.32 10.17
N ALA G 297 137.21 -144.20 11.28
CA ALA G 297 137.81 -144.12 12.61
C ALA G 297 137.86 -145.47 13.31
N VAL G 298 136.93 -146.36 12.98
CA VAL G 298 136.88 -147.69 13.56
C VAL G 298 136.97 -148.71 12.43
N ASP G 299 136.91 -150.00 12.77
CA ASP G 299 137.05 -151.06 11.79
C ASP G 299 135.74 -151.74 11.43
N ASN G 300 134.78 -151.79 12.36
CA ASN G 300 133.51 -152.45 12.09
C ASN G 300 132.58 -151.53 11.31
N GLY G 301 131.86 -152.11 10.35
CA GLY G 301 130.88 -151.38 9.58
C GLY G 301 131.39 -151.00 8.20
N ASN G 302 130.45 -150.79 7.28
CA ASN G 302 130.75 -150.32 5.94
C ASN G 302 130.29 -148.88 5.71
N ASN G 303 130.14 -148.12 6.78
CA ASN G 303 129.63 -146.76 6.66
C ASN G 303 130.61 -145.84 5.95
N ALA G 304 131.91 -146.06 6.11
CA ALA G 304 132.90 -145.13 5.59
C ALA G 304 134.04 -145.92 4.97
N PHE G 305 135.14 -145.23 4.66
CA PHE G 305 136.27 -145.79 3.95
C PHE G 305 137.49 -145.86 4.86
N ASP G 306 138.19 -146.99 4.80
CA ASP G 306 139.38 -147.19 5.62
C ASP G 306 140.49 -146.23 5.21
N THR G 307 141.13 -145.62 6.19
CA THR G 307 142.18 -144.64 5.95
C THR G 307 143.53 -145.36 5.94
N GLY G 308 144.18 -145.39 4.77
CA GLY G 308 145.42 -146.12 4.62
C GLY G 308 146.67 -145.32 4.87
N GLY G 309 146.84 -144.21 4.16
CA GLY G 309 147.97 -143.34 4.40
C GLY G 309 149.12 -143.41 3.41
N SER G 310 148.81 -143.46 2.11
CA SER G 310 149.83 -143.40 1.08
C SER G 310 149.26 -142.83 -0.21
N PRO G 311 149.71 -141.66 -0.65
CA PRO G 311 149.11 -141.04 -1.84
C PRO G 311 149.52 -141.77 -3.11
N TYR G 312 148.59 -142.51 -3.72
CA TYR G 312 148.87 -143.19 -4.97
C TYR G 312 147.56 -143.40 -5.70
N ASN G 313 147.54 -143.03 -6.98
CA ASN G 313 146.31 -143.00 -7.76
C ASN G 313 146.00 -144.40 -8.26
N ASN G 314 145.10 -145.08 -7.56
CA ASN G 314 144.50 -146.29 -8.09
C ASN G 314 143.40 -145.92 -9.09
N GLY G 315 142.91 -146.91 -9.82
CA GLY G 315 141.89 -146.60 -10.80
C GLY G 315 140.50 -146.64 -10.20
N ILE G 316 140.02 -145.47 -9.77
CA ILE G 316 138.70 -145.34 -9.16
C ILE G 316 138.22 -143.91 -9.41
N GLY G 317 137.00 -143.78 -9.92
CA GLY G 317 136.45 -142.46 -10.17
C GLY G 317 135.16 -142.24 -9.39
N THR G 318 134.23 -141.51 -9.98
CA THR G 318 132.91 -141.29 -9.39
C THR G 318 131.84 -141.71 -10.39
N THR G 319 130.58 -141.54 -10.00
CA THR G 319 129.48 -141.74 -10.92
C THR G 319 129.31 -140.51 -11.80
N GLN G 320 129.01 -140.74 -13.07
CA GLN G 320 128.89 -139.66 -14.05
C GLN G 320 127.49 -139.07 -13.94
N ASN G 321 127.32 -138.12 -13.04
CA ASN G 321 126.02 -137.51 -12.79
C ASN G 321 126.05 -136.03 -13.12
N GLN G 322 124.97 -135.55 -13.72
CA GLN G 322 124.89 -134.18 -14.22
C GLN G 322 124.74 -133.19 -13.07
N THR G 323 124.77 -131.90 -13.41
CA THR G 323 124.62 -130.82 -12.46
C THR G 323 123.28 -130.14 -12.69
N GLY G 324 122.56 -129.89 -11.61
CA GLY G 324 121.29 -129.21 -11.75
C GLY G 324 121.43 -127.71 -11.70
N ILE G 325 121.50 -127.07 -12.86
CA ILE G 325 121.60 -125.63 -12.96
C ILE G 325 120.54 -125.13 -13.93
N SER G 326 120.17 -123.86 -13.76
CA SER G 326 119.16 -123.24 -14.61
C SER G 326 119.65 -121.88 -15.07
N VAL G 327 119.48 -121.62 -16.35
CA VAL G 327 119.80 -120.31 -16.91
C VAL G 327 118.65 -119.37 -16.56
N ASN G 328 118.92 -118.36 -15.74
CA ASN G 328 117.87 -117.45 -15.35
C ASN G 328 117.46 -116.57 -16.52
N THR G 329 116.21 -116.12 -16.49
CA THR G 329 115.66 -115.38 -17.61
C THR G 329 116.25 -113.97 -17.67
N ALA G 330 116.44 -113.48 -18.90
CA ALA G 330 116.95 -112.13 -19.11
C ALA G 330 116.57 -111.70 -20.52
N ASN G 331 116.73 -110.40 -20.78
CA ASN G 331 116.32 -109.82 -22.05
C ASN G 331 117.46 -109.00 -22.65
N ALA G 332 117.68 -109.15 -23.94
CA ALA G 332 118.69 -108.38 -24.63
C ALA G 332 118.30 -106.91 -24.68
N ASN G 333 119.25 -106.03 -24.38
CA ASN G 333 119.00 -104.60 -24.35
C ASN G 333 119.01 -104.08 -25.78
N LEU G 334 117.82 -103.82 -26.32
CA LEU G 334 117.65 -103.48 -27.72
C LEU G 334 116.93 -102.15 -27.86
N SER G 335 117.31 -101.39 -28.89
CA SER G 335 116.67 -100.12 -29.20
C SER G 335 116.70 -99.91 -30.70
N ILE G 336 115.62 -99.36 -31.24
CA ILE G 336 115.53 -99.10 -32.67
C ILE G 336 115.84 -97.63 -32.93
N ASN G 337 116.50 -97.37 -34.05
CA ASN G 337 116.81 -96.00 -34.46
C ASN G 337 115.82 -95.55 -35.53
N THR G 338 115.60 -94.23 -35.59
CA THR G 338 114.59 -93.69 -36.46
C THR G 338 115.00 -93.84 -37.93
N SER G 339 113.99 -93.84 -38.80
CA SER G 339 114.24 -93.83 -40.24
C SER G 339 113.08 -93.13 -40.91
N SER G 340 113.34 -92.60 -42.11
CA SER G 340 112.33 -91.94 -42.90
C SER G 340 111.73 -92.93 -43.88
N THR G 341 110.40 -92.99 -43.93
CA THR G 341 109.71 -93.99 -44.75
C THR G 341 109.98 -93.81 -46.23
N GLY G 342 110.48 -92.65 -46.65
CA GLY G 342 110.65 -92.41 -48.08
C GLY G 342 109.35 -92.42 -48.84
N ILE G 343 108.26 -92.00 -48.20
CA ILE G 343 106.95 -92.10 -48.80
C ILE G 343 106.82 -91.08 -49.93
N SER G 344 105.88 -91.34 -50.84
CA SER G 344 105.70 -90.47 -52.00
C SER G 344 104.21 -90.33 -52.29
N ILE G 345 103.87 -89.22 -52.93
CA ILE G 345 102.49 -88.89 -53.29
C ILE G 345 102.40 -88.80 -54.79
N GLN G 346 101.46 -89.54 -55.38
CA GLN G 346 101.28 -89.49 -56.82
C GLN G 346 100.64 -88.17 -57.22
N SER G 347 100.40 -88.02 -58.52
CA SER G 347 99.79 -86.82 -59.07
C SER G 347 98.31 -87.09 -59.29
N ALA G 348 97.47 -86.22 -58.78
CA ALA G 348 96.03 -86.32 -58.96
C ALA G 348 95.50 -85.03 -59.58
N SER G 349 94.19 -85.00 -59.78
CA SER G 349 93.51 -83.87 -60.38
C SER G 349 92.33 -83.48 -59.52
N THR G 350 92.01 -82.18 -59.55
CA THR G 350 90.86 -81.70 -58.79
C THR G 350 89.55 -82.23 -59.36
N GLY G 351 89.56 -82.75 -60.58
CA GLY G 351 88.36 -83.25 -61.20
C GLY G 351 87.46 -82.21 -61.80
N LEU G 352 87.81 -80.93 -61.68
CA LEU G 352 86.98 -79.87 -62.22
C LEU G 352 86.89 -79.97 -63.73
N THR G 353 85.67 -79.91 -64.25
CA THR G 353 85.43 -80.01 -65.68
C THR G 353 84.76 -78.78 -66.28
N VAL G 354 84.03 -78.01 -65.49
CA VAL G 354 83.33 -76.84 -66.01
C VAL G 354 83.11 -75.87 -64.85
N THR G 355 83.21 -74.58 -65.16
CA THR G 355 82.87 -73.54 -64.20
C THR G 355 81.37 -73.30 -64.21
N SER G 356 80.91 -72.58 -63.18
CA SER G 356 79.49 -72.25 -63.13
C SER G 356 79.17 -71.14 -64.12
N ASN G 357 77.90 -71.04 -64.48
CA ASN G 357 77.46 -70.03 -65.42
C ASN G 357 77.58 -68.64 -64.80
N ALA G 358 77.67 -67.63 -65.67
CA ALA G 358 77.72 -66.24 -65.23
C ALA G 358 77.14 -65.38 -66.37
N GLY G 359 75.87 -65.01 -66.22
CA GLY G 359 75.23 -64.15 -67.19
C GLY G 359 73.72 -64.25 -67.15
N ASN G 360 73.05 -63.12 -67.27
CA ASN G 360 71.59 -63.06 -67.23
C ASN G 360 70.96 -63.00 -68.61
N GLY G 361 71.58 -62.28 -69.56
CA GLY G 361 71.02 -62.18 -70.89
C GLY G 361 69.68 -61.49 -70.94
N GLN G 362 69.52 -60.40 -70.19
CA GLN G 362 68.26 -59.67 -70.17
C GLN G 362 68.15 -58.76 -71.39
N ALA G 363 66.94 -58.26 -71.60
CA ALA G 363 66.70 -57.35 -72.72
C ALA G 363 67.52 -56.08 -72.56
N PHE G 364 68.14 -55.65 -73.64
CA PHE G 364 69.06 -54.52 -73.63
C PHE G 364 68.54 -53.46 -74.60
N GLN G 365 68.52 -52.22 -74.15
CA GLN G 365 67.87 -51.13 -74.88
C GLN G 365 68.87 -50.39 -75.75
N HIS G 366 68.53 -50.21 -77.03
CA HIS G 366 69.36 -49.46 -77.96
C HIS G 366 68.47 -48.66 -78.90
N ASP G 367 68.89 -47.43 -79.21
CA ASP G 367 68.17 -46.56 -80.12
C ASP G 367 69.15 -45.87 -81.05
N GLN G 368 68.81 -45.82 -82.32
CA GLN G 368 69.64 -45.20 -83.33
C GLN G 368 69.45 -43.68 -83.32
N PRO G 369 70.39 -42.93 -83.87
CA PRO G 369 70.23 -41.46 -83.92
C PRO G 369 69.00 -41.10 -84.73
N TYR G 370 68.04 -40.47 -84.07
CA TYR G 370 66.75 -40.18 -84.70
C TYR G 370 66.38 -38.72 -84.52
N LEU G 371 65.50 -38.26 -85.41
CA LEU G 371 64.82 -36.99 -85.29
C LEU G 371 63.33 -37.23 -85.52
N VAL G 372 62.50 -36.57 -84.73
CA VAL G 372 61.07 -36.84 -84.72
C VAL G 372 60.36 -35.88 -85.67
N PHE G 373 59.50 -36.42 -86.52
CA PHE G 373 58.71 -35.67 -87.49
C PHE G 373 57.23 -36.00 -87.32
N ARG G 374 56.40 -35.35 -88.14
CA ARG G 374 54.99 -35.66 -88.25
C ARG G 374 54.67 -36.09 -89.67
N VAL G 375 53.67 -36.95 -89.81
CA VAL G 375 53.23 -37.41 -91.11
C VAL G 375 51.75 -37.07 -91.28
N PHE G 376 51.43 -36.43 -92.40
CA PHE G 376 50.05 -36.10 -92.75
C PHE G 376 49.67 -36.78 -94.05
N VAL G 377 48.54 -37.47 -94.04
CA VAL G 377 48.01 -38.12 -95.22
C VAL G 377 47.21 -37.11 -96.02
N LYS G 378 47.47 -37.03 -97.33
CA LYS G 378 46.75 -36.12 -98.18
C LYS G 378 45.30 -36.58 -98.34
N VAL G 379 44.37 -35.64 -98.24
CA VAL G 379 42.97 -35.93 -98.52
C VAL G 379 42.33 -34.74 -99.22
N VAL H 2 -13.79 4.83 -102.78
CA VAL H 2 -12.37 5.09 -102.97
C VAL H 2 -12.08 5.37 -104.44
N ARG H 3 -12.78 4.69 -105.33
CA ARG H 3 -12.68 4.97 -106.75
C ARG H 3 -13.71 5.98 -107.23
N LYS H 4 -14.66 6.35 -106.38
CA LYS H 4 -15.79 7.22 -106.71
C LYS H 4 -16.32 6.91 -108.10
N VAL H 5 -16.67 5.63 -108.29
CA VAL H 5 -17.11 5.11 -109.57
C VAL H 5 -18.26 5.96 -110.11
N PHE H 6 -18.05 6.56 -111.27
CA PHE H 6 -19.05 7.43 -111.87
C PHE H 6 -20.18 6.60 -112.48
N ASN H 7 -21.37 7.19 -112.47
CA ASN H 7 -22.54 6.60 -113.10
C ASN H 7 -23.29 7.69 -113.84
N ASP H 8 -24.11 7.28 -114.80
CA ASP H 8 -24.78 8.23 -115.67
C ASP H 8 -25.68 9.16 -114.86
N GLY H 9 -25.69 10.43 -115.24
CA GLY H 9 -26.39 11.45 -114.51
C GLY H 9 -25.56 12.15 -113.46
N ASP H 10 -24.36 11.65 -113.17
CA ASP H 10 -23.48 12.27 -112.19
C ASP H 10 -22.59 13.31 -112.87
N ILE H 11 -22.20 14.32 -112.10
CA ILE H 11 -21.42 15.43 -112.64
C ILE H 11 -19.94 15.07 -112.59
N LEU H 12 -19.16 15.70 -113.46
CA LEU H 12 -17.73 15.44 -113.59
C LEU H 12 -16.96 16.70 -113.25
N TYR H 13 -16.08 16.60 -112.25
CA TYR H 13 -15.29 17.74 -111.81
C TYR H 13 -14.00 17.86 -112.62
N ALA H 14 -13.46 19.07 -112.65
CA ALA H 14 -12.17 19.29 -113.30
C ALA H 14 -11.05 18.54 -112.59
N GLU H 15 -11.08 18.52 -111.27
CA GLU H 15 -10.07 17.81 -110.50
C GLU H 15 -10.06 16.32 -110.86
N ASP H 16 -11.22 15.74 -111.13
CA ASP H 16 -11.26 14.35 -111.57
C ASP H 16 -10.53 14.18 -112.89
N VAL H 17 -10.74 15.10 -113.83
CA VAL H 17 -10.06 15.01 -115.11
C VAL H 17 -8.55 15.12 -114.93
N ASN H 18 -8.11 16.04 -114.05
CA ASN H 18 -6.68 16.18 -113.79
C ASN H 18 -6.11 14.92 -113.16
N ILE H 19 -6.85 14.31 -112.23
CA ILE H 19 -6.39 13.07 -111.60
C ILE H 19 -6.30 11.95 -112.61
N ILE H 20 -7.29 11.86 -113.50
CA ILE H 20 -7.27 10.82 -114.53
C ILE H 20 -6.11 11.04 -115.48
N GLY H 21 -5.79 12.30 -115.77
CA GLY H 21 -4.67 12.62 -116.63
C GLY H 21 -3.31 12.23 -116.06
N GLN H 22 -3.27 11.80 -114.80
CA GLN H 22 -2.04 11.34 -114.19
C GLN H 22 -2.15 9.86 -113.90
N PRO H 23 -2.05 8.98 -114.90
CA PRO H 23 -2.20 7.55 -114.65
C PRO H 23 -1.13 7.02 -113.71
N PHE H 24 -1.54 6.14 -112.82
CA PHE H 24 -0.65 5.43 -111.92
C PHE H 24 -0.83 3.94 -112.14
N VAL H 25 0.26 3.20 -111.96
CA VAL H 25 0.23 1.75 -112.17
C VAL H 25 0.73 1.05 -110.92
N ASP H 26 0.50 1.68 -109.76
CA ASP H 26 1.04 1.18 -108.50
C ASP H 26 0.11 0.19 -107.80
N GLY H 27 -1.01 -0.16 -108.41
CA GLY H 27 -1.91 -1.14 -107.82
C GLY H 27 -2.80 -0.62 -106.73
N GLN H 28 -2.81 0.69 -106.49
CA GLN H 28 -3.64 1.24 -105.43
C GLN H 28 -5.09 1.36 -105.89
N ASP H 29 -6.00 1.44 -104.92
CA ASP H 29 -7.42 1.53 -105.21
C ASP H 29 -7.89 2.99 -105.20
N LEU H 30 -7.39 3.75 -106.17
CA LEU H 30 -7.74 5.15 -106.34
C LEU H 30 -8.26 5.37 -107.75
N LEU H 31 -8.87 6.55 -107.95
CA LEU H 31 -9.55 6.82 -109.20
C LEU H 31 -8.59 6.81 -110.38
N GLY H 32 -7.43 7.43 -110.22
CA GLY H 32 -6.49 7.52 -111.31
C GLY H 32 -5.46 6.40 -111.37
N HIS H 33 -5.60 5.36 -110.56
CA HIS H 33 -4.60 4.33 -110.46
C HIS H 33 -5.04 3.07 -111.20
N GLY H 34 -4.06 2.23 -111.55
CA GLY H 34 -4.32 1.00 -112.24
C GLY H 34 -3.55 -0.15 -111.61
N LEU H 35 -3.73 -1.33 -112.19
CA LEU H 35 -3.07 -2.52 -111.67
C LEU H 35 -1.57 -2.45 -111.89
N LYS H 36 -0.85 -3.23 -111.09
CA LYS H 36 0.60 -3.22 -111.14
C LYS H 36 1.10 -3.83 -112.44
N VAL H 37 2.34 -3.49 -112.78
CA VAL H 37 2.94 -3.93 -114.04
C VAL H 37 3.46 -5.35 -113.85
N ASP H 38 2.96 -6.27 -114.65
CA ASP H 38 3.39 -7.66 -114.63
C ASP H 38 4.26 -7.94 -115.85
N ASP H 39 4.66 -9.21 -115.99
CA ASP H 39 5.53 -9.59 -117.10
C ASP H 39 4.83 -9.37 -118.44
N ASN H 40 3.54 -9.68 -118.51
CA ASN H 40 2.82 -9.52 -119.78
C ASN H 40 2.72 -8.06 -120.19
N SER H 41 2.80 -7.13 -119.23
CA SER H 41 2.80 -5.71 -119.54
C SER H 41 4.19 -5.14 -119.69
N LEU H 42 5.23 -5.96 -119.59
CA LEU H 42 6.59 -5.53 -119.90
C LEU H 42 6.89 -5.84 -121.36
N SER H 43 7.43 -4.85 -122.06
CA SER H 43 7.55 -4.94 -123.50
C SER H 43 8.58 -5.99 -123.90
N ASP H 44 8.29 -6.70 -124.99
CA ASP H 44 9.11 -7.81 -125.47
C ASP H 44 10.09 -7.40 -126.56
N GLU H 45 10.90 -6.39 -126.32
CA GLU H 45 11.92 -6.18 -127.34
C GLU H 45 13.25 -6.78 -126.90
N PRO H 46 14.09 -7.17 -127.85
CA PRO H 46 15.41 -7.71 -127.48
C PRO H 46 16.23 -6.75 -126.66
N GLN H 47 16.11 -5.44 -126.89
CA GLN H 47 16.89 -4.44 -126.17
C GLN H 47 16.25 -4.04 -124.85
N ASN H 48 15.39 -4.88 -124.30
CA ASN H 48 14.67 -4.56 -123.07
C ASN H 48 15.10 -5.48 -121.95
N ILE H 49 14.85 -5.02 -120.72
CA ILE H 49 15.35 -5.72 -119.54
C ILE H 49 14.73 -7.10 -119.41
N LYS H 50 13.46 -7.24 -119.79
CA LYS H 50 12.78 -8.52 -119.62
C LYS H 50 13.44 -9.61 -120.45
N THR H 51 13.65 -9.35 -121.73
CA THR H 51 14.19 -10.38 -122.61
C THR H 51 15.61 -10.77 -122.19
N ARG H 52 16.45 -9.78 -121.90
CA ARG H 52 17.83 -10.09 -121.49
C ARG H 52 17.86 -10.83 -120.17
N PHE H 53 17.10 -10.35 -119.18
CA PHE H 53 17.12 -10.99 -117.87
C PHE H 53 16.61 -12.41 -117.95
N TYR H 54 15.58 -12.67 -118.75
CA TYR H 54 15.07 -14.03 -118.84
C TYR H 54 15.95 -14.91 -119.73
N ALA H 55 16.68 -14.32 -120.67
CA ALA H 55 17.68 -15.08 -121.40
C ALA H 55 18.76 -15.59 -120.46
N TRP H 56 19.21 -14.74 -119.54
CA TRP H 56 20.18 -15.21 -118.55
C TRP H 56 19.53 -16.14 -117.53
N TYR H 57 18.27 -15.89 -117.19
CA TYR H 57 17.58 -16.62 -116.13
C TYR H 57 17.15 -18.01 -116.56
N ASN H 58 16.80 -18.19 -117.83
CA ASN H 58 16.33 -19.48 -118.33
C ASN H 58 17.42 -20.29 -119.00
N ARG H 59 18.67 -19.83 -118.94
CA ARG H 59 19.75 -20.54 -119.61
C ARG H 59 20.01 -21.86 -118.90
N PHE H 60 19.97 -22.96 -119.67
CA PHE H 60 20.25 -24.30 -119.16
C PHE H 60 19.31 -24.71 -118.03
N ARG H 61 18.11 -24.14 -118.02
CA ARG H 61 17.11 -24.54 -117.03
C ARG H 61 16.69 -25.98 -117.28
N VAL H 62 16.67 -26.79 -116.22
CA VAL H 62 16.34 -28.20 -116.33
C VAL H 62 14.92 -28.40 -115.83
N THR H 63 14.03 -28.83 -116.74
CA THR H 63 12.64 -29.04 -116.41
C THR H 63 12.22 -30.44 -116.84
N VAL H 64 11.27 -31.01 -116.11
CA VAL H 64 10.76 -32.33 -116.46
C VAL H 64 9.96 -32.23 -117.75
N GLN H 65 10.27 -33.10 -118.70
CA GLN H 65 9.48 -33.18 -119.92
C GLN H 65 8.36 -34.19 -119.77
N SER H 66 8.71 -35.46 -119.54
CA SER H 66 7.72 -36.51 -119.32
C SER H 66 8.44 -37.77 -118.87
N GLY H 67 7.82 -38.50 -117.95
CA GLY H 67 8.45 -39.69 -117.42
C GLY H 67 9.76 -39.34 -116.75
N LEU H 68 10.80 -40.11 -117.07
CA LEU H 68 12.14 -39.81 -116.61
C LEU H 68 12.90 -38.89 -117.56
N THR H 69 12.27 -38.45 -118.63
CA THR H 69 12.91 -37.61 -119.63
C THR H 69 12.74 -36.14 -119.24
N LEU H 70 13.86 -35.44 -119.08
CA LEU H 70 13.91 -34.05 -118.68
C LEU H 70 14.45 -33.21 -119.82
N SER H 71 13.93 -31.99 -119.93
CA SER H 71 14.30 -31.07 -121.00
C SER H 71 15.18 -29.96 -120.43
N VAL H 72 16.33 -29.77 -121.07
CA VAL H 72 17.25 -28.68 -120.75
C VAL H 72 17.17 -27.67 -121.88
N THR H 73 17.02 -26.40 -121.51
CA THR H 73 16.90 -25.35 -122.50
C THR H 73 18.25 -25.07 -123.16
N GLN H 74 18.22 -24.23 -124.19
CA GLN H 74 19.43 -23.90 -124.92
C GLN H 74 20.38 -23.10 -124.05
N GLY H 75 21.62 -22.98 -124.50
CA GLY H 75 22.57 -22.16 -123.79
C GLY H 75 23.99 -22.28 -124.30
N SER H 76 24.84 -21.31 -123.98
CA SER H 76 26.22 -21.28 -124.47
C SER H 76 27.19 -21.43 -123.31
N ILE H 77 28.18 -22.28 -123.48
CA ILE H 77 29.24 -22.49 -122.50
C ILE H 77 30.55 -22.03 -123.09
N SER H 78 31.48 -21.68 -122.20
CA SER H 78 32.83 -21.29 -122.58
C SER H 78 33.80 -22.35 -122.07
N VAL H 79 34.60 -22.90 -122.97
CA VAL H 79 35.60 -23.91 -122.65
C VAL H 79 36.94 -23.36 -123.14
N SER H 80 37.76 -22.87 -122.20
CA SER H 80 39.08 -22.34 -122.52
C SER H 80 39.00 -21.23 -123.57
N GLY H 81 37.94 -20.44 -123.51
CA GLY H 81 37.73 -19.35 -124.44
C GLY H 81 36.99 -19.71 -125.71
N ASN H 82 36.63 -20.98 -125.90
CA ASN H 82 35.87 -21.40 -127.06
C ASN H 82 34.40 -21.55 -126.70
N ILE H 83 33.54 -20.92 -127.49
CA ILE H 83 32.11 -20.86 -127.18
C ILE H 83 31.41 -22.02 -127.87
N ILE H 84 30.62 -22.77 -127.10
CA ILE H 84 29.84 -23.88 -127.62
C ILE H 84 28.39 -23.64 -127.25
N SER H 85 27.52 -23.60 -128.26
CA SER H 85 26.09 -23.38 -128.06
C SER H 85 25.35 -24.70 -128.19
N PHE H 86 24.44 -24.95 -127.25
CA PHE H 86 23.67 -26.16 -127.21
C PHE H 86 22.19 -25.84 -127.38
N PRO H 87 21.46 -26.60 -128.19
CA PRO H 87 20.04 -26.37 -128.36
C PRO H 87 19.25 -27.00 -127.22
N PRO H 88 17.94 -26.83 -127.19
CA PRO H 88 17.14 -27.61 -126.24
C PRO H 88 17.38 -29.10 -126.46
N GLN H 89 17.56 -29.82 -125.36
CA GLN H 89 17.87 -31.24 -125.44
C GLN H 89 17.13 -31.98 -124.34
N THR H 90 17.09 -33.30 -124.47
CA THR H 90 16.41 -34.15 -123.50
C THR H 90 17.38 -35.22 -123.00
N ILE H 91 17.21 -35.59 -121.73
CA ILE H 91 18.03 -36.64 -121.13
C ILE H 91 17.23 -37.31 -120.04
N ASN H 92 17.46 -38.60 -119.85
CA ASN H 92 16.71 -39.35 -118.85
C ASN H 92 17.44 -39.34 -117.51
N ALA H 93 16.66 -39.41 -116.45
CA ALA H 93 17.21 -39.54 -115.11
C ALA H 93 17.42 -41.02 -114.79
N ILE H 94 17.76 -41.33 -113.54
CA ILE H 94 17.97 -42.70 -113.10
C ILE H 94 16.91 -43.01 -112.06
N ASP H 95 16.16 -44.08 -112.28
CA ASP H 95 15.01 -44.39 -111.46
C ASP H 95 15.42 -44.74 -110.03
N ASN H 96 14.58 -44.35 -109.07
CA ASN H 96 14.78 -44.66 -107.66
C ASN H 96 16.12 -44.15 -107.15
N ALA H 97 16.53 -42.97 -107.59
CA ALA H 97 17.83 -42.44 -107.21
C ALA H 97 17.80 -40.93 -107.27
N ASN H 98 18.78 -40.32 -106.59
CA ASN H 98 19.03 -38.89 -106.70
C ASN H 98 20.17 -38.68 -107.69
N SER H 99 19.85 -38.34 -108.92
CA SER H 99 20.82 -38.11 -109.96
C SER H 99 21.16 -36.62 -110.05
N PHE H 100 22.30 -36.34 -110.66
CA PHE H 100 22.76 -34.97 -110.88
C PHE H 100 22.92 -34.74 -112.37
N VAL H 101 22.30 -33.68 -112.88
CA VAL H 101 22.38 -33.29 -114.28
C VAL H 101 23.36 -32.14 -114.37
N TRP H 102 24.42 -32.32 -115.16
CA TRP H 102 25.46 -31.32 -115.27
C TRP H 102 26.00 -31.31 -116.70
N ILE H 103 26.97 -30.46 -116.94
CA ILE H 103 27.64 -30.36 -118.23
C ILE H 103 29.13 -30.50 -118.01
N GLY H 104 29.77 -31.37 -118.78
CA GLY H 104 31.21 -31.54 -118.65
C GLY H 104 31.67 -32.79 -119.37
N LYS H 105 32.91 -33.18 -119.07
CA LYS H 105 33.53 -34.35 -119.64
C LYS H 105 33.93 -35.32 -118.54
N THR H 106 33.66 -36.60 -118.76
CA THR H 106 34.02 -37.62 -117.79
C THR H 106 35.40 -38.19 -118.10
N ASP H 107 35.95 -38.93 -117.14
CA ASP H 107 37.21 -39.62 -117.37
C ASP H 107 37.07 -40.67 -118.47
N ALA H 108 35.98 -41.42 -118.45
CA ALA H 108 35.73 -42.40 -119.50
C ALA H 108 35.51 -41.72 -120.86
N ASP H 109 34.76 -40.63 -120.88
CA ASP H 109 34.47 -39.91 -122.12
C ASP H 109 35.00 -38.48 -122.05
N PRO H 110 36.11 -38.17 -122.72
CA PRO H 110 36.67 -36.81 -122.64
C PRO H 110 35.82 -35.77 -123.36
N ALA H 111 34.80 -36.17 -124.10
CA ALA H 111 33.96 -35.20 -124.78
C ALA H 111 33.10 -34.43 -123.78
N ILE H 112 32.90 -33.14 -124.05
CA ILE H 112 32.11 -32.29 -123.18
C ILE H 112 30.66 -32.31 -123.64
N ALA H 113 29.77 -32.73 -122.76
CA ALA H 113 28.36 -32.87 -123.11
C ALA H 113 27.52 -32.81 -121.84
N LEU H 114 26.21 -32.93 -122.01
CA LEU H 114 25.26 -32.93 -120.91
C LEU H 114 25.16 -34.35 -120.36
N ARG H 115 25.44 -34.51 -119.07
CA ARG H 115 25.56 -35.83 -118.46
C ARG H 115 24.72 -35.91 -117.20
N VAL H 116 24.06 -37.05 -117.03
CA VAL H 116 23.32 -37.39 -115.82
C VAL H 116 24.13 -38.46 -115.09
N SER H 117 24.55 -38.16 -113.87
CA SER H 117 25.40 -39.06 -113.10
C SER H 117 24.79 -39.28 -111.73
N GLN H 118 25.46 -40.10 -110.92
CA GLN H 118 25.03 -40.34 -109.56
C GLN H 118 25.68 -39.38 -108.57
N THR H 119 26.87 -38.89 -108.86
CA THR H 119 27.57 -37.96 -107.99
C THR H 119 28.17 -36.84 -108.83
N LEU H 120 27.93 -35.60 -108.42
CA LEU H 120 28.43 -34.46 -109.16
C LEU H 120 29.95 -34.44 -109.14
N PRO H 121 30.61 -34.37 -110.29
CA PRO H 121 32.07 -34.37 -110.30
C PRO H 121 32.64 -33.07 -109.77
N ASN H 122 33.93 -33.11 -109.43
CA ASN H 122 34.58 -31.96 -108.83
C ASN H 122 34.60 -30.77 -109.79
N VAL H 123 34.91 -31.02 -111.06
CA VAL H 123 34.94 -29.97 -112.08
C VAL H 123 33.82 -30.25 -113.07
N CYS H 124 32.88 -29.33 -113.16
CA CYS H 124 31.70 -29.47 -114.02
C CYS H 124 30.92 -28.16 -113.96
N ILE H 125 29.84 -28.10 -114.72
CA ILE H 125 28.86 -27.02 -114.58
C ILE H 125 27.59 -27.65 -114.04
N PRO H 126 27.35 -27.58 -112.73
CA PRO H 126 26.15 -28.22 -112.17
C PRO H 126 24.90 -27.51 -112.64
N LEU H 127 23.94 -28.30 -113.11
CA LEU H 127 22.68 -27.78 -113.59
C LEU H 127 21.52 -28.06 -112.63
N ALA H 128 21.34 -29.31 -112.24
CA ALA H 128 20.19 -29.64 -111.40
C ALA H 128 20.44 -30.94 -110.66
N ARG H 129 19.61 -31.17 -109.64
CA ARG H 129 19.55 -32.43 -108.93
C ARG H 129 18.12 -32.96 -109.03
N VAL H 130 17.99 -34.20 -109.49
CA VAL H 130 16.70 -34.80 -109.79
C VAL H 130 16.51 -36.01 -108.90
N ILE H 131 15.33 -36.09 -108.26
CA ILE H 131 14.98 -37.25 -107.44
C ILE H 131 13.93 -38.04 -108.20
N ALA H 132 14.26 -39.26 -108.61
CA ALA H 132 13.40 -40.06 -109.46
C ALA H 132 13.00 -41.33 -108.74
N ALA H 133 11.69 -41.60 -108.70
CA ALA H 133 11.17 -42.82 -108.10
C ALA H 133 10.08 -43.38 -109.00
N SER H 134 10.06 -44.71 -109.13
CA SER H 134 9.04 -45.42 -109.91
C SER H 134 8.97 -44.91 -111.34
N GLY H 135 10.13 -44.62 -111.92
CA GLY H 135 10.16 -44.10 -113.27
C GLY H 135 9.53 -42.73 -113.41
N SER H 136 9.35 -42.01 -112.31
CA SER H 136 8.76 -40.68 -112.33
C SER H 136 9.62 -39.73 -111.51
N VAL H 137 9.63 -38.47 -111.92
CA VAL H 137 10.47 -37.45 -111.31
C VAL H 137 9.64 -36.73 -110.25
N THR H 138 9.98 -36.97 -108.98
CA THR H 138 9.29 -36.26 -107.90
C THR H 138 9.71 -34.79 -107.84
N SER H 139 11.02 -34.53 -107.89
CA SER H 139 11.51 -33.18 -107.67
C SER H 139 12.75 -32.91 -108.51
N VAL H 140 12.87 -31.67 -108.96
CA VAL H 140 14.03 -31.16 -109.67
C VAL H 140 14.45 -29.86 -109.00
N THR H 141 15.68 -29.80 -108.52
CA THR H 141 16.21 -28.62 -107.84
C THR H 141 17.29 -27.99 -108.70
N ASP H 142 17.20 -26.67 -108.89
CA ASP H 142 18.11 -25.96 -109.78
C ASP H 142 19.44 -25.72 -109.07
N LEU H 143 20.53 -26.20 -109.67
CA LEU H 143 21.86 -26.02 -109.12
C LEU H 143 22.63 -24.90 -109.82
N ARG H 144 21.97 -24.14 -110.68
CA ARG H 144 22.63 -23.05 -111.38
C ARG H 144 22.90 -21.89 -110.43
N ASP H 145 23.64 -20.90 -110.92
CA ASP H 145 23.96 -19.72 -110.12
C ASP H 145 22.70 -18.92 -109.79
N VAL H 146 21.70 -18.95 -110.68
CA VAL H 146 20.51 -18.12 -110.49
C VAL H 146 19.69 -18.56 -109.27
N SER H 147 19.91 -19.76 -108.76
CA SER H 147 19.09 -20.27 -107.67
C SER H 147 19.90 -20.58 -106.42
N VAL H 148 21.14 -21.05 -106.57
CA VAL H 148 21.91 -21.50 -105.43
C VAL H 148 23.31 -20.90 -105.53
N ASP H 149 24.02 -20.92 -104.39
CA ASP H 149 25.40 -20.50 -104.33
C ASP H 149 26.26 -21.73 -104.08
N ILE H 150 27.22 -21.98 -104.96
CA ILE H 150 28.02 -23.19 -104.88
C ILE H 150 29.14 -22.99 -103.87
N LEU H 151 29.24 -23.92 -102.92
CA LEU H 151 30.28 -23.88 -101.91
C LEU H 151 31.37 -24.87 -102.28
N PRO H 152 32.60 -24.41 -102.51
CA PRO H 152 33.66 -25.33 -102.90
C PRO H 152 33.96 -26.33 -101.80
N PRO H 153 34.00 -27.63 -102.11
CA PRO H 153 34.42 -28.61 -101.10
C PRO H 153 35.83 -28.36 -100.60
N SER H 154 36.72 -27.94 -101.50
CA SER H 154 38.09 -27.60 -101.14
C SER H 154 38.71 -26.82 -102.30
N ILE H 155 39.87 -26.23 -102.03
CA ILE H 155 40.62 -25.51 -103.05
C ILE H 155 41.86 -26.33 -103.39
N PRO H 156 42.37 -26.23 -104.62
CA PRO H 156 43.67 -26.87 -104.92
C PRO H 156 44.78 -26.14 -104.21
N ASP H 157 45.55 -26.86 -103.40
CA ASP H 157 46.55 -26.28 -102.53
C ASP H 157 47.93 -26.85 -102.85
N ALA H 158 48.95 -26.05 -102.58
CA ALA H 158 50.33 -26.45 -102.78
C ALA H 158 50.83 -27.23 -101.56
N VAL H 159 52.13 -27.49 -101.53
CA VAL H 159 52.73 -28.12 -100.34
C VAL H 159 52.71 -27.13 -99.18
N PRO H 160 52.19 -27.51 -98.02
CA PRO H 160 52.04 -26.54 -96.93
C PRO H 160 53.39 -26.02 -96.46
N VAL H 161 53.39 -24.76 -96.00
CA VAL H 161 54.58 -24.18 -95.43
C VAL H 161 55.01 -25.00 -94.22
N GLY H 162 56.33 -25.17 -94.07
CA GLY H 162 56.86 -25.94 -92.97
C GLY H 162 56.93 -27.43 -93.22
N SER H 163 56.27 -27.93 -94.25
CA SER H 163 56.39 -29.34 -94.59
C SER H 163 57.79 -29.63 -95.11
N THR H 164 58.21 -30.87 -94.95
CA THR H 164 59.53 -31.30 -95.37
C THR H 164 59.40 -32.31 -96.50
N ILE H 165 60.09 -32.05 -97.60
CA ILE H 165 60.10 -32.93 -98.75
C ILE H 165 61.48 -33.58 -98.84
N ILE H 166 61.48 -34.81 -99.35
CA ILE H 166 62.67 -35.66 -99.39
C ILE H 166 63.15 -35.74 -100.83
N SER H 167 64.42 -35.46 -101.06
CA SER H 167 64.96 -35.34 -102.41
C SER H 167 66.25 -36.13 -102.55
N LEU H 168 66.50 -36.61 -103.77
CA LEU H 168 67.76 -37.22 -104.17
C LEU H 168 68.57 -36.37 -105.13
N ILE H 169 68.26 -35.08 -105.23
CA ILE H 169 69.03 -34.27 -106.19
C ILE H 169 70.48 -34.22 -105.74
N PRO H 170 71.44 -34.39 -106.64
CA PRO H 170 72.85 -34.35 -106.25
C PRO H 170 73.24 -32.94 -105.80
N PRO H 171 74.33 -32.80 -105.06
CA PRO H 171 74.73 -31.46 -104.58
C PRO H 171 74.97 -30.48 -105.70
N THR H 172 75.35 -30.95 -106.89
CA THR H 172 75.53 -30.04 -108.02
C THR H 172 74.22 -29.40 -108.45
N ALA H 173 73.11 -30.13 -108.36
CA ALA H 173 71.83 -29.58 -108.79
C ALA H 173 71.43 -28.42 -107.88
N PRO H 174 70.82 -27.38 -108.43
CA PRO H 174 70.51 -26.19 -107.62
C PRO H 174 69.36 -26.44 -106.65
N ILE H 175 69.36 -25.66 -105.58
CA ILE H 175 68.31 -25.77 -104.56
C ILE H 175 66.98 -25.36 -105.16
N PRO H 176 65.90 -26.14 -104.98
CA PRO H 176 64.60 -25.74 -105.51
C PRO H 176 64.12 -24.44 -104.87
N ALA H 177 63.45 -23.63 -105.69
CA ALA H 177 62.90 -22.37 -105.21
C ALA H 177 61.72 -22.62 -104.28
N GLY H 178 61.52 -21.70 -103.35
CA GLY H 178 60.45 -21.83 -102.38
C GLY H 178 60.72 -22.83 -101.28
N TYR H 179 61.95 -23.32 -101.17
CA TYR H 179 62.31 -24.30 -100.16
C TYR H 179 63.62 -23.88 -99.50
N LEU H 180 63.81 -24.33 -98.27
CA LEU H 180 65.03 -24.07 -97.52
C LEU H 180 65.70 -25.38 -97.16
N GLU H 181 67.03 -25.38 -97.18
CA GLU H 181 67.78 -26.61 -96.92
C GLU H 181 68.04 -26.78 -95.43
N LEU H 182 67.76 -27.98 -94.94
CA LEU H 182 68.17 -28.35 -93.58
C LEU H 182 69.61 -28.84 -93.60
N LEU H 183 70.38 -28.42 -92.60
CA LEU H 183 71.82 -28.61 -92.59
C LEU H 183 72.23 -29.49 -91.42
N ASN H 184 73.54 -29.59 -91.20
CA ASN H 184 74.07 -30.39 -90.10
C ASN H 184 73.76 -29.76 -88.75
N SER H 185 73.63 -28.44 -88.71
CA SER H 185 73.39 -27.72 -87.47
C SER H 185 72.25 -26.73 -87.68
N SER H 186 71.79 -26.16 -86.57
CA SER H 186 70.75 -25.15 -86.63
C SER H 186 71.25 -23.91 -87.36
N GLN H 187 70.34 -23.27 -88.08
CA GLN H 187 70.62 -22.03 -88.78
C GLN H 187 69.88 -20.88 -88.10
N ASN H 188 70.35 -19.67 -88.34
CA ASN H 188 69.67 -18.46 -87.88
C ASN H 188 69.12 -17.75 -89.12
N VAL H 189 67.85 -17.95 -89.40
CA VAL H 189 67.23 -17.42 -90.61
C VAL H 189 66.39 -16.20 -90.27
N SER H 190 66.42 -15.21 -91.16
CA SER H 190 65.74 -13.94 -90.90
C SER H 190 64.24 -14.14 -90.79
N ARG H 191 63.65 -13.52 -89.77
CA ARG H 191 62.20 -13.62 -89.58
C ARG H 191 61.44 -12.86 -90.65
N THR H 192 61.97 -11.72 -91.11
CA THR H 192 61.29 -10.95 -92.14
C THR H 192 61.27 -11.70 -93.47
N THR H 193 62.41 -12.30 -93.85
CA THR H 193 62.48 -13.01 -95.12
C THR H 193 61.56 -14.22 -95.14
N TYR H 194 61.48 -14.95 -94.02
CA TYR H 194 60.71 -16.18 -93.96
C TYR H 194 59.53 -16.00 -93.03
N SER H 195 58.83 -14.87 -93.17
CA SER H 195 57.73 -14.53 -92.27
C SER H 195 56.70 -15.65 -92.20
N ALA H 196 56.43 -16.33 -93.31
CA ALA H 196 55.49 -17.44 -93.28
C ALA H 196 56.00 -18.55 -92.38
N LEU H 197 57.26 -18.95 -92.57
CA LEU H 197 57.83 -19.99 -91.73
C LEU H 197 57.99 -19.54 -90.30
N PHE H 198 58.31 -18.27 -90.07
CA PHE H 198 58.40 -17.77 -88.70
C PHE H 198 57.04 -17.81 -88.01
N VAL H 199 55.98 -17.48 -88.74
CA VAL H 199 54.64 -17.56 -88.18
C VAL H 199 54.29 -19.01 -87.86
N LEU H 200 54.59 -19.93 -88.77
CA LEU H 200 54.20 -21.33 -88.57
C LEU H 200 55.09 -22.05 -87.55
N TRP H 201 56.28 -21.54 -87.29
CA TRP H 201 57.25 -22.20 -86.41
C TRP H 201 57.54 -21.42 -85.15
N GLY H 202 57.73 -20.11 -85.25
CA GLY H 202 58.15 -19.34 -84.08
C GLY H 202 59.62 -19.57 -83.80
N THR H 203 59.93 -19.74 -82.51
CA THR H 203 61.29 -20.05 -82.08
C THR H 203 61.41 -21.46 -81.52
N TYR H 204 60.50 -22.36 -81.94
CA TYR H 204 60.50 -23.72 -81.42
C TYR H 204 61.80 -24.44 -81.69
N TYR H 205 62.54 -24.02 -82.71
CA TYR H 205 63.84 -24.59 -83.04
C TYR H 205 64.96 -23.60 -82.77
N GLY H 206 64.84 -22.87 -81.67
CA GLY H 206 65.82 -21.86 -81.32
C GLY H 206 65.32 -20.46 -81.62
N ASN H 207 65.80 -19.50 -80.84
CA ASN H 207 65.39 -18.11 -80.98
C ASN H 207 66.30 -17.32 -81.89
N GLY H 208 67.32 -17.95 -82.48
CA GLY H 208 68.28 -17.19 -83.26
C GLY H 208 68.94 -16.14 -82.40
N ASP H 209 68.97 -14.91 -82.91
CA ASP H 209 69.44 -13.80 -82.10
C ASP H 209 68.42 -13.38 -81.04
N GLY H 210 67.15 -13.73 -81.22
CA GLY H 210 66.09 -13.34 -80.33
C GLY H 210 65.33 -12.09 -80.74
N SER H 211 65.79 -11.36 -81.75
CA SER H 211 65.11 -10.15 -82.19
C SER H 211 64.63 -10.23 -83.62
N THR H 212 65.51 -10.57 -84.57
CA THR H 212 65.17 -10.52 -85.99
C THR H 212 65.32 -11.84 -86.71
N THR H 213 65.94 -12.85 -86.11
CA THR H 213 66.10 -14.15 -86.74
C THR H 213 65.63 -15.23 -85.79
N PHE H 214 65.30 -16.38 -86.36
CA PHE H 214 64.86 -17.53 -85.60
C PHE H 214 65.61 -18.77 -86.05
N GLY H 215 65.62 -19.77 -85.18
CA GLY H 215 66.41 -20.96 -85.42
C GLY H 215 65.70 -21.97 -86.31
N VAL H 216 66.50 -22.67 -87.11
CA VAL H 216 66.03 -23.74 -87.98
C VAL H 216 66.81 -24.99 -87.61
N PRO H 217 66.15 -26.12 -87.40
CA PRO H 217 66.85 -27.29 -86.86
C PRO H 217 67.86 -27.86 -87.83
N GLY H 218 68.87 -28.52 -87.27
CA GLY H 218 69.82 -29.27 -88.08
C GLY H 218 69.37 -30.70 -88.28
N THR H 219 70.13 -31.43 -89.11
CA THR H 219 69.84 -32.83 -89.38
C THR H 219 70.62 -33.74 -88.44
N GLY H 220 71.95 -33.58 -88.40
CA GLY H 220 72.75 -34.47 -87.59
C GLY H 220 72.90 -35.86 -88.13
N GLY H 221 72.52 -36.08 -89.38
CA GLY H 221 72.60 -37.42 -89.96
C GLY H 221 71.76 -38.43 -89.24
N ARG H 222 70.63 -38.01 -88.67
CA ARG H 222 69.80 -38.88 -87.86
C ARG H 222 68.76 -39.58 -88.71
N PHE H 223 68.40 -40.79 -88.30
CA PHE H 223 67.36 -41.54 -88.99
C PHE H 223 66.01 -40.84 -88.78
N LEU H 224 65.22 -40.75 -89.85
CA LEU H 224 63.89 -40.16 -89.72
C LEU H 224 63.01 -41.10 -88.92
N ARG H 225 62.49 -40.61 -87.80
CA ARG H 225 61.64 -41.38 -86.91
C ARG H 225 60.32 -40.68 -86.73
N LEU H 226 59.23 -41.44 -86.85
CA LEU H 226 57.91 -40.88 -86.60
C LEU H 226 57.68 -40.69 -85.11
N GLY H 227 56.84 -39.72 -84.77
CA GLY H 227 56.59 -39.40 -83.39
C GLY H 227 55.62 -40.35 -82.73
N GLY H 228 55.53 -40.23 -81.42
CA GLY H 228 54.62 -41.01 -80.62
C GLY H 228 55.26 -41.48 -79.32
N SER H 229 54.44 -41.61 -78.29
CA SER H 229 54.85 -42.16 -76.99
C SER H 229 55.98 -41.33 -76.38
N GLY H 230 55.65 -40.07 -76.08
CA GLY H 230 56.63 -39.17 -75.50
C GLY H 230 57.68 -38.67 -76.45
N LEU H 231 57.41 -38.70 -77.76
CA LEU H 231 58.33 -38.21 -78.78
C LEU H 231 57.72 -36.97 -79.42
N SER H 232 58.00 -35.81 -78.83
CA SER H 232 57.50 -34.56 -79.36
C SER H 232 58.25 -34.20 -80.64
N VAL H 233 57.68 -33.23 -81.37
CA VAL H 233 58.23 -32.86 -82.66
C VAL H 233 59.61 -32.27 -82.48
N GLY H 234 60.55 -32.70 -83.33
CA GLY H 234 61.89 -32.18 -83.28
C GLY H 234 62.76 -32.75 -82.19
N ASP H 235 62.28 -33.72 -81.42
CA ASP H 235 63.11 -34.36 -80.42
C ASP H 235 64.21 -35.17 -81.09
N ILE H 236 65.39 -35.15 -80.48
CA ILE H 236 66.52 -35.94 -80.95
C ILE H 236 66.91 -36.90 -79.85
N GLY H 237 67.61 -37.97 -80.24
CA GLY H 237 68.06 -38.95 -79.29
C GLY H 237 68.70 -40.12 -79.98
N GLY H 238 69.21 -41.04 -79.17
CA GLY H 238 69.86 -42.22 -79.68
C GLY H 238 71.26 -41.96 -80.20
N SER H 239 72.14 -42.92 -80.05
CA SER H 239 73.51 -42.80 -80.52
C SER H 239 73.87 -43.97 -81.42
N ASN H 240 74.77 -43.72 -82.36
CA ASN H 240 75.21 -44.76 -83.27
C ASN H 240 75.99 -45.85 -82.55
N GLN H 241 76.64 -45.51 -81.44
CA GLN H 241 77.39 -46.48 -80.67
C GLN H 241 76.44 -47.35 -79.84
N ILE H 242 76.97 -48.47 -79.38
CA ILE H 242 76.21 -49.40 -78.55
C ILE H 242 77.18 -50.07 -77.58
N THR H 243 76.79 -50.13 -76.31
CA THR H 243 77.61 -50.70 -75.25
C THR H 243 76.84 -51.81 -74.57
N ILE H 244 77.41 -53.01 -74.58
CA ILE H 244 76.78 -54.14 -73.90
C ILE H 244 76.91 -53.92 -72.40
N PRO H 245 75.81 -53.87 -71.66
CA PRO H 245 75.89 -53.71 -70.21
C PRO H 245 75.88 -55.06 -69.52
N THR H 246 76.34 -55.07 -68.27
CA THR H 246 76.17 -56.24 -67.44
C THR H 246 74.67 -56.49 -67.24
N ASN H 247 74.34 -57.67 -66.73
CA ASN H 247 72.97 -58.18 -66.61
C ASN H 247 72.38 -58.51 -67.97
N ALA H 248 73.11 -58.27 -69.06
CA ALA H 248 72.71 -58.66 -70.40
C ALA H 248 73.60 -59.75 -70.98
N LEU H 249 74.60 -60.21 -70.23
CA LEU H 249 75.46 -61.27 -70.70
C LEU H 249 74.68 -62.56 -70.87
N PRO H 250 74.74 -63.22 -72.03
CA PRO H 250 74.13 -64.54 -72.15
C PRO H 250 74.83 -65.53 -71.23
N SER H 251 74.03 -66.42 -70.64
CA SER H 251 74.59 -67.40 -69.71
C SER H 251 75.52 -68.36 -70.43
N HIS H 252 76.66 -68.63 -69.82
CA HIS H 252 77.67 -69.49 -70.42
C HIS H 252 78.61 -69.97 -69.34
N GLN H 253 79.34 -71.04 -69.65
CA GLN H 253 80.33 -71.58 -68.73
C GLN H 253 81.57 -71.99 -69.49
N HIS H 254 82.72 -71.79 -68.86
CA HIS H 254 84.00 -72.17 -69.43
C HIS H 254 84.46 -73.47 -68.79
N GLY H 255 84.71 -74.48 -69.61
CA GLY H 255 85.18 -75.74 -69.09
C GLY H 255 86.57 -75.63 -68.50
N ILE H 256 86.81 -76.39 -67.44
CA ILE H 256 88.12 -76.41 -66.78
C ILE H 256 89.06 -77.30 -67.58
N PRO H 257 90.24 -76.83 -67.95
CA PRO H 257 91.19 -77.67 -68.70
C PRO H 257 91.71 -78.83 -67.87
N ALA H 258 92.49 -79.70 -68.50
CA ALA H 258 93.09 -80.82 -67.77
C ALA H 258 94.11 -80.29 -66.77
N ASN H 259 94.04 -80.79 -65.54
CA ASN H 259 94.92 -80.36 -64.47
C ASN H 259 95.51 -81.58 -63.79
N THR H 260 96.73 -81.42 -63.28
CA THR H 260 97.43 -82.51 -62.61
C THR H 260 98.53 -81.91 -61.74
N HIS H 261 98.52 -82.23 -60.45
CA HIS H 261 99.48 -81.66 -59.52
C HIS H 261 99.88 -82.71 -58.50
N THR H 262 101.05 -82.51 -57.91
CA THR H 262 101.55 -83.36 -56.84
C THR H 262 101.81 -82.51 -55.61
N HIS H 263 101.75 -83.16 -54.45
CA HIS H 263 102.15 -82.56 -53.19
C HIS H 263 103.46 -83.20 -52.75
N SER H 264 104.47 -82.38 -52.47
CA SER H 264 105.69 -82.91 -51.91
C SER H 264 105.42 -83.44 -50.50
N VAL H 265 106.35 -84.26 -50.01
CA VAL H 265 106.16 -84.97 -48.75
C VAL H 265 107.00 -84.31 -47.69
N ASN H 266 106.35 -83.83 -46.63
CA ASN H 266 107.03 -83.19 -45.51
C ASN H 266 107.27 -84.27 -44.45
N ASP H 267 108.31 -85.08 -44.70
CA ASP H 267 108.64 -86.19 -43.82
C ASP H 267 109.59 -85.74 -42.72
N GLY H 268 109.71 -86.59 -41.70
CA GLY H 268 110.65 -86.37 -40.62
C GLY H 268 111.26 -87.68 -40.19
N GLY H 269 111.38 -87.88 -38.88
CA GLY H 269 111.98 -89.10 -38.36
C GLY H 269 111.00 -89.93 -37.57
N HIS H 270 111.01 -91.24 -37.79
CA HIS H 270 110.06 -92.10 -37.11
C HIS H 270 110.75 -93.36 -36.57
N GLY H 271 110.59 -93.62 -35.27
CA GLY H 271 111.20 -94.79 -34.67
C GLY H 271 110.15 -95.70 -34.06
N HIS H 272 110.56 -96.64 -33.21
CA HIS H 272 109.62 -97.60 -32.65
C HIS H 272 109.94 -98.05 -31.24
N THR H 273 108.94 -98.57 -30.52
CA THR H 273 109.16 -99.07 -29.17
C THR H 273 109.17 -100.60 -29.21
N ILE H 274 110.12 -101.19 -28.50
CA ILE H 274 110.24 -102.65 -28.41
C ILE H 274 109.49 -103.11 -27.17
N ASN H 275 108.60 -104.09 -27.35
CA ASN H 275 107.97 -104.78 -26.23
C ASN H 275 108.70 -106.11 -26.04
N GLN H 276 109.53 -106.17 -25.01
CA GLN H 276 110.40 -107.32 -24.79
C GLN H 276 110.19 -107.87 -23.39
N THR H 277 110.18 -109.19 -23.30
CA THR H 277 110.14 -109.90 -22.04
C THR H 277 111.42 -110.70 -21.85
N PRO H 278 111.85 -110.93 -20.61
CA PRO H 278 113.07 -111.72 -20.40
C PRO H 278 112.91 -113.13 -20.93
N HIS H 279 114.02 -113.68 -21.41
CA HIS H 279 114.06 -115.02 -21.96
C HIS H 279 115.18 -115.81 -21.28
N SER H 280 115.04 -117.13 -21.31
CA SER H 280 116.04 -118.01 -20.73
C SER H 280 116.36 -119.13 -21.71
N HIS H 281 117.60 -119.59 -21.66
CA HIS H 281 118.06 -120.67 -22.52
C HIS H 281 118.08 -121.98 -21.75
N SER H 282 117.98 -123.07 -22.49
CA SER H 282 118.12 -124.40 -21.90
C SER H 282 119.57 -124.84 -21.98
N ILE H 283 120.02 -125.53 -20.95
CA ILE H 283 121.39 -126.04 -20.91
C ILE H 283 121.41 -127.42 -21.54
N SER H 284 122.60 -127.89 -21.89
CA SER H 284 122.77 -129.19 -22.51
C SER H 284 123.73 -130.05 -21.70
N ASP H 285 123.52 -130.09 -20.39
CA ASP H 285 124.39 -130.77 -19.42
C ASP H 285 124.66 -132.22 -19.81
N PRO H 286 125.89 -132.55 -20.18
CA PRO H 286 126.30 -133.96 -20.24
C PRO H 286 126.91 -134.38 -18.91
N GLY H 287 126.81 -135.67 -18.64
CA GLY H 287 127.37 -136.17 -17.39
C GLY H 287 128.85 -135.91 -17.29
N HIS H 288 129.29 -135.48 -16.11
CA HIS H 288 130.70 -135.29 -15.82
C HIS H 288 131.07 -136.12 -14.60
N ALA H 289 132.25 -136.71 -14.63
CA ALA H 289 132.74 -137.56 -13.54
C ALA H 289 134.11 -137.08 -13.10
N HIS H 290 134.28 -136.91 -11.81
CA HIS H 290 135.58 -136.55 -11.25
C HIS H 290 136.42 -137.82 -11.09
N GLY H 291 137.53 -137.69 -10.38
CA GLY H 291 138.31 -138.85 -10.00
C GLY H 291 138.88 -138.64 -8.61
N VAL H 292 139.11 -139.75 -7.92
CA VAL H 292 139.69 -139.71 -6.58
C VAL H 292 140.99 -140.51 -6.61
N PRO H 293 142.15 -139.85 -6.49
CA PRO H 293 143.44 -140.53 -6.61
C PRO H 293 144.05 -140.99 -5.30
N PHE H 294 143.31 -140.97 -4.20
CA PHE H 294 143.89 -141.20 -2.87
C PHE H 294 143.69 -142.65 -2.44
N GLY H 295 144.36 -143.55 -3.15
CA GLY H 295 144.41 -144.94 -2.78
C GLY H 295 145.73 -145.27 -2.12
N ALA H 296 145.65 -145.82 -0.92
CA ALA H 296 146.84 -146.07 -0.15
C ALA H 296 147.57 -147.33 -0.62
N ALA H 297 148.89 -147.33 -0.44
CA ALA H 297 149.72 -148.50 -0.63
C ALA H 297 150.18 -149.12 0.69
N VAL H 298 150.26 -148.32 1.74
CA VAL H 298 150.59 -148.78 3.08
C VAL H 298 149.41 -148.45 4.00
N ASP H 299 149.10 -149.34 4.93
CA ASP H 299 147.99 -149.18 5.84
C ASP H 299 148.36 -148.37 7.08
N ASN H 300 149.39 -147.54 7.02
CA ASN H 300 149.82 -146.73 8.14
C ASN H 300 149.52 -145.26 7.86
N GLY H 301 148.85 -144.61 8.79
CA GLY H 301 148.46 -143.21 8.65
C GLY H 301 147.06 -143.06 8.05
N ASN H 302 146.61 -141.81 8.02
CA ASN H 302 145.29 -141.49 7.50
C ASN H 302 145.36 -140.58 6.27
N ASN H 303 146.43 -140.68 5.49
CA ASN H 303 146.60 -139.81 4.34
C ASN H 303 145.73 -140.23 3.16
N ALA H 304 145.51 -141.53 2.99
CA ALA H 304 144.81 -142.04 1.81
C ALA H 304 143.82 -143.12 2.26
N PHE H 305 143.29 -143.85 1.28
CA PHE H 305 142.32 -144.92 1.52
C PHE H 305 142.93 -146.26 1.18
N ASP H 306 142.71 -147.25 2.04
CA ASP H 306 143.15 -148.60 1.76
C ASP H 306 142.37 -149.19 0.59
N THR H 307 143.03 -150.06 -0.17
CA THR H 307 142.45 -150.64 -1.36
C THR H 307 141.74 -151.95 -1.06
N GLY H 308 140.93 -152.41 -2.03
CA GLY H 308 140.18 -153.64 -1.87
C GLY H 308 139.95 -154.31 -3.21
N GLY H 309 139.38 -155.51 -3.15
CA GLY H 309 139.26 -156.33 -4.34
C GLY H 309 137.97 -156.25 -5.13
N SER H 310 136.83 -156.48 -4.49
CA SER H 310 135.56 -156.56 -5.20
C SER H 310 134.71 -155.33 -4.89
N PRO H 311 134.39 -154.51 -5.89
CA PRO H 311 133.67 -153.26 -5.62
C PRO H 311 132.17 -153.50 -5.50
N TYR H 312 131.57 -152.94 -4.45
CA TYR H 312 130.12 -152.94 -4.30
C TYR H 312 129.72 -151.59 -3.72
N ASN H 313 128.50 -151.18 -4.03
CA ASN H 313 128.02 -149.86 -3.63
C ASN H 313 127.66 -149.88 -2.16
N ASN H 314 128.50 -149.26 -1.33
CA ASN H 314 128.25 -149.16 0.10
C ASN H 314 127.61 -147.84 0.48
N GLY H 315 127.14 -147.07 -0.49
CA GLY H 315 126.38 -145.87 -0.20
C GLY H 315 127.17 -144.64 0.17
N ILE H 316 128.41 -144.54 -0.31
CA ILE H 316 129.26 -143.38 -0.02
C ILE H 316 129.22 -142.44 -1.22
N GLY H 317 128.91 -141.17 -0.95
CA GLY H 317 128.89 -140.17 -1.99
C GLY H 317 129.75 -138.98 -1.60
N THR H 318 130.09 -138.19 -2.61
CA THR H 318 130.90 -137.00 -2.38
C THR H 318 130.07 -135.92 -1.69
N THR H 319 130.68 -134.78 -1.47
CA THR H 319 130.00 -133.68 -0.81
C THR H 319 129.23 -132.85 -1.85
N GLN H 320 128.53 -131.83 -1.38
CA GLN H 320 127.77 -130.92 -2.24
C GLN H 320 128.55 -129.63 -2.40
N ASN H 321 128.70 -129.18 -3.64
CA ASN H 321 129.35 -127.91 -3.92
C ASN H 321 128.98 -127.45 -5.31
N GLN H 322 128.69 -126.15 -5.43
CA GLN H 322 128.32 -125.56 -6.71
C GLN H 322 129.51 -125.57 -7.66
N THR H 323 129.28 -125.97 -8.89
CA THR H 323 130.28 -125.76 -9.93
C THR H 323 130.33 -124.28 -10.27
N GLY H 324 131.54 -123.74 -10.35
CA GLY H 324 131.67 -122.33 -10.61
C GLY H 324 131.69 -122.04 -12.10
N ILE H 325 130.54 -121.68 -12.66
CA ILE H 325 130.45 -121.33 -14.08
C ILE H 325 129.57 -120.09 -14.22
N SER H 326 129.72 -119.42 -15.36
CA SER H 326 128.88 -118.29 -15.71
C SER H 326 128.87 -118.16 -17.22
N VAL H 327 127.71 -117.81 -17.76
CA VAL H 327 127.52 -117.73 -19.20
C VAL H 327 128.00 -116.37 -19.69
N ASN H 328 128.84 -116.37 -20.71
CA ASN H 328 129.38 -115.14 -21.25
C ASN H 328 128.31 -114.39 -22.04
N THR H 329 128.43 -113.06 -22.02
CA THR H 329 127.41 -112.21 -22.64
C THR H 329 127.44 -112.33 -24.16
N ALA H 330 126.28 -112.13 -24.77
CA ALA H 330 126.13 -112.21 -26.22
C ALA H 330 124.87 -111.44 -26.61
N ASN H 331 124.68 -111.27 -27.92
CA ASN H 331 123.57 -110.52 -28.45
C ASN H 331 122.74 -111.39 -29.39
N ALA H 332 121.42 -111.27 -29.28
CA ALA H 332 120.51 -112.08 -30.07
C ALA H 332 120.55 -111.68 -31.54
N ASN H 333 120.28 -112.65 -32.42
CA ASN H 333 120.28 -112.42 -33.86
C ASN H 333 118.95 -111.78 -34.24
N LEU H 334 118.98 -110.49 -34.52
CA LEU H 334 117.78 -109.69 -34.69
C LEU H 334 117.76 -109.02 -36.05
N SER H 335 116.60 -109.03 -36.69
CA SER H 335 116.40 -108.35 -37.97
C SER H 335 114.99 -107.78 -38.02
N ILE H 336 114.87 -106.57 -38.54
CA ILE H 336 113.59 -105.89 -38.68
C ILE H 336 113.16 -106.00 -40.14
N ASN H 337 111.99 -106.58 -40.37
CA ASN H 337 111.47 -106.69 -41.72
C ASN H 337 110.79 -105.40 -42.14
N THR H 338 110.89 -105.09 -43.43
CA THR H 338 110.30 -103.87 -43.96
C THR H 338 108.79 -103.95 -43.93
N SER H 339 108.15 -102.80 -43.79
CA SER H 339 106.70 -102.74 -43.74
C SER H 339 106.23 -101.43 -44.35
N SER H 340 105.15 -101.50 -45.13
CA SER H 340 104.49 -100.31 -45.61
C SER H 340 103.82 -99.58 -44.45
N THR H 341 103.81 -98.26 -44.52
CA THR H 341 103.27 -97.44 -43.44
C THR H 341 101.75 -97.31 -43.50
N GLY H 342 101.12 -97.70 -44.61
CA GLY H 342 99.66 -97.64 -44.70
C GLY H 342 99.09 -96.25 -44.59
N ILE H 343 99.75 -95.27 -45.19
CA ILE H 343 99.31 -93.88 -45.11
C ILE H 343 98.15 -93.65 -46.05
N SER H 344 97.16 -92.87 -45.60
CA SER H 344 96.05 -92.44 -46.43
C SER H 344 96.03 -90.92 -46.48
N ILE H 345 95.58 -90.39 -47.62
CA ILE H 345 95.51 -88.95 -47.84
C ILE H 345 94.06 -88.52 -47.80
N GLN H 346 93.75 -87.59 -46.91
CA GLN H 346 92.38 -87.14 -46.74
C GLN H 346 91.94 -86.27 -47.91
N SER H 347 90.63 -86.18 -48.08
CA SER H 347 90.06 -85.36 -49.15
C SER H 347 90.26 -83.88 -48.85
N ALA H 348 90.37 -83.09 -49.91
CA ALA H 348 90.51 -81.65 -49.77
C ALA H 348 90.03 -80.98 -51.05
N SER H 349 89.71 -79.70 -50.93
CA SER H 349 89.35 -78.86 -52.06
C SER H 349 90.53 -78.01 -52.48
N THR H 350 90.55 -77.63 -53.75
CA THR H 350 91.62 -76.79 -54.26
C THR H 350 91.59 -75.39 -53.65
N GLY H 351 90.47 -75.00 -53.05
CA GLY H 351 90.39 -73.76 -52.30
C GLY H 351 89.93 -72.55 -53.09
N LEU H 352 90.01 -72.59 -54.41
CA LEU H 352 89.61 -71.47 -55.24
C LEU H 352 88.12 -71.53 -55.57
N THR H 353 87.52 -70.36 -55.75
CA THR H 353 86.08 -70.25 -55.86
C THR H 353 85.62 -69.50 -57.11
N VAL H 354 86.37 -68.46 -57.50
CA VAL H 354 86.01 -67.66 -58.66
C VAL H 354 87.23 -67.48 -59.56
N THR H 355 86.96 -67.26 -60.83
CA THR H 355 88.00 -66.94 -61.80
C THR H 355 88.27 -65.44 -61.76
N SER H 356 89.04 -64.95 -62.71
CA SER H 356 89.31 -63.52 -62.82
C SER H 356 88.40 -62.89 -63.86
N ASN H 357 88.26 -61.57 -63.76
CA ASN H 357 87.50 -60.82 -64.75
C ASN H 357 88.18 -60.94 -66.11
N ALA H 358 87.38 -61.20 -67.15
CA ALA H 358 87.89 -61.44 -68.49
C ALA H 358 87.40 -60.44 -69.52
N GLY H 359 86.15 -60.01 -69.44
CA GLY H 359 85.60 -59.13 -70.44
C GLY H 359 86.22 -57.74 -70.40
N ASN H 360 85.96 -57.00 -71.46
CA ASN H 360 86.41 -55.61 -71.57
C ASN H 360 85.23 -54.80 -72.09
N GLY H 361 84.80 -53.81 -71.32
CA GLY H 361 83.62 -53.06 -71.69
C GLY H 361 83.89 -51.76 -72.41
N GLN H 362 83.48 -51.67 -73.67
CA GLN H 362 83.44 -50.41 -74.40
C GLN H 362 82.37 -50.50 -75.47
N ALA H 363 82.16 -49.39 -76.16
CA ALA H 363 81.12 -49.29 -77.17
C ALA H 363 81.67 -49.64 -78.54
N PHE H 364 80.81 -50.22 -79.37
CA PHE H 364 81.14 -50.47 -80.77
C PHE H 364 80.08 -49.82 -81.64
N GLN H 365 80.40 -49.65 -82.92
CA GLN H 365 79.56 -48.90 -83.85
C GLN H 365 78.60 -49.85 -84.55
N HIS H 366 77.32 -49.47 -84.57
CA HIS H 366 76.30 -50.24 -85.26
C HIS H 366 75.28 -49.28 -85.86
N ASP H 367 75.00 -49.45 -87.15
CA ASP H 367 73.98 -48.66 -87.82
C ASP H 367 73.20 -49.54 -88.78
N GLN H 368 71.89 -49.36 -88.80
CA GLN H 368 70.99 -50.18 -89.59
C GLN H 368 71.19 -49.89 -91.08
N PRO H 369 70.53 -50.65 -91.97
CA PRO H 369 70.55 -50.29 -93.39
C PRO H 369 70.18 -48.83 -93.58
N TYR H 370 70.97 -48.14 -94.39
CA TYR H 370 71.11 -46.70 -94.28
C TYR H 370 71.22 -46.06 -95.65
N LEU H 371 70.32 -45.12 -95.94
CA LEU H 371 70.29 -44.39 -97.20
C LEU H 371 70.13 -42.91 -96.90
N VAL H 372 70.87 -42.08 -97.62
CA VAL H 372 70.86 -40.64 -97.39
C VAL H 372 69.89 -39.96 -98.33
N PHE H 373 69.12 -39.02 -97.80
CA PHE H 373 68.20 -38.19 -98.54
C PHE H 373 68.51 -36.73 -98.21
N ARG H 374 67.79 -35.82 -98.85
CA ARG H 374 67.89 -34.40 -98.54
C ARG H 374 66.53 -33.88 -98.10
N VAL H 375 66.53 -33.07 -97.05
CA VAL H 375 65.30 -32.57 -96.46
C VAL H 375 65.18 -31.09 -96.80
N PHE H 376 64.10 -30.73 -97.50
CA PHE H 376 63.81 -29.34 -97.82
C PHE H 376 62.54 -28.93 -97.10
N VAL H 377 62.62 -27.87 -96.32
CA VAL H 377 61.46 -27.35 -95.61
C VAL H 377 60.77 -26.32 -96.49
N LYS H 378 59.46 -26.48 -96.66
CA LYS H 378 58.69 -25.61 -97.53
C LYS H 378 58.48 -24.27 -96.86
N VAL H 379 59.04 -23.22 -97.44
CA VAL H 379 58.89 -21.88 -96.90
C VAL H 379 58.11 -21.02 -97.86
N VAL I 2 -1.04 16.11 -117.00
CA VAL I 2 -0.16 16.83 -116.08
C VAL I 2 0.15 18.23 -116.59
N ARG I 3 0.67 18.31 -117.82
CA ARG I 3 1.04 19.61 -118.38
C ARG I 3 -0.17 20.51 -118.52
N LYS I 4 -1.15 20.11 -119.34
CA LYS I 4 -2.38 20.87 -119.46
C LYS I 4 -3.23 20.67 -118.21
N VAL I 5 -3.70 21.77 -117.64
CA VAL I 5 -4.46 21.76 -116.40
C VAL I 5 -5.87 22.27 -116.70
N PHE I 6 -6.87 21.50 -116.26
CA PHE I 6 -8.25 21.90 -116.38
C PHE I 6 -8.71 22.61 -115.11
N ASN I 7 -9.73 23.45 -115.26
CA ASN I 7 -10.36 24.10 -114.13
C ASN I 7 -11.80 24.41 -114.50
N ASP I 8 -12.55 24.90 -113.51
CA ASP I 8 -13.94 25.24 -113.73
C ASP I 8 -14.07 26.27 -114.85
N GLY I 9 -15.01 26.03 -115.75
CA GLY I 9 -15.21 26.86 -116.92
C GLY I 9 -14.52 26.35 -118.16
N ASP I 10 -13.54 25.47 -118.02
CA ASP I 10 -12.92 24.86 -119.18
C ASP I 10 -13.87 23.89 -119.84
N ILE I 11 -13.74 23.76 -121.16
CA ILE I 11 -14.58 22.85 -121.94
C ILE I 11 -13.72 21.68 -122.36
N LEU I 12 -14.18 20.47 -122.05
CA LEU I 12 -13.45 19.27 -122.40
C LEU I 12 -13.54 19.01 -123.89
N TYR I 13 -12.42 18.65 -124.50
CA TYR I 13 -12.34 18.40 -125.92
C TYR I 13 -12.17 16.92 -126.20
N ALA I 14 -12.60 16.51 -127.39
CA ALA I 14 -12.47 15.10 -127.78
C ALA I 14 -11.00 14.68 -127.83
N GLU I 15 -10.14 15.56 -128.35
CA GLU I 15 -8.72 15.25 -128.38
C GLU I 15 -8.17 15.07 -126.98
N ASP I 16 -8.66 15.87 -126.02
CA ASP I 16 -8.20 15.73 -124.64
C ASP I 16 -8.55 14.36 -124.08
N VAL I 17 -9.76 13.87 -124.36
CA VAL I 17 -10.13 12.55 -123.86
C VAL I 17 -9.35 11.46 -124.58
N ASN I 18 -9.13 11.61 -125.88
CA ASN I 18 -8.36 10.62 -126.62
C ASN I 18 -6.92 10.55 -126.11
N ILE I 19 -6.33 11.69 -125.78
CA ILE I 19 -5.01 11.70 -125.16
C ILE I 19 -5.06 11.06 -123.79
N ILE I 20 -6.07 11.43 -122.99
CA ILE I 20 -6.20 10.89 -121.64
C ILE I 20 -6.48 9.40 -121.69
N GLY I 21 -7.24 8.97 -122.69
CA GLY I 21 -7.54 7.55 -122.84
C GLY I 21 -6.34 6.67 -123.13
N GLN I 22 -5.23 7.25 -123.58
CA GLN I 22 -4.01 6.49 -123.88
C GLN I 22 -2.95 6.83 -122.84
N PRO I 23 -2.90 6.11 -121.72
CA PRO I 23 -1.92 6.43 -120.69
C PRO I 23 -0.51 6.03 -121.11
N PHE I 24 0.44 6.90 -120.80
CA PHE I 24 1.85 6.63 -121.02
C PHE I 24 2.58 6.79 -119.70
N VAL I 25 3.28 5.75 -119.27
CA VAL I 25 4.07 5.82 -118.06
C VAL I 25 5.55 6.05 -118.43
N ASP I 26 5.96 7.31 -118.47
CA ASP I 26 7.32 7.63 -118.85
C ASP I 26 7.86 8.89 -118.16
N GLY I 27 7.13 9.45 -117.21
CA GLY I 27 7.60 10.62 -116.50
C GLY I 27 7.57 11.90 -117.29
N GLN I 28 7.14 11.86 -118.55
CA GLN I 28 7.03 13.06 -119.35
C GLN I 28 5.91 13.95 -118.82
N ASP I 29 6.13 15.26 -118.88
CA ASP I 29 5.14 16.22 -118.37
C ASP I 29 4.18 16.60 -119.49
N LEU I 30 3.19 15.72 -119.70
CA LEU I 30 2.16 15.93 -120.70
C LEU I 30 0.83 15.52 -120.11
N LEU I 31 -0.24 15.74 -120.88
CA LEU I 31 -1.59 15.56 -120.35
C LEU I 31 -1.87 14.12 -119.96
N GLY I 32 -1.45 13.16 -120.78
CA GLY I 32 -1.72 11.76 -120.52
C GLY I 32 -0.58 10.97 -119.93
N HIS I 33 0.60 11.56 -119.78
CA HIS I 33 1.78 10.84 -119.36
C HIS I 33 1.88 10.92 -117.83
N GLY I 34 1.80 9.77 -117.18
CA GLY I 34 1.70 9.76 -115.73
C GLY I 34 2.99 9.95 -114.97
N LEU I 35 3.90 8.99 -115.07
CA LEU I 35 5.13 8.98 -114.26
C LEU I 35 5.97 7.79 -114.70
N LYS I 36 7.13 7.65 -114.08
CA LYS I 36 8.05 6.57 -114.41
C LYS I 36 7.86 5.42 -113.43
N VAL I 37 7.88 4.19 -113.96
CA VAL I 37 7.57 3.00 -113.17
C VAL I 37 8.74 2.69 -112.24
N ASP I 38 8.46 2.61 -110.95
CA ASP I 38 9.46 2.23 -109.96
C ASP I 38 9.29 0.77 -109.59
N ASP I 39 10.06 0.31 -108.60
CA ASP I 39 9.99 -1.10 -108.21
C ASP I 39 8.63 -1.44 -107.62
N ASN I 40 8.03 -0.53 -106.86
CA ASN I 40 6.74 -0.81 -106.23
C ASN I 40 5.65 -1.03 -107.27
N SER I 41 5.67 -0.26 -108.34
CA SER I 41 4.66 -0.43 -109.39
C SER I 41 4.78 -1.77 -110.08
N LEU I 42 5.92 -2.44 -109.98
CA LEU I 42 6.06 -3.77 -110.56
C LEU I 42 5.33 -4.80 -109.73
N SER I 43 4.80 -5.81 -110.40
CA SER I 43 4.00 -6.83 -109.72
C SER I 43 4.85 -7.62 -108.74
N ASP I 44 4.29 -7.86 -107.56
CA ASP I 44 5.04 -8.45 -106.46
C ASP I 44 4.77 -9.94 -106.24
N GLU I 45 3.78 -10.52 -106.92
CA GLU I 45 3.56 -11.95 -106.81
C GLU I 45 4.68 -12.71 -107.53
N PRO I 46 4.94 -13.96 -107.14
CA PRO I 46 6.01 -14.72 -107.80
C PRO I 46 5.73 -14.96 -109.27
N GLN I 47 6.68 -15.60 -109.96
CA GLN I 47 6.64 -15.77 -111.41
C GLN I 47 6.67 -14.44 -112.14
N ASN I 48 7.30 -13.44 -111.54
CA ASN I 48 7.46 -12.14 -112.16
C ASN I 48 8.89 -11.67 -111.96
N ILE I 49 9.32 -10.75 -112.84
CA ILE I 49 10.72 -10.36 -112.88
C ILE I 49 11.17 -9.73 -111.57
N LYS I 50 10.26 -9.12 -110.83
CA LYS I 50 10.64 -8.43 -109.59
C LYS I 50 11.19 -9.42 -108.56
N THR I 51 10.35 -10.36 -108.13
CA THR I 51 10.79 -11.32 -107.13
C THR I 51 11.88 -12.24 -107.67
N ARG I 52 11.78 -12.63 -108.93
CA ARG I 52 12.81 -13.48 -109.53
C ARG I 52 14.16 -12.79 -109.50
N PHE I 53 14.20 -11.51 -109.84
CA PHE I 53 15.47 -10.78 -109.87
C PHE I 53 15.99 -10.55 -108.47
N TYR I 54 15.13 -10.17 -107.52
CA TYR I 54 15.64 -9.81 -106.20
C TYR I 54 15.92 -11.02 -105.32
N ALA I 55 15.32 -12.17 -105.60
CA ALA I 55 15.66 -13.37 -104.84
C ALA I 55 17.07 -13.86 -105.15
N TRP I 56 17.67 -13.37 -106.23
CA TRP I 56 19.05 -13.67 -106.57
C TRP I 56 19.97 -12.49 -106.29
N TYR I 57 19.53 -11.28 -106.61
CA TYR I 57 20.32 -10.08 -106.32
C TYR I 57 20.56 -9.93 -104.83
N ASN I 58 19.50 -10.03 -104.04
CA ASN I 58 19.59 -9.89 -102.59
C ASN I 58 19.76 -11.23 -101.91
N ARG I 59 20.74 -12.01 -102.33
CA ARG I 59 21.02 -13.32 -101.75
C ARG I 59 22.21 -13.19 -100.82
N PHE I 60 22.00 -13.50 -99.54
CA PHE I 60 23.05 -13.42 -98.52
C PHE I 60 23.63 -12.02 -98.46
N ARG I 61 22.78 -11.01 -98.60
CA ARG I 61 23.22 -9.63 -98.49
C ARG I 61 23.30 -9.25 -97.03
N VAL I 62 24.42 -8.63 -96.64
CA VAL I 62 24.68 -8.26 -95.26
C VAL I 62 24.39 -6.78 -95.08
N THR I 63 23.58 -6.45 -94.08
CA THR I 63 23.23 -5.08 -93.76
C THR I 63 23.37 -4.85 -92.27
N VAL I 64 23.65 -3.60 -91.90
CA VAL I 64 23.77 -3.22 -90.49
C VAL I 64 22.37 -3.16 -89.90
N GLN I 65 21.99 -4.20 -89.15
CA GLN I 65 20.68 -4.19 -88.51
C GLN I 65 20.65 -3.18 -87.37
N SER I 66 21.52 -3.36 -86.38
CA SER I 66 21.56 -2.45 -85.24
C SER I 66 22.82 -2.65 -84.41
N GLY I 67 23.54 -1.57 -84.12
CA GLY I 67 24.77 -1.70 -83.36
C GLY I 67 25.77 -2.57 -84.11
N LEU I 68 26.25 -3.61 -83.44
CA LEU I 68 27.15 -4.57 -84.06
C LEU I 68 26.43 -5.73 -84.72
N THR I 69 25.10 -5.75 -84.68
CA THR I 69 24.31 -6.84 -85.22
C THR I 69 24.02 -6.58 -86.70
N LEU I 70 24.45 -7.50 -87.55
CA LEU I 70 24.27 -7.45 -88.98
C LEU I 70 23.23 -8.48 -89.39
N SER I 71 22.36 -8.08 -90.33
CA SER I 71 21.35 -8.96 -90.88
C SER I 71 21.83 -9.56 -92.18
N VAL I 72 21.61 -10.86 -92.35
CA VAL I 72 21.92 -11.57 -93.58
C VAL I 72 20.61 -12.12 -94.12
N THR I 73 20.29 -11.77 -95.37
CA THR I 73 19.04 -12.22 -95.97
C THR I 73 19.11 -13.72 -96.25
N GLN I 74 17.95 -14.29 -96.55
CA GLN I 74 17.87 -15.73 -96.75
C GLN I 74 18.58 -16.12 -98.04
N GLY I 75 18.83 -17.42 -98.16
CA GLY I 75 19.47 -17.92 -99.37
C GLY I 75 19.60 -19.43 -99.31
N SER I 76 20.37 -19.96 -100.25
CA SER I 76 20.63 -21.39 -100.28
C SER I 76 22.01 -21.63 -100.87
N ILE I 77 22.69 -22.65 -100.37
CA ILE I 77 24.01 -23.01 -100.85
C ILE I 77 24.00 -24.47 -101.30
N SER I 78 24.92 -24.79 -102.19
CA SER I 78 25.08 -26.14 -102.70
C SER I 78 26.41 -26.71 -102.19
N VAL I 79 26.33 -27.83 -101.49
CA VAL I 79 27.49 -28.53 -100.96
C VAL I 79 27.50 -29.91 -101.60
N SER I 80 28.37 -30.10 -102.59
CA SER I 80 28.47 -31.37 -103.31
C SER I 80 27.13 -31.78 -103.91
N GLY I 81 26.33 -30.79 -104.33
CA GLY I 81 25.02 -31.05 -104.89
C GLY I 81 23.89 -31.11 -103.88
N ASN I 82 24.17 -31.04 -102.59
CA ASN I 82 23.14 -31.00 -101.57
C ASN I 82 22.78 -29.55 -101.27
N ILE I 83 21.49 -29.24 -101.32
CA ILE I 83 21.02 -27.87 -101.18
C ILE I 83 20.67 -27.63 -99.72
N ILE I 84 21.31 -26.63 -99.11
CA ILE I 84 21.08 -26.25 -97.72
C ILE I 84 20.57 -24.81 -97.72
N SER I 85 19.37 -24.62 -97.18
CA SER I 85 18.70 -23.33 -97.20
C SER I 85 18.79 -22.65 -95.85
N PHE I 86 19.06 -21.35 -95.86
CA PHE I 86 19.16 -20.56 -94.66
C PHE I 86 18.11 -19.46 -94.66
N PRO I 87 17.33 -19.33 -93.59
CA PRO I 87 16.42 -18.20 -93.47
C PRO I 87 17.20 -16.94 -93.17
N PRO I 88 16.55 -15.77 -93.16
CA PRO I 88 17.25 -14.55 -92.73
C PRO I 88 17.75 -14.70 -91.31
N GLN I 89 19.03 -14.42 -91.12
CA GLN I 89 19.67 -14.61 -89.82
C GLN I 89 20.39 -13.34 -89.43
N THR I 90 20.91 -13.32 -88.21
CA THR I 90 21.66 -12.20 -87.68
C THR I 90 22.95 -12.70 -87.08
N ILE I 91 23.98 -11.85 -87.10
CA ILE I 91 25.26 -12.19 -86.49
C ILE I 91 25.94 -10.90 -86.06
N ASN I 92 26.70 -10.97 -84.98
CA ASN I 92 27.36 -9.80 -84.43
C ASN I 92 28.76 -9.66 -85.00
N ALA I 93 29.09 -8.47 -85.46
CA ALA I 93 30.43 -8.20 -85.96
C ALA I 93 31.42 -8.17 -84.80
N ILE I 94 32.68 -8.44 -85.12
CA ILE I 94 33.75 -8.36 -84.13
C ILE I 94 34.08 -6.89 -83.91
N ASP I 95 34.06 -6.45 -82.66
CA ASP I 95 34.21 -5.04 -82.35
C ASP I 95 35.64 -4.57 -82.60
N ASN I 96 35.75 -3.31 -83.02
CA ASN I 96 37.04 -2.66 -83.24
C ASN I 96 37.93 -3.47 -84.17
N ALA I 97 37.35 -3.96 -85.26
CA ALA I 97 38.09 -4.80 -86.18
C ALA I 97 37.55 -4.67 -87.59
N ASN I 98 38.39 -5.05 -88.55
CA ASN I 98 38.02 -5.17 -89.96
C ASN I 98 37.76 -6.66 -90.22
N SER I 99 36.58 -7.10 -89.82
CA SER I 99 36.24 -8.52 -89.84
C SER I 99 35.60 -8.90 -91.17
N PHE I 100 35.47 -10.21 -91.38
CA PHE I 100 34.89 -10.78 -92.59
C PHE I 100 33.71 -11.66 -92.21
N VAL I 101 32.57 -11.43 -92.84
CA VAL I 101 31.39 -12.27 -92.68
C VAL I 101 31.32 -13.20 -93.88
N TRP I 102 31.25 -14.49 -93.61
CA TRP I 102 31.28 -15.50 -94.67
C TRP I 102 30.43 -16.69 -94.24
N ILE I 103 30.31 -17.67 -95.12
CA ILE I 103 29.57 -18.90 -94.85
C ILE I 103 30.48 -20.08 -95.14
N GLY I 104 30.56 -21.02 -94.21
CA GLY I 104 31.39 -22.18 -94.42
C GLY I 104 31.58 -23.05 -93.19
N LYS I 105 32.83 -23.38 -92.90
CA LYS I 105 33.15 -24.23 -91.76
C LYS I 105 34.56 -23.90 -91.29
N THR I 106 34.93 -24.49 -90.15
CA THR I 106 36.24 -24.30 -89.56
C THR I 106 36.90 -25.64 -89.28
N ASP I 107 38.16 -25.58 -88.88
CA ASP I 107 38.90 -26.79 -88.55
C ASP I 107 38.29 -27.50 -87.34
N ALA I 108 37.73 -26.75 -86.40
CA ALA I 108 37.14 -27.32 -85.20
C ALA I 108 35.63 -27.54 -85.33
N ASP I 109 35.06 -27.28 -86.51
CA ASP I 109 33.62 -27.41 -86.67
C ASP I 109 33.25 -27.80 -88.08
N PRO I 110 32.62 -28.96 -88.28
CA PRO I 110 32.22 -29.37 -89.63
C PRO I 110 30.88 -28.79 -90.08
N ALA I 111 30.10 -28.21 -89.18
CA ALA I 111 28.81 -27.66 -89.57
C ALA I 111 29.00 -26.44 -90.44
N ILE I 112 28.27 -26.38 -91.55
CA ILE I 112 28.33 -25.26 -92.47
C ILE I 112 27.35 -24.20 -92.00
N ALA I 113 27.84 -23.01 -91.71
CA ALA I 113 27.02 -21.98 -91.10
C ALA I 113 27.63 -20.61 -91.39
N LEU I 114 26.93 -19.58 -90.94
CA LEU I 114 27.39 -18.21 -91.10
C LEU I 114 28.36 -17.86 -89.97
N ARG I 115 29.53 -17.36 -90.35
CA ARG I 115 30.57 -17.09 -89.37
C ARG I 115 31.18 -15.72 -89.64
N VAL I 116 31.72 -15.14 -88.57
CA VAL I 116 32.45 -13.88 -88.63
C VAL I 116 33.84 -14.14 -88.10
N SER I 117 34.85 -13.81 -88.90
CA SER I 117 36.23 -14.01 -88.48
C SER I 117 37.04 -12.75 -88.77
N GLN I 118 38.34 -12.79 -88.52
CA GLN I 118 39.19 -11.66 -88.85
C GLN I 118 40.00 -11.87 -90.12
N THR I 119 40.01 -13.09 -90.66
CA THR I 119 40.69 -13.41 -91.90
C THR I 119 39.81 -14.32 -92.73
N LEU I 120 39.76 -14.06 -94.02
CA LEU I 120 38.98 -14.91 -94.92
C LEU I 120 39.62 -16.29 -95.02
N PRO I 121 38.90 -17.36 -94.73
CA PRO I 121 39.46 -18.70 -94.96
C PRO I 121 39.59 -18.99 -96.44
N ASN I 122 40.47 -19.95 -96.75
CA ASN I 122 40.71 -20.31 -98.14
C ASN I 122 39.46 -20.91 -98.78
N VAL I 123 38.74 -21.74 -98.05
CA VAL I 123 37.52 -22.37 -98.53
C VAL I 123 36.35 -21.75 -97.79
N CYS I 124 35.53 -20.98 -98.51
CA CYS I 124 34.42 -20.26 -97.90
C CYS I 124 33.57 -19.66 -99.02
N ILE I 125 32.46 -19.05 -98.63
CA ILE I 125 31.68 -18.18 -99.50
C ILE I 125 31.71 -16.78 -98.90
N PRO I 126 32.59 -15.91 -99.38
CA PRO I 126 32.66 -14.56 -98.82
C PRO I 126 31.35 -13.82 -99.00
N LEU I 127 30.96 -13.09 -97.96
CA LEU I 127 29.76 -12.27 -98.01
C LEU I 127 30.06 -10.79 -97.85
N ALA I 128 30.79 -10.42 -96.81
CA ALA I 128 31.04 -8.99 -96.60
C ALA I 128 32.31 -8.79 -95.81
N ARG I 129 32.83 -7.57 -95.89
CA ARG I 129 33.92 -7.09 -95.04
C ARG I 129 33.35 -5.95 -94.21
N VAL I 130 33.25 -6.17 -92.91
CA VAL I 130 32.62 -5.22 -91.99
C VAL I 130 33.71 -4.58 -91.15
N ILE I 131 33.82 -3.26 -91.23
CA ILE I 131 34.73 -2.49 -90.40
C ILE I 131 33.90 -1.87 -89.27
N ALA I 132 34.19 -2.28 -88.04
CA ALA I 132 33.42 -1.87 -86.88
C ALA I 132 34.33 -1.31 -85.80
N ALA I 133 33.85 -0.29 -85.10
CA ALA I 133 34.64 0.36 -84.06
C ALA I 133 33.73 0.85 -82.95
N SER I 134 34.11 0.56 -81.71
CA SER I 134 33.42 1.08 -80.52
C SER I 134 31.95 0.67 -80.48
N GLY I 135 31.71 -0.63 -80.69
CA GLY I 135 30.36 -1.13 -80.63
C GLY I 135 29.45 -0.65 -81.73
N SER I 136 30.00 -0.11 -82.81
CA SER I 136 29.22 0.35 -83.95
C SER I 136 29.89 -0.13 -85.23
N VAL I 137 29.09 -0.30 -86.26
CA VAL I 137 29.58 -0.75 -87.57
C VAL I 137 29.87 0.48 -88.40
N THR I 138 31.15 0.77 -88.61
CA THR I 138 31.54 1.93 -89.39
C THR I 138 31.19 1.77 -90.86
N SER I 139 31.44 0.58 -91.42
CA SER I 139 31.14 0.38 -92.84
C SER I 139 30.99 -1.11 -93.13
N VAL I 140 30.30 -1.38 -94.24
CA VAL I 140 30.11 -2.74 -94.76
C VAL I 140 30.42 -2.70 -96.25
N THR I 141 31.30 -3.60 -96.71
CA THR I 141 31.62 -3.73 -98.11
C THR I 141 31.16 -5.09 -98.60
N ASP I 142 30.34 -5.09 -99.65
CA ASP I 142 29.77 -6.32 -100.18
C ASP I 142 30.83 -7.12 -100.91
N LEU I 143 30.98 -8.39 -100.55
CA LEU I 143 31.98 -9.26 -101.17
C LEU I 143 31.38 -10.25 -102.15
N ARG I 144 30.14 -10.69 -101.94
CA ARG I 144 29.47 -11.60 -102.87
C ARG I 144 28.68 -10.86 -103.93
N ASP I 145 28.98 -9.58 -104.14
CA ASP I 145 28.25 -8.76 -105.09
C ASP I 145 28.22 -9.43 -106.46
N VAL I 146 27.04 -9.35 -107.10
CA VAL I 146 26.89 -9.95 -108.42
C VAL I 146 27.66 -9.18 -109.48
N SER I 147 28.03 -7.94 -109.19
CA SER I 147 28.77 -7.13 -110.16
C SER I 147 30.29 -7.24 -109.99
N VAL I 148 30.77 -7.46 -108.77
CA VAL I 148 32.20 -7.64 -108.55
C VAL I 148 32.56 -9.09 -108.84
N ASP I 149 33.72 -9.29 -109.46
CA ASP I 149 34.19 -10.61 -109.85
C ASP I 149 35.42 -10.97 -109.03
N ILE I 150 35.35 -12.12 -108.35
CA ILE I 150 36.47 -12.61 -107.55
C ILE I 150 37.39 -13.39 -108.49
N LEU I 151 38.64 -12.93 -108.61
CA LEU I 151 39.59 -13.66 -109.43
C LEU I 151 40.10 -14.88 -108.66
N PRO I 152 40.21 -16.03 -109.33
CA PRO I 152 40.63 -17.25 -108.63
C PRO I 152 42.06 -17.14 -108.14
N PRO I 153 42.45 -17.96 -107.17
CA PRO I 153 43.83 -17.92 -106.67
C PRO I 153 44.80 -18.50 -107.67
N SER I 154 46.08 -18.19 -107.45
CA SER I 154 47.14 -18.65 -108.35
C SER I 154 47.26 -20.17 -108.30
N ILE I 155 47.77 -20.74 -109.39
CA ILE I 155 47.96 -22.19 -109.46
C ILE I 155 48.97 -22.61 -108.39
N PRO I 156 48.69 -23.65 -107.61
CA PRO I 156 49.65 -24.07 -106.59
C PRO I 156 50.98 -24.48 -107.19
N ASP I 157 52.06 -24.15 -106.48
CA ASP I 157 53.38 -24.58 -106.88
C ASP I 157 53.50 -26.08 -106.69
N ALA I 158 53.64 -26.81 -107.79
CA ALA I 158 53.71 -28.26 -107.73
C ALA I 158 55.01 -28.70 -107.05
N VAL I 159 55.07 -30.00 -106.73
CA VAL I 159 56.29 -30.54 -106.12
C VAL I 159 57.44 -30.40 -107.11
N PRO I 160 58.63 -29.99 -106.68
CA PRO I 160 59.74 -29.86 -107.62
C PRO I 160 60.07 -31.19 -108.27
N VAL I 161 60.46 -31.13 -109.55
CA VAL I 161 60.83 -32.34 -110.26
C VAL I 161 62.06 -32.96 -109.60
N GLY I 162 62.09 -34.29 -109.56
CA GLY I 162 63.16 -35.01 -108.92
C GLY I 162 63.06 -35.12 -107.42
N SER I 163 62.17 -34.37 -106.79
CA SER I 163 62.00 -34.43 -105.34
C SER I 163 61.00 -35.53 -105.01
N THR I 164 61.42 -36.48 -104.19
CA THR I 164 60.59 -37.63 -103.86
C THR I 164 59.49 -37.24 -102.88
N ILE I 165 58.43 -38.05 -102.88
CA ILE I 165 57.38 -37.99 -101.89
C ILE I 165 57.14 -39.39 -101.37
N ILE I 166 56.58 -39.45 -100.16
CA ILE I 166 56.26 -40.71 -99.51
C ILE I 166 54.77 -40.95 -99.64
N SER I 167 54.37 -42.21 -99.57
CA SER I 167 52.96 -42.54 -99.71
C SER I 167 52.69 -43.91 -99.12
N LEU I 168 51.53 -44.04 -98.47
CA LEU I 168 51.02 -45.31 -97.99
C LEU I 168 50.09 -45.94 -99.02
N ILE I 169 50.56 -46.03 -100.27
CA ILE I 169 49.75 -46.56 -101.36
C ILE I 169 49.84 -48.09 -101.37
N PRO I 170 48.71 -48.80 -101.23
CA PRO I 170 48.76 -50.25 -101.35
C PRO I 170 49.13 -50.65 -102.75
N PRO I 171 49.72 -51.84 -102.93
CA PRO I 171 50.12 -52.26 -104.28
C PRO I 171 48.97 -52.31 -105.26
N THR I 172 47.73 -52.52 -104.78
CA THR I 172 46.58 -52.51 -105.66
C THR I 172 46.34 -51.13 -106.26
N ALA I 173 46.51 -50.08 -105.47
CA ALA I 173 46.19 -48.73 -105.93
C ALA I 173 47.16 -48.30 -107.03
N PRO I 174 46.71 -47.47 -107.96
CA PRO I 174 47.58 -47.05 -109.06
C PRO I 174 48.58 -45.98 -108.65
N ILE I 175 49.70 -45.96 -109.37
CA ILE I 175 50.73 -44.95 -109.13
C ILE I 175 50.20 -43.59 -109.59
N PRO I 176 50.43 -42.51 -108.84
CA PRO I 176 50.03 -41.18 -109.31
C PRO I 176 50.75 -40.82 -110.60
N ALA I 177 50.05 -40.10 -111.46
CA ALA I 177 50.62 -39.69 -112.73
C ALA I 177 51.79 -38.74 -112.52
N GLY I 178 52.82 -38.89 -113.35
CA GLY I 178 54.00 -38.06 -113.22
C GLY I 178 54.97 -38.50 -112.15
N TYR I 179 54.82 -39.72 -111.64
CA TYR I 179 55.68 -40.22 -110.57
C TYR I 179 56.23 -41.59 -110.94
N LEU I 180 57.51 -41.78 -110.66
CA LEU I 180 58.21 -43.04 -110.89
C LEU I 180 58.41 -43.74 -109.55
N GLU I 181 58.07 -45.03 -109.51
CA GLU I 181 58.15 -45.81 -108.29
C GLU I 181 59.55 -46.39 -108.13
N LEU I 182 60.18 -46.12 -107.00
CA LEU I 182 61.46 -46.72 -106.69
C LEU I 182 61.27 -48.09 -106.09
N LEU I 183 62.16 -49.01 -106.44
CA LEU I 183 62.07 -50.41 -106.03
C LEU I 183 63.28 -50.79 -105.20
N ASN I 184 63.32 -52.06 -104.80
CA ASN I 184 64.45 -52.58 -104.03
C ASN I 184 65.74 -52.49 -104.83
N SER I 185 65.68 -52.79 -106.12
CA SER I 185 66.84 -52.80 -106.99
C SER I 185 66.89 -51.52 -107.81
N SER I 186 68.09 -50.99 -108.00
CA SER I 186 68.27 -49.82 -108.85
C SER I 186 67.79 -50.13 -110.26
N GLN I 187 67.05 -49.19 -110.85
CA GLN I 187 66.45 -49.39 -112.16
C GLN I 187 67.13 -48.51 -113.19
N ASN I 188 66.75 -48.70 -114.46
CA ASN I 188 67.22 -47.87 -115.55
C ASN I 188 66.03 -47.38 -116.35
N VAL I 189 66.07 -46.11 -116.75
CA VAL I 189 64.97 -45.47 -117.45
C VAL I 189 65.50 -44.65 -118.61
N SER I 190 64.67 -44.49 -119.63
CA SER I 190 65.10 -43.84 -120.86
C SER I 190 65.44 -42.38 -120.61
N ARG I 191 66.46 -41.89 -121.32
CA ARG I 191 66.92 -40.52 -121.14
C ARG I 191 66.01 -39.51 -121.81
N THR I 192 65.39 -39.88 -122.94
CA THR I 192 64.53 -38.94 -123.65
C THR I 192 63.32 -38.56 -122.79
N THR I 193 62.60 -39.55 -122.29
CA THR I 193 61.58 -39.28 -121.29
C THR I 193 62.24 -39.04 -119.94
N TYR I 194 61.47 -38.47 -119.02
CA TYR I 194 61.99 -37.99 -117.74
C TYR I 194 63.19 -37.07 -117.98
N SER I 195 63.03 -36.17 -118.94
CA SER I 195 64.14 -35.29 -119.34
C SER I 195 64.56 -34.39 -118.19
N ALA I 196 63.59 -33.79 -117.49
CA ALA I 196 63.93 -32.98 -116.33
C ALA I 196 64.60 -33.81 -115.25
N LEU I 197 64.08 -35.01 -115.01
CA LEU I 197 64.69 -35.89 -114.01
C LEU I 197 66.12 -36.24 -114.39
N PHE I 198 66.36 -36.49 -115.68
CA PHE I 198 67.71 -36.81 -116.12
C PHE I 198 68.65 -35.61 -115.97
N VAL I 199 68.22 -34.43 -116.42
CA VAL I 199 69.11 -33.28 -116.34
C VAL I 199 69.37 -32.90 -114.89
N LEU I 200 68.44 -33.19 -113.99
CA LEU I 200 68.72 -32.97 -112.58
C LEU I 200 69.61 -34.05 -111.98
N TRP I 201 69.54 -35.27 -112.50
CA TRP I 201 70.33 -36.39 -111.99
C TRP I 201 71.48 -36.75 -112.92
N GLY I 202 71.18 -37.05 -114.19
CA GLY I 202 72.22 -37.55 -115.07
C GLY I 202 72.55 -38.98 -114.71
N THR I 203 73.83 -39.33 -114.83
CA THR I 203 74.32 -40.64 -114.41
C THR I 203 74.86 -40.59 -112.98
N TYR I 204 74.06 -40.06 -112.06
CA TYR I 204 74.46 -39.95 -110.67
C TYR I 204 74.08 -41.16 -109.84
N TYR I 205 73.10 -41.93 -110.27
CA TYR I 205 72.71 -43.16 -109.58
C TYR I 205 72.65 -44.32 -110.56
N GLY I 206 73.53 -44.32 -111.55
CA GLY I 206 73.56 -45.35 -112.58
C GLY I 206 73.55 -44.72 -113.95
N ASN I 207 74.13 -45.43 -114.91
CA ASN I 207 74.24 -44.93 -116.28
C ASN I 207 73.42 -45.74 -117.27
N GLY I 208 72.84 -46.86 -116.86
CA GLY I 208 72.07 -47.67 -117.77
C GLY I 208 72.92 -48.13 -118.94
N ASP I 209 72.36 -48.00 -120.15
CA ASP I 209 73.11 -48.34 -121.36
C ASP I 209 74.23 -47.35 -121.66
N GLY I 210 74.21 -46.18 -121.02
CA GLY I 210 75.23 -45.17 -121.24
C GLY I 210 74.88 -44.14 -122.31
N SER I 211 73.94 -44.44 -123.19
CA SER I 211 73.52 -43.51 -124.23
C SER I 211 72.05 -43.13 -124.12
N THR I 212 71.16 -44.13 -124.07
CA THR I 212 69.72 -43.87 -124.14
C THR I 212 69.02 -44.03 -122.79
N THR I 213 69.72 -44.49 -121.75
CA THR I 213 69.12 -44.69 -120.45
C THR I 213 70.02 -44.10 -119.36
N PHE I 214 69.48 -44.08 -118.14
CA PHE I 214 70.23 -43.67 -116.97
C PHE I 214 69.63 -44.37 -115.76
N GLY I 215 70.43 -44.47 -114.70
CA GLY I 215 70.09 -45.28 -113.54
C GLY I 215 69.46 -44.47 -112.42
N VAL I 216 68.41 -45.04 -111.84
CA VAL I 216 67.74 -44.50 -110.67
C VAL I 216 68.01 -45.43 -109.50
N PRO I 217 68.27 -44.90 -108.30
CA PRO I 217 68.71 -45.76 -107.20
C PRO I 217 67.59 -46.65 -106.68
N GLY I 218 67.98 -47.79 -106.11
CA GLY I 218 67.05 -48.73 -105.52
C GLY I 218 67.13 -48.69 -104.01
N THR I 219 66.02 -49.03 -103.36
CA THR I 219 65.91 -49.01 -101.90
C THR I 219 65.46 -50.39 -101.45
N GLY I 220 66.42 -51.26 -101.13
CA GLY I 220 66.08 -52.59 -100.70
C GLY I 220 65.99 -52.73 -99.19
N GLY I 221 64.78 -52.66 -98.65
CA GLY I 221 64.57 -52.80 -97.22
C GLY I 221 65.31 -51.79 -96.38
N ARG I 222 65.79 -50.72 -96.98
CA ARG I 222 66.69 -49.80 -96.32
C ARG I 222 65.91 -48.71 -95.59
N PHE I 223 66.51 -48.19 -94.52
CA PHE I 223 65.86 -47.19 -93.69
C PHE I 223 66.04 -45.79 -94.26
N LEU I 224 65.20 -44.87 -93.79
CA LEU I 224 65.28 -43.47 -94.18
C LEU I 224 66.23 -42.76 -93.22
N ARG I 225 67.26 -42.11 -93.76
CA ARG I 225 68.14 -41.36 -92.89
C ARG I 225 68.49 -40.02 -93.52
N LEU I 226 68.44 -38.97 -92.72
CA LEU I 226 68.73 -37.63 -93.20
C LEU I 226 70.21 -37.50 -93.56
N GLY I 227 70.53 -36.40 -94.22
CA GLY I 227 71.89 -36.14 -94.64
C GLY I 227 72.70 -35.48 -93.54
N GLY I 228 73.92 -35.13 -93.90
CA GLY I 228 74.83 -34.45 -92.99
C GLY I 228 75.82 -35.41 -92.35
N SER I 229 76.61 -34.83 -91.45
CA SER I 229 77.71 -35.54 -90.78
C SER I 229 78.67 -36.13 -91.80
N GLY I 230 78.99 -35.37 -92.84
CA GLY I 230 79.91 -35.80 -93.86
C GLY I 230 79.36 -36.79 -94.86
N LEU I 231 78.07 -37.12 -94.78
CA LEU I 231 77.48 -38.11 -95.66
C LEU I 231 76.84 -37.41 -96.85
N SER I 232 77.28 -37.79 -98.05
CA SER I 232 76.70 -37.26 -99.27
C SER I 232 75.32 -37.86 -99.51
N VAL I 233 74.54 -37.20 -100.38
CA VAL I 233 73.23 -37.71 -100.73
C VAL I 233 73.38 -39.03 -101.50
N GLY I 234 72.38 -39.90 -101.35
CA GLY I 234 72.39 -41.14 -102.07
C GLY I 234 73.44 -42.14 -101.63
N ASP I 235 74.03 -41.94 -100.45
CA ASP I 235 75.00 -42.88 -99.94
C ASP I 235 74.30 -44.14 -99.42
N ILE I 236 75.10 -45.17 -99.16
CA ILE I 236 74.59 -46.48 -98.78
C ILE I 236 75.43 -47.01 -97.62
N GLY I 237 74.91 -48.01 -96.94
CA GLY I 237 75.64 -48.69 -95.91
C GLY I 237 74.72 -49.25 -94.85
N GLY I 238 75.35 -49.73 -93.77
CA GLY I 238 74.63 -50.30 -92.65
C GLY I 238 74.44 -51.79 -92.77
N SER I 239 73.95 -52.38 -91.68
CA SER I 239 73.69 -53.81 -91.64
C SER I 239 72.77 -54.12 -90.48
N ASN I 240 71.79 -55.00 -90.72
CA ASN I 240 70.94 -55.48 -89.64
C ASN I 240 71.62 -56.52 -88.78
N GLN I 241 72.69 -57.14 -89.27
CA GLN I 241 73.41 -58.17 -88.53
C GLN I 241 74.57 -57.52 -87.78
N ILE I 242 74.69 -57.82 -86.49
CA ILE I 242 75.74 -57.26 -85.65
C ILE I 242 76.51 -58.38 -84.98
N THR I 243 77.83 -58.29 -85.05
CA THR I 243 78.72 -59.21 -84.35
C THR I 243 79.43 -58.43 -83.26
N ILE I 244 79.28 -58.88 -82.01
CA ILE I 244 79.92 -58.23 -80.88
C ILE I 244 81.42 -58.43 -81.01
N PRO I 245 82.21 -57.37 -81.10
CA PRO I 245 83.67 -57.54 -81.13
C PRO I 245 84.16 -58.11 -79.81
N THR I 246 85.21 -58.94 -79.90
CA THR I 246 85.76 -59.53 -78.68
C THR I 246 86.29 -58.46 -77.74
N ASN I 247 86.66 -57.30 -78.27
CA ASN I 247 87.09 -56.20 -77.42
C ASN I 247 85.96 -55.71 -76.52
N ALA I 248 84.74 -55.63 -77.06
CA ALA I 248 83.59 -55.15 -76.31
C ALA I 248 82.87 -56.36 -75.72
N LEU I 249 82.90 -56.48 -74.41
CA LEU I 249 82.28 -57.60 -73.71
C LEU I 249 82.16 -57.25 -72.23
N PRO I 250 81.00 -57.44 -71.62
CA PRO I 250 80.84 -57.11 -70.20
C PRO I 250 81.84 -57.90 -69.36
N SER I 251 82.64 -57.17 -68.58
CA SER I 251 83.64 -57.81 -67.76
C SER I 251 82.99 -58.59 -66.63
N HIS I 252 83.37 -59.85 -66.47
CA HIS I 252 82.68 -60.75 -65.56
C HIS I 252 83.63 -61.84 -65.11
N GLN I 253 83.22 -62.55 -64.07
CA GLN I 253 83.98 -63.69 -63.56
C GLN I 253 83.00 -64.79 -63.20
N HIS I 254 83.32 -66.01 -63.60
CA HIS I 254 82.50 -67.16 -63.25
C HIS I 254 82.92 -67.73 -61.90
N GLY I 255 81.95 -68.24 -61.17
CA GLY I 255 82.27 -69.03 -59.99
C GLY I 255 82.76 -70.41 -60.37
N ILE I 256 83.47 -71.03 -59.44
CA ILE I 256 84.02 -72.37 -59.63
C ILE I 256 83.30 -73.30 -58.67
N PRO I 257 82.67 -74.37 -59.15
CA PRO I 257 81.87 -75.22 -58.26
C PRO I 257 82.72 -75.90 -57.21
N ALA I 258 82.11 -76.15 -56.06
CA ALA I 258 82.80 -76.85 -54.98
C ALA I 258 83.23 -78.23 -55.46
N ASN I 259 84.48 -78.58 -55.14
CA ASN I 259 85.04 -79.84 -55.60
C ASN I 259 85.86 -80.46 -54.47
N THR I 260 86.33 -81.67 -54.72
CA THR I 260 87.09 -82.43 -53.73
C THR I 260 87.95 -83.45 -54.45
N HIS I 261 89.23 -83.50 -54.11
CA HIS I 261 90.14 -84.45 -54.72
C HIS I 261 91.05 -85.06 -53.66
N THR I 262 91.53 -86.27 -53.95
CA THR I 262 92.50 -86.96 -53.13
C THR I 262 93.65 -87.43 -54.00
N HIS I 263 94.80 -87.65 -53.37
CA HIS I 263 95.97 -88.20 -54.05
C HIS I 263 96.28 -89.57 -53.46
N SER I 264 96.48 -90.55 -54.34
CA SER I 264 96.94 -91.84 -53.88
C SER I 264 98.38 -91.73 -53.40
N VAL I 265 98.81 -92.71 -52.61
CA VAL I 265 100.11 -92.68 -51.95
C VAL I 265 101.02 -93.71 -52.60
N ASN I 266 102.25 -93.29 -52.90
CA ASN I 266 103.29 -94.16 -53.42
C ASN I 266 104.22 -94.50 -52.26
N ASP I 267 103.83 -95.50 -51.48
CA ASP I 267 104.49 -95.78 -50.21
C ASP I 267 105.62 -96.81 -50.33
N GLY I 268 105.39 -97.91 -51.04
CA GLY I 268 106.37 -98.98 -51.04
C GLY I 268 106.47 -99.58 -49.65
N GLY I 269 107.68 -99.61 -49.11
CA GLY I 269 107.88 -100.11 -47.76
C GLY I 269 109.22 -99.65 -47.21
N HIS I 270 109.31 -99.58 -45.89
CA HIS I 270 110.52 -99.11 -45.23
C HIS I 270 110.86 -100.05 -44.08
N GLY I 271 112.15 -100.05 -43.73
CA GLY I 271 112.63 -100.82 -42.61
C GLY I 271 113.36 -99.94 -41.62
N HIS I 272 113.89 -100.58 -40.58
CA HIS I 272 114.64 -99.90 -39.55
C HIS I 272 115.97 -100.61 -39.31
N THR I 273 116.73 -100.07 -38.35
CA THR I 273 117.94 -100.69 -37.84
C THR I 273 117.86 -100.73 -36.33
N ILE I 274 118.53 -101.70 -35.73
CA ILE I 274 118.52 -101.88 -34.28
C ILE I 274 119.90 -101.55 -33.72
N ASN I 275 119.92 -101.06 -32.49
CA ASN I 275 121.16 -100.88 -31.75
C ASN I 275 121.21 -101.92 -30.65
N GLN I 276 122.21 -102.80 -30.72
CA GLN I 276 122.23 -104.00 -29.90
C GLN I 276 123.44 -104.01 -28.99
N THR I 277 123.23 -104.45 -27.76
CA THR I 277 124.28 -104.64 -26.77
C THR I 277 124.26 -106.09 -26.32
N PRO I 278 125.41 -106.66 -25.97
CA PRO I 278 125.42 -108.03 -25.47
C PRO I 278 124.70 -108.13 -24.14
N HIS I 279 124.10 -109.29 -23.90
CA HIS I 279 123.38 -109.57 -22.67
C HIS I 279 123.81 -110.92 -22.12
N SER I 280 123.72 -111.07 -20.81
CA SER I 280 124.09 -112.30 -20.14
C SER I 280 123.04 -112.64 -19.09
N HIS I 281 123.00 -113.91 -18.71
CA HIS I 281 122.02 -114.43 -17.76
C HIS I 281 122.73 -114.88 -16.49
N SER I 282 122.05 -114.72 -15.36
CA SER I 282 122.51 -115.37 -14.15
C SER I 282 122.10 -116.84 -14.16
N ILE I 283 122.71 -117.62 -13.28
CA ILE I 283 122.40 -119.04 -13.17
C ILE I 283 122.08 -119.36 -11.73
N SER I 284 121.08 -120.23 -11.53
CA SER I 284 120.80 -120.81 -10.23
C SER I 284 121.43 -122.20 -10.21
N ASP I 285 122.35 -122.41 -9.26
CA ASP I 285 123.20 -123.61 -9.24
C ASP I 285 123.09 -124.28 -7.88
N PRO I 286 122.01 -125.04 -7.64
CA PRO I 286 122.01 -125.95 -6.50
C PRO I 286 123.13 -126.95 -6.66
N GLY I 287 123.98 -127.05 -5.64
CA GLY I 287 125.15 -127.89 -5.75
C GLY I 287 124.78 -129.34 -6.05
N HIS I 288 125.62 -129.99 -6.82
CA HIS I 288 125.45 -131.41 -7.13
C HIS I 288 126.41 -132.22 -6.27
N ALA I 289 126.34 -133.54 -6.42
CA ALA I 289 127.20 -134.44 -5.68
C ALA I 289 127.25 -135.76 -6.42
N HIS I 290 128.41 -136.39 -6.43
CA HIS I 290 128.60 -137.67 -7.10
C HIS I 290 128.54 -138.81 -6.10
N GLY I 291 128.65 -140.01 -6.61
CA GLY I 291 128.63 -141.20 -5.77
C GLY I 291 129.88 -142.03 -5.99
N VAL I 292 130.34 -142.68 -4.91
CA VAL I 292 131.48 -143.58 -4.99
C VAL I 292 130.98 -144.99 -4.69
N PRO I 293 130.60 -145.76 -5.70
CA PRO I 293 130.00 -147.07 -5.46
C PRO I 293 131.04 -148.17 -5.31
N PHE I 294 132.28 -147.82 -5.06
CA PHE I 294 133.36 -148.79 -5.00
C PHE I 294 133.80 -148.98 -3.55
N GLY I 295 133.71 -150.20 -3.05
CA GLY I 295 134.09 -150.52 -1.69
C GLY I 295 134.56 -151.94 -1.60
N ALA I 296 135.21 -152.27 -0.49
CA ALA I 296 135.82 -153.58 -0.34
C ALA I 296 134.78 -154.64 -0.01
N ALA I 297 134.65 -155.63 -0.90
CA ALA I 297 133.96 -156.86 -0.56
C ALA I 297 134.94 -157.97 -0.17
N VAL I 298 136.11 -158.01 -0.79
CA VAL I 298 137.22 -158.83 -0.36
C VAL I 298 138.48 -157.97 -0.40
N ASP I 299 139.29 -158.04 0.66
CA ASP I 299 140.39 -157.11 0.86
C ASP I 299 141.71 -157.61 0.30
N ASN I 300 141.68 -158.42 -0.76
CA ASN I 300 142.89 -158.98 -1.34
C ASN I 300 143.17 -158.46 -2.75
N GLY I 301 142.61 -157.31 -3.12
CA GLY I 301 142.74 -156.79 -4.47
C GLY I 301 143.01 -155.29 -4.48
N ASN I 302 143.01 -154.76 -5.70
CA ASN I 302 143.31 -153.35 -5.94
C ASN I 302 142.13 -152.58 -6.51
N ASN I 303 141.07 -153.27 -6.95
CA ASN I 303 140.02 -152.61 -7.72
C ASN I 303 139.30 -151.54 -6.92
N ALA I 304 138.97 -151.82 -5.66
CA ALA I 304 138.07 -150.98 -4.89
C ALA I 304 138.75 -150.45 -3.64
N PHE I 305 138.03 -149.58 -2.92
CA PHE I 305 138.50 -149.02 -1.66
C PHE I 305 138.28 -150.03 -0.55
N ASP I 306 138.39 -149.58 0.70
CA ASP I 306 138.17 -150.43 1.86
C ASP I 306 137.13 -149.77 2.76
N THR I 307 136.34 -150.59 3.44
CA THR I 307 135.20 -150.12 4.23
C THR I 307 135.54 -150.21 5.71
N GLY I 308 135.35 -149.10 6.43
CA GLY I 308 135.73 -149.03 7.83
C GLY I 308 134.60 -148.79 8.81
N GLY I 309 133.59 -148.00 8.43
CA GLY I 309 132.39 -147.88 9.23
C GLY I 309 132.26 -146.68 10.14
N SER I 310 133.26 -145.81 10.19
CA SER I 310 133.12 -144.58 10.99
C SER I 310 133.39 -143.37 10.11
N PRO I 311 132.49 -142.38 10.10
CA PRO I 311 132.49 -141.39 9.01
C PRO I 311 133.37 -140.17 9.19
N TYR I 312 134.35 -140.19 10.10
CA TYR I 312 135.07 -138.98 10.45
C TYR I 312 135.69 -138.34 9.21
N ASN I 313 135.93 -137.03 9.30
CA ASN I 313 136.42 -136.22 8.20
C ASN I 313 137.94 -136.11 8.25
N ASN I 314 138.58 -136.34 7.11
CA ASN I 314 140.00 -136.05 6.93
C ASN I 314 140.17 -135.28 5.62
N GLY I 315 141.41 -134.99 5.25
CA GLY I 315 141.62 -134.27 4.03
C GLY I 315 141.70 -135.18 2.83
N ILE I 316 140.56 -135.37 2.16
CA ILE I 316 140.45 -136.21 0.97
C ILE I 316 139.43 -135.57 0.06
N GLY I 317 139.80 -135.37 -1.20
CA GLY I 317 138.90 -134.73 -2.14
C GLY I 317 139.09 -135.26 -3.55
N THR I 318 138.08 -135.03 -4.38
CA THR I 318 138.13 -135.44 -5.76
C THR I 318 139.10 -134.55 -6.54
N THR I 319 139.48 -135.02 -7.72
CA THR I 319 140.31 -134.23 -8.60
C THR I 319 139.53 -133.05 -9.17
N GLN I 320 140.26 -132.03 -9.58
CA GLN I 320 139.64 -130.91 -10.29
C GLN I 320 139.05 -131.40 -11.60
N ASN I 321 137.84 -130.93 -11.91
CA ASN I 321 137.18 -131.32 -13.14
C ASN I 321 136.21 -130.23 -13.55
N GLN I 322 135.82 -130.28 -14.82
CA GLN I 322 134.85 -129.36 -15.39
C GLN I 322 133.85 -130.14 -16.21
N THR I 323 132.65 -129.57 -16.34
CA THR I 323 131.55 -130.24 -17.02
C THR I 323 131.38 -129.63 -18.41
N GLY I 324 131.08 -130.50 -19.38
CA GLY I 324 130.92 -130.02 -20.75
C GLY I 324 129.56 -129.40 -20.99
N ILE I 325 129.12 -128.58 -20.02
CA ILE I 325 127.79 -127.98 -20.09
C ILE I 325 127.76 -126.98 -21.25
N SER I 326 126.76 -127.14 -22.12
CA SER I 326 126.55 -126.24 -23.24
C SER I 326 125.21 -125.55 -23.07
N VAL I 327 125.10 -124.37 -23.68
CA VAL I 327 123.88 -123.57 -23.61
C VAL I 327 123.20 -123.65 -24.97
N ASN I 328 121.95 -124.10 -24.97
CA ASN I 328 121.20 -124.23 -26.21
C ASN I 328 120.76 -122.86 -26.72
N THR I 329 120.50 -122.80 -28.03
CA THR I 329 120.00 -121.58 -28.63
C THR I 329 118.57 -121.33 -28.20
N ALA I 330 118.25 -120.06 -27.92
CA ALA I 330 116.91 -119.67 -27.53
C ALA I 330 116.59 -118.31 -28.11
N ASN I 331 115.30 -118.01 -28.22
CA ASN I 331 114.83 -116.76 -28.80
C ASN I 331 114.52 -115.76 -27.70
N ALA I 332 114.92 -114.52 -27.93
CA ALA I 332 114.54 -113.41 -27.06
C ALA I 332 113.14 -112.96 -27.47
N ASN I 333 112.16 -113.26 -26.63
CA ASN I 333 110.76 -113.02 -26.98
C ASN I 333 110.48 -111.52 -26.90
N LEU I 334 110.50 -110.86 -28.05
CA LEU I 334 110.31 -109.42 -28.13
C LEU I 334 109.39 -109.10 -29.31
N SER I 335 108.75 -107.95 -29.22
CA SER I 335 107.84 -107.49 -30.26
C SER I 335 107.95 -105.97 -30.38
N ILE I 336 107.55 -105.46 -31.54
CA ILE I 336 107.66 -104.03 -31.86
C ILE I 336 106.33 -103.36 -31.58
N ASN I 337 106.35 -102.30 -30.79
CA ASN I 337 105.14 -101.55 -30.49
C ASN I 337 104.87 -100.56 -31.62
N THR I 338 103.62 -100.50 -32.06
CA THR I 338 103.26 -99.67 -33.20
C THR I 338 103.40 -98.19 -32.85
N SER I 339 103.86 -97.41 -33.82
CA SER I 339 103.92 -95.97 -33.70
C SER I 339 103.45 -95.34 -35.02
N SER I 340 102.71 -94.25 -34.90
CA SER I 340 102.26 -93.51 -36.08
C SER I 340 103.38 -92.63 -36.59
N THR I 341 103.65 -92.73 -37.89
CA THR I 341 104.74 -91.97 -38.50
C THR I 341 104.43 -90.48 -38.48
N GLY I 342 105.48 -89.67 -38.31
CA GLY I 342 105.33 -88.24 -38.38
C GLY I 342 105.42 -87.77 -39.81
N ILE I 343 104.28 -87.56 -40.44
CA ILE I 343 104.19 -87.27 -41.86
C ILE I 343 103.21 -86.14 -42.07
N SER I 344 103.56 -85.20 -42.96
CA SER I 344 102.72 -84.07 -43.27
C SER I 344 102.83 -83.74 -44.75
N ILE I 345 101.83 -83.06 -45.26
CA ILE I 345 101.76 -82.65 -46.66
C ILE I 345 101.69 -81.13 -46.70
N GLN I 346 102.63 -80.52 -47.43
CA GLN I 346 102.69 -79.07 -47.50
C GLN I 346 101.85 -78.56 -48.67
N SER I 347 101.96 -77.27 -48.95
CA SER I 347 101.11 -76.62 -49.93
C SER I 347 101.47 -77.05 -51.35
N ALA I 348 100.49 -76.91 -52.25
CA ALA I 348 100.70 -77.16 -53.66
C ALA I 348 99.64 -76.41 -54.44
N SER I 349 100.01 -76.02 -55.65
CA SER I 349 99.10 -75.34 -56.57
C SER I 349 98.75 -76.28 -57.71
N THR I 350 97.47 -76.35 -58.05
CA THR I 350 97.04 -77.22 -59.13
C THR I 350 97.68 -76.87 -60.46
N GLY I 351 98.16 -75.64 -60.61
CA GLY I 351 98.95 -75.25 -61.76
C GLY I 351 98.18 -74.60 -62.88
N LEU I 352 96.86 -74.80 -62.95
CA LEU I 352 96.08 -74.19 -64.00
C LEU I 352 95.95 -72.68 -63.76
N THR I 353 95.87 -71.93 -64.85
CA THR I 353 95.76 -70.48 -64.78
C THR I 353 94.68 -69.88 -65.66
N VAL I 354 94.23 -70.58 -66.69
CA VAL I 354 93.17 -70.09 -67.56
C VAL I 354 92.14 -71.19 -67.77
N THR I 355 90.94 -70.78 -68.13
CA THR I 355 89.87 -71.71 -68.46
C THR I 355 89.93 -72.03 -69.95
N SER I 356 88.90 -72.70 -70.46
CA SER I 356 88.78 -72.97 -71.87
C SER I 356 87.83 -71.95 -72.50
N ASN I 357 88.14 -71.54 -73.73
CA ASN I 357 87.31 -70.57 -74.43
C ASN I 357 85.88 -71.07 -74.53
N ALA I 358 84.92 -70.17 -74.28
CA ALA I 358 83.49 -70.49 -74.34
C ALA I 358 82.79 -69.33 -75.03
N GLY I 359 82.58 -69.45 -76.33
CA GLY I 359 81.94 -68.40 -77.09
C GLY I 359 82.36 -68.39 -78.55
N ASN I 360 81.43 -68.02 -79.42
CA ASN I 360 81.68 -67.93 -80.84
C ASN I 360 81.12 -66.62 -81.38
N GLY I 361 81.95 -65.87 -82.09
CA GLY I 361 81.53 -64.57 -82.59
C GLY I 361 80.73 -64.71 -83.87
N GLN I 362 79.42 -64.56 -83.76
CA GLN I 362 78.50 -64.84 -84.86
C GLN I 362 77.62 -63.63 -85.13
N ALA I 363 77.18 -63.52 -86.38
CA ALA I 363 76.26 -62.45 -86.75
C ALA I 363 74.96 -62.59 -85.98
N PHE I 364 74.41 -61.46 -85.57
CA PHE I 364 73.20 -61.41 -84.76
C PHE I 364 72.25 -60.39 -85.37
N GLN I 365 71.03 -60.82 -85.64
CA GLN I 365 70.06 -59.98 -86.34
C GLN I 365 69.37 -59.02 -85.37
N HIS I 366 69.29 -57.75 -85.76
CA HIS I 366 68.64 -56.73 -84.95
C HIS I 366 67.95 -55.73 -85.86
N ASP I 367 66.71 -55.38 -85.50
CA ASP I 367 65.92 -54.44 -86.28
C ASP I 367 65.21 -53.47 -85.36
N GLN I 368 65.41 -52.17 -85.60
CA GLN I 368 64.70 -51.15 -84.85
C GLN I 368 63.23 -51.14 -85.26
N PRO I 369 62.35 -50.61 -84.41
CA PRO I 369 60.95 -50.48 -84.81
C PRO I 369 60.82 -49.64 -86.06
N TYR I 370 59.93 -50.06 -86.97
CA TYR I 370 59.85 -49.41 -88.27
C TYR I 370 58.44 -49.51 -88.82
N LEU I 371 58.14 -48.62 -89.76
CA LEU I 371 56.94 -48.66 -90.57
C LEU I 371 57.35 -48.49 -92.02
N VAL I 372 56.73 -49.25 -92.92
CA VAL I 372 57.15 -49.35 -94.31
C VAL I 372 56.21 -48.54 -95.19
N PHE I 373 56.77 -47.63 -95.96
CA PHE I 373 56.03 -46.82 -96.93
C PHE I 373 56.52 -47.12 -98.34
N ARG I 374 55.98 -46.38 -99.31
CA ARG I 374 56.45 -46.42 -100.69
C ARG I 374 56.88 -45.02 -101.11
N VAL I 375 57.97 -44.94 -101.86
CA VAL I 375 58.53 -43.66 -102.30
C VAL I 375 58.32 -43.50 -103.79
N PHE I 376 57.93 -42.29 -104.21
CA PHE I 376 57.76 -41.97 -105.61
C PHE I 376 58.51 -40.69 -105.93
N VAL I 377 59.29 -40.71 -107.00
CA VAL I 377 60.04 -39.53 -107.44
C VAL I 377 59.25 -38.85 -108.55
N LYS I 378 59.12 -37.52 -108.45
CA LYS I 378 58.37 -36.79 -109.46
C LYS I 378 59.15 -36.74 -110.77
N VAL I 379 58.63 -37.41 -111.79
CA VAL I 379 59.31 -37.49 -113.08
C VAL I 379 59.34 -36.11 -113.73
N MET J 1 92.62 47.11 -73.02
CA MET J 1 92.91 48.50 -73.30
C MET J 1 93.72 48.60 -74.58
N VAL J 2 94.75 47.78 -74.68
CA VAL J 2 95.52 47.64 -75.89
C VAL J 2 94.76 46.70 -76.81
N ARG J 3 95.01 46.80 -78.12
CA ARG J 3 94.33 46.05 -79.18
C ARG J 3 92.89 46.50 -79.36
N LYS J 4 92.40 47.44 -78.55
CA LYS J 4 91.10 48.06 -78.78
C LYS J 4 91.15 49.44 -78.14
N VAL J 5 91.37 50.46 -78.95
CA VAL J 5 91.49 51.84 -78.50
C VAL J 5 90.47 52.69 -79.24
N PHE J 6 89.76 53.53 -78.52
CA PHE J 6 88.68 54.33 -79.08
C PHE J 6 89.15 55.73 -79.41
N ASN J 7 88.50 56.32 -80.41
CA ASN J 7 88.73 57.70 -80.83
C ASN J 7 87.41 58.45 -80.83
N ASP J 8 87.46 59.74 -81.16
CA ASP J 8 86.31 60.61 -80.95
C ASP J 8 85.12 60.16 -81.78
N GLY J 9 85.34 59.82 -83.04
CA GLY J 9 84.26 59.42 -83.91
C GLY J 9 83.93 57.94 -83.90
N ASP J 10 84.61 57.16 -83.07
CA ASP J 10 84.43 55.72 -83.11
C ASP J 10 83.04 55.33 -82.62
N ILE J 11 82.45 54.32 -83.26
CA ILE J 11 81.20 53.76 -82.81
C ILE J 11 81.47 52.87 -81.59
N LEU J 12 80.58 52.93 -80.61
CA LEU J 12 80.67 52.08 -79.43
C LEU J 12 79.72 50.91 -79.63
N TYR J 13 80.27 49.76 -79.98
CA TYR J 13 79.46 48.58 -80.25
C TYR J 13 79.08 47.87 -78.94
N ALA J 14 78.04 47.04 -79.02
CA ALA J 14 77.51 46.40 -77.84
C ALA J 14 78.46 45.34 -77.28
N GLU J 15 79.15 44.62 -78.16
CA GLU J 15 80.12 43.65 -77.67
C GLU J 15 81.22 44.31 -76.86
N ASP J 16 81.59 45.55 -77.22
CA ASP J 16 82.59 46.27 -76.44
C ASP J 16 82.09 46.55 -75.03
N VAL J 17 80.84 46.99 -74.89
CA VAL J 17 80.30 47.28 -73.56
C VAL J 17 80.16 45.99 -72.76
N ASN J 18 79.76 44.90 -73.43
CA ASN J 18 79.68 43.62 -72.74
C ASN J 18 81.05 43.16 -72.27
N ILE J 19 82.09 43.38 -73.08
CA ILE J 19 83.44 43.02 -72.67
C ILE J 19 83.88 43.83 -71.48
N ILE J 20 83.67 45.14 -71.53
CA ILE J 20 84.06 46.00 -70.42
C ILE J 20 83.27 45.67 -69.16
N GLY J 21 82.06 45.12 -69.32
CA GLY J 21 81.25 44.77 -68.16
C GLY J 21 81.86 43.68 -67.31
N GLN J 22 82.66 42.80 -67.90
CA GLN J 22 83.33 41.77 -67.12
C GLN J 22 84.81 42.12 -66.98
N PRO J 23 85.18 42.88 -65.96
CA PRO J 23 86.59 43.23 -65.81
C PRO J 23 87.43 42.02 -65.43
N PHE J 24 88.66 42.01 -65.91
CA PHE J 24 89.62 40.97 -65.59
C PHE J 24 90.88 41.62 -65.04
N VAL J 25 91.51 40.94 -64.09
CA VAL J 25 92.71 41.47 -63.46
C VAL J 25 93.87 40.50 -63.67
N ASP J 26 93.86 39.79 -64.80
CA ASP J 26 94.93 38.85 -65.10
C ASP J 26 96.14 39.52 -65.75
N GLY J 27 96.11 40.84 -65.94
CA GLY J 27 97.22 41.52 -66.55
C GLY J 27 97.37 41.33 -68.04
N GLN J 28 96.35 40.81 -68.70
CA GLN J 28 96.45 40.55 -70.13
C GLN J 28 96.30 41.84 -70.92
N ASP J 29 96.44 41.70 -72.24
CA ASP J 29 96.44 42.82 -73.16
C ASP J 29 95.07 43.13 -73.75
N LEU J 30 94.05 42.36 -73.40
CA LEU J 30 92.74 42.49 -74.04
C LEU J 30 92.05 43.77 -73.56
N LEU J 31 90.84 43.99 -74.09
CA LEU J 31 90.14 45.25 -73.85
C LEU J 31 89.74 45.41 -72.39
N GLY J 32 89.25 44.33 -71.77
CA GLY J 32 88.76 44.45 -70.41
C GLY J 32 89.71 43.97 -69.34
N HIS J 33 90.88 43.47 -69.74
CA HIS J 33 91.81 42.84 -68.81
C HIS J 33 92.82 43.88 -68.35
N GLY J 34 92.58 44.44 -67.17
CA GLY J 34 93.33 45.60 -66.72
C GLY J 34 94.78 45.38 -66.34
N LEU J 35 95.02 44.69 -65.23
CA LEU J 35 96.37 44.55 -64.70
C LEU J 35 96.35 43.52 -63.59
N LYS J 36 97.53 43.05 -63.21
CA LYS J 36 97.61 42.06 -62.15
C LYS J 36 97.45 42.75 -60.79
N VAL J 37 97.36 41.93 -59.75
CA VAL J 37 97.08 42.39 -58.39
C VAL J 37 98.36 42.29 -57.56
N ASP J 38 98.81 43.42 -57.03
CA ASP J 38 99.95 43.45 -56.14
C ASP J 38 99.48 43.44 -54.70
N ASP J 39 100.41 43.60 -53.76
CA ASP J 39 100.03 43.64 -52.35
C ASP J 39 99.23 44.89 -52.02
N ASN J 40 99.52 46.01 -52.68
CA ASN J 40 98.74 47.22 -52.46
C ASN J 40 97.28 47.01 -52.84
N SER J 41 97.04 46.31 -53.94
CA SER J 41 95.68 46.08 -54.40
C SER J 41 94.87 45.22 -53.43
N LEU J 42 95.54 44.47 -52.56
CA LEU J 42 94.84 43.73 -51.52
C LEU J 42 94.38 44.69 -50.42
N SER J 43 93.30 44.32 -49.75
CA SER J 43 92.72 45.19 -48.74
C SER J 43 93.61 45.28 -47.52
N ASP J 44 93.78 46.50 -47.01
CA ASP J 44 94.56 46.75 -45.79
C ASP J 44 93.66 46.71 -44.56
N GLU J 45 92.92 45.62 -44.44
CA GLU J 45 91.98 45.31 -43.39
C GLU J 45 92.55 44.20 -42.52
N PRO J 46 92.53 44.36 -41.19
CA PRO J 46 93.16 43.35 -40.32
C PRO J 46 92.59 41.96 -40.49
N GLN J 47 91.36 41.82 -40.93
CA GLN J 47 90.74 40.51 -41.07
C GLN J 47 91.08 39.82 -42.39
N ASN J 48 91.90 40.42 -43.23
CA ASN J 48 92.16 39.87 -44.56
C ASN J 48 93.53 39.19 -44.61
N ILE J 49 93.74 38.45 -45.69
CA ILE J 49 94.90 37.57 -45.78
C ILE J 49 96.20 38.35 -45.76
N LYS J 50 96.22 39.56 -46.32
CA LYS J 50 97.46 40.32 -46.41
C LYS J 50 97.98 40.68 -45.02
N THR J 51 97.11 41.24 -44.18
CA THR J 51 97.53 41.66 -42.85
C THR J 51 97.98 40.47 -42.00
N ARG J 52 97.23 39.37 -42.04
CA ARG J 52 97.61 38.19 -41.27
C ARG J 52 98.94 37.63 -41.74
N PHE J 53 99.09 37.49 -43.06
CA PHE J 53 100.31 36.91 -43.59
C PHE J 53 101.52 37.78 -43.27
N TYR J 54 101.35 39.10 -43.32
CA TYR J 54 102.49 39.96 -43.00
C TYR J 54 102.76 40.03 -41.51
N ALA J 55 101.73 39.86 -40.68
CA ALA J 55 101.96 39.76 -39.25
C ALA J 55 102.80 38.54 -38.92
N TRP J 56 102.50 37.40 -39.56
CA TRP J 56 103.35 36.23 -39.39
C TRP J 56 104.73 36.46 -40.00
N TYR J 57 104.78 37.08 -41.17
CA TYR J 57 106.03 37.23 -41.91
C TYR J 57 106.97 38.20 -41.23
N ASN J 58 106.47 39.39 -40.88
CA ASN J 58 107.30 40.41 -40.26
C ASN J 58 107.12 40.41 -38.74
N ARG J 59 107.56 39.32 -38.12
CA ARG J 59 107.59 39.22 -36.68
C ARG J 59 109.00 38.87 -36.25
N PHE J 60 109.51 39.59 -35.24
CA PHE J 60 110.88 39.43 -34.77
C PHE J 60 111.88 39.51 -35.93
N ARG J 61 111.50 40.23 -36.99
CA ARG J 61 112.39 40.40 -38.13
C ARG J 61 113.54 41.33 -37.74
N VAL J 62 114.76 40.89 -38.02
CA VAL J 62 115.96 41.61 -37.61
C VAL J 62 116.56 42.28 -38.84
N THR J 63 116.74 43.58 -38.77
CA THR J 63 117.27 44.36 -39.87
C THR J 63 118.31 45.33 -39.34
N VAL J 64 119.23 45.72 -40.23
CA VAL J 64 120.29 46.65 -39.87
C VAL J 64 119.71 48.05 -39.70
N GLN J 65 119.57 48.49 -38.44
CA GLN J 65 119.15 49.87 -38.19
C GLN J 65 120.18 50.85 -38.74
N SER J 66 121.39 50.83 -38.19
CA SER J 66 122.47 51.69 -38.65
C SER J 66 123.80 51.22 -38.07
N GLY J 67 124.78 50.98 -38.94
CA GLY J 67 126.07 50.51 -38.46
C GLY J 67 125.93 49.17 -37.76
N LEU J 68 126.40 49.12 -36.51
CA LEU J 68 126.28 47.90 -35.70
C LEU J 68 124.90 47.73 -35.10
N THR J 69 124.07 48.76 -35.12
CA THR J 69 122.76 48.68 -34.50
C THR J 69 121.75 48.02 -35.43
N LEU J 70 121.01 47.04 -34.90
CA LEU J 70 119.97 46.33 -35.61
C LEU J 70 118.64 46.55 -34.91
N SER J 71 117.57 46.53 -35.70
CA SER J 71 116.22 46.71 -35.19
C SER J 71 115.43 45.43 -35.32
N VAL J 72 114.57 45.17 -34.35
CA VAL J 72 113.76 43.96 -34.28
C VAL J 72 112.30 44.37 -34.18
N THR J 73 111.48 43.81 -35.06
CA THR J 73 110.06 44.11 -35.08
C THR J 73 109.37 43.50 -33.86
N GLN J 74 108.16 43.99 -33.58
CA GLN J 74 107.42 43.52 -32.43
C GLN J 74 106.99 42.07 -32.61
N GLY J 75 106.63 41.44 -31.50
CA GLY J 75 106.18 40.07 -31.55
C GLY J 75 105.71 39.60 -30.19
N SER J 76 105.54 38.29 -30.07
CA SER J 76 105.12 37.70 -28.82
C SER J 76 105.66 36.28 -28.72
N ILE J 77 105.74 35.80 -27.49
CA ILE J 77 106.23 34.46 -27.20
C ILE J 77 105.31 33.79 -26.19
N SER J 78 105.35 32.47 -26.17
CA SER J 78 104.58 31.68 -25.23
C SER J 78 105.53 30.97 -24.27
N VAL J 79 105.37 31.24 -22.99
CA VAL J 79 106.16 30.61 -21.94
C VAL J 79 105.19 29.90 -21.01
N SER J 80 105.19 28.57 -21.06
CA SER J 80 104.32 27.75 -20.22
C SER J 80 102.86 28.15 -20.37
N GLY J 81 102.47 28.50 -21.59
CA GLY J 81 101.11 28.90 -21.87
C GLY J 81 100.79 30.34 -21.56
N ASN J 82 101.79 31.18 -21.29
CA ASN J 82 101.57 32.59 -20.97
C ASN J 82 102.24 33.45 -22.04
N ILE J 83 101.50 34.42 -22.55
CA ILE J 83 101.96 35.24 -23.66
C ILE J 83 102.75 36.42 -23.11
N ILE J 84 103.93 36.66 -23.67
CA ILE J 84 104.75 37.82 -23.38
C ILE J 84 104.97 38.58 -24.67
N SER J 85 104.66 39.87 -24.65
CA SER J 85 104.76 40.72 -25.83
C SER J 85 106.06 41.51 -25.82
N PHE J 86 106.50 41.90 -27.02
CA PHE J 86 107.73 42.67 -27.16
C PHE J 86 107.58 43.72 -28.25
N PRO J 87 107.66 45.00 -27.91
CA PRO J 87 107.63 46.05 -28.92
C PRO J 87 108.92 46.05 -29.74
N PRO J 88 108.95 46.75 -30.87
CA PRO J 88 110.19 46.80 -31.65
C PRO J 88 111.32 47.41 -30.83
N GLN J 89 112.52 46.86 -30.98
CA GLN J 89 113.61 47.25 -30.12
C GLN J 89 114.94 47.16 -30.85
N THR J 90 115.90 47.92 -30.38
CA THR J 90 117.24 47.97 -30.96
C THR J 90 118.20 47.10 -30.16
N ILE J 91 119.26 46.65 -30.85
CA ILE J 91 120.31 45.89 -30.18
C ILE J 91 121.57 46.00 -31.02
N ASN J 92 122.72 45.99 -30.37
CA ASN J 92 124.01 46.14 -31.04
C ASN J 92 124.65 44.78 -31.20
N ALA J 93 124.96 44.41 -32.44
CA ALA J 93 125.58 43.14 -32.71
C ALA J 93 127.04 43.15 -32.24
N ILE J 94 127.59 41.95 -32.08
CA ILE J 94 128.97 41.80 -31.63
C ILE J 94 129.89 42.05 -32.81
N ASP J 95 130.80 43.01 -32.65
CA ASP J 95 131.65 43.43 -33.76
C ASP J 95 132.65 42.34 -34.14
N ASN J 96 132.94 42.27 -35.44
CA ASN J 96 133.98 41.38 -35.97
C ASN J 96 133.73 39.93 -35.57
N ALA J 97 132.47 39.55 -35.45
CA ALA J 97 132.13 38.19 -35.05
C ALA J 97 130.77 37.82 -35.62
N ASN J 98 130.65 36.56 -36.04
CA ASN J 98 129.38 36.05 -36.57
C ASN J 98 128.43 35.82 -35.40
N SER J 99 127.86 36.93 -34.91
CA SER J 99 127.02 36.87 -33.73
C SER J 99 125.62 36.40 -34.09
N PHE J 100 124.87 36.01 -33.07
CA PHE J 100 123.50 35.55 -33.21
C PHE J 100 122.60 36.40 -32.33
N VAL J 101 121.54 36.94 -32.93
CA VAL J 101 120.49 37.62 -32.21
C VAL J 101 119.35 36.64 -32.00
N TRP J 102 118.93 36.49 -30.75
CA TRP J 102 117.92 35.50 -30.41
C TRP J 102 117.10 36.01 -29.24
N ILE J 103 116.02 35.29 -28.94
CA ILE J 103 115.17 35.59 -27.81
C ILE J 103 115.25 34.44 -26.83
N GLY J 104 115.51 34.74 -25.56
CA GLY J 104 115.61 33.71 -24.57
C GLY J 104 116.22 34.26 -23.29
N LYS J 105 116.73 33.35 -22.47
CA LYS J 105 117.34 33.72 -21.20
C LYS J 105 118.74 33.13 -21.13
N THR J 106 119.64 33.90 -20.53
CA THR J 106 120.99 33.44 -20.28
C THR J 106 121.07 32.79 -18.90
N ASP J 107 122.10 31.98 -18.71
CA ASP J 107 122.29 31.33 -17.41
C ASP J 107 122.55 32.37 -16.33
N ALA J 108 123.29 33.43 -16.66
CA ALA J 108 123.53 34.50 -15.70
C ALA J 108 122.23 35.19 -15.30
N ASP J 109 121.43 35.60 -16.28
CA ASP J 109 120.18 36.30 -15.99
C ASP J 109 119.01 35.45 -16.47
N PRO J 110 118.24 34.86 -15.55
CA PRO J 110 117.10 34.03 -15.97
C PRO J 110 115.96 34.80 -16.62
N ALA J 111 116.06 36.12 -16.74
CA ALA J 111 115.03 36.88 -17.44
C ALA J 111 115.06 36.59 -18.93
N ILE J 112 113.88 36.54 -19.53
CA ILE J 112 113.73 36.26 -20.95
C ILE J 112 113.63 37.59 -21.70
N ALA J 113 114.53 37.80 -22.64
CA ALA J 113 114.54 39.03 -23.43
C ALA J 113 115.30 38.77 -24.73
N LEU J 114 115.56 39.85 -25.46
CA LEU J 114 116.33 39.79 -26.70
C LEU J 114 117.82 39.92 -26.38
N ARG J 115 118.62 38.98 -26.88
CA ARG J 115 120.03 38.94 -26.56
C ARG J 115 120.83 38.69 -27.83
N VAL J 116 122.10 39.09 -27.78
CA VAL J 116 123.06 38.81 -28.86
C VAL J 116 124.25 38.10 -28.24
N SER J 117 124.57 36.93 -28.78
CA SER J 117 125.69 36.13 -28.30
C SER J 117 126.58 35.75 -29.47
N GLN J 118 127.64 35.01 -29.19
CA GLN J 118 128.49 34.47 -30.23
C GLN J 118 128.18 33.00 -30.53
N THR J 119 127.20 32.43 -29.84
CA THR J 119 126.84 31.03 -30.05
C THR J 119 125.37 30.85 -29.71
N LEU J 120 124.65 30.15 -30.56
CA LEU J 120 123.24 29.87 -30.30
C LEU J 120 123.12 28.84 -29.18
N PRO J 121 122.40 29.13 -28.11
CA PRO J 121 122.19 28.11 -27.08
C PRO J 121 121.34 26.96 -27.59
N ASN J 122 121.53 25.80 -26.99
CA ASN J 122 120.73 24.64 -27.36
C ASN J 122 119.25 24.89 -27.09
N VAL J 123 118.94 25.76 -26.15
CA VAL J 123 117.58 26.22 -25.90
C VAL J 123 117.54 27.72 -26.18
N CYS J 124 116.66 28.13 -27.08
CA CYS J 124 116.62 29.52 -27.54
C CYS J 124 115.47 29.67 -28.52
N ILE J 125 115.23 30.91 -28.92
CA ILE J 125 114.42 31.24 -30.07
C ILE J 125 115.30 32.00 -31.06
N PRO J 126 115.84 31.31 -32.07
CA PRO J 126 116.76 31.97 -32.99
C PRO J 126 116.03 33.02 -33.82
N LEU J 127 116.65 34.19 -33.96
CA LEU J 127 116.09 35.25 -34.79
C LEU J 127 116.94 35.53 -36.01
N ALA J 128 118.23 35.81 -35.83
CA ALA J 128 119.04 36.15 -36.98
C ALA J 128 120.51 35.86 -36.67
N ARG J 129 121.29 35.68 -37.72
CA ARG J 129 122.74 35.61 -37.63
C ARG J 129 123.33 36.82 -38.34
N VAL J 130 124.13 37.60 -37.61
CA VAL J 130 124.67 38.85 -38.10
C VAL J 130 126.18 38.71 -38.18
N ILE J 131 126.72 38.86 -39.38
CA ILE J 131 128.15 38.95 -39.60
C ILE J 131 128.48 40.42 -39.85
N ALA J 132 129.25 41.01 -38.94
CA ALA J 132 129.60 42.42 -39.00
C ALA J 132 131.11 42.58 -38.90
N ALA J 133 131.61 43.67 -39.44
CA ALA J 133 133.05 43.94 -39.45
C ALA J 133 133.27 45.44 -39.59
N SER J 134 134.26 45.94 -38.85
CA SER J 134 134.63 47.37 -38.87
C SER J 134 133.43 48.26 -38.56
N GLY J 135 132.61 47.83 -37.60
CA GLY J 135 131.46 48.62 -37.21
C GLY J 135 130.30 48.60 -38.19
N SER J 136 130.39 47.81 -39.25
CA SER J 136 129.35 47.73 -40.25
C SER J 136 128.95 46.28 -40.46
N VAL J 137 127.66 46.07 -40.72
CA VAL J 137 127.13 44.72 -40.87
C VAL J 137 127.36 44.26 -42.31
N THR J 138 128.05 43.13 -42.45
CA THR J 138 128.27 42.56 -43.77
C THR J 138 127.12 41.69 -44.25
N SER J 139 126.47 40.96 -43.34
CA SER J 139 125.39 40.09 -43.77
C SER J 139 124.45 39.81 -42.59
N VAL J 140 123.16 39.68 -42.90
CA VAL J 140 122.15 39.25 -41.94
C VAL J 140 121.40 38.09 -42.55
N THR J 141 121.23 37.02 -41.77
CA THR J 141 120.53 35.83 -42.23
C THR J 141 119.40 35.51 -41.28
N ASP J 142 118.18 35.48 -41.79
CA ASP J 142 117.01 35.18 -40.97
C ASP J 142 117.01 33.71 -40.57
N LEU J 143 116.84 33.46 -39.27
CA LEU J 143 116.81 32.11 -38.74
C LEU J 143 115.41 31.68 -38.33
N ARG J 144 114.39 32.44 -38.70
CA ARG J 144 113.03 32.11 -38.32
C ARG J 144 112.47 31.02 -39.23
N ASP J 145 111.35 30.43 -38.80
CA ASP J 145 110.69 29.41 -39.60
C ASP J 145 110.18 29.97 -40.92
N VAL J 146 109.99 31.29 -41.01
CA VAL J 146 109.58 31.90 -42.27
C VAL J 146 110.66 31.77 -43.34
N SER J 147 111.90 31.50 -42.96
CA SER J 147 113.01 31.43 -43.90
C SER J 147 113.70 30.07 -43.94
N VAL J 148 113.93 29.44 -42.79
CA VAL J 148 114.65 28.17 -42.73
C VAL J 148 113.84 27.17 -41.92
N ASP J 149 114.13 25.90 -42.16
CA ASP J 149 113.60 24.81 -41.35
C ASP J 149 114.71 24.37 -40.39
N ILE J 150 114.53 24.64 -39.10
CA ILE J 150 115.58 24.42 -38.13
C ILE J 150 115.63 22.95 -37.76
N LEU J 151 116.81 22.35 -37.87
CA LEU J 151 117.02 21.01 -37.36
C LEU J 151 117.01 21.06 -35.83
N PRO J 152 116.12 20.32 -35.16
CA PRO J 152 115.99 20.50 -33.72
C PRO J 152 117.23 20.01 -32.99
N PRO J 153 117.58 20.63 -31.87
CA PRO J 153 118.73 20.15 -31.09
C PRO J 153 118.44 18.78 -30.50
N SER J 154 119.50 18.01 -30.30
CA SER J 154 119.40 16.68 -29.70
C SER J 154 119.68 16.81 -28.21
N ILE J 155 118.63 16.68 -27.40
CA ILE J 155 118.76 16.83 -25.94
C ILE J 155 118.54 15.49 -25.27
N PRO J 156 119.59 14.81 -24.82
CA PRO J 156 119.41 13.52 -24.16
C PRO J 156 118.78 13.67 -22.78
N ASP J 157 118.11 12.61 -22.36
CA ASP J 157 117.46 12.59 -21.05
C ASP J 157 118.49 12.42 -19.94
N ALA J 158 118.07 12.76 -18.72
CA ALA J 158 118.98 12.68 -17.58
C ALA J 158 119.37 11.24 -17.28
N VAL J 159 118.42 10.33 -17.32
CA VAL J 159 118.64 8.93 -16.94
C VAL J 159 118.45 8.07 -18.19
N PRO J 160 119.40 7.19 -18.50
CA PRO J 160 119.28 6.37 -19.71
C PRO J 160 118.15 5.38 -19.62
N VAL J 161 117.66 4.96 -20.79
CA VAL J 161 116.56 4.01 -20.87
C VAL J 161 116.98 2.68 -20.27
N GLY J 162 116.11 2.12 -19.43
CA GLY J 162 116.38 0.89 -18.73
C GLY J 162 116.99 1.06 -17.36
N SER J 163 117.57 2.23 -17.08
CA SER J 163 118.09 2.49 -15.74
C SER J 163 116.94 2.60 -14.76
N THR J 164 117.14 2.02 -13.58
CA THR J 164 116.12 1.99 -12.55
C THR J 164 116.34 3.12 -11.57
N ILE J 165 115.28 3.86 -11.26
CA ILE J 165 115.32 4.98 -10.33
C ILE J 165 114.57 4.57 -9.07
N ILE J 166 115.19 4.79 -7.92
CA ILE J 166 114.60 4.51 -6.63
C ILE J 166 113.90 5.76 -6.12
N SER J 167 112.69 5.61 -5.62
CA SER J 167 111.90 6.75 -5.17
C SER J 167 111.15 6.40 -3.89
N LEU J 168 110.86 7.44 -3.10
CA LEU J 168 110.12 7.31 -1.86
C LEU J 168 108.75 7.97 -1.93
N ILE J 169 108.25 8.24 -3.12
CA ILE J 169 106.98 8.97 -3.26
C ILE J 169 105.84 8.12 -2.71
N PRO J 170 104.87 8.71 -2.02
CA PRO J 170 103.77 7.93 -1.45
C PRO J 170 102.93 7.30 -2.54
N PRO J 171 102.13 6.29 -2.20
CA PRO J 171 101.28 5.65 -3.24
C PRO J 171 100.32 6.60 -3.92
N THR J 172 99.82 7.61 -3.19
CA THR J 172 98.91 8.57 -3.80
C THR J 172 99.59 9.41 -4.86
N ALA J 173 100.90 9.61 -4.76
CA ALA J 173 101.60 10.43 -5.72
C ALA J 173 101.59 9.74 -7.10
N PRO J 174 101.39 10.50 -8.17
CA PRO J 174 101.34 9.89 -9.50
C PRO J 174 102.72 9.45 -9.98
N ILE J 175 102.71 8.44 -10.83
CA ILE J 175 103.97 7.92 -11.39
C ILE J 175 104.61 8.98 -12.28
N PRO J 176 105.91 9.24 -12.16
CA PRO J 176 106.56 10.17 -13.09
C PRO J 176 106.40 9.72 -14.53
N ALA J 177 106.16 10.69 -15.41
CA ALA J 177 105.90 10.37 -16.81
C ALA J 177 107.13 9.73 -17.45
N GLY J 178 106.87 8.76 -18.34
CA GLY J 178 107.96 8.06 -18.98
C GLY J 178 108.62 7.01 -18.13
N TYR J 179 107.98 6.57 -17.06
CA TYR J 179 108.53 5.55 -16.17
C TYR J 179 107.56 4.37 -16.06
N LEU J 180 108.14 3.20 -15.84
CA LEU J 180 107.37 1.97 -15.67
C LEU J 180 107.51 1.48 -14.23
N GLU J 181 106.37 1.33 -13.54
CA GLU J 181 106.39 0.86 -12.17
C GLU J 181 106.67 -0.64 -12.12
N LEU J 182 107.45 -1.05 -11.12
CA LEU J 182 107.75 -2.46 -10.90
C LEU J 182 106.94 -2.96 -9.70
N LEU J 183 106.06 -3.92 -9.96
CA LEU J 183 105.15 -4.42 -8.95
C LEU J 183 105.72 -5.67 -8.31
N ASN J 184 104.90 -6.36 -7.52
CA ASN J 184 105.38 -7.53 -6.78
C ASN J 184 105.75 -8.66 -7.73
N SER J 185 104.88 -8.95 -8.69
CA SER J 185 105.09 -10.03 -9.64
C SER J 185 105.64 -9.50 -10.96
N SER J 186 106.01 -10.42 -11.83
CA SER J 186 106.46 -10.06 -13.16
C SER J 186 105.29 -9.51 -13.99
N GLN J 187 105.63 -8.76 -15.03
CA GLN J 187 104.64 -8.20 -15.93
C GLN J 187 105.00 -8.56 -17.37
N ASN J 188 104.09 -8.26 -18.28
CA ASN J 188 104.34 -8.37 -19.71
C ASN J 188 103.87 -7.09 -20.36
N VAL J 189 104.80 -6.31 -20.91
CA VAL J 189 104.46 -5.03 -21.51
C VAL J 189 104.71 -5.09 -23.00
N SER J 190 103.91 -4.32 -23.74
CA SER J 190 103.94 -4.38 -25.21
C SER J 190 105.30 -3.96 -25.74
N ARG J 191 105.83 -4.74 -26.68
CA ARG J 191 107.10 -4.39 -27.29
C ARG J 191 107.02 -3.08 -28.05
N THR J 192 105.91 -2.86 -28.77
CA THR J 192 105.76 -1.63 -29.54
C THR J 192 105.64 -0.42 -28.64
N THR J 193 104.88 -0.53 -27.54
CA THR J 193 104.67 0.61 -26.65
C THR J 193 105.99 1.06 -26.02
N TYR J 194 106.78 0.12 -25.52
CA TYR J 194 108.11 0.40 -25.01
C TYR J 194 109.11 -0.27 -25.95
N SER J 195 109.45 0.43 -27.03
CA SER J 195 110.39 -0.13 -28.00
C SER J 195 111.83 0.08 -27.53
N ALA J 196 112.13 1.27 -27.01
CA ALA J 196 113.48 1.54 -26.52
C ALA J 196 113.85 0.62 -25.37
N LEU J 197 112.86 0.22 -24.56
CA LEU J 197 113.14 -0.72 -23.48
C LEU J 197 113.33 -2.13 -24.01
N PHE J 198 112.51 -2.55 -24.98
CA PHE J 198 112.61 -3.91 -25.48
C PHE J 198 113.91 -4.13 -26.24
N VAL J 199 114.33 -3.15 -27.04
CA VAL J 199 115.55 -3.33 -27.83
C VAL J 199 116.76 -3.43 -26.91
N LEU J 200 116.70 -2.86 -25.71
CA LEU J 200 117.83 -2.87 -24.79
C LEU J 200 117.79 -4.10 -23.89
N TRP J 201 116.70 -4.27 -23.14
CA TRP J 201 116.57 -5.43 -22.27
C TRP J 201 116.51 -6.72 -23.08
N GLY J 202 115.72 -6.73 -24.15
CA GLY J 202 115.48 -7.96 -24.86
C GLY J 202 114.53 -8.85 -24.08
N THR J 203 114.34 -10.05 -24.61
CA THR J 203 113.50 -11.04 -23.94
C THR J 203 114.28 -11.75 -22.86
N TYR J 204 114.89 -10.97 -21.97
CA TYR J 204 115.78 -11.48 -20.93
C TYR J 204 115.08 -11.68 -19.60
N TYR J 205 114.01 -10.94 -19.34
CA TYR J 205 113.22 -11.11 -18.13
C TYR J 205 111.94 -11.90 -18.37
N GLY J 206 111.79 -12.50 -19.53
CA GLY J 206 110.65 -13.34 -19.83
C GLY J 206 110.09 -13.09 -21.20
N ASN J 207 109.24 -14.01 -21.65
CA ASN J 207 108.53 -13.91 -22.92
C ASN J 207 107.03 -13.96 -22.60
N GLY J 208 106.44 -12.79 -22.37
CA GLY J 208 105.01 -12.74 -22.13
C GLY J 208 104.21 -13.30 -23.29
N ASP J 209 104.68 -13.07 -24.51
CA ASP J 209 104.05 -13.60 -25.71
C ASP J 209 105.15 -13.94 -26.71
N GLY J 210 104.76 -14.16 -27.95
CA GLY J 210 105.71 -14.49 -28.99
C GLY J 210 106.47 -13.28 -29.50
N SER J 211 105.76 -12.31 -30.06
CA SER J 211 106.44 -11.12 -30.60
C SER J 211 105.68 -9.82 -30.33
N THR J 212 104.84 -9.77 -29.30
CA THR J 212 104.09 -8.55 -29.00
C THR J 212 104.35 -7.99 -27.62
N THR J 213 104.71 -8.82 -26.64
CA THR J 213 105.00 -8.36 -25.30
C THR J 213 106.27 -9.01 -24.79
N PHE J 214 106.96 -8.32 -23.89
CA PHE J 214 108.16 -8.83 -23.25
C PHE J 214 108.05 -8.65 -21.74
N GLY J 215 108.78 -9.50 -21.02
CA GLY J 215 108.63 -9.59 -19.60
C GLY J 215 109.28 -8.46 -18.83
N VAL J 216 108.79 -8.26 -17.61
CA VAL J 216 109.26 -7.21 -16.71
C VAL J 216 109.47 -7.86 -15.35
N PRO J 217 110.67 -7.79 -14.77
CA PRO J 217 110.91 -8.44 -13.49
C PRO J 217 110.11 -7.81 -12.36
N GLY J 218 109.68 -8.64 -11.43
CA GLY J 218 108.89 -8.21 -10.28
C GLY J 218 109.77 -8.11 -9.04
N THR J 219 109.59 -7.04 -8.28
CA THR J 219 110.39 -6.84 -7.08
C THR J 219 110.16 -7.97 -6.08
N GLY J 220 108.91 -8.35 -5.86
CA GLY J 220 108.61 -9.42 -4.93
C GLY J 220 108.89 -9.08 -3.49
N GLY J 221 108.99 -7.80 -3.14
CA GLY J 221 109.29 -7.41 -1.78
C GLY J 221 110.64 -7.90 -1.30
N ARG J 222 111.66 -7.82 -2.15
CA ARG J 222 112.98 -8.36 -1.85
C ARG J 222 113.94 -7.24 -1.49
N PHE J 223 115.15 -7.63 -1.12
CA PHE J 223 116.22 -6.70 -0.80
C PHE J 223 117.08 -6.44 -2.03
N LEU J 224 117.72 -5.27 -2.03
CA LEU J 224 118.55 -4.88 -3.16
C LEU J 224 119.96 -5.39 -2.95
N ARG J 225 120.42 -6.26 -3.85
CA ARG J 225 121.71 -6.91 -3.71
C ARG J 225 122.51 -6.74 -4.99
N LEU J 226 123.64 -6.05 -4.89
CA LEU J 226 124.59 -6.02 -5.99
C LEU J 226 125.19 -7.41 -6.20
N GLY J 227 125.36 -7.79 -7.46
CA GLY J 227 125.69 -9.17 -7.76
C GLY J 227 127.02 -9.40 -8.45
N GLY J 228 128.08 -8.74 -7.98
CA GLY J 228 129.37 -8.87 -8.65
C GLY J 228 129.88 -10.30 -8.68
N SER J 229 129.74 -11.02 -7.57
CA SER J 229 130.33 -12.35 -7.43
C SER J 229 129.38 -13.40 -7.99
N GLY J 230 129.56 -13.73 -9.26
CA GLY J 230 128.84 -14.84 -9.87
C GLY J 230 127.34 -14.74 -9.79
N LEU J 231 126.79 -13.55 -10.04
CA LEU J 231 125.35 -13.33 -9.95
C LEU J 231 124.94 -12.39 -11.08
N SER J 232 124.25 -12.94 -12.08
CA SER J 232 123.78 -12.13 -13.19
C SER J 232 122.68 -11.17 -12.70
N VAL J 233 122.31 -10.24 -13.58
CA VAL J 233 121.26 -9.28 -13.23
C VAL J 233 119.92 -9.99 -13.18
N GLY J 234 119.04 -9.52 -12.31
CA GLY J 234 117.74 -10.12 -12.14
C GLY J 234 117.74 -11.43 -11.38
N ASP J 235 118.89 -11.85 -10.88
CA ASP J 235 118.95 -13.09 -10.11
C ASP J 235 118.19 -12.94 -8.79
N ILE J 236 117.53 -14.01 -8.39
CA ILE J 236 116.78 -14.08 -7.16
C ILE J 236 117.34 -15.24 -6.32
N GLY J 237 116.73 -15.44 -5.18
CA GLY J 237 117.15 -16.48 -4.25
C GLY J 237 116.94 -16.01 -2.84
N GLY J 238 117.71 -16.57 -1.93
CA GLY J 238 117.57 -16.24 -0.53
C GLY J 238 116.28 -16.81 0.04
N SER J 239 116.08 -16.54 1.33
CA SER J 239 114.88 -17.04 2.00
C SER J 239 114.69 -16.27 3.29
N ASN J 240 113.45 -15.80 3.52
CA ASN J 240 113.14 -15.15 4.77
C ASN J 240 112.97 -16.14 5.91
N GLN J 241 112.57 -17.38 5.59
CA GLN J 241 112.49 -18.45 6.56
C GLN J 241 113.83 -19.17 6.62
N ILE J 242 114.34 -19.38 7.83
CA ILE J 242 115.63 -20.03 8.02
C ILE J 242 115.46 -21.25 8.90
N THR J 243 116.19 -22.31 8.57
CA THR J 243 116.12 -23.59 9.25
C THR J 243 117.49 -23.94 9.78
N ILE J 244 117.59 -24.17 11.08
CA ILE J 244 118.86 -24.52 11.72
C ILE J 244 119.21 -25.97 11.36
N PRO J 245 120.34 -26.22 10.71
CA PRO J 245 120.73 -27.60 10.40
C PRO J 245 121.28 -28.29 11.64
N THR J 246 121.42 -29.61 11.52
CA THR J 246 121.89 -30.39 12.66
C THR J 246 123.31 -30.02 13.05
N ASN J 247 124.20 -29.83 12.06
CA ASN J 247 125.59 -29.53 12.37
C ASN J 247 125.78 -28.11 12.90
N ALA J 248 124.74 -27.27 12.84
CA ALA J 248 124.87 -25.90 13.32
C ALA J 248 124.66 -25.79 14.83
N LEU J 249 124.16 -26.84 15.47
CA LEU J 249 123.82 -26.79 16.88
C LEU J 249 125.08 -26.60 17.72
N PRO J 250 125.15 -25.57 18.56
CA PRO J 250 126.33 -25.40 19.42
C PRO J 250 126.45 -26.53 20.43
N SER J 251 127.69 -26.82 20.82
CA SER J 251 127.94 -27.84 21.82
C SER J 251 127.39 -27.40 23.17
N HIS J 252 126.70 -28.30 23.85
CA HIS J 252 126.15 -28.02 25.17
C HIS J 252 126.04 -29.31 25.95
N GLN J 253 125.94 -29.18 27.27
CA GLN J 253 125.89 -30.31 28.18
C GLN J 253 124.67 -30.17 29.08
N HIS J 254 123.86 -31.22 29.16
CA HIS J 254 122.71 -31.20 30.03
C HIS J 254 123.06 -31.82 31.38
N GLY J 255 122.45 -31.27 32.43
CA GLY J 255 122.65 -31.78 33.78
C GLY J 255 121.61 -32.83 34.10
N ILE J 256 122.08 -33.91 34.71
CA ILE J 256 121.18 -34.98 35.15
C ILE J 256 120.88 -34.76 36.63
N PRO J 257 119.60 -34.73 37.01
CA PRO J 257 119.26 -34.43 38.40
C PRO J 257 119.65 -35.56 39.34
N ALA J 258 119.48 -35.30 40.63
CA ALA J 258 119.75 -36.31 41.64
C ALA J 258 118.79 -37.49 41.49
N ASN J 259 119.31 -38.69 41.67
CA ASN J 259 118.56 -39.91 41.49
C ASN J 259 118.70 -40.78 42.72
N THR J 260 117.74 -41.69 42.89
CA THR J 260 117.70 -42.55 44.07
C THR J 260 116.77 -43.72 43.78
N HIS J 261 117.22 -44.93 44.08
CA HIS J 261 116.42 -46.11 43.82
C HIS J 261 116.88 -47.24 44.72
N THR J 262 115.98 -48.22 44.89
CA THR J 262 116.28 -49.47 45.59
C THR J 262 115.80 -50.63 44.73
N HIS J 263 116.38 -51.79 44.97
CA HIS J 263 115.97 -53.02 44.31
C HIS J 263 115.38 -53.96 45.36
N SER J 264 114.18 -54.45 45.10
CA SER J 264 113.62 -55.49 45.95
C SER J 264 114.43 -56.78 45.80
N VAL J 265 114.45 -57.57 46.86
CA VAL J 265 115.23 -58.80 46.91
C VAL J 265 114.27 -59.97 47.09
N ASN J 266 114.46 -61.01 46.29
CA ASN J 266 113.62 -62.19 46.31
C ASN J 266 114.44 -63.39 46.77
N ASP J 267 113.90 -64.14 47.73
CA ASP J 267 114.58 -65.31 48.26
C ASP J 267 113.57 -66.19 48.97
N GLY J 268 113.52 -67.45 48.56
CA GLY J 268 112.60 -68.40 49.16
C GLY J 268 113.12 -68.98 50.46
N GLY J 269 114.42 -68.90 50.65
CA GLY J 269 115.05 -69.43 51.85
C GLY J 269 116.20 -70.34 51.49
N HIS J 270 116.95 -70.72 52.52
CA HIS J 270 118.09 -71.62 52.35
C HIS J 270 118.20 -72.49 53.59
N GLY J 271 118.35 -73.79 53.37
CA GLY J 271 118.71 -74.67 54.46
C GLY J 271 120.22 -74.72 54.66
N HIS J 272 120.63 -75.29 55.78
CA HIS J 272 122.03 -75.54 56.07
C HIS J 272 122.26 -77.04 56.27
N THR J 273 123.50 -77.46 56.03
CA THR J 273 123.88 -78.86 56.11
C THR J 273 124.52 -79.12 57.46
N ILE J 274 124.07 -80.17 58.13
CA ILE J 274 124.56 -80.53 59.45
C ILE J 274 125.75 -81.48 59.31
N ASN J 275 126.74 -81.30 60.16
CA ASN J 275 127.91 -82.17 60.23
C ASN J 275 127.93 -82.79 61.62
N GLN J 276 127.34 -83.97 61.73
CA GLN J 276 127.17 -84.65 63.02
C GLN J 276 128.06 -85.87 63.09
N THR J 277 128.73 -86.05 64.23
CA THR J 277 129.55 -87.19 64.59
C THR J 277 128.86 -87.96 65.71
N PRO J 278 128.82 -89.29 65.63
CA PRO J 278 128.08 -90.08 66.63
C PRO J 278 128.60 -89.84 68.04
N HIS J 279 127.67 -89.82 68.99
CA HIS J 279 127.97 -89.62 70.40
C HIS J 279 127.45 -90.78 71.22
N SER J 280 128.10 -91.02 72.36
CA SER J 280 127.69 -92.06 73.28
C SER J 280 127.61 -91.48 74.69
N HIS J 281 126.75 -92.09 75.50
CA HIS J 281 126.53 -91.64 76.87
C HIS J 281 127.25 -92.56 77.84
N SER J 282 127.92 -91.96 78.82
CA SER J 282 128.53 -92.74 79.88
C SER J 282 127.46 -93.31 80.79
N ILE J 283 127.74 -94.50 81.32
CA ILE J 283 126.77 -95.28 82.08
C ILE J 283 127.21 -95.31 83.54
N SER J 284 126.26 -95.04 84.43
CA SER J 284 126.47 -95.20 85.87
C SER J 284 125.90 -96.54 86.28
N ASP J 285 126.75 -97.40 86.86
CA ASP J 285 126.39 -98.79 87.15
C ASP J 285 126.66 -99.11 88.61
N PRO J 286 125.76 -98.73 89.52
CA PRO J 286 125.77 -99.33 90.85
C PRO J 286 125.55 -100.83 90.75
N GLY J 287 126.25 -101.57 91.59
CA GLY J 287 126.19 -103.02 91.51
C GLY J 287 124.82 -103.56 91.87
N HIS J 288 124.65 -104.86 91.63
CA HIS J 288 123.39 -105.53 91.92
C HIS J 288 123.67 -106.98 92.25
N ALA J 289 122.68 -107.63 92.84
CA ALA J 289 122.77 -109.05 93.16
C ALA J 289 121.38 -109.67 93.11
N HIS J 290 121.34 -110.99 92.99
CA HIS J 290 120.10 -111.75 92.93
C HIS J 290 120.00 -112.67 94.14
N GLY J 291 118.78 -113.09 94.42
CA GLY J 291 118.51 -114.01 95.50
C GLY J 291 118.34 -115.43 95.01
N VAL J 292 118.70 -116.38 95.88
CA VAL J 292 118.51 -117.79 95.61
C VAL J 292 117.54 -118.33 96.65
N PRO J 293 116.24 -118.21 96.43
CA PRO J 293 115.27 -118.58 97.48
C PRO J 293 114.98 -120.07 97.55
N PHE J 294 115.83 -120.89 96.95
CA PHE J 294 115.58 -122.32 96.84
C PHE J 294 116.43 -123.07 97.87
N GLY J 295 115.92 -123.18 99.08
CA GLY J 295 116.55 -123.97 100.12
C GLY J 295 115.68 -125.17 100.45
N ALA J 296 116.33 -126.30 100.72
CA ALA J 296 115.63 -127.57 100.82
C ALA J 296 114.94 -127.71 102.17
N ALA J 297 113.64 -128.01 102.14
CA ALA J 297 112.91 -128.35 103.35
C ALA J 297 112.83 -129.85 103.59
N VAL J 298 112.90 -130.65 102.52
CA VAL J 298 112.86 -132.10 102.62
C VAL J 298 114.12 -132.66 101.98
N ASP J 299 114.25 -133.99 101.94
CA ASP J 299 115.42 -134.64 101.40
C ASP J 299 115.22 -135.25 100.02
N ASN J 300 114.02 -135.70 99.70
CA ASN J 300 113.77 -136.31 98.41
C ASN J 300 113.55 -135.25 97.33
N GLY J 301 114.10 -135.52 96.14
CA GLY J 301 113.92 -134.65 95.01
C GLY J 301 115.13 -133.75 94.78
N ASN J 302 115.26 -133.27 93.54
CA ASN J 302 116.30 -132.33 93.16
C ASN J 302 115.74 -130.95 92.84
N ASN J 303 114.57 -130.63 93.38
CA ASN J 303 113.95 -129.34 93.09
C ASN J 303 114.75 -128.18 93.63
N ALA J 304 115.40 -128.34 94.79
CA ALA J 304 116.03 -127.22 95.46
C ALA J 304 117.39 -127.65 96.00
N PHE J 305 117.99 -126.82 96.84
CA PHE J 305 119.34 -127.02 97.33
C PHE J 305 119.33 -127.29 98.83
N ASP J 306 120.12 -128.29 99.24
CA ASP J 306 120.19 -128.68 100.64
C ASP J 306 120.83 -127.57 101.47
N THR J 307 120.22 -127.28 102.62
CA THR J 307 120.67 -126.21 103.51
C THR J 307 121.62 -126.79 104.54
N GLY J 308 122.89 -126.37 104.47
CA GLY J 308 123.91 -126.92 105.35
C GLY J 308 124.14 -126.14 106.63
N GLY J 309 124.42 -124.85 106.51
CA GLY J 309 124.55 -124.02 107.70
C GLY J 309 125.95 -123.63 108.13
N SER J 310 126.81 -123.21 107.19
CA SER J 310 128.15 -122.71 107.54
C SER J 310 128.76 -121.82 106.46
N PRO J 311 129.08 -120.56 106.79
CA PRO J 311 129.57 -119.66 105.75
C PRO J 311 130.98 -119.98 105.27
N TYR J 312 131.13 -120.59 104.09
CA TYR J 312 132.44 -120.87 103.53
C TYR J 312 132.37 -120.67 102.02
N ASN J 313 133.31 -119.91 101.46
CA ASN J 313 133.29 -119.66 100.04
C ASN J 313 133.66 -120.89 99.22
N ASN J 314 132.67 -121.50 98.60
CA ASN J 314 132.95 -122.65 97.74
C ASN J 314 133.04 -122.10 96.32
N GLY J 315 133.86 -122.71 95.45
CA GLY J 315 133.95 -122.15 94.12
C GLY J 315 132.75 -122.49 93.27
N ILE J 316 131.77 -121.59 93.26
CA ILE J 316 130.54 -121.79 92.50
C ILE J 316 129.98 -120.41 92.16
N GLY J 317 129.65 -120.20 90.88
CA GLY J 317 129.08 -118.94 90.45
C GLY J 317 127.74 -119.12 89.78
N THR J 318 127.47 -118.30 88.78
CA THR J 318 126.26 -118.39 87.97
C THR J 318 126.64 -118.48 86.50
N THR J 319 125.63 -118.57 85.65
CA THR J 319 125.85 -118.51 84.22
C THR J 319 126.03 -117.06 83.79
N GLN J 320 126.95 -116.84 82.86
CA GLN J 320 127.27 -115.50 82.37
C GLN J 320 126.24 -115.10 81.33
N ASN J 321 125.10 -114.58 81.80
CA ASN J 321 124.00 -114.20 80.93
C ASN J 321 123.76 -112.70 81.00
N GLN J 322 123.41 -112.12 79.86
CA GLN J 322 123.29 -110.69 79.71
C GLN J 322 122.00 -110.17 80.34
N THR J 323 121.83 -108.85 80.30
CA THR J 323 120.65 -108.18 80.81
C THR J 323 119.87 -107.57 79.66
N GLY J 324 118.56 -107.73 79.68
CA GLY J 324 117.74 -107.13 78.64
C GLY J 324 117.31 -105.73 79.00
N ILE J 325 118.04 -104.74 78.50
CA ILE J 325 117.71 -103.34 78.73
C ILE J 325 117.70 -102.62 77.39
N SER J 326 116.95 -101.53 77.32
CA SER J 326 116.84 -100.73 76.11
C SER J 326 117.01 -99.26 76.47
N VAL J 327 117.83 -98.56 75.69
CA VAL J 327 118.00 -97.13 75.85
C VAL J 327 116.81 -96.45 75.18
N ASN J 328 115.98 -95.77 75.96
CA ASN J 328 114.80 -95.14 75.40
C ASN J 328 115.17 -93.96 74.54
N THR J 329 114.31 -93.66 73.57
CA THR J 329 114.58 -92.61 72.60
C THR J 329 114.50 -91.24 73.27
N ALA J 330 115.35 -90.32 72.82
CA ALA J 330 115.36 -88.95 73.34
C ALA J 330 116.09 -88.08 72.33
N ASN J 331 115.95 -86.76 72.52
CA ASN J 331 116.51 -85.79 71.59
C ASN J 331 117.31 -84.73 72.34
N ALA J 332 118.48 -84.43 71.82
CA ALA J 332 119.31 -83.38 72.41
C ALA J 332 118.65 -82.02 72.24
N ASN J 333 118.65 -81.23 73.31
CA ASN J 333 118.02 -79.92 73.30
C ASN J 333 118.96 -78.95 72.60
N LEU J 334 118.64 -78.62 71.35
CA LEU J 334 119.50 -77.83 70.50
C LEU J 334 118.76 -76.60 70.00
N SER J 335 119.48 -75.47 69.94
CA SER J 335 118.91 -74.23 69.43
C SER J 335 120.02 -73.45 68.74
N ILE J 336 119.72 -72.93 67.55
CA ILE J 336 120.71 -72.17 66.78
C ILE J 336 120.58 -70.69 67.11
N ASN J 337 121.69 -69.98 67.03
CA ASN J 337 121.72 -68.54 67.24
C ASN J 337 121.85 -67.82 65.90
N THR J 338 121.36 -66.58 65.87
CA THR J 338 121.31 -65.84 64.62
C THR J 338 122.71 -65.46 64.15
N SER J 339 122.83 -65.22 62.85
CA SER J 339 124.05 -64.70 62.27
C SER J 339 123.70 -63.89 61.04
N SER J 340 124.62 -63.00 60.67
CA SER J 340 124.46 -62.16 59.49
C SER J 340 125.19 -62.82 58.32
N THR J 341 124.49 -62.95 57.19
CA THR J 341 125.06 -63.66 56.05
C THR J 341 126.26 -62.96 55.45
N GLY J 342 126.47 -61.68 55.76
CA GLY J 342 127.53 -60.95 55.10
C GLY J 342 127.35 -60.82 53.61
N ILE J 343 126.09 -60.76 53.16
CA ILE J 343 125.82 -60.65 51.74
C ILE J 343 126.38 -59.34 51.21
N SER J 344 126.78 -59.34 49.95
CA SER J 344 127.36 -58.15 49.33
C SER J 344 126.80 -57.96 47.94
N ILE J 345 126.77 -56.71 47.50
CA ILE J 345 126.21 -56.33 46.21
C ILE J 345 127.33 -55.72 45.38
N GLN J 346 127.52 -56.26 44.17
CA GLN J 346 128.53 -55.71 43.28
C GLN J 346 128.05 -54.39 42.70
N SER J 347 128.85 -53.83 41.80
CA SER J 347 128.55 -52.58 41.15
C SER J 347 127.99 -52.86 39.76
N ALA J 348 126.83 -52.31 39.46
CA ALA J 348 126.20 -52.45 38.16
C ALA J 348 126.01 -51.08 37.52
N SER J 349 125.47 -51.09 36.32
CA SER J 349 125.21 -49.88 35.57
C SER J 349 123.78 -49.91 35.05
N THR J 350 123.17 -48.73 34.96
CA THR J 350 121.81 -48.65 34.43
C THR J 350 121.74 -49.06 32.97
N GLY J 351 122.87 -49.06 32.27
CA GLY J 351 122.89 -49.42 30.87
C GLY J 351 122.47 -48.31 29.92
N LEU J 352 122.09 -47.15 30.45
CA LEU J 352 121.68 -46.04 29.60
C LEU J 352 122.82 -45.62 28.69
N THR J 353 122.52 -45.48 27.40
CA THR J 353 123.51 -45.13 26.41
C THR J 353 123.23 -43.81 25.72
N VAL J 354 121.99 -43.35 25.70
CA VAL J 354 121.64 -42.11 25.01
C VAL J 354 120.30 -41.63 25.56
N THR J 355 120.16 -40.32 25.65
CA THR J 355 118.90 -39.69 26.00
C THR J 355 118.01 -39.57 24.77
N SER J 356 116.74 -39.29 25.01
CA SER J 356 115.82 -39.10 23.91
C SER J 356 116.05 -37.72 23.28
N ASN J 357 115.61 -37.58 22.03
CA ASN J 357 115.76 -36.31 21.33
C ASN J 357 114.90 -35.23 21.95
N ALA J 358 115.29 -33.98 21.70
CA ALA J 358 114.51 -32.82 22.16
C ALA J 358 114.79 -31.68 21.19
N GLY J 359 113.86 -31.49 20.24
CA GLY J 359 113.98 -30.41 19.29
C GLY J 359 113.19 -30.65 18.02
N ASN J 360 112.53 -29.61 17.52
CA ASN J 360 111.71 -29.71 16.32
C ASN J 360 112.43 -29.22 15.06
N GLY J 361 113.23 -28.16 15.18
CA GLY J 361 113.90 -27.63 14.00
C GLY J 361 112.95 -27.07 12.97
N GLN J 362 111.94 -26.33 13.39
CA GLN J 362 110.98 -25.77 12.46
C GLN J 362 111.55 -24.51 11.81
N ALA J 363 110.86 -24.06 10.77
CA ALA J 363 111.27 -22.84 10.07
C ALA J 363 111.21 -21.64 11.01
N PHE J 364 112.19 -20.77 10.89
CA PHE J 364 112.36 -19.64 11.79
C PHE J 364 112.41 -18.36 10.98
N GLN J 365 111.63 -17.36 11.38
CA GLN J 365 111.44 -16.14 10.63
C GLN J 365 112.41 -15.06 11.11
N HIS J 366 113.14 -14.46 10.19
CA HIS J 366 114.08 -13.39 10.50
C HIS J 366 114.12 -12.38 9.37
N ASP J 367 114.17 -11.09 9.72
CA ASP J 367 114.23 -10.01 8.75
C ASP J 367 115.25 -8.99 9.19
N GLN J 368 116.01 -8.49 8.23
CA GLN J 368 117.05 -7.49 8.48
C GLN J 368 116.44 -6.10 8.53
N PRO J 369 117.11 -5.15 9.17
CA PRO J 369 116.60 -3.77 9.19
C PRO J 369 116.45 -3.23 7.78
N TYR J 370 115.22 -2.93 7.39
CA TYR J 370 114.91 -2.56 6.03
C TYR J 370 114.07 -1.29 6.00
N LEU J 371 114.12 -0.63 4.84
CA LEU J 371 113.21 0.45 4.49
C LEU J 371 112.66 0.19 3.10
N VAL J 372 111.39 0.47 2.91
CA VAL J 372 110.71 0.13 1.67
C VAL J 372 110.78 1.30 0.69
N PHE J 373 111.18 1.02 -0.53
CA PHE J 373 111.27 2.00 -1.61
C PHE J 373 110.45 1.53 -2.81
N ARG J 374 110.44 2.37 -3.84
CA ARG J 374 109.85 2.04 -5.13
C ARG J 374 110.91 2.11 -6.20
N VAL J 375 110.77 1.28 -7.22
CA VAL J 375 111.70 1.28 -8.35
C VAL J 375 110.93 1.50 -9.63
N PHE J 376 111.40 2.45 -10.44
CA PHE J 376 110.81 2.78 -11.73
C PHE J 376 111.82 2.56 -12.83
N VAL J 377 111.42 1.85 -13.86
CA VAL J 377 112.27 1.62 -15.03
C VAL J 377 112.12 2.79 -15.98
N LYS J 378 113.24 3.32 -16.47
CA LYS J 378 113.20 4.42 -17.40
C LYS J 378 112.70 3.94 -18.77
N VAL J 379 111.78 4.70 -19.35
CA VAL J 379 111.34 4.45 -20.71
C VAL J 379 111.15 5.76 -21.45
N VAL K 2 71.08 39.53 -62.88
CA VAL K 2 71.69 39.16 -64.15
C VAL K 2 72.57 40.29 -64.66
N ARG K 3 73.19 40.10 -65.82
CA ARG K 3 74.17 41.04 -66.34
C ARG K 3 73.57 42.09 -67.26
N LYS K 4 72.29 42.00 -67.56
CA LYS K 4 71.61 42.84 -68.56
C LYS K 4 72.51 43.07 -69.78
N VAL K 5 72.91 41.96 -70.40
CA VAL K 5 73.80 41.96 -71.55
C VAL K 5 73.25 42.90 -72.63
N PHE K 6 74.06 43.88 -73.01
CA PHE K 6 73.67 44.82 -74.04
C PHE K 6 73.76 44.18 -75.42
N ASN K 7 72.95 44.69 -76.34
CA ASN K 7 72.99 44.27 -77.73
C ASN K 7 72.79 45.49 -78.61
N ASP K 8 73.23 45.37 -79.86
CA ASP K 8 73.22 46.51 -80.77
C ASP K 8 71.80 47.02 -80.96
N GLY K 9 71.67 48.34 -81.03
CA GLY K 9 70.38 48.99 -81.10
C GLY K 9 69.76 49.32 -79.77
N ASP K 10 70.34 48.85 -78.67
CA ASP K 10 69.84 49.16 -77.34
C ASP K 10 70.51 50.43 -76.82
N ILE K 11 69.79 51.16 -75.97
CA ILE K 11 70.27 52.44 -75.47
C ILE K 11 71.16 52.20 -74.26
N LEU K 12 72.05 53.16 -74.00
CA LEU K 12 73.03 53.07 -72.93
C LEU K 12 72.74 54.14 -71.88
N TYR K 13 72.63 53.70 -70.63
CA TYR K 13 72.29 54.60 -69.53
C TYR K 13 73.53 55.18 -68.89
N ALA K 14 73.37 56.36 -68.28
CA ALA K 14 74.46 56.95 -67.51
C ALA K 14 74.80 56.08 -66.29
N GLU K 15 73.77 55.58 -65.60
CA GLU K 15 74.01 54.72 -64.45
C GLU K 15 74.77 53.47 -64.85
N ASP K 16 74.52 52.94 -66.06
CA ASP K 16 75.29 51.81 -66.54
C ASP K 16 76.77 52.15 -66.66
N VAL K 17 77.08 53.33 -67.19
CA VAL K 17 78.46 53.75 -67.32
C VAL K 17 79.11 53.89 -65.95
N ASN K 18 78.39 54.48 -65.00
CA ASN K 18 78.93 54.62 -63.65
C ASN K 18 79.17 53.26 -63.00
N ILE K 19 78.24 52.32 -63.18
CA ILE K 19 78.41 50.97 -62.64
C ILE K 19 79.61 50.29 -63.27
N ILE K 20 79.77 50.42 -64.57
CA ILE K 20 80.91 49.83 -65.25
C ILE K 20 82.21 50.45 -64.75
N GLY K 21 82.17 51.75 -64.46
CA GLY K 21 83.35 52.44 -63.96
C GLY K 21 83.78 52.00 -62.56
N GLN K 22 82.98 51.19 -61.89
CA GLN K 22 83.32 50.65 -60.59
C GLN K 22 83.54 49.14 -60.72
N PRO K 23 84.67 48.69 -61.25
CA PRO K 23 84.87 47.25 -61.42
C PRO K 23 84.88 46.51 -60.10
N PHE K 24 84.30 45.31 -60.12
CA PHE K 24 84.31 44.40 -58.98
C PHE K 24 84.89 43.07 -59.43
N VAL K 25 85.58 42.40 -58.52
CA VAL K 25 86.20 41.13 -58.84
C VAL K 25 85.73 40.08 -57.85
N ASP K 26 84.51 40.22 -57.35
CA ASP K 26 83.98 39.36 -56.31
C ASP K 26 83.26 38.13 -56.86
N GLY K 27 83.24 37.95 -58.18
CA GLY K 27 82.63 36.77 -58.75
C GLY K 27 81.12 36.79 -58.85
N GLN K 28 80.50 37.93 -58.55
CA GLN K 28 79.05 38.02 -58.61
C GLN K 28 78.56 38.17 -60.05
N ASP K 29 77.32 37.80 -60.28
CA ASP K 29 76.72 37.86 -61.61
C ASP K 29 75.98 39.18 -61.83
N LEU K 30 76.73 40.28 -61.73
CA LEU K 30 76.18 41.61 -61.94
C LEU K 30 76.93 42.28 -63.09
N LEU K 31 76.37 43.39 -63.55
CA LEU K 31 76.88 44.03 -64.77
C LEU K 31 78.32 44.50 -64.58
N GLY K 32 78.62 45.13 -63.46
CA GLY K 32 79.94 45.69 -63.26
C GLY K 32 80.93 44.76 -62.58
N HIS K 33 80.60 43.49 -62.41
CA HIS K 33 81.42 42.56 -61.64
C HIS K 33 82.20 41.65 -62.57
N GLY K 34 83.26 41.05 -62.01
CA GLY K 34 84.11 40.15 -62.76
C GLY K 34 84.40 38.91 -61.96
N LEU K 35 85.23 38.05 -62.55
CA LEU K 35 85.59 36.79 -61.91
C LEU K 35 86.50 37.04 -60.70
N LYS K 36 86.50 36.08 -59.79
CA LYS K 36 87.30 36.19 -58.58
C LYS K 36 88.78 36.11 -58.91
N VAL K 37 89.59 36.66 -58.01
CA VAL K 37 91.03 36.72 -58.22
C VAL K 37 91.65 35.39 -57.86
N ASP K 38 92.30 34.76 -58.83
CA ASP K 38 92.98 33.48 -58.63
C ASP K 38 94.49 33.71 -58.57
N ASP K 39 95.23 32.61 -58.47
CA ASP K 39 96.69 32.71 -58.38
C ASP K 39 97.28 33.33 -59.64
N ASN K 40 96.74 32.99 -60.81
CA ASN K 40 97.29 33.51 -62.05
C ASN K 40 97.05 35.01 -62.18
N SER K 41 96.06 35.55 -61.48
CA SER K 41 95.81 36.99 -61.48
C SER K 41 96.48 37.71 -60.33
N LEU K 42 97.26 36.99 -59.52
CA LEU K 42 98.03 37.63 -58.46
C LEU K 42 99.41 37.74 -59.04
N SER K 43 100.04 38.91 -58.90
CA SER K 43 101.34 39.08 -59.55
C SER K 43 102.45 38.25 -58.97
N ASP K 44 103.33 37.79 -59.85
CA ASP K 44 104.44 36.97 -59.41
C ASP K 44 105.64 37.87 -59.15
N GLU K 45 105.43 38.92 -58.38
CA GLU K 45 106.52 39.83 -58.09
C GLU K 45 107.29 39.39 -56.82
N PRO K 46 108.66 39.49 -56.78
CA PRO K 46 109.34 38.97 -55.59
C PRO K 46 108.83 39.58 -54.29
N GLN K 47 108.47 40.85 -54.30
CA GLN K 47 108.02 41.55 -53.10
C GLN K 47 106.52 41.40 -52.86
N ASN K 48 105.91 40.34 -53.39
CA ASN K 48 104.47 40.17 -53.31
C ASN K 48 104.14 38.92 -52.49
N ILE K 49 102.91 38.91 -51.98
CA ILE K 49 102.50 37.89 -51.02
C ILE K 49 102.53 36.50 -51.65
N LYS K 50 102.20 36.41 -52.95
CA LYS K 50 102.14 35.10 -53.58
C LYS K 50 103.51 34.43 -53.61
N THR K 51 104.53 35.15 -54.08
CA THR K 51 105.84 34.54 -54.23
C THR K 51 106.42 34.14 -52.88
N ARG K 52 106.30 35.01 -51.87
CA ARG K 52 106.82 34.70 -50.55
C ARG K 52 106.08 33.53 -49.91
N PHE K 53 104.75 33.57 -49.98
CA PHE K 53 103.97 32.51 -49.36
C PHE K 53 104.24 31.17 -50.01
N TYR K 54 104.39 31.15 -51.33
CA TYR K 54 104.66 29.87 -52.00
C TYR K 54 106.11 29.44 -51.84
N ALA K 55 107.03 30.37 -51.64
CA ALA K 55 108.39 30.00 -51.30
C ALA K 55 108.43 29.28 -49.96
N TRP K 56 107.69 29.79 -48.98
CA TRP K 56 107.62 29.07 -47.71
C TRP K 56 106.80 27.79 -47.83
N TYR K 57 105.77 27.80 -48.67
CA TYR K 57 104.83 26.70 -48.77
C TYR K 57 105.38 25.53 -49.57
N ASN K 58 106.22 25.80 -50.57
CA ASN K 58 106.79 24.75 -51.41
C ASN K 58 108.17 24.31 -50.95
N ARG K 59 108.65 24.81 -49.82
CA ARG K 59 109.98 24.48 -49.34
C ARG K 59 110.02 23.02 -48.91
N PHE K 60 110.94 22.25 -49.49
CA PHE K 60 111.14 20.84 -49.16
C PHE K 60 109.89 20.00 -49.40
N ARG K 61 109.06 20.41 -50.36
CA ARG K 61 107.90 19.61 -50.72
C ARG K 61 108.36 18.33 -51.39
N VAL K 62 107.80 17.21 -50.96
CA VAL K 62 108.19 15.89 -51.47
C VAL K 62 107.08 15.41 -52.40
N THR K 63 107.41 15.26 -53.68
CA THR K 63 106.45 14.81 -54.68
C THR K 63 107.03 13.63 -55.44
N VAL K 64 106.14 12.77 -55.92
CA VAL K 64 106.56 11.62 -56.70
C VAL K 64 107.09 12.10 -58.05
N GLN K 65 108.29 11.66 -58.41
CA GLN K 65 108.82 11.95 -59.74
C GLN K 65 108.45 10.85 -60.72
N SER K 66 108.90 9.62 -60.46
CA SER K 66 108.56 8.48 -61.30
C SER K 66 109.00 7.20 -60.61
N GLY K 67 108.14 6.19 -60.67
CA GLY K 67 108.46 4.92 -60.02
C GLY K 67 108.60 5.13 -58.52
N LEU K 68 109.68 4.60 -57.97
CA LEU K 68 110.00 4.81 -56.56
C LEU K 68 110.82 6.06 -56.33
N THR K 69 111.11 6.83 -57.37
CA THR K 69 111.93 8.02 -57.27
C THR K 69 111.06 9.23 -57.00
N LEU K 70 111.34 9.93 -55.91
CA LEU K 70 110.59 11.09 -55.46
C LEU K 70 111.51 12.31 -55.52
N SER K 71 110.89 13.46 -55.80
CA SER K 71 111.62 14.72 -55.97
C SER K 71 111.32 15.65 -54.80
N VAL K 72 112.37 16.18 -54.21
CA VAL K 72 112.27 17.15 -53.12
C VAL K 72 112.76 18.49 -53.64
N THR K 73 112.00 19.55 -53.37
CA THR K 73 112.33 20.88 -53.84
C THR K 73 113.48 21.46 -53.02
N GLN K 74 113.93 22.65 -53.41
CA GLN K 74 115.02 23.30 -52.73
C GLN K 74 114.61 23.68 -51.31
N GLY K 75 115.59 24.11 -50.53
CA GLY K 75 115.28 24.64 -49.21
C GLY K 75 116.48 24.85 -48.33
N SER K 76 116.38 25.74 -47.36
CA SER K 76 117.48 26.04 -46.46
C SER K 76 117.14 25.58 -45.05
N ILE K 77 118.10 24.92 -44.40
CA ILE K 77 117.94 24.45 -43.04
C ILE K 77 119.00 25.14 -42.17
N SER K 78 118.68 25.23 -40.88
CA SER K 78 119.59 25.80 -39.89
C SER K 78 120.09 24.69 -38.99
N VAL K 79 121.40 24.55 -38.90
CA VAL K 79 122.05 23.56 -38.06
C VAL K 79 122.96 24.33 -37.12
N SER K 80 122.53 24.46 -35.86
CA SER K 80 123.30 25.18 -34.84
C SER K 80 123.62 26.60 -35.28
N GLY K 81 122.70 27.19 -36.04
CA GLY K 81 122.87 28.55 -36.53
C GLY K 81 123.56 28.67 -37.88
N ASN K 82 124.03 27.57 -38.45
CA ASN K 82 124.68 27.58 -39.75
C ASN K 82 123.68 27.17 -40.82
N ILE K 83 123.59 27.96 -41.88
CA ILE K 83 122.58 27.76 -42.91
C ILE K 83 123.14 26.86 -44.00
N ILE K 84 122.38 25.82 -44.36
CA ILE K 84 122.72 24.92 -45.45
C ILE K 84 121.58 24.94 -46.45
N SER K 85 121.89 25.24 -47.71
CA SER K 85 120.89 25.30 -48.76
C SER K 85 121.00 24.06 -49.64
N PHE K 86 119.86 23.46 -49.96
CA PHE K 86 119.78 22.24 -50.74
C PHE K 86 119.04 22.50 -52.04
N PRO K 87 119.56 22.05 -53.16
CA PRO K 87 118.87 22.22 -54.43
C PRO K 87 117.79 21.16 -54.58
N PRO K 88 117.02 21.17 -55.66
CA PRO K 88 116.13 20.04 -55.94
C PRO K 88 116.92 18.75 -56.02
N GLN K 89 116.37 17.70 -55.44
CA GLN K 89 117.06 16.42 -55.40
C GLN K 89 116.05 15.29 -55.55
N THR K 90 116.56 14.08 -55.76
CA THR K 90 115.74 12.90 -55.93
C THR K 90 116.21 11.83 -54.96
N ILE K 91 115.27 10.99 -54.52
CA ILE K 91 115.61 9.87 -53.65
C ILE K 91 114.57 8.79 -53.87
N ASN K 92 115.00 7.53 -53.74
CA ASN K 92 114.09 6.41 -53.95
C ASN K 92 113.43 6.00 -52.64
N ALA K 93 112.22 5.49 -52.75
CA ALA K 93 111.50 4.95 -51.60
C ALA K 93 111.88 3.48 -51.42
N ILE K 94 111.18 2.79 -50.53
CA ILE K 94 111.40 1.37 -50.27
C ILE K 94 110.13 0.63 -50.66
N ASP K 95 110.28 -0.34 -51.56
CA ASP K 95 109.12 -0.99 -52.14
C ASP K 95 108.37 -1.81 -51.10
N ASN K 96 107.04 -1.86 -51.24
CA ASN K 96 106.16 -2.64 -50.37
C ASN K 96 106.32 -2.27 -48.90
N ALA K 97 106.49 -0.98 -48.62
CA ALA K 97 106.69 -0.55 -47.25
C ALA K 97 106.22 0.90 -47.10
N ASN K 98 106.03 1.30 -45.85
CA ASN K 98 105.78 2.70 -45.52
C ASN K 98 107.08 3.32 -45.05
N SER K 99 107.73 4.05 -45.95
CA SER K 99 108.98 4.72 -45.65
C SER K 99 108.72 6.15 -45.20
N PHE K 100 109.72 6.75 -44.56
CA PHE K 100 109.66 8.12 -44.10
C PHE K 100 110.82 8.88 -44.72
N VAL K 101 110.50 9.98 -45.39
CA VAL K 101 111.50 10.86 -46.00
C VAL K 101 111.71 12.03 -45.06
N TRP K 102 112.95 12.23 -44.62
CA TRP K 102 113.26 13.28 -43.66
C TRP K 102 114.64 13.83 -43.97
N ILE K 103 115.07 14.78 -43.15
CA ILE K 103 116.40 15.39 -43.26
C ILE K 103 117.07 15.29 -41.90
N GLY K 104 118.30 14.80 -41.88
CA GLY K 104 119.03 14.72 -40.63
C GLY K 104 120.26 13.84 -40.77
N LYS K 105 120.81 13.46 -39.62
CA LYS K 105 121.99 12.62 -39.54
C LYS K 105 121.66 11.35 -38.78
N THR K 106 122.17 10.23 -39.27
CA THR K 106 121.96 8.94 -38.62
C THR K 106 123.10 8.63 -37.66
N ASP K 107 122.88 7.62 -36.82
CA ASP K 107 123.95 7.18 -35.93
C ASP K 107 125.14 6.64 -36.69
N ALA K 108 124.88 5.84 -37.74
CA ALA K 108 125.96 5.33 -38.58
C ALA K 108 126.65 6.45 -39.35
N ASP K 109 125.86 7.38 -39.90
CA ASP K 109 126.39 8.47 -40.72
C ASP K 109 126.11 9.81 -40.07
N PRO K 110 127.11 10.47 -39.47
CA PRO K 110 126.83 11.76 -38.81
C PRO K 110 126.56 12.90 -39.78
N ALA K 111 126.71 12.69 -41.07
CA ALA K 111 126.44 13.74 -42.04
C ALA K 111 124.94 14.01 -42.13
N ILE K 112 124.59 15.28 -42.30
CA ILE K 112 123.19 15.71 -42.37
C ILE K 112 122.78 15.74 -43.83
N ALA K 113 121.78 14.94 -44.18
CA ALA K 113 121.34 14.84 -45.56
C ALA K 113 119.89 14.36 -45.60
N LEU K 114 119.37 14.21 -46.80
CA LEU K 114 118.01 13.73 -47.02
C LEU K 114 118.02 12.21 -47.00
N ARG K 115 117.21 11.63 -46.11
CA ARG K 115 117.26 10.20 -45.86
C ARG K 115 115.87 9.60 -45.90
N VAL K 116 115.76 8.44 -46.54
CA VAL K 116 114.55 7.63 -46.55
C VAL K 116 114.79 6.45 -45.62
N SER K 117 113.99 6.34 -44.57
CA SER K 117 114.16 5.30 -43.56
C SER K 117 112.84 4.58 -43.34
N GLN K 118 112.85 3.64 -42.40
CA GLN K 118 111.64 2.90 -42.05
C GLN K 118 110.89 3.53 -40.89
N THR K 119 111.59 4.21 -39.99
CA THR K 119 110.97 4.86 -38.85
C THR K 119 111.64 6.20 -38.61
N LEU K 120 110.84 7.23 -38.40
CA LEU K 120 111.37 8.56 -38.17
C LEU K 120 112.22 8.58 -36.91
N PRO K 121 113.45 9.09 -36.97
CA PRO K 121 114.24 9.25 -35.75
C PRO K 121 113.63 10.33 -34.86
N ASN K 122 113.98 10.27 -33.58
CA ASN K 122 113.40 11.20 -32.61
C ASN K 122 113.74 12.65 -32.95
N VAL K 123 114.98 12.91 -33.35
CA VAL K 123 115.42 14.23 -33.75
C VAL K 123 115.68 14.20 -35.25
N CYS K 124 114.94 15.01 -35.99
CA CYS K 124 115.04 15.09 -37.45
C CYS K 124 114.12 16.21 -37.92
N ILE K 125 114.11 16.44 -39.22
CA ILE K 125 113.11 17.31 -39.84
C ILE K 125 112.24 16.43 -40.73
N PRO K 126 111.08 15.99 -40.26
CA PRO K 126 110.25 15.11 -41.08
C PRO K 126 109.70 15.85 -42.29
N LEU K 127 109.77 15.19 -43.44
CA LEU K 127 109.28 15.77 -44.69
C LEU K 127 108.02 15.08 -45.20
N ALA K 128 108.03 13.76 -45.29
CA ALA K 128 106.89 13.07 -45.86
C ALA K 128 106.88 11.62 -45.40
N ARG K 129 105.72 11.00 -45.57
CA ARG K 129 105.56 9.56 -45.41
C ARG K 129 105.07 8.98 -46.73
N VAL K 130 105.77 7.97 -47.24
CA VAL K 130 105.51 7.42 -48.56
C VAL K 130 105.10 5.96 -48.40
N ILE K 131 104.02 5.58 -49.06
CA ILE K 131 103.58 4.19 -49.09
C ILE K 131 103.88 3.64 -50.47
N ALA K 132 104.79 2.67 -50.55
CA ALA K 132 105.26 2.17 -51.83
C ALA K 132 104.91 0.69 -51.96
N ALA K 133 104.27 0.34 -53.08
CA ALA K 133 103.93 -1.05 -53.38
C ALA K 133 104.21 -1.33 -54.84
N SER K 134 104.74 -2.52 -55.12
CA SER K 134 105.01 -2.97 -56.48
C SER K 134 105.90 -1.98 -57.23
N GLY K 135 106.89 -1.42 -56.54
CA GLY K 135 107.75 -0.42 -57.13
C GLY K 135 107.04 0.85 -57.52
N SER K 136 105.86 1.09 -56.98
CA SER K 136 105.07 2.27 -57.29
C SER K 136 104.61 2.93 -55.99
N VAL K 137 104.47 4.25 -56.04
CA VAL K 137 104.11 5.04 -54.87
C VAL K 137 102.61 5.29 -54.92
N THR K 138 101.88 4.67 -54.00
CA THR K 138 100.45 4.91 -53.90
C THR K 138 100.16 6.30 -53.31
N SER K 139 100.84 6.65 -52.22
CA SER K 139 100.52 7.88 -51.53
C SER K 139 101.76 8.50 -50.91
N VAL K 140 101.81 9.83 -50.94
CA VAL K 140 102.83 10.63 -50.27
C VAL K 140 102.10 11.65 -49.41
N THR K 141 102.31 11.58 -48.10
CA THR K 141 101.67 12.48 -47.15
C THR K 141 102.71 13.47 -46.63
N ASP K 142 102.38 14.75 -46.68
CA ASP K 142 103.31 15.79 -46.27
C ASP K 142 103.37 15.87 -44.76
N LEU K 143 104.56 15.71 -44.19
CA LEU K 143 104.77 15.78 -42.75
C LEU K 143 105.36 17.12 -42.33
N ARG K 144 105.43 18.10 -43.23
CA ARG K 144 105.99 19.39 -42.89
C ARG K 144 105.03 20.16 -41.99
N ASP K 145 105.49 21.33 -41.53
CA ASP K 145 104.66 22.18 -40.68
C ASP K 145 103.45 22.71 -41.44
N VAL K 146 103.58 22.94 -42.74
CA VAL K 146 102.51 23.55 -43.51
C VAL K 146 101.29 22.66 -43.61
N SER K 147 101.43 21.37 -43.32
CA SER K 147 100.32 20.44 -43.47
C SER K 147 99.92 19.75 -42.18
N VAL K 148 100.87 19.52 -41.27
CA VAL K 148 100.60 18.74 -40.08
C VAL K 148 101.16 19.49 -38.88
N ASP K 149 100.67 19.11 -37.70
CA ASP K 149 101.20 19.60 -36.43
C ASP K 149 101.80 18.41 -35.69
N ILE K 150 103.12 18.43 -35.52
CA ILE K 150 103.82 17.28 -34.95
C ILE K 150 103.62 17.26 -33.44
N LEU K 151 103.16 16.14 -32.92
CA LEU K 151 103.00 15.94 -31.49
C LEU K 151 104.22 15.24 -30.94
N PRO K 152 104.94 15.83 -29.99
CA PRO K 152 106.14 15.19 -29.45
C PRO K 152 105.79 13.88 -28.75
N PRO K 153 106.50 12.79 -29.05
CA PRO K 153 106.28 11.56 -28.28
C PRO K 153 106.60 11.73 -26.81
N SER K 154 107.63 12.52 -26.49
CA SER K 154 108.01 12.79 -25.13
C SER K 154 108.94 13.99 -25.11
N ILE K 155 109.16 14.53 -23.91
CA ILE K 155 110.11 15.61 -23.72
C ILE K 155 111.30 15.06 -22.95
N PRO K 156 112.50 15.62 -23.12
CA PRO K 156 113.63 15.23 -22.26
C PRO K 156 113.39 15.72 -20.84
N ASP K 157 113.44 14.81 -19.88
CA ASP K 157 113.12 15.12 -18.49
C ASP K 157 114.31 14.83 -17.59
N ALA K 158 114.40 15.58 -16.50
CA ALA K 158 115.44 15.39 -15.50
C ALA K 158 115.04 14.28 -14.54
N VAL K 159 115.81 14.10 -13.48
CA VAL K 159 115.43 13.15 -12.44
C VAL K 159 114.18 13.65 -11.73
N PRO K 160 113.13 12.84 -11.60
CA PRO K 160 111.89 13.33 -11.02
C PRO K 160 112.07 13.76 -9.57
N VAL K 161 111.28 14.76 -9.18
CA VAL K 161 111.28 15.19 -7.79
C VAL K 161 110.83 14.05 -6.90
N GLY K 162 111.45 13.93 -5.73
CA GLY K 162 111.13 12.88 -4.79
C GLY K 162 111.84 11.57 -5.04
N SER K 163 112.47 11.39 -6.20
CA SER K 163 113.26 10.20 -6.45
C SER K 163 114.51 10.23 -5.59
N THR K 164 115.04 9.04 -5.30
CA THR K 164 116.23 8.89 -4.48
C THR K 164 117.35 8.31 -5.32
N ILE K 165 118.48 9.00 -5.33
CA ILE K 165 119.69 8.53 -6.01
C ILE K 165 120.72 8.20 -4.95
N ILE K 166 121.43 7.10 -5.17
CA ILE K 166 122.46 6.66 -4.25
C ILE K 166 123.82 7.07 -4.80
N SER K 167 124.66 7.61 -3.92
CA SER K 167 125.96 8.14 -4.28
C SER K 167 127.03 7.58 -3.38
N LEU K 168 128.24 7.47 -3.91
CA LEU K 168 129.39 7.00 -3.17
C LEU K 168 130.28 8.12 -2.67
N ILE K 169 129.86 9.37 -2.84
CA ILE K 169 130.78 10.49 -2.62
C ILE K 169 131.19 10.52 -1.16
N PRO K 170 132.46 10.81 -0.85
CA PRO K 170 132.89 10.88 0.54
C PRO K 170 132.26 12.08 1.23
N PRO K 171 132.24 12.09 2.56
CA PRO K 171 131.65 13.24 3.27
C PRO K 171 132.34 14.56 2.94
N THR K 172 133.62 14.53 2.56
CA THR K 172 134.30 15.76 2.19
C THR K 172 133.72 16.35 0.91
N ALA K 173 133.28 15.51 -0.02
CA ALA K 173 132.73 16.01 -1.27
C ALA K 173 131.44 16.80 -1.00
N PRO K 174 131.21 17.90 -1.70
CA PRO K 174 130.06 18.74 -1.38
C PRO K 174 128.75 18.10 -1.79
N ILE K 175 127.69 18.49 -1.09
CA ILE K 175 126.35 17.97 -1.40
C ILE K 175 125.92 18.48 -2.78
N PRO K 176 125.46 17.62 -3.67
CA PRO K 176 124.99 18.09 -4.97
C PRO K 176 123.82 19.06 -4.84
N ALA K 177 123.80 20.05 -5.71
CA ALA K 177 122.71 21.03 -5.70
C ALA K 177 121.42 20.39 -6.19
N GLY K 178 120.29 20.90 -5.69
CA GLY K 178 119.00 20.37 -6.06
C GLY K 178 118.62 19.08 -5.39
N TYR K 179 119.37 18.65 -4.38
CA TYR K 179 119.10 17.41 -3.67
C TYR K 179 119.13 17.67 -2.16
N LEU K 180 118.45 16.80 -1.44
CA LEU K 180 118.46 16.82 0.02
C LEU K 180 118.98 15.49 0.54
N GLU K 181 119.81 15.54 1.57
CA GLU K 181 120.39 14.33 2.13
C GLU K 181 119.44 13.69 3.14
N LEU K 182 119.20 12.40 3.00
CA LEU K 182 118.53 11.63 4.03
C LEU K 182 119.50 11.33 5.17
N LEU K 183 119.01 11.42 6.39
CA LEU K 183 119.85 11.31 7.57
C LEU K 183 119.43 10.09 8.40
N ASN K 184 120.00 9.98 9.59
CA ASN K 184 119.68 8.86 10.46
C ASN K 184 118.29 8.99 11.07
N SER K 185 117.78 10.22 11.16
CA SER K 185 116.48 10.48 11.75
C SER K 185 115.68 11.41 10.82
N SER K 186 114.39 11.51 11.09
CA SER K 186 113.53 12.38 10.31
C SER K 186 113.93 13.85 10.52
N GLN K 187 113.83 14.63 9.45
CA GLN K 187 114.08 16.06 9.49
C GLN K 187 112.75 16.80 9.38
N ASN K 188 112.77 18.08 9.76
CA ASN K 188 111.64 18.97 9.57
C ASN K 188 112.07 20.05 8.59
N VAL K 189 111.65 19.90 7.33
CA VAL K 189 112.09 20.81 6.28
C VAL K 189 110.95 21.76 5.94
N SER K 190 111.32 22.99 5.60
CA SER K 190 110.33 24.03 5.32
C SER K 190 109.50 23.68 4.09
N ARG K 191 108.19 23.86 4.20
CA ARG K 191 107.30 23.57 3.09
C ARG K 191 107.46 24.57 1.96
N THR K 192 107.77 25.84 2.29
CA THR K 192 107.96 26.84 1.25
C THR K 192 109.24 26.61 0.47
N THR K 193 110.34 26.30 1.16
CA THR K 193 111.62 26.09 0.49
C THR K 193 111.57 24.89 -0.45
N TYR K 194 110.91 23.82 -0.03
CA TYR K 194 110.85 22.59 -0.82
C TYR K 194 109.43 22.35 -1.29
N SER K 195 108.79 23.40 -1.82
CA SER K 195 107.39 23.32 -2.21
C SER K 195 107.12 22.17 -3.17
N ALA K 196 108.06 21.89 -4.07
CA ALA K 196 107.87 20.77 -4.99
C ALA K 196 107.80 19.45 -4.22
N LEU K 197 108.74 19.24 -3.31
CA LEU K 197 108.74 18.01 -2.52
C LEU K 197 107.54 17.95 -1.59
N PHE K 198 107.15 19.10 -1.02
CA PHE K 198 105.96 19.10 -0.18
C PHE K 198 104.71 18.74 -0.97
N VAL K 199 104.62 19.23 -2.21
CA VAL K 199 103.50 18.87 -3.06
C VAL K 199 103.51 17.38 -3.37
N LEU K 200 104.69 16.83 -3.69
CA LEU K 200 104.75 15.43 -4.11
C LEU K 200 104.70 14.47 -2.94
N TRP K 201 104.94 14.93 -1.71
CA TRP K 201 105.00 14.05 -0.55
C TRP K 201 103.92 14.33 0.49
N GLY K 202 103.63 15.61 0.75
CA GLY K 202 102.70 15.92 1.83
C GLY K 202 103.35 15.72 3.18
N THR K 203 102.59 15.15 4.12
CA THR K 203 103.09 14.83 5.43
C THR K 203 103.24 13.33 5.64
N TYR K 204 103.33 12.56 4.55
CA TYR K 204 103.38 11.11 4.65
C TYR K 204 104.58 10.64 5.46
N TYR K 205 105.63 11.45 5.55
CA TYR K 205 106.81 11.15 6.36
C TYR K 205 106.87 12.07 7.58
N GLY K 206 105.73 12.35 8.17
CA GLY K 206 105.66 13.23 9.32
C GLY K 206 105.12 14.60 8.96
N ASN K 207 104.45 15.22 9.93
CA ASN K 207 103.86 16.54 9.73
C ASN K 207 104.79 17.67 10.15
N GLY K 208 105.98 17.37 10.65
CA GLY K 208 106.83 18.42 11.16
C GLY K 208 106.14 19.15 12.28
N ASP K 209 106.12 20.48 12.20
CA ASP K 209 105.33 21.27 13.14
C ASP K 209 103.85 21.21 12.84
N GLY K 210 103.47 20.79 11.63
CA GLY K 210 102.08 20.73 11.23
C GLY K 210 101.56 21.97 10.54
N SER K 211 102.32 23.06 10.52
CA SER K 211 101.88 24.29 9.90
C SER K 211 102.77 24.74 8.76
N THR K 212 104.09 24.82 8.98
CA THR K 212 105.00 25.38 7.99
C THR K 212 106.09 24.42 7.52
N THR K 213 106.32 23.32 8.22
CA THR K 213 107.35 22.37 7.84
C THR K 213 106.75 20.97 7.80
N PHE K 214 107.39 20.10 7.03
CA PHE K 214 106.96 18.71 6.91
C PHE K 214 108.15 17.79 7.11
N GLY K 215 107.84 16.54 7.46
CA GLY K 215 108.87 15.60 7.83
C GLY K 215 109.51 14.90 6.64
N VAL K 216 110.79 14.58 6.82
CA VAL K 216 111.58 13.85 5.84
C VAL K 216 112.10 12.60 6.52
N PRO K 217 111.95 11.42 5.94
CA PRO K 217 112.30 10.19 6.66
C PRO K 217 113.80 10.07 6.90
N GLY K 218 114.14 9.32 7.95
CA GLY K 218 115.52 8.98 8.22
C GLY K 218 115.94 7.68 7.56
N THR K 219 117.23 7.39 7.65
CA THR K 219 117.78 6.16 7.09
C THR K 219 117.78 5.04 8.13
N GLY K 220 118.42 5.28 9.27
CA GLY K 220 118.52 4.25 10.27
C GLY K 220 119.48 3.13 9.93
N GLY K 221 120.32 3.33 8.93
CA GLY K 221 121.26 2.28 8.53
C GLY K 221 120.59 1.02 8.06
N ARG K 222 119.41 1.13 7.44
CA ARG K 222 118.63 -0.02 7.06
C ARG K 222 118.96 -0.46 5.65
N PHE K 223 118.87 -1.77 5.41
CA PHE K 223 119.08 -2.30 4.08
C PHE K 223 117.95 -1.83 3.16
N LEU K 224 118.30 -1.40 1.95
CA LEU K 224 117.29 -1.01 0.99
C LEU K 224 116.52 -2.24 0.55
N ARG K 225 115.22 -2.23 0.81
CA ARG K 225 114.34 -3.33 0.45
C ARG K 225 113.26 -2.82 -0.49
N LEU K 226 113.07 -3.51 -1.60
CA LEU K 226 111.99 -3.17 -2.50
C LEU K 226 110.65 -3.55 -1.87
N GLY K 227 109.63 -2.75 -2.17
CA GLY K 227 108.33 -3.02 -1.62
C GLY K 227 107.67 -4.22 -2.26
N GLY K 228 106.61 -4.68 -1.62
CA GLY K 228 105.83 -5.79 -2.12
C GLY K 228 105.19 -6.65 -1.05
N SER K 229 104.01 -7.19 -1.39
CA SER K 229 103.30 -8.16 -0.54
C SER K 229 103.00 -7.55 0.83
N GLY K 230 102.17 -6.53 0.82
CA GLY K 230 101.79 -5.85 2.05
C GLY K 230 102.85 -4.96 2.64
N LEU K 231 103.82 -4.54 1.83
CA LEU K 231 104.88 -3.62 2.28
C LEU K 231 104.62 -2.27 1.66
N SER K 232 103.97 -1.38 2.40
CA SER K 232 103.70 -0.04 1.91
C SER K 232 105.00 0.75 1.82
N VAL K 233 104.94 1.84 1.06
CA VAL K 233 106.15 2.59 0.75
C VAL K 233 106.60 3.34 1.99
N GLY K 234 107.88 3.22 2.31
CA GLY K 234 108.42 3.84 3.50
C GLY K 234 108.23 3.05 4.78
N ASP K 235 107.73 1.83 4.70
CA ASP K 235 107.64 0.97 5.88
C ASP K 235 109.03 0.61 6.37
N ILE K 236 109.17 0.51 7.69
CA ILE K 236 110.41 0.07 8.31
C ILE K 236 110.13 -1.20 9.10
N GLY K 237 111.18 -1.96 9.36
CA GLY K 237 111.05 -3.17 10.13
C GLY K 237 112.34 -3.95 10.12
N GLY K 238 112.31 -5.10 10.79
CA GLY K 238 113.48 -5.95 10.87
C GLY K 238 114.51 -5.44 11.85
N SER K 239 115.20 -6.35 12.53
CA SER K 239 116.21 -5.98 13.50
C SER K 239 117.50 -6.73 13.20
N ASN K 240 118.62 -6.10 13.55
CA ASN K 240 119.92 -6.73 13.33
C ASN K 240 120.12 -7.93 14.24
N GLN K 241 119.47 -7.94 15.40
CA GLN K 241 119.59 -9.06 16.32
C GLN K 241 118.72 -10.24 15.84
N ILE K 242 119.02 -11.41 16.38
CA ILE K 242 118.29 -12.62 16.05
C ILE K 242 118.29 -13.53 17.28
N THR K 243 117.12 -14.05 17.61
CA THR K 243 116.92 -14.89 18.79
C THR K 243 116.35 -16.22 18.33
N ILE K 244 117.07 -17.31 18.62
CA ILE K 244 116.57 -18.64 18.29
C ILE K 244 115.42 -18.96 19.23
N PRO K 245 114.23 -19.23 18.71
CA PRO K 245 113.11 -19.61 19.58
C PRO K 245 113.03 -21.11 19.76
N THR K 246 112.33 -21.51 20.81
CA THR K 246 112.00 -22.92 20.95
C THR K 246 111.12 -23.35 19.79
N ASN K 247 110.91 -24.66 19.66
CA ASN K 247 110.24 -25.29 18.53
C ASN K 247 111.07 -25.17 17.25
N ALA K 248 112.25 -24.56 17.32
CA ALA K 248 113.17 -24.48 16.20
C ALA K 248 114.49 -25.19 16.47
N LEU K 249 114.64 -25.83 17.62
CA LEU K 249 115.85 -26.56 17.93
C LEU K 249 115.99 -27.76 17.02
N PRO K 250 117.14 -27.95 16.36
CA PRO K 250 117.36 -29.18 15.61
C PRO K 250 117.36 -30.38 16.55
N SER K 251 116.74 -31.47 16.10
CA SER K 251 116.64 -32.66 16.92
C SER K 251 118.03 -33.24 17.19
N HIS K 252 118.28 -33.60 18.45
CA HIS K 252 119.57 -34.13 18.85
C HIS K 252 119.40 -34.88 20.15
N GLN K 253 120.38 -35.72 20.47
CA GLN K 253 120.38 -36.47 21.71
C GLN K 253 121.79 -36.50 22.28
N HIS K 254 121.86 -36.47 23.60
CA HIS K 254 123.12 -36.54 24.32
C HIS K 254 123.30 -37.95 24.86
N GLY K 255 124.45 -38.56 24.56
CA GLY K 255 124.73 -39.88 25.06
C GLY K 255 124.94 -39.89 26.55
N ILE K 256 124.53 -40.98 27.19
CA ILE K 256 124.71 -41.15 28.63
C ILE K 256 126.14 -41.61 28.89
N PRO K 257 126.89 -40.94 29.75
CA PRO K 257 128.27 -41.37 30.03
C PRO K 257 128.31 -42.68 30.80
N ALA K 258 129.52 -43.22 30.99
CA ALA K 258 129.67 -44.44 31.76
C ALA K 258 129.25 -44.21 33.21
N ASN K 259 128.45 -45.13 33.74
CA ASN K 259 127.94 -45.03 35.10
C ASN K 259 128.16 -46.36 35.81
N THR K 260 128.37 -46.29 37.12
CA THR K 260 128.62 -47.48 37.92
C THR K 260 128.31 -47.14 39.37
N HIS K 261 127.42 -47.91 40.00
CA HIS K 261 127.00 -47.66 41.36
C HIS K 261 126.76 -48.97 42.08
N THR K 262 126.84 -48.91 43.41
CA THR K 262 126.54 -50.04 44.27
C THR K 262 125.44 -49.66 45.25
N HIS K 263 124.72 -50.66 45.72
CA HIS K 263 123.76 -50.51 46.79
C HIS K 263 124.32 -51.18 48.04
N SER K 264 124.41 -50.42 49.13
CA SER K 264 124.89 -51.01 50.37
C SER K 264 123.88 -52.01 50.89
N VAL K 265 124.36 -52.92 51.74
CA VAL K 265 123.58 -54.06 52.21
C VAL K 265 122.98 -53.72 53.57
N ASN K 266 121.66 -53.75 53.67
CA ASN K 266 120.96 -53.51 54.92
C ASN K 266 120.56 -54.86 55.50
N ASP K 267 121.51 -55.47 56.21
CA ASP K 267 121.30 -56.79 56.81
C ASP K 267 120.83 -56.64 58.25
N GLY K 268 120.30 -57.72 58.83
CA GLY K 268 119.86 -57.71 60.22
C GLY K 268 120.06 -59.06 60.88
N GLY K 269 120.11 -60.13 60.08
CA GLY K 269 120.29 -61.48 60.63
C GLY K 269 119.03 -62.31 60.52
N HIS K 270 119.13 -63.61 60.84
CA HIS K 270 117.96 -64.50 60.71
C HIS K 270 117.81 -65.61 61.75
N GLY K 271 118.66 -66.63 61.74
CA GLY K 271 118.51 -67.76 62.64
C GLY K 271 117.79 -68.90 61.94
N HIS K 272 117.63 -70.05 62.59
CA HIS K 272 117.03 -71.21 61.92
C HIS K 272 116.26 -72.12 62.86
N THR K 273 115.30 -72.86 62.32
CA THR K 273 114.53 -73.78 63.14
C THR K 273 115.07 -75.19 62.96
N ILE K 274 115.19 -75.93 64.06
CA ILE K 274 115.69 -77.30 64.06
C ILE K 274 114.50 -78.25 64.01
N ASN K 275 114.52 -79.16 63.04
CA ASN K 275 113.59 -80.28 63.00
C ASN K 275 114.31 -81.50 63.54
N GLN K 276 113.96 -81.91 64.76
CA GLN K 276 114.67 -82.97 65.46
C GLN K 276 113.69 -84.03 65.92
N THR K 277 114.06 -85.29 65.74
CA THR K 277 113.32 -86.41 66.24
C THR K 277 114.12 -87.11 67.35
N PRO K 278 113.44 -87.69 68.35
CA PRO K 278 114.17 -88.38 69.40
C PRO K 278 114.96 -89.56 68.84
N HIS K 279 116.11 -89.82 69.44
CA HIS K 279 116.99 -90.90 69.03
C HIS K 279 117.33 -91.78 70.22
N SER K 280 117.68 -93.02 69.92
CA SER K 280 118.07 -93.98 70.95
C SER K 280 119.37 -94.65 70.56
N HIS K 281 120.15 -95.00 71.58
CA HIS K 281 121.43 -95.67 71.39
C HIS K 281 121.28 -97.16 71.62
N SER K 282 122.18 -97.93 71.01
CA SER K 282 122.25 -99.36 71.26
C SER K 282 123.26 -99.63 72.37
N ILE K 283 122.96 -100.61 73.19
CA ILE K 283 123.84 -101.00 74.28
C ILE K 283 124.81 -102.07 73.77
N SER K 284 125.88 -102.28 74.53
CA SER K 284 126.87 -103.27 74.16
C SER K 284 127.07 -104.28 75.30
N ASP K 285 125.96 -104.79 75.82
CA ASP K 285 125.92 -105.70 76.97
C ASP K 285 126.86 -106.88 76.82
N PRO K 286 127.92 -106.96 77.61
CA PRO K 286 128.66 -108.20 77.75
C PRO K 286 128.12 -109.00 78.92
N GLY K 287 128.28 -110.32 78.83
CA GLY K 287 127.76 -111.18 79.87
C GLY K 287 128.41 -110.87 81.22
N HIS K 288 127.58 -110.84 82.26
CA HIS K 288 128.07 -110.70 83.63
C HIS K 288 127.59 -111.87 84.46
N ALA K 289 128.45 -112.34 85.35
CA ALA K 289 128.15 -113.49 86.20
C ALA K 289 128.40 -113.10 87.65
N HIS K 290 127.44 -113.39 88.51
CA HIS K 290 127.59 -113.14 89.95
C HIS K 290 128.34 -114.30 90.57
N GLY K 291 128.35 -114.35 91.89
CA GLY K 291 128.88 -115.49 92.61
C GLY K 291 128.04 -115.72 93.86
N VAL K 292 128.02 -116.97 94.30
CA VAL K 292 127.31 -117.34 95.51
C VAL K 292 128.31 -117.96 96.49
N PRO K 293 128.62 -117.29 97.59
CA PRO K 293 129.64 -117.78 98.52
C PRO K 293 129.12 -118.63 99.66
N PHE K 294 127.87 -119.08 99.60
CA PHE K 294 127.23 -119.73 100.74
C PHE K 294 127.30 -121.25 100.61
N GLY K 295 128.52 -121.77 100.69
CA GLY K 295 128.77 -123.19 100.69
C GLY K 295 129.04 -123.68 102.09
N ALA K 296 128.20 -124.59 102.57
CA ALA K 296 128.29 -125.05 103.94
C ALA K 296 129.50 -125.95 104.14
N ALA K 297 130.06 -125.89 105.35
CA ALA K 297 131.09 -126.82 105.80
C ALA K 297 130.57 -127.83 106.81
N VAL K 298 129.56 -127.47 107.59
CA VAL K 298 128.89 -128.37 108.52
C VAL K 298 127.43 -128.46 108.12
N ASP K 299 126.86 -129.67 108.21
CA ASP K 299 125.50 -129.92 107.77
C ASP K 299 124.45 -129.60 108.84
N ASN K 300 124.76 -128.72 109.79
CA ASN K 300 123.83 -128.33 110.83
C ASN K 300 123.42 -126.88 110.62
N GLY K 301 122.11 -126.62 110.64
CA GLY K 301 121.58 -125.30 110.41
C GLY K 301 121.21 -125.08 108.96
N ASN K 302 120.59 -123.92 108.70
CA ASN K 302 120.14 -123.56 107.37
C ASN K 302 120.82 -122.29 106.85
N ASN K 303 122.04 -122.02 107.32
CA ASN K 303 122.71 -120.78 106.94
C ASN K 303 123.28 -120.85 105.53
N ALA K 304 123.75 -122.02 105.09
CA ALA K 304 124.43 -122.16 103.82
C ALA K 304 123.90 -123.39 103.10
N PHE K 305 124.58 -123.77 102.03
CA PHE K 305 124.20 -124.92 101.21
C PHE K 305 125.26 -126.01 101.31
N ASP K 306 124.80 -127.25 101.50
CA ASP K 306 125.72 -128.38 101.54
C ASP K 306 126.39 -128.57 100.18
N THR K 307 127.62 -129.06 100.21
CA THR K 307 128.43 -129.21 99.02
C THR K 307 128.25 -130.60 98.40
N GLY K 308 128.71 -130.74 97.16
CA GLY K 308 128.61 -131.99 96.43
C GLY K 308 129.75 -132.14 95.44
N GLY K 309 129.83 -133.33 94.85
CA GLY K 309 130.96 -133.66 94.01
C GLY K 309 130.83 -133.40 92.52
N SER K 310 129.79 -133.95 91.89
CA SER K 310 129.65 -133.86 90.43
C SER K 310 128.52 -132.91 90.08
N PRO K 311 128.80 -131.80 89.39
CA PRO K 311 127.74 -130.81 89.10
C PRO K 311 126.95 -131.20 87.86
N TYR K 312 125.63 -131.09 87.98
CA TYR K 312 124.73 -131.26 86.84
C TYR K 312 123.62 -130.24 86.95
N ASN K 313 123.10 -129.82 85.79
CA ASN K 313 122.07 -128.78 85.76
C ASN K 313 120.75 -129.35 86.24
N ASN K 314 120.35 -128.99 87.45
CA ASN K 314 119.09 -129.43 88.02
C ASN K 314 117.99 -128.38 87.89
N GLY K 315 118.22 -127.34 87.09
CA GLY K 315 117.16 -126.40 86.77
C GLY K 315 116.90 -125.32 87.78
N ILE K 316 117.90 -124.96 88.60
CA ILE K 316 117.74 -123.92 89.61
C ILE K 316 118.33 -122.62 89.06
N GLY K 317 117.55 -121.55 89.16
CA GLY K 317 118.01 -120.24 88.73
C GLY K 317 117.78 -119.22 89.82
N THR K 318 118.49 -118.10 89.69
CA THR K 318 118.33 -117.01 90.64
C THR K 318 116.98 -116.31 90.42
N THR K 319 116.73 -115.29 91.22
CA THR K 319 115.49 -114.55 91.12
C THR K 319 115.60 -113.48 90.04
N GLN K 320 114.53 -112.71 89.85
CA GLN K 320 114.50 -111.63 88.88
C GLN K 320 114.61 -110.30 89.62
N ASN K 321 115.54 -109.46 89.19
CA ASN K 321 115.67 -108.12 89.75
C ASN K 321 116.40 -107.24 88.75
N GLN K 322 115.93 -105.99 88.62
CA GLN K 322 116.50 -105.06 87.67
C GLN K 322 117.83 -104.53 88.19
N THR K 323 118.84 -104.54 87.33
CA THR K 323 120.08 -103.87 87.65
C THR K 323 119.85 -102.37 87.70
N GLY K 324 120.37 -101.72 88.74
CA GLY K 324 120.15 -100.30 88.88
C GLY K 324 121.22 -99.51 88.16
N ILE K 325 120.93 -99.08 86.93
CA ILE K 325 121.86 -98.28 86.15
C ILE K 325 121.10 -97.14 85.49
N SER K 326 121.86 -96.12 85.08
CA SER K 326 121.29 -95.00 84.35
C SER K 326 122.42 -94.35 83.56
N VAL K 327 122.09 -93.88 82.36
CA VAL K 327 123.08 -93.31 81.46
C VAL K 327 123.24 -91.83 81.78
N ASN K 328 124.49 -91.41 81.95
CA ASN K 328 124.76 -90.02 82.29
C ASN K 328 124.55 -89.13 81.07
N THR K 329 124.18 -87.88 81.33
CA THR K 329 123.82 -86.95 80.27
C THR K 329 125.04 -86.57 79.44
N ALA K 330 124.80 -86.24 78.18
CA ALA K 330 125.85 -85.85 77.25
C ALA K 330 125.22 -85.08 76.10
N ASN K 331 126.07 -84.51 75.25
CA ASN K 331 125.62 -83.69 74.13
C ASN K 331 126.18 -84.23 72.82
N ALA K 332 125.34 -84.22 71.79
CA ALA K 332 125.72 -84.73 70.48
C ALA K 332 126.79 -83.85 69.84
N ASN K 333 127.62 -84.48 69.01
CA ASN K 333 128.69 -83.78 68.30
C ASN K 333 128.09 -83.16 67.05
N LEU K 334 127.86 -81.85 67.10
CA LEU K 334 127.09 -81.14 66.08
C LEU K 334 127.92 -80.05 65.44
N SER K 335 127.80 -79.92 64.12
CA SER K 335 128.45 -78.85 63.37
C SER K 335 127.54 -78.43 62.22
N ILE K 336 127.48 -77.12 61.97
CA ILE K 336 126.66 -76.55 60.91
C ILE K 336 127.58 -76.17 59.76
N ASN K 337 127.32 -76.72 58.59
CA ASN K 337 128.11 -76.39 57.41
C ASN K 337 127.66 -75.05 56.84
N THR K 338 128.60 -74.32 56.28
CA THR K 338 128.30 -73.02 55.69
C THR K 338 127.46 -73.20 54.42
N SER K 339 126.64 -72.21 54.14
CA SER K 339 125.77 -72.25 52.98
C SER K 339 125.52 -70.84 52.47
N SER K 340 125.59 -70.67 51.16
CA SER K 340 125.16 -69.43 50.54
C SER K 340 123.65 -69.31 50.61
N THR K 341 123.18 -68.07 50.74
CA THR K 341 121.75 -67.82 50.91
C THR K 341 121.00 -67.75 49.59
N GLY K 342 121.70 -67.78 48.46
CA GLY K 342 121.02 -67.74 47.17
C GLY K 342 120.23 -66.48 46.93
N ILE K 343 120.73 -65.34 47.39
CA ILE K 343 120.00 -64.08 47.26
C ILE K 343 120.03 -63.61 45.82
N SER K 344 118.90 -63.11 45.34
CA SER K 344 118.79 -62.53 44.01
C SER K 344 118.27 -61.10 44.13
N ILE K 345 118.67 -60.26 43.19
CA ILE K 345 118.31 -58.84 43.18
C ILE K 345 117.34 -58.60 42.04
N GLN K 346 116.18 -58.05 42.37
CA GLN K 346 115.15 -57.80 41.37
C GLN K 346 115.52 -56.60 40.50
N SER K 347 114.84 -56.51 39.36
CA SER K 347 115.07 -55.42 38.44
C SER K 347 114.51 -54.11 39.01
N ALA K 348 115.15 -53.01 38.61
CA ALA K 348 114.67 -51.69 39.00
C ALA K 348 115.19 -50.67 38.02
N SER K 349 114.54 -49.51 37.98
CA SER K 349 114.96 -48.39 37.18
C SER K 349 115.62 -47.34 38.06
N THR K 350 116.48 -46.53 37.44
CA THR K 350 117.14 -45.46 38.16
C THR K 350 116.18 -44.38 38.63
N GLY K 351 114.97 -44.35 38.08
CA GLY K 351 113.92 -43.49 38.56
C GLY K 351 113.84 -42.12 37.92
N LEU K 352 114.91 -41.68 37.25
CA LEU K 352 114.92 -40.36 36.63
C LEU K 352 114.35 -40.42 35.22
N THR K 353 113.77 -39.31 34.80
CA THR K 353 113.03 -39.28 33.53
C THR K 353 113.51 -38.16 32.61
N VAL K 354 113.89 -37.02 33.17
CA VAL K 354 114.32 -35.87 32.37
C VAL K 354 115.63 -35.34 32.92
N THR K 355 116.38 -34.67 32.04
CA THR K 355 117.61 -34.00 32.42
C THR K 355 117.27 -32.57 32.85
N SER K 356 118.28 -31.74 33.01
CA SER K 356 118.09 -30.35 33.39
C SER K 356 118.15 -29.45 32.17
N ASN K 357 117.55 -28.27 32.28
CA ASN K 357 117.62 -27.27 31.23
C ASN K 357 119.07 -26.86 31.01
N ALA K 358 119.48 -26.81 29.75
CA ALA K 358 120.87 -26.53 29.39
C ALA K 358 121.06 -25.26 28.59
N GLY K 359 120.19 -25.02 27.61
CA GLY K 359 120.37 -23.86 26.75
C GLY K 359 120.17 -22.55 27.49
N ASN K 360 120.63 -21.48 26.84
CA ASN K 360 120.49 -20.13 27.37
C ASN K 360 119.98 -19.25 26.25
N GLY K 361 118.80 -18.66 26.42
CA GLY K 361 118.20 -17.91 25.34
C GLY K 361 118.47 -16.42 25.37
N GLN K 362 119.16 -15.92 24.36
CA GLN K 362 119.28 -14.49 24.14
C GLN K 362 119.58 -14.26 22.66
N ALA K 363 119.60 -13.00 22.27
CA ALA K 363 119.79 -12.61 20.87
C ALA K 363 121.27 -12.42 20.58
N PHE K 364 121.67 -12.77 19.38
CA PHE K 364 123.01 -12.48 18.89
C PHE K 364 122.90 -11.63 17.63
N GLN K 365 124.03 -11.07 17.22
CA GLN K 365 124.07 -10.10 16.13
C GLN K 365 124.43 -10.78 14.82
N HIS K 366 123.64 -10.50 13.78
CA HIS K 366 123.94 -10.98 12.44
C HIS K 366 123.50 -9.96 11.41
N ASP K 367 124.35 -9.69 10.44
CA ASP K 367 124.02 -8.82 9.32
C ASP K 367 124.62 -9.40 8.05
N GLN K 368 123.86 -9.30 6.96
CA GLN K 368 124.26 -9.86 5.68
C GLN K 368 125.44 -9.07 5.11
N PRO K 369 126.02 -9.53 4.00
CA PRO K 369 127.03 -8.71 3.32
C PRO K 369 126.51 -7.31 3.08
N TYR K 370 127.35 -6.32 3.37
CA TYR K 370 126.88 -4.99 3.75
C TYR K 370 127.78 -3.92 3.18
N LEU K 371 127.20 -3.00 2.42
CA LEU K 371 127.90 -1.87 1.81
C LEU K 371 127.07 -0.61 1.99
N VAL K 372 127.73 0.50 2.25
CA VAL K 372 127.04 1.75 2.56
C VAL K 372 127.02 2.64 1.32
N PHE K 373 125.90 3.34 1.14
CA PHE K 373 125.71 4.35 0.12
C PHE K 373 125.17 5.61 0.77
N ARG K 374 124.94 6.65 -0.03
CA ARG K 374 124.30 7.86 0.44
C ARG K 374 123.04 8.11 -0.36
N VAL K 375 121.96 8.46 0.31
CA VAL K 375 120.65 8.62 -0.33
C VAL K 375 120.37 10.11 -0.45
N PHE K 376 120.12 10.57 -1.68
CA PHE K 376 119.74 11.94 -1.95
C PHE K 376 118.36 11.95 -2.57
N VAL K 377 117.46 12.72 -1.99
CA VAL K 377 116.12 12.90 -2.53
C VAL K 377 116.11 14.12 -3.43
N LYS K 378 115.58 13.95 -4.64
CA LYS K 378 115.56 15.01 -5.63
C LYS K 378 114.48 16.02 -5.28
N VAL K 379 114.87 17.27 -5.10
CA VAL K 379 113.93 18.32 -4.77
C VAL K 379 114.08 19.48 -5.75
N VAL L 2 84.52 56.21 -60.52
CA VAL L 2 83.99 56.60 -59.21
C VAL L 2 84.07 58.11 -59.04
N ARG L 3 85.26 58.67 -59.24
CA ARG L 3 85.46 60.10 -59.07
C ARG L 3 84.61 60.88 -60.06
N LYS L 4 84.87 60.70 -61.36
CA LYS L 4 84.05 61.34 -62.38
C LYS L 4 82.69 60.65 -62.46
N VAL L 5 81.62 61.45 -62.41
CA VAL L 5 80.26 60.94 -62.38
C VAL L 5 79.54 61.42 -63.63
N PHE L 6 78.94 60.49 -64.35
CA PHE L 6 78.14 60.81 -65.52
C PHE L 6 76.68 61.00 -65.14
N ASN L 7 75.96 61.71 -66.00
CA ASN L 7 74.53 61.87 -65.86
C ASN L 7 73.94 62.19 -67.23
N ASP L 8 72.61 62.20 -67.29
CA ASP L 8 71.92 62.47 -68.53
C ASP L 8 72.34 63.82 -69.11
N GLY L 9 72.66 63.84 -70.40
CA GLY L 9 73.16 65.01 -71.06
C GLY L 9 74.66 65.05 -71.20
N ASP L 10 75.39 64.26 -70.42
CA ASP L 10 76.84 64.17 -70.59
C ASP L 10 77.17 63.42 -71.87
N ILE L 11 78.28 63.79 -72.48
CA ILE L 11 78.75 63.16 -73.71
C ILE L 11 79.93 62.27 -73.38
N LEU L 12 79.79 60.98 -73.67
CA LEU L 12 80.87 60.04 -73.43
C LEU L 12 82.05 60.34 -74.34
N TYR L 13 83.26 60.26 -73.80
CA TYR L 13 84.47 60.54 -74.54
C TYR L 13 85.26 59.26 -74.76
N ALA L 14 86.13 59.29 -75.77
CA ALA L 14 86.98 58.15 -76.06
C ALA L 14 87.93 57.86 -74.90
N GLU L 15 88.50 58.91 -74.31
CA GLU L 15 89.38 58.72 -73.16
C GLU L 15 88.62 58.10 -71.99
N ASP L 16 87.35 58.47 -71.82
CA ASP L 16 86.56 57.88 -70.75
C ASP L 16 86.41 56.38 -70.93
N VAL L 17 86.15 55.92 -72.16
CA VAL L 17 86.03 54.48 -72.39
C VAL L 17 87.38 53.80 -72.24
N ASN L 18 88.45 54.44 -72.71
CA ASN L 18 89.78 53.85 -72.58
C ASN L 18 90.18 53.70 -71.12
N ILE L 19 89.84 54.68 -70.29
CA ILE L 19 90.08 54.57 -68.85
C ILE L 19 89.20 53.47 -68.26
N ILE L 20 87.92 53.49 -68.60
CA ILE L 20 86.98 52.51 -68.07
C ILE L 20 87.37 51.10 -68.51
N GLY L 21 87.91 50.99 -69.73
CA GLY L 21 88.35 49.70 -70.22
C GLY L 21 89.51 49.09 -69.48
N GLN L 22 90.24 49.88 -68.69
CA GLN L 22 91.39 49.37 -67.94
C GLN L 22 91.06 49.38 -66.45
N PRO L 23 90.43 48.33 -65.93
CA PRO L 23 90.05 48.33 -64.52
C PRO L 23 91.27 48.20 -63.61
N PHE L 24 91.28 49.01 -62.55
CA PHE L 24 92.29 48.92 -61.51
C PHE L 24 91.57 48.68 -60.19
N VAL L 25 91.93 47.58 -59.53
CA VAL L 25 91.36 47.31 -58.21
C VAL L 25 92.38 47.72 -57.14
N ASP L 26 92.25 48.96 -56.66
CA ASP L 26 93.17 49.46 -55.65
C ASP L 26 92.54 50.45 -54.69
N GLY L 27 91.22 50.61 -54.70
CA GLY L 27 90.55 51.48 -53.77
C GLY L 27 90.73 52.96 -54.05
N GLN L 28 91.45 53.33 -55.10
CA GLN L 28 91.61 54.72 -55.46
C GLN L 28 90.29 55.28 -55.98
N ASP L 29 90.01 56.54 -55.65
CA ASP L 29 88.76 57.18 -56.05
C ASP L 29 88.96 57.86 -57.40
N LEU L 30 88.88 57.05 -58.45
CA LEU L 30 89.03 57.53 -59.82
C LEU L 30 88.01 56.84 -60.70
N LEU L 31 87.97 57.22 -61.98
CA LEU L 31 86.90 56.77 -62.87
C LEU L 31 86.95 55.28 -63.09
N GLY L 32 88.13 54.71 -63.30
CA GLY L 32 88.26 53.30 -63.58
C GLY L 32 88.72 52.44 -62.43
N HIS L 33 89.03 53.03 -61.29
CA HIS L 33 89.58 52.30 -60.15
C HIS L 33 88.43 51.84 -59.26
N GLY L 34 88.26 50.53 -59.14
CA GLY L 34 87.09 50.01 -58.47
C GLY L 34 87.12 50.02 -56.95
N LEU L 35 87.99 49.21 -56.36
CA LEU L 35 88.02 49.01 -54.91
C LEU L 35 89.18 48.09 -54.58
N LYS L 36 89.38 47.84 -53.29
CA LYS L 36 90.48 47.01 -52.83
C LYS L 36 90.01 45.57 -52.62
N VAL L 37 90.84 44.63 -53.02
CA VAL L 37 90.47 43.22 -53.01
C VAL L 37 90.49 42.67 -51.58
N ASP L 38 89.37 42.12 -51.14
CA ASP L 38 89.27 41.49 -49.84
C ASP L 38 89.40 39.98 -50.00
N ASP L 39 89.18 39.23 -48.91
CA ASP L 39 89.32 37.79 -48.96
C ASP L 39 88.25 37.16 -49.84
N ASN L 40 87.04 37.71 -49.83
CA ASN L 40 85.96 37.14 -50.63
C ASN L 40 86.26 37.25 -52.12
N SER L 41 86.86 38.36 -52.55
CA SER L 41 87.20 38.51 -53.95
C SER L 41 88.25 37.52 -54.40
N LEU L 42 89.02 36.96 -53.47
CA LEU L 42 89.98 35.92 -53.81
C LEU L 42 89.28 34.60 -54.10
N SER L 43 89.86 33.84 -55.03
CA SER L 43 89.24 32.60 -55.47
C SER L 43 89.18 31.58 -54.34
N ASP L 44 88.06 30.86 -54.25
CA ASP L 44 87.79 29.99 -53.12
C ASP L 44 88.00 28.51 -53.40
N GLU L 45 88.19 28.12 -54.65
CA GLU L 45 88.48 26.73 -54.95
C GLU L 45 89.90 26.38 -54.51
N PRO L 46 90.17 25.09 -54.24
CA PRO L 46 91.52 24.70 -53.81
C PRO L 46 92.57 24.98 -54.86
N GLN L 47 93.84 24.70 -54.53
CA GLN L 47 94.99 25.06 -55.35
C GLN L 47 95.09 26.57 -55.52
N ASN L 48 94.65 27.32 -54.52
CA ASN L 48 94.77 28.77 -54.52
C ASN L 48 95.23 29.24 -53.15
N ILE L 49 95.81 30.44 -53.14
CA ILE L 49 96.48 30.92 -51.93
C ILE L 49 95.50 31.08 -50.78
N LYS L 50 94.23 31.35 -51.07
CA LYS L 50 93.25 31.56 -50.02
C LYS L 50 93.07 30.31 -49.17
N THR L 51 92.61 29.22 -49.78
CA THR L 51 92.39 27.98 -49.05
C THR L 51 93.69 27.41 -48.51
N ARG L 52 94.76 27.46 -49.30
CA ARG L 52 96.04 26.95 -48.84
C ARG L 52 96.50 27.69 -47.59
N PHE L 53 96.41 29.01 -47.60
CA PHE L 53 96.87 29.79 -46.47
C PHE L 53 96.00 29.58 -45.24
N TYR L 54 94.68 29.53 -45.43
CA TYR L 54 93.81 29.43 -44.26
C TYR L 54 93.69 28.01 -43.72
N ALA L 55 93.99 27.00 -44.52
CA ALA L 55 93.99 25.64 -44.00
C ALA L 55 95.14 25.40 -43.04
N TRP L 56 96.14 26.28 -43.04
CA TRP L 56 97.24 26.24 -42.10
C TRP L 56 97.12 27.30 -41.02
N TYR L 57 96.70 28.51 -41.40
CA TYR L 57 96.49 29.58 -40.42
C TYR L 57 95.42 29.19 -39.41
N ASN L 58 94.26 28.77 -39.90
CA ASN L 58 93.15 28.40 -39.01
C ASN L 58 93.15 26.91 -38.72
N ARG L 59 94.27 26.39 -38.27
CA ARG L 59 94.39 24.98 -37.90
C ARG L 59 94.29 24.87 -36.38
N PHE L 60 93.33 24.09 -35.92
CA PHE L 60 93.10 23.89 -34.49
C PHE L 60 92.88 25.21 -33.77
N ARG L 61 92.20 26.14 -34.43
CA ARG L 61 91.88 27.42 -33.83
C ARG L 61 90.67 27.28 -32.92
N VAL L 62 90.77 27.83 -31.71
CA VAL L 62 89.71 27.72 -30.70
C VAL L 62 88.93 29.01 -30.66
N THR L 63 87.60 28.90 -30.76
CA THR L 63 86.71 30.05 -30.69
C THR L 63 85.57 29.75 -29.75
N VAL L 64 84.98 30.81 -29.19
CA VAL L 64 83.84 30.68 -28.28
C VAL L 64 82.61 30.43 -29.14
N GLN L 65 82.20 29.17 -29.27
CA GLN L 65 80.99 28.86 -30.03
C GLN L 65 79.76 29.40 -29.32
N SER L 66 79.51 28.93 -28.10
CA SER L 66 78.35 29.40 -27.34
C SER L 66 78.44 28.98 -25.88
N GLY L 67 78.21 29.92 -24.96
CA GLY L 67 78.31 29.59 -23.55
C GLY L 67 79.71 29.14 -23.21
N LEU L 68 79.82 27.97 -22.58
CA LEU L 68 81.10 27.37 -22.28
C LEU L 68 81.61 26.45 -23.38
N THR L 69 80.87 26.32 -24.47
CA THR L 69 81.23 25.44 -25.56
C THR L 69 82.13 26.19 -26.54
N LEU L 70 83.35 25.70 -26.69
CA LEU L 70 84.34 26.24 -27.61
C LEU L 70 84.45 25.34 -28.83
N SER L 71 84.55 25.96 -30.00
CA SER L 71 84.72 25.26 -31.26
C SER L 71 86.20 25.19 -31.61
N VAL L 72 86.61 24.05 -32.15
CA VAL L 72 87.97 23.84 -32.62
C VAL L 72 87.89 23.40 -34.07
N THR L 73 88.56 24.14 -34.95
CA THR L 73 88.52 23.83 -36.36
C THR L 73 89.25 22.53 -36.65
N GLN L 74 89.04 21.99 -37.85
CA GLN L 74 89.65 20.73 -38.22
C GLN L 74 91.15 20.87 -38.34
N GLY L 75 91.84 19.73 -38.34
CA GLY L 75 93.28 19.75 -38.49
C GLY L 75 93.82 18.34 -38.53
N SER L 76 95.15 18.24 -38.45
CA SER L 76 95.80 16.95 -38.42
C SER L 76 97.04 17.04 -37.57
N ILE L 77 97.42 15.92 -36.96
CA ILE L 77 98.61 15.84 -36.13
C ILE L 77 99.44 14.65 -36.59
N SER L 78 100.73 14.73 -36.30
CA SER L 78 101.67 13.66 -36.63
C SER L 78 102.19 13.04 -35.34
N VAL L 79 101.97 11.74 -35.19
CA VAL L 79 102.43 10.99 -34.03
C VAL L 79 103.38 9.93 -34.55
N SER L 80 104.68 10.17 -34.41
CA SER L 80 105.71 9.26 -34.89
C SER L 80 105.57 8.98 -36.38
N GLY L 81 105.08 9.96 -37.13
CA GLY L 81 104.87 9.82 -38.55
C GLY L 81 103.50 9.32 -38.96
N ASN L 82 102.66 8.94 -38.01
CA ASN L 82 101.29 8.55 -38.31
C ASN L 82 100.40 9.78 -38.24
N ILE L 83 99.64 10.01 -39.30
CA ILE L 83 98.83 11.22 -39.42
C ILE L 83 97.43 10.91 -38.91
N ILE L 84 96.99 11.66 -37.90
CA ILE L 84 95.66 11.53 -37.33
C ILE L 84 94.91 12.82 -37.57
N SER L 85 93.79 12.72 -38.27
CA SER L 85 93.02 13.89 -38.68
C SER L 85 91.80 14.04 -37.79
N PHE L 86 91.49 15.29 -37.43
CA PHE L 86 90.35 15.60 -36.61
C PHE L 86 89.42 16.55 -37.34
N PRO L 87 88.14 16.23 -37.43
CA PRO L 87 87.16 17.18 -37.98
C PRO L 87 86.95 18.33 -37.01
N PRO L 88 86.20 19.36 -37.40
CA PRO L 88 85.86 20.40 -36.43
C PRO L 88 85.06 19.82 -35.29
N GLN L 89 85.54 20.05 -34.07
CA GLN L 89 84.90 19.48 -32.89
C GLN L 89 84.57 20.60 -31.91
N THR L 90 83.91 20.22 -30.82
CA THR L 90 83.53 21.16 -29.78
C THR L 90 83.91 20.57 -28.42
N ILE L 91 84.17 21.44 -27.46
CA ILE L 91 84.49 21.00 -26.10
C ILE L 91 84.11 22.10 -25.13
N ASN L 92 83.71 21.71 -23.92
CA ASN L 92 83.24 22.66 -22.93
C ASN L 92 84.39 23.07 -22.02
N ALA L 93 84.55 24.38 -21.84
CA ALA L 93 85.57 24.90 -20.96
C ALA L 93 85.23 24.61 -19.50
N ILE L 94 86.26 24.56 -18.66
CA ILE L 94 86.07 24.36 -17.24
C ILE L 94 85.63 25.68 -16.62
N ASP L 95 84.48 25.66 -15.95
CA ASP L 95 83.86 26.90 -15.49
C ASP L 95 84.66 27.51 -14.34
N ASN L 96 84.60 28.85 -14.27
CA ASN L 96 85.23 29.62 -13.20
C ASN L 96 86.71 29.27 -13.08
N ALA L 97 87.38 29.16 -14.22
CA ALA L 97 88.78 28.74 -14.21
C ALA L 97 89.52 29.35 -15.39
N ASN L 98 90.85 29.40 -15.23
CA ASN L 98 91.77 29.76 -16.30
C ASN L 98 92.35 28.46 -16.85
N SER L 99 91.54 27.79 -17.67
CA SER L 99 91.85 26.45 -18.15
C SER L 99 92.63 26.50 -19.46
N PHE L 100 93.14 25.34 -19.86
CA PHE L 100 93.93 25.19 -21.07
C PHE L 100 93.31 24.13 -21.96
N VAL L 101 93.11 24.49 -23.22
CA VAL L 101 92.64 23.56 -24.25
C VAL L 101 93.85 23.12 -25.05
N TRP L 102 94.05 21.80 -25.14
CA TRP L 102 95.21 21.23 -25.82
C TRP L 102 94.80 19.92 -26.46
N ILE L 103 95.75 19.30 -27.16
CA ILE L 103 95.55 17.99 -27.79
C ILE L 103 96.66 17.07 -27.33
N GLY L 104 96.29 15.86 -26.90
CA GLY L 104 97.30 14.92 -26.46
C GLY L 104 96.73 13.71 -25.73
N LYS L 105 97.31 13.39 -24.58
CA LYS L 105 96.89 12.23 -23.81
C LYS L 105 97.16 12.49 -22.34
N THR L 106 96.71 11.55 -21.51
CA THR L 106 96.88 11.63 -20.07
C THR L 106 97.52 10.35 -19.56
N ASP L 107 97.83 10.34 -18.26
CA ASP L 107 98.40 9.16 -17.62
C ASP L 107 97.41 8.00 -17.65
N ALA L 108 96.12 8.28 -17.50
CA ALA L 108 95.09 7.26 -17.47
C ALA L 108 94.47 6.99 -18.84
N ASP L 109 94.99 7.63 -19.91
CA ASP L 109 94.38 7.46 -21.21
C ASP L 109 95.40 7.60 -22.33
N PRO L 110 95.61 6.54 -23.12
CA PRO L 110 96.55 6.63 -24.25
C PRO L 110 95.95 7.24 -25.51
N ALA L 111 94.64 7.41 -25.57
CA ALA L 111 94.03 7.96 -26.77
C ALA L 111 94.38 9.43 -26.92
N ILE L 112 94.87 9.81 -28.09
CA ILE L 112 95.23 11.19 -28.38
C ILE L 112 93.97 11.92 -28.83
N ALA L 113 93.60 12.95 -28.10
CA ALA L 113 92.33 13.64 -28.35
C ALA L 113 92.41 15.05 -27.80
N LEU L 114 91.34 15.80 -28.03
CA LEU L 114 91.24 17.17 -27.53
C LEU L 114 90.80 17.16 -26.08
N ARG L 115 91.55 17.85 -25.23
CA ARG L 115 91.29 17.83 -23.80
C ARG L 115 91.37 19.24 -23.25
N VAL L 116 90.64 19.45 -22.16
CA VAL L 116 90.66 20.71 -21.42
C VAL L 116 91.08 20.39 -20.00
N SER L 117 92.13 21.05 -19.52
CA SER L 117 92.59 20.82 -18.16
C SER L 117 92.84 22.17 -17.49
N GLN L 118 93.39 22.16 -16.28
CA GLN L 118 93.73 23.40 -15.60
C GLN L 118 95.23 23.69 -15.66
N THR L 119 96.04 22.73 -16.06
CA THR L 119 97.47 22.91 -16.21
C THR L 119 97.93 22.29 -17.52
N LEU L 120 98.79 22.98 -18.23
CA LEU L 120 99.34 22.45 -19.47
C LEU L 120 100.23 21.25 -19.17
N PRO L 121 99.98 20.08 -19.75
CA PRO L 121 100.89 18.95 -19.57
C PRO L 121 102.21 19.21 -20.29
N ASN L 122 103.24 18.49 -19.84
CA ASN L 122 104.56 18.67 -20.41
C ASN L 122 104.60 18.23 -21.88
N VAL L 123 103.91 17.15 -22.21
CA VAL L 123 103.87 16.62 -23.56
C VAL L 123 102.46 16.81 -24.11
N CYS L 124 102.30 17.76 -25.02
CA CYS L 124 100.99 18.08 -25.59
C CYS L 124 101.20 19.05 -26.74
N ILE L 125 100.09 19.43 -27.38
CA ILE L 125 100.04 20.51 -28.34
C ILE L 125 99.13 21.59 -27.79
N PRO L 126 99.68 22.63 -27.18
CA PRO L 126 98.82 23.69 -26.62
C PRO L 126 98.04 24.38 -27.73
N LEU L 127 96.77 24.65 -27.45
CA LEU L 127 95.91 25.33 -28.41
C LEU L 127 95.43 26.67 -27.88
N ALA L 128 94.87 26.71 -26.68
CA ALA L 128 94.36 27.98 -26.18
C ALA L 128 94.36 27.99 -24.67
N ARG L 129 94.31 29.19 -24.11
CA ARG L 129 94.08 29.42 -22.69
C ARG L 129 92.75 30.15 -22.57
N VAL L 130 91.77 29.51 -21.95
CA VAL L 130 90.42 30.03 -21.84
C VAL L 130 90.16 30.44 -20.41
N ILE L 131 89.83 31.70 -20.21
CA ILE L 131 89.39 32.20 -18.90
C ILE L 131 87.88 32.28 -18.94
N ALA L 132 87.22 31.47 -18.11
CA ALA L 132 85.77 31.37 -18.11
C ALA L 132 85.24 31.56 -16.70
N ALA L 133 84.10 32.21 -16.58
CA ALA L 133 83.51 32.50 -15.28
C ALA L 133 81.99 32.53 -15.39
N SER L 134 81.32 31.82 -14.47
CA SER L 134 79.86 31.86 -14.33
C SER L 134 79.16 31.37 -15.60
N GLY L 135 79.61 30.23 -16.11
CA GLY L 135 79.00 29.66 -17.29
C GLY L 135 79.23 30.43 -18.56
N SER L 136 80.18 31.36 -18.57
CA SER L 136 80.50 32.16 -19.73
C SER L 136 82.01 32.20 -19.91
N VAL L 137 82.44 32.35 -21.17
CA VAL L 137 83.85 32.40 -21.50
C VAL L 137 84.26 33.86 -21.56
N THR L 138 84.98 34.32 -20.53
CA THR L 138 85.40 35.71 -20.49
C THR L 138 86.40 36.02 -21.59
N SER L 139 87.37 35.13 -21.83
CA SER L 139 88.36 35.41 -22.86
C SER L 139 89.00 34.12 -23.34
N VAL L 140 89.55 34.17 -24.55
CA VAL L 140 90.31 33.09 -25.15
C VAL L 140 91.60 33.66 -25.70
N THR L 141 92.73 33.08 -25.31
CA THR L 141 94.05 33.49 -25.79
C THR L 141 94.64 32.35 -26.61
N ASP L 142 95.01 32.65 -27.85
CA ASP L 142 95.54 31.64 -28.75
C ASP L 142 96.94 31.24 -28.34
N LEU L 143 97.17 29.94 -28.21
CA LEU L 143 98.48 29.42 -27.82
C LEU L 143 99.24 28.78 -28.96
N ARG L 144 98.54 28.23 -29.97
CA ARG L 144 99.19 27.63 -31.12
C ARG L 144 99.38 28.63 -32.26
N ASP L 145 99.27 29.92 -31.96
CA ASP L 145 99.37 30.96 -32.97
C ASP L 145 100.62 30.77 -33.81
N VAL L 146 100.47 31.03 -35.12
CA VAL L 146 101.61 30.94 -36.03
C VAL L 146 102.56 32.11 -35.83
N SER L 147 102.11 33.19 -35.16
CA SER L 147 102.97 34.34 -34.94
C SER L 147 103.70 34.27 -33.60
N VAL L 148 103.09 33.69 -32.56
CA VAL L 148 103.77 33.53 -31.29
C VAL L 148 104.68 32.31 -31.35
N ASP L 149 105.86 32.43 -30.78
CA ASP L 149 106.85 31.37 -30.77
C ASP L 149 107.02 30.84 -29.36
N ILE L 150 106.87 29.53 -29.20
CA ILE L 150 107.02 28.88 -27.91
C ILE L 150 108.50 28.59 -27.70
N LEU L 151 109.08 29.16 -26.65
CA LEU L 151 110.47 28.86 -26.34
C LEU L 151 110.55 27.49 -25.69
N PRO L 152 111.50 26.65 -26.12
CA PRO L 152 111.59 25.29 -25.58
C PRO L 152 111.96 25.30 -24.11
N PRO L 153 111.64 24.25 -23.37
CA PRO L 153 111.96 24.22 -21.94
C PRO L 153 113.46 24.07 -21.71
N SER L 154 113.87 24.42 -20.49
CA SER L 154 115.28 24.40 -20.15
C SER L 154 115.84 22.98 -20.22
N ILE L 155 117.13 22.89 -20.53
CA ILE L 155 117.80 21.58 -20.62
C ILE L 155 117.76 20.90 -19.26
N PRO L 156 117.35 19.63 -19.17
CA PRO L 156 117.19 19.00 -17.86
C PRO L 156 118.51 18.89 -17.12
N ASP L 157 118.42 19.00 -15.80
CA ASP L 157 119.58 18.79 -14.94
C ASP L 157 119.99 17.33 -14.98
N ALA L 158 121.21 17.06 -15.41
CA ALA L 158 121.69 15.68 -15.49
C ALA L 158 121.96 15.13 -14.09
N VAL L 159 122.17 13.81 -14.04
CA VAL L 159 122.54 13.19 -12.77
C VAL L 159 123.88 13.76 -12.32
N PRO L 160 124.08 14.05 -11.04
CA PRO L 160 125.38 14.59 -10.61
C PRO L 160 126.51 13.61 -10.89
N VAL L 161 127.68 14.17 -11.21
CA VAL L 161 128.84 13.33 -11.48
C VAL L 161 129.21 12.56 -10.22
N GLY L 162 129.49 11.26 -10.39
CA GLY L 162 129.84 10.42 -9.28
C GLY L 162 128.67 9.83 -8.54
N SER L 163 127.46 10.32 -8.76
CA SER L 163 126.27 9.75 -8.14
C SER L 163 125.88 8.49 -8.90
N THR L 164 125.83 7.37 -8.21
CA THR L 164 125.54 6.10 -8.85
C THR L 164 124.07 6.00 -9.24
N ILE L 165 123.82 5.16 -10.25
CA ILE L 165 122.48 4.80 -10.67
C ILE L 165 122.41 3.29 -10.73
N ILE L 166 121.19 2.77 -10.67
CA ILE L 166 120.93 1.35 -10.72
C ILE L 166 120.24 1.04 -12.03
N SER L 167 120.50 -0.15 -12.56
CA SER L 167 119.94 -0.52 -13.85
C SER L 167 119.78 -2.03 -13.93
N LEU L 168 118.68 -2.45 -14.56
CA LEU L 168 118.46 -3.85 -14.89
C LEU L 168 118.95 -4.17 -16.29
N ILE L 169 120.19 -3.80 -16.58
CA ILE L 169 120.77 -3.98 -17.91
C ILE L 169 121.32 -5.38 -18.05
N PRO L 170 120.85 -6.18 -19.00
CA PRO L 170 121.43 -7.49 -19.21
C PRO L 170 122.87 -7.36 -19.70
N PRO L 171 123.71 -8.37 -19.47
CA PRO L 171 125.11 -8.26 -19.90
C PRO L 171 125.27 -8.05 -21.39
N THR L 172 124.30 -8.49 -22.20
CA THR L 172 124.35 -8.26 -23.64
C THR L 172 124.24 -6.78 -23.96
N ALA L 173 123.37 -6.06 -23.26
CA ALA L 173 123.11 -4.67 -23.59
C ALA L 173 124.34 -3.80 -23.31
N PRO L 174 124.53 -2.73 -24.07
CA PRO L 174 125.69 -1.87 -23.87
C PRO L 174 125.56 -0.99 -22.63
N ILE L 175 126.72 -0.64 -22.09
CA ILE L 175 126.76 0.27 -20.93
C ILE L 175 126.32 1.66 -21.37
N PRO L 176 125.52 2.37 -20.57
CA PRO L 176 125.17 3.75 -20.93
C PRO L 176 126.40 4.64 -21.01
N ALA L 177 126.37 5.58 -21.95
CA ALA L 177 127.49 6.48 -22.15
C ALA L 177 127.68 7.39 -20.93
N GLY L 178 128.94 7.65 -20.60
CA GLY L 178 129.24 8.48 -19.45
C GLY L 178 129.14 7.80 -18.12
N TYR L 179 129.07 6.46 -18.10
CA TYR L 179 128.92 5.71 -16.87
C TYR L 179 129.97 4.63 -16.79
N LEU L 180 130.52 4.44 -15.59
CA LEU L 180 131.51 3.41 -15.31
C LEU L 180 130.85 2.28 -14.54
N GLU L 181 131.07 1.06 -14.98
CA GLU L 181 130.43 -0.12 -14.41
C GLU L 181 131.25 -0.65 -13.25
N LEU L 182 130.62 -0.75 -12.08
CA LEU L 182 131.27 -1.33 -10.91
C LEU L 182 131.16 -2.85 -10.96
N LEU L 183 132.20 -3.52 -10.50
CA LEU L 183 132.30 -4.97 -10.56
C LEU L 183 132.42 -5.55 -9.15
N ASN L 184 132.60 -6.87 -9.10
CA ASN L 184 132.78 -7.56 -7.82
C ASN L 184 134.04 -7.07 -7.12
N SER L 185 135.12 -6.88 -7.87
CA SER L 185 136.41 -6.49 -7.31
C SER L 185 136.64 -5.01 -7.55
N SER L 186 137.28 -4.36 -6.57
CA SER L 186 137.66 -2.95 -6.73
C SER L 186 138.56 -2.79 -7.94
N GLN L 187 138.29 -1.78 -8.74
CA GLN L 187 139.03 -1.54 -9.98
C GLN L 187 139.90 -0.30 -9.83
N ASN L 188 140.76 -0.09 -10.83
CA ASN L 188 141.60 1.09 -10.90
C ASN L 188 141.43 1.74 -12.27
N VAL L 189 141.30 3.06 -12.28
CA VAL L 189 141.03 3.80 -13.50
C VAL L 189 141.92 5.02 -13.57
N SER L 190 142.22 5.46 -14.79
CA SER L 190 143.16 6.55 -15.01
C SER L 190 142.64 7.85 -14.41
N ARG L 191 143.57 8.63 -13.86
CA ARG L 191 143.21 9.88 -13.20
C ARG L 191 142.88 10.99 -14.19
N THR L 192 143.55 11.00 -15.34
CA THR L 192 143.31 12.06 -16.32
C THR L 192 141.87 12.02 -16.84
N THR L 193 141.44 10.85 -17.31
CA THR L 193 140.04 10.67 -17.62
C THR L 193 139.25 10.46 -16.32
N TYR L 194 137.94 10.62 -16.41
CA TYR L 194 137.06 10.68 -15.24
C TYR L 194 137.59 11.71 -14.24
N SER L 195 137.98 12.88 -14.76
CA SER L 195 138.61 13.89 -13.93
C SER L 195 137.66 14.39 -12.84
N ALA L 196 136.40 14.64 -13.19
CA ALA L 196 135.43 15.07 -12.18
C ALA L 196 135.22 13.99 -11.14
N LEU L 197 135.12 12.73 -11.58
CA LEU L 197 134.95 11.63 -10.65
C LEU L 197 136.14 11.53 -9.70
N PHE L 198 137.35 11.73 -10.22
CA PHE L 198 138.53 11.68 -9.37
C PHE L 198 138.54 12.82 -8.36
N VAL L 199 138.31 14.05 -8.82
CA VAL L 199 138.36 15.18 -7.91
C VAL L 199 137.25 15.08 -6.86
N LEU L 200 136.14 14.42 -7.19
CA LEU L 200 135.12 14.18 -6.19
C LEU L 200 135.48 13.04 -5.25
N TRP L 201 136.26 12.07 -5.72
CA TRP L 201 136.65 10.92 -4.91
C TRP L 201 138.11 10.98 -4.48
N GLY L 202 139.03 11.14 -5.44
CA GLY L 202 140.44 11.02 -5.11
C GLY L 202 140.79 9.56 -4.86
N THR L 203 141.69 9.33 -3.93
CA THR L 203 142.02 7.98 -3.50
C THR L 203 141.21 7.57 -2.27
N TYR L 204 139.89 7.73 -2.35
CA TYR L 204 139.02 7.35 -1.24
C TYR L 204 138.61 5.89 -1.28
N TYR L 205 138.74 5.23 -2.42
CA TYR L 205 138.44 3.81 -2.54
C TYR L 205 139.57 3.08 -3.25
N GLY L 206 140.81 3.53 -3.04
CA GLY L 206 141.97 2.93 -3.68
C GLY L 206 142.80 4.00 -4.36
N ASN L 207 144.08 3.71 -4.54
CA ASN L 207 145.01 4.65 -5.13
C ASN L 207 145.58 4.17 -6.46
N GLY L 208 145.25 2.95 -6.88
CA GLY L 208 145.78 2.45 -8.14
C GLY L 208 147.29 2.43 -8.14
N ASP L 209 147.89 2.97 -9.20
CA ASP L 209 149.33 3.11 -9.27
C ASP L 209 149.86 4.20 -8.34
N GLY L 210 148.98 5.06 -7.83
CA GLY L 210 149.37 6.13 -6.95
C GLY L 210 149.67 7.45 -7.64
N SER L 211 149.94 7.44 -8.93
CA SER L 211 150.19 8.65 -9.69
C SER L 211 149.18 8.87 -10.82
N THR L 212 148.99 7.88 -11.68
CA THR L 212 148.17 8.05 -12.87
C THR L 212 146.80 7.38 -12.76
N THR L 213 146.54 6.63 -11.70
CA THR L 213 145.29 5.93 -11.53
C THR L 213 144.74 6.18 -10.13
N PHE L 214 143.51 5.73 -9.92
CA PHE L 214 142.87 5.75 -8.62
C PHE L 214 141.86 4.62 -8.55
N GLY L 215 141.51 4.24 -7.32
CA GLY L 215 140.70 3.05 -7.09
C GLY L 215 139.23 3.37 -6.91
N VAL L 216 138.40 2.56 -7.56
CA VAL L 216 136.95 2.62 -7.43
C VAL L 216 136.50 1.34 -6.74
N PRO L 217 135.54 1.43 -5.80
CA PRO L 217 135.21 0.26 -4.99
C PRO L 217 134.49 -0.82 -5.78
N GLY L 218 134.64 -2.05 -5.33
CA GLY L 218 133.99 -3.20 -5.93
C GLY L 218 132.86 -3.69 -5.05
N THR L 219 131.86 -4.31 -5.66
CA THR L 219 130.67 -4.82 -4.98
C THR L 219 130.56 -6.30 -5.28
N GLY L 220 131.13 -7.14 -4.40
CA GLY L 220 131.06 -8.57 -4.60
C GLY L 220 129.90 -9.22 -3.89
N GLY L 221 128.81 -9.44 -4.61
CA GLY L 221 127.64 -10.10 -4.03
C GLY L 221 127.04 -9.39 -2.85
N ARG L 222 127.36 -8.13 -2.65
CA ARG L 222 126.98 -7.41 -1.45
C ARG L 222 125.58 -6.83 -1.57
N PHE L 223 124.97 -6.55 -0.42
CA PHE L 223 123.63 -5.99 -0.38
C PHE L 223 123.70 -4.47 -0.32
N LEU L 224 122.60 -3.84 -0.71
CA LEU L 224 122.47 -2.39 -0.66
C LEU L 224 122.02 -2.00 0.74
N ARG L 225 122.77 -1.14 1.40
CA ARG L 225 122.35 -0.67 2.71
C ARG L 225 122.61 0.82 2.84
N LEU L 226 121.62 1.53 3.38
CA LEU L 226 121.71 2.96 3.55
C LEU L 226 122.70 3.32 4.66
N GLY L 227 123.07 4.59 4.70
CA GLY L 227 124.03 5.08 5.67
C GLY L 227 123.38 5.39 7.00
N GLY L 228 124.19 5.94 7.89
CA GLY L 228 123.74 6.33 9.22
C GLY L 228 124.23 5.36 10.28
N SER L 229 123.82 5.66 11.52
CA SER L 229 124.22 4.89 12.70
C SER L 229 125.74 4.83 12.83
N GLY L 230 126.40 5.95 12.55
CA GLY L 230 127.84 6.02 12.64
C GLY L 230 128.59 5.35 11.52
N LEU L 231 127.89 4.81 10.53
CA LEU L 231 128.53 4.10 9.43
C LEU L 231 128.86 5.07 8.31
N SER L 232 130.13 5.18 7.96
CA SER L 232 130.55 6.05 6.87
C SER L 232 130.15 5.45 5.54
N VAL L 233 130.15 6.30 4.51
CA VAL L 233 129.90 5.82 3.15
C VAL L 233 131.01 4.88 2.72
N GLY L 234 130.68 3.93 1.86
CA GLY L 234 131.67 3.01 1.34
C GLY L 234 132.23 2.03 2.35
N ASP L 235 131.52 1.79 3.45
CA ASP L 235 131.96 0.82 4.42
C ASP L 235 131.63 -0.60 3.95
N ILE L 236 132.16 -1.58 4.68
CA ILE L 236 132.03 -2.98 4.32
C ILE L 236 131.76 -3.79 5.58
N GLY L 237 131.29 -5.02 5.38
CA GLY L 237 131.09 -5.92 6.49
C GLY L 237 129.96 -6.90 6.22
N GLY L 238 129.66 -7.70 7.23
CA GLY L 238 128.62 -8.69 7.15
C GLY L 238 129.13 -10.04 6.68
N SER L 239 128.24 -11.02 6.73
CA SER L 239 128.56 -12.37 6.31
C SER L 239 127.27 -13.16 6.12
N ASN L 240 127.22 -13.95 5.05
CA ASN L 240 126.10 -14.86 4.84
C ASN L 240 126.17 -16.08 5.72
N GLN L 241 127.34 -16.40 6.28
CA GLN L 241 127.50 -17.57 7.14
C GLN L 241 127.34 -17.15 8.59
N ILE L 242 126.50 -17.88 9.32
CA ILE L 242 126.24 -17.58 10.73
C ILE L 242 126.54 -18.80 11.58
N THR L 243 127.24 -18.57 12.68
CA THR L 243 127.46 -19.59 13.70
C THR L 243 126.72 -19.18 14.96
N ILE L 244 125.83 -20.05 15.42
CA ILE L 244 125.06 -19.75 16.63
C ILE L 244 126.03 -19.79 17.81
N PRO L 245 126.19 -18.69 18.54
CA PRO L 245 127.04 -18.73 19.72
C PRO L 245 126.47 -19.67 20.77
N THR L 246 127.38 -20.36 21.47
CA THR L 246 126.92 -21.31 22.47
C THR L 246 126.14 -20.64 23.58
N ASN L 247 126.39 -19.35 23.80
CA ASN L 247 125.60 -18.61 24.78
C ASN L 247 124.14 -18.50 24.37
N ALA L 248 123.87 -18.32 23.09
CA ALA L 248 122.52 -18.21 22.57
C ALA L 248 122.07 -19.59 22.10
N LEU L 249 121.15 -20.19 22.84
CA LEU L 249 120.66 -21.53 22.54
C LEU L 249 119.36 -21.75 23.30
N PRO L 250 118.30 -22.19 22.64
CA PRO L 250 117.02 -22.36 23.35
C PRO L 250 117.16 -23.31 24.52
N SER L 251 116.67 -22.88 25.68
CA SER L 251 116.76 -23.70 26.88
C SER L 251 115.83 -24.89 26.77
N HIS L 252 116.36 -26.08 27.02
CA HIS L 252 115.61 -27.31 26.76
C HIS L 252 116.14 -28.41 27.66
N GLN L 253 115.35 -29.47 27.78
CA GLN L 253 115.73 -30.65 28.52
C GLN L 253 115.28 -31.88 27.76
N HIS L 254 116.17 -32.86 27.65
CA HIS L 254 115.82 -34.11 26.99
C HIS L 254 115.20 -35.07 27.98
N GLY L 255 114.28 -35.88 27.49
CA GLY L 255 113.80 -36.99 28.28
C GLY L 255 114.82 -38.12 28.33
N ILE L 256 114.69 -38.95 29.34
CA ILE L 256 115.59 -40.09 29.54
C ILE L 256 114.78 -41.36 29.32
N PRO L 257 115.20 -42.24 28.40
CA PRO L 257 114.38 -43.41 28.09
C PRO L 257 114.28 -44.35 29.28
N ALA L 258 113.14 -45.03 29.35
CA ALA L 258 112.92 -46.01 30.41
C ALA L 258 113.98 -47.11 30.33
N ASN L 259 114.52 -47.48 31.49
CA ASN L 259 115.58 -48.46 31.54
C ASN L 259 115.35 -49.39 32.72
N THR L 260 116.22 -50.39 32.84
CA THR L 260 116.12 -51.40 33.89
C THR L 260 117.48 -52.02 34.09
N HIS L 261 117.93 -52.08 35.34
CA HIS L 261 119.21 -52.68 35.66
C HIS L 261 119.10 -53.54 36.91
N THR L 262 119.96 -54.54 37.01
CA THR L 262 120.07 -55.39 38.19
C THR L 262 121.53 -55.45 38.61
N HIS L 263 121.74 -55.76 39.88
CA HIS L 263 123.08 -55.89 40.45
C HIS L 263 123.32 -57.35 40.82
N SER L 264 124.45 -57.89 40.40
CA SER L 264 124.85 -59.21 40.84
C SER L 264 125.18 -59.20 42.33
N VAL L 265 125.08 -60.37 42.95
CA VAL L 265 125.25 -60.51 44.38
C VAL L 265 126.56 -61.19 44.68
N ASN L 266 127.30 -60.65 45.64
CA ASN L 266 128.57 -61.22 46.09
C ASN L 266 128.27 -61.97 47.39
N ASP L 267 127.85 -63.23 47.25
CA ASP L 267 127.28 -64.00 48.35
C ASP L 267 128.33 -64.69 49.21
N GLY L 268 129.25 -65.43 48.61
CA GLY L 268 130.14 -66.27 49.40
C GLY L 268 129.33 -67.32 50.12
N GLY L 269 129.54 -67.43 51.43
CA GLY L 269 128.79 -68.36 52.24
C GLY L 269 128.90 -68.03 53.70
N HIS L 270 127.87 -68.40 54.47
CA HIS L 270 127.83 -68.11 55.89
C HIS L 270 127.41 -69.37 56.65
N GLY L 271 127.82 -69.43 57.92
CA GLY L 271 127.44 -70.50 58.79
C GLY L 271 126.77 -69.96 60.05
N HIS L 272 126.45 -70.88 60.96
CA HIS L 272 125.83 -70.53 62.22
C HIS L 272 126.61 -71.16 63.37
N THR L 273 126.11 -70.92 64.58
CA THR L 273 126.59 -71.57 65.79
C THR L 273 125.41 -72.22 66.49
N ILE L 274 125.67 -73.34 67.15
CA ILE L 274 124.63 -74.15 67.79
C ILE L 274 124.83 -74.08 69.30
N ASN L 275 123.77 -73.71 70.01
CA ASN L 275 123.77 -73.72 71.47
C ASN L 275 123.27 -75.08 71.94
N GLN L 276 124.07 -75.76 72.75
CA GLN L 276 123.83 -77.15 73.09
C GLN L 276 123.76 -77.35 74.59
N THR L 277 122.87 -78.24 75.01
CA THR L 277 122.75 -78.67 76.39
C THR L 277 122.85 -80.19 76.44
N PRO L 278 123.42 -80.73 77.51
CA PRO L 278 123.51 -82.19 77.63
C PRO L 278 122.13 -82.82 77.72
N HIS L 279 122.02 -84.04 77.20
CA HIS L 279 120.77 -84.79 77.21
C HIS L 279 121.04 -86.21 77.68
N SER L 280 120.03 -86.83 78.28
CA SER L 280 120.13 -88.19 78.76
C SER L 280 118.87 -88.95 78.39
N HIS L 281 118.98 -90.28 78.38
CA HIS L 281 117.90 -91.16 78.00
C HIS L 281 117.45 -91.99 79.19
N SER L 282 116.17 -92.30 79.23
CA SER L 282 115.70 -93.29 80.19
C SER L 282 115.97 -94.69 79.65
N ILE L 283 115.85 -95.68 80.53
CA ILE L 283 116.08 -97.07 80.16
C ILE L 283 114.87 -97.90 80.58
N SER L 284 114.49 -98.84 79.72
CA SER L 284 113.53 -99.86 80.08
C SER L 284 114.30 -101.12 80.44
N ASP L 285 114.17 -101.56 81.67
CA ASP L 285 115.00 -102.63 82.23
C ASP L 285 114.12 -103.73 82.77
N PRO L 286 113.63 -104.63 81.91
CA PRO L 286 113.05 -105.89 82.41
C PRO L 286 114.12 -106.66 83.16
N GLY L 287 113.79 -107.07 84.39
CA GLY L 287 114.77 -107.73 85.21
C GLY L 287 115.29 -109.00 84.56
N HIS L 288 116.56 -109.27 84.75
CA HIS L 288 117.18 -110.48 84.27
C HIS L 288 117.31 -111.49 85.41
N ALA L 289 117.81 -112.66 85.09
CA ALA L 289 118.03 -113.71 86.08
C ALA L 289 119.09 -114.66 85.56
N HIS L 290 119.91 -115.17 86.46
CA HIS L 290 120.97 -116.09 86.10
C HIS L 290 120.56 -117.51 86.44
N GLY L 291 121.38 -118.45 86.03
CA GLY L 291 121.17 -119.85 86.35
C GLY L 291 122.37 -120.44 87.03
N VAL L 292 122.11 -121.30 88.02
CA VAL L 292 123.19 -122.02 88.68
C VAL L 292 123.04 -123.49 88.31
N PRO L 293 123.84 -123.99 87.38
CA PRO L 293 123.67 -125.36 86.89
C PRO L 293 124.44 -126.39 87.71
N PHE L 294 124.84 -126.04 88.92
CA PHE L 294 125.68 -126.90 89.74
C PHE L 294 124.84 -127.54 90.84
N GLY L 295 124.82 -128.87 90.85
CA GLY L 295 124.07 -129.61 91.85
C GLY L 295 124.70 -130.97 92.06
N ALA L 296 124.38 -131.58 93.19
CA ALA L 296 125.05 -132.81 93.59
C ALA L 296 124.60 -133.99 92.75
N ALA L 297 125.54 -134.62 92.06
CA ALA L 297 125.33 -135.95 91.51
C ALA L 297 125.92 -137.03 92.39
N VAL L 298 127.04 -136.76 93.04
CA VAL L 298 127.61 -137.59 94.09
C VAL L 298 128.05 -136.66 95.22
N ASP L 299 127.74 -137.05 96.46
CA ASP L 299 127.89 -136.16 97.61
C ASP L 299 129.21 -136.34 98.35
N ASN L 300 130.28 -136.70 97.63
CA ASN L 300 131.58 -136.93 98.26
C ASN L 300 132.62 -135.91 97.83
N GLY L 301 132.21 -134.76 97.30
CA GLY L 301 133.14 -133.78 96.78
C GLY L 301 132.78 -132.37 97.21
N ASN L 302 133.49 -131.42 96.61
CA ASN L 302 133.33 -130.00 96.92
C ASN L 302 132.86 -129.17 95.75
N ASN L 303 132.84 -129.73 94.54
CA ASN L 303 132.63 -128.92 93.34
C ASN L 303 131.24 -128.30 93.30
N ALA L 304 130.21 -129.05 93.67
CA ALA L 304 128.83 -128.63 93.45
C ALA L 304 128.08 -128.50 94.76
N PHE L 305 126.85 -128.01 94.66
CA PHE L 305 125.94 -127.89 95.79
C PHE L 305 125.29 -129.25 96.05
N ASP L 306 124.23 -129.26 96.86
CA ASP L 306 123.50 -130.48 97.18
C ASP L 306 122.02 -130.26 96.87
N THR L 307 121.35 -131.33 96.44
CA THR L 307 119.98 -131.25 95.97
C THR L 307 119.03 -131.82 97.03
N GLY L 308 118.01 -131.04 97.39
CA GLY L 308 117.11 -131.44 98.46
C GLY L 308 115.66 -131.65 98.09
N GLY L 309 115.13 -130.87 97.15
CA GLY L 309 113.82 -131.15 96.60
C GLY L 309 112.65 -130.36 97.15
N SER L 310 112.86 -129.44 98.07
CA SER L 310 111.76 -128.59 98.53
C SER L 310 112.18 -127.12 98.45
N PRO L 311 111.37 -126.26 97.85
CA PRO L 311 111.86 -124.94 97.43
C PRO L 311 111.79 -123.82 98.45
N TYR L 312 111.62 -124.12 99.74
CA TYR L 312 111.34 -123.08 100.72
C TYR L 312 112.41 -121.99 100.68
N ASN L 313 112.03 -120.80 101.13
CA ASN L 313 112.86 -119.61 101.04
C ASN L 313 113.62 -119.38 102.34
N ASN L 314 114.91 -119.10 102.21
CA ASN L 314 115.74 -118.64 103.32
C ASN L 314 116.58 -117.46 102.83
N GLY L 315 117.44 -116.96 103.71
CA GLY L 315 118.25 -115.83 103.30
C GLY L 315 119.53 -116.28 102.63
N ILE L 316 119.50 -116.34 101.30
CA ILE L 316 120.65 -116.72 100.48
C ILE L 316 120.60 -115.89 99.21
N GLY L 317 121.71 -115.21 98.91
CA GLY L 317 121.74 -114.34 97.75
C GLY L 317 123.10 -114.32 97.10
N THR L 318 123.12 -113.93 95.84
CA THR L 318 124.36 -113.81 95.09
C THR L 318 125.16 -112.61 95.59
N THR L 319 126.43 -112.58 95.23
CA THR L 319 127.27 -111.45 95.57
C THR L 319 126.88 -110.23 94.75
N GLN L 320 127.19 -109.05 95.29
CA GLN L 320 127.01 -107.82 94.53
C GLN L 320 127.90 -107.86 93.30
N ASN L 321 127.33 -107.43 92.17
CA ASN L 321 128.08 -107.43 90.91
C ASN L 321 127.53 -106.36 90.00
N GLN L 322 128.36 -105.94 89.05
CA GLN L 322 127.98 -104.97 88.05
C GLN L 322 128.38 -105.48 86.68
N THR L 323 127.64 -105.06 85.67
CA THR L 323 127.84 -105.51 84.30
C THR L 323 128.64 -104.48 83.51
N GLY L 324 129.51 -104.96 82.63
CA GLY L 324 130.33 -104.06 81.85
C GLY L 324 129.59 -103.46 80.67
N ILE L 325 128.32 -103.08 80.91
CA ILE L 325 127.48 -102.59 79.83
C ILE L 325 128.00 -101.23 79.35
N SER L 326 128.18 -101.12 78.04
CA SER L 326 128.57 -99.87 77.41
C SER L 326 127.46 -99.41 76.49
N VAL L 327 127.48 -98.12 76.14
CA VAL L 327 126.50 -97.53 75.25
C VAL L 327 127.20 -97.19 73.95
N ASN L 328 126.67 -97.71 72.84
CA ASN L 328 127.27 -97.47 71.54
C ASN L 328 127.00 -96.05 71.08
N THR L 329 127.89 -95.53 70.23
CA THR L 329 127.71 -94.21 69.66
C THR L 329 126.53 -94.20 68.71
N ALA L 330 125.73 -93.15 68.76
CA ALA L 330 124.57 -93.02 67.91
C ALA L 330 124.40 -91.56 67.50
N ASN L 331 123.59 -91.35 66.47
CA ASN L 331 123.35 -90.02 65.92
C ASN L 331 122.02 -89.49 66.41
N ALA L 332 121.99 -88.19 66.72
CA ALA L 332 120.75 -87.50 67.00
C ALA L 332 120.16 -87.04 65.68
N ASN L 333 119.13 -87.73 65.20
CA ASN L 333 118.58 -87.47 63.87
C ASN L 333 117.83 -86.15 63.90
N LEU L 334 118.48 -85.10 63.39
CA LEU L 334 117.91 -83.76 63.37
C LEU L 334 118.22 -83.11 62.03
N SER L 335 117.38 -82.14 61.66
CA SER L 335 117.54 -81.42 60.41
C SER L 335 117.18 -79.96 60.62
N ILE L 336 117.70 -79.10 59.76
CA ILE L 336 117.52 -77.66 59.87
C ILE L 336 116.36 -77.23 58.98
N ASN L 337 115.40 -76.53 59.55
CA ASN L 337 114.28 -76.00 58.78
C ASN L 337 114.70 -74.71 58.10
N THR L 338 114.37 -74.59 56.82
CA THR L 338 114.79 -73.42 56.04
C THR L 338 114.07 -72.16 56.52
N SER L 339 114.80 -71.05 56.51
CA SER L 339 114.23 -69.74 56.79
C SER L 339 114.80 -68.74 55.79
N SER L 340 113.98 -67.77 55.43
CA SER L 340 114.41 -66.73 54.51
C SER L 340 115.10 -65.62 55.30
N THR L 341 116.32 -65.27 54.87
CA THR L 341 117.09 -64.25 55.56
C THR L 341 116.43 -62.89 55.43
N GLY L 342 116.48 -62.11 56.51
CA GLY L 342 115.93 -60.77 56.47
C GLY L 342 116.95 -59.79 55.95
N ILE L 343 116.87 -59.48 54.66
CA ILE L 343 117.85 -58.64 53.98
C ILE L 343 117.11 -57.65 53.10
N SER L 344 117.56 -56.40 53.11
CA SER L 344 116.95 -55.35 52.31
C SER L 344 118.04 -54.51 51.68
N ILE L 345 117.67 -53.82 50.60
CA ILE L 345 118.58 -52.97 49.85
C ILE L 345 118.05 -51.54 49.94
N GLN L 346 118.90 -50.63 50.42
CA GLN L 346 118.47 -49.25 50.62
C GLN L 346 118.79 -48.42 49.38
N SER L 347 118.58 -47.13 49.48
CA SER L 347 118.68 -46.23 48.33
C SER L 347 120.12 -46.05 47.89
N ALA L 348 120.28 -45.72 46.61
CA ALA L 348 121.58 -45.37 46.05
C ALA L 348 121.37 -44.51 44.83
N SER L 349 122.38 -43.74 44.49
CA SER L 349 122.37 -42.87 43.32
C SER L 349 123.37 -43.39 42.30
N THR L 350 122.96 -43.40 41.03
CA THR L 350 123.86 -43.85 39.97
C THR L 350 125.12 -43.01 39.91
N GLY L 351 125.10 -41.78 40.41
CA GLY L 351 126.28 -40.96 40.56
C GLY L 351 126.54 -40.02 39.40
N LEU L 352 125.96 -40.26 38.24
CA LEU L 352 126.15 -39.37 37.12
C LEU L 352 125.38 -38.08 37.31
N THR L 353 125.92 -36.99 36.76
CA THR L 353 125.32 -35.68 36.91
C THR L 353 125.21 -34.88 35.62
N VAL L 354 126.02 -35.19 34.61
CA VAL L 354 125.96 -34.49 33.33
C VAL L 354 125.94 -35.52 32.22
N THR L 355 125.40 -35.10 31.07
CA THR L 355 125.39 -35.94 29.89
C THR L 355 126.68 -35.71 29.10
N SER L 356 126.74 -36.25 27.89
CA SER L 356 127.86 -36.00 27.00
C SER L 356 127.49 -34.93 25.99
N ASN L 357 128.46 -34.07 25.66
CA ASN L 357 128.23 -32.99 24.73
C ASN L 357 127.73 -33.53 23.39
N ALA L 358 126.69 -32.89 22.86
CA ALA L 358 126.08 -33.30 21.58
C ALA L 358 125.83 -32.04 20.76
N GLY L 359 126.82 -31.68 19.93
CA GLY L 359 126.68 -30.52 19.09
C GLY L 359 128.02 -29.93 18.69
N ASN L 360 128.08 -29.36 17.48
CA ASN L 360 129.29 -28.72 16.98
C ASN L 360 128.92 -27.36 16.40
N GLY L 361 129.72 -26.35 16.70
CA GLY L 361 129.44 -25.02 16.21
C GLY L 361 129.96 -24.82 14.80
N GLN L 362 129.07 -24.91 13.81
CA GLN L 362 129.45 -24.86 12.41
C GLN L 362 128.85 -23.63 11.75
N ALA L 363 129.60 -23.06 10.81
CA ALA L 363 129.08 -21.95 10.03
C ALA L 363 127.87 -22.39 9.22
N PHE L 364 126.83 -21.57 9.24
CA PHE L 364 125.57 -21.89 8.59
C PHE L 364 125.22 -20.77 7.61
N GLN L 365 124.88 -21.16 6.38
CA GLN L 365 124.65 -20.20 5.31
C GLN L 365 123.20 -19.71 5.35
N HIS L 366 123.02 -18.40 5.18
CA HIS L 366 121.71 -17.79 5.23
C HIS L 366 121.66 -16.58 4.30
N ASP L 367 120.57 -16.47 3.54
CA ASP L 367 120.40 -15.36 2.60
C ASP L 367 118.98 -14.86 2.63
N GLN L 368 118.82 -13.55 2.84
CA GLN L 368 117.53 -12.92 2.75
C GLN L 368 117.09 -12.87 1.28
N PRO L 369 115.78 -12.77 1.03
CA PRO L 369 115.32 -12.63 -0.35
C PRO L 369 115.93 -11.41 -1.00
N TYR L 370 116.33 -11.56 -2.26
CA TYR L 370 117.08 -10.50 -2.93
C TYR L 370 116.79 -10.50 -4.41
N LEU L 371 117.06 -9.36 -5.04
CA LEU L 371 117.06 -9.19 -6.49
C LEU L 371 118.35 -8.49 -6.87
N VAL L 372 118.95 -8.92 -7.99
CA VAL L 372 120.29 -8.48 -8.37
C VAL L 372 120.19 -7.51 -9.53
N PHE L 373 120.82 -6.34 -9.36
CA PHE L 373 120.88 -5.31 -10.39
C PHE L 373 122.35 -5.04 -10.76
N ARG L 374 122.55 -4.03 -11.61
CA ARG L 374 123.88 -3.54 -11.95
C ARG L 374 123.97 -2.05 -11.63
N VAL L 375 125.07 -1.64 -11.02
CA VAL L 375 125.27 -0.26 -10.61
C VAL L 375 126.28 0.40 -11.53
N PHE L 376 125.98 1.64 -11.93
CA PHE L 376 126.87 2.43 -12.77
C PHE L 376 127.08 3.79 -12.13
N VAL L 377 128.33 4.20 -12.00
CA VAL L 377 128.66 5.49 -11.43
C VAL L 377 128.85 6.49 -12.57
N LYS L 378 128.22 7.65 -12.44
CA LYS L 378 128.34 8.67 -13.49
C LYS L 378 129.74 9.25 -13.47
N VAL L 379 130.48 9.07 -14.55
CA VAL L 379 131.87 9.53 -14.64
C VAL L 379 131.92 11.05 -14.57
N MET M 1 90.27 76.87 45.23
CA MET M 1 90.34 78.29 45.54
C MET M 1 91.79 78.76 45.57
N VAL M 2 92.63 78.07 46.31
CA VAL M 2 94.06 78.39 46.34
C VAL M 2 94.68 77.80 45.09
N ARG M 3 95.81 78.36 44.68
CA ARG M 3 96.56 78.01 43.47
C ARG M 3 95.81 78.39 42.20
N LYS M 4 94.61 78.97 42.31
CA LYS M 4 93.91 79.52 41.16
C LYS M 4 92.94 80.57 41.69
N VAL M 5 93.33 81.84 41.58
CA VAL M 5 92.55 82.96 42.08
C VAL M 5 92.30 83.93 40.93
N PHE M 6 91.06 84.40 40.83
CA PHE M 6 90.66 85.26 39.72
C PHE M 6 90.69 86.72 40.12
N ASN M 7 90.90 87.58 39.13
CA ASN M 7 90.90 89.03 39.27
C ASN M 7 89.91 89.63 38.28
N ASP M 8 89.79 90.95 38.30
CA ASP M 8 88.71 91.61 37.58
C ASP M 8 88.81 91.38 36.07
N GLY M 9 90.01 91.52 35.52
CA GLY M 9 90.19 91.35 34.09
C GLY M 9 90.52 89.95 33.63
N ASP M 10 90.52 88.97 34.53
CA ASP M 10 90.95 87.63 34.18
C ASP M 10 89.97 86.98 33.22
N ILE M 11 90.51 86.23 32.25
CA ILE M 11 89.68 85.42 31.38
C ILE M 11 89.18 84.20 32.13
N LEU M 12 87.93 83.82 31.89
CA LEU M 12 87.34 82.62 32.48
C LEU M 12 87.36 81.53 31.42
N TYR M 13 88.28 80.58 31.55
CA TYR M 13 88.41 79.52 30.58
C TYR M 13 87.44 78.38 30.89
N ALA M 14 87.16 77.58 29.86
CA ALA M 14 86.20 76.49 30.01
C ALA M 14 86.73 75.39 30.93
N GLU M 15 88.05 75.18 30.96
CA GLU M 15 88.60 74.21 31.89
C GLU M 15 88.30 74.60 33.33
N ASP M 16 88.39 75.89 33.65
CA ASP M 16 88.08 76.32 35.01
C ASP M 16 86.62 76.06 35.35
N VAL M 17 85.71 76.35 34.42
CA VAL M 17 84.30 76.12 34.69
C VAL M 17 84.01 74.63 34.85
N ASN M 18 84.62 73.81 34.00
CA ASN M 18 84.45 72.36 34.14
C ASN M 18 85.00 71.86 35.46
N ILE M 19 86.11 72.44 35.93
CA ILE M 19 86.66 72.05 37.22
C ILE M 19 85.71 72.43 38.34
N ILE M 20 85.20 73.65 38.33
CA ILE M 20 84.27 74.10 39.35
C ILE M 20 82.99 73.27 39.31
N GLY M 21 82.64 72.72 38.14
CA GLY M 21 81.44 71.92 38.03
C GLY M 21 81.47 70.67 38.88
N GLN M 22 82.65 70.14 39.15
CA GLN M 22 82.75 68.96 40.01
C GLN M 22 83.29 69.36 41.37
N PRO M 23 82.42 69.72 42.32
CA PRO M 23 82.91 70.10 43.65
C PRO M 23 83.49 68.92 44.39
N PHE M 24 84.54 69.18 45.15
CA PHE M 24 85.19 68.18 45.98
C PHE M 24 85.23 68.69 47.41
N VAL M 25 85.09 67.76 48.35
CA VAL M 25 85.09 68.12 49.76
C VAL M 25 86.20 67.36 50.48
N ASP M 26 87.30 67.11 49.77
CA ASP M 26 88.44 66.42 50.39
C ASP M 26 89.37 67.37 51.13
N GLY M 27 89.06 68.66 51.15
CA GLY M 27 89.89 69.62 51.85
C GLY M 27 91.18 69.97 51.15
N GLN M 28 91.33 69.60 49.88
CA GLN M 28 92.56 69.86 49.17
C GLN M 28 92.67 71.33 48.78
N ASP M 29 93.83 71.68 48.23
CA ASP M 29 94.18 73.05 47.91
C ASP M 29 93.78 73.45 46.49
N LEU M 30 93.24 72.53 45.70
CA LEU M 30 92.98 72.80 44.30
C LEU M 30 91.80 73.76 44.14
N LEU M 31 91.44 74.01 42.88
CA LEU M 31 90.45 75.06 42.59
C LEU M 31 89.06 74.66 43.04
N GLY M 32 88.66 73.42 42.83
CA GLY M 32 87.31 73.01 43.14
C GLY M 32 87.14 72.28 44.45
N HIS M 33 88.25 72.03 45.15
CA HIS M 33 88.23 71.18 46.34
C HIS M 33 88.06 72.08 47.57
N GLY M 34 86.84 72.18 48.05
CA GLY M 34 86.50 73.16 49.06
C GLY M 34 87.07 72.94 50.44
N LEU M 35 86.57 71.93 51.16
CA LEU M 35 86.96 71.70 52.55
C LEU M 35 86.42 70.35 52.98
N LYS M 36 86.98 69.84 54.07
CA LYS M 36 86.53 68.56 54.58
C LYS M 36 85.18 68.69 55.27
N VAL M 37 84.57 67.55 55.58
CA VAL M 37 83.22 67.48 56.11
C VAL M 37 83.30 67.18 57.59
N ASP M 38 82.72 68.06 58.42
CA ASP M 38 82.66 67.85 59.85
C ASP M 38 81.28 67.33 60.23
N ASP M 39 81.01 67.22 61.53
CA ASP M 39 79.71 66.74 61.98
C ASP M 39 78.60 67.72 61.64
N ASN M 40 78.89 69.03 61.66
CA ASN M 40 77.88 70.01 61.29
C ASN M 40 77.47 69.85 59.84
N SER M 41 78.43 69.57 58.97
CA SER M 41 78.14 69.41 57.55
C SER M 41 77.24 68.21 57.26
N LEU M 42 77.16 67.26 58.19
CA LEU M 42 76.23 66.15 58.05
C LEU M 42 74.81 66.61 58.40
N SER M 43 73.83 65.95 57.78
CA SER M 43 72.45 66.39 57.92
C SER M 43 71.92 66.07 59.32
N ASP M 44 71.20 67.02 59.89
CA ASP M 44 70.56 66.85 61.20
C ASP M 44 69.15 66.30 61.07
N GLU M 45 69.04 65.23 60.33
CA GLU M 45 67.82 64.50 60.06
C GLU M 45 67.80 63.22 60.88
N PRO M 46 66.72 62.95 61.61
CA PRO M 46 66.70 61.78 62.50
C PRO M 46 66.98 60.46 61.79
N GLN M 47 66.79 60.40 60.48
CA GLN M 47 67.04 59.16 59.73
C GLN M 47 68.48 59.02 59.26
N ASN M 48 69.37 59.91 59.65
CA ASN M 48 70.72 59.93 59.11
C ASN M 48 71.73 59.39 60.11
N ILE M 49 72.92 59.09 59.60
CA ILE M 49 73.94 58.39 60.38
C ILE M 49 74.37 59.22 61.59
N LYS M 50 74.40 60.55 61.45
CA LYS M 50 74.85 61.38 62.55
C LYS M 50 73.91 61.26 63.75
N THR M 51 72.61 61.39 63.52
CA THR M 51 71.65 61.31 64.60
C THR M 51 71.67 59.94 65.28
N ARG M 52 71.71 58.87 64.49
CA ARG M 52 71.72 57.53 65.06
C ARG M 52 72.99 57.29 65.85
N PHE M 53 74.14 57.64 65.28
CA PHE M 53 75.40 57.40 65.96
C PHE M 53 75.49 58.20 67.26
N TYR M 54 74.98 59.43 67.26
CA TYR M 54 75.02 60.22 68.48
C TYR M 54 73.99 59.77 69.50
N ALA M 55 72.87 59.22 69.05
CA ALA M 55 71.92 58.64 69.98
C ALA M 55 72.52 57.44 70.69
N TRP M 56 73.27 56.62 69.95
CA TRP M 56 74.00 55.53 70.61
C TRP M 56 75.14 56.05 71.48
N TYR M 57 75.79 57.13 71.03
CA TYR M 57 77.00 57.59 71.70
C TYR M 57 76.67 58.30 73.01
N ASN M 58 75.79 59.29 72.95
CA ASN M 58 75.45 60.09 74.13
C ASN M 58 74.17 59.55 74.78
N ARG M 59 74.26 58.33 75.26
CA ARG M 59 73.18 57.71 76.02
C ARG M 59 73.73 57.34 77.38
N PHE M 60 72.97 57.68 78.43
CA PHE M 60 73.40 57.47 79.81
C PHE M 60 74.80 58.03 80.05
N ARG M 61 75.18 59.04 79.28
CA ARG M 61 76.48 59.66 79.45
C ARG M 61 76.49 60.47 80.74
N VAL M 62 77.52 60.29 81.55
CA VAL M 62 77.61 60.90 82.86
C VAL M 62 78.67 61.99 82.81
N THR M 63 78.26 63.21 83.17
CA THR M 63 79.14 64.37 83.13
C THR M 63 78.98 65.15 84.41
N VAL M 64 80.02 65.90 84.77
CA VAL M 64 80.00 66.73 85.96
C VAL M 64 79.09 67.92 85.76
N GLN M 65 77.90 67.89 86.36
CA GLN M 65 77.04 69.05 86.35
C GLN M 65 77.71 70.22 87.08
N SER M 66 77.93 70.07 88.37
CA SER M 66 78.63 71.07 89.17
C SER M 66 79.03 70.49 90.52
N GLY M 67 80.31 70.60 90.87
CA GLY M 67 80.76 70.06 92.15
C GLY M 67 80.53 68.57 92.22
N LEU M 68 79.79 68.14 93.25
CA LEU M 68 79.47 66.73 93.41
C LEU M 68 78.28 66.30 92.57
N THR M 69 77.57 67.22 91.95
CA THR M 69 76.40 66.87 91.15
C THR M 69 76.81 66.52 89.73
N LEU M 70 76.31 65.38 89.26
CA LEU M 70 76.57 64.87 87.92
C LEU M 70 75.26 64.74 87.17
N SER M 71 75.33 64.92 85.86
CA SER M 71 74.16 64.84 84.99
C SER M 71 74.26 63.61 84.11
N VAL M 72 73.12 62.98 83.86
CA VAL M 72 73.03 61.76 83.06
C VAL M 72 72.04 61.99 81.95
N THR M 73 72.45 61.69 80.72
CA THR M 73 71.59 61.86 79.56
C THR M 73 70.48 60.82 79.57
N GLN M 74 69.46 61.07 78.76
CA GLN M 74 68.32 60.18 78.69
C GLN M 74 68.72 58.85 78.05
N GLY M 75 67.86 57.85 78.22
CA GLY M 75 68.12 56.55 77.63
C GLY M 75 66.97 55.61 77.89
N SER M 76 67.22 54.33 77.60
CA SER M 76 66.21 53.31 77.83
C SER M 76 66.91 51.99 78.14
N ILE M 77 66.18 51.12 78.82
CA ILE M 77 66.68 49.81 79.23
C ILE M 77 65.62 48.77 78.92
N SER M 78 66.07 47.52 78.81
CA SER M 78 65.18 46.39 78.57
C SER M 78 65.23 45.48 79.79
N VAL M 79 64.07 45.25 80.40
CA VAL M 79 63.93 44.37 81.54
C VAL M 79 62.90 43.31 81.17
N SER M 80 63.36 42.08 80.99
CA SER M 80 62.49 40.95 80.63
C SER M 80 61.67 41.26 79.38
N GLY M 81 62.29 41.97 78.44
CA GLY M 81 61.62 42.32 77.21
C GLY M 81 60.71 43.53 77.29
N ASN M 82 60.78 44.31 78.36
CA ASN M 82 59.94 45.49 78.54
C ASN M 82 60.84 46.72 78.64
N ILE M 83 60.49 47.76 77.91
CA ILE M 83 61.33 48.95 77.79
C ILE M 83 60.97 49.92 78.91
N ILE M 84 62.00 50.44 79.59
CA ILE M 84 61.84 51.48 80.58
C ILE M 84 62.69 52.67 80.14
N SER M 85 62.08 53.84 80.08
CA SER M 85 62.76 55.05 79.62
C SER M 85 63.18 55.91 80.81
N PHE M 86 64.21 56.73 80.58
CA PHE M 86 64.73 57.58 81.64
C PHE M 86 65.14 58.93 81.05
N PRO M 87 64.51 60.02 81.47
CA PRO M 87 64.93 61.36 81.04
C PRO M 87 66.26 61.73 81.68
N PRO M 88 66.93 62.78 81.18
CA PRO M 88 68.18 63.21 81.82
C PRO M 88 67.92 63.60 83.27
N GLN M 89 68.87 63.25 84.14
CA GLN M 89 68.64 63.42 85.56
C GLN M 89 69.96 63.67 86.28
N THR M 90 69.86 64.29 87.44
CA THR M 90 71.02 64.61 88.27
C THR M 90 71.19 63.59 89.37
N ILE M 91 72.42 63.46 89.86
CA ILE M 91 72.71 62.62 91.02
C ILE M 91 74.01 63.08 91.64
N ASN M 92 74.11 62.95 92.96
CA ASN M 92 75.28 63.42 93.69
C ASN M 92 76.21 62.24 93.95
N ALA M 93 77.45 62.36 93.49
CA ALA M 93 78.43 61.30 93.70
C ALA M 93 78.85 61.24 95.16
N ILE M 94 79.48 60.14 95.53
CA ILE M 94 79.93 59.94 96.91
C ILE M 94 81.24 60.68 97.10
N ASP M 95 81.28 61.58 98.08
CA ASP M 95 82.43 62.43 98.29
C ASP M 95 83.63 61.63 98.79
N ASN M 96 84.82 62.06 98.35
CA ASN M 96 86.09 61.51 98.84
C ASN M 96 86.15 59.99 98.66
N ALA M 97 85.56 59.50 97.57
CA ALA M 97 85.54 58.07 97.31
C ALA M 97 85.39 57.83 95.82
N ASN M 98 85.96 56.73 95.34
CA ASN M 98 85.86 56.35 93.93
C ASN M 98 84.53 55.65 93.72
N SER M 99 83.48 56.46 93.63
CA SER M 99 82.13 55.91 93.55
C SER M 99 81.82 55.48 92.11
N PHE M 100 80.75 54.73 91.97
CA PHE M 100 80.27 54.25 90.68
C PHE M 100 78.82 54.68 90.51
N VAL M 101 78.52 55.30 89.37
CA VAL M 101 77.16 55.60 88.96
C VAL M 101 76.71 54.52 88.00
N TRP M 102 75.60 53.88 88.31
CA TRP M 102 75.11 52.76 87.51
C TRP M 102 73.59 52.71 87.58
N ILE M 103 73.00 52.07 86.58
CA ILE M 103 71.57 51.85 86.53
C ILE M 103 71.29 50.43 86.97
N GLY M 104 70.37 50.27 87.91
CA GLY M 104 70.05 48.95 88.41
C GLY M 104 69.15 49.04 89.61
N LYS M 105 69.12 47.94 90.37
CA LYS M 105 68.29 47.85 91.56
C LYS M 105 69.15 47.40 92.73
N THR M 106 68.82 47.94 93.90
CA THR M 106 69.50 47.55 95.13
C THR M 106 68.71 46.46 95.85
N ASP M 107 69.41 45.71 96.69
CA ASP M 107 68.76 44.64 97.44
C ASP M 107 67.71 45.21 98.38
N ALA M 108 67.98 46.38 98.98
CA ALA M 108 67.01 47.02 99.84
C ALA M 108 65.75 47.39 99.07
N ASP M 109 65.90 48.11 97.97
CA ASP M 109 64.76 48.53 97.16
C ASP M 109 64.81 47.85 95.80
N PRO M 110 63.93 46.89 95.53
CA PRO M 110 63.96 46.20 94.22
C PRO M 110 63.59 47.09 93.05
N ALA M 111 63.32 48.37 93.26
CA ALA M 111 63.05 49.28 92.16
C ALA M 111 64.31 49.52 91.34
N ILE M 112 64.14 49.64 90.03
CA ILE M 112 65.25 49.87 89.11
C ILE M 112 65.32 51.36 88.80
N ALA M 113 66.48 51.95 89.06
CA ALA M 113 66.68 53.38 88.80
C ALA M 113 68.18 53.65 88.73
N LEU M 114 68.53 54.92 88.68
CA LEU M 114 69.92 55.36 88.68
C LEU M 114 70.41 55.49 90.11
N ARG M 115 71.55 54.87 90.40
CA ARG M 115 72.09 54.83 91.75
C ARG M 115 73.58 55.09 91.72
N VAL M 116 74.11 55.55 92.86
CA VAL M 116 75.54 55.73 93.06
C VAL M 116 75.96 54.94 94.28
N SER M 117 76.94 54.07 94.10
CA SER M 117 77.43 53.22 95.18
C SER M 117 78.95 53.35 95.26
N GLN M 118 79.55 52.64 96.21
CA GLN M 118 80.99 52.57 96.32
C GLN M 118 81.55 51.29 95.72
N THR M 119 80.70 50.41 95.20
CA THR M 119 81.14 49.15 94.62
C THR M 119 80.15 48.75 93.54
N LEU M 120 80.67 48.31 92.40
CA LEU M 120 79.81 47.86 91.31
C LEU M 120 79.19 46.52 91.65
N PRO M 121 77.87 46.38 91.62
CA PRO M 121 77.26 45.06 91.81
C PRO M 121 77.59 44.14 90.66
N ASN M 122 77.57 42.83 90.93
CA ASN M 122 77.77 41.85 89.87
C ASN M 122 76.63 41.92 88.84
N VAL M 123 75.45 42.37 89.26
CA VAL M 123 74.33 42.61 88.38
C VAL M 123 74.06 44.11 88.37
N CYS M 124 74.35 44.76 87.25
CA CYS M 124 74.22 46.20 87.16
C CYS M 124 74.35 46.59 85.69
N ILE M 125 74.06 47.86 85.42
CA ILE M 125 74.40 48.51 84.16
C ILE M 125 75.42 49.61 84.47
N PRO M 126 76.71 49.35 84.27
CA PRO M 126 77.71 50.34 84.63
C PRO M 126 77.62 51.56 83.73
N LEU M 127 77.63 52.73 84.35
CA LEU M 127 77.58 53.97 83.60
C LEU M 127 78.88 54.76 83.71
N ALA M 128 79.36 55.03 84.93
CA ALA M 128 80.58 55.79 85.05
C ALA M 128 81.22 55.52 86.41
N ARG M 129 82.53 55.77 86.47
CA ARG M 129 83.26 55.77 87.73
C ARG M 129 83.70 57.21 88.00
N VAL M 130 83.30 57.73 89.16
CA VAL M 130 83.55 59.12 89.52
C VAL M 130 84.48 59.14 90.73
N ILE M 131 85.66 59.73 90.55
CA ILE M 131 86.58 60.00 91.65
C ILE M 131 86.45 61.47 91.99
N ALA M 132 85.98 61.76 93.20
CA ALA M 132 85.74 63.12 93.65
C ALA M 132 86.39 63.33 95.01
N ALA M 133 86.73 64.59 95.29
CA ALA M 133 87.40 64.95 96.53
C ALA M 133 87.12 66.41 96.84
N SER M 134 86.88 66.69 98.12
CA SER M 134 86.61 68.05 98.60
C SER M 134 85.43 68.67 97.86
N GLY M 135 84.40 67.87 97.61
CA GLY M 135 83.21 68.38 96.94
C GLY M 135 83.36 68.62 95.46
N SER M 136 84.50 68.28 94.88
CA SER M 136 84.75 68.50 93.46
C SER M 136 85.21 67.20 92.83
N VAL M 137 84.76 66.98 91.59
CA VAL M 137 85.07 65.73 90.89
C VAL M 137 86.45 65.83 90.28
N THR M 138 87.32 64.89 90.63
CA THR M 138 88.66 64.85 90.04
C THR M 138 88.68 64.13 88.70
N SER M 139 87.88 63.07 88.54
CA SER M 139 87.89 62.33 87.28
C SER M 139 86.58 61.60 87.09
N VAL M 140 86.15 61.48 85.83
CA VAL M 140 85.01 60.68 85.44
C VAL M 140 85.46 59.74 84.33
N THR M 141 85.14 58.46 84.46
CA THR M 141 85.53 57.46 83.48
C THR M 141 84.28 56.74 82.99
N ASP M 142 84.04 56.81 81.68
CA ASP M 142 82.89 56.14 81.10
C ASP M 142 83.07 54.64 81.14
N LEU M 143 82.06 53.93 81.62
CA LEU M 143 82.09 52.47 81.70
C LEU M 143 81.18 51.81 80.68
N ARG M 144 80.66 52.58 79.73
CA ARG M 144 79.75 52.04 78.73
C ARG M 144 80.53 51.30 77.64
N ASP M 145 79.79 50.54 76.83
CA ASP M 145 80.40 49.82 75.72
C ASP M 145 80.96 50.77 74.67
N VAL M 146 80.52 52.03 74.67
CA VAL M 146 81.08 53.01 73.74
C VAL M 146 82.54 53.32 74.06
N SER M 147 83.00 53.02 75.28
CA SER M 147 84.34 53.36 75.72
C SER M 147 85.19 52.17 76.10
N VAL M 148 84.62 51.19 76.80
CA VAL M 148 85.38 50.04 77.28
C VAL M 148 84.66 48.76 76.90
N ASP M 149 85.42 47.67 76.84
CA ASP M 149 84.88 46.33 76.69
C ASP M 149 84.88 45.69 78.07
N ILE M 150 83.69 45.47 78.63
CA ILE M 150 83.57 45.02 80.01
C ILE M 150 83.82 43.51 80.06
N LEU M 151 84.75 43.11 80.91
CA LEU M 151 84.93 41.69 81.19
C LEU M 151 83.72 41.19 81.98
N PRO M 152 83.00 40.18 81.49
CA PRO M 152 81.75 39.80 82.14
C PRO M 152 82.02 39.21 83.52
N PRO M 153 81.11 39.40 84.47
CA PRO M 153 81.27 38.77 85.79
C PRO M 153 81.14 37.27 85.68
N SER M 154 81.78 36.57 86.62
CA SER M 154 81.70 35.12 86.70
C SER M 154 80.63 34.75 87.71
N ILE M 155 79.50 34.24 87.22
CA ILE M 155 78.39 33.86 88.09
C ILE M 155 78.24 32.34 88.10
N PRO M 156 78.67 31.65 89.15
CA PRO M 156 78.50 30.20 89.20
C PRO M 156 77.03 29.81 89.37
N ASP M 157 76.70 28.62 88.88
CA ASP M 157 75.35 28.11 88.98
C ASP M 157 75.06 27.64 90.41
N ALA M 158 73.77 27.44 90.69
CA ALA M 158 73.37 27.06 92.04
C ALA M 158 73.90 25.69 92.42
N VAL M 159 73.72 24.69 91.57
CA VAL M 159 74.13 23.32 91.86
C VAL M 159 75.27 22.95 90.91
N PRO M 160 76.26 22.20 91.37
CA PRO M 160 77.40 21.87 90.51
C PRO M 160 77.02 20.88 89.42
N VAL M 161 77.85 20.84 88.38
CA VAL M 161 77.63 19.92 87.27
C VAL M 161 77.80 18.49 87.75
N GLY M 162 76.85 17.63 87.39
CA GLY M 162 76.85 16.26 87.84
C GLY M 162 76.04 16.01 89.10
N SER M 163 75.72 17.06 89.85
CA SER M 163 74.88 16.91 91.03
C SER M 163 73.47 16.52 90.60
N THR M 164 72.90 15.56 91.31
CA THR M 164 71.57 15.05 91.02
C THR M 164 70.56 15.79 91.89
N ILE M 165 69.52 16.32 91.24
CA ILE M 165 68.45 17.06 91.91
C ILE M 165 67.20 16.20 91.88
N ILE M 166 66.57 16.05 93.04
CA ILE M 166 65.35 15.26 93.17
C ILE M 166 64.16 16.19 93.06
N SER M 167 63.17 15.80 92.26
CA SER M 167 62.02 16.63 92.00
C SER M 167 60.75 15.80 92.00
N LEU M 168 59.63 16.45 92.33
CA LEU M 168 58.32 15.83 92.36
C LEU M 168 57.41 16.36 91.27
N ILE M 169 57.97 16.99 90.25
CA ILE M 169 57.13 17.61 89.21
C ILE M 169 56.40 16.54 88.41
N PRO M 170 55.17 16.76 88.00
CA PRO M 170 54.43 15.76 87.24
C PRO M 170 55.07 15.52 85.89
N PRO M 171 54.76 14.41 85.23
CA PRO M 171 55.34 14.15 83.90
C PRO M 171 54.98 15.21 82.88
N THR M 172 53.80 15.83 83.01
CA THR M 172 53.41 16.88 82.06
C THR M 172 54.30 18.11 82.20
N ALA M 173 54.85 18.34 83.37
CA ALA M 173 55.70 19.51 83.58
C ALA M 173 56.98 19.38 82.75
N PRO M 174 57.45 20.46 82.13
CA PRO M 174 58.66 20.37 81.30
C PRO M 174 59.90 20.20 82.15
N ILE M 175 60.90 19.54 81.57
CA ILE M 175 62.17 19.34 82.26
C ILE M 175 62.87 20.68 82.44
N PRO M 176 63.40 20.98 83.62
CA PRO M 176 64.16 22.22 83.80
C PRO M 176 65.34 22.27 82.85
N ALA M 177 65.57 23.47 82.29
CA ALA M 177 66.59 23.62 81.27
C ALA M 177 67.96 23.33 81.83
N GLY M 178 68.80 22.69 81.01
CA GLY M 178 70.13 22.31 81.45
C GLY M 178 70.16 21.10 82.35
N TYR M 179 69.12 20.27 82.34
CA TYR M 179 69.06 19.07 83.14
C TYR M 179 68.85 17.85 82.26
N LEU M 180 69.45 16.73 82.67
CA LEU M 180 69.30 15.47 81.96
C LEU M 180 68.43 14.54 82.80
N GLU M 181 67.33 14.06 82.21
CA GLU M 181 66.44 13.15 82.90
C GLU M 181 67.05 11.76 82.97
N LEU M 182 66.87 11.09 84.11
CA LEU M 182 67.32 9.72 84.29
C LEU M 182 66.12 8.78 84.18
N LEU M 183 66.15 7.91 83.19
CA LEU M 183 65.04 7.03 82.89
C LEU M 183 65.25 5.68 83.57
N ASN M 184 64.40 4.71 83.20
CA ASN M 184 64.47 3.40 83.85
C ASN M 184 65.80 2.71 83.57
N SER M 185 66.23 2.73 82.32
CA SER M 185 67.46 2.06 81.91
C SER M 185 68.56 3.06 81.64
N SER M 186 69.74 2.53 81.31
CA SER M 186 70.88 3.37 80.99
C SER M 186 70.66 4.10 79.66
N GLN M 187 71.40 5.19 79.50
CA GLN M 187 71.36 5.97 78.27
C GLN M 187 72.79 6.15 77.76
N ASN M 188 72.90 6.72 76.55
CA ASN M 188 74.19 7.09 75.99
C ASN M 188 74.06 8.48 75.40
N VAL M 189 74.66 9.47 76.04
CA VAL M 189 74.53 10.85 75.60
C VAL M 189 75.86 11.32 75.02
N SER M 190 75.78 12.23 74.06
CA SER M 190 76.95 12.66 73.31
C SER M 190 77.96 13.34 74.21
N ARG M 191 79.23 12.98 74.05
CA ARG M 191 80.29 13.62 74.82
C ARG M 191 80.39 15.12 74.49
N THR M 192 80.29 15.46 73.20
CA THR M 192 80.46 16.86 72.81
C THR M 192 79.26 17.70 73.22
N THR M 193 78.08 17.09 73.32
CA THR M 193 76.89 17.83 73.74
C THR M 193 76.95 18.12 75.23
N TYR M 194 77.31 17.14 76.03
CA TYR M 194 77.48 17.30 77.47
C TYR M 194 78.98 17.13 77.75
N SER M 195 79.73 18.21 77.60
CA SER M 195 81.17 18.15 77.81
C SER M 195 81.52 18.28 79.28
N ALA M 196 80.90 19.25 79.96
CA ALA M 196 81.15 19.43 81.39
C ALA M 196 80.77 18.20 82.19
N LEU M 197 79.77 17.46 81.72
CA LEU M 197 79.40 16.22 82.39
C LEU M 197 80.39 15.09 82.09
N PHE M 198 80.86 15.01 80.85
CA PHE M 198 81.77 13.91 80.51
C PHE M 198 83.13 14.09 81.16
N VAL M 199 83.63 15.32 81.23
CA VAL M 199 84.94 15.53 81.83
C VAL M 199 84.92 15.18 83.31
N LEU M 200 83.75 15.25 83.95
CA LEU M 200 83.64 14.97 85.37
C LEU M 200 83.34 13.49 85.63
N TRP M 201 82.24 12.99 85.03
CA TRP M 201 81.88 11.59 85.23
C TRP M 201 82.90 10.67 84.58
N GLY M 202 83.25 10.93 83.32
CA GLY M 202 84.11 10.04 82.60
C GLY M 202 83.37 8.79 82.16
N THR M 203 84.12 7.88 81.57
CA THR M 203 83.55 6.62 81.10
C THR M 203 83.42 5.64 82.26
N TYR M 204 82.79 6.08 83.34
CA TYR M 204 82.63 5.30 84.56
C TYR M 204 81.22 4.79 84.74
N TYR M 205 80.26 5.33 84.00
CA TYR M 205 78.89 4.85 83.98
C TYR M 205 78.54 4.16 82.67
N GLY M 206 79.53 3.83 81.86
CA GLY M 206 79.31 3.09 80.63
C GLY M 206 79.98 3.74 79.44
N ASN M 207 80.20 2.95 78.38
CA ASN M 207 80.79 3.52 77.17
C ASN M 207 79.87 3.32 75.99
N GLY M 208 79.04 4.31 75.70
CA GLY M 208 78.16 4.21 74.56
C GLY M 208 78.96 4.06 73.29
N ASP M 209 79.90 4.96 73.06
CA ASP M 209 80.75 4.86 71.89
C ASP M 209 82.20 4.98 72.30
N GLY M 210 83.10 4.76 71.37
CA GLY M 210 84.52 4.86 71.67
C GLY M 210 84.95 6.27 71.98
N SER M 211 84.41 7.24 71.25
CA SER M 211 84.81 8.63 71.45
C SER M 211 83.69 9.63 71.22
N THR M 212 82.46 9.15 71.09
CA THR M 212 81.37 10.06 70.77
C THR M 212 80.26 10.18 71.81
N THR M 213 79.95 9.12 72.55
CA THR M 213 78.91 9.11 73.56
C THR M 213 79.40 8.39 74.80
N PHE M 214 78.81 8.74 75.95
CA PHE M 214 79.15 8.13 77.21
C PHE M 214 77.87 7.77 77.95
N GLY M 215 78.00 6.79 78.86
CA GLY M 215 76.85 6.20 79.49
C GLY M 215 76.22 7.06 80.57
N VAL M 216 74.94 6.76 80.82
CA VAL M 216 74.13 7.48 81.79
C VAL M 216 73.43 6.42 82.63
N PRO M 217 73.57 6.43 83.95
CA PRO M 217 72.96 5.38 84.77
C PRO M 217 71.44 5.46 84.74
N GLY M 218 70.82 4.30 84.86
CA GLY M 218 69.36 4.19 84.86
C GLY M 218 68.86 3.97 86.27
N THR M 219 67.78 4.67 86.63
CA THR M 219 67.22 4.54 87.96
C THR M 219 66.71 3.13 88.21
N GLY M 220 66.03 2.55 87.22
CA GLY M 220 65.52 1.20 87.38
C GLY M 220 64.43 1.05 88.41
N GLY M 221 63.79 2.14 88.81
CA GLY M 221 62.75 2.08 89.82
C GLY M 221 63.24 1.53 91.15
N ARG M 222 64.43 1.94 91.57
CA ARG M 222 65.05 1.43 92.78
C ARG M 222 64.92 2.43 93.92
N PHE M 223 65.41 2.02 95.08
CA PHE M 223 65.42 2.87 96.26
C PHE M 223 66.74 3.61 96.36
N LEU M 224 66.72 4.72 97.09
CA LEU M 224 67.91 5.55 97.23
C LEU M 224 68.70 5.11 98.44
N ARG M 225 69.95 4.69 98.23
CA ARG M 225 70.77 4.13 99.29
C ARG M 225 72.13 4.79 99.28
N LEU M 226 72.43 5.52 100.35
CA LEU M 226 73.78 6.01 100.57
C LEU M 226 74.72 4.83 100.79
N GLY M 227 75.91 4.91 100.19
CA GLY M 227 76.76 3.74 100.12
C GLY M 227 78.10 3.86 100.83
N GLY M 228 78.10 4.40 102.05
CA GLY M 228 79.35 4.61 102.75
C GLY M 228 80.14 3.33 102.95
N SER M 229 79.47 2.25 103.33
CA SER M 229 80.15 1.02 103.73
C SER M 229 80.35 0.13 102.50
N GLY M 230 81.54 0.21 101.92
CA GLY M 230 81.93 -0.70 100.86
C GLY M 230 81.02 -0.73 99.66
N LEU M 231 80.56 0.44 99.22
CA LEU M 231 79.65 0.53 98.07
C LEU M 231 80.01 1.79 97.28
N SER M 232 80.64 1.61 96.13
CA SER M 232 80.97 2.74 95.28
C SER M 232 79.70 3.37 94.73
N VAL M 233 79.86 4.50 94.06
CA VAL M 233 78.71 5.21 93.51
C VAL M 233 78.15 4.43 92.32
N GLY M 234 76.85 4.52 92.14
CA GLY M 234 76.19 3.81 91.05
C GLY M 234 76.03 2.32 91.27
N ASP M 235 76.41 1.82 92.44
CA ASP M 235 76.26 0.40 92.72
C ASP M 235 74.78 0.03 92.84
N ILE M 236 74.46 -1.18 92.38
CA ILE M 236 73.13 -1.71 92.43
C ILE M 236 73.17 -3.03 93.19
N GLY M 237 72.02 -3.67 93.30
CA GLY M 237 71.89 -4.93 93.99
C GLY M 237 70.50 -5.04 94.58
N GLY M 238 70.39 -5.87 95.60
CA GLY M 238 69.10 -6.09 96.25
C GLY M 238 68.16 -6.86 95.34
N SER M 239 66.95 -7.06 95.86
CA SER M 239 65.94 -7.80 95.10
C SER M 239 64.58 -7.56 95.72
N ASN M 240 63.57 -7.38 94.87
CA ASN M 240 62.20 -7.28 95.36
C ASN M 240 61.63 -8.64 95.76
N GLN M 241 62.05 -9.70 95.08
CA GLN M 241 61.64 -11.05 95.43
C GLN M 241 62.59 -11.59 96.50
N ILE M 242 62.02 -12.15 97.57
CA ILE M 242 62.79 -12.70 98.67
C ILE M 242 62.45 -14.16 98.83
N THR M 243 63.49 -14.97 99.09
CA THR M 243 63.35 -16.42 99.23
C THR M 243 63.81 -16.81 100.62
N ILE M 244 62.94 -17.49 101.37
CA ILE M 244 63.27 -17.92 102.72
C ILE M 244 64.26 -19.08 102.63
N PRO M 245 65.44 -18.95 103.22
CA PRO M 245 66.38 -20.07 103.23
C PRO M 245 65.95 -21.13 104.25
N THR M 246 66.52 -22.32 104.09
CA THR M 246 66.15 -23.43 104.95
C THR M 246 66.47 -23.14 106.41
N ASN M 247 67.65 -22.56 106.68
CA ASN M 247 68.03 -22.29 108.06
C ASN M 247 67.22 -21.15 108.68
N ALA M 248 66.44 -20.43 107.88
CA ALA M 248 65.66 -19.32 108.41
C ALA M 248 64.35 -19.77 109.05
N LEU M 249 63.95 -21.01 108.83
CA LEU M 249 62.66 -21.49 109.32
C LEU M 249 62.63 -21.52 110.84
N PRO M 250 61.69 -20.85 111.48
CA PRO M 250 61.60 -20.91 112.94
C PRO M 250 61.26 -22.30 113.42
N SER M 251 61.74 -22.63 114.62
CA SER M 251 61.46 -23.93 115.21
C SER M 251 59.97 -24.04 115.53
N HIS M 252 59.37 -25.17 115.16
CA HIS M 252 57.96 -25.40 115.43
C HIS M 252 57.72 -26.89 115.57
N GLN M 253 56.58 -27.22 116.19
CA GLN M 253 56.22 -28.60 116.48
C GLN M 253 54.82 -28.86 115.97
N HIS M 254 54.65 -29.95 115.23
CA HIS M 254 53.33 -30.32 114.73
C HIS M 254 52.67 -31.34 115.65
N GLY M 255 51.35 -31.21 115.81
CA GLY M 255 50.58 -32.12 116.62
C GLY M 255 50.13 -33.31 115.79
N ILE M 256 50.32 -34.50 116.35
CA ILE M 256 49.89 -35.73 115.69
C ILE M 256 48.50 -36.07 116.20
N PRO M 257 47.53 -36.28 115.31
CA PRO M 257 46.15 -36.49 115.76
C PRO M 257 45.99 -37.85 116.43
N ALA M 258 44.79 -38.07 116.96
CA ALA M 258 44.47 -39.34 117.58
C ALA M 258 44.47 -40.46 116.55
N ASN M 259 44.95 -41.63 116.96
CA ASN M 259 45.10 -42.77 116.07
C ASN M 259 44.58 -44.02 116.75
N THR M 260 44.23 -45.02 115.93
CA THR M 260 43.63 -46.25 116.43
C THR M 260 43.77 -47.31 115.36
N HIS M 261 44.18 -48.52 115.74
CA HIS M 261 44.36 -49.59 114.78
C HIS M 261 44.27 -50.93 115.49
N THR M 262 44.01 -51.97 114.70
CA THR M 262 44.04 -53.35 115.14
C THR M 262 44.82 -54.17 114.12
N HIS M 263 45.36 -55.29 114.57
CA HIS M 263 46.04 -56.24 113.71
C HIS M 263 45.23 -57.52 113.64
N SER M 264 44.96 -57.99 112.43
CA SER M 264 44.33 -59.30 112.28
C SER M 264 45.30 -60.39 112.72
N VAL M 265 44.74 -61.49 113.18
CA VAL M 265 45.51 -62.61 113.70
C VAL M 265 45.27 -63.83 112.81
N ASN M 266 46.35 -64.54 112.49
CA ASN M 266 46.28 -65.73 111.66
C ASN M 266 46.75 -66.93 112.46
N ASP M 267 45.99 -68.03 112.40
CA ASP M 267 46.34 -69.24 113.12
C ASP M 267 45.55 -70.39 112.52
N GLY M 268 46.27 -71.41 112.05
CA GLY M 268 45.63 -72.57 111.45
C GLY M 268 45.11 -73.53 112.50
N GLY M 269 45.62 -73.43 113.70
CA GLY M 269 45.23 -74.32 114.78
C GLY M 269 46.43 -74.94 115.44
N HIS M 270 46.17 -75.63 116.55
CA HIS M 270 47.23 -76.30 117.31
C HIS M 270 46.63 -77.54 117.96
N GLY M 271 47.29 -78.67 117.80
CA GLY M 271 46.93 -79.83 118.59
C GLY M 271 47.61 -79.82 119.93
N HIS M 272 47.16 -80.70 120.81
CA HIS M 272 47.77 -80.91 122.12
C HIS M 272 48.24 -82.36 122.23
N THR M 273 49.27 -82.56 123.05
CA THR M 273 49.88 -83.87 123.24
C THR M 273 49.28 -84.52 124.49
N ILE M 274 48.89 -85.77 124.34
CA ILE M 274 48.25 -86.53 125.42
C ILE M 274 49.32 -87.29 126.19
N ASN M 275 49.15 -87.34 127.51
CA ASN M 275 50.02 -88.10 128.41
C ASN M 275 49.16 -89.17 129.06
N GLN M 276 49.12 -90.35 128.45
CA GLN M 276 48.26 -91.45 128.89
C GLN M 276 49.10 -92.54 129.52
N THR M 277 48.63 -93.05 130.66
CA THR M 277 49.19 -94.19 131.38
C THR M 277 48.22 -95.37 131.29
N PRO M 278 48.73 -96.59 131.04
CA PRO M 278 47.84 -97.73 130.85
C PRO M 278 46.94 -97.96 132.06
N HIS M 279 45.71 -98.38 131.78
CA HIS M 279 44.71 -98.64 132.81
C HIS M 279 44.17 -100.05 132.65
N SER M 280 43.71 -100.62 133.76
CA SER M 280 43.12 -101.94 133.77
C SER M 280 41.80 -101.90 134.53
N HIS M 281 40.91 -102.81 134.18
CA HIS M 281 39.59 -102.90 134.78
C HIS M 281 39.54 -104.04 135.79
N SER M 282 38.93 -103.78 136.93
CA SER M 282 38.70 -104.84 137.90
C SER M 282 37.60 -105.77 137.38
N ILE M 283 37.73 -107.05 137.75
CA ILE M 283 36.88 -108.11 137.22
C ILE M 283 36.00 -108.64 138.35
N SER M 284 34.71 -108.76 138.08
CA SER M 284 33.78 -109.41 138.99
C SER M 284 33.61 -110.86 138.55
N ASP M 285 33.92 -111.80 139.44
CA ASP M 285 33.98 -113.22 139.11
C ASP M 285 33.12 -114.02 140.06
N PRO M 286 31.80 -114.06 139.85
CA PRO M 286 30.98 -115.08 140.50
C PRO M 286 31.45 -116.46 140.08
N GLY M 287 31.42 -117.40 141.02
CA GLY M 287 31.90 -118.73 140.75
C GLY M 287 31.07 -119.45 139.71
N HIS M 288 31.60 -120.58 139.25
CA HIS M 288 30.93 -121.38 138.24
C HIS M 288 31.32 -122.84 138.44
N ALA M 289 30.55 -123.73 137.80
CA ALA M 289 30.82 -125.16 137.86
C ALA M 289 30.27 -125.81 136.60
N HIS M 290 30.81 -126.99 136.30
CA HIS M 290 30.41 -127.77 135.14
C HIS M 290 29.72 -129.05 135.59
N GLY M 291 28.99 -129.65 134.66
CA GLY M 291 28.31 -130.90 134.90
C GLY M 291 29.06 -132.08 134.31
N VAL M 292 28.93 -133.24 134.96
CA VAL M 292 29.51 -134.48 134.49
C VAL M 292 28.36 -135.42 134.14
N PRO M 293 27.81 -135.34 132.94
CA PRO M 293 26.61 -136.12 132.62
C PRO M 293 26.90 -137.56 132.24
N PHE M 294 28.10 -138.04 132.56
CA PHE M 294 28.54 -139.36 132.13
C PHE M 294 28.47 -140.32 133.32
N GLY M 295 27.29 -140.91 133.52
CA GLY M 295 27.12 -141.98 134.47
C GLY M 295 26.83 -143.26 133.72
N ALA M 296 27.30 -144.38 134.28
CA ALA M 296 27.26 -145.65 133.58
C ALA M 296 25.89 -146.32 133.72
N ALA M 297 25.31 -146.73 132.59
CA ALA M 297 24.10 -147.53 132.60
C ALA M 297 24.38 -149.01 132.43
N VAL M 298 25.51 -149.36 131.81
CA VAL M 298 25.90 -150.75 131.62
C VAL M 298 27.27 -150.97 132.26
N ASP M 299 27.80 -152.18 132.13
CA ASP M 299 29.06 -152.54 132.75
C ASP M 299 30.22 -152.64 131.77
N ASN M 300 29.96 -152.97 130.52
CA ASN M 300 31.03 -153.14 129.54
C ASN M 300 31.41 -151.80 128.91
N GLY M 301 32.72 -151.58 128.77
CA GLY M 301 33.24 -150.40 128.14
C GLY M 301 33.73 -149.36 129.14
N ASN M 302 34.63 -148.51 128.66
CA ASN M 302 35.15 -147.40 129.46
C ASN M 302 34.63 -146.06 128.97
N ASN M 303 33.45 -146.05 128.36
CA ASN M 303 32.90 -144.81 127.82
C ASN M 303 32.54 -143.82 128.92
N ALA M 304 32.03 -144.30 130.05
CA ALA M 304 31.51 -143.40 131.08
C ALA M 304 31.94 -143.94 132.44
N PHE M 305 31.37 -143.38 133.50
CA PHE M 305 31.79 -143.65 134.88
C PHE M 305 30.72 -144.44 135.62
N ASP M 306 31.15 -145.47 136.34
CA ASP M 306 30.23 -146.30 137.10
C ASP M 306 29.57 -145.51 138.21
N THR M 307 28.26 -145.66 138.34
CA THR M 307 27.47 -144.95 139.34
C THR M 307 27.36 -145.81 140.59
N GLY M 308 27.94 -145.33 141.68
CA GLY M 308 27.95 -146.09 142.92
C GLY M 308 26.82 -145.77 143.87
N GLY M 309 26.66 -144.50 144.23
CA GLY M 309 25.55 -144.10 145.06
C GLY M 309 25.85 -143.82 146.52
N SER M 310 26.93 -143.09 146.79
CA SER M 310 27.22 -142.65 148.15
C SER M 310 27.99 -141.34 148.13
N PRO M 311 27.43 -140.26 148.65
CA PRO M 311 28.12 -138.96 148.59
C PRO M 311 29.31 -138.89 149.51
N TYR M 312 30.51 -138.93 148.95
CA TYR M 312 31.73 -138.83 149.76
C TYR M 312 32.84 -138.29 148.87
N ASN M 313 33.54 -137.27 149.34
CA ASN M 313 34.53 -136.57 148.53
C ASN M 313 35.85 -137.33 148.59
N ASN M 314 36.09 -138.14 147.56
CA ASN M 314 37.41 -138.70 147.35
C ASN M 314 38.32 -137.64 146.76
N GLY M 315 39.62 -137.92 146.72
CA GLY M 315 40.54 -136.94 146.19
C GLY M 315 40.66 -137.04 144.68
N ILE M 316 39.86 -136.23 143.98
CA ILE M 316 39.82 -136.23 142.52
C ILE M 316 39.34 -134.85 142.08
N GLY M 317 40.05 -134.25 141.13
CA GLY M 317 39.63 -132.96 140.60
C GLY M 317 39.44 -132.99 139.10
N THR M 318 39.85 -131.93 138.42
CA THR M 318 39.83 -131.85 136.97
C THR M 318 41.19 -131.39 136.47
N THR M 319 41.29 -131.21 135.15
CA THR M 319 42.48 -130.63 134.57
C THR M 319 42.41 -129.12 134.68
N GLN M 320 43.57 -128.49 134.96
CA GLN M 320 43.66 -127.06 135.17
C GLN M 320 43.78 -126.38 133.81
N ASN M 321 42.64 -126.16 133.16
CA ASN M 321 42.61 -125.60 131.82
C ASN M 321 41.91 -124.25 131.82
N GLN M 322 42.47 -123.31 131.06
CA GLN M 322 42.02 -121.92 131.06
C GLN M 322 40.65 -121.77 130.40
N THR M 323 40.16 -120.54 130.39
CA THR M 323 38.91 -120.18 129.77
C THR M 323 39.17 -119.27 128.58
N GLY M 324 38.53 -119.55 127.45
CA GLY M 324 38.71 -118.70 126.30
C GLY M 324 37.72 -117.56 126.29
N ILE M 325 38.14 -116.39 126.76
CA ILE M 325 37.31 -115.20 126.77
C ILE M 325 38.11 -114.05 126.18
N SER M 326 37.40 -113.07 125.64
CA SER M 326 38.01 -111.90 125.04
C SER M 326 37.32 -110.64 125.54
N VAL M 327 38.12 -109.65 125.90
CA VAL M 327 37.58 -108.35 126.31
C VAL M 327 37.22 -107.57 125.05
N ASN M 328 35.94 -107.32 124.86
CA ASN M 328 35.50 -106.62 123.66
C ASN M 328 35.97 -105.17 123.71
N THR M 329 36.17 -104.60 122.53
CA THR M 329 36.73 -103.26 122.42
C THR M 329 35.70 -102.22 122.86
N ALA M 330 36.19 -101.14 123.47
CA ALA M 330 35.34 -100.04 123.91
C ALA M 330 36.20 -98.80 124.08
N ASN M 331 35.54 -97.66 124.22
CA ASN M 331 36.23 -96.37 124.30
C ASN M 331 35.75 -95.59 125.52
N ALA M 332 36.69 -95.02 126.25
CA ALA M 332 36.35 -94.20 127.40
C ALA M 332 35.65 -92.92 126.95
N ASN M 333 34.61 -92.53 127.68
CA ASN M 333 33.82 -91.35 127.34
C ASN M 333 34.55 -90.12 127.88
N LEU M 334 35.17 -89.36 126.98
CA LEU M 334 36.03 -88.26 127.35
C LEU M 334 35.55 -86.98 126.68
N SER M 335 35.75 -85.85 127.37
CA SER M 335 35.38 -84.54 126.84
C SER M 335 36.29 -83.50 127.45
N ILE M 336 36.83 -82.62 126.63
CA ILE M 336 37.73 -81.58 127.10
C ILE M 336 36.94 -80.30 127.35
N ASN M 337 37.30 -79.60 128.42
CA ASN M 337 36.70 -78.32 128.75
C ASN M 337 37.55 -77.17 128.22
N THR M 338 36.91 -76.03 127.98
CA THR M 338 37.61 -74.91 127.37
C THR M 338 38.60 -74.28 128.33
N SER M 339 39.59 -73.60 127.76
CA SER M 339 40.52 -72.81 128.55
C SER M 339 41.01 -71.64 127.71
N SER M 340 41.47 -70.60 128.39
CA SER M 340 42.04 -69.43 127.74
C SER M 340 43.55 -69.59 127.67
N THR M 341 44.11 -69.36 126.48
CA THR M 341 45.53 -69.57 126.27
C THR M 341 46.39 -68.61 127.06
N GLY M 342 45.82 -67.53 127.58
CA GLY M 342 46.62 -66.51 128.23
C GLY M 342 47.61 -65.87 127.28
N ILE M 343 47.25 -65.72 126.01
CA ILE M 343 48.16 -65.15 125.03
C ILE M 343 48.46 -63.70 125.42
N SER M 344 49.65 -63.24 125.05
CA SER M 344 50.06 -61.88 125.37
C SER M 344 50.75 -61.27 124.15
N ILE M 345 50.67 -59.96 124.07
CA ILE M 345 51.22 -59.19 122.95
C ILE M 345 52.27 -58.24 123.51
N GLN M 346 53.49 -58.31 122.96
CA GLN M 346 54.54 -57.42 123.40
C GLN M 346 54.29 -56.00 122.88
N SER M 347 55.24 -55.11 123.15
CA SER M 347 55.15 -53.73 122.72
C SER M 347 56.05 -53.55 121.50
N ALA M 348 55.49 -52.99 120.43
CA ALA M 348 56.23 -52.72 119.22
C ALA M 348 56.12 -51.24 118.88
N SER M 349 56.82 -50.85 117.82
CA SER M 349 56.84 -49.48 117.36
C SER M 349 56.45 -49.45 115.89
N THR M 350 55.79 -48.36 115.49
CA THR M 350 55.39 -48.21 114.09
C THR M 350 56.60 -48.07 113.17
N GLY M 351 57.77 -47.75 113.73
CA GLY M 351 58.96 -47.60 112.93
C GLY M 351 59.10 -46.27 112.23
N LEU M 352 58.11 -45.39 112.36
CA LEU M 352 58.17 -44.09 111.70
C LEU M 352 59.33 -43.28 112.26
N THR M 353 60.15 -42.73 111.37
CA THR M 353 61.32 -41.96 111.75
C THR M 353 61.25 -40.50 111.33
N VAL M 354 60.51 -40.17 110.28
CA VAL M 354 60.43 -38.81 109.80
C VAL M 354 59.13 -38.66 109.02
N THR M 355 58.52 -37.48 109.12
CA THR M 355 57.36 -37.15 108.31
C THR M 355 57.80 -36.67 106.93
N SER M 356 56.83 -36.59 106.03
CA SER M 356 57.12 -36.08 104.70
C SER M 356 57.26 -34.56 104.73
N ASN M 357 57.92 -34.03 103.71
CA ASN M 357 58.13 -32.59 103.62
C ASN M 357 56.81 -31.85 103.39
N ALA M 358 56.80 -30.58 103.74
CA ALA M 358 55.64 -29.72 103.49
C ALA M 358 56.17 -28.29 103.34
N GLY M 359 56.31 -27.85 102.09
CA GLY M 359 56.75 -26.50 101.82
C GLY M 359 57.37 -26.34 100.44
N ASN M 360 57.04 -25.24 99.77
CA ASN M 360 57.54 -24.96 98.43
C ASN M 360 58.72 -24.00 98.43
N GLY M 361 58.71 -23.00 99.30
CA GLY M 361 59.81 -22.04 99.34
C GLY M 361 59.94 -21.21 98.08
N GLN M 362 58.82 -20.75 97.53
CA GLN M 362 58.84 -19.95 96.32
C GLN M 362 59.22 -18.51 96.64
N ALA M 363 59.52 -17.75 95.59
CA ALA M 363 59.88 -16.35 95.76
C ALA M 363 58.73 -15.57 96.36
N PHE M 364 59.05 -14.65 97.26
CA PHE M 364 58.07 -13.90 98.02
C PHE M 364 58.32 -12.41 97.79
N GLN M 365 57.27 -11.68 97.44
CA GLN M 365 57.37 -10.28 97.06
C GLN M 365 57.13 -9.39 98.28
N HIS M 366 58.06 -8.47 98.53
CA HIS M 366 57.93 -7.51 99.61
C HIS M 366 58.47 -6.16 99.15
N ASP M 367 57.78 -5.09 99.53
CA ASP M 367 58.18 -3.73 99.17
C ASP M 367 58.05 -2.83 100.38
N GLN M 368 59.07 -2.00 100.59
CA GLN M 368 59.10 -1.07 101.71
C GLN M 368 58.27 0.16 101.39
N PRO M 369 57.82 0.88 102.41
CA PRO M 369 57.04 2.10 102.16
C PRO M 369 57.85 3.09 101.36
N TYR M 370 57.37 3.43 100.16
CA TYR M 370 58.12 4.24 99.23
C TYR M 370 57.27 5.37 98.68
N LEU M 371 57.96 6.42 98.22
CA LEU M 371 57.38 7.48 97.43
C LEU M 371 58.27 7.68 96.20
N VAL M 372 57.64 7.90 95.06
CA VAL M 372 58.34 7.96 93.78
C VAL M 372 58.73 9.39 93.47
N PHE M 373 59.99 9.59 93.10
CA PHE M 373 60.54 10.89 92.73
C PHE M 373 61.18 10.82 91.35
N ARG M 374 61.66 11.96 90.88
CA ARG M 374 62.45 12.06 89.67
C ARG M 374 63.84 12.59 90.01
N VAL M 375 64.82 12.16 89.24
CA VAL M 375 66.19 12.62 89.43
C VAL M 375 66.71 13.22 88.13
N PHE M 376 67.25 14.44 88.22
CA PHE M 376 67.82 15.14 87.09
C PHE M 376 69.29 15.41 87.33
N VAL M 377 70.11 15.10 86.34
CA VAL M 377 71.55 15.35 86.41
C VAL M 377 71.82 16.75 85.89
N LYS M 378 72.59 17.52 86.66
CA LYS M 378 72.92 18.88 86.26
C LYS M 378 73.89 18.88 85.07
N VAL M 379 73.61 19.72 84.09
CA VAL M 379 74.54 19.93 82.99
C VAL M 379 74.53 21.40 82.56
N VAL N 2 75.25 63.55 31.87
CA VAL N 2 75.01 64.78 31.12
C VAL N 2 75.50 66.00 31.90
N ARG N 3 76.80 66.25 31.81
CA ARG N 3 77.43 67.36 32.51
C ARG N 3 77.47 68.64 31.68
N LYS N 4 77.01 68.59 30.44
CA LYS N 4 77.14 69.67 29.46
C LYS N 4 78.49 70.36 29.60
N VAL N 5 79.54 69.54 29.46
CA VAL N 5 80.92 69.99 29.58
C VAL N 5 81.16 71.21 28.68
N PHE N 6 81.62 72.30 29.28
CA PHE N 6 81.89 73.51 28.53
C PHE N 6 83.22 73.40 27.80
N ASN N 7 83.29 74.06 26.65
CA ASN N 7 84.53 74.18 25.90
C ASN N 7 84.68 75.62 25.45
N ASP N 8 85.92 76.01 25.16
CA ASP N 8 86.21 77.39 24.82
C ASP N 8 85.40 77.84 23.61
N GLY N 9 84.91 79.08 23.66
CA GLY N 9 84.04 79.60 22.63
C GLY N 9 82.57 79.41 22.89
N ASP N 10 82.20 78.59 23.86
CA ASP N 10 80.80 78.37 24.22
C ASP N 10 80.34 79.43 25.22
N ILE N 11 79.06 79.75 25.17
CA ILE N 11 78.51 80.80 26.01
C ILE N 11 78.18 80.23 27.38
N LEU N 12 78.16 81.10 28.38
CA LEU N 12 77.90 80.72 29.76
C LEU N 12 76.59 81.35 30.22
N TYR N 13 75.69 80.52 30.72
CA TYR N 13 74.36 80.96 31.13
C TYR N 13 74.34 81.35 32.60
N ALA N 14 73.43 82.25 32.94
CA ALA N 14 73.24 82.60 34.35
C ALA N 14 72.73 81.41 35.14
N GLU N 15 71.80 80.65 34.55
CA GLU N 15 71.30 79.45 35.21
C GLU N 15 72.42 78.46 35.47
N ASP N 16 73.40 78.37 34.57
CA ASP N 16 74.55 77.51 34.82
C ASP N 16 75.33 77.97 36.05
N VAL N 17 75.52 79.29 36.19
CA VAL N 17 76.23 79.81 37.34
C VAL N 17 75.46 79.50 38.63
N ASN N 18 74.14 79.65 38.58
CA ASN N 18 73.34 79.33 39.76
C ASN N 18 73.42 77.84 40.11
N ILE N 19 73.39 76.97 39.09
CA ILE N 19 73.51 75.54 39.33
C ILE N 19 74.87 75.21 39.94
N ILE N 20 75.93 75.85 39.43
CA ILE N 20 77.27 75.62 39.97
C ILE N 20 77.35 76.12 41.40
N GLY N 21 76.67 77.21 41.70
CA GLY N 21 76.66 77.76 43.05
C GLY N 21 75.95 76.89 44.06
N GLN N 22 75.30 75.83 43.64
CA GLN N 22 74.66 74.89 44.55
C GLN N 22 75.37 73.55 44.48
N PRO N 23 76.57 73.42 45.07
CA PRO N 23 77.30 72.16 44.95
C PRO N 23 76.54 71.00 45.56
N PHE N 24 76.60 69.86 44.89
CA PHE N 24 76.05 68.61 45.37
C PHE N 24 77.18 67.59 45.46
N VAL N 25 77.08 66.69 46.43
CA VAL N 25 78.10 65.68 46.61
C VAL N 25 77.45 64.30 46.60
N ASP N 26 76.34 64.17 45.88
CA ASP N 26 75.55 62.95 45.88
C ASP N 26 76.01 61.94 44.83
N GLY N 27 77.08 62.22 44.11
CA GLY N 27 77.59 61.27 43.14
C GLY N 27 76.86 61.22 41.81
N GLN N 28 75.89 62.11 41.59
CA GLN N 28 75.15 62.11 40.36
C GLN N 28 75.97 62.74 39.23
N ASP N 29 75.59 62.40 37.99
CA ASP N 29 76.30 62.89 36.82
C ASP N 29 75.60 64.13 36.25
N LEU N 30 75.66 65.21 37.02
CA LEU N 30 75.07 66.49 36.63
C LEU N 30 76.12 67.58 36.75
N LEU N 31 75.81 68.74 36.16
CA LEU N 31 76.79 69.81 36.05
C LEU N 31 77.26 70.29 37.41
N GLY N 32 76.33 70.50 38.33
CA GLY N 32 76.70 71.02 39.63
C GLY N 32 76.99 69.98 40.69
N HIS N 33 77.02 68.70 40.32
CA HIS N 33 77.16 67.63 41.29
C HIS N 33 78.61 67.14 41.33
N GLY N 34 78.96 66.48 42.44
CA GLY N 34 80.30 65.95 42.62
C GLY N 34 80.25 64.54 43.15
N LEU N 35 81.43 63.98 43.35
CA LEU N 35 81.53 62.60 43.82
C LEU N 35 81.05 62.49 45.26
N LYS N 36 80.69 61.26 45.65
CA LYS N 36 80.17 61.02 46.98
C LYS N 36 81.25 61.18 48.03
N VAL N 37 80.83 61.46 49.25
CA VAL N 37 81.75 61.72 50.35
C VAL N 37 82.24 60.38 50.90
N ASP N 38 83.54 60.18 50.87
CA ASP N 38 84.17 58.97 51.39
C ASP N 38 84.89 59.28 52.71
N ASP N 39 85.58 58.27 53.23
CA ASP N 39 86.27 58.44 54.51
C ASP N 39 87.35 59.51 54.42
N ASN N 40 88.10 59.53 53.32
CA ASN N 40 89.17 60.51 53.18
C ASN N 40 88.64 61.94 53.12
N SER N 41 87.38 62.11 52.74
CA SER N 41 86.76 63.43 52.71
C SER N 41 85.99 63.75 53.99
N LEU N 42 86.04 62.87 54.99
CA LEU N 42 85.51 63.18 56.31
C LEU N 42 86.63 63.72 57.18
N SER N 43 86.32 64.76 57.94
CA SER N 43 87.35 65.46 58.71
C SER N 43 87.96 64.56 59.77
N ASP N 44 89.28 64.66 59.92
CA ASP N 44 90.01 63.87 60.92
C ASP N 44 90.11 64.63 62.23
N GLU N 45 88.97 65.07 62.74
CA GLU N 45 89.02 65.80 64.00
C GLU N 45 88.57 64.92 65.15
N PRO N 46 89.20 65.06 66.37
CA PRO N 46 88.77 64.10 67.40
C PRO N 46 87.31 64.25 67.78
N GLN N 47 86.74 65.42 67.51
CA GLN N 47 85.34 65.63 67.80
C GLN N 47 84.50 65.36 66.57
N ASN N 48 84.88 64.33 65.82
CA ASN N 48 84.15 63.98 64.63
C ASN N 48 83.63 62.58 64.69
N ILE N 49 82.48 62.37 64.05
CA ILE N 49 81.90 61.05 64.02
C ILE N 49 82.92 60.03 63.51
N LYS N 50 83.75 60.40 62.54
CA LYS N 50 84.67 59.40 61.97
C LYS N 50 85.65 58.89 63.01
N THR N 51 86.33 59.80 63.71
CA THR N 51 87.35 59.38 64.65
C THR N 51 86.76 58.57 65.80
N ARG N 52 85.62 59.01 66.34
CA ARG N 52 85.00 58.29 67.44
C ARG N 52 84.50 56.92 67.00
N PHE N 53 83.82 56.87 65.84
CA PHE N 53 83.27 55.61 65.37
C PHE N 53 84.39 54.61 65.08
N TYR N 54 85.50 55.08 64.52
CA TYR N 54 86.58 54.15 64.22
C TYR N 54 87.38 53.79 65.47
N ALA N 55 87.42 54.67 66.47
CA ALA N 55 88.02 54.31 67.75
C ALA N 55 87.24 53.18 68.40
N TRP N 56 85.91 53.24 68.34
CA TRP N 56 85.12 52.12 68.86
C TRP N 56 85.22 50.89 67.97
N TYR N 57 85.23 51.09 66.65
CA TYR N 57 85.14 50.00 65.70
C TYR N 57 86.46 49.25 65.56
N ASN N 58 87.59 49.93 65.72
CA ASN N 58 88.90 49.31 65.61
C ASN N 58 89.45 48.84 66.96
N ARG N 59 88.67 48.93 68.02
CA ARG N 59 89.15 48.55 69.34
C ARG N 59 89.34 47.05 69.40
N PHE N 60 90.56 46.62 69.77
CA PHE N 60 90.90 45.21 69.94
C PHE N 60 90.68 44.42 68.65
N ARG N 61 90.83 45.07 67.50
CA ARG N 61 90.76 44.36 66.24
C ARG N 61 91.95 43.43 66.10
N VAL N 62 91.70 42.19 65.71
CA VAL N 62 92.74 41.17 65.59
C VAL N 62 93.06 40.98 64.12
N THR N 63 94.27 41.34 63.74
CA THR N 63 94.74 41.21 62.37
C THR N 63 96.04 40.43 62.33
N VAL N 64 96.24 39.71 61.23
CA VAL N 64 97.48 38.97 61.05
C VAL N 64 98.62 39.94 60.85
N GLN N 65 99.70 39.76 61.62
CA GLN N 65 100.91 40.54 61.40
C GLN N 65 101.83 39.83 60.41
N SER N 66 102.26 38.61 60.74
CA SER N 66 103.09 37.83 59.84
C SER N 66 103.21 36.41 60.39
N GLY N 67 103.13 35.43 59.50
CA GLY N 67 103.20 34.04 59.93
C GLY N 67 102.04 33.72 60.85
N LEU N 68 102.35 33.09 61.97
CA LEU N 68 101.36 32.82 63.00
C LEU N 68 101.20 33.97 63.97
N THR N 69 101.92 35.06 63.78
CA THR N 69 101.89 36.20 64.69
C THR N 69 100.79 37.16 64.26
N LEU N 70 99.84 37.40 65.16
CA LEU N 70 98.69 38.26 64.93
C LEU N 70 98.80 39.48 65.83
N SER N 71 98.33 40.61 65.32
CA SER N 71 98.41 41.88 66.02
C SER N 71 97.03 42.28 66.52
N VAL N 72 96.95 42.59 67.81
CA VAL N 72 95.74 43.11 68.43
C VAL N 72 95.97 44.59 68.70
N THR N 73 95.02 45.42 68.29
CA THR N 73 95.15 46.86 68.46
C THR N 73 94.94 47.24 69.92
N GLN N 74 95.17 48.52 70.21
CA GLN N 74 95.03 49.02 71.57
C GLN N 74 93.56 48.98 71.99
N GLY N 75 93.34 49.07 73.30
CA GLY N 75 91.98 49.13 73.78
C GLY N 75 91.86 49.05 75.29
N SER N 76 90.73 49.48 75.84
CA SER N 76 90.53 49.51 77.27
C SER N 76 89.43 48.54 77.68
N ILE N 77 89.70 47.76 78.72
CA ILE N 77 88.73 46.84 79.28
C ILE N 77 88.37 47.31 80.68
N SER N 78 87.19 46.88 81.14
CA SER N 78 86.71 47.19 82.48
C SER N 78 86.63 45.88 83.27
N VAL N 79 87.28 45.85 84.42
CA VAL N 79 87.28 44.70 85.30
C VAL N 79 86.76 45.19 86.66
N SER N 80 85.50 44.89 86.94
CA SER N 80 84.86 45.28 88.21
C SER N 80 84.97 46.79 88.43
N GLY N 81 84.88 47.55 87.35
CA GLY N 81 84.96 49.00 87.42
C GLY N 81 86.35 49.58 87.31
N ASN N 82 87.38 48.75 87.26
CA ASN N 82 88.75 49.22 87.10
C ASN N 82 89.15 49.13 85.63
N ILE N 83 89.63 50.24 85.09
CA ILE N 83 89.94 50.33 83.66
C ILE N 83 91.38 49.93 83.43
N ILE N 84 91.60 49.02 82.50
CA ILE N 84 92.93 48.59 82.09
C ILE N 84 93.09 48.86 80.60
N SER N 85 94.08 49.66 80.25
CA SER N 85 94.35 50.00 78.86
C SER N 85 95.52 49.18 78.35
N PHE N 86 95.37 48.61 77.16
CA PHE N 86 96.35 47.75 76.56
C PHE N 86 96.86 48.38 75.27
N PRO N 87 98.17 48.39 75.04
CA PRO N 87 98.70 48.92 73.79
C PRO N 87 98.58 47.89 72.69
N PRO N 88 98.97 48.23 71.46
CA PRO N 88 99.06 47.20 70.42
C PRO N 88 100.00 46.09 70.88
N GLN N 89 99.59 44.85 70.64
CA GLN N 89 100.36 43.70 71.07
C GLN N 89 100.30 42.63 70.00
N THR N 90 101.18 41.64 70.14
CA THR N 90 101.26 40.53 69.21
C THR N 90 101.15 39.22 69.97
N ILE N 91 100.61 38.20 69.31
CA ILE N 91 100.49 36.88 69.91
C ILE N 91 100.44 35.86 68.79
N ASN N 92 100.97 34.67 69.04
CA ASN N 92 101.01 33.63 68.03
C ASN N 92 99.79 32.74 68.12
N ALA N 93 99.38 32.21 66.98
CA ALA N 93 98.29 31.24 66.92
C ALA N 93 98.86 29.84 67.13
N ILE N 94 98.03 28.82 66.93
CA ILE N 94 98.43 27.43 67.07
C ILE N 94 98.28 26.76 65.71
N ASP N 95 99.37 26.17 65.22
CA ASP N 95 99.40 25.68 63.85
C ASP N 95 98.44 24.50 63.67
N ASN N 96 97.85 24.42 62.47
CA ASN N 96 96.97 23.32 62.09
C ASN N 96 95.79 23.18 63.04
N ALA N 97 95.24 24.30 63.51
CA ALA N 97 94.14 24.25 64.45
C ALA N 97 93.31 25.52 64.33
N ASN N 98 92.10 25.44 64.87
CA ASN N 98 91.25 26.62 65.01
C ASN N 98 91.36 27.13 66.44
N SER N 99 92.18 28.15 66.63
CA SER N 99 92.37 28.75 67.94
C SER N 99 91.43 29.93 68.12
N PHE N 100 91.25 30.32 69.39
CA PHE N 100 90.42 31.45 69.75
C PHE N 100 91.28 32.46 70.50
N VAL N 101 91.26 33.70 70.03
CA VAL N 101 91.98 34.80 70.67
C VAL N 101 90.98 35.59 71.49
N TRP N 102 91.24 35.71 72.79
CA TRP N 102 90.32 36.39 73.68
C TRP N 102 91.12 37.12 74.75
N ILE N 103 90.40 37.77 75.65
CA ILE N 103 91.01 38.46 76.79
C ILE N 103 90.34 37.95 78.06
N GLY N 104 91.14 37.57 79.04
CA GLY N 104 90.60 37.09 80.29
C GLY N 104 91.67 36.42 81.12
N LYS N 105 91.22 35.72 82.17
CA LYS N 105 92.08 35.00 83.06
C LYS N 105 91.71 33.52 83.07
N THR N 106 92.71 32.67 82.97
CA THR N 106 92.51 31.23 82.98
C THR N 106 92.49 30.70 84.40
N ASP N 107 92.05 29.45 84.55
CA ASP N 107 92.08 28.81 85.86
C ASP N 107 93.51 28.64 86.36
N ALA N 108 94.41 28.22 85.47
CA ALA N 108 95.81 28.08 85.84
C ALA N 108 96.44 29.44 86.12
N ASP N 109 96.13 30.45 85.32
CA ASP N 109 96.70 31.78 85.48
C ASP N 109 95.62 32.79 85.83
N PRO N 110 95.53 33.24 87.09
CA PRO N 110 94.47 34.20 87.44
C PRO N 110 94.67 35.59 86.86
N ALA N 111 95.83 35.88 86.28
CA ALA N 111 96.06 37.19 85.68
C ALA N 111 95.22 37.37 84.43
N ILE N 112 94.71 38.59 84.24
CA ILE N 112 93.87 38.92 83.08
C ILE N 112 94.77 39.43 81.96
N ALA N 113 94.76 38.73 80.83
CA ALA N 113 95.63 39.10 79.72
C ALA N 113 95.03 38.57 78.43
N LEU N 114 95.74 38.81 77.32
CA LEU N 114 95.32 38.35 76.01
C LEU N 114 95.81 36.92 75.80
N ARG N 115 94.90 36.01 75.54
CA ARG N 115 95.20 34.58 75.51
C ARG N 115 94.68 33.94 74.23
N VAL N 116 95.52 33.09 73.66
CA VAL N 116 95.16 32.24 72.52
C VAL N 116 94.95 30.83 73.05
N SER N 117 93.74 30.30 72.91
CA SER N 117 93.41 29.00 73.45
C SER N 117 92.76 28.15 72.37
N GLN N 118 92.35 26.94 72.75
CA GLN N 118 91.67 26.04 71.83
C GLN N 118 90.16 26.14 71.92
N THR N 119 89.63 26.52 73.08
CA THR N 119 88.20 26.67 73.28
C THR N 119 87.94 27.90 74.14
N LEU N 120 87.00 28.72 73.73
CA LEU N 120 86.68 29.93 74.48
C LEU N 120 86.14 29.55 75.86
N PRO N 121 86.65 30.15 76.93
CA PRO N 121 86.06 29.93 78.24
C PRO N 121 84.67 30.57 78.33
N ASN N 122 83.89 30.07 79.29
CA ASN N 122 82.51 30.55 79.43
C ASN N 122 82.46 32.04 79.70
N VAL N 123 83.36 32.53 80.56
CA VAL N 123 83.45 33.96 80.86
C VAL N 123 84.76 34.46 80.29
N CYS N 124 84.68 35.44 79.40
CA CYS N 124 85.83 36.02 78.71
C CYS N 124 85.33 37.17 77.86
N ILE N 125 86.26 37.84 77.19
CA ILE N 125 85.92 38.79 76.14
C ILE N 125 86.43 38.21 74.82
N PRO N 126 85.58 37.58 74.03
CA PRO N 126 86.04 36.99 72.78
C PRO N 126 86.45 38.05 71.79
N LEU N 127 87.59 37.83 71.14
CA LEU N 127 88.11 38.76 70.15
C LEU N 127 88.06 38.20 68.73
N ALA N 128 88.58 37.00 68.53
CA ALA N 128 88.63 36.47 67.17
C ALA N 128 88.78 34.96 67.20
N ARG N 129 88.50 34.35 66.05
CA ARG N 129 88.78 32.94 65.82
C ARG N 129 89.72 32.84 64.63
N VAL N 130 90.84 32.14 64.82
CA VAL N 130 91.91 32.06 63.83
C VAL N 130 92.05 30.62 63.38
N ILE N 131 92.11 30.41 62.07
CA ILE N 131 92.36 29.08 61.52
C ILE N 131 93.77 29.07 60.96
N ALA N 132 94.64 28.26 61.55
CA ALA N 132 96.06 28.25 61.18
C ALA N 132 96.43 26.89 60.61
N ALA N 133 97.07 26.91 59.45
CA ALA N 133 97.55 25.70 58.80
C ALA N 133 98.93 25.96 58.23
N SER N 134 99.82 24.98 58.41
CA SER N 134 101.19 25.04 57.88
C SER N 134 101.93 26.28 58.37
N GLY N 135 101.72 26.62 59.64
CA GLY N 135 102.35 27.80 60.19
C GLY N 135 101.88 29.09 59.59
N SER N 136 100.76 29.08 58.88
CA SER N 136 100.21 30.27 58.25
C SER N 136 98.73 30.39 58.59
N VAL N 137 98.25 31.63 58.63
CA VAL N 137 96.89 31.92 59.03
C VAL N 137 96.04 32.04 57.77
N THR N 138 95.14 31.08 57.57
CA THR N 138 94.22 31.16 56.44
C THR N 138 93.15 32.21 56.67
N SER N 139 92.54 32.22 57.86
CA SER N 139 91.39 33.09 58.10
C SER N 139 91.37 33.56 59.54
N VAL N 140 90.92 34.80 59.72
CA VAL N 140 90.69 35.41 61.03
C VAL N 140 89.28 35.99 61.02
N THR N 141 88.43 35.49 61.90
CA THR N 141 87.04 35.94 62.00
C THR N 141 86.86 36.76 63.27
N ASP N 142 86.25 37.94 63.13
CA ASP N 142 86.10 38.86 64.25
C ASP N 142 84.94 38.41 65.13
N LEU N 143 85.23 38.14 66.39
CA LEU N 143 84.21 37.73 67.35
C LEU N 143 83.75 38.88 68.25
N ARG N 144 84.18 40.11 67.95
CA ARG N 144 83.78 41.26 68.75
C ARG N 144 82.31 41.57 68.52
N ASP N 145 81.80 42.54 69.28
CA ASP N 145 80.42 42.96 69.14
C ASP N 145 80.17 43.65 67.81
N VAL N 146 81.19 44.34 67.27
CA VAL N 146 81.00 45.11 66.04
C VAL N 146 80.72 44.21 64.84
N SER N 147 80.99 42.91 64.94
CA SER N 147 80.80 42.01 63.81
C SER N 147 79.79 40.91 64.08
N VAL N 148 79.69 40.43 65.32
CA VAL N 148 78.86 39.29 65.63
C VAL N 148 78.02 39.58 66.85
N ASP N 149 76.95 38.82 67.02
CA ASP N 149 76.12 38.85 68.20
C ASP N 149 76.27 37.53 68.93
N ILE N 150 76.81 37.57 70.14
CA ILE N 150 77.14 36.34 70.86
C ILE N 150 75.88 35.77 71.48
N LEU N 151 75.64 34.48 71.24
CA LEU N 151 74.52 33.77 71.83
C LEU N 151 75.00 33.00 73.06
N PRO N 152 74.47 33.27 74.24
CA PRO N 152 74.93 32.56 75.44
C PRO N 152 74.61 31.08 75.35
N PRO N 153 75.58 30.21 75.62
CA PRO N 153 75.26 28.77 75.67
C PRO N 153 74.24 28.43 76.72
N SER N 154 74.28 29.11 77.86
CA SER N 154 73.32 28.91 78.94
C SER N 154 73.44 30.07 79.91
N ILE N 155 72.46 30.17 80.80
CA ILE N 155 72.48 31.20 81.84
C ILE N 155 72.71 30.50 83.18
N PRO N 156 73.30 31.18 84.17
CA PRO N 156 73.37 30.61 85.52
C PRO N 156 71.98 30.59 86.14
N ASP N 157 71.57 29.42 86.62
CA ASP N 157 70.22 29.22 87.11
C ASP N 157 70.23 28.75 88.56
N ALA N 158 69.16 29.06 89.27
CA ALA N 158 68.99 28.64 90.65
C ALA N 158 68.43 27.21 90.68
N VAL N 159 68.07 26.74 91.86
CA VAL N 159 67.42 25.43 91.98
C VAL N 159 66.02 25.54 91.36
N PRO N 160 65.65 24.65 90.45
CA PRO N 160 64.36 24.80 89.75
C PRO N 160 63.19 24.70 90.72
N VAL N 161 62.13 25.44 90.41
CA VAL N 161 60.91 25.36 91.19
C VAL N 161 60.36 23.95 91.14
N GLY N 162 59.82 23.49 92.27
CA GLY N 162 59.28 22.15 92.35
C GLY N 162 60.29 21.08 92.67
N SER N 163 61.57 21.37 92.56
CA SER N 163 62.59 20.41 92.95
C SER N 163 62.60 20.23 94.46
N THR N 164 63.08 19.08 94.90
CA THR N 164 63.13 18.74 96.33
C THR N 164 64.59 18.58 96.74
N ILE N 165 64.98 19.32 97.77
CA ILE N 165 66.30 19.19 98.36
C ILE N 165 66.14 18.60 99.76
N ILE N 166 67.06 17.71 100.12
CA ILE N 166 67.02 17.04 101.41
C ILE N 166 68.07 17.68 102.31
N SER N 167 67.70 17.91 103.57
CA SER N 167 68.60 18.56 104.50
C SER N 167 68.65 17.83 105.80
N LEU N 168 69.75 18.01 106.53
CA LEU N 168 69.84 17.42 107.85
C LEU N 168 69.78 18.56 108.84
N ILE N 169 68.84 19.47 108.65
CA ILE N 169 68.71 20.55 109.61
C ILE N 169 67.82 20.15 110.82
N PRO N 170 68.25 20.48 112.10
CA PRO N 170 67.36 20.07 113.18
C PRO N 170 66.11 20.93 113.19
N PRO N 171 65.04 20.47 113.85
CA PRO N 171 63.80 21.26 113.87
C PRO N 171 63.99 22.64 114.47
N THR N 172 64.96 22.82 115.36
CA THR N 172 65.23 24.14 115.92
C THR N 172 65.76 25.10 114.85
N ALA N 173 66.47 24.58 113.86
CA ALA N 173 67.00 25.44 112.81
C ALA N 173 65.85 26.01 111.99
N PRO N 174 65.97 27.26 111.51
CA PRO N 174 64.85 27.88 110.79
C PRO N 174 64.66 27.30 109.41
N ILE N 175 63.42 27.37 108.94
CA ILE N 175 63.09 26.87 107.60
C ILE N 175 63.78 27.76 106.55
N PRO N 176 64.48 27.18 105.57
CA PRO N 176 65.12 28.00 104.55
C PRO N 176 64.10 28.80 103.76
N ALA N 177 64.48 30.02 103.40
CA ALA N 177 63.60 30.89 102.62
C ALA N 177 63.47 30.39 101.20
N GLY N 178 62.31 30.64 100.60
CA GLY N 178 62.03 30.20 99.26
C GLY N 178 61.72 28.72 99.12
N TYR N 179 61.46 28.04 100.22
CA TYR N 179 61.17 26.61 100.21
C TYR N 179 59.94 26.33 101.05
N LEU N 180 59.26 25.23 100.72
CA LEU N 180 58.12 24.75 101.47
C LEU N 180 58.46 23.39 102.06
N GLU N 181 57.91 23.11 103.24
CA GLU N 181 58.26 21.89 103.95
C GLU N 181 57.22 20.81 103.69
N LEU N 182 57.69 19.60 103.42
CA LEU N 182 56.80 18.47 103.21
C LEU N 182 56.52 17.76 104.52
N LEU N 183 55.23 17.58 104.82
CA LEU N 183 54.78 17.09 106.10
C LEU N 183 54.37 15.62 105.98
N ASN N 184 53.81 15.09 107.07
CA ASN N 184 53.37 13.70 107.08
C ASN N 184 52.13 13.51 106.21
N SER N 185 51.30 14.52 106.08
CA SER N 185 50.09 14.46 105.28
C SER N 185 50.10 15.58 104.25
N SER N 186 49.18 15.50 103.30
CA SER N 186 49.05 16.54 102.29
C SER N 186 48.61 17.84 102.92
N GLN N 187 49.12 18.94 102.38
CA GLN N 187 48.75 20.29 102.81
C GLN N 187 47.87 20.94 101.77
N ASN N 188 47.16 21.98 102.18
CA ASN N 188 46.39 22.83 101.28
C ASN N 188 47.06 24.20 101.26
N VAL N 189 47.80 24.48 100.20
CA VAL N 189 48.56 25.72 100.10
C VAL N 189 47.90 26.64 99.10
N SER N 190 47.90 27.94 99.43
CA SER N 190 47.22 28.92 98.61
C SER N 190 47.86 29.02 97.22
N ARG N 191 47.02 29.05 96.20
CA ARG N 191 47.52 29.13 94.83
C ARG N 191 48.11 30.50 94.53
N THR N 192 47.57 31.57 95.12
CA THR N 192 48.10 32.90 94.88
C THR N 192 49.50 33.05 95.45
N THR N 193 49.72 32.58 96.69
CA THR N 193 51.03 32.71 97.32
C THR N 193 52.08 31.90 96.57
N TYR N 194 51.74 30.71 96.11
CA TYR N 194 52.69 29.82 95.49
C TYR N 194 52.36 29.64 94.01
N SER N 195 52.07 30.76 93.34
CA SER N 195 51.65 30.72 91.95
C SER N 195 52.65 29.98 91.07
N ALA N 196 53.95 30.14 91.35
CA ALA N 196 54.95 29.41 90.57
C ALA N 196 54.81 27.91 90.76
N LEU N 197 54.71 27.47 92.01
CA LEU N 197 54.54 26.05 92.28
C LEU N 197 53.19 25.54 91.79
N PHE N 198 52.14 26.35 91.91
CA PHE N 198 50.84 25.94 91.39
C PHE N 198 50.89 25.77 89.88
N VAL N 199 51.59 26.66 89.18
CA VAL N 199 51.75 26.54 87.74
C VAL N 199 52.51 25.27 87.40
N LEU N 200 53.61 25.00 88.11
CA LEU N 200 54.44 23.86 87.76
C LEU N 200 53.84 22.54 88.19
N TRP N 201 52.93 22.53 89.16
CA TRP N 201 52.37 21.30 89.71
C TRP N 201 50.89 21.13 89.41
N GLY N 202 50.10 22.19 89.46
CA GLY N 202 48.66 22.04 89.28
C GLY N 202 48.04 21.44 90.53
N THR N 203 47.06 20.58 90.32
CA THR N 203 46.42 19.84 91.41
C THR N 203 46.81 18.36 91.40
N TYR N 204 47.96 18.03 90.80
CA TYR N 204 48.38 16.64 90.71
C TYR N 204 48.54 16.00 92.07
N TYR N 205 48.76 16.79 93.11
CA TYR N 205 48.86 16.30 94.48
C TYR N 205 47.67 16.75 95.31
N GLY N 206 46.50 16.74 94.71
CA GLY N 206 45.29 17.15 95.39
C GLY N 206 44.83 18.53 94.94
N ASN N 207 43.52 18.73 94.99
CA ASN N 207 42.91 19.98 94.55
C ASN N 207 42.69 20.97 95.68
N GLY N 208 43.02 20.61 96.91
CA GLY N 208 42.73 21.50 98.03
C GLY N 208 41.25 21.76 98.10
N ASP N 209 40.89 23.04 98.20
CA ASP N 209 39.48 23.42 98.11
C ASP N 209 38.95 23.34 96.68
N GLY N 210 39.85 23.38 95.69
CA GLY N 210 39.46 23.37 94.30
C GLY N 210 39.37 24.73 93.64
N SER N 211 39.42 25.81 94.41
CA SER N 211 39.33 27.16 93.85
C SER N 211 40.57 27.99 94.10
N THR N 212 41.01 28.10 95.37
CA THR N 212 42.09 28.99 95.72
C THR N 212 43.31 28.30 96.32
N THR N 213 43.21 27.02 96.68
CA THR N 213 44.34 26.29 97.22
C THR N 213 44.50 24.98 96.46
N PHE N 214 45.72 24.47 96.48
CA PHE N 214 46.04 23.19 95.86
C PHE N 214 46.82 22.33 96.84
N GLY N 215 46.83 21.03 96.55
CA GLY N 215 47.40 20.08 97.49
C GLY N 215 48.90 19.91 97.33
N VAL N 216 49.55 19.64 98.46
CA VAL N 216 50.98 19.37 98.51
C VAL N 216 51.15 17.99 99.14
N PRO N 217 51.94 17.11 98.54
CA PRO N 217 52.00 15.73 99.03
C PRO N 217 52.62 15.63 100.42
N GLY N 218 52.22 14.59 101.13
CA GLY N 218 52.84 14.27 102.41
C GLY N 218 54.05 13.37 102.25
N THR N 219 54.73 13.14 103.38
CA THR N 219 55.90 12.26 103.38
C THR N 219 55.51 10.84 103.77
N GLY N 220 54.88 10.68 104.93
CA GLY N 220 54.51 9.35 105.38
C GLY N 220 55.67 8.53 105.89
N GLY N 221 56.84 9.15 106.09
CA GLY N 221 57.99 8.41 106.55
C GLY N 221 58.43 7.33 105.59
N ARG N 222 58.29 7.55 104.29
CA ARG N 222 58.55 6.54 103.29
C ARG N 222 59.98 6.65 102.77
N PHE N 223 60.54 5.51 102.40
CA PHE N 223 61.84 5.50 101.76
C PHE N 223 61.75 6.17 100.40
N LEU N 224 62.74 7.00 100.08
CA LEU N 224 62.74 7.68 98.79
C LEU N 224 63.09 6.67 97.71
N ARG N 225 62.17 6.45 96.78
CA ARG N 225 62.35 5.48 95.71
C ARG N 225 62.33 6.19 94.38
N LEU N 226 63.34 5.93 93.56
CA LEU N 226 63.36 6.48 92.21
C LEU N 226 62.27 5.83 91.37
N GLY N 227 61.73 6.60 90.44
CA GLY N 227 60.71 6.08 89.56
C GLY N 227 61.26 5.11 88.55
N GLY N 228 60.35 4.38 87.93
CA GLY N 228 60.69 3.45 86.87
C GLY N 228 59.81 2.23 86.79
N SER N 229 59.59 1.75 85.56
CA SER N 229 58.89 0.49 85.29
C SER N 229 57.48 0.52 85.87
N GLY N 230 56.65 1.41 85.33
CA GLY N 230 55.29 1.53 85.79
C GLY N 230 55.10 2.27 87.08
N LEU N 231 56.11 3.02 87.53
CA LEU N 231 56.04 3.80 88.76
C LEU N 231 55.92 5.27 88.38
N SER N 232 54.69 5.78 88.37
CA SER N 232 54.47 7.17 88.05
C SER N 232 54.95 8.05 89.21
N VAL N 233 55.13 9.34 88.89
CA VAL N 233 55.73 10.24 89.86
C VAL N 233 54.74 10.52 90.97
N GLY N 234 55.21 10.43 92.22
CA GLY N 234 54.36 10.63 93.37
C GLY N 234 53.56 9.43 93.80
N ASP N 235 53.77 8.28 93.15
CA ASP N 235 53.11 7.05 93.60
C ASP N 235 53.62 6.64 94.97
N ILE N 236 52.72 6.08 95.77
CA ILE N 236 53.07 5.54 97.07
C ILE N 236 52.72 4.07 97.09
N GLY N 237 53.35 3.34 98.01
CA GLY N 237 53.08 1.93 98.14
C GLY N 237 54.06 1.30 99.11
N GLY N 238 53.89 -0.01 99.28
CA GLY N 238 54.75 -0.76 100.18
C GLY N 238 54.42 -0.52 101.64
N SER N 239 54.57 -1.56 102.46
CA SER N 239 54.25 -1.46 103.87
C SER N 239 55.43 -1.96 104.69
N ASN N 240 55.57 -1.41 105.90
CA ASN N 240 56.63 -1.83 106.79
C ASN N 240 56.43 -3.26 107.27
N GLN N 241 55.18 -3.73 107.27
CA GLN N 241 54.89 -5.08 107.70
C GLN N 241 55.21 -6.09 106.60
N ILE N 242 55.31 -7.34 106.99
CA ILE N 242 55.58 -8.43 106.05
C ILE N 242 54.93 -9.69 106.58
N THR N 243 54.23 -10.41 105.71
CA THR N 243 53.48 -11.61 106.06
C THR N 243 53.94 -12.75 105.16
N ILE N 244 54.52 -13.78 105.77
CA ILE N 244 54.96 -14.95 105.01
C ILE N 244 53.72 -15.66 104.49
N PRO N 245 53.58 -15.84 103.18
CA PRO N 245 52.44 -16.57 102.65
C PRO N 245 52.75 -18.05 102.48
N THR N 246 51.69 -18.85 102.43
CA THR N 246 51.84 -20.23 102.04
C THR N 246 52.40 -20.29 100.61
N ASN N 247 52.89 -21.46 100.22
CA ASN N 247 53.61 -21.69 98.98
C ASN N 247 55.00 -21.07 99.02
N ALA N 248 55.36 -20.40 100.11
CA ALA N 248 56.70 -19.87 100.31
C ALA N 248 57.44 -20.56 101.45
N LEU N 249 56.83 -21.55 102.07
CA LEU N 249 57.49 -22.27 103.16
C LEU N 249 58.68 -23.06 102.62
N PRO N 250 59.86 -22.92 103.21
CA PRO N 250 60.97 -23.80 102.83
C PRO N 250 60.65 -25.25 103.16
N SER N 251 61.05 -26.15 102.27
CA SER N 251 60.77 -27.56 102.47
C SER N 251 61.50 -28.08 103.70
N HIS N 252 60.78 -28.84 104.53
CA HIS N 252 61.34 -29.36 105.76
C HIS N 252 60.49 -30.54 106.21
N GLN N 253 61.06 -31.35 107.10
CA GLN N 253 60.34 -32.47 107.67
C GLN N 253 60.67 -32.59 109.15
N HIS N 254 59.69 -33.06 109.92
CA HIS N 254 59.86 -33.27 111.35
C HIS N 254 60.01 -34.76 111.63
N GLY N 255 61.07 -35.12 112.33
CA GLY N 255 61.28 -36.51 112.68
C GLY N 255 60.21 -37.01 113.64
N ILE N 256 59.88 -38.28 113.50
CA ILE N 256 58.90 -38.92 114.39
C ILE N 256 59.62 -39.37 115.66
N PRO N 257 59.14 -38.97 116.84
CA PRO N 257 59.81 -39.38 118.08
C PRO N 257 59.67 -40.87 118.35
N ALA N 258 60.34 -41.35 119.40
CA ALA N 258 60.23 -42.75 119.77
C ALA N 258 58.81 -43.08 120.20
N ASN N 259 58.28 -44.17 119.68
CA ASN N 259 56.92 -44.60 119.96
C ASN N 259 56.94 -46.08 120.34
N THR N 260 56.02 -46.46 121.22
CA THR N 260 55.94 -47.84 121.69
C THR N 260 54.55 -48.06 122.27
N HIS N 261 53.84 -49.07 121.75
CA HIS N 261 52.48 -49.33 122.17
C HIS N 261 52.24 -50.84 122.19
N THR N 262 51.26 -51.24 122.99
CA THR N 262 50.82 -52.63 123.05
C THR N 262 49.34 -52.69 122.69
N HIS N 263 48.91 -53.86 122.25
CA HIS N 263 47.51 -54.17 122.03
C HIS N 263 47.07 -55.17 123.10
N SER N 264 46.01 -54.84 123.82
CA SER N 264 45.47 -55.79 124.77
C SER N 264 44.90 -57.00 124.03
N VAL N 265 44.61 -58.05 124.79
CA VAL N 265 44.26 -59.34 124.21
C VAL N 265 42.76 -59.56 124.42
N ASN N 266 42.05 -59.71 123.31
CA ASN N 266 40.61 -59.99 123.33
C ASN N 266 40.42 -61.49 123.18
N ASP N 267 40.62 -62.23 124.27
CA ASP N 267 40.57 -63.70 124.19
C ASP N 267 39.20 -64.34 124.35
N GLY N 268 39.19 -65.66 124.54
CA GLY N 268 37.94 -66.38 124.71
C GLY N 268 38.24 -67.83 125.03
N GLY N 269 37.30 -68.53 125.68
CA GLY N 269 37.52 -69.91 126.05
C GLY N 269 37.40 -70.85 124.87
N HIS N 270 38.48 -71.54 124.52
CA HIS N 270 38.44 -72.49 123.42
C HIS N 270 38.73 -73.92 123.88
N GLY N 271 38.04 -74.89 123.29
CA GLY N 271 38.25 -76.28 123.66
C GLY N 271 38.76 -77.12 122.51
N HIS N 272 38.55 -78.44 122.57
CA HIS N 272 39.07 -79.33 121.53
C HIS N 272 38.22 -80.57 121.25
N THR N 273 38.33 -81.14 120.06
CA THR N 273 37.61 -82.36 119.73
C THR N 273 38.53 -83.55 119.90
N ILE N 274 38.01 -84.61 120.52
CA ILE N 274 38.77 -85.83 120.75
C ILE N 274 38.49 -86.81 119.61
N ASN N 275 39.55 -87.32 119.01
CA ASN N 275 39.45 -88.41 118.05
C ASN N 275 39.85 -89.70 118.77
N GLN N 276 38.85 -90.54 119.07
CA GLN N 276 39.07 -91.73 119.87
C GLN N 276 38.51 -92.94 119.15
N THR N 277 39.25 -94.04 119.21
CA THR N 277 38.78 -95.31 118.71
C THR N 277 38.66 -96.30 119.87
N PRO N 278 37.73 -97.26 119.78
CA PRO N 278 37.57 -98.21 120.87
C PRO N 278 38.84 -99.02 121.09
N HIS N 279 39.07 -99.41 122.34
CA HIS N 279 40.22 -100.18 122.73
C HIS N 279 39.77 -101.41 123.51
N SER N 280 40.60 -102.44 123.50
CA SER N 280 40.33 -103.67 124.23
C SER N 280 41.56 -104.08 125.02
N HIS N 281 41.32 -104.71 126.17
CA HIS N 281 42.39 -105.15 127.05
C HIS N 281 42.65 -106.63 126.86
N SER N 282 43.88 -107.04 127.15
CA SER N 282 44.23 -108.45 127.16
C SER N 282 44.01 -109.01 128.56
N ILE N 283 43.51 -110.24 128.61
CA ILE N 283 43.27 -110.90 129.90
C ILE N 283 44.53 -111.65 130.30
N SER N 284 44.58 -112.03 131.58
CA SER N 284 45.74 -112.73 132.11
C SER N 284 45.32 -114.05 132.74
N ASP N 285 44.50 -114.81 132.02
CA ASP N 285 43.91 -116.07 132.46
C ASP N 285 44.94 -117.05 133.01
N PRO N 286 44.90 -117.33 134.30
CA PRO N 286 45.62 -118.50 134.83
C PRO N 286 44.70 -119.71 134.88
N GLY N 287 45.32 -120.87 134.84
CA GLY N 287 44.52 -122.10 134.85
C GLY N 287 43.70 -122.20 136.13
N HIS N 288 42.46 -122.65 135.97
CA HIS N 288 41.60 -122.93 137.11
C HIS N 288 41.08 -124.36 137.00
N ALA N 289 40.98 -125.04 138.14
CA ALA N 289 40.53 -126.42 138.19
C ALA N 289 39.40 -126.54 139.20
N HIS N 290 38.32 -127.20 138.80
CA HIS N 290 37.21 -127.46 139.68
C HIS N 290 37.51 -128.71 140.51
N GLY N 291 36.50 -129.22 141.20
CA GLY N 291 36.61 -130.50 141.87
C GLY N 291 35.29 -131.23 141.77
N VAL N 292 35.37 -132.56 141.80
CA VAL N 292 34.19 -133.40 141.77
C VAL N 292 34.18 -134.25 143.04
N PRO N 293 33.26 -134.00 143.98
CA PRO N 293 33.27 -134.70 145.27
C PRO N 293 32.40 -135.94 145.34
N PHE N 294 31.89 -136.43 144.21
CA PHE N 294 30.89 -137.48 144.23
C PHE N 294 31.51 -138.86 144.03
N GLY N 295 32.34 -139.23 145.00
CA GLY N 295 32.93 -140.55 145.03
C GLY N 295 32.13 -141.47 145.93
N ALA N 296 31.65 -142.57 145.35
CA ALA N 296 30.79 -143.47 146.09
C ALA N 296 31.59 -144.36 147.04
N ALA N 297 30.97 -144.68 148.17
CA ALA N 297 31.49 -145.68 149.09
C ALA N 297 30.75 -147.00 149.02
N VAL N 298 29.45 -146.98 148.70
CA VAL N 298 28.64 -148.16 148.50
C VAL N 298 28.19 -148.19 147.05
N ASP N 299 28.19 -149.38 146.45
CA ASP N 299 27.85 -149.54 145.05
C ASP N 299 26.35 -149.68 144.80
N ASN N 300 25.51 -149.18 145.71
CA ASN N 300 24.07 -149.24 145.57
C ASN N 300 23.53 -147.85 145.29
N GLY N 301 22.71 -147.73 144.23
CA GLY N 301 22.17 -146.47 143.81
C GLY N 301 23.04 -145.78 142.77
N ASN N 302 22.53 -144.66 142.26
CA ASN N 302 23.23 -143.88 141.25
C ASN N 302 23.57 -142.47 141.73
N ASN N 303 23.78 -142.30 143.04
CA ASN N 303 24.00 -140.97 143.58
C ASN N 303 25.42 -140.47 143.31
N ALA N 304 26.40 -141.38 143.30
CA ALA N 304 27.80 -140.99 143.18
C ALA N 304 28.48 -141.92 142.18
N PHE N 305 29.81 -141.82 142.12
CA PHE N 305 30.62 -142.64 141.23
C PHE N 305 31.47 -143.61 142.03
N ASP N 306 31.49 -144.87 141.60
CA ASP N 306 32.32 -145.88 142.24
C ASP N 306 33.80 -145.55 142.08
N THR N 307 34.59 -145.94 143.07
CA THR N 307 36.00 -145.62 143.10
C THR N 307 36.83 -146.72 142.42
N GLY N 308 38.09 -146.40 142.15
CA GLY N 308 39.01 -147.33 141.51
C GLY N 308 40.43 -147.04 141.90
N GLY N 309 41.33 -147.93 141.48
CA GLY N 309 42.72 -147.86 141.92
C GLY N 309 43.71 -147.12 141.07
N SER N 310 43.82 -147.47 139.78
CA SER N 310 44.84 -146.90 138.92
C SER N 310 44.21 -145.95 137.91
N PRO N 311 44.54 -144.65 137.96
CA PRO N 311 43.88 -143.69 137.07
C PRO N 311 44.53 -143.67 135.69
N TYR N 312 43.70 -143.71 134.66
CA TYR N 312 44.14 -143.53 133.29
C TYR N 312 43.10 -142.68 132.56
N ASN N 313 43.56 -141.93 131.56
CA ASN N 313 42.69 -141.02 130.84
C ASN N 313 41.79 -141.81 129.90
N ASN N 314 40.51 -141.94 130.26
CA ASN N 314 39.55 -142.65 129.44
C ASN N 314 38.71 -141.71 128.59
N GLY N 315 39.12 -140.45 128.45
CA GLY N 315 38.47 -139.54 127.53
C GLY N 315 37.19 -138.91 128.03
N ILE N 316 37.03 -138.76 129.34
CA ILE N 316 35.83 -138.15 129.91
C ILE N 316 36.13 -136.72 130.30
N GLY N 317 35.31 -135.79 129.81
CA GLY N 317 35.45 -134.40 130.16
C GLY N 317 34.13 -133.82 130.64
N THR N 318 34.23 -132.69 131.33
CA THR N 318 33.04 -132.03 131.84
C THR N 318 32.26 -131.40 130.69
N THR N 319 31.16 -130.74 131.02
CA THR N 319 30.32 -130.12 130.02
C THR N 319 30.85 -128.73 129.68
N GLN N 320 30.16 -128.05 128.78
CA GLN N 320 30.51 -126.69 128.38
C GLN N 320 29.54 -125.72 129.01
N ASN N 321 30.07 -124.71 129.69
CA ASN N 321 29.25 -123.64 130.24
C ASN N 321 30.11 -122.42 130.49
N GLN N 322 29.56 -121.25 130.16
CA GLN N 322 30.29 -119.99 130.29
C GLN N 322 30.47 -119.64 131.76
N THR N 323 31.68 -119.25 132.13
CA THR N 323 31.88 -118.64 133.43
C THR N 323 31.25 -117.27 133.45
N GLY N 324 30.44 -117.00 134.47
CA GLY N 324 29.75 -115.74 134.52
C GLY N 324 30.57 -114.66 135.17
N ILE N 325 31.25 -113.84 134.36
CA ILE N 325 32.07 -112.75 134.85
C ILE N 325 31.78 -111.51 134.03
N SER N 326 32.13 -110.36 134.59
CA SER N 326 32.03 -109.09 133.89
C SER N 326 33.02 -108.12 134.49
N VAL N 327 33.62 -107.30 133.63
CA VAL N 327 34.67 -106.39 134.07
C VAL N 327 34.04 -105.09 134.57
N ASN N 328 34.44 -104.67 135.76
CA ASN N 328 33.89 -103.46 136.35
C ASN N 328 34.42 -102.22 135.64
N THR N 329 33.59 -101.19 135.64
CA THR N 329 33.91 -99.97 134.90
C THR N 329 35.07 -99.22 135.56
N ALA N 330 35.81 -98.49 134.73
CA ALA N 330 36.95 -97.71 135.18
C ALA N 330 37.26 -96.65 134.13
N ASN N 331 38.14 -95.72 134.49
CA ASN N 331 38.50 -94.61 133.62
C ASN N 331 39.99 -94.61 133.35
N ALA N 332 40.35 -94.35 132.09
CA ALA N 332 41.74 -94.36 131.67
C ALA N 332 42.53 -93.21 132.30
N ASN N 333 43.82 -93.43 132.48
CA ASN N 333 44.72 -92.43 133.07
C ASN N 333 45.12 -91.46 131.97
N LEU N 334 44.50 -90.28 131.98
CA LEU N 334 44.63 -89.32 130.89
C LEU N 334 45.21 -88.01 131.41
N SER N 335 46.11 -87.43 130.62
CA SER N 335 46.69 -86.13 130.92
C SER N 335 46.96 -85.38 129.63
N ILE N 336 46.70 -84.07 129.66
CA ILE N 336 46.86 -83.20 128.50
C ILE N 336 48.12 -82.38 128.69
N ASN N 337 49.06 -82.49 127.75
CA ASN N 337 50.28 -81.71 127.84
C ASN N 337 50.07 -80.32 127.28
N THR N 338 50.71 -79.34 127.91
CA THR N 338 50.58 -77.96 127.49
C THR N 338 51.21 -77.74 126.12
N SER N 339 50.61 -76.84 125.35
CA SER N 339 51.09 -76.56 124.01
C SER N 339 50.90 -75.08 123.71
N SER N 340 51.92 -74.47 123.13
CA SER N 340 51.78 -73.12 122.59
C SER N 340 50.87 -73.14 121.38
N THR N 341 50.11 -72.06 121.21
CA THR N 341 49.14 -71.99 120.14
C THR N 341 49.72 -71.48 118.82
N GLY N 342 50.97 -71.02 118.82
CA GLY N 342 51.59 -70.57 117.58
C GLY N 342 50.91 -69.39 116.95
N ILE N 343 50.45 -68.44 117.76
CA ILE N 343 49.72 -67.28 117.24
C ILE N 343 50.70 -66.33 116.54
N SER N 344 50.28 -65.80 115.40
CA SER N 344 51.03 -64.78 114.68
C SER N 344 50.17 -63.55 114.50
N ILE N 345 50.82 -62.38 114.47
CA ILE N 345 50.13 -61.10 114.36
C ILE N 345 50.41 -60.52 112.98
N GLN N 346 49.34 -60.26 112.24
CA GLN N 346 49.49 -59.73 110.90
C GLN N 346 49.93 -58.28 110.92
N SER N 347 50.49 -57.84 109.80
CA SER N 347 50.94 -56.47 109.68
C SER N 347 49.77 -55.51 109.60
N ALA N 348 50.00 -54.28 110.08
CA ALA N 348 48.98 -53.24 110.00
C ALA N 348 49.67 -51.89 110.06
N SER N 349 48.96 -50.88 109.60
CA SER N 349 49.41 -49.50 109.67
C SER N 349 48.71 -48.79 110.83
N THR N 350 49.37 -47.77 111.37
CA THR N 350 48.78 -47.00 112.46
C THR N 350 47.57 -46.20 112.01
N GLY N 351 47.38 -46.03 110.70
CA GLY N 351 46.17 -45.46 110.17
C GLY N 351 46.18 -43.96 109.95
N LEU N 352 47.10 -43.24 110.59
CA LEU N 352 47.15 -41.80 110.47
C LEU N 352 47.99 -41.38 109.27
N THR N 353 47.63 -40.24 108.68
CA THR N 353 48.21 -39.83 107.42
C THR N 353 48.80 -38.42 107.46
N VAL N 354 48.17 -37.51 108.21
CA VAL N 354 48.63 -36.14 108.30
C VAL N 354 48.69 -35.72 109.76
N THR N 355 49.53 -34.74 110.03
CA THR N 355 49.65 -34.15 111.35
C THR N 355 48.65 -33.00 111.47
N SER N 356 48.76 -32.21 112.54
CA SER N 356 47.90 -31.06 112.72
C SER N 356 48.61 -29.79 112.27
N ASN N 357 47.81 -28.76 112.02
CA ASN N 357 48.36 -27.46 111.65
C ASN N 357 49.18 -26.90 112.81
N ALA N 358 50.36 -26.37 112.50
CA ALA N 358 51.28 -25.88 113.52
C ALA N 358 51.61 -24.41 113.39
N GLY N 359 51.80 -23.91 112.17
CA GLY N 359 52.18 -22.53 112.00
C GLY N 359 51.09 -21.57 112.41
N ASN N 360 51.50 -20.32 112.62
CA ASN N 360 50.58 -19.24 112.97
C ASN N 360 50.89 -18.05 112.07
N GLY N 361 49.92 -17.65 111.26
CA GLY N 361 50.19 -16.60 110.30
C GLY N 361 49.80 -15.21 110.76
N GLN N 362 50.80 -14.33 110.89
CA GLN N 362 50.54 -12.90 111.05
C GLN N 362 51.74 -12.14 110.51
N ALA N 363 51.62 -10.83 110.47
CA ALA N 363 52.65 -9.95 109.92
C ALA N 363 53.63 -9.55 111.01
N PHE N 364 54.88 -9.39 110.63
CA PHE N 364 55.89 -8.85 111.52
C PHE N 364 56.55 -7.63 110.87
N GLN N 365 57.26 -6.86 111.68
CA GLN N 365 57.80 -5.57 111.26
C GLN N 365 59.22 -5.75 110.72
N HIS N 366 59.49 -5.14 109.56
CA HIS N 366 60.82 -5.19 108.97
C HIS N 366 61.07 -3.89 108.24
N ASP N 367 62.24 -3.28 108.49
CA ASP N 367 62.65 -2.08 107.80
C ASP N 367 64.15 -2.10 107.59
N GLN N 368 64.58 -1.66 106.40
CA GLN N 368 65.98 -1.72 106.01
C GLN N 368 66.79 -0.68 106.77
N PRO N 369 68.11 -0.69 106.63
CA PRO N 369 68.91 0.42 107.19
C PRO N 369 68.35 1.76 106.75
N TYR N 370 68.08 2.61 107.74
CA TYR N 370 67.13 3.71 107.57
C TYR N 370 67.66 4.98 108.21
N LEU N 371 67.69 6.06 107.45
CA LEU N 371 68.13 7.37 107.90
C LEU N 371 67.09 8.41 107.49
N VAL N 372 66.83 9.36 108.38
CA VAL N 372 65.81 10.37 108.16
C VAL N 372 66.43 11.67 107.68
N PHE N 373 65.82 12.26 106.66
CA PHE N 373 66.18 13.57 106.14
C PHE N 373 64.95 14.46 106.19
N ARG N 374 65.09 15.70 105.74
CA ARG N 374 63.97 16.63 105.61
C ARG N 374 63.87 17.06 104.15
N VAL N 375 62.65 17.05 103.62
CA VAL N 375 62.42 17.34 102.21
C VAL N 375 61.84 18.74 102.11
N PHE N 376 62.51 19.60 101.35
CA PHE N 376 62.04 20.94 101.06
C PHE N 376 61.80 21.07 99.57
N VAL N 377 60.61 21.51 99.20
CA VAL N 377 60.27 21.73 97.80
C VAL N 377 60.56 23.18 97.45
N LYS N 378 61.30 23.38 96.36
CA LYS N 378 61.70 24.72 95.94
C LYS N 378 60.52 25.45 95.34
N VAL N 379 60.10 26.52 96.01
CA VAL N 379 58.96 27.29 95.54
C VAL N 379 59.42 28.70 95.15
N VAL O 2 73.48 80.18 46.22
CA VAL O 2 72.07 80.05 46.53
C VAL O 2 71.47 81.39 46.90
N ARG O 3 72.11 82.08 47.87
CA ARG O 3 71.60 83.37 48.32
C ARG O 3 71.63 84.39 47.18
N LYS O 4 72.82 84.71 46.68
CA LYS O 4 72.94 85.60 45.53
C LYS O 4 72.48 84.88 44.27
N VAL O 5 71.58 85.52 43.53
CA VAL O 5 71.00 84.92 42.34
C VAL O 5 71.40 85.75 41.13
N PHE O 6 71.93 85.08 40.11
CA PHE O 6 72.30 85.74 38.86
C PHE O 6 71.15 85.66 37.87
N ASN O 7 71.14 86.62 36.94
CA ASN O 7 70.18 86.61 35.84
C ASN O 7 70.81 87.33 34.67
N ASP O 8 70.12 87.28 33.54
CA ASP O 8 70.62 87.92 32.33
C ASP O 8 70.85 89.40 32.56
N GLY O 9 72.02 89.88 32.13
CA GLY O 9 72.42 91.24 32.35
C GLY O 9 73.36 91.43 33.54
N ASP O 10 73.41 90.46 34.45
CA ASP O 10 74.36 90.53 35.55
C ASP O 10 75.77 90.32 35.03
N ILE O 11 76.73 90.96 35.71
CA ILE O 11 78.14 90.83 35.36
C ILE O 11 78.82 89.96 36.41
N LEU O 12 79.46 88.89 35.96
CA LEU O 12 80.16 88.01 36.86
C LEU O 12 81.38 88.71 37.44
N TYR O 13 81.59 88.54 38.74
CA TYR O 13 82.72 89.16 39.43
C TYR O 13 83.74 88.11 39.83
N ALA O 14 84.98 88.57 40.02
CA ALA O 14 86.04 87.66 40.42
C ALA O 14 85.77 87.06 41.79
N GLU O 15 85.26 87.86 42.72
CA GLU O 15 84.93 87.34 44.03
C GLU O 15 83.83 86.31 43.95
N ASP O 16 82.88 86.47 43.02
CA ASP O 16 81.83 85.49 42.85
C ASP O 16 82.38 84.14 42.43
N VAL O 17 83.35 84.14 41.50
CA VAL O 17 83.95 82.89 41.07
C VAL O 17 84.79 82.29 42.20
N ASN O 18 85.51 83.13 42.94
CA ASN O 18 86.33 82.62 44.04
C ASN O 18 85.46 81.99 45.12
N ILE O 19 84.31 82.59 45.42
CA ILE O 19 83.36 82.00 46.36
C ILE O 19 82.81 80.70 45.80
N ILE O 20 82.37 80.73 44.53
CA ILE O 20 81.78 79.56 43.90
C ILE O 20 82.82 78.45 43.80
N GLY O 21 84.08 78.81 43.56
CA GLY O 21 85.14 77.83 43.47
C GLY O 21 85.41 77.06 44.74
N GLN O 22 84.98 77.57 45.89
CA GLN O 22 85.19 76.90 47.17
C GLN O 22 83.86 76.37 47.68
N PRO O 23 83.46 75.15 47.33
CA PRO O 23 82.16 74.65 47.76
C PRO O 23 82.16 74.30 49.24
N PHE O 24 81.07 74.68 49.90
CA PHE O 24 80.84 74.31 51.30
C PHE O 24 79.53 73.56 51.38
N VAL O 25 79.57 72.34 51.91
CA VAL O 25 78.35 71.58 52.12
C VAL O 25 77.91 71.69 53.58
N ASP O 26 77.04 72.65 53.87
CA ASP O 26 76.58 72.85 55.23
C ASP O 26 75.15 73.36 55.32
N GLY O 27 74.41 73.41 54.22
CA GLY O 27 73.03 73.83 54.27
C GLY O 27 72.83 75.31 54.42
N GLN O 28 73.89 76.09 54.56
CA GLN O 28 73.77 77.53 54.70
C GLN O 28 73.33 78.14 53.37
N ASP O 29 72.50 79.19 53.46
CA ASP O 29 71.96 79.84 52.27
C ASP O 29 72.89 80.96 51.84
N LEU O 30 73.95 80.58 51.12
CA LEU O 30 74.92 81.52 50.60
C LEU O 30 75.27 81.10 49.18
N LEU O 31 76.11 81.92 48.53
CA LEU O 31 76.37 81.72 47.10
C LEU O 31 77.04 80.39 46.83
N GLY O 32 78.04 80.02 47.63
CA GLY O 32 78.77 78.80 47.40
C GLY O 32 78.42 77.63 48.30
N HIS O 33 77.56 77.84 49.29
CA HIS O 33 77.22 76.81 50.26
C HIS O 33 76.06 76.00 49.72
N GLY O 34 76.29 74.72 49.45
CA GLY O 34 75.30 73.92 48.76
C GLY O 34 74.15 73.38 49.59
N LEU O 35 74.44 72.46 50.50
CA LEU O 35 73.40 71.77 51.26
C LEU O 35 74.10 70.87 52.28
N LYS O 36 73.30 70.18 53.07
CA LYS O 36 73.82 69.33 54.13
C LYS O 36 73.90 67.88 53.64
N VAL O 37 74.97 67.19 54.02
CA VAL O 37 75.24 65.85 53.53
C VAL O 37 74.31 64.85 54.21
N ASP O 38 73.56 64.11 53.42
CA ASP O 38 72.68 63.06 53.91
C ASP O 38 73.40 61.71 53.81
N ASP O 39 72.67 60.63 54.05
CA ASP O 39 73.27 59.31 53.96
C ASP O 39 73.61 58.94 52.52
N ASN O 40 72.77 59.36 51.56
CA ASN O 40 73.03 59.03 50.16
C ASN O 40 74.30 59.70 49.67
N SER O 41 74.57 60.93 50.11
CA SER O 41 75.79 61.60 49.70
C SER O 41 77.03 60.91 50.23
N LEU O 42 76.90 60.11 51.27
CA LEU O 42 78.03 59.34 51.79
C LEU O 42 78.32 58.15 50.87
N SER O 43 79.60 57.82 50.75
CA SER O 43 80.02 56.78 49.83
C SER O 43 79.48 55.42 50.27
N ASP O 44 79.00 54.64 49.29
CA ASP O 44 78.27 53.42 49.58
C ASP O 44 79.09 52.15 49.40
N GLU O 45 80.28 52.23 48.83
CA GLU O 45 81.13 51.05 48.70
C GLU O 45 81.68 50.67 50.07
N PRO O 46 82.05 49.38 50.26
CA PRO O 46 82.59 48.95 51.55
C PRO O 46 83.89 49.66 51.91
N GLN O 47 84.41 49.36 53.11
CA GLN O 47 85.56 50.06 53.67
C GLN O 47 85.26 51.53 53.90
N ASN O 48 83.99 51.86 54.13
CA ASN O 48 83.58 53.23 54.42
C ASN O 48 82.62 53.22 55.59
N ILE O 49 82.53 54.37 56.26
CA ILE O 49 81.79 54.45 57.51
C ILE O 49 80.32 54.13 57.33
N LYS O 50 79.77 54.37 56.14
CA LYS O 50 78.35 54.15 55.92
C LYS O 50 77.98 52.68 56.10
N THR O 51 78.56 51.81 55.26
CA THR O 51 78.24 50.39 55.33
C THR O 51 78.74 49.78 56.63
N ARG O 52 79.92 50.21 57.09
CA ARG O 52 80.44 49.70 58.36
C ARG O 52 79.48 49.98 59.50
N PHE O 53 78.98 51.21 59.58
CA PHE O 53 78.07 51.58 60.66
C PHE O 53 76.75 50.85 60.53
N TYR O 54 76.19 50.76 59.32
CA TYR O 54 74.86 50.19 59.19
C TYR O 54 74.86 48.67 59.21
N ALA O 55 75.98 48.02 58.93
CA ALA O 55 76.03 46.56 59.07
C ALA O 55 75.97 46.13 60.53
N TRP O 56 76.24 47.04 61.46
CA TRP O 56 76.11 46.78 62.88
C TRP O 56 74.84 47.37 63.47
N TYR O 57 74.47 48.58 63.04
CA TYR O 57 73.25 49.22 63.50
C TYR O 57 72.03 48.40 63.10
N ASN O 58 71.91 48.08 61.81
CA ASN O 58 70.75 47.34 61.31
C ASN O 58 71.02 45.84 61.26
N ARG O 59 71.45 45.27 62.37
CA ARG O 59 71.72 43.84 62.44
C ARG O 59 70.55 43.16 63.14
N PHE O 60 69.93 42.20 62.44
CA PHE O 60 68.76 41.49 62.96
C PHE O 60 67.64 42.45 63.33
N ARG O 61 67.47 43.50 62.53
CA ARG O 61 66.40 44.46 62.75
C ARG O 61 65.09 43.90 62.21
N VAL O 62 64.04 44.00 63.01
CA VAL O 62 62.73 43.48 62.65
C VAL O 62 61.85 44.62 62.16
N THR O 63 61.25 44.44 60.99
CA THR O 63 60.35 45.42 60.42
C THR O 63 59.09 44.73 59.91
N VAL O 64 57.99 45.47 59.86
CA VAL O 64 56.72 44.95 59.38
C VAL O 64 56.78 44.92 57.86
N GLN O 65 57.08 43.75 57.29
CA GLN O 65 57.13 43.63 55.84
C GLN O 65 55.74 43.78 55.24
N SER O 66 54.81 42.90 55.64
CA SER O 66 53.44 42.98 55.14
C SER O 66 52.50 42.11 55.95
N GLY O 67 51.38 42.67 56.39
CA GLY O 67 50.46 41.90 57.21
C GLY O 67 51.13 41.45 58.49
N LEU O 68 51.06 40.15 58.76
CA LEU O 68 51.73 39.56 59.90
C LEU O 68 53.16 39.14 59.61
N THR O 69 53.63 39.33 58.39
CA THR O 69 54.97 38.91 58.00
C THR O 69 55.96 40.02 58.32
N LEU O 70 56.91 39.70 59.19
CA LEU O 70 57.97 40.60 59.60
C LEU O 70 59.27 40.20 58.93
N SER O 71 60.05 41.21 58.53
CA SER O 71 61.34 41.02 57.91
C SER O 71 62.44 41.19 58.93
N VAL O 72 63.44 40.31 58.87
CA VAL O 72 64.62 40.39 59.71
C VAL O 72 65.83 40.50 58.80
N THR O 73 66.63 41.55 58.99
CA THR O 73 67.80 41.76 58.18
C THR O 73 68.85 40.70 58.46
N GLN O 74 69.86 40.64 57.60
CA GLN O 74 70.89 39.62 57.74
C GLN O 74 71.77 39.91 58.94
N GLY O 75 72.51 38.90 59.36
CA GLY O 75 73.42 39.07 60.48
C GLY O 75 74.22 37.81 60.71
N SER O 76 74.90 37.79 61.85
CA SER O 76 75.65 36.60 62.25
C SER O 76 75.64 36.50 63.77
N ILE O 77 75.71 35.27 64.26
CA ILE O 77 75.74 35.01 65.70
C ILE O 77 76.93 34.13 66.00
N SER O 78 77.40 34.22 67.25
CA SER O 78 78.51 33.40 67.73
C SER O 78 77.96 32.43 68.77
N VAL O 79 78.12 31.14 68.50
CA VAL O 79 77.70 30.07 69.41
C VAL O 79 78.97 29.34 69.80
N SER O 80 79.46 29.61 71.02
CA SER O 80 80.67 28.99 71.54
C SER O 80 81.85 29.18 70.59
N GLY O 81 81.92 30.33 69.92
CA GLY O 81 82.98 30.62 69.00
C GLY O 81 82.72 30.22 67.57
N ASN O 82 81.63 29.52 67.30
CA ASN O 82 81.28 29.17 65.92
C ASN O 82 80.35 30.23 65.36
N ILE O 83 80.69 30.75 64.18
CA ILE O 83 79.95 31.86 63.58
C ILE O 83 78.91 31.29 62.63
N ILE O 84 77.64 31.60 62.89
CA ILE O 84 76.54 31.15 62.06
C ILE O 84 75.88 32.40 61.47
N SER O 85 75.84 32.46 60.14
CA SER O 85 75.33 33.63 59.44
C SER O 85 73.93 33.37 58.92
N PHE O 86 73.09 34.40 58.96
CA PHE O 86 71.73 34.33 58.50
C PHE O 86 71.48 35.40 57.45
N PRO O 87 70.96 35.04 56.29
CA PRO O 87 70.54 36.04 55.30
C PRO O 87 69.26 36.71 55.76
N PRO O 88 68.84 37.78 55.08
CA PRO O 88 67.55 38.39 55.44
C PRO O 88 66.43 37.37 55.30
N GLN O 89 65.65 37.21 56.36
CA GLN O 89 64.59 36.22 56.39
C GLN O 89 63.28 36.88 56.79
N THR O 90 62.21 36.09 56.75
CA THR O 90 60.89 36.55 57.12
C THR O 90 60.26 35.56 58.09
N ILE O 91 59.37 36.07 58.94
CA ILE O 91 58.65 35.21 59.87
C ILE O 91 57.32 35.86 60.20
N ASN O 92 56.30 35.04 60.44
CA ASN O 92 54.97 35.54 60.69
C ASN O 92 54.73 35.68 62.18
N ALA O 93 54.23 36.85 62.59
CA ALA O 93 53.94 37.08 64.00
C ALA O 93 52.73 36.26 64.44
N ILE O 94 52.67 36.00 65.74
CA ILE O 94 51.52 35.32 66.32
C ILE O 94 50.38 36.32 66.42
N ASP O 95 49.23 35.97 65.85
CA ASP O 95 48.14 36.93 65.72
C ASP O 95 47.47 37.17 67.07
N ASN O 96 46.94 38.38 67.23
CA ASN O 96 46.19 38.78 68.43
C ASN O 96 47.01 38.53 69.69
N ALA O 97 48.29 38.88 69.64
CA ALA O 97 49.17 38.60 70.77
C ALA O 97 50.29 39.62 70.84
N ASN O 98 50.86 39.73 72.03
CA ASN O 98 52.08 40.49 72.28
C ASN O 98 53.23 39.50 72.29
N SER O 99 53.67 39.11 71.11
CA SER O 99 54.64 38.05 70.93
C SER O 99 56.06 38.61 70.89
N PHE O 100 57.03 37.70 70.92
CA PHE O 100 58.44 38.05 70.94
C PHE O 100 59.14 37.35 69.78
N VAL O 101 59.90 38.12 69.01
CA VAL O 101 60.75 37.59 67.96
C VAL O 101 62.16 37.54 68.50
N TRP O 102 62.78 36.36 68.46
CA TRP O 102 64.10 36.16 69.01
C TRP O 102 64.84 35.12 68.17
N ILE O 103 66.10 34.87 68.52
CA ILE O 103 66.91 33.86 67.85
C ILE O 103 67.44 32.92 68.90
N GLY O 104 67.31 31.62 68.65
CA GLY O 104 67.82 30.65 69.59
C GLY O 104 67.38 29.22 69.35
N LYS O 105 66.93 28.56 70.42
CA LYS O 105 66.51 27.17 70.33
C LYS O 105 65.46 26.91 71.41
N THR O 106 64.81 25.75 71.30
CA THR O 106 63.81 25.33 72.27
C THR O 106 64.24 24.02 72.90
N ASP O 107 63.49 23.63 73.94
CA ASP O 107 63.77 22.37 74.62
C ASP O 107 63.58 21.18 73.68
N ALA O 108 62.66 21.29 72.73
CA ALA O 108 62.39 20.22 71.78
C ALA O 108 63.13 20.38 70.46
N ASP O 109 64.01 21.37 70.34
CA ASP O 109 64.70 21.60 69.09
C ASP O 109 66.08 22.19 69.30
N PRO O 110 67.14 21.47 68.89
CA PRO O 110 68.49 22.00 69.07
C PRO O 110 68.93 22.97 67.98
N ALA O 111 68.23 23.05 66.86
CA ALA O 111 68.63 23.94 65.78
C ALA O 111 68.43 25.40 66.20
N ILE O 112 69.46 26.21 66.00
CA ILE O 112 69.40 27.62 66.33
C ILE O 112 68.82 28.37 65.14
N ALA O 113 67.71 29.06 65.36
CA ALA O 113 66.99 29.68 64.26
C ALA O 113 66.19 30.86 64.79
N LEU O 114 65.56 31.59 63.88
CA LEU O 114 64.67 32.68 64.23
C LEU O 114 63.31 32.12 64.62
N ARG O 115 62.83 32.52 65.80
CA ARG O 115 61.59 31.98 66.32
C ARG O 115 60.73 33.11 66.85
N VAL O 116 59.42 32.86 66.87
CA VAL O 116 58.44 33.76 67.44
C VAL O 116 57.70 32.98 68.53
N SER O 117 57.68 33.52 69.74
CA SER O 117 56.98 32.89 70.83
C SER O 117 56.12 33.90 71.56
N GLN O 118 55.52 33.52 72.68
CA GLN O 118 54.75 34.46 73.48
C GLN O 118 55.46 34.87 74.75
N THR O 119 56.54 34.17 75.13
CA THR O 119 57.34 34.52 76.29
C THR O 119 58.81 34.40 75.92
N LEU O 120 59.60 35.36 76.37
CA LEU O 120 61.03 35.34 76.09
C LEU O 120 61.68 34.17 76.83
N PRO O 121 62.38 33.27 76.15
CA PRO O 121 63.11 32.22 76.85
C PRO O 121 64.30 32.79 77.62
N ASN O 122 64.75 32.02 78.61
CA ASN O 122 65.86 32.47 79.44
C ASN O 122 67.14 32.61 78.62
N VAL O 123 67.40 31.68 77.71
CA VAL O 123 68.58 31.71 76.86
C VAL O 123 68.12 32.01 75.44
N CYS O 124 68.46 33.19 74.94
CA CYS O 124 68.04 33.62 73.61
C CYS O 124 68.78 34.90 73.26
N ILE O 125 68.56 35.38 72.05
CA ILE O 125 68.93 36.72 71.63
C ILE O 125 67.66 37.48 71.28
N PRO O 126 67.16 38.30 72.20
CA PRO O 126 65.92 39.02 71.93
C PRO O 126 66.09 39.98 70.76
N LEU O 127 65.09 40.03 69.90
CA LEU O 127 65.10 40.94 68.76
C LEU O 127 63.99 41.96 68.82
N ALA O 128 62.75 41.53 69.01
CA ALA O 128 61.65 42.50 69.03
C ALA O 128 60.48 41.98 69.84
N ARG O 129 59.65 42.91 70.27
CA ARG O 129 58.35 42.64 70.85
C ARG O 129 57.30 43.16 69.89
N VAL O 130 56.52 42.25 69.32
CA VAL O 130 55.56 42.59 68.27
C VAL O 130 54.16 42.43 68.85
N ILE O 131 53.38 43.50 68.80
CA ILE O 131 51.97 43.47 69.19
C ILE O 131 51.15 43.43 67.92
N ALA O 132 50.42 42.33 67.71
CA ALA O 132 49.67 42.12 66.48
C ALA O 132 48.22 41.79 66.82
N ALA O 133 47.30 42.27 65.99
CA ALA O 133 45.88 42.06 66.22
C ALA O 133 45.14 42.01 64.89
N SER O 134 44.34 40.96 64.72
CA SER O 134 43.44 40.83 63.57
C SER O 134 44.21 40.78 62.24
N GLY O 135 45.22 39.91 62.19
CA GLY O 135 45.98 39.75 60.97
C GLY O 135 46.85 40.94 60.61
N SER O 136 47.06 41.87 61.53
CA SER O 136 47.87 43.05 61.28
C SER O 136 48.80 43.27 62.46
N VAL O 137 49.98 43.83 62.17
CA VAL O 137 50.97 44.12 63.20
C VAL O 137 50.73 45.54 63.69
N THR O 138 50.15 45.65 64.89
CA THR O 138 49.86 46.97 65.44
C THR O 138 51.14 47.73 65.75
N SER O 139 52.13 47.08 66.35
CA SER O 139 53.36 47.78 66.69
C SER O 139 54.52 46.80 66.81
N VAL O 140 55.72 47.34 66.65
CA VAL O 140 56.96 46.60 66.80
C VAL O 140 57.90 47.43 67.68
N THR O 141 58.41 46.83 68.75
CA THR O 141 59.37 47.48 69.63
C THR O 141 60.70 46.76 69.57
N ASP O 142 61.75 47.50 69.22
CA ASP O 142 63.07 46.92 69.06
C ASP O 142 63.64 46.51 70.41
N LEU O 143 64.10 45.27 70.51
CA LEU O 143 64.66 44.76 71.76
C LEU O 143 66.18 44.63 71.72
N ARG O 144 66.77 44.40 70.55
CA ARG O 144 68.22 44.32 70.42
C ARG O 144 68.84 45.66 70.12
N ASP O 145 68.09 46.75 70.32
CA ASP O 145 68.56 48.09 70.01
C ASP O 145 69.93 48.34 70.62
N VAL O 146 70.80 48.99 69.84
CA VAL O 146 72.14 49.30 70.32
C VAL O 146 72.12 50.40 71.36
N SER O 147 71.04 51.16 71.45
CA SER O 147 70.93 52.21 72.45
C SER O 147 70.31 51.74 73.75
N VAL O 148 69.40 50.77 73.70
CA VAL O 148 68.84 50.21 74.92
C VAL O 148 69.81 49.17 75.47
N ASP O 149 69.95 49.15 76.79
CA ASP O 149 70.85 48.24 77.48
C ASP O 149 70.04 47.24 78.29
N ILE O 150 70.27 45.96 78.04
CA ILE O 150 69.59 44.89 78.76
C ILE O 150 70.34 44.64 80.07
N LEU O 151 69.65 44.83 81.18
CA LEU O 151 70.28 44.56 82.46
C LEU O 151 70.28 43.05 82.72
N PRO O 152 71.37 42.52 83.28
CA PRO O 152 71.45 41.07 83.49
C PRO O 152 70.46 40.61 84.55
N PRO O 153 70.13 39.32 84.56
CA PRO O 153 69.21 38.82 85.59
C PRO O 153 69.88 38.75 86.95
N SER O 154 69.05 38.61 87.97
CA SER O 154 69.54 38.57 89.35
C SER O 154 70.38 37.32 89.58
N ILE O 155 71.31 37.41 90.52
CA ILE O 155 72.15 36.26 90.85
C ILE O 155 71.27 35.13 91.36
N PRO O 156 71.42 33.91 90.87
CA PRO O 156 70.58 32.80 91.33
C PRO O 156 70.76 32.55 92.82
N ASP O 157 69.66 32.22 93.48
CA ASP O 157 69.71 31.84 94.89
C ASP O 157 70.46 30.53 95.03
N ALA O 158 71.57 30.55 95.77
CA ALA O 158 72.37 29.35 95.94
C ALA O 158 71.62 28.33 96.79
N VAL O 159 72.15 27.11 96.82
CA VAL O 159 71.57 26.08 97.68
C VAL O 159 71.68 26.54 99.12
N PRO O 160 70.67 26.36 99.96
CA PRO O 160 70.78 26.81 101.35
C PRO O 160 71.93 26.11 102.08
N VAL O 161 72.58 26.86 102.96
CA VAL O 161 73.66 26.29 103.74
C VAL O 161 73.13 25.16 104.61
N GLY O 162 73.88 24.07 104.67
CA GLY O 162 73.50 22.92 105.45
C GLY O 162 72.52 21.99 104.78
N SER O 163 71.90 22.41 103.67
CA SER O 163 71.01 21.55 102.93
C SER O 163 71.82 20.67 102.00
N THR O 164 71.69 19.36 102.15
CA THR O 164 72.50 18.43 101.38
C THR O 164 72.00 18.34 99.94
N ILE O 165 72.92 17.93 99.06
CA ILE O 165 72.59 17.59 97.70
C ILE O 165 73.15 16.20 97.41
N ILE O 166 72.59 15.56 96.39
CA ILE O 166 72.99 14.23 95.98
C ILE O 166 73.74 14.35 94.67
N SER O 167 74.67 13.42 94.43
CA SER O 167 75.47 13.52 93.22
C SER O 167 75.96 12.13 92.84
N LEU O 168 76.00 11.88 91.53
CA LEU O 168 76.55 10.66 90.95
C LEU O 168 78.02 10.86 90.58
N ILE O 169 78.81 11.35 91.53
CA ILE O 169 80.21 11.70 91.29
C ILE O 169 81.10 10.48 91.46
N PRO O 170 81.87 10.11 90.45
CA PRO O 170 82.83 9.02 90.62
C PRO O 170 83.90 9.40 91.62
N PRO O 171 84.49 8.44 92.33
CA PRO O 171 85.55 8.79 93.29
C PRO O 171 86.74 9.48 92.65
N THR O 172 86.99 9.23 91.36
CA THR O 172 88.06 9.91 90.66
C THR O 172 87.79 11.41 90.54
N ALA O 173 86.54 11.78 90.26
CA ALA O 173 86.21 13.18 90.05
C ALA O 173 86.37 13.98 91.35
N PRO O 174 86.73 15.25 91.25
CA PRO O 174 86.92 16.06 92.46
C PRO O 174 85.60 16.43 93.12
N ILE O 175 85.66 16.63 94.42
CA ILE O 175 84.48 17.07 95.18
C ILE O 175 84.13 18.50 94.76
N PRO O 176 82.85 18.83 94.61
CA PRO O 176 82.48 20.22 94.34
C PRO O 176 82.95 21.15 95.44
N ALA O 177 83.42 22.33 95.03
CA ALA O 177 83.90 23.31 95.99
C ALA O 177 82.74 23.83 96.85
N GLY O 178 83.03 24.10 98.12
CA GLY O 178 82.01 24.56 99.03
C GLY O 178 81.10 23.48 99.56
N TYR O 179 81.51 22.22 99.48
CA TYR O 179 80.70 21.10 99.93
C TYR O 179 81.54 20.14 100.75
N LEU O 180 80.94 19.57 101.79
CA LEU O 180 81.57 18.58 102.65
C LEU O 180 80.99 17.21 102.33
N GLU O 181 81.88 16.24 102.14
CA GLU O 181 81.49 14.89 101.76
C GLU O 181 81.17 14.07 103.00
N LEU O 182 79.96 13.51 103.05
CA LEU O 182 79.60 12.60 104.13
C LEU O 182 80.09 11.19 103.81
N LEU O 183 80.50 10.47 104.86
CA LEU O 183 81.11 9.17 104.71
C LEU O 183 80.30 8.11 105.46
N ASN O 184 80.83 6.89 105.46
CA ASN O 184 80.20 5.79 106.20
C ASN O 184 80.15 6.08 107.69
N SER O 185 81.21 6.64 108.23
CA SER O 185 81.33 6.90 109.66
C SER O 185 81.14 8.38 109.94
N SER O 186 80.49 8.68 111.06
CA SER O 186 80.32 10.07 111.48
C SER O 186 81.69 10.72 111.65
N GLN O 187 81.82 11.95 111.18
CA GLN O 187 83.09 12.66 111.21
C GLN O 187 83.03 13.82 112.20
N ASN O 188 84.18 14.43 112.43
CA ASN O 188 84.28 15.62 113.27
C ASN O 188 85.05 16.68 112.49
N VAL O 189 84.52 17.89 112.48
CA VAL O 189 85.08 18.97 111.69
C VAL O 189 85.20 20.23 112.54
N SER O 190 86.13 21.10 112.16
CA SER O 190 86.46 22.26 112.98
C SER O 190 85.28 23.21 113.06
N ARG O 191 85.13 23.82 114.24
CA ARG O 191 84.01 24.75 114.46
C ARG O 191 84.27 26.11 113.81
N THR O 192 85.53 26.55 113.76
CA THR O 192 85.83 27.87 113.21
C THR O 192 85.50 27.94 111.73
N THR O 193 85.80 26.87 110.99
CA THR O 193 85.35 26.77 109.62
C THR O 193 84.01 26.05 109.58
N TYR O 194 83.34 26.13 108.43
CA TYR O 194 81.96 25.70 108.31
C TYR O 194 81.11 26.35 109.39
N SER O 195 81.36 27.64 109.60
CA SER O 195 80.73 28.34 110.72
C SER O 195 79.22 28.39 110.57
N ALA O 196 78.73 28.67 109.36
CA ALA O 196 77.29 28.64 109.13
C ALA O 196 76.73 27.25 109.35
N LEU O 197 77.45 26.22 108.87
CA LEU O 197 77.01 24.85 109.09
C LEU O 197 76.94 24.53 110.57
N PHE O 198 77.93 24.99 111.35
CA PHE O 198 77.93 24.72 112.78
C PHE O 198 76.77 25.43 113.47
N VAL O 199 76.58 26.73 113.18
CA VAL O 199 75.51 27.45 113.85
C VAL O 199 74.14 26.90 113.45
N LEU O 200 74.03 26.31 112.26
CA LEU O 200 72.78 25.65 111.89
C LEU O 200 72.63 24.29 112.55
N TRP O 201 73.74 23.61 112.84
CA TRP O 201 73.71 22.30 113.46
C TRP O 201 74.13 22.31 114.92
N GLY O 202 75.29 22.88 115.21
CA GLY O 202 75.82 22.77 116.57
C GLY O 202 76.35 21.37 116.81
N THR O 203 76.20 20.89 118.05
CA THR O 203 76.53 19.52 118.38
C THR O 203 75.30 18.61 118.30
N TYR O 204 74.62 18.67 117.15
CA TYR O 204 73.42 17.86 116.95
C TYR O 204 73.73 16.47 116.38
N TYR O 205 74.90 16.29 115.78
CA TYR O 205 75.32 14.99 115.28
C TYR O 205 76.71 14.64 115.77
N GLY O 206 77.03 15.05 116.99
CA GLY O 206 78.34 14.81 117.57
C GLY O 206 78.95 16.11 118.05
N ASN O 207 79.87 16.00 119.00
CA ASN O 207 80.50 17.17 119.61
C ASN O 207 82.00 17.24 119.32
N GLY O 208 82.59 16.21 118.72
CA GLY O 208 84.01 16.23 118.43
C GLY O 208 84.81 16.38 119.71
N ASP O 209 85.79 17.28 119.68
CA ASP O 209 86.59 17.57 120.88
C ASP O 209 85.78 18.34 121.92
N GLY O 210 84.63 18.90 121.56
CA GLY O 210 83.81 19.66 122.46
C GLY O 210 84.08 21.15 122.47
N SER O 211 85.25 21.58 121.98
CA SER O 211 85.58 23.00 121.91
C SER O 211 85.82 23.49 120.49
N THR O 212 86.69 22.82 119.74
CA THR O 212 87.09 23.29 118.42
C THR O 212 86.46 22.51 117.28
N THR O 213 85.74 21.42 117.57
CA THR O 213 85.15 20.59 116.55
C THR O 213 83.69 20.31 116.87
N PHE O 214 83.00 19.73 115.90
CA PHE O 214 81.64 19.26 116.06
C PHE O 214 81.41 18.10 115.10
N GLY O 215 80.41 17.29 115.41
CA GLY O 215 80.17 16.04 114.72
C GLY O 215 79.16 16.17 113.60
N VAL O 216 79.50 15.58 112.46
CA VAL O 216 78.61 15.48 111.30
C VAL O 216 78.26 14.01 111.11
N PRO O 217 77.00 13.69 110.80
CA PRO O 217 76.59 12.28 110.80
C PRO O 217 77.18 11.51 109.65
N GLY O 218 77.35 10.20 109.86
CA GLY O 218 77.85 9.30 108.85
C GLY O 218 76.73 8.45 108.29
N THR O 219 76.90 8.01 107.05
CA THR O 219 75.90 7.20 106.34
C THR O 219 76.58 5.91 105.90
N GLY O 220 76.49 4.87 106.73
CA GLY O 220 77.11 3.60 106.38
C GLY O 220 76.16 2.66 105.68
N GLY O 221 76.21 2.62 104.35
CA GLY O 221 75.37 1.73 103.58
C GLY O 221 73.88 1.90 103.81
N ARG O 222 73.47 3.05 104.35
CA ARG O 222 72.10 3.25 104.81
C ARG O 222 71.23 3.82 103.68
N PHE O 223 69.95 3.50 103.74
CA PHE O 223 69.01 3.95 102.72
C PHE O 223 68.52 5.36 103.02
N LEU O 224 67.96 5.99 101.99
CA LEU O 224 67.39 7.32 102.10
C LEU O 224 65.93 7.16 102.51
N ARG O 225 65.53 7.84 103.59
CA ARG O 225 64.13 7.75 103.99
C ARG O 225 63.66 9.11 104.48
N LEU O 226 62.47 9.49 104.04
CA LEU O 226 61.90 10.79 104.40
C LEU O 226 61.47 10.80 105.86
N GLY O 227 61.17 11.99 106.36
CA GLY O 227 60.76 12.18 107.73
C GLY O 227 59.26 11.97 107.92
N GLY O 228 58.82 12.23 109.14
CA GLY O 228 57.42 12.13 109.49
C GLY O 228 57.12 10.82 110.22
N SER O 229 55.83 10.64 110.52
CA SER O 229 55.33 9.49 111.26
C SER O 229 56.05 9.32 112.59
N GLY O 230 56.28 10.45 113.26
CA GLY O 230 56.92 10.43 114.55
C GLY O 230 58.43 10.30 114.52
N LEU O 231 59.03 10.19 113.34
CA LEU O 231 60.47 10.05 113.22
C LEU O 231 61.12 11.43 113.12
N SER O 232 62.04 11.71 114.03
CA SER O 232 62.76 12.96 114.00
C SER O 232 63.82 12.94 112.91
N VAL O 233 64.33 14.12 112.58
CA VAL O 233 65.41 14.22 111.60
C VAL O 233 66.66 13.55 112.15
N GLY O 234 67.47 12.98 111.25
CA GLY O 234 68.71 12.37 111.65
C GLY O 234 68.57 11.11 112.48
N ASP O 235 67.40 10.49 112.47
CA ASP O 235 67.20 9.25 113.19
C ASP O 235 67.92 8.10 112.47
N ILE O 236 68.05 6.99 113.18
CA ILE O 236 68.78 5.82 112.69
C ILE O 236 67.98 4.57 113.02
N GLY O 237 68.31 3.48 112.36
CA GLY O 237 67.71 2.21 112.67
C GLY O 237 67.62 1.31 111.45
N GLY O 238 66.90 0.21 111.62
CA GLY O 238 66.72 -0.76 110.57
C GLY O 238 67.79 -1.84 110.57
N SER O 239 67.58 -2.85 109.74
CA SER O 239 68.53 -3.94 109.61
C SER O 239 68.26 -4.68 108.30
N ASN O 240 69.34 -5.04 107.61
CA ASN O 240 69.23 -5.90 106.44
C ASN O 240 68.97 -7.36 106.81
N GLN O 241 69.41 -7.78 107.99
CA GLN O 241 69.20 -9.15 108.45
C GLN O 241 67.90 -9.19 109.25
N ILE O 242 66.99 -10.08 108.86
CA ILE O 242 65.73 -10.25 109.57
C ILE O 242 65.45 -11.72 109.81
N THR O 243 64.97 -12.02 111.02
CA THR O 243 64.62 -13.37 111.43
C THR O 243 63.11 -13.49 111.53
N ILE O 244 62.55 -14.53 110.95
CA ILE O 244 61.12 -14.77 111.03
C ILE O 244 60.79 -15.11 112.48
N PRO O 245 59.95 -14.33 113.15
CA PRO O 245 59.55 -14.71 114.51
C PRO O 245 58.76 -16.00 114.50
N THR O 246 58.94 -16.80 115.55
CA THR O 246 58.26 -18.08 115.61
C THR O 246 56.76 -17.91 115.65
N ASN O 247 56.28 -16.74 116.12
CA ASN O 247 54.85 -16.48 116.09
C ASN O 247 54.33 -16.39 114.66
N ALA O 248 55.09 -15.78 113.76
CA ALA O 248 54.68 -15.62 112.38
C ALA O 248 55.27 -16.77 111.57
N LEU O 249 54.40 -17.66 111.09
CA LEU O 249 54.81 -18.83 110.33
C LEU O 249 53.60 -19.39 109.62
N PRO O 250 53.68 -19.66 108.31
CA PRO O 250 52.51 -20.16 107.59
C PRO O 250 52.00 -21.46 108.20
N SER O 251 50.71 -21.48 108.51
CA SER O 251 50.11 -22.66 109.11
C SER O 251 50.09 -23.80 108.11
N HIS O 252 50.61 -24.96 108.51
CA HIS O 252 50.78 -26.06 107.59
C HIS O 252 50.74 -27.37 108.37
N GLN O 253 50.58 -28.46 107.62
CA GLN O 253 50.60 -29.80 108.19
C GLN O 253 51.38 -30.71 107.25
N HIS O 254 52.25 -31.53 107.81
CA HIS O 254 53.00 -32.49 107.01
C HIS O 254 52.23 -33.80 106.89
N GLY O 255 52.41 -34.46 105.76
CA GLY O 255 51.90 -35.81 105.62
C GLY O 255 52.77 -36.80 106.37
N ILE O 256 52.21 -37.96 106.64
CA ILE O 256 52.91 -39.04 107.32
C ILE O 256 53.05 -40.20 106.34
N PRO O 257 54.26 -40.68 106.08
CA PRO O 257 54.44 -41.74 105.09
C PRO O 257 53.77 -43.03 105.53
N ALA O 258 53.32 -43.80 104.54
CA ALA O 258 52.72 -45.10 104.82
C ALA O 258 53.73 -46.00 105.52
N ASN O 259 53.28 -46.67 106.58
CA ASN O 259 54.15 -47.51 107.37
C ASN O 259 53.46 -48.84 107.64
N THR O 260 54.16 -49.71 108.35
CA THR O 260 53.67 -51.04 108.65
C THR O 260 54.47 -51.59 109.83
N HIS O 261 53.75 -52.04 110.86
CA HIS O 261 54.39 -52.61 112.04
C HIS O 261 53.65 -53.86 112.47
N THR O 262 54.39 -54.76 113.11
CA THR O 262 53.82 -55.97 113.71
C THR O 262 54.29 -56.08 115.14
N HIS O 263 53.51 -56.78 115.95
CA HIS O 263 53.85 -57.05 117.34
C HIS O 263 54.11 -58.54 117.50
N SER O 264 55.23 -58.87 118.13
CA SER O 264 55.49 -60.26 118.46
C SER O 264 54.53 -60.73 119.55
N VAL O 265 54.38 -62.03 119.66
CA VAL O 265 53.43 -62.64 120.58
C VAL O 265 54.18 -63.26 121.75
N ASN O 266 53.68 -63.01 122.96
CA ASN O 266 54.22 -63.59 124.18
C ASN O 266 53.32 -64.77 124.54
N ASP O 267 53.58 -65.92 123.93
CA ASP O 267 52.67 -67.05 123.97
C ASP O 267 52.84 -67.94 125.19
N GLY O 268 54.06 -68.35 125.51
CA GLY O 268 54.24 -69.36 126.54
C GLY O 268 53.58 -70.65 126.12
N GLY O 269 52.71 -71.18 126.97
CA GLY O 269 51.99 -72.39 126.64
C GLY O 269 50.79 -72.56 127.54
N HIS O 270 49.78 -73.26 127.04
CA HIS O 270 48.55 -73.49 127.79
C HIS O 270 48.17 -74.96 127.70
N GLY O 271 47.43 -75.42 128.71
CA GLY O 271 46.91 -76.77 128.72
C GLY O 271 45.41 -76.76 128.91
N HIS O 272 44.85 -77.97 129.03
CA HIS O 272 43.44 -78.15 129.24
C HIS O 272 43.19 -79.08 130.41
N THR O 273 41.91 -79.27 130.72
CA THR O 273 41.47 -80.28 131.66
C THR O 273 40.53 -81.22 130.93
N ILE O 274 40.49 -82.48 131.37
CA ILE O 274 39.72 -83.52 130.70
C ILE O 274 38.63 -84.00 131.65
N ASN O 275 37.39 -83.98 131.19
CA ASN O 275 36.27 -84.54 131.94
C ASN O 275 36.13 -86.01 131.58
N GLN O 276 36.16 -86.87 132.60
CA GLN O 276 36.24 -88.31 132.39
C GLN O 276 35.12 -89.02 133.14
N THR O 277 34.59 -90.07 132.51
CA THR O 277 33.62 -90.95 133.12
C THR O 277 34.12 -92.38 133.00
N PRO O 278 33.80 -93.24 133.96
CA PRO O 278 34.24 -94.63 133.88
C PRO O 278 33.63 -95.35 132.70
N HIS O 279 34.37 -96.30 132.15
CA HIS O 279 33.92 -97.10 131.01
C HIS O 279 34.18 -98.57 131.31
N SER O 280 33.36 -99.42 130.69
CA SER O 280 33.48 -100.86 130.85
C SER O 280 33.38 -101.53 129.50
N HIS O 281 33.82 -102.79 129.44
CA HIS O 281 33.83 -103.56 128.21
C HIS O 281 32.94 -104.79 128.35
N SER O 282 32.33 -105.18 127.24
CA SER O 282 31.68 -106.48 127.21
C SER O 282 32.72 -107.56 126.97
N ILE O 283 32.33 -108.81 127.20
CA ILE O 283 33.22 -109.95 127.01
C ILE O 283 32.53 -110.97 126.12
N SER O 284 33.30 -111.58 125.23
CA SER O 284 32.85 -112.73 124.46
C SER O 284 33.40 -113.97 125.14
N ASP O 285 32.51 -114.84 125.60
CA ASP O 285 32.87 -115.97 126.45
C ASP O 285 32.38 -117.27 125.84
N PRO O 286 33.09 -117.81 124.87
CA PRO O 286 32.84 -119.20 124.48
C PRO O 286 33.10 -120.12 125.65
N GLY O 287 32.12 -120.97 125.96
CA GLY O 287 32.22 -121.80 127.14
C GLY O 287 33.44 -122.71 127.07
N HIS O 288 34.01 -122.97 128.24
CA HIS O 288 35.14 -123.89 128.35
C HIS O 288 34.66 -125.21 128.94
N ALA O 289 35.60 -126.14 129.09
CA ALA O 289 35.31 -127.44 129.67
C ALA O 289 36.60 -128.05 130.16
N HIS O 290 36.52 -128.80 131.24
CA HIS O 290 37.68 -129.46 131.82
C HIS O 290 37.67 -130.95 131.48
N GLY O 291 38.74 -131.61 131.83
CA GLY O 291 38.86 -133.03 131.59
C GLY O 291 39.02 -133.81 132.87
N VAL O 292 38.45 -135.02 132.89
CA VAL O 292 38.58 -135.91 134.03
C VAL O 292 39.38 -137.13 133.59
N PRO O 293 40.70 -137.09 133.73
CA PRO O 293 41.53 -138.20 133.21
C PRO O 293 41.69 -139.33 134.20
N PHE O 294 40.84 -139.39 135.23
CA PHE O 294 40.96 -140.38 136.28
C PHE O 294 39.87 -141.43 136.11
N GLY O 295 40.28 -142.68 135.89
CA GLY O 295 39.35 -143.79 135.76
C GLY O 295 40.05 -145.08 136.13
N ALA O 296 39.27 -146.04 136.60
CA ALA O 296 39.85 -147.25 137.17
C ALA O 296 40.52 -148.10 136.10
N ALA O 297 41.78 -148.44 136.33
CA ALA O 297 42.42 -149.54 135.63
C ALA O 297 42.38 -150.83 136.43
N VAL O 298 42.43 -150.72 137.76
CA VAL O 298 42.18 -151.83 138.66
C VAL O 298 41.22 -151.33 139.73
N ASP O 299 40.20 -152.14 140.05
CA ASP O 299 39.07 -151.69 140.86
C ASP O 299 39.24 -151.99 142.34
N ASN O 300 40.47 -151.99 142.86
CA ASN O 300 40.74 -152.35 144.24
C ASN O 300 41.24 -151.17 145.08
N GLY O 301 41.21 -149.95 144.54
CA GLY O 301 41.79 -148.81 145.20
C GLY O 301 40.82 -147.64 145.29
N ASN O 302 41.34 -146.52 145.80
CA ASN O 302 40.57 -145.32 146.04
C ASN O 302 40.96 -144.15 145.14
N ASN O 303 42.07 -144.26 144.41
CA ASN O 303 42.63 -143.11 143.72
C ASN O 303 41.70 -142.58 142.63
N ALA O 304 41.09 -143.47 141.86
CA ALA O 304 40.39 -143.07 140.64
C ALA O 304 38.92 -143.48 140.70
N PHE O 305 38.17 -143.04 139.69
CA PHE O 305 36.76 -143.40 139.53
C PHE O 305 36.68 -144.80 138.94
N ASP O 306 35.49 -145.20 138.49
CA ASP O 306 35.28 -146.50 137.88
C ASP O 306 34.63 -146.32 136.51
N THR O 307 34.95 -147.21 135.58
CA THR O 307 34.52 -147.09 134.19
C THR O 307 33.40 -148.07 133.89
N GLY O 308 32.30 -147.57 133.33
CA GLY O 308 31.14 -148.41 133.10
C GLY O 308 30.72 -148.58 131.65
N GLY O 309 30.89 -147.56 130.81
CA GLY O 309 30.71 -147.71 129.39
C GLY O 309 29.37 -147.28 128.80
N SER O 310 28.48 -146.70 129.58
CA SER O 310 27.25 -146.16 129.01
C SER O 310 27.05 -144.72 129.47
N PRO O 311 26.75 -143.80 128.56
CA PRO O 311 26.89 -142.37 128.88
C PRO O 311 25.68 -141.67 129.48
N TYR O 312 24.68 -142.41 129.99
CA TYR O 312 23.43 -141.76 130.36
C TYR O 312 23.66 -140.68 131.42
N ASN O 313 22.74 -139.73 131.48
CA ASN O 313 22.88 -138.54 132.29
C ASN O 313 22.19 -138.72 133.64
N ASN O 314 22.86 -138.28 134.71
CA ASN O 314 22.27 -138.16 136.02
C ASN O 314 22.73 -136.85 136.65
N GLY O 315 22.34 -136.63 137.90
CA GLY O 315 22.72 -135.38 138.54
C GLY O 315 24.08 -135.48 139.20
N ILE O 316 25.11 -135.06 138.47
CA ILE O 316 26.49 -135.05 138.96
C ILE O 316 27.16 -133.82 138.36
N GLY O 317 27.78 -133.01 139.22
CA GLY O 317 28.39 -131.78 138.75
C GLY O 317 29.63 -131.44 139.55
N THR O 318 30.48 -130.62 138.95
CA THR O 318 31.69 -130.17 139.62
C THR O 318 31.33 -129.16 140.71
N THR O 319 32.30 -128.94 141.61
CA THR O 319 32.11 -127.94 142.65
C THR O 319 32.16 -126.54 142.07
N GLN O 320 31.53 -125.60 142.76
CA GLN O 320 31.62 -124.20 142.39
C GLN O 320 33.07 -123.74 142.49
N ASN O 321 33.50 -122.98 141.48
CA ASN O 321 34.86 -122.49 141.46
C ASN O 321 34.91 -121.21 140.64
N GLN O 322 35.97 -120.44 140.86
CA GLN O 322 36.21 -119.21 140.12
C GLN O 322 37.66 -119.19 139.64
N THR O 323 37.89 -118.48 138.55
CA THR O 323 39.21 -118.40 137.93
C THR O 323 39.88 -117.10 138.31
N GLY O 324 41.19 -117.16 138.52
CA GLY O 324 41.92 -115.96 138.91
C GLY O 324 42.21 -115.05 137.74
N ILE O 325 41.22 -114.87 136.87
CA ILE O 325 41.41 -114.10 135.65
C ILE O 325 41.64 -112.64 136.01
N SER O 326 42.70 -112.06 135.44
CA SER O 326 43.01 -110.65 135.61
C SER O 326 42.96 -109.97 134.25
N VAL O 327 42.75 -108.66 134.27
CA VAL O 327 42.70 -107.84 133.06
C VAL O 327 43.97 -107.01 133.02
N ASN O 328 44.74 -107.16 131.94
CA ASN O 328 45.98 -106.43 131.80
C ASN O 328 45.71 -104.96 131.48
N THR O 329 46.69 -104.12 131.81
CA THR O 329 46.59 -102.70 131.50
C THR O 329 46.68 -102.47 130.00
N ALA O 330 45.83 -101.57 129.50
CA ALA O 330 45.83 -101.23 128.09
C ALA O 330 45.56 -99.75 127.94
N ASN O 331 45.92 -99.22 126.77
CA ASN O 331 45.76 -97.80 126.48
C ASN O 331 44.48 -97.57 125.68
N ALA O 332 43.80 -96.48 126.00
CA ALA O 332 42.67 -96.02 125.19
C ALA O 332 43.24 -95.18 124.06
N ASN O 333 43.26 -95.75 122.86
CA ASN O 333 43.91 -95.09 121.72
C ASN O 333 43.05 -93.92 121.26
N LEU O 334 43.46 -92.71 121.64
CA LEU O 334 42.72 -91.51 121.33
C LEU O 334 43.69 -90.40 120.96
N SER O 335 43.19 -89.42 120.22
CA SER O 335 43.98 -88.28 119.78
C SER O 335 43.12 -87.03 119.81
N ILE O 336 43.80 -85.88 119.85
CA ILE O 336 43.13 -84.59 119.96
C ILE O 336 43.04 -83.96 118.58
N ASN O 337 41.84 -83.56 118.19
CA ASN O 337 41.63 -82.88 116.92
C ASN O 337 41.97 -81.39 117.08
N THR O 338 42.71 -80.86 116.13
CA THR O 338 43.16 -79.47 116.21
C THR O 338 41.98 -78.51 116.07
N SER O 339 42.01 -77.44 116.86
CA SER O 339 41.06 -76.35 116.73
C SER O 339 41.80 -75.03 116.83
N SER O 340 41.37 -74.06 116.03
CA SER O 340 41.96 -72.74 116.05
C SER O 340 41.35 -71.93 117.20
N THR O 341 42.21 -71.34 118.02
CA THR O 341 41.74 -70.59 119.18
C THR O 341 41.02 -69.33 118.74
N GLY O 342 39.98 -68.96 119.49
CA GLY O 342 39.27 -67.74 119.21
C GLY O 342 39.92 -66.56 119.89
N ILE O 343 40.74 -65.83 119.14
CA ILE O 343 41.55 -64.74 119.68
C ILE O 343 41.45 -63.56 118.73
N SER O 344 41.33 -62.36 119.29
CA SER O 344 41.22 -61.14 118.52
C SER O 344 42.03 -60.05 119.20
N ILE O 345 42.39 -59.03 118.42
CA ILE O 345 43.15 -57.90 118.90
C ILE O 345 42.29 -56.65 118.74
N GLN O 346 42.07 -55.93 119.82
CA GLN O 346 41.24 -54.74 119.79
C GLN O 346 42.09 -53.52 119.43
N SER O 347 41.47 -52.35 119.51
CA SER O 347 42.12 -51.12 119.08
C SER O 347 43.21 -50.70 120.05
N ALA O 348 44.15 -49.91 119.53
CA ALA O 348 45.18 -49.31 120.35
C ALA O 348 45.71 -48.08 119.63
N SER O 349 46.26 -47.16 120.40
CA SER O 349 46.87 -45.94 119.88
C SER O 349 48.37 -45.98 120.13
N THR O 350 49.14 -45.58 119.13
CA THR O 350 50.59 -45.58 119.27
C THR O 350 51.06 -44.66 120.38
N GLY O 351 50.23 -43.70 120.79
CA GLY O 351 50.49 -42.89 121.95
C GLY O 351 51.19 -41.57 121.67
N LEU O 352 51.87 -41.45 120.55
CA LEU O 352 52.54 -40.20 120.24
C LEU O 352 51.53 -39.13 119.85
N THR O 353 51.87 -37.87 120.17
CA THR O 353 50.97 -36.76 119.93
C THR O 353 51.63 -35.57 119.25
N VAL O 354 52.95 -35.42 119.33
CA VAL O 354 53.66 -34.33 118.68
C VAL O 354 54.85 -34.90 117.93
N THR O 355 55.31 -34.13 116.94
CA THR O 355 56.51 -34.48 116.20
C THR O 355 57.71 -33.91 116.93
N SER O 356 58.88 -33.96 116.30
CA SER O 356 60.08 -33.34 116.84
C SER O 356 60.30 -32.00 116.14
N ASN O 357 60.79 -31.02 116.91
CA ASN O 357 61.03 -29.70 116.37
C ASN O 357 61.99 -29.77 115.20
N ALA O 358 61.66 -29.06 114.13
CA ALA O 358 62.46 -29.02 112.90
C ALA O 358 62.54 -27.57 112.42
N GLY O 359 63.62 -26.90 112.79
CA GLY O 359 63.80 -25.52 112.39
C GLY O 359 64.66 -24.73 113.36
N ASN O 360 65.44 -23.79 112.84
CA ASN O 360 66.31 -22.95 113.64
C ASN O 360 66.09 -21.49 113.25
N GLY O 361 66.09 -20.62 114.24
CA GLY O 361 65.87 -19.20 113.97
C GLY O 361 67.15 -18.49 113.60
N GLN O 362 67.38 -18.31 112.31
CA GLN O 362 68.63 -17.75 111.81
C GLN O 362 68.37 -16.38 111.17
N ALA O 363 69.30 -15.46 111.38
CA ALA O 363 69.26 -14.19 110.67
C ALA O 363 69.40 -14.44 109.18
N PHE O 364 68.57 -13.76 108.39
CA PHE O 364 68.50 -13.98 106.96
C PHE O 364 68.57 -12.62 106.27
N GLN O 365 69.49 -12.51 105.30
CA GLN O 365 69.80 -11.23 104.68
C GLN O 365 68.82 -10.91 103.57
N HIS O 366 68.31 -9.67 103.56
CA HIS O 366 67.38 -9.20 102.54
C HIS O 366 67.70 -7.77 102.19
N ASP O 367 67.71 -7.46 100.90
CA ASP O 367 68.01 -6.12 100.41
C ASP O 367 67.03 -5.72 99.32
N GLN O 368 66.39 -4.58 99.48
CA GLN O 368 65.54 -4.04 98.44
C GLN O 368 66.40 -3.52 97.30
N PRO O 369 65.84 -3.44 96.09
CA PRO O 369 66.60 -2.85 94.98
C PRO O 369 67.04 -1.44 95.30
N TYR O 370 68.27 -1.10 94.92
CA TYR O 370 68.84 0.17 95.32
C TYR O 370 69.81 0.68 94.28
N LEU O 371 70.06 1.97 94.33
CA LEU O 371 71.12 2.64 93.59
C LEU O 371 71.89 3.53 94.54
N VAL O 372 73.21 3.59 94.39
CA VAL O 372 74.10 4.22 95.35
C VAL O 372 74.61 5.53 94.78
N PHE O 373 74.43 6.62 95.53
CA PHE O 373 74.96 7.93 95.17
C PHE O 373 75.92 8.41 96.27
N ARG O 374 76.39 9.65 96.11
CA ARG O 374 77.20 10.32 97.13
C ARG O 374 76.52 11.61 97.54
N VAL O 375 76.42 11.84 98.85
CA VAL O 375 75.77 13.02 99.39
C VAL O 375 76.83 14.03 99.82
N PHE O 376 76.58 15.30 99.53
CA PHE O 376 77.44 16.39 99.97
C PHE O 376 76.60 17.45 100.66
N VAL O 377 77.03 17.87 101.84
CA VAL O 377 76.34 18.91 102.59
C VAL O 377 76.98 20.25 102.24
N LYS O 378 76.15 21.25 101.96
CA LYS O 378 76.67 22.56 101.60
C LYS O 378 77.27 23.23 102.84
N VAL O 379 78.52 23.64 102.74
CA VAL O 379 79.22 24.28 103.84
C VAL O 379 78.47 25.54 104.27
N MET P 1 -12.01 62.54 109.86
CA MET P 1 -12.70 63.79 110.15
C MET P 1 -12.16 64.39 111.43
N VAL P 2 -12.05 63.56 112.45
CA VAL P 2 -11.43 63.97 113.70
C VAL P 2 -9.92 63.91 113.49
N ARG P 3 -9.18 64.71 114.26
CA ARG P 3 -7.72 64.85 114.19
C ARG P 3 -7.29 65.59 112.92
N LYS P 4 -8.22 65.96 112.05
CA LYS P 4 -7.90 66.82 110.91
C LYS P 4 -9.18 67.54 110.51
N VAL P 5 -9.31 68.80 110.93
CA VAL P 5 -10.50 69.61 110.68
C VAL P 5 -10.07 70.87 109.96
N PHE P 6 -10.84 71.27 108.96
CA PHE P 6 -10.51 72.43 108.14
C PHE P 6 -11.28 73.65 108.59
N ASN P 7 -10.69 74.81 108.36
CA ASN P 7 -11.30 76.11 108.64
C ASN P 7 -11.25 76.96 107.38
N ASP P 8 -11.85 78.15 107.47
CA ASP P 8 -12.10 78.94 106.26
C ASP P 8 -10.79 79.31 105.55
N GLY P 9 -9.80 79.76 106.30
CA GLY P 9 -8.54 80.14 105.70
C GLY P 9 -7.52 79.04 105.55
N ASP P 10 -7.86 77.82 105.94
CA ASP P 10 -6.88 76.74 105.95
C ASP P 10 -6.44 76.40 104.52
N ILE P 11 -5.15 76.11 104.37
CA ILE P 11 -4.64 75.61 103.10
C ILE P 11 -5.05 74.15 102.94
N LEU P 12 -5.43 73.77 101.73
CA LEU P 12 -5.77 72.40 101.41
C LEU P 12 -4.57 71.76 100.71
N TYR P 13 -3.84 70.92 101.44
CA TYR P 13 -2.66 70.29 100.89
C TYR P 13 -3.03 69.06 100.08
N ALA P 14 -2.11 68.66 99.19
CA ALA P 14 -2.40 67.55 98.29
C ALA P 14 -2.47 66.22 99.02
N GLU P 15 -1.69 66.05 100.08
CA GLU P 15 -1.80 64.82 100.87
C GLU P 15 -3.19 64.65 101.44
N ASP P 16 -3.84 65.76 101.82
CA ASP P 16 -5.21 65.68 102.32
C ASP P 16 -6.16 65.18 101.26
N VAL P 17 -6.04 65.70 100.04
CA VAL P 17 -6.93 65.24 98.96
C VAL P 17 -6.67 63.78 98.64
N ASN P 18 -5.40 63.37 98.63
CA ASN P 18 -5.08 61.97 98.38
C ASN P 18 -5.65 61.07 99.48
N ILE P 19 -5.63 61.54 100.73
CA ILE P 19 -6.21 60.76 101.81
C ILE P 19 -7.72 60.63 101.64
N ILE P 20 -8.38 61.75 101.36
CA ILE P 20 -9.83 61.74 101.18
C ILE P 20 -10.21 60.88 99.98
N GLY P 21 -9.32 60.74 99.01
CA GLY P 21 -9.63 59.94 97.84
C GLY P 21 -9.81 58.47 98.14
N GLN P 22 -9.20 57.98 99.21
CA GLN P 22 -9.39 56.58 99.59
C GLN P 22 -10.28 56.50 100.82
N PRO P 23 -11.59 56.44 100.66
CA PRO P 23 -12.48 56.36 101.83
C PRO P 23 -12.33 55.02 102.53
N PHE P 24 -12.49 55.05 103.85
CA PHE P 24 -12.47 53.85 104.66
C PHE P 24 -13.71 53.83 105.52
N VAL P 25 -14.25 52.63 105.73
CA VAL P 25 -15.46 52.47 106.52
C VAL P 25 -15.17 51.60 107.72
N ASP P 26 -13.95 51.69 108.25
CA ASP P 26 -13.57 50.92 109.43
C ASP P 26 -13.95 51.60 110.73
N GLY P 27 -14.60 52.76 110.67
CA GLY P 27 -14.99 53.46 111.88
C GLY P 27 -13.86 54.12 112.63
N GLN P 28 -12.69 54.25 112.01
CA GLN P 28 -11.55 54.84 112.70
C GLN P 28 -11.70 56.35 112.81
N ASP P 29 -10.74 56.96 113.50
CA ASP P 29 -10.76 58.39 113.81
C ASP P 29 -10.02 59.23 112.78
N LEU P 30 -9.41 58.62 111.78
CA LEU P 30 -8.54 59.34 110.86
C LEU P 30 -9.37 60.22 109.93
N LEU P 31 -8.67 60.92 109.02
CA LEU P 31 -9.32 61.93 108.20
C LEU P 31 -10.33 61.31 107.24
N GLY P 32 -9.97 60.22 106.58
CA GLY P 32 -10.83 59.64 105.57
C GLY P 32 -11.65 58.44 106.03
N HIS P 33 -11.47 58.03 107.28
CA HIS P 33 -12.09 56.79 107.79
C HIS P 33 -13.42 57.15 108.42
N GLY P 34 -14.50 56.96 107.67
CA GLY P 34 -15.80 57.48 108.04
C GLY P 34 -16.49 56.83 109.23
N LEU P 35 -16.97 55.60 109.06
CA LEU P 35 -17.79 54.95 110.07
C LEU P 35 -17.96 53.49 109.69
N LYS P 36 -18.36 52.68 110.65
CA LYS P 36 -18.57 51.27 110.37
C LYS P 36 -19.88 51.06 109.62
N VAL P 37 -20.07 49.84 109.14
CA VAL P 37 -21.18 49.49 108.26
C VAL P 37 -22.21 48.71 109.04
N ASP P 38 -23.44 49.23 109.12
CA ASP P 38 -24.53 48.55 109.81
C ASP P 38 -25.37 47.79 108.79
N ASP P 39 -26.49 47.21 109.26
CA ASP P 39 -27.39 46.52 108.36
C ASP P 39 -28.05 47.48 107.38
N ASN P 40 -28.32 48.71 107.82
CA ASN P 40 -28.90 49.70 106.90
C ASN P 40 -27.94 50.00 105.77
N SER P 41 -26.64 50.10 106.07
CA SER P 41 -25.65 50.42 105.05
C SER P 41 -25.52 49.33 104.00
N LEU P 42 -25.99 48.12 104.28
CA LEU P 42 -26.02 47.07 103.27
C LEU P 42 -27.19 47.27 102.33
N SER P 43 -27.03 46.80 101.10
CA SER P 43 -28.03 47.04 100.07
C SER P 43 -29.30 46.25 100.36
N ASP P 44 -30.44 46.88 100.17
CA ASP P 44 -31.74 46.23 100.31
C ASP P 44 -32.23 45.66 98.99
N GLU P 45 -31.36 44.89 98.36
CA GLU P 45 -31.54 44.21 97.11
C GLU P 45 -31.71 42.72 97.37
N PRO P 46 -32.77 42.09 96.85
CA PRO P 46 -33.03 40.68 97.18
C PRO P 46 -31.87 39.76 96.86
N GLN P 47 -31.01 40.10 95.91
CA GLN P 47 -29.90 39.24 95.53
C GLN P 47 -28.69 39.37 96.44
N ASN P 48 -28.75 40.22 97.46
CA ASN P 48 -27.60 40.49 98.29
C ASN P 48 -27.66 39.72 99.61
N ILE P 49 -26.54 39.71 100.32
CA ILE P 49 -26.38 38.85 101.49
C ILE P 49 -27.36 39.24 102.59
N LYS P 50 -27.68 40.52 102.71
CA LYS P 50 -28.56 40.95 103.80
C LYS P 50 -29.95 40.35 103.67
N THR P 51 -30.54 40.45 102.48
CA THR P 51 -31.90 39.94 102.28
C THR P 51 -31.94 38.43 102.45
N ARG P 52 -30.96 37.72 101.88
CA ARG P 52 -30.95 36.26 102.01
C ARG P 52 -30.79 35.85 103.47
N PHE P 53 -29.83 36.46 104.17
CA PHE P 53 -29.59 36.09 105.55
C PHE P 53 -30.81 36.38 106.41
N TYR P 54 -31.49 37.50 106.17
CA TYR P 54 -32.66 37.79 106.98
C TYR P 54 -33.87 36.94 106.60
N ALA P 55 -33.94 36.51 105.34
CA ALA P 55 -34.98 35.56 104.97
C ALA P 55 -34.80 34.25 105.70
N TRP P 56 -33.55 33.78 105.81
CA TRP P 56 -33.29 32.59 106.61
C TRP P 56 -33.55 32.86 108.09
N TYR P 57 -33.14 34.03 108.58
CA TYR P 57 -33.18 34.33 110.00
C TYR P 57 -34.61 34.52 110.50
N ASN P 58 -35.37 35.36 109.81
CA ASN P 58 -36.74 35.68 110.22
C ASN P 58 -37.73 34.84 109.42
N ARG P 59 -37.70 33.54 109.67
CA ARG P 59 -38.67 32.62 109.10
C ARG P 59 -39.31 31.85 110.24
N PHE P 60 -40.64 31.76 110.22
CA PHE P 60 -41.40 31.11 111.28
C PHE P 60 -41.02 31.66 112.65
N ARG P 61 -40.56 32.91 112.69
CA ARG P 61 -40.20 33.54 113.95
C ARG P 61 -41.46 33.85 114.73
N VAL P 62 -41.49 33.44 115.99
CA VAL P 62 -42.67 33.57 116.83
C VAL P 62 -42.43 34.70 117.83
N THR P 63 -43.32 35.67 117.85
CA THR P 63 -43.21 36.83 118.71
C THR P 63 -44.56 37.10 119.36
N VAL P 64 -44.52 37.76 120.52
CA VAL P 64 -45.74 38.09 121.25
C VAL P 64 -46.46 39.21 120.50
N GLN P 65 -47.55 38.87 119.81
CA GLN P 65 -48.38 39.89 119.20
C GLN P 65 -49.00 40.80 120.26
N SER P 66 -49.85 40.22 121.12
CA SER P 66 -50.48 40.96 122.19
C SER P 66 -51.14 40.01 123.18
N GLY P 67 -50.81 40.12 124.46
CA GLY P 67 -51.38 39.22 125.45
C GLY P 67 -50.98 37.78 125.15
N LEU P 68 -51.98 36.92 125.04
CA LEU P 68 -51.73 35.52 124.69
C LEU P 68 -51.55 35.30 123.20
N THR P 69 -51.85 36.30 122.38
CA THR P 69 -51.74 36.15 120.94
C THR P 69 -50.30 36.34 120.49
N LEU P 70 -49.81 35.40 119.68
CA LEU P 70 -48.48 35.42 119.12
C LEU P 70 -48.55 35.46 117.61
N SER P 71 -47.56 36.10 116.99
CA SER P 71 -47.47 36.22 115.56
C SER P 71 -46.31 35.39 115.03
N VAL P 72 -46.53 34.76 113.88
CA VAL P 72 -45.55 33.89 113.25
C VAL P 72 -45.30 34.41 111.85
N THR P 73 -44.03 34.63 111.53
CA THR P 73 -43.65 35.13 110.22
C THR P 73 -43.85 34.06 109.16
N GLN P 74 -43.91 34.52 107.91
CA GLN P 74 -44.17 33.62 106.79
C GLN P 74 -43.01 32.65 106.59
N GLY P 75 -43.28 31.58 105.86
CA GLY P 75 -42.25 30.61 105.56
C GLY P 75 -42.76 29.54 104.62
N SER P 76 -41.99 28.47 104.52
CA SER P 76 -42.39 27.35 103.68
C SER P 76 -41.81 26.07 104.24
N ILE P 77 -42.43 24.96 103.87
CA ILE P 77 -42.03 23.64 104.32
C ILE P 77 -42.03 22.69 103.14
N SER P 78 -41.28 21.61 103.28
CA SER P 78 -41.20 20.57 102.27
C SER P 78 -41.80 19.28 102.84
N VAL P 79 -42.84 18.79 102.18
CA VAL P 79 -43.50 17.55 102.54
C VAL P 79 -43.37 16.62 101.35
N SER P 80 -42.55 15.57 101.50
CA SER P 80 -42.34 14.58 100.44
C SER P 80 -41.88 15.26 99.15
N GLY P 81 -41.09 16.31 99.29
CA GLY P 81 -40.60 17.03 98.13
C GLY P 81 -41.56 18.03 97.54
N ASN P 82 -42.64 18.38 98.24
CA ASN P 82 -43.62 19.34 97.76
C ASN P 82 -43.66 20.53 98.71
N ILE P 83 -43.63 21.73 98.16
CA ILE P 83 -43.49 22.95 98.96
C ILE P 83 -44.87 23.46 99.35
N ILE P 84 -45.04 23.76 100.64
CA ILE P 84 -46.24 24.38 101.16
C ILE P 84 -45.85 25.68 101.83
N SER P 85 -46.50 26.77 101.44
CA SER P 85 -46.17 28.10 101.94
C SER P 85 -47.15 28.51 103.04
N PHE P 86 -46.71 29.45 103.87
CA PHE P 86 -47.52 29.92 104.99
C PHE P 86 -47.30 31.41 105.21
N PRO P 87 -48.33 32.23 105.06
CA PRO P 87 -48.20 33.66 105.36
C PRO P 87 -48.09 33.88 106.86
N PRO P 88 -47.72 35.07 107.31
CA PRO P 88 -47.69 35.33 108.75
C PRO P 88 -49.08 35.17 109.35
N GLN P 89 -49.13 34.60 110.56
CA GLN P 89 -50.42 34.26 111.14
C GLN P 89 -50.36 34.35 112.65
N THR P 90 -51.53 34.50 113.24
CA THR P 90 -51.67 34.61 114.68
C THR P 90 -52.10 33.28 115.29
N ILE P 91 -51.73 33.08 116.55
CA ILE P 91 -52.16 31.90 117.29
C ILE P 91 -52.12 32.22 118.77
N ASN P 92 -53.04 31.64 119.53
CA ASN P 92 -53.15 31.90 120.95
C ASN P 92 -52.46 30.78 121.72
N ALA P 93 -51.48 31.14 122.55
CA ALA P 93 -50.77 30.16 123.34
C ALA P 93 -51.66 29.62 124.46
N ILE P 94 -51.21 28.52 125.06
CA ILE P 94 -51.95 27.90 126.15
C ILE P 94 -51.65 28.65 127.45
N ASP P 95 -52.69 29.14 128.10
CA ASP P 95 -52.52 29.96 129.29
C ASP P 95 -51.99 29.14 130.45
N ASN P 96 -51.13 29.77 131.24
CA ASN P 96 -50.63 29.21 132.50
C ASN P 96 -49.95 27.85 132.27
N ALA P 97 -49.32 27.69 131.12
CA ALA P 97 -48.67 26.44 130.78
C ALA P 97 -47.55 26.70 129.79
N ASN P 98 -46.47 25.91 129.89
CA ASN P 98 -45.33 26.04 129.00
C ASN P 98 -45.67 25.36 127.67
N SER P 99 -46.41 26.09 126.85
CA SER P 99 -46.87 25.52 125.60
C SER P 99 -45.77 25.58 124.54
N PHE P 100 -45.98 24.83 123.47
CA PHE P 100 -45.06 24.80 122.33
C PHE P 100 -45.84 25.13 121.08
N VAL P 101 -45.31 26.07 120.30
CA VAL P 101 -45.83 26.40 118.98
C VAL P 101 -44.97 25.69 117.95
N TRP P 102 -45.60 24.90 117.09
CA TRP P 102 -44.88 24.11 116.12
C TRP P 102 -45.73 23.91 114.87
N ILE P 103 -45.06 23.63 113.76
CA ILE P 103 -45.72 23.35 112.50
C ILE P 103 -45.74 21.84 112.30
N GLY P 104 -46.91 21.29 111.98
CA GLY P 104 -47.02 19.87 111.79
C GLY P 104 -48.47 19.46 111.71
N LYS P 105 -48.70 18.15 111.88
CA LYS P 105 -50.04 17.59 111.83
C LYS P 105 -50.31 16.83 113.12
N THR P 106 -51.56 16.91 113.57
CA THR P 106 -51.99 16.20 114.76
C THR P 106 -52.68 14.90 114.37
N ASP P 107 -52.75 13.98 115.34
CA ASP P 107 -53.36 12.68 115.08
C ASP P 107 -54.83 12.82 114.72
N ALA P 108 -55.55 13.70 115.42
CA ALA P 108 -56.96 13.91 115.14
C ALA P 108 -57.17 14.46 113.73
N ASP P 109 -56.43 15.51 113.38
CA ASP P 109 -56.53 16.13 112.06
C ASP P 109 -55.22 15.98 111.32
N PRO P 110 -55.13 15.08 110.32
CA PRO P 110 -53.86 14.89 109.62
C PRO P 110 -53.44 16.07 108.75
N ALA P 111 -54.19 17.16 108.74
CA ALA P 111 -53.78 18.35 108.00
C ALA P 111 -52.57 18.99 108.67
N ILE P 112 -51.67 19.54 107.85
CA ILE P 112 -50.45 20.18 108.34
C ILE P 112 -50.72 21.67 108.46
N ALA P 113 -50.49 22.20 109.66
CA ALA P 113 -50.69 23.63 109.91
C ALA P 113 -49.88 24.01 111.14
N LEU P 114 -50.08 25.25 111.59
CA LEU P 114 -49.46 25.76 112.81
C LEU P 114 -50.33 25.41 114.00
N ARG P 115 -49.73 24.79 115.02
CA ARG P 115 -50.47 24.31 116.17
C ARG P 115 -49.72 24.67 117.45
N VAL P 116 -50.47 24.76 118.54
CA VAL P 116 -49.93 24.98 119.87
C VAL P 116 -50.38 23.85 120.76
N SER P 117 -49.43 23.17 121.39
CA SER P 117 -49.72 22.03 122.26
C SER P 117 -49.01 22.23 123.59
N GLN P 118 -49.18 21.28 124.50
CA GLN P 118 -48.45 21.28 125.76
C GLN P 118 -47.25 20.35 125.73
N THR P 119 -47.00 19.68 124.61
CA THR P 119 -45.89 18.74 124.49
C THR P 119 -45.44 18.69 123.04
N LEU P 120 -44.14 18.74 122.82
CA LEU P 120 -43.61 18.65 121.47
C LEU P 120 -43.73 17.23 120.95
N PRO P 121 -44.38 17.01 119.81
CA PRO P 121 -44.43 15.65 119.25
C PRO P 121 -43.06 15.20 118.79
N ASN P 122 -42.88 13.87 118.77
CA ASN P 122 -41.63 13.32 118.26
C ASN P 122 -41.44 13.64 116.79
N VAL P 123 -42.52 13.87 116.05
CA VAL P 123 -42.49 14.28 114.66
C VAL P 123 -43.16 15.64 114.57
N CYS P 124 -42.38 16.68 114.32
CA CYS P 124 -42.89 18.05 114.29
C CYS P 124 -41.80 18.95 113.74
N ILE P 125 -42.15 20.21 113.52
CA ILE P 125 -41.20 21.27 113.24
C ILE P 125 -41.27 22.27 114.39
N PRO P 126 -40.33 22.19 115.33
CA PRO P 126 -40.40 23.07 116.50
C PRO P 126 -40.17 24.51 116.09
N LEU P 127 -41.03 25.39 116.58
CA LEU P 127 -40.90 26.81 116.33
C LEU P 127 -40.56 27.60 117.58
N ALA P 128 -41.35 27.46 118.64
CA ALA P 128 -41.08 28.24 119.83
C ALA P 128 -41.66 27.54 121.06
N ARG P 129 -41.08 27.84 122.21
CA ARG P 129 -41.64 27.46 123.50
C ARG P 129 -42.08 28.72 124.21
N VAL P 130 -43.37 28.78 124.56
CA VAL P 130 -43.97 29.97 125.14
C VAL P 130 -44.42 29.64 126.55
N ILE P 131 -43.83 30.34 127.53
CA ILE P 131 -44.28 30.28 128.91
C ILE P 131 -45.13 31.51 129.16
N ALA P 132 -46.41 31.29 129.42
CA ALA P 132 -47.38 32.36 129.63
C ALA P 132 -48.07 32.15 130.96
N ALA P 133 -48.54 33.26 131.54
CA ALA P 133 -49.19 33.21 132.84
C ALA P 133 -50.10 34.42 132.98
N SER P 134 -51.26 34.19 133.60
CA SER P 134 -52.26 35.25 133.85
C SER P 134 -52.65 35.96 132.55
N GLY P 135 -52.81 35.19 131.48
CA GLY P 135 -53.19 35.76 130.21
C GLY P 135 -52.09 36.53 129.50
N SER P 136 -50.88 36.54 130.04
CA SER P 136 -49.76 37.27 129.46
C SER P 136 -48.58 36.35 129.29
N VAL P 137 -47.78 36.62 128.27
CA VAL P 137 -46.62 35.78 127.95
C VAL P 137 -45.44 36.21 128.78
N THR P 138 -44.87 35.29 129.55
CA THR P 138 -43.70 35.60 130.35
C THR P 138 -42.40 35.42 129.59
N SER P 139 -42.32 34.41 128.73
CA SER P 139 -41.08 34.18 127.99
C SER P 139 -41.36 33.43 126.70
N VAL P 140 -40.59 33.72 125.67
CA VAL P 140 -40.62 33.01 124.41
C VAL P 140 -39.20 32.57 124.07
N THR P 141 -39.05 31.30 123.69
CA THR P 141 -37.74 30.74 123.38
C THR P 141 -37.78 30.15 121.98
N ASP P 142 -36.90 30.63 121.10
CA ASP P 142 -36.85 30.14 119.74
C ASP P 142 -36.27 28.72 119.72
N LEU P 143 -36.99 27.82 119.06
CA LEU P 143 -36.56 26.44 118.92
C LEU P 143 -36.03 26.12 117.54
N ARG P 144 -35.81 27.14 116.71
CA ARG P 144 -35.34 26.93 115.35
C ARG P 144 -33.84 26.68 115.33
N ASP P 145 -33.36 26.19 114.19
CA ASP P 145 -31.93 25.95 114.02
C ASP P 145 -31.12 27.23 114.06
N VAL P 146 -31.76 28.38 113.85
CA VAL P 146 -31.05 29.65 113.97
C VAL P 146 -30.63 29.93 115.39
N SER P 147 -31.23 29.29 116.38
CA SER P 147 -30.96 29.57 117.79
C SER P 147 -30.38 28.39 118.55
N VAL P 148 -30.91 27.18 118.33
CA VAL P 148 -30.48 26.00 119.08
C VAL P 148 -30.14 24.89 118.10
N ASP P 149 -29.35 23.94 118.57
CA ASP P 149 -29.07 22.71 117.84
C ASP P 149 -29.91 21.60 118.48
N ILE P 150 -30.88 21.10 117.74
CA ILE P 150 -31.86 20.17 118.30
C ILE P 150 -31.27 18.76 118.32
N LEU P 151 -31.30 18.14 119.48
CA LEU P 151 -30.95 16.73 119.59
C LEU P 151 -32.06 15.91 118.95
N PRO P 152 -31.77 15.09 117.94
CA PRO P 152 -32.85 14.42 117.21
C PRO P 152 -33.53 13.38 118.09
N PRO P 153 -34.83 13.16 117.89
CA PRO P 153 -35.52 12.12 118.65
C PRO P 153 -35.03 10.74 118.23
N SER P 154 -35.15 9.79 119.17
CA SER P 154 -34.76 8.41 118.91
C SER P 154 -36.01 7.63 118.54
N ILE P 155 -36.12 7.25 117.27
CA ILE P 155 -37.28 6.50 116.78
C ILE P 155 -36.85 5.09 116.41
N PRO P 156 -37.17 4.09 117.22
CA PRO P 156 -36.80 2.71 116.88
C PRO P 156 -37.61 2.19 115.69
N ASP P 157 -37.03 1.22 115.00
CA ASP P 157 -37.68 0.61 113.85
C ASP P 157 -38.76 -0.36 114.30
N ALA P 158 -39.59 -0.78 113.35
CA ALA P 158 -40.72 -1.64 113.67
C ALA P 158 -40.27 -2.99 114.18
N VAL P 159 -39.38 -3.66 113.45
CA VAL P 159 -38.92 -5.00 113.79
C VAL P 159 -37.44 -4.92 114.14
N PRO P 160 -36.97 -5.67 115.13
CA PRO P 160 -35.58 -5.55 115.57
C PRO P 160 -34.61 -6.13 114.57
N VAL P 161 -33.34 -5.74 114.73
CA VAL P 161 -32.28 -6.25 113.86
C VAL P 161 -32.10 -7.74 114.08
N GLY P 162 -32.03 -8.48 112.98
CA GLY P 162 -31.92 -9.92 113.04
C GLY P 162 -33.25 -10.65 113.00
N SER P 163 -34.35 -9.95 113.27
CA SER P 163 -35.67 -10.56 113.16
C SER P 163 -35.95 -10.89 111.69
N THR P 164 -36.49 -12.07 111.46
CA THR P 164 -36.81 -12.53 110.11
C THR P 164 -38.26 -12.23 109.80
N ILE P 165 -38.49 -11.59 108.66
CA ILE P 165 -39.84 -11.22 108.21
C ILE P 165 -40.18 -12.11 107.03
N ILE P 166 -41.35 -12.74 107.09
CA ILE P 166 -41.84 -13.61 106.03
C ILE P 166 -42.71 -12.79 105.10
N SER P 167 -42.50 -12.95 103.79
CA SER P 167 -43.22 -12.16 102.80
C SER P 167 -43.61 -13.04 101.63
N LEU P 168 -44.69 -12.62 100.96
CA LEU P 168 -45.23 -13.30 99.78
C LEU P 168 -45.05 -12.49 98.51
N ILE P 169 -44.16 -11.49 98.54
CA ILE P 169 -44.02 -10.60 97.38
C ILE P 169 -43.46 -11.39 96.20
N PRO P 170 -43.92 -11.13 94.98
CA PRO P 170 -43.42 -11.88 93.83
C PRO P 170 -41.95 -11.57 93.58
N PRO P 171 -41.25 -12.42 92.84
CA PRO P 171 -39.82 -12.15 92.55
C PRO P 171 -39.61 -10.84 91.81
N THR P 172 -40.56 -10.41 90.99
CA THR P 172 -40.43 -9.13 90.31
C THR P 172 -40.45 -7.96 91.28
N ALA P 173 -41.10 -8.12 92.43
CA ALA P 173 -41.15 -7.04 93.39
C ALA P 173 -39.77 -6.80 93.99
N PRO P 174 -39.37 -5.54 94.19
CA PRO P 174 -38.05 -5.26 94.73
C PRO P 174 -37.96 -5.59 96.22
N ILE P 175 -36.75 -5.89 96.65
CA ILE P 175 -36.52 -6.22 98.07
C ILE P 175 -36.75 -4.99 98.92
N PRO P 176 -37.48 -5.10 100.03
CA PRO P 176 -37.64 -3.94 100.92
C PRO P 176 -36.30 -3.45 101.43
N ALA P 177 -36.16 -2.13 101.52
CA ALA P 177 -34.89 -1.52 101.89
C ALA P 177 -34.49 -1.91 103.31
N GLY P 178 -33.20 -2.09 103.51
CA GLY P 178 -32.70 -2.48 104.82
C GLY P 178 -32.92 -3.93 105.18
N TYR P 179 -33.20 -4.78 104.21
CA TYR P 179 -33.44 -6.20 104.43
C TYR P 179 -32.48 -7.03 103.60
N LEU P 180 -32.12 -8.19 104.11
CA LEU P 180 -31.21 -9.13 103.44
C LEU P 180 -32.00 -10.35 103.03
N GLU P 181 -31.95 -10.68 101.74
CA GLU P 181 -32.66 -11.85 101.22
C GLU P 181 -31.92 -13.13 101.57
N LEU P 182 -32.68 -14.16 101.91
CA LEU P 182 -32.13 -15.48 102.21
C LEU P 182 -32.40 -16.41 101.03
N LEU P 183 -31.34 -16.92 100.42
CA LEU P 183 -31.44 -17.73 99.22
C LEU P 183 -31.44 -19.21 99.59
N ASN P 184 -31.30 -20.07 98.57
CA ASN P 184 -31.30 -21.50 98.82
C ASN P 184 -30.10 -21.91 99.66
N SER P 185 -28.93 -21.40 99.34
CA SER P 185 -27.70 -21.77 100.03
C SER P 185 -27.27 -20.66 100.98
N SER P 186 -26.22 -20.96 101.75
CA SER P 186 -25.66 -19.99 102.67
C SER P 186 -24.97 -18.86 101.90
N GLN P 187 -24.76 -17.74 102.59
CA GLN P 187 -24.09 -16.59 102.03
C GLN P 187 -22.98 -16.14 102.97
N ASN P 188 -22.19 -15.18 102.52
CA ASN P 188 -21.21 -14.50 103.35
C ASN P 188 -21.32 -13.01 103.08
N VAL P 189 -21.71 -12.24 104.08
CA VAL P 189 -21.90 -10.80 103.91
C VAL P 189 -20.86 -10.07 104.75
N SER P 190 -20.47 -8.89 104.26
CA SER P 190 -19.40 -8.14 104.89
C SER P 190 -19.78 -7.71 106.29
N ARG P 191 -18.84 -7.90 107.22
CA ARG P 191 -19.08 -7.52 108.61
C ARG P 191 -19.29 -6.02 108.74
N THR P 192 -18.46 -5.23 108.04
CA THR P 192 -18.54 -3.78 108.18
C THR P 192 -19.80 -3.23 107.48
N THR P 193 -20.27 -3.91 106.43
CA THR P 193 -21.47 -3.47 105.74
C THR P 193 -22.71 -3.73 106.59
N TYR P 194 -22.79 -4.93 107.17
CA TYR P 194 -23.87 -5.29 108.07
C TYR P 194 -23.25 -5.45 109.46
N SER P 195 -23.12 -4.34 110.17
CA SER P 195 -22.48 -4.37 111.48
C SER P 195 -23.48 -4.71 112.58
N ALA P 196 -24.66 -4.10 112.52
CA ALA P 196 -25.69 -4.39 113.51
C ALA P 196 -26.11 -5.85 113.46
N LEU P 197 -26.05 -6.48 112.29
CA LEU P 197 -26.33 -7.90 112.21
C LEU P 197 -25.19 -8.74 112.74
N PHE P 198 -23.95 -8.37 112.44
CA PHE P 198 -22.81 -9.18 112.87
C PHE P 198 -22.66 -9.14 114.38
N VAL P 199 -22.84 -7.98 114.99
CA VAL P 199 -22.66 -7.89 116.44
C VAL P 199 -23.71 -8.72 117.17
N LEU P 200 -24.88 -8.91 116.58
CA LEU P 200 -25.95 -9.66 117.23
C LEU P 200 -25.84 -11.15 116.93
N TRP P 201 -25.85 -11.53 115.65
CA TRP P 201 -25.73 -12.93 115.28
C TRP P 201 -24.39 -13.50 115.69
N GLY P 202 -23.31 -12.77 115.42
CA GLY P 202 -21.99 -13.31 115.61
C GLY P 202 -21.65 -14.30 114.52
N THR P 203 -20.50 -14.93 114.67
CA THR P 203 -20.06 -15.94 113.72
C THR P 203 -20.72 -17.28 114.04
N TYR P 204 -22.05 -17.27 114.14
CA TYR P 204 -22.82 -18.43 114.54
C TYR P 204 -23.35 -19.22 113.35
N TYR P 205 -23.54 -18.58 112.21
CA TYR P 205 -23.98 -19.26 110.99
C TYR P 205 -22.83 -19.50 110.02
N GLY P 206 -21.60 -19.30 110.45
CA GLY P 206 -20.44 -19.61 109.64
C GLY P 206 -19.43 -18.48 109.63
N ASN P 207 -18.23 -18.80 109.15
CA ASN P 207 -17.14 -17.85 109.00
C ASN P 207 -16.78 -17.82 107.52
N GLY P 208 -17.41 -16.90 106.79
CA GLY P 208 -17.07 -16.75 105.38
C GLY P 208 -15.61 -16.38 105.18
N ASP P 209 -15.07 -15.58 106.08
CA ASP P 209 -13.66 -15.21 106.06
C ASP P 209 -13.17 -15.12 107.49
N GLY P 210 -11.98 -14.55 107.66
CA GLY P 210 -11.39 -14.39 108.98
C GLY P 210 -12.03 -13.28 109.78
N SER P 211 -11.95 -12.04 109.27
CA SER P 211 -12.48 -10.91 110.01
C SER P 211 -13.15 -9.86 109.11
N THR P 212 -13.60 -10.24 107.91
CA THR P 212 -14.23 -9.29 107.02
C THR P 212 -15.64 -9.65 106.62
N THR P 213 -15.99 -10.94 106.59
CA THR P 213 -17.34 -11.38 106.26
C THR P 213 -17.79 -12.44 107.24
N PHE P 214 -19.11 -12.55 107.41
CA PHE P 214 -19.71 -13.53 108.29
C PHE P 214 -20.85 -14.22 107.55
N GLY P 215 -21.12 -15.47 107.97
CA GLY P 215 -22.04 -16.31 107.25
C GLY P 215 -23.49 -15.95 107.46
N VAL P 216 -24.31 -16.40 106.50
CA VAL P 216 -25.75 -16.17 106.49
C VAL P 216 -26.42 -17.50 106.20
N PRO P 217 -27.32 -17.98 107.05
CA PRO P 217 -27.94 -19.28 106.81
C PRO P 217 -28.80 -19.28 105.56
N GLY P 218 -28.84 -20.42 104.89
CA GLY P 218 -29.60 -20.59 103.66
C GLY P 218 -30.88 -21.34 103.95
N THR P 219 -31.97 -20.92 103.29
CA THR P 219 -33.26 -21.57 103.50
C THR P 219 -33.23 -23.02 103.06
N GLY P 220 -32.65 -23.29 101.90
CA GLY P 220 -32.57 -24.64 101.40
C GLY P 220 -33.90 -25.24 100.97
N GLY P 221 -34.91 -24.41 100.75
CA GLY P 221 -36.21 -24.92 100.37
C GLY P 221 -36.83 -25.84 101.40
N ARG P 222 -36.68 -25.50 102.67
CA ARG P 222 -37.09 -26.35 103.78
C ARG P 222 -38.36 -25.82 104.42
N PHE P 223 -38.84 -26.56 105.40
CA PHE P 223 -40.03 -26.20 106.16
C PHE P 223 -39.64 -25.44 107.41
N LEU P 224 -40.55 -24.59 107.88
CA LEU P 224 -40.28 -23.78 109.06
C LEU P 224 -40.69 -24.56 110.31
N ARG P 225 -39.72 -24.82 111.17
CA ARG P 225 -39.94 -25.66 112.35
C ARG P 225 -39.45 -24.94 113.59
N LEU P 226 -40.36 -24.63 114.49
CA LEU P 226 -39.99 -24.16 115.81
C LEU P 226 -39.25 -25.26 116.56
N GLY P 227 -38.18 -24.90 117.26
CA GLY P 227 -37.28 -25.90 117.80
C GLY P 227 -37.16 -25.92 119.31
N GLY P 228 -38.29 -25.83 120.02
CA GLY P 228 -38.23 -25.76 121.47
C GLY P 228 -37.53 -26.97 122.10
N SER P 229 -37.85 -28.17 121.60
CA SER P 229 -37.37 -29.40 122.22
C SER P 229 -36.02 -29.78 121.64
N GLY P 230 -34.96 -29.36 122.33
CA GLY P 230 -33.62 -29.79 122.00
C GLY P 230 -33.17 -29.48 120.59
N LEU P 231 -33.49 -28.29 120.09
CA LEU P 231 -33.12 -27.89 118.74
C LEU P 231 -32.73 -26.41 118.77
N SER P 232 -31.44 -26.12 118.67
CA SER P 232 -30.98 -24.74 118.62
C SER P 232 -31.43 -24.09 117.32
N VAL P 233 -31.17 -22.78 117.21
CA VAL P 233 -31.56 -22.06 116.01
C VAL P 233 -30.65 -22.43 114.86
N GLY P 234 -31.18 -22.35 113.64
CA GLY P 234 -30.42 -22.72 112.47
C GLY P 234 -30.22 -24.20 112.28
N ASP P 235 -30.78 -25.03 113.16
CA ASP P 235 -30.64 -26.47 113.02
C ASP P 235 -31.39 -26.95 111.79
N ILE P 236 -30.80 -27.93 111.10
CA ILE P 236 -31.36 -28.55 109.92
C ILE P 236 -31.47 -30.05 110.19
N GLY P 237 -31.95 -30.76 109.19
CA GLY P 237 -32.12 -32.18 109.28
C GLY P 237 -33.31 -32.61 108.46
N GLY P 238 -33.90 -33.73 108.84
CA GLY P 238 -35.01 -34.28 108.11
C GLY P 238 -34.57 -34.80 106.75
N SER P 239 -35.55 -35.27 105.99
CA SER P 239 -35.26 -35.80 104.66
C SER P 239 -36.56 -35.89 103.88
N ASN P 240 -36.52 -35.44 102.62
CA ASN P 240 -37.68 -35.57 101.76
C ASN P 240 -37.85 -36.99 101.24
N GLN P 241 -36.75 -37.73 101.13
CA GLN P 241 -36.78 -39.14 100.74
C GLN P 241 -36.90 -39.98 102.00
N ILE P 242 -37.85 -40.92 102.01
CA ILE P 242 -38.09 -41.77 103.17
C ILE P 242 -37.93 -43.22 102.76
N THR P 243 -37.29 -44.00 103.63
CA THR P 243 -37.01 -45.41 103.40
C THR P 243 -37.69 -46.24 104.47
N ILE P 244 -38.51 -47.18 104.05
CA ILE P 244 -39.22 -48.05 105.00
C ILE P 244 -38.23 -49.02 105.63
N PRO P 245 -38.08 -49.01 106.95
CA PRO P 245 -37.20 -49.99 107.59
C PRO P 245 -37.87 -51.36 107.62
N THR P 246 -37.05 -52.38 107.87
CA THR P 246 -37.55 -53.75 107.84
C THR P 246 -38.61 -53.98 108.91
N ASN P 247 -38.40 -53.46 110.12
CA ASN P 247 -39.37 -53.66 111.19
C ASN P 247 -40.64 -52.85 110.99
N ALA P 248 -40.68 -51.96 110.00
CA ALA P 248 -41.88 -51.17 109.77
C ALA P 248 -42.93 -51.92 108.97
N LEU P 249 -42.56 -53.03 108.35
CA LEU P 249 -43.48 -53.75 107.47
C LEU P 249 -44.65 -54.32 108.27
N PRO P 250 -45.88 -53.99 107.91
CA PRO P 250 -47.03 -54.58 108.61
C PRO P 250 -47.11 -56.08 108.38
N SER P 251 -47.68 -56.77 109.36
CA SER P 251 -47.85 -58.22 109.26
C SER P 251 -48.86 -58.54 108.17
N HIS P 252 -48.54 -59.53 107.34
CA HIS P 252 -49.45 -59.94 106.27
C HIS P 252 -49.19 -61.41 105.95
N GLN P 253 -50.16 -62.02 105.28
CA GLN P 253 -50.11 -63.44 104.94
C GLN P 253 -50.37 -63.59 103.44
N HIS P 254 -49.48 -64.33 102.77
CA HIS P 254 -49.67 -64.60 101.36
C HIS P 254 -50.39 -65.93 101.17
N GLY P 255 -51.31 -65.96 100.22
CA GLY P 255 -52.04 -67.17 99.89
C GLY P 255 -51.24 -68.00 98.91
N ILE P 256 -51.19 -69.31 99.18
CA ILE P 256 -50.52 -70.25 98.29
C ILE P 256 -51.55 -70.84 97.35
N PRO P 257 -51.33 -70.80 96.04
CA PRO P 257 -52.36 -71.26 95.10
C PRO P 257 -52.53 -72.77 95.15
N ALA P 258 -53.51 -73.24 94.38
CA ALA P 258 -53.74 -74.67 94.26
C ALA P 258 -52.57 -75.34 93.57
N ASN P 259 -52.22 -76.54 94.04
CA ASN P 259 -51.07 -77.26 93.56
C ASN P 259 -51.43 -78.73 93.36
N THR P 260 -50.68 -79.40 92.50
CA THR P 260 -50.97 -80.78 92.12
C THR P 260 -49.72 -81.38 91.50
N HIS P 261 -49.39 -82.61 91.89
CA HIS P 261 -48.20 -83.26 91.36
C HIS P 261 -48.34 -84.77 91.51
N THR P 262 -47.52 -85.49 90.73
CA THR P 262 -47.37 -86.93 90.84
C THR P 262 -45.89 -87.27 90.84
N HIS P 263 -45.57 -88.44 91.41
CA HIS P 263 -44.22 -88.96 91.38
C HIS P 263 -44.18 -90.20 90.49
N SER P 264 -43.24 -90.23 89.56
CA SER P 264 -43.01 -91.43 88.78
C SER P 264 -42.45 -92.53 89.69
N VAL P 265 -42.70 -93.78 89.31
CA VAL P 265 -42.31 -94.94 90.09
C VAL P 265 -41.39 -95.81 89.24
N ASN P 266 -40.27 -96.22 89.83
CA ASN P 266 -39.27 -97.04 89.16
C ASN P 266 -39.21 -98.41 89.82
N ASP P 267 -39.15 -99.46 88.99
CA ASP P 267 -39.08 -100.82 89.50
C ASP P 267 -38.63 -101.75 88.37
N GLY P 268 -37.58 -102.51 88.62
CA GLY P 268 -37.08 -103.45 87.65
C GLY P 268 -37.86 -104.74 87.62
N GLY P 269 -38.56 -105.02 88.72
CA GLY P 269 -39.33 -106.24 88.82
C GLY P 269 -39.00 -106.98 90.09
N HIS P 270 -39.78 -108.02 90.37
CA HIS P 270 -39.56 -108.86 91.54
C HIS P 270 -39.99 -110.27 91.19
N GLY P 271 -39.16 -111.25 91.55
CA GLY P 271 -39.59 -112.63 91.51
C GLY P 271 -40.26 -113.03 92.81
N HIS P 272 -40.87 -114.22 92.78
CA HIS P 272 -41.43 -114.83 93.98
C HIS P 272 -40.77 -116.18 94.24
N THR P 273 -40.80 -116.58 95.50
CA THR P 273 -40.19 -117.83 95.94
C THR P 273 -41.25 -118.92 95.97
N ILE P 274 -40.91 -120.09 95.45
CA ILE P 274 -41.83 -121.21 95.39
C ILE P 274 -41.60 -122.12 96.60
N ASN P 275 -42.68 -122.67 97.13
CA ASN P 275 -42.64 -123.62 98.24
C ASN P 275 -43.26 -124.93 97.74
N GLN P 276 -42.43 -125.80 97.18
CA GLN P 276 -42.89 -127.04 96.57
C GLN P 276 -42.56 -128.22 97.47
N THR P 277 -43.52 -129.11 97.64
CA THR P 277 -43.39 -130.38 98.33
C THR P 277 -43.43 -131.52 97.32
N PRO P 278 -42.56 -132.53 97.45
CA PRO P 278 -42.50 -133.58 96.44
C PRO P 278 -43.83 -134.32 96.31
N HIS P 279 -44.16 -134.68 95.08
CA HIS P 279 -45.41 -135.38 94.77
C HIS P 279 -45.10 -136.66 94.04
N SER P 280 -46.01 -137.63 94.18
CA SER P 280 -45.89 -138.92 93.50
C SER P 280 -47.20 -139.25 92.81
N HIS P 281 -47.10 -140.03 91.75
CA HIS P 281 -48.26 -140.43 90.96
C HIS P 281 -48.67 -141.85 91.31
N SER P 282 -49.98 -142.07 91.40
CA SER P 282 -50.48 -143.42 91.58
C SER P 282 -50.38 -144.19 90.28
N ILE P 283 -50.17 -145.50 90.41
CA ILE P 283 -49.87 -146.37 89.28
C ILE P 283 -51.05 -147.30 89.05
N SER P 284 -51.48 -147.41 87.79
CA SER P 284 -52.48 -148.39 87.39
C SER P 284 -51.76 -149.60 86.84
N ASP P 285 -52.02 -150.78 87.42
CA ASP P 285 -51.27 -151.99 87.11
C ASP P 285 -52.23 -153.12 86.75
N PRO P 286 -52.71 -153.15 85.51
CA PRO P 286 -53.30 -154.38 84.98
C PRO P 286 -52.26 -155.48 84.97
N GLY P 287 -52.68 -156.70 85.29
CA GLY P 287 -51.76 -157.80 85.41
C GLY P 287 -51.12 -158.18 84.08
N HIS P 288 -50.13 -159.06 84.17
CA HIS P 288 -49.42 -159.54 82.99
C HIS P 288 -48.91 -160.95 83.26
N ALA P 289 -48.54 -161.64 82.19
CA ALA P 289 -47.97 -162.97 82.29
C ALA P 289 -47.06 -163.21 81.10
N HIS P 290 -46.16 -164.18 81.26
CA HIS P 290 -45.20 -164.54 80.23
C HIS P 290 -45.46 -165.95 79.74
N GLY P 291 -44.95 -166.24 78.55
CA GLY P 291 -45.08 -167.55 77.95
C GLY P 291 -43.82 -168.38 78.13
N VAL P 292 -44.01 -169.69 78.20
CA VAL P 292 -42.90 -170.64 78.26
C VAL P 292 -42.93 -171.47 76.98
N PRO P 293 -42.33 -171.00 75.91
CA PRO P 293 -42.46 -171.68 74.61
C PRO P 293 -41.53 -172.86 74.44
N PHE P 294 -40.98 -173.39 75.53
CA PHE P 294 -39.95 -174.42 75.46
C PHE P 294 -40.54 -175.76 75.87
N GLY P 295 -41.13 -176.45 74.90
CA GLY P 295 -41.63 -177.81 75.10
C GLY P 295 -40.83 -178.79 74.27
N ALA P 296 -40.57 -179.95 74.85
CA ALA P 296 -39.63 -180.90 74.27
C ALA P 296 -40.26 -181.66 73.10
N ALA P 297 -39.57 -181.69 71.97
CA ALA P 297 -39.95 -182.53 70.85
C ALA P 297 -39.19 -183.85 70.84
N VAL P 298 -37.98 -183.86 71.40
CA VAL P 298 -37.16 -185.07 71.47
C VAL P 298 -36.85 -185.36 72.93
N ASP P 299 -36.08 -186.42 73.18
CA ASP P 299 -35.77 -186.84 74.53
C ASP P 299 -34.35 -186.49 74.97
N ASN P 300 -33.41 -186.42 74.05
CA ASN P 300 -32.02 -186.12 74.40
C ASN P 300 -31.81 -184.63 74.56
N GLY P 301 -31.02 -184.26 75.56
CA GLY P 301 -30.66 -182.89 75.81
C GLY P 301 -31.49 -182.25 76.92
N ASN P 302 -30.93 -181.21 77.52
CA ASN P 302 -31.61 -180.43 78.55
C ASN P 302 -31.99 -179.05 78.05
N ASN P 303 -32.15 -178.88 76.74
CA ASN P 303 -32.43 -177.57 76.19
C ASN P 303 -33.82 -177.07 76.56
N ALA P 304 -34.79 -177.98 76.69
CA ALA P 304 -36.18 -177.57 76.87
C ALA P 304 -36.82 -178.47 77.92
N PHE P 305 -38.15 -178.41 78.02
CA PHE P 305 -38.89 -179.11 79.05
C PHE P 305 -39.77 -180.19 78.44
N ASP P 306 -39.77 -181.36 79.07
CA ASP P 306 -40.56 -182.48 78.60
C ASP P 306 -42.05 -182.17 78.68
N THR P 307 -42.78 -182.50 77.62
CA THR P 307 -44.21 -182.23 77.53
C THR P 307 -44.98 -183.44 78.03
N GLY P 308 -45.67 -183.27 79.16
CA GLY P 308 -46.37 -184.39 79.77
C GLY P 308 -47.82 -184.54 79.37
N GLY P 309 -48.62 -183.49 79.54
CA GLY P 309 -50.00 -183.54 79.08
C GLY P 309 -51.07 -183.76 80.15
N SER P 310 -50.95 -183.06 81.29
CA SER P 310 -52.00 -183.11 82.30
C SER P 310 -52.02 -181.82 83.11
N PRO P 311 -53.10 -181.06 83.08
CA PRO P 311 -53.12 -179.77 83.78
C PRO P 311 -53.19 -179.95 85.29
N TYR P 312 -52.09 -179.71 86.00
CA TYR P 312 -52.11 -179.80 87.44
C TYR P 312 -50.99 -178.93 88.00
N ASN P 313 -51.32 -178.11 88.99
CA ASN P 313 -50.39 -177.10 89.50
C ASN P 313 -49.46 -177.74 90.52
N ASN P 314 -48.25 -178.06 90.09
CA ASN P 314 -47.19 -178.40 91.01
C ASN P 314 -46.59 -177.11 91.59
N GLY P 315 -45.77 -177.26 92.62
CA GLY P 315 -45.19 -176.08 93.21
C GLY P 315 -43.92 -175.65 92.51
N ILE P 316 -44.06 -174.73 91.55
CA ILE P 316 -42.94 -174.22 90.78
C ILE P 316 -43.29 -172.82 90.32
N GLY P 317 -42.41 -171.86 90.56
CA GLY P 317 -42.64 -170.50 90.13
C GLY P 317 -41.58 -170.02 89.17
N THR P 318 -41.24 -168.74 89.24
CA THR P 318 -40.16 -168.17 88.45
C THR P 318 -39.17 -167.47 89.39
N THR P 319 -38.15 -166.86 88.79
CA THR P 319 -37.23 -166.04 89.55
C THR P 319 -37.84 -164.65 89.76
N GLN P 320 -37.63 -164.10 90.95
CA GLN P 320 -38.22 -162.82 91.33
C GLN P 320 -37.32 -161.71 90.79
N ASN P 321 -37.58 -161.31 89.55
CA ASN P 321 -36.76 -160.31 88.88
C ASN P 321 -37.59 -159.09 88.52
N GLN P 322 -37.02 -157.91 88.71
CA GLN P 322 -37.72 -156.64 88.53
C GLN P 322 -37.97 -156.37 87.05
N THR P 323 -38.70 -155.29 86.78
CA THR P 323 -39.01 -154.84 85.45
C THR P 323 -38.26 -153.55 85.16
N GLY P 324 -37.66 -153.47 83.98
CA GLY P 324 -36.96 -152.25 83.63
C GLY P 324 -37.86 -151.26 82.94
N ILE P 325 -38.39 -150.31 83.71
CA ILE P 325 -39.24 -149.25 83.17
C ILE P 325 -38.72 -147.91 83.67
N SER P 326 -39.03 -146.86 82.92
CA SER P 326 -38.60 -145.52 83.26
C SER P 326 -39.78 -144.56 83.12
N VAL P 327 -39.95 -143.70 84.12
CA VAL P 327 -40.97 -142.67 84.07
C VAL P 327 -40.44 -141.54 83.20
N ASN P 328 -41.08 -141.34 82.06
CA ASN P 328 -40.63 -140.28 81.14
C ASN P 328 -40.91 -138.91 81.74
N THR P 329 -40.08 -137.95 81.38
CA THR P 329 -40.15 -136.63 81.97
C THR P 329 -41.38 -135.88 81.49
N ALA P 330 -41.96 -135.08 82.37
CA ALA P 330 -43.12 -134.26 82.03
C ALA P 330 -43.21 -133.13 83.04
N ASN P 331 -44.05 -132.14 82.73
CA ASN P 331 -44.17 -130.95 83.55
C ASN P 331 -45.63 -130.66 83.86
N ALA P 332 -45.91 -130.33 85.12
CA ALA P 332 -47.26 -129.98 85.51
C ALA P 332 -47.69 -128.68 84.84
N ASN P 333 -48.92 -128.67 84.33
CA ASN P 333 -49.44 -127.51 83.62
C ASN P 333 -49.92 -126.49 84.65
N LEU P 334 -49.15 -125.44 84.84
CA LEU P 334 -49.38 -124.47 85.90
C LEU P 334 -49.48 -123.06 85.32
N SER P 335 -50.31 -122.23 85.95
CA SER P 335 -50.46 -120.85 85.56
C SER P 335 -50.87 -120.03 86.77
N ILE P 336 -50.21 -118.89 86.97
CA ILE P 336 -50.48 -118.03 88.10
C ILE P 336 -51.54 -117.00 87.72
N ASN P 337 -52.35 -116.61 88.70
CA ASN P 337 -53.37 -115.60 88.49
C ASN P 337 -52.92 -114.27 89.09
N THR P 338 -53.42 -113.18 88.52
CA THR P 338 -52.98 -111.85 88.93
C THR P 338 -53.44 -111.54 90.35
N SER P 339 -52.69 -110.65 91.00
CA SER P 339 -53.09 -110.13 92.29
C SER P 339 -52.56 -108.72 92.44
N SER P 340 -53.20 -107.95 93.30
CA SER P 340 -52.81 -106.58 93.58
C SER P 340 -51.91 -106.56 94.82
N THR P 341 -50.77 -105.88 94.72
CA THR P 341 -49.79 -105.90 95.79
C THR P 341 -50.30 -105.25 97.06
N GLY P 342 -51.39 -104.48 96.98
CA GLY P 342 -51.86 -103.77 98.17
C GLY P 342 -50.85 -102.77 98.67
N ILE P 343 -50.09 -102.15 97.79
CA ILE P 343 -49.01 -101.27 98.19
C ILE P 343 -49.58 -99.97 98.74
N SER P 344 -48.77 -99.27 99.54
CA SER P 344 -49.21 -98.04 100.16
C SER P 344 -48.08 -97.03 100.16
N ILE P 345 -48.45 -95.75 100.18
CA ILE P 345 -47.51 -94.64 100.16
C ILE P 345 -47.67 -93.85 101.45
N GLN P 346 -46.58 -93.65 102.17
CA GLN P 346 -46.63 -92.88 103.40
C GLN P 346 -46.84 -91.40 103.08
N SER P 347 -46.87 -90.59 104.13
CA SER P 347 -47.05 -89.15 104.01
C SER P 347 -45.70 -88.48 104.15
N ALA P 348 -45.36 -87.65 103.18
CA ALA P 348 -44.12 -86.89 103.19
C ALA P 348 -44.42 -85.41 103.12
N SER P 349 -43.36 -84.61 103.11
CA SER P 349 -43.45 -83.16 103.05
C SER P 349 -42.54 -82.64 101.97
N THR P 350 -42.95 -81.53 101.35
CA THR P 350 -42.12 -80.90 100.33
C THR P 350 -40.81 -80.38 100.90
N GLY P 351 -40.73 -80.19 102.22
CA GLY P 351 -39.54 -79.68 102.85
C GLY P 351 -39.39 -78.18 102.78
N LEU P 352 -40.32 -77.48 102.14
CA LEU P 352 -40.23 -76.03 102.03
C LEU P 352 -40.30 -75.39 103.40
N THR P 353 -39.36 -74.48 103.68
CA THR P 353 -39.30 -73.81 104.96
C THR P 353 -39.48 -72.30 104.87
N VAL P 354 -39.17 -71.69 103.72
CA VAL P 354 -39.26 -70.25 103.58
C VAL P 354 -39.42 -69.93 102.10
N THR P 355 -40.22 -68.90 101.81
CA THR P 355 -40.34 -68.39 100.46
C THR P 355 -39.18 -67.43 100.16
N SER P 356 -39.03 -67.11 98.88
CA SER P 356 -38.00 -66.16 98.50
C SER P 356 -38.43 -64.74 98.85
N ASN P 357 -37.45 -63.85 98.95
CA ASN P 357 -37.74 -62.46 99.27
C ASN P 357 -38.48 -61.78 98.13
N ALA P 358 -39.20 -60.71 98.47
CA ALA P 358 -39.91 -59.91 97.47
C ALA P 358 -40.02 -58.48 98.01
N GLY P 359 -39.13 -57.62 97.54
CA GLY P 359 -39.16 -56.23 97.92
C GLY P 359 -37.82 -55.54 97.75
N ASN P 360 -37.85 -54.30 97.24
CA ASN P 360 -36.63 -53.54 97.00
C ASN P 360 -36.31 -52.56 98.11
N GLY P 361 -37.34 -51.94 98.72
CA GLY P 361 -37.10 -50.98 99.77
C GLY P 361 -36.33 -49.75 99.33
N GLN P 362 -36.67 -49.21 98.17
CA GLN P 362 -35.99 -48.03 97.66
C GLN P 362 -36.54 -46.77 98.34
N ALA P 363 -35.80 -45.67 98.16
CA ALA P 363 -36.21 -44.40 98.74
C ALA P 363 -37.54 -43.96 98.13
N PHE P 364 -38.44 -43.50 98.99
CA PHE P 364 -39.80 -43.16 98.60
C PHE P 364 -40.03 -41.68 98.92
N GLN P 365 -40.60 -40.95 97.96
CA GLN P 365 -40.72 -39.50 98.04
C GLN P 365 -42.06 -39.09 98.63
N HIS P 366 -42.03 -38.22 99.64
CA HIS P 366 -43.24 -37.69 100.23
C HIS P 366 -43.03 -36.22 100.59
N ASP P 367 -44.06 -35.41 100.38
CA ASP P 367 -44.03 -33.99 100.71
C ASP P 367 -45.34 -33.58 101.35
N GLN P 368 -45.24 -32.81 102.41
CA GLN P 368 -46.40 -32.33 103.14
C GLN P 368 -47.01 -31.13 102.43
N PRO P 369 -48.28 -30.83 102.71
CA PRO P 369 -48.91 -29.65 102.08
C PRO P 369 -48.17 -28.38 102.49
N TYR P 370 -47.62 -27.70 101.49
CA TYR P 370 -46.76 -26.55 101.75
C TYR P 370 -47.18 -25.36 100.89
N LEU P 371 -46.81 -24.18 101.36
CA LEU P 371 -46.86 -22.95 100.59
C LEU P 371 -45.51 -22.27 100.71
N VAL P 372 -45.04 -21.69 99.61
CA VAL P 372 -43.69 -21.15 99.52
C VAL P 372 -43.70 -19.67 99.85
N PHE P 373 -42.80 -19.26 100.73
CA PHE P 373 -42.65 -17.87 101.16
C PHE P 373 -41.22 -17.40 100.95
N ARG P 374 -40.97 -16.14 101.27
CA ARG P 374 -39.63 -15.58 101.32
C ARG P 374 -39.33 -15.09 102.73
N VAL P 375 -38.07 -15.15 103.11
CA VAL P 375 -37.63 -14.67 104.41
C VAL P 375 -36.56 -13.60 104.22
N PHE P 376 -36.76 -12.46 104.88
CA PHE P 376 -35.81 -11.36 104.85
C PHE P 376 -35.31 -11.08 106.27
N VAL P 377 -34.00 -10.94 106.40
CA VAL P 377 -33.39 -10.60 107.68
C VAL P 377 -33.30 -9.09 107.79
N LYS P 378 -33.86 -8.53 108.86
CA LYS P 378 -33.79 -7.09 109.08
C LYS P 378 -32.35 -6.68 109.37
N VAL P 379 -31.90 -5.62 108.72
CA VAL P 379 -30.58 -5.05 109.00
C VAL P 379 -30.69 -3.53 109.05
N VAL Q 2 -6.38 54.75 86.75
CA VAL Q 2 -5.55 54.95 87.93
C VAL Q 2 -6.17 55.99 88.85
N ARG Q 3 -5.44 56.37 89.89
CA ARG Q 3 -5.98 57.24 90.93
C ARG Q 3 -5.72 58.72 90.69
N LYS Q 4 -4.98 59.07 89.63
CA LYS Q 4 -4.52 60.43 89.37
C LYS Q 4 -4.12 61.15 90.67
N VAL Q 5 -3.17 60.53 91.37
CA VAL Q 5 -2.70 61.01 92.66
C VAL Q 5 -2.29 62.48 92.55
N PHE Q 6 -2.91 63.32 93.37
CA PHE Q 6 -2.59 64.74 93.37
C PHE Q 6 -1.28 65.00 94.12
N ASN Q 7 -0.61 66.08 93.72
CA ASN Q 7 0.60 66.52 94.38
C ASN Q 7 0.57 68.05 94.46
N ASP Q 8 1.36 68.59 95.37
CA ASP Q 8 1.32 70.02 95.63
C ASP Q 8 1.70 70.81 94.38
N GLY Q 9 1.01 71.92 94.18
CA GLY Q 9 1.16 72.72 92.99
C GLY Q 9 0.24 72.35 91.85
N ASP Q 10 -0.48 71.23 91.97
CA ASP Q 10 -1.41 70.80 90.95
C ASP Q 10 -2.79 71.39 91.21
N ILE Q 11 -3.55 71.60 90.15
CA ILE Q 11 -4.85 72.24 90.25
C ILE Q 11 -5.91 71.18 90.56
N LEU Q 12 -7.01 71.63 91.16
CA LEU Q 12 -8.09 70.76 91.58
C LEU Q 12 -9.36 71.12 90.82
N TYR Q 13 -9.91 70.16 90.08
CA TYR Q 13 -11.11 70.39 89.30
C TYR Q 13 -12.36 70.17 90.14
N ALA Q 14 -13.47 70.77 89.70
CA ALA Q 14 -14.76 70.55 90.36
C ALA Q 14 -15.21 69.11 90.21
N GLU Q 15 -14.99 68.53 89.03
CA GLU Q 15 -15.38 67.14 88.80
C GLU Q 15 -14.67 66.21 89.77
N ASP Q 16 -13.41 66.51 90.13
CA ASP Q 16 -12.72 65.71 91.12
C ASP Q 16 -13.42 65.79 92.47
N VAL Q 17 -13.86 66.97 92.86
CA VAL Q 17 -14.56 67.12 94.14
C VAL Q 17 -15.87 66.33 94.11
N ASN Q 18 -16.59 66.40 93.00
CA ASN Q 18 -17.83 65.63 92.88
C ASN Q 18 -17.56 64.14 92.95
N ILE Q 19 -16.50 63.67 92.30
CA ILE Q 19 -16.16 62.25 92.34
C ILE Q 19 -15.80 61.83 93.76
N ILE Q 20 -15.03 62.66 94.46
CA ILE Q 20 -14.65 62.34 95.83
C ILE Q 20 -15.87 62.33 96.74
N GLY Q 21 -16.82 63.21 96.48
CA GLY Q 21 -18.05 63.24 97.26
C GLY Q 21 -18.91 62.01 97.10
N GLN Q 22 -18.57 61.12 96.19
CA GLN Q 22 -19.29 59.87 96.00
C GLN Q 22 -18.38 58.70 96.39
N PRO Q 23 -18.15 58.47 97.68
CA PRO Q 23 -17.24 57.38 98.06
C PRO Q 23 -17.76 56.02 97.60
N PHE Q 24 -16.83 55.19 97.15
CA PHE Q 24 -17.10 53.81 96.78
C PHE Q 24 -16.19 52.91 97.61
N VAL Q 25 -16.70 51.72 97.93
CA VAL Q 25 -15.96 50.78 98.75
C VAL Q 25 -15.84 49.45 98.01
N ASP Q 26 -15.82 49.51 96.69
CA ASP Q 26 -15.83 48.31 95.86
C ASP Q 26 -14.45 47.77 95.54
N GLY Q 27 -13.40 48.37 96.09
CA GLY Q 27 -12.06 47.86 95.87
C GLY Q 27 -11.43 48.22 94.55
N GLN Q 28 -12.07 49.09 93.75
CA GLN Q 28 -11.54 49.46 92.46
C GLN Q 28 -10.43 50.49 92.62
N ASP Q 29 -9.58 50.58 91.61
CA ASP Q 29 -8.45 51.51 91.62
C ASP Q 29 -8.82 52.82 90.92
N LEU Q 30 -9.79 53.51 91.49
CA LEU Q 30 -10.24 54.80 90.98
C LEU Q 30 -10.09 55.86 92.07
N LEU Q 31 -10.21 57.12 91.65
CA LEU Q 31 -9.93 58.23 92.56
C LEU Q 31 -10.88 58.24 93.74
N GLY Q 32 -12.17 58.05 93.49
CA GLY Q 32 -13.14 58.11 94.56
C GLY Q 32 -13.44 56.80 95.25
N HIS Q 33 -12.70 55.74 94.95
CA HIS Q 33 -13.00 54.41 95.45
C HIS Q 33 -12.08 54.06 96.61
N GLY Q 34 -12.51 53.08 97.40
CA GLY Q 34 -11.75 52.62 98.53
C GLY Q 34 -11.72 51.10 98.58
N LEU Q 35 -11.04 50.59 99.61
CA LEU Q 35 -10.90 49.14 99.75
C LEU Q 35 -12.23 48.51 100.12
N LYS Q 36 -12.33 47.21 99.85
CA LYS Q 36 -13.57 46.48 100.09
C LYS Q 36 -13.84 46.35 101.58
N VAL Q 37 -15.11 46.11 101.91
CA VAL Q 37 -15.55 46.04 103.29
C VAL Q 37 -15.24 44.65 103.83
N ASP Q 38 -14.41 44.58 104.86
CA ASP Q 38 -14.06 43.34 105.51
C ASP Q 38 -14.82 43.21 106.84
N ASP Q 39 -14.53 42.14 107.57
CA ASP Q 39 -15.20 41.91 108.83
C ASP Q 39 -14.90 43.02 109.84
N ASN Q 40 -13.66 43.50 109.88
CA ASN Q 40 -13.31 44.54 110.83
C ASN Q 40 -14.05 45.85 110.54
N SER Q 41 -14.46 46.07 109.30
CA SER Q 41 -15.24 47.24 108.93
C SER Q 41 -16.74 47.00 108.97
N LEU Q 42 -17.17 45.82 109.41
CA LEU Q 42 -18.58 45.56 109.67
C LEU Q 42 -18.88 45.83 111.14
N SER Q 43 -19.99 46.52 111.38
CA SER Q 43 -20.27 47.03 112.70
C SER Q 43 -20.60 45.91 113.68
N ASP Q 44 -20.13 46.06 114.92
CA ASP Q 44 -20.28 45.05 115.97
C ASP Q 44 -21.46 45.33 116.89
N GLU Q 45 -22.64 45.56 116.31
CA GLU Q 45 -23.76 45.64 117.25
C GLU Q 45 -24.52 44.33 117.30
N PRO Q 46 -25.17 44.04 118.42
CA PRO Q 46 -25.95 42.79 118.51
C PRO Q 46 -27.04 42.69 117.45
N GLN Q 47 -27.63 43.82 117.03
CA GLN Q 47 -28.71 43.82 116.07
C GLN Q 47 -28.20 43.85 114.63
N ASN Q 48 -26.96 43.43 114.40
CA ASN Q 48 -26.36 43.49 113.08
C ASN Q 48 -26.08 42.08 112.55
N ILE Q 49 -25.93 42.00 111.23
CA ILE Q 49 -25.84 40.71 110.56
C ILE Q 49 -24.58 39.97 110.98
N LYS Q 50 -23.49 40.70 111.22
CA LYS Q 50 -22.22 40.04 111.55
C LYS Q 50 -22.32 39.27 112.85
N THR Q 51 -22.81 39.92 113.91
CA THR Q 51 -22.86 39.28 115.22
C THR Q 51 -23.79 38.07 115.21
N ARG Q 52 -24.97 38.21 114.62
CA ARG Q 52 -25.92 37.10 114.57
C ARG Q 52 -25.39 35.95 113.73
N PHE Q 53 -24.86 36.27 112.55
CA PHE Q 53 -24.36 35.21 111.67
C PHE Q 53 -23.20 34.47 112.31
N TYR Q 54 -22.32 35.18 113.00
CA TYR Q 54 -21.19 34.49 113.62
C TYR Q 54 -21.60 33.79 114.91
N ALA Q 55 -22.65 34.25 115.56
CA ALA Q 55 -23.20 33.49 116.68
C ALA Q 55 -23.72 32.14 116.22
N TRP Q 56 -24.41 32.12 115.08
CA TRP Q 56 -24.85 30.83 114.54
C TRP Q 56 -23.68 30.04 113.97
N TYR Q 57 -22.70 30.73 113.39
CA TYR Q 57 -21.60 30.09 112.68
C TYR Q 57 -20.58 29.49 113.63
N ASN Q 58 -20.36 30.09 114.79
CA ASN Q 58 -19.36 29.63 115.75
C ASN Q 58 -19.96 28.76 116.84
N ARG Q 59 -21.24 28.42 116.76
CA ARG Q 59 -21.88 27.63 117.79
C ARG Q 59 -21.32 26.22 117.79
N PHE Q 60 -20.81 25.79 118.94
CA PHE Q 60 -20.29 24.43 119.12
C PHE Q 60 -19.13 24.12 118.19
N ARG Q 61 -18.41 25.15 117.76
CA ARG Q 61 -17.23 24.94 116.93
C ARG Q 61 -16.16 24.22 117.74
N VAL Q 62 -15.58 23.17 117.15
CA VAL Q 62 -14.58 22.35 117.83
C VAL Q 62 -13.22 22.72 117.29
N THR Q 63 -12.37 23.27 118.16
CA THR Q 63 -11.03 23.69 117.78
C THR Q 63 -10.01 23.08 118.73
N VAL Q 64 -8.82 22.82 118.20
CA VAL Q 64 -7.75 22.29 119.03
C VAL Q 64 -7.29 23.34 120.01
N GLN Q 65 -7.23 22.98 121.29
CA GLN Q 65 -6.67 23.87 122.30
C GLN Q 65 -5.18 23.64 122.47
N SER Q 66 -4.79 22.43 122.87
CA SER Q 66 -3.39 22.09 123.02
C SER Q 66 -3.27 20.60 123.28
N GLY Q 67 -2.25 19.97 122.70
CA GLY Q 67 -2.09 18.53 122.85
C GLY Q 67 -3.29 17.81 122.27
N LEU Q 68 -3.81 16.86 123.03
CA LEU Q 68 -5.05 16.18 122.65
C LEU Q 68 -6.29 16.88 123.19
N THR Q 69 -6.12 18.00 123.87
CA THR Q 69 -7.24 18.72 124.46
C THR Q 69 -7.80 19.71 123.44
N LEU Q 70 -9.09 19.57 123.14
CA LEU Q 70 -9.79 20.38 122.17
C LEU Q 70 -10.84 21.22 122.88
N SER Q 71 -11.04 22.43 122.39
CA SER Q 71 -11.97 23.38 122.98
C SER Q 71 -13.21 23.49 122.11
N VAL Q 72 -14.37 23.30 122.73
CA VAL Q 72 -15.67 23.48 122.09
C VAL Q 72 -16.28 24.75 122.62
N THR Q 73 -16.76 25.61 121.73
CA THR Q 73 -17.34 26.88 122.12
C THR Q 73 -18.70 26.66 122.76
N GLN Q 74 -19.26 27.75 123.27
CA GLN Q 74 -20.55 27.69 123.95
C GLN Q 74 -21.65 27.38 122.95
N GLY Q 75 -22.82 27.04 123.48
CA GLY Q 75 -23.96 26.81 122.61
C GLY Q 75 -25.18 26.23 123.31
N SER Q 76 -26.35 26.35 122.70
CA SER Q 76 -27.58 25.87 123.30
C SER Q 76 -28.16 24.74 122.45
N ILE Q 77 -28.61 23.68 123.13
CA ILE Q 77 -29.25 22.55 122.49
C ILE Q 77 -30.70 22.47 122.97
N SER Q 78 -31.53 21.85 122.15
CA SER Q 78 -32.93 21.60 122.49
C SER Q 78 -33.14 20.11 122.63
N VAL Q 79 -33.66 19.69 123.78
CA VAL Q 79 -33.94 18.29 124.06
C VAL Q 79 -35.42 18.23 124.45
N SER Q 80 -36.26 17.73 123.54
CA SER Q 80 -37.69 17.59 123.77
C SER Q 80 -38.33 18.91 124.19
N GLY Q 81 -37.82 20.00 123.62
CA GLY Q 81 -38.33 21.33 123.92
C GLY Q 81 -37.67 22.01 125.09
N ASN Q 82 -36.76 21.36 125.80
CA ASN Q 82 -36.06 21.96 126.92
C ASN Q 82 -34.70 22.44 126.46
N ILE Q 83 -34.39 23.69 126.76
CA ILE Q 83 -33.16 24.33 126.27
C ILE Q 83 -32.06 24.14 127.32
N ILE Q 84 -30.91 23.64 126.87
CA ILE Q 84 -29.74 23.46 127.72
C ILE Q 84 -28.59 24.26 127.12
N SER Q 85 -28.01 25.15 127.92
CA SER Q 85 -26.91 25.99 127.48
C SER Q 85 -25.61 25.45 128.03
N PHE Q 86 -24.58 25.40 127.20
CA PHE Q 86 -23.27 24.89 127.56
C PHE Q 86 -22.23 25.97 127.38
N PRO Q 87 -21.33 26.15 128.34
CA PRO Q 87 -20.27 27.12 128.21
C PRO Q 87 -19.14 26.56 127.38
N PRO Q 88 -18.10 27.35 127.09
CA PRO Q 88 -16.90 26.77 126.48
C PRO Q 88 -16.35 25.66 127.36
N GLN Q 89 -15.97 24.55 126.74
CA GLN Q 89 -15.50 23.39 127.47
C GLN Q 89 -14.34 22.76 126.72
N THR Q 90 -13.66 21.83 127.38
CA THR Q 90 -12.53 21.13 126.81
C THR Q 90 -12.74 19.63 126.95
N ILE Q 91 -12.19 18.89 125.99
CA ILE Q 91 -12.28 17.43 126.03
C ILE Q 91 -11.11 16.87 125.23
N ASN Q 92 -10.62 15.71 125.65
CA ASN Q 92 -9.48 15.10 124.99
C ASN Q 92 -9.93 14.14 123.90
N ALA Q 93 -9.09 14.02 122.87
CA ALA Q 93 -9.31 13.04 121.82
C ALA Q 93 -8.66 11.72 122.23
N ILE Q 94 -8.62 10.76 121.32
CA ILE Q 94 -8.01 9.45 121.57
C ILE Q 94 -6.81 9.32 120.65
N ASP Q 95 -5.66 9.01 121.23
CA ASP Q 95 -4.41 9.03 120.49
C ASP Q 95 -4.39 7.94 119.42
N ASN Q 96 -3.76 8.25 118.29
CA ASN Q 96 -3.58 7.30 117.19
C ASN Q 96 -4.90 6.74 116.68
N ALA Q 97 -5.92 7.59 116.62
CA ALA Q 97 -7.24 7.13 116.20
C ALA Q 97 -8.02 8.28 115.59
N ASN Q 98 -9.07 7.92 114.87
CA ASN Q 98 -10.04 8.89 114.36
C ASN Q 98 -11.24 8.88 115.29
N SER Q 99 -11.30 9.84 116.20
CA SER Q 99 -12.38 9.96 117.15
C SER Q 99 -13.45 10.91 116.63
N PHE Q 100 -14.63 10.82 117.20
CA PHE Q 100 -15.76 11.66 116.84
C PHE Q 100 -16.22 12.41 118.08
N VAL Q 101 -16.28 13.73 117.98
CA VAL Q 101 -16.75 14.60 119.06
C VAL Q 101 -18.19 14.96 118.76
N TRP Q 102 -19.10 14.63 119.68
CA TRP Q 102 -20.51 14.87 119.47
C TRP Q 102 -21.15 15.23 120.80
N ILE Q 103 -22.46 15.45 120.77
CA ILE Q 103 -23.24 15.77 121.95
C ILE Q 103 -24.41 14.79 122.01
N GLY Q 104 -24.59 14.16 123.17
CA GLY Q 104 -25.70 13.24 123.33
C GLY Q 104 -25.54 12.41 124.58
N LYS Q 105 -26.35 11.34 124.65
CA LYS Q 105 -26.34 10.42 125.77
C LYS Q 105 -26.04 9.02 125.26
N THR Q 106 -25.19 8.31 125.98
CA THR Q 106 -24.83 6.95 125.63
C THR Q 106 -25.75 5.96 126.34
N ASP Q 107 -25.71 4.70 125.88
CA ASP Q 107 -26.47 3.66 126.55
C ASP Q 107 -25.96 3.44 127.97
N ALA Q 108 -24.64 3.44 128.16
CA ALA Q 108 -24.08 3.31 129.50
C ALA Q 108 -24.41 4.52 130.36
N ASP Q 109 -24.34 5.72 129.80
CA ASP Q 109 -24.62 6.95 130.53
C ASP Q 109 -25.79 7.69 129.91
N PRO Q 110 -26.98 7.66 130.52
CA PRO Q 110 -28.13 8.34 129.92
C PRO Q 110 -28.05 9.86 129.98
N ALA Q 111 -27.07 10.41 130.68
CA ALA Q 111 -26.94 11.86 130.74
C ALA Q 111 -26.48 12.42 129.40
N ILE Q 112 -27.04 13.57 129.04
CA ILE Q 112 -26.71 14.23 127.78
C ILE Q 112 -25.52 15.16 128.02
N ALA Q 113 -24.43 14.92 127.31
CA ALA Q 113 -23.22 15.71 127.49
C ALA Q 113 -22.37 15.62 126.24
N LEU Q 114 -21.22 16.29 126.27
CA LEU Q 114 -20.28 16.29 125.17
C LEU Q 114 -19.38 15.06 125.29
N ARG Q 115 -19.36 14.23 124.25
CA ARG Q 115 -18.69 12.94 124.32
C ARG Q 115 -17.77 12.75 123.11
N VAL Q 116 -16.59 12.20 123.39
CA VAL Q 116 -15.64 11.79 122.36
C VAL Q 116 -15.66 10.27 122.30
N SER Q 117 -16.01 9.73 121.14
CA SER Q 117 -16.16 8.29 120.98
C SER Q 117 -15.35 7.83 119.77
N GLN Q 118 -15.40 6.52 119.51
CA GLN Q 118 -14.72 5.97 118.35
C GLN Q 118 -15.62 5.90 117.13
N THR Q 119 -16.93 5.77 117.33
CA THR Q 119 -17.88 5.72 116.23
C THR Q 119 -19.08 6.59 116.56
N LEU Q 120 -19.47 7.43 115.61
CA LEU Q 120 -20.58 8.34 115.83
C LEU Q 120 -21.87 7.55 116.01
N PRO Q 121 -22.62 7.77 117.09
CA PRO Q 121 -23.86 7.01 117.30
C PRO Q 121 -24.95 7.42 116.33
N ASN Q 122 -25.97 6.57 116.23
CA ASN Q 122 -27.04 6.80 115.28
C ASN Q 122 -27.81 8.08 115.60
N VAL Q 123 -28.09 8.31 116.87
CA VAL Q 123 -28.79 9.51 117.31
C VAL Q 123 -27.83 10.33 118.17
N CYS Q 124 -27.55 11.55 117.71
CA CYS Q 124 -26.59 12.44 118.36
C CYS Q 124 -26.60 13.76 117.62
N ILE Q 125 -25.83 14.71 118.12
CA ILE Q 125 -25.55 15.94 117.38
C ILE Q 125 -24.08 15.90 117.03
N PRO Q 126 -23.73 15.50 115.80
CA PRO Q 126 -22.31 15.40 115.44
C PRO Q 126 -21.67 16.79 115.38
N LEU Q 127 -20.51 16.91 116.01
CA LEU Q 127 -19.78 18.16 116.03
C LEU Q 127 -18.54 18.12 115.16
N ALA Q 128 -17.67 17.12 115.34
CA ALA Q 128 -16.43 17.11 114.60
C ALA Q 128 -15.86 15.70 114.54
N ARG Q 129 -14.92 15.52 113.62
CA ARG Q 129 -14.11 14.31 113.54
C ARG Q 129 -12.65 14.70 113.69
N VAL Q 130 -11.96 14.08 114.63
CA VAL Q 130 -10.59 14.45 114.99
C VAL Q 130 -9.68 13.27 114.71
N ILE Q 131 -8.57 13.53 114.02
CA ILE Q 131 -7.56 12.52 113.76
C ILE Q 131 -6.36 12.82 114.64
N ALA Q 132 -6.07 11.94 115.59
CA ALA Q 132 -5.05 12.19 116.59
C ALA Q 132 -3.95 11.14 116.46
N ALA Q 133 -2.70 11.60 116.36
CA ALA Q 133 -1.55 10.71 116.30
C ALA Q 133 -0.46 11.25 117.21
N SER Q 134 0.21 10.34 117.91
CA SER Q 134 1.35 10.69 118.78
C SER Q 134 0.96 11.74 119.81
N GLY Q 135 -0.24 11.62 120.36
CA GLY Q 135 -0.71 12.60 121.32
C GLY Q 135 -0.90 13.99 120.75
N SER Q 136 -0.98 14.10 119.43
CA SER Q 136 -1.16 15.38 118.77
C SER Q 136 -2.29 15.27 117.75
N VAL Q 137 -3.01 16.37 117.56
CA VAL Q 137 -4.16 16.41 116.68
C VAL Q 137 -3.69 16.91 115.32
N THR Q 138 -3.69 16.01 114.32
CA THR Q 138 -3.33 16.42 112.98
C THR Q 138 -4.44 17.25 112.33
N SER Q 139 -5.68 16.78 112.42
CA SER Q 139 -6.78 17.41 111.70
C SER Q 139 -8.07 17.32 112.50
N VAL Q 140 -8.88 18.37 112.37
CA VAL Q 140 -10.22 18.44 112.92
C VAL Q 140 -11.16 18.88 111.81
N THR Q 141 -12.16 18.06 111.50
CA THR Q 141 -13.12 18.36 110.45
C THR Q 141 -14.48 18.64 111.08
N ASP Q 142 -15.11 19.73 110.66
CA ASP Q 142 -16.37 20.17 111.25
C ASP Q 142 -17.52 19.35 110.69
N LEU Q 143 -18.26 18.70 111.59
CA LEU Q 143 -19.41 17.90 111.20
C LEU Q 143 -20.74 18.62 111.43
N ARG Q 144 -20.69 19.91 111.77
CA ARG Q 144 -21.91 20.66 111.99
C ARG Q 144 -22.60 20.95 110.67
N ASP Q 145 -23.82 21.49 110.76
CA ASP Q 145 -24.58 21.83 109.57
C ASP Q 145 -23.91 22.94 108.76
N VAL Q 146 -23.17 23.83 109.43
CA VAL Q 146 -22.58 24.97 108.75
C VAL Q 146 -21.49 24.55 107.76
N SER Q 147 -21.00 23.33 107.85
CA SER Q 147 -19.90 22.91 106.98
C SER Q 147 -20.24 21.70 106.13
N VAL Q 148 -21.05 20.78 106.63
CA VAL Q 148 -21.32 19.53 105.93
C VAL Q 148 -22.83 19.29 105.93
N ASP Q 149 -23.26 18.41 105.04
CA ASP Q 149 -24.65 17.97 104.97
C ASP Q 149 -24.69 16.51 105.41
N ILE Q 150 -25.48 16.23 106.43
CA ILE Q 150 -25.51 14.89 107.00
C ILE Q 150 -26.45 14.00 106.17
N LEU Q 151 -25.92 12.85 105.74
CA LEU Q 151 -26.70 11.90 104.97
C LEU Q 151 -27.14 10.76 105.88
N PRO Q 152 -28.44 10.55 106.08
CA PRO Q 152 -28.90 9.50 106.98
C PRO Q 152 -28.50 8.13 106.46
N PRO Q 153 -27.91 7.29 107.31
CA PRO Q 153 -27.64 5.90 106.88
C PRO Q 153 -28.90 5.15 106.52
N SER Q 154 -29.99 5.39 107.26
CA SER Q 154 -31.27 4.77 106.97
C SER Q 154 -32.35 5.53 107.75
N ILE Q 155 -33.60 5.26 107.39
CA ILE Q 155 -34.74 5.84 108.09
C ILE Q 155 -35.41 4.75 108.92
N PRO Q 156 -36.05 5.07 110.04
CA PRO Q 156 -36.85 4.07 110.75
C PRO Q 156 -38.08 3.72 109.93
N ASP Q 157 -38.23 2.43 109.62
CA ASP Q 157 -39.26 1.96 108.72
C ASP Q 157 -40.20 0.99 109.42
N ALA Q 158 -41.44 0.95 108.95
CA ALA Q 158 -42.45 0.04 109.48
C ALA Q 158 -42.29 -1.33 108.83
N VAL Q 159 -43.22 -2.23 109.10
CA VAL Q 159 -43.23 -3.53 108.43
C VAL Q 159 -43.56 -3.32 106.96
N PRO Q 160 -42.76 -3.85 106.04
CA PRO Q 160 -43.00 -3.58 104.61
C PRO Q 160 -44.35 -4.09 104.15
N VAL Q 161 -44.93 -3.37 103.19
CA VAL Q 161 -46.16 -3.82 102.58
C VAL Q 161 -45.95 -5.17 101.92
N GLY Q 162 -46.95 -6.04 102.01
CA GLY Q 162 -46.86 -7.37 101.45
C GLY Q 162 -46.18 -8.38 102.33
N SER Q 163 -45.51 -7.95 103.40
CA SER Q 163 -44.93 -8.89 104.34
C SER Q 163 -46.03 -9.62 105.10
N THR Q 164 -45.71 -10.80 105.59
CA THR Q 164 -46.66 -11.63 106.33
C THR Q 164 -46.18 -11.78 107.76
N ILE Q 165 -47.05 -11.45 108.70
CA ILE Q 165 -46.76 -11.60 110.12
C ILE Q 165 -47.60 -12.74 110.67
N ILE Q 166 -47.03 -13.42 111.66
CA ILE Q 166 -47.60 -14.63 112.22
C ILE Q 166 -48.16 -14.30 113.60
N SER Q 167 -49.41 -14.64 113.84
CA SER Q 167 -50.10 -14.24 115.06
C SER Q 167 -50.81 -15.42 115.71
N LEU Q 168 -50.91 -15.37 117.03
CA LEU Q 168 -51.70 -16.30 117.83
C LEU Q 168 -52.97 -15.69 118.39
N ILE Q 169 -53.40 -14.54 117.88
CA ILE Q 169 -54.59 -13.92 118.48
C ILE Q 169 -55.79 -14.83 118.24
N PRO Q 170 -56.62 -15.06 119.24
CA PRO Q 170 -57.79 -15.93 119.05
C PRO Q 170 -58.79 -15.30 118.11
N PRO Q 171 -59.68 -16.10 117.51
CA PRO Q 171 -60.64 -15.53 116.56
C PRO Q 171 -61.52 -14.43 117.16
N THR Q 172 -61.75 -14.47 118.47
CA THR Q 172 -62.53 -13.43 119.10
C THR Q 172 -61.82 -12.07 119.05
N ALA Q 173 -60.50 -12.06 119.15
CA ALA Q 173 -59.76 -10.81 119.12
C ALA Q 173 -59.90 -10.15 117.74
N PRO Q 174 -60.01 -8.83 117.68
CA PRO Q 174 -60.24 -8.17 116.39
C PRO Q 174 -59.02 -8.18 115.50
N ILE Q 175 -59.26 -8.09 114.21
CA ILE Q 175 -58.17 -8.07 113.21
C ILE Q 175 -57.34 -6.81 113.40
N PRO Q 176 -56.01 -6.91 113.44
CA PRO Q 176 -55.19 -5.70 113.57
C PRO Q 176 -55.37 -4.77 112.39
N ALA Q 177 -55.32 -3.47 112.68
CA ALA Q 177 -55.46 -2.47 111.62
C ALA Q 177 -54.21 -2.45 110.75
N GLY Q 178 -54.40 -2.08 109.49
CA GLY Q 178 -53.32 -2.05 108.54
C GLY Q 178 -52.88 -3.40 108.03
N TYR Q 179 -53.65 -4.45 108.30
CA TYR Q 179 -53.33 -5.80 107.87
C TYR Q 179 -54.56 -6.45 107.27
N LEU Q 180 -54.32 -7.42 106.39
CA LEU Q 180 -55.38 -8.20 105.76
C LEU Q 180 -55.21 -9.66 106.12
N GLU Q 181 -56.33 -10.35 106.31
CA GLU Q 181 -56.28 -11.75 106.73
C GLU Q 181 -56.21 -12.67 105.51
N LEU Q 182 -55.27 -13.61 105.54
CA LEU Q 182 -55.25 -14.69 104.56
C LEU Q 182 -56.23 -15.78 104.99
N LEU Q 183 -56.95 -16.33 104.02
CA LEU Q 183 -58.08 -17.21 104.29
C LEU Q 183 -57.81 -18.60 103.70
N ASN Q 184 -58.84 -19.44 103.72
CA ASN Q 184 -58.72 -20.79 103.20
C ASN Q 184 -58.62 -20.78 101.67
N SER Q 185 -59.16 -19.76 101.03
CA SER Q 185 -59.16 -19.66 99.58
C SER Q 185 -58.76 -18.25 99.18
N SER Q 186 -58.53 -18.09 97.88
CA SER Q 186 -58.18 -16.79 97.34
C SER Q 186 -59.34 -15.81 97.51
N GLN Q 187 -59.00 -14.55 97.72
CA GLN Q 187 -59.98 -13.47 97.83
C GLN Q 187 -59.85 -12.56 96.62
N ASN Q 188 -60.91 -11.80 96.37
CA ASN Q 188 -60.90 -10.77 95.33
C ASN Q 188 -60.99 -9.43 96.04
N VAL Q 189 -59.86 -8.75 96.19
CA VAL Q 189 -59.78 -7.52 96.94
C VAL Q 189 -59.65 -6.35 95.97
N SER Q 190 -60.30 -5.24 96.33
CA SER Q 190 -60.34 -4.08 95.45
C SER Q 190 -58.95 -3.50 95.25
N ARG Q 191 -58.62 -3.20 93.99
CA ARG Q 191 -57.32 -2.61 93.68
C ARG Q 191 -57.21 -1.18 94.19
N THR Q 192 -58.32 -0.44 94.16
CA THR Q 192 -58.27 0.95 94.64
C THR Q 192 -58.06 0.99 96.15
N THR Q 193 -58.76 0.13 96.90
CA THR Q 193 -58.63 0.15 98.36
C THR Q 193 -57.23 -0.25 98.79
N TYR Q 194 -56.64 -1.24 98.13
CA TYR Q 194 -55.34 -1.76 98.52
C TYR Q 194 -54.31 -1.44 97.47
N SER Q 195 -54.31 -0.19 97.00
CA SER Q 195 -53.44 0.24 95.91
C SER Q 195 -51.98 -0.08 96.20
N ALA Q 196 -51.55 0.05 97.45
CA ALA Q 196 -50.17 -0.29 97.79
C ALA Q 196 -49.90 -1.77 97.54
N LEU Q 197 -50.78 -2.63 98.05
CA LEU Q 197 -50.61 -4.06 97.84
C LEU Q 197 -50.78 -4.44 96.39
N PHE Q 198 -51.69 -3.78 95.68
CA PHE Q 198 -51.85 -4.06 94.25
C PHE Q 198 -50.59 -3.70 93.48
N VAL Q 199 -49.96 -2.57 93.83
CA VAL Q 199 -48.71 -2.18 93.20
C VAL Q 199 -47.62 -3.20 93.52
N LEU Q 200 -47.52 -3.63 94.77
CA LEU Q 200 -46.43 -4.52 95.15
C LEU Q 200 -46.67 -5.96 94.71
N TRP Q 201 -47.90 -6.34 94.41
CA TRP Q 201 -48.24 -7.72 94.06
C TRP Q 201 -48.72 -7.87 92.62
N GLY Q 202 -49.57 -6.97 92.14
CA GLY Q 202 -50.15 -7.15 90.83
C GLY Q 202 -51.25 -8.20 90.86
N THR Q 203 -51.24 -9.07 89.85
CA THR Q 203 -52.18 -10.18 89.78
C THR Q 203 -51.47 -11.52 89.94
N TYR Q 204 -50.29 -11.52 90.57
CA TYR Q 204 -49.52 -12.76 90.72
C TYR Q 204 -50.29 -13.83 91.46
N TYR Q 205 -51.26 -13.44 92.28
CA TYR Q 205 -52.11 -14.38 93.02
C TYR Q 205 -53.53 -14.34 92.48
N GLY Q 206 -53.67 -14.24 91.17
CA GLY Q 206 -54.97 -14.17 90.55
C GLY Q 206 -55.31 -12.76 90.11
N ASN Q 207 -56.10 -12.65 89.05
CA ASN Q 207 -56.49 -11.37 88.49
C ASN Q 207 -57.80 -10.85 89.06
N GLY Q 208 -58.38 -11.56 90.01
CA GLY Q 208 -59.65 -11.13 90.55
C GLY Q 208 -60.73 -11.15 89.50
N ASP Q 209 -61.26 -9.98 89.17
CA ASP Q 209 -62.25 -9.91 88.11
C ASP Q 209 -61.56 -9.53 86.80
N GLY Q 210 -60.34 -9.02 86.91
CA GLY Q 210 -59.59 -8.65 85.73
C GLY Q 210 -59.50 -7.16 85.53
N SER Q 211 -60.38 -6.39 86.18
CA SER Q 211 -60.41 -4.96 85.95
C SER Q 211 -60.24 -4.09 87.19
N THR Q 212 -61.02 -4.37 88.25
CA THR Q 212 -60.96 -3.51 89.42
C THR Q 212 -60.50 -4.21 90.69
N THR Q 213 -60.42 -5.54 90.71
CA THR Q 213 -59.97 -6.27 91.88
C THR Q 213 -58.88 -7.24 91.48
N PHE Q 214 -58.09 -7.65 92.47
CA PHE Q 214 -57.01 -8.60 92.25
C PHE Q 214 -57.08 -9.69 93.31
N GLY Q 215 -56.42 -10.80 93.00
CA GLY Q 215 -56.51 -11.97 93.85
C GLY Q 215 -55.52 -11.97 95.00
N VAL Q 216 -55.94 -12.53 96.12
CA VAL Q 216 -55.13 -12.69 97.31
C VAL Q 216 -55.08 -14.19 97.62
N PRO Q 217 -53.90 -14.75 97.84
CA PRO Q 217 -53.80 -16.22 97.97
C PRO Q 217 -54.49 -16.72 99.23
N GLY Q 218 -54.92 -17.98 99.16
CA GLY Q 218 -55.44 -18.67 100.33
C GLY Q 218 -54.34 -19.39 101.08
N THR Q 219 -54.72 -19.95 102.23
CA THR Q 219 -53.78 -20.72 103.05
C THR Q 219 -53.84 -22.21 102.72
N GLY Q 220 -55.04 -22.79 102.81
CA GLY Q 220 -55.18 -24.21 102.58
C GLY Q 220 -54.64 -25.07 103.70
N GLY Q 221 -54.37 -24.47 104.86
CA GLY Q 221 -53.82 -25.23 105.97
C GLY Q 221 -52.49 -25.86 105.67
N ARG Q 222 -51.68 -25.24 104.82
CA ARG Q 222 -50.42 -25.80 104.38
C ARG Q 222 -49.29 -25.40 105.31
N PHE Q 223 -48.31 -26.28 105.44
CA PHE Q 223 -47.14 -25.98 106.24
C PHE Q 223 -46.34 -24.86 105.58
N LEU Q 224 -45.87 -23.91 106.37
CA LEU Q 224 -45.05 -22.84 105.82
C LEU Q 224 -43.70 -23.41 105.42
N ARG Q 225 -43.38 -23.32 104.14
CA ARG Q 225 -42.14 -23.84 103.59
C ARG Q 225 -41.36 -22.70 102.96
N LEU Q 226 -40.08 -22.61 103.30
CA LEU Q 226 -39.23 -21.62 102.67
C LEU Q 226 -38.94 -22.03 101.23
N GLY Q 227 -38.75 -21.03 100.38
CA GLY Q 227 -38.48 -21.29 99.00
C GLY Q 227 -37.06 -21.78 98.77
N GLY Q 228 -36.81 -22.25 97.56
CA GLY Q 228 -35.49 -22.70 97.16
C GLY Q 228 -35.52 -23.88 96.22
N SER Q 229 -34.54 -23.93 95.33
CA SER Q 229 -34.34 -25.06 94.41
C SER Q 229 -35.57 -25.30 93.54
N GLY Q 230 -35.86 -24.30 92.71
CA GLY Q 230 -37.00 -24.39 91.82
C GLY Q 230 -38.35 -24.22 92.48
N LEU Q 231 -38.39 -23.61 93.67
CA LEU Q 231 -39.65 -23.35 94.37
C LEU Q 231 -39.92 -21.86 94.32
N SER Q 232 -40.73 -21.44 93.36
CA SER Q 232 -41.07 -20.03 93.22
C SER Q 232 -42.04 -19.60 94.31
N VAL Q 233 -42.18 -18.29 94.45
CA VAL Q 233 -42.97 -17.72 95.53
C VAL Q 233 -44.44 -18.07 95.32
N GLY Q 234 -45.09 -18.51 96.39
CA GLY Q 234 -46.50 -18.82 96.33
C GLY Q 234 -46.82 -20.16 95.71
N ASP Q 235 -45.82 -20.97 95.38
CA ASP Q 235 -46.07 -22.31 94.88
C ASP Q 235 -46.68 -23.17 95.98
N ILE Q 236 -47.62 -24.02 95.60
CA ILE Q 236 -48.24 -24.97 96.51
C ILE Q 236 -47.90 -26.37 96.03
N GLY Q 237 -48.00 -27.33 96.94
CA GLY Q 237 -47.75 -28.71 96.58
C GLY Q 237 -47.78 -29.60 97.80
N GLY Q 238 -47.63 -30.89 97.54
CA GLY Q 238 -47.63 -31.87 98.61
C GLY Q 238 -49.02 -32.17 99.13
N SER Q 239 -49.24 -33.41 99.55
CA SER Q 239 -50.54 -33.82 100.08
C SER Q 239 -50.34 -34.47 101.44
N ASN Q 240 -51.36 -34.33 102.28
CA ASN Q 240 -51.31 -34.92 103.62
C ASN Q 240 -51.31 -36.44 103.56
N GLN Q 241 -51.89 -37.01 102.51
CA GLN Q 241 -51.92 -38.46 102.36
C GLN Q 241 -50.56 -38.98 101.89
N ILE Q 242 -50.38 -40.28 102.03
CA ILE Q 242 -49.14 -40.94 101.61
C ILE Q 242 -49.49 -42.36 101.18
N THR Q 243 -48.95 -42.77 100.03
CA THR Q 243 -49.21 -44.08 99.45
C THR Q 243 -47.89 -44.79 99.24
N ILE Q 244 -47.74 -45.96 99.85
CA ILE Q 244 -46.52 -46.76 99.67
C ILE Q 244 -46.55 -47.32 98.26
N PRO Q 245 -45.56 -47.04 97.43
CA PRO Q 245 -45.52 -47.60 96.09
C PRO Q 245 -44.71 -48.90 96.06
N THR Q 246 -44.95 -49.69 95.02
CA THR Q 246 -44.09 -50.83 94.77
C THR Q 246 -42.67 -50.33 94.51
N ASN Q 247 -41.71 -51.25 94.54
CA ASN Q 247 -40.28 -50.97 94.47
C ASN Q 247 -39.78 -50.30 95.74
N ALA Q 248 -40.66 -50.01 96.69
CA ALA Q 248 -40.29 -49.50 98.00
C ALA Q 248 -40.54 -50.49 99.11
N LEU Q 249 -41.05 -51.68 98.80
CA LEU Q 249 -41.30 -52.69 99.81
C LEU Q 249 -39.99 -53.15 100.43
N PRO Q 250 -39.86 -53.15 101.75
CA PRO Q 250 -38.68 -53.76 102.37
C PRO Q 250 -38.62 -55.24 102.08
N SER Q 251 -37.41 -55.75 101.84
CA SER Q 251 -37.25 -57.15 101.53
C SER Q 251 -37.63 -58.02 102.72
N HIS Q 252 -38.38 -59.08 102.45
CA HIS Q 252 -38.86 -59.97 103.50
C HIS Q 252 -39.24 -61.30 102.87
N GLN Q 253 -39.38 -62.32 103.71
CA GLN Q 253 -39.81 -63.63 103.26
C GLN Q 253 -40.74 -64.23 104.29
N HIS Q 254 -41.72 -64.98 103.80
CA HIS Q 254 -42.69 -65.67 104.65
C HIS Q 254 -42.32 -67.15 104.72
N GLY Q 255 -42.11 -67.64 105.93
CA GLY Q 255 -41.79 -69.04 106.10
C GLY Q 255 -42.95 -69.94 105.69
N ILE Q 256 -42.60 -71.09 105.12
CA ILE Q 256 -43.60 -72.07 104.71
C ILE Q 256 -44.05 -72.86 105.93
N PRO Q 257 -45.36 -72.96 106.19
CA PRO Q 257 -45.83 -73.73 107.34
C PRO Q 257 -45.56 -75.22 107.20
N ALA Q 258 -45.83 -75.98 108.25
CA ALA Q 258 -45.66 -77.43 108.18
C ALA Q 258 -46.66 -78.02 107.20
N ASN Q 259 -46.18 -78.90 106.32
CA ASN Q 259 -47.00 -79.52 105.30
C ASN Q 259 -46.78 -81.02 105.32
N THR Q 260 -47.83 -81.77 104.96
CA THR Q 260 -47.75 -83.22 104.94
C THR Q 260 -48.88 -83.74 104.05
N HIS Q 261 -48.53 -84.54 103.05
CA HIS Q 261 -49.52 -85.03 102.09
C HIS Q 261 -49.18 -86.47 101.71
N THR Q 262 -50.20 -87.18 101.24
CA THR Q 262 -50.04 -88.53 100.74
C THR Q 262 -50.53 -88.58 99.30
N HIS Q 263 -50.00 -89.55 98.56
CA HIS Q 263 -50.49 -89.86 97.22
C HIS Q 263 -51.19 -91.21 97.28
N SER Q 264 -52.43 -91.25 96.79
CA SER Q 264 -53.13 -92.52 96.70
C SER Q 264 -52.44 -93.40 95.66
N VAL Q 265 -52.75 -94.69 95.71
CA VAL Q 265 -52.05 -95.69 94.90
C VAL Q 265 -52.97 -96.11 93.77
N ASN Q 266 -52.52 -95.87 92.54
CA ASN Q 266 -53.27 -96.26 91.34
C ASN Q 266 -52.76 -97.63 90.90
N ASP Q 267 -53.25 -98.66 91.58
CA ASP Q 267 -52.84 -100.03 91.34
C ASP Q 267 -53.72 -100.68 90.28
N GLY Q 268 -53.23 -101.72 89.62
CA GLY Q 268 -54.00 -102.42 88.61
C GLY Q 268 -53.84 -103.91 88.73
N GLY Q 269 -52.80 -104.34 89.43
CA GLY Q 269 -52.53 -105.76 89.58
C GLY Q 269 -51.55 -106.25 88.53
N HIS Q 270 -50.90 -107.37 88.80
CA HIS Q 270 -49.93 -107.92 87.87
C HIS Q 270 -49.84 -109.41 88.01
N GLY Q 271 -49.36 -110.08 86.96
CA GLY Q 271 -49.21 -111.52 87.00
C GLY Q 271 -47.76 -111.94 86.97
N HIS Q 272 -47.49 -113.20 86.65
CA HIS Q 272 -46.14 -113.74 86.61
C HIS Q 272 -46.10 -114.90 85.63
N THR Q 273 -44.90 -115.14 85.11
CA THR Q 273 -44.64 -116.22 84.17
C THR Q 273 -43.85 -117.32 84.86
N ILE Q 274 -44.26 -118.57 84.63
CA ILE Q 274 -43.61 -119.73 85.22
C ILE Q 274 -42.56 -120.23 84.23
N ASN Q 275 -41.33 -120.40 84.70
CA ASN Q 275 -40.28 -121.07 83.94
C ASN Q 275 -40.19 -122.51 84.46
N GLN Q 276 -40.72 -123.44 83.68
CA GLN Q 276 -40.84 -124.82 84.11
C GLN Q 276 -40.18 -125.74 83.09
N THR Q 277 -39.49 -126.75 83.60
CA THR Q 277 -38.91 -127.79 82.79
C THR Q 277 -39.55 -129.12 83.13
N PRO Q 278 -39.62 -130.06 82.19
CA PRO Q 278 -40.21 -131.36 82.50
C PRO Q 278 -39.42 -132.08 83.58
N HIS Q 279 -40.13 -132.85 84.39
CA HIS Q 279 -39.54 -133.62 85.48
C HIS Q 279 -39.98 -135.07 85.37
N SER Q 280 -39.19 -135.96 85.96
CA SER Q 280 -39.49 -137.38 85.97
C SER Q 280 -39.31 -137.92 87.38
N HIS Q 281 -40.11 -138.92 87.71
CA HIS Q 281 -40.06 -139.58 89.01
C HIS Q 281 -39.29 -140.88 88.90
N SER Q 282 -38.73 -141.30 90.03
CA SER Q 282 -38.08 -142.61 90.10
C SER Q 282 -39.10 -143.64 90.56
N ILE Q 283 -38.98 -144.84 90.01
CA ILE Q 283 -39.86 -145.94 90.38
C ILE Q 283 -39.25 -146.69 91.56
N SER Q 284 -40.07 -147.48 92.23
CA SER Q 284 -39.61 -148.24 93.38
C SER Q 284 -39.87 -149.73 93.18
N ASP Q 285 -39.50 -150.24 92.00
CA ASP Q 285 -39.75 -151.61 91.57
C ASP Q 285 -39.29 -152.64 92.59
N PRO Q 286 -40.21 -153.37 93.22
CA PRO Q 286 -39.82 -154.57 93.95
C PRO Q 286 -39.94 -155.78 93.04
N GLY Q 287 -39.16 -156.80 93.35
CA GLY Q 287 -39.18 -158.00 92.54
C GLY Q 287 -40.57 -158.63 92.53
N HIS Q 288 -41.00 -159.06 91.35
CA HIS Q 288 -42.25 -159.78 91.20
C HIS Q 288 -41.97 -161.12 90.52
N ALA Q 289 -42.67 -162.16 90.97
CA ALA Q 289 -42.50 -163.51 90.46
C ALA Q 289 -43.85 -164.05 90.04
N HIS Q 290 -43.92 -164.61 88.83
CA HIS Q 290 -45.12 -165.26 88.35
C HIS Q 290 -45.15 -166.69 88.88
N GLY Q 291 -46.05 -167.49 88.33
CA GLY Q 291 -46.06 -168.91 88.61
C GLY Q 291 -46.47 -169.67 87.36
N VAL Q 292 -46.01 -170.91 87.27
CA VAL Q 292 -46.35 -171.77 86.15
C VAL Q 292 -47.06 -173.00 86.70
N PRO Q 293 -48.35 -173.17 86.44
CA PRO Q 293 -49.12 -174.28 87.03
C PRO Q 293 -49.21 -175.52 86.15
N PHE Q 294 -48.43 -175.60 85.08
CA PHE Q 294 -48.62 -176.66 84.08
C PHE Q 294 -47.64 -177.82 84.31
N GLY Q 295 -47.85 -178.51 85.43
CA GLY Q 295 -47.13 -179.72 85.73
C GLY Q 295 -47.98 -180.93 85.44
N ALA Q 296 -47.46 -181.83 84.61
CA ALA Q 296 -48.24 -182.97 84.18
C ALA Q 296 -48.26 -184.06 85.24
N ALA Q 297 -49.34 -184.83 85.25
CA ALA Q 297 -49.45 -186.04 86.04
C ALA Q 297 -49.33 -187.31 85.20
N VAL Q 298 -49.65 -187.24 83.91
CA VAL Q 298 -49.49 -188.33 82.97
C VAL Q 298 -48.55 -187.88 81.88
N ASP Q 299 -47.70 -188.80 81.40
CA ASP Q 299 -46.73 -188.50 80.36
C ASP Q 299 -47.31 -188.64 78.95
N ASN Q 300 -48.62 -188.54 78.79
CA ASN Q 300 -49.27 -188.67 77.50
C ASN Q 300 -49.81 -187.32 77.06
N GLY Q 301 -49.46 -186.90 75.86
CA GLY Q 301 -49.87 -185.62 75.31
C GLY Q 301 -48.84 -184.52 75.57
N ASN Q 302 -49.09 -183.37 74.96
CA ASN Q 302 -48.20 -182.21 75.08
C ASN Q 302 -48.87 -181.04 75.79
N ASN Q 303 -49.83 -181.32 76.67
CA ASN Q 303 -50.58 -180.25 77.31
C ASN Q 303 -49.80 -179.60 78.45
N ALA Q 304 -48.99 -180.36 79.17
CA ALA Q 304 -48.32 -179.86 80.35
C ALA Q 304 -46.86 -180.32 80.33
N PHE Q 305 -46.17 -180.15 81.46
CA PHE Q 305 -44.78 -180.52 81.60
C PHE Q 305 -44.64 -181.67 82.59
N ASP Q 306 -43.83 -182.66 82.22
CA ASP Q 306 -43.53 -183.75 83.13
C ASP Q 306 -42.72 -183.26 84.33
N THR Q 307 -42.93 -183.92 85.47
CA THR Q 307 -42.30 -183.50 86.71
C THR Q 307 -40.97 -184.22 86.93
N GLY Q 308 -40.19 -183.72 87.89
CA GLY Q 308 -38.89 -184.28 88.20
C GLY Q 308 -38.54 -184.05 89.65
N GLY Q 309 -37.44 -184.67 90.07
CA GLY Q 309 -37.07 -184.67 91.48
C GLY Q 309 -36.13 -183.60 91.96
N SER Q 310 -34.96 -183.47 91.35
CA SER Q 310 -33.93 -182.55 91.84
C SER Q 310 -33.81 -181.35 90.92
N PRO Q 311 -34.10 -180.14 91.39
CA PRO Q 311 -34.09 -178.98 90.50
C PRO Q 311 -32.68 -178.43 90.31
N TYR Q 312 -32.33 -178.17 89.05
CA TYR Q 312 -31.09 -177.49 88.73
C TYR Q 312 -31.36 -176.55 87.55
N ASN Q 313 -30.60 -175.46 87.50
CA ASN Q 313 -30.83 -174.44 86.49
C ASN Q 313 -30.32 -174.92 85.14
N ASN Q 314 -31.23 -175.28 84.25
CA ASN Q 314 -30.89 -175.71 82.91
C ASN Q 314 -30.99 -174.58 81.89
N GLY Q 315 -31.09 -173.34 82.35
CA GLY Q 315 -31.02 -172.20 81.46
C GLY Q 315 -32.29 -171.88 80.70
N ILE Q 316 -33.45 -172.21 81.24
CA ILE Q 316 -34.72 -171.93 80.60
C ILE Q 316 -35.34 -170.68 81.22
N GLY Q 317 -35.71 -169.72 80.39
CA GLY Q 317 -36.36 -168.51 80.86
C GLY Q 317 -37.64 -168.27 80.11
N THR Q 318 -38.49 -167.43 80.70
CA THR Q 318 -39.76 -167.09 80.08
C THR Q 318 -39.52 -166.18 78.87
N THR Q 319 -40.60 -165.76 78.24
CA THR Q 319 -40.51 -164.89 77.09
C THR Q 319 -40.43 -163.43 77.54
N GLN Q 320 -40.32 -162.52 76.57
CA GLN Q 320 -40.27 -161.09 76.84
C GLN Q 320 -41.63 -160.49 76.52
N ASN Q 321 -42.16 -159.69 77.45
CA ASN Q 321 -43.40 -158.97 77.20
C ASN Q 321 -43.52 -157.83 78.19
N GLN Q 322 -43.95 -156.68 77.70
CA GLN Q 322 -44.10 -155.48 78.52
C GLN Q 322 -45.22 -155.69 79.53
N THR Q 323 -44.97 -155.32 80.77
CA THR Q 323 -46.05 -155.21 81.73
C THR Q 323 -46.91 -154.00 81.39
N GLY Q 324 -48.22 -154.21 81.36
CA GLY Q 324 -49.10 -153.12 80.98
C GLY Q 324 -49.48 -152.26 82.16
N ILE Q 325 -48.75 -151.16 82.36
CA ILE Q 325 -49.05 -150.23 83.44
C ILE Q 325 -48.97 -148.81 82.90
N SER Q 326 -49.60 -147.89 83.65
CA SER Q 326 -49.53 -146.47 83.34
C SER Q 326 -49.78 -145.70 84.62
N VAL Q 327 -49.07 -144.58 84.77
CA VAL Q 327 -49.15 -143.78 85.99
C VAL Q 327 -50.32 -142.82 85.88
N ASN Q 328 -51.16 -142.80 86.90
CA ASN Q 328 -52.33 -141.93 86.90
C ASN Q 328 -51.93 -140.48 87.14
N THR Q 329 -52.71 -139.58 86.56
CA THR Q 329 -52.38 -138.16 86.59
C THR Q 329 -52.53 -137.60 88.00
N ALA Q 330 -51.74 -136.57 88.30
CA ALA Q 330 -51.75 -135.91 89.60
C ALA Q 330 -51.14 -134.53 89.44
N ASN Q 331 -51.25 -133.73 90.51
CA ASN Q 331 -50.75 -132.36 90.51
C ASN Q 331 -49.73 -132.17 91.61
N ALA Q 332 -48.66 -131.44 91.28
CA ALA Q 332 -47.57 -131.20 92.22
C ALA Q 332 -48.01 -130.28 93.36
N ASN Q 333 -47.40 -130.49 94.52
CA ASN Q 333 -47.70 -129.69 95.71
C ASN Q 333 -46.96 -128.36 95.59
N LEU Q 334 -47.70 -127.31 95.25
CA LEU Q 334 -47.12 -126.02 94.92
C LEU Q 334 -47.64 -124.94 95.86
N SER Q 335 -46.73 -124.10 96.35
CA SER Q 335 -47.10 -122.95 97.17
C SER Q 335 -46.26 -121.76 96.74
N ILE Q 336 -46.89 -120.59 96.70
CA ILE Q 336 -46.26 -119.36 96.26
C ILE Q 336 -45.97 -118.51 97.49
N ASN Q 337 -44.69 -118.24 97.74
CA ASN Q 337 -44.32 -117.44 98.90
C ASN Q 337 -44.47 -115.96 98.61
N THR Q 338 -44.88 -115.22 99.64
CA THR Q 338 -45.08 -113.79 99.50
C THR Q 338 -43.74 -113.08 99.34
N SER Q 339 -43.78 -111.95 98.63
CA SER Q 339 -42.58 -111.16 98.39
C SER Q 339 -42.94 -109.70 98.29
N SER Q 340 -42.11 -108.84 98.88
CA SER Q 340 -42.24 -107.42 98.68
C SER Q 340 -41.89 -107.06 97.25
N THR Q 341 -42.57 -106.04 96.73
CA THR Q 341 -42.39 -105.65 95.34
C THR Q 341 -41.19 -104.73 95.13
N GLY Q 342 -40.58 -104.22 96.19
CA GLY Q 342 -39.40 -103.38 96.06
C GLY Q 342 -39.63 -102.10 95.28
N ILE Q 343 -40.79 -101.48 95.45
CA ILE Q 343 -41.13 -100.26 94.71
C ILE Q 343 -40.40 -99.07 95.30
N SER Q 344 -39.90 -98.20 94.43
CA SER Q 344 -39.31 -96.93 94.83
C SER Q 344 -40.08 -95.79 94.19
N ILE Q 345 -40.13 -94.66 94.90
CA ILE Q 345 -40.85 -93.48 94.46
C ILE Q 345 -39.83 -92.43 94.03
N GLN Q 346 -39.93 -92.00 92.78
CA GLN Q 346 -38.99 -91.02 92.25
C GLN Q 346 -39.26 -89.64 92.83
N SER Q 347 -38.22 -88.81 92.80
CA SER Q 347 -38.31 -87.46 93.32
C SER Q 347 -39.18 -86.60 92.41
N ALA Q 348 -39.85 -85.61 93.02
CA ALA Q 348 -40.66 -84.68 92.26
C ALA Q 348 -40.78 -83.38 93.04
N SER Q 349 -41.17 -82.34 92.33
CA SER Q 349 -41.44 -81.03 92.91
C SER Q 349 -42.94 -80.84 93.07
N THR Q 350 -43.31 -80.00 94.04
CA THR Q 350 -44.72 -79.70 94.26
C THR Q 350 -45.34 -78.95 93.09
N GLY Q 351 -44.52 -78.33 92.24
CA GLY Q 351 -44.99 -77.72 91.02
C GLY Q 351 -45.33 -76.25 91.12
N LEU Q 352 -45.55 -75.74 92.33
CA LEU Q 352 -45.91 -74.35 92.52
C LEU Q 352 -44.66 -73.47 92.64
N THR Q 353 -44.80 -72.22 92.19
CA THR Q 353 -43.64 -71.34 92.04
C THR Q 353 -43.82 -70.01 92.74
N VAL Q 354 -45.03 -69.46 92.75
CA VAL Q 354 -45.29 -68.17 93.38
C VAL Q 354 -46.53 -68.28 94.24
N THR Q 355 -46.60 -67.40 95.24
CA THR Q 355 -47.77 -67.28 96.09
C THR Q 355 -48.77 -66.35 95.43
N SER Q 356 -49.80 -65.95 96.17
CA SER Q 356 -50.78 -65.01 95.67
C SER Q 356 -50.48 -63.61 96.19
N ASN Q 357 -51.04 -62.61 95.50
CA ASN Q 357 -50.91 -61.24 95.95
C ASN Q 357 -51.60 -61.05 97.29
N ALA Q 358 -50.91 -60.39 98.23
CA ALA Q 358 -51.41 -60.24 99.58
C ALA Q 358 -51.65 -58.80 99.99
N GLY Q 359 -50.80 -57.87 99.55
CA GLY Q 359 -50.93 -56.50 99.99
C GLY Q 359 -52.17 -55.83 99.41
N ASN Q 360 -52.48 -54.68 99.99
CA ASN Q 360 -53.59 -53.84 99.54
C ASN Q 360 -53.10 -52.41 99.49
N GLY Q 361 -53.12 -51.80 98.31
CA GLY Q 361 -52.57 -50.48 98.16
C GLY Q 361 -53.58 -49.36 98.25
N GLN Q 362 -53.46 -48.53 99.28
CA GLN Q 362 -54.18 -47.27 99.35
C GLN Q 362 -53.37 -46.29 100.19
N ALA Q 363 -53.85 -45.06 100.27
CA ALA Q 363 -53.17 -44.00 100.98
C ALA Q 363 -53.64 -43.94 102.42
N PHE Q 364 -52.72 -43.56 103.31
CA PHE Q 364 -53.06 -43.28 104.70
C PHE Q 364 -52.62 -41.87 105.05
N GLN Q 365 -53.12 -41.37 106.17
CA GLN Q 365 -52.90 -39.98 106.56
C GLN Q 365 -51.70 -39.86 107.47
N HIS Q 366 -50.80 -38.93 107.15
CA HIS Q 366 -49.63 -38.67 107.97
C HIS Q 366 -49.33 -37.18 107.94
N ASP Q 367 -49.19 -36.58 109.11
CA ASP Q 367 -48.83 -35.17 109.22
C ASP Q 367 -47.86 -34.98 110.37
N GLN Q 368 -46.85 -34.14 110.13
CA GLN Q 368 -45.78 -33.91 111.07
C GLN Q 368 -46.30 -33.15 112.30
N PRO Q 369 -45.46 -32.96 113.33
CA PRO Q 369 -45.86 -32.08 114.42
C PRO Q 369 -46.33 -30.73 113.89
N TYR Q 370 -47.46 -30.27 114.42
CA TYR Q 370 -48.31 -29.33 113.69
C TYR Q 370 -48.92 -28.33 114.65
N LEU Q 371 -48.68 -27.04 114.38
CA LEU Q 371 -49.21 -25.94 115.16
C LEU Q 371 -49.81 -24.90 114.23
N VAL Q 372 -50.95 -24.36 114.61
CA VAL Q 372 -51.67 -23.41 113.76
C VAL Q 372 -51.32 -21.99 114.16
N PHE Q 373 -51.14 -21.14 113.17
CA PHE Q 373 -50.91 -19.71 113.34
C PHE Q 373 -51.88 -18.95 112.45
N ARG Q 374 -51.81 -17.63 112.49
CA ARG Q 374 -52.59 -16.78 111.60
C ARG Q 374 -51.64 -15.90 110.80
N VAL Q 375 -51.91 -15.78 109.51
CA VAL Q 375 -51.04 -15.03 108.60
C VAL Q 375 -51.75 -13.73 108.24
N PHE Q 376 -51.11 -12.61 108.55
CA PHE Q 376 -51.62 -11.30 108.19
C PHE Q 376 -50.67 -10.66 107.20
N VAL Q 377 -51.20 -10.23 106.05
CA VAL Q 377 -50.40 -9.56 105.04
C VAL Q 377 -50.48 -8.06 105.28
N LYS Q 378 -49.32 -7.40 105.30
CA LYS Q 378 -49.24 -5.98 105.59
C LYS Q 378 -49.71 -5.19 104.39
N VAL Q 379 -50.77 -4.41 104.56
CA VAL Q 379 -51.30 -3.59 103.48
C VAL Q 379 -51.43 -2.14 103.93
N VAL R 2 -23.00 64.10 96.50
CA VAL R 2 -23.99 63.75 95.50
C VAL R 2 -25.03 64.84 95.37
N ARG R 3 -25.69 65.17 96.49
CA ARG R 3 -26.75 66.17 96.46
C ARG R 3 -26.21 67.52 96.04
N LYS R 4 -25.29 68.07 96.82
CA LYS R 4 -24.64 69.33 96.44
C LYS R 4 -23.65 69.08 95.32
N VAL R 5 -23.76 69.87 94.26
CA VAL R 5 -22.94 69.71 93.06
C VAL R 5 -22.06 70.94 92.90
N PHE R 6 -20.76 70.71 92.71
CA PHE R 6 -19.82 71.78 92.45
C PHE R 6 -19.63 71.97 90.96
N ASN R 7 -19.25 73.19 90.58
CA ASN R 7 -18.91 73.49 89.20
C ASN R 7 -17.90 74.61 89.19
N ASP R 8 -17.39 74.92 88.00
CA ASP R 8 -16.41 75.99 87.86
C ASP R 8 -16.97 77.29 88.38
N GLY R 9 -16.16 78.01 89.15
CA GLY R 9 -16.57 79.24 89.79
C GLY R 9 -17.05 79.07 91.21
N ASP R 10 -17.41 77.86 91.61
CA ASP R 10 -17.78 77.61 92.99
C ASP R 10 -16.55 77.69 93.89
N ILE R 11 -16.77 78.08 95.13
CA ILE R 11 -15.70 78.20 96.12
C ILE R 11 -15.87 77.08 97.14
N LEU R 12 -14.81 76.29 97.32
CA LEU R 12 -14.86 75.19 98.26
C LEU R 12 -14.83 75.71 99.70
N TYR R 13 -15.69 75.14 100.54
CA TYR R 13 -15.80 75.57 101.93
C TYR R 13 -15.21 74.51 102.85
N ALA R 14 -14.81 74.97 104.03
CA ALA R 14 -14.24 74.04 105.02
C ALA R 14 -15.27 73.01 105.45
N GLU R 15 -16.52 73.42 105.63
CA GLU R 15 -17.57 72.47 105.98
C GLU R 15 -17.75 71.43 104.88
N ASP R 16 -17.61 71.84 103.61
CA ASP R 16 -17.75 70.89 102.51
C ASP R 16 -16.67 69.82 102.57
N VAL R 17 -15.43 70.22 102.88
CA VAL R 17 -14.35 69.23 102.96
C VAL R 17 -14.55 68.34 104.19
N ASN R 18 -14.99 68.92 105.31
CA ASN R 18 -15.22 68.12 106.50
C ASN R 18 -16.32 67.09 106.28
N ILE R 19 -17.38 67.48 105.56
CA ILE R 19 -18.41 66.53 105.18
C ILE R 19 -17.85 65.47 104.24
N ILE R 20 -17.10 65.91 103.22
CA ILE R 20 -16.54 64.99 102.25
C ILE R 20 -15.52 64.07 102.91
N GLY R 21 -14.79 64.60 103.89
CA GLY R 21 -13.82 63.79 104.61
C GLY R 21 -14.42 62.65 105.41
N GLN R 22 -15.71 62.70 105.71
CA GLN R 22 -16.38 61.64 106.47
C GLN R 22 -17.31 60.87 105.55
N PRO R 23 -16.83 59.83 104.88
CA PRO R 23 -17.69 59.10 103.95
C PRO R 23 -18.73 58.27 104.69
N PHE R 24 -19.94 58.26 104.13
CA PHE R 24 -21.02 57.43 104.64
C PHE R 24 -21.54 56.58 103.49
N VAL R 25 -21.53 55.27 103.67
CA VAL R 25 -22.10 54.37 102.67
C VAL R 25 -23.50 53.95 103.11
N ASP R 26 -24.52 54.67 102.64
CA ASP R 26 -25.89 54.36 103.01
C ASP R 26 -26.90 54.70 101.93
N GLY R 27 -26.46 55.06 100.73
CA GLY R 27 -27.36 55.35 99.65
C GLY R 27 -28.11 56.66 99.78
N GLN R 28 -27.89 57.41 100.86
CA GLN R 28 -28.54 58.70 101.02
C GLN R 28 -27.99 59.69 100.00
N ASP R 29 -28.84 60.58 99.51
CA ASP R 29 -28.45 61.55 98.50
C ASP R 29 -27.98 62.82 99.21
N LEU R 30 -26.72 62.79 99.63
CA LEU R 30 -26.09 63.93 100.29
C LEU R 30 -24.67 64.06 99.78
N LEU R 31 -23.98 65.11 100.23
CA LEU R 31 -22.68 65.45 99.66
C LEU R 31 -21.65 64.36 99.91
N GLY R 32 -21.61 63.81 101.12
CA GLY R 32 -20.62 62.82 101.46
C GLY R 32 -21.09 61.38 101.45
N HIS R 33 -22.36 61.14 101.20
CA HIS R 33 -22.95 59.80 101.30
C HIS R 33 -22.87 59.13 99.93
N GLY R 34 -22.10 58.05 99.84
CA GLY R 34 -21.83 57.45 98.54
C GLY R 34 -22.93 56.58 97.97
N LEU R 35 -23.18 55.44 98.59
CA LEU R 35 -24.11 54.45 98.05
C LEU R 35 -24.28 53.35 99.09
N LYS R 36 -25.08 52.35 98.74
CA LYS R 36 -25.35 51.23 99.63
C LYS R 36 -24.45 50.06 99.25
N VAL R 37 -23.91 49.38 100.26
CA VAL R 37 -22.94 48.32 100.05
C VAL R 37 -23.64 47.07 99.53
N ASP R 38 -23.20 46.58 98.37
CA ASP R 38 -23.71 45.35 97.79
C ASP R 38 -22.75 44.20 98.10
N ASP R 39 -23.03 43.03 97.52
CA ASP R 39 -22.19 41.87 97.78
C ASP R 39 -20.79 42.07 97.24
N ASN R 40 -20.66 42.71 96.08
CA ASN R 40 -19.35 42.89 95.47
C ASN R 40 -18.45 43.76 96.34
N SER R 41 -19.00 44.81 96.95
CA SER R 41 -18.21 45.66 97.81
C SER R 41 -17.70 44.93 99.05
N LEU R 42 -18.32 43.82 99.43
CA LEU R 42 -17.84 43.02 100.54
C LEU R 42 -16.56 42.28 100.15
N SER R 43 -15.68 42.11 101.13
CA SER R 43 -14.38 41.49 100.88
C SER R 43 -14.56 40.03 100.47
N ASP R 44 -13.80 39.61 99.46
CA ASP R 44 -13.99 38.30 98.85
C ASP R 44 -12.94 37.27 99.27
N GLU R 45 -11.90 37.66 100.00
CA GLU R 45 -10.95 36.68 100.49
C GLU R 45 -11.60 35.86 101.60
N PRO R 46 -11.11 34.63 101.84
CA PRO R 46 -11.69 33.80 102.90
C PRO R 46 -11.54 34.42 104.28
N GLN R 47 -12.10 33.76 105.29
CA GLN R 47 -12.18 34.28 106.65
C GLN R 47 -12.98 35.57 106.71
N ASN R 48 -13.96 35.71 105.83
CA ASN R 48 -14.85 36.85 105.83
C ASN R 48 -16.28 36.36 105.65
N ILE R 49 -17.23 37.21 106.06
CA ILE R 49 -18.62 36.80 106.12
C ILE R 49 -19.16 36.43 104.74
N LYS R 50 -18.61 37.04 103.69
CA LYS R 50 -19.12 36.79 102.35
C LYS R 50 -18.94 35.33 101.95
N THR R 51 -17.69 34.88 101.86
CA THR R 51 -17.42 33.51 101.46
C THR R 51 -17.95 32.52 102.48
N ARG R 52 -17.81 32.84 103.77
CA ARG R 52 -18.32 31.95 104.80
C ARG R 52 -19.82 31.73 104.66
N PHE R 53 -20.57 32.80 104.39
CA PHE R 53 -22.01 32.68 104.27
C PHE R 53 -22.40 31.96 102.99
N TYR R 54 -21.74 32.27 101.88
CA TYR R 54 -22.17 31.69 100.61
C TYR R 54 -21.66 30.28 100.39
N ALA R 55 -20.61 29.85 101.09
CA ALA R 55 -20.19 28.47 101.00
C ALA R 55 -21.16 27.53 101.67
N TRP R 56 -22.06 28.05 102.49
CA TRP R 56 -23.13 27.27 103.10
C TRP R 56 -24.48 27.52 102.45
N TYR R 57 -24.78 28.78 102.14
CA TYR R 57 -26.03 29.12 101.47
C TYR R 57 -26.10 28.44 100.09
N ASN R 58 -25.05 28.57 99.30
CA ASN R 58 -25.01 27.99 97.96
C ASN R 58 -24.36 26.61 97.97
N ARG R 59 -24.85 25.73 98.83
CA ARG R 59 -24.32 24.37 98.92
C ARG R 59 -25.27 23.43 98.21
N PHE R 60 -24.76 22.73 97.18
CA PHE R 60 -25.55 21.81 96.38
C PHE R 60 -26.76 22.49 95.79
N ARG R 61 -26.58 23.74 95.35
CA ARG R 61 -27.65 24.48 94.70
C ARG R 61 -27.73 24.06 93.24
N VAL R 62 -28.95 23.78 92.77
CA VAL R 62 -29.16 23.29 91.41
C VAL R 62 -29.68 24.45 90.56
N THR R 63 -29.03 24.66 89.42
CA THR R 63 -29.41 25.71 88.49
C THR R 63 -29.44 25.14 87.08
N VAL R 64 -30.28 25.75 86.23
CA VAL R 64 -30.40 25.33 84.84
C VAL R 64 -29.17 25.85 84.10
N GLN R 65 -28.19 24.97 83.87
CA GLN R 65 -27.01 25.36 83.11
C GLN R 65 -27.36 25.61 81.65
N SER R 66 -27.86 24.59 80.96
CA SER R 66 -28.23 24.73 79.56
C SER R 66 -29.07 23.56 79.08
N GLY R 67 -30.20 23.86 78.44
CA GLY R 67 -31.07 22.78 77.99
C GLY R 67 -31.57 21.95 79.16
N LEU R 68 -31.33 20.65 79.10
CA LEU R 68 -31.69 19.75 80.18
C LEU R 68 -30.56 19.57 81.19
N THR R 69 -29.43 20.24 80.99
CA THR R 69 -28.27 20.07 81.86
C THR R 69 -28.35 21.07 83.00
N LEU R 70 -28.35 20.55 84.22
CA LEU R 70 -28.41 21.33 85.44
C LEU R 70 -27.05 21.29 86.12
N SER R 71 -26.64 22.43 86.66
CA SER R 71 -25.40 22.57 87.40
C SER R 71 -25.68 22.46 88.90
N VAL R 72 -24.83 21.70 89.59
CA VAL R 72 -24.89 21.56 91.03
C VAL R 72 -23.58 22.08 91.59
N THR R 73 -23.65 23.06 92.48
CA THR R 73 -22.45 23.63 93.06
C THR R 73 -21.77 22.63 93.98
N GLN R 74 -20.53 22.93 94.34
CA GLN R 74 -19.74 22.02 95.16
C GLN R 74 -20.30 21.93 96.57
N GLY R 75 -19.87 20.90 97.29
CA GLY R 75 -20.30 20.73 98.65
C GLY R 75 -19.63 19.55 99.29
N SER R 76 -20.13 19.18 100.47
CA SER R 76 -19.60 18.01 101.17
C SER R 76 -20.72 17.39 101.98
N ILE R 77 -20.70 16.06 102.06
CA ILE R 77 -21.69 15.31 102.81
C ILE R 77 -20.99 14.46 103.85
N SER R 78 -21.72 14.14 104.91
CA SER R 78 -21.22 13.28 105.98
C SER R 78 -21.96 11.97 105.95
N VAL R 79 -21.23 10.87 105.82
CA VAL R 79 -21.78 9.52 105.81
C VAL R 79 -21.16 8.80 106.99
N SER R 80 -21.93 8.65 108.07
CA SER R 80 -21.46 7.98 109.29
C SER R 80 -20.19 8.64 109.83
N GLY R 81 -20.06 9.95 109.64
CA GLY R 81 -18.90 10.68 110.08
C GLY R 81 -17.79 10.80 109.07
N ASN R 82 -17.89 10.12 107.93
CA ASN R 82 -16.90 10.24 106.88
C ASN R 82 -17.30 11.36 105.92
N ILE R 83 -16.38 12.27 105.65
CA ILE R 83 -16.69 13.45 104.86
C ILE R 83 -16.32 13.17 103.41
N ILE R 84 -17.30 13.31 102.51
CA ILE R 84 -17.11 13.09 101.09
C ILE R 84 -17.42 14.41 100.39
N SER R 85 -16.44 14.94 99.66
CA SER R 85 -16.55 16.24 99.02
C SER R 85 -16.81 16.08 97.54
N PHE R 86 -17.71 16.90 97.01
CA PHE R 86 -18.06 16.89 95.60
C PHE R 86 -17.74 18.23 94.98
N PRO R 87 -17.01 18.27 93.87
CA PRO R 87 -16.80 19.51 93.14
C PRO R 87 -18.07 19.90 92.41
N PRO R 88 -18.12 21.09 91.81
CA PRO R 88 -19.29 21.43 90.99
C PRO R 88 -19.44 20.42 89.86
N GLN R 89 -20.65 19.89 89.72
CA GLN R 89 -20.92 18.85 88.73
C GLN R 89 -22.14 19.24 87.92
N THR R 90 -22.43 18.43 86.91
CA THR R 90 -23.57 18.63 86.05
C THR R 90 -24.33 17.32 85.90
N ILE R 91 -25.64 17.42 85.68
CA ILE R 91 -26.46 16.24 85.46
C ILE R 91 -27.65 16.64 84.60
N ASN R 92 -28.10 15.71 83.77
CA ASN R 92 -29.20 15.99 82.85
C ASN R 92 -30.52 15.60 83.48
N ALA R 93 -31.48 16.51 83.42
CA ALA R 93 -32.82 16.23 83.92
C ALA R 93 -33.52 15.22 83.00
N ILE R 94 -34.50 14.52 83.57
CA ILE R 94 -35.31 13.59 82.80
C ILE R 94 -36.33 14.41 82.01
N ASP R 95 -36.37 14.18 80.70
CA ASP R 95 -37.19 15.00 79.82
C ASP R 95 -38.67 14.72 80.04
N ASN R 96 -39.49 15.76 79.85
CA ASN R 96 -40.95 15.66 79.93
C ASN R 96 -41.39 15.02 81.23
N ALA R 97 -40.78 15.45 82.34
CA ALA R 97 -41.09 14.83 83.62
C ALA R 97 -40.89 15.85 84.73
N ASN R 98 -41.53 15.56 85.87
CA ASN R 98 -41.34 16.28 87.12
C ASN R 98 -40.38 15.45 87.98
N SER R 99 -39.11 15.56 87.66
CA SER R 99 -38.09 14.71 88.27
C SER R 99 -37.51 15.35 89.52
N PHE R 100 -36.77 14.55 90.28
CA PHE R 100 -36.14 14.97 91.52
C PHE R 100 -34.64 14.76 91.42
N VAL R 101 -33.88 15.81 91.72
CA VAL R 101 -32.42 15.75 91.79
C VAL R 101 -32.05 15.62 93.26
N TRP R 102 -31.27 14.60 93.59
CA TRP R 102 -30.91 14.32 94.97
C TRP R 102 -29.52 13.68 95.00
N ILE R 103 -29.03 13.43 96.20
CA ILE R 103 -27.73 12.80 96.41
C ILE R 103 -27.94 11.59 97.31
N GLY R 104 -27.38 10.45 96.91
CA GLY R 104 -27.51 9.25 97.72
C GLY R 104 -27.07 7.98 97.03
N LYS R 105 -27.91 6.95 97.08
CA LYS R 105 -27.58 5.67 96.49
C LYS R 105 -28.88 4.96 96.10
N THR R 106 -28.72 3.84 95.41
CA THR R 106 -29.85 3.04 94.97
C THR R 106 -29.66 1.58 95.41
N ASP R 107 -30.69 0.78 95.16
CA ASP R 107 -30.62 -0.63 95.48
C ASP R 107 -29.58 -1.35 94.65
N ALA R 108 -29.36 -0.90 93.41
CA ALA R 108 -28.41 -1.53 92.50
C ALA R 108 -27.05 -0.85 92.51
N ASP R 109 -26.85 0.15 93.37
CA ASP R 109 -25.58 0.87 93.37
C ASP R 109 -25.28 1.37 94.77
N PRO R 110 -24.18 0.93 95.38
CA PRO R 110 -23.83 1.42 96.72
C PRO R 110 -23.07 2.74 96.71
N ALA R 111 -22.55 3.18 95.58
CA ALA R 111 -21.81 4.44 95.53
C ALA R 111 -22.75 5.61 95.79
N ILE R 112 -22.30 6.54 96.63
CA ILE R 112 -23.08 7.73 96.95
C ILE R 112 -22.73 8.80 95.93
N ALA R 113 -23.73 9.28 95.21
CA ALA R 113 -23.49 10.20 94.11
C ALA R 113 -24.75 11.02 93.85
N LEU R 114 -24.64 11.94 92.90
CA LEU R 114 -25.76 12.76 92.49
C LEU R 114 -26.60 12.02 91.47
N ARG R 115 -27.91 11.95 91.72
CA ARG R 115 -28.80 11.16 90.88
C ARG R 115 -30.06 11.97 90.59
N VAL R 116 -30.68 11.63 89.46
CA VAL R 116 -31.95 12.20 89.05
C VAL R 116 -32.93 11.05 88.90
N SER R 117 -34.06 11.13 89.59
CA SER R 117 -35.07 10.09 89.49
C SER R 117 -36.43 10.73 89.29
N GLN R 118 -37.49 9.92 89.27
CA GLN R 118 -38.84 10.46 89.19
C GLN R 118 -39.57 10.43 90.52
N THR R 119 -39.01 9.76 91.52
CA THR R 119 -39.59 9.71 92.86
C THR R 119 -38.48 9.87 93.88
N LEU R 120 -38.73 10.67 94.91
CA LEU R 120 -37.77 10.85 95.98
C LEU R 120 -37.60 9.56 96.76
N PRO R 121 -36.39 9.02 96.87
CA PRO R 121 -36.19 7.85 97.74
C PRO R 121 -36.35 8.22 99.20
N ASN R 122 -36.64 7.20 100.01
CA ASN R 122 -36.85 7.43 101.44
C ASN R 122 -35.56 7.92 102.11
N VAL R 123 -34.42 7.37 101.72
CA VAL R 123 -33.13 7.76 102.28
C VAL R 123 -32.36 8.49 101.19
N CYS R 124 -32.16 9.79 101.37
CA CYS R 124 -31.51 10.62 100.38
C CYS R 124 -31.27 12.00 100.98
N ILE R 125 -30.60 12.85 100.22
CA ILE R 125 -30.51 14.28 100.49
C ILE R 125 -31.18 15.02 99.35
N PRO R 126 -32.43 15.42 99.51
CA PRO R 126 -33.12 16.11 98.41
C PRO R 126 -32.42 17.42 98.07
N LEU R 127 -32.33 17.69 96.78
CA LEU R 127 -31.75 18.94 96.31
C LEU R 127 -32.75 19.79 95.54
N ALA R 128 -33.43 19.23 94.55
CA ALA R 128 -34.35 20.05 93.78
C ALA R 128 -35.43 19.19 93.14
N ARG R 129 -36.51 19.84 92.76
CA ARG R 129 -37.56 19.26 91.92
C ARG R 129 -37.56 20.02 90.61
N VAL R 130 -37.18 19.33 89.53
CA VAL R 130 -37.02 19.95 88.22
C VAL R 130 -38.17 19.49 87.34
N ILE R 131 -38.94 20.43 86.83
CA ILE R 131 -40.00 20.14 85.88
C ILE R 131 -39.48 20.52 84.50
N ALA R 132 -39.35 19.52 83.62
CA ALA R 132 -38.75 19.71 82.30
C ALA R 132 -39.68 19.18 81.23
N ALA R 133 -39.71 19.87 80.09
CA ALA R 133 -40.59 19.48 78.99
C ALA R 133 -39.93 19.82 77.67
N SER R 134 -39.91 18.85 76.75
CA SER R 134 -39.44 19.05 75.38
C SER R 134 -37.98 19.51 75.34
N GLY R 135 -37.12 18.77 76.04
CA GLY R 135 -35.71 19.09 76.04
C GLY R 135 -35.35 20.40 76.68
N SER R 136 -36.23 20.98 77.48
CA SER R 136 -35.98 22.23 78.18
C SER R 136 -36.46 22.10 79.61
N VAL R 137 -35.81 22.82 80.52
CA VAL R 137 -36.16 22.82 81.93
C VAL R 137 -37.17 23.94 82.16
N THR R 138 -38.43 23.58 82.38
CA THR R 138 -39.47 24.59 82.59
C THR R 138 -39.29 25.29 83.93
N SER R 139 -38.97 24.54 84.98
CA SER R 139 -38.80 25.17 86.28
C SER R 139 -37.94 24.31 87.19
N VAL R 140 -37.37 24.94 88.21
CA VAL R 140 -36.59 24.29 89.24
C VAL R 140 -37.05 24.81 90.59
N THR R 141 -37.38 23.90 91.51
CA THR R 141 -37.77 24.26 92.87
C THR R 141 -36.73 23.73 93.84
N ASP R 142 -36.18 24.62 94.66
CA ASP R 142 -35.13 24.24 95.60
C ASP R 142 -35.72 23.43 96.74
N LEU R 143 -35.14 22.26 97.00
CA LEU R 143 -35.60 21.38 98.06
C LEU R 143 -34.72 21.40 99.30
N ARG R 144 -33.41 21.65 99.14
CA ARG R 144 -32.51 21.73 100.27
C ARG R 144 -32.36 23.16 100.79
N ASP R 145 -33.30 24.02 100.44
CA ASP R 145 -33.24 25.43 100.84
C ASP R 145 -33.03 25.56 102.34
N VAL R 146 -32.18 26.51 102.71
CA VAL R 146 -31.91 26.75 104.12
C VAL R 146 -33.10 27.36 104.82
N SER R 147 -34.04 27.96 104.07
CA SER R 147 -35.20 28.59 104.69
C SER R 147 -36.39 27.65 104.77
N VAL R 148 -36.53 26.70 103.85
CA VAL R 148 -37.62 25.73 103.92
C VAL R 148 -37.21 24.61 104.87
N ASP R 149 -38.16 24.14 105.66
CA ASP R 149 -37.92 23.10 106.65
C ASP R 149 -38.66 21.83 106.26
N ILE R 150 -37.93 20.73 106.14
CA ILE R 150 -38.51 19.44 105.81
C ILE R 150 -39.02 18.80 107.10
N LEU R 151 -40.31 18.55 107.18
CA LEU R 151 -40.85 17.88 108.34
C LEU R 151 -40.55 16.38 108.26
N PRO R 152 -40.14 15.76 109.36
CA PRO R 152 -39.77 14.35 109.33
C PRO R 152 -40.97 13.47 109.04
N PRO R 153 -40.76 12.24 108.58
CA PRO R 153 -41.89 11.35 108.31
C PRO R 153 -42.53 10.85 109.60
N SER R 154 -43.75 10.33 109.45
CA SER R 154 -44.50 9.85 110.59
C SER R 154 -43.81 8.64 111.23
N ILE R 155 -44.10 8.44 112.52
CA ILE R 155 -43.51 7.29 113.23
C ILE R 155 -44.01 6.01 112.61
N PRO R 156 -43.13 5.03 112.35
CA PRO R 156 -43.59 3.77 111.77
C PRO R 156 -44.59 3.06 112.67
N ASP R 157 -45.58 2.44 112.04
CA ASP R 157 -46.53 1.61 112.78
C ASP R 157 -45.82 0.36 113.27
N ALA R 158 -45.70 0.24 114.59
CA ALA R 158 -44.99 -0.89 115.16
C ALA R 158 -45.76 -2.19 114.94
N VAL R 159 -45.09 -3.30 115.22
CA VAL R 159 -45.75 -4.60 115.09
C VAL R 159 -46.93 -4.65 116.05
N PRO R 160 -48.09 -5.17 115.64
CA PRO R 160 -49.23 -5.24 116.57
C PRO R 160 -48.89 -6.09 117.78
N VAL R 161 -49.42 -5.68 118.94
CA VAL R 161 -49.20 -6.44 120.16
C VAL R 161 -49.83 -7.82 120.01
N GLY R 162 -49.16 -8.83 120.58
CA GLY R 162 -49.61 -10.19 120.48
C GLY R 162 -49.28 -10.89 119.18
N SER R 163 -48.85 -10.16 118.15
CA SER R 163 -48.48 -10.77 116.89
C SER R 163 -47.01 -11.19 116.94
N THR R 164 -46.76 -12.46 116.68
CA THR R 164 -45.41 -12.99 116.79
C THR R 164 -44.56 -12.58 115.60
N ILE R 165 -43.24 -12.63 115.83
CA ILE R 165 -42.25 -12.47 114.78
C ILE R 165 -41.26 -13.62 114.90
N ILE R 166 -40.58 -13.89 113.79
CA ILE R 166 -39.58 -14.95 113.73
C ILE R 166 -38.22 -14.30 113.74
N SER R 167 -37.22 -15.05 114.20
CA SER R 167 -35.88 -14.49 114.26
C SER R 167 -34.85 -15.61 114.32
N LEU R 168 -33.73 -15.39 113.63
CA LEU R 168 -32.57 -16.27 113.70
C LEU R 168 -31.58 -15.78 114.76
N ILE R 169 -32.07 -15.54 115.97
CA ILE R 169 -31.25 -15.04 117.07
C ILE R 169 -30.54 -16.19 117.75
N PRO R 170 -29.21 -16.20 117.79
CA PRO R 170 -28.50 -17.22 118.54
C PRO R 170 -28.81 -17.11 120.03
N PRO R 171 -28.71 -18.21 120.77
CA PRO R 171 -29.03 -18.14 122.21
C PRO R 171 -28.16 -17.14 122.97
N THR R 172 -26.94 -16.88 122.47
CA THR R 172 -26.07 -15.90 123.12
C THR R 172 -26.65 -14.50 123.01
N ALA R 173 -27.21 -14.14 121.85
CA ALA R 173 -27.70 -12.80 121.64
C ALA R 173 -28.90 -12.51 122.54
N PRO R 174 -29.09 -11.25 122.95
CA PRO R 174 -30.19 -10.92 123.86
C PRO R 174 -31.53 -10.84 123.17
N ILE R 175 -32.58 -11.09 123.93
CA ILE R 175 -33.95 -10.98 123.42
C ILE R 175 -34.26 -9.51 123.16
N PRO R 176 -34.90 -9.16 122.05
CA PRO R 176 -35.31 -7.77 121.84
C PRO R 176 -36.29 -7.31 122.91
N ALA R 177 -36.17 -6.04 123.28
CA ALA R 177 -37.04 -5.47 124.30
C ALA R 177 -38.49 -5.45 123.84
N GLY R 178 -39.39 -5.71 124.76
CA GLY R 178 -40.81 -5.76 124.43
C GLY R 178 -41.26 -7.05 123.80
N TYR R 179 -40.45 -8.10 123.86
CA TYR R 179 -40.79 -9.37 123.25
C TYR R 179 -40.61 -10.51 124.26
N LEU R 180 -41.56 -11.44 124.24
CA LEU R 180 -41.54 -12.61 125.09
C LEU R 180 -41.17 -13.83 124.25
N GLU R 181 -40.22 -14.62 124.74
CA GLU R 181 -39.70 -15.78 124.01
C GLU R 181 -40.57 -16.99 124.33
N LEU R 182 -41.10 -17.62 123.28
CA LEU R 182 -41.84 -18.86 123.45
C LEU R 182 -40.87 -20.04 123.48
N LEU R 183 -41.19 -21.01 124.32
CA LEU R 183 -40.33 -22.17 124.53
C LEU R 183 -41.08 -23.46 124.13
N ASN R 184 -40.40 -24.58 124.35
CA ASN R 184 -41.02 -25.88 124.05
C ASN R 184 -42.25 -26.11 124.91
N SER R 185 -42.19 -25.74 126.18
CA SER R 185 -43.27 -25.96 127.13
C SER R 185 -44.08 -24.69 127.29
N SER R 186 -45.40 -24.85 127.38
CA SER R 186 -46.27 -23.71 127.65
C SER R 186 -45.89 -23.06 128.97
N GLN R 187 -45.83 -21.73 128.98
CA GLN R 187 -45.39 -20.99 130.16
C GLN R 187 -46.56 -20.24 130.76
N ASN R 188 -46.31 -19.63 131.92
CA ASN R 188 -47.28 -18.79 132.59
C ASN R 188 -46.64 -17.45 132.92
N VAL R 189 -47.39 -16.37 132.72
CA VAL R 189 -46.87 -15.02 132.91
C VAL R 189 -47.91 -14.18 133.65
N SER R 190 -47.42 -13.19 134.39
CA SER R 190 -48.29 -12.38 135.24
C SER R 190 -49.29 -11.60 134.41
N ARG R 191 -50.50 -11.46 134.96
CA ARG R 191 -51.58 -10.79 134.24
C ARG R 191 -51.42 -9.27 134.28
N THR R 192 -50.84 -8.73 135.35
CA THR R 192 -50.68 -7.27 135.44
C THR R 192 -49.76 -6.75 134.36
N THR R 193 -48.57 -7.34 134.25
CA THR R 193 -47.71 -7.04 133.12
C THR R 193 -48.20 -7.81 131.90
N TYR R 194 -47.71 -7.39 130.73
CA TYR R 194 -48.25 -7.88 129.45
C TYR R 194 -49.76 -7.72 129.41
N SER R 195 -50.22 -6.54 129.85
CA SER R 195 -51.66 -6.30 129.96
C SER R 195 -52.34 -6.37 128.59
N ALA R 196 -51.74 -5.75 127.58
CA ALA R 196 -52.29 -5.84 126.23
C ALA R 196 -52.29 -7.27 125.73
N LEU R 197 -51.20 -7.99 125.98
CA LEU R 197 -51.13 -9.39 125.56
C LEU R 197 -52.21 -10.21 126.26
N PHE R 198 -52.46 -9.95 127.53
CA PHE R 198 -53.49 -10.68 128.25
C PHE R 198 -54.88 -10.35 127.70
N VAL R 199 -55.18 -9.07 127.51
CA VAL R 199 -56.51 -8.71 127.04
C VAL R 199 -56.75 -9.22 125.63
N LEU R 200 -55.69 -9.34 124.82
CA LEU R 200 -55.85 -9.94 123.51
C LEU R 200 -55.97 -11.46 123.58
N TRP R 201 -55.35 -12.09 124.58
CA TRP R 201 -55.38 -13.55 124.72
C TRP R 201 -56.30 -13.99 125.84
N GLY R 202 -56.10 -13.49 127.06
CA GLY R 202 -56.83 -14.02 128.19
C GLY R 202 -56.29 -15.38 128.57
N THR R 203 -57.19 -16.26 129.01
CA THR R 203 -56.84 -17.65 129.29
C THR R 203 -57.13 -18.54 128.09
N TYR R 204 -56.62 -18.14 126.92
CA TYR R 204 -56.84 -18.89 125.69
C TYR R 204 -55.78 -19.95 125.45
N TYR R 205 -54.60 -19.82 126.04
CA TYR R 205 -53.55 -20.82 125.93
C TYR R 205 -53.03 -21.21 127.30
N GLY R 206 -53.91 -21.24 128.30
CA GLY R 206 -53.52 -21.55 129.66
C GLY R 206 -54.03 -20.47 130.60
N ASN R 207 -54.27 -20.87 131.85
CA ASN R 207 -54.80 -19.96 132.85
C ASN R 207 -53.82 -19.68 133.98
N GLY R 208 -52.68 -20.35 134.00
CA GLY R 208 -51.71 -20.12 135.06
C GLY R 208 -52.32 -20.42 136.42
N ASP R 209 -52.09 -19.51 137.36
CA ASP R 209 -52.69 -19.63 138.69
C ASP R 209 -54.20 -19.37 138.67
N GLY R 210 -54.73 -18.80 137.60
CA GLY R 210 -56.14 -18.51 137.48
C GLY R 210 -56.54 -17.12 137.93
N SER R 211 -55.71 -16.45 138.73
CA SER R 211 -56.00 -15.09 139.18
C SER R 211 -54.95 -14.08 138.73
N THR R 212 -53.67 -14.35 139.01
CA THR R 212 -52.61 -13.39 138.76
C THR R 212 -51.76 -13.72 137.54
N THR R 213 -51.97 -14.88 136.91
CA THR R 213 -51.18 -15.28 135.75
C THR R 213 -52.10 -15.79 134.66
N PHE R 214 -51.50 -16.03 133.50
CA PHE R 214 -52.18 -16.64 132.37
C PHE R 214 -51.16 -17.38 131.53
N GLY R 215 -51.65 -18.33 130.73
CA GLY R 215 -50.78 -19.26 130.03
C GLY R 215 -50.51 -18.84 128.59
N VAL R 216 -49.25 -18.96 128.19
CA VAL R 216 -48.80 -18.73 126.82
C VAL R 216 -48.39 -20.08 126.23
N PRO R 217 -48.73 -20.35 124.97
CA PRO R 217 -48.51 -21.70 124.44
C PRO R 217 -47.04 -22.00 124.22
N GLY R 218 -46.71 -23.28 124.26
CA GLY R 218 -45.36 -23.76 124.02
C GLY R 218 -45.26 -24.42 122.67
N THR R 219 -44.06 -24.39 122.10
CA THR R 219 -43.78 -24.96 120.78
C THR R 219 -42.62 -25.94 120.93
N GLY R 220 -42.93 -27.21 121.16
CA GLY R 220 -41.88 -28.20 121.33
C GLY R 220 -41.53 -28.92 120.05
N GLY R 221 -40.46 -28.47 119.38
CA GLY R 221 -40.01 -29.10 118.16
C GLY R 221 -41.05 -29.12 117.06
N ARG R 222 -42.09 -28.32 117.17
CA ARG R 222 -43.24 -28.41 116.29
C ARG R 222 -43.05 -27.54 115.06
N PHE R 223 -43.69 -27.94 113.96
CA PHE R 223 -43.53 -27.24 112.70
C PHE R 223 -44.50 -26.06 112.61
N LEU R 224 -44.19 -25.15 111.70
CA LEU R 224 -45.03 -24.00 111.42
C LEU R 224 -46.07 -24.40 110.40
N ARG R 225 -47.36 -24.21 110.71
CA ARG R 225 -48.38 -24.52 109.72
C ARG R 225 -49.46 -23.44 109.74
N LEU R 226 -49.86 -23.00 108.56
CA LEU R 226 -50.86 -21.97 108.42
C LEU R 226 -52.22 -22.48 108.88
N GLY R 227 -53.15 -21.55 109.04
CA GLY R 227 -54.49 -21.87 109.47
C GLY R 227 -55.38 -22.28 108.32
N GLY R 228 -56.63 -22.52 108.65
CA GLY R 228 -57.64 -22.89 107.68
C GLY R 228 -57.86 -24.38 107.63
N SER R 229 -58.70 -24.77 106.66
CA SER R 229 -59.14 -26.15 106.49
C SER R 229 -59.77 -26.70 107.76
N GLY R 230 -60.60 -25.89 108.41
CA GLY R 230 -61.29 -26.29 109.61
C GLY R 230 -60.45 -26.29 110.87
N LEU R 231 -59.21 -25.80 110.80
CA LEU R 231 -58.32 -25.81 111.95
C LEU R 231 -58.34 -24.45 112.63
N SER R 232 -58.67 -24.44 113.91
CA SER R 232 -58.63 -23.21 114.69
C SER R 232 -57.19 -22.82 114.98
N VAL R 233 -57.00 -21.55 115.36
CA VAL R 233 -55.67 -21.07 115.71
C VAL R 233 -55.21 -21.76 116.99
N GLY R 234 -53.89 -21.93 117.11
CA GLY R 234 -53.33 -22.51 118.30
C GLY R 234 -53.63 -23.98 118.50
N ASP R 235 -54.08 -24.67 117.46
CA ASP R 235 -54.33 -26.10 117.55
C ASP R 235 -53.02 -26.87 117.57
N ILE R 236 -53.12 -28.16 117.91
CA ILE R 236 -51.96 -29.03 118.08
C ILE R 236 -52.24 -30.35 117.40
N GLY R 237 -51.18 -31.11 117.16
CA GLY R 237 -51.34 -32.46 116.63
C GLY R 237 -50.13 -32.85 115.80
N GLY R 238 -50.27 -34.01 115.15
CA GLY R 238 -49.23 -34.54 114.31
C GLY R 238 -48.28 -35.46 115.05
N SER R 239 -47.41 -36.12 114.29
CA SER R 239 -46.43 -37.01 114.87
C SER R 239 -45.34 -37.29 113.84
N ASN R 240 -44.09 -37.29 114.31
CA ASN R 240 -42.97 -37.73 113.47
C ASN R 240 -42.94 -39.24 113.30
N GLN R 241 -43.46 -39.99 114.26
CA GLN R 241 -43.51 -41.43 114.20
C GLN R 241 -44.84 -41.86 113.59
N ILE R 242 -44.78 -42.62 112.51
CA ILE R 242 -45.99 -43.16 111.88
C ILE R 242 -45.78 -44.63 111.55
N THR R 243 -46.87 -45.39 111.60
CA THR R 243 -46.88 -46.81 111.33
C THR R 243 -47.72 -47.08 110.09
N ILE R 244 -47.19 -47.89 109.19
CA ILE R 244 -47.94 -48.26 107.99
C ILE R 244 -49.11 -49.13 108.43
N PRO R 245 -50.35 -48.73 108.17
CA PRO R 245 -51.48 -49.60 108.49
C PRO R 245 -51.45 -50.86 107.66
N THR R 246 -51.93 -51.96 108.24
CA THR R 246 -51.94 -53.23 107.52
C THR R 246 -52.83 -53.14 106.28
N ASN R 247 -53.81 -52.25 106.29
CA ASN R 247 -54.64 -52.06 105.10
C ASN R 247 -53.83 -51.50 103.94
N ALA R 248 -52.91 -50.58 104.21
CA ALA R 248 -52.09 -49.96 103.18
C ALA R 248 -50.77 -50.73 103.09
N LEU R 249 -50.57 -51.42 101.97
CA LEU R 249 -49.37 -52.22 101.76
C LEU R 249 -49.26 -52.56 100.29
N PRO R 250 -48.09 -52.36 99.67
CA PRO R 250 -47.96 -52.68 98.25
C PRO R 250 -48.28 -54.14 97.99
N SER R 251 -49.21 -54.37 97.06
CA SER R 251 -49.61 -55.73 96.75
C SER R 251 -48.50 -56.45 96.01
N HIS R 252 -48.15 -57.64 96.48
CA HIS R 252 -46.98 -58.34 95.98
C HIS R 252 -47.15 -59.83 96.20
N GLN R 253 -46.31 -60.60 95.52
CA GLN R 253 -46.29 -62.05 95.68
C GLN R 253 -44.84 -62.50 95.72
N HIS R 254 -44.53 -63.39 96.65
CA HIS R 254 -43.20 -63.94 96.74
C HIS R 254 -43.08 -65.19 95.86
N GLY R 255 -41.89 -65.38 95.30
CA GLY R 255 -41.59 -66.63 94.66
C GLY R 255 -41.34 -67.74 95.66
N ILE R 256 -41.50 -68.96 95.21
CA ILE R 256 -41.29 -70.15 96.04
C ILE R 256 -40.08 -70.89 95.51
N PRO R 257 -39.05 -71.13 96.32
CA PRO R 257 -37.82 -71.73 95.80
C PRO R 257 -38.05 -73.13 95.29
N ALA R 258 -37.25 -73.51 94.29
CA ALA R 258 -37.32 -74.86 93.74
C ALA R 258 -37.04 -75.88 94.82
N ASN R 259 -37.85 -76.93 94.86
CA ASN R 259 -37.74 -77.95 95.89
C ASN R 259 -37.96 -79.32 95.28
N THR R 260 -37.78 -80.35 96.10
CA THR R 260 -37.88 -81.73 95.66
C THR R 260 -38.18 -82.59 96.86
N HIS R 261 -39.20 -83.45 96.75
CA HIS R 261 -39.55 -84.34 97.84
C HIS R 261 -39.86 -85.73 97.30
N THR R 262 -39.68 -86.73 98.16
CA THR R 262 -40.02 -88.11 97.86
C THR R 262 -40.87 -88.67 99.00
N HIS R 263 -41.65 -89.70 98.69
CA HIS R 263 -42.44 -90.40 99.68
C HIS R 263 -41.93 -91.82 99.81
N SER R 264 -41.70 -92.26 101.04
CA SER R 264 -41.37 -93.65 101.27
C SER R 264 -42.58 -94.53 100.99
N VAL R 265 -42.32 -95.82 100.77
CA VAL R 265 -43.35 -96.76 100.34
C VAL R 265 -43.66 -97.70 101.50
N ASN R 266 -44.95 -97.89 101.74
CA ASN R 266 -45.45 -98.84 102.74
C ASN R 266 -45.90 -100.09 101.97
N ASP R 267 -44.94 -100.97 101.66
CA ASP R 267 -45.19 -102.08 100.75
C ASP R 267 -45.62 -103.35 101.45
N GLY R 268 -44.97 -103.72 102.55
CA GLY R 268 -45.25 -105.01 103.15
C GLY R 268 -44.83 -106.11 102.21
N GLY R 269 -45.76 -107.02 101.91
CA GLY R 269 -45.50 -108.10 100.98
C GLY R 269 -46.78 -108.70 100.47
N HIS R 270 -46.72 -109.26 99.26
CA HIS R 270 -47.89 -109.84 98.62
C HIS R 270 -47.54 -111.20 98.05
N GLY R 271 -48.57 -112.03 97.89
CA GLY R 271 -48.42 -113.33 97.29
C GLY R 271 -49.38 -113.51 96.13
N HIS R 272 -49.37 -114.71 95.58
CA HIS R 272 -50.24 -115.06 94.46
C HIS R 272 -50.95 -116.37 94.76
N THR R 273 -51.77 -116.78 93.80
CA THR R 273 -52.42 -118.08 93.80
C THR R 273 -52.08 -118.78 92.49
N ILE R 274 -52.00 -120.10 92.54
CA ILE R 274 -51.59 -120.90 91.40
C ILE R 274 -52.77 -121.75 90.95
N ASN R 275 -53.09 -121.68 89.66
CA ASN R 275 -54.09 -122.54 89.05
C ASN R 275 -53.41 -123.80 88.54
N GLN R 276 -53.89 -124.96 89.00
CA GLN R 276 -53.19 -126.21 88.77
C GLN R 276 -54.10 -127.22 88.10
N THR R 277 -53.52 -128.02 87.21
CA THR R 277 -54.19 -129.13 86.56
C THR R 277 -53.36 -130.40 86.78
N PRO R 278 -54.00 -131.55 86.85
CA PRO R 278 -53.25 -132.80 87.01
C PRO R 278 -52.40 -133.07 85.78
N HIS R 279 -51.26 -133.74 86.00
CA HIS R 279 -50.36 -134.12 84.93
C HIS R 279 -49.94 -135.57 85.11
N SER R 280 -49.61 -136.21 84.00
CA SER R 280 -49.19 -137.61 83.99
C SER R 280 -47.99 -137.77 83.08
N HIS R 281 -47.25 -138.85 83.29
CA HIS R 281 -46.04 -139.14 82.54
C HIS R 281 -46.23 -140.41 81.71
N SER R 282 -45.57 -140.45 80.56
CA SER R 282 -45.47 -141.70 79.84
C SER R 282 -44.36 -142.55 80.44
N ILE R 283 -44.35 -143.83 80.09
CA ILE R 283 -43.34 -144.75 80.58
C ILE R 283 -42.70 -145.46 79.39
N SER R 284 -41.39 -145.66 79.47
CA SER R 284 -40.67 -146.51 78.53
C SER R 284 -40.49 -147.86 79.20
N ASP R 285 -41.02 -148.91 78.58
CA ASP R 285 -41.11 -150.22 79.20
C ASP R 285 -40.48 -151.27 78.28
N PRO R 286 -39.17 -151.36 78.26
CA PRO R 286 -38.53 -152.54 77.65
C PRO R 286 -38.97 -153.79 78.39
N GLY R 287 -39.50 -154.75 77.63
CA GLY R 287 -40.07 -155.92 78.26
C GLY R 287 -39.05 -156.66 79.11
N HIS R 288 -39.53 -157.24 80.21
CA HIS R 288 -38.70 -158.05 81.07
C HIS R 288 -38.97 -159.52 80.81
N ALA R 289 -38.24 -160.38 81.51
CA ALA R 289 -38.40 -161.82 81.37
C ALA R 289 -37.85 -162.48 82.61
N HIS R 290 -38.50 -163.56 83.04
CA HIS R 290 -38.10 -164.28 84.23
C HIS R 290 -37.33 -165.53 83.83
N GLY R 291 -36.85 -166.24 84.83
CA GLY R 291 -36.11 -167.48 84.62
C GLY R 291 -36.76 -168.63 85.35
N VAL R 292 -36.67 -169.82 84.75
CA VAL R 292 -37.18 -171.03 85.37
C VAL R 292 -35.99 -171.94 85.66
N PRO R 293 -35.40 -171.86 86.84
CA PRO R 293 -34.19 -172.62 87.12
C PRO R 293 -34.47 -174.02 87.62
N PHE R 294 -35.67 -174.53 87.40
CA PHE R 294 -36.07 -175.83 87.92
C PHE R 294 -36.15 -176.83 86.78
N GLY R 295 -35.37 -177.90 86.87
CA GLY R 295 -35.36 -178.93 85.85
C GLY R 295 -35.00 -180.27 86.48
N ALA R 296 -35.22 -181.33 85.72
CA ALA R 296 -35.03 -182.66 86.26
C ALA R 296 -33.56 -183.05 86.30
N ALA R 297 -33.07 -183.33 87.50
CA ALA R 297 -31.80 -184.02 87.66
C ALA R 297 -31.99 -185.51 87.93
N VAL R 298 -33.05 -185.86 88.66
CA VAL R 298 -33.50 -187.24 88.79
C VAL R 298 -35.02 -187.24 88.61
N ASP R 299 -35.53 -188.18 87.82
CA ASP R 299 -36.92 -188.15 87.37
C ASP R 299 -37.86 -188.94 88.26
N ASN R 300 -37.55 -189.06 89.56
CA ASN R 300 -38.36 -189.84 90.48
C ASN R 300 -39.05 -188.98 91.53
N GLY R 301 -39.23 -187.68 91.27
CA GLY R 301 -39.79 -186.77 92.24
C GLY R 301 -40.79 -185.81 91.63
N ASN R 302 -41.22 -184.87 92.47
CA ASN R 302 -42.23 -183.88 92.09
C ASN R 302 -41.71 -182.46 92.10
N ASN R 303 -40.52 -182.20 92.66
CA ASN R 303 -40.09 -180.84 92.91
C ASN R 303 -39.91 -180.04 91.61
N ALA R 304 -39.32 -180.65 90.60
CA ALA R 304 -38.88 -179.91 89.42
C ALA R 304 -39.58 -180.43 88.16
N PHE R 305 -39.32 -179.75 87.06
CA PHE R 305 -39.84 -180.14 85.76
C PHE R 305 -38.98 -181.27 85.18
N ASP R 306 -39.14 -181.54 83.89
CA ASP R 306 -38.36 -182.56 83.20
C ASP R 306 -37.70 -181.93 81.98
N THR R 307 -36.52 -182.44 81.62
CA THR R 307 -35.71 -181.85 80.56
C THR R 307 -35.74 -182.75 79.33
N GLY R 308 -36.08 -182.15 78.18
CA GLY R 308 -36.23 -182.92 76.95
C GLY R 308 -35.29 -182.58 75.81
N GLY R 309 -34.90 -181.32 75.68
CA GLY R 309 -33.85 -180.95 74.76
C GLY R 309 -34.27 -180.40 73.40
N SER R 310 -35.55 -180.29 73.12
CA SER R 310 -35.97 -179.68 71.86
C SER R 310 -36.93 -178.52 72.13
N PRO R 311 -36.69 -177.35 71.55
CA PRO R 311 -37.34 -176.13 72.05
C PRO R 311 -38.70 -175.79 71.47
N TYR R 312 -39.40 -176.73 70.83
CA TYR R 312 -40.60 -176.37 70.09
C TYR R 312 -41.62 -175.69 71.01
N ASN R 313 -42.50 -174.91 70.38
CA ASN R 313 -43.48 -174.09 71.09
C ASN R 313 -44.81 -174.83 71.19
N ASN R 314 -45.39 -174.83 72.39
CA ASN R 314 -46.75 -175.29 72.62
C ASN R 314 -47.48 -174.23 73.45
N GLY R 315 -48.71 -174.53 73.85
CA GLY R 315 -49.43 -173.57 74.64
C GLY R 315 -49.15 -173.73 76.11
N ILE R 316 -48.19 -172.96 76.61
CA ILE R 316 -47.79 -172.98 78.02
C ILE R 316 -47.40 -171.55 78.39
N GLY R 317 -47.97 -171.05 79.49
CA GLY R 317 -47.67 -169.70 79.91
C GLY R 317 -47.75 -169.56 81.42
N THR R 318 -47.13 -168.49 81.91
CA THR R 318 -47.14 -168.21 83.34
C THR R 318 -48.51 -167.71 83.76
N THR R 319 -48.75 -167.72 85.07
CA THR R 319 -49.99 -167.19 85.60
C THR R 319 -50.00 -165.67 85.50
N GLN R 320 -51.20 -165.10 85.47
CA GLN R 320 -51.35 -163.66 85.53
C GLN R 320 -50.76 -163.13 86.83
N ASN R 321 -50.03 -162.03 86.74
CA ASN R 321 -49.43 -161.43 87.92
C ASN R 321 -49.22 -159.94 87.68
N GLN R 322 -49.03 -159.22 88.77
CA GLN R 322 -48.77 -157.80 88.73
C GLN R 322 -47.63 -157.48 89.69
N THR R 323 -46.93 -156.40 89.40
CA THR R 323 -45.76 -156.00 90.17
C THR R 323 -46.10 -154.86 91.11
N GLY R 324 -45.53 -154.90 92.32
CA GLY R 324 -45.81 -153.87 93.29
C GLY R 324 -45.04 -152.59 93.04
N ILE R 325 -44.96 -152.20 91.76
CA ILE R 325 -44.17 -151.04 91.38
C ILE R 325 -44.81 -149.78 91.96
N SER R 326 -44.01 -148.99 92.67
CA SER R 326 -44.43 -147.73 93.24
C SER R 326 -43.65 -146.60 92.60
N VAL R 327 -44.23 -145.41 92.60
CA VAL R 327 -43.63 -144.23 92.02
C VAL R 327 -43.18 -143.32 93.16
N ASN R 328 -41.89 -143.01 93.20
CA ASN R 328 -41.35 -142.17 94.26
C ASN R 328 -41.75 -140.71 94.04
N THR R 329 -41.74 -139.95 95.14
CA THR R 329 -42.03 -138.53 95.07
C THR R 329 -40.89 -137.79 94.38
N ALA R 330 -41.25 -136.83 93.54
CA ALA R 330 -40.27 -136.03 92.83
C ALA R 330 -40.79 -134.61 92.70
N ASN R 331 -39.87 -133.68 92.49
CA ASN R 331 -40.20 -132.26 92.39
C ASN R 331 -40.32 -131.84 90.94
N ALA R 332 -41.35 -131.04 90.64
CA ALA R 332 -41.49 -130.42 89.34
C ALA R 332 -40.59 -129.19 89.33
N ASN R 333 -39.48 -129.28 88.61
CA ASN R 333 -38.48 -128.22 88.62
C ASN R 333 -39.01 -127.02 87.85
N LEU R 334 -39.52 -126.04 88.58
CA LEU R 334 -40.12 -124.85 87.98
C LEU R 334 -39.66 -123.63 88.76
N SER R 335 -39.69 -122.49 88.08
CA SER R 335 -39.28 -121.22 88.67
C SER R 335 -40.17 -120.10 88.13
N ILE R 336 -40.21 -118.99 88.85
CA ILE R 336 -41.07 -117.87 88.53
C ILE R 336 -40.26 -116.82 87.79
N ASN R 337 -40.76 -116.41 86.62
CA ASN R 337 -40.11 -115.34 85.86
C ASN R 337 -40.55 -113.99 86.41
N THR R 338 -39.56 -113.11 86.61
CA THR R 338 -39.85 -111.80 87.22
C THR R 338 -40.67 -110.93 86.27
N SER R 339 -41.60 -110.19 86.85
CA SER R 339 -42.37 -109.20 86.11
C SER R 339 -42.49 -107.93 86.94
N SER R 340 -42.40 -106.79 86.28
CA SER R 340 -42.56 -105.51 86.94
C SER R 340 -44.04 -105.21 87.15
N THR R 341 -44.40 -104.84 88.37
CA THR R 341 -45.79 -104.59 88.69
C THR R 341 -46.30 -103.34 87.97
N GLY R 342 -47.57 -103.37 87.58
CA GLY R 342 -48.18 -102.20 86.99
C GLY R 342 -48.73 -101.29 88.06
N ILE R 343 -47.96 -100.26 88.40
CA ILE R 343 -48.27 -99.39 89.53
C ILE R 343 -48.03 -97.94 89.09
N SER R 344 -48.96 -97.06 89.49
CA SER R 344 -48.85 -95.65 89.15
C SER R 344 -49.33 -94.82 90.34
N ILE R 345 -48.89 -93.56 90.37
CA ILE R 345 -49.24 -92.63 91.42
C ILE R 345 -49.97 -91.46 90.79
N GLN R 346 -51.18 -91.17 91.27
CA GLN R 346 -51.99 -90.11 90.70
C GLN R 346 -51.68 -88.79 91.40
N SER R 347 -52.48 -87.77 91.10
CA SER R 347 -52.23 -86.42 91.57
C SER R 347 -52.49 -86.30 93.06
N ALA R 348 -51.85 -85.30 93.66
CA ALA R 348 -52.09 -84.97 95.06
C ALA R 348 -51.69 -83.51 95.28
N SER R 349 -52.33 -82.88 96.26
CA SER R 349 -52.03 -81.52 96.65
C SER R 349 -51.40 -81.52 98.03
N THR R 350 -50.35 -80.73 98.21
CA THR R 350 -49.67 -80.67 99.49
C THR R 350 -50.60 -80.17 100.59
N GLY R 351 -51.67 -79.47 100.25
CA GLY R 351 -52.70 -79.10 101.19
C GLY R 351 -52.54 -77.73 101.79
N LEU R 352 -51.35 -77.15 101.76
CA LEU R 352 -51.16 -75.82 102.31
C LEU R 352 -51.78 -74.76 101.41
N THR R 353 -52.24 -73.68 102.03
CA THR R 353 -52.91 -72.61 101.30
C THR R 353 -52.41 -71.22 101.66
N VAL R 354 -51.80 -71.02 102.83
CA VAL R 354 -51.27 -69.73 103.22
C VAL R 354 -49.86 -69.92 103.76
N THR R 355 -49.10 -68.83 103.73
CA THR R 355 -47.76 -68.82 104.31
C THR R 355 -47.86 -68.42 105.77
N SER R 356 -46.71 -68.16 106.40
CA SER R 356 -46.67 -67.66 107.76
C SER R 356 -46.48 -66.16 107.74
N ASN R 357 -47.10 -65.48 108.70
CA ASN R 357 -46.99 -64.02 108.79
C ASN R 357 -45.53 -63.61 108.91
N ALA R 358 -45.16 -62.57 108.17
CA ALA R 358 -43.79 -62.04 108.16
C ALA R 358 -43.89 -60.52 108.19
N GLY R 359 -43.81 -59.93 109.37
CA GLY R 359 -43.90 -58.50 109.51
C GLY R 359 -44.47 -58.06 110.84
N ASN R 360 -44.00 -56.92 111.34
CA ASN R 360 -44.46 -56.35 112.59
C ASN R 360 -44.75 -54.87 112.39
N GLY R 361 -45.87 -54.41 112.93
CA GLY R 361 -46.24 -53.02 112.77
C GLY R 361 -45.56 -52.14 113.79
N GLN R 362 -44.50 -51.45 113.39
CA GLN R 362 -43.67 -50.68 114.30
C GLN R 362 -43.69 -49.21 113.92
N ALA R 363 -43.59 -48.36 114.94
CA ALA R 363 -43.47 -46.93 114.69
C ALA R 363 -42.22 -46.63 113.90
N PHE R 364 -42.35 -45.71 112.94
CA PHE R 364 -41.27 -45.40 112.01
C PHE R 364 -41.09 -43.88 111.99
N GLN R 365 -39.85 -43.44 112.23
CA GLN R 365 -39.55 -42.02 112.36
C GLN R 365 -39.32 -41.40 110.99
N HIS R 366 -39.96 -40.25 110.76
CA HIS R 366 -39.82 -39.52 109.51
C HIS R 366 -39.88 -38.03 109.79
N ASP R 367 -38.96 -37.29 109.17
CA ASP R 367 -38.90 -35.83 109.35
C ASP R 367 -38.67 -35.16 108.00
N GLN R 368 -39.54 -34.22 107.66
CA GLN R 368 -39.37 -33.43 106.46
C GLN R 368 -38.18 -32.49 106.64
N PRO R 369 -37.58 -32.04 105.53
CA PRO R 369 -36.51 -31.05 105.64
C PRO R 369 -36.99 -29.80 106.36
N TYR R 370 -36.16 -29.26 107.22
CA TYR R 370 -36.59 -28.16 108.07
C TYR R 370 -35.42 -27.26 108.42
N LEU R 371 -35.75 -26.04 108.82
CA LEU R 371 -34.82 -25.09 109.41
C LEU R 371 -35.47 -24.54 110.67
N VAL R 372 -34.66 -24.36 111.72
CA VAL R 372 -35.17 -24.04 113.05
C VAL R 372 -34.89 -22.57 113.36
N PHE R 373 -35.95 -21.84 113.72
CA PHE R 373 -35.86 -20.44 114.11
C PHE R 373 -36.30 -20.29 115.57
N ARG R 374 -36.36 -19.04 116.03
CA ARG R 374 -36.92 -18.69 117.33
C ARG R 374 -38.07 -17.72 117.13
N VAL R 375 -39.12 -17.88 117.93
CA VAL R 375 -40.32 -17.05 117.82
C VAL R 375 -40.42 -16.14 119.04
N PHE R 376 -40.79 -14.88 118.81
CA PHE R 376 -40.99 -13.94 119.90
C PHE R 376 -42.34 -13.24 119.71
N VAL R 377 -43.13 -13.19 120.76
CA VAL R 377 -44.42 -12.51 120.72
C VAL R 377 -44.27 -11.11 121.29
N LYS R 378 -44.83 -10.12 120.62
CA LYS R 378 -44.71 -8.75 121.08
C LYS R 378 -45.57 -8.54 122.32
N VAL R 379 -44.92 -8.32 123.45
CA VAL R 379 -45.62 -8.16 124.72
C VAL R 379 -46.47 -6.89 124.71
N MET S 1 69.76 108.98 -5.58
CA MET S 1 69.05 109.37 -6.80
C MET S 1 69.76 108.86 -8.03
N THR S 2 68.98 108.54 -9.07
CA THR S 2 69.49 108.02 -10.32
C THR S 2 68.70 108.61 -11.47
N ASN S 3 69.34 108.72 -12.63
CA ASN S 3 68.73 109.26 -13.84
C ASN S 3 68.59 108.11 -14.85
N ILE S 4 67.35 107.73 -15.13
CA ILE S 4 67.09 106.64 -16.05
C ILE S 4 66.95 107.20 -17.46
N VAL S 5 67.68 106.59 -18.41
CA VAL S 5 67.63 106.97 -19.81
C VAL S 5 67.34 105.72 -20.63
N GLY S 6 66.82 105.93 -21.83
CA GLY S 6 66.48 104.83 -22.70
C GLY S 6 65.49 105.20 -23.78
N ARG S 7 65.43 104.41 -24.84
CA ARG S 7 64.47 104.57 -25.91
C ARG S 7 63.50 103.39 -25.89
N ILE S 8 62.21 103.67 -26.04
CA ILE S 8 61.19 102.64 -26.11
C ILE S 8 60.77 102.50 -27.57
N GLY S 9 60.94 101.30 -28.12
CA GLY S 9 60.63 101.08 -29.51
C GLY S 9 59.14 100.97 -29.78
N PHE S 10 58.76 101.28 -31.01
CA PHE S 10 57.38 101.20 -31.48
C PHE S 10 56.42 101.97 -30.60
N LEU S 11 56.89 103.06 -29.98
CA LEU S 11 56.03 103.92 -29.15
C LEU S 11 56.62 105.33 -29.20
N THR S 12 56.03 106.17 -30.04
CA THR S 12 56.49 107.55 -30.14
C THR S 12 56.09 108.36 -28.91
N THR S 13 54.84 108.20 -28.47
CA THR S 13 54.30 108.96 -27.33
C THR S 13 53.72 107.98 -26.32
N GLY S 14 54.11 108.14 -25.06
CA GLY S 14 53.62 107.25 -24.03
C GLY S 14 53.92 107.79 -22.65
N LYS S 15 53.68 106.97 -21.64
CA LYS S 15 53.97 107.30 -20.25
C LYS S 15 54.66 106.14 -19.57
N LEU S 16 55.47 106.46 -18.57
CA LEU S 16 56.16 105.47 -17.75
C LEU S 16 55.82 105.73 -16.29
N GLY S 17 55.24 104.74 -15.63
CA GLY S 17 54.87 104.83 -14.23
C GLY S 17 55.84 104.02 -13.37
N ILE S 18 56.42 104.69 -12.39
CA ILE S 18 57.30 104.08 -11.41
C ILE S 18 56.58 104.10 -10.07
N LYS S 19 56.37 102.91 -9.49
CA LYS S 19 55.58 102.75 -8.27
C LYS S 19 56.40 101.95 -7.27
N LEU S 20 56.66 102.52 -6.10
CA LEU S 20 57.44 101.83 -5.10
C LEU S 20 56.67 100.64 -4.55
N ARG S 21 57.41 99.61 -4.13
CA ARG S 21 56.81 98.43 -3.52
C ARG S 21 56.91 98.44 -2.01
N GLY S 22 57.92 99.10 -1.44
CA GLY S 22 58.04 99.26 -0.01
C GLY S 22 58.34 100.70 0.35
N VAL S 23 58.38 100.99 1.64
CA VAL S 23 58.63 102.35 2.12
C VAL S 23 60.08 102.75 1.99
N LEU S 24 60.38 103.64 1.06
CA LEU S 24 61.75 104.11 0.88
C LEU S 24 61.91 105.43 1.61
N ILE S 25 63.09 105.71 2.15
CA ILE S 25 63.28 106.93 2.92
C ILE S 25 64.40 107.85 2.44
N ASP S 26 64.16 109.16 2.49
CA ASP S 26 65.21 110.10 2.14
C ASP S 26 65.61 110.82 3.41
N GLU S 27 66.77 110.47 3.95
CA GLU S 27 67.21 111.06 5.19
C GLU S 27 68.03 112.33 4.97
N SER S 28 68.22 112.70 3.71
CA SER S 28 68.97 113.91 3.39
C SER S 28 68.20 115.14 3.87
N THR S 29 66.89 115.11 3.71
CA THR S 29 66.07 116.22 4.20
C THR S 29 66.03 116.14 5.71
N THR S 30 66.02 117.29 6.38
CA THR S 30 65.92 117.28 7.84
C THR S 30 64.71 116.45 8.29
N PRO S 31 63.48 116.78 7.84
CA PRO S 31 62.41 115.84 8.21
C PRO S 31 62.50 114.72 7.19
N ASN S 32 62.89 113.53 7.62
CA ASN S 32 63.10 112.45 6.66
C ASN S 32 61.91 112.13 5.76
N THR S 33 62.11 112.29 4.45
CA THR S 33 61.01 112.04 3.50
C THR S 33 60.67 110.58 3.36
N THR S 34 59.58 110.17 4.01
CA THR S 34 59.16 108.79 3.93
C THR S 34 58.35 108.55 2.67
N TYR S 35 59.03 108.23 1.56
CA TYR S 35 58.32 107.93 0.33
C TYR S 35 57.51 106.67 0.54
N LEU S 36 56.20 106.75 0.31
CA LEU S 36 55.33 105.62 0.60
C LEU S 36 54.93 104.90 -0.69
N PRO S 37 54.76 103.59 -0.64
CA PRO S 37 54.49 102.82 -1.87
C PRO S 37 53.04 102.97 -2.32
N GLY S 38 52.78 102.45 -3.52
CA GLY S 38 51.44 102.41 -4.07
C GLY S 38 51.07 103.63 -4.89
N ILE S 39 51.86 104.69 -4.85
CA ILE S 39 51.59 105.90 -5.61
C ILE S 39 52.55 105.93 -6.80
N GLU S 40 52.00 106.10 -7.99
CA GLU S 40 52.75 105.95 -9.22
C GLU S 40 53.19 107.31 -9.75
N SER S 41 54.50 107.46 -9.95
CA SER S 41 55.07 108.67 -10.54
C SER S 41 55.16 108.49 -12.05
N PHE S 42 54.59 109.44 -12.79
CA PHE S 42 54.47 109.33 -14.24
C PHE S 42 55.47 110.24 -14.93
N PHE S 43 56.17 109.70 -15.92
CA PHE S 43 57.14 110.47 -16.68
C PHE S 43 56.73 110.23 -18.12
N ASN S 44 57.03 111.16 -19.01
CA ASN S 44 56.56 111.01 -20.38
C ASN S 44 57.52 110.22 -21.26
N ILE S 45 57.06 109.78 -22.42
CA ILE S 45 57.93 109.10 -23.36
C ILE S 45 57.68 109.85 -24.65
N THR S 46 58.61 110.68 -25.07
CA THR S 46 58.38 111.47 -26.28
C THR S 46 59.27 111.03 -27.43
N ALA S 47 58.67 110.68 -28.56
CA ALA S 47 59.38 110.24 -29.77
C ALA S 47 60.26 109.04 -29.47
N ASN S 48 59.73 108.08 -28.73
CA ASN S 48 60.44 106.88 -28.33
C ASN S 48 61.62 107.16 -27.41
N VAL S 49 61.56 108.27 -26.67
CA VAL S 49 62.64 108.66 -25.77
C VAL S 49 62.03 108.92 -24.39
N LEU S 50 62.66 108.37 -23.35
CA LEU S 50 62.27 108.68 -21.98
C LEU S 50 62.66 110.12 -21.71
N THR S 51 61.64 110.99 -21.56
CA THR S 51 61.88 112.42 -21.57
C THR S 51 62.88 112.83 -20.50
N SER S 52 62.52 112.66 -19.23
CA SER S 52 63.39 113.07 -18.12
C SER S 52 63.00 112.25 -16.91
N VAL S 53 63.80 111.23 -16.60
CA VAL S 53 63.51 110.32 -15.50
C VAL S 53 64.56 110.48 -14.41
N SER S 54 64.19 111.14 -13.33
CA SER S 54 65.04 111.25 -12.14
C SER S 54 64.26 110.66 -10.97
N TYR S 55 64.77 109.59 -10.40
CA TYR S 55 64.06 108.88 -9.35
C TYR S 55 65.02 108.55 -8.21
N PRO S 56 64.54 108.58 -6.96
CA PRO S 56 65.42 108.19 -5.85
C PRO S 56 65.89 106.75 -6.01
N GLU S 57 67.15 106.52 -5.65
CA GLU S 57 67.70 105.18 -5.70
C GLU S 57 67.09 104.32 -4.61
N THR S 58 67.14 103.00 -4.82
CA THR S 58 66.63 102.05 -3.85
C THR S 58 67.61 100.91 -3.57
N GLU S 59 68.78 100.91 -4.20
CA GLU S 59 69.74 99.84 -3.96
C GLU S 59 70.23 99.85 -2.51
N THR S 60 70.45 101.05 -1.96
CA THR S 60 70.95 101.14 -0.59
C THR S 60 70.02 100.42 0.39
N GLN S 61 68.73 100.71 0.30
CA GLN S 61 67.74 100.09 1.18
C GLN S 61 67.13 98.83 0.57
N ASN S 62 67.53 98.45 -0.64
CA ASN S 62 67.04 97.23 -1.27
C ASN S 62 65.52 97.23 -1.37
N VAL S 63 64.96 98.33 -1.84
CA VAL S 63 63.52 98.46 -2.03
C VAL S 63 63.21 98.35 -3.51
N THR S 64 62.21 97.53 -3.83
CA THR S 64 61.87 97.26 -5.22
C THR S 64 60.88 98.29 -5.74
N ALA S 65 60.96 98.56 -7.04
CA ALA S 65 60.08 99.50 -7.71
C ALA S 65 59.56 98.87 -8.99
N THR S 66 58.27 99.07 -9.26
CA THR S 66 57.62 98.56 -10.46
C THR S 66 57.65 99.64 -11.53
N PHE S 67 58.19 99.30 -12.69
CA PHE S 67 58.17 100.15 -13.88
C PHE S 67 57.13 99.61 -14.85
N SER S 68 56.27 100.49 -15.33
CA SER S 68 55.21 100.12 -16.26
C SER S 68 55.14 101.12 -17.39
N ILE S 69 54.91 100.63 -18.61
CA ILE S 69 54.77 101.47 -19.79
C ILE S 69 53.31 101.50 -20.20
N TYR S 70 52.80 102.70 -20.50
CA TYR S 70 51.40 102.90 -20.81
C TYR S 70 51.26 103.71 -22.09
N SER S 71 50.29 103.34 -22.91
CA SER S 71 49.88 104.19 -24.02
C SER S 71 49.10 105.38 -23.49
N VAL S 72 49.15 106.49 -24.23
CA VAL S 72 48.54 107.75 -23.82
C VAL S 72 47.25 107.93 -24.60
N ASP S 73 46.18 108.26 -23.88
CA ASP S 73 44.89 108.55 -24.51
C ASP S 73 44.96 109.92 -25.17
N GLY S 74 43.81 110.41 -25.67
CA GLY S 74 43.78 111.71 -26.29
C GLY S 74 44.16 112.85 -25.37
N SER S 75 44.04 112.65 -24.06
CA SER S 75 44.36 113.67 -23.06
C SER S 75 45.70 113.42 -22.38
N SER S 76 46.57 112.63 -22.99
CA SER S 76 47.90 112.32 -22.47
C SER S 76 47.84 111.50 -21.19
N ASN S 77 46.66 111.05 -20.77
CA ASN S 77 46.57 110.25 -19.57
C ASN S 77 47.02 108.82 -19.84
N PRO S 78 47.73 108.19 -18.87
CA PRO S 78 48.05 106.79 -19.10
C PRO S 78 46.73 106.03 -19.28
N VAL S 79 46.49 105.32 -20.38
CA VAL S 79 45.20 104.59 -20.46
C VAL S 79 45.31 103.29 -19.71
N PHE S 80 46.35 103.17 -18.88
CA PHE S 80 46.58 101.96 -18.10
C PHE S 80 46.45 100.59 -18.77
N PRO S 81 47.24 100.32 -19.83
CA PRO S 81 47.16 98.96 -20.35
C PRO S 81 48.39 98.15 -19.98
N ALA S 82 49.31 98.72 -19.18
CA ALA S 82 50.56 98.05 -18.80
C ALA S 82 51.18 97.27 -19.94
N LEU S 83 51.50 97.95 -21.05
CA LEU S 83 52.11 97.29 -22.20
C LEU S 83 53.28 96.45 -21.74
N LEU S 84 54.06 96.99 -20.81
CA LEU S 84 55.20 96.25 -20.28
C LEU S 84 55.40 96.69 -18.83
N SER S 85 55.23 95.77 -17.89
CA SER S 85 55.40 96.05 -16.47
C SER S 85 56.34 95.03 -15.86
N PHE S 86 57.15 95.49 -14.91
CA PHE S 86 58.11 94.61 -14.26
C PHE S 86 58.62 95.29 -13.00
N ASP S 87 59.47 94.57 -12.27
CA ASP S 87 60.03 95.05 -11.00
C ASP S 87 61.55 95.08 -11.10
N ALA S 88 62.15 96.11 -10.52
CA ALA S 88 63.60 96.26 -10.54
C ALA S 88 64.01 97.20 -9.42
N ILE S 89 65.32 97.31 -9.23
CA ILE S 89 65.93 98.19 -8.24
C ILE S 89 66.68 99.29 -8.96
N VAL S 90 66.50 100.53 -8.50
CA VAL S 90 67.21 101.66 -9.07
C VAL S 90 68.59 101.72 -8.42
N PRO S 91 69.68 101.51 -9.16
CA PRO S 91 71.00 101.52 -8.54
C PRO S 91 71.40 102.92 -8.09
N ASN S 92 72.28 102.96 -7.07
CA ASN S 92 72.78 104.22 -6.53
C ASN S 92 73.89 104.74 -7.43
N VAL S 93 73.50 105.10 -8.66
CA VAL S 93 74.40 105.62 -9.67
C VAL S 93 73.77 106.83 -10.32
N ALA S 94 74.62 107.66 -10.95
CA ALA S 94 74.13 108.89 -11.55
C ALA S 94 73.16 108.61 -12.68
N SER S 95 73.48 107.63 -13.54
CA SER S 95 72.64 107.34 -14.68
C SER S 95 72.59 105.84 -14.92
N VAL S 96 71.46 105.37 -15.46
CA VAL S 96 71.24 103.96 -15.75
C VAL S 96 70.33 103.83 -16.96
N GLU S 97 70.57 102.77 -17.74
CA GLU S 97 69.80 102.52 -18.95
C GLU S 97 68.60 101.64 -18.64
N PHE S 98 67.45 102.01 -19.20
CA PHE S 98 66.24 101.21 -19.01
C PHE S 98 66.46 99.77 -19.46
N ASP S 99 67.32 99.56 -20.44
CA ASP S 99 67.62 98.21 -20.92
C ASP S 99 68.05 97.31 -19.77
N VAL S 100 69.03 97.76 -18.99
CA VAL S 100 69.56 96.92 -17.92
C VAL S 100 68.48 96.57 -16.92
N LEU S 101 67.47 97.44 -16.77
CA LEU S 101 66.36 97.19 -15.85
C LEU S 101 65.20 96.59 -16.63
N ALA S 102 65.40 95.36 -17.10
CA ALA S 102 64.37 94.61 -17.81
C ALA S 102 64.29 93.22 -17.24
N PRO S 103 63.10 92.60 -17.28
CA PRO S 103 62.92 91.32 -16.58
C PRO S 103 63.80 90.23 -17.17
N THR S 104 64.16 89.27 -16.32
CA THR S 104 64.97 88.13 -16.71
C THR S 104 64.34 86.85 -16.18
N GLY S 105 64.59 85.74 -16.86
CA GLY S 105 64.07 84.45 -16.45
C GLY S 105 64.90 83.73 -15.41
N VAL S 106 65.96 84.35 -14.91
CA VAL S 106 66.83 83.70 -13.95
C VAL S 106 66.24 83.81 -12.54
N VAL S 107 65.45 82.80 -12.16
CA VAL S 107 64.93 82.73 -10.80
C VAL S 107 66.00 82.12 -9.91
N ASN S 108 65.81 82.19 -8.59
CA ASN S 108 66.81 81.67 -7.67
C ASN S 108 67.08 80.19 -7.93
N ASN S 109 66.02 79.41 -8.14
CA ASN S 109 66.19 77.99 -8.42
C ASN S 109 67.15 77.76 -9.59
N GLN S 110 67.09 78.62 -10.61
CA GLN S 110 67.93 78.48 -11.78
C GLN S 110 69.15 79.39 -11.73
N LEU S 111 69.54 79.84 -10.54
CA LEU S 111 70.63 80.81 -10.44
C LEU S 111 71.95 80.19 -10.87
N ASP S 112 72.42 79.17 -10.14
CA ASP S 112 73.74 78.61 -10.42
C ASP S 112 73.88 78.21 -11.88
N THR S 113 72.92 77.44 -12.40
CA THR S 113 72.99 77.03 -13.80
C THR S 113 73.22 78.24 -14.69
N SER S 114 72.41 79.29 -14.51
CA SER S 114 72.59 80.49 -15.32
C SER S 114 74.04 80.97 -15.25
N ALA S 115 74.57 81.12 -14.04
CA ALA S 115 75.95 81.56 -13.91
C ALA S 115 76.88 80.67 -14.73
N LEU S 116 76.70 79.36 -14.62
CA LEU S 116 77.55 78.45 -15.38
C LEU S 116 77.50 78.78 -16.87
N ARG S 117 76.28 78.92 -17.42
CA ARG S 117 76.16 79.27 -18.83
C ARG S 117 76.91 80.55 -19.14
N ILE S 118 76.81 81.55 -18.26
CA ILE S 118 77.49 82.81 -18.50
C ILE S 118 78.97 82.59 -18.72
N ALA S 119 79.59 81.72 -17.91
CA ALA S 119 81.00 81.43 -18.09
C ALA S 119 81.27 81.05 -19.54
N LYS S 120 80.51 80.08 -20.07
CA LYS S 120 80.67 79.68 -21.46
C LYS S 120 80.64 80.89 -22.37
N ILE S 121 79.62 81.74 -22.21
CA ILE S 121 79.50 82.92 -23.05
C ILE S 121 80.76 83.76 -22.95
N ILE S 122 81.21 84.03 -21.73
CA ILE S 122 82.36 84.91 -21.55
C ILE S 122 83.62 84.26 -22.12
N ALA S 123 83.63 82.94 -22.20
CA ALA S 123 84.79 82.25 -22.77
C ALA S 123 84.76 82.35 -24.30
N ASN S 124 83.57 82.49 -24.88
CA ASN S 124 83.44 82.46 -26.34
C ASN S 124 83.61 83.82 -26.98
N ASP S 125 83.25 84.90 -26.27
CA ASP S 125 83.38 86.24 -26.83
C ASP S 125 84.76 86.79 -26.48
N PRO S 126 85.66 86.97 -27.45
CA PRO S 126 86.99 87.46 -27.11
C PRO S 126 86.98 88.81 -26.40
N ALA S 127 86.08 89.71 -26.78
CA ALA S 127 86.06 91.03 -26.17
C ALA S 127 85.77 90.94 -24.68
N LEU S 128 84.73 90.20 -24.30
CA LEU S 128 84.40 90.05 -22.88
C LEU S 128 85.51 89.33 -22.14
N ALA S 129 86.08 88.28 -22.75
CA ALA S 129 87.14 87.53 -22.10
C ALA S 129 88.33 88.42 -21.79
N GLN S 130 88.71 89.27 -22.74
CA GLN S 130 89.76 90.25 -22.48
C GLN S 130 89.33 91.25 -21.42
N LYS S 131 88.06 91.66 -21.44
CA LYS S 131 87.56 92.61 -20.47
C LYS S 131 87.59 92.07 -19.05
N VAL S 132 87.57 90.76 -18.88
CA VAL S 132 87.52 90.16 -17.54
C VAL S 132 88.70 89.22 -17.34
N ALA S 133 89.81 89.48 -18.02
CA ALA S 133 90.99 88.63 -17.88
C ALA S 133 91.65 88.87 -16.53
N GLY S 134 91.95 87.79 -15.82
CA GLY S 134 92.69 87.89 -14.57
C GLY S 134 94.18 87.89 -14.84
N ALA S 135 94.85 88.96 -14.44
CA ALA S 135 96.26 89.13 -14.78
C ALA S 135 96.83 90.29 -13.98
N PRO S 136 98.13 90.58 -14.10
CA PRO S 136 98.67 91.81 -13.51
C PRO S 136 98.33 93.05 -14.32
N TYR S 137 98.19 92.91 -15.65
CA TYR S 137 97.94 94.03 -16.54
C TYR S 137 98.82 95.22 -16.13
N PRO S 138 100.12 95.18 -16.44
CA PRO S 138 101.07 96.13 -15.84
C PRO S 138 100.66 97.58 -15.98
N ARG S 139 101.33 98.44 -15.18
CA ARG S 139 101.15 99.88 -15.25
C ARG S 139 102.46 100.64 -15.42
N GLY S 140 103.60 99.96 -15.38
CA GLY S 140 104.88 100.63 -15.53
C GLY S 140 105.62 100.80 -14.23
N ALA S 141 105.66 102.05 -13.74
CA ALA S 141 106.33 102.37 -12.49
C ALA S 141 105.37 103.01 -11.51
N TYR S 142 105.59 102.74 -10.22
CA TYR S 142 104.74 103.31 -9.20
C TYR S 142 104.86 104.83 -9.19
N SER S 143 103.73 105.49 -8.91
CA SER S 143 103.71 106.94 -8.76
C SER S 143 102.56 107.29 -7.81
N ALA S 144 102.86 108.13 -6.82
CA ALA S 144 101.87 108.40 -5.79
C ALA S 144 100.61 109.05 -6.37
N THR S 145 100.79 110.01 -7.28
CA THR S 145 99.64 110.71 -7.84
C THR S 145 98.69 109.79 -8.59
N GLU S 146 99.17 108.64 -9.06
CA GLU S 146 98.36 107.75 -9.88
C GLU S 146 97.55 106.78 -9.02
N THR S 147 96.27 106.66 -9.33
CA THR S 147 95.41 105.68 -8.68
C THR S 147 95.69 104.29 -9.23
N TYR S 148 95.54 103.29 -8.38
CA TYR S 148 95.82 101.91 -8.77
C TYR S 148 94.68 101.01 -8.29
N LEU S 149 94.42 99.96 -9.07
CA LEU S 149 93.31 99.04 -8.85
C LEU S 149 93.85 97.64 -8.56
N TYR S 150 92.92 96.70 -8.37
CA TYR S 150 93.30 95.33 -8.03
C TYR S 150 94.05 94.68 -9.18
N GLY S 151 95.14 93.97 -8.83
CA GLY S 151 95.89 93.22 -9.79
C GLY S 151 96.89 94.02 -10.60
N GLU S 152 96.87 95.35 -10.52
CA GLU S 152 97.79 96.17 -11.28
C GLU S 152 99.20 96.02 -10.72
N MET S 153 100.17 95.82 -11.61
CA MET S 153 101.56 95.62 -11.23
C MET S 153 102.36 96.87 -11.59
N VAL S 154 103.21 97.30 -10.65
CA VAL S 154 104.04 98.48 -10.81
C VAL S 154 105.47 98.13 -10.43
N SER S 155 106.40 98.96 -10.87
CA SER S 155 107.81 98.82 -10.54
C SER S 155 108.21 99.92 -9.56
N TYR S 156 109.07 99.57 -8.61
CA TYR S 156 109.46 100.47 -7.54
C TYR S 156 110.80 99.99 -6.99
N PHE S 157 111.84 100.81 -7.16
CA PHE S 157 113.17 100.50 -6.66
C PHE S 157 113.59 99.09 -7.04
N GLY S 158 113.37 98.74 -8.30
CA GLY S 158 113.81 97.48 -8.84
C GLY S 158 113.00 96.27 -8.45
N LYS S 159 111.87 96.46 -7.77
CA LYS S 159 110.98 95.36 -7.43
C LYS S 159 109.61 95.58 -8.04
N ASN S 160 108.87 94.50 -8.22
CA ASN S 160 107.55 94.55 -8.82
C ASN S 160 106.51 94.27 -7.74
N TYR S 161 105.56 95.19 -7.59
CA TYR S 161 104.49 95.08 -6.60
C TYR S 161 103.15 95.04 -7.31
N ILE S 162 102.36 94.03 -7.02
CA ILE S 162 101.02 93.87 -7.58
C ILE S 162 100.01 94.34 -6.55
N SER S 163 99.22 95.34 -6.90
CA SER S 163 98.17 95.81 -5.99
C SER S 163 97.15 94.71 -5.77
N LYS S 164 96.77 94.51 -4.51
CA LYS S 164 95.79 93.49 -4.14
C LYS S 164 94.59 94.07 -3.40
N SER S 165 94.55 95.39 -3.21
CA SER S 165 93.37 96.01 -2.60
C SER S 165 92.18 95.90 -3.55
N LEU S 166 91.02 95.56 -3.00
CA LEU S 166 89.81 95.47 -3.82
C LEU S 166 89.30 96.83 -4.25
N SER S 167 89.76 97.90 -3.61
CA SER S 167 89.34 99.26 -3.91
C SER S 167 90.53 100.08 -4.39
N PRO S 168 90.28 101.18 -5.11
CA PRO S 168 91.39 102.00 -5.59
C PRO S 168 92.23 102.53 -4.44
N ILE S 169 93.54 102.54 -4.64
CA ILE S 169 94.49 103.05 -3.65
C ILE S 169 95.37 104.09 -4.33
N ILE S 170 95.52 105.23 -3.69
CA ILE S 170 96.33 106.33 -4.21
C ILE S 170 97.24 106.83 -3.11
N ASN S 171 98.50 107.08 -3.46
CA ASN S 171 99.50 107.52 -2.50
C ASN S 171 99.66 106.52 -1.37
N ILE S 172 99.53 105.24 -1.72
CA ILE S 172 99.86 104.14 -0.82
C ILE S 172 101.06 103.43 -1.43
N LEU S 173 102.19 103.48 -0.72
CA LEU S 173 103.44 103.02 -1.31
C LEU S 173 103.39 101.51 -1.59
N PRO S 174 104.14 101.05 -2.59
CA PRO S 174 104.15 99.60 -2.87
C PRO S 174 104.66 98.77 -1.71
N THR S 175 105.39 99.36 -0.77
CA THR S 175 105.97 98.61 0.34
C THR S 175 104.92 98.06 1.30
N VAL S 176 103.71 98.62 1.32
CA VAL S 176 102.71 98.20 2.30
C VAL S 176 102.18 96.82 1.90
N THR S 177 102.36 95.85 2.79
CA THR S 177 101.95 94.48 2.51
C THR S 177 100.44 94.32 2.44
N ASP S 178 99.67 95.23 3.04
CA ASP S 178 98.22 95.09 3.04
C ASP S 178 97.62 95.33 1.67
N SER S 179 98.13 96.33 0.94
CA SER S 179 97.58 96.70 -0.35
C SER S 179 98.44 96.24 -1.53
N TRP S 180 99.56 95.58 -1.28
CA TRP S 180 100.44 95.14 -2.35
C TRP S 180 100.96 93.74 -2.06
N TYR S 181 101.36 93.04 -3.11
CA TYR S 181 101.82 91.65 -3.00
C TYR S 181 103.32 91.45 -2.96
N GLU S 182 104.08 92.27 -3.70
CA GLU S 182 105.54 92.17 -3.78
C GLU S 182 106.10 90.84 -4.25
N LEU S 183 105.81 90.46 -5.48
CA LEU S 183 106.21 89.15 -6.01
C LEU S 183 107.73 89.08 -5.96
N VAL S 184 108.25 88.17 -5.14
CA VAL S 184 109.68 88.03 -5.01
C VAL S 184 110.25 87.48 -6.32
N ILE S 185 111.15 88.23 -6.96
CA ILE S 185 111.67 87.83 -8.28
C ILE S 185 112.28 86.44 -8.38
N THR S 186 111.57 85.50 -9.00
CA THR S 186 112.12 84.17 -9.18
C THR S 186 113.24 84.20 -10.20
N LEU S 187 114.34 83.51 -9.90
CA LEU S 187 115.50 83.52 -10.79
C LEU S 187 116.02 82.12 -10.90
N PRO S 188 116.93 81.85 -11.85
CA PRO S 188 117.51 80.51 -11.86
C PRO S 188 118.32 80.30 -10.60
N GLU S 189 117.87 79.41 -9.73
CA GLU S 189 118.55 79.18 -8.46
C GLU S 189 119.86 78.43 -8.67
N SER S 190 119.97 77.69 -9.76
CA SER S 190 121.21 76.98 -10.07
C SER S 190 122.32 78.00 -10.28
N VAL S 191 122.02 79.08 -11.00
CA VAL S 191 123.01 80.14 -11.18
C VAL S 191 123.40 80.67 -9.82
N SER S 192 124.70 80.62 -9.52
CA SER S 192 125.18 81.07 -8.22
C SER S 192 125.24 82.58 -8.11
N VAL S 193 124.12 83.20 -7.77
CA VAL S 193 124.09 84.64 -7.61
C VAL S 193 124.85 84.99 -6.36
N ILE S 194 125.84 85.87 -6.48
CA ILE S 194 126.67 86.22 -5.33
C ILE S 194 125.95 87.10 -4.32
N ALA S 195 126.12 86.78 -3.04
CA ALA S 195 125.49 87.57 -2.00
C ALA S 195 126.41 88.68 -1.54
N THR S 196 126.18 89.89 -2.02
CA THR S 196 126.98 91.02 -1.56
C THR S 196 126.66 91.27 -0.10
N GLY S 197 127.67 91.13 0.75
CA GLY S 197 127.44 91.31 2.16
C GLY S 197 128.16 92.51 2.71
N SER S 198 127.43 93.56 3.03
CA SER S 198 128.04 94.74 3.61
C SER S 198 128.32 94.50 5.07
N ASP S 199 129.58 94.37 5.44
CA ASP S 199 129.92 94.21 6.85
C ASP S 199 129.86 95.58 7.52
N THR S 200 128.72 95.90 8.12
CA THR S 200 128.56 97.21 8.71
C THR S 200 128.25 97.17 10.18
N ALA S 201 128.95 96.33 10.94
CA ALA S 201 128.77 96.23 12.41
C ALA S 201 127.47 96.76 13.00
N TYR S 202 126.42 95.95 12.97
CA TYR S 202 125.12 96.37 13.49
C TYR S 202 125.04 96.25 15.01
N GLY S 203 123.90 96.56 15.63
CA GLY S 203 123.88 96.58 17.07
C GLY S 203 122.72 95.86 17.74
N THR S 204 122.06 94.97 17.02
CA THR S 204 121.04 94.09 17.60
C THR S 204 119.82 94.87 18.11
N GLY S 205 119.52 95.99 17.45
CA GLY S 205 118.31 96.72 17.75
C GLY S 205 117.74 97.37 16.51
N TRP S 206 118.33 97.05 15.37
CA TRP S 206 118.04 97.72 14.11
C TRP S 206 117.07 96.88 13.29
N ASN S 207 115.80 96.93 13.71
CA ASN S 207 114.76 96.14 13.07
C ASN S 207 114.42 96.67 11.68
N GLY S 208 113.95 95.80 10.79
CA GLY S 208 113.63 96.23 9.43
C GLY S 208 114.24 95.28 8.44
N SER S 209 113.79 95.32 7.18
CA SER S 209 114.27 94.38 6.18
C SER S 209 114.56 95.09 4.87
N LEU S 210 115.84 95.11 4.48
CA LEU S 210 116.23 95.81 3.26
C LEU S 210 117.60 95.33 2.87
N LEU S 211 118.30 94.72 3.82
CA LEU S 211 119.67 94.29 3.54
C LEU S 211 119.78 92.81 3.23
N VAL S 212 121.00 92.31 3.19
CA VAL S 212 121.25 90.93 2.79
C VAL S 212 122.01 90.07 3.80
N PRO S 213 123.18 90.52 4.27
CA PRO S 213 123.98 89.60 5.09
C PRO S 213 123.61 89.17 6.51
N THR S 214 123.25 90.07 7.42
CA THR S 214 123.07 89.72 8.84
C THR S 214 124.42 89.10 9.17
N GLN S 215 125.49 89.88 8.98
CA GLN S 215 126.84 89.37 9.15
C GLN S 215 127.23 88.50 10.31
N ASN S 216 128.13 87.55 10.07
CA ASN S 216 128.59 86.66 11.14
C ASN S 216 129.28 87.36 12.29
N ALA S 217 129.82 88.54 12.07
CA ALA S 217 130.42 89.30 13.16
C ALA S 217 129.32 89.58 14.16
N VAL S 218 128.18 90.09 13.68
CA VAL S 218 127.04 90.35 14.56
C VAL S 218 126.34 89.06 14.92
N TYR S 219 126.07 88.22 13.93
CA TYR S 219 125.37 86.96 14.17
C TYR S 219 126.04 86.14 15.26
N ASP S 220 127.33 85.83 15.12
CA ASP S 220 127.99 84.98 16.11
C ASP S 220 128.18 85.67 17.44
N LYS S 221 128.18 87.01 17.46
CA LYS S 221 128.26 87.71 18.73
C LYS S 221 127.08 87.29 19.57
N ILE S 222 125.87 87.39 19.01
CA ILE S 222 124.70 86.94 19.74
C ILE S 222 124.73 85.43 19.95
N VAL S 223 125.16 84.67 18.95
CA VAL S 223 125.22 83.21 19.08
C VAL S 223 126.03 82.84 20.31
N THR S 224 127.20 83.44 20.46
CA THR S 224 128.03 83.17 21.64
C THR S 224 127.33 83.61 22.91
N VAL S 225 126.67 84.77 22.89
CA VAL S 225 125.97 85.25 24.08
C VAL S 225 124.91 84.26 24.50
N ASP S 226 124.10 83.79 23.56
CA ASP S 226 123.01 82.88 23.88
C ASP S 226 123.56 81.54 24.35
N ALA S 227 124.61 81.03 23.70
CA ALA S 227 125.20 79.77 24.15
C ALA S 227 125.71 79.91 25.58
N ALA S 228 126.41 81.00 25.88
CA ALA S 228 126.95 81.20 27.22
C ALA S 228 125.84 81.32 28.26
N ILE S 229 124.77 82.06 27.95
CA ILE S 229 123.72 82.26 28.93
C ILE S 229 122.94 80.97 29.15
N ALA S 230 122.71 80.20 28.09
CA ALA S 230 122.04 78.91 28.25
C ALA S 230 122.90 77.96 29.07
N THR S 231 124.21 77.96 28.84
CA THR S 231 125.09 77.12 29.64
C THR S 231 125.09 77.54 31.10
N ALA S 232 125.08 78.84 31.36
CA ALA S 232 125.01 79.31 32.75
C ALA S 232 123.71 78.90 33.42
N ASN S 233 122.59 79.00 32.68
CA ASN S 233 121.32 78.53 33.22
C ASN S 233 121.36 77.04 33.48
N THR S 234 122.03 76.28 32.61
CA THR S 234 122.19 74.84 32.83
C THR S 234 122.97 74.58 34.11
N ASN S 235 124.04 75.35 34.33
CA ASN S 235 124.83 75.18 35.56
C ASN S 235 123.98 75.48 36.80
N ILE S 236 123.20 76.57 36.74
CA ILE S 236 122.35 76.89 37.88
C ILE S 236 121.28 75.82 38.08
N THR S 237 120.76 75.25 36.99
CA THR S 237 119.82 74.16 37.08
C THR S 237 120.44 72.95 37.77
N ASN S 238 121.67 72.61 37.39
CA ASN S 238 122.36 71.50 38.03
C ASN S 238 122.58 71.78 39.51
N LEU S 239 122.93 73.01 39.86
CA LEU S 239 123.10 73.37 41.27
C LEU S 239 121.80 73.20 42.01
N GLY S 240 120.69 73.46 41.33
CA GLY S 240 119.39 73.30 41.95
C GLY S 240 119.05 71.85 42.16
N THR S 241 119.59 70.96 41.33
CA THR S 241 119.35 69.53 41.49
C THR S 241 120.15 68.98 42.66
N ALA S 242 121.22 69.67 43.03
CA ALA S 242 121.99 69.24 44.20
C ALA S 242 121.20 69.56 45.46
N LYS S 243 120.43 70.64 45.44
CA LYS S 243 119.65 71.04 46.61
C LYS S 243 118.28 70.37 46.67
N ALA S 244 117.85 69.89 47.84
CA ALA S 244 116.51 69.29 48.04
C ALA S 244 116.15 68.01 47.35
N ASP S 245 115.00 67.41 47.71
CA ASP S 245 114.45 66.26 47.00
C ASP S 245 113.13 65.84 47.65
N LEU S 246 112.23 65.23 46.87
CA LEU S 246 110.89 64.94 47.39
C LEU S 246 110.81 63.52 47.97
N SER S 247 111.31 62.53 47.24
CA SER S 247 111.15 61.14 47.67
C SER S 247 111.82 60.90 49.02
N TYR S 248 113.03 61.43 49.20
CA TYR S 248 113.74 61.27 50.47
C TYR S 248 112.95 61.89 51.61
N VAL S 249 112.46 63.11 51.41
CA VAL S 249 111.72 63.80 52.46
C VAL S 249 110.45 63.03 52.80
N ASN S 250 109.72 62.57 51.79
CA ASN S 250 108.50 61.82 52.05
C ASN S 250 108.79 60.53 52.81
N THR S 251 109.84 59.81 52.41
CA THR S 251 110.19 58.57 53.09
C THR S 251 110.51 58.83 54.55
N GLN S 252 111.38 59.81 54.81
CA GLN S 252 111.78 60.08 56.19
C GLN S 252 110.60 60.57 57.02
N LEU S 253 109.73 61.41 56.43
CA LEU S 253 108.58 61.93 57.17
C LEU S 253 107.61 60.81 57.51
N SER S 254 107.35 59.91 56.56
CA SER S 254 106.48 58.77 56.86
C SER S 254 107.10 57.87 57.92
N ALA S 255 108.41 57.64 57.85
CA ALA S 255 109.06 56.83 58.85
C ALA S 255 108.93 57.45 60.24
N ASP S 256 109.13 58.77 60.33
CA ASP S 256 108.99 59.44 61.62
C ASP S 256 107.56 59.35 62.12
N GLN S 257 106.58 59.55 61.25
CA GLN S 257 105.19 59.52 61.69
C GLN S 257 104.76 58.12 62.10
N VAL S 258 105.33 57.08 61.48
CA VAL S 258 105.00 55.72 61.89
C VAL S 258 105.39 55.49 63.34
N VAL S 259 106.63 55.83 63.69
CA VAL S 259 107.08 55.65 65.07
C VAL S 259 106.32 56.59 66.00
N LEU S 260 105.96 57.79 65.53
CA LEU S 260 105.20 58.70 66.38
C LEU S 260 103.84 58.11 66.74
N ASP S 261 103.13 57.54 65.76
CA ASP S 261 101.82 56.97 66.03
C ASP S 261 101.95 55.70 66.88
N ALA S 262 102.97 54.89 66.62
CA ALA S 262 103.19 53.72 67.45
C ALA S 262 103.46 54.13 68.90
N LEU S 263 104.26 55.18 69.10
CA LEU S 263 104.51 55.67 70.44
C LEU S 263 103.22 56.16 71.09
N SER S 264 102.39 56.88 70.34
CA SER S 264 101.13 57.37 70.89
C SER S 264 100.24 56.22 71.33
N SER S 265 100.17 55.16 70.52
CA SER S 265 99.29 54.04 70.85
C SER S 265 99.84 53.18 71.98
N GLY S 266 101.16 52.98 72.03
CA GLY S 266 101.75 52.02 72.94
C GLY S 266 102.27 52.56 74.25
N LYS S 267 101.95 53.79 74.62
CA LYS S 267 102.44 54.38 75.86
C LYS S 267 101.29 55.02 76.62
N ALA S 268 101.43 55.04 77.94
CA ALA S 268 100.38 55.47 78.84
C ALA S 268 100.35 56.99 78.93
N ASP S 269 99.15 57.56 78.89
CA ASP S 269 98.97 59.00 79.01
C ASP S 269 98.78 59.38 80.48
N LEU S 270 98.96 60.67 80.76
CA LEU S 270 98.87 61.14 82.13
C LEU S 270 97.48 60.88 82.72
N SER S 271 96.44 60.96 81.90
CA SER S 271 95.09 60.79 82.40
C SER S 271 94.87 59.37 82.91
N TYR S 272 95.21 58.37 82.09
CA TYR S 272 94.98 56.98 82.49
C TYR S 272 95.81 56.62 83.71
N VAL S 273 97.09 57.01 83.72
CA VAL S 273 97.95 56.67 84.84
C VAL S 273 97.48 57.37 86.10
N ASN S 274 97.03 58.63 85.98
CA ASN S 274 96.50 59.33 87.16
C ASN S 274 95.26 58.63 87.69
N THR S 275 94.34 58.25 86.81
CA THR S 275 93.13 57.59 87.25
C THR S 275 93.44 56.26 87.93
N GLN S 276 94.39 55.50 87.37
CA GLN S 276 94.80 54.26 88.02
C GLN S 276 95.45 54.52 89.37
N LEU S 277 96.28 55.56 89.48
CA LEU S 277 97.06 55.77 90.69
C LEU S 277 96.26 56.43 91.80
N ASN S 278 95.13 57.06 91.47
CA ASN S 278 94.24 57.63 92.49
C ASN S 278 93.09 56.68 92.81
N SER S 279 92.92 55.63 92.00
CA SER S 279 91.92 54.61 92.30
C SER S 279 92.25 53.83 93.56
N LYS S 280 93.51 53.83 93.98
CA LYS S 280 93.92 53.09 95.16
C LYS S 280 93.71 53.90 96.43
N THR T 2 -80.08 41.00 -87.60
CA THR T 2 -80.96 40.72 -86.47
C THR T 2 -81.31 41.99 -85.73
N ASN T 3 -82.61 42.19 -85.49
CA ASN T 3 -83.12 43.38 -84.83
C ASN T 3 -83.66 42.99 -83.46
N ILE T 4 -83.13 43.60 -82.41
CA ILE T 4 -83.50 43.28 -81.03
C ILE T 4 -84.58 44.25 -80.58
N VAL T 5 -85.70 43.72 -80.10
CA VAL T 5 -86.83 44.54 -79.65
C VAL T 5 -87.29 44.06 -78.29
N GLY T 6 -87.65 45.00 -77.43
CA GLY T 6 -88.13 44.65 -76.10
C GLY T 6 -88.32 45.91 -75.27
N ARG T 7 -88.98 45.73 -74.14
CA ARG T 7 -89.21 46.81 -73.19
C ARG T 7 -88.47 46.51 -71.88
N ILE T 8 -88.01 47.57 -71.23
CA ILE T 8 -87.24 47.46 -69.99
C ILE T 8 -88.04 48.18 -68.91
N GLY T 9 -88.74 47.40 -68.08
CA GLY T 9 -89.58 47.99 -67.06
C GLY T 9 -88.76 48.62 -65.95
N PHE T 10 -89.39 49.57 -65.27
CA PHE T 10 -88.75 50.32 -64.18
C PHE T 10 -87.47 51.00 -64.65
N LEU T 11 -87.49 51.50 -65.88
CA LEU T 11 -86.37 52.28 -66.40
C LEU T 11 -86.93 53.25 -67.44
N THR T 12 -87.20 54.49 -67.01
CA THR T 12 -87.81 55.46 -67.91
C THR T 12 -86.91 55.74 -69.11
N THR T 13 -85.61 55.90 -68.88
CA THR T 13 -84.67 56.11 -69.96
C THR T 13 -83.33 55.51 -69.58
N GLY T 14 -82.61 55.05 -70.59
CA GLY T 14 -81.33 54.40 -70.33
C GLY T 14 -80.61 54.10 -71.62
N LYS T 15 -79.49 53.40 -71.50
CA LYS T 15 -78.68 53.00 -72.64
C LYS T 15 -78.49 51.49 -72.62
N LEU T 16 -78.40 50.90 -73.82
CA LEU T 16 -78.08 49.50 -73.97
C LEU T 16 -76.75 49.42 -74.72
N GLY T 17 -75.75 48.82 -74.07
CA GLY T 17 -74.43 48.67 -74.66
C GLY T 17 -74.18 47.20 -75.01
N ILE T 18 -73.59 46.99 -76.19
CA ILE T 18 -73.29 45.65 -76.66
C ILE T 18 -71.83 45.59 -77.10
N LYS T 19 -71.11 44.59 -76.58
CA LYS T 19 -69.73 44.31 -76.94
C LYS T 19 -69.67 43.01 -77.71
N LEU T 20 -68.84 42.96 -78.74
CA LEU T 20 -68.55 41.70 -79.40
C LEU T 20 -67.35 41.02 -78.74
N ARG T 21 -67.45 39.70 -78.56
CA ARG T 21 -66.36 38.97 -77.92
C ARG T 21 -65.19 38.79 -78.87
N GLY T 22 -65.46 38.55 -80.15
CA GLY T 22 -64.41 38.33 -81.12
C GLY T 22 -64.74 38.96 -82.45
N VAL T 23 -63.83 38.81 -83.40
CA VAL T 23 -64.01 39.38 -84.73
C VAL T 23 -65.13 38.65 -85.45
N LEU T 24 -66.06 39.40 -86.01
CA LEU T 24 -67.20 38.82 -86.71
C LEU T 24 -67.14 39.22 -88.18
N ILE T 25 -67.53 38.30 -89.05
CA ILE T 25 -67.51 38.53 -90.50
C ILE T 25 -68.89 38.21 -91.06
N ASP T 26 -69.52 39.19 -91.68
CA ASP T 26 -70.87 39.05 -92.20
C ASP T 26 -70.83 39.18 -93.72
N GLU T 27 -71.37 38.19 -94.43
CA GLU T 27 -71.34 38.21 -95.89
C GLU T 27 -72.64 38.73 -96.47
N SER T 28 -73.56 39.15 -95.60
CA SER T 28 -74.84 39.66 -96.07
C SER T 28 -74.65 40.89 -96.93
N THR T 29 -73.78 41.80 -96.51
CA THR T 29 -73.49 42.97 -97.30
C THR T 29 -72.57 42.57 -98.43
N THR T 30 -72.78 43.12 -99.61
CA THR T 30 -71.87 42.84 -100.73
C THR T 30 -70.41 43.11 -100.34
N PRO T 31 -70.09 44.32 -99.82
CA PRO T 31 -68.71 44.46 -99.35
C PRO T 31 -68.71 43.86 -97.97
N ASN T 32 -68.36 42.58 -97.84
CA ASN T 32 -68.45 41.89 -96.55
C ASN T 32 -68.07 42.66 -95.30
N THR T 33 -68.98 42.72 -94.34
CA THR T 33 -68.73 43.46 -93.11
C THR T 33 -67.72 42.79 -92.18
N THR T 34 -66.95 43.60 -91.47
CA THR T 34 -65.96 43.07 -90.54
C THR T 34 -66.13 43.77 -89.21
N TYR T 35 -66.87 43.18 -88.29
CA TYR T 35 -67.13 43.81 -87.00
C TYR T 35 -66.00 43.48 -86.05
N LEU T 36 -65.43 44.51 -85.46
CA LEU T 36 -64.35 44.46 -84.50
C LEU T 36 -64.90 44.22 -83.10
N PRO T 37 -64.13 43.54 -82.25
CA PRO T 37 -64.60 43.28 -80.89
C PRO T 37 -64.15 44.39 -79.93
N GLY T 38 -64.76 44.38 -78.74
CA GLY T 38 -64.36 45.27 -77.68
C GLY T 38 -64.95 46.66 -77.79
N ILE T 39 -65.65 46.93 -78.88
CA ILE T 39 -66.27 48.24 -79.08
C ILE T 39 -67.72 48.17 -78.62
N GLU T 40 -68.10 49.08 -77.74
CA GLU T 40 -69.44 49.10 -77.18
C GLU T 40 -70.36 49.88 -78.10
N SER T 41 -71.19 49.17 -78.85
CA SER T 41 -72.26 49.81 -79.60
C SER T 41 -73.36 50.20 -78.64
N PHE T 42 -73.77 51.47 -78.68
CA PHE T 42 -74.76 52.01 -77.76
C PHE T 42 -76.06 52.31 -78.47
N PHE T 43 -77.16 51.93 -77.84
CA PHE T 43 -78.50 52.21 -78.33
C PHE T 43 -79.31 52.79 -77.18
N ASN T 44 -80.43 53.43 -77.51
CA ASN T 44 -81.21 54.16 -76.53
C ASN T 44 -82.42 53.36 -76.09
N ILE T 45 -82.70 53.40 -74.79
CA ILE T 45 -83.94 52.88 -74.22
C ILE T 45 -84.75 54.10 -73.83
N THR T 46 -85.75 54.44 -74.64
CA THR T 46 -86.59 55.61 -74.43
C THR T 46 -87.99 55.14 -74.09
N ALA T 47 -88.56 55.72 -73.02
CA ALA T 47 -89.90 55.34 -72.54
C ALA T 47 -89.99 53.84 -72.29
N ASN T 48 -88.95 53.31 -71.64
CA ASN T 48 -88.85 51.89 -71.29
C ASN T 48 -88.83 50.99 -72.52
N VAL T 49 -88.45 51.53 -73.68
CA VAL T 49 -88.44 50.78 -74.94
C VAL T 49 -87.11 50.99 -75.63
N LEU T 50 -86.50 49.90 -76.08
CA LEU T 50 -85.31 50.00 -76.92
C LEU T 50 -85.67 50.71 -78.23
N THR T 51 -84.86 51.69 -78.60
CA THR T 51 -85.22 52.54 -79.73
C THR T 51 -85.06 51.81 -81.06
N SER T 52 -83.83 51.44 -81.41
CA SER T 52 -83.57 50.72 -82.66
C SER T 52 -82.28 49.93 -82.46
N VAL T 53 -82.41 48.66 -82.13
CA VAL T 53 -81.25 47.83 -81.84
C VAL T 53 -81.11 46.77 -82.92
N SER T 54 -80.27 47.04 -83.91
CA SER T 54 -79.95 46.09 -84.95
C SER T 54 -78.50 45.64 -84.76
N TYR T 55 -78.30 44.34 -84.67
CA TYR T 55 -77.00 43.75 -84.45
C TYR T 55 -76.82 42.57 -85.40
N PRO T 56 -75.60 42.35 -85.88
CA PRO T 56 -75.36 41.17 -86.72
C PRO T 56 -75.55 39.89 -85.92
N GLU T 57 -76.07 38.86 -86.59
CA GLU T 57 -76.24 37.58 -85.94
C GLU T 57 -74.90 36.94 -85.64
N THR T 58 -74.86 36.10 -84.61
CA THR T 58 -73.65 35.39 -84.24
C THR T 58 -73.87 33.90 -84.06
N GLU T 59 -75.04 33.38 -84.44
CA GLU T 59 -75.29 31.95 -84.33
C GLU T 59 -74.32 31.15 -85.21
N THR T 60 -74.06 31.64 -86.41
CA THR T 60 -73.24 30.90 -87.36
C THR T 60 -71.82 30.72 -86.85
N GLN T 61 -71.17 31.81 -86.45
CA GLN T 61 -69.77 31.76 -86.05
C GLN T 61 -69.58 31.40 -84.58
N ASN T 62 -70.66 31.31 -83.81
CA ASN T 62 -70.58 30.95 -82.40
C ASN T 62 -69.72 31.94 -81.62
N VAL T 63 -70.13 33.20 -81.66
CA VAL T 63 -69.45 34.29 -80.99
C VAL T 63 -70.41 34.93 -80.01
N THR T 64 -69.96 35.15 -78.78
CA THR T 64 -70.82 35.73 -77.78
C THR T 64 -70.84 37.25 -77.90
N ALA T 65 -71.89 37.86 -77.37
CA ALA T 65 -72.00 39.30 -77.25
C ALA T 65 -72.40 39.64 -75.83
N THR T 66 -71.75 40.66 -75.28
CA THR T 66 -72.03 41.14 -73.92
C THR T 66 -73.06 42.24 -73.99
N PHE T 67 -74.19 42.03 -73.31
CA PHE T 67 -75.27 43.00 -73.25
C PHE T 67 -75.32 43.62 -71.87
N SER T 68 -75.34 44.95 -71.81
CA SER T 68 -75.44 45.66 -70.55
C SER T 68 -76.47 46.77 -70.68
N ILE T 69 -77.19 47.03 -69.59
CA ILE T 69 -78.20 48.07 -69.53
C ILE T 69 -77.73 49.09 -68.50
N TYR T 70 -77.36 50.28 -68.97
CA TYR T 70 -76.84 51.34 -68.12
C TYR T 70 -77.91 52.38 -67.86
N SER T 71 -77.94 52.88 -66.63
CA SER T 71 -78.73 54.07 -66.34
C SER T 71 -78.00 55.30 -66.89
N VAL T 72 -78.74 56.40 -66.98
CA VAL T 72 -78.24 57.62 -67.60
C VAL T 72 -78.39 58.77 -66.61
N ASP T 73 -77.33 59.53 -66.42
CA ASP T 73 -77.36 60.69 -65.55
C ASP T 73 -77.60 61.95 -66.40
N GLY T 74 -77.50 63.12 -65.76
CA GLY T 74 -77.79 64.37 -66.45
C GLY T 74 -76.87 64.68 -67.60
N SER T 75 -75.67 64.10 -67.62
CA SER T 75 -74.72 64.31 -68.69
C SER T 75 -74.88 63.34 -69.85
N SER T 76 -75.90 62.48 -69.81
CA SER T 76 -76.15 61.44 -70.79
C SER T 76 -75.03 60.40 -70.83
N ASN T 77 -74.20 60.35 -69.80
CA ASN T 77 -73.13 59.37 -69.73
C ASN T 77 -73.67 58.06 -69.15
N PRO T 78 -73.58 56.93 -69.92
CA PRO T 78 -74.09 55.73 -69.26
C PRO T 78 -73.32 55.41 -68.00
N VAL T 79 -74.00 55.39 -66.86
CA VAL T 79 -73.35 55.03 -65.62
C VAL T 79 -72.86 53.60 -65.80
N PHE T 80 -71.55 53.42 -65.91
CA PHE T 80 -71.00 52.08 -66.20
C PHE T 80 -71.19 50.86 -65.30
N PRO T 81 -71.54 51.02 -64.01
CA PRO T 81 -71.84 49.80 -63.23
C PRO T 81 -72.84 48.84 -63.90
N ALA T 82 -73.78 49.31 -64.72
CA ALA T 82 -74.77 48.46 -65.44
C ALA T 82 -75.79 47.73 -64.56
N LEU T 83 -77.05 48.13 -64.68
CA LEU T 83 -78.08 47.51 -63.86
C LEU T 83 -78.17 46.00 -64.12
N LEU T 84 -78.13 45.62 -65.40
CA LEU T 84 -78.19 44.22 -65.80
C LEU T 84 -77.14 44.00 -66.88
N SER T 85 -76.51 42.82 -66.85
CA SER T 85 -75.46 42.53 -67.81
C SER T 85 -75.30 41.02 -67.93
N PHE T 86 -75.19 40.54 -69.16
CA PHE T 86 -75.03 39.11 -69.39
C PHE T 86 -74.35 38.91 -70.75
N ASP T 87 -74.19 37.65 -71.13
CA ASP T 87 -73.55 37.26 -72.37
C ASP T 87 -74.47 36.32 -73.13
N ALA T 88 -74.71 36.60 -74.39
CA ALA T 88 -75.65 35.81 -75.17
C ALA T 88 -75.24 35.78 -76.63
N ILE T 89 -75.72 34.77 -77.33
CA ILE T 89 -75.49 34.60 -78.76
C ILE T 89 -76.66 35.23 -79.49
N VAL T 90 -76.39 36.16 -80.40
CA VAL T 90 -77.45 36.78 -81.19
C VAL T 90 -77.94 35.76 -82.20
N PRO T 91 -79.20 35.37 -82.15
CA PRO T 91 -79.70 34.34 -83.06
C PRO T 91 -79.87 34.87 -84.48
N ASN T 92 -79.76 33.95 -85.44
CA ASN T 92 -79.89 34.30 -86.85
C ASN T 92 -81.38 34.32 -87.20
N VAL T 93 -82.03 35.41 -86.80
CA VAL T 93 -83.44 35.64 -87.10
C VAL T 93 -83.60 37.10 -87.51
N ALA T 94 -84.68 37.37 -88.24
CA ALA T 94 -84.96 38.73 -88.69
C ALA T 94 -85.22 39.66 -87.51
N SER T 95 -85.98 39.20 -86.53
CA SER T 95 -86.29 39.98 -85.34
C SER T 95 -86.30 39.06 -84.14
N VAL T 96 -85.75 39.55 -83.02
CA VAL T 96 -85.64 38.76 -81.80
C VAL T 96 -86.04 39.62 -80.61
N GLU T 97 -86.74 38.99 -79.66
CA GLU T 97 -87.09 39.64 -78.41
C GLU T 97 -85.89 39.70 -77.48
N PHE T 98 -85.75 40.81 -76.77
CA PHE T 98 -84.63 40.94 -75.84
C PHE T 98 -84.72 39.94 -74.69
N ASP T 99 -85.93 39.56 -74.29
CA ASP T 99 -86.08 38.63 -73.18
C ASP T 99 -85.60 37.24 -73.55
N VAL T 100 -85.79 36.82 -74.80
CA VAL T 100 -85.51 35.45 -75.20
C VAL T 100 -84.04 35.22 -75.51
N LEU T 101 -83.20 36.24 -75.43
CA LEU T 101 -81.76 36.06 -75.55
C LEU T 101 -81.27 35.23 -74.38
N ALA T 102 -80.92 33.98 -74.63
CA ALA T 102 -80.56 33.08 -73.55
C ALA T 102 -79.15 33.39 -73.05
N PRO T 103 -78.98 33.81 -71.81
CA PRO T 103 -77.63 34.03 -71.29
C PRO T 103 -76.84 32.73 -71.27
N THR T 104 -75.55 32.85 -71.58
CA THR T 104 -74.68 31.68 -71.64
C THR T 104 -73.29 32.11 -71.18
N GLY T 105 -72.33 31.20 -71.31
CA GLY T 105 -70.93 31.54 -71.08
C GLY T 105 -70.34 32.27 -72.27
N VAL T 106 -69.07 32.63 -72.12
CA VAL T 106 -68.35 33.32 -73.18
C VAL T 106 -67.77 32.28 -74.13
N VAL T 107 -68.13 32.35 -75.40
CA VAL T 107 -67.56 31.50 -76.43
C VAL T 107 -67.18 32.37 -77.63
N ASN T 108 -65.95 32.20 -78.10
CA ASN T 108 -65.47 32.91 -79.28
C ASN T 108 -65.22 31.95 -80.43
N ASN T 109 -64.39 30.93 -80.23
CA ASN T 109 -64.26 29.81 -81.16
C ASN T 109 -63.83 30.28 -82.55
N GLN T 110 -62.77 31.09 -82.58
CA GLN T 110 -62.29 31.64 -83.85
C GLN T 110 -61.59 30.58 -84.68
N LEU T 111 -60.94 29.61 -84.04
CA LEU T 111 -60.20 28.59 -84.76
C LEU T 111 -61.11 27.74 -85.64
N ASP T 112 -62.35 27.52 -85.20
CA ASP T 112 -63.29 26.79 -86.04
C ASP T 112 -63.88 27.65 -87.14
N THR T 113 -63.99 28.95 -86.91
CA THR T 113 -64.41 29.86 -87.98
C THR T 113 -63.37 29.96 -89.08
N SER T 114 -62.09 29.82 -88.72
CA SER T 114 -61.01 29.93 -89.70
C SER T 114 -61.14 28.88 -90.79
N ALA T 115 -61.39 27.63 -90.40
CA ALA T 115 -61.50 26.56 -91.38
C ALA T 115 -62.68 26.79 -92.32
N LEU T 116 -63.81 27.25 -91.77
CA LEU T 116 -64.96 27.56 -92.62
C LEU T 116 -64.63 28.69 -93.59
N ARG T 117 -63.92 29.72 -93.12
CA ARG T 117 -63.56 30.82 -94.00
C ARG T 117 -62.69 30.33 -95.16
N ILE T 118 -61.67 29.51 -94.84
CA ILE T 118 -60.77 29.05 -95.88
C ILE T 118 -61.49 28.12 -96.85
N ALA T 119 -62.41 27.28 -96.35
CA ALA T 119 -63.18 26.42 -97.23
C ALA T 119 -64.06 27.24 -98.17
N LYS T 120 -64.70 28.28 -97.64
CA LYS T 120 -65.49 29.17 -98.50
C LYS T 120 -64.63 29.82 -99.55
N ILE T 121 -63.41 30.25 -99.19
CA ILE T 121 -62.53 30.90 -100.15
C ILE T 121 -62.13 29.93 -101.25
N ILE T 122 -61.78 28.70 -100.90
CA ILE T 122 -61.38 27.72 -101.90
C ILE T 122 -62.55 27.40 -102.82
N ALA T 123 -63.74 27.21 -102.25
CA ALA T 123 -64.89 26.89 -103.09
C ALA T 123 -65.25 28.04 -104.02
N ASN T 124 -65.18 29.28 -103.52
CA ASN T 124 -65.61 30.42 -104.32
C ASN T 124 -64.65 30.76 -105.44
N ASP T 125 -63.41 30.29 -105.37
CA ASP T 125 -62.43 30.58 -106.42
C ASP T 125 -62.34 29.38 -107.35
N PRO T 126 -62.76 29.49 -108.61
CA PRO T 126 -62.68 28.33 -109.52
C PRO T 126 -61.27 27.81 -109.72
N ALA T 127 -60.27 28.70 -109.74
CA ALA T 127 -58.90 28.27 -109.98
C ALA T 127 -58.42 27.34 -108.88
N LEU T 128 -58.68 27.70 -107.62
CA LEU T 128 -58.31 26.83 -106.51
C LEU T 128 -59.25 25.65 -106.37
N ALA T 129 -60.54 25.85 -106.65
CA ALA T 129 -61.49 24.75 -106.56
C ALA T 129 -61.15 23.64 -107.54
N GLN T 130 -60.55 23.98 -108.68
CA GLN T 130 -60.23 22.96 -109.67
C GLN T 130 -59.18 22.01 -109.15
N LYS T 131 -58.29 22.49 -108.30
CA LYS T 131 -57.18 21.68 -107.81
C LYS T 131 -57.55 20.81 -106.61
N VAL T 132 -58.80 20.85 -106.17
CA VAL T 132 -59.29 19.90 -105.18
C VAL T 132 -60.55 19.26 -105.73
N ALA T 133 -60.65 19.18 -107.05
CA ALA T 133 -61.91 18.89 -107.72
C ALA T 133 -62.49 17.51 -107.38
N GLY T 134 -61.84 16.44 -107.83
CA GLY T 134 -62.49 15.15 -107.72
C GLY T 134 -61.67 14.05 -108.36
N ALA T 135 -62.13 12.82 -108.10
CA ALA T 135 -61.38 11.63 -108.46
C ALA T 135 -60.99 11.54 -109.93
N PRO T 136 -61.90 11.75 -110.91
CA PRO T 136 -61.49 11.51 -112.30
C PRO T 136 -60.47 12.53 -112.80
N TYR T 137 -59.22 12.09 -112.97
CA TYR T 137 -58.16 12.91 -113.52
C TYR T 137 -57.74 12.35 -114.86
N PRO T 138 -58.16 12.95 -115.97
CA PRO T 138 -57.78 12.43 -117.29
C PRO T 138 -56.28 12.49 -117.50
N ARG T 139 -55.74 11.44 -118.12
CA ARG T 139 -54.32 11.41 -118.44
C ARG T 139 -54.05 11.04 -119.89
N GLY T 140 -54.83 10.14 -120.48
CA GLY T 140 -54.64 9.70 -121.84
C GLY T 140 -54.57 8.20 -121.92
N ALA T 141 -54.10 7.70 -123.07
CA ALA T 141 -53.98 6.27 -123.26
C ALA T 141 -52.94 5.68 -122.32
N TYR T 142 -53.18 4.46 -121.86
CA TYR T 142 -52.31 3.85 -120.89
C TYR T 142 -50.97 3.48 -121.48
N SER T 143 -49.91 3.64 -120.70
CA SER T 143 -48.58 3.17 -121.06
C SER T 143 -47.83 2.83 -119.78
N ALA T 144 -46.90 1.89 -119.87
CA ALA T 144 -46.20 1.41 -118.69
C ALA T 144 -45.02 2.29 -118.29
N THR T 145 -44.72 3.34 -119.06
CA THR T 145 -43.54 4.15 -118.81
C THR T 145 -43.83 5.41 -118.01
N GLU T 146 -45.06 5.61 -117.57
CA GLU T 146 -45.42 6.78 -116.76
C GLU T 146 -46.00 6.34 -115.43
N THR T 147 -45.86 7.23 -114.44
CA THR T 147 -46.33 7.00 -113.09
C THR T 147 -47.71 7.60 -112.93
N TYR T 148 -48.64 6.82 -112.38
CA TYR T 148 -50.02 7.25 -112.23
C TYR T 148 -50.36 7.44 -110.76
N LEU T 149 -51.04 8.53 -110.45
CA LEU T 149 -51.45 8.85 -109.10
C LEU T 149 -52.89 8.40 -108.86
N TYR T 150 -53.33 8.57 -107.62
CA TYR T 150 -54.68 8.19 -107.24
C TYR T 150 -55.70 8.98 -108.05
N GLY T 151 -56.69 8.28 -108.61
CA GLY T 151 -57.76 8.91 -109.34
C GLY T 151 -57.50 9.18 -110.80
N GLU T 152 -56.25 9.08 -111.25
CA GLU T 152 -55.94 9.41 -112.63
C GLU T 152 -56.61 8.43 -113.59
N MET T 153 -57.07 8.94 -114.72
CA MET T 153 -57.88 8.19 -115.66
C MET T 153 -57.08 7.87 -116.91
N VAL T 154 -57.09 6.60 -117.31
CA VAL T 154 -56.41 6.12 -118.50
C VAL T 154 -57.41 5.36 -119.37
N SER T 155 -57.02 5.13 -120.62
CA SER T 155 -57.84 4.38 -121.57
C SER T 155 -57.06 3.17 -122.05
N TYR T 156 -57.65 1.99 -121.90
CA TYR T 156 -56.96 0.73 -122.15
C TYR T 156 -57.90 -0.19 -122.92
N PHE T 157 -57.57 -0.46 -124.18
CA PHE T 157 -58.27 -1.45 -125.00
C PHE T 157 -59.78 -1.20 -125.01
N GLY T 158 -60.16 0.06 -125.11
CA GLY T 158 -61.56 0.43 -125.22
C GLY T 158 -62.26 0.69 -123.91
N LYS T 159 -61.63 0.42 -122.78
CA LYS T 159 -62.25 0.63 -121.47
C LYS T 159 -61.50 1.71 -120.71
N ASN T 160 -62.25 2.59 -120.05
CA ASN T 160 -61.66 3.65 -119.25
C ASN T 160 -61.43 3.16 -117.82
N TYR T 161 -60.33 3.60 -117.22
CA TYR T 161 -59.96 3.14 -115.89
C TYR T 161 -59.54 4.34 -115.05
N ILE T 162 -59.74 4.20 -113.75
CA ILE T 162 -59.35 5.21 -112.77
C ILE T 162 -58.49 4.52 -111.71
N SER T 163 -57.32 5.10 -111.43
CA SER T 163 -56.42 4.48 -110.47
C SER T 163 -56.93 4.71 -109.06
N LYS T 164 -57.06 3.62 -108.29
CA LYS T 164 -57.58 3.68 -106.94
C LYS T 164 -56.51 3.40 -105.90
N SER T 165 -55.23 3.49 -106.28
CA SER T 165 -54.11 3.26 -105.38
C SER T 165 -53.59 4.60 -104.89
N LEU T 166 -53.53 4.76 -103.56
CA LEU T 166 -53.05 6.02 -102.99
C LEU T 166 -51.60 6.27 -103.36
N SER T 167 -50.76 5.24 -103.25
CA SER T 167 -49.37 5.37 -103.67
C SER T 167 -49.30 5.43 -105.19
N PRO T 168 -48.34 6.17 -105.74
CA PRO T 168 -48.17 6.17 -107.19
C PRO T 168 -47.85 4.77 -107.70
N ILE T 169 -48.42 4.44 -108.85
CA ILE T 169 -48.24 3.11 -109.45
C ILE T 169 -47.61 3.28 -110.82
N ILE T 170 -46.91 2.23 -111.25
CA ILE T 170 -46.27 2.21 -112.56
C ILE T 170 -46.17 0.76 -113.01
N ASN T 171 -46.28 0.55 -114.32
CA ASN T 171 -46.17 -0.78 -114.92
C ASN T 171 -47.16 -1.76 -114.29
N ILE T 172 -48.39 -1.29 -114.08
CA ILE T 172 -49.49 -2.13 -113.63
C ILE T 172 -50.61 -1.98 -114.65
N LEU T 173 -51.03 -3.10 -115.23
CA LEU T 173 -52.06 -3.05 -116.26
C LEU T 173 -53.40 -2.65 -115.64
N PRO T 174 -54.19 -1.83 -116.33
CA PRO T 174 -55.48 -1.43 -115.77
C PRO T 174 -56.43 -2.58 -115.53
N THR T 175 -56.20 -3.73 -116.17
CA THR T 175 -57.04 -4.89 -115.94
C THR T 175 -56.97 -5.38 -114.50
N VAL T 176 -55.94 -4.99 -113.76
CA VAL T 176 -55.82 -5.39 -112.36
C VAL T 176 -56.82 -4.57 -111.56
N THR T 177 -57.89 -5.23 -111.09
CA THR T 177 -58.91 -4.54 -110.31
C THR T 177 -58.42 -4.16 -108.92
N ASP T 178 -57.27 -4.66 -108.49
CA ASP T 178 -56.78 -4.34 -107.15
C ASP T 178 -56.23 -2.92 -107.08
N SER T 179 -55.78 -2.37 -108.22
CA SER T 179 -55.27 -1.01 -108.27
C SER T 179 -56.04 -0.11 -109.21
N TRP T 180 -56.99 -0.64 -109.99
CA TRP T 180 -57.73 0.14 -110.96
C TRP T 180 -59.21 -0.16 -110.85
N TYR T 181 -60.02 0.83 -111.23
CA TYR T 181 -61.47 0.69 -111.31
C TYR T 181 -61.89 0.96 -112.74
N GLU T 182 -62.68 0.08 -113.33
CA GLU T 182 -63.13 0.25 -114.70
C GLU T 182 -64.43 1.05 -114.68
N LEU T 183 -64.48 2.09 -115.52
CA LEU T 183 -65.64 2.98 -115.63
C LEU T 183 -66.64 2.36 -116.58
N VAL T 184 -67.73 1.81 -116.03
CA VAL T 184 -68.70 1.08 -116.84
C VAL T 184 -69.50 2.04 -117.70
N ILE T 185 -69.84 1.59 -118.91
CA ILE T 185 -70.72 2.31 -119.82
C ILE T 185 -71.66 1.29 -120.45
N THR T 186 -72.96 1.58 -120.47
CA THR T 186 -73.95 0.66 -121.01
C THR T 186 -74.17 0.86 -122.50
N LEU T 187 -74.13 2.11 -122.98
CA LEU T 187 -74.50 2.44 -124.35
C LEU T 187 -75.91 1.92 -124.60
N PRO T 188 -76.93 2.58 -124.05
CA PRO T 188 -78.32 2.08 -124.18
C PRO T 188 -78.93 2.52 -125.51
N GLU T 189 -79.29 1.52 -126.33
CA GLU T 189 -80.13 1.65 -127.52
C GLU T 189 -79.77 2.86 -128.38
N SER T 190 -78.51 3.30 -128.32
CA SER T 190 -78.11 4.50 -129.04
C SER T 190 -78.34 4.34 -130.53
N VAL T 191 -78.89 5.39 -131.16
CA VAL T 191 -79.26 5.31 -132.56
C VAL T 191 -78.06 5.24 -133.48
N SER T 192 -76.88 5.61 -132.99
CA SER T 192 -75.67 5.63 -133.82
C SER T 192 -74.77 4.46 -133.42
N VAL T 193 -74.59 3.53 -134.34
CA VAL T 193 -73.65 2.42 -134.19
C VAL T 193 -72.86 2.30 -135.48
N ILE T 194 -71.65 2.88 -135.49
CA ILE T 194 -70.87 3.02 -136.70
C ILE T 194 -69.54 2.28 -136.52
N ALA T 195 -68.69 2.35 -137.54
CA ALA T 195 -67.45 1.59 -137.59
C ALA T 195 -66.27 2.46 -137.19
N THR T 196 -65.53 2.01 -136.18
CA THR T 196 -64.30 2.68 -135.73
C THR T 196 -63.22 1.63 -135.52
N GLY T 197 -62.04 2.09 -135.10
CA GLY T 197 -60.94 1.22 -134.75
C GLY T 197 -60.54 1.34 -133.30
N SER T 198 -59.42 0.71 -132.97
CA SER T 198 -58.88 0.70 -131.61
C SER T 198 -57.55 1.41 -131.61
N ASP T 199 -57.51 2.58 -130.97
CA ASP T 199 -56.28 3.38 -130.90
C ASP T 199 -55.39 2.93 -129.75
N THR T 200 -55.01 1.66 -129.76
CA THR T 200 -54.07 1.10 -128.79
C THR T 200 -52.81 0.70 -129.54
N ALA T 201 -51.71 1.39 -129.25
CA ALA T 201 -50.44 1.04 -129.87
C ALA T 201 -50.01 -0.35 -129.44
N TYR T 202 -49.23 -1.01 -130.30
CA TYR T 202 -48.78 -2.37 -130.04
C TYR T 202 -48.07 -2.47 -128.71
N GLY T 203 -48.64 -3.26 -127.80
CA GLY T 203 -48.10 -3.40 -126.47
C GLY T 203 -48.15 -4.80 -125.91
N THR T 204 -48.15 -5.80 -126.80
CA THR T 204 -48.19 -7.21 -126.45
C THR T 204 -49.43 -7.59 -125.64
N GLY T 205 -50.40 -6.69 -125.52
CA GLY T 205 -51.66 -7.01 -124.90
C GLY T 205 -52.68 -7.59 -125.83
N TRP T 206 -52.26 -7.91 -127.06
CA TRP T 206 -53.14 -8.38 -128.11
C TRP T 206 -53.24 -9.89 -128.17
N ASN T 207 -52.73 -10.60 -127.14
CA ASN T 207 -52.77 -12.05 -127.12
C ASN T 207 -54.20 -12.55 -127.22
N GLY T 208 -55.01 -12.28 -126.20
CA GLY T 208 -56.43 -12.47 -126.33
C GLY T 208 -57.10 -11.12 -126.44
N SER T 209 -57.49 -10.75 -127.67
CA SER T 209 -58.01 -9.41 -127.92
C SER T 209 -58.95 -9.50 -129.11
N LEU T 210 -60.25 -9.51 -128.83
CA LEU T 210 -61.25 -9.48 -129.90
C LEU T 210 -61.39 -8.10 -130.50
N LEU T 211 -60.44 -7.21 -130.22
CA LEU T 211 -60.47 -5.84 -130.72
C LEU T 211 -60.07 -5.82 -132.19
N VAL T 212 -60.07 -4.64 -132.80
CA VAL T 212 -59.72 -4.48 -134.19
C VAL T 212 -58.63 -3.41 -134.28
N PRO T 213 -57.46 -3.71 -134.85
CA PRO T 213 -56.33 -2.77 -134.76
C PRO T 213 -56.45 -1.65 -135.78
N THR T 214 -56.20 -0.42 -135.33
CA THR T 214 -56.14 0.73 -136.23
C THR T 214 -54.93 0.61 -137.14
N GLN T 215 -54.97 1.36 -138.25
CA GLN T 215 -53.87 1.36 -139.19
C GLN T 215 -52.58 1.88 -138.55
N ASN T 216 -52.69 2.78 -137.57
CA ASN T 216 -51.50 3.42 -137.03
C ASN T 216 -50.60 2.42 -136.29
N ALA T 217 -51.19 1.60 -135.43
CA ALA T 217 -50.40 0.64 -134.67
C ALA T 217 -49.71 -0.35 -135.60
N VAL T 218 -50.45 -0.87 -136.58
CA VAL T 218 -49.89 -1.82 -137.52
C VAL T 218 -48.75 -1.19 -138.32
N TYR T 219 -48.97 0.04 -138.81
CA TYR T 219 -47.93 0.69 -139.59
C TYR T 219 -46.70 0.99 -138.76
N ASP T 220 -46.88 1.41 -137.51
CA ASP T 220 -45.73 1.69 -136.66
C ASP T 220 -44.94 0.42 -136.36
N LYS T 221 -45.64 -0.68 -136.06
CA LYS T 221 -44.94 -1.94 -135.83
C LYS T 221 -44.22 -2.40 -137.08
N ILE T 222 -44.86 -2.25 -138.25
CA ILE T 222 -44.21 -2.63 -139.50
C ILE T 222 -42.95 -1.79 -139.71
N VAL T 223 -43.03 -0.49 -139.41
CA VAL T 223 -41.89 0.40 -139.61
C VAL T 223 -40.73 -0.01 -138.72
N THR T 224 -41.02 -0.28 -137.43
CA THR T 224 -39.92 -0.65 -136.53
C THR T 224 -39.37 -2.03 -136.87
N VAL T 225 -40.22 -2.95 -137.32
CA VAL T 225 -39.74 -4.26 -137.75
C VAL T 225 -38.82 -4.12 -138.95
N ASP T 226 -39.19 -3.27 -139.91
CA ASP T 226 -38.35 -3.06 -141.08
C ASP T 226 -37.06 -2.36 -140.71
N ALA T 227 -37.10 -1.46 -139.73
CA ALA T 227 -35.88 -0.82 -139.26
C ALA T 227 -34.94 -1.85 -138.64
N ALA T 228 -35.49 -2.77 -137.84
CA ALA T 228 -34.66 -3.82 -137.26
C ALA T 228 -34.08 -4.73 -138.34
N ILE T 229 -34.88 -5.06 -139.35
CA ILE T 229 -34.40 -5.91 -140.44
C ILE T 229 -33.28 -5.21 -141.21
N ALA T 230 -33.45 -3.90 -141.47
CA ALA T 230 -32.40 -3.13 -142.13
C ALA T 230 -31.14 -3.08 -141.29
N THR T 231 -31.29 -2.95 -139.97
CA THR T 231 -30.13 -2.95 -139.09
C THR T 231 -29.40 -4.29 -139.15
N ALA T 232 -30.16 -5.39 -139.15
CA ALA T 232 -29.53 -6.71 -139.26
C ALA T 232 -28.83 -6.87 -140.61
N ASN T 233 -29.46 -6.39 -141.68
CA ASN T 233 -28.85 -6.49 -143.00
C ASN T 233 -27.56 -5.70 -143.08
N THR T 234 -27.56 -4.49 -142.51
CA THR T 234 -26.34 -3.68 -142.50
C THR T 234 -25.27 -4.30 -141.62
N ASN T 235 -25.66 -4.93 -140.51
CA ASN T 235 -24.71 -5.67 -139.69
C ASN T 235 -24.07 -6.79 -140.50
N ILE T 236 -24.87 -7.54 -141.24
CA ILE T 236 -24.31 -8.59 -142.09
C ILE T 236 -23.36 -8.00 -143.12
N THR T 237 -23.76 -6.87 -143.72
CA THR T 237 -22.94 -6.25 -144.76
C THR T 237 -21.58 -5.83 -144.20
N ASN T 238 -21.58 -5.05 -143.12
CA ASN T 238 -20.32 -4.58 -142.57
C ASN T 238 -19.56 -5.66 -141.81
N LEU T 239 -20.18 -6.82 -141.57
CA LEU T 239 -19.45 -7.95 -141.02
C LEU T 239 -18.73 -8.72 -142.11
N GLY T 240 -19.42 -9.01 -143.22
CA GLY T 240 -18.82 -9.81 -144.27
C GLY T 240 -17.56 -9.20 -144.83
N THR T 241 -17.59 -7.89 -145.09
CA THR T 241 -16.46 -7.23 -145.74
C THR T 241 -15.31 -6.92 -144.79
N ALA T 242 -15.51 -7.03 -143.48
CA ALA T 242 -14.47 -6.68 -142.53
C ALA T 242 -14.15 -7.74 -141.48
N LYS T 243 -14.96 -8.79 -141.35
CA LYS T 243 -14.78 -9.76 -140.28
C LYS T 243 -14.39 -11.14 -140.79
N ALA T 244 -15.20 -11.74 -141.66
CA ALA T 244 -15.04 -13.14 -142.03
C ALA T 244 -14.55 -13.27 -143.46
N ASP T 245 -13.49 -14.05 -143.65
CA ASP T 245 -13.04 -14.51 -144.97
C ASP T 245 -12.07 -15.66 -144.76
N LEU T 246 -12.10 -16.62 -145.69
CA LEU T 246 -11.34 -17.86 -145.55
C LEU T 246 -10.26 -18.04 -146.62
N SER T 247 -10.51 -17.61 -147.85
CA SER T 247 -9.63 -17.94 -148.97
C SER T 247 -8.20 -17.48 -148.73
N TYR T 248 -7.98 -16.17 -148.64
CA TYR T 248 -6.61 -15.67 -148.61
C TYR T 248 -5.94 -16.04 -147.29
N VAL T 249 -6.71 -16.24 -146.23
CA VAL T 249 -6.14 -16.72 -144.98
C VAL T 249 -5.54 -18.11 -145.17
N ASN T 250 -6.28 -19.00 -145.83
CA ASN T 250 -5.75 -20.33 -146.12
C ASN T 250 -4.54 -20.25 -147.03
N THR T 251 -4.58 -19.37 -148.04
CA THR T 251 -3.44 -19.26 -148.95
C THR T 251 -2.19 -18.79 -148.22
N GLN T 252 -2.31 -17.75 -147.39
CA GLN T 252 -1.15 -17.24 -146.68
C GLN T 252 -0.65 -18.25 -145.65
N LEU T 253 -1.56 -18.99 -145.01
CA LEU T 253 -1.12 -20.03 -144.09
C LEU T 253 -0.35 -21.12 -144.82
N SER T 254 -0.82 -21.51 -146.02
CA SER T 254 -0.09 -22.52 -146.79
C SER T 254 1.27 -22.01 -147.23
N ALA T 255 1.35 -20.75 -147.64
CA ALA T 255 2.64 -20.17 -148.02
C ALA T 255 3.59 -20.15 -146.82
N ASP T 256 3.09 -19.76 -145.65
CA ASP T 256 3.92 -19.76 -144.45
C ASP T 256 4.36 -21.17 -144.10
N GLN T 257 3.49 -22.16 -144.28
CA GLN T 257 3.85 -23.54 -143.98
C GLN T 257 4.94 -24.03 -144.93
N VAL T 258 4.85 -23.66 -146.21
CA VAL T 258 5.88 -24.07 -147.16
C VAL T 258 7.21 -23.40 -146.81
N VAL T 259 7.17 -22.13 -146.38
CA VAL T 259 8.40 -21.47 -145.96
C VAL T 259 8.95 -22.14 -144.70
N LEU T 260 8.06 -22.58 -143.81
CA LEU T 260 8.48 -23.24 -142.58
C LEU T 260 9.23 -24.53 -142.87
N ASP T 261 8.64 -25.39 -143.73
CA ASP T 261 9.31 -26.64 -144.04
C ASP T 261 10.59 -26.41 -144.84
N ALA T 262 10.60 -25.41 -145.73
CA ALA T 262 11.83 -25.08 -146.44
C ALA T 262 12.93 -24.65 -145.48
N LEU T 263 12.58 -23.82 -144.49
CA LEU T 263 13.57 -23.36 -143.52
C LEU T 263 14.04 -24.51 -142.64
N SER T 264 13.14 -25.42 -142.27
CA SER T 264 13.52 -26.57 -141.46
C SER T 264 14.49 -27.48 -142.23
N SER T 265 14.22 -27.70 -143.51
CA SER T 265 15.10 -28.56 -144.30
C SER T 265 16.44 -27.89 -144.57
N GLY T 266 16.41 -26.64 -145.03
CA GLY T 266 17.64 -26.00 -145.49
C GLY T 266 18.60 -25.65 -144.39
N LYS T 267 18.10 -25.07 -143.29
CA LYS T 267 18.97 -24.58 -142.25
C LYS T 267 19.60 -25.74 -141.47
N ALA T 268 20.84 -25.55 -141.05
CA ALA T 268 21.59 -26.61 -140.39
C ALA T 268 21.20 -26.71 -138.92
N ASP T 269 21.12 -27.95 -138.43
CA ASP T 269 20.90 -28.18 -137.02
C ASP T 269 22.08 -27.65 -136.21
N LEU T 270 21.79 -27.13 -135.03
CA LEU T 270 22.86 -26.67 -134.14
C LEU T 270 23.69 -27.85 -133.63
N SER T 271 23.05 -29.01 -133.45
CA SER T 271 23.79 -30.21 -133.07
C SER T 271 24.76 -30.63 -134.17
N TYR T 272 24.29 -30.60 -135.43
CA TYR T 272 25.15 -30.96 -136.54
C TYR T 272 26.32 -30.00 -136.68
N VAL T 273 26.06 -28.70 -136.50
CA VAL T 273 27.12 -27.70 -136.58
C VAL T 273 28.12 -27.91 -135.45
N ASN T 274 27.63 -28.22 -134.24
CA ASN T 274 28.54 -28.50 -133.14
C ASN T 274 29.41 -29.72 -133.42
N THR T 275 28.82 -30.78 -133.96
CA THR T 275 29.60 -31.96 -134.28
C THR T 275 30.66 -31.66 -135.34
N GLN T 276 30.29 -30.93 -136.38
CA GLN T 276 31.24 -30.60 -137.44
C GLN T 276 32.36 -29.71 -136.92
N LEU T 277 32.03 -28.73 -136.07
CA LEU T 277 33.06 -27.88 -135.48
C LEU T 277 33.95 -28.69 -134.55
N ASN T 278 33.39 -29.70 -133.88
CA ASN T 278 34.19 -30.60 -133.07
C ASN T 278 35.18 -31.38 -133.92
N SER T 279 34.76 -31.80 -135.12
CA SER T 279 35.62 -32.62 -135.97
C SER T 279 36.89 -31.89 -136.34
N LYS T 280 36.79 -30.61 -136.70
CA LYS T 280 37.96 -29.82 -137.05
C LYS T 280 38.78 -29.51 -135.81
N THR U 2 57.15 89.93 -69.54
CA THR U 2 57.05 89.38 -70.88
C THR U 2 55.82 89.90 -71.60
N ASN U 3 56.04 90.61 -72.71
CA ASN U 3 54.93 91.09 -73.51
C ASN U 3 54.24 89.93 -74.21
N ILE U 4 52.92 90.01 -74.34
CA ILE U 4 52.13 88.98 -74.99
C ILE U 4 51.28 89.65 -76.07
N VAL U 5 51.39 89.16 -77.30
CA VAL U 5 50.62 89.70 -78.42
C VAL U 5 49.86 88.56 -79.07
N GLY U 6 48.73 88.90 -79.69
CA GLY U 6 47.92 87.92 -80.37
C GLY U 6 46.58 88.46 -80.84
N ARG U 7 45.92 87.71 -81.72
CA ARG U 7 44.60 88.04 -82.20
C ARG U 7 43.60 87.00 -81.73
N ILE U 8 42.34 87.42 -81.63
CA ILE U 8 41.28 86.56 -81.12
C ILE U 8 40.14 86.54 -82.14
N GLY U 9 39.81 85.35 -82.63
CA GLY U 9 38.71 85.22 -83.56
C GLY U 9 37.37 85.12 -82.87
N PHE U 10 36.32 85.43 -83.62
CA PHE U 10 34.93 85.33 -83.17
C PHE U 10 34.63 86.19 -81.95
N LEU U 11 35.47 87.19 -81.67
CA LEU U 11 35.25 88.06 -80.52
C LEU U 11 35.84 89.42 -80.84
N THR U 12 34.98 90.39 -81.13
CA THR U 12 35.46 91.73 -81.45
C THR U 12 35.91 92.49 -80.21
N THR U 13 35.25 92.28 -79.07
CA THR U 13 35.57 93.00 -77.86
C THR U 13 35.49 92.07 -76.66
N GLY U 14 36.48 92.14 -75.79
CA GLY U 14 36.51 91.27 -74.63
C GLY U 14 37.56 91.69 -73.63
N LYS U 15 37.73 90.86 -72.61
CA LYS U 15 38.74 91.09 -71.57
C LYS U 15 39.55 89.83 -71.37
N LEU U 16 40.86 89.97 -71.27
CA LEU U 16 41.75 88.87 -70.96
C LEU U 16 42.21 89.00 -69.51
N GLY U 17 42.01 87.94 -68.74
CA GLY U 17 42.41 87.95 -67.35
C GLY U 17 43.50 86.93 -67.05
N ILE U 18 44.56 87.37 -66.40
CA ILE U 18 45.68 86.51 -66.04
C ILE U 18 45.82 86.52 -64.53
N LYS U 19 45.94 85.34 -63.92
CA LYS U 19 46.11 85.27 -62.48
C LYS U 19 47.16 84.22 -62.13
N LEU U 20 48.02 84.55 -61.18
CA LEU U 20 49.05 83.61 -60.77
C LEU U 20 48.48 82.60 -59.78
N ARG U 21 49.09 81.42 -59.77
CA ARG U 21 48.69 80.35 -58.87
C ARG U 21 49.54 80.30 -57.61
N GLY U 22 50.71 80.93 -57.61
CA GLY U 22 51.54 81.03 -56.43
C GLY U 22 52.26 82.36 -56.41
N VAL U 23 53.07 82.59 -55.38
CA VAL U 23 53.85 83.81 -55.32
C VAL U 23 54.96 83.75 -56.37
N LEU U 24 55.31 84.92 -56.90
CA LEU U 24 56.35 85.00 -57.93
C LEU U 24 57.42 86.00 -57.50
N ILE U 25 58.68 85.72 -57.79
CA ILE U 25 59.73 86.70 -57.51
C ILE U 25 60.39 87.22 -58.77
N ASP U 26 60.18 88.49 -59.09
CA ASP U 26 60.84 89.07 -60.24
C ASP U 26 62.08 89.84 -59.80
N GLU U 27 63.23 89.21 -59.92
CA GLU U 27 64.47 89.84 -59.49
C GLU U 27 65.11 90.66 -60.60
N SER U 28 64.47 90.71 -61.76
CA SER U 28 65.01 91.45 -62.89
C SER U 28 65.19 92.93 -62.58
N THR U 29 64.20 93.53 -61.93
CA THR U 29 64.31 94.94 -61.56
C THR U 29 64.93 95.03 -60.17
N THR U 30 65.53 96.18 -59.85
CA THR U 30 66.20 96.34 -58.56
C THR U 30 65.37 95.89 -57.35
N PRO U 31 64.17 96.48 -57.12
CA PRO U 31 63.43 95.92 -56.00
C PRO U 31 62.78 94.62 -56.44
N ASN U 32 63.13 93.52 -55.81
CA ASN U 32 62.62 92.23 -56.25
C ASN U 32 61.10 92.20 -56.16
N THR U 33 60.43 92.14 -57.31
CA THR U 33 58.98 92.21 -57.31
C THR U 33 58.29 90.96 -56.79
N THR U 34 57.66 91.08 -55.64
CA THR U 34 56.89 89.95 -55.16
C THR U 34 55.48 90.04 -55.75
N TYR U 35 55.04 88.96 -56.38
CA TYR U 35 53.76 88.89 -57.04
C TYR U 35 52.86 87.96 -56.25
N LEU U 36 51.74 88.49 -55.78
CA LEU U 36 50.80 87.72 -54.98
C LEU U 36 49.91 86.86 -55.87
N PRO U 37 49.53 85.68 -55.41
CA PRO U 37 48.64 84.82 -56.17
C PRO U 37 47.16 85.13 -55.92
N GLY U 38 46.33 84.69 -56.86
CA GLY U 38 44.90 84.86 -56.75
C GLY U 38 44.37 86.21 -57.15
N ILE U 39 45.23 87.12 -57.60
CA ILE U 39 44.81 88.45 -58.02
C ILE U 39 44.81 88.49 -59.54
N GLU U 40 43.66 88.84 -60.12
CA GLU U 40 43.48 88.81 -61.56
C GLU U 40 43.85 90.17 -62.16
N SER U 41 44.63 90.13 -63.24
CA SER U 41 44.98 91.31 -64.00
C SER U 41 44.23 91.27 -65.33
N PHE U 42 43.53 92.35 -65.64
CA PHE U 42 42.66 92.40 -66.81
C PHE U 42 43.25 93.32 -67.87
N PHE U 43 43.14 92.89 -69.12
CA PHE U 43 43.61 93.65 -70.27
C PHE U 43 42.53 93.66 -71.34
N ASN U 44 42.46 94.75 -72.08
CA ASN U 44 41.42 94.91 -73.09
C ASN U 44 41.75 94.09 -74.34
N ILE U 45 40.71 93.52 -74.95
CA ILE U 45 40.80 92.88 -76.25
C ILE U 45 39.89 93.68 -77.16
N THR U 46 40.48 94.57 -77.96
CA THR U 46 39.72 95.47 -78.81
C THR U 46 40.09 95.24 -80.26
N ALA U 47 39.07 95.20 -81.12
CA ALA U 47 39.24 94.93 -82.55
C ALA U 47 39.99 93.61 -82.77
N ASN U 48 39.64 92.61 -81.95
CA ASN U 48 40.22 91.27 -82.02
C ASN U 48 41.72 91.25 -81.74
N VAL U 49 42.23 92.27 -81.05
CA VAL U 49 43.66 92.38 -80.75
C VAL U 49 43.82 92.59 -79.25
N LEU U 50 44.74 91.83 -78.66
CA LEU U 50 45.14 92.08 -77.27
C LEU U 50 45.90 93.39 -77.21
N THR U 51 45.35 94.37 -76.48
CA THR U 51 45.86 95.74 -76.53
C THR U 51 47.31 95.84 -76.07
N SER U 52 47.56 95.57 -74.78
CA SER U 52 48.91 95.62 -74.25
C SER U 52 48.96 94.66 -73.07
N VAL U 53 49.42 93.44 -73.33
CA VAL U 53 49.49 92.40 -72.31
C VAL U 53 50.96 92.23 -71.94
N SER U 54 51.29 92.57 -70.71
CA SER U 54 52.65 92.41 -70.18
C SER U 54 52.55 91.68 -68.85
N TYR U 55 53.08 90.46 -68.80
CA TYR U 55 53.04 89.69 -67.57
C TYR U 55 54.46 89.24 -67.22
N PRO U 56 54.78 89.17 -65.94
CA PRO U 56 56.11 88.71 -65.55
C PRO U 56 56.37 87.28 -65.99
N GLU U 57 57.60 87.02 -66.41
CA GLU U 57 57.96 85.68 -66.84
C GLU U 57 57.80 84.76 -65.64
N THR U 58 57.03 83.70 -65.81
CA THR U 58 56.78 82.79 -64.70
C THR U 58 57.57 81.51 -64.92
N GLU U 59 58.39 81.48 -65.96
CA GLU U 59 59.20 80.30 -66.25
C GLU U 59 60.30 80.11 -65.22
N THR U 60 60.76 81.20 -64.63
CA THR U 60 61.84 81.13 -63.65
C THR U 60 61.61 80.09 -62.55
N GLN U 61 60.42 80.12 -61.95
CA GLN U 61 60.11 79.17 -60.90
C GLN U 61 59.02 78.19 -61.33
N ASN U 62 58.88 77.99 -62.64
CA ASN U 62 57.85 77.09 -63.18
C ASN U 62 56.47 77.38 -62.60
N VAL U 63 56.25 78.63 -62.21
CA VAL U 63 54.96 79.05 -61.67
C VAL U 63 53.96 79.08 -62.80
N THR U 64 52.82 78.43 -62.59
CA THR U 64 51.77 78.38 -63.60
C THR U 64 50.80 79.53 -63.39
N ALA U 65 50.34 80.12 -64.50
CA ALA U 65 49.37 81.20 -64.47
C ALA U 65 48.16 80.82 -65.30
N THR U 66 46.99 81.20 -64.82
CA THR U 66 45.72 80.92 -65.50
C THR U 66 45.33 82.11 -66.37
N PHE U 67 45.10 81.83 -67.64
CA PHE U 67 44.60 82.80 -68.61
C PHE U 67 43.13 82.52 -68.87
N SER U 68 42.34 83.59 -69.03
CA SER U 68 40.91 83.46 -69.27
C SER U 68 40.46 84.57 -70.21
N ILE U 69 39.48 84.26 -71.04
CA ILE U 69 38.86 85.20 -71.95
C ILE U 69 37.41 85.39 -71.54
N TYR U 70 37.01 86.63 -71.29
CA TYR U 70 35.65 86.96 -70.88
C TYR U 70 35.02 87.91 -71.88
N SER U 71 33.74 87.70 -72.15
CA SER U 71 32.99 88.68 -72.89
C SER U 71 32.73 89.90 -71.99
N VAL U 72 32.49 91.04 -72.63
CA VAL U 72 32.29 92.30 -71.92
C VAL U 72 30.83 92.70 -72.04
N ASP U 73 30.28 93.19 -70.93
CA ASP U 73 28.93 93.73 -70.91
C ASP U 73 28.96 95.16 -71.45
N GLY U 74 27.87 95.89 -71.27
CA GLY U 74 27.83 97.28 -71.69
C GLY U 74 28.74 98.21 -70.93
N SER U 75 29.34 97.73 -69.84
CA SER U 75 30.22 98.54 -69.01
C SER U 75 31.69 98.24 -69.23
N SER U 76 31.99 97.48 -70.29
CA SER U 76 33.37 97.06 -70.59
C SER U 76 33.93 96.35 -69.37
N ASN U 77 33.14 95.46 -68.78
CA ASN U 77 33.59 94.71 -67.60
C ASN U 77 33.53 93.22 -67.90
N PRO U 78 34.54 92.47 -67.45
CA PRO U 78 34.58 91.03 -67.73
C PRO U 78 33.42 90.23 -67.15
N VAL U 79 32.45 89.85 -67.98
CA VAL U 79 31.37 88.99 -67.50
C VAL U 79 32.09 87.69 -67.18
N PHE U 80 32.01 87.24 -65.94
CA PHE U 80 32.81 86.07 -65.52
C PHE U 80 32.79 84.68 -66.16
N PRO U 81 31.75 84.33 -66.94
CA PRO U 81 31.88 83.05 -67.65
C PRO U 81 33.10 83.08 -68.57
N ALA U 82 34.11 82.27 -68.28
CA ALA U 82 35.33 82.29 -69.07
C ALA U 82 35.20 81.44 -70.34
N LEU U 83 35.14 82.10 -71.48
CA LEU U 83 35.00 81.39 -72.75
C LEU U 83 36.25 80.59 -73.11
N LEU U 84 37.41 81.00 -72.62
CA LEU U 84 38.64 80.25 -72.87
C LEU U 84 39.60 80.30 -71.68
N SER U 85 39.52 79.31 -70.81
CA SER U 85 40.39 79.28 -69.64
C SER U 85 41.41 78.15 -69.67
N PHE U 86 42.69 78.45 -69.43
CA PHE U 86 43.73 77.43 -69.46
C PHE U 86 44.91 77.87 -68.61
N ASP U 87 45.64 76.89 -68.09
CA ASP U 87 46.84 77.14 -67.31
C ASP U 87 48.05 77.03 -68.22
N ALA U 88 48.96 77.99 -68.10
CA ALA U 88 50.13 78.04 -68.96
C ALA U 88 51.25 78.77 -68.24
N ILE U 89 52.47 78.61 -68.75
CA ILE U 89 53.67 79.20 -68.15
C ILE U 89 54.19 80.26 -69.11
N VAL U 90 54.33 81.48 -68.61
CA VAL U 90 54.83 82.57 -69.44
C VAL U 90 56.34 82.39 -69.60
N PRO U 91 56.84 82.22 -70.82
CA PRO U 91 58.25 81.95 -71.02
C PRO U 91 59.07 83.24 -70.94
N ASN U 92 60.40 83.07 -71.02
CA ASN U 92 61.33 84.20 -70.91
C ASN U 92 61.68 84.68 -72.32
N VAL U 93 60.86 85.61 -72.80
CA VAL U 93 61.08 86.24 -74.10
C VAL U 93 60.48 87.64 -74.04
N ALA U 94 61.03 88.54 -74.85
CA ALA U 94 60.54 89.91 -74.87
C ALA U 94 59.08 89.96 -75.29
N SER U 95 58.72 89.21 -76.33
CA SER U 95 57.34 89.16 -76.80
C SER U 95 57.01 87.72 -77.19
N VAL U 96 55.86 87.24 -76.72
CA VAL U 96 55.41 85.89 -77.05
C VAL U 96 54.03 86.00 -77.67
N GLU U 97 53.71 85.02 -78.52
CA GLU U 97 52.41 84.93 -79.17
C GLU U 97 51.44 84.17 -78.28
N PHE U 98 50.22 84.69 -78.18
CA PHE U 98 49.22 84.06 -77.34
C PHE U 98 48.81 82.67 -77.84
N ASP U 99 48.97 82.41 -79.14
CA ASP U 99 48.57 81.12 -79.68
C ASP U 99 49.41 79.99 -79.10
N VAL U 100 50.67 80.26 -78.76
CA VAL U 100 51.52 79.23 -78.16
C VAL U 100 50.97 78.81 -76.81
N LEU U 101 50.57 79.79 -76.00
CA LEU U 101 50.13 79.49 -74.64
C LEU U 101 48.85 78.67 -74.62
N ALA U 102 47.91 78.98 -75.51
CA ALA U 102 46.65 78.26 -75.53
C ALA U 102 46.87 76.80 -75.88
N PRO U 103 46.16 75.87 -75.24
CA PRO U 103 46.32 74.45 -75.58
C PRO U 103 45.65 74.15 -76.92
N THR U 104 46.22 73.19 -77.64
CA THR U 104 45.72 72.77 -78.93
C THR U 104 45.16 71.36 -78.82
N GLY U 105 43.89 71.20 -79.21
CA GLY U 105 43.22 69.92 -79.12
C GLY U 105 41.80 70.05 -78.63
N VAL U 106 41.03 68.96 -78.72
CA VAL U 106 39.62 68.97 -78.38
C VAL U 106 39.36 67.85 -77.38
N VAL U 107 38.57 68.16 -76.34
CA VAL U 107 38.22 67.17 -75.34
C VAL U 107 37.31 66.10 -75.94
N ASN U 108 36.28 66.53 -76.68
CA ASN U 108 35.32 65.61 -77.27
C ASN U 108 35.83 65.18 -78.65
N ASN U 109 36.77 64.24 -78.64
CA ASN U 109 37.40 63.74 -79.85
C ASN U 109 36.70 62.51 -80.42
N GLN U 110 35.75 61.94 -79.70
CA GLN U 110 35.08 60.71 -80.11
C GLN U 110 33.77 60.95 -80.83
N LEU U 111 33.39 62.21 -81.07
CA LEU U 111 32.07 62.54 -81.60
C LEU U 111 32.02 62.68 -83.12
N ASP U 112 33.16 62.70 -83.81
CA ASP U 112 33.17 63.00 -85.24
C ASP U 112 33.22 61.72 -86.06
N THR U 113 32.09 61.41 -86.72
CA THR U 113 32.00 60.34 -87.71
C THR U 113 31.25 60.91 -88.91
N SER U 114 31.98 61.52 -89.83
CA SER U 114 31.35 62.32 -90.88
C SER U 114 31.68 61.84 -92.28
N ALA U 115 31.66 60.53 -92.51
CA ALA U 115 31.76 59.97 -93.85
C ALA U 115 33.09 60.33 -94.52
N LEU U 116 33.32 61.62 -94.74
CA LEU U 116 34.62 62.06 -95.25
C LEU U 116 35.73 61.61 -94.32
N ARG U 117 35.55 61.83 -93.01
CA ARG U 117 36.55 61.41 -92.05
C ARG U 117 36.73 59.90 -92.07
N ILE U 118 35.64 59.15 -92.15
CA ILE U 118 35.74 57.69 -92.19
C ILE U 118 36.41 57.24 -93.47
N ALA U 119 36.11 57.92 -94.59
CA ALA U 119 36.77 57.59 -95.85
C ALA U 119 38.28 57.79 -95.74
N LYS U 120 38.69 58.92 -95.15
CA LYS U 120 40.12 59.17 -94.96
C LYS U 120 40.74 58.13 -94.05
N ILE U 121 40.05 57.77 -92.97
CA ILE U 121 40.59 56.78 -92.03
C ILE U 121 40.78 55.44 -92.71
N ILE U 122 39.79 55.01 -93.49
CA ILE U 122 39.85 53.70 -94.12
C ILE U 122 40.91 53.68 -95.22
N ALA U 123 41.01 54.77 -95.99
CA ALA U 123 42.01 54.81 -97.04
C ALA U 123 43.42 54.86 -96.48
N ASN U 124 43.64 55.66 -95.43
CA ASN U 124 45.00 55.89 -94.95
C ASN U 124 45.57 54.68 -94.23
N ASP U 125 44.75 53.95 -93.49
CA ASP U 125 45.25 52.79 -92.76
C ASP U 125 45.61 51.68 -93.73
N PRO U 126 46.82 51.11 -93.66
CA PRO U 126 47.17 50.03 -94.58
C PRO U 126 46.27 48.80 -94.47
N ALA U 127 45.84 48.45 -93.26
CA ALA U 127 45.04 47.24 -93.08
C ALA U 127 43.64 47.42 -93.67
N LEU U 128 42.99 48.54 -93.35
CA LEU U 128 41.65 48.78 -93.90
C LEU U 128 41.71 49.01 -95.40
N ALA U 129 42.78 49.64 -95.90
CA ALA U 129 42.95 49.77 -97.34
C ALA U 129 43.10 48.42 -98.00
N GLN U 130 43.86 47.51 -97.37
CA GLN U 130 44.00 46.17 -97.94
C GLN U 130 42.67 45.43 -97.91
N LYS U 131 41.85 45.66 -96.90
CA LYS U 131 40.53 45.02 -96.87
C LYS U 131 39.67 45.50 -98.03
N VAL U 132 39.71 46.78 -98.35
CA VAL U 132 38.98 47.32 -99.50
C VAL U 132 39.95 47.25 -100.68
N ALA U 133 40.01 46.08 -101.31
CA ALA U 133 40.96 45.86 -102.39
C ALA U 133 40.28 45.54 -103.71
N GLY U 134 39.41 44.54 -103.74
CA GLY U 134 38.87 44.08 -105.01
C GLY U 134 40.00 43.64 -105.92
N ALA U 135 39.94 44.09 -107.18
CA ALA U 135 41.10 44.09 -108.05
C ALA U 135 41.51 42.67 -108.47
N PRO U 136 42.52 42.53 -109.34
CA PRO U 136 43.03 41.18 -109.64
C PRO U 136 43.51 40.44 -108.41
N TYR U 137 43.34 39.12 -108.44
CA TYR U 137 43.87 38.21 -107.44
C TYR U 137 44.69 37.16 -108.17
N PRO U 138 46.02 37.35 -108.26
CA PRO U 138 46.84 36.44 -109.07
C PRO U 138 46.74 35.00 -108.57
N ARG U 139 46.74 34.06 -109.52
CA ARG U 139 46.72 32.65 -109.19
C ARG U 139 47.64 31.78 -110.02
N GLY U 140 48.17 32.26 -111.14
CA GLY U 140 49.11 31.48 -111.92
C GLY U 140 48.61 31.09 -113.29
N ALA U 141 49.21 30.06 -113.87
CA ALA U 141 48.79 29.59 -115.18
C ALA U 141 47.41 28.95 -115.09
N TYR U 142 46.60 29.16 -116.12
CA TYR U 142 45.24 28.64 -116.12
C TYR U 142 45.25 27.13 -116.25
N SER U 143 44.30 26.48 -115.58
CA SER U 143 44.05 25.07 -115.75
C SER U 143 42.57 24.81 -115.52
N ALA U 144 42.05 23.72 -116.09
CA ALA U 144 40.61 23.44 -115.99
C ALA U 144 40.09 23.22 -114.57
N THR U 145 40.60 22.21 -113.88
CA THR U 145 40.12 21.88 -112.54
C THR U 145 40.03 23.05 -111.57
N GLU U 146 41.02 23.94 -111.60
CA GLU U 146 41.05 25.05 -110.65
C GLU U 146 39.79 25.90 -110.60
N THR U 147 39.28 26.13 -109.39
CA THR U 147 38.09 26.96 -109.22
C THR U 147 38.50 28.41 -109.09
N TYR U 148 38.07 29.25 -110.01
CA TYR U 148 38.49 30.65 -109.99
C TYR U 148 37.30 31.51 -109.55
N LEU U 149 37.49 32.25 -108.46
CA LEU U 149 36.45 33.12 -107.95
C LEU U 149 36.47 34.45 -108.69
N TYR U 150 35.60 35.36 -108.27
CA TYR U 150 35.55 36.68 -108.87
C TYR U 150 36.86 37.41 -108.63
N GLY U 151 37.32 38.14 -109.65
CA GLY U 151 38.53 38.93 -109.53
C GLY U 151 39.82 38.15 -109.56
N GLU U 152 39.75 36.82 -109.60
CA GLU U 152 40.95 36.00 -109.69
C GLU U 152 41.55 36.12 -111.09
N MET U 153 42.85 36.34 -111.16
CA MET U 153 43.51 36.64 -112.43
C MET U 153 44.56 35.58 -112.72
N VAL U 154 44.51 35.04 -113.94
CA VAL U 154 45.38 33.94 -114.36
C VAL U 154 46.10 34.35 -115.65
N SER U 155 47.09 33.54 -116.00
CA SER U 155 47.82 33.68 -117.26
C SER U 155 47.40 32.55 -118.19
N TYR U 156 47.16 32.90 -119.45
CA TYR U 156 46.66 31.94 -120.43
C TYR U 156 47.13 32.35 -121.80
N PHE U 157 47.93 31.48 -122.44
CA PHE U 157 48.38 31.68 -123.82
C PHE U 157 49.09 33.00 -124.00
N GLY U 158 49.80 33.44 -122.96
CA GLY U 158 50.55 34.68 -123.03
C GLY U 158 49.76 35.93 -122.73
N LYS U 159 48.48 35.81 -122.39
CA LYS U 159 47.67 36.95 -121.98
C LYS U 159 47.29 36.80 -120.51
N ASN U 160 46.84 37.91 -119.94
CA ASN U 160 46.38 37.96 -118.55
C ASN U 160 44.86 38.13 -118.54
N TYR U 161 44.18 37.25 -117.81
CA TYR U 161 42.72 37.26 -117.79
C TYR U 161 42.23 37.29 -116.35
N ILE U 162 41.40 38.28 -116.04
CA ILE U 162 40.75 38.39 -114.72
C ILE U 162 39.32 37.91 -114.87
N SER U 163 38.91 36.99 -114.01
CA SER U 163 37.55 36.49 -114.02
C SER U 163 36.61 37.55 -113.47
N LYS U 164 35.48 37.74 -114.15
CA LYS U 164 34.44 38.65 -113.70
C LYS U 164 33.15 37.94 -113.34
N SER U 165 33.10 36.61 -113.47
CA SER U 165 31.92 35.86 -113.07
C SER U 165 31.73 35.95 -111.57
N LEU U 166 30.58 36.49 -111.16
CA LEU U 166 30.30 36.64 -109.73
C LEU U 166 30.21 35.30 -109.02
N SER U 167 29.93 34.25 -109.73
CA SER U 167 29.91 32.88 -109.24
C SER U 167 31.19 32.16 -109.62
N PRO U 168 31.61 31.16 -108.85
CA PRO U 168 32.83 30.42 -109.21
C PRO U 168 32.67 29.68 -110.52
N ILE U 169 33.78 29.54 -111.23
CA ILE U 169 33.79 28.89 -112.53
C ILE U 169 34.83 27.78 -112.53
N ILE U 170 34.57 26.73 -113.31
CA ILE U 170 35.46 25.59 -113.43
C ILE U 170 35.52 25.17 -114.89
N ASN U 171 36.74 24.94 -115.40
CA ASN U 171 36.98 24.36 -116.71
C ASN U 171 36.63 25.33 -117.83
N ILE U 172 36.05 26.47 -117.48
CA ILE U 172 35.70 27.47 -118.49
C ILE U 172 36.94 28.22 -118.91
N LEU U 173 37.16 28.31 -120.22
CA LEU U 173 38.40 28.87 -120.74
C LEU U 173 38.48 30.37 -120.49
N PRO U 174 39.68 30.89 -120.24
CA PRO U 174 39.83 32.36 -120.09
C PRO U 174 39.51 33.13 -121.35
N THR U 175 39.54 32.51 -122.52
CA THR U 175 39.32 33.23 -123.76
C THR U 175 37.87 33.68 -123.93
N VAL U 176 36.90 32.88 -123.47
CA VAL U 176 35.49 33.23 -123.67
C VAL U 176 35.16 34.41 -122.77
N THR U 177 34.69 35.50 -123.39
CA THR U 177 34.56 36.78 -122.71
C THR U 177 33.36 36.85 -121.77
N ASP U 178 32.55 35.80 -121.70
CA ASP U 178 31.39 35.84 -120.82
C ASP U 178 31.77 35.94 -119.34
N SER U 179 32.87 35.31 -118.92
CA SER U 179 33.26 35.27 -117.53
C SER U 179 34.67 35.76 -117.26
N TRP U 180 35.50 35.91 -118.29
CA TRP U 180 36.84 36.47 -118.14
C TRP U 180 36.95 37.74 -118.98
N TYR U 181 37.90 38.59 -118.61
CA TYR U 181 38.27 39.70 -119.48
C TYR U 181 39.77 39.91 -119.38
N GLU U 182 40.35 40.34 -120.50
CA GLU U 182 41.80 40.40 -120.64
C GLU U 182 42.31 41.74 -120.12
N LEU U 183 43.52 41.73 -119.58
CA LEU U 183 44.18 42.92 -119.04
C LEU U 183 45.16 43.45 -120.08
N VAL U 184 44.83 44.59 -120.68
CA VAL U 184 45.60 45.10 -121.80
C VAL U 184 47.00 45.51 -121.34
N ILE U 185 47.95 45.46 -122.27
CA ILE U 185 49.32 45.88 -122.01
C ILE U 185 49.77 46.99 -122.96
N THR U 186 49.44 46.89 -124.25
CA THR U 186 49.68 47.94 -125.24
C THR U 186 51.16 48.39 -125.24
N LEU U 187 52.03 47.47 -125.63
CA LEU U 187 53.45 47.74 -125.69
C LEU U 187 53.86 48.13 -127.11
N PRO U 188 54.20 49.39 -127.38
CA PRO U 188 54.65 49.78 -128.72
C PRO U 188 56.16 49.83 -128.87
N GLU U 189 56.67 49.47 -130.05
CA GLU U 189 58.08 49.67 -130.41
C GLU U 189 58.98 49.00 -129.37
N SER U 190 58.87 47.67 -129.35
CA SER U 190 59.54 46.90 -128.32
C SER U 190 61.04 46.81 -128.56
N VAL U 191 61.80 46.66 -127.49
CA VAL U 191 63.25 46.66 -127.57
C VAL U 191 63.83 45.27 -127.36
N SER U 192 63.59 44.68 -126.20
CA SER U 192 64.21 43.40 -125.84
C SER U 192 63.33 42.26 -126.36
N VAL U 193 63.78 41.61 -127.43
CA VAL U 193 63.04 40.49 -128.00
C VAL U 193 63.93 39.26 -128.10
N ILE U 194 65.06 39.39 -128.81
CA ILE U 194 65.93 38.24 -129.05
C ILE U 194 67.37 38.46 -128.65
N ALA U 195 67.86 39.70 -128.58
CA ALA U 195 69.28 39.93 -128.28
C ALA U 195 69.63 39.44 -126.88
N THR U 196 68.79 39.73 -125.90
CA THR U 196 69.08 39.33 -124.52
C THR U 196 69.01 37.82 -124.36
N GLY U 197 68.38 37.12 -125.29
CA GLY U 197 68.26 35.69 -125.18
C GLY U 197 69.40 34.88 -125.75
N SER U 198 70.47 35.53 -126.22
CA SER U 198 71.53 34.82 -126.92
C SER U 198 72.41 34.03 -125.97
N ASP U 199 73.14 34.73 -125.09
CA ASP U 199 74.08 34.12 -124.16
C ASP U 199 75.09 33.25 -124.88
N THR U 200 74.67 32.04 -125.26
CA THR U 200 75.49 31.02 -125.89
C THR U 200 76.53 30.48 -124.89
N ALA U 201 76.85 29.20 -124.97
CA ALA U 201 77.65 28.54 -123.95
C ALA U 201 79.04 28.24 -124.50
N TYR U 202 79.93 29.21 -124.36
CA TYR U 202 81.35 29.04 -124.66
C TYR U 202 82.10 30.26 -124.14
N GLY U 203 83.40 30.10 -123.96
CA GLY U 203 84.26 31.22 -123.62
C GLY U 203 84.55 31.33 -122.14
N THR U 204 85.75 30.93 -121.74
CA THR U 204 86.21 31.07 -120.37
C THR U 204 87.39 32.02 -120.28
N GLY U 205 88.49 31.72 -120.97
CA GLY U 205 89.56 32.68 -121.11
C GLY U 205 90.11 32.75 -122.53
N TRP U 206 89.93 33.90 -123.18
CA TRP U 206 90.35 34.11 -124.56
C TRP U 206 90.49 35.61 -124.79
N ASN U 207 90.84 35.98 -126.01
CA ASN U 207 90.99 37.40 -126.33
C ASN U 207 90.47 37.81 -127.69
N GLY U 208 89.86 36.91 -128.47
CA GLY U 208 89.44 37.28 -129.80
C GLY U 208 88.10 36.75 -130.27
N SER U 209 87.45 35.91 -129.46
CA SER U 209 86.26 35.20 -129.90
C SER U 209 84.98 36.02 -129.79
N LEU U 210 85.08 37.27 -129.33
CA LEU U 210 83.93 38.17 -129.23
C LEU U 210 82.84 37.58 -128.35
N LEU U 211 83.19 37.38 -127.09
CA LEU U 211 82.30 36.84 -126.07
C LEU U 211 81.29 37.89 -125.63
N VAL U 212 80.41 38.25 -126.56
CA VAL U 212 79.44 39.32 -126.35
C VAL U 212 78.34 38.88 -125.38
N PRO U 213 77.54 37.86 -125.67
CA PRO U 213 76.31 37.65 -124.90
C PRO U 213 76.42 36.74 -123.70
N THR U 214 77.56 36.06 -123.50
CA THR U 214 77.63 34.98 -122.52
C THR U 214 77.39 35.50 -121.11
N GLN U 215 76.58 34.75 -120.34
CA GLN U 215 76.32 35.09 -118.95
C GLN U 215 76.55 33.90 -118.02
N ASN U 216 76.26 32.69 -118.48
CA ASN U 216 76.46 31.51 -117.65
C ASN U 216 77.94 31.22 -117.47
N ALA U 217 78.70 31.22 -118.56
CA ALA U 217 80.14 31.00 -118.44
C ALA U 217 80.81 32.15 -117.69
N VAL U 218 80.27 33.36 -117.83
CA VAL U 218 80.74 34.47 -117.00
C VAL U 218 80.52 34.15 -115.53
N TYR U 219 79.35 33.63 -115.19
CA TYR U 219 79.07 33.24 -113.81
C TYR U 219 80.05 32.19 -113.33
N ASP U 220 80.29 31.16 -114.15
CA ASP U 220 81.17 30.08 -113.72
C ASP U 220 82.60 30.57 -113.52
N LYS U 221 83.11 31.37 -114.46
CA LYS U 221 84.45 31.92 -114.32
C LYS U 221 84.55 32.80 -113.08
N ILE U 222 83.53 33.63 -112.84
CA ILE U 222 83.64 34.55 -111.72
C ILE U 222 83.47 33.84 -110.38
N VAL U 223 82.66 32.77 -110.31
CA VAL U 223 82.62 32.02 -109.06
C VAL U 223 83.92 31.27 -108.85
N THR U 224 84.58 30.80 -109.93
CA THR U 224 85.90 30.22 -109.76
C THR U 224 86.88 31.24 -109.21
N VAL U 225 86.85 32.46 -109.75
CA VAL U 225 87.74 33.52 -109.26
C VAL U 225 87.45 33.84 -107.80
N ASP U 226 86.17 33.96 -107.46
CA ASP U 226 85.80 34.30 -106.08
C ASP U 226 86.18 33.19 -105.11
N ALA U 227 86.03 31.93 -105.53
CA ALA U 227 86.46 30.81 -104.69
C ALA U 227 87.96 30.83 -104.49
N ALA U 228 88.71 31.15 -105.54
CA ALA U 228 90.16 31.26 -105.40
C ALA U 228 90.54 32.37 -104.42
N ILE U 229 89.86 33.52 -104.51
CA ILE U 229 90.15 34.62 -103.59
C ILE U 229 89.79 34.25 -102.17
N ALA U 230 88.65 33.58 -101.97
CA ALA U 230 88.23 33.17 -100.63
C ALA U 230 89.20 32.14 -100.05
N THR U 231 89.67 31.21 -100.87
CA THR U 231 90.66 30.24 -100.40
C THR U 231 91.97 30.94 -100.05
N ALA U 232 92.35 31.95 -100.83
CA ALA U 232 93.53 32.75 -100.48
C ALA U 232 93.34 33.44 -99.15
N ASN U 233 92.16 34.01 -98.91
CA ASN U 233 91.88 34.65 -97.62
C ASN U 233 91.93 33.63 -96.48
N THR U 234 91.38 32.44 -96.71
CA THR U 234 91.45 31.39 -95.70
C THR U 234 92.89 31.02 -95.39
N ASN U 235 93.72 30.88 -96.42
CA ASN U 235 95.13 30.59 -96.21
C ASN U 235 95.82 31.71 -95.46
N ILE U 236 95.48 32.95 -95.78
CA ILE U 236 96.09 34.09 -95.10
C ILE U 236 95.75 34.08 -93.62
N THR U 237 94.48 33.87 -93.29
CA THR U 237 94.08 33.82 -91.89
C THR U 237 94.70 32.63 -91.18
N ASN U 238 94.78 31.48 -91.85
CA ASN U 238 95.37 30.29 -91.26
C ASN U 238 96.85 30.51 -90.96
N LEU U 239 97.56 31.14 -91.89
CA LEU U 239 98.96 31.48 -91.65
C LEU U 239 99.09 32.50 -90.52
N GLY U 240 98.18 33.48 -90.48
CA GLY U 240 98.25 34.48 -89.43
C GLY U 240 98.08 33.89 -88.04
N THR U 241 97.14 32.96 -87.88
CA THR U 241 96.99 32.32 -86.58
C THR U 241 98.07 31.27 -86.34
N ALA U 242 98.62 30.68 -87.40
CA ALA U 242 99.54 29.55 -87.25
C ALA U 242 100.93 29.99 -86.84
N LYS U 243 101.37 31.17 -87.25
CA LYS U 243 102.71 31.65 -86.95
C LYS U 243 102.73 32.42 -85.64
N ALA U 244 103.94 32.76 -85.19
CA ALA U 244 104.14 33.53 -83.99
C ALA U 244 104.27 35.01 -84.32
N ASP U 245 103.76 35.85 -83.42
CA ASP U 245 103.77 37.29 -83.62
C ASP U 245 105.12 37.89 -83.27
N LEU U 246 105.44 39.01 -83.92
CA LEU U 246 106.70 39.71 -83.67
C LEU U 246 106.76 40.21 -82.23
N SER U 247 105.71 40.92 -81.82
CA SER U 247 105.65 41.43 -80.46
C SER U 247 105.82 40.29 -79.47
N TYR U 248 105.09 39.20 -79.68
CA TYR U 248 105.15 38.08 -78.75
C TYR U 248 106.56 37.61 -78.50
N VAL U 249 107.24 37.16 -79.56
CA VAL U 249 108.58 36.64 -79.40
C VAL U 249 109.49 37.66 -78.74
N ASN U 250 109.51 38.88 -79.27
CA ASN U 250 110.37 39.92 -78.74
C ASN U 250 110.18 40.12 -77.23
N THR U 251 108.94 40.32 -76.80
CA THR U 251 108.68 40.55 -75.38
C THR U 251 109.07 39.36 -74.52
N GLN U 252 108.74 38.16 -74.97
CA GLN U 252 109.07 36.97 -74.21
C GLN U 252 110.56 36.71 -74.16
N LEU U 253 111.27 37.07 -75.23
CA LEU U 253 112.71 36.89 -75.24
C LEU U 253 113.36 37.96 -74.37
N SER U 254 112.75 39.14 -74.29
CA SER U 254 113.27 40.19 -73.43
C SER U 254 113.17 39.72 -72.00
N ALA U 255 112.04 39.14 -71.61
CA ALA U 255 111.90 38.60 -70.27
C ALA U 255 112.96 37.55 -70.00
N ASP U 256 113.18 36.64 -70.96
CA ASP U 256 114.21 35.64 -70.77
C ASP U 256 115.59 36.27 -70.65
N GLN U 257 115.86 37.32 -71.43
CA GLN U 257 117.16 37.97 -71.40
C GLN U 257 117.40 38.69 -70.08
N VAL U 258 116.38 39.35 -69.54
CA VAL U 258 116.57 40.06 -68.27
C VAL U 258 116.75 39.06 -67.14
N VAL U 259 115.99 37.97 -67.15
CA VAL U 259 116.22 36.92 -66.15
C VAL U 259 117.62 36.34 -66.32
N LEU U 260 118.08 36.21 -67.56
CA LEU U 260 119.41 35.67 -67.82
C LEU U 260 120.51 36.58 -67.28
N ASP U 261 120.39 37.89 -67.50
CA ASP U 261 121.43 38.79 -67.01
C ASP U 261 121.40 38.88 -65.49
N ALA U 262 120.21 38.82 -64.89
CA ALA U 262 120.13 38.74 -63.44
C ALA U 262 120.81 37.48 -62.91
N LEU U 263 120.61 36.36 -63.59
CA LEU U 263 121.26 35.12 -63.19
C LEU U 263 122.77 35.22 -63.33
N SER U 264 123.25 35.81 -64.43
CA SER U 264 124.69 35.93 -64.64
C SER U 264 125.33 36.89 -63.64
N SER U 265 124.59 37.91 -63.20
CA SER U 265 125.17 38.91 -62.30
C SER U 265 125.37 38.33 -60.91
N GLY U 266 124.28 37.93 -60.25
CA GLY U 266 124.34 37.49 -58.86
C GLY U 266 124.44 36.00 -58.67
N LYS U 267 125.51 35.39 -59.17
CA LYS U 267 125.69 33.95 -59.04
C LYS U 267 127.16 33.66 -58.82
N ALA U 268 127.44 32.47 -58.31
CA ALA U 268 128.78 32.06 -57.91
C ALA U 268 129.47 31.36 -59.09
N ASP U 269 130.38 32.08 -59.74
CA ASP U 269 131.23 31.47 -60.75
C ASP U 269 132.22 30.50 -60.12
N LEU U 270 132.56 29.46 -60.87
CA LEU U 270 133.37 28.38 -60.31
C LEU U 270 134.76 28.87 -59.91
N SER U 271 135.37 29.72 -60.74
CA SER U 271 136.73 30.18 -60.47
C SER U 271 136.81 30.94 -59.15
N TYR U 272 135.87 31.86 -58.93
CA TYR U 272 135.88 32.65 -57.71
C TYR U 272 135.67 31.77 -56.47
N VAL U 273 134.74 30.83 -56.56
CA VAL U 273 134.47 29.96 -55.42
C VAL U 273 135.67 29.09 -55.10
N ASN U 274 136.31 28.52 -56.13
CA ASN U 274 137.50 27.72 -55.90
C ASN U 274 138.64 28.54 -55.34
N THR U 275 138.80 29.78 -55.81
CA THR U 275 139.84 30.65 -55.28
C THR U 275 139.60 30.95 -53.81
N GLN U 276 138.36 31.25 -53.44
CA GLN U 276 138.06 31.56 -52.04
C GLN U 276 138.18 30.31 -51.16
N LEU U 277 137.87 29.15 -51.73
CA LEU U 277 138.10 27.90 -51.02
C LEU U 277 139.58 27.69 -50.75
N ASN U 278 140.42 27.92 -51.76
CA ASN U 278 141.86 27.81 -51.56
C ASN U 278 142.37 28.84 -50.57
N SER U 279 141.70 29.99 -50.48
CA SER U 279 142.04 30.97 -49.46
C SER U 279 141.80 30.44 -48.06
N LYS U 280 140.71 29.70 -47.86
CA LYS U 280 140.37 29.18 -46.54
C LYS U 280 139.95 27.72 -46.61
N MET V 1 40.88 77.50 -95.04
CA MET V 1 39.74 78.16 -95.67
C MET V 1 39.04 77.19 -96.61
N THR V 2 37.70 77.18 -96.53
CA THR V 2 36.88 76.30 -97.38
C THR V 2 35.53 76.93 -97.60
N ASN V 3 35.08 76.98 -98.86
CA ASN V 3 33.74 77.49 -99.12
C ASN V 3 32.73 76.36 -99.19
N ILE V 4 32.15 76.02 -98.05
CA ILE V 4 31.14 74.97 -98.02
C ILE V 4 29.92 75.34 -98.87
N VAL V 5 29.42 74.40 -99.66
CA VAL V 5 28.28 74.67 -100.53
C VAL V 5 27.23 73.58 -100.31
N GLY V 6 26.00 73.78 -100.81
CA GLY V 6 24.98 72.77 -100.68
C GLY V 6 23.55 73.30 -100.63
N ARG V 7 22.58 72.40 -100.53
CA ARG V 7 21.19 72.80 -100.43
C ARG V 7 20.61 71.98 -99.30
N ILE V 8 19.68 72.53 -98.53
CA ILE V 8 19.19 71.75 -97.40
C ILE V 8 17.70 71.58 -97.62
N GLY V 9 17.21 70.36 -97.71
CA GLY V 9 15.80 70.21 -98.03
C GLY V 9 14.81 70.51 -96.92
N PHE V 10 13.54 70.74 -97.28
CA PHE V 10 12.47 70.99 -96.29
C PHE V 10 12.71 72.16 -95.35
N LEU V 11 13.46 73.16 -95.80
CA LEU V 11 13.69 74.36 -95.00
C LEU V 11 14.04 75.51 -95.92
N THR V 12 13.03 76.25 -96.39
CA THR V 12 13.28 77.38 -97.26
C THR V 12 14.20 78.39 -96.59
N THR V 13 13.95 78.72 -95.34
CA THR V 13 14.68 79.76 -94.64
C THR V 13 15.10 79.29 -93.25
N GLY V 14 16.37 79.51 -92.92
CA GLY V 14 16.87 79.12 -91.61
C GLY V 14 18.29 79.59 -91.41
N LYS V 15 18.86 79.18 -90.28
CA LYS V 15 20.23 79.50 -89.91
C LYS V 15 21.06 78.23 -89.80
N LEU V 16 22.34 78.36 -90.13
CA LEU V 16 23.32 77.29 -89.96
C LEU V 16 24.42 77.81 -89.06
N GLY V 17 24.57 77.18 -87.89
CA GLY V 17 25.57 77.58 -86.93
C GLY V 17 26.75 76.62 -86.92
N ILE V 18 27.94 77.17 -87.11
CA ILE V 18 29.19 76.41 -87.02
C ILE V 18 29.92 76.88 -85.77
N LYS V 19 30.23 75.94 -84.89
CA LYS V 19 30.86 76.24 -83.61
C LYS V 19 32.08 75.36 -83.43
N LEU V 20 33.22 75.97 -83.14
CA LEU V 20 34.45 75.19 -82.98
C LEU V 20 34.40 74.38 -81.69
N ARG V 21 35.16 73.29 -81.69
CA ARG V 21 35.28 72.44 -80.51
C ARG V 21 36.65 72.51 -79.86
N GLY V 22 37.65 73.05 -80.55
CA GLY V 22 38.95 73.28 -79.97
C GLY V 22 39.49 74.63 -80.41
N VAL V 23 40.70 74.94 -79.96
CA VAL V 23 41.35 76.17 -80.37
C VAL V 23 41.89 76.01 -81.79
N LEU V 24 41.56 76.96 -82.65
CA LEU V 24 42.07 76.99 -84.01
C LEU V 24 43.06 78.12 -84.16
N ILE V 25 44.16 77.90 -84.89
CA ILE V 25 45.17 78.93 -85.03
C ILE V 25 45.39 79.42 -86.46
N ASP V 26 45.21 80.72 -86.70
CA ASP V 26 45.52 81.25 -88.02
C ASP V 26 46.84 81.98 -87.91
N GLU V 27 47.90 81.36 -88.43
CA GLU V 27 49.22 81.96 -88.31
C GLU V 27 49.53 82.91 -89.46
N SER V 28 48.63 82.98 -90.44
CA SER V 28 48.84 83.85 -91.58
C SER V 28 48.95 85.31 -91.16
N THR V 29 47.98 85.79 -90.38
CA THR V 29 48.04 87.16 -89.87
C THR V 29 49.18 87.27 -88.89
N THR V 30 49.93 88.38 -88.94
CA THR V 30 51.07 88.59 -88.05
C THR V 30 50.77 88.25 -86.58
N PRO V 31 49.77 88.90 -85.96
CA PRO V 31 49.48 88.43 -84.60
C PRO V 31 48.71 87.15 -84.80
N ASN V 32 49.30 86.00 -84.51
CA ASN V 32 48.64 84.73 -84.79
C ASN V 32 47.25 84.67 -84.19
N THR V 33 46.25 84.64 -85.06
CA THR V 33 44.88 84.63 -84.57
C THR V 33 44.53 83.33 -83.90
N THR V 34 43.79 83.42 -82.80
CA THR V 34 43.40 82.25 -82.07
C THR V 34 41.89 82.12 -81.97
N TYR V 35 41.27 81.50 -82.96
CA TYR V 35 39.84 81.26 -82.92
C TYR V 35 39.52 80.35 -81.73
N LEU V 36 38.61 80.79 -80.88
CA LEU V 36 38.32 80.03 -79.68
C LEU V 36 36.98 79.32 -79.80
N PRO V 37 36.83 78.16 -79.16
CA PRO V 37 35.60 77.39 -79.31
C PRO V 37 34.45 78.00 -78.52
N GLY V 38 33.26 77.47 -78.78
CA GLY V 38 32.06 77.89 -78.08
C GLY V 38 31.37 79.11 -78.65
N ILE V 39 31.93 79.75 -79.66
CA ILE V 39 31.34 80.91 -80.30
C ILE V 39 30.83 80.47 -81.66
N GLU V 40 29.53 80.62 -81.89
CA GLU V 40 28.87 80.03 -83.04
C GLU V 40 28.71 81.08 -84.14
N SER V 41 29.29 80.79 -85.31
CA SER V 41 29.13 81.64 -86.49
C SER V 41 27.88 81.21 -87.23
N PHE V 42 27.01 82.18 -87.52
CA PHE V 42 25.72 81.91 -88.14
C PHE V 42 25.75 82.33 -89.61
N PHE V 43 25.27 81.44 -90.47
CA PHE V 43 25.11 81.72 -91.88
C PHE V 43 23.65 81.49 -92.27
N ASN V 44 23.23 82.17 -93.33
CA ASN V 44 21.86 82.09 -93.79
C ASN V 44 21.67 80.93 -94.75
N ILE V 45 20.51 80.29 -94.67
CA ILE V 45 20.06 79.41 -95.72
C ILE V 45 18.72 79.96 -96.21
N THR V 46 18.67 80.31 -97.48
CA THR V 46 17.49 80.91 -98.09
C THR V 46 17.12 80.12 -99.33
N ALA V 47 15.81 79.90 -99.50
CA ALA V 47 15.29 79.13 -100.63
C ALA V 47 15.94 77.76 -100.72
N ASN V 48 16.13 77.12 -99.57
CA ASN V 48 16.74 75.80 -99.46
C ASN V 48 18.18 75.77 -99.94
N VAL V 49 18.89 76.88 -99.89
CA VAL V 49 20.25 76.98 -100.41
C VAL V 49 21.16 77.53 -99.33
N LEU V 50 22.30 76.84 -99.12
CA LEU V 50 23.36 77.40 -98.29
C LEU V 50 23.88 78.66 -98.97
N THR V 51 23.55 79.82 -98.41
CA THR V 51 23.81 81.09 -99.08
C THR V 51 25.30 81.29 -99.35
N SER V 52 26.09 81.45 -98.30
CA SER V 52 27.53 81.68 -98.46
C SER V 52 28.21 81.19 -97.18
N VAL V 53 28.79 80.00 -97.24
CA VAL V 53 29.44 79.38 -96.09
C VAL V 53 30.93 79.41 -96.36
N SER V 54 31.63 80.36 -95.73
CA SER V 54 33.08 80.46 -95.80
C SER V 54 33.64 80.27 -94.40
N TYR V 55 34.33 79.15 -94.19
CA TYR V 55 34.84 78.87 -92.86
C TYR V 55 36.29 78.45 -92.94
N PRO V 56 37.10 78.80 -91.94
CA PRO V 56 38.49 78.31 -91.92
C PRO V 56 38.53 76.79 -91.87
N GLU V 57 39.48 76.21 -92.59
CA GLU V 57 39.64 74.77 -92.58
C GLU V 57 40.15 74.33 -91.22
N THR V 58 39.86 73.07 -90.88
CA THR V 58 40.33 72.48 -89.63
C THR V 58 41.00 71.13 -89.82
N GLU V 59 41.14 70.65 -91.04
CA GLU V 59 41.73 69.34 -91.26
C GLU V 59 43.21 69.32 -90.92
N THR V 60 43.92 70.43 -91.19
CA THR V 60 45.34 70.49 -90.93
C THR V 60 45.65 70.30 -89.45
N GLN V 61 44.92 71.01 -88.58
CA GLN V 61 45.13 70.90 -87.15
C GLN V 61 44.23 69.86 -86.50
N ASN V 62 43.33 69.24 -87.27
CA ASN V 62 42.45 68.17 -86.79
C ASN V 62 41.60 68.66 -85.62
N VAL V 63 40.82 69.71 -85.87
CA VAL V 63 39.91 70.29 -84.88
C VAL V 63 38.49 70.06 -85.34
N THR V 64 37.66 69.51 -84.47
CA THR V 64 36.28 69.24 -84.82
C THR V 64 35.44 70.51 -84.74
N ALA V 65 34.38 70.54 -85.55
CA ALA V 65 33.45 71.67 -85.56
C ALA V 65 32.04 71.13 -85.62
N THR V 66 31.16 71.73 -84.81
CA THR V 66 29.76 71.34 -84.76
C THR V 66 28.97 72.18 -85.75
N PHE V 67 28.26 71.50 -86.65
CA PHE V 67 27.33 72.13 -87.58
C PHE V 67 25.92 71.85 -87.11
N SER V 68 25.11 72.91 -87.00
CA SER V 68 23.74 72.77 -86.54
C SER V 68 22.82 73.60 -87.43
N ILE V 69 21.60 73.10 -87.63
CA ILE V 69 20.60 73.77 -88.44
C ILE V 69 19.45 74.20 -87.54
N TYR V 70 19.05 75.46 -87.63
CA TYR V 70 17.96 76.00 -86.83
C TYR V 70 16.95 76.69 -87.73
N SER V 71 15.70 76.68 -87.28
CA SER V 71 14.67 77.48 -87.92
C SER V 71 14.79 78.94 -87.47
N VAL V 72 14.41 79.85 -88.36
CA VAL V 72 14.44 81.28 -88.07
C VAL V 72 13.10 81.69 -87.47
N ASP V 73 13.10 82.52 -86.44
CA ASP V 73 11.81 82.99 -85.91
C ASP V 73 11.26 84.24 -86.59
N GLY V 74 10.42 85.00 -85.88
CA GLY V 74 9.84 86.21 -86.43
C GLY V 74 10.90 87.23 -86.77
N SER V 75 11.90 87.37 -85.91
CA SER V 75 12.99 88.30 -86.16
C SER V 75 14.15 87.56 -86.82
N SER V 76 13.85 86.51 -87.59
CA SER V 76 14.88 85.72 -88.27
C SER V 76 16.03 85.31 -87.37
N ASN V 77 15.70 84.84 -86.16
CA ASN V 77 16.74 84.43 -85.24
C ASN V 77 16.72 82.93 -85.07
N PRO V 78 17.89 82.31 -85.03
CA PRO V 78 17.97 80.86 -84.87
C PRO V 78 17.36 80.36 -83.57
N VAL V 79 16.19 79.74 -83.64
CA VAL V 79 15.63 79.14 -82.43
C VAL V 79 16.60 78.01 -82.11
N PHE V 80 17.06 77.93 -80.88
CA PHE V 80 18.11 76.93 -80.58
C PHE V 80 17.88 75.43 -80.73
N PRO V 81 16.63 74.93 -80.66
CA PRO V 81 16.47 73.51 -80.95
C PRO V 81 17.06 73.19 -82.31
N ALA V 82 18.13 72.39 -82.34
CA ALA V 82 18.81 72.10 -83.60
C ALA V 82 18.12 70.98 -84.36
N LEU V 83 17.60 71.31 -85.54
CA LEU V 83 16.93 70.31 -86.35
C LEU V 83 17.91 69.22 -86.78
N LEU V 84 19.16 69.60 -87.07
CA LEU V 84 20.17 68.62 -87.45
C LEU V 84 21.55 69.08 -87.02
N SER V 85 22.05 68.56 -85.90
CA SER V 85 23.35 68.97 -85.41
C SER V 85 24.28 67.77 -85.39
N PHE V 86 25.55 68.02 -85.70
CA PHE V 86 26.55 66.95 -85.74
C PHE V 86 27.93 67.59 -85.69
N ASP V 87 28.96 66.73 -85.69
CA ASP V 87 30.35 67.17 -85.63
C ASP V 87 31.09 66.66 -86.86
N ALA V 88 31.88 67.54 -87.46
CA ALA V 88 32.65 67.19 -88.65
C ALA V 88 33.89 68.06 -88.71
N ILE V 89 34.81 67.68 -89.57
CA ILE V 89 36.05 68.40 -89.80
C ILE V 89 35.97 69.07 -91.16
N VAL V 90 36.25 70.36 -91.20
CA VAL V 90 36.26 71.09 -92.47
C VAL V 90 37.55 70.75 -93.19
N PRO V 91 37.49 70.13 -94.37
CA PRO V 91 38.73 69.78 -95.07
C PRO V 91 39.44 71.00 -95.63
N ASN V 92 40.75 70.85 -95.83
CA ASN V 92 41.58 71.92 -96.37
C ASN V 92 41.49 71.90 -97.90
N VAL V 93 40.28 72.16 -98.40
CA VAL V 93 40.00 72.19 -99.82
C VAL V 93 39.23 73.46 -100.13
N ALA V 94 39.20 73.80 -101.42
CA ALA V 94 38.54 75.03 -101.84
C ALA V 94 37.05 74.99 -101.55
N SER V 95 36.40 73.87 -101.82
CA SER V 95 34.96 73.76 -101.60
C SER V 95 34.61 72.34 -101.25
N VAL V 96 33.65 72.20 -100.33
CA VAL V 96 33.13 70.90 -99.92
C VAL V 96 31.62 71.02 -99.80
N GLU V 97 30.92 69.94 -100.15
CA GLU V 97 29.46 69.93 -100.08
C GLU V 97 29.00 69.42 -98.72
N PHE V 98 27.94 70.04 -98.20
CA PHE V 98 27.40 69.69 -96.90
C PHE V 98 27.00 68.23 -96.81
N ASP V 99 26.70 67.60 -97.96
CA ASP V 99 26.36 66.18 -97.98
C ASP V 99 27.45 65.33 -97.35
N VAL V 100 28.70 65.51 -97.78
CA VAL V 100 29.77 64.61 -97.37
C VAL V 100 30.01 64.71 -95.87
N LEU V 101 29.97 65.92 -95.31
CA LEU V 101 30.11 66.11 -93.88
C LEU V 101 28.74 65.95 -93.21
N ALA V 102 28.31 64.70 -93.13
CA ALA V 102 27.08 64.34 -92.46
C ALA V 102 27.32 63.12 -91.58
N PRO V 103 26.59 63.00 -90.47
CA PRO V 103 26.91 61.95 -89.50
C PRO V 103 26.79 60.56 -90.09
N THR V 104 27.64 59.67 -89.59
CA THR V 104 27.69 58.29 -90.04
C THR V 104 27.69 57.37 -88.82
N GLY V 105 27.14 56.19 -88.98
CA GLY V 105 27.10 55.25 -87.88
C GLY V 105 28.36 54.47 -87.64
N VAL V 106 29.41 54.72 -88.40
CA VAL V 106 30.63 53.94 -88.30
C VAL V 106 31.48 54.43 -87.14
N VAL V 107 31.29 53.85 -85.97
CA VAL V 107 32.14 54.13 -84.82
C VAL V 107 33.44 53.34 -85.00
N ASN V 108 34.44 53.64 -84.17
CA ASN V 108 35.74 52.99 -84.32
C ASN V 108 35.63 51.48 -84.12
N ASN V 109 34.89 51.06 -83.11
CA ASN V 109 34.71 49.63 -82.83
C ASN V 109 34.15 48.91 -84.06
N GLN V 110 33.29 49.56 -84.83
CA GLN V 110 32.69 48.99 -86.04
C GLN V 110 33.41 49.44 -87.30
N LEU V 111 34.69 49.78 -87.19
CA LEU V 111 35.39 50.36 -88.33
C LEU V 111 35.72 49.33 -89.40
N ASP V 112 36.54 48.33 -89.06
CA ASP V 112 37.03 47.39 -90.06
C ASP V 112 35.88 46.68 -90.77
N THR V 113 34.91 46.18 -90.01
CA THR V 113 33.74 45.55 -90.61
C THR V 113 33.11 46.46 -91.66
N SER V 114 32.94 47.74 -91.33
CA SER V 114 32.37 48.68 -92.30
C SER V 114 33.17 48.66 -93.59
N ALA V 115 34.51 48.78 -93.48
CA ALA V 115 35.33 48.74 -94.68
C ALA V 115 35.10 47.45 -95.45
N LEU V 116 35.00 46.34 -94.74
CA LEU V 116 34.70 45.06 -95.38
C LEU V 116 33.45 45.18 -96.23
N ARG V 117 32.36 45.69 -95.65
CA ARG V 117 31.13 45.87 -96.43
C ARG V 117 31.41 46.77 -97.63
N ILE V 118 32.12 47.87 -97.41
CA ILE V 118 32.42 48.79 -98.50
C ILE V 118 33.03 48.03 -99.67
N ALA V 119 33.90 47.06 -99.38
CA ALA V 119 34.57 46.33 -100.44
C ALA V 119 33.56 45.75 -101.41
N LYS V 120 32.58 44.99 -100.91
CA LYS V 120 31.66 44.35 -101.84
C LYS V 120 30.87 45.39 -102.61
N ILE V 121 30.54 46.52 -101.96
CA ILE V 121 29.84 47.58 -102.67
C ILE V 121 30.66 48.04 -103.86
N ILE V 122 31.95 48.31 -103.62
CA ILE V 122 32.81 48.75 -104.71
C ILE V 122 32.98 47.63 -105.72
N ALA V 123 32.88 46.38 -105.27
CA ALA V 123 32.98 45.26 -106.19
C ALA V 123 31.72 45.07 -107.00
N ASN V 124 30.61 45.69 -106.59
CA ASN V 124 29.36 45.45 -107.31
C ASN V 124 29.08 46.54 -108.34
N ASP V 125 29.16 47.79 -107.94
CA ASP V 125 28.86 48.89 -108.86
C ASP V 125 29.94 48.98 -109.93
N PRO V 126 29.61 48.80 -111.21
CA PRO V 126 30.64 48.89 -112.25
C PRO V 126 31.32 50.24 -112.32
N ALA V 127 30.59 51.32 -112.04
CA ALA V 127 31.18 52.65 -112.11
C ALA V 127 32.28 52.82 -111.06
N LEU V 128 31.98 52.47 -109.80
CA LEU V 128 33.00 52.52 -108.77
C LEU V 128 34.14 51.56 -109.06
N ALA V 129 33.80 50.37 -109.58
CA ALA V 129 34.83 49.37 -109.87
C ALA V 129 35.83 49.88 -110.89
N GLN V 130 35.35 50.53 -111.96
CA GLN V 130 36.27 51.11 -112.93
C GLN V 130 36.94 52.36 -112.39
N LYS V 131 36.28 53.09 -111.49
CA LYS V 131 36.88 54.27 -110.90
C LYS V 131 38.05 53.94 -109.98
N VAL V 132 38.05 52.74 -109.40
CA VAL V 132 39.07 52.34 -108.44
C VAL V 132 40.00 51.26 -108.95
N ALA V 133 39.74 50.70 -110.14
CA ALA V 133 40.49 49.55 -110.60
C ALA V 133 41.97 49.88 -110.75
N GLY V 134 42.82 48.99 -110.23
CA GLY V 134 44.26 49.15 -110.38
C GLY V 134 44.73 48.53 -111.69
N ALA V 135 45.47 49.31 -112.45
CA ALA V 135 45.84 48.93 -113.80
C ALA V 135 47.07 49.73 -114.21
N PRO V 136 47.75 49.33 -115.30
CA PRO V 136 48.83 50.18 -115.83
C PRO V 136 48.37 51.54 -116.32
N TYR V 137 47.08 51.73 -116.63
CA TYR V 137 46.57 52.99 -117.12
C TYR V 137 47.39 53.53 -118.29
N PRO V 138 47.25 52.94 -119.47
CA PRO V 138 48.12 53.34 -120.59
C PRO V 138 48.01 54.83 -120.90
N ARG V 139 49.15 55.41 -121.28
CA ARG V 139 49.24 56.83 -121.56
C ARG V 139 49.85 57.14 -122.92
N GLY V 140 50.45 56.16 -123.58
CA GLY V 140 51.07 56.40 -124.88
C GLY V 140 52.57 56.55 -124.79
N ALA V 141 53.06 57.79 -124.90
CA ALA V 141 54.48 58.07 -124.87
C ALA V 141 54.78 59.10 -123.79
N TYR V 142 55.98 59.03 -123.23
CA TYR V 142 56.38 59.98 -122.21
C TYR V 142 56.59 61.36 -122.81
N SER V 143 56.18 62.39 -122.08
CA SER V 143 56.45 63.77 -122.44
C SER V 143 56.50 64.59 -121.16
N ALA V 144 57.44 65.52 -121.10
CA ALA V 144 57.66 66.29 -119.87
C ALA V 144 56.65 67.40 -119.67
N THR V 145 55.87 67.74 -120.70
CA THR V 145 54.91 68.84 -120.56
C THR V 145 53.79 68.49 -119.58
N GLU V 146 53.26 67.28 -119.67
CA GLU V 146 52.13 66.87 -118.84
C GLU V 146 52.60 66.08 -117.63
N THR V 147 51.79 66.09 -116.58
CA THR V 147 52.09 65.39 -115.35
C THR V 147 51.68 63.91 -115.46
N TYR V 148 52.13 63.13 -114.48
CA TYR V 148 51.80 61.71 -114.43
C TYR V 148 51.50 61.31 -113.00
N LEU V 149 50.47 60.49 -112.82
CA LEU V 149 50.06 60.02 -111.50
C LEU V 149 50.55 58.59 -111.29
N TYR V 150 50.14 58.01 -110.16
CA TYR V 150 50.57 56.67 -109.81
C TYR V 150 49.98 55.65 -110.79
N GLY V 151 50.78 54.61 -111.06
CA GLY V 151 50.34 53.51 -111.88
C GLY V 151 50.37 53.75 -113.37
N GLU V 152 50.34 55.00 -113.82
CA GLU V 152 50.28 55.30 -115.25
C GLU V 152 51.52 54.79 -115.95
N MET V 153 51.33 54.16 -117.11
CA MET V 153 52.41 53.57 -117.89
C MET V 153 52.63 54.38 -119.16
N VAL V 154 53.88 54.70 -119.46
CA VAL V 154 54.26 55.43 -120.64
C VAL V 154 55.33 54.65 -121.39
N SER V 155 55.62 55.09 -122.61
CA SER V 155 56.65 54.50 -123.44
C SER V 155 57.74 55.54 -123.67
N TYR V 156 59.00 55.13 -123.49
CA TYR V 156 60.14 56.01 -123.67
C TYR V 156 61.29 55.20 -124.23
N PHE V 157 61.77 55.62 -125.41
CA PHE V 157 62.94 55.01 -126.05
C PHE V 157 62.74 53.51 -126.22
N GLY V 158 61.51 53.11 -126.55
CA GLY V 158 61.21 51.72 -126.80
C GLY V 158 60.97 50.89 -125.56
N LYS V 159 61.05 51.49 -124.38
CA LYS V 159 60.91 50.77 -123.12
C LYS V 159 59.63 51.26 -122.45
N ASN V 160 59.04 50.43 -121.60
CA ASN V 160 57.77 50.74 -120.97
C ASN V 160 57.98 51.03 -119.48
N TYR V 161 57.70 52.26 -119.07
CA TYR V 161 57.95 52.70 -117.70
C TYR V 161 56.61 52.98 -117.03
N ILE V 162 56.37 52.33 -115.90
CA ILE V 162 55.15 52.54 -115.11
C ILE V 162 55.48 53.46 -113.95
N SER V 163 54.73 54.55 -113.83
CA SER V 163 54.95 55.49 -112.73
C SER V 163 54.62 54.83 -111.40
N LYS V 164 55.47 55.06 -110.41
CA LYS V 164 55.29 54.47 -109.09
C LYS V 164 55.32 55.50 -107.98
N SER V 165 55.23 56.79 -108.31
CA SER V 165 55.14 57.83 -107.29
C SER V 165 53.70 58.05 -106.87
N LEU V 166 53.47 58.18 -105.56
CA LEU V 166 52.14 58.49 -105.07
C LEU V 166 51.70 59.89 -105.44
N SER V 167 52.65 60.78 -105.73
CA SER V 167 52.39 62.17 -106.06
C SER V 167 52.63 62.41 -107.55
N PRO V 168 51.97 63.41 -108.13
CA PRO V 168 52.22 63.72 -109.54
C PRO V 168 53.66 64.10 -109.78
N ILE V 169 54.20 63.65 -110.91
CA ILE V 169 55.58 63.95 -111.30
C ILE V 169 55.55 64.59 -112.68
N ILE V 170 56.27 65.71 -112.82
CA ILE V 170 56.35 66.44 -114.08
C ILE V 170 57.82 66.67 -114.40
N ASN V 171 58.18 66.47 -115.67
CA ASN V 171 59.56 66.60 -116.13
C ASN V 171 60.51 65.73 -115.31
N ILE V 172 60.08 64.51 -115.03
CA ILE V 172 60.93 63.49 -114.44
C ILE V 172 61.16 62.42 -115.51
N LEU V 173 62.41 62.19 -115.86
CA LEU V 173 62.71 61.25 -116.92
C LEU V 173 62.31 59.84 -116.50
N PRO V 174 61.75 59.04 -117.41
CA PRO V 174 61.32 57.68 -117.04
C PRO V 174 62.45 56.80 -116.56
N THR V 175 63.68 57.05 -116.99
CA THR V 175 64.79 56.19 -116.62
C THR V 175 65.09 56.23 -115.13
N VAL V 176 64.62 57.25 -114.42
CA VAL V 176 64.87 57.35 -112.99
C VAL V 176 64.10 56.25 -112.27
N THR V 177 64.83 55.33 -111.64
CA THR V 177 64.20 54.19 -110.98
C THR V 177 63.50 54.55 -109.69
N ASP V 178 63.70 55.76 -109.18
CA ASP V 178 63.05 56.17 -107.93
C ASP V 178 61.59 56.56 -108.12
N SER V 179 61.14 56.77 -109.37
CA SER V 179 59.76 57.16 -109.62
C SER V 179 59.09 56.33 -110.70
N TRP V 180 59.82 55.48 -111.42
CA TRP V 180 59.25 54.65 -112.46
C TRP V 180 59.67 53.20 -112.24
N TYR V 181 58.75 52.29 -112.56
CA TYR V 181 59.04 50.87 -112.36
C TYR V 181 59.77 50.26 -113.55
N GLU V 182 59.32 50.58 -114.77
CA GLU V 182 59.93 50.03 -115.98
C GLU V 182 59.78 48.51 -115.92
N LEU V 183 58.59 48.01 -116.21
CA LEU V 183 58.47 46.58 -116.45
C LEU V 183 59.42 46.17 -117.56
N VAL V 184 60.11 45.05 -117.36
CA VAL V 184 61.04 44.54 -118.36
C VAL V 184 60.30 43.57 -119.26
N ILE V 185 60.45 43.74 -120.57
CA ILE V 185 59.69 42.96 -121.53
C ILE V 185 60.12 41.50 -121.44
N THR V 186 59.14 40.59 -121.49
CA THR V 186 59.42 39.17 -121.44
C THR V 186 60.21 38.73 -122.67
N LEU V 187 61.05 37.70 -122.50
CA LEU V 187 61.83 37.26 -123.65
C LEU V 187 61.39 35.88 -124.13
N PRO V 188 61.16 35.74 -125.43
CA PRO V 188 60.92 34.41 -125.99
C PRO V 188 62.17 33.54 -125.89
N GLU V 189 61.95 32.22 -125.77
CA GLU V 189 63.05 31.27 -125.69
C GLU V 189 63.27 30.54 -127.01
N SER V 190 62.21 29.98 -127.58
CA SER V 190 62.30 29.21 -128.82
C SER V 190 62.20 30.11 -130.04
N VAL V 191 63.03 31.16 -130.05
CA VAL V 191 63.15 32.08 -131.18
C VAL V 191 64.63 32.33 -131.39
N SER V 192 65.03 32.54 -132.65
CA SER V 192 66.41 32.87 -132.95
C SER V 192 66.82 34.13 -132.19
N VAL V 193 67.96 34.06 -131.51
CA VAL V 193 68.34 35.07 -130.54
C VAL V 193 69.71 35.69 -130.85
N ILE V 194 70.25 35.40 -132.03
CA ILE V 194 71.57 35.92 -132.41
C ILE V 194 71.38 37.38 -132.80
N ALA V 195 71.64 38.29 -131.85
CA ALA V 195 71.55 39.72 -132.13
C ALA V 195 72.57 40.43 -131.24
N THR V 196 73.77 40.65 -131.78
CA THR V 196 74.83 41.33 -131.05
C THR V 196 75.40 42.45 -131.91
N GLY V 197 76.51 43.03 -131.47
CA GLY V 197 77.17 44.07 -132.22
C GLY V 197 77.64 45.17 -131.29
N SER V 198 77.81 46.36 -131.86
CA SER V 198 78.26 47.54 -131.12
C SER V 198 79.60 47.29 -130.42
N ASP V 199 80.53 46.66 -131.12
CA ASP V 199 81.83 46.31 -130.54
C ASP V 199 82.61 47.62 -130.35
N THR V 200 82.50 48.17 -129.14
CA THR V 200 83.13 49.45 -128.82
C THR V 200 84.39 49.32 -127.99
N ALA V 201 84.67 48.14 -127.43
CA ALA V 201 85.96 47.84 -126.81
C ALA V 201 86.29 48.84 -125.70
N TYR V 202 85.53 48.73 -124.61
CA TYR V 202 85.66 49.65 -123.49
C TYR V 202 87.08 49.61 -122.91
N GLY V 203 87.34 50.53 -121.99
CA GLY V 203 88.64 50.61 -121.37
C GLY V 203 88.66 50.41 -119.86
N THR V 204 87.75 49.57 -119.36
CA THR V 204 87.64 49.28 -117.92
C THR V 204 87.48 50.56 -117.11
N GLY V 205 86.64 51.46 -117.60
CA GLY V 205 86.29 52.66 -116.87
C GLY V 205 84.82 52.96 -117.08
N TRP V 206 84.08 51.96 -117.55
CA TRP V 206 82.68 52.13 -117.88
C TRP V 206 81.82 51.86 -116.66
N ASN V 207 80.87 52.75 -116.39
CA ASN V 207 79.81 52.51 -115.43
C ASN V 207 78.53 53.12 -115.98
N GLY V 208 77.40 52.58 -115.54
CA GLY V 208 76.13 52.92 -116.13
C GLY V 208 75.80 52.03 -117.32
N SER V 209 74.51 51.95 -117.66
CA SER V 209 74.09 51.08 -118.75
C SER V 209 74.01 51.86 -120.05
N LEU V 210 74.50 51.27 -121.13
CA LEU V 210 74.51 51.99 -122.39
C LEU V 210 74.16 51.13 -123.58
N LEU V 211 75.12 50.38 -124.10
CA LEU V 211 74.86 49.59 -125.30
C LEU V 211 74.89 48.10 -125.09
N VAL V 212 75.49 47.38 -126.03
CA VAL V 212 75.57 45.93 -125.93
C VAL V 212 76.56 45.49 -124.86
N PRO V 213 76.46 44.23 -124.40
CA PRO V 213 77.37 43.70 -123.38
C PRO V 213 78.85 43.60 -123.74
N THR V 214 79.66 43.32 -122.72
CA THR V 214 81.11 43.18 -122.94
C THR V 214 81.45 42.07 -123.91
N GLN V 215 82.51 42.25 -124.69
CA GLN V 215 82.89 41.26 -125.69
C GLN V 215 84.19 40.58 -125.24
N ASN V 216 84.72 39.64 -126.01
CA ASN V 216 86.00 39.05 -125.64
C ASN V 216 87.14 39.98 -126.04
N ALA V 217 87.02 41.25 -125.69
CA ALA V 217 88.09 42.21 -125.89
C ALA V 217 88.35 43.07 -124.67
N VAL V 218 87.40 43.20 -123.75
CA VAL V 218 87.62 43.95 -122.52
C VAL V 218 87.38 43.13 -121.27
N TYR V 219 86.46 42.16 -121.28
CA TYR V 219 86.16 41.49 -120.02
C TYR V 219 87.20 40.45 -119.66
N ASP V 220 87.70 39.69 -120.62
CA ASP V 220 88.67 38.66 -120.32
C ASP V 220 90.06 39.20 -120.11
N LYS V 221 90.35 40.41 -120.60
CA LYS V 221 91.56 41.10 -120.17
C LYS V 221 91.53 41.34 -118.65
N ILE V 222 90.40 41.83 -118.15
CA ILE V 222 90.24 42.00 -116.71
C ILE V 222 90.28 40.66 -116.00
N VAL V 223 89.68 39.63 -116.60
CA VAL V 223 89.67 38.30 -115.97
C VAL V 223 91.10 37.78 -115.82
N THR V 224 91.90 37.92 -116.87
CA THR V 224 93.29 37.50 -116.81
C THR V 224 94.07 38.32 -115.80
N VAL V 225 93.80 39.64 -115.73
CA VAL V 225 94.48 40.47 -114.76
C VAL V 225 94.19 39.99 -113.34
N ASP V 226 92.91 39.72 -113.05
CA ASP V 226 92.53 39.28 -111.72
C ASP V 226 93.10 37.91 -111.40
N ALA V 227 93.06 36.99 -112.36
CA ALA V 227 93.62 35.66 -112.12
C ALA V 227 95.11 35.73 -111.85
N ALA V 228 95.82 36.55 -112.64
CA ALA V 228 97.26 36.71 -112.44
C ALA V 228 97.57 37.33 -111.09
N ILE V 229 96.80 38.35 -110.69
CA ILE V 229 97.09 39.02 -109.43
C ILE V 229 96.76 38.10 -108.25
N ALA V 230 95.70 37.30 -108.38
CA ALA V 230 95.38 36.33 -107.33
C ALA V 230 96.47 35.27 -107.21
N THR V 231 96.99 34.80 -108.35
CA THR V 231 98.07 33.84 -108.30
C THR V 231 99.34 34.46 -107.70
N ALA V 232 99.61 35.73 -108.03
CA ALA V 232 100.76 36.40 -107.44
C ALA V 232 100.61 36.54 -105.93
N ASN V 233 99.40 36.88 -105.46
CA ASN V 233 99.15 36.91 -104.03
C ASN V 233 99.32 35.53 -103.41
N THR V 234 98.89 34.49 -104.12
CA THR V 234 99.08 33.12 -103.63
C THR V 234 100.56 32.80 -103.47
N ASN V 235 101.37 33.19 -104.45
CA ASN V 235 102.81 32.95 -104.37
C ASN V 235 103.44 33.73 -103.23
N ILE V 236 103.02 34.97 -103.02
CA ILE V 236 103.55 35.77 -101.92
C ILE V 236 103.15 35.15 -100.59
N THR V 237 101.92 34.67 -100.48
CA THR V 237 101.50 33.97 -99.27
C THR V 237 102.32 32.71 -99.04
N ASN V 238 102.57 31.95 -100.11
CA ASN V 238 103.35 30.72 -99.98
C ASN V 238 104.77 31.01 -99.52
N LEU V 239 105.39 32.06 -100.06
CA LEU V 239 106.73 32.40 -99.60
C LEU V 239 106.69 32.98 -98.18
N GLY V 240 105.59 33.62 -97.80
CA GLY V 240 105.44 34.09 -96.44
C GLY V 240 105.37 32.98 -95.42
N THR V 241 104.58 31.93 -95.72
CA THR V 241 104.45 30.84 -94.77
C THR V 241 105.69 29.96 -94.72
N ALA V 242 106.60 30.11 -95.69
CA ALA V 242 107.87 29.38 -95.63
C ALA V 242 108.77 29.90 -94.52
N LYS V 243 108.45 31.03 -93.91
CA LYS V 243 109.25 31.63 -92.86
C LYS V 243 108.42 31.82 -91.61
N ALA V 244 109.06 31.63 -90.45
CA ALA V 244 108.47 31.76 -89.12
C ALA V 244 107.54 30.61 -88.77
N ASP V 245 107.15 30.53 -87.50
CA ASP V 245 106.26 29.50 -86.97
C ASP V 245 105.96 29.86 -85.53
N LEU V 246 104.99 29.16 -84.94
CA LEU V 246 104.58 29.41 -83.56
C LEU V 246 104.81 28.22 -82.64
N SER V 247 104.38 27.03 -83.05
CA SER V 247 104.52 25.87 -82.17
C SER V 247 105.98 25.57 -81.88
N TYR V 248 106.84 25.65 -82.91
CA TYR V 248 108.27 25.41 -82.71
C TYR V 248 108.88 26.47 -81.80
N VAL V 249 108.50 27.74 -82.01
CA VAL V 249 109.04 28.82 -81.18
C VAL V 249 108.63 28.62 -79.73
N ASN V 250 107.36 28.28 -79.49
CA ASN V 250 106.91 28.04 -78.14
C ASN V 250 107.63 26.85 -77.52
N THR V 251 107.88 25.81 -78.31
CA THR V 251 108.60 24.64 -77.81
C THR V 251 110.00 25.02 -77.36
N GLN V 252 110.74 25.74 -78.20
CA GLN V 252 112.10 26.12 -77.84
C GLN V 252 112.12 27.08 -76.66
N LEU V 253 111.15 27.99 -76.61
CA LEU V 253 111.06 28.90 -75.48
C LEU V 253 110.78 28.15 -74.18
N SER V 254 109.94 27.12 -74.24
CA SER V 254 109.68 26.29 -73.08
C SER V 254 110.93 25.53 -72.65
N ALA V 255 111.71 25.03 -73.63
CA ALA V 255 112.95 24.36 -73.29
C ALA V 255 113.93 25.30 -72.61
N ASP V 256 114.04 26.53 -73.11
CA ASP V 256 114.89 27.52 -72.46
C ASP V 256 114.38 27.85 -71.06
N GLN V 257 113.06 27.92 -70.90
CA GLN V 257 112.49 28.21 -69.59
C GLN V 257 112.80 27.11 -68.60
N VAL V 258 112.67 25.85 -69.01
CA VAL V 258 112.91 24.75 -68.06
C VAL V 258 114.38 24.67 -67.70
N VAL V 259 115.28 24.83 -68.68
CA VAL V 259 116.70 24.79 -68.35
C VAL V 259 117.08 25.98 -67.48
N LEU V 260 116.47 27.14 -67.71
CA LEU V 260 116.77 28.31 -66.90
C LEU V 260 116.28 28.14 -65.48
N ASP V 261 115.09 27.58 -65.29
CA ASP V 261 114.58 27.35 -63.94
C ASP V 261 115.44 26.32 -63.21
N ALA V 262 115.85 25.26 -63.92
CA ALA V 262 116.76 24.29 -63.30
C ALA V 262 118.07 24.95 -62.89
N LEU V 263 118.60 25.82 -63.75
CA LEU V 263 119.84 26.52 -63.41
C LEU V 263 119.65 27.40 -62.19
N SER V 264 118.52 28.13 -62.11
CA SER V 264 118.28 29.00 -60.98
C SER V 264 118.17 28.20 -59.68
N SER V 265 117.49 27.06 -59.73
CA SER V 265 117.26 26.28 -58.51
C SER V 265 118.53 25.56 -58.06
N GLY V 266 119.26 24.96 -58.99
CA GLY V 266 120.32 24.04 -58.65
C GLY V 266 121.71 24.62 -58.56
N LYS V 267 121.88 25.93 -58.60
CA LYS V 267 123.21 26.52 -58.61
C LYS V 267 123.33 27.58 -57.52
N ALA V 268 124.50 27.64 -56.90
CA ALA V 268 124.72 28.49 -55.74
C ALA V 268 124.88 29.95 -56.17
N ASP V 269 124.15 30.84 -55.49
CA ASP V 269 124.24 32.26 -55.79
C ASP V 269 125.46 32.87 -55.11
N LEU V 270 125.79 34.09 -55.54
CA LEU V 270 126.97 34.77 -55.01
C LEU V 270 126.78 35.15 -53.55
N SER V 271 125.57 35.56 -53.16
CA SER V 271 125.32 35.99 -51.79
C SER V 271 125.47 34.82 -50.82
N TYR V 272 124.86 33.69 -51.14
CA TYR V 272 124.91 32.54 -50.23
C TYR V 272 126.33 32.02 -50.08
N VAL V 273 127.05 31.90 -51.20
CA VAL V 273 128.41 31.40 -51.14
C VAL V 273 129.31 32.39 -50.42
N ASN V 274 129.07 33.69 -50.60
CA ASN V 274 129.84 34.69 -49.88
C ASN V 274 129.63 34.56 -48.38
N THR V 275 128.37 34.48 -47.95
CA THR V 275 128.09 34.36 -46.52
C THR V 275 128.67 33.08 -45.95
N GLN V 276 128.60 31.99 -46.71
CA GLN V 276 129.17 30.73 -46.23
C GLN V 276 130.69 30.82 -46.10
N LEU V 277 131.36 31.40 -47.09
CA LEU V 277 132.81 31.43 -47.06
C LEU V 277 133.32 32.39 -45.99
N ASN V 278 132.59 33.47 -45.71
CA ASN V 278 132.99 34.37 -44.64
C ASN V 278 132.47 33.93 -43.28
N SER V 279 131.81 32.78 -43.21
CA SER V 279 131.35 32.22 -41.93
C SER V 279 132.33 31.22 -41.33
N LYS V 280 133.37 30.84 -42.06
CA LYS V 280 134.33 29.87 -41.55
C LYS V 280 135.67 30.01 -42.26
N THR W 2 10.72 63.04 -108.09
CA THR W 2 9.50 62.28 -108.30
C THR W 2 8.28 63.16 -108.04
N ASN W 3 7.39 63.24 -109.03
CA ASN W 3 6.18 64.05 -108.94
C ASN W 3 4.99 63.14 -108.71
N ILE W 4 4.24 63.39 -107.64
CA ILE W 4 3.10 62.58 -107.25
C ILE W 4 1.83 63.24 -107.76
N VAL W 5 1.02 62.47 -108.49
CA VAL W 5 -0.20 62.99 -109.09
C VAL W 5 -1.35 62.04 -108.79
N GLY W 6 -2.53 62.60 -108.61
CA GLY W 6 -3.71 61.80 -108.36
C GLY W 6 -4.85 62.67 -107.86
N ARG W 7 -6.05 62.09 -107.88
CA ARG W 7 -7.24 62.75 -107.37
C ARG W 7 -7.73 62.04 -106.11
N ILE W 8 -8.41 62.79 -105.25
CA ILE W 8 -8.92 62.28 -103.99
C ILE W 8 -10.43 62.49 -104.00
N GLY W 9 -11.19 61.41 -104.21
CA GLY W 9 -12.63 61.54 -104.30
C GLY W 9 -13.26 61.81 -102.95
N PHE W 10 -14.46 62.41 -103.00
CA PHE W 10 -15.22 62.77 -101.81
C PHE W 10 -14.40 63.68 -100.88
N LEU W 11 -13.63 64.58 -101.49
CA LEU W 11 -12.89 65.58 -100.72
C LEU W 11 -12.69 66.80 -101.60
N THR W 12 -13.55 67.79 -101.45
CA THR W 12 -13.47 68.99 -102.29
C THR W 12 -12.15 69.70 -102.11
N THR W 13 -11.71 69.86 -100.86
CA THR W 13 -10.44 70.52 -100.59
C THR W 13 -9.81 69.88 -99.36
N GLY W 14 -8.48 69.89 -99.33
CA GLY W 14 -7.77 69.25 -98.23
C GLY W 14 -6.28 69.52 -98.32
N LYS W 15 -5.56 68.91 -97.39
CA LYS W 15 -4.10 69.01 -97.33
C LYS W 15 -3.49 67.62 -97.40
N LEU W 16 -2.34 67.52 -98.06
CA LEU W 16 -1.57 66.30 -98.10
C LEU W 16 -0.23 66.55 -97.40
N GLY W 17 0.01 65.82 -96.31
CA GLY W 17 1.23 65.96 -95.54
C GLY W 17 2.13 64.75 -95.74
N ILE W 18 3.40 65.04 -96.03
CA ILE W 18 4.40 63.99 -96.23
C ILE W 18 5.56 64.24 -95.29
N LYS W 19 5.98 63.21 -94.58
CA LYS W 19 7.05 63.33 -93.59
C LYS W 19 8.07 62.23 -93.79
N LEU W 20 9.34 62.62 -93.88
CA LEU W 20 10.41 61.63 -94.10
C LEU W 20 10.72 60.89 -92.81
N ARG W 21 11.01 59.59 -92.95
CA ARG W 21 11.35 58.79 -91.78
C ARG W 21 12.78 59.05 -91.32
N GLY W 22 13.70 59.27 -92.25
CA GLY W 22 15.10 59.44 -91.91
C GLY W 22 15.75 60.46 -92.82
N VAL W 23 17.03 60.73 -92.54
CA VAL W 23 17.78 61.71 -93.32
C VAL W 23 17.97 61.20 -94.74
N LEU W 24 17.66 62.04 -95.72
CA LEU W 24 17.77 61.68 -97.12
C LEU W 24 18.82 62.55 -97.78
N ILE W 25 19.56 62.01 -98.74
CA ILE W 25 20.48 62.86 -99.50
C ILE W 25 20.29 62.64 -100.99
N ASP W 26 19.66 63.59 -101.67
CA ASP W 26 19.52 63.48 -103.11
C ASP W 26 20.70 64.14 -103.78
N GLU W 27 21.65 63.33 -104.24
CA GLU W 27 22.84 63.86 -104.89
C GLU W 27 22.57 64.20 -106.34
N SER W 28 21.37 63.90 -106.82
CA SER W 28 20.99 64.25 -108.18
C SER W 28 21.12 65.75 -108.37
N THR W 29 20.58 66.51 -107.43
CA THR W 29 20.70 67.96 -107.49
C THR W 29 22.15 68.35 -107.28
N THR W 30 22.62 69.34 -108.05
CA THR W 30 23.99 69.83 -107.87
C THR W 30 24.31 70.15 -106.41
N PRO W 31 23.50 71.01 -105.75
CA PRO W 31 23.78 71.17 -104.32
C PRO W 31 23.09 70.03 -103.62
N ASN W 32 23.74 68.88 -103.45
CA ASN W 32 23.11 67.69 -102.87
C ASN W 32 22.13 67.99 -101.76
N THR W 33 20.84 67.90 -102.07
CA THR W 33 19.83 68.26 -101.08
C THR W 33 19.76 67.32 -99.91
N THR W 34 20.04 67.84 -98.73
CA THR W 34 19.98 67.03 -97.53
C THR W 34 18.60 67.22 -96.92
N TYR W 35 17.68 66.29 -97.19
CA TYR W 35 16.34 66.40 -96.66
C TYR W 35 16.33 65.86 -95.24
N LEU W 36 15.78 66.63 -94.33
CA LEU W 36 15.72 66.30 -92.92
C LEU W 36 14.42 65.57 -92.60
N PRO W 37 14.45 64.67 -91.62
CA PRO W 37 13.23 63.94 -91.26
C PRO W 37 12.39 64.71 -90.25
N GLY W 38 11.19 64.19 -90.01
CA GLY W 38 10.29 64.76 -89.02
C GLY W 38 9.56 66.00 -89.47
N ILE W 39 10.09 66.68 -90.49
CA ILE W 39 9.47 67.88 -91.01
C ILE W 39 8.35 67.48 -91.97
N GLU W 40 7.14 67.99 -91.71
CA GLU W 40 5.96 67.62 -92.47
C GLU W 40 5.74 68.63 -93.59
N SER W 41 6.07 68.24 -94.81
CA SER W 41 5.81 69.08 -95.98
C SER W 41 4.34 68.99 -96.35
N PHE W 42 3.71 70.14 -96.54
CA PHE W 42 2.28 70.21 -96.80
C PHE W 42 2.03 70.70 -98.23
N PHE W 43 1.11 70.02 -98.91
CA PHE W 43 0.67 70.37 -100.25
C PHE W 43 -0.84 70.44 -100.25
N ASN W 44 -1.40 71.05 -101.29
CA ASN W 44 -2.83 71.32 -101.34
C ASN W 44 -3.53 70.32 -102.26
N ILE W 45 -4.69 69.86 -101.83
CA ILE W 45 -5.61 69.08 -102.64
C ILE W 45 -6.78 70.00 -102.96
N THR W 46 -6.76 70.59 -104.15
CA THR W 46 -7.78 71.54 -104.57
C THR W 46 -8.63 70.89 -105.65
N ALA W 47 -9.95 71.02 -105.52
CA ALA W 47 -10.90 70.42 -106.45
C ALA W 47 -10.67 68.92 -106.58
N ASN W 48 -10.47 68.26 -105.44
CA ASN W 48 -10.24 66.82 -105.36
C ASN W 48 -8.95 66.39 -106.06
N VAL W 49 -8.03 67.32 -106.30
CA VAL W 49 -6.82 67.05 -107.06
C VAL W 49 -5.62 67.59 -106.28
N LEU W 50 -4.58 66.77 -106.14
CA LEU W 50 -3.32 67.26 -105.58
C LEU W 50 -2.76 68.36 -106.48
N THR W 51 -2.38 69.48 -105.88
CA THR W 51 -1.99 70.65 -106.67
C THR W 51 -0.64 70.43 -107.34
N SER W 52 0.42 70.29 -106.53
CA SER W 52 1.76 70.08 -107.08
C SER W 52 2.56 69.35 -106.01
N VAL W 53 2.67 68.03 -106.13
CA VAL W 53 3.36 67.24 -105.14
C VAL W 53 4.62 66.64 -105.74
N SER W 54 5.74 67.33 -105.56
CA SER W 54 7.04 66.84 -105.99
C SER W 54 7.84 66.46 -104.75
N TYR W 55 8.32 65.22 -104.71
CA TYR W 55 9.03 64.69 -103.57
C TYR W 55 10.26 63.93 -104.06
N PRO W 56 11.36 63.98 -103.32
CA PRO W 56 12.53 63.18 -103.69
C PRO W 56 12.25 61.70 -103.59
N GLU W 57 12.81 60.94 -104.52
CA GLU W 57 12.65 59.49 -104.49
C GLU W 57 13.41 58.89 -103.31
N THR W 58 12.91 57.76 -102.81
CA THR W 58 13.55 57.07 -101.70
C THR W 58 13.76 55.59 -101.97
N GLU W 59 13.57 55.13 -103.22
CA GLU W 59 13.87 53.74 -103.53
C GLU W 59 15.34 53.41 -103.32
N THR W 60 16.22 54.34 -103.71
CA THR W 60 17.65 54.06 -103.67
C THR W 60 18.14 53.82 -102.24
N GLN W 61 17.84 54.74 -101.32
CA GLN W 61 18.36 54.63 -99.97
C GLN W 61 17.44 53.84 -99.03
N ASN W 62 16.27 53.41 -99.50
CA ASN W 62 15.36 52.58 -98.73
C ASN W 62 14.91 53.29 -97.44
N VAL W 63 14.26 54.44 -97.64
CA VAL W 63 13.74 55.25 -96.54
C VAL W 63 12.24 55.42 -96.75
N THR W 64 11.48 55.24 -95.69
CA THR W 64 10.03 55.37 -95.81
C THR W 64 9.61 56.82 -95.71
N ALA W 65 8.42 57.11 -96.23
CA ALA W 65 7.79 58.41 -96.08
C ALA W 65 6.34 58.20 -95.66
N THR W 66 5.88 59.02 -94.71
CA THR W 66 4.53 58.94 -94.20
C THR W 66 3.65 59.93 -94.97
N PHE W 67 2.56 59.42 -95.54
CA PHE W 67 1.59 60.21 -96.28
C PHE W 67 0.30 60.27 -95.50
N SER W 68 -0.24 61.47 -95.33
CA SER W 68 -1.50 61.68 -94.64
C SER W 68 -2.33 62.68 -95.42
N ILE W 69 -3.65 62.49 -95.38
CA ILE W 69 -4.61 63.36 -96.05
C ILE W 69 -5.50 63.96 -94.97
N TYR W 70 -5.34 65.27 -94.74
CA TYR W 70 -6.08 65.97 -93.71
C TYR W 70 -7.20 66.78 -94.34
N SER W 71 -8.34 66.82 -93.65
CA SER W 71 -9.38 67.76 -94.01
C SER W 71 -9.00 69.16 -93.51
N VAL W 72 -9.68 70.17 -94.04
CA VAL W 72 -9.36 71.56 -93.78
C VAL W 72 -10.59 72.25 -93.21
N ASP W 73 -10.40 72.97 -92.12
CA ASP W 73 -11.48 73.74 -91.51
C ASP W 73 -11.43 75.18 -91.99
N GLY W 74 -12.23 76.05 -91.37
CA GLY W 74 -12.30 77.44 -91.80
C GLY W 74 -11.01 78.22 -91.61
N SER W 75 -10.13 77.75 -90.73
CA SER W 75 -8.86 78.42 -90.47
C SER W 75 -7.74 77.92 -91.36
N SER W 76 -8.03 77.04 -92.32
CA SER W 76 -7.05 76.41 -93.20
C SER W 76 -6.05 75.54 -92.45
N ASN W 77 -6.37 75.18 -91.20
CA ASN W 77 -5.49 74.32 -90.41
C ASN W 77 -5.83 72.87 -90.69
N PRO W 78 -4.86 72.04 -91.10
CA PRO W 78 -5.15 70.62 -91.33
C PRO W 78 -5.70 69.97 -90.07
N VAL W 79 -6.92 69.43 -90.18
CA VAL W 79 -7.51 68.74 -89.04
C VAL W 79 -6.66 67.50 -88.89
N PHE W 80 -5.85 67.46 -87.84
CA PHE W 80 -4.91 66.35 -87.67
C PHE W 80 -5.36 64.90 -87.72
N PRO W 81 -6.61 64.58 -87.30
CA PRO W 81 -7.04 63.20 -87.52
C PRO W 81 -7.05 62.98 -89.03
N ALA W 82 -6.08 62.25 -89.56
CA ALA W 82 -5.97 62.08 -91.00
C ALA W 82 -7.03 61.12 -91.52
N LEU W 83 -7.77 61.54 -92.53
CA LEU W 83 -8.77 60.68 -93.13
C LEU W 83 -8.08 59.44 -93.68
N LEU W 84 -6.84 59.58 -94.15
CA LEU W 84 -6.10 58.43 -94.62
C LEU W 84 -4.62 58.68 -94.34
N SER W 85 -3.91 57.63 -93.95
CA SER W 85 -2.49 57.77 -93.63
C SER W 85 -1.80 56.43 -93.77
N PHE W 86 -0.58 56.44 -94.30
CA PHE W 86 0.17 55.22 -94.47
C PHE W 86 1.64 55.57 -94.66
N ASP W 87 2.46 54.53 -94.85
CA ASP W 87 3.88 54.67 -95.06
C ASP W 87 4.27 53.98 -96.36
N ALA W 88 5.01 54.68 -97.21
CA ALA W 88 5.36 54.14 -98.51
C ALA W 88 6.74 54.64 -98.92
N ILE W 89 7.35 53.90 -99.84
CA ILE W 89 8.63 54.26 -100.42
C ILE W 89 8.36 55.00 -101.72
N VAL W 90 8.88 56.21 -101.86
CA VAL W 90 8.69 56.99 -103.08
C VAL W 90 9.50 56.35 -104.19
N PRO W 91 8.88 55.90 -105.26
CA PRO W 91 9.62 55.21 -106.33
C PRO W 91 10.43 56.19 -107.17
N ASN W 92 11.54 55.68 -107.70
CA ASN W 92 12.45 56.49 -108.50
C ASN W 92 11.92 56.56 -109.93
N VAL W 93 10.89 57.37 -110.12
CA VAL W 93 10.32 57.63 -111.44
C VAL W 93 10.04 59.12 -111.55
N ALA W 94 9.93 59.58 -112.80
CA ALA W 94 9.65 61.00 -113.03
C ALA W 94 8.27 61.38 -112.51
N SER W 95 7.27 60.53 -112.74
CA SER W 95 5.91 60.77 -112.30
C SER W 95 5.33 59.48 -111.75
N VAL W 96 4.63 59.58 -110.63
CA VAL W 96 4.00 58.43 -109.99
C VAL W 96 2.58 58.80 -109.58
N GLU W 97 1.67 57.84 -109.74
CA GLU W 97 0.31 58.00 -109.29
C GLU W 97 0.21 57.77 -107.79
N PHE W 98 -0.62 58.58 -107.12
CA PHE W 98 -0.77 58.44 -105.68
C PHE W 98 -1.41 57.11 -105.30
N ASP W 99 -2.22 56.53 -106.20
CA ASP W 99 -2.85 55.26 -105.89
C ASP W 99 -1.86 54.11 -105.87
N VAL W 100 -0.83 54.16 -106.71
CA VAL W 100 0.08 53.02 -106.85
C VAL W 100 1.19 53.02 -105.81
N LEU W 101 1.24 54.01 -104.94
CA LEU W 101 2.17 54.00 -103.81
C LEU W 101 1.81 52.84 -102.89
N ALA W 102 2.63 51.80 -102.88
CA ALA W 102 2.30 50.61 -102.11
C ALA W 102 2.59 50.86 -100.63
N PRO W 103 1.59 50.82 -99.76
CA PRO W 103 1.85 50.94 -98.33
C PRO W 103 2.72 49.80 -97.83
N THR W 104 3.58 50.11 -96.87
CA THR W 104 4.52 49.13 -96.33
C THR W 104 4.78 49.48 -94.87
N GLY W 105 5.72 48.76 -94.27
CA GLY W 105 6.18 49.09 -92.93
C GLY W 105 7.16 50.24 -92.96
N VAL W 106 7.58 50.64 -91.76
CA VAL W 106 8.56 51.71 -91.62
C VAL W 106 9.95 51.10 -91.79
N VAL W 107 10.71 51.61 -92.77
CA VAL W 107 12.09 51.20 -92.97
C VAL W 107 12.94 52.45 -93.14
N ASN W 108 14.01 52.55 -92.35
CA ASN W 108 14.96 53.66 -92.45
C ASN W 108 16.29 53.20 -92.99
N ASN W 109 16.92 52.21 -92.35
CA ASN W 109 18.08 51.50 -92.90
C ASN W 109 19.24 52.45 -93.20
N GLN W 110 19.55 53.31 -92.23
CA GLN W 110 20.61 54.29 -92.42
C GLN W 110 21.99 53.64 -92.41
N LEU W 111 22.16 52.55 -91.64
CA LEU W 111 23.46 51.92 -91.54
C LEU W 111 23.92 51.37 -92.88
N ASP W 112 23.00 50.90 -93.72
CA ASP W 112 23.39 50.44 -95.04
C ASP W 112 23.66 51.60 -96.00
N THR W 113 22.98 52.73 -95.81
CA THR W 113 23.27 53.92 -96.60
C THR W 113 24.66 54.47 -96.28
N SER W 114 25.11 54.28 -95.04
CA SER W 114 26.41 54.82 -94.63
C SER W 114 27.55 54.21 -95.46
N ALA W 115 27.53 52.89 -95.63
CA ALA W 115 28.59 52.23 -96.40
C ALA W 115 28.57 52.70 -97.85
N LEU W 116 27.39 52.86 -98.43
CA LEU W 116 27.31 53.36 -99.79
C LEU W 116 27.85 54.78 -99.89
N ARG W 117 27.54 55.62 -98.91
CA ARG W 117 28.04 56.99 -98.93
C ARG W 117 29.56 57.01 -98.87
N ILE W 118 30.15 56.21 -97.98
CA ILE W 118 31.60 56.21 -97.83
C ILE W 118 32.27 55.63 -99.07
N ALA W 119 31.67 54.60 -99.67
CA ALA W 119 32.21 54.06 -100.90
C ALA W 119 32.19 55.09 -102.02
N LYS W 120 31.07 55.83 -102.13
CA LYS W 120 30.99 56.90 -103.12
C LYS W 120 32.05 57.96 -102.88
N ILE W 121 32.29 58.31 -101.62
CA ILE W 121 33.29 59.33 -101.31
C ILE W 121 34.69 58.85 -101.69
N ILE W 122 35.01 57.59 -101.37
CA ILE W 122 36.33 57.07 -101.71
C ILE W 122 36.51 57.00 -103.21
N ALA W 123 35.50 56.53 -103.94
CA ALA W 123 35.63 56.44 -105.40
C ALA W 123 35.74 57.82 -106.03
N ASN W 124 34.95 58.79 -105.55
CA ASN W 124 34.93 60.11 -106.17
C ASN W 124 36.22 60.89 -105.92
N ASP W 125 37.02 60.49 -104.92
CA ASP W 125 38.25 61.20 -104.61
C ASP W 125 39.43 60.44 -105.19
N PRO W 126 40.14 60.98 -106.18
CA PRO W 126 41.29 60.24 -106.74
C PRO W 126 42.38 59.95 -105.72
N ALA W 127 42.62 60.86 -104.78
CA ALA W 127 43.70 60.66 -103.82
C ALA W 127 43.46 59.43 -102.96
N LEU W 128 42.24 59.27 -102.46
CA LEU W 128 41.92 58.08 -101.67
C LEU W 128 41.72 56.86 -102.55
N ALA W 129 41.18 57.04 -103.76
CA ALA W 129 41.00 55.92 -104.67
C ALA W 129 42.33 55.30 -105.06
N GLN W 130 43.40 56.10 -105.08
CA GLN W 130 44.71 55.56 -105.41
C GLN W 130 45.16 54.51 -104.40
N LYS W 131 44.83 54.73 -103.13
CA LYS W 131 45.34 53.87 -102.06
C LYS W 131 44.52 52.62 -101.85
N VAL W 132 43.48 52.40 -102.65
CA VAL W 132 42.76 51.12 -102.66
C VAL W 132 42.72 50.61 -104.09
N ALA W 133 43.71 50.99 -104.90
CA ALA W 133 43.62 50.85 -106.35
C ALA W 133 43.49 49.41 -106.83
N GLY W 134 44.52 48.60 -106.67
CA GLY W 134 44.49 47.31 -107.31
C GLY W 134 45.79 46.56 -107.17
N ALA W 135 45.74 45.31 -107.61
CA ALA W 135 46.82 44.35 -107.37
C ALA W 135 48.20 44.82 -107.82
N PRO W 136 48.39 45.33 -109.05
CA PRO W 136 49.77 45.63 -109.48
C PRO W 136 50.37 46.82 -108.73
N TYR W 137 51.27 46.54 -107.80
CA TYR W 137 52.00 47.58 -107.06
C TYR W 137 53.44 47.57 -107.50
N PRO W 138 53.87 48.49 -108.35
CA PRO W 138 55.26 48.48 -108.81
C PRO W 138 56.23 48.74 -107.66
N ARG W 139 57.35 48.03 -107.68
CA ARG W 139 58.39 48.21 -106.67
C ARG W 139 59.76 48.44 -107.26
N GLY W 140 60.12 47.76 -108.34
CA GLY W 140 61.42 47.86 -108.95
C GLY W 140 62.05 46.50 -109.12
N ALA W 141 63.35 46.50 -109.38
CA ALA W 141 64.08 45.25 -109.56
C ALA W 141 64.10 44.45 -108.27
N TYR W 142 64.05 43.14 -108.40
CA TYR W 142 63.95 42.28 -107.23
C TYR W 142 65.28 42.24 -106.47
N SER W 143 65.18 42.22 -105.15
CA SER W 143 66.34 42.06 -104.28
C SER W 143 65.91 41.33 -103.03
N ALA W 144 66.74 40.39 -102.58
CA ALA W 144 66.38 39.50 -101.49
C ALA W 144 66.35 40.19 -100.13
N THR W 145 66.81 41.42 -100.04
CA THR W 145 66.92 42.11 -98.76
C THR W 145 65.71 42.97 -98.41
N GLU W 146 64.66 42.93 -99.22
CA GLU W 146 63.49 43.76 -98.98
C GLU W 146 62.26 42.89 -98.77
N THR W 147 61.29 43.45 -98.05
CA THR W 147 60.05 42.77 -97.72
C THR W 147 58.97 43.18 -98.71
N TYR W 148 58.29 42.19 -99.29
CA TYR W 148 57.28 42.43 -100.31
C TYR W 148 55.90 42.08 -99.78
N LEU W 149 54.94 42.93 -100.06
CA LEU W 149 53.56 42.73 -99.65
C LEU W 149 52.75 42.11 -100.79
N TYR W 150 51.50 41.79 -100.49
CA TYR W 150 50.61 41.22 -101.49
C TYR W 150 50.43 42.19 -102.65
N GLY W 151 50.60 41.68 -103.87
CA GLY W 151 50.38 42.46 -105.07
C GLY W 151 51.58 43.26 -105.55
N GLU W 152 52.63 43.37 -104.76
CA GLU W 152 53.77 44.19 -105.17
C GLU W 152 54.48 43.55 -106.36
N MET W 153 54.93 44.40 -107.28
CA MET W 153 55.48 43.95 -108.55
C MET W 153 56.98 44.15 -108.57
N VAL W 154 57.71 43.11 -108.98
CA VAL W 154 59.16 43.14 -109.10
C VAL W 154 59.53 42.67 -110.51
N SER W 155 60.78 42.93 -110.87
CA SER W 155 61.33 42.51 -112.16
C SER W 155 62.52 41.61 -111.92
N TYR W 156 62.50 40.42 -112.51
CA TYR W 156 63.48 39.37 -112.21
C TYR W 156 63.87 38.69 -113.52
N PHE W 157 65.12 38.90 -113.93
CA PHE W 157 65.71 38.20 -115.07
C PHE W 157 64.84 38.31 -116.32
N GLY W 158 64.29 39.50 -116.54
CA GLY W 158 63.50 39.76 -117.73
C GLY W 158 62.02 39.49 -117.60
N LYS W 159 61.56 38.93 -116.49
CA LYS W 159 60.15 38.62 -116.30
C LYS W 159 59.60 39.43 -115.14
N ASN W 160 58.38 39.92 -115.31
CA ASN W 160 57.72 40.68 -114.26
C ASN W 160 56.91 39.75 -113.38
N TYR W 161 56.89 40.04 -112.08
CA TYR W 161 56.22 39.18 -111.11
C TYR W 161 55.41 40.04 -110.14
N ILE W 162 54.35 39.43 -109.61
CA ILE W 162 53.46 40.06 -108.65
C ILE W 162 53.34 39.11 -107.46
N SER W 163 53.57 39.63 -106.26
CA SER W 163 53.48 38.80 -105.08
C SER W 163 52.04 38.46 -104.78
N LYS W 164 51.75 37.17 -104.63
CA LYS W 164 50.40 36.70 -104.35
C LYS W 164 50.27 36.14 -102.94
N SER W 165 51.21 36.46 -102.05
CA SER W 165 51.20 36.01 -100.68
C SER W 165 50.64 37.12 -99.80
N LEU W 166 49.59 36.81 -99.04
CA LEU W 166 48.97 37.82 -98.19
C LEU W 166 49.93 38.30 -97.11
N SER W 167 50.65 37.37 -96.47
CA SER W 167 51.66 37.75 -95.52
C SER W 167 52.87 38.34 -96.24
N PRO W 168 53.55 39.31 -95.63
CA PRO W 168 54.77 39.83 -96.24
C PRO W 168 55.81 38.74 -96.41
N ILE W 169 56.53 38.77 -97.53
CA ILE W 169 57.53 37.77 -97.84
C ILE W 169 58.87 38.45 -98.00
N ILE W 170 59.93 37.67 -97.79
CA ILE W 170 61.30 38.15 -97.94
C ILE W 170 62.19 36.96 -98.29
N ASN W 171 63.21 37.23 -99.09
CA ASN W 171 64.18 36.21 -99.51
C ASN W 171 63.48 35.01 -100.13
N ILE W 172 62.49 35.28 -100.97
CA ILE W 172 61.84 34.25 -101.79
C ILE W 172 62.00 34.67 -103.24
N LEU W 173 62.58 33.79 -104.05
CA LEU W 173 62.82 34.13 -105.44
C LEU W 173 61.49 34.20 -106.18
N PRO W 174 61.35 35.13 -107.13
CA PRO W 174 60.09 35.22 -107.89
C PRO W 174 59.77 33.97 -108.67
N THR W 175 60.75 33.12 -108.95
CA THR W 175 60.51 31.89 -109.69
C THR W 175 59.57 30.95 -108.94
N VAL W 176 59.39 31.14 -107.64
CA VAL W 176 58.49 30.29 -106.86
C VAL W 176 57.06 30.69 -107.19
N THR W 177 56.36 29.82 -107.91
CA THR W 177 54.96 30.11 -108.27
C THR W 177 54.02 30.01 -107.08
N ASP W 178 54.47 29.49 -105.94
CA ASP W 178 53.60 29.35 -104.78
C ASP W 178 53.34 30.70 -104.12
N SER W 179 54.30 31.62 -104.19
CA SER W 179 54.15 32.95 -103.61
C SER W 179 54.20 34.06 -104.64
N TRP W 180 54.47 33.76 -105.90
CA TRP W 180 54.59 34.78 -106.93
C TRP W 180 53.81 34.37 -108.17
N TYR W 181 53.40 35.37 -108.94
CA TYR W 181 52.69 35.17 -110.20
C TYR W 181 53.46 35.90 -111.29
N GLU W 182 53.77 35.21 -112.38
CA GLU W 182 54.53 35.82 -113.47
C GLU W 182 53.57 36.46 -114.45
N LEU W 183 53.93 37.65 -114.92
CA LEU W 183 53.09 38.44 -115.82
C LEU W 183 53.47 38.09 -117.25
N VAL W 184 52.61 37.31 -117.93
CA VAL W 184 52.92 36.86 -119.28
C VAL W 184 52.79 38.01 -120.26
N ILE W 185 53.71 38.06 -121.22
CA ILE W 185 53.65 39.01 -122.33
C ILE W 185 53.94 38.25 -123.61
N THR W 186 53.03 38.35 -124.58
CA THR W 186 53.19 37.66 -125.85
C THR W 186 54.23 38.30 -126.75
N LEU W 187 54.24 39.63 -126.81
CA LEU W 187 55.03 40.38 -127.78
C LEU W 187 54.69 39.84 -129.17
N PRO W 188 53.51 40.18 -129.71
CA PRO W 188 53.08 39.61 -131.00
C PRO W 188 53.68 40.39 -132.16
N GLU W 189 54.56 39.72 -132.91
CA GLU W 189 55.10 40.17 -134.19
C GLU W 189 55.50 41.65 -134.24
N SER W 190 55.91 42.20 -133.10
CA SER W 190 56.18 43.63 -133.02
C SER W 190 57.24 44.05 -134.03
N VAL W 191 57.01 45.19 -134.69
CA VAL W 191 57.87 45.62 -135.77
C VAL W 191 59.25 46.02 -135.30
N SER W 192 59.43 46.24 -134.00
CA SER W 192 60.72 46.65 -133.45
C SER W 192 61.33 45.48 -132.70
N VAL W 193 62.50 45.02 -133.14
CA VAL W 193 63.23 43.95 -132.48
C VAL W 193 64.70 44.35 -132.42
N ILE W 194 65.13 44.93 -131.30
CA ILE W 194 66.45 45.54 -131.21
C ILE W 194 67.22 44.88 -130.07
N ALA W 195 68.44 45.38 -129.83
CA ALA W 195 69.37 44.76 -128.89
C ALA W 195 69.38 45.51 -127.56
N THR W 196 69.18 44.79 -126.47
CA THR W 196 69.22 45.33 -125.13
C THR W 196 70.04 44.40 -124.24
N GLY W 197 70.05 44.70 -122.93
CA GLY W 197 70.69 43.89 -121.95
C GLY W 197 69.75 43.49 -120.83
N SER W 198 70.33 42.89 -119.79
CA SER W 198 69.58 42.48 -118.61
C SER W 198 70.09 43.25 -117.41
N ASP W 199 69.24 44.08 -116.83
CA ASP W 199 69.64 44.92 -115.69
C ASP W 199 69.44 44.19 -114.37
N THR W 200 70.05 43.02 -114.27
CA THR W 200 70.03 42.22 -113.05
C THR W 200 71.44 42.18 -112.48
N ALA W 201 71.64 42.83 -111.34
CA ALA W 201 72.93 42.80 -110.68
C ALA W 201 73.27 41.37 -110.28
N TYR W 202 74.57 41.08 -110.19
CA TYR W 202 75.03 39.75 -109.84
C TYR W 202 74.38 39.26 -108.55
N GLY W 203 73.63 38.17 -108.67
CA GLY W 203 72.92 37.60 -107.54
C GLY W 203 72.92 36.09 -107.51
N THR W 204 73.93 35.47 -108.13
CA THR W 204 74.09 34.03 -108.22
C THR W 204 72.92 33.34 -108.90
N GLY W 205 72.03 34.10 -109.53
CA GLY W 205 70.97 33.53 -110.33
C GLY W 205 71.38 33.23 -111.75
N TRP W 206 72.66 33.42 -112.05
CA TRP W 206 73.19 33.28 -113.40
C TRP W 206 73.67 31.87 -113.69
N ASN W 207 73.36 30.90 -112.81
CA ASN W 207 73.79 29.52 -113.01
C ASN W 207 73.25 28.98 -114.31
N GLY W 208 71.94 28.81 -114.40
CA GLY W 208 71.30 28.59 -115.68
C GLY W 208 70.61 29.86 -116.12
N SER W 209 71.23 30.59 -117.04
CA SER W 209 70.71 31.89 -117.44
C SER W 209 71.14 32.15 -118.88
N LEU W 210 70.23 31.88 -119.82
CA LEU W 210 70.47 32.19 -121.22
C LEU W 210 70.37 33.69 -121.51
N LEU W 211 70.35 34.51 -120.48
CA LEU W 211 70.22 35.96 -120.65
C LEU W 211 71.56 36.54 -121.07
N VAL W 212 71.63 37.86 -121.15
CA VAL W 212 72.86 38.57 -121.52
C VAL W 212 73.17 39.60 -120.45
N PRO W 213 74.38 39.61 -119.89
CA PRO W 213 74.67 40.52 -118.77
C PRO W 213 74.96 41.93 -119.28
N THR W 214 74.41 42.92 -118.58
CA THR W 214 74.72 44.30 -118.88
C THR W 214 76.17 44.60 -118.46
N GLN W 215 76.71 45.68 -119.03
CA GLN W 215 78.04 46.12 -118.63
C GLN W 215 78.09 46.52 -117.16
N ASN W 216 76.98 46.99 -116.60
CA ASN W 216 76.98 47.49 -115.23
C ASN W 216 77.24 46.37 -114.23
N ALA W 217 76.53 45.24 -114.38
CA ALA W 217 76.71 44.14 -113.45
C ALA W 217 78.13 43.61 -113.49
N VAL W 218 78.67 43.43 -114.70
CA VAL W 218 80.03 42.93 -114.84
C VAL W 218 81.03 43.90 -114.22
N TYR W 219 80.86 45.19 -114.48
CA TYR W 219 81.79 46.17 -113.92
C TYR W 219 81.72 46.22 -112.41
N ASP W 220 80.51 46.16 -111.85
CA ASP W 220 80.37 46.19 -110.39
C ASP W 220 81.00 44.96 -109.75
N LYS W 221 80.76 43.78 -110.33
CA LYS W 221 81.38 42.57 -109.79
C LYS W 221 82.90 42.64 -109.91
N ILE W 222 83.40 43.15 -111.03
CA ILE W 222 84.85 43.30 -111.19
C ILE W 222 85.39 44.24 -110.13
N VAL W 223 84.68 45.34 -109.87
CA VAL W 223 85.16 46.33 -108.90
C VAL W 223 85.23 45.71 -107.51
N THR W 224 84.18 44.99 -107.11
CA THR W 224 84.19 44.40 -105.77
C THR W 224 85.22 43.28 -105.66
N VAL W 225 85.42 42.51 -106.74
CA VAL W 225 86.46 41.48 -106.73
C VAL W 225 87.83 42.10 -106.58
N ASP W 226 88.08 43.19 -107.30
CA ASP W 226 89.37 43.88 -107.19
C ASP W 226 89.56 44.49 -105.82
N ALA W 227 88.48 45.00 -105.21
CA ALA W 227 88.56 45.51 -103.86
C ALA W 227 88.93 44.40 -102.87
N ALA W 228 88.33 43.22 -103.03
CA ALA W 228 88.68 42.09 -102.17
C ALA W 228 90.13 41.67 -102.37
N ILE W 229 90.59 41.66 -103.63
CA ILE W 229 91.97 41.28 -103.90
C ILE W 229 92.93 42.29 -103.28
N ALA W 230 92.61 43.58 -103.39
CA ALA W 230 93.45 44.61 -102.76
C ALA W 230 93.44 44.47 -101.24
N THR W 231 92.29 44.13 -100.67
CA THR W 231 92.23 43.91 -99.23
C THR W 231 93.12 42.73 -98.81
N ALA W 232 93.07 41.64 -99.57
CA ALA W 232 93.92 40.50 -99.28
C ALA W 232 95.40 40.87 -99.41
N ASN W 233 95.74 41.63 -100.44
CA ASN W 233 97.13 42.04 -100.63
C ASN W 233 97.60 42.91 -99.46
N THR W 234 96.78 43.88 -99.05
CA THR W 234 97.16 44.73 -97.93
C THR W 234 97.27 43.93 -96.63
N ASN W 235 96.40 42.93 -96.45
CA ASN W 235 96.55 42.02 -95.32
C ASN W 235 97.90 41.32 -95.37
N ILE W 236 98.31 40.87 -96.56
CA ILE W 236 99.60 40.21 -96.69
C ILE W 236 100.73 41.17 -96.31
N THR W 237 100.67 42.42 -96.79
CA THR W 237 101.73 43.37 -96.47
C THR W 237 101.80 43.66 -94.98
N ASN W 238 100.66 44.02 -94.37
CA ASN W 238 100.70 44.37 -92.96
C ASN W 238 100.86 43.16 -92.06
N LEU W 239 100.76 41.94 -92.61
CA LEU W 239 101.09 40.76 -91.84
C LEU W 239 102.59 40.45 -91.91
N GLY W 240 103.16 40.47 -93.12
CA GLY W 240 104.55 40.11 -93.27
C GLY W 240 105.48 41.00 -92.46
N THR W 241 105.23 42.31 -92.48
CA THR W 241 106.11 43.25 -91.79
C THR W 241 105.94 43.25 -90.28
N ALA W 242 104.86 42.66 -89.75
CA ALA W 242 104.60 42.71 -88.32
C ALA W 242 104.34 41.35 -87.68
N LYS W 243 104.15 40.28 -88.45
CA LYS W 243 103.75 39.01 -87.88
C LYS W 243 104.81 37.93 -88.05
N ALA W 244 105.25 37.66 -89.27
CA ALA W 244 106.09 36.51 -89.58
C ALA W 244 107.56 36.92 -89.59
N ASP W 245 108.39 36.12 -88.91
CA ASP W 245 109.81 36.38 -88.75
C ASP W 245 110.47 35.08 -88.28
N LEU W 246 111.53 34.69 -88.97
CA LEU W 246 112.26 33.48 -88.62
C LEU W 246 113.75 33.69 -88.37
N SER W 247 114.42 34.52 -89.17
CA SER W 247 115.87 34.63 -89.10
C SER W 247 116.31 35.13 -87.73
N TYR W 248 115.96 36.36 -87.37
CA TYR W 248 116.45 36.93 -86.13
C TYR W 248 115.88 36.21 -84.90
N VAL W 249 114.66 35.67 -85.01
CA VAL W 249 114.16 34.83 -83.93
C VAL W 249 115.15 33.70 -83.67
N ASN W 250 115.60 33.04 -84.75
CA ASN W 250 116.60 32.00 -84.62
C ASN W 250 117.91 32.55 -84.07
N THR W 251 118.29 33.78 -84.46
CA THR W 251 119.60 34.30 -84.07
C THR W 251 119.68 34.55 -82.57
N GLN W 252 118.76 35.34 -82.01
CA GLN W 252 118.78 35.47 -80.55
C GLN W 252 118.32 34.20 -79.83
N LEU W 253 117.63 33.27 -80.50
CA LEU W 253 117.43 31.98 -79.86
C LEU W 253 118.76 31.27 -79.63
N SER W 254 119.61 31.25 -80.67
CA SER W 254 120.92 30.64 -80.55
C SER W 254 121.80 31.39 -79.56
N ALA W 255 121.70 32.72 -79.54
CA ALA W 255 122.47 33.51 -78.58
C ALA W 255 122.06 33.15 -77.14
N ASP W 256 120.76 33.06 -76.88
CA ASP W 256 120.30 32.67 -75.56
C ASP W 256 120.75 31.26 -75.21
N GLN W 257 120.73 30.35 -76.18
CA GLN W 257 121.18 28.98 -75.92
C GLN W 257 122.66 28.95 -75.55
N VAL W 258 123.47 29.75 -76.24
CA VAL W 258 124.90 29.77 -75.93
C VAL W 258 125.13 30.39 -74.55
N VAL W 259 124.34 31.41 -74.19
CA VAL W 259 124.46 31.97 -72.85
C VAL W 259 124.04 30.94 -71.80
N LEU W 260 123.02 30.14 -72.12
CA LEU W 260 122.54 29.11 -71.20
C LEU W 260 123.62 28.07 -70.94
N ASP W 261 124.24 27.55 -72.00
CA ASP W 261 125.28 26.54 -71.77
C ASP W 261 126.50 27.14 -71.09
N ALA W 262 126.85 28.39 -71.42
CA ALA W 262 127.96 29.04 -70.73
C ALA W 262 127.67 29.18 -69.23
N LEU W 263 126.44 29.57 -68.88
CA LEU W 263 126.09 29.73 -67.48
C LEU W 263 126.03 28.39 -66.76
N SER W 264 125.58 27.35 -67.46
CA SER W 264 125.56 26.02 -66.87
C SER W 264 126.97 25.53 -66.58
N SER W 265 127.90 25.78 -67.50
CA SER W 265 129.28 25.33 -67.28
C SER W 265 129.98 26.15 -66.21
N GLY W 266 129.86 27.48 -66.27
CA GLY W 266 130.66 28.33 -65.42
C GLY W 266 130.19 28.36 -63.98
N LYS W 267 128.88 28.47 -63.77
CA LYS W 267 128.36 28.64 -62.42
C LYS W 267 128.48 27.36 -61.62
N ALA W 268 128.80 27.50 -60.34
CA ALA W 268 129.04 26.35 -59.48
C ALA W 268 127.72 25.70 -59.06
N ASP W 269 127.73 24.37 -59.02
CA ASP W 269 126.59 23.63 -58.51
C ASP W 269 126.39 23.91 -57.03
N LEU W 270 125.13 24.04 -56.62
CA LEU W 270 124.84 24.25 -55.21
C LEU W 270 125.24 23.03 -54.38
N SER W 271 125.05 21.82 -54.93
CA SER W 271 125.52 20.62 -54.25
C SER W 271 127.04 20.62 -54.12
N TYR W 272 127.74 21.02 -55.18
CA TYR W 272 129.20 21.08 -55.13
C TYR W 272 129.67 22.10 -54.09
N VAL W 273 129.02 23.26 -54.05
CA VAL W 273 129.38 24.29 -53.07
C VAL W 273 129.11 23.79 -51.66
N ASN W 274 128.01 23.07 -51.48
CA ASN W 274 127.71 22.51 -50.15
C ASN W 274 128.77 21.50 -49.74
N THR W 275 129.19 20.63 -50.65
CA THR W 275 130.25 19.68 -50.33
C THR W 275 131.55 20.40 -49.98
N GLN W 276 131.90 21.42 -50.76
CA GLN W 276 133.14 22.15 -50.51
C GLN W 276 133.10 22.88 -49.17
N LEU W 277 131.96 23.48 -48.84
CA LEU W 277 131.81 24.10 -47.52
C LEU W 277 131.85 23.06 -46.41
N ASN W 278 131.34 21.86 -46.69
CA ASN W 278 131.43 20.77 -45.72
C ASN W 278 132.88 20.39 -45.46
N SER W 279 133.72 20.44 -46.50
CA SER W 279 135.12 20.06 -46.34
C SER W 279 135.84 20.94 -45.32
N LYS W 280 135.62 22.25 -45.39
CA LYS W 280 136.26 23.16 -44.44
C LYS W 280 135.59 23.09 -43.08
N THR X 2 54.45 112.50 23.02
CA THR X 2 55.60 112.53 22.14
C THR X 2 55.27 113.22 20.82
N ASN X 3 56.00 114.29 20.53
CA ASN X 3 55.84 114.98 19.25
C ASN X 3 56.40 114.12 18.13
N ILE X 4 55.75 114.15 16.97
CA ILE X 4 56.17 113.38 15.81
C ILE X 4 56.34 114.34 14.64
N VAL X 5 57.50 114.28 14.00
CA VAL X 5 57.80 115.12 12.85
C VAL X 5 58.22 114.21 11.70
N GLY X 6 58.02 114.70 10.47
CA GLY X 6 58.41 113.95 9.30
C GLY X 6 57.91 114.53 7.99
N ARG X 7 58.48 114.08 6.89
CA ARG X 7 58.05 114.46 5.55
C ARG X 7 57.49 113.26 4.83
N ILE X 8 56.61 113.53 3.87
CA ILE X 8 55.93 112.48 3.12
C ILE X 8 56.15 112.73 1.64
N GLY X 9 56.74 111.76 0.94
CA GLY X 9 56.91 111.88 -0.48
C GLY X 9 55.70 111.41 -1.27
N PHE X 10 55.62 111.87 -2.51
CA PHE X 10 54.58 111.49 -3.45
C PHE X 10 53.18 111.85 -2.95
N LEU X 11 53.07 112.79 -2.01
CA LEU X 11 51.76 113.17 -1.48
C LEU X 11 51.86 114.61 -0.96
N THR X 12 51.29 115.55 -1.71
CA THR X 12 51.32 116.94 -1.29
C THR X 12 50.34 117.22 -0.15
N THR X 13 49.19 116.56 -0.17
CA THR X 13 48.15 116.78 0.83
C THR X 13 47.64 115.44 1.34
N GLY X 14 47.58 115.29 2.66
CA GLY X 14 47.15 114.03 3.23
C GLY X 14 46.61 114.20 4.62
N LYS X 15 46.13 113.09 5.18
CA LYS X 15 45.66 113.06 6.56
C LYS X 15 46.30 111.87 7.27
N LEU X 16 46.94 112.14 8.39
CA LEU X 16 47.55 111.09 9.20
C LEU X 16 46.60 110.73 10.35
N GLY X 17 46.24 109.45 10.43
CA GLY X 17 45.36 108.99 11.48
C GLY X 17 46.02 107.99 12.40
N ILE X 18 45.93 108.24 13.71
CA ILE X 18 46.53 107.38 14.71
C ILE X 18 45.44 106.87 15.63
N LYS X 19 45.43 105.57 15.89
CA LYS X 19 44.45 105.00 16.80
C LYS X 19 45.10 103.97 17.70
N LEU X 20 44.78 104.03 18.99
CA LEU X 20 45.33 103.09 19.94
C LEU X 20 44.61 101.75 19.87
N ARG X 21 45.35 100.70 20.21
CA ARG X 21 44.78 99.35 20.26
C ARG X 21 44.32 98.94 21.65
N GLY X 22 44.70 99.69 22.68
CA GLY X 22 44.24 99.43 24.03
C GLY X 22 44.15 100.70 24.83
N VAL X 23 43.72 100.61 26.08
CA VAL X 23 43.68 101.78 26.94
C VAL X 23 45.10 102.18 27.31
N LEU X 24 45.33 103.48 27.43
CA LEU X 24 46.64 104.00 27.78
C LEU X 24 46.55 104.85 29.04
N ILE X 25 47.55 104.74 29.90
CA ILE X 25 47.60 105.51 31.14
C ILE X 25 48.78 106.46 31.07
N ASP X 26 48.50 107.76 31.24
CA ASP X 26 49.55 108.77 31.15
C ASP X 26 49.62 109.58 32.42
N GLU X 27 50.56 109.24 33.29
CA GLU X 27 50.67 109.93 34.57
C GLU X 27 51.64 111.10 34.50
N SER X 28 52.08 111.46 33.29
CA SER X 28 53.00 112.58 33.14
C SER X 28 52.35 113.86 33.63
N THR X 29 51.08 114.09 33.26
CA THR X 29 50.37 115.26 33.74
C THR X 29 49.64 114.88 35.02
N THR X 30 49.33 115.86 35.86
CA THR X 30 48.68 115.57 37.14
C THR X 30 47.44 114.68 37.07
N PRO X 31 46.43 115.02 36.23
CA PRO X 31 45.32 114.06 36.16
C PRO X 31 45.76 112.92 35.27
N ASN X 32 45.84 111.71 35.81
CA ASN X 32 46.31 110.58 35.03
C ASN X 32 45.44 110.38 33.80
N THR X 33 46.00 110.62 32.63
CA THR X 33 45.20 110.55 31.41
C THR X 33 44.81 109.16 30.97
N THR X 34 43.52 108.90 30.88
CA THR X 34 43.09 107.63 30.35
C THR X 34 42.77 107.82 28.87
N TYR X 35 43.40 107.02 28.03
CA TYR X 35 43.24 107.10 26.58
C TYR X 35 42.46 105.88 26.11
N LEU X 36 41.32 106.12 25.49
CA LEU X 36 40.46 105.06 25.01
C LEU X 36 40.97 104.51 23.68
N PRO X 37 40.81 103.22 23.45
CA PRO X 37 41.24 102.63 22.18
C PRO X 37 40.14 102.71 21.12
N GLY X 38 40.57 102.58 19.87
CA GLY X 38 39.66 102.57 18.75
C GLY X 38 39.20 103.94 18.28
N ILE X 39 39.65 105.02 18.90
CA ILE X 39 39.28 106.36 18.50
C ILE X 39 40.43 106.95 17.70
N GLU X 40 40.15 107.35 16.47
CA GLU X 40 41.19 107.83 15.56
C GLU X 40 41.39 109.33 15.74
N SER X 41 42.65 109.73 15.84
CA SER X 41 43.05 111.13 15.89
C SER X 41 43.66 111.50 14.55
N PHE X 42 43.17 112.58 13.95
CA PHE X 42 43.57 112.99 12.61
C PHE X 42 44.40 114.26 12.66
N PHE X 43 45.44 114.29 11.85
CA PHE X 43 46.32 115.44 11.72
C PHE X 43 46.55 115.71 10.24
N ASN X 44 46.76 116.99 9.92
CA ASN X 44 46.93 117.39 8.53
C ASN X 44 48.36 117.13 8.06
N ILE X 45 48.50 116.79 6.78
CA ILE X 45 49.79 116.66 6.13
C ILE X 45 49.77 117.65 4.97
N THR X 46 50.40 118.79 5.16
CA THR X 46 50.35 119.88 4.18
C THR X 46 51.77 120.20 3.71
N ALA X 47 51.90 120.39 2.40
CA ALA X 47 53.19 120.65 1.77
C ALA X 47 54.20 119.54 2.11
N ASN X 48 53.71 118.31 2.13
CA ASN X 48 54.52 117.11 2.41
C ASN X 48 55.11 117.12 3.82
N VAL X 49 54.53 117.87 4.74
CA VAL X 49 55.01 117.95 6.11
C VAL X 49 53.87 117.65 7.06
N LEU X 50 54.13 116.77 8.03
CA LEU X 50 53.18 116.55 9.11
C LEU X 50 53.11 117.82 9.95
N THR X 51 51.93 118.44 10.02
CA THR X 51 51.78 119.77 10.60
C THR X 51 52.18 119.81 12.07
N SER X 52 51.41 119.13 12.91
CA SER X 52 51.70 119.08 14.34
C SER X 52 51.11 117.78 14.88
N VAL X 53 51.95 116.77 15.02
CA VAL X 53 51.53 115.46 15.47
C VAL X 53 52.03 115.27 16.89
N SER X 54 51.09 115.19 17.83
CA SER X 54 51.41 114.98 19.23
C SER X 54 50.61 113.78 19.72
N TYR X 55 51.32 112.71 20.08
CA TYR X 55 50.65 111.53 20.58
C TYR X 55 51.32 111.09 21.88
N PRO X 56 50.55 110.58 22.83
CA PRO X 56 51.15 110.13 24.09
C PRO X 56 52.12 108.99 23.86
N GLU X 57 53.16 108.95 24.70
CA GLU X 57 54.16 107.91 24.59
C GLU X 57 53.59 106.58 25.09
N THR X 58 53.52 105.60 24.21
CA THR X 58 52.97 104.29 24.54
C THR X 58 54.07 103.25 24.78
N GLU X 59 55.32 103.69 24.91
CA GLU X 59 56.42 102.75 25.10
C GLU X 59 56.43 102.19 26.51
N THR X 60 56.17 103.02 27.52
CA THR X 60 56.31 102.57 28.90
C THR X 60 55.26 101.53 29.28
N GLN X 61 54.04 101.65 28.74
CA GLN X 61 52.98 100.69 29.02
C GLN X 61 52.92 99.58 27.99
N ASN X 62 53.80 99.60 26.99
CA ASN X 62 53.86 98.57 25.94
C ASN X 62 52.51 98.45 25.23
N VAL X 63 52.09 99.56 24.64
CA VAL X 63 50.84 99.63 23.90
C VAL X 63 51.16 99.99 22.46
N THR X 64 50.62 99.23 21.52
CA THR X 64 50.84 99.48 20.10
C THR X 64 49.73 100.38 19.56
N ALA X 65 50.11 101.29 18.67
CA ALA X 65 49.18 102.19 18.00
C ALA X 65 49.29 102.02 16.50
N THR X 66 48.15 102.09 15.82
CA THR X 66 48.09 101.97 14.37
C THR X 66 48.14 103.35 13.75
N PHE X 67 49.06 103.53 12.79
CA PHE X 67 49.21 104.75 12.01
C PHE X 67 48.75 104.48 10.59
N SER X 68 48.10 105.48 9.99
CA SER X 68 47.59 105.34 8.64
C SER X 68 47.72 106.69 7.93
N ILE X 69 47.94 106.63 6.63
CA ILE X 69 47.98 107.81 5.76
C ILE X 69 46.83 107.71 4.78
N TYR X 70 45.98 108.73 4.75
CA TYR X 70 44.81 108.76 3.88
C TYR X 70 44.93 109.92 2.90
N SER X 71 44.54 109.66 1.66
CA SER X 71 44.41 110.73 0.70
C SER X 71 43.21 111.59 1.05
N VAL X 72 43.19 112.80 0.50
CA VAL X 72 42.20 113.82 0.84
C VAL X 72 41.26 114.02 -0.32
N ASP X 73 39.97 114.13 -0.02
CA ASP X 73 38.97 114.50 -1.01
C ASP X 73 38.95 116.02 -1.14
N GLY X 74 37.92 116.56 -1.79
CA GLY X 74 37.79 118.00 -1.89
C GLY X 74 37.29 118.69 -0.64
N SER X 75 36.98 117.93 0.41
CA SER X 75 36.43 118.47 1.64
C SER X 75 37.41 118.44 2.81
N SER X 76 38.70 118.26 2.54
CA SER X 76 39.72 118.11 3.58
C SER X 76 39.37 116.99 4.54
N ASN X 77 38.95 115.85 3.99
CA ASN X 77 38.58 114.68 4.75
C ASN X 77 39.34 113.45 4.26
N PRO X 78 39.65 112.52 5.19
CA PRO X 78 40.49 111.40 4.74
C PRO X 78 39.70 110.30 4.07
N VAL X 79 39.88 110.15 2.75
CA VAL X 79 39.26 109.03 2.06
C VAL X 79 39.92 107.85 2.73
N PHE X 80 39.13 106.94 3.26
CA PHE X 80 39.73 105.84 4.04
C PHE X 80 40.64 104.78 3.44
N PRO X 81 40.75 104.72 2.09
CA PRO X 81 41.75 103.79 1.56
C PRO X 81 43.12 104.25 2.05
N ALA X 82 43.79 103.43 2.86
CA ALA X 82 45.06 103.86 3.43
C ALA X 82 46.22 103.66 2.49
N LEU X 83 46.82 104.76 2.05
CA LEU X 83 47.99 104.68 1.20
C LEU X 83 49.08 103.98 1.98
N LEU X 84 49.00 104.02 3.32
CA LEU X 84 49.95 103.27 4.11
C LEU X 84 49.36 103.06 5.50
N SER X 85 49.64 101.91 6.09
CA SER X 85 49.15 101.61 7.43
C SER X 85 50.13 100.67 8.11
N PHE X 86 50.33 100.86 9.40
CA PHE X 86 51.27 100.01 10.13
C PHE X 86 51.09 100.20 11.63
N ASP X 87 51.43 99.16 12.38
CA ASP X 87 51.39 99.20 13.83
C ASP X 87 52.77 99.50 14.38
N ALA X 88 52.84 100.48 15.28
CA ALA X 88 54.12 100.91 15.83
C ALA X 88 53.92 101.42 17.24
N ILE X 89 55.01 101.51 17.99
CA ILE X 89 55.00 101.93 19.38
C ILE X 89 55.68 103.28 19.47
N VAL X 90 54.98 104.26 20.01
CA VAL X 90 55.52 105.61 20.15
C VAL X 90 56.55 105.60 21.28
N PRO X 91 57.80 105.93 21.01
CA PRO X 91 58.84 105.87 22.04
C PRO X 91 58.77 107.09 22.96
N ASN X 92 59.63 107.06 23.99
CA ASN X 92 59.66 108.11 25.01
C ASN X 92 60.74 109.12 24.65
N VAL X 93 60.44 109.96 23.66
CA VAL X 93 61.33 111.05 23.27
C VAL X 93 60.44 112.28 23.08
N ALA X 94 61.04 113.45 23.29
CA ALA X 94 60.29 114.69 23.09
C ALA X 94 59.82 114.83 21.65
N SER X 95 60.69 114.50 20.70
CA SER X 95 60.33 114.55 19.28
C SER X 95 60.95 113.36 18.57
N VAL X 96 60.13 112.64 17.80
CA VAL X 96 60.60 111.48 17.06
C VAL X 96 60.28 111.68 15.59
N GLU X 97 61.11 111.08 14.74
CA GLU X 97 60.92 111.13 13.30
C GLU X 97 59.96 110.03 12.86
N PHE X 98 59.09 110.36 11.89
CA PHE X 98 58.13 109.39 11.40
C PHE X 98 58.78 108.25 10.66
N ASP X 99 59.98 108.45 10.10
CA ASP X 99 60.64 107.41 9.34
C ASP X 99 60.99 106.21 10.20
N VAL X 100 61.28 106.44 11.48
CA VAL X 100 61.57 105.34 12.40
C VAL X 100 60.36 104.42 12.55
N LEU X 101 59.18 105.01 12.71
CA LEU X 101 57.99 104.23 13.03
C LEU X 101 57.56 103.37 11.85
N ALA X 102 57.65 103.89 10.64
CA ALA X 102 57.21 103.14 9.48
C ALA X 102 58.10 101.91 9.28
N PRO X 103 57.53 100.76 8.93
CA PRO X 103 58.35 99.58 8.69
C PRO X 103 59.12 99.70 7.39
N THR X 104 60.31 99.10 7.37
CA THR X 104 61.18 99.14 6.21
C THR X 104 61.28 97.76 5.60
N GLY X 105 60.97 97.66 4.31
CA GLY X 105 60.99 96.38 3.62
C GLY X 105 59.81 96.23 2.69
N VAL X 106 59.84 95.20 1.84
CA VAL X 106 58.80 94.97 0.85
C VAL X 106 58.23 93.57 1.06
N VAL X 107 56.90 93.48 1.00
CA VAL X 107 56.25 92.18 1.13
C VAL X 107 56.57 91.28 -0.06
N ASN X 108 56.48 91.84 -1.28
CA ASN X 108 56.77 91.08 -2.49
C ASN X 108 58.26 91.18 -2.78
N ASN X 109 59.02 90.34 -2.10
CA ASN X 109 60.47 90.32 -2.21
C ASN X 109 60.98 89.38 -3.30
N GLN X 110 60.10 88.56 -3.88
CA GLN X 110 60.50 87.53 -4.82
C GLN X 110 60.24 87.90 -6.28
N LEU X 111 59.85 89.14 -6.56
CA LEU X 111 59.38 89.52 -7.89
C LEU X 111 60.44 90.16 -8.77
N ASP X 112 61.63 90.47 -8.26
CA ASP X 112 62.60 91.26 -8.99
C ASP X 112 63.70 90.36 -9.56
N THR X 113 63.72 90.22 -10.88
CA THR X 113 64.82 89.58 -11.61
C THR X 113 65.13 90.47 -12.81
N SER X 114 66.01 91.45 -12.60
CA SER X 114 66.19 92.51 -13.58
C SER X 114 67.62 92.60 -14.11
N ALA X 115 68.23 91.46 -14.43
CA ALA X 115 69.52 91.43 -15.12
C ALA X 115 70.62 92.10 -14.31
N LEU X 116 70.48 93.40 -14.05
CA LEU X 116 71.43 94.08 -13.17
C LEU X 116 71.48 93.42 -11.81
N ARG X 117 70.31 93.16 -11.22
CA ARG X 117 70.26 92.51 -9.93
C ARG X 117 70.88 91.13 -9.97
N ILE X 118 70.60 90.36 -11.03
CA ILE X 118 71.14 89.01 -11.14
C ILE X 118 72.65 89.08 -11.34
N ALA X 119 73.12 90.07 -12.10
CA ALA X 119 74.56 90.25 -12.26
C ALA X 119 75.22 90.53 -10.92
N LYS X 120 74.62 91.41 -10.12
CA LYS X 120 75.16 91.70 -8.79
C LYS X 120 75.15 90.46 -7.92
N ILE X 121 74.07 89.69 -7.97
CA ILE X 121 73.96 88.48 -7.15
C ILE X 121 75.03 87.48 -7.52
N ILE X 122 75.24 87.27 -8.82
CA ILE X 122 76.21 86.28 -9.27
C ILE X 122 77.63 86.73 -8.95
N ALA X 123 77.91 88.02 -9.11
CA ALA X 123 79.25 88.53 -8.81
C ALA X 123 79.54 88.45 -7.30
N ASN X 124 78.58 88.86 -6.47
CA ASN X 124 78.85 88.99 -5.04
C ASN X 124 78.97 87.65 -4.34
N ASP X 125 78.22 86.65 -4.77
CA ASP X 125 78.30 85.34 -4.14
C ASP X 125 79.62 84.66 -4.50
N PRO X 126 80.39 84.20 -3.51
CA PRO X 126 81.66 83.53 -3.85
C PRO X 126 81.48 82.28 -4.70
N ALA X 127 80.42 81.51 -4.47
CA ALA X 127 80.25 80.26 -5.20
C ALA X 127 79.93 80.52 -6.67
N LEU X 128 78.97 81.41 -6.93
CA LEU X 128 78.64 81.73 -8.31
C LEU X 128 79.77 82.47 -9.00
N ALA X 129 80.49 83.31 -8.28
CA ALA X 129 81.66 83.98 -8.86
C ALA X 129 82.72 82.96 -9.25
N GLN X 130 82.94 81.95 -8.41
CA GLN X 130 83.90 80.91 -8.76
C GLN X 130 83.42 80.09 -9.95
N LYS X 131 82.11 79.88 -10.06
CA LYS X 131 81.57 79.18 -11.22
C LYS X 131 81.84 79.95 -12.50
N VAL X 132 81.67 81.27 -12.48
CA VAL X 132 81.99 82.12 -13.63
C VAL X 132 83.44 82.54 -13.46
N ALA X 133 84.36 81.68 -13.88
CA ALA X 133 85.78 81.93 -13.68
C ALA X 133 86.56 82.06 -14.98
N GLY X 134 86.46 81.07 -15.87
CA GLY X 134 87.31 81.06 -17.05
C GLY X 134 88.77 81.09 -16.65
N ALA X 135 89.55 81.92 -17.34
CA ALA X 135 90.86 82.32 -16.86
C ALA X 135 91.87 81.17 -16.89
N PRO X 136 93.14 81.41 -16.56
CA PRO X 136 94.10 80.30 -16.47
C PRO X 136 93.66 79.23 -15.48
N TYR X 137 94.01 78.00 -15.80
CA TYR X 137 93.81 76.84 -14.91
C TYR X 137 95.17 76.18 -14.73
N PRO X 138 95.87 76.49 -13.66
CA PRO X 138 97.23 75.95 -13.48
C PRO X 138 97.23 74.43 -13.45
N ARG X 139 98.24 73.85 -14.09
CA ARG X 139 98.41 72.40 -14.07
C ARG X 139 99.85 71.92 -13.90
N GLY X 140 100.85 72.80 -14.02
CA GLY X 140 102.21 72.39 -13.76
C GLY X 140 103.13 72.50 -14.97
N ALA X 141 104.26 71.81 -14.91
CA ALA X 141 105.21 71.83 -16.01
C ALA X 141 104.64 71.11 -17.23
N TYR X 142 104.96 71.62 -18.41
CA TYR X 142 104.44 71.05 -19.64
C TYR X 142 105.03 69.67 -19.90
N SER X 143 104.20 68.77 -20.41
CA SER X 143 104.66 67.48 -20.88
C SER X 143 103.77 67.03 -22.02
N ALA X 144 104.29 66.11 -22.83
CA ALA X 144 103.61 65.67 -24.04
C ALA X 144 102.78 64.40 -23.84
N THR X 145 102.63 63.93 -22.60
CA THR X 145 101.91 62.70 -22.34
C THR X 145 100.53 62.94 -21.70
N GLU X 146 100.08 64.17 -21.62
CA GLU X 146 98.79 64.47 -21.01
C GLU X 146 98.04 65.48 -21.85
N THR X 147 96.78 65.70 -21.50
CA THR X 147 95.86 66.51 -22.29
C THR X 147 95.61 67.84 -21.60
N TYR X 148 95.75 68.92 -22.35
CA TYR X 148 95.53 70.28 -21.85
C TYR X 148 94.26 70.84 -22.45
N LEU X 149 93.31 71.21 -21.61
CA LEU X 149 92.03 71.73 -22.07
C LEU X 149 92.15 73.24 -22.32
N TYR X 150 91.04 73.84 -22.72
CA TYR X 150 91.01 75.28 -22.93
C TYR X 150 91.21 76.00 -21.60
N GLY X 151 91.94 77.10 -21.64
CA GLY X 151 92.23 77.87 -20.43
C GLY X 151 93.22 77.23 -19.50
N GLU X 152 93.73 76.06 -19.83
CA GLU X 152 94.67 75.35 -18.98
C GLU X 152 96.06 75.96 -19.15
N MET X 153 96.72 76.28 -18.05
CA MET X 153 97.94 77.07 -18.08
C MET X 153 99.09 76.28 -17.48
N VAL X 154 100.20 76.23 -18.21
CA VAL X 154 101.36 75.42 -17.87
C VAL X 154 102.61 76.29 -17.90
N SER X 155 103.70 75.73 -17.38
CA SER X 155 105.01 76.33 -17.44
C SER X 155 105.86 75.58 -18.46
N TYR X 156 106.64 76.32 -19.23
CA TYR X 156 107.43 75.74 -20.32
C TYR X 156 108.64 76.63 -20.57
N PHE X 157 109.83 76.08 -20.35
CA PHE X 157 111.09 76.74 -20.68
C PHE X 157 111.19 78.13 -20.04
N GLY X 158 110.67 78.24 -18.82
CA GLY X 158 110.74 79.48 -18.08
C GLY X 158 109.63 80.47 -18.35
N LYS X 159 108.69 80.15 -19.24
CA LYS X 159 107.57 81.03 -19.51
C LYS X 159 106.26 80.35 -19.13
N ASN X 160 105.20 81.14 -19.08
CA ASN X 160 103.86 80.65 -18.75
C ASN X 160 102.98 80.71 -19.99
N TYR X 161 102.32 79.59 -20.30
CA TYR X 161 101.50 79.50 -21.50
C TYR X 161 100.13 78.96 -21.17
N ILE X 162 99.09 79.68 -21.59
CA ILE X 162 97.70 79.25 -21.44
C ILE X 162 97.22 78.74 -22.79
N SER X 163 96.70 77.53 -22.80
CA SER X 163 96.12 76.98 -24.01
C SER X 163 94.82 77.71 -24.35
N LYS X 164 94.64 77.99 -25.64
CA LYS X 164 93.43 78.61 -26.12
C LYS X 164 92.64 77.73 -27.09
N SER X 165 93.14 76.54 -27.39
CA SER X 165 92.41 75.63 -28.25
C SER X 165 91.12 75.18 -27.58
N LEU X 166 89.99 75.43 -28.23
CA LEU X 166 88.70 75.05 -27.68
C LEU X 166 88.57 73.53 -27.56
N SER X 167 89.34 72.80 -28.30
CA SER X 167 89.44 71.35 -28.24
C SER X 167 90.67 70.95 -27.46
N PRO X 168 90.66 69.77 -26.82
CA PRO X 168 91.85 69.32 -26.10
C PRO X 168 93.02 69.08 -27.04
N ILE X 169 94.23 69.31 -26.52
CA ILE X 169 95.45 69.16 -27.30
C ILE X 169 96.39 68.23 -26.57
N ILE X 170 97.24 67.54 -27.33
CA ILE X 170 98.24 66.64 -26.78
C ILE X 170 99.52 66.81 -27.59
N ASN X 171 100.66 66.90 -26.89
CA ASN X 171 101.99 66.83 -27.48
C ASN X 171 102.32 68.09 -28.27
N ILE X 172 101.35 68.98 -28.44
CA ILE X 172 101.61 70.24 -29.12
C ILE X 172 102.37 71.17 -28.19
N LEU X 173 103.51 71.68 -28.66
CA LEU X 173 104.38 72.48 -27.81
C LEU X 173 103.71 73.80 -27.43
N PRO X 174 103.95 74.29 -26.21
CA PRO X 174 103.40 75.59 -25.82
C PRO X 174 103.93 76.75 -26.64
N THR X 175 105.07 76.59 -27.31
CA THR X 175 105.58 77.65 -28.17
C THR X 175 104.76 77.82 -29.44
N VAL X 176 104.01 76.79 -29.85
CA VAL X 176 103.21 76.88 -31.06
C VAL X 176 102.02 77.78 -30.80
N THR X 177 102.07 78.99 -31.36
CA THR X 177 101.10 80.04 -31.02
C THR X 177 99.69 79.76 -31.53
N ASP X 178 99.51 78.72 -32.35
CA ASP X 178 98.19 78.40 -32.85
C ASP X 178 97.22 78.01 -31.73
N SER X 179 97.71 77.33 -30.69
CA SER X 179 96.85 76.84 -29.62
C SER X 179 97.27 77.27 -28.22
N TRP X 180 98.45 77.87 -28.05
CA TRP X 180 98.87 78.44 -26.79
C TRP X 180 99.13 79.93 -26.95
N TYR X 181 99.06 80.65 -25.83
CA TYR X 181 99.51 82.04 -25.83
C TYR X 181 100.18 82.32 -24.48
N GLU X 182 101.18 83.18 -24.53
CA GLU X 182 102.06 83.40 -23.39
C GLU X 182 101.51 84.52 -22.52
N LEU X 183 101.70 84.38 -21.20
CA LEU X 183 101.23 85.36 -20.22
C LEU X 183 102.40 86.28 -19.86
N VAL X 184 102.35 87.51 -20.34
CA VAL X 184 103.48 88.43 -20.22
C VAL X 184 103.73 88.76 -18.75
N ILE X 185 104.98 89.08 -18.44
CA ILE X 185 105.36 89.50 -17.09
C ILE X 185 105.99 90.89 -17.09
N THR X 186 106.86 91.19 -18.05
CA THR X 186 107.42 92.52 -18.25
C THR X 186 108.05 93.08 -16.97
N LEU X 187 109.14 92.42 -16.54
CA LEU X 187 109.84 92.86 -15.33
C LEU X 187 111.06 93.70 -15.70
N PRO X 188 110.91 95.07 -15.62
CA PRO X 188 111.99 95.87 -16.22
C PRO X 188 113.21 96.18 -15.42
N GLU X 189 114.38 95.80 -15.95
CA GLU X 189 115.63 96.00 -15.25
C GLU X 189 115.38 95.67 -13.81
N SER X 190 114.88 94.46 -13.55
CA SER X 190 114.53 94.07 -12.20
C SER X 190 115.76 94.23 -11.36
N VAL X 191 115.81 95.30 -10.58
CA VAL X 191 117.00 95.57 -9.80
C VAL X 191 117.15 94.40 -8.85
N SER X 192 116.13 94.14 -8.06
CA SER X 192 116.18 93.03 -7.11
C SER X 192 116.45 91.62 -7.63
N VAL X 193 117.59 91.03 -7.26
CA VAL X 193 117.87 89.63 -7.62
C VAL X 193 118.35 88.93 -6.34
N ILE X 194 117.49 88.14 -5.70
CA ILE X 194 117.82 87.50 -4.40
C ILE X 194 118.79 86.34 -4.35
N ALA X 195 120.07 86.60 -4.10
CA ALA X 195 121.11 85.57 -4.07
C ALA X 195 120.79 84.15 -3.59
N THR X 196 120.86 83.17 -4.48
CA THR X 196 120.70 81.77 -4.09
C THR X 196 121.66 80.99 -4.94
N GLY X 197 122.64 80.35 -4.32
CA GLY X 197 123.66 79.65 -5.07
C GLY X 197 124.91 80.04 -4.34
N SER X 198 124.86 81.18 -3.65
CA SER X 198 125.99 81.59 -2.85
C SER X 198 125.92 80.78 -1.57
N ASP X 199 124.84 80.93 -0.80
CA ASP X 199 124.62 80.18 0.45
C ASP X 199 125.79 79.58 1.21
N THR X 200 126.28 78.40 0.80
CA THR X 200 127.40 77.69 1.41
C THR X 200 126.95 77.01 2.70
N ALA X 201 127.42 75.79 2.96
CA ALA X 201 126.90 74.99 4.07
C ALA X 201 128.04 74.48 4.95
N TYR X 202 128.46 75.33 5.89
CA TYR X 202 129.35 75.00 6.99
C TYR X 202 129.58 76.29 7.77
N GLY X 203 130.13 76.15 8.97
CA GLY X 203 130.44 77.29 9.80
C GLY X 203 129.32 77.65 10.74
N THR X 204 129.57 77.51 12.05
CA THR X 204 128.55 77.79 13.05
C THR X 204 128.87 79.04 13.85
N GLY X 205 130.04 79.09 14.51
CA GLY X 205 130.42 80.31 15.20
C GLY X 205 131.82 80.76 14.90
N TRP X 206 131.94 81.90 14.22
CA TRP X 206 133.20 82.52 13.83
C TRP X 206 132.93 84.00 13.59
N ASN X 207 134.01 84.78 13.58
CA ASN X 207 133.90 86.21 13.29
C ASN X 207 134.91 86.70 12.28
N GLY X 208 135.69 85.80 11.67
CA GLY X 208 136.66 86.21 10.66
C GLY X 208 136.51 85.44 9.37
N SER X 209 135.75 84.35 9.41
CA SER X 209 135.51 83.52 8.22
C SER X 209 134.47 84.11 7.29
N LEU X 210 133.74 85.14 7.72
CA LEU X 210 132.80 85.87 6.88
C LEU X 210 131.70 84.94 6.36
N LEU X 211 130.88 84.48 7.31
CA LEU X 211 129.76 83.59 7.01
C LEU X 211 128.51 84.38 6.58
N VAL X 212 128.65 85.11 5.47
CA VAL X 212 127.58 85.96 4.99
C VAL X 212 126.40 85.16 4.45
N PRO X 213 126.54 84.40 3.35
CA PRO X 213 125.35 83.88 2.66
C PRO X 213 124.74 82.67 3.33
N THR X 214 125.32 82.20 4.43
CA THR X 214 124.91 80.93 5.01
C THR X 214 123.51 81.04 5.61
N GLN X 215 122.64 80.12 5.23
CA GLN X 215 121.30 80.06 5.82
C GLN X 215 121.01 78.66 6.36
N ASN X 216 121.61 77.63 5.75
CA ASN X 216 121.42 76.27 6.24
C ASN X 216 122.18 76.04 7.54
N ALA X 217 123.43 76.48 7.59
CA ALA X 217 124.18 76.32 8.84
C ALA X 217 123.69 77.28 9.91
N VAL X 218 123.15 78.44 9.50
CA VAL X 218 122.45 79.29 10.44
C VAL X 218 121.28 78.54 11.04
N TYR X 219 120.51 77.84 10.19
CA TYR X 219 119.40 77.03 10.68
C TYR X 219 119.90 75.95 11.62
N ASP X 220 121.02 75.31 11.29
CA ASP X 220 121.51 74.22 12.13
C ASP X 220 121.98 74.73 13.49
N LYS X 221 122.70 75.84 13.51
CA LYS X 221 123.10 76.44 14.77
C LYS X 221 121.89 76.83 15.60
N ILE X 222 120.88 77.43 14.95
CA ILE X 222 119.74 77.92 15.71
C ILE X 222 118.88 76.76 16.22
N VAL X 223 118.79 75.66 15.47
CA VAL X 223 118.07 74.50 16.00
C VAL X 223 118.87 73.85 17.12
N THR X 224 120.20 73.87 17.05
CA THR X 224 121.00 73.39 18.19
C THR X 224 120.72 74.23 19.42
N VAL X 225 120.69 75.55 19.26
CA VAL X 225 120.42 76.44 20.38
C VAL X 225 119.02 76.20 20.93
N ASP X 226 118.04 76.06 20.05
CA ASP X 226 116.67 75.84 20.48
C ASP X 226 116.53 74.50 21.20
N ALA X 227 117.21 73.47 20.71
CA ALA X 227 117.18 72.17 21.38
C ALA X 227 117.83 72.25 22.75
N ALA X 228 118.93 73.01 22.87
CA ALA X 228 119.54 73.20 24.18
C ALA X 228 118.60 73.91 25.14
N ILE X 229 117.92 74.95 24.67
CA ILE X 229 116.98 75.68 25.51
C ILE X 229 115.80 74.79 25.90
N ALA X 230 115.30 74.00 24.97
CA ALA X 230 114.18 73.10 25.26
C ALA X 230 114.60 72.03 26.26
N THR X 231 115.82 71.50 26.13
CA THR X 231 116.30 70.53 27.10
C THR X 231 116.49 71.16 28.47
N ALA X 232 116.93 72.42 28.50
CA ALA X 232 117.00 73.14 29.77
C ALA X 232 115.62 73.29 30.40
N ASN X 233 114.61 73.62 29.59
CA ASN X 233 113.25 73.71 30.10
C ASN X 233 112.75 72.37 30.60
N THR X 234 113.05 71.30 29.88
CA THR X 234 112.66 69.96 30.32
C THR X 234 113.32 69.61 31.65
N ASN X 235 114.60 69.92 31.78
CA ASN X 235 115.31 69.66 33.04
C ASN X 235 114.71 70.48 34.17
N ILE X 236 114.36 71.75 33.89
CA ILE X 236 113.77 72.60 34.93
C ILE X 236 112.44 72.03 35.39
N THR X 237 111.60 71.62 34.45
CA THR X 237 110.31 71.04 34.83
C THR X 237 110.48 69.73 35.57
N ASN X 238 111.45 68.90 35.13
CA ASN X 238 111.71 67.64 35.79
C ASN X 238 112.17 67.85 37.22
N LEU X 239 113.08 68.81 37.44
CA LEU X 239 113.50 69.15 38.78
C LEU X 239 112.34 69.70 39.60
N GLY X 240 111.50 70.53 39.00
CA GLY X 240 110.37 71.10 39.72
C GLY X 240 109.42 70.03 40.21
N THR X 241 109.12 69.04 39.37
CA THR X 241 108.22 67.97 39.82
C THR X 241 108.96 66.97 40.70
N ALA X 242 110.29 66.93 40.63
CA ALA X 242 111.04 65.86 41.30
C ALA X 242 111.41 66.24 42.74
N LYS X 243 111.55 67.52 43.04
CA LYS X 243 111.91 67.94 44.39
C LYS X 243 110.65 68.22 45.21
N ALA X 244 110.85 68.48 46.49
CA ALA X 244 109.77 68.81 47.41
C ALA X 244 109.59 70.31 47.49
N ASP X 245 108.36 70.73 47.73
CA ASP X 245 108.02 72.15 47.78
C ASP X 245 108.25 72.72 49.18
N LEU X 246 108.47 74.03 49.22
CA LEU X 246 108.69 74.71 50.50
C LEU X 246 107.45 74.64 51.38
N SER X 247 106.30 75.05 50.84
CA SER X 247 105.11 75.18 51.66
C SER X 247 104.61 73.82 52.13
N TYR X 248 104.65 72.81 51.26
CA TYR X 248 104.18 71.48 51.66
C TYR X 248 105.02 70.93 52.78
N VAL X 249 106.34 71.04 52.68
CA VAL X 249 107.22 70.54 53.73
C VAL X 249 107.01 71.31 55.02
N ASN X 250 106.86 72.63 54.92
CA ASN X 250 106.64 73.43 56.12
C ASN X 250 105.34 73.05 56.81
N THR X 251 104.26 72.84 56.04
CA THR X 251 102.98 72.48 56.62
C THR X 251 103.05 71.10 57.27
N GLN X 252 103.65 70.13 56.57
CA GLN X 252 103.76 68.80 57.15
C GLN X 252 104.60 68.80 58.42
N LEU X 253 105.71 69.55 58.40
CA LEU X 253 106.57 69.64 59.56
C LEU X 253 105.86 70.31 60.72
N SER X 254 105.07 71.36 60.43
CA SER X 254 104.33 72.03 61.49
C SER X 254 103.28 71.12 62.10
N ALA X 255 102.59 70.32 61.27
CA ALA X 255 101.62 69.37 61.81
C ALA X 255 102.31 68.33 62.69
N ASP X 256 103.46 67.81 62.23
CA ASP X 256 104.19 66.86 63.06
C ASP X 256 104.66 67.51 64.35
N GLN X 257 105.07 68.78 64.29
CA GLN X 257 105.56 69.47 65.48
C GLN X 257 104.45 69.72 66.49
N VAL X 258 103.25 70.08 66.03
CA VAL X 258 102.18 70.34 66.98
C VAL X 258 101.73 69.02 67.61
N VAL X 259 101.65 67.96 66.81
CA VAL X 259 101.36 66.65 67.39
C VAL X 259 102.44 66.27 68.39
N LEU X 260 103.69 66.59 68.09
CA LEU X 260 104.81 66.27 68.98
C LEU X 260 104.70 67.01 70.31
N ASP X 261 104.39 68.30 70.26
CA ASP X 261 104.31 69.06 71.51
C ASP X 261 103.11 68.63 72.34
N ALA X 262 101.98 68.33 71.68
CA ALA X 262 100.83 67.79 72.39
C ALA X 262 101.17 66.46 73.05
N LEU X 263 101.93 65.62 72.34
CA LEU X 263 102.35 64.34 72.92
C LEU X 263 103.27 64.55 74.11
N SER X 264 104.25 65.45 73.99
CA SER X 264 105.18 65.68 75.08
C SER X 264 104.51 66.29 76.29
N SER X 265 103.48 67.12 76.08
CA SER X 265 102.82 67.78 77.21
C SER X 265 102.00 66.80 78.02
N GLY X 266 101.00 66.19 77.39
CA GLY X 266 100.06 65.32 78.10
C GLY X 266 100.41 63.85 78.08
N LYS X 267 101.56 63.49 78.63
CA LYS X 267 101.98 62.09 78.67
C LYS X 267 102.68 61.84 79.99
N ALA X 268 102.88 60.56 80.29
CA ALA X 268 103.42 60.14 81.59
C ALA X 268 104.93 59.96 81.45
N ASP X 269 105.69 60.90 82.01
CA ASP X 269 107.13 60.76 82.11
C ASP X 269 107.48 59.70 83.17
N LEU X 270 108.58 59.01 82.92
CA LEU X 270 108.94 57.86 83.76
C LEU X 270 109.20 58.28 85.21
N SER X 271 109.83 59.42 85.39
CA SER X 271 110.10 59.93 86.73
C SER X 271 108.81 60.08 87.53
N TYR X 272 107.82 60.77 86.96
CA TYR X 272 106.56 60.98 87.65
C TYR X 272 105.91 59.68 88.04
N VAL X 273 105.80 58.76 87.09
CA VAL X 273 105.20 57.47 87.36
C VAL X 273 105.88 56.82 88.55
N ASN X 274 107.21 56.72 88.50
CA ASN X 274 107.94 56.06 89.58
C ASN X 274 107.80 56.77 90.91
N THR X 275 107.74 58.10 90.92
CA THR X 275 107.55 58.82 92.18
C THR X 275 106.16 58.56 92.75
N GLN X 276 105.14 58.61 91.90
CA GLN X 276 103.78 58.39 92.39
C GLN X 276 103.56 56.93 92.77
N LEU X 277 104.25 56.02 92.09
CA LEU X 277 104.24 54.62 92.51
C LEU X 277 104.83 54.46 93.89
N ASN X 278 105.97 55.10 94.13
CA ASN X 278 106.59 55.05 95.46
C ASN X 278 105.71 55.70 96.51
N SER X 279 104.87 56.65 96.12
CA SER X 279 103.94 57.25 97.06
C SER X 279 103.00 56.21 97.65
N LYS X 280 102.51 55.28 96.83
CA LYS X 280 101.63 54.23 97.31
C LYS X 280 101.69 53.00 96.40
N THR Y 2 68.20 97.68 -39.73
CA THR Y 2 67.94 96.97 -40.97
C THR Y 2 66.79 97.63 -41.74
N ASN Y 3 67.02 97.91 -43.01
CA ASN Y 3 66.03 98.55 -43.87
C ASN Y 3 65.52 97.54 -44.89
N ILE Y 4 64.21 97.31 -44.90
CA ILE Y 4 63.57 96.35 -45.78
C ILE Y 4 63.09 97.09 -47.02
N VAL Y 5 63.58 96.69 -48.19
CA VAL Y 5 63.19 97.31 -49.45
C VAL Y 5 62.69 96.25 -50.40
N GLY Y 6 61.64 96.59 -51.15
CA GLY Y 6 61.04 95.66 -52.09
C GLY Y 6 59.78 96.28 -52.66
N ARG Y 7 59.30 95.65 -53.73
CA ARG Y 7 58.07 96.08 -54.39
C ARG Y 7 57.14 94.89 -54.54
N ILE Y 8 55.84 95.15 -54.40
CA ILE Y 8 54.81 94.12 -54.30
C ILE Y 8 53.94 94.20 -55.55
N GLY Y 9 54.00 93.18 -56.40
CA GLY Y 9 53.22 93.19 -57.61
C GLY Y 9 51.75 92.93 -57.35
N PHE Y 10 50.92 93.38 -58.29
CA PHE Y 10 49.46 93.23 -58.22
C PHE Y 10 48.90 93.83 -56.92
N LEU Y 11 49.45 94.97 -56.50
CA LEU Y 11 48.93 95.67 -55.33
C LEU Y 11 49.24 97.15 -55.52
N THR Y 12 48.26 97.90 -56.03
CA THR Y 12 48.48 99.32 -56.30
C THR Y 12 48.83 100.07 -55.01
N THR Y 13 48.10 99.80 -53.94
CA THR Y 13 48.40 100.42 -52.65
C THR Y 13 48.00 99.47 -51.54
N GLY Y 14 48.72 99.56 -50.42
CA GLY Y 14 48.47 98.66 -49.32
C GLY Y 14 49.26 99.04 -48.10
N LYS Y 15 49.17 98.18 -47.08
CA LYS Y 15 49.91 98.37 -45.83
C LYS Y 15 50.74 97.13 -45.54
N LEU Y 16 51.89 97.34 -44.91
CA LEU Y 16 52.73 96.25 -44.42
C LEU Y 16 52.79 96.36 -42.90
N GLY Y 17 52.29 95.33 -42.22
CA GLY Y 17 52.31 95.28 -40.78
C GLY Y 17 53.35 94.28 -40.28
N ILE Y 18 54.20 94.73 -39.38
CA ILE Y 18 55.24 93.91 -38.78
C ILE Y 18 55.05 93.89 -37.28
N LYS Y 19 55.08 92.71 -36.70
CA LYS Y 19 54.83 92.55 -35.26
C LYS Y 19 55.93 91.69 -34.65
N LEU Y 20 56.53 92.17 -33.57
CA LEU Y 20 57.60 91.42 -32.92
C LEU Y 20 57.03 90.30 -32.06
N ARG Y 21 57.71 89.16 -32.05
CA ARG Y 21 57.28 88.03 -31.24
C ARG Y 21 57.60 88.23 -29.77
N GLY Y 22 58.77 88.80 -29.46
CA GLY Y 22 59.20 88.96 -28.09
C GLY Y 22 59.90 90.28 -27.89
N VAL Y 23 60.33 90.52 -26.65
CA VAL Y 23 61.00 91.76 -26.32
C VAL Y 23 62.38 91.78 -26.96
N LEU Y 24 62.69 92.89 -27.63
CA LEU Y 24 63.97 93.04 -28.32
C LEU Y 24 64.74 94.20 -27.70
N ILE Y 25 66.06 94.06 -27.62
CA ILE Y 25 66.90 95.08 -27.02
C ILE Y 25 68.03 95.38 -27.99
N ASP Y 26 68.10 96.63 -28.46
CA ASP Y 26 69.07 97.06 -29.45
C ASP Y 26 70.05 98.04 -28.81
N GLU Y 27 71.34 97.73 -28.92
CA GLU Y 27 72.40 98.59 -28.40
C GLU Y 27 73.05 99.43 -29.49
N SER Y 28 72.48 99.45 -30.69
CA SER Y 28 73.01 100.29 -31.75
C SER Y 28 72.90 101.75 -31.34
N THR Y 29 72.03 102.02 -30.38
CA THR Y 29 71.83 103.40 -29.92
C THR Y 29 72.45 103.61 -28.57
N THR Y 30 72.88 104.83 -28.28
CA THR Y 30 73.41 105.14 -26.95
C THR Y 30 72.35 104.87 -25.87
N PRO Y 31 71.13 105.46 -26.01
CA PRO Y 31 70.12 105.06 -25.02
C PRO Y 31 69.53 103.78 -25.55
N ASN Y 32 70.09 102.63 -25.19
CA ASN Y 32 69.66 101.34 -25.73
C ASN Y 32 68.16 101.21 -25.98
N THR Y 33 67.78 101.04 -27.25
CA THR Y 33 66.37 100.96 -27.58
C THR Y 33 65.79 99.64 -27.09
N THR Y 34 64.54 99.69 -26.64
CA THR Y 34 63.79 98.51 -26.23
C THR Y 34 62.52 98.45 -27.06
N TYR Y 35 62.38 97.40 -27.86
CA TYR Y 35 61.21 97.19 -28.69
C TYR Y 35 60.29 96.18 -28.00
N LEU Y 36 59.06 96.56 -27.81
CA LEU Y 36 58.03 95.75 -27.20
C LEU Y 36 57.35 94.86 -28.24
N PRO Y 37 56.88 93.68 -27.84
CA PRO Y 37 56.21 92.79 -28.78
C PRO Y 37 54.72 93.10 -28.89
N GLY Y 38 54.08 92.42 -29.83
CA GLY Y 38 52.64 92.51 -29.98
C GLY Y 38 52.16 93.77 -30.67
N ILE Y 39 53.00 94.80 -30.69
CA ILE Y 39 52.63 96.07 -31.32
C ILE Y 39 52.91 95.97 -32.82
N GLU Y 40 51.90 96.27 -33.62
CA GLU Y 40 52.00 96.12 -35.08
C GLU Y 40 52.42 97.44 -35.69
N SER Y 41 53.69 97.52 -36.10
CA SER Y 41 54.17 98.69 -36.82
C SER Y 41 53.68 98.63 -38.26
N PHE Y 42 53.09 99.73 -38.73
CA PHE Y 42 52.50 99.79 -40.06
C PHE Y 42 53.31 100.70 -40.97
N PHE Y 43 53.59 100.22 -42.17
CA PHE Y 43 54.28 101.00 -43.20
C PHE Y 43 53.43 100.95 -44.46
N ASN Y 44 53.71 101.87 -45.38
CA ASN Y 44 52.88 102.05 -46.55
C ASN Y 44 53.52 101.40 -47.77
N ILE Y 45 52.69 100.75 -48.58
CA ILE Y 45 53.08 100.24 -49.89
C ILE Y 45 52.39 101.12 -50.91
N THR Y 46 53.12 102.07 -51.46
CA THR Y 46 52.59 103.03 -52.42
C THR Y 46 53.20 102.75 -53.79
N ALA Y 47 52.35 102.73 -54.82
CA ALA Y 47 52.77 102.42 -56.18
C ALA Y 47 53.48 101.06 -56.22
N ASN Y 48 52.90 100.09 -55.53
CA ASN Y 48 53.43 98.72 -55.46
C ASN Y 48 54.79 98.64 -54.80
N VAL Y 49 55.19 99.67 -54.05
CA VAL Y 49 56.53 99.75 -53.47
C VAL Y 49 56.41 100.06 -51.99
N LEU Y 50 57.14 99.32 -51.16
CA LEU Y 50 57.26 99.67 -49.75
C LEU Y 50 57.91 101.04 -49.61
N THR Y 51 57.29 101.90 -48.81
CA THR Y 51 57.74 103.30 -48.75
C THR Y 51 59.05 103.43 -47.99
N SER Y 52 59.03 103.14 -46.70
CA SER Y 52 60.23 103.24 -45.87
C SER Y 52 60.08 102.25 -44.73
N VAL Y 53 60.65 101.06 -44.88
CA VAL Y 53 60.51 100.01 -43.88
C VAL Y 53 61.85 99.75 -43.23
N SER Y 54 62.09 100.40 -42.09
CA SER Y 54 63.29 100.16 -41.29
C SER Y 54 62.86 99.45 -40.01
N TYR Y 55 63.49 98.31 -39.74
CA TYR Y 55 63.16 97.48 -38.60
C TYR Y 55 64.44 97.06 -37.91
N PRO Y 56 64.44 96.92 -36.59
CA PRO Y 56 65.62 96.39 -35.90
C PRO Y 56 65.89 94.96 -36.31
N GLU Y 57 67.17 94.62 -36.41
CA GLU Y 57 67.54 93.26 -36.72
C GLU Y 57 67.22 92.33 -35.55
N THR Y 58 66.94 91.06 -35.89
CA THR Y 58 66.68 90.05 -34.86
C THR Y 58 67.51 88.79 -35.08
N GLU Y 59 68.53 88.83 -35.94
CA GLU Y 59 69.39 87.67 -36.11
C GLU Y 59 70.11 87.32 -34.82
N THR Y 60 70.62 88.33 -34.11
CA THR Y 60 71.43 88.08 -32.93
C THR Y 60 70.61 87.39 -31.84
N GLN Y 61 69.46 87.97 -31.50
CA GLN Y 61 68.65 87.48 -30.39
C GLN Y 61 67.74 86.32 -30.76
N ASN Y 62 67.65 85.99 -32.05
CA ASN Y 62 66.84 84.86 -32.52
C ASN Y 62 65.37 85.04 -32.14
N VAL Y 63 64.79 86.13 -32.60
CA VAL Y 63 63.40 86.47 -32.35
C VAL Y 63 62.70 86.62 -33.68
N THR Y 64 61.55 85.97 -33.84
CA THR Y 64 60.82 86.07 -35.08
C THR Y 64 60.04 87.38 -35.15
N ALA Y 65 59.71 87.77 -36.37
CA ALA Y 65 58.81 88.89 -36.62
C ALA Y 65 57.77 88.45 -37.63
N THR Y 66 56.51 88.83 -37.37
CA THR Y 66 55.40 88.47 -38.25
C THR Y 66 55.19 89.59 -39.26
N PHE Y 67 55.26 89.24 -40.54
CA PHE Y 67 55.04 90.17 -41.64
C PHE Y 67 53.71 89.86 -42.29
N SER Y 68 52.90 90.89 -42.51
CA SER Y 68 51.61 90.75 -43.16
C SER Y 68 51.42 91.90 -44.15
N ILE Y 69 50.80 91.59 -45.27
CA ILE Y 69 50.49 92.57 -46.30
C ILE Y 69 48.98 92.71 -46.38
N TYR Y 70 48.47 93.86 -45.96
CA TYR Y 70 47.04 94.12 -45.93
C TYR Y 70 46.63 95.00 -47.10
N SER Y 71 45.47 94.70 -47.68
CA SER Y 71 44.86 95.62 -48.61
C SER Y 71 44.22 96.77 -47.85
N VAL Y 72 43.90 97.83 -48.57
CA VAL Y 72 43.42 99.07 -47.98
C VAL Y 72 42.12 99.46 -48.66
N ASP Y 73 41.11 99.78 -47.85
CA ASP Y 73 39.83 100.25 -48.35
C ASP Y 73 39.81 101.78 -48.36
N GLY Y 74 38.65 102.37 -48.65
CA GLY Y 74 38.54 103.81 -48.72
C GLY Y 74 38.78 104.52 -47.41
N SER Y 75 38.67 103.80 -46.29
CA SER Y 75 38.88 104.38 -44.97
C SER Y 75 40.34 104.29 -44.53
N SER Y 76 41.23 103.80 -45.39
CA SER Y 76 42.65 103.60 -45.09
C SER Y 76 42.88 102.60 -43.98
N ASN Y 77 41.85 101.82 -43.64
CA ASN Y 77 42.01 100.80 -42.62
C ASN Y 77 42.63 99.58 -43.27
N PRO Y 78 43.75 99.10 -42.73
CA PRO Y 78 44.34 97.87 -43.26
C PRO Y 78 43.35 96.72 -43.11
N VAL Y 79 42.72 96.30 -44.20
CA VAL Y 79 41.79 95.18 -44.15
C VAL Y 79 42.56 94.01 -43.57
N PHE Y 80 42.19 93.60 -42.37
CA PHE Y 80 42.96 92.55 -41.68
C PHE Y 80 43.13 91.14 -42.23
N PRO Y 81 42.32 90.73 -43.23
CA PRO Y 81 42.65 89.43 -43.83
C PRO Y 81 43.90 89.70 -44.64
N ALA Y 82 45.05 89.19 -44.21
CA ALA Y 82 46.30 89.49 -44.90
C ALA Y 82 46.45 88.71 -46.19
N LEU Y 83 46.69 89.42 -47.28
CA LEU Y 83 46.88 88.76 -48.56
C LEU Y 83 48.09 87.82 -48.45
N LEU Y 84 49.09 88.21 -47.67
CA LEU Y 84 50.24 87.35 -47.44
C LEU Y 84 50.77 87.59 -46.04
N SER Y 85 51.13 86.52 -45.36
CA SER Y 85 51.59 86.64 -43.97
C SER Y 85 52.53 85.49 -43.65
N PHE Y 86 53.62 85.80 -42.96
CA PHE Y 86 54.59 84.78 -42.59
C PHE Y 86 55.40 85.29 -41.41
N ASP Y 87 56.35 84.47 -40.96
CA ASP Y 87 57.22 84.79 -39.85
C ASP Y 87 58.67 84.64 -40.30
N ALA Y 88 59.49 85.65 -40.03
CA ALA Y 88 60.86 85.63 -40.50
C ALA Y 88 61.76 86.33 -39.50
N ILE Y 89 63.05 86.01 -39.58
CA ILE Y 89 64.08 86.64 -38.77
C ILE Y 89 64.70 87.76 -39.59
N VAL Y 90 64.67 88.97 -39.07
CA VAL Y 90 65.24 90.10 -39.79
C VAL Y 90 66.75 89.98 -39.75
N PRO Y 91 67.42 89.86 -40.90
CA PRO Y 91 68.88 89.69 -40.89
C PRO Y 91 69.60 90.96 -40.51
N ASN Y 92 70.78 90.79 -39.92
CA ASN Y 92 71.59 91.91 -39.47
C ASN Y 92 72.43 92.42 -40.63
N VAL Y 93 71.77 93.18 -41.51
CA VAL Y 93 72.43 93.83 -42.63
C VAL Y 93 71.88 95.25 -42.75
N ALA Y 94 72.61 96.09 -43.49
CA ALA Y 94 72.19 97.47 -43.67
C ALA Y 94 70.89 97.55 -44.46
N SER Y 95 70.76 96.74 -45.49
CA SER Y 95 69.57 96.71 -46.34
C SER Y 95 69.28 95.28 -46.75
N VAL Y 96 68.00 94.93 -46.78
CA VAL Y 96 67.57 93.57 -47.12
C VAL Y 96 66.38 93.62 -48.06
N GLU Y 97 66.38 92.72 -49.04
CA GLU Y 97 65.25 92.56 -49.94
C GLU Y 97 64.10 91.90 -49.22
N PHE Y 98 62.88 92.32 -49.55
CA PHE Y 98 61.70 91.71 -48.93
C PHE Y 98 61.54 90.25 -49.37
N ASP Y 99 61.96 89.93 -50.60
CA ASP Y 99 61.79 88.57 -51.09
C ASP Y 99 62.67 87.57 -50.34
N VAL Y 100 63.86 88.00 -49.93
CA VAL Y 100 64.85 87.07 -49.37
C VAL Y 100 64.64 86.80 -47.89
N LEU Y 101 63.65 87.44 -47.27
CA LEU Y 101 63.29 87.11 -45.89
C LEU Y 101 62.78 85.68 -45.85
N ALA Y 102 63.58 84.77 -45.28
CA ALA Y 102 63.22 83.36 -45.30
C ALA Y 102 62.14 83.09 -44.27
N PRO Y 103 60.95 82.65 -44.68
CA PRO Y 103 59.92 82.28 -43.70
C PRO Y 103 60.37 81.10 -42.85
N THR Y 104 59.97 81.11 -41.59
CA THR Y 104 60.35 80.08 -40.66
C THR Y 104 59.25 79.93 -39.62
N GLY Y 105 59.50 79.10 -38.61
CA GLY Y 105 58.59 78.97 -37.49
C GLY Y 105 58.77 80.11 -36.51
N VAL Y 106 57.96 80.09 -35.46
CA VAL Y 106 58.03 81.10 -34.42
C VAL Y 106 59.13 80.73 -33.44
N VAL Y 107 60.10 81.62 -33.26
CA VAL Y 107 61.17 81.44 -32.29
C VAL Y 107 61.32 82.73 -31.48
N ASN Y 108 61.30 82.61 -30.16
CA ASN Y 108 61.49 83.75 -29.27
C ASN Y 108 62.80 83.62 -28.48
N ASN Y 109 62.99 82.52 -27.75
CA ASN Y 109 64.27 82.17 -27.17
C ASN Y 109 64.80 83.26 -26.23
N GLN Y 110 63.92 83.71 -25.33
CA GLN Y 110 64.31 84.76 -24.39
C GLN Y 110 65.23 84.24 -23.30
N LEU Y 111 65.10 82.98 -22.93
CA LEU Y 111 65.92 82.41 -21.88
C LEU Y 111 67.40 82.43 -22.24
N ASP Y 112 67.72 82.23 -23.52
CA ASP Y 112 69.11 82.31 -23.94
C ASP Y 112 69.59 83.76 -24.04
N THR Y 113 68.70 84.68 -24.39
CA THR Y 113 69.05 86.09 -24.41
C THR Y 113 69.36 86.60 -23.01
N SER Y 114 68.72 86.02 -21.99
CA SER Y 114 68.95 86.47 -20.62
C SER Y 114 70.41 86.28 -20.21
N ALA Y 115 70.97 85.11 -20.49
CA ALA Y 115 72.36 84.85 -20.11
C ALA Y 115 73.31 85.81 -20.81
N LEU Y 116 73.06 86.07 -22.10
CA LEU Y 116 73.91 87.01 -22.83
C LEU Y 116 73.81 88.41 -22.24
N ARG Y 117 72.60 88.83 -21.88
CA ARG Y 117 72.43 90.15 -21.29
C ARG Y 117 73.20 90.27 -19.98
N ILE Y 118 73.08 89.26 -19.12
CA ILE Y 118 73.75 89.33 -17.82
C ILE Y 118 75.27 89.27 -18.00
N ALA Y 119 75.75 88.47 -18.94
CA ALA Y 119 77.19 88.43 -19.21
C ALA Y 119 77.69 89.78 -19.70
N LYS Y 120 76.93 90.42 -20.59
CA LYS Y 120 77.30 91.76 -21.04
C LYS Y 120 77.34 92.73 -19.88
N ILE Y 121 76.37 92.65 -18.97
CA ILE Y 121 76.33 93.57 -17.83
C ILE Y 121 77.55 93.36 -16.94
N ILE Y 122 77.90 92.11 -16.66
CA ILE Y 122 79.05 91.84 -15.79
C ILE Y 122 80.33 92.32 -16.46
N ALA Y 123 80.48 92.06 -17.77
CA ALA Y 123 81.69 92.49 -18.45
C ALA Y 123 81.80 94.01 -18.49
N ASN Y 124 80.69 94.70 -18.73
CA ASN Y 124 80.74 96.15 -18.88
C ASN Y 124 80.96 96.86 -17.56
N ASP Y 125 80.75 96.20 -16.43
CA ASP Y 125 80.94 96.82 -15.13
C ASP Y 125 82.29 96.40 -14.55
N PRO Y 126 83.24 97.32 -14.40
CA PRO Y 126 84.54 96.93 -13.84
C PRO Y 126 84.45 96.36 -12.43
N ALA Y 127 83.55 96.90 -11.59
CA ALA Y 127 83.46 96.44 -10.21
C ALA Y 127 83.07 94.96 -10.14
N LEU Y 128 82.05 94.57 -10.90
CA LEU Y 128 81.64 93.17 -10.91
C LEU Y 128 82.62 92.31 -11.70
N ALA Y 129 83.17 92.83 -12.79
CA ALA Y 129 84.14 92.08 -13.56
C ALA Y 129 85.38 91.73 -12.74
N GLN Y 130 85.71 92.59 -11.77
CA GLN Y 130 86.86 92.30 -10.92
C GLN Y 130 86.65 91.02 -10.11
N LYS Y 131 85.42 90.77 -9.69
CA LYS Y 131 85.14 89.64 -8.81
C LYS Y 131 85.02 88.32 -9.56
N VAL Y 132 85.15 88.32 -10.88
CA VAL Y 132 85.23 87.09 -11.66
C VAL Y 132 86.47 87.15 -12.52
N ALA Y 133 87.49 87.88 -12.05
CA ALA Y 133 88.61 88.26 -12.90
C ALA Y 133 89.40 87.08 -13.45
N GLY Y 134 90.09 86.34 -12.61
CA GLY Y 134 90.98 85.33 -13.15
C GLY Y 134 91.83 84.68 -12.08
N ALA Y 135 92.58 83.67 -12.53
CA ALA Y 135 93.30 82.78 -11.63
C ALA Y 135 94.25 83.48 -10.67
N PRO Y 136 95.13 84.40 -11.09
CA PRO Y 136 96.10 84.93 -10.13
C PRO Y 136 95.47 85.83 -9.07
N TYR Y 137 95.34 85.30 -7.85
CA TYR Y 137 94.81 86.05 -6.72
C TYR Y 137 95.94 86.32 -5.73
N PRO Y 138 96.47 87.53 -5.68
CA PRO Y 138 97.55 87.81 -4.73
C PRO Y 138 97.08 87.67 -3.30
N ARG Y 139 97.95 87.09 -2.46
CA ARG Y 139 97.66 86.96 -1.04
C ARG Y 139 98.78 87.47 -0.15
N GLY Y 140 100.04 87.25 -0.54
CA GLY Y 140 101.18 87.64 0.26
C GLY Y 140 102.11 86.47 0.47
N ALA Y 141 103.04 86.65 1.40
CA ALA Y 141 103.99 85.58 1.71
C ALA Y 141 103.27 84.39 2.32
N TYR Y 142 103.80 83.19 2.07
CA TYR Y 142 103.13 81.98 2.51
C TYR Y 142 103.26 81.81 4.02
N SER Y 143 102.18 81.35 4.64
CA SER Y 143 102.18 81.01 6.06
C SER Y 143 101.21 79.86 6.28
N ALA Y 144 101.64 78.88 7.08
CA ALA Y 144 100.89 77.65 7.25
C ALA Y 144 99.61 77.82 8.07
N THR Y 145 99.38 78.99 8.65
CA THR Y 145 98.24 79.21 9.52
C THR Y 145 97.03 79.79 8.82
N GLU Y 146 97.08 79.94 7.49
CA GLU Y 146 95.99 80.52 6.75
C GLU Y 146 95.46 79.55 5.70
N THR Y 147 94.20 79.73 5.34
CA THR Y 147 93.50 78.89 4.38
C THR Y 147 93.55 79.54 3.00
N TYR Y 148 93.94 78.77 1.99
CA TYR Y 148 94.09 79.28 0.64
C TYR Y 148 93.05 78.64 -0.28
N LEU Y 149 92.48 79.47 -1.15
CA LEU Y 149 91.50 79.03 -2.13
C LEU Y 149 92.15 78.77 -3.47
N TYR Y 150 91.35 78.28 -4.41
CA TYR Y 150 91.83 78.02 -5.76
C TYR Y 150 92.32 79.31 -6.40
N GLY Y 151 93.52 79.27 -6.97
CA GLY Y 151 94.07 80.39 -7.69
C GLY Y 151 94.84 81.40 -6.86
N GLU Y 152 94.75 81.32 -5.54
CA GLU Y 152 95.41 82.32 -4.71
C GLU Y 152 96.92 82.20 -4.83
N MET Y 153 97.60 83.34 -4.86
CA MET Y 153 99.03 83.41 -5.12
C MET Y 153 99.78 83.73 -3.84
N VAL Y 154 100.83 82.96 -3.57
CA VAL Y 154 101.69 83.15 -2.42
C VAL Y 154 103.14 83.22 -2.90
N SER Y 155 104.01 83.70 -2.02
CA SER Y 155 105.44 83.80 -2.31
C SER Y 155 106.20 82.98 -1.29
N TYR Y 156 107.00 82.03 -1.76
CA TYR Y 156 107.66 81.06 -0.91
C TYR Y 156 109.10 80.92 -1.37
N PHE Y 157 110.04 81.35 -0.52
CA PHE Y 157 111.47 81.14 -0.72
C PHE Y 157 111.92 81.61 -2.11
N GLY Y 158 111.43 82.76 -2.52
CA GLY Y 158 111.83 83.36 -3.77
C GLY Y 158 111.03 82.95 -4.99
N LYS Y 159 110.10 82.02 -4.86
CA LYS Y 159 109.31 81.55 -5.98
C LYS Y 159 107.83 81.82 -5.72
N ASN Y 160 107.13 82.27 -6.76
CA ASN Y 160 105.71 82.54 -6.65
C ASN Y 160 104.91 81.29 -6.99
N TYR Y 161 103.81 81.09 -6.27
CA TYR Y 161 102.99 79.90 -6.44
C TYR Y 161 101.53 80.30 -6.49
N ILE Y 162 100.74 79.46 -7.17
CA ILE Y 162 99.31 79.65 -7.31
C ILE Y 162 98.62 78.34 -6.94
N SER Y 163 97.62 78.43 -6.07
CA SER Y 163 96.95 77.21 -5.61
C SER Y 163 96.03 76.67 -6.69
N LYS Y 164 96.26 75.42 -7.08
CA LYS Y 164 95.47 74.77 -8.12
C LYS Y 164 94.50 73.75 -7.55
N SER Y 165 94.20 73.84 -6.26
CA SER Y 165 93.28 72.93 -5.59
C SER Y 165 91.94 73.63 -5.42
N LEU Y 166 90.87 73.00 -5.92
CA LEU Y 166 89.55 73.61 -5.84
C LEU Y 166 89.11 73.75 -4.38
N SER Y 167 89.31 72.70 -3.59
CA SER Y 167 88.99 72.78 -2.18
C SER Y 167 89.99 73.68 -1.46
N PRO Y 168 89.55 74.41 -0.44
CA PRO Y 168 90.50 75.22 0.34
C PRO Y 168 91.56 74.33 0.97
N ILE Y 169 92.80 74.83 0.96
CA ILE Y 169 93.93 74.08 1.49
C ILE Y 169 94.56 74.88 2.62
N ILE Y 170 95.22 74.15 3.52
CA ILE Y 170 95.91 74.76 4.65
C ILE Y 170 97.05 73.84 5.04
N ASN Y 171 98.14 74.45 5.51
CA ASN Y 171 99.32 73.72 5.98
C ASN Y 171 99.84 72.75 4.91
N ILE Y 172 99.84 73.22 3.67
CA ILE Y 172 100.44 72.48 2.56
C ILE Y 172 101.52 73.38 1.97
N LEU Y 173 102.74 72.86 1.90
CA LEU Y 173 103.84 73.67 1.42
C LEU Y 173 103.69 73.92 -0.08
N PRO Y 174 104.02 75.12 -0.55
CA PRO Y 174 103.91 75.40 -2.00
C PRO Y 174 104.79 74.50 -2.84
N THR Y 175 105.83 73.90 -2.26
CA THR Y 175 106.69 73.01 -3.01
C THR Y 175 105.96 71.78 -3.52
N VAL Y 176 104.78 71.49 -2.97
CA VAL Y 176 104.00 70.35 -3.43
C VAL Y 176 103.33 70.72 -4.76
N THR Y 177 103.80 70.14 -5.85
CA THR Y 177 103.23 70.42 -7.17
C THR Y 177 101.84 69.83 -7.34
N ASP Y 178 101.39 68.96 -6.43
CA ASP Y 178 100.08 68.36 -6.57
C ASP Y 178 98.97 69.35 -6.25
N SER Y 179 99.24 70.33 -5.39
CA SER Y 179 98.27 71.34 -5.04
C SER Y 179 98.67 72.75 -5.42
N TRP Y 180 99.91 72.96 -5.85
CA TRP Y 180 100.42 74.29 -6.19
C TRP Y 180 101.09 74.26 -7.55
N TYR Y 181 101.08 75.41 -8.21
CA TYR Y 181 101.77 75.62 -9.47
C TYR Y 181 102.78 76.74 -9.29
N GLU Y 182 104.01 76.52 -9.74
CA GLU Y 182 105.05 77.53 -9.60
C GLU Y 182 105.07 78.41 -10.85
N LEU Y 183 105.04 79.72 -10.63
CA LEU Y 183 105.00 80.72 -11.70
C LEU Y 183 106.43 81.00 -12.16
N VAL Y 184 106.82 80.41 -13.29
CA VAL Y 184 108.20 80.49 -13.74
C VAL Y 184 108.51 81.89 -14.26
N ILE Y 185 109.74 82.34 -14.02
CA ILE Y 185 110.24 83.60 -14.54
C ILE Y 185 111.64 83.37 -15.09
N THR Y 186 111.91 83.88 -16.29
CA THR Y 186 113.27 83.81 -16.83
C THR Y 186 113.75 85.24 -16.87
N LEU Y 187 115.06 85.45 -16.86
CA LEU Y 187 115.60 86.82 -16.83
C LEU Y 187 116.44 87.11 -18.07
N PRO Y 188 115.84 87.78 -19.06
CA PRO Y 188 116.58 88.10 -20.29
C PRO Y 188 117.62 89.20 -20.08
N GLU Y 189 117.20 90.37 -19.62
CA GLU Y 189 118.13 91.47 -19.45
C GLU Y 189 117.98 92.17 -18.11
N SER Y 190 118.97 92.01 -17.25
CA SER Y 190 118.96 92.72 -15.97
C SER Y 190 120.38 93.11 -15.64
N VAL Y 191 120.84 94.23 -16.19
CA VAL Y 191 122.18 94.72 -15.87
C VAL Y 191 122.21 95.25 -14.45
N SER Y 192 121.05 95.54 -13.89
CA SER Y 192 120.99 95.97 -12.51
C SER Y 192 120.88 94.70 -11.69
N VAL Y 193 122.01 94.05 -11.41
CA VAL Y 193 121.99 92.78 -10.68
C VAL Y 193 122.45 92.92 -9.24
N ILE Y 194 121.58 93.42 -8.37
CA ILE Y 194 121.93 93.54 -6.95
C ILE Y 194 121.31 92.42 -6.14
N ALA Y 195 121.91 92.07 -5.01
CA ALA Y 195 121.33 91.04 -4.16
C ALA Y 195 120.36 91.65 -3.17
N THR Y 196 119.35 90.87 -2.78
CA THR Y 196 118.37 91.35 -1.82
C THR Y 196 118.23 90.35 -0.67
N GLY Y 197 117.23 90.55 0.20
CA GLY Y 197 117.00 89.62 1.30
C GLY Y 197 115.65 88.94 1.21
N SER Y 198 115.64 87.61 1.17
CA SER Y 198 114.40 86.86 1.01
C SER Y 198 113.56 86.82 2.28
N ASP Y 199 112.52 87.64 2.34
CA ASP Y 199 111.69 87.69 3.53
C ASP Y 199 110.68 86.56 3.57
N THR Y 200 111.08 85.43 4.15
CA THR Y 200 110.17 84.29 4.28
C THR Y 200 110.05 83.97 5.75
N ALA Y 201 110.86 84.62 6.60
CA ALA Y 201 110.88 84.37 8.05
C ALA Y 201 111.36 82.97 8.47
N TYR Y 202 111.69 82.78 9.74
CA TYR Y 202 112.10 81.45 10.17
C TYR Y 202 110.92 80.51 10.22
N GLY Y 203 110.95 79.47 9.39
CA GLY Y 203 109.86 78.53 9.32
C GLY Y 203 110.30 77.08 9.14
N THR Y 204 111.51 76.77 9.58
CA THR Y 204 112.10 75.43 9.50
C THR Y 204 112.19 74.91 8.08
N GLY Y 205 111.95 75.76 7.08
CA GLY Y 205 112.19 75.41 5.70
C GLY Y 205 113.61 75.63 5.26
N TRP Y 206 114.48 75.92 6.20
CA TRP Y 206 115.87 76.26 5.92
C TRP Y 206 116.79 75.05 6.01
N ASN Y 207 116.24 73.85 6.16
CA ASN Y 207 117.04 72.64 6.20
C ASN Y 207 117.91 72.53 4.95
N GLY Y 208 117.26 72.36 3.80
CA GLY Y 208 117.93 72.59 2.54
C GLY Y 208 117.49 73.91 1.96
N SER Y 209 118.31 74.95 2.11
CA SER Y 209 117.93 76.28 1.65
C SER Y 209 119.19 76.97 1.14
N LEU Y 210 119.31 77.07 -0.18
CA LEU Y 210 120.41 77.75 -0.83
C LEU Y 210 120.31 79.26 -0.72
N LEU Y 211 119.38 79.78 0.08
CA LEU Y 211 119.03 81.19 0.06
C LEU Y 211 119.93 81.99 0.98
N VAL Y 212 119.55 83.25 1.21
CA VAL Y 212 120.25 84.18 2.10
C VAL Y 212 119.29 84.62 3.19
N PRO Y 213 119.68 84.56 4.46
CA PRO Y 213 118.75 84.95 5.54
C PRO Y 213 118.65 86.47 5.65
N THR Y 214 117.42 86.95 5.81
CA THR Y 214 117.17 88.36 6.04
C THR Y 214 117.59 88.75 7.46
N GLN Y 215 117.85 90.04 7.64
CA GLN Y 215 118.11 90.57 8.97
C GLN Y 215 116.89 90.49 9.88
N ASN Y 216 115.69 90.68 9.33
CA ASN Y 216 114.50 90.71 10.18
C ASN Y 216 114.16 89.33 10.72
N ALA Y 217 114.25 88.29 9.88
CA ALA Y 217 113.97 86.94 10.34
C ALA Y 217 114.94 86.52 11.44
N VAL Y 218 116.23 86.77 11.22
CA VAL Y 218 117.25 86.42 12.21
C VAL Y 218 117.02 87.19 13.50
N TYR Y 219 116.72 88.49 13.39
CA TYR Y 219 116.51 89.30 14.58
C TYR Y 219 115.29 88.82 15.37
N ASP Y 220 114.19 88.49 14.67
CA ASP Y 220 113.00 88.01 15.36
C ASP Y 220 113.26 86.68 16.05
N LYS Y 221 113.97 85.76 15.38
CA LYS Y 221 114.31 84.50 16.02
C LYS Y 221 115.20 84.73 17.24
N ILE Y 222 116.16 85.64 17.12
CA ILE Y 222 117.03 85.94 18.26
C ILE Y 222 116.20 86.49 19.41
N VAL Y 223 115.24 87.37 19.10
CA VAL Y 223 114.41 87.97 20.14
C VAL Y 223 113.60 86.91 20.86
N THR Y 224 112.97 86.01 20.11
CA THR Y 224 112.17 84.98 20.78
C THR Y 224 113.03 83.98 21.53
N VAL Y 225 114.24 83.69 21.02
CA VAL Y 225 115.16 82.81 21.75
C VAL Y 225 115.56 83.45 23.07
N ASP Y 226 115.85 84.75 23.05
CA ASP Y 226 116.20 85.45 24.28
C ASP Y 226 115.02 85.51 25.24
N ALA Y 227 113.81 85.67 24.70
CA ALA Y 227 112.62 85.65 25.54
C ALA Y 227 112.46 84.30 26.23
N ALA Y 228 112.68 83.21 25.48
CA ALA Y 228 112.62 81.88 26.08
C ALA Y 228 113.69 81.69 27.15
N ILE Y 229 114.90 82.19 26.88
CA ILE Y 229 115.99 82.07 27.85
C ILE Y 229 115.64 82.84 29.13
N ALA Y 230 115.10 84.06 28.97
CA ALA Y 230 114.71 84.85 30.12
C ALA Y 230 113.58 84.18 30.89
N THR Y 231 112.64 83.56 30.18
CA THR Y 231 111.58 82.83 30.85
C THR Y 231 112.13 81.67 31.67
N ALA Y 232 113.08 80.92 31.09
CA ALA Y 232 113.70 79.83 31.84
C ALA Y 232 114.45 80.35 33.06
N ASN Y 233 115.17 81.47 32.90
CA ASN Y 233 115.90 82.04 34.02
C ASN Y 233 114.96 82.49 35.13
N THR Y 234 113.84 83.12 34.77
CA THR Y 234 112.87 83.54 35.78
C THR Y 234 112.20 82.35 36.44
N ASN Y 235 111.97 81.28 35.68
CA ASN Y 235 111.45 80.04 36.28
C ASN Y 235 112.44 79.50 37.30
N ILE Y 236 113.72 79.49 36.97
CA ILE Y 236 114.73 79.06 37.93
C ILE Y 236 114.72 79.96 39.16
N THR Y 237 114.59 81.27 38.94
CA THR Y 237 114.61 82.22 40.06
C THR Y 237 113.43 81.97 41.01
N ASN Y 238 112.22 81.93 40.47
CA ASN Y 238 111.04 81.74 41.32
C ASN Y 238 110.89 80.31 41.78
N LEU Y 239 111.69 79.39 41.26
CA LEU Y 239 111.70 78.03 41.78
C LEU Y 239 112.65 77.91 42.98
N GLY Y 240 113.90 78.35 42.80
CA GLY Y 240 114.88 78.19 43.86
C GLY Y 240 114.46 78.85 45.16
N THR Y 241 113.86 80.04 45.06
CA THR Y 241 113.46 80.77 46.26
C THR Y 241 112.20 80.21 46.91
N ALA Y 242 111.44 79.37 46.21
CA ALA Y 242 110.18 78.87 46.75
C ALA Y 242 110.00 77.36 46.65
N LYS Y 243 110.89 76.62 45.98
CA LYS Y 243 110.70 75.21 45.78
C LYS Y 243 111.78 74.36 46.47
N ALA Y 244 113.04 74.58 46.15
CA ALA Y 244 114.11 73.67 46.53
C ALA Y 244 114.82 74.16 47.78
N ASP Y 245 115.01 73.26 48.75
CA ASP Y 245 115.68 73.55 50.00
C ASP Y 245 116.11 72.23 50.62
N LEU Y 246 117.35 72.18 51.13
CA LEU Y 246 117.86 70.98 51.77
C LEU Y 246 118.36 71.23 53.19
N SER Y 247 119.06 72.34 53.43
CA SER Y 247 119.73 72.56 54.71
C SER Y 247 118.74 72.60 55.86
N TYR Y 248 117.87 73.62 55.89
CA TYR Y 248 116.99 73.80 57.04
C TYR Y 248 116.01 72.66 57.18
N VAL Y 249 115.60 72.05 56.06
CA VAL Y 249 114.75 70.86 56.13
C VAL Y 249 115.46 69.75 56.89
N ASN Y 250 116.74 69.53 56.56
CA ASN Y 250 117.51 68.52 57.27
C ASN Y 250 117.66 68.87 58.75
N THR Y 251 117.89 70.14 59.06
CA THR Y 251 118.03 70.53 60.46
C THR Y 251 116.75 70.29 61.25
N GLN Y 252 115.60 70.68 60.68
CA GLN Y 252 114.33 70.48 61.38
C GLN Y 252 114.02 69.00 61.52
N LEU Y 253 114.39 68.20 60.50
CA LEU Y 253 114.21 66.76 60.60
C LEU Y 253 115.05 66.18 61.73
N SER Y 254 116.30 66.62 61.86
CA SER Y 254 117.16 66.13 62.93
C SER Y 254 116.64 66.55 64.30
N ALA Y 255 116.14 67.78 64.41
CA ALA Y 255 115.55 68.23 65.67
C ALA Y 255 114.33 67.39 66.03
N ASP Y 256 113.48 67.11 65.05
CA ASP Y 256 112.32 66.26 65.31
C ASP Y 256 112.75 64.85 65.71
N GLN Y 257 113.80 64.33 65.09
CA GLN Y 257 114.29 63.00 65.44
C GLN Y 257 114.81 62.96 66.87
N VAL Y 258 115.52 64.02 67.29
CA VAL Y 258 116.01 64.07 68.65
C VAL Y 258 114.85 64.14 69.63
N VAL Y 259 113.80 64.90 69.28
CA VAL Y 259 112.63 64.95 70.14
C VAL Y 259 111.96 63.58 70.21
N LEU Y 260 111.92 62.87 69.08
CA LEU Y 260 111.32 61.54 69.04
C LEU Y 260 112.04 60.57 69.96
N ASP Y 261 113.37 60.52 69.87
CA ASP Y 261 114.10 59.59 70.72
C ASP Y 261 114.02 60.00 72.19
N ALA Y 262 114.03 61.31 72.47
CA ALA Y 262 113.84 61.76 73.84
C ALA Y 262 112.48 61.33 74.38
N LEU Y 263 111.43 61.46 73.57
CA LEU Y 263 110.10 61.08 74.01
C LEU Y 263 109.99 59.57 74.20
N SER Y 264 110.65 58.80 73.33
CA SER Y 264 110.64 57.34 73.49
C SER Y 264 111.35 56.94 74.78
N SER Y 265 112.46 57.59 75.11
CA SER Y 265 113.19 57.24 76.32
C SER Y 265 112.44 57.68 77.57
N GLY Y 266 111.92 58.90 77.57
CA GLY Y 266 111.40 59.47 78.81
C GLY Y 266 110.02 58.96 79.18
N LYS Y 267 109.11 58.88 78.20
CA LYS Y 267 107.74 58.53 78.50
C LYS Y 267 107.64 57.06 78.91
N ALA Y 268 106.75 56.78 79.85
CA ALA Y 268 106.61 55.43 80.39
C ALA Y 268 105.79 54.56 79.44
N ASP Y 269 106.23 53.33 79.27
CA ASP Y 269 105.48 52.36 78.49
C ASP Y 269 104.14 52.08 79.15
N LEU Y 270 103.10 51.90 78.32
CA LEU Y 270 101.79 51.56 78.85
C LEU Y 270 101.80 50.16 79.47
N SER Y 271 102.55 49.24 78.89
CA SER Y 271 102.70 47.90 79.48
C SER Y 271 103.39 47.98 80.84
N TYR Y 272 104.47 48.77 80.93
CA TYR Y 272 105.17 48.93 82.19
C TYR Y 272 104.28 49.58 83.24
N VAL Y 273 103.49 50.57 82.84
CA VAL Y 273 102.57 51.22 83.78
C VAL Y 273 101.51 50.24 84.24
N ASN Y 274 101.00 49.40 83.33
CA ASN Y 274 100.02 48.40 83.73
C ASN Y 274 100.60 47.40 84.71
N THR Y 275 101.83 46.95 84.47
CA THR Y 275 102.48 46.03 85.42
C THR Y 275 102.66 46.69 86.78
N GLN Y 276 103.12 47.94 86.80
CA GLN Y 276 103.34 48.62 88.06
C GLN Y 276 102.02 48.84 88.81
N LEU Y 277 100.96 49.15 88.08
CA LEU Y 277 99.64 49.27 88.70
C LEU Y 277 99.16 47.93 89.22
N ASN Y 278 99.49 46.84 88.53
CA ASN Y 278 99.12 45.51 89.00
C ASN Y 278 99.85 45.17 90.29
N SER Y 279 101.08 45.68 90.45
CA SER Y 279 101.84 45.39 91.67
C SER Y 279 101.12 45.91 92.90
N LYS Y 280 100.59 47.12 92.84
CA LYS Y 280 99.89 47.71 93.98
C LYS Y 280 98.51 47.10 94.17
N THR Z 2 -26.06 101.16 72.57
CA THR Z 2 -24.76 101.61 73.04
C THR Z 2 -24.18 102.68 72.14
N ASN Z 3 -23.92 103.85 72.72
CA ASN Z 3 -23.25 104.91 71.99
C ASN Z 3 -21.79 104.54 71.77
N ILE Z 4 -21.25 104.91 70.62
CA ILE Z 4 -19.86 104.61 70.27
C ILE Z 4 -19.17 105.92 69.92
N VAL Z 5 -18.07 106.20 70.60
CA VAL Z 5 -17.28 107.41 70.35
C VAL Z 5 -15.87 106.99 70.01
N GLY Z 6 -15.19 107.83 69.23
CA GLY Z 6 -13.82 107.55 68.84
C GLY Z 6 -13.30 108.49 67.76
N ARG Z 7 -12.00 108.46 67.53
CA ARG Z 7 -11.37 109.24 66.48
C ARG Z 7 -10.73 108.31 65.47
N ILE Z 8 -10.53 108.83 64.26
CA ILE Z 8 -9.98 108.06 63.15
C ILE Z 8 -8.79 108.82 62.58
N GLY Z 9 -7.60 108.22 62.67
CA GLY Z 9 -6.43 108.83 62.09
C GLY Z 9 -6.32 108.58 60.60
N PHE Z 10 -5.54 109.44 59.94
CA PHE Z 10 -5.24 109.34 58.52
C PHE Z 10 -6.50 109.37 57.65
N LEU Z 11 -7.61 109.91 58.18
CA LEU Z 11 -8.85 109.97 57.42
C LEU Z 11 -9.65 111.15 57.94
N THR Z 12 -9.69 112.23 57.16
CA THR Z 12 -10.43 113.42 57.57
C THR Z 12 -11.94 113.24 57.44
N THR Z 13 -12.39 112.58 56.38
CA THR Z 13 -13.81 112.42 56.12
C THR Z 13 -14.09 111.00 55.64
N GLY Z 14 -15.13 110.38 56.19
CA GLY Z 14 -15.44 109.02 55.80
C GLY Z 14 -16.81 108.61 56.30
N LYS Z 15 -17.12 107.33 56.11
CA LYS Z 15 -18.38 106.75 56.55
C LYS Z 15 -18.11 105.47 57.31
N LEU Z 16 -18.80 105.30 58.43
CA LEU Z 16 -18.72 104.08 59.21
C LEU Z 16 -19.99 103.27 59.01
N GLY Z 17 -19.84 102.01 58.61
CA GLY Z 17 -20.97 101.15 58.37
C GLY Z 17 -20.99 99.96 59.30
N ILE Z 18 -22.14 99.70 59.93
CA ILE Z 18 -22.30 98.60 60.86
C ILE Z 18 -23.42 97.69 60.35
N LYS Z 19 -23.15 96.39 60.31
CA LYS Z 19 -24.14 95.42 59.91
C LYS Z 19 -24.24 94.33 60.96
N LEU Z 20 -25.43 93.77 61.12
CA LEU Z 20 -25.59 92.61 61.99
C LEU Z 20 -25.45 91.32 61.20
N ARG Z 21 -24.91 90.30 61.85
CA ARG Z 21 -24.79 88.99 61.24
C ARG Z 21 -25.95 88.06 61.59
N GLY Z 22 -26.83 88.47 62.50
CA GLY Z 22 -28.01 87.70 62.84
C GLY Z 22 -29.12 88.60 63.32
N VAL Z 23 -30.28 88.03 63.65
CA VAL Z 23 -31.37 88.81 64.20
C VAL Z 23 -31.08 89.16 65.64
N LEU Z 24 -31.51 90.35 66.06
CA LEU Z 24 -31.26 90.83 67.41
C LEU Z 24 -32.58 91.17 68.09
N ILE Z 25 -32.67 90.91 69.39
CA ILE Z 25 -33.87 91.20 70.17
C ILE Z 25 -33.50 92.22 71.24
N ASP Z 26 -34.22 93.35 71.27
CA ASP Z 26 -33.93 94.40 72.22
C ASP Z 26 -35.09 94.52 73.19
N GLU Z 27 -34.80 94.70 74.47
CA GLU Z 27 -35.85 94.79 75.47
C GLU Z 27 -35.85 96.14 76.16
N SER Z 28 -34.97 97.04 75.74
CA SER Z 28 -34.85 98.34 76.39
C SER Z 28 -36.15 99.13 76.28
N THR Z 29 -36.72 99.19 75.08
CA THR Z 29 -37.99 99.88 74.91
C THR Z 29 -39.12 98.88 75.10
N THR Z 30 -40.31 99.38 75.44
CA THR Z 30 -41.43 98.48 75.70
C THR Z 30 -41.78 97.52 74.55
N PRO Z 31 -41.99 98.02 73.31
CA PRO Z 31 -42.22 97.01 72.27
C PRO Z 31 -40.89 96.43 71.83
N ASN Z 32 -40.68 95.14 72.06
CA ASN Z 32 -39.39 94.54 71.75
C ASN Z 32 -38.90 94.79 70.33
N THR Z 33 -37.74 95.43 70.21
CA THR Z 33 -37.23 95.76 68.90
C THR Z 33 -36.51 94.62 68.22
N THR Z 34 -37.01 94.20 67.07
CA THR Z 34 -36.35 93.15 66.31
C THR Z 34 -35.45 93.80 65.28
N TYR Z 35 -34.20 93.38 65.25
CA TYR Z 35 -33.19 93.95 64.36
C TYR Z 35 -32.82 92.91 63.31
N LEU Z 36 -33.00 93.27 62.05
CA LEU Z 36 -32.72 92.37 60.95
C LEU Z 36 -31.24 92.40 60.59
N PRO Z 37 -30.69 91.27 60.17
CA PRO Z 37 -29.29 91.23 59.76
C PRO Z 37 -29.12 91.56 58.28
N GLY Z 38 -27.88 91.88 57.92
CA GLY Z 38 -27.55 92.19 56.55
C GLY Z 38 -27.87 93.59 56.11
N ILE Z 39 -28.43 94.42 56.98
CA ILE Z 39 -28.77 95.80 56.65
C ILE Z 39 -27.73 96.71 57.27
N GLU Z 40 -27.06 97.50 56.44
CA GLU Z 40 -25.97 98.34 56.89
C GLU Z 40 -26.52 99.68 57.38
N SER Z 41 -26.01 100.13 58.53
CA SER Z 41 -26.30 101.44 59.06
C SER Z 41 -25.06 102.31 58.93
N PHE Z 42 -25.23 103.49 58.35
CA PHE Z 42 -24.10 104.36 58.01
C PHE Z 42 -24.12 105.60 58.91
N PHE Z 43 -22.92 106.02 59.31
CA PHE Z 43 -22.72 107.20 60.14
C PHE Z 43 -21.56 108.01 59.58
N ASN Z 44 -21.65 109.32 59.75
CA ASN Z 44 -20.62 110.21 59.24
C ASN Z 44 -19.38 110.19 60.12
N ILE Z 45 -18.21 110.31 59.50
CA ILE Z 45 -16.95 110.50 60.19
C ILE Z 45 -16.40 111.81 59.68
N THR Z 46 -16.56 112.87 60.47
CA THR Z 46 -16.17 114.22 60.07
C THR Z 46 -15.14 114.77 61.03
N ALA Z 47 -14.12 115.43 60.47
CA ALA Z 47 -13.01 115.97 61.25
C ALA Z 47 -12.36 114.89 62.10
N ASN Z 48 -12.25 113.69 61.53
CA ASN Z 48 -11.66 112.53 62.19
C ASN Z 48 -12.44 112.10 63.43
N VAL Z 49 -13.72 112.43 63.51
CA VAL Z 49 -14.55 112.10 64.67
C VAL Z 49 -15.80 111.38 64.19
N LEU Z 50 -16.13 110.27 64.83
CA LEU Z 50 -17.40 109.61 64.62
C LEU Z 50 -18.52 110.49 65.18
N THR Z 51 -19.40 110.97 64.32
CA THR Z 51 -20.36 112.00 64.69
C THR Z 51 -21.31 111.55 65.79
N SER Z 52 -22.18 110.60 65.47
CA SER Z 52 -23.12 110.08 66.45
C SER Z 52 -23.40 108.63 66.08
N VAL Z 53 -22.66 107.71 66.69
CA VAL Z 53 -22.80 106.29 66.40
C VAL Z 53 -23.54 105.66 67.56
N SER Z 54 -24.73 105.15 67.27
CA SER Z 54 -25.57 104.46 68.25
C SER Z 54 -25.98 103.13 67.68
N TYR Z 55 -25.57 102.04 68.33
CA TYR Z 55 -25.94 100.72 67.88
C TYR Z 55 -26.47 99.92 69.06
N PRO Z 56 -27.50 99.04 68.84
CA PRO Z 56 -27.92 98.29 70.04
C PRO Z 56 -26.85 97.39 70.62
N GLU Z 57 -26.94 97.14 71.92
CA GLU Z 57 -26.01 96.24 72.55
C GLU Z 57 -26.24 94.84 72.01
N THR Z 58 -25.18 94.19 71.55
CA THR Z 58 -25.29 92.84 71.01
C THR Z 58 -24.54 91.89 71.91
N GLU Z 59 -24.26 92.29 73.14
CA GLU Z 59 -23.47 91.48 74.05
C GLU Z 59 -24.12 90.22 74.60
N THR Z 60 -25.20 90.37 75.37
CA THR Z 60 -25.81 89.20 76.00
C THR Z 60 -26.49 88.25 75.02
N GLN Z 61 -26.98 88.76 73.90
CA GLN Z 61 -27.62 87.92 72.91
C GLN Z 61 -26.54 87.21 72.12
N ASN Z 62 -25.28 87.50 72.41
CA ASN Z 62 -24.14 86.88 71.73
C ASN Z 62 -24.30 86.98 70.21
N VAL Z 63 -24.38 88.20 69.71
CA VAL Z 63 -24.52 88.48 68.30
C VAL Z 63 -23.35 89.33 67.86
N THR Z 64 -22.71 88.95 66.76
CA THR Z 64 -21.57 89.67 66.24
C THR Z 64 -22.03 90.67 65.18
N ALA Z 65 -21.36 91.82 65.14
CA ALA Z 65 -21.63 92.85 64.14
C ALA Z 65 -20.36 93.17 63.38
N THR Z 66 -20.49 93.40 62.09
CA THR Z 66 -19.38 93.79 61.23
C THR Z 66 -19.31 95.30 61.12
N PHE Z 67 -18.17 95.86 61.50
CA PHE Z 67 -17.88 97.28 61.35
C PHE Z 67 -16.96 97.47 60.16
N SER Z 68 -17.17 98.57 59.44
CA SER Z 68 -16.38 98.88 58.25
C SER Z 68 -16.20 100.38 58.13
N ILE Z 69 -15.06 100.79 57.59
CA ILE Z 69 -14.76 102.19 57.34
C ILE Z 69 -14.59 102.37 55.84
N TYR Z 70 -15.35 103.29 55.26
CA TYR Z 70 -15.31 103.56 53.83
C TYR Z 70 -14.92 105.00 53.58
N SER Z 71 -14.11 105.21 52.55
CA SER Z 71 -13.86 106.57 52.08
C SER Z 71 -15.11 107.09 51.36
N VAL Z 72 -15.27 108.40 51.36
CA VAL Z 72 -16.41 109.06 50.76
C VAL Z 72 -16.01 109.64 49.41
N ASP Z 73 -16.88 109.48 48.43
CA ASP Z 73 -16.69 110.11 47.12
C ASP Z 73 -17.12 111.57 47.22
N GLY Z 74 -17.26 112.22 46.06
CA GLY Z 74 -17.73 113.60 46.05
C GLY Z 74 -19.17 113.77 46.49
N SER Z 75 -19.91 112.68 46.65
CA SER Z 75 -21.33 112.72 47.02
C SER Z 75 -21.57 112.32 48.48
N SER Z 76 -20.50 112.30 49.28
CA SER Z 76 -20.60 111.88 50.68
C SER Z 76 -21.26 110.51 50.76
N ASN Z 77 -20.84 109.61 49.89
CA ASN Z 77 -21.39 108.26 49.89
C ASN Z 77 -20.27 107.26 50.08
N PRO Z 78 -20.52 106.23 50.91
CA PRO Z 78 -19.48 105.23 51.19
C PRO Z 78 -18.99 104.47 49.95
N VAL Z 79 -17.81 104.78 49.45
CA VAL Z 79 -17.25 104.00 48.35
C VAL Z 79 -17.14 102.68 49.07
N PHE Z 80 -17.42 101.58 48.38
CA PHE Z 80 -17.47 100.28 49.07
C PHE Z 80 -16.17 99.50 49.26
N PRO Z 81 -15.01 100.03 48.79
CA PRO Z 81 -13.78 99.31 49.14
C PRO Z 81 -13.54 99.71 50.59
N ALA Z 82 -13.64 98.76 51.51
CA ALA Z 82 -13.49 99.08 52.93
C ALA Z 82 -12.03 99.20 53.31
N LEU Z 83 -11.66 100.33 53.89
CA LEU Z 83 -10.29 100.54 54.30
C LEU Z 83 -10.02 99.75 55.59
N LEU Z 84 -11.05 99.54 56.38
CA LEU Z 84 -10.91 98.75 57.61
C LEU Z 84 -12.21 97.98 57.79
N SER Z 85 -12.13 96.70 58.14
CA SER Z 85 -13.33 95.91 58.40
C SER Z 85 -13.02 94.88 59.47
N PHE Z 86 -13.96 94.65 60.37
CA PHE Z 86 -13.73 93.68 61.43
C PHE Z 86 -15.04 93.32 62.10
N ASP Z 87 -15.10 92.11 62.65
CA ASP Z 87 -16.25 91.63 63.39
C ASP Z 87 -16.02 91.82 64.87
N ALA Z 88 -17.01 92.41 65.56
CA ALA Z 88 -16.89 92.70 66.97
C ALA Z 88 -18.27 92.70 67.59
N ILE Z 89 -18.31 92.60 68.92
CA ILE Z 89 -19.55 92.52 69.68
C ILE Z 89 -19.71 93.82 70.45
N VAL Z 90 -20.84 94.50 70.25
CA VAL Z 90 -21.11 95.75 70.95
C VAL Z 90 -21.45 95.42 72.39
N PRO Z 91 -20.68 95.91 73.35
CA PRO Z 91 -20.91 95.57 74.76
C PRO Z 91 -22.03 96.41 75.35
N ASN Z 92 -22.38 96.09 76.59
CA ASN Z 92 -23.46 96.78 77.31
C ASN Z 92 -22.85 97.90 78.15
N VAL Z 93 -22.78 99.08 77.56
CA VAL Z 93 -22.28 100.27 78.23
C VAL Z 93 -22.91 101.48 77.57
N ALA Z 94 -23.06 102.56 78.34
CA ALA Z 94 -23.67 103.77 77.79
C ALA Z 94 -22.85 104.32 76.64
N SER Z 95 -21.52 104.35 76.79
CA SER Z 95 -20.63 104.83 75.74
C SER Z 95 -19.39 103.95 75.73
N VAL Z 96 -19.03 103.47 74.54
CA VAL Z 96 -17.83 102.66 74.37
C VAL Z 96 -16.92 103.36 73.37
N GLU Z 97 -15.63 103.15 73.53
CA GLU Z 97 -14.64 103.67 72.61
C GLU Z 97 -14.47 102.72 71.43
N PHE Z 98 -14.33 103.30 70.23
CA PHE Z 98 -14.16 102.48 69.04
C PHE Z 98 -12.85 101.72 69.04
N ASP Z 99 -11.84 102.21 69.78
CA ASP Z 99 -10.54 101.54 69.77
C ASP Z 99 -10.62 100.15 70.37
N VAL Z 100 -11.52 99.94 71.34
CA VAL Z 100 -11.67 98.62 71.93
C VAL Z 100 -12.16 97.61 70.90
N LEU Z 101 -13.13 98.02 70.08
CA LEU Z 101 -13.75 97.08 69.15
C LEU Z 101 -12.78 96.65 68.05
N ALA Z 102 -11.99 97.58 67.54
CA ALA Z 102 -11.07 97.25 66.46
C ALA Z 102 -10.02 96.25 66.95
N PRO Z 103 -9.69 95.24 66.15
CA PRO Z 103 -8.66 94.27 66.55
C PRO Z 103 -7.29 94.92 66.56
N THR Z 104 -6.44 94.43 67.45
CA THR Z 104 -5.09 94.95 67.60
C THR Z 104 -4.08 93.88 67.17
N GLY Z 105 -3.21 94.24 66.23
CA GLY Z 105 -2.24 93.30 65.72
C GLY Z 105 -2.07 93.40 64.22
N VAL Z 106 -1.05 92.73 63.68
CA VAL Z 106 -0.74 92.79 62.26
C VAL Z 106 -0.75 91.37 61.69
N VAL Z 107 -1.40 91.22 60.54
CA VAL Z 107 -1.45 89.91 59.89
C VAL Z 107 -0.07 89.51 59.40
N ASN Z 108 0.64 90.42 58.75
CA ASN Z 108 1.98 90.16 58.23
C ASN Z 108 2.99 90.46 59.34
N ASN Z 109 3.13 89.49 60.25
CA ASN Z 109 4.04 89.61 61.38
C ASN Z 109 5.45 89.13 61.07
N GLN Z 110 5.66 88.49 59.93
CA GLN Z 110 6.93 87.88 59.57
C GLN Z 110 7.79 88.75 58.67
N LEU Z 111 7.38 89.97 58.38
CA LEU Z 111 8.01 90.78 57.34
C LEU Z 111 9.05 91.77 57.87
N ASP Z 112 9.17 91.96 59.17
CA ASP Z 112 10.02 93.03 59.72
C ASP Z 112 11.34 92.45 60.22
N THR Z 113 12.42 92.79 59.52
CA THR Z 113 13.79 92.52 59.98
C THR Z 113 14.59 93.79 59.73
N SER Z 114 14.59 94.69 60.70
CA SER Z 114 15.10 96.04 60.46
C SER Z 114 16.26 96.41 61.38
N ALA Z 115 17.21 95.50 61.58
CA ALA Z 115 18.45 95.80 62.29
C ALA Z 115 18.19 96.23 63.73
N LEU Z 116 17.49 97.34 63.92
CA LEU Z 116 17.09 97.74 65.27
C LEU Z 116 16.27 96.64 65.93
N ARG Z 117 15.28 96.11 65.21
CA ARG Z 117 14.47 95.04 65.76
C ARG Z 117 15.31 93.81 66.07
N ILE Z 118 16.24 93.47 65.18
CA ILE Z 118 17.09 92.31 65.42
C ILE Z 118 18.03 92.56 66.59
N ALA Z 119 18.52 93.79 66.71
CA ALA Z 119 19.36 94.12 67.86
C ALA Z 119 18.60 93.95 69.17
N LYS Z 120 17.36 94.44 69.21
CA LYS Z 120 16.55 94.29 70.40
C LYS Z 120 16.26 92.81 70.69
N ILE Z 121 15.96 92.04 69.65
CA ILE Z 121 15.67 90.62 69.83
C ILE Z 121 16.88 89.89 70.39
N ILE Z 122 18.06 90.16 69.84
CA ILE Z 122 19.26 89.47 70.29
C ILE Z 122 19.61 89.89 71.72
N ALA Z 123 19.50 91.17 72.03
CA ALA Z 123 19.82 91.62 73.38
C ALA Z 123 18.85 91.06 74.41
N ASN Z 124 17.55 91.05 74.10
CA ASN Z 124 16.55 90.70 75.10
C ASN Z 124 16.56 89.20 75.42
N ASP Z 125 16.81 88.36 74.43
CA ASP Z 125 16.79 86.92 74.68
C ASP Z 125 18.01 86.52 75.50
N PRO Z 126 17.83 85.82 76.62
CA PRO Z 126 19.00 85.42 77.42
C PRO Z 126 19.99 84.53 76.67
N ALA Z 127 19.49 83.64 75.81
CA ALA Z 127 20.40 82.73 75.11
C ALA Z 127 21.24 83.47 74.08
N LEU Z 128 20.58 84.32 73.27
CA LEU Z 128 21.32 85.09 72.29
C LEU Z 128 22.23 86.11 72.95
N ALA Z 129 21.81 86.69 74.07
CA ALA Z 129 22.68 87.59 74.81
C ALA Z 129 23.90 86.86 75.34
N GLN Z 130 23.72 85.63 75.84
CA GLN Z 130 24.85 84.85 76.32
C GLN Z 130 25.78 84.47 75.17
N LYS Z 131 25.22 84.25 73.98
CA LYS Z 131 26.08 83.97 72.83
C LYS Z 131 26.96 85.16 72.50
N VAL Z 132 26.43 86.37 72.54
CA VAL Z 132 27.21 87.59 72.31
C VAL Z 132 27.69 88.03 73.69
N ALA Z 133 28.81 87.45 74.14
CA ALA Z 133 29.32 87.74 75.48
C ALA Z 133 30.70 88.34 75.46
N GLY Z 134 31.65 87.72 74.76
CA GLY Z 134 33.04 88.16 74.85
C GLY Z 134 33.50 88.10 76.29
N ALA Z 135 34.22 89.15 76.70
CA ALA Z 135 34.42 89.43 78.12
C ALA Z 135 35.35 88.41 78.78
N PRO Z 136 35.70 88.59 80.06
CA PRO Z 136 36.51 87.58 80.76
C PRO Z 136 35.84 86.22 80.79
N TYR Z 137 36.67 85.18 80.79
CA TYR Z 137 36.23 83.79 80.95
C TYR Z 137 37.05 83.19 82.09
N PRO Z 138 36.65 83.44 83.33
CA PRO Z 138 37.51 83.08 84.47
C PRO Z 138 37.79 81.58 84.54
N ARG Z 139 39.01 81.23 84.93
CA ARG Z 139 39.35 79.84 85.19
C ARG Z 139 40.18 79.58 86.44
N GLY Z 140 40.83 80.59 87.02
CA GLY Z 140 41.54 80.35 88.26
C GLY Z 140 42.98 80.84 88.29
N ALA Z 141 43.80 80.18 89.10
CA ALA Z 141 45.19 80.58 89.24
C ALA Z 141 45.97 80.26 87.98
N TYR Z 142 46.91 81.13 87.63
CA TYR Z 142 47.72 80.93 86.44
C TYR Z 142 48.69 79.76 86.63
N SER Z 143 48.93 79.03 85.55
CA SER Z 143 49.97 78.00 85.54
C SER Z 143 50.52 77.88 84.13
N ALA Z 144 51.71 77.30 84.02
CA ALA Z 144 52.41 77.21 82.75
C ALA Z 144 52.17 75.90 82.02
N THR Z 145 51.26 75.05 82.53
CA THR Z 145 50.99 73.76 81.93
C THR Z 145 49.66 73.72 81.18
N GLU Z 146 49.05 74.87 80.90
CA GLU Z 146 47.77 74.90 80.22
C GLU Z 146 47.75 76.06 79.23
N THR Z 147 46.69 76.09 78.42
CA THR Z 147 46.58 77.01 77.30
C THR Z 147 45.46 78.01 77.57
N TYR Z 148 45.74 79.28 77.33
CA TYR Z 148 44.78 80.36 77.56
C TYR Z 148 44.42 81.02 76.24
N LEU Z 149 43.13 81.03 75.92
CA LEU Z 149 42.64 81.63 74.69
C LEU Z 149 42.34 83.12 74.93
N TYR Z 150 41.80 83.77 73.90
CA TYR Z 150 41.45 85.17 74.03
C TYR Z 150 40.32 85.34 75.04
N GLY Z 151 40.37 86.45 75.78
CA GLY Z 151 39.35 86.74 76.77
C GLY Z 151 39.35 85.85 77.99
N GLU Z 152 40.34 84.96 78.11
CA GLU Z 152 40.41 84.04 79.24
C GLU Z 152 41.12 84.74 80.39
N MET Z 153 40.52 84.71 81.58
CA MET Z 153 40.99 85.52 82.69
C MET Z 153 41.48 84.62 83.82
N VAL Z 154 42.65 84.94 84.36
CA VAL Z 154 43.29 84.16 85.41
C VAL Z 154 43.65 85.10 86.56
N SER Z 155 44.01 84.48 87.69
CA SER Z 155 44.54 85.19 88.85
C SER Z 155 46.03 84.89 88.97
N TYR Z 156 46.81 85.92 89.26
CA TYR Z 156 48.26 85.80 89.31
C TYR Z 156 48.80 86.82 90.29
N PHE Z 157 49.44 86.33 91.34
CA PHE Z 157 50.13 87.17 92.32
C PHE Z 157 49.21 88.24 92.91
N GLY Z 158 47.94 87.86 93.10
CA GLY Z 158 46.97 88.75 93.69
C GLY Z 158 46.26 89.67 92.72
N LYS Z 159 46.58 89.62 91.43
CA LYS Z 159 45.93 90.46 90.45
C LYS Z 159 45.14 89.60 89.47
N ASN Z 160 44.24 90.25 88.73
CA ASN Z 160 43.42 89.60 87.72
C ASN Z 160 43.90 90.01 86.33
N TYR Z 161 44.12 89.02 85.47
CA TYR Z 161 44.66 89.29 84.14
C TYR Z 161 43.82 88.58 83.10
N ILE Z 162 43.35 89.32 82.10
CA ILE Z 162 42.62 88.76 80.96
C ILE Z 162 43.57 88.73 79.78
N SER Z 163 43.67 87.55 79.14
CA SER Z 163 44.49 87.42 77.95
C SER Z 163 43.85 88.16 76.79
N LYS Z 164 44.68 88.83 76.00
CA LYS Z 164 44.24 89.50 74.80
C LYS Z 164 44.87 88.95 73.54
N SER Z 165 45.70 87.93 73.65
CA SER Z 165 46.29 87.31 72.47
C SER Z 165 45.22 86.57 71.68
N LEU Z 166 45.04 86.96 70.41
CA LEU Z 166 44.04 86.33 69.57
C LEU Z 166 44.34 84.85 69.33
N SER Z 167 45.56 84.45 69.52
CA SER Z 167 46.05 83.09 69.43
C SER Z 167 46.28 82.51 70.83
N PRO Z 168 46.14 81.21 71.01
CA PRO Z 168 46.38 80.62 72.34
C PRO Z 168 47.82 80.77 72.77
N ILE Z 169 48.02 80.88 74.08
CA ILE Z 169 49.34 81.07 74.65
C ILE Z 169 49.60 80.00 75.70
N ILE Z 170 50.88 79.67 75.90
CA ILE Z 170 51.30 78.67 76.87
C ILE Z 170 52.57 79.18 77.54
N ASN Z 171 52.62 79.03 78.87
CA ASN Z 171 53.83 79.27 79.66
C ASN Z 171 54.15 80.76 79.76
N ILE Z 172 53.44 81.59 78.99
CA ILE Z 172 53.69 83.02 79.01
C ILE Z 172 53.06 83.62 80.26
N LEU Z 173 53.85 84.40 81.00
CA LEU Z 173 53.41 84.92 82.28
C LEU Z 173 52.31 85.96 82.10
N PRO Z 174 51.37 86.02 83.05
CA PRO Z 174 50.34 87.08 83.01
C PRO Z 174 50.91 88.48 83.16
N THR Z 175 52.10 88.63 83.74
CA THR Z 175 52.63 89.96 84.00
C THR Z 175 53.10 90.66 82.73
N VAL Z 176 53.61 89.92 81.75
CA VAL Z 176 54.17 90.53 80.56
C VAL Z 176 53.02 91.04 79.70
N THR Z 177 53.00 92.36 79.46
CA THR Z 177 51.82 93.05 78.96
C THR Z 177 51.52 92.77 77.48
N ASP Z 178 52.39 92.03 76.79
CA ASP Z 178 52.18 91.77 75.37
C ASP Z 178 50.88 91.03 75.08
N SER Z 179 50.50 90.08 75.93
CA SER Z 179 49.34 89.24 75.69
C SER Z 179 48.33 89.21 76.83
N TRP Z 180 48.65 89.76 77.99
CA TRP Z 180 47.71 89.88 79.08
C TRP Z 180 47.49 91.36 79.41
N TYR Z 181 46.36 91.66 80.03
CA TYR Z 181 46.15 92.98 80.60
C TYR Z 181 45.36 92.84 81.88
N GLU Z 182 45.67 93.70 82.84
CA GLU Z 182 45.17 93.58 84.20
C GLU Z 182 43.81 94.26 84.32
N LEU Z 183 42.95 93.70 85.17
CA LEU Z 183 41.63 94.25 85.45
C LEU Z 183 41.71 95.07 86.73
N VAL Z 184 41.58 96.39 86.58
CA VAL Z 184 41.79 97.30 87.70
C VAL Z 184 40.69 97.12 88.75
N ILE Z 185 41.00 97.45 89.99
CA ILE Z 185 40.04 97.41 91.09
C ILE Z 185 39.91 98.77 91.77
N THR Z 186 41.03 99.42 92.07
CA THR Z 186 41.05 100.80 92.58
C THR Z 186 40.18 100.95 93.84
N LEU Z 187 40.58 100.27 94.90
CA LEU Z 187 39.86 100.35 96.17
C LEU Z 187 40.46 101.42 97.06
N PRO Z 188 39.74 102.48 97.40
CA PRO Z 188 40.26 103.48 98.34
C PRO Z 188 39.79 103.27 99.77
N GLU Z 189 40.64 103.58 100.75
CA GLU Z 189 40.25 103.67 102.15
C GLU Z 189 39.60 102.35 102.60
N SER Z 190 40.43 101.31 102.59
CA SER Z 190 39.93 99.97 102.85
C SER Z 190 39.58 99.79 104.32
N VAL Z 191 38.63 98.90 104.60
CA VAL Z 191 38.13 98.72 105.96
C VAL Z 191 38.60 97.38 106.53
N SER Z 192 38.21 96.28 105.91
CA SER Z 192 38.46 94.95 106.48
C SER Z 192 39.76 94.39 105.91
N VAL Z 193 40.79 94.35 106.74
CA VAL Z 193 42.05 93.72 106.37
C VAL Z 193 42.40 92.66 107.40
N ILE Z 194 42.62 93.09 108.64
CA ILE Z 194 43.11 92.19 109.69
C ILE Z 194 42.17 92.07 110.88
N ALA Z 195 41.24 93.00 111.08
CA ALA Z 195 40.32 92.89 112.21
C ALA Z 195 39.41 91.68 112.07
N THR Z 196 38.93 91.42 110.86
CA THR Z 196 38.04 90.28 110.64
C THR Z 196 38.79 88.95 110.76
N GLY Z 197 40.11 88.98 110.72
CA GLY Z 197 40.90 87.77 110.75
C GLY Z 197 41.36 87.31 112.11
N SER Z 198 40.94 87.95 113.19
CA SER Z 198 41.48 87.62 114.51
C SER Z 198 40.92 86.30 115.02
N ASP Z 199 39.60 86.24 115.24
CA ASP Z 199 38.92 85.05 115.72
C ASP Z 199 39.52 84.53 117.03
N THR Z 200 40.68 83.85 116.93
CA THR Z 200 41.30 83.10 118.01
C THR Z 200 40.46 81.86 118.30
N ALA Z 201 41.10 80.73 118.57
CA ALA Z 201 40.40 79.45 118.66
C ALA Z 201 40.50 78.91 120.08
N TYR Z 202 39.58 79.34 120.94
CA TYR Z 202 39.40 78.83 122.29
C TYR Z 202 38.23 79.57 122.92
N GLY Z 203 37.70 79.00 124.00
CA GLY Z 203 36.69 79.66 124.77
C GLY Z 203 35.27 79.28 124.41
N THR Z 204 34.58 78.55 125.29
CA THR Z 204 33.19 78.18 125.08
C THR Z 204 32.28 78.84 126.08
N GLY Z 205 32.52 78.66 127.38
CA GLY Z 205 31.71 79.32 128.39
C GLY Z 205 32.48 80.05 129.45
N TRP Z 206 32.36 81.37 129.48
CA TRP Z 206 33.06 82.23 130.43
C TRP Z 206 32.31 83.55 130.50
N ASN Z 207 32.79 84.45 131.35
CA ASN Z 207 32.15 85.75 131.50
C ASN Z 207 33.12 86.92 131.64
N GLY Z 208 34.43 86.69 131.59
CA GLY Z 208 35.36 87.79 131.76
C GLY Z 208 36.56 87.77 130.85
N SER Z 209 36.71 86.70 130.06
CA SER Z 209 37.88 86.53 129.20
C SER Z 209 37.80 87.32 127.91
N LEU Z 210 36.69 88.01 127.65
CA LEU Z 210 36.51 88.84 126.47
C LEU Z 210 36.70 88.03 125.19
N LEU Z 211 35.90 86.98 125.07
CA LEU Z 211 35.83 86.18 123.85
C LEU Z 211 35.08 86.95 122.77
N VAL Z 212 35.72 88.02 122.31
CA VAL Z 212 35.13 88.94 121.33
C VAL Z 212 35.13 88.31 119.94
N PRO Z 213 36.27 87.95 119.35
CA PRO Z 213 36.29 87.65 117.92
C PRO Z 213 36.04 86.20 117.54
N THR Z 214 35.90 85.30 118.51
CA THR Z 214 35.85 83.87 118.21
C THR Z 214 34.65 83.52 117.33
N GLN Z 215 34.88 82.67 116.33
CA GLN Z 215 33.81 82.19 115.46
C GLN Z 215 33.79 80.67 115.37
N ASN Z 216 34.96 80.04 115.38
CA ASN Z 216 35.02 78.59 115.28
C ASN Z 216 34.49 77.92 116.54
N ALA Z 217 34.98 78.37 117.71
CA ALA Z 217 34.46 77.82 118.95
C ALA Z 217 33.01 78.21 119.16
N VAL Z 218 32.60 79.38 118.66
CA VAL Z 218 31.20 79.74 118.64
C VAL Z 218 30.40 78.71 117.86
N TYR Z 219 30.90 78.33 116.68
CA TYR Z 219 30.22 77.31 115.89
C TYR Z 219 30.16 75.99 116.63
N ASP Z 220 31.26 75.59 117.28
CA ASP Z 220 31.27 74.30 117.97
C ASP Z 220 30.29 74.28 119.13
N LYS Z 221 30.28 75.34 119.95
CA LYS Z 221 29.34 75.38 121.07
C LYS Z 221 27.90 75.44 120.57
N ILE Z 222 27.65 76.17 119.49
CA ILE Z 222 26.28 76.28 119.01
C ILE Z 222 25.82 74.97 118.38
N VAL Z 223 26.69 74.21 117.72
CA VAL Z 223 26.26 72.90 117.23
C VAL Z 223 26.06 71.95 118.41
N THR Z 224 26.84 72.08 119.47
CA THR Z 224 26.57 71.29 120.67
C THR Z 224 25.18 71.60 121.23
N VAL Z 225 24.84 72.89 121.31
CA VAL Z 225 23.53 73.31 121.80
C VAL Z 225 22.43 72.78 120.90
N ASP Z 226 22.62 72.89 119.58
CA ASP Z 226 21.61 72.43 118.64
C ASP Z 226 21.43 70.92 118.71
N ALA Z 227 22.54 70.18 118.90
CA ALA Z 227 22.43 68.74 119.06
C ALA Z 227 21.69 68.38 120.33
N ALA Z 228 21.93 69.12 121.41
CA ALA Z 228 21.18 68.89 122.64
C ALA Z 228 19.70 69.15 122.45
N ILE Z 229 19.35 70.23 121.75
CA ILE Z 229 17.95 70.54 121.50
C ILE Z 229 17.30 69.48 120.61
N ALA Z 230 18.03 69.01 119.59
CA ALA Z 230 17.50 67.98 118.72
C ALA Z 230 17.30 66.66 119.46
N THR Z 231 18.23 66.32 120.35
CA THR Z 231 18.07 65.12 121.17
C THR Z 231 16.88 65.27 122.11
N ALA Z 232 16.67 66.48 122.64
CA ALA Z 232 15.49 66.73 123.45
C ALA Z 232 14.22 66.53 122.64
N ASN Z 233 14.20 67.03 121.40
CA ASN Z 233 13.03 66.84 120.54
C ASN Z 233 12.80 65.36 120.23
N THR Z 234 13.89 64.62 119.99
CA THR Z 234 13.77 63.19 119.74
C THR Z 234 13.20 62.47 120.96
N ASN Z 235 13.67 62.84 122.15
CA ASN Z 235 13.13 62.25 123.38
C ASN Z 235 11.66 62.61 123.55
N ILE Z 236 11.29 63.84 123.22
CA ILE Z 236 9.89 64.26 123.35
C ILE Z 236 9.01 63.43 122.43
N THR Z 237 9.43 63.27 121.17
CA THR Z 237 8.64 62.48 120.23
C THR Z 237 8.58 61.01 120.65
N ASN Z 238 9.70 60.48 121.14
CA ASN Z 238 9.74 59.09 121.57
C ASN Z 238 8.81 58.85 122.74
N LEU Z 239 8.83 59.75 123.72
CA LEU Z 239 7.91 59.65 124.85
C LEU Z 239 6.46 59.82 124.39
N GLY Z 240 6.22 60.72 123.44
CA GLY Z 240 4.87 60.91 122.95
C GLY Z 240 4.31 59.66 122.29
N THR Z 241 5.13 58.97 121.51
CA THR Z 241 4.63 57.74 120.88
C THR Z 241 4.70 56.55 121.82
N ALA Z 242 5.47 56.65 122.90
CA ALA Z 242 5.70 55.49 123.75
C ALA Z 242 4.67 55.33 124.85
N LYS Z 243 4.01 56.41 125.24
CA LYS Z 243 3.01 56.36 126.30
C LYS Z 243 1.61 56.20 125.70
N ALA Z 244 0.63 56.01 126.59
CA ALA Z 244 -0.77 55.90 126.19
C ALA Z 244 -1.46 57.25 126.32
N ASP Z 245 -2.41 57.49 125.43
CA ASP Z 245 -3.11 58.78 125.37
C ASP Z 245 -4.25 58.84 126.37
N LEU Z 246 -4.56 60.05 126.82
CA LEU Z 246 -5.64 60.26 127.76
C LEU Z 246 -6.98 59.85 127.16
N SER Z 247 -7.30 60.37 125.98
CA SER Z 247 -8.62 60.15 125.40
C SER Z 247 -8.84 58.68 125.06
N TYR Z 248 -7.82 58.02 124.51
CA TYR Z 248 -7.95 56.62 124.15
C TYR Z 248 -8.19 55.75 125.39
N VAL Z 249 -7.44 56.03 126.46
CA VAL Z 249 -7.58 55.24 127.68
C VAL Z 249 -8.98 55.47 128.20
N ASN Z 250 -9.41 56.73 128.23
CA ASN Z 250 -10.74 57.04 128.72
C ASN Z 250 -11.79 56.28 127.96
N THR Z 251 -11.80 56.40 126.64
CA THR Z 251 -12.76 55.68 125.81
C THR Z 251 -12.80 54.19 126.14
N GLN Z 252 -11.63 53.56 126.15
CA GLN Z 252 -11.57 52.13 126.41
C GLN Z 252 -12.07 51.79 127.81
N LEU Z 253 -11.72 52.61 128.80
CA LEU Z 253 -12.20 52.39 130.15
C LEU Z 253 -13.72 52.54 130.23
N SER Z 254 -14.26 53.52 129.51
CA SER Z 254 -15.71 53.71 129.49
C SER Z 254 -16.41 52.52 128.83
N ALA Z 255 -15.82 51.99 127.76
CA ALA Z 255 -16.39 50.79 127.13
C ALA Z 255 -16.37 49.61 128.09
N ASP Z 256 -15.25 49.41 128.78
CA ASP Z 256 -15.18 48.32 129.75
C ASP Z 256 -16.18 48.53 130.88
N GLN Z 257 -16.35 49.77 131.33
CA GLN Z 257 -17.27 50.05 132.43
C GLN Z 257 -18.71 49.82 132.03
N VAL Z 258 -19.09 50.20 130.80
CA VAL Z 258 -20.48 49.99 130.39
C VAL Z 258 -20.74 48.51 130.19
N VAL Z 259 -19.78 47.77 129.63
CA VAL Z 259 -19.94 46.32 129.53
C VAL Z 259 -20.04 45.71 130.92
N LEU Z 260 -19.26 46.24 131.87
CA LEU Z 260 -19.28 45.72 133.23
C LEU Z 260 -20.62 45.95 133.91
N ASP Z 261 -21.19 47.14 133.77
CA ASP Z 261 -22.48 47.40 134.41
C ASP Z 261 -23.59 46.61 133.73
N ALA Z 262 -23.50 46.40 132.41
CA ALA Z 262 -24.45 45.54 131.73
C ALA Z 262 -24.35 44.11 132.27
N LEU Z 263 -23.13 43.62 132.47
CA LEU Z 263 -22.95 42.27 133.01
C LEU Z 263 -23.50 42.17 134.43
N SER Z 264 -23.21 43.18 135.27
CA SER Z 264 -23.67 43.13 136.65
C SER Z 264 -25.18 43.23 136.76
N SER Z 265 -25.83 43.96 135.85
CA SER Z 265 -27.27 44.15 135.93
C SER Z 265 -28.01 42.88 135.56
N GLY Z 266 -27.85 42.42 134.33
CA GLY Z 266 -28.59 41.26 133.84
C GLY Z 266 -27.87 39.94 133.96
N LYS Z 267 -27.56 39.52 135.18
CA LYS Z 267 -26.89 38.25 135.40
C LYS Z 267 -27.48 37.58 136.63
N ALA Z 268 -27.17 36.30 136.79
CA ALA Z 268 -27.72 35.48 137.85
C ALA Z 268 -26.77 35.49 139.05
N ASP Z 269 -27.11 36.29 140.05
CA ASP Z 269 -26.39 36.23 141.32
C ASP Z 269 -26.69 34.92 142.03
N LEU Z 270 -25.69 34.40 142.74
CA LEU Z 270 -25.79 33.08 143.33
C LEU Z 270 -26.91 33.01 144.37
N SER Z 271 -27.08 34.06 145.17
CA SER Z 271 -28.07 34.04 146.23
C SER Z 271 -29.48 33.89 145.66
N TYR Z 272 -29.80 34.66 144.62
CA TYR Z 272 -31.14 34.60 144.05
C TYR Z 272 -31.41 33.23 143.42
N VAL Z 273 -30.42 32.67 142.73
CA VAL Z 273 -30.60 31.36 142.11
C VAL Z 273 -30.81 30.29 143.18
N ASN Z 274 -30.02 30.34 144.25
CA ASN Z 274 -30.19 29.37 145.33
C ASN Z 274 -31.56 29.52 145.99
N THR Z 275 -32.01 30.76 146.20
CA THR Z 275 -33.32 30.97 146.79
C THR Z 275 -34.42 30.41 145.89
N GLN Z 276 -34.33 30.64 144.59
CA GLN Z 276 -35.35 30.14 143.67
C GLN Z 276 -35.33 28.62 143.61
N LEU Z 277 -34.14 28.02 143.64
CA LEU Z 277 -34.04 26.56 143.69
C LEU Z 277 -34.67 26.01 144.96
N ASN Z 278 -34.39 26.64 146.10
CA ASN Z 278 -34.98 26.19 147.36
C ASN Z 278 -36.49 26.38 147.36
N SER Z 279 -36.99 27.34 146.59
CA SER Z 279 -38.44 27.49 146.46
C SER Z 279 -39.07 26.26 145.83
N LYS Z 280 -38.43 25.68 144.82
CA LYS Z 280 -38.94 24.49 144.17
C LYS Z 280 -37.83 23.74 143.43
N MET AA 1 5.08 109.31 68.93
CA MET AA 1 5.93 110.49 68.86
C MET AA 1 7.37 110.08 68.60
N THR AA 2 7.80 110.24 67.34
CA THR AA 2 9.17 109.94 66.95
C THR AA 2 9.49 110.71 65.67
N ASN AA 3 10.66 111.33 65.65
CA ASN AA 3 11.13 112.06 64.49
C ASN AA 3 12.18 111.22 63.75
N ILE AA 4 11.91 110.90 62.50
CA ILE AA 4 12.82 110.14 61.67
C ILE AA 4 13.68 111.10 60.87
N VAL AA 5 14.99 110.91 60.93
CA VAL AA 5 15.95 111.73 60.20
C VAL AA 5 16.75 110.83 59.27
N GLY AA 6 17.49 111.46 58.38
CA GLY AA 6 18.34 110.73 57.46
C GLY AA 6 18.45 111.44 56.14
N ARG AA 7 19.42 110.99 55.34
CA ARG AA 7 19.65 111.49 54.01
C ARG AA 7 19.57 110.35 53.02
N ILE AA 8 18.87 110.57 51.90
CA ILE AA 8 18.74 109.57 50.86
C ILE AA 8 19.74 109.91 49.75
N GLY AA 9 20.58 108.95 49.39
CA GLY AA 9 21.57 109.18 48.36
C GLY AA 9 20.99 109.03 46.96
N PHE AA 10 21.59 109.77 46.03
CA PHE AA 10 21.23 109.75 44.61
C PHE AA 10 19.76 110.13 44.40
N LEU AA 11 19.20 110.92 45.31
CA LEU AA 11 17.82 111.36 45.18
C LEU AA 11 17.71 112.74 45.80
N THR AA 12 17.73 113.77 44.95
CA THR AA 12 17.59 115.14 45.44
C THR AA 12 16.18 115.40 45.94
N THR AA 13 15.17 115.00 45.17
CA THR AA 13 13.78 115.27 45.48
C THR AA 13 12.96 114.01 45.35
N GLY AA 14 12.12 113.75 46.34
CA GLY AA 14 11.29 112.55 46.33
C GLY AA 14 10.28 112.57 47.45
N LYS AA 15 9.52 111.48 47.53
CA LYS AA 15 8.51 111.30 48.56
C LYS AA 15 8.84 110.06 49.39
N LEU AA 16 8.57 110.15 50.69
CA LEU AA 16 8.71 109.03 51.61
C LEU AA 16 7.32 108.73 52.16
N GLY AA 17 6.81 107.54 51.84
CA GLY AA 17 5.49 107.13 52.27
C GLY AA 17 5.57 106.12 53.40
N ILE AA 18 4.93 106.45 54.51
CA ILE AA 18 4.84 105.57 55.67
C ILE AA 18 3.40 105.09 55.77
N LYS AA 19 3.22 103.77 55.79
CA LYS AA 19 1.90 103.17 55.78
C LYS AA 19 1.82 102.13 56.88
N LEU AA 20 0.81 102.25 57.75
CA LEU AA 20 0.68 101.31 58.85
C LEU AA 20 0.27 99.93 58.33
N ARG AA 21 0.70 98.89 59.06
CA ARG AA 21 0.32 97.53 58.75
C ARG AA 21 -0.69 96.95 59.73
N GLY AA 22 -0.92 97.62 60.86
CA GLY AA 22 -1.95 97.22 61.80
C GLY AA 22 -2.68 98.45 62.32
N VAL AA 23 -3.63 98.20 63.21
CA VAL AA 23 -4.35 99.30 63.86
C VAL AA 23 -3.48 99.87 64.96
N LEU AA 24 -3.32 101.19 64.96
CA LEU AA 24 -2.59 101.90 66.00
C LEU AA 24 -3.57 102.68 66.85
N ILE AA 25 -3.34 102.70 68.15
CA ILE AA 25 -4.28 103.31 69.10
C ILE AA 25 -3.57 104.41 69.86
N ASP AA 26 -4.18 105.58 69.96
CA ASP AA 26 -3.61 106.68 70.71
C ASP AA 26 -4.63 107.11 71.73
N GLU AA 27 -4.32 106.88 73.00
CA GLU AA 27 -5.26 107.23 74.06
C GLU AA 27 -5.00 108.64 74.54
N SER AA 28 -4.11 109.35 73.85
CA SER AA 28 -3.79 110.72 74.21
C SER AA 28 -5.02 111.60 74.06
N THR AA 29 -5.68 111.52 72.91
CA THR AA 29 -6.89 112.29 72.70
C THR AA 29 -8.02 111.63 73.45
N THR AA 30 -8.96 112.43 73.94
CA THR AA 30 -10.12 111.86 74.63
C THR AA 30 -10.81 110.80 73.76
N PRO AA 31 -11.24 111.15 72.54
CA PRO AA 31 -11.78 110.04 71.73
C PRO AA 31 -10.57 109.34 71.17
N ASN AA 32 -10.26 108.14 71.64
CA ASN AA 32 -9.04 107.45 71.21
C ASN AA 32 -8.77 107.42 69.70
N THR AA 33 -7.66 108.02 69.27
CA THR AA 33 -7.32 108.03 67.85
C THR AA 33 -6.94 106.68 67.30
N THR AA 34 -7.87 106.05 66.58
CA THR AA 34 -7.60 104.75 65.98
C THR AA 34 -7.03 105.00 64.58
N TYR AA 35 -5.71 105.09 64.49
CA TYR AA 35 -5.06 105.14 63.19
C TYR AA 35 -5.25 103.79 62.49
N LEU AA 36 -5.73 103.84 61.26
CA LEU AA 36 -6.01 102.58 60.58
C LEU AA 36 -4.99 102.32 59.49
N PRO AA 37 -4.68 101.06 59.23
CA PRO AA 37 -3.62 100.74 58.26
C PRO AA 37 -4.07 100.97 56.83
N GLY AA 38 -3.10 100.94 55.93
CA GLY AA 38 -3.35 101.06 54.51
C GLY AA 38 -3.42 102.49 53.99
N ILE AA 39 -3.32 103.50 54.85
CA ILE AA 39 -3.35 104.89 54.44
C ILE AA 39 -1.93 105.43 54.56
N GLU AA 40 -1.37 105.87 53.45
CA GLU AA 40 0.05 106.20 53.35
C GLU AA 40 0.24 107.69 53.56
N SER AA 41 0.94 108.05 54.65
CA SER AA 41 1.32 109.43 54.90
C SER AA 41 2.60 109.75 54.15
N PHE AA 42 2.58 110.84 53.39
CA PHE AA 42 3.68 111.22 52.53
C PHE AA 42 4.46 112.39 53.13
N PHE AA 43 5.78 112.26 53.18
CA PHE AA 43 6.66 113.34 53.58
C PHE AA 43 7.63 113.65 52.45
N ASN AA 44 8.14 114.87 52.46
CA ASN AA 44 9.02 115.34 51.39
C ASN AA 44 10.48 115.01 51.71
N ILE AA 45 11.23 114.68 50.66
CA ILE AA 45 12.68 114.58 50.72
C ILE AA 45 13.21 115.59 49.71
N THR AA 46 13.90 116.62 50.21
CA THR AA 46 14.42 117.68 49.37
C THR AA 46 15.93 117.79 49.58
N ALA AA 47 16.66 117.94 48.47
CA ALA AA 47 18.11 118.07 48.50
C ALA AA 47 18.75 116.90 49.24
N ASN AA 48 18.23 115.70 48.99
CA ASN AA 48 18.70 114.46 49.62
C ASN AA 48 18.51 114.47 51.13
N VAL AA 49 17.56 115.24 51.64
CA VAL AA 49 17.36 115.38 53.08
C VAL AA 49 15.90 115.07 53.41
N LEU AA 50 15.69 114.17 54.37
CA LEU AA 50 14.35 113.95 54.89
C LEU AA 50 13.89 115.22 55.60
N THR AA 51 12.94 115.93 54.99
CA THR AA 51 12.56 117.26 55.44
C THR AA 51 12.07 117.27 56.88
N SER AA 52 10.93 116.64 57.12
CA SER AA 52 10.34 116.65 58.46
C SER AA 52 9.47 115.39 58.58
N VAL AA 53 10.00 114.38 59.26
CA VAL AA 53 9.30 113.11 59.43
C VAL AA 53 8.92 113.01 60.90
N SER AA 54 7.67 113.31 61.20
CA SER AA 54 7.11 113.17 62.55
C SER AA 54 6.03 112.12 62.49
N TYR AA 55 6.25 110.97 63.14
CA TYR AA 55 5.30 109.89 63.06
C TYR AA 55 5.05 109.34 64.45
N PRO AA 56 3.83 108.86 64.72
CA PRO AA 56 3.58 108.18 66.00
C PRO AA 56 4.44 106.94 66.12
N GLU AA 57 4.94 106.69 67.33
CA GLU AA 57 5.72 105.50 67.57
C GLU AA 57 4.82 104.27 67.50
N THR AA 58 5.43 103.12 67.20
CA THR AA 58 4.71 101.86 67.19
C THR AA 58 5.40 100.77 68.00
N GLU AA 59 6.50 101.09 68.68
CA GLU AA 59 7.23 100.07 69.43
C GLU AA 59 6.43 99.59 70.63
N THR AA 60 5.64 100.48 71.24
CA THR AA 60 4.86 100.10 72.41
C THR AA 60 3.84 99.02 72.06
N GLN AA 61 3.11 99.21 70.96
CA GLN AA 61 2.08 98.26 70.56
C GLN AA 61 2.58 97.23 69.56
N ASN AA 62 3.84 97.33 69.14
CA ASN AA 62 4.47 96.36 68.24
C ASN AA 62 3.71 96.25 66.92
N VAL AA 63 3.49 97.39 66.27
CA VAL AA 63 2.82 97.45 64.99
C VAL AA 63 3.84 97.81 63.92
N THR AA 64 3.87 97.03 62.85
CA THR AA 64 4.82 97.26 61.77
C THR AA 64 4.33 98.38 60.86
N ALA AA 65 5.29 99.10 60.29
CA ALA AA 65 4.99 100.18 59.35
C ALA AA 65 5.89 100.03 58.14
N THR AA 66 5.31 100.18 56.96
CA THR AA 66 6.03 100.07 55.70
C THR AA 66 6.52 101.46 55.28
N PHE AA 67 7.83 101.58 55.09
CA PHE AA 67 8.45 102.78 54.57
C PHE AA 67 8.80 102.55 53.11
N SER AA 68 8.44 103.51 52.25
CA SER AA 68 8.73 103.41 50.83
C SER AA 68 9.23 104.74 50.32
N ILE AA 69 10.12 104.68 49.32
CA ILE AA 69 10.71 105.86 48.70
C ILE AA 69 10.26 105.90 47.24
N TYR AA 70 9.73 107.04 46.83
CA TYR AA 70 9.28 107.24 45.46
C TYR AA 70 9.91 108.48 44.87
N SER AA 71 10.13 108.45 43.56
CA SER AA 71 10.49 109.66 42.83
C SER AA 71 9.27 110.53 42.61
N VAL AA 72 9.49 111.84 42.57
CA VAL AA 72 8.42 112.80 42.35
C VAL AA 72 8.30 113.08 40.86
N ASP AA 73 7.08 113.08 40.36
CA ASP AA 73 6.83 113.37 38.95
C ASP AA 73 6.90 114.89 38.74
N GLY AA 74 6.47 115.35 37.56
CA GLY AA 74 6.40 116.78 37.32
C GLY AA 74 5.42 117.47 38.25
N SER AA 75 4.29 116.81 38.54
CA SER AA 75 3.27 117.35 39.42
C SER AA 75 3.53 117.02 40.88
N SER AA 76 4.78 116.69 41.24
CA SER AA 76 5.21 116.41 42.60
C SER AA 76 4.50 115.21 43.22
N ASN AA 77 3.76 114.45 42.44
CA ASN AA 77 3.15 113.25 42.97
C ASN AA 77 4.18 112.12 43.02
N PRO AA 78 4.04 111.19 43.96
CA PRO AA 78 4.93 110.04 44.00
C PRO AA 78 4.78 109.18 42.75
N VAL AA 79 5.86 108.54 42.32
CA VAL AA 79 5.75 107.61 41.21
C VAL AA 79 5.67 106.32 41.99
N PHE AA 80 4.48 105.74 42.07
CA PHE AA 80 4.30 104.54 42.91
C PHE AA 80 5.23 103.33 42.87
N PRO AA 81 5.80 103.00 41.69
CA PRO AA 81 6.79 101.91 41.75
C PRO AA 81 7.96 102.36 42.63
N ALA AA 82 8.04 101.82 43.84
CA ALA AA 82 8.89 102.38 44.89
C ALA AA 82 10.34 102.07 44.62
N LEU AA 83 11.23 103.03 44.91
CA LEU AA 83 12.65 102.72 44.75
C LEU AA 83 13.13 101.78 45.85
N LEU AA 84 12.75 102.05 47.09
CA LEU AA 84 13.16 101.22 48.22
C LEU AA 84 12.00 101.16 49.21
N SER AA 85 11.50 99.96 49.46
CA SER AA 85 10.38 99.75 50.37
C SER AA 85 10.71 98.61 51.32
N PHE AA 86 10.31 98.76 52.57
CA PHE AA 86 10.59 97.75 53.60
C PHE AA 86 9.62 97.97 54.76
N ASP AA 87 9.74 97.11 55.77
CA ASP AA 87 8.92 97.17 56.97
C ASP AA 87 9.79 97.34 58.19
N ALA AA 88 9.37 98.21 59.11
CA ALA AA 88 10.12 98.47 60.32
C ALA AA 88 9.17 98.98 61.39
N ILE AA 89 9.67 98.99 62.63
CA ILE AA 89 8.93 99.49 63.79
C ILE AA 89 9.53 100.82 64.18
N VAL AA 90 8.68 101.82 64.35
CA VAL AA 90 9.15 103.14 64.79
C VAL AA 90 9.36 103.08 66.30
N PRO AA 91 10.58 103.26 66.79
CA PRO AA 91 10.83 103.15 68.23
C PRO AA 91 10.24 104.32 68.99
N ASN AA 92 9.96 104.07 70.28
CA ASN AA 92 9.39 105.10 71.16
C ASN AA 92 10.52 105.97 71.70
N VAL AA 93 11.19 106.66 70.79
CA VAL AA 93 12.27 107.57 71.11
C VAL AA 93 12.03 108.88 70.40
N ALA AA 94 12.72 109.92 70.88
CA ALA AA 94 12.53 111.26 70.32
C ALA AA 94 12.93 111.32 68.86
N SER AA 95 14.06 110.71 68.51
CA SER AA 95 14.53 110.76 67.14
C SER AA 95 15.24 109.46 66.79
N VAL AA 96 15.03 108.99 65.57
CA VAL AA 96 15.70 107.81 65.04
C VAL AA 96 16.14 108.12 63.62
N GLU AA 97 17.30 107.61 63.25
CA GLU AA 97 17.82 107.83 61.91
C GLU AA 97 17.34 106.73 60.97
N PHE AA 98 17.05 107.13 59.73
CA PHE AA 98 16.54 106.20 58.73
C PHE AA 98 17.49 105.05 58.47
N ASP AA 99 18.78 105.24 58.76
CA ASP AA 99 19.77 104.18 58.59
C ASP AA 99 19.38 102.93 59.38
N VAL AA 100 19.09 103.09 60.66
CA VAL AA 100 18.90 101.93 61.54
C VAL AA 100 17.68 101.13 61.12
N LEU AA 101 16.60 101.82 60.76
CA LEU AA 101 15.39 101.15 60.27
C LEU AA 101 15.54 100.86 58.78
N ALA AA 102 16.40 99.90 58.48
CA ALA AA 102 16.63 99.44 57.11
C ALA AA 102 16.64 97.92 57.09
N PRO AA 103 16.22 97.31 55.98
CA PRO AA 103 16.05 95.86 55.96
C PRO AA 103 17.35 95.12 56.23
N THR AA 104 17.22 93.95 56.85
CA THR AA 104 18.34 93.10 57.21
C THR AA 104 18.00 91.67 56.80
N GLY AA 105 19.03 90.92 56.45
CA GLY AA 105 18.83 89.55 56.04
C GLY AA 105 18.66 88.55 57.16
N VAL AA 106 18.67 89.01 58.41
CA VAL AA 106 18.60 88.10 59.55
C VAL AA 106 17.16 87.69 59.81
N VAL AA 107 16.75 86.58 59.21
CA VAL AA 107 15.45 85.98 59.50
C VAL AA 107 15.56 85.21 60.80
N ASN AA 108 14.42 84.77 61.33
CA ASN AA 108 14.42 84.08 62.62
C ASN AA 108 15.23 82.78 62.54
N ASN AA 109 15.06 82.02 61.47
CA ASN AA 109 15.78 80.76 61.31
C ASN AA 109 17.30 80.95 61.37
N GLN AA 110 17.78 82.10 60.90
CA GLN AA 110 19.20 82.44 60.92
C GLN AA 110 19.53 83.40 62.06
N LEU AA 111 18.77 83.36 63.15
CA LEU AA 111 18.93 84.35 64.21
C LEU AA 111 20.17 84.10 65.05
N ASP AA 112 20.22 82.97 65.76
CA ASP AA 112 21.31 82.72 66.70
C ASP AA 112 22.65 82.74 66.00
N THR AA 113 22.76 82.08 64.85
CA THR AA 113 23.99 82.13 64.06
C THR AA 113 24.42 83.57 63.84
N SER AA 114 23.49 84.44 63.45
CA SER AA 114 23.83 85.84 63.27
C SER AA 114 24.44 86.41 64.53
N ALA AA 115 23.79 86.21 65.68
CA ALA AA 115 24.35 86.69 66.93
C ALA AA 115 25.76 86.16 67.13
N LEU AA 116 25.96 84.87 66.82
CA LEU AA 116 27.29 84.29 66.92
C LEU AA 116 28.29 85.09 66.11
N ARG AA 117 28.00 85.35 64.83
CA ARG AA 117 28.89 86.18 64.03
C ARG AA 117 29.10 87.53 64.69
N ILE AA 118 28.02 88.13 65.19
CA ILE AA 118 28.11 89.45 65.80
C ILE AA 118 29.14 89.43 66.92
N ALA AA 119 29.16 88.34 67.70
CA ALA AA 119 30.12 88.25 68.80
C ALA AA 119 31.53 88.50 68.29
N LYS AA 120 31.93 87.79 67.23
CA LYS AA 120 33.31 87.94 66.75
C LYS AA 120 33.56 89.39 66.34
N ILE AA 121 32.56 90.03 65.74
CA ILE AA 121 32.73 91.41 65.31
C ILE AA 121 33.03 92.30 66.52
N ILE AA 122 32.25 92.13 67.58
CA ILE AA 122 32.46 92.94 68.78
C ILE AA 122 33.79 92.57 69.42
N ALA AA 123 34.24 91.34 69.20
CA ALA AA 123 35.54 90.95 69.75
C ALA AA 123 36.69 91.54 68.97
N ASN AA 124 36.44 92.04 67.75
CA ASN AA 124 37.55 92.55 66.94
C ASN AA 124 37.69 94.07 67.06
N ASP AA 125 36.61 94.80 66.85
CA ASP AA 125 36.69 96.25 66.86
C ASP AA 125 36.96 96.74 68.28
N PRO AA 126 38.09 97.41 68.53
CA PRO AA 126 38.37 97.88 69.90
C PRO AA 126 37.33 98.86 70.42
N ALA AA 127 36.77 99.69 69.54
CA ALA AA 127 35.77 100.65 69.99
C ALA AA 127 34.54 99.96 70.55
N LEU AA 128 34.00 98.99 69.80
CA LEU AA 128 32.86 98.24 70.30
C LEU AA 128 33.23 97.43 71.53
N ALA AA 129 34.44 96.86 71.55
CA ALA AA 129 34.86 96.03 72.68
C ALA AA 129 34.89 96.84 73.96
N GLN AA 130 35.43 98.06 73.91
CA GLN AA 130 35.42 98.91 75.09
C GLN AA 130 34.03 99.48 75.37
N LYS AA 131 33.21 99.66 74.34
CA LYS AA 131 31.85 100.15 74.54
C LYS AA 131 30.96 99.13 75.23
N VAL AA 132 31.30 97.84 75.12
CA VAL AA 132 30.46 96.78 75.66
C VAL AA 132 31.09 96.06 76.84
N ALA AA 133 32.36 96.33 77.14
CA ALA AA 133 33.08 95.54 78.13
C ALA AA 133 32.40 95.60 79.49
N GLY AA 134 32.27 94.44 80.13
CA GLY AA 134 31.71 94.36 81.46
C GLY AA 134 32.81 94.55 82.49
N ALA AA 135 32.60 95.49 83.40
CA ALA AA 135 33.64 95.90 84.33
C ALA AA 135 32.99 96.56 85.53
N PRO AA 136 33.73 96.75 86.63
CA PRO AA 136 33.19 97.52 87.75
C PRO AA 136 32.90 98.97 87.43
N TYR AA 137 33.46 99.53 86.36
CA TYR AA 137 33.23 100.92 85.97
C TYR AA 137 33.41 101.88 87.14
N PRO AA 138 34.65 102.13 87.57
CA PRO AA 138 34.85 102.93 88.79
C PRO AA 138 34.22 104.31 88.68
N ARG AA 139 33.70 104.78 89.81
CA ARG AA 139 33.02 106.06 89.89
C ARG AA 139 33.57 106.98 90.96
N GLY AA 140 34.49 106.50 91.81
CA GLY AA 140 35.04 107.32 92.87
C GLY AA 140 34.35 107.11 94.20
N ALA AA 141 33.46 108.02 94.55
CA ALA AA 141 32.73 107.94 95.81
C ALA AA 141 31.24 108.12 95.55
N TYR AA 142 30.43 107.50 96.41
CA TYR AA 142 28.99 107.61 96.28
C TYR AA 142 28.52 109.02 96.63
N SER AA 143 27.54 109.50 95.88
CA SER AA 143 26.86 110.75 96.21
C SER AA 143 25.45 110.69 95.65
N ALA AA 144 24.49 111.19 96.42
CA ALA AA 144 23.09 111.07 96.04
C ALA AA 144 22.67 112.05 94.94
N THR AA 145 23.51 113.04 94.63
CA THR AA 145 23.14 114.02 93.62
C THR AA 145 23.11 113.41 92.22
N GLU AA 146 24.12 112.62 91.87
CA GLU AA 146 24.22 112.04 90.55
C GLU AA 146 23.68 110.62 90.53
N THR AA 147 23.20 110.20 89.37
CA THR AA 147 22.62 108.89 89.20
C THR AA 147 23.72 107.83 89.01
N TYR AA 148 23.32 106.57 89.08
CA TYR AA 148 24.24 105.46 88.90
C TYR AA 148 23.56 104.38 88.08
N LEU AA 149 24.32 103.77 87.17
CA LEU AA 149 23.82 102.72 86.30
C LEU AA 149 24.37 101.36 86.73
N TYR AA 150 24.05 100.34 85.95
CA TYR AA 150 24.44 98.98 86.29
C TYR AA 150 25.95 98.82 86.25
N GLY AA 151 26.48 98.00 87.15
CA GLY AA 151 27.88 97.67 87.16
C GLY AA 151 28.79 98.71 87.77
N GLU AA 152 28.37 99.97 87.81
CA GLU AA 152 29.23 101.03 88.32
C GLU AA 152 29.56 100.79 89.79
N MET AA 153 30.83 100.97 90.14
CA MET AA 153 31.32 100.74 91.49
C MET AA 153 31.65 102.07 92.15
N VAL AA 154 31.17 102.25 93.38
CA VAL AA 154 31.40 103.46 94.16
C VAL AA 154 32.01 103.06 95.49
N SER AA 155 32.50 104.06 96.21
CA SER AA 155 33.06 103.89 97.55
C SER AA 155 32.19 104.65 98.54
N TYR AA 156 31.85 103.99 99.65
CA TYR AA 156 31.01 104.57 100.68
C TYR AA 156 31.44 104.04 102.03
N PHE AA 157 31.85 104.95 102.92
CA PHE AA 157 32.21 104.61 104.30
C PHE AA 157 33.29 103.53 104.34
N GLY AA 158 34.22 103.61 103.39
CA GLY AA 158 35.32 102.67 103.35
C GLY AA 158 35.01 101.33 102.72
N LYS AA 159 33.79 101.13 102.24
CA LYS AA 159 33.40 99.90 101.58
C LYS AA 159 33.17 100.17 100.09
N ASN AA 160 33.30 99.14 99.27
CA ASN AA 160 33.13 99.27 97.83
C ASN AA 160 31.83 98.60 97.42
N TYR AA 161 30.90 99.39 96.88
CA TYR AA 161 29.59 98.91 96.49
C TYR AA 161 29.46 98.99 94.98
N ILE AA 162 29.19 97.85 94.34
CA ILE AA 162 28.99 97.79 92.90
C ILE AA 162 27.50 97.79 92.63
N SER AA 163 27.04 98.76 91.84
CA SER AA 163 25.61 98.84 91.52
C SER AA 163 25.18 97.63 90.72
N LYS AA 164 24.01 97.09 91.06
CA LYS AA 164 23.50 95.90 90.41
C LYS AA 164 22.08 96.09 89.88
N SER AA 165 21.58 97.32 89.85
CA SER AA 165 20.28 97.59 89.27
C SER AA 165 20.38 97.79 87.78
N LEU AA 166 19.48 97.15 87.02
CA LEU AA 166 19.44 97.35 85.58
C LEU AA 166 19.01 98.76 85.21
N SER AA 167 18.33 99.45 86.11
CA SER AA 167 17.80 100.77 85.90
C SER AA 167 18.61 101.80 86.68
N PRO AA 168 18.65 103.06 86.23
CA PRO AA 168 19.39 104.08 86.98
C PRO AA 168 18.82 104.25 88.38
N ILE AA 169 19.71 104.45 89.34
CA ILE AA 169 19.35 104.66 90.73
C ILE AA 169 19.93 105.99 91.19
N ILE AA 170 19.09 106.80 91.83
CA ILE AA 170 19.50 108.10 92.34
C ILE AA 170 19.03 108.21 93.78
N ASN AA 171 19.92 108.70 94.65
CA ASN AA 171 19.64 108.83 96.07
C ASN AA 171 19.22 107.49 96.68
N ILE AA 172 19.91 106.43 96.29
CA ILE AA 172 19.78 105.12 96.92
C ILE AA 172 21.07 104.83 97.65
N LEU AA 173 20.99 104.64 98.96
CA LEU AA 173 22.19 104.43 99.75
C LEU AA 173 22.85 103.11 99.36
N PRO AA 174 24.18 103.09 99.27
CA PRO AA 174 24.86 101.86 98.85
C PRO AA 174 24.64 100.68 99.77
N THR AA 175 24.30 100.93 101.05
CA THR AA 175 24.13 99.84 101.99
C THR AA 175 22.95 98.95 101.65
N VAL AA 176 22.01 99.42 100.82
CA VAL AA 176 20.85 98.64 100.45
C VAL AA 176 21.29 97.47 99.58
N THR AA 177 20.94 96.25 99.97
CA THR AA 177 21.35 95.07 99.24
C THR AA 177 20.52 94.80 98.00
N ASP AA 178 19.38 95.48 97.84
CA ASP AA 178 18.53 95.24 96.68
C ASP AA 178 19.02 95.95 95.42
N SER AA 179 20.00 96.85 95.53
CA SER AA 179 20.50 97.58 94.38
C SER AA 179 22.02 97.65 94.31
N TRP AA 180 22.73 97.19 95.34
CA TRP AA 180 24.19 97.23 95.34
C TRP AA 180 24.73 95.88 95.74
N TYR AA 181 25.92 95.55 95.23
CA TYR AA 181 26.52 94.26 95.52
C TYR AA 181 27.38 94.29 96.76
N GLU AA 182 28.20 95.33 96.92
CA GLU AA 182 29.08 95.46 98.06
C GLU AA 182 30.02 94.26 98.07
N LEU AA 183 31.00 94.26 97.17
CA LEU AA 183 32.05 93.26 97.28
C LEU AA 183 32.75 93.39 98.62
N VAL AA 184 33.02 92.26 99.25
CA VAL AA 184 33.70 92.23 100.53
C VAL AA 184 35.19 92.09 100.29
N ILE AA 185 35.98 92.97 100.91
CA ILE AA 185 37.41 93.05 100.63
C ILE AA 185 38.10 91.79 101.13
N THR AA 186 39.05 91.29 100.36
CA THR AA 186 39.78 90.08 100.72
C THR AA 186 40.62 90.32 101.97
N LEU AA 187 40.76 89.27 102.78
CA LEU AA 187 41.46 89.33 104.05
C LEU AA 187 42.78 88.59 103.98
N PRO AA 188 43.90 89.27 104.28
CA PRO AA 188 45.18 88.57 104.34
C PRO AA 188 45.21 87.55 105.47
N GLU AA 189 45.95 86.47 105.24
CA GLU AA 189 46.06 85.41 106.22
C GLU AA 189 47.35 85.53 107.05
N SER AA 190 48.49 85.60 106.39
CA SER AA 190 49.79 85.67 107.06
C SER AA 190 50.16 87.12 107.39
N VAL AA 191 49.23 87.83 108.02
CA VAL AA 191 49.44 89.18 108.50
C VAL AA 191 48.87 89.26 109.91
N SER AA 192 49.54 90.04 110.77
CA SER AA 192 49.06 90.22 112.13
C SER AA 192 47.63 90.73 112.10
N VAL AA 193 46.75 90.07 112.86
CA VAL AA 193 45.32 90.31 112.81
C VAL AA 193 44.78 90.80 114.15
N ILE AA 194 45.64 91.37 114.99
CA ILE AA 194 45.22 91.86 116.30
C ILE AA 194 44.58 93.22 116.09
N ALA AA 195 43.26 93.23 115.89
CA ALA AA 195 42.51 94.47 115.75
C ALA AA 195 41.09 94.21 116.22
N THR AA 196 40.80 94.53 117.47
CA THR AA 196 39.51 94.23 118.06
C THR AA 196 39.19 95.26 119.14
N GLY AA 197 37.93 95.43 119.48
CA GLY AA 197 37.53 96.39 120.48
C GLY AA 197 36.06 96.71 120.34
N SER AA 198 35.73 97.98 120.60
CA SER AA 198 34.36 98.48 120.55
C SER AA 198 33.44 97.72 121.51
N ASP AA 199 33.92 97.47 122.73
CA ASP AA 199 33.19 96.68 123.71
C ASP AA 199 31.96 97.45 124.14
N THR AA 200 30.82 97.15 123.52
CA THR AA 200 29.57 97.81 123.83
C THR AA 200 28.59 96.94 124.62
N ALA AA 201 28.75 95.61 124.59
CA ALA AA 201 28.03 94.71 125.49
C ALA AA 201 26.51 94.89 125.39
N TYR AA 202 25.93 94.42 124.28
CA TYR AA 202 24.49 94.64 124.04
C TYR AA 202 23.50 93.86 124.92
N GLY AA 203 22.31 93.61 124.39
CA GLY AA 203 21.30 92.89 125.15
C GLY AA 203 20.36 92.23 124.18
N THR AA 204 19.99 90.97 124.44
CA THR AA 204 19.12 90.22 123.52
C THR AA 204 18.02 91.05 122.90
N GLY AA 205 18.13 91.31 121.59
CA GLY AA 205 17.15 92.14 120.92
C GLY AA 205 17.88 93.07 119.99
N TRP AA 206 19.20 92.97 119.96
CA TRP AA 206 19.99 93.86 119.12
C TRP AA 206 19.81 93.55 117.64
N ASN AA 207 19.71 94.59 116.82
CA ASN AA 207 19.55 94.41 115.39
C ASN AA 207 20.05 95.66 114.69
N GLY AA 208 21.31 96.00 114.91
CA GLY AA 208 21.85 97.21 114.33
C GLY AA 208 22.45 97.03 112.95
N SER AA 209 23.69 97.44 112.77
CA SER AA 209 24.31 97.37 111.45
C SER AA 209 25.58 96.54 111.44
N LEU AA 210 26.68 97.16 111.02
CA LEU AA 210 27.96 96.44 110.92
C LEU AA 210 28.69 96.34 112.24
N LEU AA 211 28.06 96.79 113.33
CA LEU AA 211 28.67 96.66 114.65
C LEU AA 211 28.93 95.18 114.85
N VAL AA 212 30.12 94.82 115.33
CA VAL AA 212 30.46 93.40 115.40
C VAL AA 212 30.86 92.76 116.75
N PRO AA 213 31.77 93.37 117.55
CA PRO AA 213 32.27 92.75 118.80
C PRO AA 213 31.73 91.43 119.32
N THR AA 214 30.54 91.39 119.91
CA THR AA 214 29.94 90.21 120.56
C THR AA 214 30.94 89.56 121.52
N GLN AA 215 31.32 90.34 122.53
CA GLN AA 215 32.35 89.93 123.48
C GLN AA 215 31.78 88.93 124.49
N ASN AA 216 32.65 88.49 125.40
CA ASN AA 216 32.27 87.56 126.46
C ASN AA 216 31.60 88.32 127.60
N ALA AA 217 30.62 89.15 127.25
CA ALA AA 217 29.80 89.84 128.25
C ALA AA 217 28.31 89.77 127.97
N VAL AA 218 27.89 89.51 126.73
CA VAL AA 218 26.49 89.27 126.43
C VAL AA 218 26.27 87.97 125.68
N TYR AA 219 27.23 87.47 124.91
CA TYR AA 219 27.01 86.24 124.15
C TYR AA 219 26.93 85.02 125.06
N ASP AA 220 27.86 84.89 126.01
CA ASP AA 220 27.86 83.71 126.87
C ASP AA 220 26.79 83.76 127.93
N LYS AA 221 26.28 84.95 128.27
CA LYS AA 221 25.10 85.01 129.12
C LYS AA 221 23.91 84.33 128.46
N ILE AA 222 23.66 84.67 127.18
CA ILE AA 222 22.58 84.02 126.45
C ILE AA 222 22.90 82.54 126.23
N VAL AA 223 24.17 82.22 126.02
CA VAL AA 223 24.55 80.82 125.82
C VAL AA 223 24.23 80.01 127.06
N THR AA 224 24.58 80.53 128.24
CA THR AA 224 24.27 79.86 129.50
C THR AA 224 22.77 79.78 129.72
N VAL AA 225 22.04 80.84 129.36
CA VAL AA 225 20.58 80.81 129.46
C VAL AA 225 20.01 79.66 128.65
N ASP AA 226 20.45 79.53 127.39
CA ASP AA 226 19.95 78.47 126.53
C ASP AA 226 20.35 77.09 127.04
N ALA AA 227 21.59 76.93 127.50
CA ALA AA 227 22.02 75.65 128.03
C ALA AA 227 21.19 75.25 129.25
N ALA AA 228 20.98 76.21 130.17
CA ALA AA 228 20.19 75.94 131.35
C ALA AA 228 18.75 75.59 131.01
N ILE AA 229 18.15 76.32 130.06
CA ILE AA 229 16.75 76.06 129.72
C ILE AA 229 16.62 74.73 129.00
N ALA AA 230 17.61 74.36 128.18
CA ALA AA 230 17.59 73.04 127.54
C ALA AA 230 17.71 71.94 128.57
N THR AA 231 18.59 72.12 129.57
CA THR AA 231 18.69 71.12 130.63
C THR AA 231 17.41 71.03 131.44
N ALA AA 232 16.76 72.17 131.69
CA ALA AA 232 15.48 72.15 132.41
C ALA AA 232 14.42 71.42 131.61
N ASN AA 233 14.37 71.65 130.29
CA ASN AA 233 13.45 70.90 129.45
C ASN AA 233 13.77 69.42 129.47
N THR AA 234 15.05 69.06 129.49
CA THR AA 234 15.44 67.66 129.59
C THR AA 234 14.94 67.05 130.90
N ASN AA 235 15.07 67.78 132.01
CA ASN AA 235 14.60 67.28 133.29
C ASN AA 235 13.09 67.12 133.30
N ILE AA 236 12.37 68.07 132.71
CA ILE AA 236 10.91 67.97 132.66
C ILE AA 236 10.49 66.79 131.77
N THR AA 237 11.23 66.55 130.68
CA THR AA 237 10.98 65.38 129.85
C THR AA 237 11.22 64.11 130.65
N ASN AA 238 12.28 64.07 131.45
CA ASN AA 238 12.58 62.89 132.25
C ASN AA 238 11.49 62.64 133.29
N LEU AA 239 11.00 63.70 133.94
CA LEU AA 239 9.96 63.49 134.94
C LEU AA 239 8.63 63.11 134.29
N GLY AA 240 8.35 63.63 133.09
CA GLY AA 240 7.16 63.21 132.38
C GLY AA 240 7.22 61.76 131.94
N THR AA 241 8.39 61.32 131.48
CA THR AA 241 8.53 59.95 131.02
C THR AA 241 8.54 58.94 132.17
N ALA AA 242 8.74 59.40 133.40
CA ALA AA 242 8.64 58.52 134.56
C ALA AA 242 7.22 58.10 134.85
N LYS AA 243 6.23 58.74 134.24
CA LYS AA 243 4.83 58.48 134.50
C LYS AA 243 4.13 58.05 133.20
N ALA AA 244 3.20 57.10 133.33
CA ALA AA 244 2.40 56.53 132.25
C ALA AA 244 3.20 55.58 131.37
N ASP AA 245 2.50 54.84 130.53
CA ASP AA 245 3.08 53.90 129.57
C ASP AA 245 1.97 53.41 128.67
N LEU AA 246 2.34 52.71 127.60
CA LEU AA 246 1.37 52.21 126.64
C LEU AA 246 1.36 50.69 126.55
N SER AA 247 2.53 50.06 126.45
CA SER AA 247 2.57 48.60 126.34
C SER AA 247 1.99 47.94 127.57
N TYR AA 248 2.34 48.44 128.76
CA TYR AA 248 1.82 47.87 129.99
C TYR AA 248 0.30 48.08 130.10
N VAL AA 249 -0.17 49.27 129.75
CA VAL AA 249 -1.60 49.54 129.83
C VAL AA 249 -2.36 48.64 128.86
N ASN AA 250 -1.84 48.48 127.64
CA ASN AA 250 -2.49 47.59 126.68
C ASN AA 250 -2.49 46.15 127.17
N THR AA 251 -1.39 45.73 127.81
CA THR AA 251 -1.32 44.37 128.35
C THR AA 251 -2.40 44.15 129.42
N GLN AA 252 -2.51 45.09 130.36
CA GLN AA 252 -3.50 44.94 131.42
C GLN AA 252 -4.92 45.01 130.88
N LEU AA 253 -5.15 45.89 129.90
CA LEU AA 253 -6.47 45.96 129.29
C LEU AA 253 -6.81 44.67 128.57
N SER AA 254 -5.82 44.04 127.92
CA SER AA 254 -6.03 42.76 127.28
C SER AA 254 -6.36 41.68 128.31
N ALA AA 255 -5.68 41.69 129.46
CA ALA AA 255 -5.99 40.73 130.50
C ALA AA 255 -7.42 40.92 131.01
N ASP AA 256 -7.83 42.17 131.21
CA ASP AA 256 -9.20 42.45 131.62
C ASP AA 256 -10.19 41.99 130.55
N GLN AA 257 -9.85 42.19 129.28
CA GLN AA 257 -10.74 41.76 128.20
C GLN AA 257 -10.89 40.24 128.18
N VAL AA 258 -9.79 39.50 128.36
CA VAL AA 258 -9.91 38.05 128.28
C VAL AA 258 -10.68 37.51 129.48
N VAL AA 259 -10.43 38.04 130.68
CA VAL AA 259 -11.17 37.56 131.84
C VAL AA 259 -12.65 37.93 131.71
N LEU AA 260 -12.95 39.12 131.17
CA LEU AA 260 -14.33 39.54 131.00
C LEU AA 260 -15.05 38.66 129.98
N ASP AA 261 -14.38 38.33 128.87
CA ASP AA 261 -15.00 37.49 127.86
C ASP AA 261 -15.24 36.08 128.39
N ALA AA 262 -14.27 35.54 129.14
CA ALA AA 262 -14.47 34.25 129.77
C ALA AA 262 -15.65 34.29 130.74
N LEU AA 263 -15.78 35.38 131.50
CA LEU AA 263 -16.90 35.53 132.41
C LEU AA 263 -18.22 35.55 131.66
N SER AA 264 -18.28 36.31 130.57
CA SER AA 264 -19.52 36.41 129.80
C SER AA 264 -19.91 35.06 129.20
N SER AA 265 -18.92 34.32 128.70
CA SER AA 265 -19.22 33.04 128.06
C SER AA 265 -19.62 31.98 129.08
N GLY AA 266 -18.90 31.89 130.19
CA GLY AA 266 -19.04 30.76 131.09
C GLY AA 266 -19.98 30.93 132.26
N LYS AA 267 -20.80 31.97 132.29
CA LYS AA 267 -21.66 32.24 133.44
C LYS AA 267 -23.10 32.43 133.00
N ALA AA 268 -24.02 31.90 133.79
CA ALA AA 268 -25.43 31.87 133.43
C ALA AA 268 -26.06 33.25 133.56
N ASP AA 269 -26.76 33.70 132.52
CA ASP AA 269 -27.44 34.97 132.55
C ASP AA 269 -28.73 34.85 133.35
N LEU AA 270 -29.26 36.01 133.76
CA LEU AA 270 -30.48 36.02 134.56
C LEU AA 270 -31.67 35.54 133.74
N SER AA 271 -31.72 35.87 132.45
CA SER AA 271 -32.85 35.47 131.62
C SER AA 271 -32.92 33.95 131.46
N TYR AA 272 -31.79 33.32 131.14
CA TYR AA 272 -31.79 31.88 130.92
C TYR AA 272 -32.12 31.13 132.21
N VAL AA 273 -31.51 31.54 133.33
CA VAL AA 273 -31.78 30.87 134.59
C VAL AA 273 -33.22 31.10 135.03
N ASN AA 274 -33.77 32.29 134.74
CA ASN AA 274 -35.16 32.56 135.05
C ASN AA 274 -36.07 31.62 134.27
N THR AA 275 -35.84 31.52 132.96
CA THR AA 275 -36.69 30.67 132.12
C THR AA 275 -36.58 29.22 132.53
N GLN AA 276 -35.37 28.76 132.87
CA GLN AA 276 -35.20 27.39 133.33
C GLN AA 276 -35.92 27.16 134.65
N LEU AA 277 -35.82 28.11 135.58
CA LEU AA 277 -36.44 27.92 136.89
C LEU AA 277 -37.95 27.93 136.81
N ASN AA 278 -38.52 28.78 135.95
CA ASN AA 278 -39.98 28.80 135.80
C ASN AA 278 -40.48 27.77 134.80
N SER AA 279 -39.61 26.89 134.31
CA SER AA 279 -40.02 25.84 133.39
C SER AA 279 -40.26 24.50 134.07
N LYS AA 280 -40.10 24.41 135.39
CA LYS AA 280 -40.33 23.16 136.09
C LYS AA 280 -40.70 23.41 137.55
N THR BA 2 34.67 110.22 48.96
CA THR BA 2 35.73 110.00 47.99
C THR BA 2 35.48 110.81 46.73
N ASN BA 3 36.50 111.54 46.29
CA ASN BA 3 36.42 112.39 45.11
C ASN BA 3 37.26 111.77 44.00
N ILE BA 4 36.63 111.47 42.87
CA ILE BA 4 37.29 110.84 41.73
C ILE BA 4 37.75 111.93 40.78
N VAL BA 5 39.05 111.96 40.50
CA VAL BA 5 39.63 112.97 39.62
C VAL BA 5 40.42 112.28 38.51
N GLY BA 6 40.29 112.79 37.30
CA GLY BA 6 41.01 112.24 36.18
C GLY BA 6 40.60 112.94 34.90
N ARG BA 7 41.42 112.74 33.88
CA ARG BA 7 41.16 113.28 32.54
C ARG BA 7 41.14 112.14 31.53
N ILE BA 8 40.24 112.23 30.57
CA ILE BA 8 39.92 111.14 29.65
C ILE BA 8 40.37 111.56 28.26
N GLY BA 9 41.41 110.91 27.74
CA GLY BA 9 41.93 111.28 26.44
C GLY BA 9 41.03 110.83 25.30
N PHE BA 10 41.15 111.53 24.18
CA PHE BA 10 40.37 111.25 22.97
C PHE BA 10 38.87 111.29 23.25
N LEU BA 11 38.45 112.23 24.10
CA LEU BA 11 37.02 112.44 24.34
C LEU BA 11 36.85 113.90 24.75
N THR BA 12 36.49 114.75 23.78
CA THR BA 12 36.36 116.18 24.04
C THR BA 12 35.30 116.44 25.11
N THR BA 13 34.15 115.79 24.99
CA THR BA 13 33.10 115.93 25.99
C THR BA 13 32.34 114.62 26.11
N GLY BA 14 31.83 114.36 27.30
CA GLY BA 14 31.15 113.10 27.54
C GLY BA 14 30.50 113.09 28.91
N LYS BA 15 29.96 111.93 29.26
CA LYS BA 15 29.33 111.73 30.56
C LYS BA 15 29.96 110.52 31.24
N LEU BA 16 30.03 110.58 32.56
CA LEU BA 16 30.47 109.46 33.38
C LEU BA 16 29.30 109.03 34.25
N GLY BA 17 28.84 107.79 34.08
CA GLY BA 17 27.73 107.25 34.84
C GLY BA 17 28.24 106.21 35.83
N ILE BA 18 27.71 106.28 37.05
CA ILE BA 18 28.09 105.35 38.11
C ILE BA 18 26.83 104.75 38.71
N LYS BA 19 26.80 103.42 38.81
CA LYS BA 19 25.70 102.68 39.42
C LYS BA 19 26.21 101.98 40.66
N LEU BA 20 25.40 102.00 41.73
CA LEU BA 20 25.73 101.19 42.90
C LEU BA 20 25.16 99.79 42.76
N ARG BA 21 25.94 98.80 43.17
CA ARG BA 21 25.48 97.42 43.07
C ARG BA 21 24.46 97.09 44.15
N GLY BA 22 24.64 97.63 45.36
CA GLY BA 22 23.75 97.34 46.46
C GLY BA 22 23.54 98.57 47.31
N VAL BA 23 22.71 98.41 48.34
CA VAL BA 23 22.38 99.51 49.24
C VAL BA 23 23.62 99.85 50.07
N LEU BA 24 23.95 101.14 50.11
CA LEU BA 24 25.12 101.61 50.84
C LEU BA 24 24.68 102.52 51.97
N ILE BA 25 25.38 102.53 53.10
CA ILE BA 25 25.05 103.52 54.13
C ILE BA 25 26.29 104.28 54.59
N ASP BA 26 26.33 105.58 54.33
CA ASP BA 26 27.45 106.39 54.79
C ASP BA 26 27.19 106.93 56.18
N GLU BA 27 27.67 106.22 57.19
CA GLU BA 27 27.45 106.65 58.57
C GLU BA 27 28.33 107.81 58.97
N SER BA 28 29.28 108.18 58.11
CA SER BA 28 30.15 109.32 58.38
C SER BA 28 29.32 110.57 58.58
N THR BA 29 28.38 110.82 57.66
CA THR BA 29 27.51 111.99 57.78
C THR BA 29 26.57 111.82 58.96
N THR BA 30 26.29 112.91 59.66
CA THR BA 30 25.40 112.84 60.83
C THR BA 30 24.06 112.17 60.53
N PRO BA 31 23.32 112.64 59.50
CA PRO BA 31 22.10 111.88 59.20
C PRO BA 31 22.50 110.81 58.21
N ASN BA 32 23.15 109.75 58.66
CA ASN BA 32 23.66 108.68 57.79
C ASN BA 32 23.07 108.55 56.40
N THR BA 33 23.83 108.99 55.39
CA THR BA 33 23.33 108.97 54.02
C THR BA 33 23.14 107.58 53.44
N THR BA 34 21.91 107.23 53.14
CA THR BA 34 21.59 105.93 52.57
C THR BA 34 21.54 106.07 51.05
N TYR BA 35 22.39 105.35 50.36
CA TYR BA 35 22.46 105.37 48.91
C TYR BA 35 21.78 104.12 48.35
N LEU BA 36 20.85 104.34 47.46
CA LEU BA 36 20.09 103.31 46.76
C LEU BA 36 20.86 102.80 45.56
N PRO BA 37 20.67 101.53 45.20
CA PRO BA 37 21.38 100.98 44.03
C PRO BA 37 20.56 101.13 42.76
N GLY BA 38 21.23 100.92 41.64
CA GLY BA 38 20.55 100.89 40.35
C GLY BA 38 20.33 102.26 39.74
N ILE BA 39 20.67 103.31 40.48
CA ILE BA 39 20.48 104.67 40.00
C ILE BA 39 21.79 105.19 39.43
N GLU BA 40 21.76 105.67 38.18
CA GLU BA 40 22.94 106.17 37.51
C GLU BA 40 23.19 107.61 37.93
N SER BA 41 24.19 107.81 38.77
CA SER BA 41 24.68 109.16 39.04
C SER BA 41 25.54 109.59 37.87
N PHE BA 42 25.18 110.72 37.25
CA PHE BA 42 25.82 111.20 36.04
C PHE BA 42 26.65 112.44 36.34
N PHE BA 43 27.87 112.44 35.83
CA PHE BA 43 28.78 113.58 35.96
C PHE BA 43 29.32 113.91 34.57
N ASN BA 44 29.88 115.10 34.44
CA ASN BA 44 30.29 115.61 33.15
C ASN BA 44 31.79 115.47 32.94
N ILE BA 45 32.19 115.10 31.73
CA ILE BA 45 33.57 115.12 31.30
C ILE BA 45 33.67 116.26 30.30
N THR BA 46 34.16 117.41 30.76
CA THR BA 46 34.30 118.60 29.94
C THR BA 46 35.77 118.87 29.65
N ALA BA 47 36.08 119.13 28.39
CA ALA BA 47 37.46 119.36 27.95
C ALA BA 47 38.35 118.19 28.36
N ASN BA 48 37.85 116.98 28.16
CA ASN BA 48 38.54 115.74 28.50
C ASN BA 48 38.79 115.60 29.99
N VAL BA 49 38.04 116.30 30.83
CA VAL BA 49 38.26 116.31 32.27
C VAL BA 49 36.94 116.01 32.98
N LEU BA 50 36.98 115.07 33.93
CA LEU BA 50 35.84 114.87 34.81
C LEU BA 50 35.61 116.13 35.63
N THR BA 51 34.37 116.60 35.66
CA THR BA 51 34.09 117.91 36.24
C THR BA 51 34.17 117.87 37.76
N SER BA 52 33.27 117.13 38.40
CA SER BA 52 33.27 117.01 39.86
C SER BA 52 32.63 115.67 40.20
N VAL BA 53 33.47 114.66 40.42
CA VAL BA 53 32.97 113.32 40.69
C VAL BA 53 33.26 112.95 42.12
N SER BA 54 32.28 113.17 43.00
CA SER BA 54 32.36 112.76 44.40
C SER BA 54 31.40 111.61 44.62
N TYR BA 55 31.92 110.51 45.14
CA TYR BA 55 31.13 109.31 45.38
C TYR BA 55 31.46 108.76 46.75
N PRO BA 56 30.49 108.17 47.44
CA PRO BA 56 30.78 107.55 48.73
C PRO BA 56 31.72 106.37 48.57
N GLU BA 57 32.59 106.19 49.57
CA GLU BA 57 33.51 105.06 49.55
C GLU BA 57 32.73 103.76 49.72
N THR BA 58 33.30 102.68 49.18
CA THR BA 58 32.69 101.36 49.31
C THR BA 58 33.69 100.31 49.78
N GLU BA 59 34.90 100.71 50.19
CA GLU BA 59 35.88 99.74 50.68
C GLU BA 59 35.37 99.04 51.94
N THR BA 60 34.74 99.78 52.84
CA THR BA 60 34.32 99.21 54.12
C THR BA 60 33.26 98.13 53.92
N GLN BA 61 32.21 98.45 53.16
CA GLN BA 61 31.09 97.54 53.02
C GLN BA 61 31.28 96.53 51.89
N ASN BA 62 32.34 96.66 51.10
CA ASN BA 62 32.65 95.73 50.02
C ASN BA 62 31.49 95.66 49.01
N VAL BA 63 31.17 96.82 48.45
CA VAL BA 63 30.11 96.96 47.46
C VAL BA 63 30.73 97.49 46.18
N THR BA 64 30.40 96.87 45.06
CA THR BA 64 30.97 97.29 43.79
C THR BA 64 30.16 98.47 43.22
N ALA BA 65 30.81 99.21 42.34
CA ALA BA 65 30.16 100.27 41.58
C ALA BA 65 30.51 100.10 40.11
N THR BA 66 29.52 100.27 39.26
CA THR BA 66 29.70 100.17 37.81
C THR BA 66 29.98 101.55 37.24
N PHE BA 67 31.13 101.68 36.59
CA PHE BA 67 31.56 102.93 35.97
C PHE BA 67 31.46 102.79 34.46
N SER BA 68 30.81 103.75 33.82
CA SER BA 68 30.70 103.78 32.37
C SER BA 68 30.97 105.18 31.86
N ILE BA 69 31.62 105.25 30.71
CA ILE BA 69 31.92 106.51 30.05
C ILE BA 69 31.12 106.55 28.75
N TYR BA 70 30.13 107.43 28.68
CA TYR BA 70 29.25 107.56 27.54
C TYR BA 70 29.64 108.76 26.70
N SER BA 71 29.56 108.61 25.38
CA SER BA 71 29.63 109.77 24.51
C SER BA 71 28.32 110.54 24.56
N VAL BA 72 28.34 111.75 24.04
CA VAL BA 72 27.21 112.67 24.12
C VAL BA 72 26.85 113.12 22.72
N ASP BA 73 25.56 113.04 22.39
CA ASP BA 73 25.06 113.50 21.10
C ASP BA 73 24.54 114.94 21.23
N GLY BA 74 23.92 115.45 20.17
CA GLY BA 74 23.44 116.82 20.16
C GLY BA 74 22.35 117.09 21.18
N SER BA 75 21.66 116.06 21.65
CA SER BA 75 20.61 116.23 22.64
C SER BA 75 21.11 116.10 24.08
N SER BA 76 22.43 115.98 24.26
CA SER BA 76 23.07 115.77 25.56
C SER BA 76 22.66 114.46 26.21
N ASN BA 77 22.11 113.53 25.44
CA ASN BA 77 21.73 112.23 25.96
C ASN BA 77 22.93 111.30 25.93
N PRO BA 78 23.31 110.69 27.06
CA PRO BA 78 24.41 109.73 27.03
C PRO BA 78 24.12 108.61 26.06
N VAL BA 79 24.96 108.49 25.03
CA VAL BA 79 24.73 107.46 24.02
C VAL BA 79 25.20 106.20 24.69
N PHE BA 80 24.62 105.06 24.34
CA PHE BA 80 24.97 103.85 25.07
C PHE BA 80 25.80 102.75 24.41
N PRO BA 81 26.99 103.08 23.85
CA PRO BA 81 27.79 101.94 23.35
C PRO BA 81 28.87 101.67 24.37
N ALA BA 82 28.78 102.26 25.58
CA ALA BA 82 29.79 102.10 26.63
C ALA BA 82 31.21 102.14 26.10
N LEU BA 83 31.68 103.33 25.71
CA LEU BA 83 33.05 103.50 25.23
C LEU BA 83 33.94 102.73 26.18
N LEU BA 84 33.65 102.84 27.48
CA LEU BA 84 34.37 102.04 28.45
C LEU BA 84 33.46 101.79 29.64
N SER BA 85 33.54 100.59 30.22
CA SER BA 85 32.68 100.26 31.35
C SER BA 85 33.31 99.12 32.13
N PHE BA 86 33.29 99.26 33.45
CA PHE BA 86 33.87 98.24 34.31
C PHE BA 86 33.22 98.34 35.69
N ASP BA 87 33.68 97.50 36.60
CA ASP BA 87 33.18 97.44 37.97
C ASP BA 87 34.35 97.56 38.93
N ALA BA 88 34.24 98.45 39.91
CA ALA BA 88 35.35 98.71 40.81
C ALA BA 88 34.82 99.10 42.18
N ILE BA 89 35.68 98.94 43.18
CA ILE BA 89 35.38 99.33 44.55
C ILE BA 89 35.95 100.71 44.77
N VAL BA 90 35.10 101.64 45.20
CA VAL BA 90 35.57 103.00 45.48
C VAL BA 90 36.38 102.97 46.76
N PRO BA 91 37.66 103.33 46.72
CA PRO BA 91 38.50 103.25 47.91
C PRO BA 91 38.19 104.36 48.90
N ASN BA 92 38.43 104.05 50.18
CA ASN BA 92 38.16 105.00 51.25
C ASN BA 92 39.35 105.95 51.36
N VAL BA 93 39.39 106.90 50.43
CA VAL BA 93 40.42 107.95 50.42
C VAL BA 93 39.74 109.27 50.12
N ALA BA 94 40.42 110.35 50.50
CA ALA BA 94 39.87 111.68 50.26
C ALA BA 94 39.78 111.99 48.76
N SER BA 95 40.81 111.59 48.00
CA SER BA 95 40.83 111.80 46.57
C SER BA 95 41.46 110.59 45.91
N VAL BA 96 40.90 110.17 44.78
CA VAL BA 96 41.39 108.99 44.06
C VAL BA 96 41.42 109.28 42.57
N GLU BA 97 42.46 108.79 41.91
CA GLU BA 97 42.58 108.89 40.47
C GLU BA 97 41.65 107.89 39.79
N PHE BA 98 41.04 108.32 38.68
CA PHE BA 98 40.15 107.42 37.96
C PHE BA 98 40.90 106.24 37.36
N ASP BA 99 42.16 106.42 37.00
CA ASP BA 99 42.92 105.33 36.39
C ASP BA 99 43.21 104.22 37.38
N VAL BA 100 43.41 104.56 38.65
CA VAL BA 100 43.85 103.58 39.65
C VAL BA 100 42.69 102.78 40.23
N LEU BA 101 41.46 103.06 39.82
CA LEU BA 101 40.32 102.22 40.21
C LEU BA 101 40.50 100.84 39.61
N ALA BA 102 40.82 99.86 40.44
CA ALA BA 102 41.12 98.54 39.93
C ALA BA 102 39.84 97.82 39.55
N PRO BA 103 39.64 97.47 38.28
CA PRO BA 103 38.45 96.71 37.89
C PRO BA 103 38.45 95.34 38.55
N THR BA 104 37.27 94.89 38.94
CA THR BA 104 37.12 93.62 39.62
C THR BA 104 35.78 93.02 39.21
N GLY BA 105 35.42 91.90 39.85
CA GLY BA 105 34.10 91.33 39.70
C GLY BA 105 33.07 92.07 40.52
N VAL BA 106 31.83 91.63 40.38
CA VAL BA 106 30.72 92.24 41.11
C VAL BA 106 30.64 91.59 42.49
N VAL BA 107 30.75 92.39 43.54
CA VAL BA 107 30.58 91.92 44.91
C VAL BA 107 29.65 92.88 45.63
N ASN BA 108 28.62 92.34 46.27
CA ASN BA 108 27.69 93.11 47.08
C ASN BA 108 27.83 92.80 48.56
N ASN BA 109 27.70 91.53 48.94
CA ASN BA 109 28.05 91.06 50.28
C ASN BA 109 27.26 91.79 51.36
N GLN BA 110 25.93 91.85 51.17
CA GLN BA 110 25.08 92.56 52.11
C GLN BA 110 24.93 91.79 53.42
N LEU BA 111 24.98 90.46 53.36
CA LEU BA 111 24.79 89.65 54.56
C LEU BA 111 25.88 89.90 55.58
N ASP BA 112 27.10 90.18 55.14
CA ASP BA 112 28.17 90.50 56.07
C ASP BA 112 28.05 91.92 56.60
N THR BA 113 27.50 92.83 55.80
CA THR BA 113 27.24 94.19 56.29
C THR BA 113 26.17 94.20 57.35
N SER BA 114 25.21 93.28 57.26
CA SER BA 114 24.11 93.25 58.22
C SER BA 114 24.61 93.02 59.64
N ALA BA 115 25.52 92.06 59.82
CA ALA BA 115 26.03 91.76 61.16
C ALA BA 115 26.78 92.96 61.72
N LEU BA 116 27.57 93.64 60.89
CA LEU BA 116 28.27 94.83 61.33
C LEU BA 116 27.29 95.92 61.75
N ARG BA 117 26.22 96.10 60.97
CA ARG BA 117 25.22 97.11 61.33
C ARG BA 117 24.59 96.80 62.67
N ILE BA 118 24.20 95.55 62.89
CA ILE BA 118 23.54 95.19 64.15
C ILE BA 118 24.51 95.32 65.32
N ALA BA 119 25.77 94.95 65.12
CA ALA BA 119 26.76 95.12 66.18
C ALA BA 119 26.95 96.59 66.54
N LYS BA 120 27.02 97.46 65.52
CA LYS BA 120 27.11 98.88 65.77
C LYS BA 120 25.89 99.38 66.54
N ILE BA 121 24.70 98.91 66.18
CA ILE BA 121 23.49 99.35 66.86
C ILE BA 121 23.52 98.92 68.32
N ILE BA 122 23.91 97.68 68.60
CA ILE BA 122 23.95 97.21 69.99
C ILE BA 122 24.99 97.99 70.79
N ALA BA 123 26.17 98.23 70.21
CA ALA BA 123 27.19 98.97 70.93
C ALA BA 123 26.76 100.40 71.20
N ASN BA 124 26.13 101.05 70.22
CA ASN BA 124 25.81 102.46 70.36
C ASN BA 124 24.67 102.71 71.34
N ASP BA 125 23.86 101.70 71.65
CA ASP BA 125 22.77 101.87 72.59
C ASP BA 125 23.19 101.35 73.95
N PRO BA 126 23.31 102.20 74.96
CA PRO BA 126 23.74 101.70 76.28
C PRO BA 126 22.79 100.67 76.88
N ALA BA 127 21.48 100.83 76.65
CA ALA BA 127 20.51 99.90 77.24
C ALA BA 127 20.73 98.48 76.73
N LEU BA 128 20.93 98.33 75.41
CA LEU BA 128 21.20 97.00 74.86
C LEU BA 128 22.62 96.57 75.13
N ALA BA 129 23.58 97.49 75.12
CA ALA BA 129 24.96 97.14 75.41
C ALA BA 129 25.12 96.58 76.80
N GLN BA 130 24.28 97.03 77.74
CA GLN BA 130 24.41 96.56 79.12
C GLN BA 130 24.08 95.08 79.21
N LYS BA 131 23.16 94.60 78.38
CA LYS BA 131 22.71 93.22 78.48
C LYS BA 131 23.63 92.24 77.78
N VAL BA 132 24.72 92.71 77.18
CA VAL BA 132 25.75 91.82 76.66
C VAL BA 132 27.09 92.25 77.26
N ALA BA 133 27.05 92.83 78.45
CA ALA BA 133 28.20 93.56 78.98
C ALA BA 133 29.43 92.69 79.20
N GLY BA 134 29.39 91.77 80.15
CA GLY BA 134 30.62 91.09 80.50
C GLY BA 134 30.45 90.17 81.69
N ALA BA 135 31.51 89.42 81.95
CA ALA BA 135 31.47 88.32 82.91
C ALA BA 135 30.99 88.71 84.30
N PRO BA 136 31.52 89.78 84.95
CA PRO BA 136 31.11 90.02 86.34
C PRO BA 136 29.66 90.45 86.47
N TYR BA 137 28.81 89.55 86.99
CA TYR BA 137 27.41 89.84 87.25
C TYR BA 137 27.16 89.81 88.75
N PRO BA 138 27.06 90.96 89.42
CA PRO BA 138 26.83 90.96 90.86
C PRO BA 138 25.49 90.33 91.22
N ARG BA 139 25.50 89.54 92.29
CA ARG BA 139 24.27 88.92 92.78
C ARG BA 139 24.03 89.15 94.27
N GLY BA 140 25.08 89.16 95.08
CA GLY BA 140 24.98 89.34 96.51
C GLY BA 140 25.68 88.23 97.25
N ALA BA 141 25.40 88.13 98.54
CA ALA BA 141 26.01 87.10 99.37
C ALA BA 141 25.56 85.71 98.92
N TYR BA 142 26.46 84.75 99.04
CA TYR BA 142 26.17 83.41 98.56
C TYR BA 142 25.14 82.71 99.44
N SER BA 143 24.28 81.93 98.81
CA SER BA 143 23.32 81.09 99.52
C SER BA 143 22.99 79.90 98.63
N ALA BA 144 22.74 78.75 99.27
CA ALA BA 144 22.58 77.51 98.52
C ALA BA 144 21.19 77.33 97.93
N THR BA 145 20.27 78.25 98.19
CA THR BA 145 18.89 78.11 97.73
C THR BA 145 18.63 78.84 96.42
N GLU BA 146 19.64 79.45 95.82
CA GLU BA 146 19.48 80.18 94.57
C GLU BA 146 20.31 79.54 93.47
N THR BA 147 19.84 79.71 92.23
CA THR BA 147 20.51 79.19 91.05
C THR BA 147 21.39 80.28 90.47
N TYR BA 148 22.65 79.94 90.20
CA TYR BA 148 23.62 80.90 89.68
C TYR BA 148 23.98 80.55 88.25
N LEU BA 149 24.04 81.58 87.42
CA LEU BA 149 24.41 81.44 86.02
C LEU BA 149 25.89 81.75 85.82
N TYR BA 150 26.34 81.56 84.59
CA TYR BA 150 27.73 81.82 84.24
C TYR BA 150 28.07 83.28 84.48
N GLY BA 151 29.19 83.52 85.16
CA GLY BA 151 29.68 84.86 85.38
C GLY BA 151 29.10 85.57 86.60
N GLU BA 152 28.05 85.03 87.21
CA GLU BA 152 27.44 85.73 88.34
C GLU BA 152 28.39 85.77 89.52
N MET BA 153 28.35 86.88 90.24
CA MET BA 153 29.32 87.17 91.30
C MET BA 153 28.64 87.07 92.66
N VAL BA 154 29.28 86.35 93.58
CA VAL BA 154 28.79 86.16 94.93
C VAL BA 154 29.91 86.50 95.91
N SER BA 155 29.54 86.71 97.17
CA SER BA 155 30.49 87.02 98.23
C SER BA 155 30.39 85.94 99.30
N TYR BA 156 31.53 85.30 99.59
CA TYR BA 156 31.56 84.12 100.46
C TYR BA 156 32.74 84.28 101.42
N PHE BA 157 32.43 84.48 102.70
CA PHE BA 157 33.44 84.47 103.77
C PHE BA 157 34.58 85.42 103.47
N GLY BA 158 34.25 86.60 102.95
CA GLY BA 158 35.23 87.63 102.70
C GLY BA 158 35.87 87.59 101.33
N LYS BA 159 35.59 86.59 100.51
CA LYS BA 159 36.18 86.48 99.19
C LYS BA 159 35.09 86.56 98.13
N ASN BA 160 35.39 87.25 97.03
CA ASN BA 160 34.45 87.41 95.94
C ASN BA 160 34.69 86.36 94.87
N TYR BA 161 33.61 85.76 94.40
CA TYR BA 161 33.69 84.65 93.45
C TYR BA 161 32.81 84.94 92.25
N ILE BA 162 33.22 84.38 91.11
CA ILE BA 162 32.48 84.49 89.85
C ILE BA 162 32.25 83.07 89.34
N SER BA 163 31.01 82.76 89.00
CA SER BA 163 30.70 81.42 88.52
C SER BA 163 31.20 81.23 87.10
N LYS BA 164 31.97 80.16 86.89
CA LYS BA 164 32.55 79.86 85.60
C LYS BA 164 31.94 78.64 84.95
N SER BA 165 30.74 78.25 85.39
CA SER BA 165 30.04 77.09 84.84
C SER BA 165 28.97 77.57 83.88
N LEU BA 166 29.00 77.08 82.64
CA LEU BA 166 28.02 77.48 81.64
C LEU BA 166 26.62 77.08 82.06
N SER BA 167 26.46 75.84 82.53
CA SER BA 167 25.17 75.41 83.03
C SER BA 167 24.88 76.09 84.37
N PRO BA 168 23.62 76.37 84.65
CA PRO BA 168 23.26 76.93 85.97
C PRO BA 168 23.67 75.96 87.07
N ILE BA 169 24.17 76.51 88.17
CA ILE BA 169 24.62 75.72 89.30
C ILE BA 169 23.82 76.12 90.54
N ILE BA 170 23.72 75.18 91.47
CA ILE BA 170 23.02 75.40 92.73
C ILE BA 170 23.63 74.49 93.78
N ASN BA 171 23.64 74.98 95.02
CA ASN BA 171 24.17 74.22 96.16
C ASN BA 171 25.60 73.75 95.90
N ILE BA 172 26.41 74.63 95.34
CA ILE BA 172 27.84 74.39 95.17
C ILE BA 172 28.57 75.53 95.87
N LEU BA 173 29.44 75.18 96.81
CA LEU BA 173 30.14 76.20 97.56
C LEU BA 173 31.16 76.91 96.67
N PRO BA 174 31.32 78.22 96.81
CA PRO BA 174 32.27 78.94 95.96
C PRO BA 174 33.70 78.47 96.13
N THR BA 175 34.02 77.79 97.24
CA THR BA 175 35.36 77.27 97.43
C THR BA 175 35.74 76.25 96.37
N VAL BA 176 34.75 75.66 95.69
CA VAL BA 176 35.03 74.70 94.63
C VAL BA 176 35.57 75.47 93.42
N THR BA 177 36.87 75.35 93.17
CA THR BA 177 37.48 76.03 92.04
C THR BA 177 37.06 75.46 90.71
N ASP BA 178 36.41 74.29 90.69
CA ASP BA 178 36.01 73.69 89.43
C ASP BA 178 34.82 74.41 88.82
N SER BA 179 34.00 75.06 89.64
CA SER BA 179 32.86 75.82 89.16
C SER BA 179 32.90 77.30 89.50
N TRP BA 180 33.87 77.73 90.31
CA TRP BA 180 33.95 79.12 90.74
C TRP BA 180 35.38 79.63 90.59
N TYR BA 181 35.50 80.94 90.41
CA TYR BA 181 36.78 81.62 90.31
C TYR BA 181 36.82 82.72 91.37
N GLU BA 182 37.82 82.69 92.23
CA GLU BA 182 37.92 83.67 93.29
C GLU BA 182 38.57 84.93 92.75
N LEU BA 183 38.00 86.09 93.11
CA LEU BA 183 38.47 87.40 92.66
C LEU BA 183 39.55 87.89 93.61
N VAL BA 184 40.82 87.79 93.18
CA VAL BA 184 41.93 88.11 94.06
C VAL BA 184 42.00 89.61 94.29
N ILE BA 185 42.40 90.00 95.50
CA ILE BA 185 42.64 91.39 95.87
C ILE BA 185 43.92 91.43 96.69
N THR BA 186 44.82 92.35 96.32
CA THR BA 186 46.12 92.45 96.99
C THR BA 186 46.06 93.28 98.27
N LEU BA 187 45.27 94.37 98.26
CA LEU BA 187 45.29 95.35 99.34
C LEU BA 187 46.72 95.85 99.54
N PRO BA 188 47.25 96.67 98.63
CA PRO BA 188 48.63 97.13 98.73
C PRO BA 188 48.73 98.35 99.64
N GLU BA 189 49.49 98.20 100.73
CA GLU BA 189 49.94 99.27 101.62
C GLU BA 189 48.86 100.31 101.92
N SER BA 190 47.60 99.89 101.90
CA SER BA 190 46.49 100.84 102.07
C SER BA 190 46.59 101.50 103.44
N VAL BA 191 46.39 102.81 103.47
CA VAL BA 191 46.56 103.58 104.70
C VAL BA 191 45.48 103.30 105.72
N SER BA 192 44.37 102.69 105.31
CA SER BA 192 43.25 102.46 106.20
C SER BA 192 43.08 100.96 106.46
N VAL BA 193 43.20 100.57 107.72
CA VAL BA 193 42.88 99.23 108.18
C VAL BA 193 42.08 99.36 109.47
N ILE BA 194 40.76 99.23 109.37
CA ILE BA 194 39.86 99.48 110.50
C ILE BA 194 39.17 98.18 110.89
N ALA BA 195 38.34 98.27 111.93
CA ALA BA 195 37.71 97.11 112.53
C ALA BA 195 36.31 96.91 111.94
N THR BA 196 36.10 95.74 111.32
CA THR BA 196 34.82 95.36 110.75
C THR BA 196 34.52 93.92 111.15
N GLY BA 197 33.34 93.44 110.73
CA GLY BA 197 32.93 92.08 110.94
C GLY BA 197 32.74 91.33 109.65
N SER BA 198 32.17 90.13 109.76
CA SER BA 198 31.89 89.27 108.61
C SER BA 198 30.41 88.97 108.57
N ASP BA 199 29.70 89.59 107.64
CA ASP BA 199 28.26 89.42 107.53
C ASP BA 199 27.90 88.17 106.72
N THR BA 200 28.39 87.02 107.18
CA THR BA 200 28.03 85.73 106.62
C THR BA 200 27.10 85.05 107.60
N ALA BA 201 25.83 84.90 107.21
CA ALA BA 201 24.86 84.26 108.06
C ALA BA 201 25.26 82.82 108.33
N TYR BA 202 24.89 82.32 109.50
CA TYR BA 202 25.25 80.98 109.92
C TYR BA 202 24.84 79.94 108.88
N GLY BA 203 25.84 79.25 108.34
CA GLY BA 203 25.61 78.27 107.29
C GLY BA 203 26.47 77.04 107.43
N THR BA 204 26.90 76.72 108.65
CA THR BA 204 27.75 75.58 108.95
C THR BA 204 29.09 75.63 108.22
N GLY BA 205 29.42 76.75 107.60
CA GLY BA 205 30.72 76.95 107.01
C GLY BA 205 31.75 77.47 107.97
N TRP BA 206 31.39 77.57 109.25
CA TRP BA 206 32.23 78.15 110.28
C TRP BA 206 33.11 77.10 110.96
N ASN BA 207 33.18 75.89 110.42
CA ASN BA 207 33.98 74.83 111.02
C ASN BA 207 35.44 75.26 111.12
N GLY BA 208 36.09 75.42 109.98
CA GLY BA 208 37.36 76.10 109.95
C GLY BA 208 37.18 77.50 109.41
N SER BA 209 37.13 78.48 110.32
CA SER BA 209 36.83 79.85 109.91
C SER BA 209 37.50 80.79 110.90
N LEU BA 210 38.68 81.30 110.53
CA LEU BA 210 39.37 82.30 111.33
C LEU BA 210 38.71 83.66 111.23
N LEU BA 211 37.50 83.72 110.68
CA LEU BA 211 36.77 84.96 110.50
C LEU BA 211 36.23 85.43 111.85
N VAL BA 212 35.53 86.56 111.86
CA VAL BA 212 34.93 87.11 113.06
C VAL BA 212 33.46 87.37 112.79
N PRO BA 213 32.54 86.82 113.57
CA PRO BA 213 31.12 86.90 113.21
C PRO BA 213 30.51 88.24 113.59
N THR BA 214 29.72 88.80 112.68
CA THR BA 214 28.96 90.00 112.98
C THR BA 214 27.88 89.71 114.01
N GLN BA 215 27.39 90.78 114.65
CA GLN BA 215 26.33 90.63 115.64
C GLN BA 215 25.07 90.03 115.04
N ASN BA 216 24.80 90.29 113.75
CA ASN BA 216 23.53 89.88 113.15
C ASN BA 216 23.41 88.36 113.07
N ALA BA 217 24.46 87.70 112.59
CA ALA BA 217 24.40 86.24 112.44
C ALA BA 217 24.21 85.56 113.79
N VAL BA 218 24.96 86.00 114.79
CA VAL BA 218 24.85 85.42 116.12
C VAL BA 218 23.46 85.66 116.68
N TYR BA 219 22.95 86.88 116.57
CA TYR BA 219 21.63 87.18 117.11
C TYR BA 219 20.54 86.35 116.42
N ASP BA 220 20.64 86.21 115.09
CA ASP BA 220 19.63 85.42 114.37
C ASP BA 220 19.68 83.96 114.76
N LYS BA 221 20.88 83.39 114.88
CA LYS BA 221 20.99 81.99 115.29
C LYS BA 221 20.47 81.80 116.70
N ILE BA 222 20.77 82.71 117.61
CA ILE BA 222 20.26 82.61 118.97
C ILE BA 222 18.75 82.74 118.98
N VAL BA 223 18.20 83.61 118.13
CA VAL BA 223 16.76 83.79 118.09
C VAL BA 223 16.07 82.51 117.62
N THR BA 224 16.59 81.89 116.56
CA THR BA 224 15.96 80.67 116.09
C THR BA 224 16.17 79.51 117.06
N VAL BA 225 17.32 79.47 117.75
CA VAL BA 225 17.54 78.45 118.76
C VAL BA 225 16.53 78.61 119.89
N ASP BA 226 16.29 79.84 120.33
CA ASP BA 226 15.32 80.09 121.38
C ASP BA 226 13.91 79.76 120.91
N ALA BA 227 13.60 80.02 119.64
CA ALA BA 227 12.31 79.63 119.10
C ALA BA 227 12.13 78.13 119.13
N ALA BA 228 13.17 77.38 118.76
CA ALA BA 228 13.10 75.92 118.82
C ALA BA 228 12.94 75.43 120.25
N ILE BA 229 13.65 76.06 121.19
CA ILE BA 229 13.53 75.66 122.60
C ILE BA 229 12.13 75.94 123.12
N ALA BA 230 11.55 77.09 122.74
CA ALA BA 230 10.19 77.41 123.13
C ALA BA 230 9.21 76.42 122.53
N THR BA 231 9.44 76.01 121.28
CA THR BA 231 8.58 75.00 120.67
C THR BA 231 8.66 73.68 121.41
N ALA BA 232 9.87 73.27 121.80
CA ALA BA 232 10.02 72.04 122.57
C ALA BA 232 9.33 72.15 123.92
N ASN BA 233 9.46 73.30 124.60
CA ASN BA 233 8.81 73.47 125.89
C ASN BA 233 7.29 73.42 125.75
N THR BA 234 6.75 74.07 124.71
CA THR BA 234 5.31 74.02 124.48
C THR BA 234 4.84 72.60 124.15
N ASN BA 235 5.65 71.85 123.38
CA ASN BA 235 5.33 70.46 123.13
C ASN BA 235 5.28 69.67 124.44
N ILE BA 236 6.24 69.89 125.32
CA ILE BA 236 6.24 69.21 126.61
C ILE BA 236 4.98 69.55 127.40
N THR BA 237 4.63 70.84 127.44
CA THR BA 237 3.48 71.26 128.24
C THR BA 237 2.18 70.68 127.70
N ASN BA 238 1.95 70.81 126.39
CA ASN BA 238 0.71 70.29 125.82
C ASN BA 238 0.71 68.77 125.68
N LEU BA 239 1.86 68.13 125.90
CA LEU BA 239 1.87 66.67 125.96
C LEU BA 239 1.55 66.18 127.35
N GLY BA 240 2.27 66.66 128.36
CA GLY BA 240 2.04 66.20 129.72
C GLY BA 240 0.61 66.42 130.19
N THR BA 241 0.02 67.54 129.82
CA THR BA 241 -1.33 67.86 130.26
C THR BA 241 -2.41 67.09 129.50
N ALA BA 242 -2.07 66.42 128.41
CA ALA BA 242 -3.07 65.71 127.61
C ALA BA 242 -2.68 64.30 127.21
N LYS BA 243 -1.43 63.87 127.40
CA LYS BA 243 -0.97 62.59 126.90
C LYS BA 243 -0.62 61.61 128.01
N ALA BA 244 0.29 61.99 128.92
CA ALA BA 244 0.86 61.05 129.88
C ALA BA 244 0.13 61.16 131.21
N ASP BA 245 -0.21 60.00 131.79
CA ASP BA 245 -0.94 59.89 133.04
C ASP BA 245 -0.81 58.47 133.55
N LEU BA 246 -0.50 58.32 134.83
CA LEU BA 246 -0.33 57.00 135.43
C LEU BA 246 -1.21 56.75 136.64
N SER BA 247 -1.36 57.74 137.53
CA SER BA 247 -2.02 57.53 138.81
C SER BA 247 -3.47 57.09 138.64
N TYR BA 248 -4.31 57.98 138.09
CA TYR BA 248 -5.74 57.69 138.04
C TYR BA 248 -6.03 56.53 137.10
N VAL BA 249 -5.19 56.33 136.07
CA VAL BA 249 -5.34 55.16 135.23
C VAL BA 249 -5.16 53.89 136.05
N ASN BA 250 -4.13 53.87 136.90
CA ASN BA 250 -3.91 52.73 137.78
C ASN BA 250 -5.08 52.54 138.74
N THR BA 251 -5.61 53.64 139.28
CA THR BA 251 -6.74 53.52 140.20
C THR BA 251 -7.97 52.94 139.52
N GLN BA 252 -8.29 53.41 138.32
CA GLN BA 252 -9.46 52.89 137.60
C GLN BA 252 -9.24 51.44 137.20
N LEU BA 253 -8.00 51.09 136.85
CA LEU BA 253 -7.69 49.69 136.57
C LEU BA 253 -7.92 48.81 137.79
N SER BA 254 -7.48 49.28 138.96
CA SER BA 254 -7.66 48.49 140.18
C SER BA 254 -9.15 48.36 140.53
N ALA BA 255 -9.91 49.44 140.35
CA ALA BA 255 -11.35 49.36 140.59
C ALA BA 255 -12.02 48.36 139.66
N ASP BA 256 -11.65 48.39 138.37
CA ASP BA 256 -12.20 47.44 137.41
C ASP BA 256 -11.79 46.01 137.77
N GLN BA 257 -10.56 45.82 138.24
CA GLN BA 257 -10.12 44.48 138.64
C GLN BA 257 -10.89 43.97 139.84
N VAL BA 258 -11.17 44.85 140.80
CA VAL BA 258 -11.94 44.43 141.97
C VAL BA 258 -13.37 44.09 141.55
N VAL BA 259 -13.95 44.85 140.63
CA VAL BA 259 -15.28 44.53 140.13
C VAL BA 259 -15.25 43.20 139.38
N LEU BA 260 -14.16 42.94 138.65
CA LEU BA 260 -14.05 41.70 137.89
C LEU BA 260 -14.01 40.49 138.81
N ASP BA 261 -13.17 40.54 139.85
CA ASP BA 261 -13.13 39.40 140.76
C ASP BA 261 -14.42 39.26 141.55
N ALA BA 262 -15.06 40.38 141.90
CA ALA BA 262 -16.35 40.29 142.56
C ALA BA 262 -17.39 39.61 141.66
N LEU BA 263 -17.39 39.96 140.38
CA LEU BA 263 -18.36 39.36 139.45
C LEU BA 263 -18.04 37.88 139.24
N SER BA 264 -16.76 37.53 139.17
CA SER BA 264 -16.38 36.13 139.02
C SER BA 264 -16.82 35.31 140.23
N SER BA 265 -16.64 35.84 141.44
CA SER BA 265 -17.04 35.10 142.63
C SER BA 265 -18.55 35.02 142.76
N GLY BA 266 -19.24 36.15 142.62
CA GLY BA 266 -20.65 36.19 142.93
C GLY BA 266 -21.52 35.46 141.91
N LYS BA 267 -21.27 35.68 140.63
CA LYS BA 267 -22.14 35.12 139.60
C LYS BA 267 -21.95 33.61 139.50
N ALA BA 268 -23.05 32.91 139.24
CA ALA BA 268 -23.04 31.46 139.21
C ALA BA 268 -22.47 30.94 137.89
N ASP BA 269 -21.66 29.89 137.98
CA ASP BA 269 -21.16 29.21 136.79
C ASP BA 269 -22.33 28.62 136.01
N LEU BA 270 -22.23 28.66 134.69
CA LEU BA 270 -23.27 28.06 133.86
C LEU BA 270 -23.30 26.54 134.03
N SER BA 271 -22.14 25.93 134.27
CA SER BA 271 -22.11 24.49 134.55
C SER BA 271 -22.84 24.17 135.84
N TYR BA 272 -22.62 24.98 136.88
CA TYR BA 272 -23.31 24.76 138.15
C TYR BA 272 -24.82 24.92 137.99
N VAL BA 273 -25.24 25.92 137.22
CA VAL BA 273 -26.67 26.12 136.98
C VAL BA 273 -27.26 24.95 136.21
N ASN BA 274 -26.51 24.43 135.22
CA ASN BA 274 -26.99 23.26 134.49
C ASN BA 274 -27.12 22.06 135.40
N THR BA 275 -26.15 21.85 136.28
CA THR BA 275 -26.23 20.71 137.21
C THR BA 275 -27.43 20.85 138.15
N GLN BA 276 -27.64 22.05 138.69
CA GLN BA 276 -28.77 22.25 139.59
C GLN BA 276 -30.10 22.08 138.89
N LEU BA 277 -30.21 22.58 137.65
CA LEU BA 277 -31.42 22.38 136.88
C LEU BA 277 -31.63 20.91 136.55
N ASN BA 278 -30.54 20.17 136.34
CA ASN BA 278 -30.63 18.74 136.13
C ASN BA 278 -31.17 18.04 137.37
N SER BA 279 -30.76 18.50 138.55
CA SER BA 279 -31.17 17.83 139.80
C SER BA 279 -32.68 17.85 139.97
N LYS BA 280 -33.32 18.99 139.69
CA LYS BA 280 -34.76 19.09 139.81
C LYS BA 280 -35.46 18.34 138.68
N THR CA 2 -104.04 66.72 29.81
CA THR CA 2 -103.89 67.12 31.20
C THR CA 2 -103.26 68.50 31.31
N ASN CA 3 -103.99 69.42 31.92
CA ASN CA 3 -103.42 70.73 32.22
C ASN CA 3 -102.36 70.58 33.29
N ILE CA 4 -101.27 71.34 33.17
CA ILE CA 4 -100.17 71.28 34.12
C ILE CA 4 -99.95 72.68 34.68
N VAL CA 5 -100.00 72.80 36.00
CA VAL CA 5 -99.76 74.07 36.67
C VAL CA 5 -98.59 73.91 37.62
N GLY CA 6 -97.87 75.01 37.84
CA GLY CA 6 -96.73 74.99 38.73
C GLY CA 6 -95.94 76.29 38.75
N ARG CA 7 -95.12 76.46 39.77
CA ARG CA 7 -94.27 77.62 39.91
C ARG CA 7 -92.80 77.18 39.84
N ILE CA 8 -91.95 78.10 39.38
CA ILE CA 8 -90.54 77.80 39.16
C ILE CA 8 -89.70 78.81 39.93
N GLY CA 9 -88.85 78.33 40.82
CA GLY CA 9 -87.97 79.21 41.55
C GLY CA 9 -86.70 79.52 40.79
N PHE CA 10 -86.07 80.62 41.18
CA PHE CA 10 -84.77 81.05 40.64
C PHE CA 10 -84.82 81.31 39.14
N LEU CA 11 -86.00 81.47 38.56
CA LEU CA 11 -86.12 81.72 37.13
C LEU CA 11 -87.38 82.54 36.89
N THR CA 12 -87.19 83.83 36.60
CA THR CA 12 -88.34 84.70 36.38
C THR CA 12 -88.96 84.47 35.01
N THR CA 13 -88.16 84.16 33.99
CA THR CA 13 -88.65 84.00 32.63
C THR CA 13 -87.94 82.84 31.97
N GLY CA 14 -88.70 82.00 31.28
CA GLY CA 14 -88.12 80.84 30.64
C GLY CA 14 -89.09 80.16 29.71
N LYS CA 15 -88.68 79.01 29.19
CA LYS CA 15 -89.51 78.19 28.31
C LYS CA 15 -89.51 76.76 28.80
N LEU CA 16 -90.69 76.16 28.88
CA LEU CA 16 -90.82 74.75 29.20
C LEU CA 16 -91.09 73.97 27.92
N GLY CA 17 -90.26 72.96 27.66
CA GLY CA 17 -90.43 72.15 26.48
C GLY CA 17 -90.77 70.71 26.81
N ILE CA 18 -91.81 70.18 26.18
CA ILE CA 18 -92.25 68.82 26.38
C ILE CA 18 -92.20 68.08 25.05
N LYS CA 19 -91.64 66.88 25.06
CA LYS CA 19 -91.57 66.10 23.84
C LYS CA 19 -91.85 64.64 24.12
N LEU CA 20 -92.65 64.02 23.26
CA LEU CA 20 -92.97 62.62 23.44
C LEU CA 20 -91.85 61.72 22.92
N ARG CA 21 -91.78 60.52 23.48
CA ARG CA 21 -90.78 59.54 23.06
C ARG CA 21 -91.33 58.50 22.10
N GLY CA 22 -92.65 58.42 21.95
CA GLY CA 22 -93.27 57.53 21.00
C GLY CA 22 -94.57 58.12 20.49
N VAL CA 23 -95.27 57.40 19.63
CA VAL CA 23 -96.58 57.85 19.17
C VAL CA 23 -97.58 57.73 20.30
N LEU CA 24 -98.58 58.62 20.29
CA LEU CA 24 -99.61 58.61 21.31
C LEU CA 24 -100.98 58.63 20.65
N ILE CA 25 -101.94 57.94 21.25
CA ILE CA 25 -103.29 57.83 20.71
C ILE CA 25 -104.27 58.41 21.72
N ASP CA 26 -105.10 59.35 21.26
CA ASP CA 26 -106.02 60.06 22.13
C ASP CA 26 -107.44 59.95 21.58
N GLU CA 27 -108.42 59.70 22.45
CA GLU CA 27 -109.78 59.48 21.98
C GLU CA 27 -110.77 60.43 22.63
N SER CA 28 -110.27 61.44 23.34
CA SER CA 28 -111.14 62.38 24.02
C SER CA 28 -112.05 63.09 23.04
N THR CA 29 -111.48 63.60 21.95
CA THR CA 29 -112.28 64.25 20.93
C THR CA 29 -112.68 63.21 19.89
N THR CA 30 -113.77 63.47 19.16
CA THR CA 30 -114.25 62.48 18.18
C THR CA 30 -113.22 61.99 17.16
N PRO CA 31 -112.52 62.93 16.46
CA PRO CA 31 -111.50 62.36 15.57
C PRO CA 31 -110.35 61.87 16.45
N ASN CA 32 -109.90 60.64 16.22
CA ASN CA 32 -108.84 60.07 17.04
C ASN CA 32 -107.54 60.82 16.78
N THR CA 33 -106.85 61.23 17.85
CA THR CA 33 -105.70 62.09 17.70
C THR CA 33 -104.42 61.27 17.80
N THR CA 34 -103.56 61.40 16.79
CA THR CA 34 -102.26 60.74 16.78
C THR CA 34 -101.19 61.77 17.04
N TYR CA 35 -100.35 61.52 18.04
CA TYR CA 35 -99.29 62.42 18.44
C TYR CA 35 -97.96 61.83 18.03
N LEU CA 36 -97.23 62.56 17.20
CA LEU CA 36 -95.94 62.13 16.69
C LEU CA 36 -94.85 62.33 17.76
N PRO CA 37 -93.85 61.46 17.78
CA PRO CA 37 -92.74 61.62 18.72
C PRO CA 37 -91.65 62.54 18.17
N GLY CA 38 -90.86 63.07 19.10
CA GLY CA 38 -89.71 63.88 18.76
C GLY CA 38 -90.00 65.33 18.45
N ILE CA 39 -91.25 65.76 18.54
CA ILE CA 39 -91.63 67.15 18.28
C ILE CA 39 -91.80 67.85 19.61
N GLU CA 40 -91.06 68.94 19.81
CA GLU CA 40 -91.07 69.65 21.08
C GLU CA 40 -92.17 70.72 21.07
N SER CA 41 -92.95 70.75 22.14
CA SER CA 41 -93.96 71.77 22.37
C SER CA 41 -93.46 72.72 23.45
N PHE CA 42 -93.46 74.01 23.16
CA PHE CA 42 -92.90 75.01 24.06
C PHE CA 42 -94.01 75.84 24.68
N PHE CA 43 -93.84 76.16 25.96
CA PHE CA 43 -94.78 76.99 26.70
C PHE CA 43 -94.00 78.02 27.49
N ASN CA 44 -94.60 79.20 27.66
CA ASN CA 44 -93.95 80.30 28.34
C ASN CA 44 -93.96 80.09 29.85
N ILE CA 45 -92.88 80.47 30.50
CA ILE CA 45 -92.79 80.54 31.96
C ILE CA 45 -92.55 82.00 32.29
N THR CA 46 -93.61 82.70 32.68
CA THR CA 46 -93.54 84.13 32.95
C THR CA 46 -93.94 84.40 34.39
N ALA CA 47 -93.17 85.28 35.04
CA ALA CA 47 -93.37 85.61 36.45
C ALA CA 47 -93.30 84.34 37.31
N ASN CA 48 -92.39 83.44 36.96
CA ASN CA 48 -92.16 82.18 37.67
C ASN CA 48 -93.37 81.25 37.62
N VAL CA 49 -94.28 81.45 36.67
CA VAL CA 49 -95.49 80.65 36.57
C VAL CA 49 -95.57 80.06 35.16
N LEU CA 50 -95.87 78.76 35.08
CA LEU CA 50 -96.16 78.15 33.79
C LEU CA 50 -97.49 78.68 33.29
N THR CA 51 -97.45 79.37 32.14
CA THR CA 51 -98.61 80.14 31.67
C THR CA 51 -99.82 79.26 31.42
N SER CA 52 -99.73 78.39 30.42
CA SER CA 52 -100.84 77.48 30.10
C SER CA 52 -100.23 76.24 29.46
N VAL CA 53 -100.02 75.21 30.27
CA VAL CA 53 -99.40 73.97 29.81
C VAL CA 53 -100.50 72.91 29.79
N SER CA 54 -100.83 72.44 28.60
CA SER CA 54 -101.81 71.39 28.40
C SER CA 54 -101.17 70.32 27.54
N TYR CA 55 -101.00 69.13 28.11
CA TYR CA 55 -100.41 68.02 27.37
C TYR CA 55 -101.32 66.80 27.46
N PRO CA 56 -101.38 66.00 26.40
CA PRO CA 56 -102.24 64.81 26.44
C PRO CA 56 -101.77 63.83 27.50
N GLU CA 57 -102.73 63.14 28.10
CA GLU CA 57 -102.43 62.17 29.14
C GLU CA 57 -101.80 60.93 28.52
N THR CA 58 -100.56 60.63 28.92
CA THR CA 58 -99.83 59.48 28.42
C THR CA 58 -99.80 58.34 29.43
N GLU CA 59 -100.63 58.40 30.47
CA GLU CA 59 -100.63 57.36 31.48
C GLU CA 59 -101.29 56.07 30.98
N THR CA 60 -102.40 56.19 30.25
CA THR CA 60 -103.14 55.00 29.86
C THR CA 60 -102.40 54.16 28.82
N GLN CA 61 -101.64 54.79 27.94
CA GLN CA 61 -100.89 54.08 26.92
C GLN CA 61 -99.45 53.81 27.34
N ASN CA 62 -99.04 54.25 28.52
CA ASN CA 62 -97.70 54.02 29.05
C ASN CA 62 -96.64 54.57 28.09
N VAL CA 63 -96.70 55.88 27.88
CA VAL CA 63 -95.75 56.59 27.02
C VAL CA 63 -95.06 57.65 27.87
N THR CA 64 -93.73 57.68 27.80
CA THR CA 64 -92.95 58.62 28.59
C THR CA 64 -92.66 59.87 27.77
N ALA CA 65 -92.75 61.02 28.42
CA ALA CA 65 -92.47 62.31 27.80
C ALA CA 65 -91.35 63.00 28.55
N THR CA 66 -90.49 63.69 27.81
CA THR CA 66 -89.37 64.42 28.37
C THR CA 66 -89.76 65.88 28.56
N PHE CA 67 -89.54 66.38 29.78
CA PHE CA 67 -89.75 67.78 30.14
C PHE CA 67 -88.39 68.44 30.30
N SER CA 68 -88.31 69.70 29.89
CA SER CA 68 -87.07 70.46 29.96
C SER CA 68 -87.38 71.92 30.23
N ILE CA 69 -86.49 72.58 30.97
CA ILE CA 69 -86.59 74.00 31.27
C ILE CA 69 -85.41 74.70 30.63
N TYR CA 70 -85.70 75.71 29.81
CA TYR CA 70 -84.67 76.47 29.10
C TYR CA 70 -84.77 77.93 29.48
N SER CA 71 -83.61 78.58 29.60
CA SER CA 71 -83.59 80.03 29.69
C SER CA 71 -83.91 80.65 28.34
N VAL CA 72 -84.38 81.89 28.36
CA VAL CA 72 -84.80 82.59 27.16
C VAL CA 72 -83.81 83.70 26.85
N ASP CA 73 -83.45 83.82 25.58
CA ASP CA 73 -82.60 84.92 25.13
C ASP CA 73 -83.45 86.17 24.95
N GLY CA 74 -82.90 87.19 24.29
CA GLY CA 74 -83.65 88.40 24.05
C GLY CA 74 -84.81 88.25 23.09
N SER CA 75 -84.92 87.11 22.42
CA SER CA 75 -85.99 86.86 21.46
C SER CA 75 -87.10 85.98 22.03
N SER CA 76 -87.10 85.75 23.35
CA SER CA 76 -88.05 84.83 23.98
C SER CA 76 -87.98 83.44 23.35
N ASN CA 77 -86.77 83.04 22.99
CA ASN CA 77 -86.60 81.73 22.36
C ASN CA 77 -85.78 80.85 23.29
N PRO CA 78 -86.19 79.59 23.40
CA PRO CA 78 -85.45 78.68 24.26
C PRO CA 78 -84.01 78.49 23.84
N VAL CA 79 -83.06 78.94 24.66
CA VAL CA 79 -81.65 78.67 24.36
C VAL CA 79 -81.57 77.23 24.83
N PHE CA 80 -80.62 76.44 24.36
CA PHE CA 80 -80.65 75.02 24.73
C PHE CA 80 -79.69 74.37 25.73
N PRO CA 81 -79.55 74.91 26.96
CA PRO CA 81 -78.72 74.18 27.91
C PRO CA 81 -79.69 73.63 28.93
N ALA CA 82 -80.85 73.10 28.51
CA ALA CA 82 -81.92 72.62 29.39
C ALA CA 82 -81.56 72.67 30.86
N LEU CA 83 -81.87 73.78 31.56
CA LEU CA 83 -81.42 73.87 32.94
C LEU CA 83 -81.80 72.62 33.72
N LEU CA 84 -83.03 72.15 33.53
CA LEU CA 84 -83.51 70.93 34.14
C LEU CA 84 -84.14 70.07 33.06
N SER CA 85 -84.01 68.76 33.17
CA SER CA 85 -84.58 67.84 32.20
C SER CA 85 -84.87 66.52 32.89
N PHE CA 86 -86.02 65.93 32.55
CA PHE CA 86 -86.39 64.67 33.16
C PHE CA 86 -87.50 64.00 32.38
N ASP CA 87 -87.55 62.68 32.46
CA ASP CA 87 -88.60 61.90 31.82
C ASP CA 87 -89.69 61.59 32.83
N ALA CA 88 -90.95 61.76 32.41
CA ALA CA 88 -92.07 61.58 33.30
C ALA CA 88 -93.29 61.20 32.49
N ILE CA 89 -94.32 60.72 33.18
CA ILE CA 89 -95.56 60.26 32.56
C ILE CA 89 -96.69 61.17 33.03
N VAL CA 90 -97.37 61.78 32.08
CA VAL CA 90 -98.47 62.70 32.39
C VAL CA 90 -99.67 61.86 32.80
N PRO CA 91 -100.17 62.01 34.02
CA PRO CA 91 -101.28 61.18 34.50
C PRO CA 91 -102.61 61.68 33.96
N ASN CA 92 -103.67 60.96 34.32
CA ASN CA 92 -105.02 61.25 33.82
C ASN CA 92 -105.78 62.06 34.87
N VAL CA 93 -105.43 63.34 34.97
CA VAL CA 93 -106.12 64.29 35.83
C VAL CA 93 -106.34 65.56 35.02
N ALA CA 94 -107.41 66.28 35.35
CA ALA CA 94 -107.69 67.53 34.66
C ALA CA 94 -106.55 68.53 34.86
N SER CA 95 -106.06 68.65 36.08
CA SER CA 95 -104.96 69.55 36.40
C SER CA 95 -103.97 68.83 37.31
N VAL CA 96 -102.70 68.86 36.95
CA VAL CA 96 -101.65 68.23 37.75
C VAL CA 96 -100.60 69.27 38.07
N GLU CA 97 -99.95 69.08 39.22
CA GLU CA 97 -98.88 69.97 39.66
C GLU CA 97 -97.57 69.51 39.06
N PHE CA 98 -96.78 70.48 38.57
CA PHE CA 98 -95.50 70.15 37.96
C PHE CA 98 -94.51 69.57 38.95
N ASP CA 99 -94.66 69.86 40.24
CA ASP CA 99 -93.71 69.35 41.22
C ASP CA 99 -93.76 67.84 41.33
N VAL CA 100 -94.93 67.23 41.08
CA VAL CA 100 -95.04 65.78 41.11
C VAL CA 100 -94.19 65.16 40.01
N LEU CA 101 -94.25 65.72 38.80
CA LEU CA 101 -93.54 65.14 37.67
C LEU CA 101 -92.03 65.21 37.86
N ALA CA 102 -91.53 66.31 38.40
CA ALA CA 102 -90.09 66.47 38.56
C ALA CA 102 -89.57 65.44 39.56
N PRO CA 103 -88.42 64.82 39.30
CA PRO CA 103 -87.85 63.87 40.25
C PRO CA 103 -87.30 64.57 41.47
N THR CA 104 -87.37 63.89 42.61
CA THR CA 104 -86.88 64.44 43.87
C THR CA 104 -85.67 63.63 44.32
N GLY CA 105 -84.56 64.34 44.54
CA GLY CA 105 -83.32 63.69 44.93
C GLY CA 105 -82.11 64.32 44.28
N VAL CA 106 -80.92 63.95 44.74
CA VAL CA 106 -79.67 64.55 44.27
C VAL CA 106 -78.74 63.44 43.81
N VAL CA 107 -78.11 63.65 42.65
CA VAL CA 107 -77.17 62.67 42.12
C VAL CA 107 -75.92 62.60 42.99
N ASN CA 108 -75.36 63.76 43.34
CA ASN CA 108 -74.14 63.80 44.15
C ASN CA 108 -74.53 63.81 45.62
N ASN CA 109 -74.85 62.62 46.12
CA ASN CA 109 -75.28 62.44 47.51
C ASN CA 109 -74.13 62.20 48.47
N GLN CA 110 -72.93 61.93 47.96
CA GLN CA 110 -71.79 61.59 48.78
C GLN CA 110 -70.87 62.78 49.10
N LEU CA 111 -71.23 63.98 48.65
CA LEU CA 111 -70.35 65.14 48.80
C LEU CA 111 -70.58 65.93 50.08
N ASP CA 112 -71.61 65.64 50.85
CA ASP CA 112 -72.00 66.49 51.98
C ASP CA 112 -71.49 65.89 53.28
N THR CA 113 -70.50 66.55 53.88
CA THR CA 113 -70.01 66.24 55.24
C THR CA 113 -69.80 67.58 55.93
N SER CA 114 -70.84 68.07 56.61
CA SER CA 114 -70.82 69.46 57.09
C SER CA 114 -71.04 69.57 58.60
N ALA CA 115 -70.36 68.73 59.37
CA ALA CA 115 -70.34 68.86 60.83
C ALA CA 115 -71.73 68.72 61.43
N LEU CA 116 -72.63 69.65 61.10
CA LEU CA 116 -74.02 69.53 61.54
C LEU CA 116 -74.61 68.22 61.06
N ARG CA 117 -74.40 67.90 59.78
CA ARG CA 117 -74.90 66.64 59.24
C ARG CA 117 -74.28 65.45 59.97
N ILE CA 118 -72.97 65.51 60.23
CA ILE CA 118 -72.30 64.41 60.91
C ILE CA 118 -72.79 64.31 62.35
N ALA CA 119 -73.03 65.44 62.99
CA ALA CA 119 -73.56 65.43 64.35
C ALA CA 119 -74.93 64.76 64.38
N LYS CA 120 -75.80 65.10 63.42
CA LYS CA 120 -77.10 64.46 63.35
C LYS CA 120 -76.98 62.97 63.08
N ILE CA 121 -76.07 62.58 62.18
CA ILE CA 121 -75.90 61.18 61.85
C ILE CA 121 -75.44 60.40 63.07
N ILE CA 122 -74.47 60.94 63.81
CA ILE CA 122 -73.93 60.23 64.96
C ILE CA 122 -74.96 60.15 66.08
N ALA CA 123 -75.71 61.23 66.31
CA ALA CA 123 -76.71 61.21 67.36
C ALA CA 123 -77.85 60.26 67.03
N ASN CA 124 -78.32 60.26 65.77
CA ASN CA 124 -79.53 59.51 65.43
C ASN CA 124 -79.29 58.01 65.42
N ASP CA 125 -78.12 57.57 64.97
CA ASP CA 125 -77.85 56.14 64.91
C ASP CA 125 -77.70 55.56 66.31
N PRO CA 126 -78.43 54.50 66.65
CA PRO CA 126 -78.29 53.91 67.99
C PRO CA 126 -76.88 53.44 68.30
N ALA CA 127 -76.18 52.87 67.32
CA ALA CA 127 -74.85 52.32 67.57
C ALA CA 127 -73.85 53.44 67.85
N LEU CA 128 -73.83 54.47 66.99
CA LEU CA 128 -72.91 55.58 67.21
C LEU CA 128 -73.27 56.37 68.46
N ALA CA 129 -74.56 56.50 68.75
CA ALA CA 129 -74.97 57.15 70.00
C ALA CA 129 -74.49 56.37 71.19
N GLN CA 130 -74.57 55.04 71.14
CA GLN CA 130 -74.07 54.22 72.23
C GLN CA 130 -72.55 54.35 72.37
N LYS CA 131 -71.85 54.50 71.24
CA LYS CA 131 -70.41 54.73 71.31
C LYS CA 131 -70.09 56.03 72.02
N VAL CA 132 -70.82 57.10 71.73
CA VAL CA 132 -70.65 58.37 72.41
C VAL CA 132 -71.59 58.34 73.60
N ALA CA 133 -71.14 57.73 74.70
CA ALA CA 133 -71.97 57.57 75.87
C ALA CA 133 -71.40 58.25 77.11
N GLY CA 134 -70.13 58.02 77.42
CA GLY CA 134 -69.59 58.51 78.68
C GLY CA 134 -70.41 57.97 79.82
N ALA CA 135 -70.76 58.87 80.75
CA ALA CA 135 -71.85 58.61 81.69
C ALA CA 135 -71.50 57.54 82.71
N PRO CA 136 -72.36 57.27 83.69
CA PRO CA 136 -72.13 56.16 84.61
C PRO CA 136 -72.02 54.82 83.90
N TYR CA 137 -71.20 53.94 84.47
CA TYR CA 137 -71.05 52.55 84.04
C TYR CA 137 -71.29 51.66 85.24
N PRO CA 138 -72.54 51.34 85.56
CA PRO CA 138 -72.84 50.63 86.81
C PRO CA 138 -72.13 49.28 86.88
N ARG CA 139 -71.64 48.95 88.07
CA ARG CA 139 -71.07 47.62 88.32
C ARG CA 139 -71.45 46.99 89.64
N GLY CA 140 -72.03 47.71 90.59
CA GLY CA 140 -72.52 47.05 91.79
C GLY CA 140 -72.00 47.64 93.09
N ALA CA 141 -72.05 46.84 94.16
CA ALA CA 141 -71.58 47.30 95.46
C ALA CA 141 -70.07 47.45 95.45
N TYR CA 142 -69.59 48.48 96.16
CA TYR CA 142 -68.17 48.77 96.18
C TYR CA 142 -67.40 47.69 96.94
N SER CA 143 -66.20 47.39 96.46
CA SER CA 143 -65.29 46.50 97.16
C SER CA 143 -63.86 46.93 96.87
N ALA CA 144 -62.95 46.54 97.75
CA ALA CA 144 -61.58 47.00 97.71
C ALA CA 144 -60.66 46.06 96.94
N THR CA 145 -61.21 45.03 96.28
CA THR CA 145 -60.39 44.05 95.58
C THR CA 145 -60.51 44.14 94.06
N GLU CA 146 -61.04 45.24 93.54
CA GLU CA 146 -61.20 45.39 92.10
C GLU CA 146 -60.87 46.81 91.68
N THR CA 147 -60.72 47.00 90.38
CA THR CA 147 -60.25 48.24 89.79
C THR CA 147 -61.41 48.99 89.14
N TYR CA 148 -61.57 50.26 89.52
CA TYR CA 148 -62.66 51.08 89.01
C TYR CA 148 -62.10 52.14 88.06
N LEU CA 149 -62.58 52.12 86.83
CA LEU CA 149 -62.13 53.05 85.81
C LEU CA 149 -62.92 54.35 85.90
N TYR CA 150 -62.60 55.29 85.01
CA TYR CA 150 -63.34 56.54 84.96
C TYR CA 150 -64.79 56.27 84.53
N GLY CA 151 -65.71 57.04 85.11
CA GLY CA 151 -67.12 56.90 84.80
C GLY CA 151 -67.76 55.66 85.37
N GLU CA 152 -67.02 54.83 86.06
CA GLU CA 152 -67.54 53.60 86.65
C GLU CA 152 -68.28 53.93 87.94
N MET CA 153 -69.51 53.46 88.06
CA MET CA 153 -70.38 53.88 89.16
C MET CA 153 -70.75 52.68 90.01
N VAL CA 154 -70.63 52.85 91.33
CA VAL CA 154 -70.87 51.80 92.30
C VAL CA 154 -71.86 52.29 93.34
N SER CA 155 -72.36 51.35 94.13
CA SER CA 155 -73.20 51.64 95.29
C SER CA 155 -72.38 51.44 96.55
N TYR CA 156 -72.52 52.37 97.49
CA TYR CA 156 -71.71 52.36 98.70
C TYR CA 156 -72.48 53.03 99.83
N PHE CA 157 -72.78 52.26 100.87
CA PHE CA 157 -73.38 52.78 102.09
C PHE CA 157 -74.68 53.53 101.81
N GLY CA 158 -75.44 53.06 100.84
CA GLY CA 158 -76.72 53.65 100.51
C GLY CA 158 -76.66 54.78 99.50
N LYS CA 159 -75.48 55.18 99.05
CA LYS CA 159 -75.35 56.22 98.03
C LYS CA 159 -74.79 55.62 96.74
N ASN CA 160 -74.83 56.43 95.69
CA ASN CA 160 -74.28 56.07 94.39
C ASN CA 160 -73.10 56.97 94.08
N TYR CA 161 -71.99 56.37 93.65
CA TYR CA 161 -70.76 57.12 93.43
C TYR CA 161 -70.17 56.76 92.08
N ILE CA 162 -69.91 57.77 91.25
CA ILE CA 162 -69.24 57.59 89.98
C ILE CA 162 -67.80 58.05 90.13
N SER CA 163 -66.85 57.19 89.78
CA SER CA 163 -65.45 57.55 89.83
C SER CA 163 -65.13 58.57 88.74
N LYS CA 164 -64.33 59.57 89.10
CA LYS CA 164 -63.87 60.57 88.15
C LYS CA 164 -62.37 60.56 87.96
N SER CA 165 -61.65 59.68 88.64
CA SER CA 165 -60.22 59.56 88.43
C SER CA 165 -59.94 59.04 87.02
N LEU CA 166 -59.20 59.83 86.24
CA LEU CA 166 -58.89 59.43 84.88
C LEU CA 166 -58.05 58.17 84.83
N SER CA 167 -57.33 57.87 85.87
CA SER CA 167 -56.55 56.66 86.01
C SER CA 167 -57.34 55.63 86.81
N PRO CA 168 -57.09 54.34 86.59
CA PRO CA 168 -57.80 53.32 87.37
C PRO CA 168 -57.43 53.40 88.84
N ILE CA 169 -58.39 53.04 89.69
CA ILE CA 169 -58.21 53.14 91.14
C ILE CA 169 -58.52 51.79 91.78
N ILE CA 170 -57.88 51.55 92.92
CA ILE CA 170 -58.08 50.33 93.71
C ILE CA 170 -58.05 50.68 95.18
N ASN CA 171 -59.08 50.26 95.91
CA ASN CA 171 -59.14 50.28 97.37
C ASN CA 171 -59.38 51.67 97.95
N ILE CA 172 -59.35 52.71 97.12
CA ILE CA 172 -59.76 54.03 97.59
C ILE CA 172 -61.27 54.06 97.75
N LEU CA 173 -61.73 54.55 98.90
CA LEU CA 173 -63.13 54.50 99.26
C LEU CA 173 -63.96 55.44 98.38
N PRO CA 174 -65.22 55.08 98.11
CA PRO CA 174 -66.10 55.97 97.33
C PRO CA 174 -66.38 57.29 98.02
N THR CA 175 -66.19 57.38 99.34
CA THR CA 175 -66.41 58.64 100.03
C THR CA 175 -65.32 59.68 99.73
N VAL CA 176 -64.12 59.24 99.37
CA VAL CA 176 -63.01 60.15 99.16
C VAL CA 176 -63.27 60.94 97.89
N THR CA 177 -63.65 62.21 98.05
CA THR CA 177 -64.16 63.01 96.94
C THR CA 177 -63.09 63.34 95.90
N ASP CA 178 -61.82 63.05 96.18
CA ASP CA 178 -60.77 63.30 95.20
C ASP CA 178 -60.96 62.49 93.93
N SER CA 179 -61.50 61.27 94.03
CA SER CA 179 -61.64 60.38 92.88
C SER CA 179 -63.06 59.91 92.62
N TRP CA 180 -63.98 60.05 93.57
CA TRP CA 180 -65.38 59.72 93.38
C TRP CA 180 -66.24 60.97 93.53
N TYR CA 181 -67.43 60.93 92.95
CA TYR CA 181 -68.43 61.96 93.25
C TYR CA 181 -69.79 61.30 93.28
N GLU CA 182 -70.65 61.82 94.15
CA GLU CA 182 -71.92 61.19 94.46
C GLU CA 182 -73.01 61.67 93.51
N LEU CA 183 -73.93 60.76 93.16
CA LEU CA 183 -75.05 61.05 92.27
C LEU CA 183 -76.28 61.35 93.13
N VAL CA 184 -76.69 62.61 93.15
CA VAL CA 184 -77.76 63.04 94.04
C VAL CA 184 -79.09 62.45 93.59
N ILE CA 185 -80.01 62.31 94.55
CA ILE CA 185 -81.36 61.83 94.29
C ILE CA 185 -82.41 62.85 94.69
N THR CA 186 -82.25 63.49 95.85
CA THR CA 186 -83.11 64.57 96.32
C THR CA 186 -84.59 64.16 96.32
N LEU CA 187 -84.90 63.20 97.19
CA LEU CA 187 -86.27 62.71 97.30
C LEU CA 187 -86.99 63.42 98.43
N PRO CA 188 -88.00 64.26 98.14
CA PRO CA 188 -88.78 64.89 99.22
C PRO CA 188 -90.08 64.16 99.53
N GLU CA 189 -90.51 64.18 100.79
CA GLU CA 189 -91.85 63.75 101.20
C GLU CA 189 -92.14 62.32 100.74
N SER CA 190 -91.36 61.40 101.31
CA SER CA 190 -91.44 60.01 100.88
C SER CA 190 -92.75 59.38 101.33
N VAL CA 191 -93.25 58.43 100.54
CA VAL CA 191 -94.53 57.79 100.84
C VAL CA 191 -94.29 56.35 101.29
N SER CA 192 -93.66 55.55 100.44
CA SER CA 192 -93.50 54.12 100.71
C SER CA 192 -92.25 53.91 101.55
N VAL CA 193 -92.44 53.65 102.85
CA VAL CA 193 -91.31 53.42 103.74
C VAL CA 193 -91.48 52.08 104.46
N ILE CA 194 -92.49 51.98 105.32
CA ILE CA 194 -92.63 50.81 106.18
C ILE CA 194 -93.91 50.02 105.96
N ALA CA 195 -94.98 50.63 105.44
CA ALA CA 195 -96.19 49.86 105.18
C ALA CA 195 -95.97 48.78 104.14
N THR CA 196 -95.22 49.11 103.08
CA THR CA 196 -94.94 48.13 102.04
C THR CA 196 -94.14 46.96 102.56
N GLY CA 197 -93.39 47.13 103.64
CA GLY CA 197 -92.54 46.08 104.16
C GLY CA 197 -93.16 45.17 105.18
N SER CA 198 -94.47 45.29 105.45
CA SER CA 198 -95.08 44.55 106.55
C SER CA 198 -95.31 43.08 106.22
N ASP CA 199 -96.18 42.83 105.23
CA ASP CA 199 -96.56 41.47 104.84
C ASP CA 199 -97.09 40.67 106.02
N THR CA 200 -96.18 40.18 106.87
CA THR CA 200 -96.44 39.24 107.96
C THR CA 200 -96.82 37.89 107.38
N ALA CA 201 -96.41 36.80 108.05
CA ALA CA 201 -96.51 35.45 107.50
C ALA CA 201 -97.59 34.70 108.26
N TYR CA 202 -98.84 34.86 107.82
CA TYR CA 202 -99.98 34.12 108.35
C TYR CA 202 -101.18 34.46 107.48
N GLY CA 203 -102.25 33.68 107.63
CA GLY CA 203 -103.50 33.96 106.96
C GLY CA 203 -103.71 33.12 105.72
N THR CA 204 -104.51 32.06 105.84
CA THR CA 204 -104.86 31.21 104.71
C THR CA 204 -106.35 31.30 104.38
N GLY CA 205 -107.22 30.93 105.32
CA GLY CA 205 -108.62 31.28 105.21
C GLY CA 205 -109.22 31.74 106.51
N TRP CA 206 -109.61 33.02 106.57
CA TRP CA 206 -110.18 33.67 107.75
C TRP CA 206 -111.02 34.84 107.28
N ASN CA 207 -111.65 35.51 108.25
CA ASN CA 207 -112.48 36.66 107.92
C ASN CA 207 -112.38 37.82 108.91
N GLY CA 208 -111.51 37.75 109.91
CA GLY CA 208 -111.50 38.78 110.92
C GLY CA 208 -110.13 39.25 111.38
N SER CA 209 -109.07 38.65 110.85
CA SER CA 209 -107.72 38.94 111.30
C SER CA 209 -107.10 40.13 110.58
N LEU CA 210 -107.83 40.78 109.69
CA LEU CA 210 -107.38 42.00 109.00
C LEU CA 210 -106.06 41.76 108.27
N LEU CA 211 -106.11 40.83 107.31
CA LEU CA 211 -104.95 40.44 106.51
C LEU CA 211 -104.65 41.51 105.46
N VAL CA 212 -104.21 42.66 105.94
CA VAL CA 212 -103.92 43.82 105.10
C VAL CA 212 -102.65 43.58 104.29
N PRO CA 213 -101.48 43.36 104.90
CA PRO CA 213 -100.23 43.42 104.14
C PRO CA 213 -99.76 42.12 103.52
N THR CA 214 -100.38 40.98 103.82
CA THR CA 214 -99.83 39.69 103.45
C THR CA 214 -99.71 39.54 101.94
N GLN CA 215 -98.54 39.06 101.50
CA GLN CA 215 -98.33 38.79 100.08
C GLN CA 215 -97.78 37.39 99.83
N ASN CA 216 -96.94 36.88 100.74
CA ASN CA 216 -96.39 35.54 100.57
C ASN CA 216 -97.47 34.48 100.73
N ALA CA 217 -98.25 34.57 101.81
CA ALA CA 217 -99.33 33.62 102.02
C ALA CA 217 -100.39 33.74 100.95
N VAL CA 218 -100.61 34.97 100.45
CA VAL CA 218 -101.50 35.14 99.30
C VAL CA 218 -100.96 34.37 98.10
N TYR CA 219 -99.64 34.47 97.87
CA TYR CA 219 -99.03 33.73 96.77
C TYR CA 219 -99.24 32.24 96.95
N ASP CA 220 -99.01 31.71 98.16
CA ASP CA 220 -99.14 30.28 98.37
C ASP CA 220 -100.59 29.81 98.20
N LYS CA 221 -101.54 30.54 98.77
CA LYS CA 221 -102.93 30.17 98.64
C LYS CA 221 -103.38 30.19 97.19
N ILE CA 222 -103.03 31.25 96.45
CA ILE CA 222 -103.50 31.36 95.08
C ILE CA 222 -102.74 30.39 94.17
N VAL CA 223 -101.50 30.04 94.49
CA VAL CA 223 -100.80 29.05 93.69
C VAL CA 223 -101.41 27.67 93.92
N THR CA 224 -101.85 27.39 95.15
CA THR CA 224 -102.59 26.15 95.39
C THR CA 224 -103.90 26.14 94.61
N VAL CA 225 -104.60 27.28 94.59
CA VAL CA 225 -105.85 27.37 93.84
C VAL CA 225 -105.60 27.13 92.36
N ASP CA 226 -104.56 27.76 91.81
CA ASP CA 226 -104.24 27.60 90.40
C ASP CA 226 -103.84 26.17 90.08
N ALA CA 227 -103.09 25.53 90.98
CA ALA CA 227 -102.74 24.13 90.78
C ALA CA 227 -103.97 23.25 90.77
N ALA CA 228 -104.92 23.52 91.67
CA ALA CA 228 -106.16 22.76 91.69
C ALA CA 228 -106.95 22.96 90.40
N ILE CA 229 -107.01 24.19 89.90
CA ILE CA 229 -107.72 24.46 88.65
C ILE CA 229 -107.05 23.74 87.48
N ALA CA 230 -105.71 23.76 87.45
CA ALA CA 230 -105.00 23.09 86.37
C ALA CA 230 -105.18 21.59 86.43
N THR CA 231 -105.20 21.03 87.65
CA THR CA 231 -105.46 19.60 87.78
C THR CA 231 -106.87 19.25 87.34
N ALA CA 232 -107.83 20.14 87.64
CA ALA CA 232 -109.19 19.94 87.16
C ALA CA 232 -109.25 19.97 85.64
N ASN CA 233 -108.52 20.89 85.01
CA ASN CA 233 -108.46 20.94 83.56
C ASN CA 233 -107.84 19.67 82.99
N THR CA 234 -106.78 19.17 83.64
CA THR CA 234 -106.16 17.93 83.20
C THR CA 234 -107.14 16.77 83.30
N ASN CA 235 -107.89 16.69 84.40
CA ASN CA 235 -108.89 15.65 84.55
C ASN CA 235 -109.97 15.77 83.49
N ILE CA 236 -110.38 16.99 83.17
CA ILE CA 236 -111.41 17.20 82.16
C ILE CA 236 -110.94 16.72 80.80
N THR CA 237 -109.71 17.08 80.44
CA THR CA 237 -109.16 16.64 79.15
C THR CA 237 -108.98 15.12 79.12
N ASN CA 238 -108.52 14.55 80.23
CA ASN CA 238 -108.35 13.10 80.30
C ASN CA 238 -109.69 12.38 80.15
N LEU CA 239 -110.73 12.90 80.80
CA LEU CA 239 -112.06 12.34 80.65
C LEU CA 239 -112.54 12.49 79.21
N GLY CA 240 -112.29 13.64 78.60
CA GLY CA 240 -112.73 13.86 77.22
C GLY CA 240 -112.09 12.89 76.25
N THR CA 241 -110.80 12.65 76.39
CA THR CA 241 -110.15 11.69 75.49
C THR CA 241 -110.48 10.24 75.87
N ALA CA 242 -110.80 9.99 77.14
CA ALA CA 242 -110.98 8.63 77.62
C ALA CA 242 -112.33 8.04 77.21
N LYS CA 243 -113.37 8.86 77.12
CA LYS CA 243 -114.70 8.38 76.81
C LYS CA 243 -114.93 8.38 75.30
N ALA CA 244 -116.07 7.79 74.90
CA ALA CA 244 -116.46 7.74 73.50
C ALA CA 244 -117.37 8.92 73.17
N ASP CA 245 -117.30 9.35 71.91
CA ASP CA 245 -118.07 10.50 71.45
C ASP CA 245 -119.46 10.09 71.02
N LEU CA 246 -120.40 11.04 71.14
CA LEU CA 246 -121.79 10.77 70.78
C LEU CA 246 -121.93 10.52 69.29
N SER CA 247 -121.36 11.40 68.48
CA SER CA 247 -121.43 11.25 67.03
C SER CA 247 -120.79 9.94 66.61
N TYR CA 248 -119.68 9.58 67.24
CA TYR CA 248 -119.00 8.34 66.89
C TYR CA 248 -119.92 7.15 67.05
N VAL CA 249 -120.44 6.98 68.26
CA VAL CA 249 -121.31 5.84 68.52
C VAL CA 249 -122.51 5.87 67.58
N ASN CA 250 -123.17 7.01 67.47
CA ASN CA 250 -124.34 7.12 66.60
C ASN CA 250 -124.07 6.60 65.20
N THR CA 251 -122.99 7.05 64.57
CA THR CA 251 -122.65 6.61 63.22
C THR CA 251 -122.41 5.11 63.17
N GLN CA 252 -121.62 4.59 64.12
CA GLN CA 252 -121.33 3.17 64.14
C GLN CA 252 -122.58 2.34 64.40
N LEU CA 253 -123.43 2.81 65.31
CA LEU CA 253 -124.68 2.12 65.60
C LEU CA 253 -125.59 2.09 64.38
N SER CA 254 -125.66 3.22 63.66
CA SER CA 254 -126.49 3.26 62.45
C SER CA 254 -125.95 2.33 61.38
N ALA CA 255 -124.62 2.25 61.24
CA ALA CA 255 -124.04 1.31 60.29
C ALA CA 255 -124.37 -0.13 60.66
N ASP CA 256 -124.23 -0.48 61.94
CA ASP CA 256 -124.57 -1.82 62.37
C ASP CA 256 -126.05 -2.10 62.15
N GLN CA 257 -126.92 -1.12 62.41
CA GLN CA 257 -128.35 -1.31 62.25
C GLN CA 257 -128.74 -1.50 60.78
N VAL CA 258 -128.13 -0.74 59.88
CA VAL CA 258 -128.49 -0.89 58.48
C VAL CA 258 -127.98 -2.22 57.93
N VAL CA 259 -126.77 -2.63 58.32
CA VAL CA 259 -126.30 -3.94 57.92
C VAL CA 259 -127.20 -5.03 58.51
N LEU CA 260 -127.67 -4.81 59.74
CA LEU CA 260 -128.54 -5.79 60.39
C LEU CA 260 -129.88 -5.92 59.66
N ASP CA 261 -130.48 -4.80 59.28
CA ASP CA 261 -131.77 -4.89 58.58
C ASP CA 261 -131.60 -5.48 57.19
N ALA CA 262 -130.48 -5.18 56.53
CA ALA CA 262 -130.20 -5.82 55.26
C ALA CA 262 -130.06 -7.33 55.41
N LEU CA 263 -129.36 -7.78 56.47
CA LEU CA 263 -129.22 -9.21 56.72
C LEU CA 263 -130.56 -9.85 57.04
N SER CA 264 -131.39 -9.18 57.85
CA SER CA 264 -132.68 -9.75 58.21
C SER CA 264 -133.63 -9.81 57.01
N SER CA 265 -133.51 -8.86 56.09
CA SER CA 265 -134.43 -8.83 54.95
C SER CA 265 -134.13 -9.94 53.96
N GLY CA 266 -132.93 -9.93 53.39
CA GLY CA 266 -132.58 -10.87 52.33
C GLY CA 266 -131.86 -12.12 52.80
N LYS CA 267 -132.53 -12.94 53.62
CA LYS CA 267 -131.92 -14.15 54.13
C LYS CA 267 -132.99 -15.22 54.27
N ALA CA 268 -132.55 -16.45 54.48
CA ALA CA 268 -133.43 -17.62 54.50
C ALA CA 268 -133.71 -18.03 55.94
N ASP CA 269 -134.95 -17.81 56.38
CA ASP CA 269 -135.38 -18.26 57.70
C ASP CA 269 -135.64 -19.76 57.69
N LEU CA 270 -135.57 -20.36 58.88
CA LEU CA 270 -135.76 -21.80 59.00
C LEU CA 270 -137.17 -22.23 58.59
N SER CA 271 -138.19 -21.48 59.01
CA SER CA 271 -139.57 -21.89 58.75
C SER CA 271 -139.85 -21.96 57.25
N TYR CA 272 -139.47 -20.92 56.51
CA TYR CA 272 -139.74 -20.89 55.08
C TYR CA 272 -138.99 -22.00 54.36
N VAL CA 273 -137.71 -22.18 54.68
CA VAL CA 273 -136.91 -23.19 54.00
C VAL CA 273 -137.45 -24.59 54.28
N ASN CA 274 -137.79 -24.87 55.54
CA ASN CA 274 -138.33 -26.18 55.87
C ASN CA 274 -139.67 -26.42 55.19
N THR CA 275 -140.53 -25.40 55.16
CA THR CA 275 -141.81 -25.54 54.46
C THR CA 275 -141.60 -25.83 52.99
N GLN CA 276 -140.66 -25.14 52.36
CA GLN CA 276 -140.45 -25.34 50.93
C GLN CA 276 -139.83 -26.70 50.66
N LEU CA 277 -138.92 -27.14 51.53
CA LEU CA 277 -138.37 -28.50 51.40
C LEU CA 277 -139.47 -29.54 51.54
N ASN CA 278 -140.38 -29.36 52.50
CA ASN CA 278 -141.51 -30.28 52.60
C ASN CA 278 -142.39 -30.22 51.36
N SER CA 279 -142.46 -29.06 50.72
CA SER CA 279 -143.21 -28.97 49.47
C SER CA 279 -142.62 -29.85 48.38
N LYS CA 280 -141.30 -29.97 48.34
CA LYS CA 280 -140.63 -30.82 47.36
C LYS CA 280 -139.21 -31.15 47.81
N MET DA 1 -87.35 77.52 55.43
CA MET DA 1 -86.81 78.88 55.56
C MET DA 1 -85.81 78.96 56.71
N THR DA 2 -84.67 79.59 56.47
CA THR DA 2 -83.61 79.68 57.45
C THR DA 2 -82.73 80.88 57.13
N ASN DA 3 -82.33 81.59 58.19
CA ASN DA 3 -81.41 82.72 58.07
C ASN DA 3 -80.02 82.27 58.46
N ILE DA 4 -79.08 82.39 57.55
CA ILE DA 4 -77.69 82.03 57.79
C ILE DA 4 -76.93 83.28 58.21
N VAL DA 5 -76.21 83.17 59.33
CA VAL DA 5 -75.41 84.26 59.86
C VAL DA 5 -73.96 83.79 59.93
N GLY DA 6 -73.07 84.74 60.15
CA GLY DA 6 -71.65 84.45 60.25
C GLY DA 6 -70.82 85.60 59.74
N ARG DA 7 -69.53 85.53 60.06
CA ARG DA 7 -68.55 86.50 59.61
C ARG DA 7 -67.43 85.79 58.89
N ILE DA 8 -67.02 86.33 57.75
CA ILE DA 8 -65.94 85.76 56.96
C ILE DA 8 -64.67 86.55 57.26
N GLY DA 9 -63.62 85.85 57.68
CA GLY DA 9 -62.37 86.52 57.99
C GLY DA 9 -61.54 86.80 56.75
N PHE DA 10 -60.72 87.86 56.85
CA PHE DA 10 -59.82 88.27 55.77
C PHE DA 10 -60.58 88.56 54.48
N LEU DA 11 -61.84 88.99 54.59
CA LEU DA 11 -62.62 89.33 53.41
C LEU DA 11 -63.64 90.40 53.83
N THR DA 12 -63.34 91.65 53.49
CA THR DA 12 -64.26 92.74 53.79
C THR DA 12 -65.48 92.69 52.87
N THR DA 13 -65.26 92.51 51.57
CA THR DA 13 -66.32 92.59 50.58
C THR DA 13 -66.26 91.40 49.64
N GLY DA 14 -67.39 90.76 49.41
CA GLY DA 14 -67.45 89.64 48.49
C GLY DA 14 -68.86 89.16 48.29
N LYS DA 15 -68.97 88.06 47.55
CA LYS DA 15 -70.25 87.43 47.26
C LYS DA 15 -70.28 86.02 47.83
N LEU DA 16 -71.47 85.59 48.26
CA LEU DA 16 -71.72 84.23 48.72
C LEU DA 16 -72.80 83.64 47.82
N GLY DA 17 -72.45 82.59 47.08
CA GLY DA 17 -73.36 81.93 46.18
C GLY DA 17 -73.85 80.61 46.74
N ILE DA 18 -75.17 80.47 46.82
CA ILE DA 18 -75.82 79.24 47.24
C ILE DA 18 -76.50 78.64 46.02
N LYS DA 19 -76.16 77.39 45.70
CA LYS DA 19 -76.69 76.73 44.52
C LYS DA 19 -77.23 75.36 44.90
N LEU DA 20 -78.47 75.09 44.54
CA LEU DA 20 -79.09 73.82 44.91
C LEU DA 20 -78.46 72.68 44.11
N ARG DA 21 -78.51 71.48 44.70
CA ARG DA 21 -78.02 70.27 44.04
C ARG DA 21 -79.14 69.34 43.62
N GLY DA 22 -80.35 69.53 44.13
CA GLY DA 22 -81.50 68.77 43.70
C GLY DA 22 -82.71 69.67 43.56
N VAL DA 23 -83.83 69.07 43.19
CA VAL DA 23 -85.08 69.82 43.09
C VAL DA 23 -85.64 70.05 44.47
N LEU DA 24 -85.97 71.30 44.78
CA LEU DA 24 -86.60 71.65 46.05
C LEU DA 24 -88.05 72.02 45.80
N ILE DA 25 -88.92 71.57 46.69
CA ILE DA 25 -90.37 71.73 46.51
C ILE DA 25 -90.90 72.62 47.63
N ASP DA 26 -91.71 73.61 47.25
CA ASP DA 26 -92.32 74.55 48.18
C ASP DA 26 -93.84 74.45 47.98
N GLU DA 27 -94.50 73.66 48.82
CA GLU DA 27 -95.94 73.45 48.66
C GLU DA 27 -96.77 74.52 49.31
N SER DA 28 -96.13 75.42 50.05
CA SER DA 28 -96.86 76.45 50.80
C SER DA 28 -97.20 77.69 50.01
N THR DA 29 -96.81 77.73 48.74
CA THR DA 29 -97.04 78.93 47.95
C THR DA 29 -98.15 78.79 46.94
N THR DA 30 -98.20 79.72 45.98
CA THR DA 30 -99.16 79.62 44.91
C THR DA 30 -98.78 78.32 44.23
N PRO DA 31 -99.76 77.51 43.77
CA PRO DA 31 -99.42 76.18 43.28
C PRO DA 31 -98.24 75.50 43.99
N ASN DA 32 -97.09 75.39 43.36
CA ASN DA 32 -95.99 74.67 43.98
C ASN DA 32 -94.65 75.18 43.49
N THR DA 33 -93.86 75.83 44.35
CA THR DA 33 -92.62 76.36 43.79
C THR DA 33 -91.51 75.32 43.66
N THR DA 34 -91.22 74.93 42.43
CA THR DA 34 -90.19 73.95 42.15
C THR DA 34 -88.88 74.69 41.92
N TYR DA 35 -88.13 74.89 43.00
CA TYR DA 35 -86.78 75.44 42.87
C TYR DA 35 -85.90 74.41 42.19
N LEU DA 36 -85.24 74.83 41.12
CA LEU DA 36 -84.44 73.90 40.35
C LEU DA 36 -82.95 74.13 40.59
N PRO DA 37 -82.15 73.07 40.52
CA PRO DA 37 -80.73 73.20 40.83
C PRO DA 37 -79.96 73.90 39.72
N GLY DA 38 -78.71 74.24 40.02
CA GLY DA 38 -77.82 74.85 39.06
C GLY DA 38 -77.95 76.35 38.93
N ILE DA 39 -78.89 76.97 39.61
CA ILE DA 39 -79.08 78.42 39.57
C ILE DA 39 -78.61 78.97 40.91
N GLU DA 40 -77.62 79.86 40.87
CA GLU DA 40 -76.91 80.29 42.06
C GLU DA 40 -77.46 81.61 42.55
N SER DA 41 -77.95 81.62 43.79
CA SER DA 41 -78.41 82.84 44.44
C SER DA 41 -77.23 83.51 45.13
N PHE DA 42 -77.04 84.80 44.84
CA PHE DA 42 -75.90 85.55 45.34
C PHE DA 42 -76.34 86.49 46.47
N PHE DA 43 -75.57 86.48 47.56
CA PHE DA 43 -75.77 87.39 48.66
C PHE DA 43 -74.48 88.17 48.91
N ASN DA 44 -74.63 89.36 49.48
CA ASN DA 44 -73.48 90.22 49.73
C ASN DA 44 -72.87 89.90 51.08
N ILE DA 45 -71.54 89.99 51.14
CA ILE DA 45 -70.84 90.04 52.43
C ILE DA 45 -70.06 91.35 52.42
N THR DA 46 -70.36 92.21 53.39
CA THR DA 46 -69.75 93.52 53.52
C THR DA 46 -69.19 93.68 54.92
N ALA DA 47 -67.99 94.25 55.00
CA ALA DA 47 -67.30 94.46 56.27
C ALA DA 47 -67.15 93.16 57.05
N ASN DA 48 -66.84 92.08 56.33
CA ASN DA 48 -66.65 90.76 56.90
C ASN DA 48 -67.92 90.20 57.54
N VAL DA 49 -69.09 90.63 57.09
CA VAL DA 49 -70.35 90.23 57.70
C VAL DA 49 -71.27 89.67 56.62
N LEU DA 50 -71.84 88.50 56.88
CA LEU DA 50 -72.92 87.98 56.04
C LEU DA 50 -74.10 88.93 56.16
N THR DA 51 -74.35 89.72 55.11
CA THR DA 51 -75.31 90.80 55.18
C THR DA 51 -76.71 90.30 55.53
N SER DA 52 -77.32 89.54 54.62
CA SER DA 52 -78.68 89.04 54.84
C SER DA 52 -78.82 87.77 54.02
N VAL DA 53 -78.72 86.63 54.68
CA VAL DA 53 -78.79 85.33 54.02
C VAL DA 53 -80.11 84.68 54.44
N SER DA 54 -81.09 84.73 53.57
CA SER DA 54 -82.39 84.08 53.79
C SER DA 54 -82.57 83.03 52.70
N TYR DA 55 -82.53 81.76 53.08
CA TYR DA 55 -82.64 80.71 52.08
C TYR DA 55 -83.66 79.68 52.52
N PRO DA 56 -84.37 79.07 51.58
CA PRO DA 56 -85.30 77.99 51.95
C PRO DA 56 -84.55 76.83 52.60
N GLU DA 57 -85.18 76.25 53.61
CA GLU DA 57 -84.61 75.10 54.28
C GLU DA 57 -84.62 73.89 53.36
N THR DA 58 -83.66 72.99 53.56
CA THR DA 58 -83.54 71.78 52.77
C THR DA 58 -83.41 70.52 53.61
N GLU DA 59 -83.51 70.63 54.94
CA GLU DA 59 -83.30 69.46 55.79
C GLU DA 59 -84.46 68.47 55.67
N THR DA 60 -85.69 68.97 55.55
CA THR DA 60 -86.84 68.08 55.49
C THR DA 60 -86.79 67.17 54.27
N GLN DA 61 -86.45 67.72 53.12
CA GLN DA 61 -86.37 66.94 51.90
C GLN DA 61 -84.98 66.38 51.65
N ASN DA 62 -84.01 66.70 52.51
CA ASN DA 62 -82.65 66.17 52.43
C ASN DA 62 -82.01 66.48 51.09
N VAL DA 63 -82.03 67.76 50.72
CA VAL DA 63 -81.44 68.23 49.47
C VAL DA 63 -80.19 69.02 49.81
N THR DA 64 -79.08 68.69 49.16
CA THR DA 64 -77.82 69.36 49.42
C THR DA 64 -77.75 70.69 48.67
N ALA DA 65 -76.99 71.62 49.24
CA ALA DA 65 -76.78 72.93 48.64
C ALA DA 65 -75.31 73.28 48.73
N THR DA 66 -74.77 73.81 47.64
CA THR DA 66 -73.37 74.23 47.57
C THR DA 66 -73.26 75.69 47.97
N PHE DA 67 -72.43 75.96 48.97
CA PHE DA 67 -72.11 77.31 49.39
C PHE DA 67 -70.70 77.65 48.92
N SER DA 68 -70.55 78.78 48.25
CA SER DA 68 -69.27 79.20 47.72
C SER DA 68 -69.04 80.68 48.02
N ILE DA 69 -67.78 81.03 48.26
CA ILE DA 69 -67.39 82.41 48.55
C ILE DA 69 -66.52 82.90 47.41
N TYR DA 70 -66.84 84.09 46.88
CA TYR DA 70 -66.09 84.69 45.79
C TYR DA 70 -65.71 86.12 46.15
N SER DA 71 -64.60 86.56 45.60
CA SER DA 71 -64.23 87.97 45.66
C SER DA 71 -65.04 88.76 44.64
N VAL DA 72 -65.27 90.03 44.95
CA VAL DA 72 -66.02 90.92 44.06
C VAL DA 72 -65.03 91.65 43.17
N ASP DA 73 -65.35 91.71 41.88
CA ASP DA 73 -64.51 92.42 40.92
C ASP DA 73 -64.77 93.92 41.02
N GLY DA 74 -64.28 94.69 40.05
CA GLY DA 74 -64.55 96.11 40.03
C GLY DA 74 -66.02 96.40 39.89
N SER DA 75 -66.73 95.62 39.06
CA SER DA 75 -68.15 95.79 38.83
C SER DA 75 -69.01 95.00 39.82
N SER DA 76 -68.45 94.67 40.98
CA SER DA 76 -69.14 93.98 42.07
C SER DA 76 -69.61 92.58 41.68
N ASN DA 77 -69.23 92.09 40.52
CA ASN DA 77 -69.58 90.73 40.14
C ASN DA 77 -68.67 89.74 40.86
N PRO DA 78 -69.19 88.51 41.15
CA PRO DA 78 -68.21 87.61 41.75
C PRO DA 78 -67.21 87.11 40.72
N VAL DA 79 -65.92 87.12 41.07
CA VAL DA 79 -64.93 86.54 40.18
C VAL DA 79 -65.08 85.07 40.55
N PHE DA 80 -64.60 84.15 39.74
CA PHE DA 80 -64.85 82.75 40.09
C PHE DA 80 -63.67 81.84 40.43
N PRO DA 81 -63.02 82.06 41.59
CA PRO DA 81 -61.98 81.10 41.94
C PRO DA 81 -62.47 80.18 43.06
N ALA DA 82 -63.76 80.28 43.39
CA ALA DA 82 -64.35 79.76 44.62
C ALA DA 82 -63.39 79.71 45.79
N LEU DA 83 -63.09 80.85 46.39
CA LEU DA 83 -62.18 80.90 47.55
C LEU DA 83 -62.46 79.77 48.50
N LEU DA 84 -63.74 79.56 48.83
CA LEU DA 84 -64.10 78.42 49.68
C LEU DA 84 -65.48 77.95 49.25
N SER DA 85 -65.57 76.70 48.79
CA SER DA 85 -66.82 76.12 48.35
C SER DA 85 -66.98 74.75 48.98
N PHE DA 86 -68.22 74.40 49.31
CA PHE DA 86 -68.52 73.13 49.95
C PHE DA 86 -70.00 72.84 49.80
N ASP DA 87 -70.42 71.68 50.32
CA ASP DA 87 -71.81 71.26 50.28
C ASP DA 87 -72.34 71.06 51.68
N ALA DA 88 -73.56 71.53 51.93
CA ALA DA 88 -74.18 71.41 53.24
C ALA DA 88 -75.68 71.43 53.07
N ILE DA 89 -76.38 71.05 54.14
CA ILE DA 89 -77.84 71.03 54.19
C ILE DA 89 -78.28 72.17 55.09
N VAL DA 90 -79.19 72.99 54.59
CA VAL DA 90 -79.75 74.08 55.40
C VAL DA 90 -80.76 73.49 56.36
N PRO DA 91 -80.55 73.59 57.67
CA PRO DA 91 -81.50 73.00 58.63
C PRO DA 91 -82.80 73.78 58.66
N ASN DA 92 -83.86 73.07 59.06
CA ASN DA 92 -85.19 73.67 59.19
C ASN DA 92 -85.30 74.37 60.54
N VAL DA 93 -84.49 75.42 60.70
CA VAL DA 93 -84.46 76.22 61.92
C VAL DA 93 -84.51 77.68 61.52
N ALA DA 94 -84.85 78.52 62.51
CA ALA DA 94 -84.98 79.95 62.24
C ALA DA 94 -83.66 80.57 61.80
N SER DA 95 -82.57 80.20 62.46
CA SER DA 95 -81.26 80.78 62.12
C SER DA 95 -80.18 79.76 62.39
N VAL DA 96 -79.18 79.73 61.51
CA VAL DA 96 -78.02 78.88 61.67
C VAL DA 96 -76.79 79.70 61.31
N GLU DA 97 -75.68 79.42 61.99
CA GLU DA 97 -74.43 80.14 61.74
C GLU DA 97 -73.60 79.40 60.70
N PHE DA 98 -72.95 80.18 59.84
CA PHE DA 98 -72.14 79.62 58.76
C PHE DA 98 -71.03 78.73 59.28
N ASP DA 99 -70.62 78.90 60.54
CA ASP DA 99 -69.60 78.05 61.15
C ASP DA 99 -70.00 76.58 61.09
N VAL DA 100 -71.21 76.26 61.55
CA VAL DA 100 -71.59 74.86 61.70
C VAL DA 100 -71.65 74.16 60.36
N LEU DA 101 -72.14 74.85 59.33
CA LEU DA 101 -72.16 74.30 57.98
C LEU DA 101 -70.83 74.58 57.30
N ALA DA 102 -69.81 73.84 57.72
CA ALA DA 102 -68.48 73.92 57.13
C ALA DA 102 -67.94 72.51 56.93
N PRO DA 103 -67.13 72.31 55.89
CA PRO DA 103 -66.73 70.94 55.54
C PRO DA 103 -65.98 70.25 56.67
N THR DA 104 -66.17 68.93 56.74
CA THR DA 104 -65.56 68.09 57.74
C THR DA 104 -64.94 66.88 57.06
N GLY DA 105 -63.86 66.38 57.65
CA GLY DA 105 -63.19 65.23 57.07
C GLY DA 105 -63.82 63.89 57.38
N VAL DA 106 -64.95 63.88 58.10
CA VAL DA 106 -65.55 62.62 58.52
C VAL DA 106 -66.37 62.03 57.39
N VAL DA 107 -65.75 61.17 56.58
CA VAL DA 107 -66.47 60.43 55.55
C VAL DA 107 -67.18 59.27 56.23
N ASN DA 108 -68.08 58.60 55.50
CA ASN DA 108 -68.85 57.52 56.09
C ASN DA 108 -67.95 56.38 56.57
N ASN DA 109 -66.97 56.01 55.75
CA ASN DA 109 -66.04 54.95 56.12
C ASN DA 109 -65.34 55.24 57.45
N GLN DA 110 -65.06 56.51 57.73
CA GLN DA 110 -64.41 56.93 58.97
C GLN DA 110 -65.42 57.44 59.98
N LEU DA 111 -66.66 56.98 59.92
CA LEU DA 111 -67.71 57.54 60.76
C LEU DA 111 -67.59 57.07 62.21
N ASP DA 112 -67.72 55.77 62.44
CA ASP DA 112 -67.76 55.25 63.80
C ASP DA 112 -66.53 55.66 64.60
N THR DA 113 -65.34 55.46 64.02
CA THR DA 113 -64.11 55.88 64.68
C THR DA 113 -64.19 57.33 65.13
N SER DA 114 -64.66 58.21 64.25
CA SER DA 114 -64.81 59.62 64.61
C SER DA 114 -65.65 59.76 65.87
N ALA DA 115 -66.83 59.11 65.89
CA ALA DA 115 -67.67 59.17 67.08
C ALA DA 115 -66.90 58.72 68.31
N LEU DA 116 -66.14 57.63 68.17
CA LEU DA 116 -65.33 57.15 69.27
C LEU DA 116 -64.44 58.26 69.81
N ARG DA 117 -63.71 58.94 68.93
CA ARG DA 117 -62.87 60.06 69.37
C ARG DA 117 -63.72 61.10 70.07
N ILE DA 118 -64.87 61.44 69.49
CA ILE DA 118 -65.74 62.44 70.08
C ILE DA 118 -66.01 62.09 71.54
N ALA DA 119 -66.22 60.80 71.81
CA ALA DA 119 -66.55 60.39 73.17
C ALA DA 119 -65.52 60.91 74.17
N LYS DA 120 -64.24 60.65 73.92
CA LYS DA 120 -63.24 61.06 74.90
C LYS DA 120 -63.21 62.57 75.02
N ILE DA 121 -63.42 63.28 73.91
CA ILE DA 121 -63.49 64.73 73.97
C ILE DA 121 -64.58 65.16 74.93
N ILE DA 122 -65.78 64.59 74.76
CA ILE DA 122 -66.88 64.95 75.65
C ILE DA 122 -66.59 64.48 77.06
N ALA DA 123 -65.80 63.41 77.19
CA ALA DA 123 -65.44 62.92 78.51
C ALA DA 123 -64.38 63.80 79.16
N ASN DA 124 -63.70 64.65 78.40
CA ASN DA 124 -62.61 65.44 78.97
C ASN DA 124 -63.08 66.83 79.38
N ASP DA 125 -63.71 67.55 78.47
CA ASP DA 125 -64.14 68.91 78.76
C ASP DA 125 -65.25 68.89 79.80
N PRO DA 126 -65.05 69.50 80.98
CA PRO DA 126 -66.11 69.48 81.99
C PRO DA 126 -67.40 70.15 81.54
N ALA DA 127 -67.29 71.21 80.74
CA ALA DA 127 -68.49 71.92 80.28
C ALA DA 127 -69.36 71.01 79.41
N LEU DA 128 -68.76 70.34 78.43
CA LEU DA 128 -69.52 69.40 77.61
C LEU DA 128 -70.03 68.24 78.45
N ALA DA 129 -69.21 67.76 79.40
CA ALA DA 129 -69.60 66.63 80.22
C ALA DA 129 -70.85 66.94 81.03
N GLN DA 130 -70.91 68.12 81.65
CA GLN DA 130 -72.11 68.49 82.38
C GLN DA 130 -73.25 68.85 81.43
N LYS DA 131 -72.94 69.34 80.23
CA LYS DA 131 -73.99 69.63 79.25
C LYS DA 131 -74.67 68.38 78.75
N VAL DA 132 -73.98 67.23 78.77
CA VAL DA 132 -74.52 66.00 78.22
C VAL DA 132 -74.82 64.95 79.28
N ALA DA 133 -74.46 65.19 80.53
CA ALA DA 133 -74.57 64.16 81.56
C ALA DA 133 -76.01 63.71 81.74
N GLY DA 134 -76.20 62.38 81.78
CA GLY DA 134 -77.52 61.82 82.03
C GLY DA 134 -77.77 61.71 83.51
N ALA DA 135 -78.91 62.22 83.95
CA ALA DA 135 -79.21 62.33 85.37
C ALA DA 135 -80.71 62.49 85.53
N PRO DA 136 -81.23 62.33 86.75
CA PRO DA 136 -82.65 62.63 86.99
C PRO DA 136 -83.03 64.08 86.77
N TYR DA 137 -82.07 65.03 86.81
CA TYR DA 137 -82.34 66.44 86.62
C TYR DA 137 -83.47 66.92 87.52
N PRO DA 138 -83.23 67.07 88.83
CA PRO DA 138 -84.32 67.40 89.75
C PRO DA 138 -85.03 68.68 89.35
N ARG DA 139 -86.35 68.68 89.56
CA ARG DA 139 -87.20 69.81 89.21
C ARG DA 139 -88.04 70.32 90.36
N GLY DA 140 -88.14 69.60 91.46
CA GLY DA 140 -88.94 70.02 92.58
C GLY DA 140 -90.29 69.32 92.65
N ALA DA 141 -91.35 70.02 92.25
CA ALA DA 141 -92.70 69.47 92.29
C ALA DA 141 -93.34 69.60 90.91
N TYR DA 142 -94.25 68.67 90.62
CA TYR DA 142 -94.95 68.69 89.35
C TYR DA 142 -95.91 69.86 89.30
N SER DA 143 -96.00 70.48 88.12
CA SER DA 143 -97.00 71.50 87.86
C SER DA 143 -97.30 71.50 86.37
N ALA DA 144 -98.59 71.63 86.04
CA ALA DA 144 -99.02 71.50 84.64
C ALA DA 144 -98.74 72.74 83.81
N THR DA 145 -98.40 73.86 84.44
CA THR DA 145 -98.19 75.09 83.68
C THR DA 145 -96.94 74.99 82.81
N GLU DA 146 -95.85 74.45 83.35
CA GLU DA 146 -94.59 74.41 82.63
C GLU DA 146 -94.37 73.04 82.00
N THR DA 147 -93.55 73.03 80.95
CA THR DA 147 -93.24 71.82 80.22
C THR DA 147 -92.15 71.01 80.93
N TYR DA 148 -91.98 69.77 80.49
CA TYR DA 148 -90.96 68.88 81.04
C TYR DA 148 -90.31 68.12 79.92
N LEU DA 149 -88.98 67.99 79.97
CA LEU DA 149 -88.21 67.29 78.96
C LEU DA 149 -87.85 65.89 79.47
N TYR DA 150 -87.05 65.19 78.68
CA TYR DA 150 -86.68 63.82 79.03
C TYR DA 150 -85.80 63.80 80.28
N GLY DA 151 -85.95 62.74 81.07
CA GLY DA 151 -85.13 62.51 82.23
C GLY DA 151 -85.46 63.34 83.44
N GLU DA 152 -86.15 64.47 83.28
CA GLU DA 152 -86.44 65.35 84.41
C GLU DA 152 -87.32 64.64 85.43
N MET DA 153 -86.96 64.77 86.71
CA MET DA 153 -87.68 64.14 87.80
C MET DA 153 -88.43 65.20 88.60
N VAL DA 154 -89.70 64.91 88.88
CA VAL DA 154 -90.56 65.79 89.66
C VAL DA 154 -91.17 64.99 90.80
N SER DA 155 -91.80 65.70 91.73
CA SER DA 155 -92.48 65.10 92.86
C SER DA 155 -93.97 65.39 92.75
N TYR DA 156 -94.79 64.36 92.94
CA TYR DA 156 -96.25 64.48 92.86
C TYR DA 156 -96.87 63.55 93.87
N PHE DA 157 -97.65 64.11 94.80
CA PHE DA 157 -98.39 63.33 95.80
C PHE DA 157 -97.47 62.40 96.58
N GLY DA 158 -96.27 62.88 96.88
CA GLY DA 158 -95.32 62.13 97.66
C GLY DA 158 -94.54 61.09 96.88
N LYS DA 159 -94.77 60.96 95.59
CA LYS DA 159 -94.05 60.02 94.74
C LYS DA 159 -93.11 60.81 93.84
N ASN DA 160 -92.09 60.12 93.33
CA ASN DA 160 -91.09 60.73 92.45
C ASN DA 160 -91.23 60.15 91.05
N TYR DA 161 -91.62 61.00 90.10
CA TYR DA 161 -91.86 60.58 88.73
C TYR DA 161 -90.78 61.17 87.84
N ILE DA 162 -90.09 60.32 87.09
CA ILE DA 162 -89.06 60.75 86.15
C ILE DA 162 -89.65 60.73 84.75
N SER DA 163 -89.61 61.87 84.07
CA SER DA 163 -90.12 61.95 82.71
C SER DA 163 -89.33 61.05 81.79
N LYS DA 164 -90.04 60.34 80.92
CA LYS DA 164 -89.40 59.41 79.99
C LYS DA 164 -89.80 59.66 78.54
N SER DA 165 -90.44 60.79 78.26
CA SER DA 165 -90.78 61.13 76.89
C SER DA 165 -89.63 61.87 76.23
N LEU DA 166 -89.33 61.50 74.98
CA LEU DA 166 -88.29 62.21 74.23
C LEU DA 166 -88.70 63.64 73.88
N SER DA 167 -89.99 63.91 73.85
CA SER DA 167 -90.56 65.20 73.51
C SER DA 167 -91.08 65.91 74.75
N PRO DA 168 -91.12 67.24 74.75
CA PRO DA 168 -91.66 67.96 75.90
C PRO DA 168 -93.12 67.59 76.14
N ILE DA 169 -93.48 67.47 77.40
CA ILE DA 169 -94.85 67.15 77.81
C ILE DA 169 -95.34 68.24 78.75
N ILE DA 170 -96.53 68.74 78.49
CA ILE DA 170 -97.14 69.80 79.29
C ILE DA 170 -98.55 69.35 79.66
N ASN DA 171 -98.92 69.57 80.92
CA ASN DA 171 -100.22 69.17 81.45
C ASN DA 171 -100.47 67.67 81.23
N ILE DA 172 -99.44 66.87 81.48
CA ILE DA 172 -99.56 65.43 81.51
C ILE DA 172 -99.35 65.00 82.96
N LEU DA 173 -100.35 64.34 83.53
CA LEU DA 173 -100.27 63.96 84.92
C LEU DA 173 -99.15 62.94 85.13
N PRO DA 174 -98.38 63.07 86.20
CA PRO DA 174 -97.25 62.15 86.41
C PRO DA 174 -97.67 60.69 86.54
N THR DA 175 -98.90 60.43 86.97
CA THR DA 175 -99.33 59.05 87.18
C THR DA 175 -99.40 58.25 85.88
N VAL DA 176 -99.44 58.93 84.73
CA VAL DA 176 -99.52 58.24 83.46
C VAL DA 176 -98.20 57.52 83.20
N THR DA 177 -98.25 56.20 83.13
CA THR DA 177 -97.04 55.40 82.97
C THR DA 177 -96.45 55.48 81.56
N ASP DA 178 -97.18 56.06 80.60
CA ASP DA 178 -96.68 56.15 79.24
C ASP DA 178 -95.68 57.28 79.05
N SER DA 179 -95.55 58.19 80.01
CA SER DA 179 -94.62 59.30 79.91
C SER DA 179 -93.77 59.52 81.15
N TRP DA 180 -94.06 58.83 82.26
CA TRP DA 180 -93.29 58.99 83.48
C TRP DA 180 -92.87 57.61 83.99
N TYR DA 181 -91.71 57.56 84.64
CA TYR DA 181 -91.18 56.29 85.11
C TYR DA 181 -91.66 55.96 86.52
N GLU DA 182 -91.69 56.97 87.40
CA GLU DA 182 -92.16 56.79 88.77
C GLU DA 182 -91.27 55.74 89.43
N LEU DA 183 -90.02 56.10 89.73
CA LEU DA 183 -89.18 55.21 90.51
C LEU DA 183 -89.84 54.90 91.84
N VAL DA 184 -89.83 53.62 92.21
CA VAL DA 184 -90.45 53.16 93.45
C VAL DA 184 -89.42 53.26 94.57
N ILE DA 185 -89.82 53.87 95.68
CA ILE DA 185 -88.87 54.18 96.75
C ILE DA 185 -88.43 52.90 97.44
N THR DA 186 -87.12 52.78 97.67
CA THR DA 186 -86.58 51.62 98.36
C THR DA 186 -87.11 51.58 99.80
N LEU DA 187 -87.25 50.36 100.32
CA LEU DA 187 -87.90 50.23 101.61
C LEU DA 187 -86.91 49.84 102.69
N PRO DA 188 -86.95 50.49 103.86
CA PRO DA 188 -86.13 50.05 104.98
C PRO DA 188 -86.48 48.64 105.41
N GLU DA 189 -85.47 47.91 105.87
CA GLU DA 189 -85.61 46.49 106.15
C GLU DA 189 -85.73 46.21 107.65
N SER DA 190 -84.76 46.68 108.43
CA SER DA 190 -84.75 46.47 109.88
C SER DA 190 -85.44 47.63 110.60
N VAL DA 191 -86.64 47.98 110.15
CA VAL DA 191 -87.46 49.01 110.76
C VAL DA 191 -88.84 48.43 110.98
N SER DA 192 -89.53 48.91 112.01
CA SER DA 192 -90.91 48.51 112.25
C SER DA 192 -91.75 48.84 111.03
N VAL DA 193 -92.57 47.87 110.60
CA VAL DA 193 -93.24 47.95 109.31
C VAL DA 193 -94.76 47.81 109.46
N ILE DA 194 -95.27 47.72 110.68
CA ILE DA 194 -96.70 47.54 110.91
C ILE DA 194 -97.37 48.88 110.61
N ALA DA 195 -97.94 49.01 109.41
CA ALA DA 195 -98.58 50.25 109.01
C ALA DA 195 -99.72 49.89 108.06
N THR DA 196 -100.94 49.83 108.59
CA THR DA 196 -102.11 49.48 107.81
C THR DA 196 -103.17 50.56 107.93
N GLY DA 197 -104.36 50.29 107.43
CA GLY DA 197 -105.46 51.21 107.55
C GLY DA 197 -106.23 51.27 106.25
N SER DA 198 -107.04 52.33 106.12
CA SER DA 198 -107.86 52.57 104.93
C SER DA 198 -108.78 51.39 104.63
N ASP DA 199 -109.30 50.76 105.68
CA ASP DA 199 -110.16 49.58 105.54
C ASP DA 199 -111.49 50.03 104.96
N THR DA 200 -111.68 49.81 103.67
CA THR DA 200 -112.91 50.17 102.99
C THR DA 200 -113.76 48.98 102.60
N ALA DA 201 -113.22 47.76 102.66
CA ALA DA 201 -113.99 46.53 102.50
C ALA DA 201 -114.74 46.52 101.16
N TYR DA 202 -113.96 46.42 100.10
CA TYR DA 202 -114.47 46.55 98.74
C TYR DA 202 -115.53 45.49 98.45
N GLY DA 203 -116.16 45.63 97.28
CA GLY DA 203 -117.20 44.70 96.89
C GLY DA 203 -116.90 43.88 95.64
N THR DA 204 -115.63 43.54 95.44
CA THR DA 204 -115.20 42.74 94.29
C THR DA 204 -115.67 43.34 92.97
N GLY DA 205 -115.52 44.66 92.85
CA GLY DA 205 -115.78 45.35 91.61
C GLY DA 205 -114.76 46.44 91.42
N TRP DA 206 -113.68 46.37 92.19
CA TRP DA 206 -112.65 47.39 92.20
C TRP DA 206 -111.62 47.10 91.13
N ASN DA 207 -111.23 48.12 90.39
CA ASN DA 207 -110.10 48.05 89.47
C ASN DA 207 -109.36 49.39 89.51
N GLY DA 208 -108.11 49.40 89.09
CA GLY DA 208 -107.38 50.66 89.01
C GLY DA 208 -107.06 51.29 90.34
N SER DA 209 -107.28 52.60 90.47
CA SER DA 209 -107.02 53.33 91.72
C SER DA 209 -105.75 52.98 92.49
N LEU DA 210 -105.81 53.03 93.82
CA LEU DA 210 -104.64 52.75 94.64
C LEU DA 210 -105.03 52.43 96.09
N LEU DA 211 -106.17 51.80 96.29
CA LEU DA 211 -106.55 51.41 97.65
C LEU DA 211 -105.91 50.08 98.01
N VAL DA 212 -104.68 50.13 98.49
CA VAL DA 212 -103.97 48.90 98.85
C VAL DA 212 -104.55 47.92 99.88
N PRO DA 213 -104.99 48.36 101.08
CA PRO DA 213 -105.47 47.45 102.14
C PRO DA 213 -105.73 45.98 101.85
N THR DA 214 -106.68 45.63 100.99
CA THR DA 214 -107.03 44.23 100.70
C THR DA 214 -106.97 43.38 101.97
N GLN DA 215 -107.79 43.78 102.94
CA GLN DA 215 -107.79 43.18 104.27
C GLN DA 215 -108.48 41.82 104.23
N ASN DA 216 -108.57 41.19 105.41
CA ASN DA 216 -109.22 39.90 105.54
C ASN DA 216 -110.73 40.07 105.64
N ALA DA 217 -111.31 40.84 104.72
CA ALA DA 217 -112.76 40.96 104.62
C ALA DA 217 -113.28 40.84 103.20
N VAL DA 218 -112.46 41.03 102.18
CA VAL DA 218 -112.88 40.85 100.80
C VAL DA 218 -112.08 39.80 100.05
N TYR DA 219 -110.80 39.60 100.36
CA TYR DA 219 -110.03 38.66 99.56
C TYR DA 219 -110.39 37.21 99.88
N ASP DA 220 -110.62 36.89 101.15
CA ASP DA 220 -110.90 35.51 101.52
C ASP DA 220 -112.32 35.09 101.17
N LYS DA 221 -113.26 36.03 101.06
CA LYS DA 221 -114.58 35.70 100.53
C LYS DA 221 -114.46 35.23 99.08
N ILE DA 222 -113.68 35.95 98.28
CA ILE DA 222 -113.43 35.53 96.90
C ILE DA 222 -112.68 34.21 96.87
N VAL DA 223 -111.72 34.03 97.78
CA VAL DA 223 -110.95 32.79 97.83
C VAL DA 223 -111.87 31.61 98.10
N THR DA 224 -112.77 31.77 99.07
CA THR DA 224 -113.72 30.71 99.39
C THR DA 224 -114.66 30.46 98.22
N VAL DA 225 -115.10 31.52 97.55
CA VAL DA 225 -115.98 31.34 96.39
C VAL DA 225 -115.29 30.52 95.32
N ASP DA 226 -114.03 30.86 95.01
CA ASP DA 226 -113.30 30.13 93.97
C ASP DA 226 -113.02 28.70 94.38
N ALA DA 227 -112.64 28.47 95.64
CA ALA DA 227 -112.40 27.11 96.09
C ALA DA 227 -113.67 26.27 96.02
N ALA DA 228 -114.79 26.83 96.44
CA ALA DA 228 -116.06 26.11 96.38
C ALA DA 228 -116.46 25.81 94.93
N ILE DA 229 -116.29 26.78 94.03
CA ILE DA 229 -116.70 26.55 92.65
C ILE DA 229 -115.78 25.54 91.98
N ALA DA 230 -114.48 25.55 92.32
CA ALA DA 230 -113.57 24.55 91.77
C ALA DA 230 -113.92 23.16 92.29
N THR DA 231 -114.27 23.04 93.57
CA THR DA 231 -114.69 21.75 94.10
C THR DA 231 -115.99 21.30 93.46
N ALA DA 232 -116.92 22.22 93.20
CA ALA DA 232 -118.15 21.86 92.52
C ALA DA 232 -117.87 21.36 91.10
N ASN DA 233 -116.97 22.03 90.39
CA ASN DA 233 -116.56 21.54 89.07
C ASN DA 233 -115.91 20.17 89.16
N THR DA 234 -115.12 19.94 90.21
CA THR DA 234 -114.52 18.63 90.42
C THR DA 234 -115.58 17.56 90.61
N ASN DA 235 -116.61 17.87 91.40
CA ASN DA 235 -117.69 16.91 91.61
C ASN DA 235 -118.46 16.65 90.31
N ILE DA 236 -118.68 17.69 89.52
CA ILE DA 236 -119.37 17.51 88.25
C ILE DA 236 -118.54 16.66 87.30
N THR DA 237 -117.22 16.87 87.29
CA THR DA 237 -116.34 16.02 86.48
C THR DA 237 -116.38 14.58 86.96
N ASN DA 238 -116.39 14.37 88.28
CA ASN DA 238 -116.43 13.01 88.81
C ASN DA 238 -117.73 12.32 88.45
N LEU DA 239 -118.86 13.02 88.53
CA LEU DA 239 -120.12 12.39 88.15
C LEU DA 239 -120.20 12.18 86.64
N GLY DA 240 -119.55 13.04 85.85
CA GLY DA 240 -119.51 12.83 84.42
C GLY DA 240 -118.68 11.61 84.04
N THR DA 241 -117.57 11.39 84.74
CA THR DA 241 -116.72 10.24 84.41
C THR DA 241 -117.36 8.92 84.84
N ALA DA 242 -118.37 8.96 85.69
CA ALA DA 242 -119.06 7.73 86.08
C ALA DA 242 -119.96 7.18 84.98
N LYS DA 243 -120.17 7.94 83.91
CA LYS DA 243 -121.08 7.57 82.84
C LYS DA 243 -120.35 7.57 81.51
N ALA DA 244 -120.67 6.58 80.67
CA ALA DA 244 -120.11 6.38 79.34
C ALA DA 244 -118.65 5.93 79.41
N ASP DA 245 -118.10 5.50 78.27
CA ASP DA 245 -116.74 5.01 78.16
C ASP DA 245 -116.45 4.76 76.69
N LEU DA 246 -115.18 4.49 76.38
CA LEU DA 246 -114.76 4.27 75.00
C LEU DA 246 -114.23 2.87 74.75
N SER DA 247 -113.29 2.39 75.57
CA SER DA 247 -112.68 1.09 75.33
C SER DA 247 -113.72 -0.02 75.39
N TYR DA 248 -114.61 0.04 76.37
CA TYR DA 248 -115.67 -0.96 76.48
C TYR DA 248 -116.59 -0.90 75.27
N VAL DA 249 -116.97 0.31 74.83
CA VAL DA 249 -117.84 0.45 73.69
C VAL DA 249 -117.19 -0.12 72.44
N ASN DA 250 -115.91 0.18 72.22
CA ASN DA 250 -115.20 -0.37 71.08
C ASN DA 250 -115.11 -1.88 71.16
N THR DA 251 -114.89 -2.42 72.36
CA THR DA 251 -114.83 -3.88 72.52
C THR DA 251 -116.15 -4.53 72.14
N GLN DA 252 -117.26 -4.00 72.65
CA GLN DA 252 -118.56 -4.61 72.35
C GLN DA 252 -118.91 -4.44 70.88
N LEU DA 253 -118.56 -3.29 70.30
CA LEU DA 253 -118.80 -3.08 68.87
C LEU DA 253 -118.00 -4.07 68.04
N SER DA 254 -116.75 -4.35 68.44
CA SER DA 254 -115.96 -5.35 67.75
C SER DA 254 -116.57 -6.74 67.87
N ALA DA 255 -117.09 -7.06 69.06
CA ALA DA 255 -117.75 -8.36 69.22
C ALA DA 255 -118.97 -8.47 68.32
N ASP DA 256 -119.78 -7.41 68.24
CA ASP DA 256 -120.92 -7.42 67.34
C ASP DA 256 -120.47 -7.53 65.89
N GLN DA 257 -119.36 -6.87 65.54
CA GLN DA 257 -118.86 -6.94 64.17
C GLN DA 257 -118.42 -8.36 63.82
N VAL DA 258 -117.72 -9.03 64.74
CA VAL DA 258 -117.23 -10.37 64.41
C VAL DA 258 -118.38 -11.36 64.33
N VAL DA 259 -119.35 -11.25 65.24
CA VAL DA 259 -120.50 -12.17 65.16
C VAL DA 259 -121.32 -11.88 63.90
N LEU DA 260 -121.43 -10.61 63.52
CA LEU DA 260 -122.18 -10.27 62.31
C LEU DA 260 -121.48 -10.78 61.06
N ASP DA 261 -120.15 -10.64 60.99
CA ASP DA 261 -119.42 -11.15 59.84
C ASP DA 261 -119.52 -12.67 59.76
N ALA DA 262 -119.43 -13.35 60.91
CA ALA DA 262 -119.61 -14.79 60.91
C ALA DA 262 -121.01 -15.17 60.43
N LEU DA 263 -122.02 -14.43 60.86
CA LEU DA 263 -123.38 -14.71 60.42
C LEU DA 263 -123.53 -14.53 58.92
N SER DA 264 -122.96 -13.44 58.38
CA SER DA 264 -123.06 -13.20 56.95
C SER DA 264 -122.33 -14.27 56.16
N SER DA 265 -121.17 -14.72 56.66
CA SER DA 265 -120.39 -15.70 55.92
C SER DA 265 -121.03 -17.09 55.96
N GLY DA 266 -121.48 -17.52 57.13
CA GLY DA 266 -121.86 -18.90 57.34
C GLY DA 266 -123.32 -19.24 57.17
N LYS DA 267 -124.16 -18.33 56.66
CA LYS DA 267 -125.59 -18.58 56.60
C LYS DA 267 -126.10 -18.34 55.18
N ALA DA 268 -127.03 -19.19 54.76
CA ALA DA 268 -127.49 -19.18 53.37
C ALA DA 268 -128.44 -18.02 53.13
N ASP DA 269 -128.20 -17.29 52.04
CA ASP DA 269 -129.05 -16.17 51.68
C ASP DA 269 -130.31 -16.65 50.98
N LEU DA 270 -131.28 -15.75 50.86
CA LEU DA 270 -132.55 -16.10 50.24
C LEU DA 270 -132.39 -16.37 48.75
N SER DA 271 -131.53 -15.60 48.08
CA SER DA 271 -131.35 -15.78 46.63
C SER DA 271 -130.75 -17.14 46.31
N TYR DA 272 -129.69 -17.52 47.02
CA TYR DA 272 -129.02 -18.79 46.73
C TYR DA 272 -129.94 -19.97 47.02
N VAL DA 273 -130.63 -19.94 48.16
CA VAL DA 273 -131.51 -21.04 48.50
C VAL DA 273 -132.70 -21.10 47.54
N ASN DA 274 -133.18 -19.92 47.09
CA ASN DA 274 -134.25 -19.91 46.10
C ASN DA 274 -133.81 -20.56 44.81
N THR DA 275 -132.65 -20.17 44.30
CA THR DA 275 -132.16 -20.73 43.05
C THR DA 275 -131.91 -22.22 43.17
N GLN DA 276 -131.38 -22.66 44.32
CA GLN DA 276 -131.14 -24.08 44.53
C GLN DA 276 -132.46 -24.86 44.57
N LEU DA 277 -133.45 -24.35 45.29
CA LEU DA 277 -134.70 -25.07 45.42
C LEU DA 277 -135.48 -25.10 44.12
N ASN DA 278 -135.37 -24.07 43.29
CA ASN DA 278 -136.03 -24.09 42.00
C ASN DA 278 -135.16 -24.71 40.91
N SER DA 279 -134.01 -25.28 41.28
CA SER DA 279 -133.17 -26.00 40.33
C SER DA 279 -133.42 -27.51 40.33
N LYS DA 280 -134.22 -28.02 41.25
CA LYS DA 280 -134.50 -29.45 41.32
C LYS DA 280 -135.80 -29.72 42.07
N THR EA 2 -56.10 88.37 69.38
CA THR EA 2 -54.69 88.55 69.75
C THR EA 2 -54.08 89.71 68.97
N ASN EA 3 -53.50 90.66 69.70
CA ASN EA 3 -52.89 91.84 69.10
C ASN EA 3 -51.38 91.69 69.16
N ILE EA 4 -50.74 91.80 68.00
CA ILE EA 4 -49.29 91.61 67.86
C ILE EA 4 -48.63 92.98 67.85
N VAL EA 5 -47.64 93.16 68.72
CA VAL EA 5 -46.95 94.44 68.87
C VAL EA 5 -45.45 94.20 68.87
N GLY EA 6 -44.71 95.12 68.27
CA GLY EA 6 -43.26 95.03 68.24
C GLY EA 6 -42.69 96.06 67.30
N ARG EA 7 -41.38 96.27 67.42
CA ARG EA 7 -40.65 97.16 66.54
C ARG EA 7 -39.66 96.37 65.69
N ILE EA 8 -39.45 96.84 64.47
CA ILE EA 8 -38.58 96.18 63.51
C ILE EA 8 -37.42 97.13 63.22
N GLY EA 9 -36.25 96.86 63.80
CA GLY EA 9 -35.13 97.74 63.63
C GLY EA 9 -34.54 97.66 62.24
N PHE EA 10 -33.84 98.72 61.85
CA PHE EA 10 -33.24 98.85 60.52
C PHE EA 10 -34.28 98.67 59.42
N LEU EA 11 -35.47 99.22 59.65
CA LEU EA 11 -36.51 99.22 58.62
C LEU EA 11 -37.41 100.42 58.87
N THR EA 12 -37.16 101.50 58.14
CA THR EA 12 -37.94 102.73 58.34
C THR EA 12 -39.42 102.49 58.07
N THR EA 13 -39.73 101.80 56.97
CA THR EA 13 -41.11 101.49 56.64
C THR EA 13 -41.16 100.16 55.90
N GLY EA 14 -42.28 99.46 56.05
CA GLY EA 14 -42.41 98.15 55.44
C GLY EA 14 -43.80 97.61 55.62
N LYS EA 15 -43.99 96.37 55.16
CA LYS EA 15 -45.26 95.68 55.27
C LYS EA 15 -45.06 94.37 56.02
N LEU EA 16 -46.06 93.99 56.80
CA LEU EA 16 -46.08 92.70 57.48
C LEU EA 16 -47.24 91.89 56.92
N GLY EA 17 -46.93 90.76 56.32
CA GLY EA 17 -47.93 89.88 55.73
C GLY EA 17 -48.09 88.62 56.56
N ILE EA 18 -49.34 88.28 56.86
CA ILE EA 18 -49.67 87.09 57.63
C ILE EA 18 -50.66 86.26 56.84
N LYS EA 19 -50.39 84.96 56.73
CA LYS EA 19 -51.22 84.07 55.94
C LYS EA 19 -51.54 82.82 56.74
N LEU EA 20 -52.83 82.48 56.82
CA LEU EA 20 -53.24 81.31 57.59
C LEU EA 20 -52.96 80.03 56.81
N ARG EA 21 -52.54 78.99 57.54
CA ARG EA 21 -52.26 77.71 56.90
C ARG EA 21 -53.53 76.95 56.57
N GLY EA 22 -54.55 77.03 57.43
CA GLY EA 22 -55.77 76.30 57.22
C GLY EA 22 -56.97 77.11 57.66
N VAL EA 23 -58.15 76.53 57.45
CA VAL EA 23 -59.40 77.19 57.80
C VAL EA 23 -59.49 77.33 59.30
N LEU EA 24 -59.80 78.54 59.77
CA LEU EA 24 -59.89 78.82 61.19
C LEU EA 24 -61.32 79.22 61.54
N ILE EA 25 -61.77 78.79 62.70
CA ILE EA 25 -63.12 79.10 63.16
C ILE EA 25 -63.03 79.70 64.56
N ASP EA 26 -63.53 80.92 64.72
CA ASP EA 26 -63.46 81.64 65.98
C ASP EA 26 -64.86 81.88 66.50
N GLU EA 27 -65.17 81.38 67.69
CA GLU EA 27 -66.53 81.49 68.21
C GLU EA 27 -66.67 82.60 69.24
N SER EA 28 -65.56 83.22 69.59
CA SER EA 28 -65.58 84.29 70.57
C SER EA 28 -66.35 85.50 70.04
N THR EA 29 -66.30 85.75 68.74
CA THR EA 29 -66.92 86.97 68.20
C THR EA 29 -68.45 87.02 68.05
N THR EA 30 -68.92 87.68 67.00
CA THR EA 30 -70.36 87.79 66.72
C THR EA 30 -70.68 86.52 65.90
N PRO EA 31 -71.47 86.59 64.78
CA PRO EA 31 -71.57 85.35 63.99
C PRO EA 31 -70.20 84.74 63.83
N ASN EA 32 -70.00 83.51 64.32
CA ASN EA 32 -68.67 82.89 64.32
C ASN EA 32 -67.73 83.23 63.17
N THR EA 33 -66.68 83.97 63.48
CA THR EA 33 -65.73 84.38 62.46
C THR EA 33 -65.01 83.23 61.80
N THR EA 34 -65.25 83.04 60.51
CA THR EA 34 -64.54 82.00 59.77
C THR EA 34 -63.44 82.68 58.96
N TYR EA 35 -62.19 82.30 59.22
CA TYR EA 35 -61.04 82.84 58.52
C TYR EA 35 -60.56 81.82 57.50
N LEU EA 36 -60.35 82.27 56.28
CA LEU EA 36 -59.95 81.42 55.17
C LEU EA 36 -58.44 81.43 55.02
N PRO EA 37 -57.87 80.31 54.56
CA PRO EA 37 -56.42 80.24 54.40
C PRO EA 37 -55.97 80.76 53.04
N GLY EA 38 -54.68 81.02 52.93
CA GLY EA 38 -54.08 81.42 51.68
C GLY EA 38 -54.20 82.90 51.40
N ILE EA 39 -55.07 83.58 52.14
CA ILE EA 39 -55.26 85.02 51.98
C ILE EA 39 -54.25 85.75 52.84
N GLU EA 40 -53.44 86.60 52.22
CA GLU EA 40 -52.35 87.28 52.91
C GLU EA 40 -52.85 88.63 53.42
N SER EA 41 -53.09 88.72 54.73
CA SER EA 41 -53.47 89.98 55.35
C SER EA 41 -52.23 90.83 55.52
N PHE EA 42 -52.31 92.09 55.11
CA PHE EA 42 -51.18 93.00 55.12
C PHE EA 42 -51.41 94.12 56.14
N PHE EA 43 -50.36 94.40 56.90
CA PHE EA 43 -50.36 95.47 57.89
C PHE EA 43 -49.12 96.32 57.66
N ASN EA 44 -49.11 97.51 58.25
CA ASN EA 44 -48.05 98.48 57.99
C ASN EA 44 -47.06 98.51 59.14
N ILE EA 45 -45.77 98.57 58.80
CA ILE EA 45 -44.70 98.83 59.74
C ILE EA 45 -44.24 100.26 59.46
N THR EA 46 -44.72 101.21 60.26
CA THR EA 46 -44.40 102.61 60.08
C THR EA 46 -43.49 103.06 61.21
N ALA EA 47 -42.42 103.78 60.86
CA ALA EA 47 -41.42 104.25 61.82
C ALA EA 47 -40.87 103.09 62.64
N ASN EA 48 -40.54 102.00 61.95
CA ASN EA 48 -39.98 100.78 62.55
C ASN EA 48 -40.95 100.12 63.53
N VAL EA 49 -42.24 100.43 63.45
CA VAL EA 49 -43.23 99.94 64.40
C VAL EA 49 -44.41 99.37 63.63
N LEU EA 50 -44.85 98.17 64.02
CA LEU EA 50 -46.09 97.62 63.47
C LEU EA 50 -47.25 98.52 63.87
N THR EA 51 -48.07 98.88 62.88
CA THR EA 51 -49.12 99.88 63.13
C THR EA 51 -50.24 99.31 63.99
N SER EA 52 -50.97 98.33 63.47
CA SER EA 52 -52.06 97.71 64.20
C SER EA 52 -52.22 96.29 63.69
N VAL EA 53 -51.62 95.34 64.39
CA VAL EA 53 -51.65 93.95 63.96
C VAL EA 53 -52.50 93.13 64.93
N SER EA 54 -53.78 92.97 64.59
CA SER EA 54 -54.69 92.13 65.36
C SER EA 54 -55.00 90.89 64.54
N TYR EA 55 -54.77 89.72 65.13
CA TYR EA 55 -54.94 88.46 64.44
C TYR EA 55 -55.64 87.48 65.37
N PRO EA 56 -56.48 86.60 64.84
CA PRO EA 56 -57.11 85.57 65.68
C PRO EA 56 -56.06 84.61 66.23
N GLU EA 57 -56.29 84.14 67.46
CA GLU EA 57 -55.40 83.16 68.05
C GLU EA 57 -55.58 81.81 67.37
N THR EA 58 -54.50 81.02 67.36
CA THR EA 58 -54.54 79.69 66.78
C THR EA 58 -53.98 78.62 67.70
N GLU EA 59 -53.76 78.94 68.98
CA GLU EA 59 -53.30 77.92 69.92
C GLU EA 59 -54.34 76.81 70.08
N THR EA 60 -55.62 77.19 70.16
CA THR EA 60 -56.66 76.21 70.40
C THR EA 60 -56.77 75.21 69.26
N GLN EA 61 -56.89 75.70 68.03
CA GLN EA 61 -57.11 74.85 66.88
C GLN EA 61 -55.82 74.24 66.33
N ASN EA 62 -54.66 74.70 66.79
CA ASN EA 62 -53.37 74.17 66.34
C ASN EA 62 -53.19 74.36 64.84
N VAL EA 63 -53.22 75.61 64.42
CA VAL EA 63 -53.05 76.00 63.01
C VAL EA 63 -51.91 76.99 62.92
N THR EA 64 -51.00 76.78 61.98
CA THR EA 64 -49.87 77.68 61.84
C THR EA 64 -50.28 78.92 61.05
N ALA EA 65 -49.50 79.98 61.22
CA ALA EA 65 -49.61 81.19 60.42
C ALA EA 65 -48.23 81.60 59.94
N THR EA 66 -48.15 82.01 58.69
CA THR EA 66 -46.89 82.45 58.07
C THR EA 66 -46.76 83.95 58.21
N PHE EA 67 -45.67 84.40 58.80
CA PHE EA 67 -45.35 85.81 58.98
C PHE EA 67 -44.18 86.17 58.09
N SER EA 68 -44.33 87.26 57.34
CA SER EA 68 -43.28 87.76 56.47
C SER EA 68 -43.19 89.27 56.60
N ILE EA 69 -41.98 89.80 56.48
CA ILE EA 69 -41.72 91.23 56.56
C ILE EA 69 -41.13 91.65 55.22
N TYR EA 70 -41.91 92.41 54.46
CA TYR EA 70 -41.52 92.86 53.13
C TYR EA 70 -41.08 94.32 53.18
N SER EA 71 -40.04 94.64 52.41
CA SER EA 71 -39.71 96.02 52.16
C SER EA 71 -40.68 96.62 51.16
N VAL EA 72 -40.69 97.94 51.08
CA VAL EA 72 -41.65 98.67 50.26
C VAL EA 72 -40.90 99.58 49.31
N ASP EA 73 -41.26 99.53 48.03
CA ASP EA 73 -40.65 100.39 47.02
C ASP EA 73 -41.53 101.62 46.82
N GLY EA 74 -41.22 102.41 45.79
CA GLY EA 74 -41.94 103.65 45.55
C GLY EA 74 -43.40 103.46 45.18
N SER EA 75 -43.78 102.27 44.72
CA SER EA 75 -45.16 101.99 44.34
C SER EA 75 -45.98 101.44 45.49
N SER EA 76 -45.43 101.38 46.70
CA SER EA 76 -46.05 100.79 47.88
C SER EA 76 -46.34 99.31 47.72
N ASN EA 77 -45.71 98.65 46.76
CA ASN EA 77 -45.88 97.23 46.55
C ASN EA 77 -44.89 96.47 47.42
N PRO EA 78 -45.34 95.55 48.28
CA PRO EA 78 -44.40 94.76 49.09
C PRO EA 78 -43.42 94.01 48.19
N VAL EA 79 -42.14 94.27 48.36
CA VAL EA 79 -41.13 93.56 47.58
C VAL EA 79 -41.23 92.15 48.08
N PHE EA 80 -41.79 91.26 47.26
CA PHE EA 80 -42.03 89.88 47.71
C PHE EA 80 -40.93 89.00 48.28
N PRO EA 81 -39.66 89.18 47.87
CA PRO EA 81 -38.65 88.41 48.57
C PRO EA 81 -38.53 88.98 49.98
N ALA EA 82 -39.22 88.36 50.94
CA ALA EA 82 -39.39 88.94 52.27
C ALA EA 82 -38.05 88.99 52.98
N LEU EA 83 -37.80 90.06 53.73
CA LEU EA 83 -36.54 90.09 54.47
C LEU EA 83 -36.51 88.98 55.53
N LEU EA 84 -37.60 88.80 56.25
CA LEU EA 84 -37.70 87.77 57.27
C LEU EA 84 -39.04 87.06 57.12
N SER EA 85 -39.05 85.75 57.35
CA SER EA 85 -40.27 84.98 57.17
C SER EA 85 -40.18 83.70 57.98
N PHE EA 86 -41.28 83.30 58.60
CA PHE EA 86 -41.31 82.09 59.40
C PHE EA 86 -42.76 81.67 59.60
N ASP EA 87 -42.94 80.58 60.34
CA ASP EA 87 -44.25 80.03 60.65
C ASP EA 87 -44.38 79.90 62.16
N ALA EA 88 -45.48 80.40 62.70
CA ALA EA 88 -45.68 80.40 64.14
C ALA EA 88 -47.15 80.22 64.47
N ILE EA 89 -47.40 79.77 65.69
CA ILE EA 89 -48.75 79.63 66.22
C ILE EA 89 -49.06 80.89 67.02
N VAL EA 90 -50.16 81.56 66.68
CA VAL EA 90 -50.56 82.77 67.39
C VAL EA 90 -51.07 82.36 68.76
N PRO EA 91 -50.45 82.84 69.84
CA PRO EA 91 -50.86 82.42 71.18
C PRO EA 91 -52.17 83.06 71.60
N ASN EA 92 -52.90 82.35 72.46
CA ASN EA 92 -54.19 82.81 72.93
C ASN EA 92 -54.00 83.77 74.10
N VAL EA 93 -53.56 84.98 73.76
CA VAL EA 93 -53.39 86.05 74.74
C VAL EA 93 -53.93 87.33 74.14
N ALA EA 94 -54.25 88.29 75.02
CA ALA EA 94 -54.78 89.56 74.56
C ALA EA 94 -53.75 90.33 73.75
N SER EA 95 -52.49 90.35 74.21
CA SER EA 95 -51.42 91.05 73.53
C SER EA 95 -50.19 90.16 73.53
N VAL EA 96 -49.48 90.12 72.40
CA VAL EA 96 -48.28 89.32 72.25
C VAL EA 96 -47.22 90.14 71.54
N GLU EA 97 -45.98 89.99 71.99
CA GLU EA 97 -44.84 90.63 71.34
C GLU EA 97 -44.43 89.84 70.11
N PHE EA 98 -44.05 90.56 69.05
CA PHE EA 98 -43.66 89.91 67.81
C PHE EA 98 -42.39 89.08 67.98
N ASP EA 99 -41.53 89.46 68.93
CA ASP EA 99 -40.29 88.71 69.14
C ASP EA 99 -40.56 87.33 69.73
N VAL EA 100 -41.55 87.21 70.62
CA VAL EA 100 -41.76 85.97 71.36
C VAL EA 100 -42.54 84.93 70.57
N LEU EA 101 -42.99 85.26 69.36
CA LEU EA 101 -43.61 84.27 68.48
C LEU EA 101 -42.58 83.21 68.13
N ALA EA 102 -42.73 82.02 68.69
CA ALA EA 102 -41.74 80.97 68.48
C ALA EA 102 -41.91 80.35 67.09
N PRO EA 103 -40.92 80.46 66.21
CA PRO EA 103 -41.02 79.78 64.91
C PRO EA 103 -41.09 78.27 65.10
N THR EA 104 -41.86 77.63 64.22
CA THR EA 104 -42.06 76.20 64.29
C THR EA 104 -42.27 75.66 62.88
N GLY EA 105 -42.61 74.39 62.78
CA GLY EA 105 -43.00 73.80 61.52
C GLY EA 105 -44.43 74.14 61.17
N VAL EA 106 -44.84 73.69 59.98
CA VAL EA 106 -46.21 73.91 59.53
C VAL EA 106 -47.09 72.83 60.12
N VAL EA 107 -48.11 73.23 60.88
CA VAL EA 107 -49.10 72.31 61.42
C VAL EA 107 -50.49 72.86 61.12
N ASN EA 108 -51.34 72.02 60.52
CA ASN EA 108 -52.72 72.39 60.24
C ASN EA 108 -53.69 71.60 61.11
N ASN EA 109 -53.61 70.27 61.06
CA ASN EA 109 -54.29 69.39 62.03
C ASN EA 109 -55.81 69.63 62.02
N GLN EA 110 -56.39 69.65 60.82
CA GLN EA 110 -57.82 69.90 60.70
C GLN EA 110 -58.65 68.71 61.16
N LEU EA 111 -58.12 67.49 60.99
CA LEU EA 111 -58.86 66.29 61.34
C LEU EA 111 -59.17 66.24 62.84
N ASP EA 112 -58.25 66.73 63.66
CA ASP EA 112 -58.50 66.77 65.10
C ASP EA 112 -59.45 67.90 65.47
N THR EA 113 -59.43 68.99 64.72
CA THR EA 113 -60.41 70.06 64.94
C THR EA 113 -61.82 69.62 64.59
N SER EA 114 -61.95 68.69 63.63
CA SER EA 114 -63.27 68.24 63.21
C SER EA 114 -64.02 67.58 64.35
N ALA EA 115 -63.35 66.69 65.08
CA ALA EA 115 -64.00 66.00 66.19
C ALA EA 115 -64.43 66.99 67.27
N LEU EA 116 -63.59 67.97 67.57
CA LEU EA 116 -63.96 69.00 68.53
C LEU EA 116 -65.17 69.78 68.07
N ARG EA 117 -65.21 70.13 66.78
CA ARG EA 117 -66.35 70.88 66.25
C ARG EA 117 -67.63 70.08 66.38
N ILE EA 118 -67.60 68.80 66.03
CA ILE EA 118 -68.80 67.98 66.08
C ILE EA 118 -69.24 67.76 67.52
N ALA EA 119 -68.29 67.56 68.44
CA ALA EA 119 -68.64 67.43 69.85
C ALA EA 119 -69.28 68.70 70.37
N LYS EA 120 -68.75 69.86 69.98
CA LYS EA 120 -69.34 71.12 70.37
C LYS EA 120 -70.76 71.25 69.83
N ILE EA 121 -70.98 70.84 68.59
CA ILE EA 121 -72.31 70.94 68.00
C ILE EA 121 -73.29 70.03 68.73
N ILE EA 122 -72.88 68.81 69.06
CA ILE EA 122 -73.77 67.90 69.77
C ILE EA 122 -74.09 68.44 71.16
N ALA EA 123 -73.09 68.94 71.87
CA ALA EA 123 -73.33 69.47 73.20
C ALA EA 123 -74.23 70.70 73.16
N ASN EA 124 -74.01 71.58 72.19
CA ASN EA 124 -74.77 72.83 72.14
C ASN EA 124 -76.23 72.61 71.75
N ASP EA 125 -76.57 71.46 71.18
CA ASP EA 125 -77.94 71.20 70.77
C ASP EA 125 -78.59 70.28 71.79
N PRO EA 126 -79.61 70.74 72.52
CA PRO EA 126 -80.26 69.85 73.50
C PRO EA 126 -80.90 68.62 72.88
N ALA EA 127 -81.45 68.74 71.68
CA ALA EA 127 -82.14 67.61 71.06
C ALA EA 127 -81.19 66.46 70.81
N LEU EA 128 -80.00 66.75 70.27
CA LEU EA 128 -79.01 65.71 70.05
C LEU EA 128 -78.32 65.30 71.34
N ALA EA 129 -78.12 66.25 72.26
CA ALA EA 129 -77.51 65.93 73.55
C ALA EA 129 -78.36 64.95 74.34
N GLN EA 130 -79.68 64.98 74.14
CA GLN EA 130 -80.55 64.06 74.84
C GLN EA 130 -80.24 62.61 74.46
N LYS EA 131 -79.90 62.37 73.20
CA LYS EA 131 -79.74 61.02 72.69
C LYS EA 131 -78.37 60.43 72.99
N VAL EA 132 -77.49 61.18 73.65
CA VAL EA 132 -76.22 60.63 74.12
C VAL EA 132 -76.10 60.91 75.61
N ALA EA 133 -77.25 61.02 76.28
CA ALA EA 133 -77.30 61.60 77.62
C ALA EA 133 -76.50 60.84 78.67
N GLY EA 134 -76.93 59.63 79.03
CA GLY EA 134 -76.31 58.99 80.16
C GLY EA 134 -77.01 57.71 80.54
N ALA EA 135 -76.37 57.00 81.48
CA ALA EA 135 -76.76 55.64 81.82
C ALA EA 135 -78.23 55.47 82.21
N PRO EA 136 -78.82 56.29 83.09
CA PRO EA 136 -80.19 55.99 83.52
C PRO EA 136 -81.22 56.23 82.43
N TYR EA 137 -81.74 55.14 81.86
CA TYR EA 137 -82.79 55.20 80.84
C TYR EA 137 -84.07 54.62 81.42
N PRO EA 138 -85.02 55.45 81.85
CA PRO EA 138 -86.26 54.91 82.43
C PRO EA 138 -87.05 54.10 81.42
N ARG EA 139 -87.63 53.00 81.89
CA ARG EA 139 -88.46 52.16 81.04
C ARG EA 139 -89.82 51.86 81.64
N GLY EA 140 -89.91 51.65 82.95
CA GLY EA 140 -91.14 51.33 83.62
C GLY EA 140 -90.98 50.08 84.46
N ALA EA 141 -92.12 49.53 84.88
CA ALA EA 141 -92.09 48.33 85.71
C ALA EA 141 -91.53 47.16 84.92
N TYR EA 142 -90.81 46.28 85.61
CA TYR EA 142 -90.14 45.17 84.96
C TYR EA 142 -91.12 44.09 84.54
N SER EA 143 -90.87 43.49 83.38
CA SER EA 143 -91.60 42.33 82.92
C SER EA 143 -90.67 41.47 82.07
N ALA EA 144 -90.96 40.17 82.02
CA ALA EA 144 -90.05 39.24 81.36
C ALA EA 144 -90.16 39.26 79.84
N THR EA 145 -91.13 39.98 79.28
CA THR EA 145 -91.44 39.84 77.86
C THR EA 145 -90.84 40.93 76.99
N GLU EA 146 -90.10 41.88 77.55
CA GLU EA 146 -89.45 42.91 76.74
C GLU EA 146 -87.94 42.82 76.85
N THR EA 147 -87.28 43.36 75.84
CA THR EA 147 -85.83 43.35 75.72
C THR EA 147 -85.26 44.65 76.26
N TYR EA 148 -84.28 44.54 77.15
CA TYR EA 148 -83.68 45.69 77.80
C TYR EA 148 -82.25 45.91 77.31
N LEU EA 149 -81.92 47.16 77.04
CA LEU EA 149 -80.60 47.55 76.59
C LEU EA 149 -79.76 48.02 77.76
N TYR EA 150 -78.49 48.30 77.48
CA TYR EA 150 -77.58 48.79 78.49
C TYR EA 150 -78.07 50.10 79.08
N GLY EA 151 -78.12 50.18 80.41
CA GLY EA 151 -78.50 51.39 81.09
C GLY EA 151 -79.98 51.57 81.33
N GLU EA 152 -80.83 50.76 80.71
CA GLU EA 152 -82.27 50.95 80.86
C GLU EA 152 -82.70 50.64 82.30
N MET EA 153 -83.62 51.43 82.80
CA MET EA 153 -84.03 51.38 84.20
C MET EA 153 -85.41 50.75 84.32
N VAL EA 154 -85.53 49.79 85.24
CA VAL EA 154 -86.79 49.11 85.55
C VAL EA 154 -87.04 49.20 87.04
N SER EA 155 -88.28 48.91 87.43
CA SER EA 155 -88.69 48.89 88.82
C SER EA 155 -89.19 47.49 89.16
N TYR EA 156 -88.64 46.90 90.22
CA TYR EA 156 -88.88 45.50 90.55
C TYR EA 156 -89.04 45.37 92.06
N PHE EA 157 -90.26 45.08 92.51
CA PHE EA 157 -90.54 44.76 93.91
C PHE EA 157 -90.01 45.83 94.86
N GLY EA 158 -90.19 47.09 94.48
CA GLY EA 158 -89.81 48.20 95.31
C GLY EA 158 -88.41 48.72 95.11
N LYS EA 159 -87.59 48.06 94.28
CA LYS EA 159 -86.22 48.48 94.07
C LYS EA 159 -86.01 48.84 92.61
N ASN EA 160 -85.27 49.91 92.35
CA ASN EA 160 -84.96 50.35 91.01
C ASN EA 160 -83.68 49.69 90.52
N TYR EA 161 -83.65 49.34 89.24
CA TYR EA 161 -82.51 48.64 88.67
C TYR EA 161 -82.14 49.26 87.34
N ILE EA 162 -80.87 49.13 86.99
CA ILE EA 162 -80.32 49.62 85.73
C ILE EA 162 -79.57 48.47 85.08
N SER EA 163 -79.88 48.20 83.82
CA SER EA 163 -79.21 47.10 83.12
C SER EA 163 -77.77 47.47 82.81
N LYS EA 164 -76.84 46.61 83.21
CA LYS EA 164 -75.42 46.84 83.01
C LYS EA 164 -74.84 45.88 81.98
N SER EA 165 -75.69 45.24 81.18
CA SER EA 165 -75.26 44.30 80.15
C SER EA 165 -75.24 45.03 78.81
N LEU EA 166 -74.09 45.01 78.14
CA LEU EA 166 -73.98 45.69 76.86
C LEU EA 166 -74.90 45.07 75.82
N SER EA 167 -74.92 43.74 75.75
CA SER EA 167 -75.85 43.06 74.87
C SER EA 167 -77.28 43.19 75.42
N PRO EA 168 -78.27 43.28 74.53
CA PRO EA 168 -79.66 43.29 75.00
C PRO EA 168 -79.99 42.02 75.77
N ILE EA 169 -80.77 42.18 76.84
CA ILE EA 169 -81.14 41.06 77.69
C ILE EA 169 -82.66 40.94 77.72
N ILE EA 170 -83.12 39.72 78.01
CA ILE EA 170 -84.54 39.44 78.12
C ILE EA 170 -84.72 38.26 79.05
N ASN EA 171 -85.83 38.28 79.80
CA ASN EA 171 -86.18 37.21 80.74
C ASN EA 171 -85.05 36.97 81.74
N ILE EA 172 -84.47 38.05 82.24
CA ILE EA 172 -83.50 38.00 83.33
C ILE EA 172 -84.04 38.86 84.46
N LEU EA 173 -84.19 38.27 85.64
CA LEU EA 173 -84.74 39.00 86.76
C LEU EA 173 -83.75 40.06 87.22
N PRO EA 174 -84.23 41.23 87.63
CA PRO EA 174 -83.31 42.29 88.08
C PRO EA 174 -82.49 41.89 89.29
N THR EA 175 -82.92 40.88 90.04
CA THR EA 175 -82.16 40.43 91.20
C THR EA 175 -80.79 39.90 90.84
N VAL EA 176 -80.57 39.57 89.56
CA VAL EA 176 -79.27 39.06 89.13
C VAL EA 176 -78.31 40.24 89.05
N THR EA 177 -77.35 40.30 89.97
CA THR EA 177 -76.38 41.39 89.97
C THR EA 177 -75.37 41.29 88.84
N ASP EA 178 -75.34 40.17 88.13
CA ASP EA 178 -74.37 40.02 87.04
C ASP EA 178 -74.77 40.83 85.81
N SER EA 179 -76.07 41.04 85.61
CA SER EA 179 -76.56 41.83 84.49
C SER EA 179 -77.31 43.09 84.91
N TRP EA 180 -77.57 43.27 86.19
CA TRP EA 180 -78.32 44.41 86.68
C TRP EA 180 -77.60 45.04 87.86
N TYR EA 181 -77.84 46.33 88.05
CA TYR EA 181 -77.31 47.09 89.17
C TYR EA 181 -78.48 47.73 89.90
N GLU EA 182 -78.55 47.54 91.22
CA GLU EA 182 -79.63 48.10 92.00
C GLU EA 182 -79.26 49.52 92.44
N LEU EA 183 -80.22 50.43 92.31
CA LEU EA 183 -80.03 51.84 92.67
C LEU EA 183 -80.37 52.00 94.15
N VAL EA 184 -79.34 52.15 94.99
CA VAL EA 184 -79.54 52.26 96.42
C VAL EA 184 -80.18 53.60 96.75
N ILE EA 185 -81.08 53.59 97.74
CA ILE EA 185 -81.70 54.80 98.26
C ILE EA 185 -81.66 54.73 99.78
N THR EA 186 -81.19 55.80 100.41
CA THR EA 186 -81.06 55.85 101.86
C THR EA 186 -82.36 56.23 102.56
N LEU EA 187 -83.04 57.26 102.05
CA LEU EA 187 -84.23 57.82 102.68
C LEU EA 187 -83.90 58.18 104.12
N PRO EA 188 -83.14 59.25 104.36
CA PRO EA 188 -82.72 59.59 105.72
C PRO EA 188 -83.79 60.38 106.45
N GLU EA 189 -84.26 59.84 107.58
CA GLU EA 189 -85.08 60.53 108.57
C GLU EA 189 -86.24 61.35 108.02
N SER EA 190 -86.73 61.00 106.82
CA SER EA 190 -87.75 61.82 106.18
C SER EA 190 -88.99 61.94 107.05
N VAL EA 191 -89.53 63.17 107.11
CA VAL EA 191 -90.66 63.44 107.99
C VAL EA 191 -91.93 62.78 107.51
N SER EA 192 -91.97 62.30 106.26
CA SER EA 192 -93.15 61.67 105.71
C SER EA 192 -92.94 60.16 105.64
N VAL EA 193 -93.72 59.42 106.42
CA VAL EA 193 -93.70 57.96 106.37
C VAL EA 193 -95.14 57.47 106.38
N ILE EA 194 -95.71 57.22 105.20
CA ILE EA 194 -97.12 56.93 105.05
C ILE EA 194 -97.29 55.52 104.50
N ALA EA 195 -98.55 55.12 104.32
CA ALA EA 195 -98.89 53.75 103.96
C ALA EA 195 -99.19 53.63 102.47
N THR EA 196 -98.43 52.79 101.78
CA THR EA 196 -98.64 52.49 100.36
C THR EA 196 -98.51 50.99 100.15
N GLY EA 197 -98.64 50.57 98.89
CA GLY EA 197 -98.46 49.20 98.51
C GLY EA 197 -97.45 49.03 97.39
N SER EA 198 -97.40 47.83 96.83
CA SER EA 198 -96.48 47.50 95.76
C SER EA 198 -97.26 47.21 94.49
N ASP EA 199 -97.08 48.03 93.47
CA ASP EA 199 -97.76 47.86 92.20
C ASP EA 199 -97.01 46.89 91.29
N THR EA 200 -96.78 45.68 91.78
CA THR EA 200 -96.13 44.63 91.00
C THR EA 200 -97.18 43.60 90.63
N ALA EA 201 -97.47 43.48 89.33
CA ALA EA 201 -98.42 42.50 88.88
C ALA EA 201 -97.93 41.10 89.19
N TYR EA 202 -98.87 40.18 89.40
CA TYR EA 202 -98.55 38.82 89.78
C TYR EA 202 -97.60 38.18 88.77
N GLY EA 203 -96.41 37.82 89.24
CA GLY EA 203 -95.39 37.25 88.38
C GLY EA 203 -94.61 36.14 89.04
N THR EA 204 -95.22 35.47 90.01
CA THR EA 204 -94.63 34.36 90.75
C THR EA 204 -93.35 34.76 91.50
N GLY EA 205 -93.06 36.05 91.58
CA GLY EA 205 -91.96 36.53 92.41
C GLY EA 205 -92.33 36.72 93.85
N TRP EA 206 -93.56 36.34 94.22
CA TRP EA 206 -94.10 36.56 95.55
C TRP EA 206 -93.79 35.41 96.50
N ASN EA 207 -92.93 34.47 96.09
CA ASN EA 207 -92.56 33.35 96.95
C ASN EA 207 -91.96 33.83 98.26
N GLY EA 208 -90.79 34.44 98.18
CA GLY EA 208 -90.28 35.20 99.31
C GLY EA 208 -90.45 36.68 99.02
N SER EA 209 -91.48 37.29 99.61
CA SER EA 209 -91.80 38.68 99.31
C SER EA 209 -92.48 39.28 100.52
N LEU EA 210 -91.70 39.99 101.34
CA LEU EA 210 -92.23 40.70 102.49
C LEU EA 210 -93.01 41.94 102.09
N LEU EA 211 -93.32 42.09 100.81
CA LEU EA 211 -93.96 43.30 100.30
C LEU EA 211 -95.46 43.24 100.58
N VAL EA 212 -96.21 44.18 100.00
CA VAL EA 212 -97.65 44.27 100.19
C VAL EA 212 -98.32 44.37 98.82
N PRO EA 213 -99.30 43.53 98.51
CA PRO EA 213 -99.90 43.56 97.16
C PRO EA 213 -100.96 44.66 97.06
N THR EA 214 -100.92 45.40 95.96
CA THR EA 214 -101.95 46.38 95.67
C THR EA 214 -103.26 45.66 95.35
N GLN EA 215 -104.36 46.42 95.38
CA GLN EA 215 -105.64 45.86 95.00
C GLN EA 215 -105.64 45.39 93.54
N ASN EA 216 -104.87 46.04 92.67
CA ASN EA 216 -104.94 45.76 91.24
C ASN EA 216 -104.42 44.37 90.93
N ALA EA 217 -103.28 43.98 91.50
CA ALA EA 217 -102.70 42.67 91.21
C ALA EA 217 -103.64 41.57 91.67
N VAL EA 218 -104.16 41.69 92.89
CA VAL EA 218 -105.06 40.68 93.43
C VAL EA 218 -106.32 40.59 92.59
N TYR EA 219 -106.90 41.73 92.22
CA TYR EA 219 -108.13 41.72 91.44
C TYR EA 219 -107.90 41.12 90.06
N ASP EA 220 -106.77 41.45 89.42
CA ASP EA 220 -106.48 40.91 88.09
C ASP EA 220 -106.28 39.40 88.15
N LYS EA 221 -105.54 38.91 89.15
CA LYS EA 221 -105.35 37.47 89.27
C LYS EA 221 -106.68 36.77 89.57
N ILE EA 222 -107.51 37.38 90.41
CA ILE EA 222 -108.83 36.82 90.67
C ILE EA 222 -109.65 36.75 89.39
N VAL EA 223 -109.60 37.81 88.58
CA VAL EA 223 -110.38 37.85 87.36
C VAL EA 223 -109.94 36.76 86.40
N THR EA 224 -108.62 36.60 86.22
CA THR EA 224 -108.16 35.57 85.29
C THR EA 224 -108.43 34.17 85.83
N VAL EA 225 -108.34 33.98 87.15
CA VAL EA 225 -108.67 32.69 87.74
C VAL EA 225 -110.14 32.35 87.51
N ASP EA 226 -111.02 33.34 87.70
CA ASP EA 226 -112.44 33.11 87.47
C ASP EA 226 -112.73 32.86 85.99
N ALA EA 227 -111.99 33.53 85.10
CA ALA EA 227 -112.13 33.26 83.68
C ALA EA 227 -111.74 31.83 83.35
N ALA EA 228 -110.65 31.34 83.94
CA ALA EA 228 -110.24 29.96 83.73
C ALA EA 228 -111.27 28.98 84.28
N ILE EA 229 -111.84 29.30 85.45
CA ILE EA 229 -112.85 28.42 86.04
C ILE EA 229 -114.09 28.38 85.16
N ALA EA 230 -114.51 29.55 84.64
CA ALA EA 230 -115.66 29.58 83.74
C ALA EA 230 -115.37 28.82 82.44
N THR EA 231 -114.14 28.91 81.95
CA THR EA 231 -113.77 28.14 80.77
C THR EA 231 -113.87 26.65 81.03
N ALA EA 232 -113.38 26.20 82.20
CA ALA EA 232 -113.50 24.79 82.55
C ALA EA 232 -114.95 24.37 82.67
N ASN EA 233 -115.78 25.22 83.28
CA ASN EA 233 -117.20 24.91 83.42
C ASN EA 233 -117.88 24.79 82.06
N THR EA 234 -117.56 25.71 81.15
CA THR EA 234 -118.15 25.64 79.81
C THR EA 234 -117.64 24.43 79.04
N ASN EA 235 -116.38 24.05 79.25
CA ASN EA 235 -115.88 22.81 78.66
C ASN EA 235 -116.66 21.61 79.16
N ILE EA 236 -116.92 21.56 80.46
CA ILE EA 236 -117.73 20.47 81.00
C ILE EA 236 -119.13 20.49 80.39
N THR EA 237 -119.71 21.68 80.27
CA THR EA 237 -121.07 21.79 79.73
C THR EA 237 -121.14 21.28 78.29
N ASN EA 238 -120.27 21.79 77.41
CA ASN EA 238 -120.30 21.38 76.02
C ASN EA 238 -119.73 19.98 75.81
N LEU EA 239 -119.10 19.39 76.83
CA LEU EA 239 -118.71 18.00 76.76
C LEU EA 239 -119.88 17.09 77.09
N GLY EA 240 -120.48 17.28 78.27
CA GLY EA 240 -121.52 16.37 78.72
C GLY EA 240 -122.67 16.23 77.74
N THR EA 241 -123.12 17.35 77.18
CA THR EA 241 -124.25 17.33 76.27
C THR EA 241 -123.92 16.76 74.90
N ALA EA 242 -122.63 16.62 74.56
CA ALA EA 242 -122.25 16.15 73.23
C ALA EA 242 -121.24 15.02 73.21
N LYS EA 243 -120.66 14.63 74.33
CA LYS EA 243 -119.59 13.65 74.34
C LYS EA 243 -119.97 12.35 75.03
N ALA EA 244 -120.38 12.41 76.30
CA ALA EA 244 -120.52 11.23 77.13
C ALA EA 244 -121.98 10.96 77.46
N ASP EA 245 -122.42 9.72 77.26
CA ASP EA 245 -123.67 9.19 77.81
C ASP EA 245 -123.62 7.68 77.69
N LEU EA 246 -124.22 7.01 78.67
CA LEU EA 246 -124.12 5.56 78.79
C LEU EA 246 -125.43 4.83 78.60
N SER EA 247 -126.54 5.35 79.14
CA SER EA 247 -127.80 4.63 79.18
C SER EA 247 -128.24 4.21 77.79
N TYR EA 248 -128.49 5.19 76.90
CA TYR EA 248 -129.09 4.86 75.61
C TYR EA 248 -128.15 4.02 74.76
N VAL EA 249 -126.83 4.24 74.87
CA VAL EA 249 -125.87 3.39 74.17
C VAL EA 249 -126.04 1.94 74.59
N ASN EA 250 -126.14 1.72 75.90
CA ASN EA 250 -126.37 0.38 76.41
C ASN EA 250 -127.68 -0.18 75.88
N THR EA 251 -128.71 0.66 75.77
CA THR EA 251 -130.01 0.18 75.29
C THR EA 251 -129.95 -0.32 73.85
N GLN EA 252 -129.42 0.50 72.93
CA GLN EA 252 -129.37 0.00 71.55
C GLN EA 252 -128.31 -1.08 71.37
N LEU EA 253 -127.30 -1.13 72.24
CA LEU EA 253 -126.39 -2.27 72.19
C LEU EA 253 -127.11 -3.55 72.55
N SER EA 254 -127.95 -3.52 73.59
CA SER EA 254 -128.74 -4.70 73.95
C SER EA 254 -129.74 -5.06 72.85
N ALA EA 255 -130.35 -4.05 72.23
CA ALA EA 255 -131.27 -4.31 71.13
C ALA EA 255 -130.56 -4.98 69.96
N ASP EA 256 -129.38 -4.48 69.61
CA ASP EA 256 -128.61 -5.10 68.54
C ASP EA 256 -128.21 -6.52 68.91
N GLN EA 257 -127.84 -6.75 70.17
CA GLN EA 257 -127.48 -8.10 70.61
C GLN EA 257 -128.66 -9.06 70.49
N VAL EA 258 -129.86 -8.59 70.86
CA VAL EA 258 -131.04 -9.45 70.76
C VAL EA 258 -131.36 -9.74 69.30
N VAL EA 259 -131.19 -8.75 68.42
CA VAL EA 259 -131.42 -9.00 67.00
C VAL EA 259 -130.37 -9.98 66.46
N LEU EA 260 -129.14 -9.88 66.96
CA LEU EA 260 -128.07 -10.77 66.53
C LEU EA 260 -128.39 -12.22 66.90
N ASP EA 261 -128.78 -12.46 68.15
CA ASP EA 261 -129.10 -13.84 68.53
C ASP EA 261 -130.35 -14.34 67.81
N ALA EA 262 -131.34 -13.46 67.60
CA ALA EA 262 -132.52 -13.85 66.84
C ALA EA 262 -132.15 -14.25 65.41
N LEU EA 263 -131.26 -13.50 64.78
CA LEU EA 263 -130.85 -13.81 63.42
C LEU EA 263 -130.01 -15.08 63.38
N SER EA 264 -129.18 -15.30 64.41
CA SER EA 264 -128.39 -16.52 64.46
C SER EA 264 -129.28 -17.75 64.59
N SER EA 265 -130.34 -17.66 65.39
CA SER EA 265 -131.24 -18.80 65.55
C SER EA 265 -132.13 -18.98 64.32
N GLY EA 266 -132.71 -17.90 63.81
CA GLY EA 266 -133.74 -18.02 62.79
C GLY EA 266 -133.20 -18.35 61.42
N LYS EA 267 -132.02 -17.84 61.08
CA LYS EA 267 -131.50 -18.02 59.73
C LYS EA 267 -130.83 -19.38 59.58
N ALA EA 268 -130.90 -19.93 58.38
CA ALA EA 268 -130.41 -21.28 58.12
C ALA EA 268 -128.90 -21.29 57.94
N ASP EA 269 -128.25 -22.30 58.51
CA ASP EA 269 -126.84 -22.53 58.25
C ASP EA 269 -126.65 -22.90 56.78
N LEU EA 270 -125.58 -22.35 56.19
CA LEU EA 270 -125.29 -22.69 54.80
C LEU EA 270 -124.90 -24.16 54.66
N SER EA 271 -124.21 -24.71 55.66
CA SER EA 271 -123.91 -26.14 55.66
C SER EA 271 -125.19 -26.97 55.72
N TYR EA 272 -126.13 -26.57 56.58
CA TYR EA 272 -127.40 -27.28 56.69
C TYR EA 272 -128.19 -27.22 55.38
N VAL EA 273 -128.21 -26.05 54.75
CA VAL EA 273 -128.91 -25.90 53.47
C VAL EA 273 -128.24 -26.75 52.40
N ASN EA 274 -126.90 -26.81 52.41
CA ASN EA 274 -126.20 -27.66 51.47
C ASN EA 274 -126.54 -29.12 51.68
N THR EA 275 -126.61 -29.56 52.93
CA THR EA 275 -126.98 -30.95 53.21
C THR EA 275 -128.40 -31.25 52.73
N GLN EA 276 -129.34 -30.33 53.01
CA GLN EA 276 -130.71 -30.55 52.59
C GLN EA 276 -130.84 -30.58 51.07
N LEU EA 277 -130.12 -29.70 50.38
CA LEU EA 277 -130.12 -29.74 48.92
C LEU EA 277 -129.48 -31.01 48.41
N ASN EA 278 -128.48 -31.53 49.12
CA ASN EA 278 -127.87 -32.80 48.77
C ASN EA 278 -128.89 -33.94 48.87
N SER EA 279 -129.75 -33.87 49.89
CA SER EA 279 -130.73 -34.95 50.09
C SER EA 279 -131.65 -35.11 48.89
N LYS EA 280 -132.15 -33.99 48.36
CA LYS EA 280 -133.05 -34.05 47.20
C LYS EA 280 -132.28 -34.39 45.93
N THR FA 2 -101.29 43.84 -62.99
CA THR FA 2 -102.40 43.66 -62.06
C THR FA 2 -102.64 44.91 -61.23
N ASN FA 3 -103.85 45.45 -61.35
CA ASN FA 3 -104.23 46.60 -60.55
C ASN FA 3 -104.41 46.17 -59.09
N ILE FA 4 -104.05 47.06 -58.16
CA ILE FA 4 -104.16 46.79 -56.74
C ILE FA 4 -104.95 47.92 -56.10
N VAL FA 5 -106.00 47.56 -55.37
CA VAL FA 5 -106.83 48.54 -54.67
C VAL FA 5 -106.86 48.16 -53.19
N GLY FA 6 -107.10 49.16 -52.35
CA GLY FA 6 -107.19 48.92 -50.92
C GLY FA 6 -107.24 50.18 -50.09
N ARG FA 7 -107.63 50.04 -48.83
CA ARG FA 7 -107.65 51.14 -47.87
C ARG FA 7 -106.66 50.88 -46.76
N ILE FA 8 -106.18 51.95 -46.14
CA ILE FA 8 -105.16 51.88 -45.10
C ILE FA 8 -105.66 52.61 -43.87
N GLY FA 9 -105.76 51.89 -42.75
CA GLY FA 9 -106.16 52.52 -41.51
C GLY FA 9 -104.99 53.15 -40.78
N PHE FA 10 -105.33 54.07 -39.89
CA PHE FA 10 -104.37 54.76 -39.02
C PHE FA 10 -103.31 55.51 -39.81
N LEU FA 11 -103.58 55.85 -41.06
CA LEU FA 11 -102.62 56.58 -41.88
C LEU FA 11 -103.38 57.34 -42.96
N THR FA 12 -103.47 58.67 -42.80
CA THR FA 12 -104.18 59.49 -43.76
C THR FA 12 -103.40 59.67 -45.05
N THR FA 13 -102.08 59.80 -44.96
CA THR FA 13 -101.24 60.07 -46.13
C THR FA 13 -99.97 59.26 -46.03
N GLY FA 14 -99.56 58.67 -47.14
CA GLY FA 14 -98.36 57.85 -47.13
C GLY FA 14 -97.91 57.49 -48.53
N LYS FA 15 -96.90 56.62 -48.59
CA LYS FA 15 -96.37 56.15 -49.86
C LYS FA 15 -96.23 54.64 -49.82
N LEU FA 16 -96.74 53.97 -50.84
CA LEU FA 16 -96.59 52.52 -50.99
C LEU FA 16 -95.46 52.25 -51.97
N GLY FA 17 -94.48 51.46 -51.53
CA GLY FA 17 -93.35 51.12 -52.37
C GLY FA 17 -93.28 49.64 -52.67
N ILE FA 18 -93.16 49.29 -53.95
CA ILE FA 18 -93.09 47.90 -54.39
C ILE FA 18 -91.78 47.69 -55.12
N LYS FA 19 -91.06 46.63 -54.78
CA LYS FA 19 -89.81 46.33 -55.46
C LYS FA 19 -89.71 44.83 -55.72
N LEU FA 20 -89.28 44.48 -56.93
CA LEU FA 20 -89.12 43.08 -57.27
C LEU FA 20 -87.84 42.52 -56.70
N ARG FA 21 -87.83 41.20 -56.47
CA ARG FA 21 -86.65 40.51 -56.00
C ARG FA 21 -85.87 39.83 -57.10
N GLY FA 22 -86.44 39.68 -58.29
CA GLY FA 22 -85.75 39.13 -59.42
C GLY FA 22 -86.23 39.75 -60.71
N VAL FA 23 -85.66 39.37 -61.84
CA VAL FA 23 -86.11 39.87 -63.13
C VAL FA 23 -87.47 39.26 -63.44
N LEU FA 24 -88.32 40.03 -64.12
CA LEU FA 24 -89.65 39.57 -64.49
C LEU FA 24 -89.84 39.71 -65.99
N ILE FA 25 -90.54 38.76 -66.59
CA ILE FA 25 -90.81 38.76 -68.02
C ILE FA 25 -92.31 38.88 -68.23
N ASP FA 26 -92.73 39.89 -68.99
CA ASP FA 26 -94.15 40.12 -69.23
C ASP FA 26 -94.47 39.86 -70.69
N GLU FA 27 -95.47 39.01 -70.94
CA GLU FA 27 -95.82 38.69 -72.31
C GLU FA 27 -97.10 39.39 -72.74
N SER FA 28 -97.75 40.09 -71.82
CA SER FA 28 -98.96 40.81 -72.16
C SER FA 28 -98.68 41.87 -73.20
N THR FA 29 -97.55 42.58 -73.06
CA THR FA 29 -97.18 43.55 -74.05
C THR FA 29 -96.53 42.81 -75.20
N THR FA 30 -96.82 43.22 -76.44
CA THR FA 30 -96.16 42.60 -77.58
C THR FA 30 -94.64 42.61 -77.44
N PRO FA 31 -94.01 43.79 -77.22
CA PRO FA 31 -92.57 43.68 -76.98
C PRO FA 31 -92.41 43.24 -75.53
N ASN FA 32 -91.91 42.04 -75.31
CA ASN FA 32 -91.81 41.51 -73.95
C ASN FA 32 -91.15 42.45 -72.95
N THR FA 33 -91.90 42.83 -71.92
CA THR FA 33 -91.35 43.77 -70.95
C THR FA 33 -90.47 43.13 -69.90
N THR FA 34 -89.21 43.52 -69.87
CA THR FA 34 -88.30 42.99 -68.86
C THR FA 34 -88.31 43.94 -67.67
N TYR FA 35 -88.49 43.40 -66.48
CA TYR FA 35 -88.57 44.17 -65.25
C TYR FA 35 -87.35 43.87 -64.40
N LEU FA 36 -86.61 44.92 -64.06
CA LEU FA 36 -85.40 44.79 -63.29
C LEU FA 36 -85.71 44.73 -61.79
N PRO FA 37 -84.94 43.96 -61.04
CA PRO FA 37 -85.15 43.89 -59.60
C PRO FA 37 -84.39 44.96 -58.85
N GLY FA 38 -84.84 45.21 -57.62
CA GLY FA 38 -84.20 46.17 -56.76
C GLY FA 38 -84.59 47.62 -56.99
N ILE FA 39 -85.45 47.90 -57.96
CA ILE FA 39 -85.90 49.25 -58.25
C ILE FA 39 -87.28 49.43 -57.64
N GLU FA 40 -87.42 50.42 -56.77
CA GLU FA 40 -88.65 50.64 -56.03
C GLU FA 40 -89.58 51.54 -56.82
N SER FA 41 -90.84 51.14 -56.92
CA SER FA 41 -91.89 51.94 -57.54
C SER FA 41 -92.78 52.48 -56.44
N PHE FA 42 -93.02 53.79 -56.45
CA PHE FA 42 -93.74 54.46 -55.39
C PHE FA 42 -95.10 54.94 -55.90
N PHE FA 43 -96.12 54.78 -55.05
CA PHE FA 43 -97.47 55.22 -55.34
C PHE FA 43 -98.01 55.96 -54.13
N ASN FA 44 -98.87 56.95 -54.39
CA ASN FA 44 -99.42 57.77 -53.32
C ASN FA 44 -100.53 57.03 -52.59
N ILE FA 45 -100.63 57.27 -51.29
CA ILE FA 45 -101.74 56.80 -50.47
C ILE FA 45 -102.37 58.06 -49.89
N THR FA 46 -103.49 58.48 -50.46
CA THR FA 46 -104.15 59.71 -50.06
C THR FA 46 -105.56 59.42 -49.60
N ALA FA 47 -105.96 60.07 -48.50
CA ALA FA 47 -107.27 59.86 -47.89
C ALA FA 47 -107.49 58.39 -47.57
N ASN FA 48 -106.44 57.72 -47.10
CA ASN FA 48 -106.46 56.31 -46.72
C ASN FA 48 -106.79 55.39 -47.89
N VAL FA 49 -106.57 55.83 -49.12
CA VAL FA 49 -106.85 55.03 -50.31
C VAL FA 49 -105.60 54.98 -51.17
N LEU FA 50 -105.22 53.78 -51.60
CA LEU FA 50 -104.17 53.63 -52.60
C LEU FA 50 -104.66 54.22 -53.92
N THR FA 51 -103.97 55.25 -54.40
CA THR FA 51 -104.45 56.05 -55.52
C THR FA 51 -104.61 55.23 -56.79
N SER FA 52 -103.50 54.75 -57.35
CA SER FA 52 -103.54 53.94 -58.55
C SER FA 52 -102.30 53.04 -58.53
N VAL FA 53 -102.47 51.81 -58.11
CA VAL FA 53 -101.36 50.86 -57.99
C VAL FA 53 -101.50 49.85 -59.11
N SER FA 54 -100.53 49.85 -60.01
CA SER FA 54 -100.50 48.93 -61.14
C SER FA 54 -99.14 48.25 -61.12
N TYR FA 55 -99.13 46.95 -60.87
CA TYR FA 55 -97.89 46.20 -60.88
C TYR FA 55 -98.05 44.95 -61.75
N PRO FA 56 -97.00 44.56 -62.51
CA PRO FA 56 -97.27 43.35 -63.30
C PRO FA 56 -97.55 42.12 -62.46
N GLU FA 57 -98.32 41.19 -63.00
CA GLU FA 57 -98.56 39.94 -62.29
C GLU FA 57 -97.23 39.24 -62.16
N THR FA 58 -96.86 38.86 -60.94
CA THR FA 58 -95.60 38.19 -60.73
C THR FA 58 -95.83 36.72 -60.43
N GLU FA 59 -97.07 36.28 -60.59
CA GLU FA 59 -97.41 34.88 -60.34
C GLU FA 59 -96.87 33.98 -61.44
N THR FA 60 -96.69 34.53 -62.63
CA THR FA 60 -96.21 33.74 -63.77
C THR FA 60 -94.94 32.95 -63.46
N GLN FA 61 -93.93 33.61 -62.90
CA GLN FA 61 -92.69 32.92 -62.57
C GLN FA 61 -92.52 32.82 -61.06
N ASN FA 62 -93.63 32.88 -60.32
CA ASN FA 62 -93.58 32.81 -58.85
C ASN FA 62 -92.58 33.80 -58.27
N VAL FA 63 -92.36 34.90 -58.98
CA VAL FA 63 -91.45 35.93 -58.52
C VAL FA 63 -92.10 36.67 -57.36
N THR FA 64 -91.36 36.81 -56.27
CA THR FA 64 -91.86 37.51 -55.10
C THR FA 64 -91.48 38.97 -55.16
N ALA FA 65 -92.38 39.85 -54.71
CA ALA FA 65 -92.16 41.27 -54.65
C ALA FA 65 -92.37 41.77 -53.23
N THR FA 66 -91.53 42.71 -52.81
CA THR FA 66 -91.62 43.29 -51.48
C THR FA 66 -92.46 44.55 -51.52
N PHE FA 67 -93.45 44.62 -50.64
CA PHE FA 67 -94.31 45.77 -50.47
C PHE FA 67 -93.96 46.45 -49.14
N SER FA 68 -93.96 47.79 -49.14
CA SER FA 68 -93.56 48.52 -47.95
C SER FA 68 -94.37 49.78 -47.78
N ILE FA 69 -95.23 49.81 -46.78
CA ILE FA 69 -96.00 51.01 -46.52
C ILE FA 69 -95.12 52.02 -45.81
N TYR FA 70 -94.89 53.16 -46.45
CA TYR FA 70 -94.09 54.21 -45.84
C TYR FA 70 -95.02 55.34 -45.48
N SER FA 71 -94.46 56.43 -44.99
CA SER FA 71 -95.28 57.60 -44.70
C SER FA 71 -94.82 58.72 -45.60
N VAL FA 72 -95.20 59.95 -45.29
CA VAL FA 72 -94.76 61.09 -46.07
C VAL FA 72 -94.14 62.12 -45.14
N ASP FA 73 -93.44 63.10 -45.70
CA ASP FA 73 -92.89 64.18 -44.87
C ASP FA 73 -93.35 65.54 -45.36
N GLY FA 74 -92.52 66.55 -45.18
CA GLY FA 74 -92.87 67.89 -45.64
C GLY FA 74 -92.93 67.94 -47.15
N SER FA 75 -92.02 67.23 -47.81
CA SER FA 75 -92.02 67.18 -49.27
C SER FA 75 -92.73 65.94 -49.75
N SER FA 76 -93.61 65.38 -48.93
CA SER FA 76 -94.36 64.17 -49.29
C SER FA 76 -93.48 63.08 -49.88
N ASN FA 77 -92.40 62.73 -49.19
CA ASN FA 77 -91.50 61.72 -49.70
C ASN FA 77 -91.60 60.47 -48.85
N PRO FA 78 -91.43 59.29 -49.47
CA PRO FA 78 -91.49 58.04 -48.71
C PRO FA 78 -90.57 58.02 -47.52
N VAL FA 79 -91.12 58.12 -46.31
CA VAL FA 79 -90.28 58.02 -45.12
C VAL FA 79 -89.82 56.58 -45.10
N PHE FA 80 -88.55 56.35 -45.37
CA PHE FA 80 -88.06 54.97 -45.49
C PHE FA 80 -88.27 53.92 -44.41
N PRO FA 81 -88.34 54.32 -43.12
CA PRO FA 81 -88.69 53.29 -42.15
C PRO FA 81 -90.03 52.68 -42.53
N ALA FA 82 -90.02 51.43 -42.98
CA ALA FA 82 -91.26 50.80 -43.45
C ALA FA 82 -92.15 50.44 -42.29
N LEU FA 83 -93.36 51.00 -42.29
CA LEU FA 83 -94.31 50.68 -41.22
C LEU FA 83 -94.96 49.34 -41.48
N LEU FA 84 -95.01 48.91 -42.74
CA LEU FA 84 -95.56 47.60 -43.06
C LEU FA 84 -94.84 46.96 -44.25
N SER FA 85 -93.79 46.20 -43.97
CA SER FA 85 -93.04 45.55 -45.04
C SER FA 85 -93.29 44.05 -45.09
N PHE FA 86 -93.58 43.51 -46.28
CA PHE FA 86 -93.83 42.08 -46.42
C PHE FA 86 -93.59 41.66 -47.86
N ASP FA 87 -93.24 40.39 -48.03
CA ASP FA 87 -93.02 39.79 -49.34
C ASP FA 87 -94.28 39.07 -49.78
N ALA FA 88 -94.73 39.33 -51.00
CA ALA FA 88 -95.96 38.75 -51.50
C ALA FA 88 -95.86 38.61 -53.02
N ILE FA 89 -96.74 37.78 -53.57
CA ILE FA 89 -96.76 37.47 -54.99
C ILE FA 89 -98.03 38.06 -55.59
N VAL FA 90 -97.87 38.92 -56.58
CA VAL FA 90 -99.03 39.56 -57.23
C VAL FA 90 -99.72 38.51 -58.10
N PRO FA 91 -100.99 38.22 -57.84
CA PRO FA 91 -101.69 37.18 -58.59
C PRO FA 91 -102.14 37.68 -59.96
N ASN FA 92 -102.70 36.77 -60.74
CA ASN FA 92 -103.14 37.06 -62.10
C ASN FA 92 -104.63 37.39 -62.08
N VAL FA 93 -104.94 38.62 -61.68
CA VAL FA 93 -106.31 39.13 -61.68
C VAL FA 93 -106.25 40.57 -62.17
N ALA FA 94 -107.34 41.04 -62.77
CA ALA FA 94 -107.40 42.43 -63.23
C ALA FA 94 -107.25 43.39 -62.06
N SER FA 95 -107.92 43.11 -60.95
CA SER FA 95 -107.82 43.95 -59.76
C SER FA 95 -107.81 43.08 -58.52
N VAL FA 96 -106.85 43.31 -57.63
CA VAL FA 96 -106.73 42.54 -56.40
C VAL FA 96 -106.77 43.51 -55.23
N GLU FA 97 -107.27 43.02 -54.10
CA GLU FA 97 -107.32 43.80 -52.87
C GLU FA 97 -106.00 43.68 -52.13
N PHE FA 98 -105.58 44.80 -51.52
CA PHE FA 98 -104.32 44.81 -50.79
C PHE FA 98 -104.38 43.96 -49.53
N ASP FA 99 -105.58 43.73 -48.97
CA ASP FA 99 -105.69 42.96 -47.74
C ASP FA 99 -105.25 41.52 -47.94
N VAL FA 100 -105.43 40.97 -49.15
CA VAL FA 100 -104.99 39.61 -49.41
C VAL FA 100 -103.48 39.51 -49.31
N LEU FA 101 -102.76 40.48 -49.88
CA LEU FA 101 -101.32 40.38 -49.97
C LEU FA 101 -100.65 40.50 -48.61
N ALA FA 102 -101.17 41.37 -47.74
CA ALA FA 102 -100.55 41.56 -46.43
C ALA FA 102 -100.68 40.29 -45.61
N PRO FA 103 -99.67 39.91 -44.84
CA PRO FA 103 -99.77 38.72 -44.01
C PRO FA 103 -100.65 38.98 -42.79
N THR FA 104 -101.38 37.95 -42.38
CA THR FA 104 -102.29 38.04 -41.26
C THR FA 104 -101.74 37.24 -40.09
N GLY FA 105 -101.59 37.90 -38.94
CA GLY FA 105 -101.03 37.25 -37.77
C GLY FA 105 -100.08 38.17 -37.02
N VAL FA 106 -99.69 37.77 -35.81
CA VAL FA 106 -98.82 38.58 -34.96
C VAL FA 106 -97.58 37.77 -34.62
N VAL FA 107 -96.42 38.42 -34.70
CA VAL FA 107 -95.17 37.75 -34.34
C VAL FA 107 -95.14 37.45 -32.85
N ASN FA 108 -95.51 38.43 -32.02
CA ASN FA 108 -95.52 38.27 -30.56
C ASN FA 108 -96.87 37.71 -30.14
N ASN FA 109 -97.00 36.39 -30.27
CA ASN FA 109 -98.23 35.69 -29.96
C ASN FA 109 -98.31 35.23 -28.51
N GLN FA 110 -97.23 35.35 -27.75
CA GLN FA 110 -97.13 34.83 -26.40
C GLN FA 110 -97.28 35.89 -25.31
N LEU FA 111 -97.64 37.12 -25.66
CA LEU FA 111 -97.64 38.21 -24.70
C LEU FA 111 -99.00 38.48 -24.06
N ASP FA 112 -100.08 37.88 -24.53
CA ASP FA 112 -101.42 38.26 -24.11
C ASP FA 112 -101.94 37.28 -23.07
N THR FA 113 -102.09 37.75 -21.82
CA THR FA 113 -102.78 37.03 -20.75
C THR FA 113 -103.65 38.05 -20.03
N SER FA 114 -104.88 38.20 -20.50
CA SER FA 114 -105.71 39.32 -20.06
C SER FA 114 -107.04 38.89 -19.46
N ALA FA 115 -107.01 37.87 -18.59
CA ALA FA 115 -108.16 37.48 -17.80
C ALA FA 115 -109.34 37.05 -18.68
N LEU FA 116 -109.86 37.96 -19.50
CA LEU FA 116 -110.89 37.58 -20.46
C LEU FA 116 -110.40 36.48 -21.37
N ARG FA 117 -109.20 36.64 -21.93
CA ARG FA 117 -108.65 35.61 -22.81
C ARG FA 117 -108.46 34.30 -22.07
N ILE FA 118 -107.96 34.36 -20.83
CA ILE FA 118 -107.74 33.13 -20.07
C ILE FA 118 -109.07 32.48 -19.72
N ALA FA 119 -110.08 33.30 -19.41
CA ALA FA 119 -111.41 32.75 -19.16
C ALA FA 119 -111.95 32.02 -20.39
N LYS FA 120 -111.79 32.62 -21.56
CA LYS FA 120 -112.22 31.96 -22.80
C LYS FA 120 -111.44 30.68 -23.03
N ILE FA 121 -110.14 30.70 -22.79
CA ILE FA 121 -109.31 29.52 -22.99
C ILE FA 121 -109.76 28.39 -22.08
N ILE FA 122 -109.98 28.71 -20.80
CA ILE FA 122 -110.35 27.67 -19.84
C ILE FA 122 -111.74 27.13 -20.13
N ALA FA 123 -112.67 28.00 -20.53
CA ALA FA 123 -114.02 27.53 -20.84
C ALA FA 123 -114.02 26.66 -22.09
N ASN FA 124 -113.30 27.08 -23.15
CA ASN FA 124 -113.42 26.42 -24.43
C ASN FA 124 -112.74 25.05 -24.45
N ASP FA 125 -111.64 24.91 -23.73
CA ASP FA 125 -110.94 23.62 -23.71
C ASP FA 125 -111.74 22.60 -22.91
N PRO FA 126 -112.03 21.43 -23.47
CA PRO FA 126 -112.79 20.42 -22.71
C PRO FA 126 -112.11 19.98 -21.43
N ALA FA 127 -110.79 19.86 -21.44
CA ALA FA 127 -110.08 19.37 -20.26
C ALA FA 127 -110.14 20.37 -19.12
N LEU FA 128 -109.83 21.64 -19.41
CA LEU FA 128 -109.88 22.66 -18.38
C LEU FA 128 -111.31 22.93 -17.93
N ALA FA 129 -112.27 22.84 -18.86
CA ALA FA 129 -113.68 22.98 -18.46
C ALA FA 129 -114.10 21.87 -17.53
N GLN FA 130 -113.65 20.64 -17.80
CA GLN FA 130 -113.98 19.53 -16.90
C GLN FA 130 -113.29 19.71 -15.56
N LYS FA 131 -112.09 20.29 -15.55
CA LYS FA 131 -111.43 20.58 -14.28
C LYS FA 131 -112.23 21.56 -13.44
N VAL FA 132 -112.77 22.60 -14.06
CA VAL FA 132 -113.64 23.56 -13.36
C VAL FA 132 -115.06 23.04 -13.51
N ALA FA 133 -115.44 22.12 -12.64
CA ALA FA 133 -116.74 21.46 -12.76
C ALA FA 133 -117.65 21.73 -11.56
N GLY FA 134 -117.18 21.45 -10.34
CA GLY FA 134 -118.05 21.53 -9.19
C GLY FA 134 -119.23 20.59 -9.36
N ALA FA 135 -120.43 21.10 -9.06
CA ALA FA 135 -121.68 20.47 -9.50
C ALA FA 135 -121.93 19.15 -8.78
N PRO FA 136 -123.08 18.51 -9.01
CA PRO FA 136 -123.31 17.18 -8.45
C PRO FA 136 -122.26 16.17 -8.91
N TYR FA 137 -121.94 15.24 -8.02
CA TYR FA 137 -121.06 14.11 -8.30
C TYR FA 137 -121.83 12.84 -7.98
N PRO FA 138 -122.38 12.18 -9.00
CA PRO FA 138 -123.20 10.98 -8.75
C PRO FA 138 -122.44 9.90 -8.00
N ARG FA 139 -123.13 9.24 -7.07
CA ARG FA 139 -122.56 8.10 -6.38
C ARG FA 139 -123.52 6.94 -6.18
N GLY FA 140 -124.82 7.12 -6.38
CA GLY FA 140 -125.75 6.00 -6.25
C GLY FA 140 -126.73 6.13 -5.12
N ALA FA 141 -127.32 5.01 -4.71
CA ALA FA 141 -128.28 5.02 -3.62
C ALA FA 141 -127.57 5.33 -2.31
N TYR FA 142 -128.25 6.08 -1.45
CA TYR FA 142 -127.67 6.48 -0.17
C TYR FA 142 -127.51 5.28 0.75
N SER FA 143 -126.42 5.28 1.52
CA SER FA 143 -126.23 4.29 2.57
C SER FA 143 -125.38 4.93 3.66
N ALA FA 144 -125.47 4.37 4.87
CA ALA FA 144 -124.82 4.93 6.04
C ALA FA 144 -123.43 4.35 6.29
N THR FA 145 -122.91 3.53 5.37
CA THR FA 145 -121.61 2.89 5.57
C THR FA 145 -120.52 3.47 4.69
N GLU FA 146 -120.76 4.62 4.06
CA GLU FA 146 -119.77 5.22 3.17
C GLU FA 146 -119.73 6.72 3.40
N THR FA 147 -118.71 7.35 2.83
CA THR FA 147 -118.42 8.76 3.05
C THR FA 147 -118.76 9.56 1.81
N TYR FA 148 -119.56 10.61 1.99
CA TYR FA 148 -119.96 11.48 0.89
C TYR FA 148 -119.26 12.83 1.06
N LEU FA 149 -118.48 13.22 0.05
CA LEU FA 149 -117.78 14.49 0.08
C LEU FA 149 -118.70 15.60 -0.41
N TYR FA 150 -118.17 16.83 -0.44
CA TYR FA 150 -118.95 17.96 -0.91
C TYR FA 150 -119.30 17.79 -2.38
N GLY FA 151 -120.51 18.18 -2.74
CA GLY FA 151 -120.98 18.08 -4.11
C GLY FA 151 -121.41 16.71 -4.55
N GLU FA 152 -121.28 15.70 -3.70
CA GLU FA 152 -121.69 14.35 -4.04
C GLU FA 152 -123.20 14.24 -3.97
N MET FA 153 -123.81 13.70 -5.02
CA MET FA 153 -125.25 13.63 -5.11
C MET FA 153 -125.68 12.17 -5.11
N VAL FA 154 -126.62 11.83 -4.22
CA VAL FA 154 -127.11 10.48 -4.05
C VAL FA 154 -128.62 10.47 -4.22
N SER FA 155 -129.18 9.26 -4.31
CA SER FA 155 -130.61 9.06 -4.36
C SER FA 155 -131.08 8.52 -3.02
N TYR FA 156 -132.20 9.03 -2.54
CA TYR FA 156 -132.73 8.66 -1.24
C TYR FA 156 -134.25 8.83 -1.25
N PHE FA 157 -134.96 7.73 -1.05
CA PHE FA 157 -136.42 7.73 -0.91
C PHE FA 157 -137.09 8.39 -2.11
N GLY FA 158 -136.51 8.20 -3.29
CA GLY FA 158 -137.08 8.75 -4.51
C GLY FA 158 -136.73 10.18 -4.81
N LYS FA 159 -135.91 10.82 -3.99
CA LYS FA 159 -135.43 12.17 -4.26
C LYS FA 159 -133.93 12.14 -4.50
N ASN FA 160 -133.42 13.24 -5.06
CA ASN FA 160 -131.99 13.41 -5.29
C ASN FA 160 -131.46 14.46 -4.33
N TYR FA 161 -130.37 14.13 -3.63
CA TYR FA 161 -129.81 15.02 -2.62
C TYR FA 161 -128.32 15.19 -2.85
N ILE FA 162 -127.88 16.44 -2.95
CA ILE FA 162 -126.47 16.77 -3.09
C ILE FA 162 -125.97 17.26 -1.74
N SER FA 163 -124.89 16.65 -1.25
CA SER FA 163 -124.27 17.08 -0.01
C SER FA 163 -123.61 18.43 -0.19
N LYS FA 164 -123.80 19.30 0.79
CA LYS FA 164 -123.16 20.61 0.79
C LYS FA 164 -122.17 20.79 1.93
N SER FA 165 -122.00 19.78 2.78
CA SER FA 165 -121.02 19.86 3.85
C SER FA 165 -119.61 19.91 3.28
N LEU FA 166 -118.88 20.98 3.61
CA LEU FA 166 -117.51 21.13 3.12
C LEU FA 166 -116.59 20.04 3.65
N SER FA 167 -116.96 19.41 4.73
CA SER FA 167 -116.27 18.29 5.34
C SER FA 167 -117.01 17.00 5.02
N PRO FA 168 -116.31 15.87 4.98
CA PRO FA 168 -117.00 14.60 4.69
C PRO FA 168 -117.99 14.24 5.79
N ILE FA 169 -119.06 13.56 5.38
CA ILE FA 169 -120.12 13.15 6.30
C ILE FA 169 -120.33 11.66 6.18
N ILE FA 170 -120.78 11.05 7.27
CA ILE FA 170 -121.09 9.63 7.32
C ILE FA 170 -122.35 9.44 8.14
N ASN FA 171 -123.28 8.61 7.62
CA ASN FA 171 -124.43 8.13 8.36
C ASN FA 171 -125.48 9.23 8.54
N ILE FA 172 -125.13 10.46 8.17
CA ILE FA 172 -126.10 11.54 8.25
C ILE FA 172 -127.10 11.40 7.10
N LEU FA 173 -128.38 11.41 7.45
CA LEU FA 173 -129.41 11.16 6.45
C LEU FA 173 -129.50 12.30 5.45
N PRO FA 174 -129.80 12.00 4.18
CA PRO FA 174 -129.97 13.06 3.19
C PRO FA 174 -131.14 13.98 3.49
N THR FA 175 -132.10 13.54 4.30
CA THR FA 175 -133.21 14.42 4.66
C THR FA 175 -132.78 15.53 5.61
N VAL FA 176 -131.67 15.36 6.33
CA VAL FA 176 -131.20 16.38 7.25
C VAL FA 176 -130.65 17.54 6.44
N THR FA 177 -131.39 18.65 6.41
CA THR FA 177 -131.08 19.76 5.52
C THR FA 177 -129.82 20.51 5.89
N ASP FA 178 -129.22 20.22 7.05
CA ASP FA 178 -128.00 20.91 7.44
C ASP FA 178 -126.84 20.64 6.49
N SER FA 179 -126.71 19.42 5.99
CA SER FA 179 -125.58 19.05 5.14
C SER FA 179 -125.97 18.53 3.76
N TRP FA 180 -127.26 18.28 3.50
CA TRP FA 180 -127.75 17.92 2.18
C TRP FA 180 -128.76 18.94 1.71
N TYR FA 181 -128.90 19.05 0.39
CA TYR FA 181 -129.99 19.81 -0.17
C TYR FA 181 -130.54 19.09 -1.38
N GLU FA 182 -131.84 19.24 -1.60
CA GLU FA 182 -132.56 18.45 -2.59
C GLU FA 182 -132.56 19.16 -3.94
N LEU FA 183 -132.47 18.36 -5.01
CA LEU FA 183 -132.47 18.86 -6.38
C LEU FA 183 -133.89 18.74 -6.94
N VAL FA 184 -134.56 19.89 -7.09
CA VAL FA 184 -135.96 19.89 -7.45
C VAL FA 184 -136.14 19.37 -8.88
N ILE FA 185 -137.34 18.83 -9.14
CA ILE FA 185 -137.69 18.35 -10.46
C ILE FA 185 -138.94 19.05 -11.01
N THR FA 186 -139.96 19.24 -10.18
CA THR FA 186 -141.15 20.02 -10.51
C THR FA 186 -141.79 19.55 -11.82
N LEU FA 187 -142.32 18.33 -11.81
CA LEU FA 187 -142.98 17.77 -12.99
C LEU FA 187 -144.49 17.97 -12.87
N PRO FA 188 -145.10 18.78 -13.74
CA PRO FA 188 -146.56 18.92 -13.72
C PRO FA 188 -147.27 18.04 -14.75
N GLU FA 189 -148.46 17.53 -14.41
CA GLU FA 189 -149.36 16.89 -15.37
C GLU FA 189 -148.64 15.74 -16.09
N SER FA 190 -148.30 14.72 -15.28
CA SER FA 190 -147.51 13.62 -15.78
C SER FA 190 -148.31 12.73 -16.72
N VAL FA 191 -147.65 12.16 -17.71
CA VAL FA 191 -148.33 11.35 -18.71
C VAL FA 191 -148.08 9.86 -18.45
N SER FA 192 -146.82 9.44 -18.51
CA SER FA 192 -146.48 8.02 -18.35
C SER FA 192 -146.47 7.69 -16.87
N VAL FA 193 -147.45 6.93 -16.42
CA VAL FA 193 -147.48 6.51 -15.02
C VAL FA 193 -147.57 5.00 -14.91
N ILE FA 194 -148.65 4.41 -15.41
CA ILE FA 194 -148.90 2.99 -15.20
C ILE FA 194 -149.23 2.23 -16.48
N ALA FA 195 -149.64 2.88 -17.57
CA ALA FA 195 -149.92 2.15 -18.80
C ALA FA 195 -148.66 1.48 -19.35
N THR FA 196 -147.54 2.19 -19.30
CA THR FA 196 -146.29 1.62 -19.82
C THR FA 196 -145.82 0.46 -18.96
N GLY FA 197 -146.33 0.33 -17.74
CA GLY FA 197 -145.93 -0.75 -16.87
C GLY FA 197 -146.75 -2.01 -16.93
N SER FA 198 -147.70 -2.09 -17.86
CA SER FA 198 -148.64 -3.21 -17.86
C SER FA 198 -148.03 -4.49 -18.43
N ASP FA 199 -147.65 -4.45 -19.71
CA ASP FA 199 -147.09 -5.60 -20.41
C ASP FA 199 -148.02 -6.82 -20.34
N THR FA 200 -148.06 -7.48 -19.19
CA THR FA 200 -148.75 -8.75 -18.97
C THR FA 200 -148.02 -9.86 -19.74
N ALA FA 201 -147.98 -11.06 -19.17
CA ALA FA 201 -147.13 -12.13 -19.70
C ALA FA 201 -148.03 -13.24 -20.26
N TYR FA 202 -148.41 -13.08 -21.53
CA TYR FA 202 -149.13 -14.10 -22.30
C TYR FA 202 -149.30 -13.58 -23.71
N GLY FA 203 -149.66 -14.49 -24.61
CA GLY FA 203 -149.97 -14.11 -25.98
C GLY FA 203 -148.82 -14.32 -26.93
N THR FA 204 -148.87 -15.41 -27.71
CA THR FA 204 -147.85 -15.69 -28.70
C THR FA 204 -148.40 -15.56 -30.12
N GLY FA 205 -149.44 -16.33 -30.45
CA GLY FA 205 -150.15 -16.12 -31.70
C GLY FA 205 -151.64 -16.24 -31.53
N TRP FA 206 -152.36 -15.13 -31.75
CA TRP FA 206 -153.81 -15.07 -31.59
C TRP FA 206 -154.32 -13.88 -32.39
N ASN FA 207 -155.64 -13.69 -32.36
CA ASN FA 207 -156.23 -12.56 -33.06
C ASN FA 207 -157.38 -11.89 -32.33
N GLY FA 208 -157.69 -12.28 -31.09
CA GLY FA 208 -158.83 -11.70 -30.42
C GLY FA 208 -158.61 -11.29 -28.98
N SER FA 209 -157.48 -11.68 -28.40
CA SER FA 209 -157.23 -11.46 -26.98
C SER FA 209 -156.75 -10.05 -26.65
N LEU FA 210 -156.62 -9.18 -27.66
CA LEU FA 210 -156.26 -7.78 -27.47
C LEU FA 210 -154.93 -7.65 -26.73
N LEU FA 211 -153.89 -8.20 -27.37
CA LEU FA 211 -152.53 -8.19 -26.84
C LEU FA 211 -151.91 -6.79 -27.02
N VAL FA 212 -152.48 -5.84 -26.27
CA VAL FA 212 -152.04 -4.46 -26.30
C VAL FA 212 -150.67 -4.31 -25.67
N PRO FA 213 -150.48 -4.58 -24.38
CA PRO FA 213 -149.27 -4.11 -23.69
C PRO FA 213 -148.08 -5.04 -23.76
N THR FA 214 -148.23 -6.28 -24.23
CA THR FA 214 -147.19 -7.28 -24.11
C THR FA 214 -145.91 -6.85 -24.82
N GLN FA 215 -144.76 -7.02 -24.14
CA GLN FA 215 -143.47 -6.70 -24.72
C GLN FA 215 -142.49 -7.86 -24.60
N ASN FA 216 -142.55 -8.61 -23.50
CA ASN FA 216 -141.63 -9.73 -23.31
C ASN FA 216 -141.97 -10.87 -24.25
N ALA FA 217 -143.24 -11.24 -24.33
CA ALA FA 217 -143.64 -12.28 -25.27
C ALA FA 217 -143.43 -11.83 -26.71
N VAL FA 218 -143.58 -10.54 -26.98
CA VAL FA 218 -143.24 -10.01 -28.30
C VAL FA 218 -141.78 -10.24 -28.59
N TYR FA 219 -140.92 -9.97 -27.61
CA TYR FA 219 -139.49 -10.19 -27.79
C TYR FA 219 -139.18 -11.66 -28.03
N ASP FA 220 -139.84 -12.54 -27.27
CA ASP FA 220 -139.56 -13.96 -27.42
C ASP FA 220 -140.02 -14.48 -28.79
N LYS FA 221 -141.20 -14.08 -29.24
CA LYS FA 221 -141.65 -14.50 -30.55
C LYS FA 221 -140.75 -13.93 -31.64
N ILE FA 222 -140.30 -12.68 -31.48
CA ILE FA 222 -139.48 -12.09 -32.52
C ILE FA 222 -138.07 -12.71 -32.53
N VAL FA 223 -137.53 -13.12 -31.38
CA VAL FA 223 -136.25 -13.81 -31.42
C VAL FA 223 -136.41 -15.19 -32.02
N THR FA 224 -137.55 -15.86 -31.78
CA THR FA 224 -137.80 -17.13 -32.45
C THR FA 224 -137.85 -16.94 -33.96
N VAL FA 225 -138.54 -15.90 -34.42
CA VAL FA 225 -138.64 -15.62 -35.85
C VAL FA 225 -137.26 -15.32 -36.43
N ASP FA 226 -136.48 -14.49 -35.72
CA ASP FA 226 -135.15 -14.13 -36.20
C ASP FA 226 -134.24 -15.34 -36.25
N ALA FA 227 -134.34 -16.22 -35.26
CA ALA FA 227 -133.55 -17.46 -35.28
C ALA FA 227 -133.95 -18.34 -36.44
N ALA FA 228 -135.24 -18.43 -36.74
CA ALA FA 228 -135.69 -19.20 -37.89
C ALA FA 228 -135.14 -18.63 -39.19
N ILE FA 229 -135.18 -17.30 -39.33
CA ILE FA 229 -134.66 -16.66 -40.53
C ILE FA 229 -133.16 -16.86 -40.66
N ALA FA 230 -132.44 -16.75 -39.54
CA ALA FA 230 -130.99 -16.95 -39.57
C ALA FA 230 -130.65 -18.39 -39.90
N THR FA 231 -131.40 -19.35 -39.39
CA THR FA 231 -131.17 -20.74 -39.74
C THR FA 231 -131.48 -21.00 -41.22
N ALA FA 232 -132.51 -20.33 -41.74
CA ALA FA 232 -132.78 -20.41 -43.17
C ALA FA 232 -131.62 -19.85 -43.98
N ASN FA 233 -131.05 -18.73 -43.55
CA ASN FA 233 -129.89 -18.16 -44.24
C ASN FA 233 -128.70 -19.11 -44.17
N THR FA 234 -128.49 -19.73 -43.01
CA THR FA 234 -127.39 -20.69 -42.86
C THR FA 234 -127.59 -21.88 -43.80
N ASN FA 235 -128.82 -22.39 -43.88
CA ASN FA 235 -129.11 -23.49 -44.80
C ASN FA 235 -128.90 -23.08 -46.25
N ILE FA 236 -129.29 -21.84 -46.59
CA ILE FA 236 -129.13 -21.37 -47.96
C ILE FA 236 -127.65 -21.29 -48.32
N THR FA 237 -126.84 -20.73 -47.42
CA THR FA 237 -125.40 -20.64 -47.68
C THR FA 237 -124.77 -22.03 -47.74
N ASN FA 238 -125.20 -22.93 -46.86
CA ASN FA 238 -124.67 -24.29 -46.86
C ASN FA 238 -124.99 -25.01 -48.17
N LEU FA 239 -126.22 -24.87 -48.65
CA LEU FA 239 -126.58 -25.43 -49.95
C LEU FA 239 -125.79 -24.78 -51.07
N GLY FA 240 -125.60 -23.46 -51.00
CA GLY FA 240 -124.84 -22.78 -52.05
C GLY FA 240 -123.42 -23.28 -52.15
N THR FA 241 -122.76 -23.48 -51.01
CA THR FA 241 -121.39 -24.00 -51.06
C THR FA 241 -121.36 -25.50 -51.29
N ALA FA 242 -122.47 -26.20 -51.04
CA ALA FA 242 -122.46 -27.66 -51.07
C ALA FA 242 -122.78 -28.22 -52.44
N LYS FA 243 -123.53 -27.49 -53.26
CA LYS FA 243 -123.87 -27.95 -54.60
C LYS FA 243 -122.84 -27.46 -55.61
N ALA FA 244 -122.94 -27.98 -56.83
CA ALA FA 244 -122.06 -27.59 -57.92
C ALA FA 244 -122.65 -26.41 -58.68
N ASP FA 245 -121.77 -25.53 -59.13
CA ASP FA 245 -122.18 -24.35 -59.88
C ASP FA 245 -122.44 -24.69 -61.33
N LEU FA 246 -123.35 -23.94 -61.96
CA LEU FA 246 -123.73 -24.22 -63.34
C LEU FA 246 -122.58 -23.97 -64.30
N SER FA 247 -121.95 -22.80 -64.20
CA SER FA 247 -120.91 -22.43 -65.16
C SER FA 247 -119.71 -23.36 -65.06
N TYR FA 248 -119.33 -23.74 -63.84
CA TYR FA 248 -118.19 -24.64 -63.66
C TYR FA 248 -118.46 -25.98 -64.32
N VAL FA 249 -119.66 -26.52 -64.11
CA VAL FA 249 -120.03 -27.80 -64.72
C VAL FA 249 -120.05 -27.67 -66.23
N ASN FA 250 -120.56 -26.56 -66.74
CA ASN FA 250 -120.58 -26.35 -68.19
C ASN FA 250 -119.16 -26.31 -68.75
N THR FA 251 -118.25 -25.61 -68.07
CA THR FA 251 -116.87 -25.52 -68.55
C THR FA 251 -116.20 -26.88 -68.54
N GLN FA 252 -116.32 -27.61 -67.44
CA GLN FA 252 -115.71 -28.94 -67.37
C GLN FA 252 -116.30 -29.88 -68.40
N LEU FA 253 -117.62 -29.83 -68.59
CA LEU FA 253 -118.27 -30.67 -69.58
C LEU FA 253 -117.81 -30.32 -70.98
N SER FA 254 -117.66 -29.03 -71.28
CA SER FA 254 -117.20 -28.61 -72.60
C SER FA 254 -115.76 -29.05 -72.85
N ALA FA 255 -114.91 -28.99 -71.83
CA ALA FA 255 -113.55 -29.48 -71.98
C ALA FA 255 -113.54 -30.98 -72.26
N ASP FA 256 -114.33 -31.73 -71.50
CA ASP FA 256 -114.42 -33.17 -71.75
C ASP FA 256 -114.96 -33.46 -73.15
N GLN FA 257 -115.96 -32.70 -73.59
CA GLN FA 257 -116.55 -32.91 -74.90
C GLN FA 257 -115.57 -32.60 -76.02
N VAL FA 258 -114.80 -31.53 -75.89
CA VAL FA 258 -113.86 -31.19 -76.97
C VAL FA 258 -112.73 -32.21 -77.02
N VAL FA 259 -112.24 -32.63 -75.85
CA VAL FA 259 -111.23 -33.69 -75.85
C VAL FA 259 -111.81 -34.97 -76.43
N LEU FA 260 -113.07 -35.25 -76.14
CA LEU FA 260 -113.72 -36.45 -76.65
C LEU FA 260 -113.84 -36.42 -78.17
N ASP FA 261 -114.26 -35.30 -78.74
CA ASP FA 261 -114.43 -35.25 -80.19
C ASP FA 261 -113.07 -35.28 -80.88
N ALA FA 262 -112.06 -34.62 -80.30
CA ALA FA 262 -110.72 -34.72 -80.87
C ALA FA 262 -110.21 -36.15 -80.84
N LEU FA 263 -110.47 -36.86 -79.75
CA LEU FA 263 -110.02 -38.24 -79.63
C LEU FA 263 -110.77 -39.15 -80.60
N SER FA 264 -112.07 -38.92 -80.76
CA SER FA 264 -112.85 -39.74 -81.69
C SER FA 264 -112.46 -39.48 -83.14
N SER FA 265 -112.06 -38.25 -83.47
CA SER FA 265 -111.69 -37.94 -84.85
C SER FA 265 -110.37 -38.60 -85.23
N GLY FA 266 -109.29 -38.23 -84.56
CA GLY FA 266 -107.97 -38.70 -84.92
C GLY FA 266 -107.50 -39.94 -84.19
N LYS FA 267 -108.23 -41.04 -84.35
CA LYS FA 267 -107.86 -42.30 -83.72
C LYS FA 267 -108.16 -43.44 -84.69
N ALA FA 268 -107.63 -44.61 -84.37
CA ALA FA 268 -107.72 -45.77 -85.25
C ALA FA 268 -108.92 -46.63 -84.83
N ASP FA 269 -109.98 -46.56 -85.63
CA ASP FA 269 -111.12 -47.45 -85.45
C ASP FA 269 -110.74 -48.87 -85.86
N LEU FA 270 -111.36 -49.84 -85.19
CA LEU FA 270 -110.97 -51.24 -85.38
C LEU FA 270 -111.25 -51.71 -86.80
N SER FA 271 -112.39 -51.31 -87.38
CA SER FA 271 -112.76 -51.79 -88.70
C SER FA 271 -111.75 -51.33 -89.75
N TYR FA 272 -111.34 -50.06 -89.70
CA TYR FA 272 -110.39 -49.55 -90.67
C TYR FA 272 -109.04 -50.24 -90.54
N VAL FA 273 -108.58 -50.45 -89.31
CA VAL FA 273 -107.28 -51.08 -89.11
C VAL FA 273 -107.31 -52.53 -89.59
N ASN FA 274 -108.39 -53.25 -89.30
CA ASN FA 274 -108.51 -54.63 -89.77
C ASN FA 274 -108.58 -54.69 -91.29
N THR FA 275 -109.30 -53.76 -91.91
CA THR FA 275 -109.38 -53.74 -93.36
C THR FA 275 -108.01 -53.47 -93.98
N GLN FA 276 -107.26 -52.52 -93.41
CA GLN FA 276 -105.94 -52.21 -93.96
C GLN FA 276 -104.96 -53.35 -93.71
N LEU FA 277 -105.12 -54.04 -92.58
CA LEU FA 277 -104.33 -55.25 -92.34
C LEU FA 277 -104.62 -56.31 -93.40
N ASN FA 278 -105.91 -56.54 -93.69
CA ASN FA 278 -106.27 -57.50 -94.72
C ASN FA 278 -105.77 -57.08 -96.09
N SER FA 279 -105.61 -55.77 -96.31
CA SER FA 279 -105.03 -55.30 -97.56
C SER FA 279 -103.61 -55.80 -97.74
N LYS FA 280 -102.80 -55.79 -96.68
CA LYS FA 280 -101.43 -56.26 -96.75
C LYS FA 280 -100.93 -56.74 -95.40
N MET GA 1 -116.10 49.29 -33.39
CA MET GA 1 -116.83 48.02 -33.31
C MET GA 1 -116.88 47.50 -31.87
N THR GA 2 -116.18 48.19 -30.96
CA THR GA 2 -116.24 47.86 -29.55
C THR GA 2 -115.90 49.09 -28.74
N ASN GA 3 -116.70 49.35 -27.70
CA ASN GA 3 -116.51 50.50 -26.83
C ASN GA 3 -115.88 50.03 -25.53
N ILE GA 4 -114.71 50.56 -25.21
CA ILE GA 4 -114.03 50.25 -23.97
C ILE GA 4 -114.36 51.32 -22.94
N VAL GA 5 -114.80 50.89 -21.76
CA VAL GA 5 -115.14 51.79 -20.66
C VAL GA 5 -114.26 51.44 -19.47
N GLY GA 6 -114.27 52.33 -18.48
CA GLY GA 6 -113.50 52.11 -17.28
C GLY GA 6 -113.04 53.43 -16.69
N ARG GA 7 -112.55 53.35 -15.46
CA ARG GA 7 -111.99 54.48 -14.74
C ARG GA 7 -110.57 54.15 -14.30
N ILE GA 8 -109.66 55.10 -14.45
CA ILE GA 8 -108.28 54.94 -14.02
C ILE GA 8 -108.11 55.66 -12.70
N GLY GA 9 -107.64 54.94 -11.68
CA GLY GA 9 -107.44 55.55 -10.39
C GLY GA 9 -106.13 56.32 -10.31
N PHE GA 10 -106.12 57.34 -9.44
CA PHE GA 10 -104.95 58.17 -9.19
C PHE GA 10 -104.45 58.84 -10.46
N LEU GA 11 -105.35 59.08 -11.42
CA LEU GA 11 -104.97 59.77 -12.65
C LEU GA 11 -106.18 60.56 -13.12
N THR GA 12 -106.16 61.87 -12.87
CA THR GA 12 -107.25 62.73 -13.33
C THR GA 12 -107.22 62.89 -14.85
N THR GA 13 -106.06 63.20 -15.41
CA THR GA 13 -105.93 63.51 -16.83
C THR GA 13 -104.75 62.77 -17.43
N GLY GA 14 -104.97 62.16 -18.59
CA GLY GA 14 -103.91 61.43 -19.25
C GLY GA 14 -104.36 60.93 -20.62
N LYS GA 15 -103.48 60.14 -21.23
CA LYS GA 15 -103.73 59.55 -22.53
C LYS GA 15 -103.72 58.04 -22.43
N LEU GA 16 -104.56 57.40 -23.25
CA LEU GA 16 -104.59 55.95 -23.40
C LEU GA 16 -104.29 55.62 -24.86
N GLY GA 17 -103.17 54.93 -25.08
CA GLY GA 17 -102.76 54.58 -26.42
C GLY GA 17 -103.00 53.11 -26.71
N ILE GA 18 -103.72 52.86 -27.81
CA ILE GA 18 -103.97 51.51 -28.30
C ILE GA 18 -103.19 51.34 -29.59
N LYS GA 19 -102.32 50.33 -29.63
CA LYS GA 19 -101.47 50.09 -30.77
C LYS GA 19 -101.59 48.64 -31.20
N LEU GA 20 -101.89 48.42 -32.49
CA LEU GA 20 -102.07 47.06 -32.97
C LEU GA 20 -100.74 46.32 -32.99
N ARG GA 21 -100.82 45.00 -32.87
CA ARG GA 21 -99.64 44.15 -32.96
C ARG GA 21 -99.60 43.31 -34.24
N GLY GA 22 -100.71 43.25 -34.97
CA GLY GA 22 -100.74 42.58 -36.25
C GLY GA 22 -101.52 43.41 -37.25
N VAL GA 23 -101.74 42.83 -38.43
CA VAL GA 23 -102.55 43.48 -39.45
C VAL GA 23 -104.01 43.16 -39.19
N LEU GA 24 -104.85 44.18 -39.16
CA LEU GA 24 -106.29 44.01 -38.98
C LEU GA 24 -107.00 44.35 -40.27
N ILE GA 25 -108.03 43.58 -40.63
CA ILE GA 25 -108.76 43.84 -41.86
C ILE GA 25 -110.21 44.23 -41.65
N ASP GA 26 -110.60 45.43 -42.05
CA ASP GA 26 -112.00 45.80 -41.97
C ASP GA 26 -112.66 45.46 -43.29
N GLU GA 27 -113.25 44.28 -43.37
CA GLU GA 27 -113.87 43.84 -44.62
C GLU GA 27 -115.20 44.53 -44.83
N SER GA 28 -115.63 45.32 -43.85
CA SER GA 28 -116.91 46.02 -43.96
C SER GA 28 -116.86 47.06 -45.05
N THR GA 29 -115.75 47.77 -45.17
CA THR GA 29 -115.60 48.75 -46.24
C THR GA 29 -115.34 48.00 -47.52
N THR GA 30 -115.84 48.50 -48.64
CA THR GA 30 -115.54 47.88 -49.93
C THR GA 30 -114.03 47.74 -50.11
N PRO GA 31 -113.27 48.85 -50.06
CA PRO GA 31 -111.82 48.60 -50.11
C PRO GA 31 -111.44 48.24 -48.68
N ASN GA 32 -111.18 46.98 -48.43
CA ASN GA 32 -110.92 46.53 -47.05
C ASN GA 32 -109.88 47.37 -46.31
N THR GA 33 -110.30 48.01 -45.21
CA THR GA 33 -109.37 48.85 -44.44
C THR GA 33 -108.31 48.04 -43.74
N THR GA 34 -107.12 48.00 -44.30
CA THR GA 34 -106.01 47.27 -43.71
C THR GA 34 -105.38 48.15 -42.65
N TYR GA 35 -105.85 48.01 -41.41
CA TYR GA 35 -105.19 48.67 -40.29
C TYR GA 35 -103.84 48.02 -40.04
N LEU GA 36 -102.80 48.84 -40.01
CA LEU GA 36 -101.46 48.30 -39.85
C LEU GA 36 -100.93 48.57 -38.46
N PRO GA 37 -100.12 47.67 -37.92
CA PRO GA 37 -99.66 47.80 -36.54
C PRO GA 37 -98.60 48.88 -36.41
N GLY GA 38 -98.29 49.20 -35.16
CA GLY GA 38 -97.27 50.18 -34.83
C GLY GA 38 -97.74 51.62 -34.80
N ILE GA 39 -98.99 51.88 -35.17
CA ILE GA 39 -99.56 53.23 -35.15
C ILE GA 39 -100.51 53.31 -33.97
N GLU GA 40 -100.22 54.20 -33.04
CA GLU GA 40 -100.89 54.25 -31.75
C GLU GA 40 -102.03 55.26 -31.78
N SER GA 41 -103.25 54.78 -31.59
CA SER GA 41 -104.42 55.64 -31.48
C SER GA 41 -104.55 56.12 -30.04
N PHE GA 42 -104.65 57.44 -29.86
CA PHE GA 42 -104.68 58.05 -28.54
C PHE GA 42 -106.10 58.49 -28.19
N PHE GA 43 -106.51 58.19 -26.97
CA PHE GA 43 -107.78 58.64 -26.42
C PHE GA 43 -107.52 59.36 -25.10
N ASN GA 44 -108.44 60.25 -24.76
CA ASN GA 44 -108.30 61.06 -23.56
C ASN GA 44 -108.91 60.35 -22.36
N ILE GA 45 -108.28 60.50 -21.20
CA ILE GA 45 -108.91 60.16 -19.94
C ILE GA 45 -108.93 61.44 -19.12
N THR GA 46 -110.12 61.87 -18.73
CA THR GA 46 -110.33 63.10 -18.00
C THR GA 46 -111.13 62.80 -16.74
N ALA GA 47 -110.70 63.39 -15.63
CA ALA GA 47 -111.36 63.20 -14.33
C ALA GA 47 -111.47 61.72 -13.98
N ASN GA 48 -110.38 60.98 -14.23
CA ASN GA 48 -110.30 59.55 -13.95
C ASN GA 48 -111.30 58.73 -14.75
N VAL GA 49 -111.71 59.20 -15.93
CA VAL GA 49 -112.74 58.53 -16.72
C VAL GA 49 -112.22 58.33 -18.13
N LEU GA 50 -112.34 57.10 -18.63
CA LEU GA 50 -112.11 56.83 -20.05
C LEU GA 50 -113.16 57.59 -20.85
N THR GA 51 -112.76 58.67 -21.52
CA THR GA 51 -113.70 59.57 -22.15
C THR GA 51 -114.53 58.87 -23.21
N SER GA 52 -113.90 58.43 -24.30
CA SER GA 52 -114.63 57.79 -25.40
C SER GA 52 -113.64 56.88 -26.12
N VAL GA 53 -113.73 55.59 -25.86
CA VAL GA 53 -112.82 54.61 -26.43
C VAL GA 53 -113.64 53.74 -27.38
N SER GA 54 -113.55 54.03 -28.68
CA SER GA 54 -114.20 53.25 -29.71
C SER GA 54 -113.10 52.65 -30.58
N TYR GA 55 -112.96 51.34 -30.54
CA TYR GA 55 -111.90 50.68 -31.29
C TYR GA 55 -112.47 49.48 -32.03
N PRO GA 56 -111.92 49.15 -33.20
CA PRO GA 56 -112.31 47.92 -33.87
C PRO GA 56 -111.98 46.71 -33.01
N GLU GA 57 -112.89 45.75 -33.00
CA GLU GA 57 -112.63 44.52 -32.28
C GLU GA 57 -111.55 43.71 -33.00
N THR GA 58 -110.90 42.84 -32.25
CA THR GA 58 -109.87 41.97 -32.82
C THR GA 58 -110.06 40.51 -32.44
N GLU GA 59 -111.17 40.15 -31.78
CA GLU GA 59 -111.35 38.77 -31.34
C GLU GA 59 -111.63 37.85 -32.52
N THR GA 60 -112.30 38.35 -33.55
CA THR GA 60 -112.60 37.53 -34.72
C THR GA 60 -111.32 37.06 -35.41
N GLN GA 61 -110.39 37.98 -35.66
CA GLN GA 61 -109.15 37.65 -36.34
C GLN GA 61 -108.01 37.31 -35.38
N ASN GA 62 -108.25 37.41 -34.07
CA ASN GA 62 -107.28 37.04 -33.05
C ASN GA 62 -105.98 37.84 -33.18
N VAL GA 63 -106.11 39.15 -33.17
CA VAL GA 63 -104.98 40.07 -33.28
C VAL GA 63 -104.81 40.77 -31.94
N THR GA 64 -103.60 40.77 -31.40
CA THR GA 64 -103.35 41.39 -30.11
C THR GA 64 -103.17 42.89 -30.27
N ALA GA 65 -103.53 43.61 -29.22
CA ALA GA 65 -103.39 45.06 -29.19
C ALA GA 65 -102.78 45.47 -27.86
N THR GA 66 -101.83 46.39 -27.91
CA THR GA 66 -101.16 46.90 -26.73
C THR GA 66 -101.89 48.15 -26.23
N PHE GA 67 -102.32 48.10 -24.98
CA PHE GA 67 -102.91 49.24 -24.30
C PHE GA 67 -101.89 49.83 -23.35
N SER GA 68 -101.70 51.15 -23.42
CA SER GA 68 -100.76 51.83 -22.55
C SER GA 68 -101.39 53.10 -22.01
N ILE GA 69 -100.97 53.46 -20.79
CA ILE GA 69 -101.46 54.66 -20.11
C ILE GA 69 -100.30 55.61 -19.90
N TYR GA 70 -100.48 56.87 -20.30
CA TYR GA 70 -99.45 57.88 -20.16
C TYR GA 70 -100.02 59.10 -19.46
N SER GA 71 -99.17 59.81 -18.73
CA SER GA 71 -99.51 61.12 -18.23
C SER GA 71 -99.42 62.15 -19.34
N VAL GA 72 -100.21 63.21 -19.21
CA VAL GA 72 -100.22 64.30 -20.19
C VAL GA 72 -99.27 65.39 -19.72
N ASP GA 73 -98.46 65.90 -20.63
CA ASP GA 73 -97.55 67.00 -20.32
C ASP GA 73 -98.33 68.31 -20.34
N GLY GA 74 -97.62 69.43 -20.32
CA GLY GA 74 -98.29 70.72 -20.42
C GLY GA 74 -99.05 70.88 -21.71
N SER GA 75 -98.47 70.40 -22.82
CA SER GA 75 -99.09 70.49 -24.14
C SER GA 75 -100.01 69.31 -24.44
N SER GA 76 -100.49 68.62 -23.41
CA SER GA 76 -101.43 67.51 -23.52
C SER GA 76 -100.85 66.32 -24.29
N ASN GA 77 -99.57 66.35 -24.60
CA ASN GA 77 -98.96 65.21 -25.27
C ASN GA 77 -98.71 64.07 -24.28
N PRO GA 78 -98.79 62.80 -24.75
CA PRO GA 78 -98.43 61.80 -23.75
C PRO GA 78 -96.95 61.82 -23.45
N VAL GA 79 -96.57 61.80 -22.18
CA VAL GA 79 -95.16 61.70 -21.85
C VAL GA 79 -94.99 60.20 -22.02
N PHE GA 80 -93.78 59.70 -22.23
CA PHE GA 80 -93.67 58.27 -22.49
C PHE GA 80 -93.04 57.31 -21.49
N PRO GA 81 -93.54 57.25 -20.23
CA PRO GA 81 -92.98 56.21 -19.37
C PRO GA 81 -93.94 55.03 -19.31
N ALA GA 82 -95.05 55.13 -20.03
CA ALA GA 82 -96.20 54.23 -19.95
C ALA GA 82 -96.53 53.73 -18.55
N LEU GA 83 -97.31 54.49 -17.77
CA LEU GA 83 -97.56 54.07 -16.39
C LEU GA 83 -97.96 52.60 -16.33
N LEU GA 84 -98.82 52.18 -17.24
CA LEU GA 84 -99.30 50.79 -17.26
C LEU GA 84 -99.52 50.40 -18.72
N SER GA 85 -98.79 49.37 -19.17
CA SER GA 85 -98.91 48.88 -20.53
C SER GA 85 -99.03 47.37 -20.52
N PHE GA 86 -99.81 46.84 -21.45
CA PHE GA 86 -100.05 45.41 -21.53
C PHE GA 86 -100.65 45.08 -22.89
N ASP GA 87 -100.91 43.79 -23.12
CA ASP GA 87 -101.48 43.32 -24.37
C ASP GA 87 -102.78 42.59 -24.11
N ALA GA 88 -103.77 42.83 -24.96
CA ALA GA 88 -105.07 42.20 -24.81
C ALA GA 88 -105.76 42.16 -26.17
N ILE GA 89 -106.82 41.37 -26.23
CA ILE GA 89 -107.66 41.23 -27.43
C ILE GA 89 -108.97 41.96 -27.17
N VAL GA 90 -109.36 42.83 -28.09
CA VAL GA 90 -110.64 43.52 -27.99
C VAL GA 90 -111.75 42.55 -28.40
N PRO GA 91 -112.67 42.20 -27.50
CA PRO GA 91 -113.72 41.25 -27.86
C PRO GA 91 -114.73 41.85 -28.82
N ASN GA 92 -115.40 40.98 -29.57
CA ASN GA 92 -116.41 41.38 -30.54
C ASN GA 92 -117.74 41.56 -29.84
N VAL GA 93 -117.77 42.53 -28.92
CA VAL GA 93 -118.96 42.85 -28.15
C VAL GA 93 -119.18 44.35 -28.20
N ALA GA 94 -120.39 44.77 -27.84
CA ALA GA 94 -120.74 46.18 -27.89
C ALA GA 94 -119.88 47.01 -26.95
N SER GA 95 -119.66 46.51 -25.72
CA SER GA 95 -118.89 47.25 -24.75
C SER GA 95 -118.14 46.29 -23.85
N VAL GA 96 -116.92 46.67 -23.49
CA VAL GA 96 -116.09 45.92 -22.56
C VAL GA 96 -115.45 46.91 -21.59
N GLU GA 97 -115.35 46.51 -20.32
CA GLU GA 97 -114.75 47.36 -19.31
C GLU GA 97 -113.26 47.11 -19.24
N PHE GA 98 -112.50 48.19 -19.04
CA PHE GA 98 -111.04 48.13 -19.02
C PHE GA 98 -110.52 47.17 -17.95
N ASP GA 99 -111.29 46.94 -16.90
CA ASP GA 99 -110.86 46.04 -15.83
C ASP GA 99 -110.57 44.64 -16.37
N VAL GA 100 -111.47 44.09 -17.18
CA VAL GA 100 -111.35 42.70 -17.59
C VAL GA 100 -110.10 42.51 -18.44
N LEU GA 101 -109.81 43.45 -19.32
CA LEU GA 101 -108.59 43.41 -20.13
C LEU GA 101 -107.44 44.02 -19.33
N ALA GA 102 -106.96 43.26 -18.35
CA ALA GA 102 -105.82 43.64 -17.54
C ALA GA 102 -104.89 42.44 -17.39
N PRO GA 103 -103.59 42.67 -17.28
CA PRO GA 103 -102.64 41.56 -17.31
C PRO GA 103 -102.87 40.57 -16.17
N THR GA 104 -102.57 39.31 -16.46
CA THR GA 104 -102.77 38.21 -15.54
C THR GA 104 -101.51 37.36 -15.52
N GLY GA 105 -101.23 36.75 -14.38
CA GLY GA 105 -100.05 35.92 -14.27
C GLY GA 105 -100.19 34.52 -14.82
N VAL GA 106 -101.34 34.19 -15.38
CA VAL GA 106 -101.60 32.82 -15.84
C VAL GA 106 -100.97 32.61 -17.21
N VAL GA 107 -99.73 32.13 -17.23
CA VAL GA 107 -99.08 31.75 -18.49
C VAL GA 107 -99.58 30.37 -18.88
N ASN GA 108 -99.28 29.94 -20.10
CA ASN GA 108 -99.79 28.67 -20.59
C ASN GA 108 -99.28 27.51 -19.74
N ASN GA 109 -97.98 27.51 -19.41
CA ASN GA 109 -97.41 26.45 -18.60
C ASN GA 109 -98.12 26.29 -17.27
N GLN GA 110 -98.62 27.39 -16.71
CA GLN GA 110 -99.35 27.37 -15.43
C GLN GA 110 -100.85 27.45 -15.65
N LEU GA 111 -101.34 26.94 -16.78
CA LEU GA 111 -102.74 27.13 -17.14
C LEU GA 111 -103.67 26.20 -16.37
N ASP GA 112 -103.49 24.88 -16.52
CA ASP GA 112 -104.41 23.92 -15.92
C ASP GA 112 -104.49 24.10 -14.41
N THR GA 113 -103.33 24.23 -13.76
CA THR GA 113 -103.31 24.49 -12.32
C THR GA 113 -104.19 25.67 -11.97
N SER GA 114 -104.08 26.77 -12.73
CA SER GA 114 -104.93 27.92 -12.48
C SER GA 114 -106.40 27.54 -12.51
N ALA GA 115 -106.81 26.81 -13.56
CA ALA GA 115 -108.19 26.37 -13.62
C ALA GA 115 -108.56 25.58 -12.38
N LEU GA 116 -107.67 24.69 -11.95
CA LEU GA 116 -107.89 23.93 -10.73
C LEU GA 116 -108.17 24.87 -9.56
N ARG GA 117 -107.32 25.86 -9.36
CA ARG GA 117 -107.56 26.84 -8.30
C ARG GA 117 -108.90 27.51 -8.50
N ILE GA 118 -109.21 27.90 -9.74
CA ILE GA 118 -110.48 28.55 -10.01
C ILE GA 118 -111.63 27.70 -9.51
N ALA GA 119 -111.52 26.38 -9.67
CA ALA GA 119 -112.59 25.50 -9.23
C ALA GA 119 -112.94 25.76 -7.77
N LYS GA 120 -111.93 25.75 -6.89
CA LYS GA 120 -112.22 25.91 -5.47
C LYS GA 120 -112.92 27.24 -5.22
N ILE GA 121 -112.51 28.29 -5.93
CA ILE GA 121 -113.12 29.59 -5.74
C ILE GA 121 -114.61 29.51 -6.07
N ILE GA 122 -114.93 28.90 -7.21
CA ILE GA 122 -116.33 28.80 -7.60
C ILE GA 122 -117.07 27.88 -6.65
N ALA GA 123 -116.36 26.93 -6.06
CA ALA GA 123 -116.99 26.04 -5.08
C ALA GA 123 -117.22 26.74 -3.75
N ASN GA 124 -116.55 27.87 -3.50
CA ASN GA 124 -116.65 28.50 -2.19
C ASN GA 124 -117.66 29.64 -2.19
N ASP GA 125 -117.54 30.56 -3.12
CA ASP GA 125 -118.44 31.71 -3.17
C ASP GA 125 -119.84 31.24 -3.53
N PRO GA 126 -120.84 31.42 -2.66
CA PRO GA 126 -122.20 30.97 -3.01
C PRO GA 126 -122.76 31.66 -4.23
N ALA GA 127 -122.44 32.94 -4.44
CA ALA GA 127 -122.97 33.66 -5.58
C ALA GA 127 -122.51 33.04 -6.90
N LEU GA 128 -121.21 32.83 -7.03
CA LEU GA 128 -120.69 32.18 -8.24
C LEU GA 128 -121.22 30.76 -8.35
N ALA GA 129 -121.31 30.04 -7.23
CA ALA GA 129 -121.76 28.65 -7.26
C ALA GA 129 -123.18 28.54 -7.79
N GLN GA 130 -124.08 29.42 -7.35
CA GLN GA 130 -125.42 29.41 -7.91
C GLN GA 130 -125.47 30.00 -9.32
N LYS GA 131 -124.53 30.89 -9.65
CA LYS GA 131 -124.47 31.46 -10.99
C LYS GA 131 -124.06 30.43 -12.03
N VAL GA 132 -123.28 29.42 -11.64
CA VAL GA 132 -122.75 28.44 -12.58
C VAL GA 132 -123.35 27.06 -12.40
N ALA GA 133 -124.16 26.85 -11.37
CA ALA GA 133 -124.66 25.51 -11.07
C ALA GA 133 -125.44 24.92 -12.24
N GLY GA 134 -125.10 23.69 -12.61
CA GLY GA 134 -125.81 22.99 -13.66
C GLY GA 134 -127.04 22.32 -13.11
N ALA GA 135 -128.18 22.59 -13.74
CA ALA GA 135 -129.47 22.17 -13.20
C ALA GA 135 -130.46 22.08 -14.34
N PRO GA 136 -131.62 21.45 -14.13
CA PRO GA 136 -132.68 21.47 -15.14
C PRO GA 136 -133.24 22.87 -15.42
N TYR GA 137 -133.05 23.83 -14.51
CA TYR GA 137 -133.55 25.20 -14.68
C TYR GA 137 -135.02 25.21 -15.04
N PRO GA 138 -135.91 24.93 -14.09
CA PRO GA 138 -137.33 24.82 -14.44
C PRO GA 138 -137.86 26.10 -15.07
N ARG GA 139 -138.74 25.92 -16.05
CA ARG GA 139 -139.31 27.03 -16.80
C ARG GA 139 -140.83 27.06 -16.81
N GLY GA 140 -141.48 25.97 -16.43
CA GLY GA 140 -142.93 25.91 -16.45
C GLY GA 140 -143.49 25.12 -17.62
N ALA GA 141 -143.98 25.83 -18.63
CA ALA GA 141 -144.57 25.21 -19.81
C ALA GA 141 -143.91 25.76 -21.07
N TYR GA 142 -143.89 24.94 -22.11
CA TYR GA 142 -143.30 25.35 -23.38
C TYR GA 142 -144.18 26.38 -24.08
N SER GA 143 -143.53 27.35 -24.72
CA SER GA 143 -144.22 28.31 -25.57
C SER GA 143 -143.24 28.78 -26.63
N ALA GA 144 -143.76 29.06 -27.82
CA ALA GA 144 -142.91 29.46 -28.93
C ALA GA 144 -142.52 30.94 -28.88
N THR GA 145 -143.19 31.75 -28.07
CA THR GA 145 -142.91 33.18 -28.06
C THR GA 145 -141.52 33.48 -27.49
N GLU GA 146 -141.16 32.87 -26.38
CA GLU GA 146 -139.89 33.16 -25.72
C GLU GA 146 -138.84 32.12 -26.08
N THR GA 147 -137.58 32.55 -26.02
CA THR GA 147 -136.45 31.70 -26.38
C THR GA 147 -136.09 30.77 -25.23
N TYR GA 148 -135.26 29.78 -25.53
CA TYR GA 148 -134.82 28.81 -24.54
C TYR GA 148 -133.33 28.55 -24.69
N LEU GA 149 -132.62 28.47 -23.57
CA LEU GA 149 -131.20 28.22 -23.56
C LEU GA 149 -130.92 26.78 -23.14
N TYR GA 150 -129.63 26.45 -23.03
CA TYR GA 150 -129.23 25.10 -22.68
C TYR GA 150 -129.66 24.75 -21.27
N GLY GA 151 -129.99 23.48 -21.06
CA GLY GA 151 -130.34 22.97 -19.75
C GLY GA 151 -131.74 23.25 -19.29
N GLU GA 152 -132.40 24.28 -19.81
CA GLU GA 152 -133.73 24.65 -19.35
C GLU GA 152 -134.73 23.53 -19.63
N MET GA 153 -135.60 23.27 -18.65
CA MET GA 153 -136.62 22.23 -18.77
C MET GA 153 -138.00 22.88 -18.86
N VAL GA 154 -138.81 22.40 -19.79
CA VAL GA 154 -140.17 22.88 -19.98
C VAL GA 154 -141.11 21.68 -19.96
N SER GA 155 -142.41 21.97 -19.88
CA SER GA 155 -143.46 20.96 -19.93
C SER GA 155 -144.28 21.17 -21.20
N TYR GA 156 -144.49 20.07 -21.94
CA TYR GA 156 -145.23 20.12 -23.19
C TYR GA 156 -146.03 18.83 -23.33
N PHE GA 157 -147.34 18.97 -23.44
CA PHE GA 157 -148.25 17.83 -23.63
C PHE GA 157 -148.03 16.76 -22.56
N GLY GA 158 -147.76 17.21 -21.34
CA GLY GA 158 -147.60 16.33 -20.22
C GLY GA 158 -146.23 15.68 -20.09
N LYS GA 159 -145.31 15.96 -21.01
CA LYS GA 159 -143.95 15.45 -20.94
C LYS GA 159 -143.01 16.59 -20.53
N ASN GA 160 -141.84 16.22 -20.03
CA ASN GA 160 -140.84 17.18 -19.60
C ASN GA 160 -139.65 17.12 -20.55
N TYR GA 161 -139.42 18.22 -21.27
CA TYR GA 161 -138.35 18.29 -22.26
C TYR GA 161 -137.29 19.25 -21.77
N ILE GA 162 -136.06 18.76 -21.66
CA ILE GA 162 -134.92 19.57 -21.24
C ILE GA 162 -134.15 19.98 -22.49
N SER GA 163 -133.99 21.28 -22.68
CA SER GA 163 -133.27 21.78 -23.84
C SER GA 163 -131.81 21.34 -23.79
N LYS GA 164 -131.30 20.89 -24.93
CA LYS GA 164 -129.92 20.43 -25.02
C LYS GA 164 -129.12 21.16 -26.09
N SER GA 165 -129.63 22.27 -26.60
CA SER GA 165 -128.89 23.08 -27.56
C SER GA 165 -128.01 24.09 -26.84
N LEU GA 166 -126.75 24.18 -27.26
CA LEU GA 166 -125.85 25.19 -26.69
C LEU GA 166 -126.28 26.60 -27.06
N SER GA 167 -127.03 26.77 -28.13
CA SER GA 167 -127.49 28.03 -28.65
C SER GA 167 -128.96 28.24 -28.34
N PRO GA 168 -129.42 29.49 -28.21
CA PRO GA 168 -130.84 29.73 -27.95
C PRO GA 168 -131.69 29.18 -29.07
N ILE GA 169 -132.84 28.60 -28.70
CA ILE GA 169 -133.79 28.06 -29.65
C ILE GA 169 -135.14 28.72 -29.41
N ILE GA 170 -135.77 29.19 -30.48
CA ILE GA 170 -137.07 29.83 -30.42
C ILE GA 170 -137.98 29.17 -31.45
N ASN GA 171 -139.22 28.90 -31.05
CA ASN GA 171 -140.19 28.23 -31.90
C ASN GA 171 -139.66 26.90 -32.43
N ILE GA 172 -139.05 26.13 -31.55
CA ILE GA 172 -138.65 24.76 -31.85
C ILE GA 172 -139.52 23.84 -31.00
N LEU GA 173 -140.20 22.92 -31.65
CA LEU GA 173 -141.10 22.02 -30.94
C LEU GA 173 -140.30 21.14 -29.99
N PRO GA 174 -140.78 20.96 -28.75
CA PRO GA 174 -140.04 20.12 -27.80
C PRO GA 174 -139.90 18.68 -28.26
N THR GA 175 -140.80 18.20 -29.12
CA THR GA 175 -140.73 16.80 -29.55
C THR GA 175 -139.50 16.52 -30.39
N VAL GA 176 -138.88 17.54 -30.97
CA VAL GA 176 -137.68 17.35 -31.78
C VAL GA 176 -136.56 16.86 -30.87
N THR GA 177 -136.01 15.68 -31.19
CA THR GA 177 -134.98 15.09 -30.35
C THR GA 177 -133.60 15.67 -30.61
N ASP GA 178 -133.44 16.50 -31.65
CA ASP GA 178 -132.14 17.07 -31.93
C ASP GA 178 -131.82 18.28 -31.06
N SER GA 179 -132.80 18.81 -30.33
CA SER GA 179 -132.57 19.96 -29.46
C SER GA 179 -133.18 19.81 -28.08
N TRP GA 180 -133.93 18.75 -27.80
CA TRP GA 180 -134.52 18.54 -26.49
C TRP GA 180 -134.21 17.12 -26.04
N TYR GA 181 -134.14 16.94 -24.72
CA TYR GA 181 -133.78 15.64 -24.18
C TYR GA 181 -135.01 14.77 -23.90
N GLU GA 182 -136.06 15.37 -23.36
CA GLU GA 182 -137.29 14.63 -23.05
C GLU GA 182 -136.96 13.50 -22.09
N LEU GA 183 -136.67 13.84 -20.83
CA LEU GA 183 -136.52 12.81 -19.82
C LEU GA 183 -137.80 11.99 -19.73
N VAL GA 184 -137.63 10.68 -19.63
CA VAL GA 184 -138.77 9.77 -19.58
C VAL GA 184 -139.14 9.54 -18.12
N ILE GA 185 -140.43 9.68 -17.82
CA ILE GA 185 -140.88 9.68 -16.43
C ILE GA 185 -140.76 8.27 -15.85
N THR GA 186 -140.16 8.17 -14.67
CA THR GA 186 -139.99 6.89 -14.00
C THR GA 186 -141.35 6.27 -13.69
N LEU GA 187 -141.42 4.94 -13.80
CA LEU GA 187 -142.70 4.27 -13.62
C LEU GA 187 -142.69 3.40 -12.37
N PRO GA 188 -143.76 3.47 -11.57
CA PRO GA 188 -143.83 2.62 -10.38
C PRO GA 188 -143.93 1.15 -10.74
N GLU GA 189 -143.40 0.30 -9.86
CA GLU GA 189 -143.47 -1.15 -10.07
C GLU GA 189 -144.64 -1.75 -9.31
N SER GA 190 -144.72 -1.52 -8.00
CA SER GA 190 -145.76 -2.09 -7.15
C SER GA 190 -146.99 -1.19 -7.10
N VAL GA 191 -147.48 -0.80 -8.27
CA VAL GA 191 -148.72 -0.04 -8.41
C VAL GA 191 -149.50 -0.65 -9.57
N SER GA 192 -150.82 -0.61 -9.46
CA SER GA 192 -151.68 -1.15 -10.51
C SER GA 192 -151.36 -0.49 -11.84
N VAL GA 193 -151.21 -1.30 -12.87
CA VAL GA 193 -150.73 -0.85 -14.18
C VAL GA 193 -151.72 -1.15 -15.29
N ILE GA 194 -152.95 -1.54 -14.95
CA ILE GA 194 -153.97 -1.83 -15.94
C ILE GA 194 -154.44 -0.49 -16.51
N ALA GA 195 -153.91 -0.11 -17.66
CA ALA GA 195 -154.30 1.15 -18.30
C ALA GA 195 -154.20 0.96 -19.80
N THR GA 196 -155.31 0.64 -20.44
CA THR GA 196 -155.34 0.31 -21.86
C THR GA 196 -156.35 1.19 -22.58
N GLY GA 197 -156.17 1.40 -23.88
CA GLY GA 197 -157.11 2.17 -24.66
C GLY GA 197 -156.49 2.59 -25.97
N SER GA 198 -157.16 3.54 -26.62
CA SER GA 198 -156.73 4.08 -27.92
C SER GA 198 -156.62 2.98 -28.97
N ASP GA 199 -157.55 2.03 -28.95
CA ASP GA 199 -157.58 0.91 -29.89
C ASP GA 199 -157.95 1.44 -31.27
N THR GA 200 -156.93 1.61 -32.12
CA THR GA 200 -157.13 2.16 -33.46
C THR GA 200 -157.00 1.13 -34.57
N ALA GA 201 -156.61 -0.11 -34.26
CA ALA GA 201 -156.62 -1.20 -35.24
C ALA GA 201 -155.74 -0.85 -36.45
N TYR GA 202 -154.44 -0.83 -36.19
CA TYR GA 202 -153.45 -0.33 -37.12
C TYR GA 202 -153.55 -1.05 -38.47
N GLY GA 203 -152.83 -0.52 -39.47
CA GLY GA 203 -152.90 -1.08 -40.80
C GLY GA 203 -151.58 -1.39 -41.47
N THR GA 204 -150.55 -1.67 -40.67
CA THR GA 204 -149.22 -2.06 -41.18
C THR GA 204 -148.68 -1.02 -42.16
N GLY GA 205 -148.93 0.25 -41.85
CA GLY GA 205 -148.35 1.36 -42.59
C GLY GA 205 -148.04 2.50 -41.65
N TRP GA 206 -147.97 2.18 -40.37
CA TRP GA 206 -147.83 3.18 -39.32
C TRP GA 206 -146.36 3.48 -39.07
N ASN GA 207 -146.04 4.75 -38.85
CA ASN GA 207 -144.72 5.19 -38.46
C ASN GA 207 -144.87 6.40 -37.56
N GLY GA 208 -143.81 6.72 -36.82
CA GLY GA 208 -143.82 7.80 -35.86
C GLY GA 208 -144.37 7.35 -34.52
N SER GA 209 -144.08 8.15 -33.50
CA SER GA 209 -144.46 7.84 -32.13
C SER GA 209 -145.76 8.58 -31.82
N LEU GA 210 -146.88 7.99 -32.24
CA LEU GA 210 -148.18 8.58 -32.01
C LEU GA 210 -148.91 7.88 -30.87
N LEU GA 211 -149.08 6.57 -30.98
CA LEU GA 211 -149.82 5.82 -29.97
C LEU GA 211 -149.26 4.41 -29.87
N VAL GA 212 -149.27 3.89 -28.66
CA VAL GA 212 -148.71 2.56 -28.40
C VAL GA 212 -149.56 1.31 -28.65
N PRO GA 213 -150.85 1.25 -28.22
CA PRO GA 213 -151.66 0.03 -28.32
C PRO GA 213 -151.09 -1.24 -28.93
N THR GA 214 -150.92 -1.30 -30.24
CA THR GA 214 -150.48 -2.50 -30.96
C THR GA 214 -151.12 -3.75 -30.38
N GLN GA 215 -152.45 -3.78 -30.47
CA GLN GA 215 -153.26 -4.85 -29.91
C GLN GA 215 -153.14 -6.13 -30.76
N ASN GA 216 -153.85 -7.16 -30.32
CA ASN GA 216 -153.86 -8.45 -31.01
C ASN GA 216 -154.84 -8.41 -32.18
N ALA GA 217 -154.75 -7.37 -32.99
CA ALA GA 217 -155.53 -7.29 -34.23
C ALA GA 217 -154.70 -6.88 -35.43
N VAL GA 218 -153.53 -6.30 -35.25
CA VAL GA 218 -152.64 -5.98 -36.37
C VAL GA 218 -151.25 -6.56 -36.22
N TYR GA 219 -150.74 -6.75 -35.00
CA TYR GA 219 -149.36 -7.20 -34.88
C TYR GA 219 -149.23 -8.69 -35.18
N ASP GA 220 -150.16 -9.51 -34.71
CA ASP GA 220 -150.08 -10.94 -34.94
C ASP GA 220 -150.47 -11.33 -36.36
N LYS GA 221 -151.21 -10.46 -37.07
CA LYS GA 221 -151.41 -10.68 -38.49
C LYS GA 221 -150.08 -10.62 -39.23
N ILE GA 222 -149.29 -9.57 -38.97
CA ILE GA 222 -147.96 -9.46 -39.55
C ILE GA 222 -147.08 -10.61 -39.08
N VAL GA 223 -147.19 -10.99 -37.81
CA VAL GA 223 -146.37 -12.07 -37.27
C VAL GA 223 -146.67 -13.38 -38.00
N THR GA 224 -147.95 -13.68 -38.20
CA THR GA 224 -148.34 -14.89 -38.92
C THR GA 224 -147.88 -14.82 -40.37
N VAL GA 225 -147.98 -13.64 -40.99
CA VAL GA 225 -147.50 -13.47 -42.36
C VAL GA 225 -146.02 -13.81 -42.45
N ASP GA 226 -145.22 -13.27 -41.54
CA ASP GA 226 -143.79 -13.51 -41.57
C ASP GA 226 -143.46 -14.97 -41.27
N ALA GA 227 -144.15 -15.57 -40.30
CA ALA GA 227 -143.90 -16.97 -40.00
C ALA GA 227 -144.23 -17.86 -41.18
N ALA GA 228 -145.37 -17.60 -41.84
CA ALA GA 228 -145.75 -18.37 -43.01
C ALA GA 228 -144.76 -18.19 -44.15
N ILE GA 229 -144.30 -16.96 -44.38
CA ILE GA 229 -143.38 -16.73 -45.49
C ILE GA 229 -142.02 -17.36 -45.19
N ALA GA 230 -141.61 -17.35 -43.93
CA ALA GA 230 -140.36 -18.02 -43.56
C ALA GA 230 -140.48 -19.53 -43.75
N THR GA 231 -141.63 -20.11 -43.39
CA THR GA 231 -141.83 -21.53 -43.63
C THR GA 231 -141.86 -21.86 -45.12
N ALA GA 232 -142.45 -20.97 -45.92
CA ALA GA 232 -142.46 -21.16 -47.37
C ALA GA 232 -141.04 -21.12 -47.93
N ASN GA 233 -140.23 -20.18 -47.44
CA ASN GA 233 -138.84 -20.14 -47.85
C ASN GA 233 -138.10 -21.40 -47.43
N THR GA 234 -138.42 -21.92 -46.25
CA THR GA 234 -137.83 -23.18 -45.80
C THR GA 234 -138.19 -24.32 -46.73
N ASN GA 235 -139.45 -24.39 -47.15
CA ASN GA 235 -139.88 -25.43 -48.08
C ASN GA 235 -139.18 -25.28 -49.43
N ILE GA 236 -139.03 -24.05 -49.91
CA ILE GA 236 -138.35 -23.83 -51.18
C ILE GA 236 -136.89 -24.23 -51.08
N THR GA 237 -136.25 -23.91 -49.95
CA THR GA 237 -134.88 -24.35 -49.73
C THR GA 237 -134.78 -25.87 -49.70
N ASN GA 238 -135.72 -26.53 -49.03
CA ASN GA 238 -135.70 -27.99 -48.97
C ASN GA 238 -135.87 -28.61 -50.35
N LEU GA 239 -136.78 -28.07 -51.17
CA LEU GA 239 -136.96 -28.63 -52.50
C LEU GA 239 -135.77 -28.32 -53.41
N GLY GA 240 -135.14 -27.14 -53.24
CA GLY GA 240 -133.97 -26.83 -54.03
C GLY GA 240 -132.79 -27.71 -53.68
N THR GA 241 -132.61 -28.03 -52.39
CA THR GA 241 -131.49 -28.87 -51.99
C THR GA 241 -131.67 -30.31 -52.41
N ALA GA 242 -132.88 -30.71 -52.80
CA ALA GA 242 -133.11 -32.05 -53.31
C ALA GA 242 -132.57 -32.25 -54.71
N LYS GA 243 -132.17 -31.18 -55.39
CA LYS GA 243 -131.71 -31.23 -56.77
C LYS GA 243 -130.27 -30.72 -56.87
N ALA GA 244 -129.48 -31.41 -57.69
CA ALA GA 244 -128.08 -31.11 -57.96
C ALA GA 244 -127.19 -31.43 -56.77
N ASP GA 245 -125.88 -31.44 -56.97
CA ASP GA 245 -124.89 -31.73 -55.95
C ASP GA 245 -123.51 -31.45 -56.55
N LEU GA 246 -122.49 -31.48 -55.68
CA LEU GA 246 -121.12 -31.18 -56.11
C LEU GA 246 -120.19 -32.35 -55.96
N SER GA 247 -120.14 -33.00 -54.79
CA SER GA 247 -119.21 -34.09 -54.58
C SER GA 247 -119.48 -35.24 -55.55
N TYR GA 248 -120.75 -35.57 -55.75
CA TYR GA 248 -121.11 -36.62 -56.69
C TYR GA 248 -120.69 -36.27 -58.12
N VAL GA 249 -120.96 -35.03 -58.53
CA VAL GA 249 -120.59 -34.61 -59.89
C VAL GA 249 -119.08 -34.64 -60.06
N ASN GA 250 -118.33 -34.16 -59.07
CA ASN GA 250 -116.88 -34.20 -59.16
C ASN GA 250 -116.37 -35.64 -59.20
N THR GA 251 -117.00 -36.54 -58.45
CA THR GA 251 -116.60 -37.94 -58.48
C THR GA 251 -116.78 -38.53 -59.86
N GLN GA 252 -117.96 -38.32 -60.46
CA GLN GA 252 -118.22 -38.88 -61.78
C GLN GA 252 -117.31 -38.24 -62.83
N LEU GA 253 -117.05 -36.94 -62.71
CA LEU GA 253 -116.16 -36.28 -63.65
C LEU GA 253 -114.74 -36.81 -63.52
N SER GA 254 -114.31 -37.12 -62.30
CA SER GA 254 -113.00 -37.76 -62.11
C SER GA 254 -112.96 -39.13 -62.75
N ALA GA 255 -114.04 -39.91 -62.62
CA ALA GA 255 -114.08 -41.21 -63.27
C ALA GA 255 -113.99 -41.08 -64.79
N ASP GA 256 -114.72 -40.12 -65.35
CA ASP GA 256 -114.63 -39.89 -66.78
C ASP GA 256 -113.24 -39.45 -67.19
N GLN GA 257 -112.60 -38.60 -66.37
CA GLN GA 257 -111.24 -38.16 -66.68
C GLN GA 257 -110.27 -39.33 -66.68
N VAL GA 258 -110.37 -40.23 -65.70
CA VAL GA 258 -109.39 -41.32 -65.64
C VAL GA 258 -109.62 -42.29 -66.79
N VAL GA 259 -110.88 -42.61 -67.10
CA VAL GA 259 -111.12 -43.52 -68.22
C VAL GA 259 -110.69 -42.88 -69.54
N LEU GA 260 -110.89 -41.56 -69.68
CA LEU GA 260 -110.50 -40.89 -70.90
C LEU GA 260 -108.97 -40.84 -71.05
N ASP GA 261 -108.26 -40.58 -69.95
CA ASP GA 261 -106.80 -40.56 -70.02
C ASP GA 261 -106.25 -41.94 -70.34
N ALA GA 262 -106.82 -42.99 -69.73
CA ALA GA 262 -106.42 -44.35 -70.08
C ALA GA 262 -106.68 -44.65 -71.55
N LEU GA 263 -107.83 -44.19 -72.06
CA LEU GA 263 -108.14 -44.39 -73.47
C LEU GA 263 -107.12 -43.68 -74.35
N SER GA 264 -106.77 -42.44 -74.02
CA SER GA 264 -105.81 -41.69 -74.82
C SER GA 264 -104.44 -42.38 -74.82
N SER GA 265 -104.01 -42.87 -73.67
CA SER GA 265 -102.68 -43.47 -73.58
C SER GA 265 -102.63 -44.84 -74.27
N GLY GA 266 -103.63 -45.67 -74.05
CA GLY GA 266 -103.57 -47.06 -74.44
C GLY GA 266 -104.16 -47.44 -75.77
N LYS GA 267 -104.45 -46.48 -76.64
CA LYS GA 267 -105.09 -46.80 -77.92
C LYS GA 267 -104.33 -46.11 -79.05
N ALA GA 268 -104.28 -46.78 -80.20
CA ALA GA 268 -103.45 -46.34 -81.31
C ALA GA 268 -104.11 -45.20 -82.07
N ASP GA 269 -103.36 -44.13 -82.30
CA ASP GA 269 -103.88 -43.01 -83.06
C ASP GA 269 -103.85 -43.31 -84.55
N LEU GA 270 -104.63 -42.53 -85.31
CA LEU GA 270 -104.75 -42.77 -86.75
C LEU GA 270 -103.44 -42.51 -87.47
N SER GA 271 -102.71 -41.47 -87.07
CA SER GA 271 -101.46 -41.15 -87.75
C SER GA 271 -100.42 -42.25 -87.57
N TYR GA 272 -100.26 -42.75 -86.35
CA TYR GA 272 -99.26 -43.78 -86.09
C TYR GA 272 -99.59 -45.07 -86.84
N VAL GA 273 -100.86 -45.47 -86.80
CA VAL GA 273 -101.25 -46.71 -87.48
C VAL GA 273 -101.13 -46.55 -88.99
N ASN GA 274 -101.44 -45.35 -89.50
CA ASN GA 274 -101.28 -45.10 -90.93
C ASN GA 274 -99.81 -45.23 -91.34
N THR GA 275 -98.92 -44.57 -90.58
CA THR GA 275 -97.51 -44.62 -90.91
C THR GA 275 -96.96 -46.03 -90.81
N GLN GA 276 -97.41 -46.79 -89.80
CA GLN GA 276 -96.96 -48.16 -89.65
C GLN GA 276 -97.44 -49.02 -90.82
N LEU GA 277 -98.71 -48.88 -91.20
CA LEU GA 277 -99.24 -49.73 -92.27
C LEU GA 277 -98.63 -49.39 -93.62
N ASN GA 278 -98.32 -48.12 -93.86
CA ASN GA 278 -97.67 -47.76 -95.11
C ASN GA 278 -96.16 -47.91 -95.06
N SER GA 279 -95.63 -48.52 -94.00
CA SER GA 279 -94.20 -48.76 -93.88
C SER GA 279 -93.77 -50.14 -94.35
N LYS GA 280 -94.71 -51.02 -94.69
CA LYS GA 280 -94.36 -52.35 -95.16
C LYS GA 280 -95.50 -52.97 -95.96
N THR HA 2 -113.51 53.62 1.08
CA THR HA 2 -113.12 53.79 2.47
C THR HA 2 -112.59 55.20 2.70
N ASN HA 3 -113.08 55.85 3.75
CA ASN HA 3 -112.68 57.20 4.09
C ASN HA 3 -111.87 57.19 5.38
N ILE HA 4 -110.65 57.71 5.30
CA ILE HA 4 -109.72 57.74 6.44
C ILE HA 4 -109.87 59.08 7.13
N VAL HA 5 -110.20 59.05 8.42
CA VAL HA 5 -110.36 60.28 9.20
C VAL HA 5 -109.53 60.18 10.47
N GLY HA 6 -108.90 61.30 10.83
CA GLY HA 6 -108.08 61.35 12.02
C GLY HA 6 -107.38 62.70 12.09
N ARG HA 7 -106.80 62.96 13.26
CA ARG HA 7 -106.03 64.18 13.49
C ARG HA 7 -104.64 63.85 13.97
N ILE HA 8 -103.67 64.64 13.52
CA ILE HA 8 -102.24 64.38 13.76
C ILE HA 8 -101.75 65.46 14.71
N GLY HA 9 -101.39 65.06 15.93
CA GLY HA 9 -100.92 66.02 16.90
C GLY HA 9 -99.51 66.50 16.61
N PHE HA 10 -99.18 67.67 17.15
CA PHE HA 10 -97.88 68.30 16.96
C PHE HA 10 -97.53 68.46 15.48
N LEU HA 11 -98.53 68.81 14.67
CA LEU HA 11 -98.30 69.08 13.26
C LEU HA 11 -99.36 70.08 12.80
N THR HA 12 -98.99 71.36 12.78
CA THR HA 12 -99.93 72.41 12.42
C THR HA 12 -100.45 72.21 10.99
N THR HA 13 -99.55 71.90 10.07
CA THR HA 13 -99.94 71.63 8.69
C THR HA 13 -98.97 70.64 8.07
N GLY HA 14 -99.46 69.85 7.14
CA GLY HA 14 -98.63 68.83 6.53
C GLY HA 14 -99.34 68.15 5.38
N LYS HA 15 -98.69 67.12 4.85
CA LYS HA 15 -99.24 66.33 3.76
C LYS HA 15 -99.26 64.86 4.16
N LEU HA 16 -100.27 64.15 3.67
CA LEU HA 16 -100.35 62.70 3.82
C LEU HA 16 -100.25 62.08 2.44
N GLY HA 17 -99.22 61.26 2.22
CA GLY HA 17 -99.01 60.59 0.96
C GLY HA 17 -99.30 59.10 1.10
N ILE HA 18 -100.14 58.59 0.20
CA ILE HA 18 -100.50 57.18 0.17
C ILE HA 18 -100.14 56.61 -1.18
N LYS HA 19 -99.46 55.46 -1.17
CA LYS HA 19 -98.99 54.83 -2.40
C LYS HA 19 -99.39 53.37 -2.41
N LEU HA 20 -100.01 52.93 -3.50
CA LEU HA 20 -100.43 51.54 -3.60
C LEU HA 20 -99.25 50.63 -3.95
N ARG HA 21 -99.25 49.44 -3.36
CA ARG HA 21 -98.19 48.47 -3.63
C ARG HA 21 -98.36 47.80 -4.98
N GLY HA 22 -99.60 47.49 -5.35
CA GLY HA 22 -99.86 46.79 -6.59
C GLY HA 22 -101.12 47.30 -7.25
N VAL HA 23 -101.43 46.71 -8.41
CA VAL HA 23 -102.61 47.12 -9.17
C VAL HA 23 -103.86 46.70 -8.42
N LEU HA 24 -104.80 47.64 -8.28
CA LEU HA 24 -106.04 47.38 -7.57
C LEU HA 24 -107.21 47.56 -8.52
N ILE HA 25 -108.23 46.74 -8.36
CA ILE HA 25 -109.41 46.77 -9.23
C ILE HA 25 -110.65 46.83 -8.36
N ASP HA 26 -111.37 47.94 -8.45
CA ASP HA 26 -112.58 48.12 -7.65
C ASP HA 26 -113.78 48.06 -8.56
N GLU HA 27 -114.66 47.10 -8.34
CA GLU HA 27 -115.81 46.95 -9.22
C GLU HA 27 -117.06 47.62 -8.69
N SER HA 28 -116.93 48.36 -7.58
CA SER HA 28 -118.08 49.06 -7.01
C SER HA 28 -118.60 50.07 -8.01
N THR HA 29 -117.69 50.79 -8.66
CA THR HA 29 -118.10 51.74 -9.68
C THR HA 29 -118.51 50.96 -10.92
N THR HA 30 -119.57 51.39 -11.59
CA THR HA 30 -119.96 50.79 -12.86
C THR HA 30 -118.77 50.68 -13.83
N PRO HA 31 -118.09 51.80 -14.12
CA PRO HA 31 -116.89 51.61 -14.96
C PRO HA 31 -115.80 51.23 -13.99
N ASN HA 32 -115.57 49.95 -13.77
CA ASN HA 32 -114.60 49.50 -12.75
C ASN HA 32 -113.33 50.32 -12.57
N THR HA 33 -113.16 50.90 -11.39
CA THR HA 33 -111.99 51.73 -11.10
C THR HA 33 -110.70 50.94 -11.01
N THR HA 34 -109.76 51.22 -11.91
CA THR HA 34 -108.47 50.57 -11.85
C THR HA 34 -107.47 51.54 -11.26
N TYR HA 35 -106.90 51.19 -10.11
CA TYR HA 35 -105.92 52.01 -9.44
C TYR HA 35 -104.53 51.46 -9.71
N LEU HA 36 -103.65 52.29 -10.21
CA LEU HA 36 -102.28 51.97 -10.53
C LEU HA 36 -101.38 52.13 -9.31
N PRO HA 37 -100.33 51.33 -9.20
CA PRO HA 37 -99.42 51.44 -8.05
C PRO HA 37 -98.34 52.49 -8.30
N GLY HA 38 -97.57 52.74 -7.25
CA GLY HA 38 -96.42 53.63 -7.35
C GLY HA 38 -96.76 55.10 -7.35
N ILE HA 39 -98.01 55.44 -7.63
CA ILE HA 39 -98.43 56.83 -7.69
C ILE HA 39 -98.81 57.29 -6.30
N GLU HA 40 -98.21 58.39 -5.85
CA GLU HA 40 -98.43 58.90 -4.49
C GLU HA 40 -99.58 59.89 -4.51
N SER HA 41 -100.73 59.46 -4.00
CA SER HA 41 -101.85 60.37 -3.80
C SER HA 41 -101.59 61.21 -2.56
N PHE HA 42 -101.71 62.52 -2.71
CA PHE HA 42 -101.40 63.46 -1.64
C PHE HA 42 -102.68 64.13 -1.15
N PHE HA 43 -102.83 64.16 0.17
CA PHE HA 43 -103.94 64.83 0.84
C PHE HA 43 -103.37 65.80 1.86
N ASN HA 44 -104.20 66.74 2.30
CA ASN HA 44 -103.74 67.82 3.15
C ASN HA 44 -104.11 67.55 4.60
N ILE HA 45 -103.19 67.88 5.50
CA ILE HA 45 -103.42 67.87 6.93
C ILE HA 45 -103.43 69.34 7.36
N THR HA 46 -104.62 69.90 7.51
CA THR HA 46 -104.80 71.31 7.86
C THR HA 46 -105.36 71.40 9.27
N ALA HA 47 -104.76 72.27 10.08
CA ALA HA 47 -105.12 72.42 11.50
C ALA HA 47 -105.07 71.07 12.22
N ASN HA 48 -103.99 70.33 11.96
CA ASN HA 48 -103.74 69.02 12.54
C ASN HA 48 -104.79 67.98 12.15
N VAL HA 49 -105.54 68.22 11.07
CA VAL HA 49 -106.64 67.36 10.68
C VAL HA 49 -106.47 66.94 9.23
N LEU HA 50 -106.60 65.64 8.97
CA LEU HA 50 -106.68 65.16 7.59
C LEU HA 50 -107.92 65.74 6.93
N THR HA 51 -107.73 66.39 5.78
CA THR HA 51 -108.82 67.16 5.18
C THR HA 51 -109.90 66.24 4.62
N SER HA 52 -109.56 65.47 3.58
CA SER HA 52 -110.52 64.55 2.98
C SER HA 52 -109.73 63.41 2.37
N VAL HA 53 -109.61 62.31 3.11
CA VAL HA 53 -108.82 61.18 2.67
C VAL HA 53 -109.73 59.99 2.39
N SER HA 54 -110.12 59.82 1.13
CA SER HA 54 -110.89 58.67 0.70
C SER HA 54 -109.99 57.79 -0.16
N TYR HA 55 -109.89 56.53 0.18
CA TYR HA 55 -109.04 55.58 -0.51
C TYR HA 55 -109.81 54.30 -0.76
N PRO HA 56 -109.56 53.61 -1.86
CA PRO HA 56 -110.20 52.31 -2.08
C PRO HA 56 -109.74 51.30 -1.05
N GLU HA 57 -110.66 50.43 -0.64
CA GLU HA 57 -110.30 49.37 0.29
C GLU HA 57 -109.38 48.37 -0.37
N THR HA 58 -108.53 47.72 0.44
CA THR HA 58 -107.66 46.67 -0.06
C THR HA 58 -107.72 45.41 0.80
N GLU HA 59 -108.72 45.30 1.69
CA GLU HA 59 -108.87 44.08 2.47
C GLU HA 59 -109.14 42.87 1.56
N THR HA 60 -110.00 43.05 0.57
CA THR HA 60 -110.40 41.94 -0.28
C THR HA 60 -109.21 41.38 -1.06
N GLN HA 61 -108.49 42.24 -1.76
CA GLN HA 61 -107.41 41.80 -2.64
C GLN HA 61 -106.08 41.61 -1.92
N ASN HA 62 -106.00 41.98 -0.65
CA ASN HA 62 -104.80 41.79 0.16
C ASN HA 62 -103.60 42.50 -0.46
N VAL HA 63 -103.74 43.81 -0.60
CA VAL HA 63 -102.69 44.67 -1.16
C VAL HA 63 -102.35 45.73 -0.13
N THR HA 64 -101.07 45.92 0.13
CA THR HA 64 -100.67 46.92 1.11
C THR HA 64 -100.69 48.31 0.48
N ALA HA 65 -100.78 49.32 1.34
CA ALA HA 65 -100.64 50.71 0.96
C ALA HA 65 -99.66 51.37 1.91
N THR HA 66 -98.77 52.18 1.36
CA THR HA 66 -97.76 52.89 2.14
C THR HA 66 -98.29 54.27 2.51
N PHE HA 67 -98.34 54.54 3.80
CA PHE HA 67 -98.78 55.82 4.34
C PHE HA 67 -97.58 56.57 4.89
N SER HA 68 -97.46 57.84 4.50
CA SER HA 68 -96.38 58.69 4.99
C SER HA 68 -96.94 60.07 5.32
N ILE HA 69 -96.39 60.68 6.37
CA ILE HA 69 -96.79 62.01 6.81
C ILE HA 69 -95.59 62.92 6.62
N TYR HA 70 -95.71 63.85 5.68
CA TYR HA 70 -94.63 64.76 5.35
C TYR HA 70 -94.89 66.15 5.94
N SER HA 71 -93.84 66.77 6.43
CA SER HA 71 -93.91 68.18 6.78
C SER HA 71 -93.88 69.02 5.51
N VAL HA 72 -94.24 70.28 5.64
CA VAL HA 72 -94.40 71.18 4.50
C VAL HA 72 -93.61 72.45 4.76
N ASP HA 73 -92.80 72.85 3.78
CA ASP HA 73 -92.06 74.09 3.86
C ASP HA 73 -92.84 75.21 3.16
N GLY HA 74 -92.20 76.38 3.01
CA GLY HA 74 -92.88 77.51 2.40
C GLY HA 74 -93.24 77.31 0.94
N SER HA 75 -92.62 76.35 0.28
CA SER HA 75 -92.91 76.07 -1.12
C SER HA 75 -94.04 75.06 -1.29
N SER HA 76 -94.67 74.63 -0.20
CA SER HA 76 -95.73 73.63 -0.19
C SER HA 76 -95.26 72.26 -0.69
N ASN HA 77 -93.95 72.07 -0.82
CA ASN HA 77 -93.40 70.80 -1.25
C ASN HA 77 -93.30 69.86 -0.06
N PRO HA 78 -93.87 68.65 -0.12
CA PRO HA 78 -93.71 67.71 0.99
C PRO HA 78 -92.24 67.43 1.25
N VAL HA 79 -91.79 67.66 2.48
CA VAL HA 79 -90.41 67.35 2.83
C VAL HA 79 -90.37 65.84 2.90
N PHE HA 80 -89.77 65.21 1.90
CA PHE HA 80 -89.80 63.74 1.83
C PHE HA 80 -89.31 62.86 2.99
N PRO HA 81 -88.30 63.31 3.76
CA PRO HA 81 -87.99 62.47 4.92
C PRO HA 81 -89.19 62.48 5.88
N ALA HA 82 -89.95 61.39 5.88
CA ALA HA 82 -91.30 61.39 6.44
C ALA HA 82 -91.28 61.29 7.94
N LEU HA 83 -92.06 62.13 8.60
CA LEU HA 83 -92.12 62.10 10.06
C LEU HA 83 -92.62 60.74 10.52
N LEU HA 84 -93.52 60.13 9.76
CA LEU HA 84 -94.03 58.81 10.12
C LEU HA 84 -94.45 58.09 8.85
N SER HA 85 -94.08 56.82 8.73
CA SER HA 85 -94.36 56.07 7.52
C SER HA 85 -94.49 54.59 7.85
N PHE HA 86 -95.49 53.95 7.26
CA PHE HA 86 -95.72 52.53 7.50
C PHE HA 86 -96.52 51.96 6.34
N ASP HA 87 -96.85 50.67 6.44
CA ASP HA 87 -97.61 49.96 5.43
C ASP HA 87 -98.81 49.31 6.09
N ALA HA 88 -99.99 49.49 5.50
CA ALA HA 88 -101.21 48.99 6.12
C ALA HA 88 -102.19 48.57 5.04
N ILE HA 89 -103.12 47.72 5.43
CA ILE HA 89 -104.21 47.28 4.56
C ILE HA 89 -105.42 48.13 4.88
N VAL HA 90 -105.97 48.80 3.88
CA VAL HA 90 -107.13 49.65 4.09
C VAL HA 90 -108.33 48.76 4.30
N PRO HA 91 -108.99 48.83 5.45
CA PRO HA 91 -110.12 47.94 5.71
C PRO HA 91 -111.35 48.31 4.91
N ASN HA 92 -112.16 47.29 4.62
CA ASN HA 92 -113.38 47.48 3.82
C ASN HA 92 -114.51 47.94 4.75
N VAL HA 93 -114.45 49.21 5.12
CA VAL HA 93 -115.49 49.84 5.92
C VAL HA 93 -115.77 51.22 5.34
N ALA HA 94 -116.92 51.78 5.71
CA ALA HA 94 -117.31 53.08 5.21
C ALA HA 94 -116.36 54.18 5.69
N SER HA 95 -115.96 54.12 6.96
CA SER HA 95 -115.06 55.09 7.55
C SER HA 95 -114.12 54.38 8.50
N VAL HA 96 -112.86 54.82 8.51
CA VAL HA 96 -111.83 54.20 9.34
C VAL HA 96 -110.99 55.29 10.00
N GLU HA 97 -110.67 55.06 11.27
CA GLU HA 97 -109.77 55.94 12.00
C GLU HA 97 -108.34 55.74 11.52
N PHE HA 98 -107.58 56.83 11.44
CA PHE HA 98 -106.19 56.71 11.02
C PHE HA 98 -105.36 55.93 12.02
N ASP HA 99 -105.71 56.02 13.31
CA ASP HA 99 -104.93 55.33 14.34
C ASP HA 99 -105.05 53.81 14.22
N VAL HA 100 -106.21 53.31 13.82
CA VAL HA 100 -106.49 51.88 13.87
C VAL HA 100 -105.97 51.14 12.65
N LEU HA 101 -105.39 51.83 11.69
CA LEU HA 101 -104.74 51.17 10.56
C LEU HA 101 -103.55 50.37 11.07
N ALA HA 102 -103.68 49.05 11.10
CA ALA HA 102 -102.65 48.21 11.69
C ALA HA 102 -101.45 48.13 10.75
N PRO HA 103 -100.27 48.60 11.15
CA PRO HA 103 -99.08 48.43 10.31
C PRO HA 103 -98.74 46.97 10.15
N THR HA 104 -98.23 46.64 8.96
CA THR HA 104 -97.89 45.26 8.64
C THR HA 104 -96.74 45.26 7.64
N GLY HA 105 -96.39 44.08 7.15
CA GLY HA 105 -95.42 43.96 6.09
C GLY HA 105 -96.04 44.26 4.73
N VAL HA 106 -95.21 44.22 3.71
CA VAL HA 106 -95.65 44.48 2.35
C VAL HA 106 -96.25 43.20 1.78
N VAL HA 107 -97.52 43.26 1.36
CA VAL HA 107 -98.19 42.14 0.72
C VAL HA 107 -98.89 42.64 -0.54
N ASN HA 108 -98.62 41.97 -1.66
CA ASN HA 108 -99.25 42.30 -2.93
C ASN HA 108 -100.19 41.20 -3.39
N ASN HA 109 -99.68 39.97 -3.53
CA ASN HA 109 -100.51 38.78 -3.72
C ASN HA 109 -101.39 38.90 -4.97
N GLN HA 110 -100.76 39.26 -6.09
CA GLN HA 110 -101.51 39.43 -7.33
C GLN HA 110 -101.89 38.08 -7.94
N LEU HA 111 -101.06 37.06 -7.71
CA LEU HA 111 -101.33 35.75 -8.30
C LEU HA 111 -102.63 35.16 -7.79
N ASP HA 112 -102.97 35.41 -6.53
CA ASP HA 112 -104.25 34.95 -6.01
C ASP HA 112 -105.42 35.80 -6.49
N THR HA 113 -105.18 37.09 -6.72
CA THR HA 113 -106.21 37.95 -7.28
C THR HA 113 -106.56 37.54 -8.71
N SER HA 114 -105.58 36.99 -9.43
CA SER HA 114 -105.83 36.59 -10.82
C SER HA 114 -106.90 35.52 -10.91
N ALA HA 115 -106.81 34.50 -10.06
CA ALA HA 115 -107.80 33.42 -10.09
C ALA HA 115 -109.19 33.95 -9.76
N LEU HA 116 -109.29 34.84 -8.77
CA LEU HA 116 -110.58 35.42 -8.43
C LEU HA 116 -111.15 36.22 -9.60
N ARG HA 117 -110.30 37.00 -10.26
CA ARG HA 117 -110.76 37.80 -11.40
C ARG HA 117 -111.30 36.90 -12.51
N ILE HA 118 -110.57 35.83 -12.84
CA ILE HA 118 -110.99 34.96 -13.92
C ILE HA 118 -112.26 34.21 -13.54
N ALA HA 119 -112.39 33.80 -12.28
CA ALA HA 119 -113.60 33.14 -11.83
C ALA HA 119 -114.81 34.08 -11.94
N LYS HA 120 -114.62 35.34 -11.54
CA LYS HA 120 -115.69 36.32 -11.67
C LYS HA 120 -116.07 36.50 -13.14
N ILE HA 121 -115.08 36.55 -14.02
CA ILE HA 121 -115.37 36.74 -15.44
C ILE HA 121 -116.17 35.55 -15.99
N ILE HA 122 -115.78 34.33 -15.63
CA ILE HA 122 -116.49 33.16 -16.13
C ILE HA 122 -117.91 33.14 -15.58
N ALA HA 123 -118.08 33.43 -14.30
CA ALA HA 123 -119.41 33.43 -13.72
C ALA HA 123 -120.31 34.50 -14.34
N ASN HA 124 -119.76 35.69 -14.58
CA ASN HA 124 -120.57 36.79 -15.08
C ASN HA 124 -120.97 36.62 -16.53
N ASP HA 125 -120.30 35.74 -17.28
CA ASP HA 125 -120.61 35.54 -18.69
C ASP HA 125 -121.44 34.28 -18.83
N PRO HA 126 -122.71 34.37 -19.24
CA PRO HA 126 -123.53 33.17 -19.39
C PRO HA 126 -122.96 32.17 -20.41
N ALA HA 127 -122.36 32.66 -21.49
CA ALA HA 127 -121.86 31.76 -22.53
C ALA HA 127 -120.77 30.85 -21.99
N LEU HA 128 -119.78 31.44 -21.31
CA LEU HA 128 -118.71 30.63 -20.72
C LEU HA 128 -119.19 29.85 -19.51
N ALA HA 129 -120.08 30.42 -18.70
CA ALA HA 129 -120.60 29.71 -17.54
C ALA HA 129 -121.36 28.46 -17.96
N GLN HA 130 -121.97 28.47 -19.15
CA GLN HA 130 -122.68 27.29 -19.62
C GLN HA 130 -121.73 26.11 -19.79
N LYS HA 131 -120.51 26.36 -20.24
CA LYS HA 131 -119.58 25.29 -20.56
C LYS HA 131 -118.89 24.72 -19.33
N VAL HA 132 -119.19 25.23 -18.13
CA VAL HA 132 -118.72 24.64 -16.90
C VAL HA 132 -119.91 24.42 -15.98
N ALA HA 133 -121.09 24.22 -16.58
CA ALA HA 133 -122.34 24.31 -15.84
C ALA HA 133 -122.47 23.28 -14.72
N GLY HA 134 -122.58 22.00 -15.06
CA GLY HA 134 -122.89 21.04 -14.03
C GLY HA 134 -123.10 19.65 -14.58
N ALA HA 135 -123.27 18.72 -13.64
CA ALA HA 135 -123.29 17.29 -13.95
C ALA HA 135 -124.32 16.89 -14.99
N PRO HA 136 -125.59 17.28 -14.91
CA PRO HA 136 -126.57 16.73 -15.86
C PRO HA 136 -126.37 17.25 -17.28
N TYR HA 137 -125.84 16.39 -18.16
CA TYR HA 137 -125.64 16.72 -19.56
C TYR HA 137 -126.60 15.89 -20.40
N PRO HA 138 -127.69 16.45 -20.90
CA PRO HA 138 -128.62 15.67 -21.73
C PRO HA 138 -127.95 15.18 -23.00
N ARG HA 139 -128.25 13.95 -23.37
CA ARG HA 139 -127.75 13.37 -24.61
C ARG HA 139 -128.84 12.77 -25.48
N GLY HA 140 -129.84 12.13 -24.87
CA GLY HA 140 -130.90 11.47 -25.59
C GLY HA 140 -131.05 10.03 -25.13
N ALA HA 141 -131.81 9.26 -25.90
CA ALA HA 141 -132.01 7.85 -25.57
C ALA HA 141 -130.69 7.09 -25.69
N TYR HA 142 -130.54 6.07 -24.85
CA TYR HA 142 -129.29 5.33 -24.80
C TYR HA 142 -129.11 4.48 -26.05
N SER HA 143 -127.88 4.42 -26.54
CA SER HA 143 -127.52 3.56 -27.65
C SER HA 143 -126.08 3.12 -27.48
N ALA HA 144 -125.83 1.83 -27.69
CA ALA HA 144 -124.52 1.25 -27.39
C ALA HA 144 -123.43 1.66 -28.36
N THR HA 145 -123.76 2.39 -29.42
CA THR HA 145 -122.79 2.74 -30.44
C THR HA 145 -122.17 4.12 -30.24
N GLU HA 146 -122.45 4.78 -29.13
CA GLU HA 146 -121.93 6.11 -28.87
C GLU HA 146 -121.12 6.12 -27.58
N THR HA 147 -120.20 7.08 -27.51
CA THR HA 147 -119.31 7.25 -26.39
C THR HA 147 -119.86 8.31 -25.45
N TYR HA 148 -119.92 8.00 -24.16
CA TYR HA 148 -120.49 8.89 -23.17
C TYR HA 148 -119.41 9.38 -22.21
N LEU HA 149 -119.48 10.66 -21.88
CA LEU HA 149 -118.55 11.28 -20.94
C LEU HA 149 -119.15 11.35 -19.55
N TYR HA 150 -118.34 11.82 -18.61
CA TYR HA 150 -118.79 11.98 -17.23
C TYR HA 150 -119.95 12.94 -17.17
N GLY HA 151 -121.02 12.54 -16.48
CA GLY HA 151 -122.17 13.39 -16.26
C GLY HA 151 -123.22 13.37 -17.34
N GLU HA 152 -122.94 12.78 -18.50
CA GLU HA 152 -123.91 12.80 -19.59
C GLU HA 152 -125.13 11.98 -19.22
N MET HA 153 -126.30 12.47 -19.62
CA MET HA 153 -127.58 11.90 -19.22
C MET HA 153 -128.21 11.17 -20.40
N VAL HA 154 -128.67 9.95 -20.15
CA VAL HA 154 -129.34 9.12 -21.15
C VAL HA 154 -130.66 8.64 -20.55
N SER HA 155 -131.54 8.15 -21.44
CA SER HA 155 -132.83 7.60 -21.04
C SER HA 155 -132.91 6.15 -21.49
N TYR HA 156 -133.16 5.26 -20.54
CA TYR HA 156 -133.10 3.82 -20.80
C TYR HA 156 -134.29 3.16 -20.12
N PHE HA 157 -135.20 2.63 -20.94
CA PHE HA 157 -136.33 1.81 -20.46
C PHE HA 157 -137.13 2.52 -19.38
N GLY HA 158 -137.37 3.81 -19.57
CA GLY HA 158 -138.18 4.57 -18.65
C GLY HA 158 -137.43 5.24 -17.51
N LYS HA 159 -136.15 4.96 -17.34
CA LYS HA 159 -135.37 5.55 -16.26
C LYS HA 159 -134.26 6.42 -16.81
N ASN HA 160 -134.03 7.56 -16.18
CA ASN HA 160 -132.97 8.46 -16.58
C ASN HA 160 -131.69 8.11 -15.84
N TYR HA 161 -130.56 8.24 -16.53
CA TYR HA 161 -129.28 7.87 -15.97
C TYR HA 161 -128.24 8.93 -16.29
N ILE HA 162 -127.24 9.04 -15.42
CA ILE HA 162 -126.14 9.98 -15.57
C ILE HA 162 -124.84 9.22 -15.41
N SER HA 163 -123.93 9.41 -16.36
CA SER HA 163 -122.67 8.67 -16.32
C SER HA 163 -121.75 9.22 -15.24
N LYS HA 164 -121.36 8.36 -14.31
CA LYS HA 164 -120.50 8.74 -13.20
C LYS HA 164 -119.07 8.25 -13.39
N SER HA 165 -118.70 7.90 -14.62
CA SER HA 165 -117.36 7.42 -14.93
C SER HA 165 -116.57 8.55 -15.57
N LEU HA 166 -115.41 8.87 -14.99
CA LEU HA 166 -114.59 9.95 -15.51
C LEU HA 166 -114.10 9.65 -16.92
N SER HA 167 -113.61 8.43 -17.14
CA SER HA 167 -113.19 8.03 -18.47
C SER HA 167 -114.41 7.85 -19.37
N PRO HA 168 -114.28 8.16 -20.65
CA PRO HA 168 -115.39 7.91 -21.58
C PRO HA 168 -115.76 6.44 -21.60
N ILE HA 169 -117.06 6.16 -21.67
CA ILE HA 169 -117.55 4.79 -21.65
C ILE HA 169 -118.35 4.54 -22.92
N ILE HA 170 -118.41 3.27 -23.31
CA ILE HA 170 -119.16 2.86 -24.48
C ILE HA 170 -119.60 1.41 -24.28
N ASN HA 171 -120.77 1.08 -24.82
CA ASN HA 171 -121.32 -0.27 -24.75
C ASN HA 171 -121.41 -0.77 -23.32
N ILE HA 172 -121.81 0.13 -22.41
CA ILE HA 172 -122.09 -0.22 -21.03
C ILE HA 172 -123.54 0.13 -20.75
N LEU HA 173 -124.32 -0.86 -20.30
CA LEU HA 173 -125.73 -0.62 -20.07
C LEU HA 173 -125.93 0.30 -18.88
N PRO HA 174 -126.89 1.22 -18.95
CA PRO HA 174 -127.13 2.12 -17.81
C PRO HA 174 -127.54 1.38 -16.55
N THR HA 175 -128.02 0.15 -16.66
CA THR HA 175 -128.39 -0.62 -15.49
C THR HA 175 -127.20 -0.92 -14.59
N VAL HA 176 -125.99 -0.76 -15.09
CA VAL HA 176 -124.79 -0.99 -14.28
C VAL HA 176 -124.60 0.22 -13.37
N THR HA 177 -124.84 0.03 -12.07
CA THR HA 177 -124.68 1.11 -11.11
C THR HA 177 -123.22 1.48 -10.87
N ASP HA 178 -122.28 0.68 -11.35
CA ASP HA 178 -120.87 0.99 -11.13
C ASP HA 178 -120.40 2.15 -12.00
N SER HA 179 -121.01 2.33 -13.18
CA SER HA 179 -120.66 3.42 -14.07
C SER HA 179 -121.79 4.41 -14.30
N TRP HA 180 -123.00 4.11 -13.84
CA TRP HA 180 -124.16 4.97 -14.07
C TRP HA 180 -124.90 5.22 -12.76
N TYR HA 181 -125.58 6.35 -12.69
CA TYR HA 181 -126.42 6.72 -11.56
C TYR HA 181 -127.83 6.95 -12.06
N GLU HA 182 -128.80 6.33 -11.41
CA GLU HA 182 -130.19 6.45 -11.85
C GLU HA 182 -130.83 7.64 -11.13
N LEU HA 183 -131.48 8.50 -11.90
CA LEU HA 183 -132.12 9.72 -11.41
C LEU HA 183 -133.52 9.37 -10.93
N VAL HA 184 -133.68 9.25 -9.60
CA VAL HA 184 -134.94 8.78 -9.04
C VAL HA 184 -136.02 9.84 -9.20
N ILE HA 185 -137.25 9.39 -9.41
CA ILE HA 185 -138.43 10.24 -9.48
C ILE HA 185 -139.55 9.57 -8.69
N THR HA 186 -140.22 10.34 -7.84
CA THR HA 186 -141.27 9.80 -6.97
C THR HA 186 -142.63 9.73 -7.65
N LEU HA 187 -142.99 10.77 -8.40
CA LEU HA 187 -144.33 10.96 -8.93
C LEU HA 187 -145.31 10.85 -7.76
N PRO HA 188 -145.37 11.87 -6.90
CA PRO HA 188 -146.25 11.80 -5.72
C PRO HA 188 -147.68 12.20 -6.08
N GLU HA 189 -148.59 11.23 -6.02
CA GLU HA 189 -150.03 11.44 -6.12
C GLU HA 189 -150.50 12.33 -7.28
N SER HA 190 -149.67 12.47 -8.31
CA SER HA 190 -149.94 13.44 -9.37
C SER HA 190 -151.31 13.20 -9.99
N VAL HA 191 -152.04 14.30 -10.21
CA VAL HA 191 -153.44 14.21 -10.61
C VAL HA 191 -153.59 13.67 -12.03
N SER HA 192 -152.53 13.66 -12.82
CA SER HA 192 -152.59 13.19 -14.19
C SER HA 192 -151.95 11.81 -14.29
N VAL HA 193 -152.76 10.80 -14.58
CA VAL HA 193 -152.28 9.44 -14.76
C VAL HA 193 -152.89 8.88 -16.05
N ILE HA 194 -152.17 9.01 -17.17
CA ILE HA 194 -152.72 8.69 -18.48
C ILE HA 194 -151.86 7.61 -19.14
N ALA HA 195 -152.24 7.24 -20.36
CA ALA HA 195 -151.65 6.11 -21.05
C ALA HA 195 -150.67 6.58 -22.11
N THR HA 196 -149.43 6.09 -22.03
CA THR HA 196 -148.39 6.35 -23.02
C THR HA 196 -147.68 5.05 -23.34
N GLY HA 197 -146.60 5.15 -24.11
CA GLY HA 197 -145.77 4.03 -24.47
C GLY HA 197 -144.34 4.18 -24.00
N SER HA 198 -143.49 3.26 -24.47
CA SER HA 198 -142.07 3.26 -24.16
C SER HA 198 -141.28 3.35 -25.45
N ASP HA 199 -140.63 4.48 -25.67
CA ASP HA 199 -139.89 4.73 -26.91
C ASP HA 199 -138.48 4.18 -26.85
N THR HA 200 -138.34 2.88 -26.61
CA THR HA 200 -137.05 2.20 -26.62
C THR HA 200 -137.03 1.27 -27.82
N ALA HA 201 -136.15 1.55 -28.79
CA ALA HA 201 -136.04 0.71 -29.96
C ALA HA 201 -135.55 -0.68 -29.56
N TYR HA 202 -135.91 -1.67 -30.38
CA TYR HA 202 -135.55 -3.05 -30.09
C TYR HA 202 -134.05 -3.21 -29.92
N GLY HA 203 -133.65 -3.61 -28.72
CA GLY HA 203 -132.24 -3.73 -28.39
C GLY HA 203 -131.91 -4.93 -27.53
N THR HA 204 -132.72 -5.97 -27.61
CA THR HA 204 -132.58 -7.21 -26.84
C THR HA 204 -132.62 -6.96 -25.33
N GLY HA 205 -132.98 -5.76 -24.90
CA GLY HA 205 -133.23 -5.49 -23.51
C GLY HA 205 -134.62 -5.83 -23.07
N TRP HA 206 -135.41 -6.43 -23.96
CA TRP HA 206 -136.80 -6.76 -23.70
C TRP HA 206 -136.97 -8.16 -23.13
N ASN HA 207 -135.88 -8.81 -22.74
CA ASN HA 207 -135.96 -10.15 -22.17
C ASN HA 207 -136.84 -10.15 -20.93
N GLY HA 208 -136.37 -9.51 -19.87
CA GLY HA 208 -137.24 -9.17 -18.77
C GLY HA 208 -137.59 -7.70 -18.85
N SER HA 209 -138.78 -7.39 -19.35
CA SER HA 209 -139.17 -5.99 -19.54
C SER HA 209 -140.69 -5.91 -19.42
N LEU HA 210 -141.17 -5.53 -18.24
CA LEU HA 210 -142.59 -5.33 -18.01
C LEU HA 210 -143.10 -4.06 -18.68
N LEU HA 211 -142.30 -3.46 -19.55
CA LEU HA 211 -142.68 -2.23 -20.23
C LEU HA 211 -143.66 -2.55 -21.36
N VAL HA 212 -144.01 -1.53 -22.15
CA VAL HA 212 -144.96 -1.69 -23.25
C VAL HA 212 -144.36 -1.08 -24.51
N PRO HA 213 -144.29 -1.82 -25.61
CA PRO HA 213 -143.55 -1.34 -26.79
C PRO HA 213 -144.38 -0.36 -27.61
N THR HA 214 -143.74 0.71 -28.06
CA THR HA 214 -144.38 1.69 -28.93
C THR HA 214 -144.63 1.09 -30.30
N GLN HA 215 -145.49 1.75 -31.08
CA GLN HA 215 -145.74 1.33 -32.45
C GLN HA 215 -144.48 1.41 -33.31
N ASN HA 216 -143.60 2.38 -33.04
CA ASN HA 216 -142.45 2.62 -33.90
C ASN HA 216 -141.47 1.46 -33.83
N ALA HA 217 -141.14 1.00 -32.62
CA ALA HA 217 -140.18 -0.09 -32.47
C ALA HA 217 -140.69 -1.35 -33.15
N VAL HA 218 -141.96 -1.68 -32.94
CA VAL HA 218 -142.55 -2.87 -33.54
C VAL HA 218 -142.53 -2.77 -35.05
N TYR HA 219 -142.92 -1.60 -35.60
CA TYR HA 219 -142.95 -1.46 -37.04
C TYR HA 219 -141.55 -1.52 -37.65
N ASP HA 220 -140.57 -0.91 -36.99
CA ASP HA 220 -139.21 -0.95 -37.52
C ASP HA 220 -138.64 -2.36 -37.50
N LYS HA 221 -138.89 -3.09 -36.41
CA LYS HA 221 -138.44 -4.49 -36.37
C LYS HA 221 -139.15 -5.31 -37.43
N ILE HA 222 -140.44 -5.08 -37.63
CA ILE HA 222 -141.16 -5.80 -38.68
C ILE HA 222 -140.56 -5.49 -40.04
N VAL HA 223 -140.22 -4.22 -40.27
CA VAL HA 223 -139.67 -3.82 -41.57
C VAL HA 223 -138.33 -4.50 -41.81
N THR HA 224 -137.44 -4.49 -40.81
CA THR HA 224 -136.14 -5.13 -41.02
C THR HA 224 -136.26 -6.64 -41.17
N VAL HA 225 -137.19 -7.25 -40.42
CA VAL HA 225 -137.40 -8.70 -40.56
C VAL HA 225 -137.90 -9.03 -41.95
N ASP HA 226 -138.84 -8.23 -42.47
CA ASP HA 226 -139.35 -8.47 -43.81
C ASP HA 226 -138.27 -8.23 -44.87
N ALA HA 227 -137.41 -7.24 -44.64
CA ALA HA 227 -136.30 -7.00 -45.57
C ALA HA 227 -135.36 -8.20 -45.59
N ALA HA 228 -135.06 -8.77 -44.41
CA ALA HA 228 -134.22 -9.95 -44.36
C ALA HA 228 -134.88 -11.14 -45.05
N ILE HA 229 -136.19 -11.31 -44.85
CA ILE HA 229 -136.90 -12.40 -45.51
C ILE HA 229 -136.87 -12.23 -47.03
N ALA HA 230 -137.08 -11.00 -47.51
CA ALA HA 230 -137.02 -10.74 -48.94
C ALA HA 230 -135.62 -10.98 -49.48
N THR HA 231 -134.59 -10.62 -48.72
CA THR HA 231 -133.22 -10.87 -49.14
C THR HA 231 -132.96 -12.37 -49.26
N ALA HA 232 -133.44 -13.15 -48.29
CA ALA HA 232 -133.28 -14.60 -48.36
C ALA HA 232 -134.02 -15.17 -49.56
N ASN HA 233 -135.23 -14.68 -49.81
CA ASN HA 233 -136.00 -15.17 -50.96
C ASN HA 233 -135.29 -14.85 -52.26
N THR HA 234 -134.76 -13.63 -52.40
CA THR HA 234 -134.05 -13.26 -53.61
C THR HA 234 -132.76 -14.06 -53.77
N ASN HA 235 -132.08 -14.37 -52.65
CA ASN HA 235 -130.94 -15.27 -52.71
C ASN HA 235 -131.35 -16.63 -53.25
N ILE HA 236 -132.49 -17.15 -52.78
CA ILE HA 236 -132.97 -18.43 -53.28
C ILE HA 236 -133.25 -18.36 -54.77
N THR HA 237 -133.88 -17.28 -55.22
CA THR HA 237 -134.20 -17.14 -56.64
C THR HA 237 -132.94 -17.08 -57.49
N ASN HA 238 -132.01 -16.19 -57.15
CA ASN HA 238 -130.80 -16.04 -57.96
C ASN HA 238 -129.83 -17.20 -57.77
N LEU HA 239 -130.07 -18.07 -56.79
CA LEU HA 239 -129.29 -19.30 -56.69
C LEU HA 239 -129.89 -20.40 -57.56
N GLY HA 240 -131.20 -20.61 -57.46
CA GLY HA 240 -131.81 -21.71 -58.20
C GLY HA 240 -131.61 -21.60 -59.70
N THR HA 241 -131.73 -20.39 -60.25
CA THR HA 241 -131.63 -20.20 -61.69
C THR HA 241 -130.21 -20.25 -62.21
N ALA HA 242 -129.20 -20.08 -61.34
CA ALA HA 242 -127.81 -20.02 -61.80
C ALA HA 242 -126.87 -20.99 -61.13
N LYS HA 243 -127.28 -21.68 -60.07
CA LYS HA 243 -126.37 -22.51 -59.29
C LYS HA 243 -126.68 -24.00 -59.39
N ALA HA 244 -127.90 -24.40 -59.04
CA ALA HA 244 -128.22 -25.81 -58.86
C ALA HA 244 -129.16 -26.29 -59.96
N ASP HA 245 -128.82 -27.43 -60.57
CA ASP HA 245 -129.72 -28.18 -61.44
C ASP HA 245 -129.11 -29.57 -61.64
N LEU HA 246 -129.98 -30.58 -61.72
CA LEU HA 246 -129.55 -31.96 -61.75
C LEU HA 246 -129.89 -32.68 -63.05
N SER HA 247 -131.03 -32.39 -63.65
CA SER HA 247 -131.51 -33.17 -64.79
C SER HA 247 -130.54 -33.13 -65.96
N TYR HA 248 -130.30 -31.95 -66.53
CA TYR HA 248 -129.51 -31.88 -67.75
C TYR HA 248 -128.06 -32.27 -67.48
N VAL HA 249 -127.56 -32.04 -66.26
CA VAL HA 249 -126.23 -32.51 -65.91
C VAL HA 249 -126.17 -34.02 -66.00
N ASN HA 250 -127.19 -34.71 -65.46
CA ASN HA 250 -127.24 -36.16 -65.54
C ASN HA 250 -127.32 -36.62 -66.99
N THR HA 251 -128.13 -35.93 -67.80
CA THR HA 251 -128.26 -36.32 -69.20
C THR HA 251 -126.96 -36.18 -69.96
N GLN HA 252 -126.25 -35.06 -69.78
CA GLN HA 252 -124.98 -34.87 -70.48
C GLN HA 252 -123.93 -35.85 -69.97
N LEU HA 253 -123.96 -36.16 -68.68
CA LEU HA 253 -123.04 -37.17 -68.15
C LEU HA 253 -123.31 -38.54 -68.77
N SER HA 254 -124.59 -38.91 -68.92
CA SER HA 254 -124.91 -40.19 -69.53
C SER HA 254 -124.52 -40.22 -71.00
N ALA HA 255 -124.72 -39.11 -71.71
CA ALA HA 255 -124.28 -39.04 -73.11
C ALA HA 255 -122.77 -39.20 -73.22
N ASP HA 256 -122.03 -38.52 -72.34
CA ASP HA 256 -120.58 -38.65 -72.35
C ASP HA 256 -120.15 -40.08 -72.03
N GLN HA 257 -120.86 -40.73 -71.09
CA GLN HA 257 -120.53 -42.11 -70.76
C GLN HA 257 -120.78 -43.05 -71.93
N VAL HA 258 -121.86 -42.82 -72.68
CA VAL HA 258 -122.14 -43.66 -73.84
C VAL HA 258 -121.07 -43.44 -74.90
N VAL HA 259 -120.63 -42.20 -75.08
CA VAL HA 259 -119.54 -41.94 -76.03
C VAL HA 259 -118.26 -42.61 -75.56
N LEU HA 260 -118.03 -42.61 -74.24
CA LEU HA 260 -116.83 -43.23 -73.69
C LEU HA 260 -116.79 -44.72 -73.96
N ASP HA 261 -117.89 -45.42 -73.68
CA ASP HA 261 -117.90 -46.86 -73.92
C ASP HA 261 -117.87 -47.17 -75.41
N ALA HA 262 -118.52 -46.36 -76.24
CA ALA HA 262 -118.45 -46.56 -77.68
C ALA HA 262 -117.01 -46.40 -78.17
N LEU HA 263 -116.29 -45.40 -77.66
CA LEU HA 263 -114.92 -45.18 -78.09
C LEU HA 263 -113.99 -46.26 -77.58
N SER HA 264 -114.25 -46.77 -76.37
CA SER HA 264 -113.46 -47.88 -75.86
C SER HA 264 -113.65 -49.13 -76.71
N SER HA 265 -114.89 -49.39 -77.14
CA SER HA 265 -115.14 -50.58 -77.96
C SER HA 265 -114.57 -50.42 -79.37
N GLY HA 266 -114.82 -49.27 -80.00
CA GLY HA 266 -114.50 -49.12 -81.41
C GLY HA 266 -113.03 -48.96 -81.69
N LYS HA 267 -112.35 -48.12 -80.90
CA LYS HA 267 -110.96 -47.82 -81.19
C LYS HA 267 -110.06 -49.02 -80.92
N ALA HA 268 -109.05 -49.19 -81.76
CA ALA HA 268 -108.15 -50.33 -81.65
C ALA HA 268 -107.13 -50.13 -80.55
N ASP HA 269 -106.88 -51.20 -79.80
CA ASP HA 269 -105.83 -51.17 -78.78
C ASP HA 269 -104.47 -50.96 -79.43
N LEU HA 270 -103.61 -50.19 -78.75
CA LEU HA 270 -102.26 -49.99 -79.26
C LEU HA 270 -101.45 -51.29 -79.18
N SER HA 271 -101.69 -52.09 -78.14
CA SER HA 271 -101.04 -53.39 -78.07
C SER HA 271 -101.49 -54.30 -79.21
N TYR HA 272 -102.79 -54.32 -79.50
CA TYR HA 272 -103.30 -55.13 -80.59
C TYR HA 272 -102.72 -54.66 -81.92
N VAL HA 273 -102.64 -53.35 -82.12
CA VAL HA 273 -102.08 -52.81 -83.36
C VAL HA 273 -100.61 -53.18 -83.49
N ASN HA 274 -99.88 -53.12 -82.38
CA ASN HA 274 -98.46 -53.51 -82.41
C ASN HA 274 -98.30 -54.99 -82.77
N THR HA 275 -99.13 -55.85 -82.18
CA THR HA 275 -99.07 -57.27 -82.51
C THR HA 275 -99.38 -57.51 -83.98
N GLN HA 276 -100.43 -56.85 -84.49
CA GLN HA 276 -100.80 -57.04 -85.88
C GLN HA 276 -99.73 -56.53 -86.83
N LEU HA 277 -99.10 -55.40 -86.49
CA LEU HA 277 -97.98 -54.92 -87.29
C LEU HA 277 -96.80 -55.87 -87.22
N ASN HA 278 -96.60 -56.51 -86.06
CA ASN HA 278 -95.54 -57.50 -85.94
C ASN HA 278 -95.81 -58.71 -86.82
N SER HA 279 -97.09 -59.06 -87.01
CA SER HA 279 -97.42 -60.21 -87.85
C SER HA 279 -96.93 -60.01 -89.27
N LYS HA 280 -97.12 -58.82 -89.83
CA LYS HA 280 -96.70 -58.54 -91.20
C LYS HA 280 -95.18 -58.36 -91.28
N THR IA 2 -20.73 55.42 -112.60
CA THR IA 2 -22.00 54.85 -113.03
C THR IA 2 -23.18 55.72 -112.63
N ASN IA 3 -23.93 56.17 -113.63
CA ASN IA 3 -25.15 56.92 -113.37
C ASN IA 3 -26.21 55.98 -112.81
N ILE IA 4 -27.02 56.48 -111.88
CA ILE IA 4 -28.09 55.71 -111.25
C ILE IA 4 -29.39 56.47 -111.43
N VAL IA 5 -30.38 55.80 -112.01
CA VAL IA 5 -31.70 56.38 -112.22
C VAL IA 5 -32.73 55.49 -111.55
N GLY IA 6 -33.83 56.11 -111.11
CA GLY IA 6 -34.89 55.38 -110.46
C GLY IA 6 -35.95 56.27 -109.85
N ARG IA 7 -37.09 55.68 -109.50
CA ARG IA 7 -38.17 56.39 -108.84
C ARG IA 7 -38.38 55.82 -107.44
N ILE IA 8 -38.99 56.64 -106.58
CA ILE IA 8 -39.21 56.28 -105.19
C ILE IA 8 -40.68 56.49 -104.87
N GLY IA 9 -41.37 55.40 -104.50
CA GLY IA 9 -42.75 55.52 -104.11
C GLY IA 9 -42.92 55.94 -102.67
N PHE IA 10 -44.10 56.47 -102.36
CA PHE IA 10 -44.49 56.88 -101.01
C PHE IA 10 -43.55 57.95 -100.44
N LEU IA 11 -42.83 58.68 -101.28
CA LEU IA 11 -41.91 59.70 -100.81
C LEU IA 11 -41.75 60.75 -101.90
N THR IA 12 -42.40 61.90 -101.72
CA THR IA 12 -42.33 62.96 -102.70
C THR IA 12 -40.96 63.64 -102.71
N THR IA 13 -40.37 63.85 -101.53
CA THR IA 13 -39.12 64.59 -101.41
C THR IA 13 -38.23 63.92 -100.38
N GLY IA 14 -36.97 63.75 -100.72
CA GLY IA 14 -36.05 63.10 -99.81
C GLY IA 14 -34.61 63.28 -100.24
N LYS IA 15 -33.71 62.59 -99.54
CA LYS IA 15 -32.29 62.61 -99.85
C LYS IA 15 -31.76 61.19 -99.92
N LEU IA 16 -30.95 60.91 -100.93
CA LEU IA 16 -30.29 59.63 -101.07
C LEU IA 16 -28.82 59.78 -100.70
N GLY IA 17 -28.35 58.96 -99.77
CA GLY IA 17 -26.97 59.02 -99.33
C GLY IA 17 -26.22 57.75 -99.62
N ILE IA 18 -25.05 57.87 -100.24
CA ILE IA 18 -24.21 56.73 -100.58
C ILE IA 18 -22.87 56.89 -99.90
N LYS IA 19 -22.42 55.84 -99.21
CA LYS IA 19 -21.12 55.90 -98.54
C LYS IA 19 -20.35 54.62 -98.81
N LEU IA 20 -19.07 54.77 -99.11
CA LEU IA 20 -18.23 53.60 -99.36
C LEU IA 20 -17.81 52.95 -98.04
N ARG IA 21 -17.61 51.64 -98.09
CA ARG IA 21 -17.13 50.89 -96.95
C ARG IA 21 -15.61 50.67 -96.98
N GLY IA 22 -14.95 50.97 -98.09
CA GLY IA 22 -13.51 50.88 -98.18
C GLY IA 22 -12.97 51.88 -99.17
N VAL IA 23 -11.65 51.94 -99.33
CA VAL IA 23 -11.04 52.83 -100.31
C VAL IA 23 -11.29 52.28 -101.70
N LEU IA 24 -11.47 53.18 -102.66
CA LEU IA 24 -11.74 52.79 -104.04
C LEU IA 24 -10.72 53.43 -104.96
N ILE IA 25 -10.31 52.70 -105.99
CA ILE IA 25 -9.35 53.20 -106.98
C ILE IA 25 -10.05 53.27 -108.33
N ASP IA 26 -9.97 54.43 -108.97
CA ASP IA 26 -10.68 54.67 -110.21
C ASP IA 26 -9.69 55.12 -111.30
N GLU IA 27 -9.86 54.56 -112.49
CA GLU IA 27 -9.03 54.90 -113.64
C GLU IA 27 -9.83 55.42 -114.82
N SER IA 28 -11.09 55.82 -114.62
CA SER IA 28 -11.87 56.42 -115.70
C SER IA 28 -11.22 57.75 -116.00
N THR IA 29 -10.50 58.28 -115.01
CA THR IA 29 -9.82 59.55 -115.20
C THR IA 29 -8.34 59.30 -115.37
N THR IA 30 -7.65 60.15 -116.11
CA THR IA 30 -6.21 60.01 -116.25
C THR IA 30 -5.48 60.04 -114.90
N PRO IA 31 -5.68 61.09 -114.08
CA PRO IA 31 -5.02 60.98 -112.77
C PRO IA 31 -5.87 60.02 -111.96
N ASN IA 32 -5.26 58.98 -111.41
CA ASN IA 32 -6.06 57.98 -110.71
C ASN IA 32 -6.77 58.54 -109.51
N THR IA 33 -8.07 58.30 -109.45
CA THR IA 33 -8.87 58.87 -108.38
C THR IA 33 -8.95 57.91 -107.20
N THR IA 34 -8.69 58.42 -106.01
CA THR IA 34 -8.81 57.65 -104.78
C THR IA 34 -10.04 58.12 -104.04
N TYR IA 35 -10.88 57.16 -103.65
CA TYR IA 35 -12.14 57.43 -102.98
C TYR IA 35 -12.04 56.95 -101.54
N LEU IA 36 -12.26 57.86 -100.61
CA LEU IA 36 -12.18 57.56 -99.19
C LEU IA 36 -13.49 56.97 -98.69
N PRO IA 37 -13.42 56.02 -97.77
CA PRO IA 37 -14.63 55.44 -97.20
C PRO IA 37 -15.15 56.25 -96.01
N GLY IA 38 -16.41 56.01 -95.68
CA GLY IA 38 -17.04 56.66 -94.57
C GLY IA 38 -17.55 58.06 -94.84
N ILE IA 39 -17.36 58.59 -96.05
CA ILE IA 39 -17.84 59.91 -96.42
C ILE IA 39 -19.10 59.75 -97.23
N GLU IA 40 -20.19 60.35 -96.76
CA GLU IA 40 -21.49 60.19 -97.39
C GLU IA 40 -21.68 61.25 -98.47
N SER IA 41 -22.13 60.82 -99.64
CA SER IA 41 -22.50 61.71 -100.74
C SER IA 41 -24.01 61.74 -100.84
N PHE IA 42 -24.57 62.94 -100.86
CA PHE IA 42 -26.01 63.15 -100.82
C PHE IA 42 -26.53 63.66 -102.16
N PHE IA 43 -27.68 63.17 -102.55
CA PHE IA 43 -28.34 63.58 -103.78
C PHE IA 43 -29.82 63.82 -103.50
N ASN IA 44 -30.40 64.75 -104.25
CA ASN IA 44 -31.80 65.11 -104.06
C ASN IA 44 -32.72 64.06 -104.67
N ILE IA 45 -33.86 63.84 -104.02
CA ILE IA 45 -34.94 63.02 -104.56
C ILE IA 45 -36.14 63.94 -104.62
N THR IA 46 -36.45 64.44 -105.81
CA THR IA 46 -37.51 65.42 -105.99
C THR IA 46 -38.54 64.87 -106.97
N ALA IA 47 -39.81 65.06 -106.64
CA ALA IA 47 -40.93 64.54 -107.44
C ALA IA 47 -40.80 63.03 -107.64
N ASN IA 48 -40.36 62.34 -106.58
CA ASN IA 48 -40.19 60.89 -106.57
C ASN IA 48 -39.14 60.41 -107.57
N VAL IA 49 -38.23 61.30 -107.99
CA VAL IA 49 -37.20 60.94 -108.95
C VAL IA 49 -35.83 61.27 -108.37
N LEU IA 50 -34.89 60.34 -108.48
CA LEU IA 50 -33.51 60.63 -108.15
C LEU IA 50 -32.94 61.59 -109.19
N THR IA 51 -32.57 62.79 -108.76
CA THR IA 51 -32.24 63.87 -109.67
C THR IA 51 -31.05 63.54 -110.56
N SER IA 52 -29.87 63.44 -109.95
CA SER IA 52 -28.65 63.13 -110.71
C SER IA 52 -27.72 62.37 -109.76
N VAL IA 53 -27.78 61.05 -109.83
CA VAL IA 53 -26.99 60.20 -108.96
C VAL IA 53 -25.86 59.60 -109.79
N SER IA 54 -24.63 59.97 -109.46
CA SER IA 54 -23.45 59.45 -110.13
C SER IA 54 -22.50 58.93 -109.07
N TYR IA 55 -22.20 57.63 -109.12
CA TYR IA 55 -21.26 57.06 -108.19
C TYR IA 55 -20.24 56.22 -108.95
N PRO IA 56 -18.96 56.20 -108.49
CA PRO IA 56 -18.06 55.35 -109.29
C PRO IA 56 -18.39 53.86 -109.29
N GLU IA 57 -17.93 53.16 -110.32
CA GLU IA 57 -18.15 51.73 -110.38
C GLU IA 57 -17.35 51.05 -109.30
N THR IA 58 -18.00 50.19 -108.52
CA THR IA 58 -17.31 49.45 -107.46
C THR IA 58 -17.43 47.97 -107.77
N GLU IA 59 -17.74 47.64 -109.02
CA GLU IA 59 -17.96 46.24 -109.40
C GLU IA 59 -16.73 45.35 -109.43
N THR IA 60 -15.76 45.67 -110.27
CA THR IA 60 -14.57 44.82 -110.41
C THR IA 60 -13.67 44.92 -109.19
N GLN IA 61 -13.94 45.90 -108.33
CA GLN IA 61 -13.14 46.07 -107.13
C GLN IA 61 -13.83 45.37 -105.97
N ASN IA 62 -15.03 44.84 -106.20
CA ASN IA 62 -15.80 44.14 -105.17
C ASN IA 62 -16.00 44.97 -103.91
N VAL IA 63 -15.90 46.28 -104.06
CA VAL IA 63 -16.10 47.20 -102.95
C VAL IA 63 -17.60 47.42 -102.79
N THR IA 64 -18.08 47.28 -101.56
CA THR IA 64 -19.49 47.47 -101.26
C THR IA 64 -19.75 48.90 -100.82
N ALA IA 65 -20.90 49.44 -101.20
CA ALA IA 65 -21.33 50.77 -100.80
C ALA IA 65 -22.69 50.68 -100.12
N THR IA 66 -22.88 51.48 -99.08
CA THR IA 66 -24.15 51.55 -98.36
C THR IA 66 -24.99 52.68 -98.94
N PHE IA 67 -26.20 52.34 -99.36
CA PHE IA 67 -27.19 53.29 -99.83
C PHE IA 67 -28.24 53.49 -98.75
N SER IA 68 -28.73 54.72 -98.62
CA SER IA 68 -29.71 55.05 -97.60
C SER IA 68 -30.65 56.11 -98.13
N ILE IA 69 -31.90 56.07 -97.68
CA ILE IA 69 -32.92 57.05 -98.05
C ILE IA 69 -33.36 57.75 -96.77
N TYR IA 70 -33.26 59.09 -96.77
CA TYR IA 70 -33.62 59.90 -95.61
C TYR IA 70 -34.73 60.87 -95.99
N SER IA 71 -35.66 61.06 -95.07
CA SER IA 71 -36.62 62.14 -95.23
C SER IA 71 -35.94 63.48 -94.99
N VAL IA 72 -36.48 64.52 -95.60
CA VAL IA 72 -35.91 65.86 -95.52
C VAL IA 72 -36.75 66.69 -94.56
N ASP IA 73 -36.06 67.47 -93.71
CA ASP IA 73 -36.73 68.41 -92.82
C ASP IA 73 -37.08 69.67 -93.62
N GLY IA 74 -37.45 70.73 -92.91
CA GLY IA 74 -37.76 71.98 -93.59
C GLY IA 74 -36.55 72.66 -94.23
N SER IA 75 -35.35 72.16 -93.96
CA SER IA 75 -34.12 72.75 -94.49
C SER IA 75 -33.52 71.94 -95.62
N SER IA 76 -34.30 71.01 -96.18
CA SER IA 76 -33.81 70.13 -97.25
C SER IA 76 -32.55 69.43 -96.79
N ASN IA 77 -32.57 68.92 -95.56
CA ASN IA 77 -31.41 68.23 -95.02
C ASN IA 77 -31.83 66.86 -94.52
N PRO IA 78 -30.97 65.86 -94.74
CA PRO IA 78 -31.35 64.50 -94.35
C PRO IA 78 -31.55 64.30 -92.85
N VAL IA 79 -32.74 63.91 -92.42
CA VAL IA 79 -32.96 63.57 -91.00
C VAL IA 79 -32.48 62.14 -91.01
N PHE IA 80 -32.09 61.56 -89.88
CA PHE IA 80 -31.50 60.21 -89.92
C PHE IA 80 -32.20 58.96 -89.38
N PRO IA 81 -33.33 58.53 -89.96
CA PRO IA 81 -33.91 57.25 -89.52
C PRO IA 81 -33.76 56.32 -90.71
N ALA IA 82 -32.67 56.40 -91.46
CA ALA IA 82 -32.45 55.66 -92.72
C ALA IA 82 -33.61 54.78 -93.14
N LEU IA 83 -34.68 55.39 -93.66
CA LEU IA 83 -35.87 54.64 -94.07
C LEU IA 83 -35.56 53.37 -94.84
N LEU IA 84 -34.74 53.46 -95.87
CA LEU IA 84 -34.35 52.27 -96.61
C LEU IA 84 -32.83 52.19 -96.74
N SER IA 85 -32.19 51.30 -95.98
CA SER IA 85 -30.74 51.23 -96.02
C SER IA 85 -30.33 49.84 -96.47
N PHE IA 86 -29.29 49.78 -97.30
CA PHE IA 86 -28.84 48.47 -97.78
C PHE IA 86 -27.45 48.59 -98.38
N ASP IA 87 -26.71 47.49 -98.33
CA ASP IA 87 -25.38 47.42 -98.91
C ASP IA 87 -25.48 46.78 -100.29
N ALA IA 88 -24.84 47.42 -101.28
CA ALA IA 88 -24.90 46.94 -102.65
C ALA IA 88 -23.64 47.38 -103.39
N ILE IA 89 -23.40 46.75 -104.53
CA ILE IA 89 -22.21 46.99 -105.33
C ILE IA 89 -22.64 47.66 -106.62
N VAL IA 90 -22.08 48.84 -106.89
CA VAL IA 90 -22.39 49.58 -108.10
C VAL IA 90 -21.74 48.87 -109.27
N PRO IA 91 -22.51 48.40 -110.24
CA PRO IA 91 -21.93 47.63 -111.35
C PRO IA 91 -21.34 48.56 -112.41
N ASN IA 92 -20.70 47.95 -113.40
CA ASN IA 92 -20.04 48.69 -114.49
C ASN IA 92 -21.02 48.82 -115.65
N VAL IA 93 -21.79 49.90 -115.63
CA VAL IA 93 -22.73 50.22 -116.69
C VAL IA 93 -22.92 51.73 -116.71
N ALA IA 94 -23.22 52.26 -117.89
CA ALA IA 94 -23.40 53.70 -118.02
C ALA IA 94 -24.55 54.20 -117.16
N SER IA 95 -25.67 53.47 -117.14
CA SER IA 95 -26.81 53.83 -116.32
C SER IA 95 -27.42 52.56 -115.74
N VAL IA 96 -27.62 52.55 -114.43
CA VAL IA 96 -28.23 51.42 -113.75
C VAL IA 96 -29.50 51.91 -113.05
N GLU IA 97 -30.45 51.00 -112.91
CA GLU IA 97 -31.69 51.29 -112.23
C GLU IA 97 -31.53 51.02 -110.74
N PHE IA 98 -32.10 51.91 -109.92
CA PHE IA 98 -31.99 51.76 -108.47
C PHE IA 98 -32.70 50.53 -107.96
N ASP IA 99 -33.71 50.03 -108.69
CA ASP IA 99 -34.45 48.87 -108.21
C ASP IA 99 -33.59 47.63 -108.15
N VAL IA 100 -32.59 47.52 -109.02
CA VAL IA 100 -31.70 46.37 -109.00
C VAL IA 100 -30.91 46.34 -107.69
N LEU IA 101 -30.40 47.50 -107.27
CA LEU IA 101 -29.52 47.55 -106.12
C LEU IA 101 -30.26 47.21 -104.83
N ALA IA 102 -31.48 47.71 -104.68
CA ALA IA 102 -32.23 47.47 -103.45
C ALA IA 102 -32.54 45.98 -103.32
N PRO IA 103 -32.42 45.41 -102.12
CA PRO IA 103 -32.74 43.99 -101.95
C PRO IA 103 -34.24 43.76 -102.06
N THR IA 104 -34.60 42.57 -102.52
CA THR IA 104 -35.99 42.19 -102.71
C THR IA 104 -36.34 41.07 -101.73
N GLY IA 105 -37.36 41.31 -100.91
CA GLY IA 105 -37.76 40.34 -99.91
C GLY IA 105 -38.17 40.99 -98.60
N VAL IA 106 -38.77 40.20 -97.71
CA VAL IA 106 -39.30 40.70 -96.45
C VAL IA 106 -38.66 39.94 -95.30
N VAL IA 107 -38.18 40.67 -94.30
CA VAL IA 107 -37.54 40.03 -93.15
C VAL IA 107 -38.56 39.25 -92.34
N ASN IA 108 -39.71 39.87 -92.04
CA ASN IA 108 -40.76 39.21 -91.27
C ASN IA 108 -41.67 38.46 -92.25
N ASN IA 109 -41.21 37.28 -92.66
CA ASN IA 109 -41.94 36.45 -93.59
C ASN IA 109 -42.85 35.44 -92.90
N GLN IA 110 -42.80 35.35 -91.57
CA GLN IA 110 -43.58 34.38 -90.82
C GLN IA 110 -44.89 34.97 -90.27
N LEU IA 111 -45.21 36.22 -90.59
CA LEU IA 111 -46.33 36.92 -89.97
C LEU IA 111 -47.63 36.84 -90.74
N ASP IA 112 -47.63 36.39 -91.98
CA ASP IA 112 -48.81 36.48 -92.84
C ASP IA 112 -49.56 35.16 -92.84
N THR IA 113 -50.77 35.16 -92.27
CA THR IA 113 -51.72 34.05 -92.37
C THR IA 113 -53.09 34.69 -92.59
N SER IA 114 -53.46 34.90 -93.85
CA SER IA 114 -54.61 35.73 -94.17
C SER IA 114 -55.66 35.00 -95.00
N ALA IA 115 -55.96 33.75 -94.64
CA ALA IA 115 -57.07 33.01 -95.25
C ALA IA 115 -56.88 32.82 -96.74
N LEU IA 116 -56.83 33.92 -97.50
CA LEU IA 116 -56.51 33.83 -98.92
C LEU IA 116 -55.17 33.14 -99.13
N ARG IA 117 -54.16 33.58 -98.37
CA ARG IA 117 -52.84 32.97 -98.49
C ARG IA 117 -52.87 31.50 -98.12
N ILE IA 118 -53.60 31.15 -97.05
CA ILE IA 118 -53.66 29.76 -96.63
C ILE IA 118 -54.44 28.94 -97.66
N ALA IA 119 -55.48 29.52 -98.25
CA ALA IA 119 -56.20 28.82 -99.31
C ALA IA 119 -55.29 28.53 -100.49
N LYS IA 120 -54.49 29.53 -100.90
CA LYS IA 120 -53.55 29.30 -102.00
C LYS IA 120 -52.53 28.25 -101.64
N ILE IA 121 -52.00 28.29 -100.41
CA ILE IA 121 -51.00 27.33 -99.99
C ILE IA 121 -51.56 25.92 -100.00
N ILE IA 122 -52.77 25.74 -99.48
CA ILE IA 122 -53.38 24.41 -99.41
C ILE IA 122 -53.69 23.90 -100.81
N ALA IA 123 -54.21 24.77 -101.68
CA ALA IA 123 -54.54 24.33 -103.03
C ALA IA 123 -53.30 23.97 -103.82
N ASN IA 124 -52.25 24.78 -103.72
CA ASN IA 124 -51.08 24.60 -104.58
C ASN IA 124 -50.28 23.37 -104.21
N ASP IA 125 -50.18 23.05 -102.93
CA ASP IA 125 -49.39 21.90 -102.51
C ASP IA 125 -50.11 20.60 -102.90
N PRO IA 126 -49.43 19.69 -103.59
CA PRO IA 126 -50.10 18.43 -103.98
C PRO IA 126 -50.60 17.61 -102.80
N ALA IA 127 -49.84 17.59 -101.70
CA ALA IA 127 -50.23 16.76 -100.56
C ALA IA 127 -51.45 17.33 -99.85
N LEU IA 128 -51.46 18.64 -99.59
CA LEU IA 128 -52.61 19.26 -98.96
C LEU IA 128 -53.81 19.25 -99.88
N ALA IA 129 -53.60 19.41 -101.18
CA ALA IA 129 -54.70 19.28 -102.13
C ALA IA 129 -55.28 17.88 -102.12
N GLN IA 130 -54.44 16.86 -102.04
CA GLN IA 130 -54.93 15.49 -101.99
C GLN IA 130 -55.67 15.23 -100.69
N LYS IA 131 -55.25 15.87 -99.59
CA LYS IA 131 -55.99 15.73 -98.34
C LYS IA 131 -57.40 16.29 -98.46
N VAL IA 132 -57.57 17.42 -99.11
CA VAL IA 132 -58.88 18.01 -99.36
C VAL IA 132 -59.35 17.45 -100.69
N ALA IA 133 -59.93 16.25 -100.66
CA ALA IA 133 -60.32 15.58 -101.89
C ALA IA 133 -61.83 15.36 -101.99
N GLY IA 134 -62.43 14.71 -100.99
CA GLY IA 134 -63.83 14.34 -101.11
C GLY IA 134 -64.03 13.44 -102.30
N ALA IA 135 -65.13 13.66 -103.03
CA ALA IA 135 -65.29 13.15 -104.38
C ALA IA 135 -65.43 11.63 -104.41
N PRO IA 136 -65.66 11.03 -105.58
CA PRO IA 136 -65.72 9.57 -105.65
C PRO IA 136 -64.44 8.91 -105.15
N TYR IA 137 -64.62 7.75 -104.51
CA TYR IA 137 -63.53 6.87 -104.10
C TYR IA 137 -63.76 5.52 -104.74
N PRO IA 138 -63.09 5.23 -105.85
CA PRO IA 138 -63.36 3.98 -106.57
C PRO IA 138 -63.12 2.76 -105.71
N ARG IA 139 -64.01 1.76 -105.86
CA ARG IA 139 -63.84 0.49 -105.16
C ARG IA 139 -64.13 -0.74 -106.00
N GLY IA 140 -64.75 -0.61 -107.16
CA GLY IA 140 -64.97 -1.76 -108.02
C GLY IA 140 -66.43 -2.11 -108.25
N ALA IA 141 -66.69 -3.36 -108.61
CA ALA IA 141 -68.06 -3.80 -108.83
C ALA IA 141 -68.81 -3.93 -107.51
N TYR IA 142 -70.09 -3.61 -107.53
CA TYR IA 142 -70.88 -3.66 -106.32
C TYR IA 142 -71.09 -5.10 -105.85
N SER IA 143 -71.10 -5.29 -104.54
CA SER IA 143 -71.47 -6.56 -103.95
C SER IA 143 -72.07 -6.29 -102.58
N ALA IA 144 -72.85 -7.26 -102.09
CA ALA IA 144 -73.60 -7.12 -100.85
C ALA IA 144 -72.84 -7.63 -99.64
N THR IA 145 -71.58 -8.03 -99.80
CA THR IA 145 -70.80 -8.59 -98.71
C THR IA 145 -69.74 -7.64 -98.16
N GLU IA 146 -69.77 -6.37 -98.55
CA GLU IA 146 -68.76 -5.41 -98.12
C GLU IA 146 -69.43 -4.09 -97.77
N THR IA 147 -68.65 -3.21 -97.14
CA THR IA 147 -69.15 -1.96 -96.60
C THR IA 147 -68.62 -0.79 -97.41
N TYR IA 148 -69.52 0.11 -97.81
CA TYR IA 148 -69.17 1.27 -98.61
C TYR IA 148 -69.36 2.52 -97.76
N LEU IA 149 -68.28 3.29 -97.60
CA LEU IA 149 -68.35 4.52 -96.83
C LEU IA 149 -68.86 5.66 -97.71
N TYR IA 150 -68.94 6.86 -97.13
CA TYR IA 150 -69.39 8.01 -97.88
C TYR IA 150 -68.41 8.33 -98.99
N GLY IA 151 -68.94 8.72 -100.15
CA GLY IA 151 -68.12 9.06 -101.28
C GLY IA 151 -67.53 7.89 -102.03
N GLU IA 152 -67.73 6.67 -101.55
CA GLU IA 152 -67.24 5.49 -102.23
C GLU IA 152 -68.08 5.25 -103.48
N MET IA 153 -67.43 5.02 -104.60
CA MET IA 153 -68.11 4.89 -105.89
C MET IA 153 -67.86 3.52 -106.49
N VAL IA 154 -68.94 2.84 -106.88
CA VAL IA 154 -68.91 1.49 -107.38
C VAL IA 154 -69.59 1.44 -108.74
N SER IA 155 -69.46 0.30 -109.41
CA SER IA 155 -70.11 0.03 -110.67
C SER IA 155 -71.23 -0.99 -110.44
N TYR IA 156 -72.36 -0.77 -111.10
CA TYR IA 156 -73.53 -1.63 -110.92
C TYR IA 156 -74.37 -1.58 -112.18
N PHE IA 157 -74.54 -2.74 -112.82
CA PHE IA 157 -75.38 -2.89 -114.01
C PHE IA 157 -75.01 -1.90 -115.11
N GLY IA 158 -73.74 -1.54 -115.16
CA GLY IA 158 -73.25 -0.65 -116.20
C GLY IA 158 -73.30 0.83 -115.86
N LYS IA 159 -73.84 1.20 -114.71
CA LYS IA 159 -73.81 2.57 -114.25
C LYS IA 159 -72.80 2.73 -113.12
N ASN IA 160 -72.45 3.99 -112.85
CA ASN IA 160 -71.55 4.33 -111.76
C ASN IA 160 -72.34 5.02 -110.66
N TYR IA 161 -72.18 4.53 -109.43
CA TYR IA 161 -72.95 5.04 -108.30
C TYR IA 161 -72.02 5.42 -107.16
N ILE IA 162 -72.13 6.65 -106.69
CA ILE IA 162 -71.38 7.14 -105.54
C ILE IA 162 -72.32 7.15 -104.35
N SER IA 163 -71.90 6.53 -103.25
CA SER IA 163 -72.69 6.51 -102.04
C SER IA 163 -72.66 7.89 -101.39
N LYS IA 164 -73.83 8.35 -100.96
CA LYS IA 164 -73.95 9.61 -100.24
C LYS IA 164 -74.37 9.43 -98.79
N SER IA 165 -74.53 8.20 -98.34
CA SER IA 165 -74.88 7.95 -96.95
C SER IA 165 -73.70 8.31 -96.05
N LEU IA 166 -73.93 9.24 -95.12
CA LEU IA 166 -72.87 9.66 -94.21
C LEU IA 166 -72.40 8.53 -93.31
N SER IA 167 -73.21 7.52 -93.13
CA SER IA 167 -72.93 6.31 -92.38
C SER IA 167 -72.65 5.15 -93.35
N PRO IA 168 -71.85 4.18 -92.95
CA PRO IA 168 -71.57 3.04 -93.84
C PRO IA 168 -72.83 2.23 -94.11
N ILE IA 169 -72.88 1.65 -95.31
CA ILE IA 169 -74.03 0.86 -95.74
C ILE IA 169 -73.56 -0.51 -96.17
N ILE IA 170 -74.45 -1.50 -96.05
CA ILE IA 170 -74.16 -2.88 -96.40
C ILE IA 170 -75.39 -3.47 -97.07
N ASN IA 171 -75.17 -4.20 -98.18
CA ASN IA 171 -76.20 -4.99 -98.83
C ASN IA 171 -77.23 -4.11 -99.53
N ILE IA 172 -77.15 -2.80 -99.30
CA ILE IA 172 -78.10 -1.87 -99.90
C ILE IA 172 -77.71 -1.62 -101.34
N LEU IA 173 -78.67 -1.81 -102.25
CA LEU IA 173 -78.38 -1.76 -103.68
C LEU IA 173 -78.01 -0.35 -104.13
N PRO IA 174 -77.12 -0.24 -105.12
CA PRO IA 174 -76.78 1.07 -105.66
C PRO IA 174 -77.95 1.76 -106.33
N THR IA 175 -78.98 1.03 -106.75
CA THR IA 175 -80.07 1.64 -107.49
C THR IA 175 -80.99 2.47 -106.61
N VAL IA 176 -81.14 2.12 -105.32
CA VAL IA 176 -82.07 2.83 -104.45
C VAL IA 176 -81.48 4.20 -104.10
N THR IA 177 -82.19 5.26 -104.52
CA THR IA 177 -81.64 6.61 -104.54
C THR IA 177 -81.46 7.22 -103.15
N ASP IA 178 -81.92 6.56 -102.09
CA ASP IA 178 -81.78 7.13 -100.74
C ASP IA 178 -80.34 7.30 -100.32
N SER IA 179 -79.45 6.36 -100.67
CA SER IA 179 -78.07 6.38 -100.20
C SER IA 179 -77.03 6.37 -101.31
N TRP IA 180 -77.41 6.09 -102.55
CA TRP IA 180 -76.51 6.20 -103.70
C TRP IA 180 -77.03 7.25 -104.65
N TYR IA 181 -76.14 7.75 -105.51
CA TYR IA 181 -76.58 8.57 -106.62
C TYR IA 181 -75.67 8.29 -107.81
N GLU IA 182 -76.26 8.32 -109.00
CA GLU IA 182 -75.58 7.89 -110.21
C GLU IA 182 -74.77 9.04 -110.79
N LEU IA 183 -73.65 8.70 -111.43
CA LEU IA 183 -72.78 9.66 -112.09
C LEU IA 183 -73.10 9.68 -113.57
N VAL IA 184 -73.70 10.78 -114.03
CA VAL IA 184 -74.20 10.86 -115.40
C VAL IA 184 -73.03 10.83 -116.38
N ILE IA 185 -73.29 10.33 -117.58
CA ILE IA 185 -72.31 10.31 -118.65
C ILE IA 185 -72.81 11.06 -119.89
N THR IA 186 -74.05 10.83 -120.30
CA THR IA 186 -74.70 11.59 -121.38
C THR IA 186 -73.86 11.60 -122.66
N LEU IA 187 -73.70 10.41 -123.25
CA LEU IA 187 -72.95 10.28 -124.50
C LEU IA 187 -73.90 10.32 -125.69
N PRO IA 188 -73.84 11.34 -126.54
CA PRO IA 188 -74.69 11.36 -127.74
C PRO IA 188 -73.96 10.87 -128.99
N GLU IA 189 -74.70 10.22 -129.89
CA GLU IA 189 -74.20 9.87 -131.22
C GLU IA 189 -72.89 9.07 -131.11
N SER IA 190 -73.04 7.88 -130.54
CA SER IA 190 -71.88 7.05 -130.25
C SER IA 190 -71.34 6.41 -131.52
N VAL IA 191 -70.03 6.17 -131.53
CA VAL IA 191 -69.37 5.69 -132.74
C VAL IA 191 -68.95 4.23 -132.59
N SER IA 192 -68.14 3.93 -131.58
CA SER IA 192 -67.56 2.60 -131.44
C SER IA 192 -68.51 1.72 -130.63
N VAL IA 193 -69.19 0.79 -131.29
CA VAL IA 193 -70.02 -0.17 -130.59
C VAL IA 193 -69.61 -1.60 -130.96
N ILE IA 194 -69.77 -1.95 -132.24
CA ILE IA 194 -69.61 -3.35 -132.64
C ILE IA 194 -68.52 -3.57 -133.68
N ALA IA 195 -68.13 -2.57 -134.47
CA ALA IA 195 -67.07 -2.79 -135.45
C ALA IA 195 -65.74 -3.11 -134.77
N THR IA 196 -65.45 -2.43 -133.66
CA THR IA 196 -64.20 -2.67 -132.94
C THR IA 196 -64.16 -4.08 -132.35
N GLY IA 197 -65.33 -4.70 -132.16
CA GLY IA 197 -65.39 -6.01 -131.55
C GLY IA 197 -65.38 -7.19 -132.50
N SER IA 198 -65.17 -6.97 -133.80
CA SER IA 198 -65.29 -8.06 -134.75
C SER IA 198 -64.09 -8.99 -134.70
N ASP IA 199 -62.91 -8.47 -135.03
CA ASP IA 199 -61.66 -9.23 -135.01
C ASP IA 199 -61.75 -10.49 -135.86
N THR IA 200 -62.41 -11.53 -135.32
CA THR IA 200 -62.47 -12.86 -135.89
C THR IA 200 -61.10 -13.52 -135.83
N ALA IA 201 -61.06 -14.83 -135.60
CA ALA IA 201 -59.80 -15.52 -135.28
C ALA IA 201 -59.45 -16.48 -136.41
N TYR IA 202 -58.78 -15.97 -137.43
CA TYR IA 202 -58.15 -16.77 -138.47
C TYR IA 202 -57.35 -15.83 -139.37
N GLY IA 203 -56.51 -16.41 -140.20
CA GLY IA 203 -55.83 -15.65 -141.24
C GLY IA 203 -54.44 -15.18 -140.83
N THR IA 204 -53.41 -15.84 -141.36
CA THR IA 204 -52.03 -15.41 -141.15
C THR IA 204 -51.40 -14.92 -142.45
N GLY IA 205 -51.38 -15.75 -143.49
CA GLY IA 205 -50.89 -15.30 -144.78
C GLY IA 205 -51.82 -15.61 -145.93
N TRP IA 206 -52.38 -14.57 -146.55
CA TRP IA 206 -53.34 -14.71 -147.63
C TRP IA 206 -53.38 -13.39 -148.40
N ASN IA 207 -54.18 -13.35 -149.46
CA ASN IA 207 -54.31 -12.14 -150.24
C ASN IA 207 -55.72 -11.85 -150.74
N GLY IA 208 -56.71 -12.67 -150.41
CA GLY IA 208 -58.04 -12.45 -150.94
C GLY IA 208 -59.17 -12.57 -149.94
N SER IA 209 -58.86 -13.06 -148.74
CA SER IA 209 -59.90 -13.35 -147.74
C SER IA 209 -60.36 -12.10 -147.00
N LEU IA 210 -59.78 -10.94 -147.28
CA LEU IA 210 -60.18 -9.67 -146.68
C LEU IA 210 -60.10 -9.73 -145.16
N LEU IA 211 -58.88 -9.98 -144.69
CA LEU IA 211 -58.57 -10.02 -143.26
C LEU IA 211 -58.53 -8.60 -142.70
N VAL IA 212 -59.72 -8.00 -142.66
CA VAL IA 212 -59.90 -6.63 -142.17
C VAL IA 212 -59.73 -6.57 -140.65
N PRO IA 213 -60.57 -7.24 -139.86
CA PRO IA 213 -60.64 -6.91 -138.43
C PRO IA 213 -59.68 -7.66 -137.51
N THR IA 214 -58.97 -8.67 -138.01
CA THR IA 214 -58.21 -9.55 -137.13
C THR IA 214 -57.13 -8.79 -136.36
N GLN IA 215 -57.00 -9.10 -135.07
CA GLN IA 215 -55.94 -8.52 -134.25
C GLN IA 215 -55.14 -9.59 -133.50
N ASN IA 216 -55.81 -10.66 -133.08
CA ASN IA 216 -55.10 -11.73 -132.35
C ASN IA 216 -54.15 -12.47 -133.27
N ALA IA 217 -54.63 -12.90 -134.43
CA ALA IA 217 -53.75 -13.58 -135.38
C ALA IA 217 -52.69 -12.62 -135.91
N VAL IA 218 -53.02 -11.33 -136.02
CA VAL IA 218 -52.01 -10.33 -136.36
C VAL IA 218 -50.91 -10.33 -135.30
N TYR IA 219 -51.30 -10.34 -134.03
CA TYR IA 219 -50.31 -10.37 -132.96
C TYR IA 219 -49.46 -11.64 -133.03
N ASP IA 220 -50.10 -12.79 -133.27
CA ASP IA 220 -49.37 -14.04 -133.29
C ASP IA 220 -48.38 -14.09 -134.44
N LYS IA 221 -48.79 -13.70 -135.63
CA LYS IA 221 -47.87 -13.72 -136.76
C LYS IA 221 -46.76 -12.70 -136.58
N ILE IA 222 -47.08 -11.53 -136.01
CA ILE IA 222 -46.04 -10.52 -135.85
C ILE IA 222 -45.05 -10.91 -134.76
N VAL IA 223 -45.49 -11.61 -133.70
CA VAL IA 223 -44.51 -12.08 -132.73
C VAL IA 223 -43.69 -13.21 -133.32
N THR IA 224 -44.28 -14.03 -134.21
CA THR IA 224 -43.47 -15.01 -134.92
C THR IA 224 -42.39 -14.33 -135.76
N VAL IA 225 -42.77 -13.26 -136.47
CA VAL IA 225 -41.81 -12.53 -137.29
C VAL IA 225 -40.71 -11.92 -136.41
N ASP IA 226 -41.12 -11.32 -135.28
CA ASP IA 226 -40.14 -10.71 -134.38
C ASP IA 226 -39.21 -11.75 -133.79
N ALA IA 227 -39.73 -12.93 -133.46
CA ALA IA 227 -38.88 -14.00 -132.96
C ALA IA 227 -37.89 -14.46 -134.03
N ALA IA 228 -38.34 -14.54 -135.28
CA ALA IA 228 -37.43 -14.88 -136.36
C ALA IA 228 -36.33 -13.84 -136.52
N ILE IA 229 -36.70 -12.57 -136.44
CA ILE IA 229 -35.70 -11.50 -136.55
C ILE IA 229 -34.72 -11.54 -135.39
N ALA IA 230 -35.22 -11.78 -134.18
CA ALA IA 230 -34.35 -11.86 -133.01
C ALA IA 230 -33.42 -13.05 -133.09
N THR IA 231 -33.91 -14.18 -133.58
CA THR IA 231 -33.05 -15.35 -133.76
C THR IA 231 -32.00 -15.08 -134.84
N ALA IA 232 -32.37 -14.34 -135.89
CA ALA IA 232 -31.39 -13.93 -136.88
C ALA IA 232 -30.32 -13.05 -136.26
N ASN IA 233 -30.72 -12.11 -135.40
CA ASN IA 233 -29.75 -11.27 -134.71
C ASN IA 233 -28.83 -12.09 -133.81
N THR IA 234 -29.40 -13.07 -133.10
CA THR IA 234 -28.60 -13.94 -132.27
C THR IA 234 -27.59 -14.73 -133.09
N ASN IA 235 -28.03 -15.25 -134.24
CA ASN IA 235 -27.12 -15.97 -135.12
C ASN IA 235 -26.03 -15.04 -135.64
N ILE IA 236 -26.39 -13.81 -135.98
CA ILE IA 236 -25.39 -12.85 -136.48
C ILE IA 236 -24.34 -12.58 -135.43
N THR IA 237 -24.78 -12.32 -134.19
CA THR IA 237 -23.84 -12.06 -133.11
C THR IA 237 -22.97 -13.29 -132.82
N ASN IA 238 -23.58 -14.47 -132.84
CA ASN IA 238 -22.84 -15.70 -132.59
C ASN IA 238 -21.77 -15.93 -133.65
N LEU IA 239 -22.12 -15.71 -134.91
CA LEU IA 239 -21.15 -15.82 -135.98
C LEU IA 239 -20.06 -14.76 -135.85
N GLY IA 240 -20.43 -13.55 -135.46
CA GLY IA 240 -19.44 -12.49 -135.29
C GLY IA 240 -18.43 -12.82 -134.21
N THR IA 241 -18.88 -13.37 -133.09
CA THR IA 241 -17.93 -13.73 -132.05
C THR IA 241 -17.23 -15.05 -132.34
N ALA IA 242 -17.79 -15.87 -133.23
CA ALA IA 242 -17.27 -17.22 -133.44
C ALA IA 242 -16.16 -17.25 -134.49
N LYS IA 243 -16.14 -16.30 -135.41
CA LYS IA 243 -15.12 -16.26 -136.45
C LYS IA 243 -13.94 -15.38 -136.02
N ALA IA 244 -12.89 -15.39 -136.83
CA ALA IA 244 -11.71 -14.59 -136.58
C ALA IA 244 -11.81 -13.27 -137.33
N ASP IA 245 -11.26 -12.23 -136.73
CA ASP IA 245 -11.32 -10.90 -137.30
C ASP IA 245 -10.23 -10.71 -138.36
N LEU IA 246 -10.52 -9.84 -139.33
CA LEU IA 246 -9.58 -9.61 -140.42
C LEU IA 246 -8.29 -8.97 -139.92
N SER IA 247 -8.42 -7.87 -139.16
CA SER IA 247 -7.24 -7.12 -138.75
C SER IA 247 -6.36 -7.93 -137.81
N TYR IA 248 -6.97 -8.70 -136.90
CA TYR IA 248 -6.18 -9.51 -135.97
C TYR IA 248 -5.37 -10.56 -136.74
N VAL IA 249 -6.01 -11.22 -137.70
CA VAL IA 249 -5.31 -12.24 -138.48
C VAL IA 249 -4.19 -11.59 -139.30
N ASN IA 250 -4.46 -10.41 -139.86
CA ASN IA 250 -3.42 -9.72 -140.62
C ASN IA 250 -2.23 -9.37 -139.74
N THR IA 251 -2.48 -8.87 -138.52
CA THR IA 251 -1.39 -8.51 -137.62
C THR IA 251 -0.59 -9.73 -137.21
N GLN IA 252 -1.28 -10.83 -136.86
CA GLN IA 252 -0.59 -12.05 -136.48
C GLN IA 252 0.24 -12.59 -137.63
N LEU IA 253 -0.32 -12.56 -138.84
CA LEU IA 253 0.41 -13.04 -140.00
C LEU IA 253 1.61 -12.17 -140.30
N SER IA 254 1.48 -10.86 -140.13
CA SER IA 254 2.62 -9.97 -140.35
C SER IA 254 3.72 -10.22 -139.35
N ALA IA 255 3.36 -10.46 -138.08
CA ALA IA 255 4.37 -10.79 -137.08
C ALA IA 255 5.08 -12.09 -137.43
N ASP IA 256 4.31 -13.11 -137.82
CA ASP IA 256 4.92 -14.38 -138.21
C ASP IA 256 5.82 -14.19 -139.43
N GLN IA 257 5.40 -13.37 -140.39
CA GLN IA 257 6.18 -13.17 -141.60
C GLN IA 257 7.48 -12.41 -141.32
N VAL IA 258 7.44 -11.42 -140.43
CA VAL IA 258 8.68 -10.69 -140.14
C VAL IA 258 9.63 -11.58 -139.35
N VAL IA 259 9.11 -12.38 -138.41
CA VAL IA 259 9.97 -13.33 -137.73
C VAL IA 259 10.54 -14.33 -138.74
N LEU IA 260 9.74 -14.73 -139.72
CA LEU IA 260 10.19 -15.69 -140.72
C LEU IA 260 11.31 -15.12 -141.59
N ASP IA 261 11.17 -13.88 -142.03
CA ASP IA 261 12.21 -13.30 -142.87
C ASP IA 261 13.48 -13.06 -142.07
N ALA IA 262 13.34 -12.68 -140.79
CA ALA IA 262 14.52 -12.57 -139.94
C ALA IA 262 15.22 -13.92 -139.79
N LEU IA 263 14.44 -14.98 -139.59
CA LEU IA 263 15.02 -16.31 -139.46
C LEU IA 263 15.70 -16.74 -140.75
N SER IA 264 15.09 -16.46 -141.90
CA SER IA 264 15.69 -16.84 -143.17
C SER IA 264 16.96 -16.06 -143.45
N SER IA 265 17.01 -14.79 -143.07
CA SER IA 265 18.16 -13.96 -143.39
C SER IA 265 19.38 -14.36 -142.58
N GLY IA 266 19.30 -14.25 -141.26
CA GLY IA 266 20.45 -14.50 -140.41
C GLY IA 266 20.53 -15.89 -139.83
N LYS IA 267 20.66 -16.90 -140.70
CA LYS IA 267 20.77 -18.27 -140.25
C LYS IA 267 21.78 -19.00 -141.11
N ALA IA 268 22.20 -20.17 -140.65
CA ALA IA 268 23.24 -20.96 -141.31
C ALA IA 268 22.58 -21.98 -142.24
N ASP IA 269 22.57 -21.67 -143.53
CA ASP IA 269 22.14 -22.63 -144.53
C ASP IA 269 23.16 -23.77 -144.62
N LEU IA 270 22.64 -24.97 -144.89
CA LEU IA 270 23.48 -26.17 -144.83
C LEU IA 270 24.61 -26.12 -145.85
N SER IA 271 24.31 -25.65 -147.07
CA SER IA 271 25.31 -25.65 -148.13
C SER IA 271 26.51 -24.78 -147.78
N TYR IA 272 26.25 -23.57 -147.27
CA TYR IA 272 27.34 -22.66 -146.93
C TYR IA 272 28.21 -23.24 -145.81
N VAL IA 273 27.57 -23.84 -144.80
CA VAL IA 273 28.32 -24.40 -143.69
C VAL IA 273 29.20 -25.56 -144.17
N ASN IA 274 28.64 -26.43 -145.01
CA ASN IA 274 29.43 -27.55 -145.52
C ASN IA 274 30.58 -27.05 -146.40
N THR IA 275 30.33 -26.01 -147.19
CA THR IA 275 31.40 -25.45 -148.02
C THR IA 275 32.52 -24.89 -147.16
N GLN IA 276 32.16 -24.16 -146.09
CA GLN IA 276 33.18 -23.61 -145.21
C GLN IA 276 33.94 -24.71 -144.48
N LEU IA 277 33.24 -25.78 -144.07
CA LEU IA 277 33.90 -26.91 -143.42
C LEU IA 277 34.89 -27.57 -144.37
N ASN IA 278 34.48 -27.80 -145.62
CA ASN IA 278 35.39 -28.40 -146.59
C ASN IA 278 36.58 -27.49 -146.87
N SER IA 279 36.37 -26.16 -146.82
CA SER IA 279 37.49 -25.24 -146.89
C SER IA 279 38.39 -25.36 -145.67
N LYS IA 280 37.84 -25.79 -144.54
CA LYS IA 280 38.59 -25.85 -143.29
C LYS IA 280 39.26 -27.21 -143.13
N MET JA 1 -51.68 46.18 -109.07
CA MET JA 1 -52.79 47.07 -108.78
C MET JA 1 -54.03 46.28 -108.37
N THR JA 2 -54.70 46.72 -107.32
CA THR JA 2 -55.86 46.03 -106.79
C THR JA 2 -56.70 47.02 -105.97
N ASN JA 3 -58.01 46.94 -106.13
CA ASN JA 3 -58.95 47.74 -105.34
C ASN JA 3 -59.50 46.88 -104.21
N ILE JA 4 -59.29 47.34 -102.99
CA ILE JA 4 -59.80 46.65 -101.81
C ILE JA 4 -61.13 47.28 -101.40
N VAL JA 5 -62.14 46.44 -101.22
CA VAL JA 5 -63.46 46.88 -100.79
C VAL JA 5 -63.78 46.21 -99.47
N GLY JA 6 -64.85 46.66 -98.84
CA GLY JA 6 -65.30 46.08 -97.60
C GLY JA 6 -65.95 47.13 -96.71
N ARG JA 7 -66.64 46.64 -95.69
CA ARG JA 7 -67.28 47.49 -94.69
C ARG JA 7 -66.74 47.12 -93.31
N ILE JA 8 -66.42 48.13 -92.52
CA ILE JA 8 -65.94 47.93 -91.16
C ILE JA 8 -67.11 48.17 -90.21
N GLY JA 9 -67.38 47.20 -89.34
CA GLY JA 9 -68.47 47.33 -88.41
C GLY JA 9 -68.10 48.15 -87.19
N PHE JA 10 -69.12 48.79 -86.61
CA PHE JA 10 -68.98 49.59 -85.39
C PHE JA 10 -67.97 50.71 -85.56
N LEU JA 11 -67.81 51.21 -86.79
CA LEU JA 11 -66.88 52.30 -87.06
C LEU JA 11 -67.43 53.09 -88.24
N THR JA 12 -68.07 54.22 -87.95
CA THR JA 12 -68.59 55.06 -89.01
C THR JA 12 -67.47 55.77 -89.76
N THR JA 13 -66.51 56.33 -89.01
CA THR JA 13 -65.43 57.11 -89.60
C THR JA 13 -64.10 56.66 -89.03
N GLY JA 14 -63.12 56.46 -89.91
CA GLY JA 14 -61.81 56.01 -89.46
C GLY JA 14 -60.81 56.04 -90.59
N LYS JA 15 -59.60 55.62 -90.27
CA LYS JA 15 -58.51 55.54 -91.23
C LYS JA 15 -58.03 54.10 -91.37
N LEU JA 16 -57.68 53.73 -92.59
CA LEU JA 16 -57.09 52.43 -92.89
C LEU JA 16 -55.69 52.67 -93.42
N GLY JA 17 -54.68 52.22 -92.67
CA GLY JA 17 -53.29 52.40 -93.04
C GLY JA 17 -52.69 51.12 -93.59
N ILE JA 18 -52.17 51.21 -94.81
CA ILE JA 18 -51.49 50.10 -95.46
C ILE JA 18 -50.00 50.45 -95.51
N LYS JA 19 -49.18 49.56 -94.96
CA LYS JA 19 -47.75 49.81 -94.87
C LYS JA 19 -47.00 48.60 -95.40
N LEU JA 20 -46.08 48.83 -96.34
CA LEU JA 20 -45.34 47.72 -96.93
C LEU JA 20 -44.36 47.14 -95.92
N ARG JA 21 -44.09 45.85 -96.06
CA ARG JA 21 -43.10 45.17 -95.22
C ARG JA 21 -41.82 44.84 -95.96
N GLY JA 22 -41.81 44.96 -97.29
CA GLY JA 22 -40.60 44.79 -98.07
C GLY JA 22 -40.55 45.83 -99.18
N VAL JA 23 -39.49 45.75 -99.98
CA VAL JA 23 -39.37 46.64 -101.13
C VAL JA 23 -40.26 46.13 -102.26
N LEU JA 24 -41.07 47.02 -102.82
CA LEU JA 24 -41.90 46.69 -103.96
C LEU JA 24 -41.37 47.40 -105.19
N ILE JA 25 -41.40 46.71 -106.33
CA ILE JA 25 -40.79 47.22 -107.56
C ILE JA 25 -41.87 47.32 -108.63
N ASP JA 26 -41.90 48.44 -109.34
CA ASP JA 26 -42.86 48.72 -110.39
C ASP JA 26 -42.09 49.01 -111.67
N GLU JA 27 -42.01 48.02 -112.56
CA GLU JA 27 -41.21 48.19 -113.77
C GLU JA 27 -42.01 48.76 -114.91
N SER JA 28 -43.31 49.02 -114.68
CA SER JA 28 -44.13 49.63 -115.71
C SER JA 28 -43.68 51.06 -115.90
N THR JA 29 -43.25 51.72 -114.82
CA THR JA 29 -42.73 53.07 -114.95
C THR JA 29 -41.34 52.96 -115.53
N THR JA 30 -41.02 53.82 -116.50
CA THR JA 30 -39.67 53.81 -117.06
C THR JA 30 -38.60 53.87 -115.96
N PRO JA 31 -38.67 54.87 -115.04
CA PRO JA 31 -37.70 54.77 -113.95
C PRO JA 31 -38.39 53.88 -112.93
N ASN JA 32 -37.95 52.64 -112.81
CA ASN JA 32 -38.64 51.69 -111.94
C ASN JA 32 -38.97 52.22 -110.54
N THR JA 33 -40.26 52.39 -110.26
CA THR JA 33 -40.69 52.90 -108.95
C THR JA 33 -40.42 51.91 -107.84
N THR JA 34 -39.50 52.27 -106.96
CA THR JA 34 -39.17 51.39 -105.86
C THR JA 34 -39.92 51.80 -104.60
N TYR JA 35 -41.15 51.32 -104.44
CA TYR JA 35 -41.90 51.59 -103.23
C TYR JA 35 -41.15 51.01 -102.04
N LEU JA 36 -40.92 51.83 -101.03
CA LEU JA 36 -40.12 51.37 -99.91
C LEU JA 36 -41.00 51.13 -98.68
N PRO JA 37 -40.64 50.16 -97.84
CA PRO JA 37 -41.49 49.81 -96.71
C PRO JA 37 -41.41 50.85 -95.60
N GLY JA 38 -42.34 50.73 -94.65
CA GLY JA 38 -42.38 51.58 -93.49
C GLY JA 38 -43.12 52.89 -93.67
N ILE JA 39 -43.60 53.18 -94.87
CA ILE JA 39 -44.36 54.40 -95.15
C ILE JA 39 -45.82 54.01 -95.31
N GLU JA 40 -46.67 54.52 -94.44
CA GLU JA 40 -48.05 54.08 -94.33
C GLU JA 40 -48.96 54.97 -95.15
N SER JA 41 -49.62 54.37 -96.15
CA SER JA 41 -50.62 55.08 -96.94
C SER JA 41 -51.96 54.99 -96.24
N PHE JA 42 -52.61 56.13 -96.06
CA PHE JA 42 -53.86 56.22 -95.32
C PHE JA 42 -55.03 56.41 -96.28
N PHE JA 43 -56.07 55.61 -96.09
CA PHE JA 43 -57.31 55.75 -96.83
C PHE JA 43 -58.46 55.98 -95.85
N ASN JA 44 -59.50 56.65 -96.33
CA ASN JA 44 -60.63 57.02 -95.49
C ASN JA 44 -61.66 55.90 -95.44
N ILE JA 45 -62.25 55.70 -94.27
CA ILE JA 45 -63.41 54.85 -94.09
C ILE JA 45 -64.53 55.76 -93.59
N THR JA 46 -65.56 55.94 -94.40
CA THR JA 46 -66.66 56.83 -94.06
C THR JA 46 -67.97 56.05 -94.09
N ALA JA 47 -68.80 56.26 -93.08
CA ALA JA 47 -70.09 55.59 -92.96
C ALA JA 47 -69.92 54.07 -93.02
N ASN JA 48 -68.90 53.57 -92.35
CA ASN JA 48 -68.58 52.14 -92.28
C ASN JA 48 -68.20 51.57 -93.63
N VAL JA 49 -67.77 52.40 -94.57
CA VAL JA 49 -67.47 51.96 -95.93
C VAL JA 49 -66.05 52.35 -96.27
N LEU JA 50 -65.26 51.38 -96.74
CA LEU JA 50 -63.94 51.68 -97.28
C LEU JA 50 -64.11 52.53 -98.54
N THR JA 51 -63.76 53.82 -98.45
CA THR JA 51 -64.08 54.77 -99.50
C THR JA 51 -63.44 54.39 -100.83
N SER JA 52 -62.12 54.42 -100.91
CA SER JA 52 -61.44 54.12 -102.17
C SER JA 52 -60.05 53.60 -101.81
N VAL JA 53 -59.88 52.29 -101.88
CA VAL JA 53 -58.62 51.63 -101.55
C VAL JA 53 -58.04 51.11 -102.85
N SER JA 54 -57.07 51.85 -103.41
CA SER JA 54 -56.34 51.43 -104.61
C SER JA 54 -54.89 51.25 -104.21
N TYR JA 55 -54.42 50.02 -104.21
CA TYR JA 55 -53.05 49.76 -103.78
C TYR JA 55 -52.35 48.86 -104.78
N PRO JA 56 -51.06 49.05 -105.00
CA PRO JA 56 -50.32 48.13 -105.87
C PRO JA 56 -50.37 46.71 -105.33
N GLU JA 57 -50.55 45.76 -106.23
CA GLU JA 57 -50.56 44.36 -105.82
C GLU JA 57 -49.18 43.93 -105.35
N THR JA 58 -49.16 42.93 -104.49
CA THR JA 58 -47.91 42.37 -104.01
C THR JA 58 -47.84 40.85 -104.18
N GLU JA 59 -48.84 40.23 -104.79
CA GLU JA 59 -48.85 38.78 -104.93
C GLU JA 59 -47.75 38.30 -105.88
N THR JA 60 -47.47 39.08 -106.92
CA THR JA 60 -46.45 38.68 -107.90
C THR JA 60 -45.08 38.57 -107.25
N GLN JA 61 -44.67 39.58 -106.50
CA GLN JA 61 -43.38 39.60 -105.85
C GLN JA 61 -43.41 39.00 -104.45
N ASN JA 62 -44.60 38.66 -103.95
CA ASN JA 62 -44.76 38.02 -102.64
C ASN JA 62 -44.19 38.90 -101.53
N VAL JA 63 -44.77 40.10 -101.39
CA VAL JA 63 -44.37 41.05 -100.36
C VAL JA 63 -45.55 41.27 -99.43
N THR JA 64 -45.30 41.17 -98.13
CA THR JA 64 -46.35 41.33 -97.15
C THR JA 64 -46.65 42.80 -96.92
N ALA JA 65 -47.90 43.09 -96.60
CA ALA JA 65 -48.33 44.45 -96.29
C ALA JA 65 -49.19 44.42 -95.03
N THR JA 66 -48.92 45.35 -94.13
CA THR JA 66 -49.65 45.46 -92.88
C THR JA 66 -50.85 46.39 -93.07
N PHE JA 67 -52.03 45.89 -92.76
CA PHE JA 67 -53.26 46.67 -92.76
C PHE JA 67 -53.64 46.97 -91.31
N SER JA 68 -53.92 48.24 -91.02
CA SER JA 68 -54.30 48.65 -89.69
C SER JA 68 -55.50 49.59 -89.75
N ILE JA 69 -56.34 49.52 -88.74
CA ILE JA 69 -57.54 50.35 -88.63
C ILE JA 69 -57.39 51.27 -87.42
N TYR JA 70 -57.59 52.56 -87.63
CA TYR JA 70 -57.49 53.54 -86.56
C TYR JA 70 -58.75 54.40 -86.52
N SER JA 71 -59.09 54.86 -85.33
CA SER JA 71 -60.12 55.87 -85.18
C SER JA 71 -59.56 57.24 -85.55
N VAL JA 72 -60.43 58.11 -86.05
CA VAL JA 72 -60.05 59.47 -86.41
C VAL JA 72 -60.30 60.37 -85.22
N ASP JA 73 -59.34 61.25 -84.94
CA ASP JA 73 -59.48 62.20 -83.85
C ASP JA 73 -60.35 63.37 -84.30
N GLY JA 74 -60.38 64.45 -83.51
CA GLY JA 74 -61.10 65.64 -83.94
C GLY JA 74 -60.50 66.25 -85.18
N SER JA 75 -59.18 66.24 -85.29
CA SER JA 75 -58.46 66.78 -86.44
C SER JA 75 -58.32 65.77 -87.57
N SER JA 76 -59.14 64.72 -87.58
CA SER JA 76 -59.19 63.69 -88.62
C SER JA 76 -57.89 62.90 -88.73
N ASN JA 77 -56.97 63.08 -87.80
CA ASN JA 77 -55.76 62.27 -87.84
C ASN JA 77 -56.04 60.88 -87.26
N PRO JA 78 -55.33 59.84 -87.78
CA PRO JA 78 -55.60 58.57 -87.10
C PRO JA 78 -54.96 58.55 -85.72
N VAL JA 79 -55.73 58.24 -84.69
CA VAL JA 79 -55.14 58.09 -83.37
C VAL JA 79 -54.47 56.75 -83.51
N PHE JA 80 -53.46 56.45 -82.70
CA PHE JA 80 -52.74 55.20 -82.95
C PHE JA 80 -52.83 54.01 -81.99
N PRO JA 81 -54.05 53.47 -81.75
CA PRO JA 81 -54.04 52.25 -80.93
C PRO JA 81 -54.25 51.03 -81.84
N ALA JA 82 -54.28 51.28 -83.16
CA ALA JA 82 -54.66 50.32 -84.19
C ALA JA 82 -55.76 49.33 -83.79
N LEU JA 83 -57.03 49.70 -83.97
CA LEU JA 83 -58.10 48.81 -83.50
C LEU JA 83 -57.87 47.39 -84.00
N LEU JA 84 -57.51 47.23 -85.26
CA LEU JA 84 -57.28 45.92 -85.84
C LEU JA 84 -56.13 46.03 -86.83
N SER JA 85 -55.05 45.29 -86.58
CA SER JA 85 -53.87 45.31 -87.43
C SER JA 85 -53.43 43.88 -87.73
N PHE JA 86 -53.01 43.65 -88.95
CA PHE JA 86 -52.59 42.32 -89.39
C PHE JA 86 -51.74 42.46 -90.64
N ASP JA 87 -51.29 41.33 -91.16
CA ASP JA 87 -50.45 41.28 -92.35
C ASP JA 87 -51.10 40.40 -93.41
N ALA JA 88 -51.06 40.86 -94.65
CA ALA JA 88 -51.66 40.12 -95.75
C ALA JA 88 -50.98 40.51 -97.05
N ILE JA 89 -51.23 39.72 -98.08
CA ILE JA 89 -50.71 39.94 -99.42
C ILE JA 89 -51.86 40.44 -100.29
N VAL JA 90 -51.64 41.54 -100.99
CA VAL JA 90 -52.66 42.05 -101.90
C VAL JA 90 -52.60 41.26 -103.20
N PRO JA 91 -53.65 40.51 -103.54
CA PRO JA 91 -53.60 39.67 -104.73
C PRO JA 91 -53.62 40.49 -106.01
N ASN JA 92 -53.07 39.90 -107.07
CA ASN JA 92 -53.00 40.54 -108.38
C ASN JA 92 -54.33 40.34 -109.11
N VAL JA 93 -55.38 40.92 -108.52
CA VAL JA 93 -56.73 40.86 -109.08
C VAL JA 93 -57.30 42.27 -109.09
N ALA JA 94 -58.36 42.45 -109.88
CA ALA JA 94 -58.96 43.77 -110.02
C ALA JA 94 -59.52 44.28 -108.70
N SER JA 95 -60.21 43.41 -107.96
CA SER JA 95 -60.81 43.82 -106.71
C SER JA 95 -60.79 42.66 -105.73
N VAL JA 96 -60.54 42.98 -104.46
CA VAL JA 96 -60.58 42.00 -103.38
C VAL JA 96 -61.30 42.61 -102.20
N GLU JA 97 -62.11 41.80 -101.52
CA GLU JA 97 -62.85 42.26 -100.36
C GLU JA 97 -62.00 42.11 -99.10
N PHE JA 98 -62.11 43.10 -98.21
CA PHE JA 98 -61.32 43.14 -96.99
C PHE JA 98 -61.56 41.92 -96.11
N ASP JA 99 -62.71 41.25 -96.28
CA ASP JA 99 -63.02 40.06 -95.50
C ASP JA 99 -61.94 39.00 -95.67
N VAL JA 100 -61.59 38.68 -96.91
CA VAL JA 100 -60.71 37.55 -97.17
C VAL JA 100 -59.33 37.79 -96.59
N LEU JA 101 -58.80 39.01 -96.77
CA LEU JA 101 -57.51 39.37 -96.19
C LEU JA 101 -57.69 39.75 -94.73
N ALA JA 102 -57.94 38.73 -93.91
CA ALA JA 102 -58.08 38.88 -92.48
C ALA JA 102 -57.31 37.77 -91.78
N PRO JA 103 -56.81 38.04 -90.57
CA PRO JA 103 -55.91 37.06 -89.93
C PRO JA 103 -56.59 35.73 -89.67
N THR JA 104 -55.79 34.68 -89.73
CA THR JA 104 -56.24 33.32 -89.52
C THR JA 104 -55.28 32.63 -88.55
N GLY JA 105 -55.82 31.69 -87.78
CA GLY JA 105 -54.99 30.98 -86.84
C GLY JA 105 -54.17 29.85 -87.41
N VAL JA 106 -54.25 29.63 -88.73
CA VAL JA 106 -53.58 28.49 -89.34
C VAL JA 106 -52.11 28.81 -89.58
N VAL JA 107 -51.26 28.48 -88.61
CA VAL JA 107 -49.82 28.59 -88.77
C VAL JA 107 -49.34 27.38 -89.55
N ASN JA 108 -48.08 27.41 -89.98
CA ASN JA 108 -47.55 26.32 -90.80
C ASN JA 108 -47.61 24.99 -90.08
N ASN JA 109 -47.25 24.98 -88.80
CA ASN JA 109 -47.22 23.73 -88.04
C ASN JA 109 -48.60 23.09 -87.95
N GLN JA 110 -49.66 23.89 -87.99
CA GLN JA 110 -51.05 23.42 -88.02
C GLN JA 110 -51.62 23.43 -89.42
N LEU JA 111 -50.79 23.31 -90.45
CA LEU JA 111 -51.28 23.49 -91.81
C LEU JA 111 -52.10 22.31 -92.31
N ASP JA 112 -51.46 21.14 -92.42
CA ASP JA 112 -52.13 19.97 -92.99
C ASP JA 112 -53.38 19.62 -92.20
N THR JA 113 -53.27 19.59 -90.87
CA THR JA 113 -54.44 19.35 -90.03
C THR JA 113 -55.59 20.27 -90.42
N SER JA 114 -55.30 21.56 -90.59
CA SER JA 114 -56.34 22.49 -91.02
C SER JA 114 -56.99 22.02 -92.31
N ALA JA 115 -56.17 21.70 -93.32
CA ALA JA 115 -56.73 21.20 -94.57
C ALA JA 115 -57.61 19.99 -94.32
N LEU JA 116 -57.16 19.09 -93.44
CA LEU JA 116 -57.96 17.93 -93.09
C LEU JA 116 -59.34 18.35 -92.61
N ARG JA 117 -59.41 19.27 -91.65
CA ARG JA 117 -60.70 19.76 -91.20
C ARG JA 117 -61.49 20.35 -92.36
N ILE JA 118 -60.82 21.12 -93.22
CA ILE JA 118 -61.49 21.74 -94.35
C ILE JA 118 -62.21 20.68 -95.16
N ALA JA 119 -61.59 19.51 -95.33
CA ALA JA 119 -62.21 18.44 -96.11
C ALA JA 119 -63.61 18.15 -95.60
N LYS JA 120 -63.75 17.90 -94.30
CA LYS JA 120 -65.07 17.54 -93.78
C LYS JA 120 -66.06 18.67 -94.03
N ILE JA 121 -65.60 19.92 -93.91
CA ILE JA 121 -66.48 21.05 -94.16
C ILE JA 121 -66.99 21.00 -95.59
N ILE JA 122 -66.09 20.79 -96.54
CA ILE JA 122 -66.50 20.73 -97.93
C ILE JA 122 -67.36 19.50 -98.18
N ALA JA 123 -67.19 18.48 -97.33
CA ALA JA 123 -68.02 17.29 -97.46
C ALA JA 123 -69.42 17.49 -96.90
N ASN JA 124 -69.63 18.56 -96.12
CA ASN JA 124 -70.94 18.74 -95.49
C ASN JA 124 -71.82 19.70 -96.28
N ASP JA 125 -71.34 20.90 -96.53
CA ASP JA 125 -72.16 21.91 -97.19
C ASP JA 125 -72.46 21.47 -98.62
N PRO JA 126 -73.72 21.27 -98.99
CA PRO JA 126 -74.01 20.86 -100.37
C PRO JA 126 -73.57 21.88 -101.40
N ALA JA 127 -73.64 23.17 -101.07
CA ALA JA 127 -73.22 24.20 -102.01
C ALA JA 127 -71.75 24.06 -102.36
N LEU JA 128 -70.89 23.96 -101.34
CA LEU JA 128 -69.47 23.76 -101.60
C LEU JA 128 -69.22 22.43 -102.28
N ALA JA 129 -69.97 21.40 -101.91
CA ALA JA 129 -69.77 20.07 -102.49
C ALA JA 129 -70.02 20.08 -103.99
N GLN JA 130 -71.10 20.72 -104.42
CA GLN JA 130 -71.35 20.81 -105.86
C GLN JA 130 -70.43 21.84 -106.51
N LYS JA 131 -69.95 22.83 -105.76
CA LYS JA 131 -69.02 23.80 -106.31
C LYS JA 131 -67.65 23.20 -106.57
N VAL JA 132 -67.29 22.11 -105.88
CA VAL JA 132 -65.97 21.53 -105.99
C VAL JA 132 -65.98 20.14 -106.62
N ALA JA 133 -67.14 19.54 -106.84
CA ALA JA 133 -67.19 18.14 -107.27
C ALA JA 133 -66.50 17.95 -108.61
N GLY JA 134 -65.66 16.92 -108.69
CA GLY JA 134 -64.99 16.57 -109.92
C GLY JA 134 -65.86 15.69 -110.78
N ALA JA 135 -66.06 16.09 -112.02
CA ALA JA 135 -67.03 15.44 -112.90
C ALA JA 135 -66.65 15.75 -114.34
N PRO JA 136 -67.21 15.02 -115.30
CA PRO JA 136 -67.00 15.39 -116.71
C PRO JA 136 -67.56 16.74 -117.10
N TYR JA 137 -68.51 17.30 -116.33
CA TYR JA 137 -69.10 18.61 -116.62
C TYR JA 137 -69.57 18.70 -118.06
N PRO JA 138 -70.68 18.04 -118.42
CA PRO JA 138 -71.09 17.99 -119.82
C PRO JA 138 -71.29 19.38 -120.42
N ARG JA 139 -70.90 19.52 -121.67
CA ARG JA 139 -70.98 20.78 -122.39
C ARG JA 139 -71.75 20.70 -123.69
N GLY JA 140 -72.21 19.52 -124.10
CA GLY JA 140 -72.95 19.38 -125.33
C GLY JA 140 -72.08 18.96 -126.51
N ALA JA 141 -71.72 19.93 -127.35
CA ALA JA 141 -70.89 19.68 -128.51
C ALA JA 141 -69.75 20.68 -128.56
N TYR JA 142 -68.63 20.26 -129.12
CA TYR JA 142 -67.48 21.16 -129.25
C TYR JA 142 -67.77 22.25 -130.25
N SER JA 143 -67.29 23.45 -129.94
CA SER JA 143 -67.31 24.57 -130.88
C SER JA 143 -66.17 25.51 -130.54
N ALA JA 144 -65.52 26.04 -131.58
CA ALA JA 144 -64.35 26.87 -131.38
C ALA JA 144 -64.68 28.28 -130.93
N THR JA 145 -65.97 28.66 -130.90
CA THR JA 145 -66.33 30.00 -130.48
C THR JA 145 -66.13 30.18 -128.98
N GLU JA 146 -66.61 29.24 -128.17
CA GLU JA 146 -66.57 29.36 -126.72
C GLU JA 146 -65.39 28.58 -126.13
N THR JA 147 -64.88 29.10 -125.03
CA THR JA 147 -63.72 28.50 -124.37
C THR JA 147 -64.14 27.28 -123.56
N TYR JA 148 -63.14 26.50 -123.16
CA TYR JA 148 -63.36 25.30 -122.36
C TYR JA 148 -62.33 25.23 -121.25
N LEU JA 149 -62.79 24.86 -120.05
CA LEU JA 149 -61.93 24.73 -118.89
C LEU JA 149 -61.63 23.26 -118.62
N TYR JA 150 -60.94 23.02 -117.51
CA TYR JA 150 -60.53 21.67 -117.15
C TYR JA 150 -61.74 20.80 -116.86
N GLY JA 151 -61.61 19.51 -117.16
CA GLY JA 151 -62.64 18.54 -116.85
C GLY JA 151 -63.86 18.55 -117.74
N GLU JA 152 -64.13 19.67 -118.42
CA GLU JA 152 -65.34 19.78 -119.23
C GLU JA 152 -65.32 18.76 -120.37
N MET JA 153 -66.46 18.12 -120.60
CA MET JA 153 -66.60 17.08 -121.62
C MET JA 153 -67.46 17.60 -122.76
N VAL JA 154 -66.99 17.39 -123.99
CA VAL JA 154 -67.68 17.82 -125.20
C VAL JA 154 -67.82 16.63 -126.13
N SER JA 155 -68.66 16.79 -127.14
CA SER JA 155 -68.86 15.80 -128.19
C SER JA 155 -68.45 16.41 -129.51
N TYR JA 156 -67.69 15.64 -130.30
CA TYR JA 156 -67.18 16.12 -131.58
C TYR JA 156 -67.01 14.92 -132.49
N PHE JA 157 -67.66 14.97 -133.66
CA PHE JA 157 -67.58 13.91 -134.66
C PHE JA 157 -67.92 12.55 -134.06
N GLY JA 158 -68.91 12.53 -133.18
CA GLY JA 158 -69.38 11.31 -132.58
C GLY JA 158 -68.52 10.75 -131.48
N LYS JA 159 -67.47 11.46 -131.08
CA LYS JA 159 -66.58 11.01 -130.01
C LYS JA 159 -66.67 11.99 -128.85
N ASN JA 160 -66.36 11.49 -127.65
CA ASN JA 160 -66.46 12.27 -126.42
C ASN JA 160 -65.07 12.64 -125.93
N TYR JA 161 -64.78 13.93 -125.88
CA TYR JA 161 -63.47 14.42 -125.47
C TYR JA 161 -63.62 15.20 -124.16
N ILE JA 162 -62.89 14.79 -123.14
CA ILE JA 162 -62.88 15.47 -121.86
C ILE JA 162 -61.65 16.37 -121.80
N SER JA 163 -61.87 17.67 -121.60
CA SER JA 163 -60.76 18.59 -121.55
C SER JA 163 -59.87 18.30 -120.34
N LYS JA 164 -58.56 18.35 -120.55
CA LYS JA 164 -57.60 18.05 -119.50
C LYS JA 164 -56.57 19.16 -119.31
N SER JA 165 -56.79 20.33 -119.91
CA SER JA 165 -55.90 21.45 -119.69
C SER JA 165 -56.31 22.22 -118.45
N LEU JA 166 -55.33 22.56 -117.61
CA LEU JA 166 -55.61 23.37 -116.43
C LEU JA 166 -56.03 24.78 -116.79
N SER JA 167 -55.65 25.25 -117.97
CA SER JA 167 -55.93 26.59 -118.45
C SER JA 167 -57.04 26.56 -119.49
N PRO JA 168 -57.78 27.66 -119.66
CA PRO JA 168 -58.80 27.70 -120.70
C PRO JA 168 -58.19 27.50 -122.08
N ILE JA 169 -58.90 26.75 -122.92
CA ILE JA 169 -58.46 26.48 -124.28
C ILE JA 169 -59.54 26.97 -125.24
N ILE JA 170 -59.11 27.72 -126.25
CA ILE JA 170 -60.02 28.28 -127.24
C ILE JA 170 -59.53 27.89 -128.63
N ASN JA 171 -60.46 27.46 -129.48
CA ASN JA 171 -60.16 27.02 -130.84
C ASN JA 171 -59.06 25.96 -130.85
N ILE JA 172 -59.17 25.01 -129.91
CA ILE JA 172 -58.29 23.85 -129.88
C ILE JA 172 -59.11 22.65 -130.29
N LEU JA 173 -58.71 21.99 -131.36
CA LEU JA 173 -59.46 20.84 -131.84
C LEU JA 173 -59.43 19.72 -130.81
N PRO JA 174 -60.56 19.07 -130.56
CA PRO JA 174 -60.59 18.01 -129.53
C PRO JA 174 -59.66 16.85 -129.83
N THR JA 175 -59.32 16.62 -131.10
CA THR JA 175 -58.47 15.49 -131.45
C THR JA 175 -57.07 15.61 -130.87
N VAL JA 176 -56.64 16.81 -130.49
CA VAL JA 176 -55.31 17.01 -129.94
C VAL JA 176 -55.22 16.33 -128.58
N THR JA 177 -54.28 15.39 -128.44
CA THR JA 177 -54.16 14.62 -127.21
C THR JA 177 -53.48 15.39 -126.09
N ASP JA 178 -52.84 16.53 -126.38
CA ASP JA 178 -52.18 17.30 -125.35
C ASP JA 178 -53.14 18.12 -124.50
N SER JA 179 -54.40 18.26 -124.92
CA SER JA 179 -55.36 19.06 -124.17
C SER JA 179 -56.69 18.35 -123.94
N TRP JA 180 -56.93 17.19 -124.55
CA TRP JA 180 -58.18 16.46 -124.38
C TRP JA 180 -57.89 15.01 -124.06
N TYR JA 181 -58.78 14.38 -123.30
CA TYR JA 181 -58.58 13.00 -122.90
C TYR JA 181 -59.17 12.02 -123.89
N GLU JA 182 -60.35 12.32 -124.42
CA GLU JA 182 -60.99 11.47 -125.41
C GLU JA 182 -61.19 10.10 -124.78
N LEU JA 183 -62.13 9.99 -123.86
CA LEU JA 183 -62.51 8.67 -123.37
C LEU JA 183 -62.99 7.81 -124.52
N VAL JA 184 -62.55 6.57 -124.54
CA VAL JA 184 -62.95 5.61 -125.57
C VAL JA 184 -64.19 4.88 -125.10
N ILE JA 185 -65.22 4.86 -125.95
CA ILE JA 185 -66.50 4.29 -125.56
C ILE JA 185 -66.37 2.79 -125.37
N THR JA 186 -67.02 2.27 -124.33
CA THR JA 186 -66.95 0.85 -124.04
C THR JA 186 -67.63 0.03 -125.14
N LEU JA 187 -67.11 -1.18 -125.35
CA LEU JA 187 -67.55 -2.04 -126.44
C LEU JA 187 -68.38 -3.20 -125.92
N PRO JA 188 -69.61 -3.36 -126.42
CA PRO JA 188 -70.40 -4.54 -126.06
C PRO JA 188 -69.73 -5.82 -126.52
N GLU JA 189 -69.90 -6.87 -125.73
CA GLU JA 189 -69.25 -8.16 -125.98
C GLU JA 189 -70.21 -9.15 -126.66
N SER JA 190 -71.37 -9.39 -126.06
CA SER JA 190 -72.33 -10.36 -126.58
C SER JA 190 -73.36 -9.67 -127.48
N VAL JA 191 -72.86 -8.89 -128.45
CA VAL JA 191 -73.69 -8.23 -129.44
C VAL JA 191 -73.09 -8.51 -130.81
N SER JA 192 -73.96 -8.65 -131.81
CA SER JA 192 -73.50 -8.88 -133.17
C SER JA 192 -72.54 -7.77 -133.59
N VAL JA 193 -71.40 -8.15 -134.13
CA VAL JA 193 -70.31 -7.23 -134.43
C VAL JA 193 -70.12 -7.06 -135.94
N ILE JA 194 -71.20 -7.20 -136.71
CA ILE JA 194 -71.14 -7.14 -138.17
C ILE JA 194 -71.08 -5.66 -138.55
N ALA JA 195 -69.86 -5.12 -138.66
CA ALA JA 195 -69.68 -3.74 -139.11
C ALA JA 195 -68.27 -3.63 -139.68
N THR JA 196 -68.17 -3.63 -141.01
CA THR JA 196 -66.88 -3.55 -141.68
C THR JA 196 -66.99 -2.60 -142.88
N GLY JA 197 -65.89 -2.38 -143.58
CA GLY JA 197 -65.92 -1.60 -144.80
C GLY JA 197 -64.73 -0.68 -144.88
N SER JA 198 -64.92 0.41 -145.63
CA SER JA 198 -63.89 1.44 -145.82
C SER JA 198 -62.63 0.87 -146.47
N ASP JA 199 -62.80 -0.10 -147.36
CA ASP JA 199 -61.68 -0.77 -148.02
C ASP JA 199 -61.01 0.22 -148.96
N THR JA 200 -59.93 0.83 -148.49
CA THR JA 200 -59.19 1.82 -149.26
C THR JA 200 -57.86 1.29 -149.79
N ALA JA 201 -57.33 0.19 -149.26
CA ALA JA 201 -56.17 -0.48 -149.82
C ALA JA 201 -54.96 0.45 -149.88
N TYR JA 202 -54.42 0.74 -148.70
CA TYR JA 202 -53.34 1.71 -148.55
C TYR JA 202 -52.12 1.32 -149.39
N GLY JA 203 -51.14 2.23 -149.43
CA GLY JA 203 -49.96 2.02 -150.24
C GLY JA 203 -48.64 1.98 -149.50
N THR JA 204 -48.62 1.35 -148.32
CA THR JA 204 -47.40 1.20 -147.53
C THR JA 204 -46.78 2.56 -147.20
N GLY JA 205 -47.63 3.57 -147.07
CA GLY JA 205 -47.20 4.89 -146.66
C GLY JA 205 -48.27 5.54 -145.81
N TRP JA 206 -49.14 4.71 -145.26
CA TRP JA 206 -50.32 5.17 -144.54
C TRP JA 206 -49.99 5.35 -143.07
N ASN JA 207 -50.42 6.46 -142.49
CA ASN JA 207 -50.27 6.74 -141.08
C ASN JA 207 -51.36 7.72 -140.65
N GLY JA 208 -51.58 7.80 -139.35
CA GLY JA 208 -52.67 8.59 -138.80
C GLY JA 208 -53.91 7.74 -138.54
N SER JA 209 -54.65 8.14 -137.52
CA SER JA 209 -55.82 7.40 -137.05
C SER JA 209 -57.05 7.96 -137.74
N LEU JA 210 -57.24 7.54 -138.98
CA LEU JA 210 -58.40 7.98 -139.76
C LEU JA 210 -59.34 6.83 -140.07
N LEU JA 211 -58.76 5.75 -140.59
CA LEU JA 211 -59.55 4.58 -140.92
C LEU JA 211 -58.91 3.41 -140.25
N VAL JA 212 -59.66 2.32 -140.15
CA VAL JA 212 -59.14 1.10 -139.55
C VAL JA 212 -58.86 -0.09 -140.49
N PRO JA 213 -59.76 -0.43 -141.47
CA PRO JA 213 -59.59 -1.61 -142.31
C PRO JA 213 -58.37 -2.51 -142.25
N THR JA 214 -57.23 -2.09 -142.77
CA THR JA 214 -56.04 -2.92 -142.89
C THR JA 214 -56.40 -4.34 -143.34
N GLN JA 215 -57.07 -4.40 -144.48
CA GLN JA 215 -57.61 -5.63 -145.02
C GLN JA 215 -56.49 -6.51 -145.60
N ASN JA 216 -56.87 -7.68 -146.08
CA ASN JA 216 -55.93 -8.64 -146.65
C ASN JA 216 -55.59 -8.26 -148.08
N ALA JA 217 -55.22 -7.00 -148.29
CA ALA JA 217 -54.72 -6.54 -149.57
C ALA JA 217 -53.46 -5.70 -149.49
N VAL JA 218 -53.16 -5.10 -148.34
CA VAL JA 218 -51.91 -4.37 -148.17
C VAL JA 218 -51.11 -4.85 -146.97
N TYR JA 219 -51.75 -5.37 -145.93
CA TYR JA 219 -50.99 -5.79 -144.76
C TYR JA 219 -50.20 -7.07 -145.02
N ASP JA 220 -50.82 -8.06 -145.66
CA ASP JA 220 -50.14 -9.32 -145.88
C ASP JA 220 -49.09 -9.24 -146.98
N LYS JA 221 -49.22 -8.31 -147.91
CA LYS JA 221 -48.14 -8.09 -148.86
C LYS JA 221 -46.86 -7.66 -148.15
N ILE JA 222 -46.96 -6.67 -147.25
CA ILE JA 222 -45.81 -6.24 -146.47
C ILE JA 222 -45.35 -7.36 -145.55
N VAL JA 223 -46.29 -8.13 -144.99
CA VAL JA 223 -45.93 -9.21 -144.09
C VAL JA 223 -45.09 -10.25 -144.84
N THR JA 224 -45.53 -10.63 -146.05
CA THR JA 224 -44.79 -11.59 -146.84
C THR JA 224 -43.44 -11.02 -147.26
N VAL JA 225 -43.40 -9.72 -147.58
CA VAL JA 225 -42.13 -9.09 -147.92
C VAL JA 225 -41.14 -9.20 -146.76
N ASP JA 226 -41.62 -8.92 -145.55
CA ASP JA 226 -40.74 -8.99 -144.38
C ASP JA 226 -40.31 -10.42 -144.09
N ALA JA 227 -41.24 -11.38 -144.23
CA ALA JA 227 -40.87 -12.78 -144.01
C ALA JA 227 -39.83 -13.24 -145.03
N ALA JA 228 -40.00 -12.86 -146.30
CA ALA JA 228 -39.05 -13.22 -147.32
C ALA JA 228 -37.68 -12.58 -147.08
N ILE JA 229 -37.67 -11.31 -146.67
CA ILE JA 229 -36.40 -10.64 -146.44
C ILE JA 229 -35.69 -11.21 -145.22
N ALA JA 230 -36.46 -11.59 -144.19
CA ALA JA 230 -35.86 -12.25 -143.04
C ALA JA 230 -35.26 -13.59 -143.42
N THR JA 231 -35.97 -14.36 -144.25
CA THR JA 231 -35.42 -15.63 -144.71
C THR JA 231 -34.17 -15.42 -145.56
N ALA JA 232 -34.17 -14.37 -146.39
CA ALA JA 232 -32.99 -14.07 -147.19
C ALA JA 232 -31.80 -13.70 -146.30
N ASN JA 233 -32.05 -12.92 -145.25
CA ASN JA 233 -30.99 -12.61 -144.30
C ASN JA 233 -30.51 -13.87 -143.59
N THR JA 234 -31.42 -14.79 -143.29
CA THR JA 234 -31.02 -16.06 -142.69
C THR JA 234 -30.11 -16.85 -143.64
N ASN JA 235 -30.46 -16.87 -144.92
CA ASN JA 235 -29.62 -17.57 -145.90
C ASN JA 235 -28.24 -16.92 -146.02
N ILE JA 236 -28.21 -15.58 -146.00
CA ILE JA 236 -26.92 -14.88 -146.09
C ILE JA 236 -26.09 -15.15 -144.84
N THR JA 237 -26.73 -15.21 -143.67
CA THR JA 237 -26.01 -15.57 -142.46
C THR JA 237 -25.47 -16.99 -142.54
N ASN JA 238 -26.27 -17.92 -143.09
CA ASN JA 238 -25.83 -19.30 -143.24
C ASN JA 238 -24.63 -19.40 -144.17
N LEU JA 239 -24.65 -18.67 -145.28
CA LEU JA 239 -23.51 -18.72 -146.19
C LEU JA 239 -22.28 -18.03 -145.60
N GLY JA 240 -22.49 -16.95 -144.83
CA GLY JA 240 -21.37 -16.29 -144.20
C GLY JA 240 -20.71 -17.16 -143.14
N THR JA 241 -21.51 -17.92 -142.39
CA THR JA 241 -20.95 -18.76 -141.34
C THR JA 241 -20.23 -19.98 -141.90
N ALA JA 242 -20.44 -20.30 -143.18
CA ALA JA 242 -19.72 -21.41 -143.79
C ALA JA 242 -18.27 -21.06 -144.11
N LYS JA 243 -17.89 -19.80 -144.00
CA LYS JA 243 -16.57 -19.34 -144.40
C LYS JA 243 -15.86 -18.70 -143.21
N ALA JA 244 -14.56 -18.99 -143.10
CA ALA JA 244 -13.68 -18.50 -142.04
C ALA JA 244 -14.04 -19.13 -140.69
N ASP JA 245 -13.16 -18.95 -139.70
CA ASP JA 245 -13.35 -19.50 -138.36
C ASP JA 245 -12.28 -18.90 -137.47
N LEU JA 246 -12.40 -19.16 -136.17
CA LEU JA 246 -11.47 -18.62 -135.18
C LEU JA 246 -10.71 -19.71 -134.43
N SER JA 247 -11.41 -20.72 -133.92
CA SER JA 247 -10.74 -21.75 -133.14
C SER JA 247 -9.71 -22.51 -133.98
N TYR JA 248 -10.09 -22.86 -135.21
CA TYR JA 248 -9.17 -23.57 -136.09
C TYR JA 248 -7.99 -22.69 -136.47
N VAL JA 249 -8.24 -21.41 -136.76
CA VAL JA 249 -7.16 -20.51 -137.12
C VAL JA 249 -6.19 -20.35 -135.96
N ASN JA 250 -6.71 -20.19 -134.74
CA ASN JA 250 -5.85 -20.10 -133.57
C ASN JA 250 -5.06 -21.38 -133.35
N THR JA 251 -5.70 -22.54 -133.58
CA THR JA 251 -5.00 -23.81 -133.44
C THR JA 251 -3.83 -23.90 -134.40
N GLN JA 252 -4.07 -23.59 -135.68
CA GLN JA 252 -3.01 -23.71 -136.68
C GLN JA 252 -1.92 -22.66 -136.46
N LEU JA 253 -2.31 -21.47 -136.00
CA LEU JA 253 -1.32 -20.45 -135.69
C LEU JA 253 -0.46 -20.87 -134.50
N SER JA 254 -1.06 -21.53 -133.51
CA SER JA 254 -0.28 -22.02 -132.38
C SER JA 254 0.67 -23.14 -132.82
N ALA JA 255 0.23 -24.00 -133.73
CA ALA JA 255 1.12 -25.02 -134.26
C ALA JA 255 2.30 -24.39 -135.00
N ASP JA 256 2.03 -23.36 -135.80
CA ASP JA 256 3.11 -22.65 -136.47
C ASP JA 256 4.04 -21.98 -135.46
N GLN JA 257 3.47 -21.43 -134.39
CA GLN JA 257 4.30 -20.79 -133.37
C GLN JA 257 5.21 -21.79 -132.68
N VAL JA 258 4.69 -22.97 -132.33
CA VAL JA 258 5.53 -23.94 -131.63
C VAL JA 258 6.63 -24.47 -132.55
N VAL JA 259 6.29 -24.75 -133.81
CA VAL JA 259 7.33 -25.24 -134.72
C VAL JA 259 8.36 -24.15 -134.99
N LEU JA 260 7.93 -22.90 -135.08
CA LEU JA 260 8.87 -21.80 -135.32
C LEU JA 260 9.78 -21.58 -134.13
N ASP JA 261 9.24 -21.65 -132.91
CA ASP JA 261 10.06 -21.49 -131.72
C ASP JA 261 11.07 -22.64 -131.60
N ALA JA 262 10.63 -23.87 -131.88
CA ALA JA 262 11.55 -24.99 -131.87
C ALA JA 262 12.65 -24.80 -132.91
N LEU JA 263 12.29 -24.29 -134.10
CA LEU JA 263 13.29 -24.03 -135.12
C LEU JA 263 14.29 -22.98 -134.66
N SER JA 264 13.80 -21.89 -134.08
CA SER JA 264 14.70 -20.81 -133.66
C SER JA 264 15.64 -21.28 -132.56
N SER JA 265 15.15 -22.09 -131.62
CA SER JA 265 16.00 -22.54 -130.52
C SER JA 265 16.98 -23.60 -130.97
N GLY JA 266 16.55 -24.52 -131.84
CA GLY JA 266 17.32 -25.71 -132.15
C GLY JA 266 18.16 -25.68 -133.40
N LYS JA 267 18.35 -24.53 -134.03
CA LYS JA 267 19.10 -24.46 -135.28
C LYS JA 267 20.23 -23.43 -135.16
N ALA JA 268 21.34 -23.73 -135.83
CA ALA JA 268 22.55 -22.93 -135.70
C ALA JA 268 22.39 -21.59 -136.41
N ASP JA 269 22.64 -20.51 -135.68
CA ASP JA 269 22.52 -19.17 -136.24
C ASP JA 269 23.81 -18.79 -136.96
N LEU JA 270 23.67 -17.87 -137.91
CA LEU JA 270 24.79 -17.55 -138.81
C LEU JA 270 25.96 -16.94 -138.05
N SER JA 271 25.69 -16.08 -137.09
CA SER JA 271 26.78 -15.44 -136.34
C SER JA 271 27.59 -16.47 -135.57
N TYR JA 272 26.91 -17.38 -134.87
CA TYR JA 272 27.60 -18.40 -134.08
C TYR JA 272 28.44 -19.30 -134.98
N VAL JA 273 27.85 -19.75 -136.09
CA VAL JA 273 28.58 -20.68 -136.95
C VAL JA 273 29.75 -19.99 -137.61
N ASN JA 274 29.59 -18.72 -138.00
CA ASN JA 274 30.71 -17.96 -138.55
C ASN JA 274 31.83 -17.83 -137.53
N THR JA 275 31.48 -17.42 -136.30
CA THR JA 275 32.50 -17.18 -135.29
C THR JA 275 33.26 -18.45 -134.95
N GLN JA 276 32.55 -19.57 -134.77
CA GLN JA 276 33.24 -20.83 -134.49
C GLN JA 276 34.05 -21.32 -135.68
N LEU JA 277 33.53 -21.13 -136.90
CA LEU JA 277 34.26 -21.58 -138.07
C LEU JA 277 35.56 -20.82 -138.24
N ASN JA 278 35.56 -19.51 -137.99
CA ASN JA 278 36.79 -18.74 -138.06
C ASN JA 278 37.57 -18.77 -136.74
N SER JA 279 37.08 -19.48 -135.74
CA SER JA 279 37.81 -19.68 -134.50
C SER JA 279 38.69 -20.92 -134.52
N LYS JA 280 38.61 -21.72 -135.58
CA LYS JA 280 39.41 -22.92 -135.69
C LYS JA 280 39.82 -23.13 -137.14
#